data_8YW2
#
_entry.id   8YW2
#
loop_
_entity.id
_entity.type
_entity.pdbx_description
1 polymer 'Spike glycoprotein E3'
2 polymer 'capsid protein, partial'
3 polymer 'Spike glycoprotein E1'
4 polymer 'Spike glycoprotein E2'
5 polymer 'Very low-density lipoprotein receptor'
6 branched beta-D-mannopyranose-(1-4)-2-acetamido-2-deoxy-beta-D-glucopyranose-(1-4)-2-acetamido-2-deoxy-beta-D-glucopyranose
#
loop_
_entity_poly.entity_id
_entity_poly.type
_entity_poly.pdbx_seq_one_letter_code
_entity_poly.pdbx_strand_id
1 'polypeptide(L)' MCVLANATFPCFQPPCVPCCYENNAEATLRMLEDNVDRPGYYDLLQAALTCR 0,2,AA,AB,L,M,N,S,a,b,c,g,l,u,v,w
2 'polypeptide(L)'
;KRERMCMKIENDCIFEVKHEGKVTGYACLVGDKVMKPAHVKGVIDNADLAKLAFKKSSKYDLECAQIPVHMRSDASKYTH
EKPEGHYNWHHGAVQYSGGRFTIPTGAGKPGDSGRPIFDNKGRVVAIVLGGANEGSRTALSVVTWNKDMVTRVTPEGSEE
W
;
1,3,AC,AD,AE,D,O,P,Q,T,d,e,f,n,x,y
3 'polypeptide(L)'
;YEHSTVMPNVVGFPYKAHIERPGYSPLTLQMQVVETSLEPTLNLEYITCEYKTVVPSPYVKCCGASECSTKEKPDYQCKV
YTGVYPFMWGGAYCFCDSENTQLSEAYVDRSDVCRHDHASAYKAHTASLKAKVRVMYGNVNQTVDVYVNGDHAVTIGGTQ
FIFGPLSSAWTPFDNKIVVYKDEVFNQDFPPYGSGQPGRFGDIQSRTVESNDLYANTALKLARPSPGMVHVPYTQTPSGF
KYWLKEKGTALNTKAPFGCQIKTNPVRAMNCAVGNIPVSMNLPDSAFTRIVEAPTIIDLTCTVATCTHSSDFGGVLTLTY
KTDKNGDCSVHSHSNVATLQEATAKVKTAGKVTLHFSTASASPSFVVSLCSARATCSASCEPPKDHIVPYAASHSNVVFP
DMSGTALSWVQKISGGLGAFAIGAILVLVVVTCIGLRR
;
4,5,6,E,F,G,H,U,V,W,h,i,m,o,p,q
4 'polypeptide(L)'
;HFNVYKATRPYIAYCADCGAGHSCHSPVAIEAVRSEATDGMLKIQFSAQIGIDKSDNHDYTKIRYADGHAIENAVRSSLK
VATSGDCFVHGTMGHFILAKCPPGEFLQVSIQDTRNAVRACRIQYHHDPQPVGREKFTIRPHYGKEIPCTTYQQTTAKTV
EEIDMHMPPDTPDRTLLSQQSGNVKITVGGKKVKYNCTCGTGNVGTTNSDMTINTCLIEQCHVSVTDHKKWQFNSPFVPR
ADEPARKGKVHIPFPLDNITCRVPMAREPTVIHGKREVTLHLHPDHPTLFSYRTLGEDPQYHEEWVTAAVERTIPVPVDG
MEYHWGNNDPVRLWSQLTTEGKPHGWPHQIVQYYYGLYPAATVSAVVGMSLLALISIFASCYMLVAARSKCLTPYALTPG
AAVPWTLGILCCAPRAHA
;
7,8,9,B,I,J,K,R,X,Y,Z,j,r,s,t,z
5 'polypeptide(L)'
;KTCAESDFVCNNGQCVPSRWKCDGDPDCEDGSDESPEQCHMRTCRIHEISCGAHSTQCIPVSWRCDGENDCDSGEDEENC
GNITCSPDEFTCSSGRCISRNFVCNGQDDCSDGSDELDCAPPTCGAHEFQCSTSSCIPISWVCDDDADCSDQSDESLEQC
GR
;
A
#
loop_
_chem_comp.id
_chem_comp.type
_chem_comp.name
_chem_comp.formula
BMA D-saccharide, beta linking beta-D-mannopyranose 'C6 H12 O6'
NAG D-saccharide, beta linking 2-acetamido-2-deoxy-beta-D-glucopyranose 'C8 H15 N O6'
#
# COMPACT_ATOMS: atom_id res chain seq x y z
N MET A 1 57.17 -40.01 -64.73
CA MET A 1 56.49 -39.19 -63.73
C MET A 1 55.46 -38.28 -64.38
N CYS A 2 55.74 -37.84 -65.60
CA CYS A 2 54.85 -36.94 -66.31
C CYS A 2 53.58 -37.67 -66.73
N VAL A 3 52.54 -36.88 -67.00
CA VAL A 3 51.21 -37.42 -67.30
C VAL A 3 50.73 -36.86 -68.63
N LEU A 4 50.08 -37.72 -69.41
CA LEU A 4 49.36 -37.33 -70.62
C LEU A 4 48.00 -38.01 -70.56
N ALA A 5 46.94 -37.21 -70.45
CA ALA A 5 45.59 -37.76 -70.31
C ALA A 5 45.53 -38.69 -69.11
N ASN A 6 45.72 -39.99 -69.34
CA ASN A 6 45.79 -40.97 -68.26
C ASN A 6 46.89 -41.98 -68.53
N ALA A 7 48.04 -41.51 -69.03
CA ALA A 7 49.14 -42.40 -69.39
C ALA A 7 50.09 -42.67 -68.25
N THR A 8 50.51 -41.63 -67.53
CA THR A 8 51.47 -41.74 -66.43
C THR A 8 52.73 -42.48 -66.89
N PHE A 9 53.31 -41.95 -67.91
CA PHE A 9 54.48 -42.56 -68.52
C PHE A 9 55.75 -41.92 -67.98
N PRO A 10 56.87 -42.64 -67.98
CA PRO A 10 58.12 -42.04 -67.50
C PRO A 10 58.48 -40.82 -68.32
N CYS A 11 58.91 -39.76 -67.61
CA CYS A 11 59.21 -38.49 -68.26
C CYS A 11 60.36 -38.64 -69.25
N PHE A 12 61.27 -39.58 -68.98
CA PHE A 12 62.43 -39.75 -69.82
C PHE A 12 62.06 -40.28 -71.21
N GLN A 13 60.94 -41.00 -71.31
CA GLN A 13 60.51 -41.62 -72.57
C GLN A 13 59.06 -41.27 -72.83
N PRO A 14 58.79 -40.24 -73.63
CA PRO A 14 57.43 -39.94 -74.05
C PRO A 14 56.94 -40.98 -75.04
N PRO A 15 55.61 -41.15 -75.16
CA PRO A 15 55.09 -42.16 -76.08
C PRO A 15 55.19 -41.79 -77.55
N CYS A 16 55.52 -40.55 -77.89
CA CYS A 16 55.52 -40.11 -79.27
C CYS A 16 56.87 -40.25 -79.96
N VAL A 17 57.86 -40.83 -79.29
CA VAL A 17 59.22 -40.88 -79.85
C VAL A 17 59.21 -41.71 -81.13
N PRO A 18 59.97 -41.33 -82.18
CA PRO A 18 60.80 -40.11 -82.19
C PRO A 18 60.17 -38.99 -83.01
N CYS A 19 60.84 -37.84 -83.06
CA CYS A 19 60.41 -36.68 -83.85
C CYS A 19 58.97 -36.27 -83.49
N CYS A 20 58.75 -36.02 -82.20
CA CYS A 20 57.41 -35.66 -81.74
C CYS A 20 56.94 -34.36 -82.36
N TYR A 21 57.82 -33.35 -82.39
CA TYR A 21 57.43 -32.07 -82.96
C TYR A 21 57.09 -32.20 -84.43
N GLU A 22 57.91 -32.92 -85.19
CA GLU A 22 57.66 -33.08 -86.62
C GLU A 22 56.38 -33.87 -86.87
N ASN A 23 56.14 -34.92 -86.07
CA ASN A 23 54.95 -35.74 -86.25
C ASN A 23 53.68 -34.96 -85.93
N ASN A 24 53.65 -34.30 -84.78
CA ASN A 24 52.49 -33.49 -84.40
C ASN A 24 53.00 -32.29 -83.60
N ALA A 25 52.77 -31.09 -84.12
CA ALA A 25 53.28 -29.89 -83.47
C ALA A 25 52.40 -29.48 -82.31
N GLU A 26 51.13 -29.16 -82.60
CA GLU A 26 50.26 -28.58 -81.59
C GLU A 26 50.05 -29.55 -80.43
N ALA A 27 49.88 -30.83 -80.73
CA ALA A 27 49.70 -31.81 -79.67
C ALA A 27 50.94 -31.89 -78.78
N THR A 28 52.13 -31.82 -79.37
CA THR A 28 53.35 -31.84 -78.58
C THR A 28 53.45 -30.61 -77.69
N LEU A 29 53.11 -29.45 -78.23
CA LEU A 29 53.15 -28.23 -77.41
C LEU A 29 52.14 -28.31 -76.27
N ARG A 30 50.95 -28.85 -76.54
CA ARG A 30 49.96 -28.99 -75.49
C ARG A 30 50.40 -30.00 -74.43
N MET A 31 51.13 -31.04 -74.85
CA MET A 31 51.71 -31.96 -73.89
C MET A 31 52.74 -31.25 -73.02
N LEU A 32 53.58 -30.41 -73.64
CA LEU A 32 54.55 -29.62 -72.88
C LEU A 32 53.86 -28.69 -71.89
N GLU A 33 52.77 -28.07 -72.29
CA GLU A 33 52.09 -27.06 -71.48
C GLU A 33 51.35 -27.66 -70.30
N ASP A 34 51.30 -28.98 -70.18
CA ASP A 34 50.56 -29.63 -69.11
C ASP A 34 51.47 -30.21 -68.05
N ASN A 35 52.78 -30.02 -68.16
CA ASN A 35 53.74 -30.53 -67.20
C ASN A 35 54.64 -29.45 -66.62
N VAL A 36 54.18 -28.20 -66.58
CA VAL A 36 55.00 -27.13 -66.03
C VAL A 36 55.26 -27.33 -64.56
N ASP A 37 54.28 -27.85 -63.82
CA ASP A 37 54.43 -28.06 -62.39
C ASP A 37 55.14 -29.36 -62.05
N ARG A 38 55.37 -30.24 -63.02
CA ARG A 38 56.06 -31.50 -62.73
C ARG A 38 57.57 -31.28 -62.70
N PRO A 39 58.27 -31.80 -61.70
CA PRO A 39 59.73 -31.63 -61.65
C PRO A 39 60.44 -32.24 -62.84
N GLY A 40 59.86 -33.24 -63.48
CA GLY A 40 60.48 -33.82 -64.66
C GLY A 40 60.10 -33.11 -65.94
N TYR A 41 60.27 -31.79 -65.95
CA TYR A 41 59.87 -31.00 -67.12
C TYR A 41 61.02 -30.83 -68.11
N TYR A 42 62.20 -30.48 -67.62
CA TYR A 42 63.29 -30.12 -68.53
C TYR A 42 63.80 -31.33 -69.29
N ASP A 43 63.87 -32.49 -68.64
CA ASP A 43 64.23 -33.70 -69.38
C ASP A 43 63.18 -34.05 -70.42
N LEU A 44 61.90 -33.86 -70.12
CA LEU A 44 60.85 -34.08 -71.12
C LEU A 44 61.03 -33.14 -72.29
N LEU A 45 61.34 -31.88 -72.01
CA LEU A 45 61.58 -30.93 -73.09
C LEU A 45 62.79 -31.31 -73.91
N GLN A 46 63.83 -31.83 -73.26
CA GLN A 46 65.00 -32.33 -73.98
C GLN A 46 64.61 -33.45 -74.93
N ALA A 47 63.73 -34.35 -74.47
CA ALA A 47 63.33 -35.49 -75.28
C ALA A 47 62.40 -35.10 -76.42
N ALA A 48 61.48 -34.15 -76.18
CA ALA A 48 60.38 -33.94 -77.12
C ALA A 48 60.86 -33.37 -78.44
N LEU A 49 61.81 -32.44 -78.42
CA LEU A 49 62.19 -31.66 -79.59
C LEU A 49 63.57 -32.04 -80.10
N THR A 50 63.92 -33.31 -80.03
CA THR A 50 65.27 -33.76 -80.38
C THR A 50 65.17 -35.02 -81.22
N CYS A 51 65.40 -34.89 -82.52
CA CYS A 51 65.50 -36.06 -83.40
C CYS A 51 66.26 -35.67 -84.64
N ARG A 52 66.98 -36.63 -85.21
CA ARG A 52 67.93 -36.36 -86.28
C ARG A 52 67.41 -36.83 -87.64
N LYS B 1 17.52 84.06 50.37
CA LYS B 1 18.53 83.06 50.05
C LYS B 1 18.06 82.19 48.87
N ARG B 2 17.06 81.35 49.12
CA ARG B 2 16.50 80.53 48.04
C ARG B 2 15.88 81.41 46.96
N GLU B 3 15.16 82.45 47.36
CA GLU B 3 14.59 83.38 46.40
C GLU B 3 15.66 84.04 45.55
N ARG B 4 16.76 84.46 46.18
CA ARG B 4 17.83 85.14 45.45
C ARG B 4 18.55 84.18 44.50
N MET B 5 18.81 82.95 44.95
CA MET B 5 19.43 81.97 44.05
C MET B 5 18.54 81.67 42.85
N CYS B 6 17.24 81.48 43.10
CA CYS B 6 16.30 81.25 42.01
C CYS B 6 16.28 82.42 41.05
N MET B 7 16.26 83.65 41.58
CA MET B 7 16.22 84.82 40.72
C MET B 7 17.49 84.97 39.89
N LYS B 8 18.66 84.71 40.47
CA LYS B 8 19.90 84.77 39.70
C LYS B 8 19.91 83.74 38.58
N ILE B 9 19.53 82.49 38.89
CA ILE B 9 19.51 81.47 37.85
C ILE B 9 18.49 81.84 36.79
N GLU B 10 17.37 82.42 37.19
CA GLU B 10 16.37 82.82 36.21
C GLU B 10 16.92 83.90 35.28
N ASN B 11 17.59 84.90 35.85
CA ASN B 11 18.13 85.98 35.04
C ASN B 11 19.19 85.48 34.08
N ASP B 12 19.93 84.43 34.48
CA ASP B 12 20.93 83.87 33.60
C ASP B 12 20.36 82.88 32.57
N CYS B 13 19.20 82.27 32.81
CA CYS B 13 18.76 81.18 31.96
C CYS B 13 17.40 81.42 31.33
N ILE B 14 16.90 82.65 31.34
CA ILE B 14 15.66 82.96 30.63
C ILE B 14 15.83 84.18 29.76
N PHE B 15 15.38 84.07 28.51
CA PHE B 15 15.43 85.16 27.54
C PHE B 15 14.02 85.54 27.12
N GLU B 16 13.83 86.80 26.74
CA GLU B 16 12.51 87.27 26.39
C GLU B 16 12.20 86.98 24.92
N VAL B 17 10.91 86.98 24.60
CA VAL B 17 10.42 86.84 23.23
C VAL B 17 9.38 87.94 23.02
N LYS B 18 9.65 88.82 22.06
CA LYS B 18 8.85 90.02 21.82
C LYS B 18 8.22 89.96 20.45
N HIS B 19 7.05 90.56 20.30
CA HIS B 19 6.33 90.57 19.04
C HIS B 19 5.62 91.90 18.89
N GLU B 20 5.86 92.57 17.77
CA GLU B 20 5.38 93.94 17.51
C GLU B 20 5.71 94.89 18.64
N GLY B 21 6.92 94.80 19.19
CA GLY B 21 7.38 95.74 20.19
C GLY B 21 6.94 95.43 21.61
N LYS B 22 6.16 94.38 21.83
CA LYS B 22 5.73 93.97 23.15
C LYS B 22 6.18 92.55 23.43
N VAL B 23 6.70 92.32 24.64
CA VAL B 23 7.15 90.99 25.02
C VAL B 23 5.95 90.08 25.23
N THR B 24 6.02 88.88 24.67
CA THR B 24 4.92 87.93 24.74
C THR B 24 5.30 86.59 25.33
N GLY B 25 6.57 86.22 25.40
CA GLY B 25 6.88 84.90 25.89
C GLY B 25 8.28 84.82 26.46
N TYR B 26 8.57 83.69 27.10
CA TYR B 26 9.86 83.48 27.74
C TYR B 26 10.44 82.15 27.28
N ALA B 27 11.68 82.19 26.78
CA ALA B 27 12.38 80.98 26.36
C ALA B 27 13.48 80.67 27.37
N CYS B 28 13.40 79.48 27.95
CA CYS B 28 14.31 79.07 29.01
C CYS B 28 15.34 78.10 28.44
N LEU B 29 16.53 78.12 29.03
CA LEU B 29 17.65 77.32 28.54
C LEU B 29 18.02 76.30 29.63
N VAL B 30 17.69 75.04 29.38
CA VAL B 30 17.74 73.99 30.39
C VAL B 30 18.67 72.90 29.92
N GLY B 31 19.52 72.41 30.82
CA GLY B 31 20.36 71.28 30.50
C GLY B 31 21.28 71.61 29.34
N ASP B 32 20.94 71.13 28.15
CA ASP B 32 21.64 71.49 26.93
C ASP B 32 20.69 71.75 25.77
N LYS B 33 19.43 72.04 26.07
CA LYS B 33 18.43 72.29 25.04
C LYS B 33 17.70 73.60 25.32
N VAL B 34 17.71 74.49 24.33
CA VAL B 34 16.86 75.67 24.37
C VAL B 34 15.43 75.24 24.17
N MET B 35 14.54 75.64 25.07
CA MET B 35 13.15 75.24 25.05
C MET B 35 12.25 76.46 24.96
N LYS B 36 11.15 76.34 24.22
CA LYS B 36 10.12 77.36 24.16
C LYS B 36 8.75 76.67 24.12
N PRO B 37 7.73 77.26 24.71
CA PRO B 37 6.37 76.84 24.38
C PRO B 37 6.08 77.18 22.93
N ALA B 38 5.36 76.27 22.26
CA ALA B 38 5.10 76.46 20.84
C ALA B 38 3.95 77.42 20.58
N HIS B 39 3.02 77.57 21.52
CA HIS B 39 1.84 78.38 21.22
C HIS B 39 2.17 79.87 21.16
N VAL B 40 3.26 80.29 21.80
CA VAL B 40 3.64 81.70 21.73
C VAL B 40 4.32 81.97 20.39
N LYS B 41 4.05 83.15 19.83
CA LYS B 41 4.65 83.58 18.59
C LYS B 41 5.49 84.83 18.84
N GLY B 42 6.63 84.87 18.17
CA GLY B 42 7.58 85.95 18.36
C GLY B 42 8.98 85.46 18.06
N VAL B 43 9.96 86.26 18.47
CA VAL B 43 11.36 85.98 18.21
C VAL B 43 12.15 86.14 19.50
N ILE B 44 13.14 85.26 19.68
CA ILE B 44 14.03 85.33 20.83
C ILE B 44 14.90 86.57 20.72
N ASP B 45 15.11 87.24 21.85
CA ASP B 45 15.88 88.48 21.89
C ASP B 45 17.37 88.19 22.09
N ASN B 46 17.93 87.41 21.18
CA ASN B 46 19.36 87.12 21.19
C ASN B 46 19.79 86.64 19.82
N ALA B 47 20.86 87.24 19.29
CA ALA B 47 21.30 86.95 17.93
C ALA B 47 21.72 85.49 17.79
N ASP B 48 22.49 84.98 18.74
CA ASP B 48 23.02 83.62 18.60
C ASP B 48 21.89 82.59 18.63
N LEU B 49 20.89 82.79 19.49
CA LEU B 49 19.78 81.83 19.54
C LEU B 49 18.76 82.09 18.45
N ALA B 50 18.84 83.25 17.78
CA ALA B 50 17.83 83.58 16.78
C ALA B 50 17.85 82.64 15.58
N LYS B 51 19.02 82.30 15.05
CA LYS B 51 19.11 81.61 13.77
C LYS B 51 19.24 80.11 13.90
N LEU B 52 19.05 79.56 15.10
CA LEU B 52 19.13 78.11 15.25
C LEU B 52 17.94 77.43 14.60
N ALA B 53 18.12 76.15 14.27
CA ALA B 53 17.06 75.35 13.65
C ALA B 53 16.25 74.68 14.75
N PHE B 54 14.97 74.99 14.82
CA PHE B 54 14.11 74.56 15.92
C PHE B 54 13.23 73.39 15.48
N LYS B 55 13.21 72.34 16.30
CA LYS B 55 12.28 71.24 16.09
C LYS B 55 10.97 71.52 16.82
N LYS B 56 9.86 71.31 16.11
CA LYS B 56 8.53 71.59 16.62
C LYS B 56 7.86 70.31 17.10
N SER B 57 6.86 70.47 17.95
CA SER B 57 5.90 69.41 18.23
C SER B 57 4.65 70.04 18.80
N SER B 58 3.57 70.04 18.02
CA SER B 58 2.34 70.65 18.48
C SER B 58 1.62 69.80 19.53
N LYS B 59 1.87 68.49 19.54
CA LYS B 59 1.17 67.65 20.50
C LYS B 59 1.67 67.91 21.92
N TYR B 60 2.95 68.23 22.06
CA TYR B 60 3.52 68.66 23.33
C TYR B 60 3.50 70.17 23.49
N ASP B 61 3.12 70.90 22.45
CA ASP B 61 3.16 72.36 22.45
C ASP B 61 4.56 72.83 22.80
N LEU B 62 5.58 72.26 22.15
CA LEU B 62 6.96 72.53 22.52
C LEU B 62 7.82 72.76 21.29
N GLU B 63 8.79 73.65 21.43
CA GLU B 63 9.83 73.86 20.43
C GLU B 63 11.19 73.70 21.12
N CYS B 64 12.08 72.94 20.51
CA CYS B 64 13.38 72.69 21.12
C CYS B 64 14.49 72.92 20.13
N ALA B 65 15.68 73.17 20.66
CA ALA B 65 16.86 73.25 19.82
C ALA B 65 18.07 72.89 20.65
N GLN B 66 19.14 72.49 19.99
CA GLN B 66 20.40 72.20 20.67
C GLN B 66 21.21 73.48 20.77
N ILE B 67 21.68 73.78 21.98
CA ILE B 67 22.35 75.04 22.29
C ILE B 67 23.76 75.04 21.71
N PRO B 68 24.33 76.20 21.41
CA PRO B 68 25.71 76.24 20.91
C PRO B 68 26.69 75.81 22.00
N VAL B 69 27.96 75.75 21.61
CA VAL B 69 28.99 75.30 22.54
C VAL B 69 29.33 76.37 23.56
N HIS B 70 29.39 77.63 23.14
CA HIS B 70 29.94 78.66 24.01
C HIS B 70 28.94 79.18 25.02
N MET B 71 27.71 78.67 25.03
CA MET B 71 26.69 79.15 25.95
C MET B 71 26.32 78.11 26.99
N ARG B 72 26.91 76.93 26.93
CA ARG B 72 26.40 75.83 27.74
C ARG B 72 26.80 76.00 29.21
N SER B 73 27.79 76.85 29.48
CA SER B 73 28.13 77.17 30.85
C SER B 73 27.05 77.95 31.56
N ASP B 74 26.04 78.43 30.83
CA ASP B 74 24.99 79.25 31.40
C ASP B 74 23.67 78.49 31.49
N ALA B 75 23.75 77.21 31.82
CA ALA B 75 22.59 76.31 31.79
C ALA B 75 22.26 75.81 33.18
N SER B 76 20.98 75.54 33.39
CA SER B 76 20.53 75.00 34.65
C SER B 76 20.88 73.52 34.75
N LYS B 77 20.31 72.88 35.77
CA LYS B 77 20.44 71.44 35.97
C LYS B 77 19.04 70.85 36.11
N TYR B 78 18.84 69.67 35.53
CA TYR B 78 17.54 69.06 35.42
C TYR B 78 17.40 67.88 36.37
N THR B 79 16.19 67.34 36.43
CA THR B 79 15.93 66.13 37.19
C THR B 79 14.61 65.53 36.72
N HIS B 80 14.36 64.31 37.19
CA HIS B 80 13.12 63.63 36.92
C HIS B 80 12.39 63.18 38.18
N GLU B 81 12.91 63.49 39.36
CA GLU B 81 12.27 63.13 40.61
C GLU B 81 11.27 64.19 41.01
N LYS B 82 10.08 63.77 41.43
CA LYS B 82 9.01 64.66 41.84
C LYS B 82 8.50 64.24 43.21
N PRO B 83 9.30 64.44 44.25
CA PRO B 83 8.80 64.15 45.61
C PRO B 83 7.75 65.16 46.02
N GLU B 84 6.88 64.73 46.92
CA GLU B 84 5.84 65.62 47.42
C GLU B 84 6.45 66.76 48.22
N GLY B 85 5.88 67.95 48.07
CA GLY B 85 6.39 69.11 48.79
C GLY B 85 6.03 70.44 48.16
N HIS B 86 6.94 71.40 48.25
CA HIS B 86 6.76 72.72 47.64
C HIS B 86 7.97 73.06 46.79
N TYR B 87 7.74 73.84 45.73
CA TYR B 87 8.79 74.18 44.79
C TYR B 87 8.76 75.68 44.55
N ASN B 88 9.79 76.18 43.86
CA ASN B 88 9.93 77.62 43.69
C ASN B 88 9.36 78.09 42.36
N TRP B 89 9.22 79.41 42.24
CA TRP B 89 8.75 80.04 41.03
C TRP B 89 9.03 81.54 41.17
N HIS B 90 9.23 82.20 40.03
CA HIS B 90 9.45 83.64 40.09
C HIS B 90 8.32 84.36 40.80
N HIS B 91 7.10 83.85 40.70
CA HIS B 91 5.96 84.53 41.30
C HIS B 91 5.62 83.95 42.67
N GLY B 92 6.47 83.09 43.21
CA GLY B 92 6.25 82.63 44.57
C GLY B 92 6.54 81.16 44.79
N ALA B 93 5.67 80.50 45.55
CA ALA B 93 5.83 79.10 45.90
C ALA B 93 4.72 78.29 45.25
N VAL B 94 5.11 77.22 44.56
CA VAL B 94 4.17 76.36 43.85
C VAL B 94 4.01 75.07 44.65
N GLN B 95 2.80 74.55 44.63
CA GLN B 95 2.38 73.49 45.53
C GLN B 95 2.11 72.21 44.74
N TYR B 96 2.73 71.11 45.17
CA TYR B 96 2.61 69.82 44.51
C TYR B 96 1.73 68.92 45.37
N SER B 97 0.70 68.33 44.77
CA SER B 97 -0.17 67.38 45.44
C SER B 97 -0.88 66.53 44.40
N GLY B 98 -0.68 65.22 44.48
CA GLY B 98 -1.42 64.29 43.64
C GLY B 98 -1.26 64.49 42.15
N GLY B 99 -0.05 64.75 41.68
CA GLY B 99 0.19 64.87 40.26
C GLY B 99 -0.32 66.15 39.64
N ARG B 100 -0.64 67.16 40.43
CA ARG B 100 -1.08 68.44 39.92
C ARG B 100 -0.18 69.54 40.46
N PHE B 101 -0.12 70.64 39.73
CA PHE B 101 0.55 71.85 40.20
C PHE B 101 -0.50 72.91 40.49
N THR B 102 -0.42 73.53 41.65
CA THR B 102 -1.41 74.50 42.08
C THR B 102 -0.73 75.79 42.51
N ILE B 103 -1.40 76.91 42.26
CA ILE B 103 -0.89 78.23 42.59
C ILE B 103 -1.80 78.84 43.65
N PRO B 104 -1.30 79.19 44.83
CA PRO B 104 -2.18 79.76 45.85
C PRO B 104 -2.85 81.05 45.41
N THR B 105 -2.15 81.87 44.64
CA THR B 105 -2.61 83.24 44.42
C THR B 105 -3.78 83.32 43.47
N GLY B 106 -3.83 82.46 42.46
CA GLY B 106 -4.78 82.67 41.39
C GLY B 106 -4.50 83.94 40.62
N ALA B 107 -3.22 84.28 40.44
CA ALA B 107 -2.81 85.52 39.78
C ALA B 107 -2.02 85.25 38.50
N GLY B 108 -2.15 84.07 37.92
CA GLY B 108 -1.52 83.78 36.63
C GLY B 108 -2.07 84.68 35.54
N LYS B 109 -1.22 85.08 34.60
CA LYS B 109 -1.63 86.04 33.59
C LYS B 109 -1.13 85.63 32.21
N PRO B 110 -1.79 86.09 31.16
CA PRO B 110 -1.27 85.88 29.81
C PRO B 110 0.10 86.53 29.63
N GLY B 111 0.91 85.94 28.77
CA GLY B 111 2.26 86.40 28.52
C GLY B 111 3.30 85.86 29.46
N ASP B 112 2.91 85.02 30.42
CA ASP B 112 3.80 84.49 31.43
C ASP B 112 4.27 83.08 31.12
N SER B 113 3.90 82.53 29.97
CA SER B 113 4.24 81.15 29.65
C SER B 113 5.72 81.00 29.35
N GLY B 114 6.31 79.88 29.80
CA GLY B 114 7.68 79.55 29.55
C GLY B 114 8.62 79.65 30.73
N ARG B 115 8.13 80.08 31.90
CA ARG B 115 9.00 80.28 33.04
C ARG B 115 9.19 78.96 33.79
N PRO B 116 10.42 78.52 34.01
CA PRO B 116 10.63 77.21 34.61
C PRO B 116 10.14 77.17 36.05
N ILE B 117 9.80 75.97 36.50
CA ILE B 117 9.50 75.72 37.90
C ILE B 117 10.71 75.03 38.52
N PHE B 118 11.23 75.63 39.58
CA PHE B 118 12.51 75.25 40.15
C PHE B 118 12.34 74.33 41.34
N ASP B 119 13.35 73.52 41.58
CA ASP B 119 13.39 72.65 42.75
C ASP B 119 14.03 73.40 43.91
N ASN B 120 14.12 72.73 45.06
CA ASN B 120 14.77 73.36 46.22
C ASN B 120 16.24 73.60 45.95
N LYS B 121 16.90 72.68 45.26
CA LYS B 121 18.34 72.73 45.09
C LYS B 121 18.78 73.52 43.87
N GLY B 122 17.87 74.28 43.24
CA GLY B 122 18.20 74.99 42.03
C GLY B 122 18.01 74.21 40.75
N ARG B 123 17.57 72.96 40.83
CA ARG B 123 17.29 72.19 39.64
C ARG B 123 15.95 72.59 39.04
N VAL B 124 15.78 72.27 37.74
CA VAL B 124 14.51 72.52 37.04
C VAL B 124 13.73 71.23 36.99
N VAL B 125 12.41 71.35 36.90
CA VAL B 125 11.52 70.20 36.88
C VAL B 125 10.56 70.25 35.71
N ALA B 126 9.95 71.40 35.44
CA ALA B 126 8.93 71.47 34.41
C ALA B 126 8.85 72.89 33.87
N ILE B 127 8.06 73.07 32.81
CA ILE B 127 7.84 74.38 32.19
C ILE B 127 6.36 74.66 32.24
N VAL B 128 6.00 75.88 32.65
CA VAL B 128 4.61 76.29 32.71
C VAL B 128 4.08 76.52 31.30
N LEU B 129 2.88 76.01 31.03
CA LEU B 129 2.22 76.21 29.76
C LEU B 129 0.89 76.93 29.89
N GLY B 130 0.09 76.60 30.91
CA GLY B 130 -1.15 77.32 31.09
C GLY B 130 -1.70 77.12 32.47
N GLY B 131 -2.84 77.76 32.73
CA GLY B 131 -3.52 77.61 33.99
C GLY B 131 -5.01 77.44 33.80
N ALA B 132 -5.62 76.77 34.75
CA ALA B 132 -7.07 76.56 34.78
C ALA B 132 -7.60 77.10 36.10
N ASN B 133 -8.60 77.96 36.02
CA ASN B 133 -9.11 78.68 37.20
C ASN B 133 -10.03 77.78 38.01
N GLU B 134 -9.54 77.31 39.15
CA GLU B 134 -10.36 76.49 40.06
C GLU B 134 -10.99 77.37 41.13
N GLY B 135 -11.75 78.37 40.70
CA GLY B 135 -12.31 79.31 41.65
C GLY B 135 -11.24 80.15 42.29
N SER B 136 -10.89 79.83 43.54
CA SER B 136 -9.84 80.55 44.25
C SER B 136 -8.44 80.16 43.79
N ARG B 137 -8.25 78.91 43.37
CA ARG B 137 -6.94 78.42 42.95
C ARG B 137 -6.90 78.22 41.44
N THR B 138 -5.70 77.95 40.95
CA THR B 138 -5.48 77.59 39.56
C THR B 138 -4.62 76.35 39.51
N ALA B 139 -5.01 75.39 38.68
CA ALA B 139 -4.20 74.22 38.41
C ALA B 139 -3.38 74.45 37.15
N LEU B 140 -2.08 74.19 37.23
CA LEU B 140 -1.19 74.46 36.12
C LEU B 140 -1.14 73.29 35.15
N SER B 141 -1.20 73.60 33.86
CA SER B 141 -0.92 72.66 32.80
C SER B 141 0.52 72.88 32.38
N VAL B 142 1.38 71.92 32.71
CA VAL B 142 2.82 72.04 32.53
C VAL B 142 3.35 70.81 31.82
N VAL B 143 4.55 70.95 31.27
CA VAL B 143 5.24 69.86 30.59
C VAL B 143 6.41 69.43 31.45
N THR B 144 6.39 68.19 31.90
CA THR B 144 7.41 67.64 32.79
C THR B 144 8.32 66.71 32.01
N TRP B 145 9.17 65.99 32.74
CA TRP B 145 9.98 64.93 32.16
C TRP B 145 9.91 63.70 33.05
N ASN B 146 9.62 62.56 32.44
CA ASN B 146 9.73 61.30 33.14
C ASN B 146 11.20 60.92 33.08
N LYS B 147 11.56 59.69 33.43
CA LYS B 147 12.96 59.29 33.37
C LYS B 147 13.55 59.52 31.99
N ASP B 148 12.78 59.23 30.93
CA ASP B 148 13.28 59.38 29.57
C ASP B 148 12.33 60.13 28.65
N MET B 149 11.09 60.35 29.04
CA MET B 149 10.07 60.81 28.12
C MET B 149 9.51 62.15 28.56
N VAL B 150 9.08 62.93 27.59
CA VAL B 150 8.37 64.18 27.84
C VAL B 150 6.90 63.86 28.02
N THR B 151 6.26 64.52 28.98
CA THR B 151 4.84 64.34 29.23
C THR B 151 4.17 65.70 29.36
N ARG B 152 2.91 65.76 28.95
CA ARG B 152 2.10 66.96 29.09
C ARG B 152 0.89 66.62 29.93
N VAL B 153 0.60 67.43 30.94
CA VAL B 153 -0.56 67.27 31.81
C VAL B 153 -1.39 68.52 31.70
N THR B 154 -2.70 68.36 31.54
CA THR B 154 -3.58 69.51 31.31
C THR B 154 -4.97 69.28 31.90
N PRO B 155 -5.27 69.85 33.05
CA PRO B 155 -6.67 69.85 33.52
C PRO B 155 -7.55 70.72 32.64
N GLU B 156 -8.84 70.41 32.65
CA GLU B 156 -9.78 71.08 31.75
C GLU B 156 -9.89 72.56 32.05
N GLY B 157 -10.25 73.33 31.03
CA GLY B 157 -10.36 74.76 31.18
C GLY B 157 -9.05 75.49 31.13
N SER B 158 -7.95 74.79 30.88
CA SER B 158 -6.65 75.43 30.83
C SER B 158 -6.60 76.45 29.71
N GLU B 159 -6.06 77.63 30.02
CA GLU B 159 -5.96 78.69 29.05
C GLU B 159 -4.49 79.01 28.79
N GLU B 160 -4.13 79.02 27.51
CA GLU B 160 -2.77 79.38 27.12
C GLU B 160 -2.50 80.83 27.47
N TRP B 161 -1.32 81.10 27.99
CA TRP B 161 -0.97 82.46 28.39
C TRP B 161 -0.05 83.10 27.37
N MET C 1 44.53 47.70 -108.45
CA MET C 1 45.04 48.62 -107.43
C MET C 1 46.52 48.90 -107.65
N CYS C 2 47.23 47.91 -108.20
CA CYS C 2 48.68 47.98 -108.31
C CYS C 2 49.10 48.71 -109.58
N VAL C 3 50.28 49.32 -109.52
CA VAL C 3 50.75 50.25 -110.53
C VAL C 3 51.86 49.62 -111.36
N LEU C 4 51.91 49.99 -112.64
CA LEU C 4 52.98 49.61 -113.55
C LEU C 4 53.31 50.86 -114.35
N ALA C 5 54.29 51.63 -113.86
CA ALA C 5 54.63 52.92 -114.43
C ALA C 5 53.41 53.84 -114.47
N ASN C 6 52.58 53.71 -115.51
CA ASN C 6 51.38 54.51 -115.65
C ASN C 6 50.22 53.67 -116.13
N ALA C 7 50.12 52.43 -115.67
CA ALA C 7 49.07 51.52 -116.10
C ALA C 7 47.92 51.45 -115.10
N THR C 8 48.24 51.16 -113.83
CA THR C 8 47.25 51.10 -112.75
C THR C 8 46.12 50.13 -113.13
N PHE C 9 46.52 48.88 -113.30
CA PHE C 9 45.67 47.75 -113.60
C PHE C 9 45.26 47.04 -112.32
N PRO C 10 44.15 46.30 -112.33
CA PRO C 10 43.77 45.54 -111.14
C PRO C 10 44.77 44.44 -110.85
N CYS C 11 45.12 44.32 -109.56
CA CYS C 11 46.23 43.45 -109.16
C CYS C 11 45.94 41.98 -109.45
N PHE C 12 44.67 41.63 -109.62
CA PHE C 12 44.33 40.25 -109.91
C PHE C 12 44.76 39.83 -111.31
N GLN C 13 44.83 40.79 -112.25
CA GLN C 13 45.14 40.51 -113.65
C GLN C 13 46.27 41.41 -114.11
N PRO C 14 47.51 40.93 -114.05
CA PRO C 14 48.62 41.68 -114.65
C PRO C 14 48.51 41.67 -116.16
N PRO C 15 49.10 42.66 -116.84
CA PRO C 15 48.97 42.74 -118.30
C PRO C 15 49.88 41.79 -119.07
N CYS C 16 50.85 41.15 -118.42
CA CYS C 16 51.81 40.31 -119.12
C CYS C 16 51.36 38.85 -119.21
N VAL C 17 50.14 38.55 -118.79
CA VAL C 17 49.66 37.16 -118.73
C VAL C 17 49.71 36.55 -120.13
N PRO C 18 50.18 35.30 -120.29
CA PRO C 18 50.79 34.46 -119.26
C PRO C 18 52.30 34.26 -119.44
N CYS C 19 52.92 33.51 -118.53
CA CYS C 19 54.35 33.22 -118.56
C CYS C 19 55.18 34.50 -118.57
N CYS C 20 54.87 35.37 -117.59
CA CYS C 20 55.54 36.67 -117.50
C CYS C 20 57.03 36.50 -117.27
N TYR C 21 57.41 35.71 -116.25
CA TYR C 21 58.81 35.53 -115.92
C TYR C 21 59.57 34.87 -117.06
N GLU C 22 58.98 33.85 -117.68
CA GLU C 22 59.64 33.19 -118.80
C GLU C 22 59.83 34.15 -119.97
N ASN C 23 58.81 34.96 -120.27
CA ASN C 23 58.93 35.89 -121.38
C ASN C 23 60.02 36.93 -121.12
N ASN C 24 60.04 37.51 -119.92
CA ASN C 24 61.06 38.50 -119.59
C ASN C 24 61.20 38.56 -118.08
N ALA C 25 62.30 38.00 -117.56
CA ALA C 25 62.45 37.88 -116.11
C ALA C 25 62.69 39.23 -115.46
N GLU C 26 63.57 40.03 -116.02
CA GLU C 26 63.99 41.26 -115.37
C GLU C 26 62.84 42.23 -115.20
N ALA C 27 62.01 42.39 -116.24
CA ALA C 27 60.88 43.30 -116.14
C ALA C 27 59.90 42.85 -115.08
N THR C 28 59.64 41.54 -114.98
CA THR C 28 58.75 41.04 -113.95
C THR C 28 59.31 41.27 -112.56
N LEU C 29 60.61 41.08 -112.39
CA LEU C 29 61.21 41.32 -111.08
C LEU C 29 61.11 42.78 -110.68
N ARG C 30 61.41 43.69 -111.62
CA ARG C 30 61.25 45.11 -111.31
C ARG C 30 59.80 45.49 -111.11
N MET C 31 58.87 44.77 -111.75
CA MET C 31 57.45 44.93 -111.50
C MET C 31 57.11 44.61 -110.06
N LEU C 32 57.52 43.42 -109.59
CA LEU C 32 57.20 43.02 -108.24
C LEU C 32 57.87 43.91 -107.20
N GLU C 33 59.14 44.25 -107.41
CA GLU C 33 59.87 45.04 -106.42
C GLU C 33 59.28 46.42 -106.24
N ASP C 34 58.50 46.91 -107.20
CA ASP C 34 57.85 48.21 -107.07
C ASP C 34 56.49 48.13 -106.39
N ASN C 35 56.02 46.93 -106.06
CA ASN C 35 54.69 46.75 -105.49
C ASN C 35 54.75 46.08 -104.11
N VAL C 36 55.83 46.28 -103.37
CA VAL C 36 55.96 45.62 -102.08
C VAL C 36 54.99 46.18 -101.06
N ASP C 37 54.81 47.50 -101.03
CA ASP C 37 53.98 48.12 -100.00
C ASP C 37 52.49 47.91 -100.23
N ARG C 38 52.06 47.63 -101.46
CA ARG C 38 50.65 47.41 -101.73
C ARG C 38 50.19 46.12 -101.08
N PRO C 39 48.93 46.01 -100.69
CA PRO C 39 48.44 44.75 -100.13
C PRO C 39 48.39 43.62 -101.15
N GLY C 40 48.42 43.92 -102.44
CA GLY C 40 48.24 42.89 -103.46
C GLY C 40 49.51 42.26 -103.96
N TYR C 41 50.60 42.40 -103.20
CA TYR C 41 51.89 41.88 -103.65
C TYR C 41 51.82 40.37 -103.85
N TYR C 42 51.19 39.67 -102.90
CA TYR C 42 51.05 38.23 -103.03
C TYR C 42 50.21 37.86 -104.24
N ASP C 43 49.18 38.66 -104.54
CA ASP C 43 48.35 38.37 -105.70
C ASP C 43 49.15 38.52 -106.99
N LEU C 44 49.97 39.56 -107.09
CA LEU C 44 50.85 39.68 -108.24
C LEU C 44 51.80 38.50 -108.33
N LEU C 45 52.36 38.09 -107.19
CA LEU C 45 53.31 36.98 -107.19
C LEU C 45 52.64 35.71 -107.72
N GLN C 46 51.42 35.44 -107.24
CA GLN C 46 50.69 34.26 -107.65
C GLN C 46 50.29 34.30 -109.11
N ALA C 47 49.91 35.48 -109.61
CA ALA C 47 49.52 35.60 -111.01
C ALA C 47 50.69 35.77 -111.96
N ALA C 48 51.90 35.97 -111.43
CA ALA C 48 53.06 36.16 -112.28
C ALA C 48 53.92 34.91 -112.38
N LEU C 49 54.00 34.11 -111.32
CA LEU C 49 54.84 32.91 -111.37
C LEU C 49 54.03 31.64 -111.59
N THR C 50 52.96 31.73 -112.37
CA THR C 50 52.11 30.57 -112.66
C THR C 50 51.73 30.58 -114.13
N CYS C 51 52.23 29.59 -114.88
CA CYS C 51 51.79 29.38 -116.26
C CYS C 51 52.18 27.98 -116.68
N ARG C 52 51.35 27.37 -117.53
CA ARG C 52 51.58 26.00 -117.97
C ARG C 52 51.70 25.90 -119.49
N LYS D 1 48.24 67.37 53.01
CA LYS D 1 47.53 66.11 53.15
C LYS D 1 47.23 65.49 51.79
N ARG D 2 46.01 65.77 51.29
CA ARG D 2 45.62 65.25 49.98
C ARG D 2 46.57 65.73 48.90
N GLU D 3 46.96 67.00 48.93
CA GLU D 3 47.82 67.54 47.89
C GLU D 3 49.20 66.91 47.93
N ARG D 4 49.76 66.71 49.13
CA ARG D 4 51.07 66.08 49.22
C ARG D 4 51.02 64.63 48.73
N MET D 5 49.99 63.88 49.14
CA MET D 5 49.87 62.50 48.65
C MET D 5 49.69 62.47 47.14
N CYS D 6 48.89 63.39 46.60
CA CYS D 6 48.71 63.46 45.15
C CYS D 6 50.02 63.76 44.44
N MET D 7 50.81 64.71 44.97
CA MET D 7 52.07 65.05 44.33
C MET D 7 53.05 63.87 44.36
N LYS D 8 53.14 63.18 45.50
CA LYS D 8 54.03 62.03 45.58
C LYS D 8 53.58 60.92 44.64
N ILE D 9 52.28 60.61 44.64
CA ILE D 9 51.75 59.58 43.75
C ILE D 9 52.01 59.95 42.30
N GLU D 10 51.88 61.23 41.97
CA GLU D 10 52.12 61.63 40.59
C GLU D 10 53.59 61.53 40.22
N ASN D 11 54.49 61.92 41.13
CA ASN D 11 55.91 61.82 40.84
C ASN D 11 56.35 60.37 40.71
N ASP D 12 55.62 59.45 41.34
CA ASP D 12 55.93 58.03 41.16
C ASP D 12 55.10 57.36 40.06
N CYS D 13 54.09 58.03 39.50
CA CYS D 13 53.23 57.34 38.53
C CYS D 13 53.03 58.10 37.23
N ILE D 14 53.79 59.14 36.93
CA ILE D 14 53.72 59.83 35.65
C ILE D 14 55.13 60.06 35.11
N PHE D 15 55.30 59.83 33.81
CA PHE D 15 56.55 60.09 33.11
C PHE D 15 56.28 60.94 31.89
N GLU D 16 57.15 61.91 31.64
CA GLU D 16 56.98 62.81 30.51
C GLU D 16 57.28 62.12 29.19
N VAL D 17 56.78 62.72 28.12
CA VAL D 17 57.07 62.28 26.75
C VAL D 17 57.56 63.48 25.97
N LYS D 18 58.80 63.40 25.47
CA LYS D 18 59.43 64.52 24.80
C LYS D 18 59.76 64.14 23.36
N HIS D 19 59.50 65.06 22.43
CA HIS D 19 59.83 64.85 21.03
C HIS D 19 60.47 66.12 20.51
N GLU D 20 61.54 65.99 19.72
CA GLU D 20 62.45 67.08 19.39
C GLU D 20 63.00 67.76 20.65
N GLY D 21 63.12 67.01 21.74
CA GLY D 21 63.62 67.54 22.99
C GLY D 21 62.59 68.22 23.86
N LYS D 22 61.37 68.44 23.37
CA LYS D 22 60.34 69.16 24.11
C LYS D 22 59.20 68.23 24.48
N VAL D 23 58.71 68.36 25.72
CA VAL D 23 57.72 67.44 26.27
C VAL D 23 56.34 67.74 25.68
N THR D 24 55.55 66.69 25.48
CA THR D 24 54.24 66.82 24.88
C THR D 24 53.12 66.07 25.59
N GLY D 25 53.42 65.16 26.49
CA GLY D 25 52.39 64.40 27.15
C GLY D 25 52.91 63.63 28.34
N TYR D 26 52.00 62.94 29.01
CA TYR D 26 52.32 62.24 30.25
C TYR D 26 51.74 60.84 30.23
N ALA D 27 52.58 59.85 30.52
CA ALA D 27 52.17 58.47 30.60
C ALA D 27 52.09 58.03 32.05
N CYS D 28 50.96 57.43 32.42
CA CYS D 28 50.65 57.14 33.81
C CYS D 28 50.62 55.64 34.06
N LEU D 29 50.99 55.26 35.28
CA LEU D 29 51.06 53.86 35.70
C LEU D 29 49.81 53.56 36.52
N VAL D 30 48.78 53.02 35.87
CA VAL D 30 47.50 52.77 36.52
C VAL D 30 47.34 51.26 36.68
N GLY D 31 47.02 50.84 37.90
CA GLY D 31 46.82 49.42 38.15
C GLY D 31 48.08 48.63 37.86
N ASP D 32 48.09 47.94 36.72
CA ASP D 32 49.27 47.23 36.27
C ASP D 32 49.53 47.44 34.78
N LYS D 33 49.10 48.58 34.24
CA LYS D 33 49.22 48.80 32.80
C LYS D 33 49.62 50.23 32.50
N VAL D 34 50.75 50.38 31.83
CA VAL D 34 51.17 51.67 31.30
C VAL D 34 50.13 52.13 30.28
N MET D 35 49.59 53.31 30.48
CA MET D 35 48.55 53.86 29.63
C MET D 35 48.95 55.24 29.18
N LYS D 36 48.96 55.47 27.87
CA LYS D 36 49.16 56.83 27.42
C LYS D 36 48.28 57.12 26.22
N PRO D 37 47.86 58.37 26.04
CA PRO D 37 47.06 58.70 24.86
C PRO D 37 47.80 58.36 23.59
N ALA D 38 47.05 57.88 22.60
CA ALA D 38 47.68 57.47 21.35
C ALA D 38 48.07 58.66 20.48
N HIS D 39 47.35 59.78 20.59
CA HIS D 39 47.60 60.89 19.67
C HIS D 39 48.92 61.58 19.97
N VAL D 40 49.41 61.52 21.19
CA VAL D 40 50.68 62.16 21.51
C VAL D 40 51.81 61.39 20.83
N LYS D 41 52.79 62.12 20.30
CA LYS D 41 53.97 61.52 19.70
C LYS D 41 55.21 61.89 20.49
N GLY D 42 56.13 60.95 20.57
CA GLY D 42 57.37 61.14 21.29
C GLY D 42 57.82 59.82 21.91
N VAL D 43 58.70 59.93 22.89
CA VAL D 43 59.23 58.77 23.58
C VAL D 43 59.08 58.98 25.08
N ILE D 44 58.96 57.89 25.82
CA ILE D 44 58.85 57.95 27.26
C ILE D 44 60.23 58.09 27.87
N ASP D 45 60.33 58.85 28.96
CA ASP D 45 61.61 59.16 29.59
C ASP D 45 62.08 58.02 30.50
N ASN D 46 62.18 56.83 29.92
CA ASN D 46 62.59 55.65 30.67
C ASN D 46 62.91 54.49 29.74
N ALA D 47 64.02 53.78 30.00
CA ALA D 47 64.44 52.73 29.10
C ALA D 47 63.46 51.56 29.09
N ASP D 48 63.06 51.10 30.28
CA ASP D 48 62.15 49.96 30.34
C ASP D 48 60.83 50.28 29.67
N LEU D 49 60.28 51.46 29.91
CA LEU D 49 59.01 51.81 29.29
C LEU D 49 59.16 51.99 27.78
N ALA D 50 60.23 52.67 27.35
CA ALA D 50 60.39 52.95 25.94
C ALA D 50 60.64 51.69 25.11
N LYS D 51 61.30 50.69 25.69
CA LYS D 51 61.51 49.45 24.95
C LYS D 51 60.22 48.66 24.77
N LEU D 52 59.24 48.83 25.65
CA LEU D 52 58.09 47.94 25.68
C LEU D 52 57.26 48.07 24.40
N ALA D 53 56.58 46.97 24.06
CA ALA D 53 55.70 46.92 22.89
C ALA D 53 54.32 47.38 23.31
N PHE D 54 53.81 48.41 22.63
CA PHE D 54 52.56 49.04 23.00
C PHE D 54 51.43 48.58 22.09
N LYS D 55 50.34 48.12 22.71
CA LYS D 55 49.15 47.79 21.96
C LYS D 55 48.34 49.06 21.71
N LYS D 56 47.98 49.27 20.44
CA LYS D 56 47.38 50.49 19.94
C LYS D 56 45.87 50.35 19.87
N SER D 57 45.17 51.48 19.95
CA SER D 57 43.76 51.52 19.56
C SER D 57 43.39 52.96 19.22
N SER D 58 43.03 53.19 17.97
CA SER D 58 42.71 54.54 17.51
C SER D 58 41.33 55.00 17.93
N LYS D 59 40.39 54.09 18.15
CA LYS D 59 39.04 54.52 18.50
C LYS D 59 38.98 55.02 19.93
N TYR D 60 39.78 54.42 20.81
CA TYR D 60 39.90 54.89 22.18
C TYR D 60 41.00 55.91 22.35
N ASP D 61 41.78 56.16 21.30
CA ASP D 61 42.93 57.05 21.35
C ASP D 61 43.84 56.63 22.52
N LEU D 62 44.24 55.37 22.50
CA LEU D 62 44.93 54.84 23.67
C LEU D 62 45.97 53.82 23.27
N GLU D 63 47.11 53.88 23.94
CA GLU D 63 48.11 52.84 23.89
C GLU D 63 48.30 52.27 25.28
N CYS D 64 48.38 50.95 25.37
CA CYS D 64 48.56 50.29 26.65
C CYS D 64 49.71 49.31 26.56
N ALA D 65 50.26 48.98 27.72
CA ALA D 65 51.24 47.91 27.82
C ALA D 65 51.21 47.35 29.22
N GLN D 66 51.62 46.10 29.35
CA GLN D 66 51.63 45.46 30.66
C GLN D 66 52.96 45.77 31.33
N ILE D 67 52.89 46.38 32.51
CA ILE D 67 54.05 47.00 33.15
C ILE D 67 55.03 45.92 33.56
N PRO D 68 56.33 46.20 33.63
CA PRO D 68 57.28 45.15 33.98
C PRO D 68 57.23 44.83 35.46
N VAL D 69 57.86 43.71 35.81
CA VAL D 69 57.69 43.15 37.14
C VAL D 69 58.32 44.04 38.21
N HIS D 70 59.40 44.76 37.89
CA HIS D 70 60.14 45.49 38.91
C HIS D 70 59.58 46.87 39.19
N MET D 71 58.46 47.25 38.57
CA MET D 71 57.84 48.54 38.83
C MET D 71 56.40 48.43 39.31
N ARG D 72 55.87 47.24 39.52
CA ARG D 72 54.46 47.15 39.91
C ARG D 72 54.20 47.70 41.30
N SER D 73 55.24 47.93 42.08
CA SER D 73 55.09 48.47 43.43
C SER D 73 54.88 49.98 43.44
N ASP D 74 55.15 50.65 42.32
CA ASP D 74 55.06 52.10 42.23
C ASP D 74 53.89 52.51 41.37
N ALA D 75 52.83 51.72 41.38
CA ALA D 75 51.70 51.95 40.49
C ALA D 75 50.50 52.38 41.32
N SER D 76 49.80 53.40 40.82
CA SER D 76 48.63 53.91 41.50
C SER D 76 47.56 52.83 41.63
N LYS D 77 46.57 53.08 42.46
CA LYS D 77 45.43 52.19 42.57
C LYS D 77 44.26 52.79 41.80
N TYR D 78 43.46 51.93 41.18
CA TYR D 78 42.38 52.36 40.30
C TYR D 78 41.04 52.11 40.97
N THR D 79 39.97 52.43 40.24
CA THR D 79 38.62 52.17 40.71
C THR D 79 37.67 52.36 39.53
N HIS D 80 36.42 51.97 39.77
CA HIS D 80 35.36 52.14 38.78
C HIS D 80 34.12 52.85 39.34
N GLU D 81 34.23 53.49 40.49
CA GLU D 81 33.09 54.18 41.09
C GLU D 81 33.15 55.67 40.79
N LYS D 82 31.99 56.26 40.48
CA LYS D 82 31.90 57.69 40.19
C LYS D 82 30.77 58.34 40.98
N PRO D 83 30.96 58.55 42.28
CA PRO D 83 29.98 59.35 43.03
C PRO D 83 30.01 60.79 42.59
N GLU D 84 28.88 61.48 42.73
CA GLU D 84 28.82 62.89 42.43
C GLU D 84 29.61 63.69 43.45
N GLY D 85 30.35 64.69 43.00
CA GLY D 85 31.11 65.52 43.92
C GLY D 85 32.31 66.15 43.23
N HIS D 86 33.37 66.36 44.01
CA HIS D 86 34.58 67.02 43.57
C HIS D 86 35.72 66.01 43.46
N TYR D 87 36.69 66.29 42.59
CA TYR D 87 37.84 65.41 42.43
C TYR D 87 39.11 66.23 42.24
N ASN D 88 40.26 65.57 42.46
CA ASN D 88 41.54 66.25 42.43
C ASN D 88 42.14 66.25 41.04
N TRP D 89 43.14 67.10 40.84
CA TRP D 89 43.88 67.16 39.60
C TRP D 89 45.15 67.96 39.86
N HIS D 90 46.19 67.70 39.07
CA HIS D 90 47.44 68.42 39.28
C HIS D 90 47.29 69.91 39.04
N HIS D 91 46.24 70.34 38.35
CA HIS D 91 46.00 71.75 38.12
C HIS D 91 44.83 72.26 38.96
N GLY D 92 44.48 71.53 40.02
CA GLY D 92 43.49 72.02 40.95
C GLY D 92 42.37 71.06 41.26
N ALA D 93 41.13 71.55 41.20
CA ALA D 93 39.95 70.78 41.55
C ALA D 93 39.02 70.73 40.35
N VAL D 94 38.48 69.55 40.10
CA VAL D 94 37.58 69.31 38.97
C VAL D 94 36.20 68.96 39.52
N GLN D 95 35.17 69.38 38.78
CA GLN D 95 33.79 69.25 39.21
C GLN D 95 33.10 68.23 38.33
N TYR D 96 32.46 67.24 38.95
CA TYR D 96 31.78 66.17 38.24
C TYR D 96 30.28 66.44 38.29
N SER D 97 29.67 66.67 37.12
CA SER D 97 28.27 67.09 37.06
C SER D 97 27.62 66.51 35.81
N GLY D 98 26.50 65.81 36.00
CA GLY D 98 25.78 65.24 34.87
C GLY D 98 26.60 64.27 34.06
N GLY D 99 27.37 63.41 34.72
CA GLY D 99 28.21 62.47 34.05
C GLY D 99 29.44 63.05 33.36
N ARG D 100 29.72 64.33 33.56
CA ARG D 100 30.82 65.01 32.88
C ARG D 100 31.80 65.57 33.90
N PHE D 101 33.05 65.68 33.48
CA PHE D 101 34.08 66.34 34.27
C PHE D 101 34.25 67.76 33.75
N THR D 102 34.27 68.74 34.65
CA THR D 102 34.39 70.14 34.27
C THR D 102 35.57 70.79 34.98
N ILE D 103 36.22 71.71 34.27
CA ILE D 103 37.32 72.49 34.80
C ILE D 103 36.79 73.88 35.15
N PRO D 104 36.93 74.34 36.39
CA PRO D 104 36.33 75.62 36.78
C PRO D 104 36.91 76.81 36.05
N THR D 105 38.08 76.69 35.45
CA THR D 105 38.81 77.85 34.99
C THR D 105 38.98 77.94 33.49
N GLY D 106 39.02 76.83 32.78
CA GLY D 106 39.57 76.86 31.44
C GLY D 106 41.07 77.11 31.45
N ALA D 107 41.78 76.48 32.38
CA ALA D 107 43.23 76.62 32.50
C ALA D 107 44.00 75.56 31.72
N GLY D 108 43.31 74.64 31.06
CA GLY D 108 44.01 73.63 30.30
C GLY D 108 44.77 74.23 29.14
N LYS D 109 45.99 73.74 28.92
CA LYS D 109 46.80 74.18 27.80
C LYS D 109 47.26 72.96 27.01
N PRO D 110 47.57 73.15 25.72
CA PRO D 110 48.07 72.02 24.93
C PRO D 110 49.33 71.43 25.54
N GLY D 111 49.47 70.12 25.39
CA GLY D 111 50.59 69.41 25.96
C GLY D 111 50.34 68.86 27.34
N ASP D 112 49.15 69.03 27.89
CA ASP D 112 48.82 68.47 29.18
C ASP D 112 47.95 67.23 29.09
N SER D 113 47.79 66.66 27.90
CA SER D 113 47.02 65.43 27.75
C SER D 113 47.68 64.29 28.48
N GLY D 114 46.88 63.32 28.90
CA GLY D 114 47.38 62.12 29.55
C GLY D 114 47.58 62.22 31.04
N ARG D 115 47.21 63.33 31.65
CA ARG D 115 47.40 63.50 33.08
C ARG D 115 46.18 62.99 33.81
N PRO D 116 46.33 62.12 34.80
CA PRO D 116 45.16 61.46 35.40
C PRO D 116 44.34 62.40 36.26
N ILE D 117 43.11 61.96 36.54
CA ILE D 117 42.20 62.63 37.46
C ILE D 117 42.01 61.72 38.66
N PHE D 118 42.16 62.29 39.85
CA PHE D 118 42.26 61.48 41.06
C PHE D 118 40.95 61.46 41.84
N ASP D 119 40.88 60.56 42.79
CA ASP D 119 39.73 60.39 43.66
C ASP D 119 40.02 61.04 45.02
N ASN D 120 39.10 60.86 45.96
CA ASN D 120 39.32 61.35 47.32
C ASN D 120 40.44 60.59 48.01
N LYS D 121 40.48 59.28 47.82
CA LYS D 121 41.38 58.40 48.56
C LYS D 121 42.69 58.14 47.81
N GLY D 122 42.92 58.80 46.69
CA GLY D 122 44.09 58.56 45.88
C GLY D 122 43.89 57.60 44.73
N ARG D 123 42.70 57.04 44.56
CA ARG D 123 42.45 56.18 43.42
C ARG D 123 42.33 57.00 42.14
N VAL D 124 42.48 56.33 40.99
CA VAL D 124 42.40 56.98 39.69
C VAL D 124 41.09 56.60 39.04
N VAL D 125 40.41 57.58 38.45
CA VAL D 125 39.09 57.37 37.87
C VAL D 125 39.09 57.59 36.35
N ALA D 126 39.84 58.57 35.87
CA ALA D 126 39.81 58.87 34.44
C ALA D 126 41.20 59.27 33.99
N ILE D 127 41.33 59.57 32.69
CA ILE D 127 42.56 60.10 32.13
C ILE D 127 42.18 61.19 31.13
N VAL D 128 42.82 62.35 31.25
CA VAL D 128 42.44 63.51 30.44
C VAL D 128 43.01 63.36 29.04
N LEU D 129 42.15 63.50 28.03
CA LEU D 129 42.57 63.56 26.64
C LEU D 129 42.50 64.96 26.07
N GLY D 130 41.37 65.65 26.22
CA GLY D 130 41.28 66.97 25.62
C GLY D 130 40.28 67.83 26.34
N GLY D 131 40.16 69.07 25.86
CA GLY D 131 39.23 70.01 26.46
C GLY D 131 38.41 70.71 25.39
N ALA D 132 37.25 71.18 25.82
CA ALA D 132 36.36 71.97 24.98
C ALA D 132 36.02 73.25 25.70
N ASN D 133 36.26 74.37 25.01
CA ASN D 133 36.06 75.71 25.56
C ASN D 133 34.58 75.98 25.68
N GLU D 134 34.03 75.74 26.86
CA GLU D 134 32.59 75.81 27.10
C GLU D 134 32.33 77.00 28.02
N GLY D 135 32.09 78.17 27.42
CA GLY D 135 31.83 79.36 28.21
C GLY D 135 33.01 79.69 29.11
N SER D 136 32.73 79.86 30.40
CA SER D 136 33.76 80.12 31.39
C SER D 136 34.38 78.85 31.94
N ARG D 137 33.86 77.70 31.58
CA ARG D 137 34.36 76.40 32.02
C ARG D 137 34.98 75.68 30.83
N THR D 138 35.34 74.42 31.05
CA THR D 138 35.90 73.59 29.99
C THR D 138 35.42 72.16 30.21
N ALA D 139 34.86 71.56 29.18
CA ALA D 139 34.43 70.17 29.27
C ALA D 139 35.56 69.25 28.89
N LEU D 140 35.85 68.27 29.74
CA LEU D 140 36.98 67.38 29.51
C LEU D 140 36.55 66.15 28.75
N SER D 141 37.26 65.86 27.66
CA SER D 141 37.13 64.61 26.93
C SER D 141 38.13 63.63 27.52
N VAL D 142 37.63 62.56 28.15
CA VAL D 142 38.42 61.70 28.99
C VAL D 142 38.19 60.24 28.62
N VAL D 143 38.97 59.37 29.25
CA VAL D 143 38.87 57.92 29.10
C VAL D 143 38.71 57.31 30.49
N THR D 144 37.60 56.63 30.71
CA THR D 144 37.29 56.07 32.01
C THR D 144 37.40 54.55 31.98
N TRP D 145 36.96 53.92 33.05
CA TRP D 145 36.74 52.49 33.07
C TRP D 145 35.36 52.19 33.63
N ASN D 146 34.69 51.23 33.01
CA ASN D 146 33.52 50.61 33.61
C ASN D 146 34.03 49.42 34.42
N LYS D 147 33.13 48.50 34.78
CA LYS D 147 33.53 47.35 35.57
C LYS D 147 34.59 46.53 34.86
N ASP D 148 34.52 46.43 33.53
CA ASP D 148 35.53 45.73 32.75
C ASP D 148 35.94 46.43 31.46
N MET D 149 35.16 47.38 30.95
CA MET D 149 35.36 47.95 29.63
C MET D 149 35.77 49.42 29.71
N VAL D 150 36.58 49.83 28.75
CA VAL D 150 36.98 51.23 28.58
C VAL D 150 35.97 51.91 27.68
N THR D 151 35.50 53.09 28.10
CA THR D 151 34.61 53.89 27.28
C THR D 151 35.21 55.28 27.15
N ARG D 152 34.82 55.99 26.09
CA ARG D 152 35.37 57.31 25.80
C ARG D 152 34.23 58.33 25.75
N VAL D 153 34.47 59.49 26.34
CA VAL D 153 33.53 60.60 26.32
C VAL D 153 34.19 61.79 25.65
N THR D 154 33.58 62.31 24.60
CA THR D 154 34.15 63.42 23.84
C THR D 154 33.07 64.44 23.49
N PRO D 155 32.85 65.43 24.34
CA PRO D 155 31.92 66.51 23.97
C PRO D 155 32.40 67.29 22.77
N GLU D 156 31.44 67.77 21.98
CA GLU D 156 31.77 68.46 20.73
C GLU D 156 32.52 69.74 21.03
N GLY D 157 33.35 70.15 20.06
CA GLY D 157 34.23 71.28 20.27
C GLY D 157 35.52 70.95 20.98
N SER D 158 35.77 69.68 21.25
CA SER D 158 36.98 69.27 21.97
C SER D 158 38.20 69.35 21.06
N GLU D 159 39.33 69.67 21.66
CA GLU D 159 40.61 69.73 20.96
C GLU D 159 41.63 68.83 21.66
N GLU D 160 42.34 68.04 20.87
CA GLU D 160 43.38 67.17 21.43
C GLU D 160 44.54 68.03 21.89
N TRP D 161 44.74 68.12 23.19
CA TRP D 161 45.87 68.85 23.74
C TRP D 161 47.16 68.10 23.45
N TYR E 1 105.75 -27.32 -11.20
CA TYR E 1 105.83 -26.10 -10.41
C TYR E 1 104.88 -25.03 -10.94
N GLU E 2 103.76 -24.86 -10.26
CA GLU E 2 102.72 -23.95 -10.73
C GLU E 2 103.23 -22.52 -10.76
N HIS E 3 102.57 -21.69 -11.56
CA HIS E 3 102.90 -20.28 -11.66
C HIS E 3 101.73 -19.54 -12.30
N SER E 4 101.64 -18.25 -12.03
CA SER E 4 100.58 -17.43 -12.60
C SER E 4 101.12 -16.04 -12.90
N THR E 5 100.52 -15.39 -13.89
CA THR E 5 100.97 -14.07 -14.28
C THR E 5 99.86 -13.38 -15.07
N VAL E 6 100.11 -12.13 -15.43
CA VAL E 6 99.18 -11.33 -16.21
C VAL E 6 99.95 -10.67 -17.35
N MET E 7 99.46 -10.82 -18.58
CA MET E 7 100.15 -10.18 -19.68
C MET E 7 99.18 -9.36 -20.53
N PRO E 8 99.61 -8.21 -21.05
CA PRO E 8 98.69 -7.33 -21.75
C PRO E 8 98.26 -7.91 -23.09
N ASN E 9 97.08 -7.51 -23.55
CA ASN E 9 96.53 -8.01 -24.81
C ASN E 9 96.84 -7.06 -25.95
N VAL E 10 98.13 -6.84 -26.18
CA VAL E 10 98.59 -5.94 -27.23
C VAL E 10 99.48 -6.73 -28.18
N VAL E 11 99.14 -6.68 -29.47
CA VAL E 11 99.85 -7.47 -30.47
C VAL E 11 101.28 -6.97 -30.61
N GLY E 12 102.23 -7.89 -30.58
CA GLY E 12 103.62 -7.55 -30.75
C GLY E 12 104.34 -7.09 -29.50
N PHE E 13 103.64 -6.98 -28.38
CA PHE E 13 104.30 -6.55 -27.15
C PHE E 13 105.15 -7.69 -26.60
N PRO E 14 106.45 -7.51 -26.45
CA PRO E 14 107.34 -8.63 -26.10
C PRO E 14 107.32 -8.93 -24.60
N TYR E 15 106.27 -9.61 -24.14
CA TYR E 15 106.15 -9.79 -22.70
C TYR E 15 107.21 -10.77 -22.22
N LYS E 16 107.75 -10.52 -21.05
CA LYS E 16 108.73 -11.41 -20.45
C LYS E 16 108.27 -11.77 -19.05
N ALA E 17 108.39 -13.04 -18.69
CA ALA E 17 107.99 -13.52 -17.39
C ALA E 17 109.20 -14.07 -16.65
N HIS E 18 109.25 -13.82 -15.35
CA HIS E 18 110.34 -14.27 -14.49
C HIS E 18 109.79 -15.31 -13.53
N ILE E 19 110.42 -16.48 -13.48
CA ILE E 19 110.06 -17.53 -12.54
C ILE E 19 111.30 -17.95 -11.78
N GLU E 20 111.22 -17.94 -10.45
CA GLU E 20 112.39 -18.15 -9.60
C GLU E 20 112.06 -19.20 -8.55
N ARG E 21 112.52 -20.41 -8.78
CA ARG E 21 112.34 -21.51 -7.85
C ARG E 21 113.56 -21.59 -6.95
N PRO E 22 113.39 -21.54 -5.63
CA PRO E 22 114.54 -21.34 -4.74
C PRO E 22 115.65 -22.35 -4.90
N GLY E 23 115.33 -23.57 -5.29
CA GLY E 23 116.38 -24.54 -5.46
C GLY E 23 117.12 -24.51 -6.78
N TYR E 24 116.78 -23.59 -7.68
CA TYR E 24 117.38 -23.59 -9.02
C TYR E 24 117.63 -22.16 -9.46
N SER E 25 118.31 -22.03 -10.59
CA SER E 25 118.55 -20.74 -11.21
C SER E 25 117.25 -20.20 -11.82
N PRO E 26 117.04 -18.89 -11.77
CA PRO E 26 115.81 -18.32 -12.31
C PRO E 26 115.71 -18.53 -13.80
N LEU E 27 114.47 -18.56 -14.29
CA LEU E 27 114.18 -18.77 -15.69
C LEU E 27 113.31 -17.63 -16.21
N THR E 28 113.48 -17.31 -17.49
CA THR E 28 112.77 -16.21 -18.11
C THR E 28 112.09 -16.70 -19.38
N LEU E 29 110.82 -16.35 -19.54
CA LEU E 29 110.03 -16.76 -20.69
C LEU E 29 109.71 -15.55 -21.54
N GLN E 30 109.75 -15.70 -22.85
CA GLN E 30 109.33 -14.65 -23.77
C GLN E 30 108.01 -15.07 -24.39
N MET E 31 106.98 -14.28 -24.18
CA MET E 31 105.66 -14.52 -24.74
C MET E 31 105.30 -13.37 -25.68
N GLN E 32 104.56 -13.69 -26.73
CA GLN E 32 104.12 -12.70 -27.70
C GLN E 32 102.77 -13.11 -28.24
N VAL E 33 101.91 -12.14 -28.52
CA VAL E 33 100.58 -12.42 -29.02
C VAL E 33 100.57 -12.13 -30.52
N VAL E 34 100.83 -13.14 -31.34
CA VAL E 34 100.94 -12.88 -32.76
C VAL E 34 99.60 -12.46 -33.35
N GLU E 35 98.50 -13.04 -32.90
CA GLU E 35 97.23 -12.69 -33.52
C GLU E 35 96.08 -12.95 -32.55
N THR E 36 95.01 -12.18 -32.67
CA THR E 36 93.80 -12.42 -31.90
C THR E 36 92.61 -12.48 -32.84
N SER E 37 91.46 -12.91 -32.31
CA SER E 37 90.26 -13.05 -33.12
C SER E 37 89.03 -13.14 -32.25
N LEU E 38 88.13 -12.16 -32.33
CA LEU E 38 86.99 -12.08 -31.44
C LEU E 38 85.73 -12.43 -32.21
N GLU E 39 85.32 -13.69 -32.14
CA GLU E 39 84.23 -14.19 -32.96
C GLU E 39 82.93 -14.18 -32.18
N PRO E 40 81.89 -13.51 -32.62
CA PRO E 40 80.61 -13.54 -31.91
C PRO E 40 79.79 -14.76 -32.30
N THR E 41 78.61 -14.86 -31.70
CA THR E 41 77.65 -15.93 -31.95
C THR E 41 76.43 -15.34 -32.65
N LEU E 42 75.93 -16.06 -33.65
CA LEU E 42 74.97 -15.48 -34.58
C LEU E 42 73.70 -16.30 -34.66
N ASN E 43 72.58 -15.63 -34.92
CA ASN E 43 71.30 -16.30 -35.18
C ASN E 43 70.65 -15.61 -36.37
N LEU E 44 70.61 -16.30 -37.51
CA LEU E 44 70.10 -15.67 -38.72
C LEU E 44 68.63 -15.32 -38.58
N GLU E 45 68.31 -14.06 -38.86
CA GLU E 45 66.95 -13.56 -38.75
C GLU E 45 66.22 -13.57 -40.08
N TYR E 46 66.77 -12.91 -41.10
CA TYR E 46 66.27 -13.06 -42.46
C TYR E 46 67.30 -12.52 -43.44
N ILE E 47 66.90 -12.50 -44.70
CA ILE E 47 67.78 -12.17 -45.81
C ILE E 47 66.98 -11.31 -46.78
N THR E 48 67.62 -10.30 -47.37
CA THR E 48 66.95 -9.38 -48.26
C THR E 48 67.71 -9.26 -49.58
N CYS E 49 66.96 -9.19 -50.68
CA CYS E 49 67.52 -8.98 -52.00
C CYS E 49 66.54 -8.15 -52.81
N GLU E 50 67.00 -7.65 -53.94
CA GLU E 50 66.15 -6.84 -54.80
C GLU E 50 64.96 -7.66 -55.30
N TYR E 51 63.82 -7.02 -55.48
CA TYR E 51 62.65 -7.74 -55.94
C TYR E 51 62.51 -7.59 -57.45
N LYS E 52 61.62 -8.40 -58.02
CA LYS E 52 61.35 -8.38 -59.45
C LYS E 52 59.85 -8.50 -59.67
N THR E 53 59.26 -7.50 -60.33
CA THR E 53 57.83 -7.50 -60.58
C THR E 53 57.52 -8.36 -61.79
N VAL E 54 56.62 -9.33 -61.63
CA VAL E 54 56.20 -10.19 -62.73
C VAL E 54 54.77 -9.84 -63.10
N VAL E 55 54.53 -9.58 -64.37
CA VAL E 55 53.25 -9.10 -64.86
C VAL E 55 52.78 -10.00 -66.00
N PRO E 56 51.83 -10.89 -65.75
CA PRO E 56 51.32 -11.74 -66.82
C PRO E 56 50.57 -10.90 -67.85
N SER E 57 50.45 -11.45 -69.04
CA SER E 57 49.76 -10.78 -70.12
C SER E 57 48.30 -10.55 -69.75
N PRO E 58 47.74 -9.39 -70.11
CA PRO E 58 46.35 -9.12 -69.75
C PRO E 58 45.40 -10.06 -70.47
N TYR E 59 44.31 -10.38 -69.79
CA TYR E 59 43.24 -11.19 -70.36
C TYR E 59 42.05 -10.27 -70.65
N VAL E 60 41.78 -10.04 -71.92
CA VAL E 60 40.65 -9.23 -72.32
C VAL E 60 39.58 -10.14 -72.93
N LYS E 61 38.48 -10.31 -72.19
CA LYS E 61 37.37 -11.14 -72.63
C LYS E 61 36.27 -10.20 -73.09
N CYS E 62 35.89 -10.31 -74.35
CA CYS E 62 34.99 -9.34 -74.94
C CYS E 62 33.73 -10.03 -75.47
N CYS E 63 32.65 -9.24 -75.56
CA CYS E 63 31.29 -9.75 -75.70
C CYS E 63 30.95 -10.65 -74.51
N GLY E 64 31.09 -10.05 -73.33
CA GLY E 64 30.88 -10.77 -72.09
C GLY E 64 31.42 -9.96 -70.93
N ALA E 65 31.66 -10.64 -69.82
CA ALA E 65 32.29 -10.03 -68.66
C ALA E 65 33.05 -11.09 -67.89
N SER E 66 34.19 -10.69 -67.32
CA SER E 66 35.07 -11.59 -66.60
C SER E 66 35.02 -11.30 -65.11
N GLU E 67 35.44 -12.27 -64.31
CA GLU E 67 35.40 -12.16 -62.86
C GLU E 67 36.80 -12.37 -62.29
N CYS E 68 37.16 -11.51 -61.34
CA CYS E 68 38.48 -11.58 -60.73
C CYS E 68 38.53 -12.62 -59.62
N SER E 69 39.68 -13.28 -59.49
CA SER E 69 39.89 -14.31 -58.49
C SER E 69 41.12 -13.98 -57.68
N THR E 70 41.09 -14.32 -56.40
CA THR E 70 42.24 -14.10 -55.52
C THR E 70 43.15 -15.32 -55.48
N LYS E 71 44.43 -15.08 -55.20
CA LYS E 71 45.42 -16.14 -55.14
C LYS E 71 46.31 -15.93 -53.92
N GLU E 72 47.19 -16.90 -53.68
CA GLU E 72 48.13 -16.84 -52.56
C GLU E 72 49.51 -16.49 -53.11
N LYS E 73 49.69 -15.24 -53.47
CA LYS E 73 50.97 -14.76 -53.94
C LYS E 73 51.38 -13.52 -53.17
N PRO E 74 52.67 -13.28 -53.01
CA PRO E 74 53.10 -12.13 -52.21
C PRO E 74 52.70 -10.82 -52.88
N ASP E 75 51.83 -10.07 -52.21
CA ASP E 75 51.38 -8.76 -52.69
C ASP E 75 50.69 -8.89 -54.05
N TYR E 76 49.56 -9.58 -54.06
CA TYR E 76 48.84 -9.87 -55.29
C TYR E 76 47.79 -8.80 -55.54
N GLN E 77 47.79 -8.24 -56.75
CA GLN E 77 46.81 -7.21 -57.11
C GLN E 77 46.14 -7.58 -58.43
N CYS E 78 44.82 -7.61 -58.43
CA CYS E 78 44.05 -8.04 -59.59
C CYS E 78 42.80 -7.17 -59.71
N LYS E 79 42.48 -6.75 -60.92
CA LYS E 79 41.33 -5.88 -61.12
C LYS E 79 40.73 -6.11 -62.50
N VAL E 80 39.47 -5.73 -62.64
CA VAL E 80 38.73 -5.84 -63.90
C VAL E 80 38.25 -4.46 -64.32
N TYR E 81 38.52 -4.10 -65.56
CA TYR E 81 38.16 -2.81 -66.11
C TYR E 81 37.17 -3.02 -67.25
N THR E 82 36.09 -2.25 -67.24
CA THR E 82 35.02 -2.37 -68.21
C THR E 82 35.08 -1.25 -69.22
N GLY E 83 34.60 -1.52 -70.42
CA GLY E 83 34.50 -0.50 -71.45
C GLY E 83 35.73 -0.31 -72.28
N VAL E 84 36.60 -1.29 -72.38
CA VAL E 84 37.81 -1.15 -73.19
C VAL E 84 37.50 -1.42 -74.65
N TYR E 85 38.24 -0.74 -75.53
CA TYR E 85 38.17 -0.96 -76.96
C TYR E 85 39.59 -1.11 -77.47
N PRO E 86 40.20 -2.28 -77.27
CA PRO E 86 41.61 -2.44 -77.62
C PRO E 86 41.84 -2.38 -79.12
N PHE E 87 43.09 -2.15 -79.48
CA PHE E 87 43.52 -2.07 -80.87
C PHE E 87 44.73 -2.94 -81.06
N MET E 88 44.91 -3.46 -82.25
CA MET E 88 46.12 -4.22 -82.58
C MET E 88 46.70 -3.70 -83.88
N TRP E 89 47.76 -4.37 -84.33
CA TRP E 89 48.54 -3.84 -85.45
C TRP E 89 47.74 -3.85 -86.75
N GLY E 90 46.80 -4.77 -86.88
CA GLY E 90 46.01 -4.84 -88.09
C GLY E 90 44.71 -4.07 -88.01
N GLY E 91 43.95 -4.30 -86.95
CA GLY E 91 42.69 -3.58 -86.77
C GLY E 91 42.17 -3.86 -85.38
N ALA E 92 41.18 -3.06 -84.99
CA ALA E 92 40.68 -3.07 -83.62
C ALA E 92 39.82 -4.28 -83.42
N TYR E 93 40.30 -5.23 -82.62
CA TYR E 93 39.55 -6.46 -82.47
C TYR E 93 38.60 -6.34 -81.29
N CYS E 94 37.94 -7.43 -80.94
CA CYS E 94 36.78 -7.41 -80.06
C CYS E 94 35.68 -6.51 -80.65
N PHE E 95 35.11 -7.04 -81.72
CA PHE E 95 34.20 -6.33 -82.62
C PHE E 95 32.97 -5.80 -81.88
N CYS E 96 32.63 -6.39 -80.74
CA CYS E 96 31.60 -5.80 -79.91
C CYS E 96 31.98 -4.37 -79.53
N ASP E 97 31.05 -3.44 -79.68
CA ASP E 97 31.41 -2.02 -79.63
C ASP E 97 31.83 -1.59 -78.24
N SER E 98 31.12 -2.02 -77.20
CA SER E 98 31.41 -1.53 -75.86
C SER E 98 31.32 -2.56 -74.74
N GLU E 99 31.08 -3.83 -75.03
CA GLU E 99 30.98 -4.86 -73.99
C GLU E 99 32.27 -5.67 -73.94
N ASN E 100 33.25 -5.11 -73.25
CA ASN E 100 34.55 -5.75 -73.11
C ASN E 100 35.02 -5.63 -71.67
N THR E 101 36.00 -6.47 -71.31
CA THR E 101 36.50 -6.46 -69.95
C THR E 101 37.94 -6.93 -69.94
N GLN E 102 38.82 -6.13 -69.34
CA GLN E 102 40.23 -6.49 -69.20
C GLN E 102 40.54 -6.83 -67.75
N LEU E 103 41.24 -7.94 -67.53
CA LEU E 103 41.65 -8.36 -66.20
C LEU E 103 43.15 -8.18 -66.07
N SER E 104 43.56 -7.25 -65.22
CA SER E 104 44.96 -6.98 -64.96
C SER E 104 45.40 -7.67 -63.68
N GLU E 105 46.59 -8.28 -63.73
CA GLU E 105 47.10 -9.11 -62.66
C GLU E 105 48.57 -8.79 -62.42
N ALA E 106 48.98 -8.78 -61.16
CA ALA E 106 50.40 -8.57 -60.89
C ALA E 106 50.74 -9.08 -59.50
N TYR E 107 51.99 -9.53 -59.34
CA TYR E 107 52.48 -9.97 -58.05
C TYR E 107 54.00 -9.90 -58.06
N VAL E 108 54.58 -9.90 -56.88
CA VAL E 108 56.01 -9.63 -56.70
C VAL E 108 56.74 -10.95 -56.46
N ASP E 109 58.02 -10.99 -56.84
CA ASP E 109 58.83 -12.18 -56.66
C ASP E 109 60.27 -11.78 -56.30
N ARG E 110 60.93 -12.69 -55.59
CA ARG E 110 62.36 -12.56 -55.34
C ARG E 110 63.12 -12.58 -56.65
N SER E 111 64.20 -11.81 -56.72
CA SER E 111 64.93 -11.68 -57.98
C SER E 111 65.61 -13.00 -58.33
N ASP E 112 66.32 -12.99 -59.46
CA ASP E 112 66.95 -14.21 -59.96
C ASP E 112 68.31 -14.44 -59.31
N VAL E 113 68.98 -13.38 -58.88
CA VAL E 113 70.35 -13.51 -58.39
C VAL E 113 70.38 -13.36 -56.87
N CYS E 114 69.26 -13.64 -56.22
CA CYS E 114 69.17 -13.44 -54.78
C CYS E 114 70.15 -14.31 -54.01
N ARG E 115 70.54 -15.44 -54.57
CA ARG E 115 71.53 -16.31 -53.93
C ARG E 115 72.96 -15.91 -54.28
N HIS E 116 73.14 -14.88 -55.09
CA HIS E 116 74.47 -14.34 -55.35
C HIS E 116 74.69 -12.96 -54.77
N ASP E 117 73.61 -12.21 -54.51
CA ASP E 117 73.70 -10.80 -54.11
C ASP E 117 72.58 -10.48 -53.14
N HIS E 118 72.87 -10.52 -51.85
CA HIS E 118 71.87 -10.32 -50.82
C HIS E 118 72.53 -9.80 -49.56
N ALA E 119 71.72 -9.25 -48.67
CA ALA E 119 72.19 -8.76 -47.39
C ALA E 119 71.50 -9.52 -46.27
N SER E 120 72.26 -9.89 -45.24
CA SER E 120 71.77 -10.78 -44.19
C SER E 120 71.62 -10.03 -42.89
N ALA E 121 70.58 -10.35 -42.11
CA ALA E 121 70.33 -9.69 -40.84
C ALA E 121 70.51 -10.69 -39.70
N TYR E 122 71.36 -10.35 -38.73
CA TYR E 122 71.78 -11.24 -37.66
C TYR E 122 71.52 -10.60 -36.31
N LYS E 123 71.47 -11.45 -35.28
CA LYS E 123 71.52 -11.03 -33.89
C LYS E 123 72.80 -11.57 -33.30
N ALA E 124 73.59 -10.72 -32.66
CA ALA E 124 74.92 -11.08 -32.19
C ALA E 124 75.00 -10.95 -30.68
N HIS E 125 75.55 -11.96 -30.02
CA HIS E 125 75.73 -11.93 -28.58
C HIS E 125 76.79 -12.93 -28.17
N THR E 126 77.34 -12.73 -26.97
CA THR E 126 78.23 -13.69 -26.35
C THR E 126 79.46 -14.00 -27.19
N ALA E 127 80.40 -13.05 -27.25
CA ALA E 127 81.61 -13.25 -28.03
C ALA E 127 82.48 -14.34 -27.40
N SER E 128 83.23 -15.03 -28.26
CA SER E 128 84.24 -15.99 -27.85
C SER E 128 85.56 -15.60 -28.50
N LEU E 129 86.65 -15.71 -27.76
CA LEU E 129 87.91 -15.17 -28.22
C LEU E 129 88.86 -16.31 -28.55
N LYS E 130 89.68 -16.08 -29.58
CA LYS E 130 90.68 -17.04 -30.00
C LYS E 130 91.98 -16.28 -30.22
N ALA E 131 93.11 -16.97 -30.14
CA ALA E 131 94.40 -16.28 -30.20
C ALA E 131 95.45 -17.22 -30.77
N LYS E 132 96.54 -16.62 -31.24
CA LYS E 132 97.70 -17.37 -31.71
C LYS E 132 98.92 -16.72 -31.05
N VAL E 133 99.64 -17.50 -30.25
CA VAL E 133 100.60 -17.00 -29.28
C VAL E 133 101.93 -17.70 -29.47
N ARG E 134 103.02 -16.93 -29.43
CA ARG E 134 104.36 -17.47 -29.58
C ARG E 134 105.05 -17.50 -28.22
N VAL E 135 105.67 -18.63 -27.90
CA VAL E 135 106.35 -18.84 -26.63
C VAL E 135 107.77 -19.29 -26.91
N MET E 136 108.74 -18.68 -26.24
CA MET E 136 110.12 -19.05 -26.48
C MET E 136 110.96 -18.87 -25.22
N TYR E 137 111.85 -19.84 -24.98
CA TYR E 137 112.74 -19.85 -23.83
C TYR E 137 113.73 -20.98 -23.99
N GLY E 138 114.84 -20.88 -23.26
CA GLY E 138 115.85 -21.90 -23.30
C GLY E 138 116.37 -22.11 -24.71
N ASN E 139 116.01 -23.25 -25.31
CA ASN E 139 116.32 -23.48 -26.72
C ASN E 139 115.11 -23.98 -27.48
N VAL E 140 113.91 -23.62 -27.03
CA VAL E 140 112.67 -24.00 -27.70
C VAL E 140 111.98 -22.74 -28.18
N ASN E 141 111.71 -22.69 -29.48
CA ASN E 141 110.91 -21.66 -30.12
C ASN E 141 109.45 -22.09 -30.03
N GLN E 142 108.59 -21.56 -30.92
CA GLN E 142 107.35 -22.20 -31.35
C GLN E 142 106.11 -21.37 -31.04
N THR E 143 105.15 -21.41 -31.96
CA THR E 143 103.87 -20.72 -31.85
C THR E 143 102.76 -21.74 -31.75
N VAL E 144 101.71 -21.42 -31.00
CA VAL E 144 100.58 -22.32 -30.79
C VAL E 144 99.29 -21.55 -30.99
N ASP E 145 98.21 -22.29 -31.14
CA ASP E 145 96.87 -21.74 -31.30
C ASP E 145 96.05 -22.06 -30.07
N VAL E 146 95.48 -21.04 -29.45
CA VAL E 146 94.88 -21.19 -28.13
C VAL E 146 93.52 -20.52 -28.09
N TYR E 147 92.58 -21.14 -27.37
CA TYR E 147 91.32 -20.51 -27.01
C TYR E 147 91.52 -19.74 -25.72
N VAL E 148 91.14 -18.46 -25.72
CA VAL E 148 91.30 -17.62 -24.52
C VAL E 148 89.99 -17.73 -23.75
N ASN E 149 89.89 -18.80 -22.97
CA ASN E 149 89.01 -18.92 -21.83
C ASN E 149 89.53 -20.10 -21.06
N GLY E 150 89.35 -20.12 -19.75
CA GLY E 150 90.18 -21.01 -18.97
C GLY E 150 89.87 -22.47 -19.13
N ASP E 151 89.72 -22.92 -20.38
CA ASP E 151 89.37 -24.30 -20.69
C ASP E 151 90.14 -24.80 -21.91
N HIS E 152 91.42 -24.46 -22.00
CA HIS E 152 92.27 -25.06 -23.03
C HIS E 152 93.71 -24.98 -22.57
N ALA E 153 94.39 -26.12 -22.53
CA ALA E 153 95.78 -26.21 -22.09
C ALA E 153 96.61 -26.79 -23.22
N VAL E 154 97.64 -26.08 -23.63
CA VAL E 154 98.49 -26.49 -24.72
C VAL E 154 99.87 -26.78 -24.17
N THR E 155 100.49 -27.85 -24.67
CA THR E 155 101.78 -28.31 -24.18
C THR E 155 102.87 -27.87 -25.16
N ILE E 156 103.87 -27.18 -24.65
CA ILE E 156 105.01 -26.73 -25.45
C ILE E 156 106.27 -27.30 -24.81
N GLY E 157 106.69 -28.48 -25.25
CA GLY E 157 107.93 -29.04 -24.75
C GLY E 157 107.91 -29.38 -23.28
N GLY E 158 106.84 -30.05 -22.82
CA GLY E 158 106.78 -30.49 -21.45
C GLY E 158 106.17 -29.51 -20.47
N THR E 159 105.81 -28.31 -20.93
CA THR E 159 105.21 -27.29 -20.07
C THR E 159 103.75 -27.14 -20.45
N GLN E 160 102.90 -26.89 -19.47
CA GLN E 160 101.47 -26.73 -19.72
C GLN E 160 101.04 -25.29 -19.46
N PHE E 161 100.38 -24.68 -20.46
CA PHE E 161 99.94 -23.29 -20.39
C PHE E 161 98.43 -23.23 -20.48
N ILE E 162 97.82 -22.36 -19.69
CA ILE E 162 96.38 -22.14 -19.74
C ILE E 162 96.14 -20.64 -19.75
N PHE E 163 95.46 -20.15 -20.78
CA PHE E 163 95.22 -18.73 -20.92
C PHE E 163 93.80 -18.43 -20.44
N GLY E 164 93.70 -17.71 -19.33
CA GLY E 164 92.43 -17.51 -18.66
C GLY E 164 91.56 -16.50 -19.36
N PRO E 165 90.36 -16.28 -18.82
CA PRO E 165 89.39 -15.41 -19.51
C PRO E 165 89.89 -13.98 -19.57
N LEU E 166 89.50 -13.30 -20.64
CA LEU E 166 89.94 -11.93 -20.85
C LEU E 166 89.42 -11.04 -19.72
N SER E 167 90.22 -10.04 -19.35
CA SER E 167 89.88 -9.20 -18.22
C SER E 167 88.57 -8.45 -18.45
N SER E 168 88.39 -7.88 -19.63
CA SER E 168 87.24 -7.06 -19.93
C SER E 168 86.20 -7.87 -20.70
N ALA E 169 85.04 -7.26 -20.92
CA ALA E 169 83.93 -7.89 -21.63
C ALA E 169 83.38 -6.95 -22.67
N TRP E 170 84.27 -6.34 -23.44
CA TRP E 170 83.89 -5.32 -24.41
C TRP E 170 83.86 -5.96 -25.79
N THR E 171 82.79 -5.69 -26.53
CA THR E 171 82.64 -6.22 -27.88
C THR E 171 82.24 -5.09 -28.81
N PRO E 172 82.78 -5.03 -30.03
CA PRO E 172 82.44 -3.93 -30.93
C PRO E 172 81.11 -4.11 -31.62
N PHE E 173 80.58 -5.33 -31.68
CA PHE E 173 79.32 -5.60 -32.37
C PHE E 173 78.15 -5.24 -31.48
N ASP E 174 77.19 -4.52 -32.02
CA ASP E 174 76.02 -4.14 -31.25
C ASP E 174 75.09 -5.33 -31.17
N ASN E 175 73.85 -5.12 -30.72
CA ASN E 175 72.94 -6.24 -30.51
C ASN E 175 72.39 -6.78 -31.81
N LYS E 176 72.30 -5.95 -32.84
CA LYS E 176 71.78 -6.38 -34.13
C LYS E 176 72.77 -6.00 -35.21
N ILE E 177 72.97 -6.91 -36.17
CA ILE E 177 74.03 -6.80 -37.17
C ILE E 177 73.40 -6.93 -38.54
N VAL E 178 73.95 -6.21 -39.52
CA VAL E 178 73.61 -6.42 -40.92
C VAL E 178 74.90 -6.64 -41.68
N VAL E 179 75.02 -7.76 -42.39
CA VAL E 179 76.24 -8.08 -43.11
C VAL E 179 75.95 -8.10 -44.60
N TYR E 180 76.90 -7.61 -45.39
CA TYR E 180 76.78 -7.56 -46.83
C TYR E 180 78.17 -7.72 -47.41
N LYS E 181 78.40 -8.83 -48.11
CA LYS E 181 79.68 -9.11 -48.75
C LYS E 181 80.81 -9.06 -47.74
N ASP E 182 81.49 -7.93 -47.62
CA ASP E 182 82.66 -7.81 -46.76
C ASP E 182 82.53 -6.62 -45.83
N GLU E 183 81.37 -6.47 -45.18
CA GLU E 183 81.13 -5.29 -44.37
C GLU E 183 80.11 -5.62 -43.30
N VAL E 184 80.24 -4.98 -42.15
CA VAL E 184 79.34 -5.17 -41.02
C VAL E 184 78.78 -3.81 -40.63
N PHE E 185 77.47 -3.74 -40.40
CA PHE E 185 76.83 -2.48 -40.05
C PHE E 185 76.05 -2.65 -38.76
N ASN E 186 76.25 -1.74 -37.82
CA ASN E 186 75.47 -1.74 -36.59
C ASN E 186 74.17 -1.02 -36.88
N GLN E 187 73.20 -1.76 -37.37
CA GLN E 187 71.93 -1.21 -37.81
C GLN E 187 70.84 -1.75 -36.90
N ASP E 188 69.63 -1.21 -37.06
CA ASP E 188 68.47 -1.70 -36.32
C ASP E 188 67.41 -2.01 -37.36
N PHE E 189 67.39 -3.25 -37.81
CA PHE E 189 66.43 -3.66 -38.82
C PHE E 189 65.05 -3.87 -38.20
N PRO E 190 63.98 -3.75 -39.00
CA PRO E 190 62.67 -4.08 -38.49
C PRO E 190 62.52 -5.58 -38.32
N PRO E 191 61.63 -6.03 -37.44
CA PRO E 191 61.46 -7.46 -37.23
C PRO E 191 60.78 -8.12 -38.42
N TYR E 192 60.85 -9.44 -38.45
CA TYR E 192 60.27 -10.18 -39.56
C TYR E 192 58.77 -9.94 -39.65
N GLY E 193 58.28 -9.73 -40.86
CA GLY E 193 56.87 -9.56 -41.08
C GLY E 193 56.33 -8.18 -40.84
N SER E 194 57.19 -7.17 -40.66
CA SER E 194 56.70 -5.81 -40.49
C SER E 194 57.61 -4.82 -41.21
N GLY E 195 58.01 -5.16 -42.44
CA GLY E 195 58.79 -4.24 -43.23
C GLY E 195 57.94 -3.10 -43.76
N GLN E 196 58.62 -2.07 -44.25
CA GLN E 196 57.90 -0.94 -44.81
C GLN E 196 58.47 -0.57 -46.17
N PRO E 197 57.64 -0.10 -47.08
CA PRO E 197 58.08 0.07 -48.47
C PRO E 197 59.17 1.12 -48.61
N GLY E 198 60.06 0.90 -49.56
CA GLY E 198 61.06 1.88 -49.91
C GLY E 198 62.27 1.93 -49.03
N ARG E 199 62.28 1.22 -47.91
CA ARG E 199 63.44 1.22 -47.03
C ARG E 199 63.98 -0.18 -46.89
N PHE E 200 64.97 -0.40 -46.02
CA PHE E 200 65.50 -1.74 -45.85
C PHE E 200 64.41 -2.69 -45.38
N GLY E 201 64.31 -3.84 -46.02
CA GLY E 201 63.31 -4.81 -45.65
C GLY E 201 61.95 -4.59 -46.27
N ASP E 202 61.89 -4.22 -47.55
CA ASP E 202 60.61 -4.18 -48.22
C ASP E 202 60.15 -5.58 -48.61
N ILE E 203 61.08 -6.48 -48.93
CA ILE E 203 60.78 -7.89 -49.09
C ILE E 203 61.70 -8.69 -48.18
N GLN E 204 61.17 -9.73 -47.57
CA GLN E 204 61.94 -10.52 -46.61
C GLN E 204 61.63 -11.99 -46.80
N SER E 205 62.66 -12.82 -46.72
CA SER E 205 62.51 -14.27 -46.76
C SER E 205 63.31 -14.86 -45.62
N ARG E 206 62.77 -15.92 -45.00
CA ARG E 206 63.38 -16.44 -43.79
C ARG E 206 64.79 -16.96 -44.03
N THR E 207 65.02 -17.69 -45.12
CA THR E 207 66.36 -18.13 -45.49
C THR E 207 66.48 -18.07 -47.00
N VAL E 208 67.71 -18.21 -47.49
CA VAL E 208 67.97 -17.97 -48.90
C VAL E 208 67.25 -18.96 -49.79
N GLU E 209 67.12 -20.22 -49.36
CA GLU E 209 66.43 -21.21 -50.17
C GLU E 209 64.96 -21.36 -49.82
N SER E 210 64.48 -20.63 -48.81
CA SER E 210 63.12 -20.84 -48.33
C SER E 210 62.11 -20.43 -49.39
N ASN E 211 61.00 -21.17 -49.43
CA ASN E 211 59.98 -20.93 -50.44
C ASN E 211 59.13 -19.71 -50.10
N ASP E 212 58.85 -19.50 -48.83
CA ASP E 212 57.98 -18.39 -48.41
C ASP E 212 58.67 -17.05 -48.62
N LEU E 213 57.85 -16.00 -48.68
CA LEU E 213 58.35 -14.64 -48.86
C LEU E 213 57.27 -13.66 -48.45
N TYR E 214 57.66 -12.63 -47.69
CA TYR E 214 56.74 -11.60 -47.24
C TYR E 214 57.17 -10.28 -47.87
N ALA E 215 56.32 -9.72 -48.70
CA ALA E 215 56.65 -8.53 -49.47
C ALA E 215 55.62 -7.45 -49.21
N ASN E 216 56.08 -6.20 -49.16
CA ASN E 216 55.18 -5.07 -48.91
C ASN E 216 55.77 -3.86 -49.62
N THR E 217 55.34 -3.65 -50.87
CA THR E 217 55.89 -2.58 -51.69
C THR E 217 54.83 -1.66 -52.28
N ALA E 218 53.58 -1.83 -51.88
CA ALA E 218 52.49 -0.96 -52.31
C ALA E 218 52.38 -0.94 -53.84
N LEU E 219 52.22 -2.11 -54.43
CA LEU E 219 52.01 -2.21 -55.87
C LEU E 219 50.58 -1.82 -56.20
N LYS E 220 50.40 -0.89 -57.13
CA LYS E 220 49.07 -0.42 -57.43
C LYS E 220 48.84 -0.43 -58.94
N LEU E 221 47.61 -0.72 -59.34
CA LEU E 221 47.22 -0.81 -60.74
C LEU E 221 46.45 0.42 -61.16
N ALA E 222 46.40 0.67 -62.46
CA ALA E 222 45.65 1.80 -62.99
C ALA E 222 44.84 1.37 -64.19
N ARG E 223 43.74 2.07 -64.42
CA ARG E 223 42.89 1.79 -65.57
C ARG E 223 43.66 2.10 -66.85
N PRO E 224 43.66 1.20 -67.83
CA PRO E 224 44.45 1.43 -69.04
C PRO E 224 43.90 2.58 -69.86
N SER E 225 44.79 3.17 -70.65
CA SER E 225 44.40 4.26 -71.54
C SER E 225 43.44 3.73 -72.60
N PRO E 226 42.58 4.59 -73.15
CA PRO E 226 41.69 4.14 -74.23
C PRO E 226 42.48 3.70 -75.45
N GLY E 227 42.06 2.59 -76.04
CA GLY E 227 42.69 2.06 -77.23
C GLY E 227 44.10 1.53 -77.04
N MET E 228 44.38 0.87 -75.91
CA MET E 228 45.68 0.29 -75.69
C MET E 228 45.56 -0.95 -74.83
N VAL E 229 46.61 -1.77 -74.86
CA VAL E 229 46.69 -3.01 -74.09
C VAL E 229 48.06 -3.05 -73.40
N HIS E 230 48.16 -2.49 -72.20
CA HIS E 230 49.49 -2.39 -71.59
C HIS E 230 49.58 -2.59 -70.08
N VAL E 231 48.51 -2.92 -69.37
CA VAL E 231 48.50 -3.19 -67.92
C VAL E 231 49.35 -2.19 -67.13
N PRO E 232 48.88 -0.96 -66.93
CA PRO E 232 49.70 0.03 -66.22
C PRO E 232 49.70 -0.17 -64.72
N TYR E 233 50.89 -0.06 -64.13
CA TYR E 233 51.06 -0.19 -62.69
C TYR E 233 52.05 0.84 -62.21
N THR E 234 52.05 1.07 -60.90
CA THR E 234 52.99 1.96 -60.23
C THR E 234 53.46 1.32 -58.93
N GLN E 235 54.69 1.62 -58.54
CA GLN E 235 55.29 0.92 -57.42
C GLN E 235 56.49 1.69 -56.86
N THR E 236 56.63 1.67 -55.55
CA THR E 236 57.79 2.27 -54.90
C THR E 236 59.05 1.47 -55.22
N PRO E 237 60.15 2.11 -55.56
CA PRO E 237 61.36 1.38 -55.95
C PRO E 237 61.84 0.42 -54.88
N SER E 238 62.83 -0.38 -55.26
CA SER E 238 63.33 -1.42 -54.39
C SER E 238 63.98 -0.82 -53.16
N GLY E 239 63.64 -1.38 -52.00
CA GLY E 239 64.24 -0.89 -50.77
C GLY E 239 65.70 -1.22 -50.67
N PHE E 240 66.11 -2.38 -51.17
CA PHE E 240 67.51 -2.76 -51.08
C PHE E 240 68.40 -1.80 -51.85
N LYS E 241 67.96 -1.32 -53.01
CA LYS E 241 68.83 -0.46 -53.79
C LYS E 241 69.11 0.86 -53.05
N TYR E 242 68.09 1.46 -52.47
CA TYR E 242 68.36 2.70 -51.74
C TYR E 242 69.08 2.45 -50.43
N TRP E 243 68.86 1.31 -49.78
CA TRP E 243 69.73 0.97 -48.67
C TRP E 243 71.17 0.89 -49.12
N LEU E 244 71.41 0.30 -50.29
CA LEU E 244 72.77 0.19 -50.80
C LEU E 244 73.34 1.57 -51.08
N LYS E 245 72.54 2.46 -51.62
CA LYS E 245 73.05 3.78 -52.00
C LYS E 245 73.36 4.63 -50.78
N GLU E 246 72.56 4.54 -49.72
CA GLU E 246 72.69 5.46 -48.60
C GLU E 246 72.81 4.72 -47.28
N LYS E 247 73.53 3.61 -47.26
CA LYS E 247 73.71 2.87 -46.01
C LYS E 247 74.45 3.72 -45.00
N GLY E 248 75.51 4.39 -45.42
CA GLY E 248 76.19 5.31 -44.53
C GLY E 248 77.23 4.64 -43.67
N THR E 249 78.46 5.12 -43.74
CA THR E 249 79.56 4.58 -42.93
C THR E 249 79.72 3.08 -43.12
N ALA E 250 80.28 2.43 -42.11
CA ALA E 250 80.40 0.99 -42.02
C ALA E 250 80.77 0.70 -40.57
N LEU E 251 81.22 -0.50 -40.29
CA LEU E 251 81.98 -0.71 -39.06
C LEU E 251 83.46 -0.86 -39.32
N ASN E 252 83.84 -1.21 -40.54
CA ASN E 252 85.24 -1.42 -40.86
C ASN E 252 86.04 -0.16 -40.66
N THR E 253 85.45 0.99 -40.98
CA THR E 253 86.12 2.28 -40.86
C THR E 253 85.68 3.05 -39.61
N LYS E 254 85.10 2.36 -38.64
CA LYS E 254 84.55 3.04 -37.47
C LYS E 254 84.77 2.29 -36.16
N ALA E 255 85.30 1.06 -36.19
CA ALA E 255 85.44 0.32 -34.95
C ALA E 255 86.44 0.99 -34.02
N PRO E 256 86.21 0.95 -32.71
CA PRO E 256 87.19 1.47 -31.76
C PRO E 256 88.35 0.52 -31.59
N PHE E 257 89.38 1.03 -30.91
CA PHE E 257 90.56 0.24 -30.53
C PHE E 257 91.28 -0.36 -31.72
N GLY E 258 91.00 0.12 -32.92
CA GLY E 258 91.81 -0.18 -34.08
C GLY E 258 91.88 -1.64 -34.46
N CYS E 259 90.73 -2.31 -34.55
CA CYS E 259 90.69 -3.72 -34.92
C CYS E 259 89.96 -3.92 -36.23
N GLN E 260 90.49 -4.84 -37.05
CA GLN E 260 89.96 -5.01 -38.39
C GLN E 260 88.74 -5.93 -38.35
N ILE E 261 87.66 -5.48 -38.96
CA ILE E 261 86.48 -6.33 -39.13
C ILE E 261 86.66 -7.15 -40.38
N LYS E 262 86.29 -8.42 -40.31
CA LYS E 262 86.31 -9.26 -41.49
C LYS E 262 85.00 -10.03 -41.56
N THR E 263 84.81 -10.81 -42.61
CA THR E 263 83.55 -11.47 -42.84
C THR E 263 83.82 -12.90 -43.26
N ASN E 264 82.81 -13.76 -43.10
CA ASN E 264 82.86 -15.15 -43.50
C ASN E 264 83.94 -15.91 -42.74
N PRO E 265 83.78 -16.15 -41.44
CA PRO E 265 82.68 -15.72 -40.57
C PRO E 265 82.98 -14.33 -40.02
N VAL E 266 81.99 -13.65 -39.43
CA VAL E 266 82.26 -12.32 -38.90
C VAL E 266 83.25 -12.43 -37.75
N ARG E 267 84.22 -11.52 -37.72
CA ARG E 267 85.17 -11.51 -36.63
C ARG E 267 85.87 -10.16 -36.59
N ALA E 268 86.45 -9.86 -35.45
CA ALA E 268 87.21 -8.63 -35.24
C ALA E 268 88.62 -9.01 -34.80
N MET E 269 89.59 -8.74 -35.65
CA MET E 269 90.95 -9.21 -35.44
C MET E 269 91.86 -8.11 -34.92
N ASN E 270 92.81 -8.52 -34.06
CA ASN E 270 93.88 -7.68 -33.56
C ASN E 270 93.35 -6.49 -32.78
N CYS E 271 92.50 -6.76 -31.81
CA CYS E 271 91.66 -5.71 -31.27
C CYS E 271 92.08 -5.49 -29.82
N ALA E 272 92.94 -4.49 -29.61
CA ALA E 272 93.77 -4.38 -28.43
C ALA E 272 92.99 -3.78 -27.26
N VAL E 273 92.79 -4.59 -26.22
CA VAL E 273 92.18 -4.14 -24.98
C VAL E 273 92.40 -5.22 -23.92
N GLY E 274 92.63 -4.79 -22.69
CA GLY E 274 92.56 -5.70 -21.57
C GLY E 274 93.80 -6.55 -21.32
N ASN E 275 93.60 -7.52 -20.42
CA ASN E 275 94.68 -8.35 -19.92
C ASN E 275 94.31 -9.82 -20.05
N ILE E 276 95.32 -10.64 -20.20
CA ILE E 276 95.17 -12.09 -20.29
C ILE E 276 95.93 -12.71 -19.12
N PRO E 277 95.23 -13.35 -18.19
CA PRO E 277 95.94 -14.12 -17.17
C PRO E 277 96.50 -15.39 -17.77
N VAL E 278 97.65 -15.81 -17.26
CA VAL E 278 98.32 -17.01 -17.75
C VAL E 278 98.65 -17.89 -16.56
N SER E 279 98.29 -19.17 -16.67
CA SER E 279 98.64 -20.18 -15.68
C SER E 279 99.63 -21.14 -16.31
N MET E 280 100.64 -21.51 -15.57
CA MET E 280 101.74 -22.31 -16.09
C MET E 280 101.92 -23.53 -15.21
N ASN E 281 102.53 -24.57 -15.78
CA ASN E 281 102.93 -25.73 -14.99
C ASN E 281 104.19 -26.30 -15.63
N LEU E 282 105.26 -26.31 -14.89
CA LEU E 282 106.53 -26.62 -15.52
C LEU E 282 107.11 -27.90 -14.95
N PRO E 283 107.81 -28.67 -15.78
CA PRO E 283 108.50 -29.87 -15.31
C PRO E 283 109.86 -29.51 -14.72
N ASP E 284 110.46 -30.51 -14.06
CA ASP E 284 111.77 -30.27 -13.46
C ASP E 284 112.88 -30.22 -14.50
N SER E 285 112.62 -30.63 -15.73
CA SER E 285 113.66 -30.60 -16.75
C SER E 285 113.93 -29.20 -17.28
N ALA E 286 112.98 -28.28 -17.14
CA ALA E 286 113.17 -26.95 -17.69
C ALA E 286 114.22 -26.16 -16.92
N PHE E 287 114.22 -26.28 -15.60
CA PHE E 287 115.14 -25.50 -14.78
C PHE E 287 116.55 -26.08 -14.86
N THR E 288 117.50 -25.35 -14.30
CA THR E 288 118.88 -25.78 -14.20
C THR E 288 119.30 -25.77 -12.74
N ARG E 289 120.06 -26.78 -12.33
CA ARG E 289 120.56 -26.83 -10.95
C ARG E 289 121.47 -25.64 -10.70
N ILE E 290 121.51 -25.20 -9.44
CA ILE E 290 122.35 -24.06 -9.08
C ILE E 290 123.82 -24.37 -9.29
N VAL E 291 124.22 -25.63 -9.18
CA VAL E 291 125.64 -25.98 -9.17
C VAL E 291 126.30 -25.66 -10.50
N GLU E 292 125.57 -25.77 -11.62
CA GLU E 292 126.22 -25.55 -12.91
C GLU E 292 126.17 -24.08 -13.33
N ALA E 293 125.18 -23.32 -12.88
CA ALA E 293 125.09 -21.92 -13.25
C ALA E 293 126.14 -21.11 -12.50
N PRO E 294 126.72 -20.10 -13.14
CA PRO E 294 127.78 -19.32 -12.49
C PRO E 294 127.24 -18.49 -11.35
N THR E 295 128.15 -18.16 -10.43
CA THR E 295 127.85 -17.32 -9.29
C THR E 295 128.13 -15.86 -9.63
N ILE E 296 127.28 -14.97 -9.12
CA ILE E 296 127.36 -13.55 -9.40
C ILE E 296 127.37 -12.78 -8.09
N ILE E 297 128.45 -12.04 -7.85
CA ILE E 297 128.60 -11.22 -6.65
C ILE E 297 129.11 -9.84 -7.04
N ASP E 298 128.80 -8.86 -6.19
CA ASP E 298 129.21 -7.47 -6.39
C ASP E 298 128.65 -6.90 -7.69
N LEU E 299 127.32 -6.79 -7.74
CA LEU E 299 126.63 -6.31 -8.93
C LEU E 299 126.37 -4.82 -8.82
N THR E 300 126.87 -4.05 -9.79
CA THR E 300 126.66 -2.61 -9.85
C THR E 300 126.08 -2.22 -11.19
N CYS E 301 125.16 -1.26 -11.16
CA CYS E 301 124.42 -0.78 -12.33
C CYS E 301 124.76 0.66 -12.60
N THR E 302 125.05 0.98 -13.86
CA THR E 302 125.19 2.34 -14.32
C THR E 302 124.43 2.50 -15.63
N VAL E 303 124.00 3.71 -15.93
CA VAL E 303 123.22 3.99 -17.13
C VAL E 303 124.02 4.95 -17.99
N ALA E 304 124.28 4.58 -19.24
CA ALA E 304 125.10 5.45 -20.07
C ALA E 304 124.28 6.59 -20.65
N THR E 305 123.23 6.27 -21.40
CA THR E 305 122.35 7.27 -21.99
C THR E 305 120.92 6.84 -21.80
N CYS E 306 120.01 7.81 -21.83
CA CYS E 306 118.59 7.52 -21.79
C CYS E 306 117.84 8.44 -22.73
N THR E 307 116.73 7.95 -23.27
CA THR E 307 115.86 8.75 -24.14
C THR E 307 114.54 8.04 -24.23
N HIS E 308 113.48 8.65 -23.68
CA HIS E 308 112.20 7.95 -23.58
C HIS E 308 111.48 8.02 -24.93
N SER E 309 111.99 7.24 -25.86
CA SER E 309 111.39 7.09 -27.17
C SER E 309 110.69 5.75 -27.26
N SER E 310 109.94 5.57 -28.35
CA SER E 310 109.21 4.32 -28.53
C SER E 310 110.16 3.14 -28.75
N ASP E 311 111.24 3.36 -29.47
CA ASP E 311 112.20 2.30 -29.72
C ASP E 311 113.04 2.09 -28.45
N PHE E 312 113.90 1.08 -28.47
CA PHE E 312 114.73 0.75 -27.32
C PHE E 312 115.80 1.83 -27.21
N GLY E 313 115.57 2.77 -26.31
CA GLY E 313 116.41 3.94 -26.23
C GLY E 313 117.11 4.19 -24.91
N GLY E 314 117.62 3.16 -24.28
CA GLY E 314 118.52 3.34 -23.14
C GLY E 314 119.51 2.21 -23.05
N VAL E 315 120.77 2.57 -22.84
CA VAL E 315 121.84 1.59 -22.75
C VAL E 315 122.38 1.57 -21.33
N LEU E 316 122.52 0.38 -20.78
CA LEU E 316 122.78 0.14 -19.38
C LEU E 316 123.98 -0.78 -19.24
N THR E 317 124.80 -0.56 -18.22
CA THR E 317 125.99 -1.37 -18.01
C THR E 317 125.96 -1.98 -16.62
N LEU E 318 126.34 -3.25 -16.53
CA LEU E 318 126.42 -3.98 -15.29
C LEU E 318 127.85 -4.47 -15.10
N THR E 319 128.38 -4.28 -13.89
CA THR E 319 129.68 -4.80 -13.53
C THR E 319 129.52 -5.78 -12.37
N TYR E 320 130.25 -6.89 -12.45
CA TYR E 320 130.12 -7.96 -11.47
C TYR E 320 131.47 -8.63 -11.29
N LYS E 321 131.51 -9.69 -10.49
CA LYS E 321 132.67 -10.55 -10.38
C LYS E 321 132.20 -12.00 -10.37
N THR E 322 132.79 -12.81 -11.23
CA THR E 322 132.29 -14.16 -11.50
C THR E 322 133.44 -15.15 -11.48
N ASP E 323 133.13 -16.39 -11.14
CA ASP E 323 134.11 -17.47 -11.14
C ASP E 323 134.32 -18.11 -12.51
N LYS E 324 133.26 -18.34 -13.27
CA LYS E 324 133.38 -18.99 -14.57
C LYS E 324 132.34 -18.43 -15.52
N ASN E 325 132.68 -18.39 -16.80
CA ASN E 325 131.81 -17.80 -17.80
C ASN E 325 130.65 -18.73 -18.15
N GLY E 326 129.49 -18.12 -18.40
CA GLY E 326 128.28 -18.88 -18.64
C GLY E 326 127.12 -18.03 -19.12
N ASP E 327 125.89 -18.37 -18.72
CA ASP E 327 124.70 -17.65 -19.15
C ASP E 327 123.80 -17.34 -17.96
N CYS E 328 123.27 -16.13 -17.94
CA CYS E 328 122.26 -15.73 -16.96
C CYS E 328 121.00 -15.28 -17.68
N SER E 329 119.92 -15.22 -16.92
CA SER E 329 118.64 -14.74 -17.42
C SER E 329 118.34 -13.40 -16.76
N VAL E 330 118.47 -12.32 -17.53
CA VAL E 330 118.31 -10.97 -17.01
C VAL E 330 116.84 -10.62 -16.90
N HIS E 331 116.49 -9.86 -15.86
CA HIS E 331 115.12 -9.37 -15.78
C HIS E 331 115.05 -8.06 -15.04
N SER E 332 113.98 -7.31 -15.28
CA SER E 332 113.68 -6.07 -14.58
C SER E 332 112.43 -6.28 -13.75
N HIS E 333 112.45 -5.86 -12.49
CA HIS E 333 111.36 -6.14 -11.57
C HIS E 333 110.29 -5.07 -11.54
N SER E 334 110.27 -4.17 -12.53
CA SER E 334 109.20 -3.20 -12.61
C SER E 334 108.81 -3.02 -14.07
N ASN E 335 107.59 -2.56 -14.30
CA ASN E 335 107.11 -2.31 -15.64
C ASN E 335 107.47 -0.92 -16.15
N VAL E 336 108.15 -0.12 -15.33
CA VAL E 336 108.61 1.19 -15.81
C VAL E 336 109.56 1.02 -16.98
N ALA E 337 110.48 0.08 -16.87
CA ALA E 337 111.44 -0.22 -17.91
C ALA E 337 111.13 -1.59 -18.47
N THR E 338 111.25 -1.72 -19.79
CA THR E 338 111.16 -3.03 -20.44
C THR E 338 112.51 -3.33 -21.06
N LEU E 339 113.10 -4.46 -20.68
CA LEU E 339 114.37 -4.85 -21.26
C LEU E 339 114.16 -5.29 -22.70
N GLN E 340 115.25 -5.40 -23.44
CA GLN E 340 115.15 -5.95 -24.79
C GLN E 340 115.25 -7.46 -24.82
N GLU E 341 116.28 -8.02 -24.18
CA GLU E 341 116.56 -9.45 -24.26
C GLU E 341 116.33 -10.10 -22.90
N ALA E 342 116.45 -11.42 -22.87
CA ALA E 342 116.25 -12.18 -21.65
C ALA E 342 117.37 -13.15 -21.36
N THR E 343 118.53 -12.99 -21.98
CA THR E 343 119.66 -13.88 -21.73
C THR E 343 120.96 -13.12 -21.97
N ALA E 344 121.91 -13.30 -21.07
CA ALA E 344 123.17 -12.59 -21.20
C ALA E 344 124.33 -13.55 -21.01
N LYS E 345 125.36 -13.38 -21.82
CA LYS E 345 126.58 -14.15 -21.72
C LYS E 345 127.51 -13.48 -20.72
N VAL E 346 127.66 -14.07 -19.55
CA VAL E 346 128.55 -13.55 -18.53
C VAL E 346 129.93 -14.12 -18.74
N LYS E 347 130.94 -13.25 -18.70
CA LYS E 347 132.32 -13.66 -18.89
C LYS E 347 133.18 -13.10 -17.77
N THR E 348 134.40 -13.59 -17.69
CA THR E 348 135.30 -13.27 -16.59
C THR E 348 135.66 -11.79 -16.54
N ALA E 349 135.59 -11.08 -17.67
CA ALA E 349 135.95 -9.67 -17.69
C ALA E 349 135.11 -8.88 -16.69
N GLY E 350 133.88 -9.29 -16.46
CA GLY E 350 133.05 -8.69 -15.44
C GLY E 350 132.14 -7.58 -15.90
N LYS E 351 132.01 -7.35 -17.20
CA LYS E 351 131.20 -6.25 -17.73
C LYS E 351 130.21 -6.79 -18.74
N VAL E 352 128.95 -6.38 -18.60
CA VAL E 352 127.92 -6.70 -19.58
C VAL E 352 127.09 -5.45 -19.83
N THR E 353 126.40 -5.41 -20.98
CA THR E 353 125.58 -4.27 -21.34
C THR E 353 124.23 -4.72 -21.84
N LEU E 354 123.21 -3.88 -21.65
CA LEU E 354 121.84 -4.19 -21.99
C LEU E 354 121.14 -2.97 -22.56
N HIS E 355 119.96 -3.19 -23.15
CA HIS E 355 119.15 -2.13 -23.71
C HIS E 355 117.75 -2.19 -23.12
N PHE E 356 117.17 -1.02 -22.89
CA PHE E 356 115.87 -0.94 -22.26
C PHE E 356 115.08 0.21 -22.85
N SER E 357 113.77 0.17 -22.61
CA SER E 357 112.85 1.21 -23.05
C SER E 357 112.08 1.71 -21.84
N THR E 358 111.81 3.01 -21.81
CA THR E 358 111.14 3.62 -20.68
C THR E 358 110.29 4.78 -21.17
N ALA E 359 109.38 5.22 -20.32
CA ALA E 359 108.49 6.32 -20.68
C ALA E 359 108.37 7.36 -19.58
N SER E 360 109.37 7.49 -18.73
CA SER E 360 109.36 8.46 -17.64
C SER E 360 110.63 9.28 -17.68
N ALA E 361 110.55 10.50 -17.17
CA ALA E 361 111.72 11.37 -17.14
C ALA E 361 112.81 10.81 -16.25
N SER E 362 112.43 10.22 -15.12
CA SER E 362 113.39 9.63 -14.19
C SER E 362 112.88 8.26 -13.76
N PRO E 363 113.27 7.20 -14.45
CA PRO E 363 112.87 5.86 -14.05
C PRO E 363 113.74 5.34 -12.92
N SER E 364 113.20 4.35 -12.20
CA SER E 364 113.94 3.69 -11.13
C SER E 364 113.48 2.24 -11.08
N PHE E 365 114.40 1.30 -11.26
CA PHE E 365 114.02 -0.10 -11.34
C PHE E 365 115.18 -0.97 -10.88
N VAL E 366 114.88 -2.19 -10.48
CA VAL E 366 115.88 -3.13 -10.00
C VAL E 366 116.00 -4.29 -10.97
N VAL E 367 117.23 -4.58 -11.38
CA VAL E 367 117.51 -5.62 -12.36
C VAL E 367 118.15 -6.79 -11.64
N SER E 368 117.95 -7.98 -12.20
CA SER E 368 118.50 -9.21 -11.62
C SER E 368 119.21 -10.00 -12.70
N LEU E 369 120.42 -10.45 -12.37
CA LEU E 369 121.28 -11.26 -13.23
C LEU E 369 121.55 -12.56 -12.49
N CYS E 370 121.22 -13.70 -13.11
CA CYS E 370 121.14 -14.96 -12.38
C CYS E 370 120.45 -14.76 -11.03
N SER E 371 121.21 -14.82 -9.95
CA SER E 371 120.64 -14.72 -8.62
C SER E 371 120.87 -13.38 -7.95
N ALA E 372 121.81 -12.58 -8.43
CA ALA E 372 122.14 -11.33 -7.77
C ALA E 372 121.15 -10.24 -8.18
N ARG E 373 121.23 -9.09 -7.52
CA ARG E 373 120.31 -8.00 -7.79
C ARG E 373 121.07 -6.68 -7.77
N ALA E 374 120.49 -5.67 -8.39
CA ALA E 374 121.01 -4.32 -8.28
C ALA E 374 119.90 -3.34 -8.58
N THR E 375 120.09 -2.09 -8.18
CA THR E 375 119.12 -1.02 -8.38
C THR E 375 119.68 0.00 -9.35
N CYS E 376 118.81 0.61 -10.14
CA CYS E 376 119.22 1.49 -11.22
C CYS E 376 118.33 2.72 -11.21
N SER E 377 118.95 3.90 -11.28
CA SER E 377 118.25 5.17 -11.39
C SER E 377 118.98 6.03 -12.40
N ALA E 378 118.21 6.72 -13.25
CA ALA E 378 118.80 7.46 -14.35
C ALA E 378 117.90 8.62 -14.75
N SER E 379 118.45 9.48 -15.60
CA SER E 379 117.77 10.67 -16.08
C SER E 379 117.64 10.61 -17.60
N CYS E 380 116.47 10.98 -18.11
CA CYS E 380 116.14 10.78 -19.51
C CYS E 380 115.64 12.08 -20.14
N GLU E 381 115.99 12.31 -21.41
CA GLU E 381 115.65 13.48 -22.19
C GLU E 381 114.64 13.13 -23.29
N PRO E 382 113.84 14.09 -23.74
CA PRO E 382 112.84 13.81 -24.76
C PRO E 382 113.50 13.56 -26.11
N PRO E 383 112.80 12.93 -27.04
CA PRO E 383 113.33 12.75 -28.39
C PRO E 383 112.97 13.91 -29.29
N LYS E 384 113.84 14.14 -30.27
CA LYS E 384 113.63 15.23 -31.22
C LYS E 384 112.59 14.90 -32.28
N ASP E 385 112.53 13.65 -32.73
CA ASP E 385 111.66 13.27 -33.84
C ASP E 385 110.20 13.33 -33.43
N HIS E 386 109.33 13.70 -34.37
CA HIS E 386 107.94 13.96 -34.04
C HIS E 386 107.04 12.75 -34.19
N ILE E 387 107.21 11.95 -35.25
CA ILE E 387 106.31 10.85 -35.55
C ILE E 387 107.11 9.64 -36.03
N VAL E 388 106.71 8.45 -35.58
CA VAL E 388 107.36 7.21 -35.97
C VAL E 388 106.30 6.24 -36.44
N PRO E 389 106.65 5.28 -37.31
CA PRO E 389 105.67 4.35 -37.87
C PRO E 389 105.50 3.03 -37.13
N TYR E 390 106.11 2.80 -35.97
CA TYR E 390 105.93 1.56 -35.23
C TYR E 390 105.39 1.83 -33.84
N ALA E 391 104.61 0.88 -33.34
CA ALA E 391 103.93 1.06 -32.07
C ALA E 391 104.93 1.11 -30.92
N ALA E 392 104.45 1.63 -29.79
CA ALA E 392 105.32 1.84 -28.63
C ALA E 392 105.76 0.51 -28.04
N SER E 393 106.99 0.48 -27.53
CA SER E 393 107.54 -0.72 -26.92
C SER E 393 107.73 -0.59 -25.41
N HIS E 394 107.24 0.48 -24.81
CA HIS E 394 107.29 0.63 -23.36
C HIS E 394 105.88 0.48 -22.80
N SER E 395 105.81 0.29 -21.48
CA SER E 395 104.53 0.04 -20.85
C SER E 395 103.75 1.31 -20.57
N ASN E 396 104.30 2.46 -20.94
CA ASN E 396 103.63 3.75 -20.81
C ASN E 396 103.24 4.05 -19.37
N VAL E 397 104.28 4.21 -18.55
CA VAL E 397 104.15 4.77 -17.21
C VAL E 397 105.01 6.02 -17.17
N VAL E 398 104.51 7.08 -16.54
CA VAL E 398 105.10 8.40 -16.69
C VAL E 398 105.46 9.06 -15.36
N PHE E 399 104.89 8.63 -14.25
CA PHE E 399 105.16 9.28 -12.97
C PHE E 399 106.64 9.10 -12.60
N PRO E 400 107.35 10.18 -12.28
CA PRO E 400 108.78 10.06 -12.00
C PRO E 400 109.03 9.48 -10.62
N ASP E 401 110.29 9.12 -10.39
CA ASP E 401 110.71 8.58 -9.11
C ASP E 401 110.58 9.64 -8.03
N MET E 402 110.40 9.17 -6.78
CA MET E 402 110.33 10.10 -5.66
C MET E 402 111.62 10.87 -5.44
N SER E 403 112.75 10.36 -5.93
CA SER E 403 114.02 11.07 -5.82
C SER E 403 114.44 11.74 -7.12
N GLY E 404 113.55 11.80 -8.11
CA GLY E 404 113.84 12.52 -9.33
C GLY E 404 113.92 14.01 -9.06
N THR E 405 114.52 14.72 -10.02
CA THR E 405 114.84 16.12 -9.79
C THR E 405 113.59 16.94 -9.49
N ALA E 406 112.51 16.69 -10.22
CA ALA E 406 111.28 17.43 -9.97
C ALA E 406 110.77 17.18 -8.55
N LEU E 407 110.65 15.92 -8.16
CA LEU E 407 110.16 15.64 -6.82
C LEU E 407 111.22 16.01 -5.77
N SER E 408 112.49 16.05 -6.15
CA SER E 408 113.50 16.56 -5.22
C SER E 408 113.23 18.02 -4.88
N TRP E 409 112.94 18.85 -5.89
CA TRP E 409 112.64 20.24 -5.63
C TRP E 409 111.36 20.37 -4.81
N VAL E 410 110.34 19.57 -5.15
CA VAL E 410 109.09 19.62 -4.39
C VAL E 410 109.34 19.26 -2.94
N GLN E 411 110.12 18.22 -2.69
CA GLN E 411 110.41 17.80 -1.33
C GLN E 411 111.14 18.89 -0.56
N LYS E 412 112.13 19.52 -1.18
CA LYS E 412 112.86 20.58 -0.49
C LYS E 412 111.95 21.74 -0.11
N ILE E 413 111.11 22.18 -1.04
CA ILE E 413 110.23 23.32 -0.76
C ILE E 413 109.24 22.97 0.35
N SER E 414 108.64 21.78 0.26
CA SER E 414 107.68 21.37 1.28
C SER E 414 108.33 21.26 2.64
N GLY E 415 109.56 20.74 2.68
CA GLY E 415 110.26 20.66 3.95
C GLY E 415 110.53 22.02 4.54
N GLY E 416 110.91 22.99 3.70
CA GLY E 416 111.12 24.34 4.22
C GLY E 416 109.86 24.92 4.83
N LEU E 417 108.74 24.80 4.11
CA LEU E 417 107.49 25.35 4.64
C LEU E 417 107.06 24.65 5.92
N GLY E 418 107.19 23.32 5.97
CA GLY E 418 106.83 22.59 7.17
C GLY E 418 107.70 22.94 8.36
N ALA E 419 109.00 23.15 8.12
CA ALA E 419 109.88 23.58 9.20
C ALA E 419 109.46 24.95 9.73
N PHE E 420 109.09 25.85 8.83
CA PHE E 420 108.57 27.15 9.27
C PHE E 420 107.34 26.97 10.16
N ALA E 421 106.41 26.12 9.73
CA ALA E 421 105.19 25.92 10.51
C ALA E 421 105.49 25.30 11.87
N ILE E 422 106.43 24.37 11.92
CA ILE E 422 106.77 23.74 13.18
C ILE E 422 107.40 24.75 14.13
N GLY E 423 108.27 25.61 13.62
CA GLY E 423 108.80 26.67 14.45
C GLY E 423 107.71 27.58 14.98
N ALA E 424 106.72 27.90 14.14
CA ALA E 424 105.60 28.72 14.58
C ALA E 424 104.82 28.06 15.71
N ILE E 425 104.53 26.77 15.55
CA ILE E 425 103.84 26.02 16.61
C ILE E 425 104.64 26.06 17.90
N LEU E 426 105.95 25.84 17.80
CA LEU E 426 106.79 25.85 19.00
C LEU E 426 106.72 27.19 19.70
N VAL E 427 106.83 28.28 18.93
CA VAL E 427 106.84 29.61 19.56
C VAL E 427 105.51 29.88 20.24
N LEU E 428 104.41 29.60 19.55
CA LEU E 428 103.10 29.89 20.15
C LEU E 428 102.88 29.04 21.39
N VAL E 429 103.22 27.76 21.34
CA VAL E 429 103.00 26.89 22.50
C VAL E 429 103.87 27.33 23.67
N VAL E 430 105.12 27.70 23.39
CA VAL E 430 106.00 28.15 24.47
C VAL E 430 105.45 29.39 25.13
N VAL E 431 104.99 30.35 24.33
CA VAL E 431 104.48 31.60 24.91
C VAL E 431 103.23 31.33 25.74
N THR E 432 102.31 30.53 25.21
CA THR E 432 101.09 30.24 25.97
C THR E 432 101.40 29.49 27.26
N CYS E 433 102.29 28.51 27.22
CA CYS E 433 102.60 27.77 28.44
C CYS E 433 103.37 28.61 29.44
N ILE E 434 104.23 29.53 28.97
CA ILE E 434 104.89 30.44 29.89
C ILE E 434 103.85 31.36 30.54
N GLY E 435 102.86 31.79 29.78
CA GLY E 435 101.76 32.52 30.38
C GLY E 435 101.01 31.70 31.42
N LEU E 436 100.87 30.40 31.19
CA LEU E 436 100.13 29.56 32.13
C LEU E 436 100.93 29.32 33.41
N ARG E 437 102.23 28.99 33.29
CA ARG E 437 103.06 28.72 34.46
C ARG E 437 103.05 29.87 35.46
N ARG E 438 102.90 31.10 35.00
CA ARG E 438 102.72 32.23 35.90
C ARG E 438 101.33 32.20 36.50
N TYR F 1 119.14 82.31 -65.78
CA TYR F 1 118.33 82.48 -64.58
C TYR F 1 117.89 81.13 -64.03
N GLU F 2 118.09 80.93 -62.72
CA GLU F 2 117.80 79.66 -62.10
C GLU F 2 116.48 79.72 -61.34
N HIS F 3 115.73 78.62 -61.38
CA HIS F 3 114.46 78.56 -60.65
C HIS F 3 114.16 77.13 -60.26
N SER F 4 113.35 76.97 -59.21
CA SER F 4 112.99 75.67 -58.69
C SER F 4 111.51 75.64 -58.34
N THR F 5 110.89 74.48 -58.58
CA THR F 5 109.45 74.32 -58.41
C THR F 5 109.20 72.87 -58.03
N VAL F 6 107.97 72.57 -57.61
CA VAL F 6 107.53 71.21 -57.35
C VAL F 6 106.26 70.95 -58.13
N MET F 7 106.13 69.74 -58.66
CA MET F 7 104.99 69.37 -59.50
C MET F 7 104.46 68.00 -59.08
N PRO F 8 103.18 67.87 -58.81
CA PRO F 8 102.64 66.58 -58.37
C PRO F 8 102.76 65.53 -59.45
N ASN F 9 102.95 64.28 -59.02
CA ASN F 9 103.08 63.16 -59.95
C ASN F 9 101.71 62.54 -60.23
N VAL F 10 100.90 63.27 -60.97
CA VAL F 10 99.63 62.77 -61.47
C VAL F 10 99.57 63.02 -62.96
N VAL F 11 99.36 61.97 -63.74
CA VAL F 11 99.29 62.08 -65.19
C VAL F 11 97.97 62.72 -65.58
N GLY F 12 98.03 63.67 -66.51
CA GLY F 12 96.86 64.41 -66.91
C GLY F 12 96.68 65.75 -66.24
N PHE F 13 97.44 66.02 -65.19
CA PHE F 13 97.30 67.28 -64.46
C PHE F 13 98.09 68.37 -65.17
N PRO F 14 97.44 69.45 -65.59
CA PRO F 14 98.13 70.52 -66.34
C PRO F 14 98.78 71.57 -65.44
N TYR F 15 99.95 71.27 -64.91
CA TYR F 15 100.54 72.16 -63.91
C TYR F 15 101.02 73.44 -64.57
N LYS F 16 100.84 74.55 -63.85
CA LYS F 16 101.18 75.88 -64.35
C LYS F 16 102.12 76.55 -63.36
N ALA F 17 103.31 76.90 -63.83
CA ALA F 17 104.34 77.50 -62.98
C ALA F 17 104.54 78.95 -63.36
N HIS F 18 104.77 79.79 -62.34
CA HIS F 18 104.91 81.22 -62.52
C HIS F 18 106.32 81.65 -62.13
N ILE F 19 106.97 82.43 -62.99
CA ILE F 19 108.31 82.92 -62.73
C ILE F 19 108.30 84.44 -62.86
N GLU F 20 108.91 85.11 -61.90
CA GLU F 20 108.87 86.57 -61.78
C GLU F 20 110.30 87.10 -61.77
N ARG F 21 110.83 87.39 -62.96
CA ARG F 21 112.12 88.07 -63.03
C ARG F 21 111.91 89.54 -62.66
N PRO F 22 112.71 90.07 -61.72
CA PRO F 22 112.48 91.46 -61.28
C PRO F 22 112.61 92.48 -62.40
N GLY F 23 113.51 92.25 -63.35
CA GLY F 23 113.72 93.17 -64.45
C GLY F 23 112.96 92.90 -65.72
N TYR F 24 112.13 91.85 -65.75
CA TYR F 24 111.39 91.49 -66.94
C TYR F 24 109.94 91.21 -66.57
N SER F 25 109.11 90.99 -67.59
CA SER F 25 107.71 90.65 -67.39
C SER F 25 107.57 89.23 -66.84
N PRO F 26 106.56 88.98 -66.01
CA PRO F 26 106.35 87.63 -65.49
C PRO F 26 106.04 86.66 -66.61
N LEU F 27 106.46 85.40 -66.42
CA LEU F 27 106.25 84.35 -67.40
C LEU F 27 105.56 83.16 -66.75
N THR F 28 104.84 82.40 -67.56
CA THR F 28 104.14 81.21 -67.11
C THR F 28 104.48 80.03 -68.01
N LEU F 29 104.84 78.92 -67.39
CA LEU F 29 105.14 77.68 -68.08
C LEU F 29 104.05 76.66 -67.77
N GLN F 30 103.81 75.75 -68.70
CA GLN F 30 102.85 74.68 -68.48
C GLN F 30 103.55 73.35 -68.67
N MET F 31 103.37 72.45 -67.71
CA MET F 31 103.98 71.13 -67.76
C MET F 31 102.93 70.06 -67.55
N GLN F 32 103.06 68.96 -68.29
CA GLN F 32 102.12 67.87 -68.28
C GLN F 32 102.86 66.54 -68.39
N VAL F 33 102.80 65.74 -67.34
CA VAL F 33 103.50 64.45 -67.32
C VAL F 33 102.68 63.46 -68.14
N VAL F 34 103.09 63.27 -69.40
CA VAL F 34 102.32 62.40 -70.28
C VAL F 34 102.45 60.95 -69.86
N GLU F 35 103.67 60.51 -69.55
CA GLU F 35 103.91 59.10 -69.30
C GLU F 35 104.97 58.91 -68.22
N THR F 36 104.87 57.81 -67.48
CA THR F 36 105.87 57.43 -66.49
C THR F 36 106.14 55.94 -66.58
N SER F 37 107.28 55.53 -66.05
CA SER F 37 107.68 54.13 -66.09
C SER F 37 108.62 53.86 -64.93
N LEU F 38 108.29 52.87 -64.12
CA LEU F 38 109.11 52.47 -62.98
C LEU F 38 109.72 51.11 -63.32
N GLU F 39 111.01 51.09 -63.64
CA GLU F 39 111.67 49.84 -63.98
C GLU F 39 112.58 49.42 -62.84
N PRO F 40 112.31 48.32 -62.17
CA PRO F 40 113.25 47.81 -61.17
C PRO F 40 114.41 47.13 -61.87
N THR F 41 115.42 46.78 -61.09
CA THR F 41 116.58 46.05 -61.59
C THR F 41 116.46 44.60 -61.15
N LEU F 42 116.62 43.68 -62.10
CA LEU F 42 116.21 42.30 -61.93
C LEU F 42 117.40 41.38 -62.01
N ASN F 43 117.42 40.35 -61.17
CA ASN F 43 118.43 39.30 -61.21
C ASN F 43 117.74 37.96 -61.40
N LEU F 44 118.31 37.12 -62.26
CA LEU F 44 117.75 35.82 -62.56
C LEU F 44 118.13 34.81 -61.49
N GLU F 45 117.12 34.21 -60.84
CA GLU F 45 117.39 33.07 -59.97
C GLU F 45 117.34 31.76 -60.74
N TYR F 46 116.19 31.44 -61.33
CA TYR F 46 116.08 30.20 -62.08
C TYR F 46 114.83 30.21 -62.94
N ILE F 47 114.63 29.10 -63.65
CA ILE F 47 113.59 28.92 -64.65
C ILE F 47 112.90 27.60 -64.38
N THR F 48 111.58 27.59 -64.49
CA THR F 48 110.81 26.38 -64.23
C THR F 48 109.92 26.06 -65.42
N CYS F 49 109.79 24.77 -65.73
CA CYS F 49 108.93 24.33 -66.83
C CYS F 49 108.54 22.88 -66.58
N GLU F 50 107.94 22.27 -67.61
CA GLU F 50 107.49 20.89 -67.48
C GLU F 50 108.68 19.93 -67.44
N TYR F 51 108.44 18.73 -66.94
CA TYR F 51 109.42 17.67 -67.02
C TYR F 51 108.92 16.53 -67.90
N LYS F 52 109.87 15.77 -68.42
CA LYS F 52 109.58 14.64 -69.31
C LYS F 52 110.41 13.46 -68.83
N THR F 53 109.74 12.41 -68.38
CA THR F 53 110.44 11.23 -67.87
C THR F 53 110.95 10.39 -69.03
N VAL F 54 112.20 9.96 -68.95
CA VAL F 54 112.81 9.10 -69.94
C VAL F 54 112.86 7.69 -69.40
N VAL F 55 112.16 6.77 -70.04
CA VAL F 55 112.07 5.38 -69.59
C VAL F 55 112.59 4.49 -70.71
N PRO F 56 113.89 4.22 -70.73
CA PRO F 56 114.44 3.40 -71.82
C PRO F 56 113.90 1.98 -71.76
N SER F 57 114.18 1.24 -72.83
CA SER F 57 113.67 -0.12 -72.93
C SER F 57 114.33 -1.01 -71.87
N PRO F 58 113.55 -1.81 -71.14
CA PRO F 58 114.14 -2.64 -70.10
C PRO F 58 115.08 -3.67 -70.70
N TYR F 59 116.10 -4.03 -69.94
CA TYR F 59 117.04 -5.07 -70.32
C TYR F 59 116.68 -6.34 -69.55
N VAL F 60 116.28 -7.37 -70.29
CA VAL F 60 115.96 -8.66 -69.69
C VAL F 60 117.11 -9.61 -70.00
N LYS F 61 117.73 -10.13 -68.94
CA LYS F 61 118.86 -11.03 -69.06
C LYS F 61 118.36 -12.45 -68.80
N CYS F 62 118.47 -13.31 -69.81
CA CYS F 62 118.09 -14.70 -69.68
C CYS F 62 119.30 -15.50 -69.21
N CYS F 63 119.06 -16.44 -68.29
CA CYS F 63 120.09 -17.37 -67.83
C CYS F 63 121.31 -16.62 -67.28
N GLY F 64 121.07 -15.94 -66.17
CA GLY F 64 122.14 -15.20 -65.53
C GLY F 64 121.60 -14.18 -64.55
N ALA F 65 122.42 -13.16 -64.29
CA ALA F 65 122.02 -12.09 -63.39
C ALA F 65 122.69 -10.81 -63.86
N SER F 66 122.02 -9.68 -63.62
CA SER F 66 122.53 -8.39 -64.04
C SER F 66 122.75 -7.50 -62.81
N GLU F 67 123.79 -6.68 -62.88
CA GLU F 67 124.25 -5.88 -61.75
C GLU F 67 123.84 -4.42 -61.92
N CYS F 68 123.28 -3.86 -60.86
CA CYS F 68 122.86 -2.46 -60.87
C CYS F 68 124.07 -1.54 -60.89
N SER F 69 123.93 -0.44 -61.62
CA SER F 69 124.98 0.57 -61.73
C SER F 69 124.37 1.96 -61.61
N THR F 70 125.19 2.91 -61.18
CA THR F 70 124.74 4.28 -60.93
C THR F 70 125.14 5.20 -62.08
N LYS F 71 124.40 6.30 -62.24
CA LYS F 71 124.63 7.25 -63.32
C LYS F 71 124.44 8.65 -62.80
N GLU F 72 125.05 9.61 -63.49
CA GLU F 72 124.96 11.02 -63.10
C GLU F 72 123.88 11.73 -63.93
N LYS F 73 122.64 11.35 -63.66
CA LYS F 73 121.51 11.96 -64.33
C LYS F 73 120.53 12.46 -63.28
N PRO F 74 119.80 13.54 -63.57
CA PRO F 74 118.92 14.13 -62.56
C PRO F 74 117.84 13.14 -62.13
N ASP F 75 117.84 12.84 -60.83
CA ASP F 75 116.87 11.94 -60.23
C ASP F 75 116.90 10.56 -60.87
N TYR F 76 118.10 10.03 -61.07
CA TYR F 76 118.25 8.72 -61.70
C TYR F 76 117.73 7.62 -60.78
N GLN F 77 117.16 6.58 -61.38
CA GLN F 77 116.73 5.41 -60.63
C GLN F 77 117.04 4.15 -61.43
N CYS F 78 117.49 3.12 -60.72
CA CYS F 78 117.87 1.86 -61.35
C CYS F 78 117.67 0.73 -60.35
N LYS F 79 117.03 -0.34 -60.79
CA LYS F 79 116.79 -1.51 -59.96
C LYS F 79 116.88 -2.77 -60.81
N VAL F 80 117.11 -3.90 -60.15
CA VAL F 80 117.15 -5.19 -60.81
C VAL F 80 116.19 -6.12 -60.07
N TYR F 81 115.35 -6.82 -60.82
CA TYR F 81 114.39 -7.76 -60.26
C TYR F 81 114.71 -9.16 -60.74
N THR F 82 114.53 -10.13 -59.85
CA THR F 82 114.84 -11.52 -60.13
C THR F 82 113.57 -12.35 -60.13
N GLY F 83 113.54 -13.39 -60.95
CA GLY F 83 112.39 -14.24 -61.05
C GLY F 83 111.41 -13.87 -62.14
N VAL F 84 111.85 -13.16 -63.14
CA VAL F 84 110.97 -12.68 -64.20
C VAL F 84 110.82 -13.75 -65.26
N TYR F 85 109.61 -13.90 -65.78
CA TYR F 85 109.33 -14.79 -66.90
C TYR F 85 108.52 -14.03 -67.95
N PRO F 86 109.19 -13.24 -68.77
CA PRO F 86 108.47 -12.43 -69.75
C PRO F 86 107.79 -13.27 -70.82
N PHE F 87 106.70 -12.73 -71.36
CA PHE F 87 106.04 -13.31 -72.51
C PHE F 87 106.11 -12.34 -73.68
N MET F 88 105.90 -12.86 -74.87
CA MET F 88 105.79 -12.06 -76.09
C MET F 88 104.64 -12.61 -76.93
N TRP F 89 104.40 -11.98 -78.07
CA TRP F 89 103.25 -12.35 -78.87
C TRP F 89 103.38 -13.78 -79.39
N GLY F 90 104.58 -14.17 -79.82
CA GLY F 90 104.82 -15.47 -80.38
C GLY F 90 105.28 -16.53 -79.40
N GLY F 91 105.21 -16.26 -78.10
CA GLY F 91 105.72 -17.20 -77.13
C GLY F 91 106.36 -16.51 -75.94
N ALA F 92 107.42 -17.10 -75.40
CA ALA F 92 108.14 -16.51 -74.27
C ALA F 92 109.60 -16.93 -74.37
N TYR F 93 110.50 -15.95 -74.35
CA TYR F 93 111.91 -16.31 -74.37
C TYR F 93 112.43 -16.37 -72.94
N CYS F 94 113.75 -16.41 -72.76
CA CYS F 94 114.37 -16.86 -71.51
C CYS F 94 113.97 -18.31 -71.22
N PHE F 95 114.55 -19.21 -72.02
CA PHE F 95 114.35 -20.64 -71.84
C PHE F 95 114.61 -21.09 -70.40
N CYS F 96 115.57 -20.46 -69.72
CA CYS F 96 115.79 -20.75 -68.31
C CYS F 96 114.54 -20.44 -67.51
N ASP F 97 114.21 -21.32 -66.56
CA ASP F 97 112.93 -21.20 -65.87
C ASP F 97 112.90 -20.01 -64.93
N SER F 98 113.94 -19.82 -64.12
CA SER F 98 113.89 -18.83 -63.05
C SER F 98 115.08 -17.88 -62.97
N GLU F 99 116.24 -18.23 -63.53
CA GLU F 99 117.42 -17.39 -63.41
C GLU F 99 117.43 -16.34 -64.52
N ASN F 100 116.36 -15.53 -64.51
CA ASN F 100 116.22 -14.39 -65.40
C ASN F 100 116.10 -13.13 -64.57
N THR F 101 116.71 -12.05 -65.05
CA THR F 101 116.66 -10.79 -64.33
C THR F 101 116.22 -9.68 -65.26
N GLN F 102 115.67 -8.62 -64.66
CA GLN F 102 115.22 -7.45 -65.39
C GLN F 102 115.85 -6.21 -64.78
N LEU F 103 116.32 -5.30 -65.63
CA LEU F 103 116.99 -4.09 -65.18
C LEU F 103 116.15 -2.89 -65.57
N SER F 104 115.47 -2.29 -64.60
CA SER F 104 114.65 -1.11 -64.83
C SER F 104 115.46 0.13 -64.54
N GLU F 105 115.34 1.14 -65.41
CA GLU F 105 116.07 2.38 -65.23
C GLU F 105 115.23 3.54 -65.75
N ALA F 106 115.32 4.69 -65.08
CA ALA F 106 114.56 5.86 -65.48
C ALA F 106 115.25 7.11 -64.94
N TYR F 107 114.92 8.25 -65.54
CA TYR F 107 115.42 9.53 -65.06
C TYR F 107 114.55 10.64 -65.63
N VAL F 108 114.72 11.86 -65.11
CA VAL F 108 113.88 13.00 -65.44
C VAL F 108 114.69 13.98 -66.27
N ASP F 109 114.02 14.65 -67.20
CA ASP F 109 114.72 15.59 -68.07
C ASP F 109 113.81 16.77 -68.38
N ARG F 110 114.45 17.89 -68.70
CA ARG F 110 113.75 19.12 -69.00
C ARG F 110 112.92 18.95 -70.27
N SER F 111 111.69 19.45 -70.24
CA SER F 111 110.77 19.22 -71.35
C SER F 111 111.23 19.97 -72.59
N ASP F 112 110.72 19.52 -73.74
CA ASP F 112 111.19 20.04 -75.02
C ASP F 112 110.52 21.35 -75.43
N VAL F 113 109.45 21.75 -74.74
CA VAL F 113 108.79 23.02 -75.01
C VAL F 113 109.22 24.09 -74.00
N CYS F 114 110.27 23.81 -73.22
CA CYS F 114 110.65 24.67 -72.12
C CYS F 114 111.15 26.02 -72.59
N ARG F 115 111.87 26.05 -73.72
CA ARG F 115 112.39 27.31 -74.23
C ARG F 115 111.29 28.24 -74.73
N HIS F 116 110.12 27.71 -75.08
CA HIS F 116 109.00 28.55 -75.49
C HIS F 116 108.04 28.86 -74.35
N ASP F 117 107.91 27.98 -73.37
CA ASP F 117 106.95 28.17 -72.28
C ASP F 117 107.64 27.82 -70.96
N HIS F 118 107.94 28.85 -70.17
CA HIS F 118 108.56 28.65 -68.87
C HIS F 118 108.27 29.85 -67.99
N ALA F 119 108.43 29.66 -66.69
CA ALA F 119 108.21 30.71 -65.71
C ALA F 119 109.53 31.07 -65.05
N SER F 120 109.80 32.37 -64.96
CA SER F 120 111.06 32.86 -64.43
C SER F 120 110.90 33.30 -62.99
N ALA F 121 111.96 33.17 -62.21
CA ALA F 121 112.01 33.72 -60.86
C ALA F 121 113.06 34.82 -60.84
N TYR F 122 112.72 35.94 -60.23
CA TYR F 122 113.59 37.11 -60.23
C TYR F 122 113.72 37.68 -58.83
N LYS F 123 114.82 38.38 -58.61
CA LYS F 123 115.03 39.19 -57.43
C LYS F 123 115.09 40.65 -57.85
N ALA F 124 114.24 41.48 -57.26
CA ALA F 124 114.04 42.85 -57.72
C ALA F 124 114.45 43.85 -56.64
N HIS F 125 115.17 44.89 -57.04
CA HIS F 125 115.59 45.94 -56.12
C HIS F 125 116.02 47.18 -56.90
N THR F 126 116.11 48.30 -56.20
CA THR F 126 116.68 49.56 -56.69
C THR F 126 115.99 50.02 -57.98
N ALA F 127 114.71 50.37 -57.83
CA ALA F 127 113.92 50.81 -58.97
C ALA F 127 114.42 52.14 -59.52
N SER F 128 114.24 52.32 -60.82
CA SER F 128 114.58 53.57 -61.52
C SER F 128 113.31 54.13 -62.15
N LEU F 129 113.24 55.46 -62.22
CA LEU F 129 112.08 56.14 -62.77
C LEU F 129 112.42 56.87 -64.06
N LYS F 130 111.57 56.69 -65.07
CA LYS F 130 111.73 57.34 -66.36
C LYS F 130 110.41 58.01 -66.70
N ALA F 131 110.46 59.15 -67.38
CA ALA F 131 109.25 59.91 -67.62
C ALA F 131 109.27 60.54 -69.00
N LYS F 132 108.09 60.86 -69.50
CA LYS F 132 107.93 61.65 -70.72
C LYS F 132 106.96 62.77 -70.39
N VAL F 133 107.40 64.01 -70.58
CA VAL F 133 106.66 65.19 -70.15
C VAL F 133 106.61 66.19 -71.28
N ARG F 134 105.47 66.89 -71.38
CA ARG F 134 105.23 67.91 -72.38
C ARG F 134 105.28 69.28 -71.72
N VAL F 135 106.10 70.16 -72.26
CA VAL F 135 106.28 71.51 -71.74
C VAL F 135 105.87 72.49 -72.82
N MET F 136 105.12 73.51 -72.44
CA MET F 136 104.63 74.50 -73.38
C MET F 136 104.65 75.89 -72.76
N TYR F 137 105.09 76.86 -73.57
CA TYR F 137 105.18 78.27 -73.22
C TYR F 137 105.55 79.04 -74.48
N GLY F 138 104.96 80.22 -74.62
CA GLY F 138 105.18 81.03 -75.81
C GLY F 138 104.78 80.29 -77.07
N ASN F 139 105.76 79.90 -77.88
CA ASN F 139 105.55 79.09 -79.06
C ASN F 139 106.39 77.81 -79.01
N VAL F 140 106.64 77.30 -77.81
CA VAL F 140 107.55 76.17 -77.60
C VAL F 140 106.70 75.01 -77.10
N ASN F 141 106.30 74.14 -78.02
CA ASN F 141 105.61 72.90 -77.71
C ASN F 141 106.58 71.73 -77.81
N GLN F 142 106.90 71.13 -76.66
CA GLN F 142 107.87 70.04 -76.70
C GLN F 142 107.39 68.89 -75.84
N THR F 143 107.79 67.68 -76.22
CA THR F 143 107.58 66.47 -75.43
C THR F 143 108.91 65.73 -75.35
N VAL F 144 109.46 65.63 -74.15
CA VAL F 144 110.79 65.05 -73.96
C VAL F 144 110.73 63.97 -72.90
N ASP F 145 111.56 62.95 -73.09
CA ASP F 145 111.73 61.90 -72.09
C ASP F 145 112.96 62.20 -71.25
N VAL F 146 112.81 62.10 -69.94
CA VAL F 146 113.86 62.42 -68.99
C VAL F 146 113.95 61.31 -67.95
N TYR F 147 115.14 61.17 -67.39
CA TYR F 147 115.34 60.33 -66.22
C TYR F 147 115.05 61.17 -64.98
N VAL F 148 114.32 60.60 -64.04
CA VAL F 148 113.96 61.33 -62.84
C VAL F 148 115.05 61.15 -61.80
N ASN F 149 116.09 61.99 -61.90
CA ASN F 149 117.18 62.01 -60.94
C ASN F 149 117.95 63.30 -61.15
N GLY F 150 118.51 63.83 -60.08
CA GLY F 150 119.09 65.16 -60.15
C GLY F 150 120.45 65.24 -60.80
N ASP F 151 120.67 64.48 -61.87
CA ASP F 151 121.93 64.62 -62.60
C ASP F 151 121.78 64.53 -64.11
N HIS F 152 120.57 64.47 -64.66
CA HIS F 152 120.36 64.40 -66.11
C HIS F 152 119.64 65.66 -66.55
N ALA F 153 120.24 66.37 -67.51
CA ALA F 153 119.72 67.64 -67.99
C ALA F 153 119.32 67.51 -69.44
N VAL F 154 118.19 68.11 -69.81
CA VAL F 154 117.68 68.10 -71.16
C VAL F 154 117.52 69.54 -71.65
N THR F 155 117.89 69.78 -72.90
CA THR F 155 117.80 71.11 -73.48
C THR F 155 116.50 71.25 -74.27
N ILE F 156 115.76 72.33 -73.98
CA ILE F 156 114.51 72.61 -74.67
C ILE F 156 114.52 74.07 -75.12
N GLY F 157 114.92 74.31 -76.36
CA GLY F 157 114.99 75.67 -76.87
C GLY F 157 115.95 76.56 -76.09
N GLY F 158 117.12 76.03 -75.75
CA GLY F 158 118.10 76.79 -74.99
C GLY F 158 117.88 76.79 -73.49
N THR F 159 116.96 75.98 -72.99
CA THR F 159 116.64 75.93 -71.56
C THR F 159 117.06 74.58 -70.99
N GLN F 160 117.70 74.60 -69.84
CA GLN F 160 118.15 73.38 -69.16
C GLN F 160 117.12 72.98 -68.11
N PHE F 161 116.71 71.71 -68.13
CA PHE F 161 115.74 71.18 -67.20
C PHE F 161 116.33 69.97 -66.49
N ILE F 162 116.20 69.93 -65.16
CA ILE F 162 116.63 68.79 -64.37
C ILE F 162 115.49 68.43 -63.43
N PHE F 163 114.99 67.20 -63.52
CA PHE F 163 113.89 66.75 -62.67
C PHE F 163 114.48 65.97 -61.51
N GLY F 164 114.34 66.51 -60.31
CA GLY F 164 115.01 65.96 -59.16
C GLY F 164 114.42 64.65 -58.72
N PRO F 165 115.01 64.05 -57.69
CA PRO F 165 114.56 62.73 -57.24
C PRO F 165 113.12 62.77 -56.75
N LEU F 166 112.39 61.70 -57.02
CA LEU F 166 111.01 61.63 -56.59
C LEU F 166 110.93 61.64 -55.07
N SER F 167 109.83 62.18 -54.56
CA SER F 167 109.69 62.35 -53.11
C SER F 167 109.66 61.00 -52.39
N SER F 168 108.97 60.02 -52.96
CA SER F 168 108.79 58.72 -52.32
C SER F 168 109.56 57.64 -53.06
N ALA F 169 110.07 56.67 -52.30
CA ALA F 169 110.78 55.52 -52.84
C ALA F 169 109.86 54.31 -52.94
N TRP F 170 108.56 54.54 -52.92
CA TRP F 170 107.56 53.49 -52.89
C TRP F 170 107.51 52.74 -54.21
N THR F 171 107.58 51.42 -54.13
CA THR F 171 107.45 50.53 -55.28
C THR F 171 106.53 49.38 -54.93
N PRO F 172 105.81 48.84 -55.92
CA PRO F 172 104.89 47.74 -55.63
C PRO F 172 105.54 46.37 -55.64
N PHE F 173 106.71 46.22 -56.24
CA PHE F 173 107.39 44.93 -56.30
C PHE F 173 108.08 44.62 -54.98
N ASP F 174 107.91 43.39 -54.51
CA ASP F 174 108.62 42.92 -53.34
C ASP F 174 110.04 42.55 -53.76
N ASN F 175 110.76 41.83 -52.90
CA ASN F 175 112.09 41.38 -53.29
C ASN F 175 112.03 40.27 -54.32
N LYS F 176 111.07 39.37 -54.21
CA LYS F 176 111.03 38.16 -55.03
C LYS F 176 109.83 38.22 -55.96
N ILE F 177 110.05 37.91 -57.23
CA ILE F 177 109.06 38.09 -58.29
C ILE F 177 108.96 36.81 -59.10
N VAL F 178 107.75 36.45 -59.51
CA VAL F 178 107.52 35.35 -60.42
C VAL F 178 106.96 35.94 -61.71
N VAL F 179 107.65 35.71 -62.82
CA VAL F 179 107.27 36.29 -64.10
C VAL F 179 106.82 35.16 -65.02
N TYR F 180 105.66 35.33 -65.65
CA TYR F 180 105.11 34.31 -66.54
C TYR F 180 104.43 34.99 -67.72
N LYS F 181 105.07 34.94 -68.88
CA LYS F 181 104.56 35.58 -70.09
C LYS F 181 104.34 37.06 -69.88
N ASP F 182 103.13 37.47 -69.51
CA ASP F 182 102.79 38.88 -69.35
C ASP F 182 102.11 39.13 -68.01
N GLU F 183 102.61 38.53 -66.94
CA GLU F 183 102.07 38.75 -65.61
C GLU F 183 103.22 38.79 -64.62
N VAL F 184 102.98 39.44 -63.48
CA VAL F 184 103.96 39.52 -62.40
C VAL F 184 103.26 39.15 -61.11
N PHE F 185 103.95 38.37 -60.26
CA PHE F 185 103.38 37.88 -59.02
C PHE F 185 104.29 38.19 -57.85
N ASN F 186 103.69 38.31 -56.67
CA ASN F 186 104.46 38.48 -55.43
C ASN F 186 104.46 37.14 -54.71
N GLN F 187 105.57 36.43 -54.79
CA GLN F 187 105.70 35.11 -54.21
C GLN F 187 107.04 34.96 -53.52
N ASP F 188 107.12 33.96 -52.64
CA ASP F 188 108.37 33.55 -52.03
C ASP F 188 108.72 32.16 -52.56
N PHE F 189 109.35 32.12 -53.72
CA PHE F 189 109.72 30.85 -54.28
C PHE F 189 110.82 30.19 -53.47
N PRO F 190 110.81 28.85 -53.37
CA PRO F 190 111.85 28.18 -52.61
C PRO F 190 113.20 28.37 -53.26
N PRO F 191 114.28 28.41 -52.48
CA PRO F 191 115.59 28.71 -53.05
C PRO F 191 116.09 27.61 -53.96
N TYR F 192 116.98 27.98 -54.86
CA TYR F 192 117.50 27.06 -55.86
C TYR F 192 118.13 25.85 -55.19
N GLY F 193 117.83 24.67 -55.71
CA GLY F 193 118.38 23.44 -55.18
C GLY F 193 117.55 22.78 -54.09
N SER F 194 116.40 23.33 -53.74
CA SER F 194 115.60 22.77 -52.66
C SER F 194 114.13 22.79 -53.00
N GLY F 195 113.79 22.44 -54.24
CA GLY F 195 112.39 22.36 -54.62
C GLY F 195 111.70 21.19 -53.96
N GLN F 196 110.39 21.26 -53.90
CA GLN F 196 109.68 20.13 -53.34
C GLN F 196 108.72 19.54 -54.36
N PRO F 197 108.56 18.21 -54.35
CA PRO F 197 107.72 17.57 -55.37
C PRO F 197 106.27 17.96 -55.22
N GLY F 198 105.60 18.18 -56.36
CA GLY F 198 104.21 18.52 -56.36
C GLY F 198 103.87 19.97 -56.17
N ARG F 199 104.87 20.85 -56.08
CA ARG F 199 104.60 22.28 -55.93
C ARG F 199 105.48 23.09 -56.87
N PHE F 200 105.52 24.39 -56.70
CA PHE F 200 106.27 25.23 -57.64
C PHE F 200 107.75 24.91 -57.58
N GLY F 201 108.38 24.86 -58.75
CA GLY F 201 109.80 24.64 -58.84
C GLY F 201 110.29 23.27 -58.44
N ASP F 202 109.54 22.21 -58.76
CA ASP F 202 110.01 20.86 -58.48
C ASP F 202 111.23 20.52 -59.32
N ILE F 203 111.38 21.17 -60.47
CA ILE F 203 112.62 21.13 -61.24
C ILE F 203 113.07 22.56 -61.45
N GLN F 204 114.38 22.78 -61.44
CA GLN F 204 114.94 24.10 -61.61
C GLN F 204 116.17 24.03 -62.50
N SER F 205 116.30 25.05 -63.35
CA SER F 205 117.50 25.24 -64.15
C SER F 205 118.01 26.66 -63.93
N ARG F 206 119.34 26.79 -63.84
CA ARG F 206 119.91 28.11 -63.63
C ARG F 206 119.55 29.07 -64.76
N THR F 207 119.58 28.56 -65.99
CA THR F 207 119.13 29.34 -67.14
C THR F 207 118.56 28.38 -68.16
N VAL F 208 118.07 28.93 -69.27
CA VAL F 208 117.37 28.12 -70.25
C VAL F 208 118.31 27.11 -70.90
N GLU F 209 119.53 27.52 -71.23
CA GLU F 209 120.47 26.65 -71.91
C GLU F 209 121.43 25.93 -70.97
N SER F 210 121.27 26.07 -69.66
CA SER F 210 122.20 25.47 -68.73
C SER F 210 122.17 23.95 -68.81
N ASN F 211 123.35 23.34 -68.77
CA ASN F 211 123.45 21.89 -68.96
C ASN F 211 123.12 21.12 -67.69
N ASP F 212 123.25 21.75 -66.52
CA ASP F 212 122.83 21.08 -65.30
C ASP F 212 121.31 21.25 -65.10
N LEU F 213 120.81 20.56 -64.08
CA LEU F 213 119.40 20.61 -63.75
C LEU F 213 119.23 20.05 -62.35
N TYR F 214 118.25 20.53 -61.60
CA TYR F 214 117.94 19.96 -60.30
C TYR F 214 116.48 19.51 -60.32
N ALA F 215 116.24 18.25 -60.01
CA ALA F 215 114.89 17.70 -60.07
C ALA F 215 114.61 16.94 -58.79
N ASN F 216 113.42 17.13 -58.22
CA ASN F 216 113.05 16.45 -56.97
C ASN F 216 111.59 16.07 -57.08
N THR F 217 111.33 14.84 -57.53
CA THR F 217 110.00 14.47 -57.99
C THR F 217 109.51 13.16 -57.37
N ALA F 218 110.38 12.42 -56.69
CA ALA F 218 110.03 11.15 -56.06
C ALA F 218 109.60 10.11 -57.10
N LEU F 219 110.53 9.81 -57.99
CA LEU F 219 110.34 8.79 -59.01
C LEU F 219 110.63 7.43 -58.38
N LYS F 220 109.60 6.62 -58.18
CA LYS F 220 109.78 5.34 -57.49
C LYS F 220 109.38 4.20 -58.40
N LEU F 221 110.27 3.22 -58.56
CA LEU F 221 110.00 2.07 -59.40
C LEU F 221 109.33 0.96 -58.60
N ALA F 222 108.80 -0.03 -59.32
CA ALA F 222 108.12 -1.16 -58.69
C ALA F 222 108.47 -2.44 -59.42
N ARG F 223 108.04 -3.56 -58.85
CA ARG F 223 108.28 -4.86 -59.48
C ARG F 223 107.26 -5.11 -60.58
N PRO F 224 107.69 -5.46 -61.78
CA PRO F 224 106.74 -5.73 -62.86
C PRO F 224 105.88 -6.95 -62.55
N SER F 225 104.65 -6.92 -63.04
CA SER F 225 103.73 -8.02 -62.82
C SER F 225 104.20 -9.27 -63.56
N PRO F 226 103.79 -10.45 -63.11
CA PRO F 226 104.29 -11.69 -63.73
C PRO F 226 103.88 -11.79 -65.20
N GLY F 227 104.80 -12.29 -66.00
CA GLY F 227 104.56 -12.54 -67.42
C GLY F 227 104.29 -11.31 -68.26
N MET F 228 104.94 -10.19 -67.96
CA MET F 228 104.74 -8.97 -68.72
C MET F 228 106.05 -8.19 -68.76
N VAL F 229 106.14 -7.28 -69.73
CA VAL F 229 107.34 -6.46 -69.92
C VAL F 229 106.88 -5.01 -69.97
N HIS F 230 106.82 -4.35 -68.81
CA HIS F 230 106.30 -3.00 -68.82
C HIS F 230 106.98 -1.98 -67.89
N VAL F 231 107.94 -2.37 -67.06
CA VAL F 231 108.68 -1.47 -66.17
C VAL F 231 107.78 -0.40 -65.55
N PRO F 232 106.93 -0.75 -64.59
CA PRO F 232 106.03 0.24 -64.01
C PRO F 232 106.78 1.17 -63.08
N TYR F 233 106.14 2.30 -62.80
CA TYR F 233 106.70 3.29 -61.89
C TYR F 233 105.57 4.16 -61.36
N THR F 234 105.92 5.01 -60.41
CA THR F 234 104.99 6.01 -59.89
C THR F 234 105.76 7.30 -59.65
N GLN F 235 105.04 8.41 -59.73
CA GLN F 235 105.68 9.71 -59.75
C GLN F 235 104.67 10.78 -59.41
N THR F 236 105.02 11.68 -58.49
CA THR F 236 104.16 12.79 -58.15
C THR F 236 103.98 13.71 -59.35
N PRO F 237 102.76 14.17 -59.63
CA PRO F 237 102.52 14.96 -60.85
C PRO F 237 103.38 16.20 -60.88
N SER F 238 103.37 16.86 -62.04
CA SER F 238 104.17 18.05 -62.22
C SER F 238 103.64 19.19 -61.39
N GLY F 239 104.53 19.83 -60.63
CA GLY F 239 104.11 20.95 -59.81
C GLY F 239 103.86 22.20 -60.60
N PHE F 240 104.46 22.31 -61.78
CA PHE F 240 104.23 23.47 -62.63
C PHE F 240 102.78 23.55 -63.03
N LYS F 241 102.16 22.41 -63.38
CA LYS F 241 100.75 22.41 -63.75
C LYS F 241 99.87 22.83 -62.59
N TYR F 242 100.17 22.35 -61.39
CA TYR F 242 99.32 22.68 -60.26
C TYR F 242 99.49 24.14 -59.83
N TRP F 243 100.70 24.68 -59.98
CA TRP F 243 100.87 26.11 -59.76
C TRP F 243 100.14 26.91 -60.83
N LEU F 244 100.15 26.43 -62.07
CA LEU F 244 99.39 27.10 -63.11
C LEU F 244 97.91 27.08 -62.80
N LYS F 245 97.43 26.01 -62.19
CA LYS F 245 96.01 25.93 -61.85
C LYS F 245 95.65 26.83 -60.68
N GLU F 246 96.49 26.86 -59.64
CA GLU F 246 96.10 27.43 -58.36
C GLU F 246 97.08 28.52 -57.91
N LYS F 247 97.64 29.27 -58.87
CA LYS F 247 98.59 30.30 -58.52
C LYS F 247 97.94 31.41 -57.69
N GLY F 248 96.71 31.75 -58.03
CA GLY F 248 95.94 32.66 -57.20
C GLY F 248 96.33 34.11 -57.36
N THR F 249 95.32 34.97 -57.55
CA THR F 249 95.52 36.41 -57.69
C THR F 249 96.55 36.75 -58.75
N ALA F 250 97.06 37.96 -58.69
CA ALA F 250 98.13 38.44 -59.56
C ALA F 250 98.63 39.73 -58.96
N LEU F 251 99.51 40.42 -59.68
CA LEU F 251 99.78 41.81 -59.35
C LEU F 251 99.11 42.76 -60.32
N ASN F 252 98.84 42.29 -61.54
CA ASN F 252 98.22 43.14 -62.54
C ASN F 252 96.88 43.67 -62.06
N THR F 253 96.13 42.86 -61.31
CA THR F 253 94.82 43.25 -60.84
C THR F 253 94.79 43.55 -59.36
N LYS F 254 95.94 43.81 -58.76
CA LYS F 254 95.97 44.15 -57.34
C LYS F 254 96.93 45.26 -56.98
N ALA F 255 97.75 45.76 -57.91
CA ALA F 255 98.73 46.77 -57.56
C ALA F 255 98.03 48.02 -57.03
N PRO F 256 98.62 48.68 -56.04
CA PRO F 256 98.01 49.88 -55.48
C PRO F 256 98.24 51.09 -56.38
N PHE F 257 97.57 52.17 -56.03
CA PHE F 257 97.69 53.46 -56.71
C PHE F 257 97.34 53.38 -58.19
N GLY F 258 96.67 52.31 -58.60
CA GLY F 258 96.09 52.24 -59.92
C GLY F 258 97.07 52.38 -61.05
N CYS F 259 98.17 51.64 -61.00
CA CYS F 259 99.19 51.71 -62.03
C CYS F 259 99.39 50.36 -62.71
N GLN F 260 99.54 50.39 -64.03
CA GLN F 260 99.39 49.20 -64.83
C GLN F 260 100.73 48.51 -65.02
N ILE F 261 100.74 47.19 -64.90
CA ILE F 261 102.00 46.45 -64.94
C ILE F 261 102.16 45.77 -66.28
N LYS F 262 103.30 45.98 -66.90
CA LYS F 262 103.60 45.33 -68.18
C LYS F 262 104.97 44.69 -68.11
N THR F 263 105.23 43.78 -69.03
CA THR F 263 106.45 42.99 -69.00
C THR F 263 107.28 43.24 -70.25
N ASN F 264 108.50 42.69 -70.22
CA ASN F 264 109.46 42.73 -71.33
C ASN F 264 109.79 44.16 -71.74
N PRO F 265 110.52 44.93 -70.92
CA PRO F 265 110.96 44.59 -69.57
C PRO F 265 109.86 44.80 -68.56
N VAL F 266 110.01 44.26 -67.36
CA VAL F 266 108.98 44.42 -66.34
C VAL F 266 108.98 45.86 -65.85
N ARG F 267 107.80 46.47 -65.81
CA ARG F 267 107.67 47.85 -65.38
C ARG F 267 106.25 48.09 -64.91
N ALA F 268 106.09 49.15 -64.12
CA ALA F 268 104.79 49.65 -63.67
C ALA F 268 104.63 51.07 -64.18
N MET F 269 103.59 51.30 -64.97
CA MET F 269 103.43 52.55 -65.69
C MET F 269 102.26 53.36 -65.16
N ASN F 270 102.45 54.68 -65.21
CA ASN F 270 101.43 55.67 -64.89
C ASN F 270 100.88 55.47 -63.49
N CYS F 271 101.74 55.74 -62.51
CA CYS F 271 101.50 55.28 -61.14
C CYS F 271 101.61 56.51 -60.24
N ALA F 272 100.47 57.03 -59.81
CA ALA F 272 100.38 58.37 -59.22
C ALA F 272 100.82 58.33 -57.77
N VAL F 273 101.99 58.91 -57.49
CA VAL F 273 102.43 59.13 -56.11
C VAL F 273 103.63 60.08 -56.14
N GLY F 274 103.69 60.96 -55.15
CA GLY F 274 104.89 61.77 -54.93
C GLY F 274 104.89 63.09 -55.67
N ASN F 275 105.97 63.84 -55.45
CA ASN F 275 106.15 65.16 -56.03
C ASN F 275 107.51 65.21 -56.71
N ILE F 276 107.55 65.75 -57.92
CA ILE F 276 108.82 65.89 -58.64
C ILE F 276 109.32 67.31 -58.46
N PRO F 277 110.46 67.52 -57.82
CA PRO F 277 111.13 68.82 -57.91
C PRO F 277 111.63 69.06 -59.33
N VAL F 278 111.64 70.32 -59.72
CA VAL F 278 112.07 70.75 -61.04
C VAL F 278 113.04 71.91 -60.88
N SER F 279 114.23 71.78 -61.48
CA SER F 279 115.21 72.85 -61.52
C SER F 279 115.41 73.29 -62.96
N MET F 280 115.30 74.59 -63.19
CA MET F 280 115.28 75.15 -64.53
C MET F 280 116.33 76.25 -64.65
N ASN F 281 117.04 76.22 -65.77
CA ASN F 281 117.99 77.28 -66.15
C ASN F 281 117.50 77.87 -67.46
N LEU F 282 117.13 79.14 -67.42
CA LEU F 282 116.49 79.84 -68.53
C LEU F 282 117.41 80.89 -69.12
N PRO F 283 117.33 81.11 -70.43
CA PRO F 283 118.07 82.22 -71.05
C PRO F 283 117.30 83.52 -70.94
N ASP F 284 117.95 84.61 -71.34
CA ASP F 284 117.32 85.92 -71.30
C ASP F 284 116.29 86.10 -72.40
N SER F 285 116.43 85.38 -73.52
CA SER F 285 115.51 85.55 -74.64
C SER F 285 114.10 85.07 -74.32
N ALA F 286 113.94 84.20 -73.32
CA ALA F 286 112.61 83.72 -72.96
C ALA F 286 111.74 84.84 -72.40
N PHE F 287 112.31 85.71 -71.57
CA PHE F 287 111.57 86.81 -70.99
C PHE F 287 111.34 87.93 -72.00
N THR F 288 110.47 88.87 -71.61
CA THR F 288 110.23 90.09 -72.36
C THR F 288 110.44 91.28 -71.42
N ARG F 289 111.02 92.35 -71.93
CA ARG F 289 111.29 93.51 -71.10
C ARG F 289 109.98 94.17 -70.67
N ILE F 290 110.05 94.87 -69.53
CA ILE F 290 108.85 95.46 -68.93
C ILE F 290 108.28 96.55 -69.82
N VAL F 291 109.14 97.27 -70.56
CA VAL F 291 108.67 98.42 -71.33
C VAL F 291 107.70 97.99 -72.41
N GLU F 292 107.94 96.84 -73.04
CA GLU F 292 107.04 96.37 -74.09
C GLU F 292 105.74 95.81 -73.53
N ALA F 293 105.72 95.37 -72.29
CA ALA F 293 104.51 94.79 -71.71
C ALA F 293 103.48 95.88 -71.44
N PRO F 294 102.20 95.62 -71.66
CA PRO F 294 101.17 96.61 -71.35
C PRO F 294 101.05 96.85 -69.86
N THR F 295 100.65 98.07 -69.51
CA THR F 295 100.47 98.46 -68.11
C THR F 295 98.99 98.35 -67.74
N ILE F 296 98.70 97.69 -66.63
CA ILE F 296 97.35 97.45 -66.17
C ILE F 296 97.15 98.11 -64.81
N ILE F 297 96.07 98.87 -64.67
CA ILE F 297 95.78 99.62 -63.46
C ILE F 297 94.29 99.50 -63.14
N ASP F 298 93.97 99.41 -61.85
CA ASP F 298 92.59 99.33 -61.36
C ASP F 298 91.89 98.10 -61.95
N LEU F 299 92.43 96.94 -61.59
CA LEU F 299 91.96 95.67 -62.11
C LEU F 299 90.95 95.06 -61.15
N THR F 300 89.80 94.66 -61.68
CA THR F 300 88.73 94.07 -60.89
C THR F 300 88.30 92.74 -61.50
N CYS F 301 87.81 91.84 -60.65
CA CYS F 301 87.36 90.53 -61.10
C CYS F 301 85.99 90.24 -60.52
N THR F 302 85.16 89.52 -61.27
CA THR F 302 83.90 89.01 -60.76
C THR F 302 83.73 87.57 -61.23
N VAL F 303 82.90 86.83 -60.50
CA VAL F 303 82.66 85.42 -60.78
C VAL F 303 81.23 85.28 -61.28
N ALA F 304 81.07 84.79 -62.50
CA ALA F 304 79.73 84.70 -63.06
C ALA F 304 78.96 83.54 -62.46
N THR F 305 79.48 82.32 -62.60
CA THR F 305 78.82 81.14 -62.07
C THR F 305 79.84 80.20 -61.44
N CYS F 306 79.33 79.26 -60.66
CA CYS F 306 80.14 78.18 -60.10
C CYS F 306 79.41 76.86 -60.20
N THR F 307 80.21 75.80 -60.30
CA THR F 307 79.80 74.48 -59.82
C THR F 307 81.08 73.69 -59.64
N HIS F 308 81.41 73.34 -58.40
CA HIS F 308 82.67 72.65 -58.13
C HIS F 308 82.54 71.23 -58.64
N SER F 309 82.88 71.05 -59.91
CA SER F 309 82.87 69.75 -60.55
C SER F 309 84.29 69.35 -60.92
N SER F 310 84.46 68.11 -61.33
CA SER F 310 85.78 67.63 -61.71
C SER F 310 86.33 68.43 -62.88
N ASP F 311 85.50 68.70 -63.87
CA ASP F 311 85.95 69.49 -65.01
C ASP F 311 86.03 70.97 -64.62
N PHE F 312 86.26 71.80 -65.63
CA PHE F 312 86.40 73.23 -65.40
C PHE F 312 85.04 73.89 -65.17
N GLY F 313 84.67 74.06 -63.90
CA GLY F 313 83.33 74.47 -63.56
C GLY F 313 83.16 75.86 -62.99
N GLY F 314 83.88 76.84 -63.52
CA GLY F 314 83.63 78.21 -63.14
C GLY F 314 84.13 79.21 -64.18
N VAL F 315 83.40 80.29 -64.39
CA VAL F 315 83.77 81.32 -65.35
C VAL F 315 83.93 82.65 -64.60
N LEU F 316 85.06 83.31 -64.86
CA LEU F 316 85.50 84.45 -64.07
C LEU F 316 85.97 85.54 -65.01
N THR F 317 85.42 86.75 -64.87
CA THR F 317 85.67 87.82 -65.83
C THR F 317 86.42 88.96 -65.18
N LEU F 318 87.28 89.60 -65.96
CA LEU F 318 88.17 90.67 -65.49
C LEU F 318 87.88 91.95 -66.24
N THR F 319 87.80 93.05 -65.50
CA THR F 319 87.75 94.40 -66.05
C THR F 319 89.04 95.12 -65.71
N TYR F 320 89.62 95.79 -66.70
CA TYR F 320 90.95 96.38 -66.53
C TYR F 320 91.07 97.61 -67.42
N LYS F 321 92.11 98.40 -67.15
CA LYS F 321 92.44 99.57 -67.95
C LYS F 321 93.85 99.43 -68.48
N THR F 322 94.01 99.57 -69.80
CA THR F 322 95.30 99.37 -70.45
C THR F 322 95.56 100.48 -71.45
N ASP F 323 96.80 100.55 -71.92
CA ASP F 323 97.22 101.53 -72.92
C ASP F 323 97.37 100.94 -74.31
N LYS F 324 97.80 99.68 -74.42
CA LYS F 324 98.02 99.04 -75.70
C LYS F 324 97.52 97.59 -75.64
N ASN F 325 97.30 97.02 -76.83
CA ASN F 325 96.93 95.62 -76.94
C ASN F 325 98.18 94.77 -76.84
N GLY F 326 98.09 93.68 -76.09
CA GLY F 326 99.23 92.82 -75.89
C GLY F 326 98.85 91.50 -75.29
N ASP F 327 99.86 90.82 -74.72
CA ASP F 327 99.67 89.52 -74.09
C ASP F 327 100.09 89.61 -72.63
N CYS F 328 99.27 89.07 -71.75
CA CYS F 328 99.58 88.96 -70.33
C CYS F 328 99.64 87.49 -69.92
N SER F 329 100.50 87.20 -68.97
CA SER F 329 100.54 85.90 -68.32
C SER F 329 99.64 85.95 -67.08
N VAL F 330 98.59 85.14 -67.06
CA VAL F 330 97.62 85.15 -65.98
C VAL F 330 97.93 84.00 -65.04
N HIS F 331 97.74 84.22 -63.75
CA HIS F 331 98.01 83.20 -62.75
C HIS F 331 97.08 83.38 -61.56
N SER F 332 96.82 82.27 -60.87
CA SER F 332 96.17 82.25 -59.58
C SER F 332 97.20 81.90 -58.50
N HIS F 333 97.24 82.70 -57.44
CA HIS F 333 98.26 82.58 -56.41
C HIS F 333 97.82 81.68 -55.25
N SER F 334 96.97 80.71 -55.52
CA SER F 334 96.66 79.68 -54.53
C SER F 334 96.28 78.40 -55.28
N ASN F 335 96.39 77.28 -54.57
CA ASN F 335 96.08 75.99 -55.17
C ASN F 335 94.60 75.69 -55.16
N VAL F 336 93.81 76.48 -54.42
CA VAL F 336 92.39 76.16 -54.26
C VAL F 336 91.65 76.27 -55.58
N ALA F 337 92.15 77.09 -56.50
CA ALA F 337 91.52 77.26 -57.81
C ALA F 337 92.58 77.14 -58.90
N THR F 338 92.28 76.36 -59.93
CA THR F 338 93.20 76.14 -61.03
C THR F 338 92.64 76.78 -62.29
N LEU F 339 93.44 77.61 -62.94
CA LEU F 339 93.02 78.26 -64.17
C LEU F 339 93.07 77.27 -65.33
N GLN F 340 92.41 77.64 -66.43
CA GLN F 340 92.42 76.81 -67.63
C GLN F 340 93.47 77.23 -68.63
N GLU F 341 93.69 78.52 -68.79
CA GLU F 341 94.69 79.03 -69.72
C GLU F 341 95.75 79.81 -68.97
N ALA F 342 96.95 79.84 -69.55
CA ALA F 342 98.07 80.52 -68.92
C ALA F 342 98.32 81.91 -69.46
N THR F 343 97.97 82.16 -70.72
CA THR F 343 98.18 83.46 -71.34
C THR F 343 96.85 84.00 -71.84
N ALA F 344 96.71 85.32 -71.80
CA ALA F 344 95.52 85.98 -72.29
C ALA F 344 95.92 87.16 -73.16
N LYS F 345 95.05 87.50 -74.10
CA LYS F 345 95.24 88.68 -74.95
C LYS F 345 94.45 89.84 -74.37
N VAL F 346 95.16 90.88 -73.96
CA VAL F 346 94.55 92.09 -73.42
C VAL F 346 94.36 93.08 -74.57
N LYS F 347 93.15 93.62 -74.68
CA LYS F 347 92.82 94.61 -75.69
C LYS F 347 92.32 95.87 -75.01
N THR F 348 92.14 96.92 -75.81
CA THR F 348 91.68 98.21 -75.31
C THR F 348 90.23 98.18 -74.82
N ALA F 349 89.49 97.11 -75.11
CA ALA F 349 88.11 97.03 -74.68
C ALA F 349 88.00 97.06 -73.16
N GLY F 350 88.88 96.32 -72.47
CA GLY F 350 88.87 96.34 -71.02
C GLY F 350 88.01 95.26 -70.40
N LYS F 351 87.98 94.08 -71.03
CA LYS F 351 87.22 92.96 -70.48
C LYS F 351 87.82 91.67 -71.03
N VAL F 352 88.14 90.74 -70.13
CA VAL F 352 88.56 89.40 -70.54
C VAL F 352 87.77 88.38 -69.72
N THR F 353 87.75 87.15 -70.21
CA THR F 353 87.10 86.05 -69.51
C THR F 353 88.09 84.90 -69.34
N LEU F 354 87.91 84.17 -68.24
CA LEU F 354 88.77 83.07 -67.86
C LEU F 354 87.92 81.92 -67.36
N HIS F 355 88.47 80.72 -67.43
CA HIS F 355 87.82 79.53 -66.91
C HIS F 355 88.67 78.98 -65.78
N PHE F 356 88.03 78.54 -64.71
CA PHE F 356 88.75 77.97 -63.58
C PHE F 356 87.98 76.78 -63.02
N SER F 357 88.68 75.96 -62.25
CA SER F 357 88.07 74.83 -61.57
C SER F 357 88.49 74.82 -60.11
N THR F 358 87.54 74.50 -59.23
CA THR F 358 87.80 74.41 -57.81
C THR F 358 86.85 73.39 -57.19
N ALA F 359 87.12 73.04 -55.95
CA ALA F 359 86.31 72.08 -55.23
C ALA F 359 85.79 72.59 -53.90
N SER F 360 85.86 73.90 -53.66
CA SER F 360 85.41 74.48 -52.41
C SER F 360 84.05 75.14 -52.58
N ALA F 361 83.24 75.12 -51.52
CA ALA F 361 81.95 75.79 -51.57
C ALA F 361 82.13 77.30 -51.66
N SER F 362 83.28 77.80 -51.19
CA SER F 362 83.56 79.23 -51.20
C SER F 362 85.03 79.45 -51.49
N PRO F 363 85.41 79.62 -52.75
CA PRO F 363 86.80 79.89 -53.08
C PRO F 363 87.17 81.33 -52.76
N SER F 364 88.48 81.57 -52.70
CA SER F 364 89.00 82.92 -52.53
C SER F 364 90.45 82.88 -52.95
N PHE F 365 90.79 83.64 -53.99
CA PHE F 365 92.14 83.55 -54.53
C PHE F 365 92.56 84.87 -55.17
N VAL F 366 93.86 85.04 -55.27
CA VAL F 366 94.47 86.23 -55.84
C VAL F 366 94.78 85.94 -57.29
N VAL F 367 94.30 86.80 -58.18
CA VAL F 367 94.51 86.63 -59.62
C VAL F 367 95.42 87.76 -60.12
N SER F 368 96.41 87.40 -60.93
CA SER F 368 97.34 88.38 -61.47
C SER F 368 97.48 88.22 -62.97
N LEU F 369 97.66 89.33 -63.67
CA LEU F 369 97.96 89.32 -65.10
C LEU F 369 98.96 90.44 -65.40
N CYS F 370 99.97 90.13 -66.23
CA CYS F 370 101.13 90.99 -66.36
C CYS F 370 101.65 91.40 -64.99
N SER F 371 101.35 92.61 -64.56
CA SER F 371 101.85 93.09 -63.27
C SER F 371 100.75 93.38 -62.27
N ALA F 372 99.48 93.35 -62.68
CA ALA F 372 98.40 93.74 -61.79
C ALA F 372 98.04 92.60 -60.84
N ARG F 373 97.04 92.84 -59.99
CA ARG F 373 96.67 91.90 -58.96
C ARG F 373 95.29 92.27 -58.43
N ALA F 374 94.50 91.26 -58.11
CA ALA F 374 93.18 91.48 -57.53
C ALA F 374 92.79 90.22 -56.76
N THR F 375 91.69 90.33 -56.02
CA THR F 375 91.16 89.22 -55.23
C THR F 375 89.80 88.83 -55.76
N CYS F 376 89.52 87.53 -55.78
CA CYS F 376 88.27 87.00 -56.28
C CYS F 376 87.68 86.05 -55.24
N SER F 377 86.37 86.14 -55.04
CA SER F 377 85.66 85.22 -54.16
C SER F 377 84.23 85.08 -54.65
N ALA F 378 83.60 83.95 -54.33
CA ALA F 378 82.25 83.69 -54.77
C ALA F 378 81.65 82.55 -53.96
N SER F 379 80.41 82.21 -54.29
CA SER F 379 79.69 81.09 -53.74
C SER F 379 79.47 80.06 -54.84
N CYS F 380 79.72 78.79 -54.53
CA CYS F 380 79.58 77.73 -55.52
C CYS F 380 78.80 76.56 -54.96
N GLU F 381 77.88 75.98 -55.80
CA GLU F 381 76.87 74.97 -55.53
C GLU F 381 77.29 73.59 -56.05
N PRO F 382 76.84 72.52 -55.42
CA PRO F 382 77.31 71.20 -55.80
C PRO F 382 76.76 70.79 -57.16
N PRO F 383 77.46 69.91 -57.88
CA PRO F 383 76.94 69.37 -59.12
C PRO F 383 75.98 68.21 -58.88
N LYS F 384 75.31 67.79 -59.96
CA LYS F 384 74.29 66.77 -59.85
C LYS F 384 74.73 65.40 -60.34
N ASP F 385 75.70 65.32 -61.23
CA ASP F 385 76.15 64.02 -61.73
C ASP F 385 76.89 63.27 -60.63
N HIS F 386 76.56 61.99 -60.46
CA HIS F 386 77.19 61.21 -59.40
C HIS F 386 78.55 60.68 -59.84
N ILE F 387 78.70 60.30 -61.11
CA ILE F 387 79.90 59.66 -61.60
C ILE F 387 80.34 60.31 -62.90
N VAL F 388 81.63 60.53 -63.06
CA VAL F 388 82.17 61.07 -64.30
C VAL F 388 83.34 60.22 -64.78
N PRO F 389 83.49 60.00 -66.07
CA PRO F 389 84.56 59.13 -66.56
C PRO F 389 85.88 59.82 -66.85
N TYR F 390 86.10 61.02 -66.32
CA TYR F 390 87.38 61.70 -66.50
C TYR F 390 87.93 62.12 -65.15
N ALA F 391 89.25 62.20 -65.06
CA ALA F 391 89.92 62.55 -63.82
C ALA F 391 89.64 64.00 -63.44
N ALA F 392 89.65 64.27 -62.14
CA ALA F 392 89.43 65.62 -61.65
C ALA F 392 90.59 66.52 -62.05
N SER F 393 90.28 67.80 -62.24
CA SER F 393 91.28 68.77 -62.68
C SER F 393 91.47 69.92 -61.71
N HIS F 394 90.96 69.82 -60.49
CA HIS F 394 91.28 70.78 -59.44
C HIS F 394 92.29 70.14 -58.49
N SER F 395 92.58 70.82 -57.38
CA SER F 395 93.55 70.32 -56.43
C SER F 395 92.92 69.65 -55.22
N ASN F 396 91.60 69.47 -55.22
CA ASN F 396 90.89 68.77 -54.15
C ASN F 396 91.11 69.43 -52.80
N VAL F 397 90.92 70.75 -52.77
CA VAL F 397 90.97 71.53 -51.54
C VAL F 397 89.54 71.83 -51.13
N VAL F 398 89.18 71.43 -49.91
CA VAL F 398 87.80 71.50 -49.47
C VAL F 398 87.57 72.59 -48.42
N PHE F 399 88.60 72.99 -47.70
CA PHE F 399 88.43 73.95 -46.60
C PHE F 399 87.92 75.28 -47.14
N PRO F 400 86.81 75.79 -46.64
CA PRO F 400 86.23 77.01 -47.20
C PRO F 400 87.04 78.24 -46.80
N ASP F 401 86.74 79.34 -47.47
CA ASP F 401 87.35 80.62 -47.10
C ASP F 401 86.72 81.14 -45.81
N MET F 402 87.49 81.97 -45.10
CA MET F 402 86.98 82.56 -43.86
C MET F 402 85.81 83.50 -44.11
N SER F 403 85.65 83.98 -45.34
CA SER F 403 84.56 84.89 -45.68
C SER F 403 83.30 84.17 -46.15
N GLY F 404 83.31 82.84 -46.18
CA GLY F 404 82.15 82.11 -46.64
C GLY F 404 80.99 82.25 -45.67
N THR F 405 79.82 81.83 -46.15
CA THR F 405 78.59 82.04 -45.38
C THR F 405 78.64 81.30 -44.06
N ALA F 406 79.02 80.02 -44.08
CA ALA F 406 79.05 79.25 -42.84
C ALA F 406 80.10 79.80 -41.89
N LEU F 407 81.28 80.12 -42.41
CA LEU F 407 82.31 80.68 -41.53
C LEU F 407 81.92 82.07 -41.05
N SER F 408 81.18 82.84 -41.86
CA SER F 408 80.70 84.13 -41.38
C SER F 408 79.72 83.96 -40.24
N TRP F 409 78.82 82.98 -40.33
CA TRP F 409 77.91 82.72 -39.22
C TRP F 409 78.67 82.31 -37.96
N VAL F 410 79.65 81.43 -38.11
CA VAL F 410 80.44 81.00 -36.96
C VAL F 410 81.15 82.19 -36.34
N GLN F 411 81.74 83.05 -37.18
CA GLN F 411 82.45 84.23 -36.68
C GLN F 411 81.50 85.17 -35.97
N LYS F 412 80.28 85.33 -36.49
CA LYS F 412 79.31 86.21 -35.83
C LYS F 412 78.97 85.69 -34.45
N ILE F 413 78.70 84.38 -34.33
CA ILE F 413 78.34 83.84 -33.02
C ILE F 413 79.52 83.96 -32.04
N SER F 414 80.73 83.66 -32.51
CA SER F 414 81.89 83.77 -31.64
C SER F 414 82.08 85.20 -31.18
N GLY F 415 81.89 86.17 -32.08
CA GLY F 415 82.01 87.56 -31.69
C GLY F 415 80.98 87.97 -30.66
N GLY F 416 79.75 87.52 -30.83
CA GLY F 416 78.72 87.85 -29.85
C GLY F 416 79.05 87.31 -28.47
N LEU F 417 79.42 86.03 -28.40
CA LEU F 417 79.76 85.45 -27.10
C LEU F 417 81.02 86.10 -26.52
N GLY F 418 81.99 86.45 -27.37
CA GLY F 418 83.18 87.11 -26.87
C GLY F 418 82.91 88.48 -26.30
N ALA F 419 82.05 89.26 -26.95
CA ALA F 419 81.66 90.55 -26.40
C ALA F 419 80.91 90.38 -25.09
N PHE F 420 80.03 89.37 -25.02
CA PHE F 420 79.33 89.10 -23.77
C PHE F 420 80.31 88.79 -22.64
N ALA F 421 81.29 87.93 -22.91
CA ALA F 421 82.27 87.58 -21.89
C ALA F 421 83.14 88.77 -21.52
N ILE F 422 83.48 89.62 -22.49
CA ILE F 422 84.29 90.79 -22.20
C ILE F 422 83.54 91.75 -21.29
N GLY F 423 82.26 92.00 -21.58
CA GLY F 423 81.47 92.82 -20.69
C GLY F 423 81.37 92.23 -19.30
N ALA F 424 81.20 90.91 -19.22
CA ALA F 424 81.18 90.24 -17.93
C ALA F 424 82.48 90.47 -17.15
N ILE F 425 83.62 90.28 -17.82
CA ILE F 425 84.91 90.47 -17.18
C ILE F 425 85.07 91.91 -16.72
N LEU F 426 84.62 92.86 -17.53
CA LEU F 426 84.73 94.26 -17.13
C LEU F 426 83.91 94.54 -15.88
N VAL F 427 82.69 94.00 -15.80
CA VAL F 427 81.87 94.22 -14.62
C VAL F 427 82.55 93.65 -13.39
N LEU F 428 83.06 92.43 -13.50
CA LEU F 428 83.71 91.83 -12.34
C LEU F 428 84.95 92.63 -11.94
N VAL F 429 85.72 93.10 -12.92
CA VAL F 429 86.93 93.86 -12.61
C VAL F 429 86.57 95.14 -11.88
N VAL F 430 85.54 95.85 -12.35
CA VAL F 430 85.14 97.10 -11.70
C VAL F 430 84.71 96.83 -10.27
N VAL F 431 83.89 95.80 -10.06
CA VAL F 431 83.39 95.52 -8.71
C VAL F 431 84.54 95.15 -7.78
N THR F 432 85.47 94.30 -8.24
CA THR F 432 86.60 93.93 -7.40
C THR F 432 87.47 95.14 -7.08
N CYS F 433 87.67 96.03 -8.06
CA CYS F 433 88.46 97.23 -7.80
C CYS F 433 87.80 98.12 -6.75
N ILE F 434 86.47 98.28 -6.84
CA ILE F 434 85.76 99.07 -5.84
C ILE F 434 85.86 98.42 -4.47
N GLY F 435 85.72 97.09 -4.42
CA GLY F 435 85.83 96.40 -3.13
C GLY F 435 87.21 96.54 -2.51
N LEU F 436 88.26 96.42 -3.33
CA LEU F 436 89.61 96.60 -2.82
C LEU F 436 89.84 98.03 -2.33
N ARG F 437 89.36 99.02 -3.09
CA ARG F 437 89.50 100.40 -2.65
C ARG F 437 88.67 100.71 -1.42
N ARG F 438 87.60 99.96 -1.17
CA ARG F 438 86.84 100.13 0.07
C ARG F 438 87.68 99.70 1.26
N TYR G 1 68.49 66.69 -66.57
CA TYR G 1 68.23 67.47 -65.37
C TYR G 1 66.81 67.20 -64.92
N GLU G 2 66.61 67.14 -63.60
CA GLU G 2 65.34 66.74 -63.04
C GLU G 2 64.54 67.97 -62.63
N HIS G 3 63.21 67.84 -62.66
CA HIS G 3 62.36 68.93 -62.21
C HIS G 3 60.96 68.40 -61.98
N SER G 4 60.17 69.18 -61.23
CA SER G 4 58.79 68.82 -60.94
C SER G 4 58.02 70.07 -60.63
N THR G 5 56.75 70.11 -61.03
CA THR G 5 55.90 71.26 -60.74
C THR G 5 54.45 70.83 -60.81
N VAL G 6 53.54 71.80 -60.71
CA VAL G 6 52.12 71.53 -60.61
C VAL G 6 51.37 72.58 -61.43
N MET G 7 50.26 72.18 -62.06
CA MET G 7 49.51 73.09 -62.91
C MET G 7 48.01 72.94 -62.68
N PRO G 8 47.22 73.97 -62.98
CA PRO G 8 45.76 73.85 -62.84
C PRO G 8 45.18 72.95 -63.91
N ASN G 9 44.01 72.38 -63.62
CA ASN G 9 43.29 71.58 -64.61
C ASN G 9 42.18 72.39 -65.26
N VAL G 10 42.57 73.47 -65.92
CA VAL G 10 41.62 74.36 -66.58
C VAL G 10 41.98 74.43 -68.06
N VAL G 11 41.02 74.09 -68.92
CA VAL G 11 41.27 74.03 -70.35
C VAL G 11 41.55 75.42 -70.88
N GLY G 12 42.67 75.58 -71.58
CA GLY G 12 43.04 76.84 -72.17
C GLY G 12 43.83 77.77 -71.27
N PHE G 13 44.08 77.39 -70.03
CA PHE G 13 44.85 78.24 -69.14
C PHE G 13 46.33 78.16 -69.49
N PRO G 14 46.97 79.26 -69.83
CA PRO G 14 48.35 79.22 -70.39
C PRO G 14 49.42 79.09 -69.31
N TYR G 15 49.67 77.86 -68.84
CA TYR G 15 50.59 77.73 -67.73
C TYR G 15 52.01 77.96 -68.20
N LYS G 16 52.83 78.57 -67.35
CA LYS G 16 54.25 78.76 -67.64
C LYS G 16 55.07 78.18 -66.50
N ALA G 17 56.16 77.50 -66.85
CA ALA G 17 57.07 76.92 -65.89
C ALA G 17 58.46 77.51 -66.07
N HIS G 18 59.15 77.73 -64.96
CA HIS G 18 60.43 78.42 -64.93
C HIS G 18 61.49 77.46 -64.41
N ILE G 19 62.58 77.31 -65.17
CA ILE G 19 63.63 76.36 -64.85
C ILE G 19 64.92 77.14 -64.70
N GLU G 20 65.63 76.93 -63.59
CA GLU G 20 66.82 77.70 -63.25
C GLU G 20 67.97 76.77 -62.89
N ARG G 21 68.74 76.37 -63.89
CA ARG G 21 69.93 75.57 -63.65
C ARG G 21 71.11 76.47 -63.27
N PRO G 22 71.89 76.09 -62.26
CA PRO G 22 72.98 76.97 -61.80
C PRO G 22 73.97 77.35 -62.88
N GLY G 23 74.30 76.45 -63.81
CA GLY G 23 75.30 76.77 -64.78
C GLY G 23 74.78 77.34 -66.09
N TYR G 24 73.47 77.34 -66.27
CA TYR G 24 72.89 77.70 -67.54
C TYR G 24 71.86 78.82 -67.37
N SER G 25 71.62 79.55 -68.45
CA SER G 25 70.62 80.60 -68.42
C SER G 25 69.23 80.01 -68.17
N PRO G 26 68.36 80.72 -67.47
CA PRO G 26 67.05 80.16 -67.14
C PRO G 26 66.22 79.91 -68.40
N LEU G 27 65.30 78.96 -68.29
CA LEU G 27 64.44 78.56 -69.39
C LEU G 27 62.99 78.64 -68.95
N THR G 28 62.09 78.83 -69.91
CA THR G 28 60.66 78.91 -69.63
C THR G 28 59.90 78.00 -70.57
N LEU G 29 59.16 77.06 -70.00
CA LEU G 29 58.27 76.18 -70.73
C LEU G 29 56.87 76.77 -70.72
N GLN G 30 56.16 76.62 -71.84
CA GLN G 30 54.74 76.96 -71.87
C GLN G 30 53.98 75.66 -72.06
N MET G 31 53.00 75.43 -71.19
CA MET G 31 52.20 74.23 -71.26
C MET G 31 50.74 74.63 -71.29
N GLN G 32 49.93 73.78 -71.90
CA GLN G 32 48.49 74.04 -71.98
C GLN G 32 47.79 72.71 -72.13
N VAL G 33 46.55 72.62 -71.68
CA VAL G 33 45.75 71.41 -71.87
C VAL G 33 44.69 71.74 -72.92
N VAL G 34 44.66 70.97 -74.00
CA VAL G 34 43.70 71.27 -75.05
C VAL G 34 42.39 70.54 -74.82
N GLU G 35 42.47 69.30 -74.34
CA GLU G 35 41.28 68.48 -74.20
C GLU G 35 41.50 67.49 -73.08
N THR G 36 40.41 67.09 -72.42
CA THR G 36 40.45 66.16 -71.32
C THR G 36 39.32 65.16 -71.46
N SER G 37 39.47 63.98 -70.88
CA SER G 37 38.45 62.96 -70.92
C SER G 37 38.56 62.14 -69.65
N LEU G 38 37.46 61.56 -69.21
CA LEU G 38 37.41 60.85 -67.94
C LEU G 38 36.59 59.58 -68.12
N GLU G 39 37.27 58.44 -68.29
CA GLU G 39 36.65 57.19 -68.69
C GLU G 39 36.31 56.39 -67.44
N PRO G 40 35.06 56.09 -67.15
CA PRO G 40 34.76 55.09 -66.12
C PRO G 40 34.75 53.71 -66.73
N THR G 41 34.91 52.69 -65.88
CA THR G 41 34.87 51.29 -66.30
C THR G 41 33.49 50.72 -66.04
N LEU G 42 32.91 50.10 -67.05
CA LEU G 42 31.52 49.67 -67.02
C LEU G 42 31.43 48.16 -67.09
N ASN G 43 30.62 47.57 -66.22
CA ASN G 43 30.27 46.16 -66.32
C ASN G 43 28.75 46.03 -66.45
N LEU G 44 28.30 45.76 -67.66
CA LEU G 44 26.88 45.83 -67.99
C LEU G 44 26.06 44.89 -67.11
N GLU G 45 24.91 45.38 -66.66
CA GLU G 45 24.00 44.60 -65.84
C GLU G 45 22.88 43.95 -66.64
N TYR G 46 22.14 44.71 -67.43
CA TYR G 46 21.23 44.12 -68.40
C TYR G 46 20.77 45.18 -69.40
N ILE G 47 19.81 44.80 -70.23
CA ILE G 47 19.33 45.61 -71.34
C ILE G 47 17.82 45.56 -71.34
N THR G 48 17.18 46.62 -71.81
CA THR G 48 15.73 46.66 -71.92
C THR G 48 15.28 47.24 -73.24
N CYS G 49 14.18 46.72 -73.76
CA CYS G 49 13.54 47.22 -74.96
C CYS G 49 12.05 46.91 -74.88
N GLU G 50 11.27 47.58 -75.72
CA GLU G 50 9.83 47.39 -75.71
C GLU G 50 9.48 45.95 -76.04
N TYR G 51 8.49 45.39 -75.35
CA TYR G 51 8.13 44.01 -75.61
C TYR G 51 7.24 43.91 -76.84
N LYS G 52 6.90 42.69 -77.20
CA LYS G 52 5.90 42.42 -78.22
C LYS G 52 5.13 41.18 -77.80
N THR G 53 3.82 41.18 -78.01
CA THR G 53 2.98 40.06 -77.61
C THR G 53 2.60 39.23 -78.81
N VAL G 54 2.83 37.92 -78.74
CA VAL G 54 2.41 36.98 -79.78
C VAL G 54 1.17 36.26 -79.27
N VAL G 55 0.18 36.13 -80.14
CA VAL G 55 -1.06 35.46 -79.82
C VAL G 55 -1.35 34.41 -80.89
N PRO G 56 -1.00 33.15 -80.64
CA PRO G 56 -1.31 32.10 -81.61
C PRO G 56 -2.81 31.93 -81.75
N SER G 57 -3.22 31.51 -82.95
CA SER G 57 -4.63 31.43 -83.26
C SER G 57 -5.32 30.41 -82.36
N PRO G 58 -6.58 30.65 -82.01
CA PRO G 58 -7.25 29.77 -81.06
C PRO G 58 -7.49 28.38 -81.63
N TYR G 59 -7.50 27.40 -80.75
CA TYR G 59 -7.79 26.02 -81.12
C TYR G 59 -9.18 25.71 -80.60
N VAL G 60 -10.12 25.51 -81.52
CA VAL G 60 -11.50 25.18 -81.17
C VAL G 60 -11.70 23.70 -81.47
N LYS G 61 -11.91 22.91 -80.43
CA LYS G 61 -12.19 21.49 -80.60
C LYS G 61 -13.70 21.30 -80.50
N CYS G 62 -14.29 20.75 -81.55
CA CYS G 62 -15.72 20.49 -81.57
C CYS G 62 -15.99 19.09 -81.06
N CYS G 63 -16.98 18.95 -80.20
CA CYS G 63 -17.42 17.65 -79.68
C CYS G 63 -16.27 16.94 -78.98
N GLY G 64 -15.79 17.55 -77.90
CA GLY G 64 -14.71 16.96 -77.14
C GLY G 64 -14.20 17.93 -76.09
N ALA G 65 -13.02 17.62 -75.58
CA ALA G 65 -12.34 18.47 -74.61
C ALA G 65 -10.85 18.52 -74.93
N SER G 66 -10.19 19.59 -74.49
CA SER G 66 -8.77 19.78 -74.71
C SER G 66 -8.08 20.05 -73.38
N GLU G 67 -6.80 19.71 -73.31
CA GLU G 67 -6.03 19.85 -72.08
C GLU G 67 -4.89 20.83 -72.29
N CYS G 68 -4.73 21.75 -71.34
CA CYS G 68 -3.61 22.69 -71.38
C CYS G 68 -2.30 21.98 -71.07
N SER G 69 -1.23 22.45 -71.71
CA SER G 69 0.10 21.87 -71.53
C SER G 69 1.08 22.97 -71.17
N THR G 70 1.79 22.79 -70.07
CA THR G 70 2.74 23.80 -69.63
C THR G 70 3.93 23.87 -70.58
N LYS G 71 4.37 25.10 -70.87
CA LYS G 71 5.52 25.33 -71.72
C LYS G 71 6.50 26.22 -70.97
N GLU G 72 7.76 26.17 -71.40
CA GLU G 72 8.80 27.02 -70.82
C GLU G 72 9.04 28.17 -71.79
N LYS G 73 8.16 29.16 -71.73
CA LYS G 73 8.35 30.39 -72.47
C LYS G 73 8.13 31.56 -71.53
N PRO G 74 8.75 32.71 -71.79
CA PRO G 74 8.67 33.83 -70.85
C PRO G 74 7.25 34.34 -70.71
N ASP G 75 6.73 34.25 -69.48
CA ASP G 75 5.41 34.76 -69.12
C ASP G 75 4.32 34.14 -70.00
N TYR G 76 4.16 32.84 -69.83
CA TYR G 76 3.22 32.04 -70.62
C TYR G 76 1.89 31.96 -69.90
N GLN G 77 0.79 32.06 -70.65
CA GLN G 77 -0.54 31.94 -70.08
C GLN G 77 -1.43 31.14 -71.01
N CYS G 78 -1.94 30.02 -70.52
CA CYS G 78 -2.77 29.11 -71.31
C CYS G 78 -4.00 28.73 -70.52
N LYS G 79 -5.17 28.83 -71.15
CA LYS G 79 -6.41 28.51 -70.48
C LYS G 79 -7.35 27.80 -71.44
N VAL G 80 -8.32 27.10 -70.87
CA VAL G 80 -9.30 26.32 -71.62
C VAL G 80 -10.70 26.74 -71.18
N TYR G 81 -11.56 26.99 -72.15
CA TYR G 81 -12.92 27.41 -71.88
C TYR G 81 -13.91 26.43 -72.48
N THR G 82 -14.99 26.18 -71.76
CA THR G 82 -16.00 25.21 -72.16
C THR G 82 -17.35 25.86 -72.33
N GLY G 83 -18.11 25.36 -73.31
CA GLY G 83 -19.43 25.91 -73.59
C GLY G 83 -19.47 26.88 -74.74
N VAL G 84 -18.39 27.02 -75.47
CA VAL G 84 -18.32 28.02 -76.53
C VAL G 84 -19.01 27.51 -77.79
N TYR G 85 -19.66 28.41 -78.51
CA TYR G 85 -20.35 28.09 -79.75
C TYR G 85 -19.91 29.07 -80.83
N PRO G 86 -18.71 28.87 -81.38
CA PRO G 86 -18.14 29.85 -82.31
C PRO G 86 -19.03 30.08 -83.52
N PHE G 87 -18.69 31.12 -84.26
CA PHE G 87 -19.39 31.45 -85.49
C PHE G 87 -18.35 31.84 -86.54
N MET G 88 -18.67 31.55 -87.78
CA MET G 88 -17.83 32.02 -88.88
C MET G 88 -18.70 32.75 -89.89
N TRP G 89 -18.09 33.27 -90.95
CA TRP G 89 -18.81 34.15 -91.86
C TRP G 89 -19.98 33.44 -92.53
N GLY G 90 -19.80 32.20 -92.96
CA GLY G 90 -20.85 31.54 -93.70
C GLY G 90 -21.82 30.78 -92.82
N GLY G 91 -21.39 30.41 -91.63
CA GLY G 91 -22.22 29.61 -90.75
C GLY G 91 -21.48 29.34 -89.47
N ALA G 92 -22.09 28.53 -88.62
CA ALA G 92 -21.57 28.26 -87.28
C ALA G 92 -21.08 26.83 -87.24
N TYR G 93 -19.79 26.63 -87.02
CA TYR G 93 -19.30 25.27 -86.95
C TYR G 93 -19.13 24.85 -85.49
N CYS G 94 -18.58 23.67 -85.29
CA CYS G 94 -18.81 22.88 -84.07
C CYS G 94 -20.31 22.55 -83.94
N PHE G 95 -20.75 21.71 -84.86
CA PHE G 95 -22.11 21.17 -84.91
C PHE G 95 -22.69 20.80 -83.54
N CYS G 96 -21.91 20.15 -82.69
CA CYS G 96 -22.40 19.82 -81.36
C CYS G 96 -22.82 21.10 -80.64
N ASP G 97 -23.95 21.05 -79.95
CA ASP G 97 -24.54 22.28 -79.42
C ASP G 97 -23.68 22.90 -78.33
N SER G 98 -23.25 22.11 -77.35
CA SER G 98 -22.54 22.68 -76.21
C SER G 98 -21.37 21.87 -75.71
N GLU G 99 -20.99 20.78 -76.37
CA GLU G 99 -19.79 20.04 -75.96
C GLU G 99 -18.56 20.51 -76.74
N ASN G 100 -18.31 21.79 -76.75
CA ASN G 100 -17.19 22.36 -77.48
C ASN G 100 -16.17 22.95 -76.52
N THR G 101 -14.98 23.23 -77.03
CA THR G 101 -13.91 23.67 -76.17
C THR G 101 -12.99 24.62 -76.94
N GLN G 102 -12.50 25.65 -76.26
CA GLN G 102 -11.52 26.56 -76.84
C GLN G 102 -10.29 26.58 -75.98
N LEU G 103 -9.12 26.64 -76.62
CA LEU G 103 -7.85 26.74 -75.93
C LEU G 103 -7.18 28.04 -76.30
N SER G 104 -7.08 28.96 -75.35
CA SER G 104 -6.44 30.25 -75.57
C SER G 104 -5.01 30.22 -75.02
N GLU G 105 -4.09 30.81 -75.78
CA GLU G 105 -2.68 30.74 -75.45
C GLU G 105 -2.02 32.07 -75.77
N ALA G 106 -1.13 32.53 -74.89
CA ALA G 106 -0.39 33.74 -75.18
C ALA G 106 0.93 33.74 -74.43
N TYR G 107 1.91 34.42 -74.99
CA TYR G 107 3.20 34.60 -74.33
C TYR G 107 3.90 35.79 -74.96
N VAL G 108 4.91 36.29 -74.25
CA VAL G 108 5.58 37.53 -74.61
C VAL G 108 7.04 37.24 -74.94
N ASP G 109 7.62 38.08 -75.78
CA ASP G 109 9.03 37.95 -76.10
C ASP G 109 9.62 39.29 -76.50
N ARG G 110 10.94 39.30 -76.67
CA ARG G 110 11.66 40.50 -77.10
C ARG G 110 11.13 40.98 -78.44
N SER G 111 11.07 42.30 -78.61
CA SER G 111 10.59 42.83 -79.88
C SER G 111 11.64 42.60 -80.96
N ASP G 112 11.23 42.87 -82.20
CA ASP G 112 12.13 42.57 -83.32
C ASP G 112 13.23 43.61 -83.45
N VAL G 113 12.95 44.87 -83.11
CA VAL G 113 13.88 45.95 -83.32
C VAL G 113 14.70 46.24 -82.06
N CYS G 114 14.76 45.28 -81.14
CA CYS G 114 15.51 45.47 -79.91
C CYS G 114 16.99 45.66 -80.17
N ARG G 115 17.56 44.99 -81.18
CA ARG G 115 18.97 45.16 -81.48
C ARG G 115 19.29 46.57 -81.95
N HIS G 116 18.28 47.36 -82.32
CA HIS G 116 18.49 48.72 -82.81
C HIS G 116 18.04 49.78 -81.83
N ASP G 117 17.09 49.47 -80.94
CA ASP G 117 16.52 50.46 -80.03
C ASP G 117 16.40 49.85 -78.64
N HIS G 118 17.29 50.23 -77.73
CA HIS G 118 17.32 49.66 -76.40
C HIS G 118 18.06 50.58 -75.45
N ALA G 119 17.89 50.33 -74.16
CA ALA G 119 18.57 51.09 -73.12
C ALA G 119 19.30 50.11 -72.21
N SER G 120 20.53 50.44 -71.83
CA SER G 120 21.35 49.49 -71.08
C SER G 120 21.61 50.03 -69.68
N ALA G 121 21.84 49.13 -68.73
CA ALA G 121 22.04 49.53 -67.34
C ALA G 121 23.41 49.06 -66.86
N TYR G 122 24.23 49.99 -66.43
CA TYR G 122 25.60 49.72 -66.02
C TYR G 122 25.80 50.02 -64.54
N LYS G 123 26.91 49.51 -64.01
CA LYS G 123 27.49 49.97 -62.75
C LYS G 123 28.84 50.57 -63.08
N ALA G 124 29.09 51.79 -62.65
CA ALA G 124 30.29 52.52 -63.02
C ALA G 124 31.15 52.76 -61.79
N HIS G 125 32.47 52.65 -61.95
CA HIS G 125 33.41 52.92 -60.88
C HIS G 125 34.81 53.10 -61.44
N THR G 126 35.68 53.65 -60.61
CA THR G 126 37.13 53.66 -60.85
C THR G 126 37.47 54.36 -62.18
N ALA G 127 37.17 55.65 -62.19
CA ALA G 127 37.45 56.45 -63.37
C ALA G 127 38.94 56.60 -63.59
N SER G 128 39.32 56.68 -64.85
CA SER G 128 40.70 56.95 -65.25
C SER G 128 40.69 58.12 -66.21
N LEU G 129 41.54 59.10 -65.95
CA LEU G 129 41.51 60.32 -66.74
C LEU G 129 42.55 60.23 -67.84
N LYS G 130 42.30 60.94 -68.93
CA LYS G 130 43.32 61.10 -69.96
C LYS G 130 43.17 62.49 -70.54
N ALA G 131 44.18 62.95 -71.26
CA ALA G 131 44.20 64.33 -71.72
C ALA G 131 45.07 64.44 -72.95
N LYS G 132 45.06 65.62 -73.56
CA LYS G 132 46.08 65.93 -74.57
C LYS G 132 46.63 67.32 -74.26
N VAL G 133 47.95 67.41 -74.24
CA VAL G 133 48.66 68.56 -73.72
C VAL G 133 49.54 69.14 -74.81
N ARG G 134 49.57 70.46 -74.88
CA ARG G 134 50.39 71.18 -75.84
C ARG G 134 51.59 71.74 -75.09
N VAL G 135 52.79 71.42 -75.58
CA VAL G 135 54.05 71.75 -74.92
C VAL G 135 54.90 72.54 -75.89
N MET G 136 55.41 73.69 -75.44
CA MET G 136 56.25 74.47 -76.33
C MET G 136 57.32 75.23 -75.56
N TYR G 137 58.52 75.24 -76.14
CA TYR G 137 59.71 75.89 -75.59
C TYR G 137 60.78 75.90 -76.66
N GLY G 138 61.59 76.96 -76.65
CA GLY G 138 62.63 77.10 -77.65
C GLY G 138 62.08 76.98 -79.06
N ASN G 139 62.51 75.95 -79.78
CA ASN G 139 61.99 75.66 -81.11
C ASN G 139 61.06 74.46 -81.11
N VAL G 140 60.75 73.91 -79.95
CA VAL G 140 59.92 72.73 -79.84
C VAL G 140 58.48 73.18 -79.63
N ASN G 141 57.56 72.53 -80.33
CA ASN G 141 56.14 72.90 -80.25
C ASN G 141 55.34 71.69 -80.69
N GLN G 142 54.80 70.95 -79.72
CA GLN G 142 54.18 69.67 -80.00
C GLN G 142 52.88 69.55 -79.22
N THR G 143 52.07 68.57 -79.64
CA THR G 143 50.84 68.20 -78.95
C THR G 143 50.85 66.69 -78.75
N VAL G 144 50.65 66.24 -77.53
CA VAL G 144 50.79 64.83 -77.21
C VAL G 144 49.59 64.35 -76.42
N ASP G 145 49.23 63.08 -76.63
CA ASP G 145 48.11 62.46 -75.94
C ASP G 145 48.64 61.63 -74.79
N VAL G 146 48.20 61.94 -73.57
CA VAL G 146 48.82 61.41 -72.37
C VAL G 146 47.74 60.86 -71.45
N TYR G 147 48.01 59.70 -70.84
CA TYR G 147 47.20 59.19 -69.75
C TYR G 147 47.62 59.91 -68.48
N VAL G 148 46.67 60.52 -67.78
CA VAL G 148 47.01 61.28 -66.57
C VAL G 148 46.89 60.31 -65.40
N ASN G 149 47.94 59.53 -65.21
CA ASN G 149 48.24 58.85 -63.97
C ASN G 149 49.71 58.52 -64.00
N GLY G 150 50.30 58.33 -62.83
CA GLY G 150 51.73 58.45 -62.73
C GLY G 150 52.50 57.30 -63.35
N ASP G 151 51.95 56.70 -64.40
CA ASP G 151 52.61 55.58 -65.05
C ASP G 151 52.50 55.66 -66.58
N HIS G 152 52.68 56.84 -67.16
CA HIS G 152 52.86 56.95 -68.60
C HIS G 152 53.80 58.11 -68.89
N ALA G 153 54.94 57.80 -69.50
CA ALA G 153 55.93 58.80 -69.84
C ALA G 153 55.99 58.95 -71.35
N VAL G 154 56.02 60.19 -71.82
CA VAL G 154 56.10 60.50 -73.24
C VAL G 154 57.28 61.42 -73.47
N THR G 155 57.97 61.22 -74.58
CA THR G 155 59.18 61.96 -74.90
C THR G 155 58.88 62.97 -75.99
N ILE G 156 59.36 64.20 -75.82
CA ILE G 156 59.15 65.27 -76.77
C ILE G 156 60.51 65.90 -77.01
N GLY G 157 61.08 65.65 -78.19
CA GLY G 157 62.37 66.25 -78.50
C GLY G 157 63.46 65.90 -77.51
N GLY G 158 63.52 64.65 -77.08
CA GLY G 158 64.50 64.22 -76.11
C GLY G 158 64.17 64.51 -74.67
N THR G 159 63.08 65.22 -74.42
CA THR G 159 62.66 65.57 -73.07
C THR G 159 61.56 64.62 -72.62
N GLN G 160 61.69 64.12 -71.39
CA GLN G 160 60.75 63.11 -70.88
C GLN G 160 59.79 63.76 -69.89
N PHE G 161 58.51 63.43 -70.01
CA PHE G 161 57.46 64.03 -69.19
C PHE G 161 56.62 62.93 -68.57
N ILE G 162 56.23 63.11 -67.31
CA ILE G 162 55.27 62.22 -66.67
C ILE G 162 54.21 63.06 -66.00
N PHE G 163 52.95 62.82 -66.33
CA PHE G 163 51.85 63.58 -65.77
C PHE G 163 51.22 62.79 -64.63
N GLY G 164 51.46 63.21 -63.40
CA GLY G 164 51.12 62.42 -62.24
C GLY G 164 49.62 62.34 -62.01
N PRO G 165 49.22 61.62 -60.96
CA PRO G 165 47.80 61.40 -60.71
C PRO G 165 47.07 62.68 -60.39
N LEU G 166 45.80 62.71 -60.75
CA LEU G 166 44.99 63.90 -60.50
C LEU G 166 44.80 64.11 -59.01
N SER G 167 44.74 65.38 -58.61
CA SER G 167 44.76 65.70 -57.19
C SER G 167 43.52 65.18 -56.48
N SER G 168 42.34 65.35 -57.08
CA SER G 168 41.08 64.94 -56.46
C SER G 168 40.52 63.69 -57.12
N ALA G 169 39.66 63.00 -56.40
CA ALA G 169 39.09 61.73 -56.82
C ALA G 169 37.58 61.82 -56.96
N TRP G 170 37.12 62.87 -57.63
CA TRP G 170 35.71 63.16 -57.78
C TRP G 170 35.27 62.79 -59.19
N THR G 171 34.11 62.12 -59.30
CA THR G 171 33.58 61.76 -60.60
C THR G 171 32.09 62.01 -60.67
N PRO G 172 31.57 62.44 -61.82
CA PRO G 172 30.16 62.80 -61.91
C PRO G 172 29.21 61.63 -62.02
N PHE G 173 29.70 60.41 -62.22
CA PHE G 173 28.82 59.26 -62.45
C PHE G 173 28.57 58.54 -61.14
N ASP G 174 27.30 58.29 -60.84
CA ASP G 174 26.95 57.63 -59.61
C ASP G 174 27.37 56.16 -59.68
N ASN G 175 26.96 55.40 -58.67
CA ASN G 175 27.24 53.97 -58.70
C ASN G 175 26.54 53.28 -59.85
N LYS G 176 25.29 53.66 -60.13
CA LYS G 176 24.48 53.00 -61.14
C LYS G 176 24.13 53.98 -62.24
N ILE G 177 24.10 53.49 -63.47
CA ILE G 177 23.96 54.33 -64.66
C ILE G 177 22.97 53.65 -65.59
N VAL G 178 22.18 54.45 -66.31
CA VAL G 178 21.30 53.95 -67.36
C VAL G 178 21.56 54.77 -68.61
N VAL G 179 21.92 54.12 -69.70
CA VAL G 179 22.35 54.79 -70.92
C VAL G 179 21.38 54.50 -72.04
N TYR G 180 20.96 55.56 -72.75
CA TYR G 180 20.06 55.47 -73.88
C TYR G 180 20.53 56.43 -74.95
N LYS G 181 20.93 55.89 -76.11
CA LYS G 181 21.43 56.66 -77.24
C LYS G 181 22.65 57.50 -76.87
N ASP G 182 22.46 58.81 -76.71
CA ASP G 182 23.57 59.70 -76.37
C ASP G 182 23.29 60.52 -75.13
N GLU G 183 22.55 59.96 -74.18
CA GLU G 183 22.24 60.59 -72.91
C GLU G 183 22.52 59.59 -71.83
N VAL G 184 23.03 60.05 -70.69
CA VAL G 184 23.34 59.18 -69.58
C VAL G 184 22.54 59.65 -68.36
N PHE G 185 21.85 58.71 -67.72
CA PHE G 185 21.02 59.02 -66.57
C PHE G 185 21.56 58.25 -65.39
N ASN G 186 21.78 58.95 -64.27
CA ASN G 186 22.17 58.27 -63.05
C ASN G 186 20.93 57.96 -62.22
N GLN G 187 20.54 56.69 -62.24
CA GLN G 187 19.25 56.22 -61.77
C GLN G 187 19.49 55.07 -60.80
N ASP G 188 18.42 54.48 -60.31
CA ASP G 188 18.48 53.27 -59.51
C ASP G 188 17.54 52.23 -60.12
N PHE G 189 18.06 51.37 -60.94
CA PHE G 189 17.25 50.38 -61.63
C PHE G 189 17.05 49.14 -60.77
N PRO G 190 15.93 48.44 -60.95
CA PRO G 190 15.66 47.27 -60.14
C PRO G 190 16.63 46.14 -60.48
N PRO G 191 16.86 45.21 -59.56
CA PRO G 191 17.80 44.12 -59.82
C PRO G 191 17.29 43.19 -60.90
N TYR G 192 18.22 42.59 -61.63
CA TYR G 192 17.85 41.60 -62.61
C TYR G 192 17.15 40.42 -61.96
N GLY G 193 16.06 40.00 -62.56
CA GLY G 193 15.29 38.90 -61.99
C GLY G 193 14.13 39.32 -61.12
N SER G 194 13.93 40.60 -60.88
CA SER G 194 12.82 41.08 -60.06
C SER G 194 12.23 42.36 -60.63
N GLY G 195 12.00 42.40 -61.93
CA GLY G 195 11.39 43.57 -62.54
C GLY G 195 9.96 43.75 -62.07
N GLN G 196 9.43 44.93 -62.30
CA GLN G 196 8.09 45.08 -61.81
C GLN G 196 7.20 45.70 -62.88
N PRO G 197 5.99 45.18 -63.10
CA PRO G 197 5.24 45.56 -64.30
C PRO G 197 4.90 47.03 -64.36
N GLY G 198 4.98 47.59 -65.55
CA GLY G 198 4.57 48.95 -65.79
C GLY G 198 5.68 49.99 -65.70
N ARG G 199 6.83 49.65 -65.16
CA ARG G 199 7.92 50.61 -65.00
C ARG G 199 9.15 50.12 -65.73
N PHE G 200 10.27 50.79 -65.51
CA PHE G 200 11.52 50.39 -66.15
C PHE G 200 11.90 48.98 -65.76
N GLY G 201 12.14 48.14 -66.75
CA GLY G 201 12.60 46.79 -66.49
C GLY G 201 11.52 45.76 -66.32
N ASP G 202 10.45 45.81 -67.11
CA ASP G 202 9.48 44.73 -67.07
C ASP G 202 9.98 43.51 -67.84
N ILE G 203 10.83 43.72 -68.84
CA ILE G 203 11.54 42.62 -69.49
C ILE G 203 13.03 42.91 -69.45
N GLN G 204 13.82 41.89 -69.19
CA GLN G 204 15.26 42.03 -69.03
C GLN G 204 15.96 40.86 -69.70
N SER G 205 17.18 41.09 -70.16
CA SER G 205 18.02 40.06 -70.74
C SER G 205 19.47 40.47 -70.59
N ARG G 206 20.35 39.49 -70.44
CA ARG G 206 21.73 39.82 -70.06
C ARG G 206 22.50 40.51 -71.18
N THR G 207 22.10 40.33 -72.42
CA THR G 207 22.79 40.99 -73.52
C THR G 207 21.88 40.95 -74.73
N VAL G 208 22.20 41.77 -75.73
CA VAL G 208 21.35 41.88 -76.91
C VAL G 208 21.08 40.52 -77.53
N GLU G 209 22.11 39.71 -77.72
CA GLU G 209 21.93 38.43 -78.37
C GLU G 209 21.57 37.31 -77.40
N SER G 210 21.59 37.57 -76.10
CA SER G 210 21.40 36.50 -75.13
C SER G 210 20.02 35.88 -75.28
N ASN G 211 19.98 34.55 -75.26
CA ASN G 211 18.75 33.84 -75.59
C ASN G 211 17.74 33.90 -74.47
N ASP G 212 18.19 33.88 -73.22
CA ASP G 212 17.27 33.87 -72.10
C ASP G 212 16.68 35.26 -71.87
N LEU G 213 15.47 35.28 -71.35
CA LEU G 213 14.74 36.52 -71.13
C LEU G 213 13.86 36.36 -69.91
N TYR G 214 13.71 37.44 -69.14
CA TYR G 214 12.84 37.45 -67.98
C TYR G 214 11.80 38.54 -68.17
N ALA G 215 10.54 38.15 -68.26
CA ALA G 215 9.46 39.10 -68.48
C ALA G 215 8.42 38.93 -67.40
N ASN G 216 7.95 40.06 -66.86
CA ASN G 216 6.94 40.05 -65.82
C ASN G 216 6.02 41.23 -66.10
N THR G 217 4.96 40.97 -66.85
CA THR G 217 4.11 42.05 -67.33
C THR G 217 2.63 41.81 -67.05
N ALA G 218 2.29 40.78 -66.30
CA ALA G 218 0.91 40.52 -65.85
C ALA G 218 -0.04 40.40 -67.04
N LEU G 219 0.18 39.37 -67.84
CA LEU G 219 -0.66 39.07 -68.99
C LEU G 219 -1.78 38.16 -68.53
N LYS G 220 -3.03 38.58 -68.73
CA LYS G 220 -4.15 37.79 -68.22
C LYS G 220 -5.20 37.61 -69.30
N LEU G 221 -5.67 36.38 -69.45
CA LEU G 221 -6.63 36.02 -70.48
C LEU G 221 -8.04 36.02 -69.93
N ALA G 222 -9.01 36.37 -70.77
CA ALA G 222 -10.39 36.45 -70.34
C ALA G 222 -11.28 35.65 -71.30
N ARG G 223 -12.41 35.18 -70.78
CA ARG G 223 -13.26 34.27 -71.54
C ARG G 223 -13.87 34.96 -72.75
N PRO G 224 -13.83 34.34 -73.92
CA PRO G 224 -14.33 35.02 -75.13
C PRO G 224 -15.83 35.23 -75.09
N SER G 225 -16.27 36.23 -75.85
CA SER G 225 -17.67 36.59 -75.90
C SER G 225 -18.49 35.47 -76.55
N PRO G 226 -19.79 35.43 -76.32
CA PRO G 226 -20.64 34.46 -77.01
C PRO G 226 -20.65 34.71 -78.52
N GLY G 227 -20.53 33.64 -79.28
CA GLY G 227 -20.56 33.75 -80.72
C GLY G 227 -19.42 34.53 -81.34
N MET G 228 -18.20 34.35 -80.85
CA MET G 228 -17.07 35.07 -81.39
C MET G 228 -15.81 34.22 -81.27
N VAL G 229 -14.81 34.57 -82.05
CA VAL G 229 -13.50 33.90 -82.02
C VAL G 229 -12.42 34.98 -81.95
N HIS G 230 -12.05 35.41 -80.75
CA HIS G 230 -11.10 36.52 -80.66
C HIS G 230 -10.01 36.42 -79.60
N VAL G 231 -10.09 35.55 -78.60
CA VAL G 231 -9.01 35.39 -77.61
C VAL G 231 -8.68 36.72 -76.93
N PRO G 232 -9.48 37.19 -75.99
CA PRO G 232 -9.24 38.49 -75.37
C PRO G 232 -8.25 38.40 -74.22
N TYR G 233 -7.43 39.43 -74.10
CA TYR G 233 -6.39 39.47 -73.08
C TYR G 233 -6.18 40.92 -72.64
N THR G 234 -5.63 41.06 -71.43
CA THR G 234 -5.30 42.36 -70.87
C THR G 234 -3.89 42.33 -70.31
N GLN G 235 -3.16 43.42 -70.54
CA GLN G 235 -1.75 43.46 -70.18
C GLN G 235 -1.34 44.91 -69.93
N THR G 236 -0.58 45.11 -68.86
CA THR G 236 -0.11 46.44 -68.50
C THR G 236 0.88 46.95 -69.54
N PRO G 237 0.78 48.20 -69.97
CA PRO G 237 1.61 48.69 -71.07
C PRO G 237 3.10 48.62 -70.79
N SER G 238 3.87 49.02 -71.79
CA SER G 238 5.30 48.78 -71.77
C SER G 238 6.02 49.76 -70.86
N GLY G 239 6.65 49.19 -69.83
CA GLY G 239 7.42 49.99 -68.90
C GLY G 239 8.53 50.75 -69.59
N PHE G 240 9.10 50.20 -70.66
CA PHE G 240 10.08 50.98 -71.40
C PHE G 240 9.46 52.23 -71.99
N LYS G 241 8.24 52.15 -72.52
CA LYS G 241 7.66 53.34 -73.12
C LYS G 241 7.21 54.35 -72.08
N TYR G 242 6.86 53.93 -70.85
CA TYR G 242 6.65 54.95 -69.83
C TYR G 242 7.96 55.50 -69.28
N TRP G 243 9.03 54.72 -69.27
CA TRP G 243 10.30 55.30 -68.87
C TRP G 243 10.74 56.34 -69.87
N LEU G 244 10.56 56.06 -71.16
CA LEU G 244 10.96 56.99 -72.20
C LEU G 244 10.26 58.33 -72.05
N LYS G 245 9.14 58.37 -71.34
CA LYS G 245 8.36 59.58 -71.23
C LYS G 245 8.46 60.24 -69.86
N GLU G 246 8.72 59.46 -68.81
CA GLU G 246 8.83 60.01 -67.46
C GLU G 246 10.27 59.93 -66.94
N LYS G 247 11.25 59.85 -67.84
CA LYS G 247 12.63 59.70 -67.37
C LYS G 247 13.05 60.91 -66.53
N GLY G 248 12.86 62.10 -67.06
CA GLY G 248 13.17 63.29 -66.29
C GLY G 248 14.65 63.60 -66.29
N THR G 249 14.98 64.86 -66.56
CA THR G 249 16.36 65.33 -66.55
C THR G 249 17.29 64.51 -67.43
N ALA G 250 18.58 64.60 -67.12
CA ALA G 250 19.64 63.89 -67.81
C ALA G 250 20.85 63.95 -66.87
N LEU G 251 22.04 63.72 -67.41
CA LEU G 251 23.23 64.16 -66.72
C LEU G 251 24.00 65.19 -67.51
N ASN G 252 23.84 65.23 -68.83
CA ASN G 252 24.59 66.17 -69.63
C ASN G 252 23.98 67.56 -69.62
N THR G 253 22.84 67.74 -68.92
CA THR G 253 22.33 69.07 -68.64
C THR G 253 22.34 69.38 -67.15
N LYS G 254 23.01 68.56 -66.36
CA LYS G 254 23.01 68.69 -64.92
C LYS G 254 24.39 68.52 -64.28
N ALA G 255 25.39 68.11 -65.03
CA ALA G 255 26.68 67.77 -64.44
C ALA G 255 27.36 69.00 -63.85
N PRO G 256 27.98 68.86 -62.70
CA PRO G 256 28.72 69.98 -62.10
C PRO G 256 29.97 70.32 -62.90
N PHE G 257 30.51 71.49 -62.60
CA PHE G 257 31.78 71.97 -63.14
C PHE G 257 31.75 72.11 -64.65
N GLY G 258 30.56 72.12 -65.24
CA GLY G 258 30.40 72.51 -66.62
C GLY G 258 31.15 71.66 -67.62
N CYS G 259 31.04 70.34 -67.48
CA CYS G 259 31.75 69.41 -68.34
C CYS G 259 30.81 68.56 -69.15
N GLN G 260 31.07 68.47 -70.45
CA GLN G 260 30.15 67.80 -71.36
C GLN G 260 30.16 66.31 -71.11
N ILE G 261 29.10 65.64 -71.51
CA ILE G 261 29.04 64.18 -71.43
C ILE G 261 28.72 63.63 -72.82
N LYS G 262 29.39 62.55 -73.18
CA LYS G 262 29.17 61.91 -74.46
C LYS G 262 29.17 60.40 -74.26
N THR G 263 28.60 59.68 -75.21
CA THR G 263 28.54 58.23 -75.13
C THR G 263 29.33 57.60 -76.26
N ASN G 264 29.54 56.30 -76.14
CA ASN G 264 30.33 55.50 -77.09
C ASN G 264 31.75 56.01 -77.22
N PRO G 265 32.61 55.82 -76.20
CA PRO G 265 32.28 55.25 -74.90
C PRO G 265 31.77 56.30 -73.94
N VAL G 266 31.21 55.88 -72.80
CA VAL G 266 30.70 56.82 -71.82
C VAL G 266 31.85 57.65 -71.28
N ARG G 267 31.75 58.97 -71.41
CA ARG G 267 32.88 59.77 -70.99
C ARG G 267 32.43 61.19 -70.70
N ALA G 268 33.05 61.81 -69.70
CA ALA G 268 32.76 63.18 -69.31
C ALA G 268 34.00 64.02 -69.58
N MET G 269 33.88 64.97 -70.49
CA MET G 269 35.06 65.60 -71.05
C MET G 269 35.07 67.12 -70.86
N ASN G 270 36.29 67.67 -70.83
CA ASN G 270 36.57 69.06 -70.49
C ASN G 270 36.03 69.43 -69.12
N CYS G 271 36.51 68.76 -68.09
CA CYS G 271 35.80 68.79 -66.82
C CYS G 271 36.77 69.29 -65.76
N ALA G 272 36.66 70.57 -65.43
CA ALA G 272 37.71 71.30 -64.74
C ALA G 272 37.61 71.15 -63.24
N VAL G 273 38.62 70.55 -62.63
CA VAL G 273 38.76 70.49 -61.18
C VAL G 273 40.18 70.07 -60.86
N GLY G 274 40.74 70.68 -59.82
CA GLY G 274 41.97 70.19 -59.24
C GLY G 274 43.22 70.56 -60.02
N ASN G 275 44.31 69.91 -59.60
CA ASN G 275 45.64 70.22 -60.12
C ASN G 275 46.30 68.94 -60.62
N ILE G 276 47.22 69.11 -61.56
CA ILE G 276 47.95 68.04 -62.19
C ILE G 276 49.44 68.25 -61.90
N PRO G 277 50.08 67.32 -61.22
CA PRO G 277 51.54 67.38 -61.10
C PRO G 277 52.19 66.91 -62.37
N VAL G 278 53.38 67.44 -62.66
CA VAL G 278 54.17 66.98 -63.79
C VAL G 278 55.61 66.83 -63.33
N SER G 279 56.25 65.76 -63.77
CA SER G 279 57.67 65.54 -63.54
C SER G 279 58.38 65.56 -64.89
N MET G 280 59.61 66.04 -64.89
CA MET G 280 60.30 66.37 -66.13
C MET G 280 61.68 65.75 -66.11
N ASN G 281 62.25 65.60 -67.29
CA ASN G 281 63.64 65.15 -67.41
C ASN G 281 64.19 65.77 -68.69
N LEU G 282 65.07 66.73 -68.53
CA LEU G 282 65.44 67.50 -69.71
C LEU G 282 66.86 67.20 -70.15
N PRO G 283 67.15 67.30 -71.44
CA PRO G 283 68.52 67.14 -71.92
C PRO G 283 69.32 68.40 -71.65
N ASP G 284 70.63 68.29 -71.83
CA ASP G 284 71.52 69.42 -71.60
C ASP G 284 71.66 70.33 -72.80
N SER G 285 71.09 69.97 -73.94
CA SER G 285 71.13 70.85 -75.10
C SER G 285 69.99 71.86 -75.12
N ALA G 286 69.01 71.72 -74.22
CA ALA G 286 67.86 72.62 -74.24
C ALA G 286 68.24 74.01 -73.75
N PHE G 287 69.01 74.08 -72.66
CA PHE G 287 69.43 75.36 -72.11
C PHE G 287 70.49 75.99 -73.00
N THR G 288 70.99 77.15 -72.57
CA THR G 288 72.06 77.85 -73.27
C THR G 288 73.17 78.21 -72.31
N ARG G 289 74.39 78.30 -72.83
CA ARG G 289 75.52 78.75 -72.03
C ARG G 289 75.28 80.16 -71.51
N ILE G 290 75.51 80.34 -70.21
CA ILE G 290 75.32 81.66 -69.62
C ILE G 290 76.30 82.66 -70.17
N VAL G 291 77.48 82.21 -70.62
CA VAL G 291 78.42 83.11 -71.26
C VAL G 291 77.83 83.65 -72.57
N GLU G 292 77.20 82.78 -73.35
CA GLU G 292 76.64 83.22 -74.62
C GLU G 292 75.34 83.98 -74.45
N ALA G 293 74.64 83.78 -73.34
CA ALA G 293 73.45 84.56 -73.08
C ALA G 293 73.83 85.99 -72.69
N PRO G 294 73.03 86.98 -73.09
CA PRO G 294 73.35 88.37 -72.75
C PRO G 294 73.20 88.62 -71.27
N THR G 295 73.96 89.60 -70.78
CA THR G 295 73.97 89.96 -69.37
C THR G 295 73.15 91.24 -69.18
N ILE G 296 72.34 91.24 -68.12
CA ILE G 296 71.38 92.31 -67.88
C ILE G 296 71.66 92.92 -66.51
N ILE G 297 71.81 94.24 -66.48
CA ILE G 297 72.08 94.96 -65.24
C ILE G 297 71.19 96.19 -65.20
N ASP G 298 70.87 96.62 -63.97
CA ASP G 298 70.06 97.82 -63.73
C ASP G 298 68.66 97.66 -64.35
N LEU G 299 67.91 96.74 -63.77
CA LEU G 299 66.56 96.42 -64.22
C LEU G 299 65.54 97.20 -63.40
N THR G 300 64.72 97.99 -64.09
CA THR G 300 63.66 98.76 -63.46
C THR G 300 62.34 98.56 -64.19
N CYS G 301 61.27 98.38 -63.43
CA CYS G 301 59.94 98.09 -63.97
C CYS G 301 59.03 99.29 -63.75
N THR G 302 58.36 99.72 -64.80
CA THR G 302 57.37 100.79 -64.71
C THR G 302 56.08 100.34 -65.37
N VAL G 303 54.98 100.43 -64.64
CA VAL G 303 53.68 100.03 -65.14
C VAL G 303 53.02 101.23 -65.79
N ALA G 304 52.55 101.07 -67.02
CA ALA G 304 51.95 102.21 -67.72
C ALA G 304 50.47 102.35 -67.37
N THR G 305 49.69 101.29 -67.53
CA THR G 305 48.29 101.30 -67.13
C THR G 305 47.86 99.91 -66.73
N CYS G 306 46.78 99.84 -65.97
CA CYS G 306 46.28 98.57 -65.48
C CYS G 306 44.76 98.60 -65.42
N THR G 307 44.15 97.43 -65.61
CA THR G 307 42.69 97.30 -65.48
C THR G 307 42.41 95.82 -65.28
N HIS G 308 42.00 95.45 -64.07
CA HIS G 308 41.88 94.04 -63.73
C HIS G 308 40.66 93.46 -64.43
N SER G 309 40.81 93.19 -65.71
CA SER G 309 39.78 92.59 -66.53
C SER G 309 40.06 91.10 -66.69
N SER G 310 39.23 90.44 -67.48
CA SER G 310 39.43 89.01 -67.73
C SER G 310 40.54 88.77 -68.74
N ASP G 311 40.70 89.65 -69.71
CA ASP G 311 41.74 89.49 -70.72
C ASP G 311 43.01 90.20 -70.25
N PHE G 312 44.00 90.27 -71.15
CA PHE G 312 45.34 90.74 -70.80
C PHE G 312 45.33 92.27 -70.82
N GLY G 313 45.23 92.86 -69.63
CA GLY G 313 44.96 94.28 -69.54
C GLY G 313 45.91 95.13 -68.72
N GLY G 314 47.20 94.85 -68.76
CA GLY G 314 48.18 95.75 -68.19
C GLY G 314 49.48 95.70 -68.97
N VAL G 315 50.21 96.80 -68.98
CA VAL G 315 51.42 96.93 -69.77
C VAL G 315 52.57 97.40 -68.88
N LEU G 316 53.72 96.73 -69.03
CA LEU G 316 54.94 97.05 -68.30
C LEU G 316 56.03 97.45 -69.27
N THR G 317 56.89 98.36 -68.82
CA THR G 317 58.11 98.69 -69.52
C THR G 317 59.28 98.39 -68.59
N LEU G 318 60.21 97.57 -69.08
CA LEU G 318 61.40 97.21 -68.33
C LEU G 318 62.58 97.92 -68.97
N THR G 319 63.36 98.61 -68.14
CA THR G 319 64.55 99.33 -68.56
C THR G 319 65.78 98.65 -67.99
N TYR G 320 66.84 98.58 -68.79
CA TYR G 320 67.99 97.75 -68.49
C TYR G 320 69.18 98.24 -69.30
N LYS G 321 70.36 97.77 -68.91
CA LYS G 321 71.59 97.97 -69.67
C LYS G 321 72.22 96.61 -69.96
N THR G 322 72.53 96.37 -71.23
CA THR G 322 73.11 95.11 -71.66
C THR G 322 74.31 95.38 -72.55
N ASP G 323 75.19 94.38 -72.64
CA ASP G 323 76.39 94.51 -73.44
C ASP G 323 76.19 94.01 -74.86
N LYS G 324 75.51 92.89 -75.03
CA LYS G 324 75.27 92.32 -76.35
C LYS G 324 73.81 91.94 -76.49
N ASN G 325 73.39 91.72 -77.73
CA ASN G 325 71.99 91.49 -78.07
C ASN G 325 71.67 90.01 -78.03
N GLY G 326 70.47 89.68 -77.54
CA GLY G 326 70.07 88.29 -77.44
C GLY G 326 68.63 88.12 -77.01
N ASP G 327 68.34 87.00 -76.35
CA ASP G 327 66.99 86.64 -75.95
C ASP G 327 66.94 86.36 -74.46
N CYS G 328 65.89 86.84 -73.80
CA CYS G 328 65.65 86.49 -72.41
C CYS G 328 64.32 85.79 -72.27
N SER G 329 64.22 84.99 -71.20
CA SER G 329 63.01 84.25 -70.87
C SER G 329 62.40 84.89 -69.64
N VAL G 330 61.56 85.89 -69.84
CA VAL G 330 60.99 86.66 -68.73
C VAL G 330 59.94 85.83 -68.01
N HIS G 331 59.68 86.20 -66.76
CA HIS G 331 58.73 85.45 -65.96
C HIS G 331 58.28 86.28 -64.77
N SER G 332 57.11 85.94 -64.25
CA SER G 332 56.59 86.50 -63.01
C SER G 332 56.65 85.44 -61.93
N HIS G 333 57.18 85.79 -60.76
CA HIS G 333 57.37 84.79 -59.72
C HIS G 333 56.20 84.67 -58.77
N SER G 334 55.05 85.20 -59.14
CA SER G 334 53.85 85.07 -58.33
C SER G 334 52.67 84.76 -59.23
N ASN G 335 51.60 84.23 -58.64
CA ASN G 335 50.39 83.99 -59.41
C ASN G 335 49.41 85.15 -59.35
N VAL G 336 49.77 86.25 -58.70
CA VAL G 336 48.89 87.43 -58.71
C VAL G 336 48.76 87.96 -60.12
N ALA G 337 49.85 87.99 -60.87
CA ALA G 337 49.85 88.40 -62.25
C ALA G 337 50.37 87.27 -63.11
N THR G 338 49.90 87.21 -64.35
CA THR G 338 50.42 86.25 -65.33
C THR G 338 50.84 87.01 -66.58
N LEU G 339 52.06 86.75 -67.04
CA LEU G 339 52.57 87.40 -68.23
C LEU G 339 51.86 86.86 -69.46
N GLN G 340 52.09 87.53 -70.60
CA GLN G 340 51.61 86.98 -71.86
C GLN G 340 52.68 86.19 -72.59
N GLU G 341 53.91 86.70 -72.67
CA GLU G 341 54.97 86.06 -73.42
C GLU G 341 56.05 85.55 -72.47
N ALA G 342 56.78 84.53 -72.94
CA ALA G 342 57.88 83.96 -72.19
C ALA G 342 59.22 84.19 -72.86
N THR G 343 59.28 85.12 -73.82
CA THR G 343 60.52 85.36 -74.55
C THR G 343 60.52 86.78 -75.06
N ALA G 344 61.60 87.51 -74.78
CA ALA G 344 61.73 88.88 -75.24
C ALA G 344 63.11 89.07 -75.85
N LYS G 345 63.13 89.73 -77.00
CA LYS G 345 64.37 90.00 -77.72
C LYS G 345 64.95 91.30 -77.19
N VAL G 346 66.02 91.21 -76.42
CA VAL G 346 66.61 92.42 -75.82
C VAL G 346 67.38 93.17 -76.89
N LYS G 347 67.57 94.45 -76.66
CA LYS G 347 68.28 95.31 -77.59
C LYS G 347 69.09 96.29 -76.77
N THR G 348 70.18 96.81 -77.36
CA THR G 348 71.06 97.71 -76.62
C THR G 348 70.39 99.04 -76.33
N ALA G 349 69.24 99.33 -76.95
CA ALA G 349 68.51 100.54 -76.62
C ALA G 349 67.90 100.49 -75.23
N GLY G 350 67.88 99.31 -74.60
CA GLY G 350 67.47 99.20 -73.22
C GLY G 350 66.01 99.51 -72.94
N LYS G 351 65.11 98.95 -73.73
CA LYS G 351 63.68 99.19 -73.53
C LYS G 351 62.91 97.97 -74.00
N VAL G 352 62.15 97.35 -73.10
CA VAL G 352 61.28 96.25 -73.50
C VAL G 352 59.90 96.47 -72.91
N THR G 353 58.88 95.97 -73.61
CA THR G 353 57.49 96.13 -73.19
C THR G 353 56.81 94.77 -73.13
N LEU G 354 55.91 94.61 -72.16
CA LEU G 354 55.26 93.33 -71.91
C LEU G 354 53.80 93.57 -71.54
N HIS G 355 52.98 92.56 -71.81
CA HIS G 355 51.57 92.58 -71.43
C HIS G 355 51.31 91.53 -70.37
N PHE G 356 50.42 91.85 -69.44
CA PHE G 356 50.12 90.95 -68.35
C PHE G 356 48.65 91.06 -67.97
N SER G 357 48.19 90.08 -67.21
CA SER G 357 46.82 90.04 -66.71
C SER G 357 46.83 89.84 -65.21
N THR G 358 45.88 90.45 -64.53
CA THR G 358 45.81 90.41 -63.08
C THR G 358 44.37 90.34 -62.63
N ALA G 359 44.16 90.25 -61.32
CA ALA G 359 42.82 90.22 -60.78
C ALA G 359 42.71 90.93 -59.43
N SER G 360 43.66 91.78 -59.09
CA SER G 360 43.63 92.49 -57.81
C SER G 360 43.97 93.96 -58.04
N ALA G 361 43.35 94.82 -57.24
CA ALA G 361 43.45 96.26 -57.48
C ALA G 361 44.87 96.76 -57.29
N SER G 362 45.63 96.13 -56.40
CA SER G 362 47.02 96.50 -56.16
C SER G 362 47.90 95.26 -56.31
N PRO G 363 48.32 94.95 -57.53
CA PRO G 363 49.23 93.83 -57.74
C PRO G 363 50.68 94.22 -57.49
N SER G 364 51.42 93.27 -56.93
CA SER G 364 52.83 93.47 -56.60
C SER G 364 53.55 92.15 -56.83
N PHE G 365 54.43 92.12 -57.82
CA PHE G 365 55.08 90.87 -58.20
C PHE G 365 56.51 91.18 -58.58
N VAL G 366 57.35 90.14 -58.55
CA VAL G 366 58.73 90.27 -58.99
C VAL G 366 58.87 89.62 -60.36
N VAL G 367 59.34 90.41 -61.30
CA VAL G 367 59.50 89.97 -62.69
C VAL G 367 60.98 89.83 -62.97
N SER G 368 61.34 88.75 -63.68
CA SER G 368 62.72 88.43 -63.95
C SER G 368 62.93 88.34 -65.45
N LEU G 369 64.07 88.88 -65.90
CA LEU G 369 64.47 88.88 -67.30
C LEU G 369 65.90 88.33 -67.38
N CYS G 370 66.09 87.30 -68.21
CA CYS G 370 67.31 86.50 -68.17
C CYS G 370 67.70 86.16 -66.74
N SER G 371 68.85 86.64 -66.30
CA SER G 371 69.32 86.36 -64.94
C SER G 371 69.01 87.48 -63.96
N ALA G 372 68.66 88.67 -64.45
CA ALA G 372 68.42 89.81 -63.58
C ALA G 372 67.11 89.60 -62.82
N ARG G 373 66.68 90.64 -62.12
CA ARG G 373 65.46 90.57 -61.33
C ARG G 373 64.95 91.98 -61.08
N ALA G 374 63.66 92.10 -60.80
CA ALA G 374 63.13 93.37 -60.36
C ALA G 374 61.81 93.13 -59.65
N THR G 375 61.41 94.10 -58.84
CA THR G 375 60.10 94.14 -58.22
C THR G 375 59.27 95.17 -58.97
N CYS G 376 57.97 94.94 -59.05
CA CYS G 376 57.10 95.80 -59.83
C CYS G 376 55.72 95.81 -59.20
N SER G 377 55.18 97.01 -58.99
CA SER G 377 53.89 97.20 -58.35
C SER G 377 53.09 98.21 -59.15
N ALA G 378 51.76 98.14 -59.03
CA ALA G 378 50.90 98.90 -59.92
C ALA G 378 49.62 99.28 -59.18
N SER G 379 48.81 100.09 -59.85
CA SER G 379 47.48 100.47 -59.38
C SER G 379 46.50 100.25 -60.52
N CYS G 380 45.43 99.50 -60.25
CA CYS G 380 44.48 99.12 -61.28
C CYS G 380 43.08 99.61 -60.94
N GLU G 381 42.34 100.02 -61.97
CA GLU G 381 40.97 100.52 -61.98
C GLU G 381 40.01 99.47 -62.50
N PRO G 382 38.78 99.45 -62.00
CA PRO G 382 37.81 98.42 -62.38
C PRO G 382 37.39 98.55 -63.83
N PRO G 383 36.92 97.47 -64.44
CA PRO G 383 36.44 97.53 -65.81
C PRO G 383 34.96 97.89 -65.88
N LYS G 384 34.49 98.12 -67.10
CA LYS G 384 33.13 98.62 -67.27
C LYS G 384 32.14 97.56 -67.74
N ASP G 385 32.56 96.65 -68.62
CA ASP G 385 31.64 95.70 -69.20
C ASP G 385 31.17 94.69 -68.16
N HIS G 386 29.87 94.45 -68.12
CA HIS G 386 29.33 93.56 -67.11
C HIS G 386 29.57 92.09 -67.46
N ILE G 387 29.49 91.73 -68.74
CA ILE G 387 29.53 90.34 -69.18
C ILE G 387 30.48 90.22 -70.36
N VAL G 388 31.28 89.16 -70.38
CA VAL G 388 32.14 88.83 -71.52
C VAL G 388 32.06 87.34 -71.83
N PRO G 389 32.33 86.92 -73.07
CA PRO G 389 32.18 85.51 -73.44
C PRO G 389 33.43 84.64 -73.30
N TYR G 390 34.55 85.15 -72.81
CA TYR G 390 35.75 84.34 -72.66
C TYR G 390 36.13 84.21 -71.19
N ALA G 391 36.59 83.03 -70.82
CA ALA G 391 36.88 82.73 -69.42
C ALA G 391 38.05 83.56 -68.92
N ALA G 392 38.22 83.57 -67.60
CA ALA G 392 39.26 84.37 -66.98
C ALA G 392 40.64 83.87 -67.38
N SER G 393 41.56 84.80 -67.60
CA SER G 393 42.92 84.48 -67.97
C SER G 393 43.92 84.79 -66.87
N HIS G 394 43.46 84.96 -65.63
CA HIS G 394 44.34 85.09 -64.48
C HIS G 394 44.08 83.96 -63.51
N SER G 395 44.80 83.98 -62.39
CA SER G 395 44.64 82.94 -61.38
C SER G 395 43.51 83.23 -60.41
N ASN G 396 42.84 84.36 -60.55
CA ASN G 396 41.68 84.73 -59.73
C ASN G 396 42.06 84.81 -58.24
N VAL G 397 42.97 85.73 -57.94
CA VAL G 397 43.31 86.10 -56.58
C VAL G 397 43.01 87.59 -56.43
N VAL G 398 42.51 87.99 -55.26
CA VAL G 398 41.89 89.30 -55.13
C VAL G 398 42.52 90.12 -54.01
N PHE G 399 43.16 89.46 -53.05
CA PHE G 399 43.70 90.17 -51.89
C PHE G 399 44.71 91.21 -52.31
N PRO G 400 44.73 92.39 -51.69
CA PRO G 400 45.64 93.45 -52.11
C PRO G 400 47.02 93.28 -51.47
N ASP G 401 47.96 94.08 -51.97
CA ASP G 401 49.31 94.08 -51.44
C ASP G 401 49.39 94.86 -50.14
N MET G 402 50.41 94.54 -49.33
CA MET G 402 50.59 95.21 -48.06
C MET G 402 50.89 96.70 -48.21
N SER G 403 51.46 97.11 -49.33
CA SER G 403 51.72 98.52 -49.58
C SER G 403 50.62 99.19 -50.38
N GLY G 404 49.53 98.49 -50.66
CA GLY G 404 48.43 99.08 -51.39
C GLY G 404 47.73 100.15 -50.59
N THR G 405 46.94 100.96 -51.30
CA THR G 405 46.37 102.15 -50.69
C THR G 405 45.47 101.80 -49.50
N ALA G 406 44.61 100.80 -49.67
CA ALA G 406 43.75 100.40 -48.56
C ALA G 406 44.58 99.89 -47.38
N LEU G 407 45.52 99.00 -47.65
CA LEU G 407 46.34 98.50 -46.56
C LEU G 407 47.29 99.57 -46.03
N SER G 408 47.67 100.54 -46.87
CA SER G 408 48.45 101.66 -46.37
C SER G 408 47.64 102.43 -45.32
N TRP G 409 46.37 102.68 -45.62
CA TRP G 409 45.54 103.42 -44.67
C TRP G 409 45.37 102.64 -43.37
N VAL G 410 45.11 101.34 -43.48
CA VAL G 410 44.98 100.52 -42.28
C VAL G 410 46.26 100.53 -41.48
N GLN G 411 47.41 100.46 -42.16
CA GLN G 411 48.69 100.49 -41.46
C GLN G 411 48.89 101.80 -40.72
N LYS G 412 48.55 102.93 -41.35
CA LYS G 412 48.72 104.21 -40.67
C LYS G 412 47.87 104.29 -39.42
N ILE G 413 46.60 103.88 -39.52
CA ILE G 413 45.72 103.96 -38.35
C ILE G 413 46.22 103.05 -37.23
N SER G 414 46.59 101.81 -37.58
CA SER G 414 47.07 100.87 -36.57
C SER G 414 48.34 101.39 -35.93
N GLY G 415 49.24 101.98 -36.71
CA GLY G 415 50.46 102.52 -36.14
C GLY G 415 50.20 103.65 -35.18
N GLY G 416 49.27 104.54 -35.52
CA GLY G 416 48.93 105.61 -34.59
C GLY G 416 48.40 105.08 -33.27
N LEU G 417 47.46 104.14 -33.34
CA LEU G 417 46.89 103.60 -32.11
C LEU G 417 47.94 102.85 -31.30
N GLY G 418 48.83 102.13 -31.98
CA GLY G 418 49.88 101.41 -31.28
C GLY G 418 50.85 102.34 -30.59
N ALA G 419 51.19 103.46 -31.23
CA ALA G 419 52.05 104.45 -30.58
C ALA G 419 51.37 105.03 -29.34
N PHE G 420 50.06 105.30 -29.45
CA PHE G 420 49.33 105.79 -28.28
C PHE G 420 49.37 104.78 -27.13
N ALA G 421 49.11 103.51 -27.43
CA ALA G 421 49.12 102.49 -26.38
C ALA G 421 50.52 102.34 -25.79
N ILE G 422 51.56 102.42 -26.63
CA ILE G 422 52.92 102.32 -26.14
C ILE G 422 53.22 103.46 -25.17
N GLY G 423 52.83 104.67 -25.53
CA GLY G 423 53.04 105.80 -24.62
C GLY G 423 52.33 105.60 -23.30
N ALA G 424 51.09 105.13 -23.33
CA ALA G 424 50.37 104.89 -22.09
C ALA G 424 51.05 103.82 -21.24
N ILE G 425 51.51 102.75 -21.88
CA ILE G 425 52.19 101.69 -21.15
C ILE G 425 53.43 102.24 -20.48
N LEU G 426 54.21 103.04 -21.21
CA LEU G 426 55.43 103.60 -20.64
C LEU G 426 55.13 104.50 -19.46
N VAL G 427 54.08 105.32 -19.57
CA VAL G 427 53.74 106.21 -18.47
C VAL G 427 53.36 105.41 -17.23
N LEU G 428 52.53 104.37 -17.40
CA LEU G 428 52.14 103.57 -16.25
C LEU G 428 53.36 102.90 -15.61
N VAL G 429 54.28 102.39 -16.43
CA VAL G 429 55.47 101.76 -15.88
C VAL G 429 56.31 102.77 -15.10
N VAL G 430 56.47 103.97 -15.65
CA VAL G 430 57.24 105.00 -14.94
C VAL G 430 56.63 105.30 -13.58
N VAL G 431 55.30 105.49 -13.55
CA VAL G 431 54.65 105.85 -12.30
C VAL G 431 54.77 104.72 -11.29
N THR G 432 54.56 103.48 -11.72
CA THR G 432 54.60 102.40 -10.75
C THR G 432 56.03 102.12 -10.28
N CYS G 433 57.03 102.37 -11.12
CA CYS G 433 58.41 102.25 -10.65
C CYS G 433 58.73 103.34 -9.63
N ILE G 434 58.24 104.56 -9.85
CA ILE G 434 58.42 105.60 -8.84
C ILE G 434 57.75 105.21 -7.53
N GLY G 435 56.53 104.68 -7.61
CA GLY G 435 55.84 104.26 -6.41
C GLY G 435 56.55 103.15 -5.67
N LEU G 436 57.16 102.22 -6.42
CA LEU G 436 57.90 101.13 -5.78
C LEU G 436 59.22 101.62 -5.19
N ARG G 437 59.90 102.55 -5.86
CA ARG G 437 61.14 103.11 -5.33
C ARG G 437 60.91 103.96 -4.10
N ARG G 438 59.78 104.64 -3.98
CA ARG G 438 59.44 105.36 -2.76
C ARG G 438 59.36 104.41 -1.57
N HIS H 1 71.37 -32.28 -82.02
CA HIS H 1 70.85 -32.22 -80.67
C HIS H 1 69.59 -31.37 -80.60
N PHE H 2 69.22 -30.97 -79.38
CA PHE H 2 67.97 -30.24 -79.18
C PHE H 2 68.05 -28.84 -79.77
N ASN H 3 66.92 -28.35 -80.27
CA ASN H 3 66.86 -27.06 -80.94
C ASN H 3 65.65 -26.26 -80.48
N VAL H 4 65.50 -26.07 -79.17
CA VAL H 4 64.32 -25.48 -78.54
C VAL H 4 63.77 -24.30 -79.33
N TYR H 5 64.64 -23.55 -79.99
CA TYR H 5 64.17 -22.40 -80.75
C TYR H 5 63.55 -22.83 -82.08
N LYS H 6 62.57 -23.73 -82.02
CA LYS H 6 61.78 -24.09 -83.17
C LYS H 6 60.30 -23.88 -82.94
N ALA H 7 59.85 -23.81 -81.69
CA ALA H 7 58.46 -23.51 -81.37
C ALA H 7 58.27 -22.05 -80.96
N THR H 8 59.30 -21.22 -81.11
CA THR H 8 59.25 -19.82 -80.71
C THR H 8 59.39 -18.94 -81.94
N ARG H 9 58.66 -17.83 -81.94
CA ARG H 9 58.62 -16.98 -83.13
C ARG H 9 58.76 -15.51 -82.74
N PRO H 10 59.28 -14.69 -83.64
CA PRO H 10 59.24 -13.25 -83.43
C PRO H 10 57.81 -12.75 -83.40
N TYR H 11 57.59 -11.69 -82.64
CA TYR H 11 56.27 -11.09 -82.51
C TYR H 11 56.39 -9.58 -82.62
N ILE H 12 55.24 -8.94 -82.76
CA ILE H 12 55.17 -7.50 -82.97
C ILE H 12 54.54 -6.87 -81.73
N ALA H 13 55.18 -5.81 -81.22
CA ALA H 13 54.75 -5.19 -79.97
C ALA H 13 54.76 -3.68 -80.14
N TYR H 14 54.33 -2.98 -79.09
CA TYR H 14 54.13 -1.54 -79.10
C TYR H 14 55.31 -0.85 -78.42
N CYS H 15 56.04 -0.05 -79.18
CA CYS H 15 57.17 0.71 -78.67
C CYS H 15 56.73 2.15 -78.47
N ALA H 16 57.17 2.76 -77.37
CA ALA H 16 56.68 4.08 -77.00
C ALA H 16 57.02 5.11 -78.06
N ASP H 17 58.24 5.09 -78.56
CA ASP H 17 58.61 5.93 -79.68
C ASP H 17 59.66 5.21 -80.51
N CYS H 18 59.60 5.39 -81.81
CA CYS H 18 60.45 4.64 -82.74
C CYS H 18 61.59 5.48 -83.28
N GLY H 19 62.21 6.28 -82.43
CA GLY H 19 63.33 7.09 -82.84
C GLY H 19 62.98 8.41 -83.46
N ALA H 20 61.71 8.80 -83.41
CA ALA H 20 61.29 10.08 -83.96
C ALA H 20 60.25 10.78 -83.10
N GLY H 21 59.90 10.23 -81.95
CA GLY H 21 58.88 10.81 -81.11
C GLY H 21 57.47 10.39 -81.43
N HIS H 22 57.27 9.34 -82.21
CA HIS H 22 55.94 8.85 -82.53
C HIS H 22 55.85 7.35 -82.24
N SER H 23 54.65 6.90 -81.92
CA SER H 23 54.44 5.55 -81.43
C SER H 23 53.84 4.68 -82.53
N CYS H 24 54.46 3.53 -82.79
CA CYS H 24 53.90 2.57 -83.71
C CYS H 24 54.41 1.19 -83.36
N HIS H 25 53.64 0.18 -83.74
CA HIS H 25 53.95 -1.21 -83.41
C HIS H 25 55.17 -1.65 -84.20
N SER H 26 56.24 -1.96 -83.50
CA SER H 26 57.51 -2.27 -84.13
C SER H 26 57.93 -3.70 -83.84
N PRO H 27 58.75 -4.30 -84.70
CA PRO H 27 59.23 -5.65 -84.47
C PRO H 27 60.38 -5.76 -83.49
N VAL H 28 60.93 -4.64 -83.03
CA VAL H 28 62.11 -4.66 -82.18
C VAL H 28 61.83 -4.00 -80.84
N ALA H 29 60.59 -4.09 -80.36
CA ALA H 29 60.25 -3.50 -79.08
C ALA H 29 61.13 -4.06 -77.98
N ILE H 30 61.60 -3.18 -77.09
CA ILE H 30 62.52 -3.56 -76.03
C ILE H 30 61.73 -3.85 -74.77
N GLU H 31 61.99 -5.01 -74.18
CA GLU H 31 61.41 -5.41 -72.91
C GLU H 31 62.39 -5.01 -71.80
N ALA H 32 62.20 -5.54 -70.59
CA ALA H 32 63.01 -5.14 -69.45
C ALA H 32 64.49 -5.30 -69.73
N VAL H 33 65.30 -4.56 -68.97
CA VAL H 33 66.76 -4.58 -69.08
C VAL H 33 67.33 -4.98 -67.74
N ARG H 34 68.27 -5.93 -67.74
CA ARG H 34 68.89 -6.44 -66.53
C ARG H 34 70.31 -5.92 -66.42
N SER H 35 70.70 -5.49 -65.22
CA SER H 35 72.04 -4.96 -65.01
C SER H 35 72.61 -5.42 -63.65
N GLU H 36 72.58 -6.71 -63.37
CA GLU H 36 73.18 -7.21 -62.13
C GLU H 36 74.67 -7.49 -62.27
N ALA H 37 75.30 -7.03 -63.34
CA ALA H 37 76.71 -7.31 -63.58
C ALA H 37 77.55 -6.17 -63.03
N THR H 38 78.51 -6.50 -62.18
CA THR H 38 79.29 -5.45 -61.53
C THR H 38 80.16 -4.70 -62.53
N ASP H 39 80.75 -5.39 -63.49
CA ASP H 39 81.59 -4.67 -64.46
C ASP H 39 80.78 -3.87 -65.46
N GLY H 40 79.46 -4.03 -65.48
CA GLY H 40 78.63 -3.18 -66.32
C GLY H 40 78.27 -3.74 -67.68
N MET H 41 77.65 -4.92 -67.71
CA MET H 41 77.23 -5.56 -68.95
C MET H 41 75.72 -5.71 -68.94
N LEU H 42 75.07 -5.27 -70.01
CA LEU H 42 73.61 -5.27 -70.08
C LEU H 42 73.10 -6.44 -70.91
N LYS H 43 71.98 -7.03 -70.44
CA LYS H 43 71.22 -8.04 -71.15
C LYS H 43 69.93 -7.41 -71.67
N ILE H 44 70.02 -6.76 -72.82
CA ILE H 44 68.84 -6.16 -73.43
C ILE H 44 67.99 -7.25 -74.04
N GLN H 45 66.67 -7.12 -73.92
CA GLN H 45 65.75 -8.14 -74.43
C GLN H 45 64.92 -7.58 -75.58
N PHE H 46 65.11 -8.13 -76.77
CA PHE H 46 64.30 -7.79 -77.93
C PHE H 46 62.91 -8.39 -77.82
N SER H 47 62.20 -8.33 -78.93
CA SER H 47 61.13 -9.24 -79.26
C SER H 47 61.51 -10.23 -80.36
N ALA H 48 62.49 -9.88 -81.19
CA ALA H 48 62.83 -10.66 -82.38
C ALA H 48 64.07 -11.49 -82.10
N GLN H 49 63.98 -12.80 -82.34
CA GLN H 49 65.13 -13.68 -82.11
C GLN H 49 66.28 -13.33 -83.05
N ILE H 50 67.49 -13.57 -82.56
CA ILE H 50 68.71 -13.26 -83.30
C ILE H 50 69.57 -14.51 -83.33
N GLY H 51 70.23 -14.72 -84.47
CA GLY H 51 71.12 -15.86 -84.64
C GLY H 51 70.46 -17.07 -85.26
N ILE H 52 69.20 -16.95 -85.67
CA ILE H 52 68.45 -18.05 -86.24
C ILE H 52 67.78 -17.55 -87.51
N ASP H 53 67.87 -18.33 -88.58
CA ASP H 53 67.28 -17.88 -89.83
C ASP H 53 65.80 -18.24 -89.86
N LYS H 54 65.14 -17.88 -90.96
CA LYS H 54 63.70 -18.08 -91.08
C LYS H 54 63.33 -19.56 -91.04
N SER H 55 64.14 -20.42 -91.65
CA SER H 55 63.87 -21.84 -91.76
C SER H 55 64.34 -22.65 -90.56
N ASP H 56 64.53 -22.01 -89.41
CA ASP H 56 64.87 -22.71 -88.15
C ASP H 56 66.25 -23.36 -88.23
N ASN H 57 67.25 -22.60 -88.67
CA ASN H 57 68.63 -23.06 -88.72
C ASN H 57 69.51 -22.07 -87.96
N HIS H 58 70.46 -22.60 -87.18
CA HIS H 58 71.42 -21.74 -86.51
C HIS H 58 72.32 -21.08 -87.53
N ASP H 59 72.37 -19.75 -87.52
CA ASP H 59 73.16 -19.01 -88.47
C ASP H 59 73.74 -17.76 -87.80
N TYR H 60 75.01 -17.49 -88.10
CA TYR H 60 75.68 -16.29 -87.61
C TYR H 60 75.36 -15.05 -88.43
N THR H 61 74.62 -15.18 -89.52
CA THR H 61 74.41 -14.07 -90.43
C THR H 61 72.96 -13.64 -90.58
N LYS H 62 72.00 -14.54 -90.38
CA LYS H 62 70.59 -14.21 -90.54
C LYS H 62 69.95 -14.09 -89.17
N ILE H 63 68.98 -13.19 -89.03
CA ILE H 63 68.20 -13.13 -87.79
C ILE H 63 66.73 -12.97 -88.14
N ARG H 64 65.88 -13.67 -87.39
CA ARG H 64 64.45 -13.64 -87.62
C ARG H 64 63.84 -12.35 -87.10
N TYR H 65 62.71 -11.97 -87.69
CA TYR H 65 61.87 -10.94 -87.12
C TYR H 65 60.47 -11.08 -87.68
N ALA H 66 59.51 -10.48 -86.99
CA ALA H 66 58.11 -10.63 -87.35
C ALA H 66 57.66 -9.50 -88.26
N ASP H 67 56.77 -9.83 -89.19
CA ASP H 67 56.26 -8.87 -90.16
C ASP H 67 54.88 -9.37 -90.59
N GLY H 68 53.85 -8.75 -90.04
CA GLY H 68 52.48 -9.07 -90.38
C GLY H 68 52.17 -10.55 -90.43
N HIS H 69 52.27 -11.22 -89.29
CA HIS H 69 52.09 -12.67 -89.19
C HIS H 69 52.81 -13.40 -90.33
N ALA H 70 54.06 -13.01 -90.54
CA ALA H 70 54.97 -13.73 -91.42
C ALA H 70 56.38 -13.48 -90.92
N ILE H 71 57.22 -14.50 -90.99
CA ILE H 71 58.56 -14.43 -90.41
C ILE H 71 59.57 -14.16 -91.52
N GLU H 72 60.45 -13.18 -91.32
CA GLU H 72 61.47 -12.87 -92.31
C GLU H 72 62.82 -12.77 -91.62
N ASN H 73 63.87 -12.55 -92.41
CA ASN H 73 65.21 -12.51 -91.86
C ASN H 73 65.93 -11.26 -92.34
N ALA H 74 66.80 -10.74 -91.48
CA ALA H 74 67.64 -9.59 -91.78
C ALA H 74 69.08 -9.90 -91.40
N VAL H 75 70.01 -9.20 -92.08
CA VAL H 75 71.43 -9.47 -91.87
C VAL H 75 71.86 -9.03 -90.49
N ARG H 76 72.74 -9.82 -89.87
CA ARG H 76 73.15 -9.56 -88.50
C ARG H 76 74.05 -8.34 -88.41
N SER H 77 74.77 -8.02 -89.47
CA SER H 77 75.36 -6.70 -89.54
C SER H 77 74.25 -5.65 -89.51
N SER H 78 74.65 -4.40 -89.33
CA SER H 78 73.71 -3.29 -89.23
C SER H 78 72.78 -3.39 -88.03
N LEU H 79 73.08 -4.26 -87.07
CA LEU H 79 72.43 -4.22 -85.77
C LEU H 79 73.21 -3.27 -84.90
N LYS H 80 72.63 -2.11 -84.60
CA LYS H 80 73.33 -1.10 -83.80
C LYS H 80 72.57 -0.84 -82.51
N VAL H 81 73.28 -0.91 -81.39
CA VAL H 81 72.76 -0.61 -80.06
C VAL H 81 73.46 0.64 -79.57
N ALA H 82 72.69 1.66 -79.24
CA ALA H 82 73.29 2.96 -78.99
C ALA H 82 72.75 3.58 -77.71
N THR H 83 73.59 4.41 -77.12
CA THR H 83 73.29 5.26 -75.98
C THR H 83 73.97 6.57 -76.37
N SER H 84 74.22 7.45 -75.41
CA SER H 84 74.87 8.73 -75.68
C SER H 84 75.96 8.65 -76.74
N GLY H 85 76.68 7.53 -76.79
CA GLY H 85 77.64 7.30 -77.85
C GLY H 85 77.32 6.08 -78.69
N ASP H 86 78.28 5.17 -78.81
CA ASP H 86 78.07 3.92 -79.52
C ASP H 86 78.49 2.78 -78.62
N CYS H 87 77.58 1.84 -78.39
CA CYS H 87 77.90 0.70 -77.53
C CYS H 87 78.73 -0.32 -78.28
N PHE H 88 79.17 -1.35 -77.57
CA PHE H 88 79.84 -2.50 -78.15
C PHE H 88 79.04 -3.73 -77.78
N VAL H 89 78.81 -4.60 -78.75
CA VAL H 89 77.96 -5.77 -78.57
C VAL H 89 78.86 -6.99 -78.42
N HIS H 90 78.64 -7.77 -77.37
CA HIS H 90 79.52 -8.88 -77.03
C HIS H 90 78.93 -10.24 -77.36
N GLY H 91 77.78 -10.56 -76.79
CA GLY H 91 77.18 -11.86 -77.02
C GLY H 91 75.79 -11.72 -77.61
N THR H 92 75.32 -12.71 -78.36
CA THR H 92 74.03 -12.56 -79.02
C THR H 92 73.51 -13.94 -79.41
N MET H 93 72.41 -14.35 -78.79
CA MET H 93 71.67 -15.50 -79.32
C MET H 93 70.28 -15.55 -78.69
N GLY H 94 69.26 -15.70 -79.52
CA GLY H 94 67.91 -15.69 -79.00
C GLY H 94 67.36 -14.29 -78.89
N HIS H 95 66.54 -14.06 -77.87
CA HIS H 95 65.97 -12.74 -77.63
C HIS H 95 66.95 -11.77 -77.01
N PHE H 96 68.05 -12.23 -76.44
CA PHE H 96 68.88 -11.41 -75.57
C PHE H 96 70.14 -10.96 -76.28
N ILE H 97 70.57 -9.74 -75.98
CA ILE H 97 71.78 -9.17 -76.54
C ILE H 97 72.62 -8.58 -75.41
N LEU H 98 73.93 -8.82 -75.45
CA LEU H 98 74.85 -8.31 -74.46
C LEU H 98 75.53 -7.05 -74.95
N ALA H 99 75.48 -6.00 -74.14
CA ALA H 99 76.04 -4.73 -74.57
C ALA H 99 76.86 -4.11 -73.46
N LYS H 100 77.81 -3.26 -73.86
CA LYS H 100 78.54 -2.36 -72.96
C LYS H 100 78.36 -0.94 -73.48
N CYS H 101 77.85 -0.06 -72.65
CA CYS H 101 77.54 1.25 -73.20
C CYS H 101 78.16 2.37 -72.37
N PRO H 102 78.53 3.48 -72.99
CA PRO H 102 78.94 4.66 -72.23
C PRO H 102 77.76 5.32 -71.56
N PRO H 103 77.98 6.17 -70.56
CA PRO H 103 76.86 6.69 -69.76
C PRO H 103 75.89 7.53 -70.56
N GLY H 104 74.62 7.47 -70.16
CA GLY H 104 73.56 8.19 -70.85
C GLY H 104 72.24 7.92 -70.16
N GLU H 105 71.16 8.35 -70.79
CA GLU H 105 69.83 8.26 -70.18
C GLU H 105 68.84 7.47 -71.02
N PHE H 106 69.14 7.21 -72.29
CA PHE H 106 68.22 6.47 -73.14
C PHE H 106 69.05 5.51 -73.97
N LEU H 107 68.46 4.36 -74.30
CA LEU H 107 69.16 3.47 -75.21
C LEU H 107 68.19 3.01 -76.28
N GLN H 108 68.72 2.85 -77.48
CA GLN H 108 67.92 2.42 -78.61
C GLN H 108 68.61 1.25 -79.29
N VAL H 109 67.81 0.38 -79.89
CA VAL H 109 68.31 -0.72 -80.70
C VAL H 109 67.65 -0.61 -82.06
N SER H 110 68.43 -0.81 -83.11
CA SER H 110 67.87 -0.67 -84.44
C SER H 110 68.58 -1.59 -85.41
N ILE H 111 67.89 -1.89 -86.50
CA ILE H 111 68.43 -2.78 -87.52
C ILE H 111 67.68 -2.54 -88.82
N GLN H 112 68.29 -2.94 -89.93
CA GLN H 112 67.67 -2.77 -91.24
C GLN H 112 66.54 -3.77 -91.45
N ASP H 113 65.62 -3.42 -92.33
CA ASP H 113 64.51 -4.28 -92.70
C ASP H 113 64.93 -5.16 -93.87
N THR H 114 63.97 -5.88 -94.43
CA THR H 114 64.25 -6.68 -95.63
C THR H 114 64.53 -5.77 -96.82
N ARG H 115 63.82 -4.64 -96.91
CA ARG H 115 64.03 -3.69 -97.99
C ARG H 115 64.90 -2.52 -97.59
N ASN H 116 65.79 -2.72 -96.61
CA ASN H 116 66.77 -1.71 -96.19
C ASN H 116 66.07 -0.42 -95.77
N ALA H 117 65.27 -0.54 -94.71
CA ALA H 117 64.66 0.60 -94.03
C ALA H 117 64.88 0.39 -92.54
N VAL H 118 65.32 1.43 -91.84
CA VAL H 118 65.76 1.25 -90.46
C VAL H 118 64.54 1.11 -89.55
N ARG H 119 64.59 0.14 -88.65
CA ARG H 119 63.57 -0.07 -87.63
C ARG H 119 64.26 0.04 -86.28
N ALA H 120 63.70 0.86 -85.39
CA ALA H 120 64.35 1.18 -84.13
C ALA H 120 63.35 1.25 -82.99
N CYS H 121 63.83 1.04 -81.78
CA CYS H 121 63.03 1.29 -80.58
C CYS H 121 63.92 1.84 -79.48
N ARG H 122 63.37 2.75 -78.68
CA ARG H 122 64.11 3.57 -77.73
C ARG H 122 63.43 3.52 -76.37
N ILE H 123 64.22 3.37 -75.32
CA ILE H 123 63.66 3.29 -73.97
C ILE H 123 64.52 4.10 -73.02
N GLN H 124 63.86 4.70 -72.03
CA GLN H 124 64.51 5.56 -71.04
C GLN H 124 65.18 4.70 -69.98
N TYR H 125 66.47 4.88 -69.79
CA TYR H 125 67.22 4.05 -68.86
C TYR H 125 68.44 4.82 -68.37
N HIS H 126 68.51 5.05 -67.06
CA HIS H 126 69.56 5.87 -66.47
C HIS H 126 70.78 5.02 -66.21
N HIS H 127 71.66 4.94 -67.20
CA HIS H 127 72.82 4.06 -67.16
C HIS H 127 74.02 4.84 -66.65
N ASP H 128 74.60 4.38 -65.54
CA ASP H 128 75.79 4.98 -64.95
C ASP H 128 76.58 3.92 -64.19
N PRO H 129 77.66 3.42 -64.74
CA PRO H 129 78.41 2.36 -64.09
C PRO H 129 79.46 2.89 -63.15
N GLN H 130 79.67 2.16 -62.06
CA GLN H 130 80.77 2.42 -61.13
C GLN H 130 81.58 1.14 -60.99
N PRO H 131 82.85 1.14 -61.35
CA PRO H 131 83.64 -0.08 -61.23
C PRO H 131 83.84 -0.45 -59.77
N VAL H 132 84.00 -1.76 -59.54
CA VAL H 132 84.20 -2.25 -58.19
C VAL H 132 85.55 -1.80 -57.67
N GLY H 133 85.59 -1.41 -56.41
CA GLY H 133 86.79 -0.91 -55.78
C GLY H 133 86.52 0.41 -55.12
N ARG H 134 87.56 1.22 -54.98
CA ARG H 134 87.45 2.52 -54.37
C ARG H 134 87.81 3.66 -55.31
N GLU H 135 88.23 3.36 -56.53
CA GLU H 135 88.56 4.38 -57.52
C GLU H 135 87.58 4.32 -58.67
N LYS H 136 87.12 5.48 -59.12
CA LYS H 136 86.20 5.53 -60.26
C LYS H 136 86.96 5.77 -61.55
N PHE H 137 87.85 4.85 -61.88
CA PHE H 137 88.63 4.95 -63.10
C PHE H 137 87.73 4.72 -64.31
N THR H 138 88.31 4.82 -65.50
CA THR H 138 87.56 4.66 -66.73
C THR H 138 87.90 3.38 -67.48
N ILE H 139 89.19 3.15 -67.73
CA ILE H 139 89.63 1.93 -68.41
C ILE H 139 90.70 1.28 -67.55
N ARG H 140 90.87 -0.03 -67.76
CA ARG H 140 91.81 -0.77 -66.94
C ARG H 140 93.23 -0.30 -67.20
N PRO H 141 94.07 -0.30 -66.19
CA PRO H 141 95.45 0.15 -66.38
C PRO H 141 96.37 -0.99 -66.75
N HIS H 142 97.64 -0.72 -66.98
CA HIS H 142 98.59 -1.76 -67.32
C HIS H 142 99.40 -2.22 -66.12
N TYR H 143 99.06 -1.78 -64.92
CA TYR H 143 99.72 -2.24 -63.70
C TYR H 143 98.82 -1.94 -62.52
N GLY H 144 98.35 -2.97 -61.83
CA GLY H 144 97.43 -2.74 -60.74
C GLY H 144 97.11 -4.03 -60.00
N LYS H 145 96.07 -3.97 -59.19
CA LYS H 145 95.68 -5.10 -58.37
C LYS H 145 94.72 -6.00 -59.15
N GLU H 146 94.06 -6.92 -58.46
CA GLU H 146 93.08 -7.81 -59.05
C GLU H 146 91.98 -8.05 -58.03
N ILE H 147 90.76 -7.65 -58.36
CA ILE H 147 89.64 -7.66 -57.41
C ILE H 147 88.57 -8.57 -57.99
N PRO H 148 87.91 -9.40 -57.18
CA PRO H 148 86.82 -10.21 -57.70
C PRO H 148 85.62 -9.36 -58.10
N CYS H 149 84.93 -9.81 -59.14
CA CYS H 149 83.74 -9.13 -59.66
C CYS H 149 82.93 -10.15 -60.45
N THR H 150 81.74 -9.75 -60.88
CA THR H 150 80.84 -10.64 -61.58
C THR H 150 80.56 -10.10 -62.98
N THR H 151 80.16 -11.00 -63.88
CA THR H 151 79.91 -10.61 -65.26
C THR H 151 79.06 -11.67 -65.94
N TYR H 152 78.80 -11.46 -67.22
CA TYR H 152 78.06 -12.41 -68.04
C TYR H 152 79.00 -13.05 -69.06
N GLN H 153 79.07 -14.37 -69.08
CA GLN H 153 79.85 -15.03 -70.13
C GLN H 153 78.95 -15.53 -71.24
N GLN H 154 79.57 -15.99 -72.31
CA GLN H 154 78.88 -16.47 -73.51
C GLN H 154 78.54 -17.95 -73.44
N THR H 155 78.77 -18.61 -72.33
CA THR H 155 78.39 -20.01 -72.21
C THR H 155 76.87 -20.15 -72.25
N THR H 156 76.42 -21.23 -72.90
CA THR H 156 75.01 -21.56 -72.99
C THR H 156 74.76 -22.96 -72.43
N ALA H 157 75.34 -23.21 -71.26
CA ALA H 157 75.21 -24.50 -70.58
C ALA H 157 73.87 -24.54 -69.82
N LYS H 158 73.75 -25.50 -68.91
CA LYS H 158 72.62 -25.51 -68.00
C LYS H 158 72.59 -24.23 -67.17
N THR H 159 71.43 -23.59 -67.09
CA THR H 159 71.31 -22.27 -66.48
C THR H 159 70.35 -22.18 -65.31
N VAL H 160 69.22 -22.89 -65.35
CA VAL H 160 68.13 -22.70 -64.40
C VAL H 160 67.67 -21.25 -64.47
N GLU H 161 67.08 -20.87 -65.60
CA GLU H 161 66.54 -19.53 -65.81
C GLU H 161 65.26 -19.69 -66.60
N GLU H 162 64.30 -18.82 -66.36
CA GLU H 162 62.95 -19.14 -66.79
C GLU H 162 62.31 -17.99 -67.55
N ILE H 163 61.77 -18.32 -68.72
CA ILE H 163 60.87 -17.43 -69.45
C ILE H 163 59.58 -18.18 -69.70
N ASP H 164 58.45 -17.52 -69.44
CA ASP H 164 57.14 -18.11 -69.68
C ASP H 164 56.69 -17.86 -71.11
N MET H 165 56.19 -18.91 -71.75
CA MET H 165 55.83 -18.89 -73.16
C MET H 165 54.36 -19.30 -73.26
N HIS H 166 53.65 -18.86 -74.28
CA HIS H 166 52.28 -19.32 -74.44
C HIS H 166 51.84 -19.15 -75.88
N MET H 167 50.63 -19.64 -76.16
CA MET H 167 50.08 -19.60 -77.51
C MET H 167 49.65 -18.19 -77.86
N PRO H 168 50.01 -17.69 -79.04
CA PRO H 168 49.64 -16.33 -79.42
C PRO H 168 48.14 -16.21 -79.57
N PRO H 169 47.59 -15.00 -79.41
CA PRO H 169 46.14 -14.83 -79.56
C PRO H 169 45.73 -14.87 -81.02
N ASP H 170 44.44 -14.65 -81.28
CA ASP H 170 43.94 -14.59 -82.65
C ASP H 170 44.26 -13.22 -83.21
N THR H 171 45.22 -13.18 -84.11
CA THR H 171 45.63 -11.91 -84.70
C THR H 171 44.52 -11.34 -85.57
N PRO H 172 44.05 -10.13 -85.32
CA PRO H 172 43.04 -9.53 -86.19
C PRO H 172 43.64 -8.84 -87.39
N ASP H 173 42.91 -8.91 -88.51
CA ASP H 173 43.42 -8.39 -89.77
C ASP H 173 42.26 -7.88 -90.61
N ARG H 174 42.58 -7.04 -91.58
CA ARG H 174 41.57 -6.47 -92.45
C ARG H 174 41.92 -6.48 -93.93
N THR H 175 43.19 -6.71 -94.29
CA THR H 175 43.56 -6.80 -95.69
C THR H 175 43.03 -8.05 -96.35
N LEU H 176 42.87 -9.15 -95.60
CA LEU H 176 42.41 -10.40 -96.19
C LEU H 176 40.97 -10.34 -96.68
N LEU H 177 40.22 -9.30 -96.32
CA LEU H 177 38.87 -9.10 -96.83
C LEU H 177 38.89 -8.19 -98.04
N SER H 178 38.28 -8.63 -99.15
CA SER H 178 38.19 -7.82 -100.35
C SER H 178 36.76 -7.87 -100.88
N GLN H 179 36.19 -6.70 -101.12
CA GLN H 179 34.81 -6.60 -101.62
C GLN H 179 34.82 -6.63 -103.14
N GLN H 180 34.14 -7.63 -103.72
CA GLN H 180 34.06 -7.72 -105.18
C GLN H 180 32.81 -7.05 -105.73
N SER H 181 31.64 -7.64 -105.47
CA SER H 181 30.37 -7.01 -105.87
C SER H 181 29.27 -7.63 -105.01
N GLY H 182 28.83 -6.89 -103.98
CA GLY H 182 27.82 -7.45 -103.10
C GLY H 182 28.27 -8.68 -102.38
N ASN H 183 29.57 -8.97 -102.38
CA ASN H 183 30.13 -10.15 -101.77
C ASN H 183 31.58 -9.86 -101.43
N VAL H 184 32.13 -10.67 -100.53
CA VAL H 184 33.50 -10.47 -100.08
C VAL H 184 34.26 -11.79 -100.19
N LYS H 185 35.57 -11.67 -100.41
CA LYS H 185 36.46 -12.80 -100.49
C LYS H 185 37.54 -12.70 -99.42
N ILE H 186 37.89 -13.85 -98.88
CA ILE H 186 38.82 -14.00 -97.77
C ILE H 186 40.07 -14.68 -98.28
N THR H 187 41.21 -14.02 -98.14
CA THR H 187 42.46 -14.57 -98.65
C THR H 187 42.92 -15.74 -97.78
N VAL H 188 43.79 -16.55 -98.36
CA VAL H 188 44.39 -17.70 -97.69
C VAL H 188 45.90 -17.65 -97.88
N GLY H 189 46.57 -18.75 -97.55
CA GLY H 189 48.02 -18.79 -97.49
C GLY H 189 48.43 -19.74 -96.40
N GLY H 190 47.44 -20.45 -95.86
CA GLY H 190 47.65 -21.42 -94.80
C GLY H 190 47.02 -21.02 -93.50
N LYS H 191 46.49 -19.81 -93.40
CA LYS H 191 46.00 -19.27 -92.16
C LYS H 191 44.54 -19.68 -92.00
N LYS H 192 44.27 -20.61 -91.09
CA LYS H 192 42.90 -21.06 -90.86
C LYS H 192 42.16 -19.92 -90.18
N VAL H 193 41.76 -18.94 -91.00
CA VAL H 193 41.14 -17.73 -90.48
C VAL H 193 39.84 -18.05 -89.76
N LYS H 194 39.67 -17.45 -88.59
CA LYS H 194 38.42 -17.49 -87.85
C LYS H 194 37.58 -16.28 -88.21
N TYR H 195 36.31 -16.53 -88.51
CA TYR H 195 35.44 -15.48 -89.02
C TYR H 195 34.15 -15.44 -88.21
N ASN H 196 33.63 -14.22 -88.06
CA ASN H 196 32.34 -13.98 -87.42
C ASN H 196 31.75 -12.77 -88.12
N CYS H 197 30.50 -12.86 -88.52
CA CYS H 197 29.89 -11.79 -89.29
C CYS H 197 28.45 -11.66 -88.86
N THR H 198 27.77 -10.62 -89.34
CA THR H 198 26.46 -10.29 -88.79
C THR H 198 25.31 -10.51 -89.78
N CYS H 199 25.56 -10.41 -91.09
CA CYS H 199 24.51 -10.40 -92.08
C CYS H 199 23.84 -11.77 -92.15
N GLY H 200 22.52 -11.78 -92.13
CA GLY H 200 21.73 -12.99 -92.35
C GLY H 200 22.01 -14.13 -91.41
N THR H 201 21.63 -13.96 -90.14
CA THR H 201 21.80 -14.96 -89.09
C THR H 201 23.29 -15.18 -88.84
N GLY H 202 24.13 -14.44 -89.57
CA GLY H 202 25.56 -14.49 -89.41
C GLY H 202 26.13 -15.82 -89.87
N ASN H 203 27.44 -15.95 -89.68
CA ASN H 203 28.13 -17.20 -89.96
C ASN H 203 29.29 -17.30 -88.99
N VAL H 204 29.30 -18.35 -88.18
CA VAL H 204 30.29 -18.53 -87.11
C VAL H 204 31.13 -19.75 -87.44
N GLY H 205 32.43 -19.63 -87.19
CA GLY H 205 33.36 -20.73 -87.39
C GLY H 205 34.66 -20.27 -88.00
N THR H 206 35.47 -21.24 -88.36
CA THR H 206 36.74 -21.01 -89.03
C THR H 206 36.81 -21.86 -90.30
N THR H 207 37.36 -21.28 -91.35
CA THR H 207 37.57 -22.01 -92.59
C THR H 207 39.06 -22.33 -92.74
N ASN H 208 39.38 -23.04 -93.82
CA ASN H 208 40.76 -23.27 -94.20
C ASN H 208 41.08 -22.81 -95.61
N SER H 209 40.08 -22.59 -96.45
CA SER H 209 40.29 -22.15 -97.82
C SER H 209 39.38 -20.96 -98.12
N ASP H 210 39.37 -20.53 -99.38
CA ASP H 210 38.62 -19.33 -99.76
C ASP H 210 37.14 -19.53 -99.50
N MET H 211 36.43 -18.40 -99.41
CA MET H 211 35.00 -18.43 -99.12
C MET H 211 34.39 -17.13 -99.59
N THR H 212 33.06 -17.14 -99.78
CA THR H 212 32.32 -15.98 -100.20
C THR H 212 30.95 -15.98 -99.53
N ILE H 213 30.44 -14.80 -99.22
CA ILE H 213 29.20 -14.64 -98.48
C ILE H 213 28.02 -14.27 -99.39
N ASN H 214 28.26 -13.42 -100.39
CA ASN H 214 27.24 -13.01 -101.36
C ASN H 214 26.07 -12.26 -100.75
N THR H 215 26.19 -11.80 -99.51
CA THR H 215 25.06 -11.14 -98.86
C THR H 215 25.34 -9.69 -98.47
N CYS H 216 26.38 -9.41 -97.68
CA CYS H 216 26.52 -8.14 -96.99
C CYS H 216 27.76 -7.39 -97.45
N LEU H 217 28.06 -6.29 -96.76
CA LEU H 217 29.21 -5.46 -97.06
C LEU H 217 30.40 -5.87 -96.18
N ILE H 218 31.51 -5.14 -96.31
CA ILE H 218 32.71 -5.49 -95.58
C ILE H 218 32.53 -5.28 -94.09
N GLU H 219 31.92 -4.16 -93.70
CA GLU H 219 31.95 -3.78 -92.29
C GLU H 219 30.92 -4.56 -91.49
N GLN H 220 30.83 -5.85 -91.76
CA GLN H 220 30.09 -6.77 -90.92
C GLN H 220 30.84 -8.06 -90.63
N CYS H 221 31.74 -8.49 -91.50
CA CYS H 221 32.50 -9.72 -91.32
C CYS H 221 33.93 -9.35 -90.91
N HIS H 222 34.61 -10.30 -90.26
CA HIS H 222 35.91 -9.98 -89.68
C HIS H 222 36.86 -11.16 -89.84
N VAL H 223 38.15 -10.85 -89.77
CA VAL H 223 39.22 -11.79 -90.07
C VAL H 223 40.18 -11.85 -88.90
N SER H 224 40.44 -13.06 -88.41
CA SER H 224 41.32 -13.26 -87.25
C SER H 224 42.07 -14.58 -87.43
N VAL H 225 43.34 -14.48 -87.81
CA VAL H 225 44.17 -15.66 -87.98
C VAL H 225 44.46 -16.30 -86.63
N THR H 226 44.32 -17.62 -86.55
CA THR H 226 44.59 -18.35 -85.31
C THR H 226 46.00 -18.94 -85.25
N ASP H 227 46.48 -19.51 -86.35
CA ASP H 227 47.84 -20.02 -86.44
C ASP H 227 48.17 -21.10 -85.42
N HIS H 228 48.54 -20.70 -84.22
CA HIS H 228 49.05 -21.62 -83.19
C HIS H 228 50.31 -22.33 -83.68
N LYS H 229 50.59 -23.49 -83.10
CA LYS H 229 51.75 -24.33 -83.39
C LYS H 229 53.07 -23.70 -83.01
N LYS H 230 53.10 -22.48 -82.46
CA LYS H 230 54.36 -21.84 -82.13
C LYS H 230 54.18 -20.94 -80.92
N TRP H 231 54.92 -21.22 -79.85
CA TRP H 231 54.90 -20.41 -78.65
C TRP H 231 55.46 -19.02 -78.95
N GLN H 232 54.81 -17.98 -78.44
CA GLN H 232 55.28 -16.63 -78.74
C GLN H 232 56.09 -15.97 -77.63
N PHE H 233 55.46 -15.66 -76.50
CA PHE H 233 56.08 -15.09 -75.30
C PHE H 233 55.00 -14.80 -74.29
N ASN H 234 55.34 -14.56 -73.02
CA ASN H 234 54.38 -13.97 -72.10
C ASN H 234 54.63 -12.47 -71.98
N SER H 235 54.19 -11.75 -73.00
CA SER H 235 54.51 -10.34 -72.89
C SER H 235 53.32 -9.56 -72.38
N PRO H 236 53.54 -8.49 -71.60
CA PRO H 236 52.40 -7.70 -71.11
C PRO H 236 51.74 -6.85 -72.17
N PHE H 237 52.28 -6.79 -73.37
CA PHE H 237 51.76 -5.87 -74.38
C PHE H 237 50.84 -6.53 -75.39
N VAL H 238 50.68 -7.85 -75.37
CA VAL H 238 49.78 -8.55 -76.28
C VAL H 238 48.88 -9.48 -75.48
N PRO H 239 47.59 -9.52 -75.78
CA PRO H 239 46.64 -10.20 -74.90
C PRO H 239 46.83 -11.72 -74.91
N ARG H 240 46.43 -12.34 -73.81
CA ARG H 240 46.39 -13.79 -73.77
C ARG H 240 45.08 -14.27 -74.38
N ALA H 241 44.97 -15.59 -74.54
CA ALA H 241 43.82 -16.17 -75.24
C ALA H 241 42.83 -16.85 -74.30
N ASP H 242 43.26 -17.35 -73.14
CA ASP H 242 42.38 -18.11 -72.28
C ASP H 242 42.74 -17.81 -70.83
N GLU H 243 41.71 -17.72 -69.98
CA GLU H 243 41.91 -17.16 -68.65
C GLU H 243 42.82 -17.98 -67.76
N PRO H 244 42.62 -19.29 -67.55
CA PRO H 244 43.55 -20.02 -66.68
C PRO H 244 44.97 -20.08 -67.21
N ALA H 245 45.16 -19.82 -68.50
CA ALA H 245 46.49 -19.73 -69.11
C ALA H 245 47.22 -21.06 -69.10
N ARG H 246 48.23 -21.19 -69.95
CA ARG H 246 48.94 -22.46 -70.11
C ARG H 246 50.37 -22.38 -69.60
N LYS H 247 51.18 -21.47 -70.14
CA LYS H 247 52.56 -21.25 -69.70
C LYS H 247 53.48 -22.40 -70.09
N GLY H 248 54.68 -22.05 -70.55
CA GLY H 248 55.73 -23.00 -70.85
C GLY H 248 56.99 -22.57 -70.15
N LYS H 249 58.16 -22.95 -70.67
CA LYS H 249 59.41 -22.63 -70.01
C LYS H 249 60.54 -22.66 -71.02
N VAL H 250 61.31 -21.58 -71.09
CA VAL H 250 62.51 -21.53 -71.91
C VAL H 250 63.67 -21.01 -71.06
N HIS H 251 64.84 -21.62 -71.23
CA HIS H 251 66.04 -21.23 -70.50
C HIS H 251 66.63 -19.95 -71.07
N ILE H 252 66.93 -19.01 -70.18
CA ILE H 252 67.62 -17.78 -70.56
C ILE H 252 69.10 -18.10 -70.72
N PRO H 253 69.75 -17.64 -71.77
CA PRO H 253 71.20 -17.84 -71.91
C PRO H 253 71.97 -16.85 -71.04
N PHE H 254 73.29 -16.98 -71.09
CA PHE H 254 74.22 -16.09 -70.40
C PHE H 254 74.00 -16.09 -68.89
N PRO H 255 74.45 -17.11 -68.17
CA PRO H 255 74.48 -17.02 -66.71
C PRO H 255 75.59 -16.08 -66.27
N LEU H 256 75.70 -15.83 -64.96
CA LEU H 256 76.71 -14.92 -64.43
C LEU H 256 77.58 -15.61 -63.37
N ASP H 257 78.89 -15.59 -63.58
CA ASP H 257 79.85 -16.18 -62.65
C ASP H 257 81.08 -15.29 -62.51
N ASN H 258 81.86 -15.57 -61.47
CA ASN H 258 82.91 -14.68 -60.99
C ASN H 258 84.10 -14.62 -61.92
N ILE H 259 84.67 -13.42 -62.08
CA ILE H 259 85.95 -13.21 -62.73
C ILE H 259 86.73 -12.18 -61.91
N THR H 260 87.88 -11.77 -62.43
CA THR H 260 88.77 -10.84 -61.75
C THR H 260 89.01 -9.62 -62.63
N CYS H 261 88.86 -8.43 -62.05
CA CYS H 261 89.05 -7.17 -62.76
C CYS H 261 90.28 -6.45 -62.23
N ARG H 262 90.99 -5.75 -63.11
CA ARG H 262 92.19 -5.01 -62.73
C ARG H 262 91.80 -3.61 -62.32
N VAL H 263 92.34 -3.15 -61.20
CA VAL H 263 92.05 -1.81 -60.69
C VAL H 263 93.37 -1.10 -60.43
N PRO H 264 93.47 0.19 -60.69
CA PRO H 264 94.74 0.90 -60.49
C PRO H 264 94.94 1.31 -59.04
N MET H 265 96.19 1.63 -58.72
CA MET H 265 96.60 2.03 -57.38
C MET H 265 97.08 3.47 -57.44
N ALA H 266 96.46 4.35 -56.65
CA ALA H 266 96.77 5.76 -56.72
C ALA H 266 98.14 6.06 -56.17
N ARG H 267 98.62 7.27 -56.47
CA ARG H 267 99.95 7.68 -56.02
C ARG H 267 99.98 7.82 -54.50
N GLU H 268 101.13 7.50 -53.93
CA GLU H 268 101.28 7.61 -52.50
C GLU H 268 101.47 9.07 -52.11
N PRO H 269 100.61 9.60 -51.24
CA PRO H 269 100.71 11.01 -50.88
C PRO H 269 101.97 11.30 -50.10
N THR H 270 102.44 12.54 -50.22
CA THR H 270 103.61 12.98 -49.47
C THR H 270 103.17 13.47 -48.09
N VAL H 271 103.98 13.18 -47.08
CA VAL H 271 103.66 13.50 -45.70
C VAL H 271 104.62 14.58 -45.21
N ILE H 272 104.12 15.44 -44.34
CA ILE H 272 104.96 16.36 -43.58
C ILE H 272 104.61 16.24 -42.11
N HIS H 273 105.58 15.87 -41.30
CA HIS H 273 105.35 15.60 -39.89
C HIS H 273 105.12 16.89 -39.11
N GLY H 274 104.21 16.84 -38.16
CA GLY H 274 103.98 17.97 -37.26
C GLY H 274 103.78 17.52 -35.83
N LYS H 275 103.58 18.46 -34.91
CA LYS H 275 103.37 18.13 -33.50
C LYS H 275 101.97 17.55 -33.36
N ARG H 276 101.89 16.22 -33.30
CA ARG H 276 100.61 15.51 -33.21
C ARG H 276 99.73 15.75 -34.44
N GLU H 277 100.33 16.27 -35.51
CA GLU H 277 99.59 16.55 -36.72
C GLU H 277 100.33 15.98 -37.92
N VAL H 278 99.57 15.57 -38.94
CA VAL H 278 100.14 15.12 -40.20
C VAL H 278 99.45 15.89 -41.32
N THR H 279 100.23 16.49 -42.20
CA THR H 279 99.69 17.18 -43.36
C THR H 279 99.97 16.35 -44.62
N LEU H 280 98.91 16.12 -45.39
CA LEU H 280 98.96 15.24 -46.55
C LEU H 280 98.70 16.10 -47.78
N HIS H 281 99.49 15.89 -48.83
CA HIS H 281 99.23 16.51 -50.12
C HIS H 281 98.70 15.44 -51.06
N LEU H 282 97.42 15.54 -51.43
CA LEU H 282 96.75 14.52 -52.20
C LEU H 282 96.70 14.93 -53.66
N HIS H 283 97.19 14.05 -54.53
CA HIS H 283 97.24 14.28 -55.97
C HIS H 283 96.57 13.13 -56.70
N PRO H 284 95.25 13.13 -56.80
CA PRO H 284 94.55 12.06 -57.50
C PRO H 284 94.42 12.35 -58.99
N ASP H 285 94.23 11.29 -59.75
CA ASP H 285 93.98 11.38 -61.19
C ASP H 285 92.51 11.32 -61.54
N HIS H 286 91.67 10.93 -60.58
CA HIS H 286 90.26 10.68 -60.78
C HIS H 286 89.66 10.35 -59.42
N PRO H 287 88.35 10.51 -59.26
CA PRO H 287 87.77 10.46 -57.91
C PRO H 287 88.16 9.24 -57.09
N THR H 288 88.98 9.43 -56.08
CA THR H 288 89.39 8.37 -55.18
C THR H 288 88.72 8.55 -53.83
N LEU H 289 88.85 7.55 -52.97
CA LEU H 289 88.29 7.60 -51.63
C LEU H 289 89.42 7.76 -50.63
N PHE H 290 89.24 8.66 -49.68
CA PHE H 290 90.24 8.92 -48.65
C PHE H 290 89.57 8.81 -47.29
N SER H 291 90.09 7.94 -46.43
CA SER H 291 89.46 7.74 -45.14
C SER H 291 90.54 7.61 -44.07
N TYR H 292 90.17 7.87 -42.82
CA TYR H 292 91.12 7.72 -41.75
C TYR H 292 90.36 7.63 -40.44
N ARG H 293 90.96 6.92 -39.48
CA ARG H 293 90.36 6.79 -38.17
C ARG H 293 91.45 6.69 -37.13
N THR H 294 91.19 7.32 -35.98
CA THR H 294 92.10 7.29 -34.84
C THR H 294 91.83 6.04 -34.03
N LEU H 295 92.86 5.24 -33.83
CA LEU H 295 92.69 3.92 -33.22
C LEU H 295 92.85 3.96 -31.71
N GLY H 296 92.17 4.90 -31.07
CA GLY H 296 92.06 4.96 -29.64
C GLY H 296 90.75 4.39 -29.14
N GLU H 297 90.36 4.82 -27.95
CA GLU H 297 89.12 4.32 -27.36
C GLU H 297 87.90 4.94 -28.03
N ASP H 298 87.95 6.24 -28.31
CA ASP H 298 86.86 6.96 -28.96
C ASP H 298 87.35 7.48 -30.31
N PRO H 299 86.96 6.86 -31.41
CA PRO H 299 87.62 7.13 -32.68
C PRO H 299 87.13 8.43 -33.30
N GLN H 300 87.86 8.86 -34.33
CA GLN H 300 87.46 10.00 -35.15
C GLN H 300 87.14 9.47 -36.55
N TYR H 301 85.92 9.00 -36.72
CA TYR H 301 85.40 8.54 -37.98
C TYR H 301 85.38 9.66 -39.01
N HIS H 302 85.77 9.35 -40.25
CA HIS H 302 85.76 10.34 -41.33
C HIS H 302 85.97 9.65 -42.68
N GLU H 303 85.35 10.18 -43.72
CA GLU H 303 85.57 9.70 -45.08
C GLU H 303 85.12 10.74 -46.09
N GLU H 304 85.71 10.69 -47.28
CA GLU H 304 85.55 11.77 -48.25
C GLU H 304 85.86 11.25 -49.63
N TRP H 305 85.35 11.95 -50.65
CA TRP H 305 85.55 11.58 -52.05
C TRP H 305 86.39 12.66 -52.72
N VAL H 306 87.70 12.55 -52.60
CA VAL H 306 88.59 13.58 -53.15
C VAL H 306 88.50 13.58 -54.67
N THR H 307 88.51 14.77 -55.26
CA THR H 307 88.47 14.93 -56.71
C THR H 307 89.67 15.66 -57.29
N ALA H 308 89.98 16.85 -56.79
CA ALA H 308 91.08 17.64 -57.30
C ALA H 308 92.23 17.67 -56.31
N ALA H 309 93.37 18.15 -56.77
CA ALA H 309 94.60 18.16 -55.97
C ALA H 309 94.39 19.01 -54.72
N VAL H 310 94.47 18.39 -53.54
CA VAL H 310 94.16 19.11 -52.33
C VAL H 310 95.18 18.87 -51.23
N GLU H 311 94.90 19.40 -50.05
CA GLU H 311 95.81 19.35 -48.91
C GLU H 311 95.01 19.15 -47.64
N ARG H 312 95.30 18.10 -46.89
CA ARG H 312 94.52 17.74 -45.72
C ARG H 312 95.39 17.72 -44.48
N THR H 313 94.77 17.92 -43.33
CA THR H 313 95.45 17.92 -42.03
C THR H 313 94.71 16.99 -41.10
N ILE H 314 95.43 16.07 -40.48
CA ILE H 314 94.85 14.99 -39.70
C ILE H 314 95.55 14.85 -38.36
N PRO H 315 94.83 14.54 -37.28
CA PRO H 315 95.45 14.45 -35.97
C PRO H 315 95.96 13.05 -35.69
N VAL H 316 97.11 12.96 -35.04
CA VAL H 316 97.71 11.67 -34.71
C VAL H 316 98.05 11.61 -33.24
N PRO H 317 97.11 11.30 -32.37
CA PRO H 317 97.42 11.27 -30.93
C PRO H 317 98.42 10.18 -30.59
N VAL H 318 98.77 10.07 -29.32
CA VAL H 318 99.78 9.09 -28.91
C VAL H 318 99.29 7.66 -29.15
N ASP H 319 97.98 7.45 -29.26
CA ASP H 319 97.48 6.12 -29.55
C ASP H 319 97.77 5.71 -30.99
N GLY H 320 97.66 6.62 -31.94
CA GLY H 320 97.95 6.34 -33.33
C GLY H 320 96.69 6.32 -34.18
N MET H 321 96.90 6.27 -35.50
CA MET H 321 95.75 6.23 -36.38
C MET H 321 96.13 5.56 -37.69
N GLU H 322 95.10 5.18 -38.45
CA GLU H 322 95.30 4.56 -39.76
C GLU H 322 94.54 5.33 -40.81
N TYR H 323 95.17 5.48 -41.97
CA TYR H 323 94.51 6.11 -43.11
C TYR H 323 94.61 5.23 -44.34
N HIS H 324 93.63 5.37 -45.21
CA HIS H 324 93.33 4.49 -46.33
C HIS H 324 93.12 5.38 -47.54
N TRP H 325 94.04 5.35 -48.48
CA TRP H 325 94.04 6.26 -49.62
C TRP H 325 93.91 5.48 -50.92
N GLY H 326 92.70 5.46 -51.48
CA GLY H 326 92.51 4.76 -52.73
C GLY H 326 92.44 3.27 -52.50
N ASN H 327 93.13 2.52 -53.35
CA ASN H 327 93.18 1.07 -53.25
C ASN H 327 94.35 0.57 -52.42
N ASN H 328 95.22 1.46 -51.97
CA ASN H 328 96.40 1.02 -51.24
C ASN H 328 96.02 0.40 -49.90
N ASP H 329 96.95 -0.34 -49.32
CA ASP H 329 96.75 -0.90 -48.01
C ASP H 329 96.72 0.21 -46.96
N PRO H 330 95.91 0.07 -45.93
CA PRO H 330 95.90 1.07 -44.86
C PRO H 330 97.27 1.20 -44.24
N VAL H 331 97.62 2.43 -43.86
CA VAL H 331 98.92 2.72 -43.27
C VAL H 331 98.69 3.39 -41.92
N ARG H 332 99.49 3.02 -40.94
CA ARG H 332 99.32 3.46 -39.56
C ARG H 332 100.47 4.36 -39.16
N LEU H 333 100.18 5.34 -38.32
CA LEU H 333 101.19 6.25 -37.79
C LEU H 333 100.93 6.51 -36.31
N TRP H 334 101.99 6.54 -35.53
CA TRP H 334 101.92 6.71 -34.08
C TRP H 334 102.67 7.97 -33.68
N SER H 335 102.14 8.68 -32.70
CA SER H 335 102.83 9.84 -32.17
C SER H 335 103.91 9.42 -31.19
N GLN H 336 104.81 10.34 -30.91
CA GLN H 336 105.93 10.06 -30.04
C GLN H 336 105.99 11.14 -28.97
N LEU H 337 106.43 10.78 -27.77
CA LEU H 337 106.37 11.69 -26.64
C LEU H 337 107.43 12.77 -26.82
N THR H 338 107.06 13.82 -27.55
CA THR H 338 107.95 14.96 -27.75
C THR H 338 107.36 16.20 -27.10
N THR H 339 108.24 17.11 -26.72
CA THR H 339 107.83 18.36 -26.11
C THR H 339 108.97 19.37 -26.28
N GLU H 340 108.82 20.53 -25.65
CA GLU H 340 109.75 21.63 -25.84
C GLU H 340 110.37 22.18 -24.56
N GLY H 341 109.87 21.79 -23.40
CA GLY H 341 110.47 22.21 -22.15
C GLY H 341 111.84 21.59 -21.99
N LYS H 342 112.44 21.81 -20.82
CA LYS H 342 113.74 21.22 -20.50
C LYS H 342 113.65 20.49 -19.17
N PRO H 343 113.50 19.17 -19.15
CA PRO H 343 113.47 18.45 -17.89
C PRO H 343 114.85 18.41 -17.25
N HIS H 344 114.88 18.16 -15.95
CA HIS H 344 116.11 18.18 -15.17
C HIS H 344 116.81 19.54 -15.25
N GLY H 345 116.04 20.60 -15.02
CA GLY H 345 116.59 21.94 -14.97
C GLY H 345 115.95 22.78 -13.89
N TRP H 346 115.78 24.07 -14.16
CA TRP H 346 115.19 24.96 -13.20
C TRP H 346 113.70 24.66 -13.03
N PRO H 347 113.11 25.09 -11.92
CA PRO H 347 111.67 24.87 -11.72
C PRO H 347 110.80 25.51 -12.78
N HIS H 348 111.22 26.62 -13.37
CA HIS H 348 110.41 27.23 -14.41
C HIS H 348 110.56 26.54 -15.76
N GLN H 349 111.50 25.60 -15.90
CA GLN H 349 111.59 24.80 -17.10
C GLN H 349 111.03 23.40 -16.92
N ILE H 350 111.07 22.86 -15.71
CA ILE H 350 110.40 21.57 -15.47
C ILE H 350 108.93 21.69 -15.78
N VAL H 351 108.32 22.81 -15.39
CA VAL H 351 106.89 22.99 -15.64
C VAL H 351 106.62 23.12 -17.13
N GLN H 352 107.52 23.75 -17.88
CA GLN H 352 107.34 23.77 -19.33
C GLN H 352 107.41 22.36 -19.92
N TYR H 353 108.35 21.56 -19.45
CA TYR H 353 108.48 20.20 -19.96
C TYR H 353 107.24 19.38 -19.65
N TYR H 354 106.71 19.48 -18.44
CA TYR H 354 105.51 18.73 -18.10
C TYR H 354 104.25 19.44 -18.55
N TYR H 355 104.35 20.62 -19.14
CA TYR H 355 103.20 21.27 -19.76
C TYR H 355 103.06 20.92 -21.22
N GLY H 356 104.18 20.71 -21.91
CA GLY H 356 104.10 20.20 -23.26
C GLY H 356 103.35 18.88 -23.31
N LEU H 357 103.56 18.05 -22.30
CA LEU H 357 102.86 16.78 -22.16
C LEU H 357 101.68 16.98 -21.22
N TYR H 358 100.50 16.56 -21.65
CA TYR H 358 99.30 16.63 -20.82
C TYR H 358 99.01 18.06 -20.39
N PRO H 359 98.69 18.98 -21.28
CA PRO H 359 98.61 20.39 -20.85
C PRO H 359 97.29 20.73 -20.21
N ALA H 360 96.81 19.86 -19.35
CA ALA H 360 95.57 20.08 -18.63
C ALA H 360 95.67 19.76 -17.16
N ALA H 361 96.51 18.81 -16.76
CA ALA H 361 96.71 18.50 -15.37
C ALA H 361 97.91 19.22 -14.77
N THR H 362 98.88 19.62 -15.59
CA THR H 362 99.99 20.39 -15.04
C THR H 362 99.52 21.68 -14.43
N VAL H 363 98.61 22.39 -15.12
CA VAL H 363 98.09 23.64 -14.60
C VAL H 363 97.40 23.42 -13.27
N SER H 364 96.53 22.42 -13.20
CA SER H 364 95.79 22.17 -11.97
C SER H 364 96.72 21.78 -10.82
N ALA H 365 97.71 20.92 -11.09
CA ALA H 365 98.62 20.52 -10.04
C ALA H 365 99.45 21.70 -9.54
N VAL H 366 99.93 22.55 -10.45
CA VAL H 366 100.70 23.71 -10.03
C VAL H 366 99.84 24.66 -9.20
N VAL H 367 98.60 24.88 -9.63
CA VAL H 367 97.72 25.76 -8.88
C VAL H 367 97.48 25.20 -7.47
N GLY H 368 97.20 23.90 -7.38
CA GLY H 368 96.96 23.32 -6.06
C GLY H 368 98.16 23.44 -5.15
N MET H 369 99.35 23.13 -5.68
CA MET H 369 100.56 23.24 -4.86
C MET H 369 100.78 24.68 -4.40
N SER H 370 100.60 25.65 -5.30
CA SER H 370 100.81 27.04 -4.93
C SER H 370 99.80 27.47 -3.87
N LEU H 371 98.55 27.04 -4.01
CA LEU H 371 97.54 27.42 -3.03
C LEU H 371 97.87 26.85 -1.66
N LEU H 372 98.30 25.59 -1.60
CA LEU H 372 98.66 25.02 -0.30
C LEU H 372 99.87 25.72 0.29
N ALA H 373 100.83 26.10 -0.55
CA ALA H 373 101.98 26.85 -0.04
C ALA H 373 101.54 28.18 0.56
N LEU H 374 100.64 28.90 -0.12
CA LEU H 374 100.18 30.17 0.43
C LEU H 374 99.40 29.97 1.72
N ILE H 375 98.56 28.95 1.79
CA ILE H 375 97.80 28.70 3.01
C ILE H 375 98.76 28.46 4.17
N SER H 376 99.76 27.62 3.96
CA SER H 376 100.70 27.32 5.02
C SER H 376 101.47 28.57 5.46
N ILE H 377 101.94 29.37 4.49
CA ILE H 377 102.77 30.52 4.86
C ILE H 377 101.92 31.55 5.61
N PHE H 378 100.68 31.76 5.18
CA PHE H 378 99.83 32.71 5.90
C PHE H 378 99.51 32.22 7.29
N ALA H 379 99.24 30.92 7.46
CA ALA H 379 98.95 30.40 8.79
C ALA H 379 100.14 30.59 9.72
N SER H 380 101.36 30.31 9.23
CA SER H 380 102.52 30.48 10.09
C SER H 380 102.70 31.94 10.49
N CYS H 381 102.61 32.86 9.51
CA CYS H 381 102.84 34.27 9.84
C CYS H 381 101.79 34.78 10.83
N TYR H 382 100.53 34.40 10.61
CA TYR H 382 99.47 34.75 11.54
C TYR H 382 99.74 34.22 12.94
N MET H 383 100.25 32.99 13.02
CA MET H 383 100.49 32.41 14.35
C MET H 383 101.59 33.17 15.09
N LEU H 384 102.67 33.54 14.39
CA LEU H 384 103.68 34.37 15.05
C LEU H 384 103.12 35.72 15.50
N VAL H 385 102.30 36.36 14.66
CA VAL H 385 101.74 37.66 15.06
C VAL H 385 100.85 37.51 16.30
N ALA H 386 100.02 36.47 16.32
CA ALA H 386 99.16 36.25 17.47
C ALA H 386 99.98 36.01 18.73
N ALA H 387 101.07 35.24 18.61
CA ALA H 387 101.92 35.01 19.77
C ALA H 387 102.54 36.31 20.26
N ARG H 388 102.96 37.17 19.34
CA ARG H 388 103.55 38.45 19.75
C ARG H 388 102.52 39.29 20.48
N SER H 389 101.30 39.33 19.98
CA SER H 389 100.25 40.08 20.68
C SER H 389 100.01 39.51 22.08
N LYS H 390 99.91 38.18 22.18
CA LYS H 390 99.69 37.55 23.48
C LYS H 390 100.79 37.89 24.47
N CYS H 391 102.05 37.81 24.04
CA CYS H 391 103.15 38.05 24.96
C CYS H 391 103.37 39.53 25.25
N LEU H 392 102.86 40.43 24.42
CA LEU H 392 103.10 41.85 24.65
C LEU H 392 101.92 42.58 25.25
N THR H 393 100.73 41.98 25.30
CA THR H 393 99.64 42.71 25.93
C THR H 393 99.81 42.89 27.45
N PRO H 394 100.46 41.98 28.20
CA PRO H 394 100.58 42.24 29.64
C PRO H 394 101.39 43.48 29.95
N TYR H 395 102.61 43.57 29.42
CA TYR H 395 103.48 44.71 29.70
C TYR H 395 102.91 46.02 29.17
N ALA H 396 101.84 45.96 28.38
CA ALA H 396 101.23 47.16 27.81
C ALA H 396 100.14 47.72 28.70
N LEU H 397 99.96 47.16 29.89
CA LEU H 397 99.00 47.66 30.86
C LEU H 397 99.67 48.27 32.09
N THR H 398 100.99 48.42 32.07
CA THR H 398 101.77 49.11 33.08
C THR H 398 102.82 49.99 32.43
N PRO H 399 103.21 51.08 33.09
CA PRO H 399 104.33 51.89 32.57
C PRO H 399 105.66 51.29 32.99
N GLY H 400 105.99 50.11 32.48
CA GLY H 400 107.11 49.35 32.96
C GLY H 400 108.27 49.26 31.98
N ALA H 401 109.35 48.66 32.47
CA ALA H 401 110.55 48.50 31.68
C ALA H 401 110.35 47.43 30.61
N ALA H 402 110.95 47.66 29.44
CA ALA H 402 110.82 46.73 28.34
C ALA H 402 111.79 45.57 28.43
N VAL H 403 112.66 45.56 29.44
CA VAL H 403 113.66 44.50 29.61
C VAL H 403 114.52 44.45 28.35
N PRO H 404 115.45 45.40 28.16
CA PRO H 404 116.23 45.46 26.91
C PRO H 404 116.67 44.11 26.36
N TRP H 405 116.89 43.14 27.24
CA TRP H 405 117.19 41.79 26.76
C TRP H 405 116.02 41.22 25.95
N THR H 406 114.80 41.42 26.42
CA THR H 406 113.62 41.05 25.63
C THR H 406 113.35 42.03 24.50
N LEU H 407 113.70 43.30 24.71
CA LEU H 407 113.51 44.31 23.67
C LEU H 407 114.29 43.97 22.40
N GLY H 408 115.57 43.61 22.55
CA GLY H 408 116.35 43.23 21.39
C GLY H 408 115.91 41.91 20.79
N ILE H 409 115.55 40.95 21.63
CA ILE H 409 115.22 39.61 21.16
C ILE H 409 113.93 39.62 20.34
N LEU H 410 112.89 40.28 20.84
CA LEU H 410 111.62 40.35 20.16
C LEU H 410 111.37 41.79 19.71
N CYS H 411 110.97 41.94 18.45
CA CYS H 411 110.71 43.27 17.89
C CYS H 411 109.37 43.77 18.44
N CYS H 412 109.44 44.68 19.41
CA CYS H 412 108.25 45.33 19.92
C CYS H 412 108.09 46.69 19.24
N ALA H 413 106.95 47.33 19.49
CA ALA H 413 106.72 48.66 18.93
C ALA H 413 107.71 49.70 19.45
N PRO H 414 107.96 49.84 20.77
CA PRO H 414 108.96 50.81 21.22
C PRO H 414 110.36 50.24 21.15
N ARG H 415 111.16 50.72 20.19
CA ARG H 415 112.52 50.24 20.04
C ARG H 415 113.41 50.68 21.20
N ALA H 416 113.22 51.92 21.67
CA ALA H 416 113.95 52.42 22.83
C ALA H 416 113.08 53.22 23.79
N HIS H 417 111.85 53.57 23.42
CA HIS H 417 110.98 54.39 24.26
C HIS H 417 110.35 53.48 25.30
N ALA H 418 111.08 53.26 26.40
CA ALA H 418 110.62 52.40 27.49
C ALA H 418 110.24 51.00 27.01
N HIS I 1 117.26 12.68 -102.16
CA HIS I 1 116.00 12.21 -101.60
C HIS I 1 116.03 12.32 -100.07
N PHE I 2 116.92 11.54 -99.45
CA PHE I 2 117.12 11.56 -98.00
C PHE I 2 115.83 11.20 -97.25
N ASN I 3 115.40 9.96 -97.44
CA ASN I 3 114.26 9.42 -96.72
C ASN I 3 114.80 8.51 -95.62
N VAL I 4 114.62 8.92 -94.36
CA VAL I 4 115.21 8.20 -93.25
C VAL I 4 114.39 6.99 -92.83
N TYR I 5 113.32 6.66 -93.54
CA TYR I 5 112.47 5.56 -93.12
C TYR I 5 112.88 4.22 -93.71
N LYS I 6 113.99 4.15 -94.44
CA LYS I 6 114.53 2.87 -94.86
C LYS I 6 115.06 2.04 -93.68
N ALA I 7 115.45 2.68 -92.58
CA ALA I 7 116.04 1.99 -91.44
C ALA I 7 115.05 1.79 -90.31
N THR I 8 113.78 2.14 -90.51
CA THR I 8 112.79 2.05 -89.45
C THR I 8 111.63 1.18 -89.91
N ARG I 9 111.08 0.42 -88.96
CA ARG I 9 109.99 -0.50 -89.23
C ARG I 9 108.95 -0.42 -88.13
N PRO I 10 107.70 -0.77 -88.41
CA PRO I 10 106.69 -0.82 -87.36
C PRO I 10 106.98 -1.93 -86.36
N TYR I 11 106.19 -2.02 -85.30
CA TYR I 11 106.37 -3.08 -84.33
C TYR I 11 105.04 -3.37 -83.65
N ILE I 12 105.02 -4.44 -82.85
CA ILE I 12 103.85 -4.86 -82.10
C ILE I 12 104.13 -4.63 -80.62
N ALA I 13 103.22 -3.96 -79.95
CA ALA I 13 103.38 -3.64 -78.54
C ALA I 13 102.11 -4.00 -77.78
N TYR I 14 102.28 -4.19 -76.48
CA TYR I 14 101.18 -4.54 -75.59
C TYR I 14 100.50 -3.28 -75.12
N CYS I 15 99.22 -3.11 -75.43
CA CYS I 15 98.48 -1.99 -74.88
C CYS I 15 97.35 -2.49 -74.00
N ALA I 16 96.80 -1.58 -73.18
CA ALA I 16 96.02 -1.96 -72.02
C ALA I 16 94.78 -2.75 -72.41
N ASP I 17 94.00 -2.25 -73.36
CA ASP I 17 92.86 -2.99 -73.86
C ASP I 17 92.64 -2.59 -75.30
N CYS I 18 92.00 -3.48 -76.05
CA CYS I 18 91.80 -3.30 -77.49
C CYS I 18 90.35 -2.98 -77.82
N GLY I 19 89.71 -2.14 -77.03
CA GLY I 19 88.35 -1.73 -77.29
C GLY I 19 87.30 -2.70 -76.82
N ALA I 20 87.68 -3.79 -76.18
CA ALA I 20 86.73 -4.78 -75.71
C ALA I 20 86.88 -5.12 -74.23
N GLY I 21 87.86 -4.54 -73.55
CA GLY I 21 88.12 -4.89 -72.17
C GLY I 21 89.09 -6.03 -71.99
N HIS I 22 89.83 -6.41 -73.03
CA HIS I 22 90.83 -7.46 -72.94
C HIS I 22 92.12 -6.97 -73.56
N SER I 23 93.24 -7.42 -73.03
CA SER I 23 94.54 -6.98 -73.47
C SER I 23 95.12 -7.98 -74.46
N CYS I 24 95.52 -7.52 -75.63
CA CYS I 24 96.22 -8.39 -76.55
C CYS I 24 97.20 -7.58 -77.36
N HIS I 25 98.27 -8.24 -77.79
CA HIS I 25 99.35 -7.57 -78.50
C HIS I 25 98.84 -7.10 -79.86
N SER I 26 98.69 -5.79 -80.00
CA SER I 26 98.16 -5.18 -81.20
C SER I 26 99.22 -4.31 -81.87
N PRO I 27 99.11 -4.07 -83.17
CA PRO I 27 100.08 -3.21 -83.85
C PRO I 27 99.78 -1.73 -83.79
N VAL I 28 98.73 -1.32 -83.08
CA VAL I 28 98.30 0.08 -83.08
C VAL I 28 98.38 0.65 -81.66
N ALA I 29 99.40 0.24 -80.91
CA ALA I 29 99.55 0.71 -79.54
C ALA I 29 99.80 2.20 -79.50
N ILE I 30 99.35 2.84 -78.43
CA ILE I 30 99.47 4.29 -78.27
C ILE I 30 100.62 4.59 -77.32
N GLU I 31 101.58 5.37 -77.78
CA GLU I 31 102.64 5.88 -76.92
C GLU I 31 102.15 7.17 -76.28
N ALA I 32 103.06 7.91 -75.65
CA ALA I 32 102.66 9.12 -74.95
C ALA I 32 102.00 10.11 -75.90
N VAL I 33 100.97 10.79 -75.40
CA VAL I 33 100.25 11.82 -76.14
C VAL I 33 100.69 13.19 -75.62
N ARG I 34 100.99 14.09 -76.54
CA ARG I 34 101.47 15.44 -76.19
C ARG I 34 100.37 16.45 -76.48
N SER I 35 100.18 17.40 -75.57
CA SER I 35 99.19 18.45 -75.72
C SER I 35 99.81 19.79 -75.37
N GLU I 36 100.95 20.09 -75.96
CA GLU I 36 101.74 21.25 -75.61
C GLU I 36 101.40 22.49 -76.43
N ALA I 37 100.24 22.51 -77.08
CA ALA I 37 99.81 23.64 -77.89
C ALA I 37 98.63 24.32 -77.22
N THR I 38 98.54 25.63 -77.40
CA THR I 38 97.56 26.41 -76.64
C THR I 38 96.14 26.20 -77.14
N ASP I 39 95.95 26.13 -78.46
CA ASP I 39 94.58 26.01 -78.96
C ASP I 39 94.01 24.62 -78.73
N GLY I 40 94.83 23.63 -78.44
CA GLY I 40 94.33 22.32 -78.09
C GLY I 40 94.39 21.27 -79.19
N MET I 41 95.55 21.15 -79.83
CA MET I 41 95.76 20.16 -80.88
C MET I 41 96.76 19.12 -80.39
N LEU I 42 96.36 17.86 -80.41
CA LEU I 42 97.14 16.79 -79.80
C LEU I 42 98.17 16.22 -80.77
N LYS I 43 99.08 15.38 -80.25
CA LYS I 43 100.05 14.66 -81.09
C LYS I 43 100.07 13.19 -80.66
N ILE I 44 99.14 12.40 -81.21
CA ILE I 44 99.10 10.98 -80.88
C ILE I 44 100.30 10.29 -81.51
N GLN I 45 100.75 9.20 -80.89
CA GLN I 45 101.88 8.41 -81.40
C GLN I 45 101.47 6.95 -81.53
N PHE I 46 101.35 6.48 -82.76
CA PHE I 46 101.23 5.04 -82.99
C PHE I 46 102.53 4.32 -82.71
N SER I 47 102.40 3.00 -82.64
CA SER I 47 103.51 2.08 -82.85
C SER I 47 103.60 1.59 -84.27
N ALA I 48 102.66 1.97 -85.14
CA ALA I 48 102.62 1.54 -86.53
C ALA I 48 102.73 2.78 -87.41
N GLN I 49 103.90 2.98 -88.01
CA GLN I 49 104.14 4.19 -88.79
C GLN I 49 103.27 4.21 -90.03
N ILE I 50 102.82 5.41 -90.40
CA ILE I 50 101.82 5.60 -91.43
C ILE I 50 102.31 6.63 -92.43
N GLY I 51 101.72 6.59 -93.63
CA GLY I 51 102.13 7.43 -94.72
C GLY I 51 103.17 6.82 -95.63
N ILE I 52 103.58 5.58 -95.40
CA ILE I 52 104.59 4.90 -96.20
C ILE I 52 104.11 3.48 -96.49
N ASP I 53 104.33 3.02 -97.71
CA ASP I 53 103.92 1.67 -98.11
C ASP I 53 104.89 0.64 -97.56
N LYS I 54 104.59 -0.64 -97.85
CA LYS I 54 105.45 -1.72 -97.38
C LYS I 54 106.85 -1.61 -97.95
N SER I 55 106.98 -1.13 -99.19
CA SER I 55 108.26 -1.14 -99.91
C SER I 55 109.05 0.14 -99.72
N ASP I 56 108.84 0.85 -98.59
CA ASP I 56 109.63 2.04 -98.25
C ASP I 56 109.50 3.13 -99.31
N ASN I 57 108.29 3.34 -99.80
CA ASN I 57 108.04 4.39 -100.79
C ASN I 57 106.99 5.35 -100.27
N HIS I 58 107.22 6.65 -100.46
CA HIS I 58 106.29 7.64 -99.97
C HIS I 58 104.94 7.52 -100.68
N ASP I 59 103.86 7.65 -99.91
CA ASP I 59 102.53 7.51 -100.45
C ASP I 59 101.54 8.24 -99.56
N TYR I 60 100.38 8.56 -100.13
CA TYR I 60 99.27 9.12 -99.39
C TYR I 60 98.18 8.10 -99.09
N THR I 61 98.39 6.85 -99.48
CA THR I 61 97.33 5.85 -99.39
C THR I 61 97.70 4.64 -98.55
N LYS I 62 98.97 4.30 -98.44
CA LYS I 62 99.37 3.09 -97.75
C LYS I 62 100.01 3.44 -96.42
N ILE I 63 99.59 2.75 -95.36
CA ILE I 63 100.18 2.90 -94.05
C ILE I 63 100.75 1.56 -93.60
N ARG I 64 102.00 1.57 -93.17
CA ARG I 64 102.65 0.35 -92.75
C ARG I 64 102.14 -0.10 -91.39
N TYR I 65 102.24 -1.39 -91.14
CA TYR I 65 102.06 -1.93 -89.80
C TYR I 65 102.64 -3.33 -89.78
N ALA I 66 102.76 -3.89 -88.60
CA ALA I 66 103.45 -5.15 -88.40
C ALA I 66 102.46 -6.25 -88.11
N ASP I 67 102.81 -7.47 -88.52
CA ASP I 67 102.02 -8.66 -88.20
C ASP I 67 102.92 -9.87 -88.41
N GLY I 68 103.08 -10.67 -87.36
CA GLY I 68 103.85 -11.90 -87.46
C GLY I 68 105.26 -11.68 -87.94
N HIS I 69 105.93 -10.68 -87.37
CA HIS I 69 107.23 -10.21 -87.83
C HIS I 69 107.32 -10.19 -89.36
N ALA I 70 106.31 -9.60 -89.98
CA ALA I 70 106.31 -9.26 -91.39
C ALA I 70 105.52 -7.96 -91.55
N ILE I 71 105.93 -7.13 -92.49
CA ILE I 71 105.35 -5.79 -92.64
C ILE I 71 104.25 -5.84 -93.70
N GLU I 72 103.06 -5.40 -93.34
CA GLU I 72 101.96 -5.28 -94.28
C GLU I 72 101.50 -3.83 -94.35
N ASN I 73 100.61 -3.53 -95.28
CA ASN I 73 100.15 -2.15 -95.44
C ASN I 73 98.63 -2.12 -95.53
N ALA I 74 98.05 -1.03 -95.03
CA ALA I 74 96.60 -0.87 -94.95
C ALA I 74 96.21 0.49 -95.50
N VAL I 75 94.92 0.63 -95.83
CA VAL I 75 94.44 1.82 -96.51
C VAL I 75 94.38 3.00 -95.55
N ARG I 76 94.74 4.19 -96.04
CA ARG I 76 94.78 5.38 -95.20
C ARG I 76 93.39 5.82 -94.79
N SER I 77 92.38 5.51 -95.59
CA SER I 77 91.02 5.67 -95.13
C SER I 77 90.79 4.78 -93.91
N SER I 78 89.67 5.00 -93.24
CA SER I 78 89.23 4.25 -92.08
C SER I 78 90.11 4.48 -90.86
N LEU I 79 91.18 5.28 -90.96
CA LEU I 79 91.93 5.69 -89.79
C LEU I 79 91.05 6.60 -88.95
N LYS I 80 90.48 6.08 -87.88
CA LYS I 80 89.59 6.87 -87.04
C LYS I 80 90.23 7.06 -85.67
N VAL I 81 90.43 8.31 -85.28
CA VAL I 81 90.83 8.68 -83.93
C VAL I 81 89.62 9.31 -83.25
N ALA I 82 89.33 8.87 -82.04
CA ALA I 82 88.09 9.28 -81.42
C ALA I 82 88.25 9.47 -79.93
N THR I 83 87.34 10.25 -79.37
CA THR I 83 87.18 10.45 -77.93
C THR I 83 85.68 10.38 -77.74
N SER I 84 85.19 10.91 -76.63
CA SER I 84 83.76 10.87 -76.31
C SER I 84 82.88 11.19 -77.52
N GLY I 85 83.40 11.98 -78.46
CA GLY I 85 82.71 12.23 -79.71
C GLY I 85 83.43 11.64 -80.92
N ASP I 86 83.80 12.49 -81.88
CA ASP I 86 84.61 12.06 -83.01
C ASP I 86 85.57 13.18 -83.37
N CYS I 87 86.85 12.86 -83.46
CA CYS I 87 87.87 13.86 -83.65
C CYS I 87 88.00 14.24 -85.11
N PHE I 88 88.97 15.10 -85.40
CA PHE I 88 89.32 15.50 -86.75
C PHE I 88 90.84 15.44 -86.89
N VAL I 89 91.32 14.80 -87.95
CA VAL I 89 92.74 14.64 -88.18
C VAL I 89 93.23 15.75 -89.11
N HIS I 90 94.43 16.25 -88.87
CA HIS I 90 94.97 17.33 -89.68
C HIS I 90 96.24 16.90 -90.41
N GLY I 91 97.21 16.35 -89.68
CA GLY I 91 98.49 15.98 -90.23
C GLY I 91 98.76 14.49 -90.11
N THR I 92 99.81 14.06 -90.80
CA THR I 92 100.21 12.67 -90.81
C THR I 92 101.62 12.49 -91.37
N MET I 93 102.54 11.99 -90.55
CA MET I 93 103.87 11.67 -91.03
C MET I 93 104.54 10.75 -90.02
N GLY I 94 104.98 9.59 -90.47
CA GLY I 94 105.59 8.63 -89.56
C GLY I 94 104.60 8.19 -88.51
N HIS I 95 105.09 8.08 -87.27
CA HIS I 95 104.29 7.60 -86.16
C HIS I 95 103.27 8.61 -85.64
N PHE I 96 103.31 9.85 -86.10
CA PHE I 96 102.69 10.95 -85.39
C PHE I 96 101.40 11.42 -86.05
N ILE I 97 100.42 11.78 -85.22
CA ILE I 97 99.12 12.22 -85.68
C ILE I 97 98.74 13.52 -84.99
N LEU I 98 98.25 14.48 -85.77
CA LEU I 98 97.70 15.71 -85.23
C LEU I 98 96.18 15.64 -85.30
N ALA I 99 95.53 15.90 -84.18
CA ALA I 99 94.08 15.77 -84.11
C ALA I 99 93.51 16.86 -83.22
N LYS I 100 92.24 17.14 -83.44
CA LYS I 100 91.43 17.98 -82.56
C LYS I 100 90.25 17.15 -82.09
N CYS I 101 89.94 17.21 -80.81
CA CYS I 101 88.91 16.34 -80.28
C CYS I 101 87.99 17.09 -79.33
N PRO I 102 86.75 16.65 -79.20
CA PRO I 102 85.87 17.20 -78.19
C PRO I 102 86.26 16.71 -76.82
N PRO I 103 85.74 17.33 -75.75
CA PRO I 103 86.14 16.92 -74.40
C PRO I 103 85.72 15.50 -74.09
N GLY I 104 86.53 14.83 -73.27
CA GLY I 104 86.28 13.42 -72.96
C GLY I 104 87.29 12.94 -71.92
N GLU I 105 87.28 11.63 -71.71
CA GLU I 105 88.12 11.00 -70.70
C GLU I 105 89.10 9.99 -71.28
N PHE I 106 88.89 9.55 -72.51
CA PHE I 106 89.71 8.52 -73.11
C PHE I 106 89.84 8.83 -74.59
N LEU I 107 90.87 8.26 -75.22
CA LEU I 107 90.92 8.35 -76.66
C LEU I 107 91.37 7.02 -77.23
N GLN I 108 90.83 6.68 -78.40
CA GLN I 108 91.14 5.42 -79.04
C GLN I 108 91.46 5.66 -80.49
N VAL I 109 92.26 4.79 -81.07
CA VAL I 109 92.64 4.86 -82.46
C VAL I 109 92.36 3.51 -83.11
N SER I 110 91.82 3.53 -84.32
CA SER I 110 91.43 2.30 -84.99
C SER I 110 91.76 2.38 -86.47
N ILE I 111 92.25 1.26 -86.99
CA ILE I 111 92.54 1.12 -88.42
C ILE I 111 92.00 -0.24 -88.88
N GLN I 112 91.75 -0.35 -90.17
CA GLN I 112 91.36 -1.64 -90.74
C GLN I 112 92.59 -2.44 -91.13
N ASP I 113 92.46 -3.76 -91.06
CA ASP I 113 93.56 -4.68 -91.28
C ASP I 113 93.48 -5.22 -92.71
N THR I 114 94.44 -6.09 -93.08
CA THR I 114 94.40 -6.71 -94.40
C THR I 114 93.15 -7.56 -94.57
N ARG I 115 92.76 -8.30 -93.53
CA ARG I 115 91.55 -9.10 -93.54
C ARG I 115 90.30 -8.28 -93.29
N ASN I 116 90.39 -6.96 -93.40
CA ASN I 116 89.27 -6.06 -93.14
C ASN I 116 88.69 -6.28 -91.74
N ALA I 117 89.57 -6.41 -90.76
CA ALA I 117 89.19 -6.51 -89.35
C ALA I 117 89.67 -5.26 -88.63
N VAL I 118 88.91 -4.81 -87.65
CA VAL I 118 89.26 -3.59 -86.94
C VAL I 118 90.34 -3.89 -85.92
N ARG I 119 91.41 -3.09 -85.95
CA ARG I 119 92.45 -3.13 -84.94
C ARG I 119 92.42 -1.77 -84.25
N ALA I 120 92.11 -1.76 -82.96
CA ALA I 120 91.88 -0.53 -82.23
C ALA I 120 92.47 -0.64 -80.84
N CYS I 121 93.07 0.45 -80.39
CA CYS I 121 93.59 0.50 -79.03
C CYS I 121 93.21 1.80 -78.35
N ARG I 122 93.05 1.74 -77.04
CA ARG I 122 92.39 2.76 -76.24
C ARG I 122 93.24 3.12 -75.03
N ILE I 123 93.30 4.40 -74.69
CA ILE I 123 94.08 4.89 -73.57
C ILE I 123 93.27 5.90 -72.78
N GLN I 124 93.56 6.02 -71.50
CA GLN I 124 92.88 6.97 -70.63
C GLN I 124 93.59 8.31 -70.66
N TYR I 125 92.84 9.38 -70.85
CA TYR I 125 93.43 10.70 -71.02
C TYR I 125 92.36 11.75 -70.80
N HIS I 126 92.52 12.56 -69.75
CA HIS I 126 91.51 13.53 -69.34
C HIS I 126 91.70 14.79 -70.17
N HIS I 127 91.01 14.88 -71.30
CA HIS I 127 91.15 15.97 -72.24
C HIS I 127 90.05 17.00 -72.01
N ASP I 128 90.44 18.26 -71.87
CA ASP I 128 89.50 19.35 -71.70
C ASP I 128 90.21 20.66 -71.98
N PRO I 129 90.23 21.12 -73.22
CA PRO I 129 91.00 22.33 -73.54
C PRO I 129 90.29 23.58 -73.06
N GLN I 130 91.07 24.65 -72.93
CA GLN I 130 90.52 25.96 -72.63
C GLN I 130 91.19 26.99 -73.53
N PRO I 131 90.43 27.74 -74.31
CA PRO I 131 91.03 28.67 -75.27
C PRO I 131 91.75 29.82 -74.59
N VAL I 132 92.73 30.37 -75.31
CA VAL I 132 93.53 31.47 -74.78
C VAL I 132 92.67 32.72 -74.64
N GLY I 133 92.93 33.50 -73.59
CA GLY I 133 92.22 34.74 -73.37
C GLY I 133 91.58 34.77 -71.99
N ARG I 134 90.41 35.40 -71.92
CA ARG I 134 89.63 35.45 -70.69
C ARG I 134 88.21 34.96 -70.88
N GLU I 135 87.89 34.32 -71.99
CA GLU I 135 86.54 33.86 -72.29
C GLU I 135 86.58 32.39 -72.68
N LYS I 136 85.62 31.62 -72.16
CA LYS I 136 85.56 30.19 -72.46
C LYS I 136 84.55 29.93 -73.58
N PHE I 137 84.82 30.51 -74.74
CA PHE I 137 83.96 30.30 -75.89
C PHE I 137 84.22 28.92 -76.49
N THR I 138 83.53 28.61 -77.58
CA THR I 138 83.67 27.32 -78.23
C THR I 138 84.05 27.41 -79.70
N ILE I 139 83.50 28.36 -80.46
CA ILE I 139 83.82 28.53 -81.87
C ILE I 139 84.23 29.97 -82.14
N ARG I 140 85.28 30.15 -82.92
CA ARG I 140 85.78 31.48 -83.21
C ARG I 140 84.69 32.30 -83.89
N PRO I 141 84.56 33.57 -83.55
CA PRO I 141 83.47 34.37 -84.11
C PRO I 141 83.91 35.22 -85.28
N HIS I 142 82.95 35.90 -85.91
CA HIS I 142 83.22 36.77 -87.03
C HIS I 142 83.53 38.21 -86.63
N TYR I 143 83.68 38.48 -85.34
CA TYR I 143 84.10 39.80 -84.88
C TYR I 143 84.77 39.66 -83.52
N GLY I 144 86.04 40.05 -83.43
CA GLY I 144 86.75 39.94 -82.18
C GLY I 144 88.16 40.44 -82.30
N LYS I 145 88.97 40.13 -81.28
CA LYS I 145 90.35 40.55 -81.21
C LYS I 145 91.28 39.43 -81.67
N GLU I 146 92.54 39.80 -81.88
CA GLU I 146 93.59 38.86 -82.25
C GLU I 146 94.57 38.73 -81.08
N ILE I 147 94.73 37.51 -80.60
CA ILE I 147 95.60 37.22 -79.46
C ILE I 147 96.65 36.21 -79.93
N PRO I 148 97.92 36.40 -79.59
CA PRO I 148 98.92 35.39 -79.94
C PRO I 148 98.67 34.08 -79.22
N CYS I 149 99.05 32.99 -79.86
CA CYS I 149 98.82 31.64 -79.34
C CYS I 149 99.96 30.75 -79.81
N THR I 150 99.77 29.43 -79.74
CA THR I 150 100.76 28.48 -80.22
C THR I 150 100.06 27.27 -80.81
N THR I 151 100.67 26.69 -81.84
CA THR I 151 100.14 25.49 -82.46
C THR I 151 101.25 24.81 -83.25
N TYR I 152 100.95 23.61 -83.74
CA TYR I 152 101.89 22.84 -84.52
C TYR I 152 101.69 23.13 -86.01
N GLN I 153 102.78 23.21 -86.74
CA GLN I 153 102.74 23.44 -88.18
C GLN I 153 102.84 22.13 -88.94
N GLN I 154 102.75 22.23 -90.27
CA GLN I 154 102.87 21.05 -91.11
C GLN I 154 104.24 20.91 -91.76
N THR I 155 105.19 21.76 -91.43
CA THR I 155 106.52 21.65 -91.99
C THR I 155 107.21 20.40 -91.47
N THR I 156 107.99 19.76 -92.34
CA THR I 156 108.75 18.57 -91.99
C THR I 156 110.26 18.80 -92.16
N ALA I 157 110.68 20.06 -92.11
CA ALA I 157 112.08 20.43 -92.30
C ALA I 157 112.88 20.21 -91.03
N LYS I 158 114.08 20.79 -90.97
CA LYS I 158 114.91 20.71 -89.77
C LYS I 158 114.10 21.07 -88.54
N THR I 159 113.95 20.12 -87.63
CA THR I 159 113.01 20.24 -86.54
C THR I 159 113.65 20.19 -85.16
N VAL I 160 114.75 19.46 -85.01
CA VAL I 160 115.59 19.46 -83.81
C VAL I 160 114.79 18.94 -82.62
N GLU I 161 114.39 17.67 -82.70
CA GLU I 161 114.01 16.85 -81.55
C GLU I 161 114.55 15.45 -81.78
N GLU I 162 114.24 14.55 -80.86
CA GLU I 162 114.93 13.27 -80.83
C GLU I 162 113.95 12.14 -80.59
N ILE I 163 114.16 11.04 -81.31
CA ILE I 163 113.58 9.75 -80.98
C ILE I 163 114.70 8.72 -80.99
N ASP I 164 114.79 7.93 -79.94
CA ASP I 164 115.82 6.92 -79.83
C ASP I 164 115.39 5.67 -80.58
N MET I 165 116.33 5.10 -81.32
CA MET I 165 116.10 3.98 -82.21
C MET I 165 117.16 2.93 -81.91
N HIS I 166 116.77 1.65 -81.93
CA HIS I 166 117.76 0.60 -81.68
C HIS I 166 117.30 -0.68 -82.37
N MET I 167 118.21 -1.65 -82.40
CA MET I 167 117.90 -2.93 -83.03
C MET I 167 116.80 -3.63 -82.25
N PRO I 168 115.90 -4.32 -82.94
CA PRO I 168 114.84 -5.06 -82.23
C PRO I 168 115.43 -6.26 -81.52
N PRO I 169 114.76 -6.77 -80.48
CA PRO I 169 115.28 -7.95 -79.80
C PRO I 169 115.09 -9.20 -80.63
N ASP I 170 115.74 -10.30 -80.24
CA ASP I 170 115.58 -11.58 -80.92
C ASP I 170 114.19 -12.10 -80.63
N THR I 171 113.33 -12.06 -81.63
CA THR I 171 111.90 -12.33 -81.42
C THR I 171 111.64 -13.81 -81.22
N PRO I 172 111.08 -14.22 -80.09
CA PRO I 172 110.75 -15.63 -79.91
C PRO I 172 109.55 -16.05 -80.75
N ASP I 173 109.57 -17.30 -81.18
CA ASP I 173 108.48 -17.86 -81.96
C ASP I 173 108.47 -19.38 -81.80
N ARG I 174 107.31 -19.99 -82.04
CA ARG I 174 107.15 -21.42 -81.90
C ARG I 174 106.43 -22.09 -83.07
N THR I 175 105.65 -21.33 -83.84
CA THR I 175 104.82 -21.94 -84.86
C THR I 175 105.65 -22.51 -86.00
N LEU I 176 106.90 -22.09 -86.14
CA LEU I 176 107.76 -22.57 -87.22
C LEU I 176 108.56 -23.81 -86.82
N LEU I 177 108.31 -24.39 -85.65
CA LEU I 177 108.86 -25.69 -85.29
C LEU I 177 107.90 -26.79 -85.70
N SER I 178 108.42 -27.81 -86.37
CA SER I 178 107.63 -28.93 -86.83
C SER I 178 108.23 -30.23 -86.29
N GLN I 179 107.38 -31.08 -85.72
CA GLN I 179 107.80 -32.38 -85.21
C GLN I 179 107.00 -33.44 -85.96
N GLN I 180 107.70 -34.23 -86.79
CA GLN I 180 107.04 -35.25 -87.60
C GLN I 180 107.16 -36.64 -86.99
N SER I 181 108.38 -37.13 -86.81
CA SER I 181 108.58 -38.44 -86.22
C SER I 181 109.98 -38.47 -85.59
N GLY I 182 110.04 -38.23 -84.28
CA GLY I 182 111.31 -38.29 -83.57
C GLY I 182 112.37 -37.37 -84.12
N ASN I 183 111.96 -36.31 -84.82
CA ASN I 183 112.92 -35.40 -85.46
C ASN I 183 112.27 -34.03 -85.56
N VAL I 184 113.11 -33.01 -85.73
CA VAL I 184 112.63 -31.64 -85.73
C VAL I 184 112.92 -30.99 -87.08
N LYS I 185 112.09 -30.02 -87.44
CA LYS I 185 112.29 -29.19 -88.62
C LYS I 185 112.04 -27.74 -88.23
N ILE I 186 112.99 -26.88 -88.56
CA ILE I 186 112.91 -25.45 -88.25
C ILE I 186 112.67 -24.74 -89.57
N THR I 187 111.50 -24.12 -89.70
CA THR I 187 111.19 -23.44 -90.95
C THR I 187 112.04 -22.18 -91.09
N VAL I 188 112.43 -21.88 -92.33
CA VAL I 188 113.31 -20.77 -92.67
C VAL I 188 112.71 -20.03 -93.85
N GLY I 189 113.48 -19.15 -94.47
CA GLY I 189 112.97 -18.38 -95.58
C GLY I 189 113.55 -16.99 -95.69
N GLY I 190 114.56 -16.71 -94.88
CA GLY I 190 115.25 -15.43 -94.91
C GLY I 190 115.54 -14.99 -93.50
N LYS I 191 114.94 -15.68 -92.55
CA LYS I 191 115.01 -15.35 -91.14
C LYS I 191 116.13 -16.17 -90.51
N LYS I 192 117.23 -15.51 -90.17
CA LYS I 192 118.36 -16.23 -89.62
C LYS I 192 118.06 -16.67 -88.19
N VAL I 193 117.43 -17.83 -88.07
CA VAL I 193 116.98 -18.32 -86.77
C VAL I 193 118.16 -18.74 -85.92
N LYS I 194 118.10 -18.38 -84.64
CA LYS I 194 119.02 -18.90 -83.64
C LYS I 194 118.27 -19.93 -82.80
N TYR I 195 118.91 -21.07 -82.55
CA TYR I 195 118.31 -22.18 -81.84
C TYR I 195 119.20 -22.58 -80.67
N ASN I 196 118.57 -22.89 -79.55
CA ASN I 196 119.23 -23.41 -78.36
C ASN I 196 118.71 -24.82 -78.13
N CYS I 197 119.58 -25.81 -78.26
CA CYS I 197 119.20 -27.20 -78.05
C CYS I 197 120.31 -27.88 -77.24
N THR I 198 119.96 -28.38 -76.06
CA THR I 198 120.92 -29.05 -75.19
C THR I 198 120.50 -30.48 -74.89
N CYS I 199 120.11 -31.23 -75.92
CA CYS I 199 119.80 -32.65 -75.78
C CYS I 199 121.02 -33.54 -75.99
N GLY I 200 122.22 -33.01 -75.74
CA GLY I 200 123.43 -33.75 -75.98
C GLY I 200 123.85 -33.80 -77.43
N THR I 201 122.99 -33.35 -78.32
CA THR I 201 123.26 -33.29 -79.75
C THR I 201 123.87 -31.91 -80.07
N GLY I 202 123.90 -31.53 -81.34
CA GLY I 202 124.39 -30.24 -81.78
C GLY I 202 124.04 -29.10 -80.84
N ASN I 203 125.04 -28.29 -80.52
CA ASN I 203 124.90 -27.27 -79.48
C ASN I 203 124.07 -26.10 -80.01
N VAL I 204 124.05 -25.01 -79.24
CA VAL I 204 123.37 -23.80 -79.68
C VAL I 204 124.00 -23.31 -80.98
N GLY I 205 123.22 -22.56 -81.75
CA GLY I 205 123.78 -22.05 -82.99
C GLY I 205 122.81 -21.11 -83.68
N THR I 206 123.28 -20.58 -84.81
CA THR I 206 122.49 -19.73 -85.70
C THR I 206 122.61 -20.30 -87.10
N THR I 207 121.48 -20.47 -87.77
CA THR I 207 121.44 -21.10 -89.09
C THR I 207 120.50 -20.35 -90.01
N ASN I 208 120.67 -20.55 -91.32
CA ASN I 208 119.81 -19.97 -92.32
C ASN I 208 119.04 -21.02 -93.11
N SER I 209 119.19 -22.30 -92.77
CA SER I 209 118.55 -23.37 -93.50
C SER I 209 117.91 -24.35 -92.54
N ASP I 210 117.15 -25.30 -93.10
CA ASP I 210 116.47 -26.31 -92.29
C ASP I 210 117.48 -27.24 -91.63
N MET I 211 117.09 -27.79 -90.48
CA MET I 211 117.96 -28.72 -89.77
C MET I 211 117.13 -29.86 -89.20
N THR I 212 117.85 -30.80 -88.58
CA THR I 212 117.27 -31.92 -87.85
C THR I 212 118.04 -32.08 -86.55
N ILE I 213 117.37 -32.57 -85.50
CA ILE I 213 118.06 -32.83 -84.25
C ILE I 213 117.92 -34.32 -83.92
N ASN I 214 116.87 -34.95 -84.43
CA ASN I 214 116.66 -36.40 -84.48
C ASN I 214 116.40 -37.05 -83.13
N THR I 215 116.53 -36.33 -82.01
CA THR I 215 116.47 -36.99 -80.71
C THR I 215 115.28 -36.55 -79.87
N CYS I 216 115.10 -35.25 -79.64
CA CYS I 216 114.10 -34.76 -78.70
C CYS I 216 113.18 -33.76 -79.39
N LEU I 217 111.94 -33.69 -78.91
CA LEU I 217 110.83 -33.30 -79.78
C LEU I 217 110.69 -31.78 -79.93
N ILE I 218 110.25 -31.10 -78.88
CA ILE I 218 110.08 -29.65 -78.92
C ILE I 218 110.56 -29.04 -77.62
N GLU I 219 110.73 -29.87 -76.60
CA GLU I 219 110.98 -29.39 -75.26
C GLU I 219 112.39 -28.83 -75.08
N GLN I 220 113.23 -28.91 -76.11
CA GLN I 220 114.61 -28.46 -75.99
C GLN I 220 114.92 -27.31 -76.94
N CYS I 221 114.66 -27.48 -78.23
CA CYS I 221 114.99 -26.44 -79.19
C CYS I 221 114.00 -25.29 -79.09
N HIS I 222 114.49 -24.08 -79.38
CA HIS I 222 113.65 -22.89 -79.37
C HIS I 222 114.14 -21.93 -80.43
N VAL I 223 113.22 -21.11 -80.92
CA VAL I 223 113.42 -20.31 -82.12
C VAL I 223 113.28 -18.84 -81.78
N SER I 224 114.29 -18.07 -82.15
CA SER I 224 114.27 -16.61 -82.00
C SER I 224 114.74 -16.01 -83.33
N VAL I 225 113.80 -15.47 -84.09
CA VAL I 225 114.15 -14.77 -85.31
C VAL I 225 115.04 -13.59 -84.98
N THR I 226 116.15 -13.46 -85.70
CA THR I 226 117.10 -12.37 -85.51
C THR I 226 117.07 -11.48 -86.74
N ASP I 227 116.82 -10.19 -86.54
CA ASP I 227 116.54 -9.26 -87.62
C ASP I 227 117.33 -7.97 -87.46
N HIS I 228 118.63 -8.09 -87.19
CA HIS I 228 119.48 -6.92 -87.00
C HIS I 228 119.71 -6.21 -88.34
N LYS I 229 118.63 -5.61 -88.84
CA LYS I 229 118.71 -4.83 -90.08
C LYS I 229 117.91 -3.54 -90.05
N LYS I 230 117.18 -3.22 -88.98
CA LYS I 230 116.35 -2.03 -88.96
C LYS I 230 116.21 -1.49 -87.53
N TRP I 231 116.40 -0.19 -87.39
CA TRP I 231 116.05 0.51 -86.15
C TRP I 231 114.54 0.47 -85.94
N GLN I 232 114.11 0.03 -84.76
CA GLN I 232 112.68 -0.05 -84.51
C GLN I 232 112.12 1.13 -83.75
N PHE I 233 112.49 1.26 -82.48
CA PHE I 233 112.06 2.32 -81.57
C PHE I 233 112.64 2.02 -80.19
N ASN I 234 112.66 3.05 -79.34
CA ASN I 234 113.01 2.88 -77.94
C ASN I 234 111.73 2.82 -77.13
N SER I 235 111.15 1.63 -77.07
CA SER I 235 109.89 1.55 -76.36
C SER I 235 110.07 0.88 -75.00
N PRO I 236 109.31 1.31 -73.99
CA PRO I 236 109.36 0.61 -72.70
C PRO I 236 108.74 -0.77 -72.75
N PHE I 237 107.95 -1.08 -73.78
CA PHE I 237 107.26 -2.35 -73.85
C PHE I 237 107.98 -3.41 -74.68
N VAL I 238 109.17 -3.11 -75.19
CA VAL I 238 109.92 -4.05 -76.01
C VAL I 238 111.34 -4.14 -75.48
N PRO I 239 111.79 -5.28 -75.00
CA PRO I 239 113.12 -5.36 -74.39
C PRO I 239 114.22 -5.06 -75.40
N ARG I 240 115.31 -4.50 -74.89
CA ARG I 240 116.43 -4.11 -75.73
C ARG I 240 117.43 -5.26 -75.82
N ALA I 241 118.44 -5.05 -76.65
CA ALA I 241 119.35 -6.14 -77.01
C ALA I 241 120.52 -6.29 -76.06
N ASP I 242 121.35 -5.26 -75.93
CA ASP I 242 122.62 -5.39 -75.22
C ASP I 242 122.85 -4.22 -74.28
N GLU I 243 123.67 -4.45 -73.27
CA GLU I 243 124.11 -3.43 -72.34
C GLU I 243 125.62 -3.26 -72.44
N PRO I 244 126.13 -2.03 -72.51
CA PRO I 244 125.38 -0.77 -72.46
C PRO I 244 124.56 -0.54 -73.71
N ALA I 245 123.54 0.29 -73.60
CA ALA I 245 122.65 0.53 -74.73
C ALA I 245 123.42 1.20 -75.86
N ARG I 246 123.24 0.66 -77.06
CA ARG I 246 123.75 1.27 -78.27
C ARG I 246 122.54 1.64 -79.12
N LYS I 247 122.40 2.91 -79.46
CA LYS I 247 121.17 3.43 -80.02
C LYS I 247 121.46 4.71 -80.78
N GLY I 248 120.67 4.96 -81.81
CA GLY I 248 120.75 6.18 -82.58
C GLY I 248 119.54 7.08 -82.35
N LYS I 249 119.54 8.19 -83.07
CA LYS I 249 118.51 9.20 -82.90
C LYS I 249 117.99 9.65 -84.26
N VAL I 250 116.68 9.95 -84.29
CA VAL I 250 116.02 10.40 -85.52
C VAL I 250 115.14 11.60 -85.18
N HIS I 251 114.89 12.43 -86.19
CA HIS I 251 114.09 13.64 -86.03
C HIS I 251 112.61 13.30 -85.94
N ILE I 252 111.82 14.27 -85.51
CA ILE I 252 110.37 14.15 -85.49
C ILE I 252 109.81 15.27 -86.35
N PRO I 253 108.62 15.08 -86.89
CA PRO I 253 108.00 16.12 -87.70
C PRO I 253 107.17 17.06 -86.82
N PHE I 254 106.59 18.05 -87.48
CA PHE I 254 105.52 18.88 -86.93
C PHE I 254 105.96 19.64 -85.69
N PRO I 255 106.83 20.63 -85.82
CA PRO I 255 107.24 21.45 -84.66
C PRO I 255 106.19 22.46 -84.24
N LEU I 256 106.56 23.32 -83.30
CA LEU I 256 105.65 24.26 -82.67
C LEU I 256 105.84 25.66 -83.25
N ASP I 257 104.75 26.44 -83.32
CA ASP I 257 104.80 27.76 -83.93
C ASP I 257 103.72 28.66 -83.33
N ASN I 258 103.89 29.97 -83.51
CA ASN I 258 103.11 30.95 -82.76
C ASN I 258 101.73 31.21 -83.38
N ILE I 259 101.69 31.77 -84.59
CA ILE I 259 100.52 32.36 -85.24
C ILE I 259 99.67 33.17 -84.26
N THR I 260 98.44 33.47 -84.65
CA THR I 260 97.48 34.20 -83.82
C THR I 260 96.14 33.46 -83.82
N CYS I 261 95.26 33.89 -82.94
CA CYS I 261 93.92 33.34 -82.83
C CYS I 261 92.94 34.47 -82.58
N ARG I 262 91.65 34.21 -82.80
CA ARG I 262 90.64 35.25 -82.79
C ARG I 262 89.62 34.95 -81.71
N VAL I 263 89.31 35.96 -80.90
CA VAL I 263 88.57 35.76 -79.66
C VAL I 263 87.45 36.79 -79.53
N PRO I 264 86.26 36.40 -79.09
CA PRO I 264 85.14 37.35 -79.02
C PRO I 264 85.32 38.39 -77.92
N MET I 265 84.64 39.52 -78.12
CA MET I 265 84.57 40.59 -77.13
C MET I 265 83.14 40.65 -76.61
N ALA I 266 82.98 40.41 -75.31
CA ALA I 266 81.64 40.32 -74.75
C ALA I 266 81.00 41.70 -74.67
N ARG I 267 79.67 41.70 -74.61
CA ARG I 267 78.89 42.91 -74.68
C ARG I 267 79.15 43.81 -73.48
N GLU I 268 79.01 45.10 -73.69
CA GLU I 268 79.23 46.06 -72.61
C GLU I 268 78.14 45.86 -71.55
N PRO I 269 78.47 46.01 -70.27
CA PRO I 269 77.47 45.82 -69.23
C PRO I 269 76.57 47.03 -69.10
N THR I 270 75.41 46.81 -68.48
CA THR I 270 74.50 47.90 -68.17
C THR I 270 74.91 48.54 -66.86
N VAL I 271 75.28 49.81 -66.91
CA VAL I 271 75.79 50.51 -65.73
C VAL I 271 74.70 51.45 -65.21
N ILE I 272 74.45 51.39 -63.91
CA ILE I 272 73.49 52.24 -63.25
C ILE I 272 74.24 53.08 -62.24
N HIS I 273 74.15 54.40 -62.36
CA HIS I 273 74.86 55.26 -61.44
C HIS I 273 74.17 55.29 -60.07
N GLY I 274 74.94 55.64 -59.05
CA GLY I 274 74.43 55.72 -57.69
C GLY I 274 75.26 56.68 -56.85
N LYS I 275 74.99 56.78 -55.56
CA LYS I 275 75.75 57.67 -54.69
C LYS I 275 77.01 56.95 -54.22
N ARG I 276 78.11 57.21 -54.91
CA ARG I 276 79.41 56.57 -54.62
C ARG I 276 79.35 55.06 -54.82
N GLU I 277 78.32 54.59 -55.52
CA GLU I 277 78.23 53.19 -55.92
C GLU I 277 78.03 53.13 -57.42
N VAL I 278 78.35 51.98 -57.99
CA VAL I 278 77.99 51.67 -59.37
C VAL I 278 77.37 50.29 -59.38
N THR I 279 76.16 50.18 -59.89
CA THR I 279 75.48 48.90 -59.99
C THR I 279 75.59 48.42 -61.43
N LEU I 280 76.04 47.20 -61.62
CA LEU I 280 76.27 46.63 -62.94
C LEU I 280 75.33 45.46 -63.16
N HIS I 281 74.69 45.42 -64.31
CA HIS I 281 74.00 44.24 -64.78
C HIS I 281 74.92 43.50 -65.74
N LEU I 282 75.14 42.22 -65.50
CA LEU I 282 76.03 41.40 -66.30
C LEU I 282 75.21 40.33 -67.00
N HIS I 283 75.32 40.30 -68.34
CA HIS I 283 74.62 39.34 -69.19
C HIS I 283 75.63 38.62 -70.06
N PRO I 284 76.20 37.51 -69.59
CA PRO I 284 77.13 36.76 -70.42
C PRO I 284 76.45 35.66 -71.20
N ASP I 285 77.04 35.31 -72.34
CA ASP I 285 76.60 34.13 -73.08
C ASP I 285 77.31 32.86 -72.64
N HIS I 286 78.50 33.00 -72.07
CA HIS I 286 79.38 31.89 -71.73
C HIS I 286 80.43 32.42 -70.78
N PRO I 287 81.01 31.55 -69.93
CA PRO I 287 81.80 32.03 -68.78
C PRO I 287 82.81 33.11 -69.10
N THR I 288 82.72 34.23 -68.39
CA THR I 288 83.60 35.38 -68.59
C THR I 288 84.17 35.82 -67.24
N LEU I 289 85.31 36.50 -67.29
CA LEU I 289 86.06 36.85 -66.09
C LEU I 289 85.89 38.33 -65.81
N PHE I 290 85.42 38.66 -64.61
CA PHE I 290 85.06 40.02 -64.23
C PHE I 290 85.83 40.42 -62.98
N SER I 291 86.72 41.40 -63.11
CA SER I 291 87.59 41.75 -62.00
C SER I 291 87.74 43.26 -61.91
N TYR I 292 87.61 43.79 -60.70
CA TYR I 292 87.63 45.23 -60.48
C TYR I 292 88.57 45.59 -59.35
N ARG I 293 89.12 46.79 -59.42
CA ARG I 293 90.00 47.26 -58.36
C ARG I 293 89.80 48.74 -58.13
N THR I 294 89.85 49.14 -56.87
CA THR I 294 89.72 50.53 -56.47
C THR I 294 91.11 51.16 -56.44
N LEU I 295 91.35 52.12 -57.31
CA LEU I 295 92.72 52.59 -57.53
C LEU I 295 93.11 53.68 -56.53
N GLY I 296 92.81 53.45 -55.27
CA GLY I 296 93.20 54.35 -54.21
C GLY I 296 94.55 53.97 -53.61
N GLU I 297 94.66 54.01 -52.29
CA GLU I 297 95.90 53.65 -51.61
C GLU I 297 95.95 52.20 -51.16
N ASP I 298 94.84 51.68 -50.65
CA ASP I 298 94.73 50.28 -50.27
C ASP I 298 93.58 49.70 -51.08
N PRO I 299 93.86 49.15 -52.26
CA PRO I 299 92.77 48.73 -53.15
C PRO I 299 91.98 47.58 -52.58
N GLN I 300 90.86 47.28 -53.23
CA GLN I 300 90.01 46.16 -52.88
C GLN I 300 90.02 45.15 -54.02
N TYR I 301 90.87 44.15 -53.89
CA TYR I 301 90.95 43.05 -54.83
C TYR I 301 89.60 42.35 -55.01
N HIS I 302 89.36 41.85 -56.22
CA HIS I 302 88.26 40.92 -56.48
C HIS I 302 88.39 40.33 -57.88
N GLU I 303 88.06 39.06 -58.00
CA GLU I 303 87.99 38.35 -59.27
C GLU I 303 86.86 37.35 -59.20
N GLU I 304 86.33 36.97 -60.35
CA GLU I 304 85.15 36.11 -60.34
C GLU I 304 84.89 35.56 -61.73
N TRP I 305 84.29 34.37 -61.78
CA TRP I 305 83.92 33.71 -63.02
C TRP I 305 82.41 33.75 -63.12
N VAL I 306 81.88 34.66 -63.94
CA VAL I 306 80.44 34.77 -64.11
C VAL I 306 79.98 33.76 -65.15
N THR I 307 78.91 33.03 -64.84
CA THR I 307 78.35 32.06 -65.78
C THR I 307 76.93 32.39 -66.20
N ALA I 308 76.11 32.92 -65.30
CA ALA I 308 74.73 33.25 -65.60
C ALA I 308 74.55 34.76 -65.56
N ALA I 309 73.31 35.20 -65.73
CA ALA I 309 72.99 36.61 -65.61
C ALA I 309 73.05 37.01 -64.14
N VAL I 310 73.65 38.16 -63.83
CA VAL I 310 73.86 38.55 -62.45
C VAL I 310 73.87 40.07 -62.36
N GLU I 311 73.81 40.59 -61.13
CA GLU I 311 73.98 42.01 -60.90
C GLU I 311 74.87 42.23 -59.69
N ARG I 312 75.85 43.12 -59.84
CA ARG I 312 76.89 43.34 -58.85
C ARG I 312 77.04 44.82 -58.56
N THR I 313 77.14 45.17 -57.28
CA THR I 313 77.32 46.57 -56.87
C THR I 313 78.73 46.76 -56.39
N ILE I 314 79.41 47.75 -56.95
CA ILE I 314 80.82 47.97 -56.68
C ILE I 314 81.00 49.39 -56.16
N PRO I 315 81.69 49.58 -55.05
CA PRO I 315 81.82 50.92 -54.47
C PRO I 315 82.91 51.71 -55.15
N VAL I 316 82.62 52.98 -55.42
CA VAL I 316 83.54 53.86 -56.14
C VAL I 316 83.86 55.09 -55.29
N PRO I 317 85.00 55.11 -54.61
CA PRO I 317 85.36 56.27 -53.81
C PRO I 317 85.89 57.40 -54.67
N VAL I 318 86.19 58.54 -54.05
CA VAL I 318 86.60 59.72 -54.79
C VAL I 318 87.86 59.48 -55.61
N ASP I 319 88.72 58.56 -55.18
CA ASP I 319 89.95 58.32 -55.91
C ASP I 319 89.69 57.69 -57.27
N GLY I 320 88.73 56.77 -57.36
CA GLY I 320 88.38 56.15 -58.62
C GLY I 320 88.65 54.66 -58.62
N MET I 321 88.18 54.01 -59.69
CA MET I 321 88.32 52.56 -59.77
C MET I 321 88.23 52.14 -61.23
N GLU I 322 88.56 50.88 -61.49
CA GLU I 322 88.41 50.34 -62.82
C GLU I 322 87.88 48.92 -62.74
N TYR I 323 87.28 48.48 -63.84
CA TYR I 323 86.80 47.11 -63.94
C TYR I 323 87.19 46.54 -65.30
N HIS I 324 87.24 45.22 -65.35
CA HIS I 324 87.73 44.43 -66.48
C HIS I 324 86.72 43.33 -66.72
N TRP I 325 86.02 43.39 -67.85
CA TRP I 325 84.92 42.50 -68.15
C TRP I 325 85.17 41.83 -69.49
N GLY I 326 85.47 40.54 -69.47
CA GLY I 326 85.74 39.85 -70.71
C GLY I 326 87.02 40.36 -71.34
N ASN I 327 87.06 40.35 -72.66
CA ASN I 327 88.22 40.80 -73.41
C ASN I 327 88.24 42.29 -73.63
N ASN I 328 87.24 43.01 -73.14
CA ASN I 328 87.21 44.46 -73.30
C ASN I 328 88.38 45.10 -72.56
N ASP I 329 88.74 46.28 -73.00
CA ASP I 329 89.76 47.02 -72.29
C ASP I 329 89.23 47.45 -70.92
N PRO I 330 90.11 47.69 -69.96
CA PRO I 330 89.66 48.16 -68.65
C PRO I 330 88.94 49.49 -68.77
N VAL I 331 87.93 49.66 -67.92
CA VAL I 331 87.09 50.86 -67.91
C VAL I 331 87.25 51.55 -66.57
N ARG I 332 87.47 52.86 -66.58
CA ARG I 332 87.77 53.62 -65.39
C ARG I 332 86.66 54.62 -65.07
N LEU I 333 86.32 54.72 -63.79
CA LEU I 333 85.29 55.64 -63.32
C LEU I 333 85.77 56.35 -62.05
N TRP I 334 85.58 57.66 -61.99
CA TRP I 334 85.84 58.43 -60.77
C TRP I 334 84.51 58.92 -60.21
N SER I 335 84.35 58.82 -58.90
CA SER I 335 83.22 59.43 -58.25
C SER I 335 83.35 60.95 -58.26
N GLN I 336 82.26 61.62 -57.94
CA GLN I 336 82.23 63.08 -57.95
C GLN I 336 81.65 63.55 -56.63
N LEU I 337 81.96 64.80 -56.29
CA LEU I 337 81.68 65.31 -54.96
C LEU I 337 80.27 65.88 -54.88
N THR I 338 79.27 65.01 -54.72
CA THR I 338 77.88 65.45 -54.71
C THR I 338 77.21 65.02 -53.41
N THR I 339 76.13 65.73 -53.07
CA THR I 339 75.45 65.54 -51.80
C THR I 339 74.00 66.00 -51.92
N GLU I 340 73.34 66.16 -50.78
CA GLU I 340 71.93 66.47 -50.73
C GLU I 340 71.58 67.69 -49.90
N GLY I 341 72.55 68.32 -49.24
CA GLY I 341 72.27 69.52 -48.47
C GLY I 341 72.14 70.73 -49.37
N LYS I 342 72.08 71.89 -48.74
CA LYS I 342 71.99 73.16 -49.47
C LYS I 342 72.96 74.15 -48.88
N PRO I 343 74.09 74.42 -49.54
CA PRO I 343 75.04 75.40 -49.03
C PRO I 343 74.45 76.79 -49.08
N HIS I 344 75.05 77.67 -48.30
CA HIS I 344 74.80 79.10 -48.40
C HIS I 344 73.34 79.42 -48.11
N GLY I 345 72.74 78.62 -47.24
CA GLY I 345 71.36 78.81 -46.84
C GLY I 345 71.26 78.95 -45.34
N TRP I 346 70.24 78.35 -44.74
CA TRP I 346 70.13 78.40 -43.30
C TRP I 346 71.22 77.54 -42.67
N PRO I 347 71.64 77.89 -41.45
CA PRO I 347 72.65 77.07 -40.76
C PRO I 347 72.24 75.63 -40.59
N HIS I 348 70.97 75.34 -40.34
CA HIS I 348 70.57 73.94 -40.22
C HIS I 348 70.67 73.19 -41.54
N GLN I 349 70.77 73.90 -42.66
CA GLN I 349 70.98 73.26 -43.95
C GLN I 349 72.44 73.18 -44.35
N ILE I 350 73.26 74.15 -43.93
CA ILE I 350 74.69 74.02 -44.22
C ILE I 350 75.26 72.79 -43.49
N VAL I 351 74.73 72.48 -42.31
CA VAL I 351 75.16 71.27 -41.62
C VAL I 351 74.83 70.04 -42.45
N GLN I 352 73.65 70.01 -43.07
CA GLN I 352 73.32 68.87 -43.93
C GLN I 352 74.27 68.80 -45.12
N TYR I 353 74.60 69.94 -45.71
CA TYR I 353 75.50 69.92 -46.86
C TYR I 353 76.86 69.38 -46.48
N TYR I 354 77.39 69.80 -45.33
CA TYR I 354 78.69 69.31 -44.92
C TYR I 354 78.62 67.97 -44.19
N TYR I 355 77.43 67.44 -43.98
CA TYR I 355 77.23 66.08 -43.51
C TYR I 355 77.18 65.07 -44.64
N GLY I 356 76.64 65.47 -45.79
CA GLY I 356 76.70 64.60 -46.96
C GLY I 356 78.12 64.28 -47.35
N LEU I 357 79.03 65.23 -47.17
CA LEU I 357 80.46 65.01 -47.36
C LEU I 357 81.10 64.74 -46.01
N TYR I 358 81.92 63.69 -45.93
CA TYR I 358 82.65 63.36 -44.71
C TYR I 358 81.71 63.19 -43.53
N PRO I 359 80.84 62.18 -43.53
CA PRO I 359 79.76 62.16 -42.54
C PRO I 359 80.21 61.64 -41.17
N ALA I 360 81.37 62.09 -40.70
CA ALA I 360 81.80 61.80 -39.34
C ALA I 360 82.50 62.97 -38.67
N ALA I 361 83.21 63.82 -39.41
CA ALA I 361 83.83 64.98 -38.81
C ALA I 361 82.82 66.09 -38.53
N THR I 362 81.74 66.15 -39.30
CA THR I 362 80.74 67.18 -39.06
C THR I 362 80.12 67.03 -37.68
N VAL I 363 79.73 65.81 -37.31
CA VAL I 363 79.11 65.61 -36.01
C VAL I 363 80.08 65.96 -34.89
N SER I 364 81.34 65.51 -35.01
CA SER I 364 82.32 65.82 -33.98
C SER I 364 82.50 67.33 -33.84
N ALA I 365 82.64 68.04 -34.96
CA ALA I 365 82.86 69.48 -34.90
C ALA I 365 81.66 70.19 -34.30
N VAL I 366 80.45 69.81 -34.70
CA VAL I 366 79.27 70.48 -34.17
C VAL I 366 79.13 70.24 -32.67
N VAL I 367 79.38 69.00 -32.22
CA VAL I 367 79.30 68.73 -30.79
C VAL I 367 80.34 69.56 -30.04
N GLY I 368 81.57 69.64 -30.57
CA GLY I 368 82.59 70.43 -29.91
C GLY I 368 82.21 71.90 -29.81
N MET I 369 81.70 72.46 -30.91
CA MET I 369 81.30 73.86 -30.91
C MET I 369 80.19 74.13 -29.91
N SER I 370 79.17 73.28 -29.89
CA SER I 370 78.06 73.49 -28.95
C SER I 370 78.54 73.36 -27.50
N LEU I 371 79.38 72.36 -27.22
CA LEU I 371 79.87 72.19 -25.86
C LEU I 371 80.70 73.39 -25.43
N LEU I 372 81.56 73.90 -26.31
CA LEU I 372 82.35 75.07 -25.98
C LEU I 372 81.46 76.27 -25.70
N ALA I 373 80.42 76.46 -26.51
CA ALA I 373 79.51 77.59 -26.29
C ALA I 373 78.79 77.47 -24.95
N LEU I 374 78.34 76.26 -24.60
CA LEU I 374 77.65 76.10 -23.32
C LEU I 374 78.59 76.34 -22.14
N ILE I 375 79.82 75.86 -22.23
CA ILE I 375 80.78 76.13 -21.17
C ILE I 375 81.00 77.63 -21.01
N SER I 376 81.16 78.34 -22.13
CA SER I 376 81.36 79.78 -22.05
C SER I 376 80.16 80.49 -21.44
N ILE I 377 78.95 80.12 -21.85
CA ILE I 377 77.78 80.84 -21.37
C ILE I 377 77.53 80.55 -19.89
N PHE I 378 77.70 79.30 -19.46
CA PHE I 378 77.57 79.01 -18.04
C PHE I 378 78.63 79.72 -17.22
N ALA I 379 79.87 79.75 -17.70
CA ALA I 379 80.92 80.44 -16.95
C ALA I 379 80.60 81.92 -16.79
N SER I 380 80.14 82.55 -17.88
CA SER I 380 79.84 83.98 -17.81
C SER I 380 78.66 84.25 -16.88
N CYS I 381 77.57 83.49 -17.01
CA CYS I 381 76.42 83.71 -16.12
C CYS I 381 76.79 83.48 -14.66
N TYR I 382 77.58 82.43 -14.40
CA TYR I 382 78.02 82.14 -13.04
C TYR I 382 78.86 83.27 -12.47
N MET I 383 79.77 83.83 -13.26
CA MET I 383 80.61 84.89 -12.72
C MET I 383 79.84 86.19 -12.54
N LEU I 384 78.83 86.47 -13.38
CA LEU I 384 77.96 87.60 -13.06
C LEU I 384 77.22 87.38 -11.76
N VAL I 385 76.72 86.17 -11.51
CA VAL I 385 76.05 85.92 -10.25
C VAL I 385 77.00 86.14 -9.08
N ALA I 386 78.24 85.65 -9.22
CA ALA I 386 79.24 85.83 -8.17
C ALA I 386 79.55 87.30 -7.95
N ALA I 387 79.63 88.10 -9.03
CA ALA I 387 79.88 89.52 -8.88
C ALA I 387 78.72 90.21 -8.16
N ARG I 388 77.49 89.85 -8.49
CA ARG I 388 76.35 90.40 -7.76
C ARG I 388 76.43 90.07 -6.28
N SER I 389 76.70 88.80 -5.96
CA SER I 389 76.76 88.40 -4.56
C SER I 389 77.87 89.13 -3.82
N LYS I 390 79.05 89.24 -4.44
CA LYS I 390 80.17 89.89 -3.78
C LYS I 390 79.95 91.39 -3.62
N CYS I 391 79.22 92.02 -4.56
CA CYS I 391 78.95 93.44 -4.39
C CYS I 391 77.86 93.70 -3.36
N LEU I 392 76.88 92.80 -3.25
CA LEU I 392 75.75 93.03 -2.37
C LEU I 392 75.94 92.42 -0.99
N THR I 393 77.01 91.67 -0.77
CA THR I 393 77.17 91.03 0.53
C THR I 393 77.34 92.00 1.70
N PRO I 394 78.12 93.09 1.62
CA PRO I 394 78.30 93.93 2.82
C PRO I 394 77.00 94.52 3.32
N TYR I 395 76.06 94.84 2.45
CA TYR I 395 74.80 95.45 2.87
C TYR I 395 73.95 94.49 3.69
N ALA I 396 74.24 93.21 3.67
CA ALA I 396 73.59 92.24 4.54
C ALA I 396 74.35 92.04 5.84
N LEU I 397 75.43 92.78 6.08
CA LEU I 397 76.17 92.71 7.32
C LEU I 397 75.91 93.92 8.22
N THR I 398 75.16 94.91 7.75
CA THR I 398 74.75 96.04 8.56
C THR I 398 73.24 96.16 8.49
N PRO I 399 72.60 96.55 9.58
CA PRO I 399 71.14 96.72 9.60
C PRO I 399 70.69 98.05 9.01
N GLY I 400 71.00 98.28 7.73
CA GLY I 400 70.68 99.50 7.05
C GLY I 400 69.86 99.30 5.79
N ALA I 401 69.80 100.37 5.01
CA ALA I 401 69.02 100.41 3.76
C ALA I 401 69.82 99.81 2.62
N ALA I 402 69.10 99.39 1.57
CA ALA I 402 69.70 98.70 0.44
C ALA I 402 69.89 99.60 -0.77
N VAL I 403 69.59 100.89 -0.66
CA VAL I 403 69.83 101.85 -1.75
C VAL I 403 69.06 101.44 -3.00
N PRO I 404 67.75 101.68 -3.06
CA PRO I 404 66.94 101.28 -4.23
C PRO I 404 67.57 101.54 -5.59
N TRP I 405 68.43 102.56 -5.69
CA TRP I 405 69.15 102.79 -6.94
C TRP I 405 70.01 101.58 -7.29
N THR I 406 70.77 101.07 -6.32
CA THR I 406 71.52 99.84 -6.54
C THR I 406 70.60 98.63 -6.63
N LEU I 407 69.48 98.65 -5.91
CA LEU I 407 68.56 97.52 -5.95
C LEU I 407 68.02 97.30 -7.37
N GLY I 408 67.66 98.39 -8.05
CA GLY I 408 67.08 98.26 -9.37
C GLY I 408 68.03 97.64 -10.38
N ILE I 409 69.27 98.13 -10.41
CA ILE I 409 70.24 97.60 -11.36
C ILE I 409 70.63 96.18 -10.99
N LEU I 410 70.98 95.95 -9.73
CA LEU I 410 71.43 94.64 -9.28
C LEU I 410 70.28 94.01 -8.50
N CYS I 411 69.50 93.18 -9.17
CA CYS I 411 68.37 92.53 -8.54
C CYS I 411 68.85 91.54 -7.49
N CYS I 412 68.00 91.32 -6.48
CA CYS I 412 68.32 90.43 -5.37
C CYS I 412 67.06 89.71 -4.91
N ALA I 413 67.27 88.66 -4.12
CA ALA I 413 66.14 87.91 -3.58
C ALA I 413 65.22 88.78 -2.72
N PRO I 414 65.70 89.64 -1.80
CA PRO I 414 64.78 90.55 -1.12
C PRO I 414 64.24 91.61 -2.07
N ARG I 415 62.97 91.50 -2.44
CA ARG I 415 62.38 92.44 -3.38
C ARG I 415 61.94 93.72 -2.68
N ALA I 416 61.26 93.59 -1.55
CA ALA I 416 60.79 94.75 -0.79
C ALA I 416 61.15 94.72 0.68
N HIS I 417 61.15 93.55 1.33
CA HIS I 417 61.48 93.47 2.75
C HIS I 417 62.96 93.77 2.95
N ALA I 418 63.27 94.50 4.03
CA ALA I 418 64.63 94.94 4.35
C ALA I 418 65.21 95.85 3.27
N HIS J 1 11.27 33.30 -111.60
CA HIS J 1 12.25 33.28 -110.54
C HIS J 1 11.59 32.91 -109.21
N PHE J 2 11.91 33.68 -108.17
CA PHE J 2 11.41 33.45 -106.83
C PHE J 2 10.18 34.32 -106.59
N ASN J 3 9.04 33.68 -106.33
CA ASN J 3 7.76 34.37 -106.25
C ASN J 3 6.95 33.85 -105.07
N VAL J 4 7.53 33.92 -103.87
CA VAL J 4 7.02 33.28 -102.65
C VAL J 4 5.52 33.46 -102.47
N TYR J 5 4.95 34.51 -103.06
CA TYR J 5 3.53 34.77 -102.85
C TYR J 5 2.60 33.82 -103.57
N LYS J 6 3.11 32.87 -104.35
CA LYS J 6 2.20 31.95 -105.04
C LYS J 6 1.57 30.94 -104.09
N ALA J 7 2.21 30.65 -102.96
CA ALA J 7 1.73 29.62 -102.06
C ALA J 7 0.80 30.14 -100.98
N THR J 8 0.42 31.41 -101.03
CA THR J 8 -0.43 32.01 -100.00
C THR J 8 -1.64 32.68 -100.63
N ARG J 9 -2.68 32.83 -99.82
CA ARG J 9 -3.98 33.31 -100.25
C ARG J 9 -4.47 34.37 -99.27
N PRO J 10 -5.28 35.31 -99.74
CA PRO J 10 -5.92 36.24 -98.81
C PRO J 10 -6.92 35.52 -97.93
N TYR J 11 -7.36 36.21 -96.88
CA TYR J 11 -8.28 35.63 -95.92
C TYR J 11 -9.28 36.68 -95.49
N ILE J 12 -10.40 36.22 -94.95
CA ILE J 12 -11.47 37.10 -94.52
C ILE J 12 -11.61 37.01 -93.00
N ALA J 13 -11.59 38.15 -92.33
CA ALA J 13 -11.53 38.23 -90.88
C ALA J 13 -12.57 39.22 -90.36
N TYR J 14 -12.56 39.41 -89.04
CA TYR J 14 -13.57 40.18 -88.35
C TYR J 14 -13.04 41.57 -88.02
N CYS J 15 -13.76 42.60 -88.41
CA CYS J 15 -13.41 43.98 -88.10
C CYS J 15 -14.34 44.51 -87.03
N ALA J 16 -13.85 45.44 -86.22
CA ALA J 16 -14.62 45.95 -85.09
C ALA J 16 -15.85 46.71 -85.57
N ASP J 17 -15.65 47.64 -86.49
CA ASP J 17 -16.78 48.31 -87.14
C ASP J 17 -16.36 48.69 -88.55
N CYS J 18 -17.30 48.66 -89.47
CA CYS J 18 -16.99 48.78 -90.89
C CYS J 18 -17.29 50.18 -91.40
N GLY J 19 -16.95 51.19 -90.60
CA GLY J 19 -17.08 52.57 -91.02
C GLY J 19 -18.44 53.17 -90.81
N ALA J 20 -19.37 52.44 -90.17
CA ALA J 20 -20.72 52.93 -89.97
C ALA J 20 -21.28 52.53 -88.60
N GLY J 21 -20.45 52.03 -87.70
CA GLY J 21 -20.93 51.58 -86.41
C GLY J 21 -21.51 50.18 -86.39
N HIS J 22 -21.28 49.39 -87.43
CA HIS J 22 -21.72 48.00 -87.45
C HIS J 22 -20.55 47.09 -87.74
N SER J 23 -20.58 45.90 -87.14
CA SER J 23 -19.49 44.95 -87.22
C SER J 23 -19.86 43.83 -88.18
N CYS J 24 -19.03 43.61 -89.19
CA CYS J 24 -19.28 42.51 -90.11
C CYS J 24 -17.94 42.04 -90.67
N HIS J 25 -17.89 40.74 -90.99
CA HIS J 25 -16.68 40.13 -91.51
C HIS J 25 -16.28 40.81 -92.81
N SER J 26 -15.03 41.24 -92.91
CA SER J 26 -14.62 41.96 -94.09
C SER J 26 -13.28 41.45 -94.59
N PRO J 27 -12.99 41.61 -95.88
CA PRO J 27 -11.69 41.20 -96.40
C PRO J 27 -10.56 42.16 -96.09
N VAL J 28 -10.85 43.28 -95.42
CA VAL J 28 -9.86 44.32 -95.25
C VAL J 28 -9.66 44.55 -93.75
N ALA J 29 -9.74 43.49 -92.97
CA ALA J 29 -9.50 43.61 -91.54
C ALA J 29 -8.07 44.05 -91.28
N ILE J 30 -7.86 44.76 -90.18
CA ILE J 30 -6.54 45.29 -89.84
C ILE J 30 -5.97 44.53 -88.67
N GLU J 31 -4.75 44.04 -88.84
CA GLU J 31 -3.97 43.49 -87.74
C GLU J 31 -3.11 44.61 -87.16
N ALA J 32 -2.13 44.28 -86.33
CA ALA J 32 -1.39 45.27 -85.57
C ALA J 32 -0.76 46.34 -86.45
N VAL J 33 -0.43 47.48 -85.85
CA VAL J 33 0.22 48.59 -86.52
C VAL J 33 1.55 48.84 -85.85
N ARG J 34 2.61 48.92 -86.64
CA ARG J 34 3.95 49.17 -86.13
C ARG J 34 4.36 50.60 -86.43
N SER J 35 4.93 51.27 -85.43
CA SER J 35 5.34 52.67 -85.57
C SER J 35 6.73 52.88 -84.96
N GLU J 36 7.68 52.03 -85.33
CA GLU J 36 9.00 52.05 -84.74
C GLU J 36 9.98 52.94 -85.48
N ALA J 37 9.51 53.92 -86.24
CA ALA J 37 10.37 54.81 -86.98
C ALA J 37 10.28 56.22 -86.41
N THR J 38 11.44 56.86 -86.23
CA THR J 38 11.45 58.19 -85.65
C THR J 38 10.94 59.23 -86.64
N ASP J 39 10.94 58.93 -87.93
CA ASP J 39 10.32 59.81 -88.90
C ASP J 39 8.80 59.79 -88.82
N GLY J 40 8.20 58.66 -88.47
CA GLY J 40 6.76 58.58 -88.37
C GLY J 40 6.03 58.10 -89.61
N MET J 41 6.40 56.94 -90.11
CA MET J 41 5.62 56.20 -91.08
C MET J 41 5.14 54.90 -90.46
N LEU J 42 3.86 54.60 -90.61
CA LEU J 42 3.24 53.43 -90.02
C LEU J 42 3.26 52.29 -91.03
N LYS J 43 3.32 51.07 -90.51
CA LYS J 43 3.23 49.87 -91.34
C LYS J 43 1.90 49.19 -91.06
N ILE J 44 0.86 49.62 -91.77
CA ILE J 44 -0.43 48.99 -91.58
C ILE J 44 -0.41 47.60 -92.19
N GLN J 45 -0.94 46.63 -91.46
CA GLN J 45 -1.01 45.25 -91.92
C GLN J 45 -2.46 44.91 -92.29
N PHE J 46 -2.72 44.74 -93.59
CA PHE J 46 -4.02 44.36 -94.10
C PHE J 46 -4.45 42.99 -93.61
N SER J 47 -5.62 42.57 -94.07
CA SER J 47 -6.01 41.17 -94.10
C SER J 47 -6.11 40.60 -95.51
N ALA J 48 -5.80 41.39 -96.53
CA ALA J 48 -5.84 40.94 -97.92
C ALA J 48 -4.63 41.51 -98.65
N GLN J 49 -3.70 40.64 -99.05
CA GLN J 49 -2.44 41.09 -99.62
C GLN J 49 -2.64 41.73 -100.99
N ILE J 50 -1.80 42.71 -101.29
CA ILE J 50 -1.97 43.55 -102.46
C ILE J 50 -0.65 43.64 -103.21
N GLY J 51 -0.74 44.07 -104.46
CA GLY J 51 0.39 44.05 -105.37
C GLY J 51 0.55 42.75 -106.12
N ILE J 52 -0.39 41.83 -106.00
CA ILE J 52 -0.33 40.52 -106.65
C ILE J 52 -1.62 40.33 -107.42
N ASP J 53 -1.52 39.77 -108.62
CA ASP J 53 -2.73 39.49 -109.39
C ASP J 53 -3.42 38.25 -108.83
N LYS J 54 -4.68 38.09 -109.21
CA LYS J 54 -5.46 36.93 -108.78
C LYS J 54 -4.77 35.63 -109.15
N SER J 55 -4.15 35.58 -110.33
CA SER J 55 -3.52 34.38 -110.84
C SER J 55 -2.04 34.28 -110.47
N ASP J 56 -1.65 34.84 -109.32
CA ASP J 56 -0.31 34.65 -108.76
C ASP J 56 0.77 35.22 -109.69
N ASN J 57 0.45 36.32 -110.36
CA ASN J 57 1.36 36.95 -111.30
C ASN J 57 1.69 38.35 -110.79
N HIS J 58 2.98 38.65 -110.72
CA HIS J 58 3.44 39.84 -110.01
C HIS J 58 3.12 41.12 -110.77
N ASP J 59 1.87 41.59 -110.68
CA ASP J 59 1.47 42.84 -111.29
C ASP J 59 1.63 43.97 -110.27
N TYR J 60 1.26 45.18 -110.67
CA TYR J 60 1.25 46.32 -109.76
C TYR J 60 0.01 47.19 -109.93
N THR J 61 -1.05 46.65 -110.49
CA THR J 61 -2.28 47.42 -110.65
C THR J 61 -3.45 46.59 -110.16
N LYS J 62 -3.23 45.30 -109.92
CA LYS J 62 -4.22 44.42 -109.36
C LYS J 62 -3.93 44.25 -107.87
N ILE J 63 -4.98 44.03 -107.07
CA ILE J 63 -4.81 43.65 -105.68
C ILE J 63 -5.79 42.54 -105.34
N ARG J 64 -5.28 41.49 -104.70
CA ARG J 64 -6.09 40.32 -104.38
C ARG J 64 -6.91 40.55 -103.11
N TYR J 65 -7.97 39.76 -102.97
CA TYR J 65 -8.68 39.65 -101.70
C TYR J 65 -9.66 38.49 -101.76
N ALA J 66 -10.15 38.10 -100.59
CA ALA J 66 -11.02 36.93 -100.50
C ALA J 66 -12.47 37.33 -100.64
N ASP J 67 -13.26 36.46 -101.26
CA ASP J 67 -14.69 36.68 -101.49
C ASP J 67 -15.34 35.31 -101.68
N GLY J 68 -16.06 34.87 -100.66
CA GLY J 68 -16.76 33.61 -100.75
C GLY J 68 -15.87 32.43 -101.06
N HIS J 69 -14.78 32.28 -100.29
CA HIS J 69 -13.72 31.32 -100.59
C HIS J 69 -13.42 31.29 -102.10
N ALA J 70 -13.26 32.49 -102.65
CA ALA J 70 -12.87 32.66 -104.05
C ALA J 70 -12.04 33.95 -104.11
N ILE J 71 -10.83 33.84 -104.65
CA ILE J 71 -9.93 34.98 -104.67
C ILE J 71 -10.26 35.87 -105.86
N GLU J 72 -10.46 37.15 -105.60
CA GLU J 72 -10.81 38.11 -106.63
C GLU J 72 -9.82 39.26 -106.58
N ASN J 73 -9.89 40.15 -107.57
CA ASN J 73 -8.95 41.26 -107.64
C ASN J 73 -9.68 42.57 -107.88
N ALA J 74 -9.03 43.65 -107.45
CA ALA J 74 -9.56 45.01 -107.58
C ALA J 74 -8.43 45.96 -107.96
N VAL J 75 -8.81 47.12 -108.49
CA VAL J 75 -7.82 48.07 -108.98
C VAL J 75 -7.04 48.68 -107.81
N ARG J 76 -5.72 48.82 -107.99
CA ARG J 76 -4.87 49.34 -106.93
C ARG J 76 -5.15 50.81 -106.65
N SER J 77 -5.60 51.55 -107.64
CA SER J 77 -6.13 52.86 -107.34
C SER J 77 -7.31 52.74 -106.39
N SER J 78 -7.79 53.88 -105.92
CA SER J 78 -8.90 53.96 -104.98
C SER J 78 -8.58 53.35 -103.62
N LEU J 79 -7.38 52.83 -103.42
CA LEU J 79 -6.99 52.37 -102.08
C LEU J 79 -6.79 53.61 -101.23
N LYS J 80 -7.69 53.84 -100.29
CA LYS J 80 -7.66 55.05 -99.48
C LYS J 80 -7.38 54.66 -98.04
N VAL J 81 -6.19 54.97 -97.56
CA VAL J 81 -5.83 54.89 -96.16
C VAL J 81 -5.88 56.28 -95.58
N ALA J 82 -6.57 56.45 -94.46
CA ALA J 82 -6.78 57.78 -93.93
C ALA J 82 -6.86 57.74 -92.41
N THR J 83 -6.70 58.92 -91.84
CA THR J 83 -6.85 59.18 -90.43
C THR J 83 -7.60 60.51 -90.36
N SER J 84 -7.49 61.22 -89.24
CA SER J 84 -8.22 62.48 -89.08
C SER J 84 -8.16 63.35 -90.34
N GLY J 85 -7.14 63.18 -91.17
CA GLY J 85 -7.09 63.84 -92.47
C GLY J 85 -7.02 62.86 -93.64
N ASP J 86 -6.05 63.06 -94.52
CA ASP J 86 -5.83 62.13 -95.63
C ASP J 86 -4.34 61.83 -95.69
N CYS J 87 -3.98 60.55 -95.58
CA CYS J 87 -2.58 60.19 -95.51
C CYS J 87 -1.97 60.12 -96.90
N PHE J 88 -0.70 59.76 -96.94
CA PHE J 88 0.04 59.57 -98.17
C PHE J 88 0.67 58.18 -98.11
N VAL J 89 0.56 57.43 -99.21
CA VAL J 89 1.11 56.09 -99.29
C VAL J 89 2.45 56.14 -100.00
N HIS J 90 3.46 55.50 -99.41
CA HIS J 90 4.80 55.47 -99.96
C HIS J 90 5.16 54.09 -100.51
N GLY J 91 5.06 53.07 -99.67
CA GLY J 91 5.38 51.72 -100.06
C GLY J 91 4.15 50.84 -100.14
N THR J 92 4.26 49.76 -100.90
CA THR J 92 3.13 48.87 -101.10
C THR J 92 3.56 47.51 -101.64
N MET J 93 3.51 46.48 -100.81
CA MET J 93 3.72 45.13 -101.30
C MET J 93 3.32 44.10 -100.24
N GLY J 94 2.57 43.09 -100.65
CA GLY J 94 2.19 42.07 -99.70
C GLY J 94 1.01 42.54 -98.89
N HIS J 95 1.03 42.25 -97.59
CA HIS J 95 -0.02 42.74 -96.71
C HIS J 95 0.21 44.15 -96.20
N PHE J 96 1.36 44.75 -96.44
CA PHE J 96 1.80 45.89 -95.66
C PHE J 96 1.72 47.19 -96.45
N ILE J 97 1.33 48.26 -95.77
CA ILE J 97 1.29 49.60 -96.36
C ILE J 97 2.15 50.53 -95.53
N LEU J 98 2.97 51.32 -96.22
CA LEU J 98 3.70 52.43 -95.63
C LEU J 98 2.90 53.70 -95.82
N ALA J 99 2.46 54.31 -94.73
CA ALA J 99 1.69 55.53 -94.83
C ALA J 99 2.23 56.57 -93.85
N LYS J 100 2.08 57.83 -94.24
CA LYS J 100 2.58 58.96 -93.45
C LYS J 100 1.41 59.89 -93.16
N CYS J 101 0.81 59.76 -91.97
CA CYS J 101 -0.50 60.31 -91.67
C CYS J 101 -0.41 61.54 -90.77
N PRO J 102 -1.33 62.49 -90.91
CA PRO J 102 -1.40 63.63 -90.00
C PRO J 102 -1.98 63.21 -88.67
N PRO J 103 -1.80 64.01 -87.61
CA PRO J 103 -2.20 63.57 -86.27
C PRO J 103 -3.70 63.33 -86.18
N GLY J 104 -4.07 62.37 -85.34
CA GLY J 104 -5.47 61.99 -85.22
C GLY J 104 -5.64 60.96 -84.13
N GLU J 105 -6.76 60.25 -84.18
CA GLU J 105 -7.08 59.27 -83.15
C GLU J 105 -7.34 57.87 -83.69
N PHE J 106 -7.77 57.74 -84.94
CA PHE J 106 -8.05 56.43 -85.51
C PHE J 106 -7.40 56.35 -86.87
N LEU J 107 -7.50 55.19 -87.50
CA LEU J 107 -7.13 55.09 -88.90
C LEU J 107 -8.00 54.04 -89.58
N GLN J 108 -8.40 54.33 -90.81
CA GLN J 108 -9.24 53.45 -91.58
C GLN J 108 -8.59 53.19 -92.93
N VAL J 109 -8.89 52.02 -93.49
CA VAL J 109 -8.43 51.64 -94.82
C VAL J 109 -9.64 51.15 -95.62
N SER J 110 -9.70 51.57 -96.88
CA SER J 110 -10.84 51.23 -97.72
C SER J 110 -10.38 50.95 -99.14
N ILE J 111 -11.03 49.99 -99.78
CA ILE J 111 -10.80 49.66 -101.17
C ILE J 111 -12.14 49.54 -101.88
N GLN J 112 -12.08 49.47 -103.20
CA GLN J 112 -13.28 49.34 -104.03
C GLN J 112 -13.43 47.89 -104.47
N ASP J 113 -14.59 47.31 -104.16
CA ASP J 113 -14.86 45.94 -104.52
C ASP J 113 -15.07 45.84 -106.02
N THR J 114 -15.02 44.60 -106.54
CA THR J 114 -15.19 44.40 -107.98
C THR J 114 -16.53 44.93 -108.44
N ARG J 115 -17.51 44.95 -107.55
CA ARG J 115 -18.86 45.39 -107.86
C ARG J 115 -19.05 46.88 -107.59
N ASN J 116 -17.96 47.59 -107.31
CA ASN J 116 -17.97 49.03 -107.08
C ASN J 116 -18.79 49.40 -105.85
N ALA J 117 -18.41 48.81 -104.72
CA ALA J 117 -18.86 49.22 -103.39
C ALA J 117 -17.64 49.32 -102.50
N VAL J 118 -17.65 50.26 -101.56
CA VAL J 118 -16.48 50.46 -100.71
C VAL J 118 -16.46 49.47 -99.57
N ARG J 119 -15.31 48.85 -99.35
CA ARG J 119 -15.08 47.99 -98.19
C ARG J 119 -14.02 48.64 -97.32
N ALA J 120 -14.34 48.88 -96.06
CA ALA J 120 -13.47 49.66 -95.19
C ALA J 120 -13.44 49.05 -93.80
N CYS J 121 -12.39 49.38 -93.06
CA CYS J 121 -12.28 48.99 -91.66
C CYS J 121 -11.44 50.03 -90.94
N ARG J 122 -11.84 50.40 -89.72
CA ARG J 122 -11.13 51.42 -88.95
C ARG J 122 -10.80 50.90 -87.56
N ILE J 123 -9.68 51.38 -87.02
CA ILE J 123 -9.16 50.92 -85.75
C ILE J 123 -8.70 52.13 -84.95
N GLN J 124 -8.85 52.04 -83.63
CA GLN J 124 -8.44 53.10 -82.72
C GLN J 124 -6.93 53.05 -82.54
N TYR J 125 -6.26 54.17 -82.81
CA TYR J 125 -4.80 54.20 -82.66
C TYR J 125 -4.37 55.64 -82.48
N HIS J 126 -3.94 56.00 -81.27
CA HIS J 126 -3.64 57.39 -80.93
C HIS J 126 -2.31 57.77 -81.55
N HIS J 127 -2.37 58.42 -82.71
CA HIS J 127 -1.19 58.75 -83.49
C HIS J 127 -0.77 60.18 -83.22
N ASP J 128 0.49 60.37 -82.85
CA ASP J 128 1.07 61.70 -82.66
C ASP J 128 2.56 61.67 -82.93
N PRO J 129 3.01 62.19 -84.06
CA PRO J 129 4.42 62.13 -84.40
C PRO J 129 5.23 63.10 -83.56
N GLN J 130 6.50 62.79 -83.39
CA GLN J 130 7.42 63.68 -82.70
C GLN J 130 8.71 63.77 -83.50
N PRO J 131 8.92 64.82 -84.27
CA PRO J 131 10.12 64.89 -85.10
C PRO J 131 11.37 64.88 -84.24
N VAL J 132 12.39 64.18 -84.73
CA VAL J 132 13.62 64.02 -83.98
C VAL J 132 14.31 65.36 -83.84
N GLY J 133 14.91 65.59 -82.68
CA GLY J 133 15.60 66.84 -82.46
C GLY J 133 15.18 67.48 -81.17
N ARG J 134 15.04 68.80 -81.18
CA ARG J 134 14.62 69.52 -79.99
C ARG J 134 13.58 70.59 -80.30
N GLU J 135 13.12 70.68 -81.54
CA GLU J 135 12.02 71.56 -81.88
C GLU J 135 10.90 70.75 -82.51
N LYS J 136 9.67 71.09 -82.15
CA LYS J 136 8.49 70.39 -82.67
C LYS J 136 7.99 71.08 -83.95
N PHE J 137 8.82 71.04 -84.99
CA PHE J 137 8.41 71.65 -86.25
C PHE J 137 7.42 70.75 -86.97
N THR J 138 6.94 71.21 -88.12
CA THR J 138 5.94 70.49 -88.89
C THR J 138 6.42 70.11 -90.29
N ILE J 139 6.93 71.06 -91.06
CA ILE J 139 7.44 70.78 -92.40
C ILE J 139 8.90 71.21 -92.46
N ARG J 140 9.70 70.43 -93.17
CA ARG J 140 11.13 70.64 -93.16
C ARG J 140 11.49 71.99 -93.76
N PRO J 141 12.52 72.63 -93.27
CA PRO J 141 12.91 73.94 -93.78
C PRO J 141 13.91 73.84 -94.91
N HIS J 142 14.33 74.97 -95.45
CA HIS J 142 15.36 74.99 -96.47
C HIS J 142 16.71 75.43 -95.92
N TYR J 143 16.92 75.32 -94.62
CA TYR J 143 18.18 75.71 -93.99
C TYR J 143 18.20 75.13 -92.58
N GLY J 144 19.12 74.22 -92.30
CA GLY J 144 19.17 73.63 -90.99
C GLY J 144 20.23 72.55 -90.89
N LYS J 145 20.19 71.83 -89.78
CA LYS J 145 21.14 70.76 -89.55
C LYS J 145 20.63 69.44 -90.11
N GLU J 146 21.52 68.46 -90.16
CA GLU J 146 21.17 67.07 -90.47
C GLU J 146 21.40 66.26 -89.20
N ILE J 147 20.39 65.48 -88.82
CA ILE J 147 20.44 64.67 -87.61
C ILE J 147 20.13 63.23 -88.00
N PRO J 148 20.83 62.24 -87.44
CA PRO J 148 20.46 60.86 -87.74
C PRO J 148 19.08 60.52 -87.19
N CYS J 149 18.38 59.66 -87.92
CA CYS J 149 17.04 59.21 -87.55
C CYS J 149 16.90 57.77 -88.04
N THR J 150 15.65 57.30 -88.18
CA THR J 150 15.39 55.99 -88.73
C THR J 150 14.18 56.08 -89.65
N THR J 151 14.08 55.14 -90.57
CA THR J 151 12.94 55.13 -91.48
C THR J 151 12.83 53.76 -92.13
N TYR J 152 11.69 53.51 -92.76
CA TYR J 152 11.47 52.29 -93.52
C TYR J 152 11.85 52.52 -94.97
N GLN J 153 12.64 51.61 -95.54
CA GLN J 153 13.02 51.73 -96.93
C GLN J 153 12.26 50.74 -97.80
N GLN J 154 12.35 50.95 -99.11
CA GLN J 154 11.59 50.17 -100.07
C GLN J 154 12.31 48.91 -100.50
N THR J 155 13.52 48.68 -100.04
CA THR J 155 14.28 47.51 -100.46
C THR J 155 13.57 46.24 -100.02
N THR J 156 13.61 45.23 -100.89
CA THR J 156 12.87 44.00 -100.66
C THR J 156 13.79 42.78 -100.59
N ALA J 157 15.03 43.00 -100.16
CA ALA J 157 16.01 41.92 -100.06
C ALA J 157 15.81 41.11 -98.79
N LYS J 158 16.81 40.30 -98.43
CA LYS J 158 16.76 39.54 -97.19
C LYS J 158 16.62 40.47 -96.00
N THR J 159 15.71 40.13 -95.07
CA THR J 159 15.38 41.00 -93.96
C THR J 159 15.58 40.38 -92.59
N VAL J 160 15.49 39.06 -92.47
CA VAL J 160 15.52 38.37 -91.18
C VAL J 160 14.35 38.87 -90.34
N GLU J 161 13.13 38.60 -90.80
CA GLU J 161 11.92 38.89 -90.05
C GLU J 161 10.90 37.81 -90.39
N GLU J 162 9.90 37.67 -89.52
CA GLU J 162 9.09 36.46 -89.51
C GLU J 162 7.60 36.80 -89.55
N ILE J 163 6.85 36.03 -90.32
CA ILE J 163 5.42 35.87 -90.13
C ILE J 163 5.12 34.38 -90.19
N ASP J 164 4.25 33.92 -89.29
CA ASP J 164 3.85 32.52 -89.25
C ASP J 164 2.57 32.31 -90.04
N MET J 165 2.62 31.36 -90.97
CA MET J 165 1.46 30.96 -91.75
C MET J 165 1.11 29.53 -91.39
N HIS J 166 -0.11 29.12 -91.72
CA HIS J 166 -0.47 27.72 -91.55
C HIS J 166 -1.69 27.39 -92.41
N MET J 167 -2.08 26.12 -92.36
CA MET J 167 -3.13 25.62 -93.22
C MET J 167 -4.49 26.14 -92.75
N PRO J 168 -5.30 26.69 -93.64
CA PRO J 168 -6.57 27.27 -93.21
C PRO J 168 -7.50 26.20 -92.68
N PRO J 169 -8.41 26.54 -91.81
CA PRO J 169 -9.34 25.55 -91.27
C PRO J 169 -10.39 25.17 -92.29
N ASP J 170 -11.12 24.10 -91.98
CA ASP J 170 -12.23 23.69 -92.83
C ASP J 170 -13.36 24.71 -92.75
N THR J 171 -13.49 25.52 -93.78
CA THR J 171 -14.43 26.62 -93.77
C THR J 171 -15.87 26.09 -93.75
N PRO J 172 -16.71 26.55 -92.84
CA PRO J 172 -18.10 26.10 -92.84
C PRO J 172 -18.98 26.98 -93.70
N ASP J 173 -19.89 26.31 -94.40
CA ASP J 173 -20.83 26.96 -95.31
C ASP J 173 -22.13 26.17 -95.31
N ARG J 174 -23.22 26.90 -95.55
CA ARG J 174 -24.55 26.32 -95.59
C ARG J 174 -25.33 26.70 -96.83
N THR J 175 -24.84 27.65 -97.63
CA THR J 175 -25.49 27.96 -98.89
C THR J 175 -25.42 26.81 -99.89
N LEU J 176 -24.30 26.08 -99.93
CA LEU J 176 -24.16 25.01 -100.91
C LEU J 176 -25.18 23.91 -100.70
N LEU J 177 -25.64 23.72 -99.47
CA LEU J 177 -26.59 22.67 -99.16
C LEU J 177 -27.94 23.01 -99.77
N SER J 178 -28.50 22.10 -100.57
CA SER J 178 -29.79 22.31 -101.21
C SER J 178 -30.73 21.16 -100.86
N GLN J 179 -32.01 21.47 -100.71
CA GLN J 179 -33.02 20.48 -100.36
C GLN J 179 -34.18 20.58 -101.34
N GLN J 180 -34.34 19.56 -102.19
CA GLN J 180 -35.48 19.53 -103.10
C GLN J 180 -36.66 18.73 -102.53
N SER J 181 -36.48 17.44 -102.25
CA SER J 181 -37.59 16.63 -101.73
C SER J 181 -37.01 15.37 -101.08
N GLY J 182 -36.98 15.35 -99.76
CA GLY J 182 -36.59 14.16 -99.03
C GLY J 182 -35.19 13.69 -99.34
N ASN J 183 -34.34 14.56 -99.88
CA ASN J 183 -32.96 14.22 -100.18
C ASN J 183 -32.15 15.51 -100.13
N VAL J 184 -30.83 15.36 -100.03
CA VAL J 184 -29.93 16.49 -99.94
C VAL J 184 -29.16 16.63 -101.23
N LYS J 185 -28.60 17.82 -101.45
CA LYS J 185 -27.77 18.09 -102.61
C LYS J 185 -26.57 18.91 -102.14
N ILE J 186 -25.37 18.37 -102.36
CA ILE J 186 -24.15 19.08 -102.06
C ILE J 186 -23.49 19.53 -103.36
N THR J 187 -23.25 20.82 -103.50
CA THR J 187 -22.67 21.38 -104.69
C THR J 187 -21.14 21.32 -104.60
N VAL J 188 -20.50 21.29 -105.76
CA VAL J 188 -19.06 21.18 -105.89
C VAL J 188 -18.58 22.23 -106.89
N GLY J 189 -17.34 22.09 -107.34
CA GLY J 189 -16.71 23.09 -108.17
C GLY J 189 -15.23 23.19 -107.88
N GLY J 190 -14.74 22.28 -107.05
CA GLY J 190 -13.32 22.18 -106.79
C GLY J 190 -13.05 22.03 -105.32
N LYS J 191 -14.11 22.05 -104.53
CA LYS J 191 -14.01 22.08 -103.08
C LYS J 191 -14.40 20.71 -102.51
N LYS J 192 -13.43 20.03 -101.92
CA LYS J 192 -13.64 18.69 -101.38
C LYS J 192 -14.49 18.82 -100.13
N VAL J 193 -15.80 18.94 -100.32
CA VAL J 193 -16.71 19.18 -99.21
C VAL J 193 -16.71 17.98 -98.28
N LYS J 194 -16.58 18.24 -96.98
CA LYS J 194 -16.65 17.21 -95.96
C LYS J 194 -17.95 17.40 -95.20
N TYR J 195 -18.66 16.29 -94.96
CA TYR J 195 -19.99 16.36 -94.37
C TYR J 195 -20.06 15.48 -93.13
N ASN J 196 -20.99 15.82 -92.24
CA ASN J 196 -21.29 14.97 -91.10
C ASN J 196 -22.82 14.99 -90.92
N CYS J 197 -23.48 13.92 -91.39
CA CYS J 197 -24.92 13.79 -91.29
C CYS J 197 -25.23 12.47 -90.60
N THR J 198 -25.69 12.52 -89.36
CA THR J 198 -26.09 11.32 -88.62
C THR J 198 -27.61 11.13 -88.67
N CYS J 199 -28.05 10.61 -89.81
CA CYS J 199 -29.41 10.08 -89.97
C CYS J 199 -29.38 8.57 -90.18
N GLY J 200 -28.48 7.88 -89.49
CA GLY J 200 -28.29 6.45 -89.65
C GLY J 200 -27.62 6.05 -90.95
N THR J 201 -27.77 6.86 -91.99
CA THR J 201 -27.20 6.62 -93.32
C THR J 201 -25.73 6.99 -93.34
N GLY J 202 -25.18 7.15 -94.55
CA GLY J 202 -23.80 7.52 -94.75
C GLY J 202 -23.25 8.45 -93.71
N ASN J 203 -22.21 7.98 -93.02
CA ASN J 203 -21.61 8.67 -91.89
C ASN J 203 -20.72 9.80 -92.39
N VAL J 204 -19.86 10.31 -91.50
CA VAL J 204 -18.90 11.33 -91.90
C VAL J 204 -18.16 10.87 -93.14
N GLY J 205 -17.90 11.81 -94.04
CA GLY J 205 -17.20 11.48 -95.26
C GLY J 205 -16.84 12.73 -96.04
N THR J 206 -15.83 12.59 -96.88
CA THR J 206 -15.40 13.64 -97.78
C THR J 206 -15.73 13.24 -99.22
N THR J 207 -16.36 14.15 -99.95
CA THR J 207 -16.77 13.87 -101.31
C THR J 207 -16.20 14.94 -102.23
N ASN J 208 -16.13 14.63 -103.51
CA ASN J 208 -15.69 15.60 -104.49
C ASN J 208 -16.74 15.93 -105.55
N SER J 209 -17.76 15.10 -105.72
CA SER J 209 -18.86 15.40 -106.61
C SER J 209 -20.17 15.35 -105.83
N ASP J 210 -21.27 15.65 -106.52
CA ASP J 210 -22.56 15.79 -105.86
C ASP J 210 -23.00 14.46 -105.26
N MET J 211 -23.87 14.53 -104.26
CA MET J 211 -24.45 13.34 -103.67
C MET J 211 -25.76 13.70 -102.98
N THR J 212 -26.48 12.66 -102.58
CA THR J 212 -27.77 12.78 -101.93
C THR J 212 -27.81 11.83 -100.74
N ILE J 213 -28.70 12.12 -99.78
CA ILE J 213 -28.79 11.26 -98.60
C ILE J 213 -30.15 10.55 -98.58
N ASN J 214 -31.16 11.17 -99.19
CA ASN J 214 -32.48 10.57 -99.43
C ASN J 214 -33.26 10.27 -98.16
N THR J 215 -32.82 10.75 -96.99
CA THR J 215 -33.57 10.52 -95.76
C THR J 215 -34.03 11.79 -95.07
N CYS J 216 -33.11 12.72 -94.77
CA CYS J 216 -33.37 13.86 -93.91
C CYS J 216 -32.84 15.13 -94.56
N LEU J 217 -33.54 16.25 -94.31
CA LEU J 217 -33.48 17.38 -95.25
C LEU J 217 -32.27 18.28 -95.08
N ILE J 218 -32.21 19.08 -94.02
CA ILE J 218 -31.13 20.05 -93.91
C ILE J 218 -30.49 20.07 -92.53
N GLU J 219 -31.22 19.69 -91.50
CA GLU J 219 -30.71 19.85 -90.14
C GLU J 219 -29.82 18.70 -89.71
N GLN J 220 -29.20 18.01 -90.64
CA GLN J 220 -28.25 16.97 -90.27
C GLN J 220 -26.93 17.17 -90.99
N CYS J 221 -26.94 17.88 -92.11
CA CYS J 221 -25.74 18.02 -92.93
C CYS J 221 -25.10 19.40 -92.80
N HIS J 222 -23.92 19.54 -93.40
CA HIS J 222 -23.11 20.74 -93.31
C HIS J 222 -22.31 20.87 -94.60
N VAL J 223 -21.64 22.01 -94.74
CA VAL J 223 -20.60 22.13 -95.76
C VAL J 223 -19.33 22.54 -95.06
N SER J 224 -18.28 21.76 -95.22
CA SER J 224 -17.01 22.03 -94.55
C SER J 224 -15.91 21.90 -95.58
N VAL J 225 -15.68 22.98 -96.32
CA VAL J 225 -14.69 22.98 -97.38
C VAL J 225 -13.30 22.84 -96.77
N THR J 226 -12.59 21.77 -97.12
CA THR J 226 -11.33 21.41 -96.48
C THR J 226 -10.31 21.02 -97.54
N ASP J 227 -9.17 20.49 -97.07
CA ASP J 227 -8.10 19.97 -97.92
C ASP J 227 -7.60 21.04 -98.89
N HIS J 228 -6.97 22.07 -98.33
CA HIS J 228 -6.53 23.19 -99.13
C HIS J 228 -5.03 23.19 -99.32
N LYS J 229 -4.59 23.92 -100.35
CA LYS J 229 -3.23 23.88 -100.83
C LYS J 229 -2.47 25.18 -100.64
N LYS J 230 -2.95 26.08 -99.78
CA LYS J 230 -2.31 27.37 -99.64
C LYS J 230 -2.24 27.79 -98.17
N TRP J 231 -1.11 28.36 -97.80
CA TRP J 231 -0.90 28.89 -96.45
C TRP J 231 -1.64 30.20 -96.29
N GLN J 232 -2.39 30.36 -95.18
CA GLN J 232 -3.24 31.53 -95.05
C GLN J 232 -2.63 32.67 -94.24
N PHE J 233 -2.50 32.48 -92.93
CA PHE J 233 -1.91 33.39 -91.96
C PHE J 233 -2.08 32.76 -90.59
N ASN J 234 -1.38 33.28 -89.60
CA ASN J 234 -1.66 32.92 -88.22
C ASN J 234 -2.25 34.14 -87.53
N SER J 235 -3.58 34.28 -87.64
CA SER J 235 -4.28 35.41 -87.06
C SER J 235 -5.14 34.96 -85.90
N PRO J 236 -5.35 35.80 -84.89
CA PRO J 236 -6.18 35.40 -83.75
C PRO J 236 -7.65 35.32 -84.06
N PHE J 237 -8.10 35.74 -85.23
CA PHE J 237 -9.52 35.81 -85.52
C PHE J 237 -10.05 34.59 -86.28
N VAL J 238 -9.19 33.64 -86.67
CA VAL J 238 -9.66 32.42 -87.33
C VAL J 238 -8.95 31.22 -86.71
N PRO J 239 -9.65 30.12 -86.50
CA PRO J 239 -9.06 29.02 -85.72
C PRO J 239 -8.01 28.22 -86.48
N ARG J 240 -7.45 27.20 -85.84
CA ARG J 240 -6.38 26.42 -86.42
C ARG J 240 -6.86 25.01 -86.75
N ALA J 241 -5.93 24.16 -87.18
CA ALA J 241 -6.24 22.81 -87.63
C ALA J 241 -6.07 21.77 -86.53
N ASP J 242 -4.86 21.61 -86.02
CA ASP J 242 -4.53 20.53 -85.10
C ASP J 242 -3.67 21.07 -83.96
N GLU J 243 -3.41 20.22 -82.97
CA GLU J 243 -2.63 20.67 -81.82
C GLU J 243 -1.37 19.85 -81.55
N PRO J 244 -0.55 19.57 -82.58
CA PRO J 244 0.89 19.64 -82.39
C PRO J 244 1.47 20.96 -82.89
N ALA J 245 0.61 21.82 -83.45
CA ALA J 245 0.97 23.07 -84.10
C ALA J 245 1.77 22.79 -85.38
N ARG J 246 1.41 23.47 -86.46
CA ARG J 246 2.13 23.29 -87.73
C ARG J 246 2.24 24.66 -88.37
N LYS J 247 3.41 25.26 -88.30
CA LYS J 247 3.57 26.65 -88.69
C LYS J 247 4.73 26.77 -89.66
N GLY J 248 4.56 27.63 -90.66
CA GLY J 248 5.62 27.93 -91.61
C GLY J 248 6.29 29.24 -91.30
N LYS J 249 6.90 29.87 -92.31
CA LYS J 249 7.56 31.15 -92.13
C LYS J 249 7.50 31.93 -93.44
N VAL J 250 7.50 33.25 -93.33
CA VAL J 250 7.65 34.10 -94.51
C VAL J 250 8.22 35.46 -94.12
N HIS J 251 9.00 36.05 -95.02
CA HIS J 251 9.69 37.30 -94.74
C HIS J 251 8.78 38.50 -94.97
N ILE J 252 8.88 39.50 -94.09
CA ILE J 252 8.12 40.73 -94.28
C ILE J 252 8.95 41.66 -95.16
N PRO J 253 8.35 42.60 -95.84
CA PRO J 253 9.11 43.61 -96.57
C PRO J 253 9.42 44.81 -95.69
N PHE J 254 10.14 45.77 -96.27
CA PHE J 254 10.40 47.06 -95.65
C PHE J 254 11.15 46.96 -94.32
N PRO J 255 12.45 46.70 -94.35
CA PRO J 255 13.24 46.68 -93.13
C PRO J 255 13.51 48.11 -92.65
N LEU J 256 14.36 48.22 -91.63
CA LEU J 256 14.64 49.48 -90.96
C LEU J 256 16.00 50.02 -91.37
N ASP J 257 16.07 51.30 -91.74
CA ASP J 257 17.29 51.90 -92.24
C ASP J 257 17.50 53.25 -91.57
N ASN J 258 18.75 53.71 -91.57
CA ASN J 258 19.10 54.88 -90.76
C ASN J 258 18.70 56.21 -91.40
N ILE J 259 19.31 56.55 -92.54
CA ILE J 259 19.14 57.82 -93.27
C ILE J 259 19.34 59.01 -92.32
N THR J 260 19.27 60.23 -92.85
CA THR J 260 19.39 61.44 -92.07
C THR J 260 18.21 62.36 -92.36
N CYS J 261 17.90 63.22 -91.39
CA CYS J 261 16.74 64.11 -91.47
C CYS J 261 17.21 65.55 -91.32
N ARG J 262 16.39 66.48 -91.81
CA ARG J 262 16.70 67.90 -91.78
C ARG J 262 15.91 68.57 -90.68
N VAL J 263 16.58 69.41 -89.89
CA VAL J 263 15.95 70.05 -88.73
C VAL J 263 16.26 71.54 -88.74
N PRO J 264 15.28 72.42 -88.48
CA PRO J 264 15.55 73.85 -88.45
C PRO J 264 16.21 74.26 -87.14
N MET J 265 16.86 75.42 -87.18
CA MET J 265 17.46 76.03 -86.02
C MET J 265 16.77 77.35 -85.72
N ALA J 266 16.36 77.54 -84.47
CA ALA J 266 15.60 78.71 -84.10
C ALA J 266 16.50 79.95 -84.07
N ARG J 267 15.86 81.11 -84.09
CA ARG J 267 16.58 82.37 -84.06
C ARG J 267 17.31 82.55 -82.74
N GLU J 268 18.48 83.16 -82.81
CA GLU J 268 19.24 83.44 -81.60
C GLU J 268 18.55 84.53 -80.79
N PRO J 269 18.52 84.41 -79.48
CA PRO J 269 17.69 85.31 -78.68
C PRO J 269 18.33 86.67 -78.53
N THR J 270 17.51 87.63 -78.13
CA THR J 270 17.99 88.95 -77.75
C THR J 270 18.45 88.90 -76.30
N VAL J 271 19.64 89.42 -76.04
CA VAL J 271 20.31 89.27 -74.75
C VAL J 271 20.67 90.64 -74.21
N ILE J 272 20.53 90.81 -72.89
CA ILE J 272 20.82 92.08 -72.23
C ILE J 272 21.74 91.82 -71.05
N HIS J 273 22.78 92.64 -70.93
CA HIS J 273 23.77 92.45 -69.88
C HIS J 273 23.43 93.27 -68.64
N GLY J 274 23.39 92.59 -67.50
CA GLY J 274 23.17 93.25 -66.22
C GLY J 274 24.11 92.73 -65.16
N LYS J 275 24.09 93.32 -63.97
CA LYS J 275 25.08 93.00 -62.94
C LYS J 275 24.87 91.58 -62.46
N ARG J 276 25.69 90.67 -62.99
CA ARG J 276 25.64 89.25 -62.64
C ARG J 276 24.30 88.62 -63.04
N GLU J 277 23.55 89.32 -63.88
CA GLU J 277 22.32 88.77 -64.42
C GLU J 277 22.28 89.00 -65.91
N VAL J 278 21.57 88.11 -66.61
CA VAL J 278 21.35 88.21 -68.03
C VAL J 278 19.86 88.13 -68.27
N THR J 279 19.32 89.05 -69.07
CA THR J 279 17.92 89.05 -69.41
C THR J 279 17.76 88.67 -70.87
N LEU J 280 16.99 87.62 -71.14
CA LEU J 280 16.85 87.03 -72.46
C LEU J 280 15.43 87.21 -72.95
N HIS J 281 15.29 87.67 -74.18
CA HIS J 281 14.03 87.69 -74.90
C HIS J 281 13.98 86.48 -75.81
N LEU J 282 12.92 85.68 -75.72
CA LEU J 282 12.81 84.47 -76.51
C LEU J 282 11.61 84.59 -77.44
N HIS J 283 11.83 84.33 -78.73
CA HIS J 283 10.82 84.51 -79.76
C HIS J 283 10.67 83.24 -80.58
N PRO J 284 9.90 82.27 -80.10
CA PRO J 284 9.75 81.01 -80.81
C PRO J 284 8.68 81.04 -81.87
N ASP J 285 8.84 80.17 -82.87
CA ASP J 285 7.81 79.93 -83.88
C ASP J 285 7.07 78.63 -83.67
N HIS J 286 7.58 77.76 -82.83
CA HIS J 286 6.97 76.47 -82.50
C HIS J 286 7.65 75.96 -81.23
N PRO J 287 7.01 75.04 -80.51
CA PRO J 287 7.56 74.65 -79.21
C PRO J 287 9.02 74.24 -79.24
N THR J 288 9.88 75.01 -78.57
CA THR J 288 11.31 74.73 -78.52
C THR J 288 11.71 74.41 -77.09
N LEU J 289 12.80 73.67 -76.94
CA LEU J 289 13.35 73.35 -75.63
C LEU J 289 14.39 74.40 -75.25
N PHE J 290 14.31 74.87 -74.01
CA PHE J 290 15.23 75.88 -73.49
C PHE J 290 15.76 75.41 -72.15
N SER J 291 17.07 75.49 -71.96
CA SER J 291 17.64 75.08 -70.68
C SER J 291 18.94 75.81 -70.43
N TYR J 292 19.38 75.81 -69.18
CA TYR J 292 20.64 76.43 -68.82
C TYR J 292 21.16 75.80 -67.54
N ARG J 293 22.45 75.99 -67.31
CA ARG J 293 23.03 75.53 -66.06
C ARG J 293 24.22 76.40 -65.71
N THR J 294 24.42 76.59 -64.41
CA THR J 294 25.52 77.37 -63.89
C THR J 294 26.71 76.46 -63.65
N LEU J 295 27.82 76.75 -64.31
CA LEU J 295 28.92 75.80 -64.38
C LEU J 295 29.92 76.01 -63.24
N GLY J 296 29.40 75.97 -62.02
CA GLY J 296 30.19 76.07 -60.82
C GLY J 296 30.32 74.75 -60.10
N GLU J 297 30.57 74.85 -58.79
CA GLU J 297 30.68 73.65 -57.97
C GLU J 297 29.33 72.97 -57.76
N ASP J 298 28.29 73.76 -57.50
CA ASP J 298 26.95 73.24 -57.29
C ASP J 298 26.01 73.90 -58.28
N PRO J 299 25.55 73.19 -59.30
CA PRO J 299 24.92 73.84 -60.44
C PRO J 299 23.48 74.26 -60.16
N GLN J 300 22.87 74.87 -61.17
CA GLN J 300 21.49 75.34 -61.12
C GLN J 300 20.72 74.68 -62.27
N TYR J 301 20.23 73.48 -62.03
CA TYR J 301 19.48 72.76 -63.05
C TYR J 301 18.20 73.49 -63.41
N HIS J 302 17.88 73.54 -64.70
CA HIS J 302 16.62 74.10 -65.16
C HIS J 302 16.40 73.80 -66.63
N GLU J 303 15.17 73.44 -67.00
CA GLU J 303 14.81 73.25 -68.40
C GLU J 303 13.31 73.39 -68.56
N GLU J 304 12.88 73.80 -69.75
CA GLU J 304 11.50 74.24 -69.93
C GLU J 304 11.14 74.12 -71.40
N TRP J 305 9.83 74.07 -71.67
CA TRP J 305 9.28 73.97 -73.03
C TRP J 305 8.62 75.29 -73.39
N VAL J 306 9.41 76.23 -73.89
CA VAL J 306 8.88 77.54 -74.27
C VAL J 306 7.94 77.37 -75.45
N THR J 307 6.80 78.04 -75.40
CA THR J 307 5.83 77.93 -76.48
C THR J 307 5.35 79.26 -77.04
N ALA J 308 5.49 80.35 -76.29
CA ALA J 308 5.11 81.68 -76.75
C ALA J 308 6.23 82.66 -76.43
N ALA J 309 6.14 83.86 -76.99
CA ALA J 309 7.21 84.85 -76.83
C ALA J 309 7.34 85.24 -75.37
N VAL J 310 8.51 84.98 -74.78
CA VAL J 310 8.65 85.21 -73.34
C VAL J 310 9.96 85.89 -73.00
N GLU J 311 10.22 86.02 -71.71
CA GLU J 311 11.34 86.80 -71.19
C GLU J 311 11.84 86.16 -69.92
N ARG J 312 13.14 85.91 -69.82
CA ARG J 312 13.69 85.20 -68.67
C ARG J 312 14.92 85.93 -68.13
N THR J 313 15.19 85.73 -66.85
CA THR J 313 16.36 86.32 -66.20
C THR J 313 17.18 85.21 -65.56
N ILE J 314 18.48 85.20 -65.83
CA ILE J 314 19.33 84.08 -65.45
C ILE J 314 20.55 84.62 -64.71
N PRO J 315 20.97 84.01 -63.61
CA PRO J 315 22.15 84.49 -62.90
C PRO J 315 23.43 83.93 -63.51
N VAL J 316 24.45 84.78 -63.58
CA VAL J 316 25.75 84.37 -64.10
C VAL J 316 26.84 84.73 -63.11
N PRO J 317 27.15 83.87 -62.16
CA PRO J 317 28.20 84.19 -61.20
C PRO J 317 29.57 84.26 -61.86
N VAL J 318 30.62 84.48 -61.08
CA VAL J 318 31.96 84.59 -61.64
C VAL J 318 32.41 83.32 -62.34
N ASP J 319 31.76 82.20 -62.07
CA ASP J 319 32.11 80.96 -62.76
C ASP J 319 31.50 80.89 -64.15
N GLY J 320 30.31 81.44 -64.35
CA GLY J 320 29.69 81.46 -65.65
C GLY J 320 28.60 80.41 -65.82
N MET J 321 27.92 80.50 -66.96
CA MET J 321 26.79 79.63 -67.25
C MET J 321 26.82 79.21 -68.70
N GLU J 322 26.03 78.18 -69.01
CA GLU J 322 25.81 77.77 -70.38
C GLU J 322 24.32 77.59 -70.61
N TYR J 323 23.86 78.06 -71.76
CA TYR J 323 22.44 77.92 -72.09
C TYR J 323 22.29 77.35 -73.49
N HIS J 324 21.24 76.56 -73.65
CA HIS J 324 20.99 75.74 -74.84
C HIS J 324 19.56 76.01 -75.27
N TRP J 325 19.40 76.49 -76.51
CA TRP J 325 18.15 77.05 -77.00
C TRP J 325 17.85 76.45 -78.37
N GLY J 326 16.93 75.50 -78.42
CA GLY J 326 16.58 74.92 -79.70
C GLY J 326 17.63 73.91 -80.11
N ASN J 327 18.05 73.98 -81.38
CA ASN J 327 19.08 73.10 -81.90
C ASN J 327 20.45 73.76 -81.96
N ASN J 328 20.56 75.02 -81.58
CA ASN J 328 21.83 75.70 -81.68
C ASN J 328 22.85 75.07 -80.74
N ASP J 329 24.12 75.35 -81.00
CA ASP J 329 25.15 74.91 -80.08
C ASP J 329 25.02 75.65 -78.76
N PRO J 330 25.26 74.97 -77.63
CA PRO J 330 25.19 75.65 -76.34
C PRO J 330 26.20 76.78 -76.27
N VAL J 331 25.81 77.86 -75.61
CA VAL J 331 26.65 79.05 -75.54
C VAL J 331 26.97 79.34 -74.08
N ARG J 332 28.21 79.74 -73.82
CA ARG J 332 28.71 79.99 -72.47
C ARG J 332 28.96 81.46 -72.27
N LEU J 333 28.66 81.96 -71.07
CA LEU J 333 28.88 83.36 -70.73
C LEU J 333 29.50 83.46 -69.33
N TRP J 334 30.46 84.37 -69.19
CA TRP J 334 31.19 84.57 -67.95
C TRP J 334 31.03 86.00 -67.45
N SER J 335 30.97 86.15 -66.13
CA SER J 335 30.82 87.45 -65.51
C SER J 335 32.15 87.99 -65.02
N GLN J 336 32.30 89.30 -65.12
CA GLN J 336 33.55 89.98 -64.80
C GLN J 336 33.51 90.48 -63.37
N LEU J 337 34.64 91.05 -62.93
CA LEU J 337 34.76 91.65 -61.61
C LEU J 337 34.55 93.16 -61.74
N THR J 338 33.29 93.57 -61.82
CA THR J 338 32.94 94.97 -61.95
C THR J 338 32.04 95.42 -60.81
N THR J 339 32.18 96.69 -60.43
CA THR J 339 31.39 97.29 -59.36
C THR J 339 31.42 98.80 -59.51
N GLU J 340 30.99 99.50 -58.46
CA GLU J 340 30.65 100.91 -58.55
C GLU J 340 31.44 101.84 -57.64
N GLY J 341 32.25 101.32 -56.72
CA GLY J 341 33.03 102.15 -55.84
C GLY J 341 34.14 102.87 -56.59
N LYS J 342 35.11 103.36 -55.82
CA LYS J 342 36.31 103.95 -56.40
C LYS J 342 37.54 103.47 -55.63
N PRO J 343 38.32 102.55 -56.18
CA PRO J 343 39.58 102.17 -55.53
C PRO J 343 40.57 103.33 -55.58
N HIS J 344 41.60 103.21 -54.74
CA HIS J 344 42.66 104.21 -54.68
C HIS J 344 42.08 105.58 -54.33
N GLY J 345 41.13 105.60 -53.40
CA GLY J 345 40.46 106.83 -53.05
C GLY J 345 40.22 107.00 -51.57
N TRP J 346 39.19 107.76 -51.21
CA TRP J 346 38.91 108.02 -49.81
C TRP J 346 38.36 106.78 -49.13
N PRO J 347 38.46 106.71 -47.81
CA PRO J 347 37.96 105.52 -47.09
C PRO J 347 36.49 105.25 -47.26
N HIS J 348 35.67 106.23 -47.62
CA HIS J 348 34.29 105.87 -47.89
C HIS J 348 34.08 105.39 -49.32
N GLN J 349 35.04 105.58 -50.22
CA GLN J 349 34.99 104.93 -51.51
C GLN J 349 35.55 103.52 -51.49
N ILE J 350 36.61 103.29 -50.73
CA ILE J 350 37.23 101.98 -50.74
C ILE J 350 36.28 100.92 -50.18
N VAL J 351 35.53 101.26 -49.14
CA VAL J 351 34.56 100.30 -48.61
C VAL J 351 33.47 100.02 -49.63
N GLN J 352 33.05 101.04 -50.38
CA GLN J 352 32.08 100.80 -51.43
C GLN J 352 32.62 99.84 -52.48
N TYR J 353 33.87 100.04 -52.88
CA TYR J 353 34.46 99.21 -53.92
C TYR J 353 34.63 97.77 -53.46
N TYR J 354 35.07 97.57 -52.23
CA TYR J 354 35.13 96.18 -51.76
C TYR J 354 33.82 95.69 -51.28
N TYR J 355 32.77 96.49 -51.27
CA TYR J 355 31.44 95.99 -50.96
C TYR J 355 30.70 95.52 -52.20
N GLY J 356 30.96 96.16 -53.34
CA GLY J 356 30.44 95.65 -54.59
C GLY J 356 30.96 94.26 -54.92
N LEU J 357 32.25 94.04 -54.70
CA LEU J 357 32.83 92.72 -54.83
C LEU J 357 32.72 92.00 -53.49
N TYR J 358 32.15 90.82 -53.49
CA TYR J 358 32.04 90.01 -52.27
C TYR J 358 31.23 90.75 -51.21
N PRO J 359 29.95 91.02 -51.43
CA PRO J 359 29.20 91.87 -50.49
C PRO J 359 28.71 91.13 -49.27
N ALA J 360 29.54 90.29 -48.67
CA ALA J 360 29.12 89.56 -47.48
C ALA J 360 30.15 89.53 -46.38
N ALA J 361 31.44 89.58 -46.71
CA ALA J 361 32.48 89.54 -45.71
C ALA J 361 33.09 90.90 -45.42
N THR J 362 32.95 91.86 -46.34
CA THR J 362 33.52 93.18 -46.10
C THR J 362 32.87 93.85 -44.90
N VAL J 363 31.56 93.66 -44.73
CA VAL J 363 30.88 94.25 -43.58
C VAL J 363 31.42 93.67 -42.28
N SER J 364 31.56 92.34 -42.24
CA SER J 364 32.09 91.72 -41.03
C SER J 364 33.51 92.17 -40.76
N ALA J 365 34.32 92.30 -41.80
CA ALA J 365 35.70 92.75 -41.61
C ALA J 365 35.76 94.17 -41.07
N VAL J 366 34.95 95.07 -41.63
CA VAL J 366 34.95 96.45 -41.14
C VAL J 366 34.50 96.51 -39.70
N VAL J 367 33.45 95.77 -39.35
CA VAL J 367 32.95 95.80 -37.98
C VAL J 367 34.01 95.27 -37.02
N GLY J 368 34.66 94.16 -37.37
CA GLY J 368 35.69 93.62 -36.50
C GLY J 368 36.87 94.55 -36.33
N MET J 369 37.31 95.17 -37.43
CA MET J 369 38.41 96.13 -37.35
C MET J 369 38.06 97.30 -36.45
N SER J 370 36.86 97.86 -36.62
CA SER J 370 36.45 98.98 -35.78
C SER J 370 36.35 98.57 -34.31
N LEU J 371 35.83 97.37 -34.05
CA LEU J 371 35.68 96.92 -32.67
C LEU J 371 37.04 96.74 -32.00
N LEU J 372 38.01 96.17 -32.71
CA LEU J 372 39.35 96.09 -32.14
C LEU J 372 39.93 97.46 -31.89
N ALA J 373 39.71 98.41 -32.80
CA ALA J 373 40.19 99.77 -32.57
C ALA J 373 39.60 100.35 -31.30
N LEU J 374 38.29 100.18 -31.10
CA LEU J 374 37.65 100.76 -29.93
C LEU J 374 38.08 100.07 -28.64
N ILE J 375 38.22 98.75 -28.66
CA ILE J 375 38.68 98.07 -27.45
C ILE J 375 40.08 98.52 -27.09
N SER J 376 40.97 98.65 -28.08
CA SER J 376 42.31 99.13 -27.79
C SER J 376 42.28 100.54 -27.21
N ILE J 377 41.46 101.42 -27.78
CA ILE J 377 41.50 102.81 -27.34
C ILE J 377 40.89 102.95 -25.94
N PHE J 378 39.80 102.23 -25.65
CA PHE J 378 39.27 102.25 -24.29
C PHE J 378 40.25 101.66 -23.29
N ALA J 379 40.93 100.56 -23.65
CA ALA J 379 41.91 99.99 -22.72
C ALA J 379 43.02 101.00 -22.43
N SER J 380 43.52 101.67 -23.47
CA SER J 380 44.57 102.67 -23.27
C SER J 380 44.09 103.80 -22.37
N CYS J 381 42.89 104.33 -22.65
CA CYS J 381 42.40 105.46 -21.86
C CYS J 381 42.15 105.07 -20.41
N TYR J 382 41.53 103.90 -20.18
CA TYR J 382 41.30 103.43 -18.82
C TYR J 382 42.61 103.24 -18.08
N MET J 383 43.61 102.64 -18.72
CA MET J 383 44.86 102.42 -18.02
C MET J 383 45.54 103.74 -17.70
N LEU J 384 45.44 104.73 -18.59
CA LEU J 384 45.99 106.05 -18.29
C LEU J 384 45.28 106.70 -17.10
N VAL J 385 43.95 106.61 -17.05
CA VAL J 385 43.21 107.22 -15.95
C VAL J 385 43.54 106.55 -14.62
N ALA J 386 43.63 105.22 -14.63
CA ALA J 386 44.04 104.52 -13.42
C ALA J 386 45.46 104.90 -13.01
N ALA J 387 46.32 105.15 -14.00
CA ALA J 387 47.66 105.64 -13.68
C ALA J 387 47.60 106.99 -12.99
N ARG J 388 46.74 107.88 -13.46
CA ARG J 388 46.60 109.19 -12.82
C ARG J 388 46.12 109.04 -11.39
N SER J 389 45.10 108.20 -11.17
CA SER J 389 44.58 108.03 -9.82
C SER J 389 45.64 107.42 -8.89
N LYS J 390 46.40 106.44 -9.39
CA LYS J 390 47.42 105.80 -8.58
C LYS J 390 48.55 106.76 -8.25
N CYS J 391 48.87 107.67 -9.17
CA CYS J 391 49.89 108.68 -8.90
C CYS J 391 49.41 109.79 -8.00
N LEU J 392 48.10 110.06 -7.96
CA LEU J 392 47.59 111.17 -7.19
C LEU J 392 47.16 110.82 -5.78
N THR J 393 46.51 109.68 -5.59
CA THR J 393 45.87 109.39 -4.31
C THR J 393 46.83 109.37 -3.12
N PRO J 394 48.15 109.22 -3.28
CA PRO J 394 49.04 109.50 -2.14
C PRO J 394 48.85 110.88 -1.53
N TYR J 395 48.74 111.93 -2.36
CA TYR J 395 48.71 113.29 -1.85
C TYR J 395 47.40 113.67 -1.20
N ALA J 396 46.31 112.96 -1.49
CA ALA J 396 45.03 113.25 -0.88
C ALA J 396 44.88 112.62 0.50
N LEU J 397 45.88 111.86 0.95
CA LEU J 397 45.88 111.31 2.30
C LEU J 397 46.70 112.14 3.27
N THR J 398 47.30 113.23 2.81
CA THR J 398 47.97 114.20 3.66
C THR J 398 47.23 115.52 3.59
N PRO J 399 47.27 116.31 4.65
CA PRO J 399 46.85 117.71 4.58
C PRO J 399 47.93 118.60 3.96
N GLY J 400 48.40 118.22 2.77
CA GLY J 400 49.51 118.88 2.12
C GLY J 400 49.11 119.65 0.88
N ALA J 401 50.14 120.13 0.19
CA ALA J 401 49.96 120.96 -1.00
C ALA J 401 49.82 120.07 -2.23
N ALA J 402 49.89 120.68 -3.41
CA ALA J 402 49.66 119.97 -4.66
C ALA J 402 50.83 119.99 -5.63
N VAL J 403 51.91 120.73 -5.34
CA VAL J 403 53.10 120.75 -6.18
C VAL J 403 52.70 121.23 -7.58
N PRO J 404 52.48 122.54 -7.77
CA PRO J 404 51.97 123.04 -9.06
C PRO J 404 52.65 122.47 -10.29
N TRP J 405 53.95 122.15 -10.23
CA TRP J 405 54.61 121.50 -11.35
C TRP J 405 53.88 120.23 -11.75
N THR J 406 53.57 119.37 -10.78
CA THR J 406 52.83 118.14 -11.05
C THR J 406 51.35 118.38 -11.26
N LEU J 407 50.77 119.38 -10.61
CA LEU J 407 49.36 119.67 -10.81
C LEU J 407 49.07 120.07 -12.25
N GLY J 408 49.95 120.89 -12.83
CA GLY J 408 49.75 121.31 -14.20
C GLY J 408 49.76 120.16 -15.20
N ILE J 409 50.73 119.26 -15.05
CA ILE J 409 50.80 118.12 -15.95
C ILE J 409 49.61 117.18 -15.73
N LEU J 410 49.39 116.77 -14.49
CA LEU J 410 48.32 115.83 -14.17
C LEU J 410 47.11 116.61 -13.68
N CYS J 411 46.18 116.88 -14.60
CA CYS J 411 44.95 117.57 -14.25
C CYS J 411 44.13 116.65 -13.36
N CYS J 412 43.98 117.03 -12.10
CA CYS J 412 43.26 116.25 -11.12
C CYS J 412 41.94 116.93 -10.78
N ALA J 413 41.11 116.22 -10.00
CA ALA J 413 39.84 116.78 -9.57
C ALA J 413 40.00 118.08 -8.78
N PRO J 414 40.96 118.21 -7.83
CA PRO J 414 41.22 119.53 -7.23
C PRO J 414 41.92 120.45 -8.21
N ARG J 415 41.17 121.38 -8.79
CA ARG J 415 41.77 122.40 -9.64
C ARG J 415 42.52 123.43 -8.79
N ALA J 416 41.87 123.94 -7.75
CA ALA J 416 42.46 124.96 -6.89
C ALA J 416 42.28 124.71 -5.40
N HIS J 417 41.30 123.92 -4.98
CA HIS J 417 41.11 123.60 -3.57
C HIS J 417 42.14 122.54 -3.18
N ALA J 418 43.16 122.96 -2.43
CA ALA J 418 44.26 122.08 -2.03
C ALA J 418 44.96 121.46 -3.24
N LYS K 1 3.28 -15.51 -27.65
CA LYS K 1 4.54 -15.09 -28.25
C LYS K 1 5.09 -16.14 -29.21
N THR K 2 5.11 -15.80 -30.49
CA THR K 2 5.65 -16.71 -31.50
C THR K 2 7.16 -16.80 -31.38
N CYS K 3 7.68 -18.02 -31.42
CA CYS K 3 9.13 -18.21 -31.37
C CYS K 3 9.78 -17.59 -32.60
N ALA K 4 10.94 -16.99 -32.39
CA ALA K 4 11.66 -16.37 -33.50
C ALA K 4 12.19 -17.44 -34.44
N GLU K 5 12.55 -17.00 -35.65
CA GLU K 5 13.04 -17.93 -36.66
C GLU K 5 14.34 -18.61 -36.23
N SER K 6 15.05 -18.05 -35.26
CA SER K 6 16.29 -18.64 -34.74
C SER K 6 16.05 -19.55 -33.55
N ASP K 7 14.79 -19.78 -33.17
CA ASP K 7 14.45 -20.60 -32.01
C ASP K 7 13.71 -21.85 -32.45
N PHE K 8 14.02 -22.97 -31.81
CA PHE K 8 13.29 -24.21 -32.03
C PHE K 8 12.02 -24.23 -31.19
N VAL K 9 10.99 -24.90 -31.69
CA VAL K 9 9.69 -24.96 -31.05
C VAL K 9 9.52 -26.36 -30.46
N CYS K 10 9.31 -26.44 -29.15
CA CYS K 10 8.99 -27.72 -28.54
C CYS K 10 7.57 -28.13 -28.90
N ASN K 11 7.26 -29.41 -28.68
CA ASN K 11 5.94 -29.91 -29.04
C ASN K 11 4.83 -29.27 -28.21
N ASN K 12 5.17 -28.84 -26.99
CA ASN K 12 4.18 -28.24 -26.10
C ASN K 12 4.01 -26.73 -26.32
N GLY K 13 4.72 -26.14 -27.28
CA GLY K 13 4.63 -24.73 -27.55
C GLY K 13 5.72 -23.86 -26.95
N GLN K 14 6.75 -24.47 -26.38
CA GLN K 14 7.83 -23.71 -25.75
C GLN K 14 8.92 -23.38 -26.77
N CYS K 15 9.51 -22.19 -26.64
CA CYS K 15 10.55 -21.72 -27.55
C CYS K 15 11.91 -21.90 -26.91
N VAL K 16 12.82 -22.55 -27.61
CA VAL K 16 14.22 -22.67 -27.19
C VAL K 16 15.12 -22.35 -28.37
N PRO K 17 16.33 -21.83 -28.15
CA PRO K 17 17.21 -21.47 -29.27
C PRO K 17 17.76 -22.70 -29.98
N SER K 18 18.16 -22.48 -31.24
CA SER K 18 18.52 -23.57 -32.16
C SER K 18 19.81 -24.28 -31.77
N ARG K 19 20.71 -23.65 -31.02
CA ARG K 19 21.92 -24.33 -30.57
C ARG K 19 21.59 -25.43 -29.58
N TRP K 20 20.42 -25.37 -28.97
CA TRP K 20 20.02 -26.26 -27.88
C TRP K 20 19.24 -27.47 -28.38
N LYS K 21 19.69 -28.13 -29.45
CA LYS K 21 18.91 -29.19 -30.07
C LYS K 21 19.73 -30.47 -30.11
N CYS K 22 19.19 -31.52 -29.50
CA CYS K 22 19.85 -32.83 -29.44
C CYS K 22 21.26 -32.71 -28.86
N ASP K 23 21.45 -31.74 -27.99
CA ASP K 23 22.71 -31.54 -27.29
C ASP K 23 22.78 -32.32 -25.99
N GLY K 24 21.72 -33.05 -25.65
CA GLY K 24 21.75 -33.98 -24.53
C GLY K 24 21.07 -33.49 -23.26
N ASP K 25 20.87 -32.19 -23.10
CA ASP K 25 20.29 -31.74 -21.86
C ASP K 25 18.78 -31.57 -22.00
N PRO K 26 18.01 -32.00 -21.02
CA PRO K 26 16.54 -31.97 -21.17
C PRO K 26 15.98 -30.56 -21.14
N ASP K 27 16.05 -29.87 -22.28
CA ASP K 27 15.59 -28.49 -22.34
C ASP K 27 14.07 -28.38 -22.34
N CYS K 28 13.41 -28.87 -23.39
CA CYS K 28 11.97 -28.76 -23.50
C CYS K 28 11.30 -29.59 -22.40
N GLU K 29 10.13 -29.13 -21.94
CA GLU K 29 9.40 -29.87 -20.91
C GLU K 29 9.10 -31.29 -21.36
N ASP K 30 8.83 -31.46 -22.65
CA ASP K 30 8.60 -32.77 -23.24
C ASP K 30 9.83 -33.32 -23.94
N GLY K 31 10.95 -32.59 -23.90
CA GLY K 31 12.16 -33.04 -24.58
C GLY K 31 12.03 -33.12 -26.08
N SER K 32 11.30 -32.18 -26.68
CA SER K 32 11.09 -32.20 -28.12
C SER K 32 12.40 -32.04 -28.88
N ASP K 33 13.21 -31.06 -28.49
CA ASP K 33 14.51 -30.84 -29.13
C ASP K 33 15.51 -31.96 -28.86
N GLU K 34 15.22 -32.86 -27.92
CA GLU K 34 16.02 -34.07 -27.72
C GLU K 34 15.18 -35.34 -27.68
N SER K 35 14.30 -35.54 -28.67
CA SER K 35 13.47 -36.73 -28.79
C SER K 35 14.33 -37.98 -28.58
N PRO K 36 14.08 -38.73 -27.51
CA PRO K 36 14.96 -39.87 -27.17
C PRO K 36 14.82 -41.04 -28.13
N GLU K 37 15.10 -40.82 -29.41
CA GLU K 37 15.01 -41.88 -30.41
C GLU K 37 16.29 -41.99 -31.23
N GLN K 38 16.85 -40.87 -31.65
CA GLN K 38 18.11 -40.84 -32.37
C GLN K 38 19.07 -39.83 -31.74
N CYS K 39 18.45 -38.75 -31.21
CA CYS K 39 19.21 -37.68 -30.52
C CYS K 39 19.50 -38.15 -29.09
N HIS K 40 18.95 -37.44 -28.09
CA HIS K 40 19.24 -37.77 -26.67
C HIS K 40 17.96 -38.26 -25.97
N MET K 41 18.10 -38.89 -24.81
CA MET K 41 16.93 -39.43 -24.08
C MET K 41 16.42 -38.37 -23.08
N ARG K 42 15.65 -37.39 -23.55
CA ARG K 42 15.23 -36.26 -22.68
C ARG K 42 13.83 -36.54 -22.13
N THR K 43 13.72 -36.57 -20.80
CA THR K 43 12.43 -36.87 -20.13
C THR K 43 12.61 -36.61 -18.63
N CYS K 44 13.86 -36.60 -18.16
CA CYS K 44 14.15 -36.45 -16.74
C CYS K 44 15.58 -36.95 -16.49
N ARG K 45 16.02 -37.12 -15.24
CA ARG K 45 17.38 -37.54 -14.94
C ARG K 45 17.63 -38.97 -15.41
N ILE K 46 18.91 -39.29 -15.63
CA ILE K 46 19.34 -40.54 -16.25
C ILE K 46 18.90 -41.76 -15.44
N HIS K 47 19.19 -41.76 -14.15
CA HIS K 47 18.80 -42.84 -13.24
C HIS K 47 17.35 -42.71 -12.80
N GLU K 48 16.60 -41.84 -13.46
CA GLU K 48 15.31 -41.40 -12.98
C GLU K 48 14.28 -41.70 -14.06
N ILE K 49 13.13 -42.21 -13.65
CA ILE K 49 12.09 -42.62 -14.60
C ILE K 49 10.84 -41.81 -14.30
N SER K 50 10.07 -41.55 -15.36
CA SER K 50 8.87 -40.74 -15.22
C SER K 50 7.69 -41.62 -14.81
N CYS K 51 6.60 -40.97 -14.42
CA CYS K 51 5.37 -41.69 -14.13
C CYS K 51 4.51 -41.75 -15.39
N GLY K 52 5.17 -41.84 -16.54
CA GLY K 52 4.51 -41.90 -17.82
C GLY K 52 4.72 -40.63 -18.63
N ALA K 53 4.32 -40.72 -19.90
CA ALA K 53 4.43 -39.56 -20.77
C ALA K 53 3.43 -38.46 -20.43
N HIS K 54 2.39 -38.78 -19.65
CA HIS K 54 1.39 -37.81 -19.24
C HIS K 54 1.54 -37.35 -17.81
N SER K 55 2.40 -38.00 -17.03
CA SER K 55 2.68 -37.57 -15.66
C SER K 55 4.11 -37.06 -15.60
N THR K 56 4.26 -35.80 -15.17
CA THR K 56 5.58 -35.18 -15.05
C THR K 56 6.29 -35.57 -13.77
N GLN K 57 5.65 -36.34 -12.90
CA GLN K 57 6.29 -36.86 -11.71
C GLN K 57 7.48 -37.72 -12.11
N CYS K 58 8.61 -37.50 -11.44
CA CYS K 58 9.81 -38.31 -11.67
C CYS K 58 10.04 -39.15 -10.43
N ILE K 59 10.02 -40.47 -10.59
CA ILE K 59 10.31 -41.37 -9.48
C ILE K 59 11.58 -42.15 -9.81
N PRO K 60 12.46 -42.37 -8.84
CA PRO K 60 13.66 -43.18 -9.12
C PRO K 60 13.30 -44.59 -9.53
N VAL K 61 14.11 -45.15 -10.43
CA VAL K 61 13.81 -46.46 -11.00
C VAL K 61 13.69 -47.53 -9.93
N SER K 62 14.33 -47.32 -8.77
CA SER K 62 14.15 -48.23 -7.65
C SER K 62 12.72 -48.25 -7.14
N TRP K 63 11.91 -47.26 -7.52
CA TRP K 63 10.49 -47.24 -7.20
C TRP K 63 9.65 -47.98 -8.25
N ARG K 64 10.28 -48.49 -9.30
CA ARG K 64 9.56 -49.22 -10.34
C ARG K 64 9.33 -50.65 -9.89
N CYS K 65 8.06 -51.03 -9.73
CA CYS K 65 7.69 -52.35 -9.25
C CYS K 65 8.36 -52.66 -7.91
N ASP K 66 8.38 -51.68 -7.02
CA ASP K 66 8.93 -51.84 -5.69
C ASP K 66 7.88 -52.27 -4.67
N GLY K 67 6.65 -52.54 -5.11
CA GLY K 67 5.61 -53.00 -4.24
C GLY K 67 4.70 -51.92 -3.68
N GLU K 68 4.97 -50.65 -3.97
CA GLU K 68 4.16 -49.55 -3.50
C GLU K 68 3.79 -48.65 -4.67
N ASN K 69 2.71 -47.89 -4.48
CA ASN K 69 2.13 -47.05 -5.54
C ASN K 69 2.84 -45.71 -5.55
N ASP K 70 4.09 -45.70 -6.01
CA ASP K 70 4.89 -44.48 -6.00
C ASP K 70 4.29 -43.40 -6.89
N CYS K 71 3.83 -43.77 -8.07
CA CYS K 71 3.21 -42.81 -8.98
C CYS K 71 1.82 -42.43 -8.50
N ASP K 72 1.35 -41.28 -8.96
CA ASP K 72 0.00 -40.83 -8.62
C ASP K 72 -1.05 -41.78 -9.18
N SER K 73 -0.87 -42.22 -10.43
CA SER K 73 -1.84 -43.06 -11.12
C SER K 73 -1.60 -44.55 -10.95
N GLY K 74 -0.59 -44.94 -10.16
CA GLY K 74 -0.25 -46.34 -10.06
C GLY K 74 0.53 -46.86 -11.23
N GLU K 75 1.04 -45.97 -12.09
CA GLU K 75 1.77 -46.41 -13.27
C GLU K 75 3.09 -47.05 -12.92
N ASP K 76 3.61 -46.82 -11.71
CA ASP K 76 4.78 -47.54 -11.25
C ASP K 76 4.50 -49.03 -11.10
N GLU K 77 3.35 -49.40 -10.57
CA GLU K 77 2.89 -50.77 -10.59
C GLU K 77 2.24 -51.13 -11.92
N GLU K 78 2.96 -50.95 -13.02
CA GLU K 78 2.53 -51.37 -14.34
C GLU K 78 3.36 -52.56 -14.79
N ASN K 79 2.92 -53.20 -15.87
CA ASN K 79 3.58 -54.39 -16.40
C ASN K 79 3.55 -55.50 -15.35
N CYS K 80 4.27 -55.28 -14.25
CA CYS K 80 4.16 -56.12 -13.06
C CYS K 80 2.88 -55.84 -12.27
N GLY K 81 2.06 -54.90 -12.75
CA GLY K 81 0.78 -54.61 -12.12
C GLY K 81 -0.28 -54.26 -13.13
N ASN K 82 -1.09 -53.25 -12.84
CA ASN K 82 -2.22 -52.90 -13.69
C ASN K 82 -2.70 -51.49 -13.38
N ILE K 83 -3.54 -50.97 -14.29
CA ILE K 83 -4.40 -49.79 -14.13
C ILE K 83 -3.71 -48.57 -14.76
N THR K 84 -4.34 -48.02 -15.80
CA THR K 84 -3.91 -46.78 -16.44
C THR K 84 -5.09 -46.25 -17.24
N CYS K 85 -5.12 -44.94 -17.47
CA CYS K 85 -6.26 -44.31 -18.13
C CYS K 85 -5.74 -43.27 -19.12
N SER K 86 -6.65 -42.44 -19.62
CA SER K 86 -6.41 -41.44 -20.64
C SER K 86 -6.79 -40.05 -20.15
N PRO K 87 -6.09 -39.01 -20.58
CA PRO K 87 -6.45 -37.65 -20.16
C PRO K 87 -7.85 -37.24 -20.56
N ASP K 88 -8.34 -37.69 -21.72
CA ASP K 88 -9.66 -37.33 -22.20
C ASP K 88 -10.76 -38.29 -21.74
N GLU K 89 -10.40 -39.29 -20.93
CA GLU K 89 -11.37 -40.25 -20.41
C GLU K 89 -11.49 -40.09 -18.90
N PHE K 90 -12.71 -40.29 -18.39
CA PHE K 90 -13.03 -40.08 -16.99
C PHE K 90 -13.00 -41.41 -16.24
N THR K 91 -12.34 -41.42 -15.09
CA THR K 91 -12.18 -42.62 -14.27
C THR K 91 -13.35 -42.72 -13.29
N CYS K 92 -14.17 -43.76 -13.46
CA CYS K 92 -15.27 -43.98 -12.53
C CYS K 92 -14.75 -44.52 -11.20
N SER K 93 -15.66 -44.64 -10.22
CA SER K 93 -15.29 -45.22 -8.94
C SER K 93 -14.88 -46.68 -9.06
N SER K 94 -15.47 -47.42 -10.02
CA SER K 94 -15.10 -48.80 -10.22
C SER K 94 -13.79 -48.95 -10.99
N GLY K 95 -13.23 -47.86 -11.52
CA GLY K 95 -12.01 -47.92 -12.29
C GLY K 95 -12.19 -47.88 -13.79
N ARG K 96 -13.42 -47.96 -14.27
CA ARG K 96 -13.69 -47.88 -15.71
C ARG K 96 -13.44 -46.47 -16.22
N CYS K 97 -12.91 -46.38 -17.44
CA CYS K 97 -12.66 -45.11 -18.09
C CYS K 97 -13.65 -44.93 -19.24
N ILE K 98 -14.51 -43.92 -19.11
CA ILE K 98 -15.45 -43.56 -20.16
C ILE K 98 -15.03 -42.22 -20.74
N SER K 99 -15.47 -41.96 -21.96
CA SER K 99 -15.12 -40.70 -22.62
C SER K 99 -15.73 -39.53 -21.85
N ARG K 100 -14.96 -38.43 -21.77
CA ARG K 100 -15.41 -37.27 -21.02
C ARG K 100 -16.71 -36.68 -21.56
N ASN K 101 -17.05 -36.98 -22.82
CA ASN K 101 -18.34 -36.56 -23.35
C ASN K 101 -19.50 -37.21 -22.62
N PHE K 102 -19.24 -38.29 -21.88
CA PHE K 102 -20.25 -39.01 -21.12
C PHE K 102 -20.34 -38.57 -19.67
N VAL K 103 -19.60 -37.54 -19.27
CA VAL K 103 -19.62 -37.07 -17.89
C VAL K 103 -20.75 -36.05 -17.73
N CYS K 104 -21.58 -36.26 -16.70
CA CYS K 104 -22.74 -35.40 -16.44
C CYS K 104 -23.67 -35.34 -17.65
N ASN K 105 -23.77 -36.46 -18.37
CA ASN K 105 -24.63 -36.55 -19.55
C ASN K 105 -26.01 -37.10 -19.24
N GLY K 106 -26.31 -37.37 -17.98
CA GLY K 106 -27.61 -37.89 -17.60
C GLY K 106 -27.76 -39.38 -17.70
N GLN K 107 -26.73 -40.11 -18.12
CA GLN K 107 -26.79 -41.55 -18.24
C GLN K 107 -25.67 -42.18 -17.42
N ASP K 108 -25.99 -43.26 -16.70
CA ASP K 108 -25.04 -43.90 -15.79
C ASP K 108 -24.14 -44.82 -16.60
N ASP K 109 -23.21 -44.21 -17.33
CA ASP K 109 -22.22 -44.99 -18.07
C ASP K 109 -21.20 -45.64 -17.15
N CYS K 110 -21.03 -45.10 -15.94
CA CYS K 110 -20.08 -45.63 -14.97
C CYS K 110 -20.62 -46.84 -14.22
N SER K 111 -21.91 -47.17 -14.39
CA SER K 111 -22.54 -48.33 -13.79
C SER K 111 -22.68 -48.18 -12.26
N ASP K 112 -22.30 -47.02 -11.73
CA ASP K 112 -22.51 -46.72 -10.32
C ASP K 112 -22.92 -45.28 -10.06
N GLY K 113 -23.14 -44.48 -11.12
CA GLY K 113 -23.52 -43.09 -10.94
C GLY K 113 -22.39 -42.16 -10.59
N SER K 114 -21.13 -42.59 -10.71
CA SER K 114 -20.00 -41.73 -10.36
C SER K 114 -19.89 -40.54 -11.30
N ASP K 115 -20.11 -40.74 -12.60
CA ASP K 115 -20.04 -39.62 -13.54
C ASP K 115 -21.18 -38.64 -13.31
N GLU K 116 -22.19 -39.03 -12.55
CA GLU K 116 -23.32 -38.17 -12.22
C GLU K 116 -23.25 -37.64 -10.79
N LEU K 117 -22.14 -37.87 -10.09
CA LEU K 117 -21.96 -37.29 -8.76
C LEU K 117 -21.30 -35.94 -8.84
N ASP K 118 -21.84 -34.98 -8.11
CA ASP K 118 -21.37 -33.60 -8.09
C ASP K 118 -21.33 -33.01 -9.51
N CYS K 119 -22.48 -33.06 -10.17
CA CYS K 119 -22.65 -32.45 -11.49
C CYS K 119 -23.59 -31.26 -11.34
N ALA K 120 -23.02 -30.06 -11.34
CA ALA K 120 -23.84 -28.87 -11.49
C ALA K 120 -24.46 -28.89 -12.88
N PRO K 121 -25.78 -28.90 -13.00
CA PRO K 121 -26.41 -29.13 -14.30
C PRO K 121 -25.98 -28.09 -15.31
N PRO K 122 -25.72 -28.50 -16.56
CA PRO K 122 -25.38 -27.53 -17.60
C PRO K 122 -26.50 -26.57 -17.93
N THR K 123 -27.72 -26.83 -17.47
CA THR K 123 -28.85 -25.93 -17.64
C THR K 123 -28.81 -24.88 -16.51
N CYS K 124 -29.80 -24.02 -16.37
CA CYS K 124 -29.83 -23.05 -15.28
C CYS K 124 -31.16 -23.24 -14.55
N GLY K 125 -31.50 -22.28 -13.68
CA GLY K 125 -32.67 -22.42 -12.83
C GLY K 125 -33.94 -22.83 -13.57
N ALA K 126 -34.84 -23.48 -12.81
CA ALA K 126 -36.11 -23.89 -13.37
C ALA K 126 -36.98 -22.70 -13.71
N HIS K 127 -36.76 -21.55 -13.08
CA HIS K 127 -37.46 -20.31 -13.37
C HIS K 127 -36.72 -19.50 -14.42
N GLU K 128 -35.98 -20.17 -15.29
CA GLU K 128 -34.98 -19.56 -16.16
C GLU K 128 -35.07 -20.17 -17.55
N PHE K 129 -34.77 -19.36 -18.56
CA PHE K 129 -34.63 -19.84 -19.93
C PHE K 129 -33.19 -19.66 -20.40
N GLN K 130 -32.57 -20.75 -20.82
CA GLN K 130 -31.16 -20.75 -21.18
C GLN K 130 -31.01 -20.24 -22.61
N CYS K 131 -30.22 -19.18 -22.78
CA CYS K 131 -29.84 -18.74 -24.11
C CYS K 131 -28.95 -19.79 -24.76
N SER K 132 -29.02 -19.87 -26.08
CA SER K 132 -28.25 -20.87 -26.80
C SER K 132 -26.74 -20.67 -26.66
N THR K 133 -26.31 -19.45 -26.27
CA THR K 133 -24.91 -19.19 -25.91
C THR K 133 -24.64 -19.42 -24.42
N SER K 134 -25.47 -20.28 -23.81
CA SER K 134 -25.34 -20.79 -22.45
C SER K 134 -25.67 -19.76 -21.38
N SER K 135 -26.03 -18.54 -21.74
CA SER K 135 -26.34 -17.53 -20.75
C SER K 135 -27.63 -17.88 -20.02
N CYS K 136 -27.65 -17.63 -18.71
CA CYS K 136 -28.81 -17.90 -17.89
C CYS K 136 -29.60 -16.61 -17.65
N ILE K 137 -30.83 -16.59 -18.15
CA ILE K 137 -31.74 -15.46 -17.91
C ILE K 137 -33.09 -16.05 -17.52
N PRO K 138 -33.81 -15.39 -16.60
CA PRO K 138 -35.09 -15.92 -16.15
C PRO K 138 -36.13 -15.97 -17.26
N ILE K 139 -37.16 -16.78 -17.03
CA ILE K 139 -38.17 -17.04 -18.06
C ILE K 139 -38.87 -15.75 -18.49
N SER K 140 -39.23 -14.90 -17.53
CA SER K 140 -40.07 -13.75 -17.84
C SER K 140 -39.39 -12.76 -18.80
N TRP K 141 -38.18 -13.06 -19.27
CA TRP K 141 -37.49 -12.24 -20.24
C TRP K 141 -37.55 -12.81 -21.65
N VAL K 142 -38.37 -13.82 -21.88
CA VAL K 142 -38.49 -14.44 -23.20
C VAL K 142 -39.62 -13.74 -23.96
N CYS K 143 -39.41 -13.57 -25.27
CA CYS K 143 -40.41 -12.98 -26.16
C CYS K 143 -40.87 -11.62 -25.66
N ASP K 144 -39.96 -10.87 -25.03
CA ASP K 144 -40.26 -9.57 -24.47
C ASP K 144 -39.89 -8.43 -25.40
N ASP K 145 -39.59 -8.73 -26.66
CA ASP K 145 -39.14 -7.81 -27.69
C ASP K 145 -37.77 -7.21 -27.36
N ASP K 146 -37.11 -7.66 -26.30
CA ASP K 146 -35.76 -7.22 -25.96
C ASP K 146 -34.82 -8.42 -25.97
N ALA K 147 -33.77 -8.30 -26.77
CA ALA K 147 -32.78 -9.38 -26.91
C ALA K 147 -31.80 -9.30 -25.74
N ASP K 148 -32.24 -9.84 -24.60
CA ASP K 148 -31.36 -9.85 -23.43
C ASP K 148 -30.26 -10.90 -23.55
N CYS K 149 -30.53 -12.00 -24.25
CA CYS K 149 -29.49 -12.96 -24.57
C CYS K 149 -28.49 -12.35 -25.55
N SER K 150 -27.27 -12.88 -25.54
CA SER K 150 -26.23 -12.38 -26.43
C SER K 150 -26.56 -12.61 -27.90
N ASP K 151 -27.22 -13.72 -28.23
CA ASP K 151 -27.50 -14.10 -29.61
C ASP K 151 -28.97 -13.96 -29.98
N GLN K 152 -29.74 -13.19 -29.20
CA GLN K 152 -31.17 -13.03 -29.42
C GLN K 152 -31.90 -14.37 -29.37
N SER K 153 -31.44 -15.27 -28.49
CA SER K 153 -32.12 -16.55 -28.33
C SER K 153 -33.42 -16.39 -27.55
N ASP K 154 -33.45 -15.47 -26.58
CA ASP K 154 -34.69 -15.22 -25.86
C ASP K 154 -35.76 -14.70 -26.80
N GLU K 155 -35.35 -13.99 -27.86
CA GLU K 155 -36.26 -13.45 -28.84
C GLU K 155 -36.31 -14.27 -30.12
N SER K 156 -35.76 -15.47 -30.10
CA SER K 156 -35.75 -16.31 -31.29
C SER K 156 -37.17 -16.68 -31.69
N LEU K 157 -37.42 -16.71 -33.00
CA LEU K 157 -38.75 -17.05 -33.50
C LEU K 157 -39.12 -18.48 -33.15
N GLU K 158 -38.16 -19.40 -33.19
CA GLU K 158 -38.44 -20.81 -32.92
C GLU K 158 -38.90 -21.03 -31.49
N GLN K 159 -38.26 -20.34 -30.53
CA GLN K 159 -38.68 -20.48 -29.14
C GLN K 159 -40.03 -19.81 -28.90
N CYS K 160 -40.27 -18.64 -29.49
CA CYS K 160 -41.52 -17.94 -29.28
C CYS K 160 -42.70 -18.59 -29.99
N GLY K 161 -42.46 -19.28 -31.10
CA GLY K 161 -43.54 -19.82 -31.89
C GLY K 161 -44.41 -18.72 -32.46
N ARG K 162 -43.78 -17.63 -32.88
CA ARG K 162 -44.48 -16.49 -33.45
C ARG K 162 -44.57 -16.59 -34.96
N MET L 1 134.32 14.64 -88.67
CA MET L 1 135.14 14.32 -87.51
C MET L 1 134.69 13.03 -86.84
N CYS L 2 133.92 12.22 -87.58
CA CYS L 2 133.47 10.94 -87.08
C CYS L 2 134.62 9.93 -87.08
N VAL L 3 134.40 8.81 -86.38
CA VAL L 3 135.42 7.79 -86.22
C VAL L 3 134.82 6.43 -86.54
N LEU L 4 135.61 5.57 -87.16
CA LEU L 4 135.23 4.19 -87.46
C LEU L 4 136.44 3.31 -87.14
N ALA L 5 136.44 2.72 -85.94
CA ALA L 5 137.54 1.87 -85.50
C ALA L 5 138.86 2.62 -85.52
N ASN L 6 139.51 2.65 -86.68
CA ASN L 6 140.78 3.35 -86.84
C ASN L 6 140.79 4.15 -88.14
N ALA L 7 139.67 4.79 -88.45
CA ALA L 7 139.54 5.57 -89.68
C ALA L 7 139.70 7.06 -89.43
N THR L 8 138.89 7.63 -88.55
CA THR L 8 138.89 9.06 -88.22
C THR L 8 138.76 9.90 -89.50
N PHE L 9 137.61 9.72 -90.14
CA PHE L 9 137.29 10.40 -91.38
C PHE L 9 136.27 11.53 -91.15
N PRO L 10 136.31 12.59 -91.96
CA PRO L 10 135.29 13.63 -91.82
C PRO L 10 133.89 13.08 -92.06
N CYS L 11 132.93 13.56 -91.29
CA CYS L 11 131.57 13.05 -91.37
C CYS L 11 130.88 13.43 -92.67
N PHE L 12 131.38 14.43 -93.39
CA PHE L 12 130.78 14.82 -94.65
C PHE L 12 131.12 13.87 -95.79
N GLN L 13 132.19 13.09 -95.67
CA GLN L 13 132.65 12.18 -96.73
C GLN L 13 132.91 10.80 -96.13
N PRO L 14 131.86 10.02 -95.88
CA PRO L 14 132.06 8.66 -95.38
C PRO L 14 132.71 7.79 -96.45
N PRO L 15 133.48 6.78 -96.04
CA PRO L 15 134.15 5.93 -97.05
C PRO L 15 133.23 4.97 -97.77
N CYS L 16 131.97 4.83 -97.34
CA CYS L 16 131.04 3.90 -97.93
C CYS L 16 130.24 4.51 -99.08
N VAL L 17 130.53 5.76 -99.45
CA VAL L 17 129.81 6.41 -100.55
C VAL L 17 130.06 5.65 -101.85
N PRO L 18 129.03 5.35 -102.65
CA PRO L 18 127.63 5.67 -102.40
C PRO L 18 126.79 4.47 -101.93
N CYS L 19 125.56 4.75 -101.51
CA CYS L 19 124.60 3.72 -101.10
C CYS L 19 125.17 2.83 -100.00
N CYS L 20 125.48 3.47 -98.86
CA CYS L 20 126.00 2.73 -97.72
C CYS L 20 125.00 1.70 -97.22
N TYR L 21 123.73 2.10 -97.11
CA TYR L 21 122.71 1.20 -96.60
C TYR L 21 122.48 0.03 -97.55
N GLU L 22 122.47 0.30 -98.86
CA GLU L 22 122.29 -0.79 -99.82
C GLU L 22 123.49 -1.73 -99.85
N ASN L 23 124.71 -1.18 -99.79
CA ASN L 23 125.89 -2.02 -99.84
C ASN L 23 126.02 -2.88 -98.59
N ASN L 24 125.79 -2.29 -97.42
CA ASN L 24 125.85 -3.04 -96.16
C ASN L 24 124.92 -2.33 -95.17
N ALA L 25 123.74 -2.91 -94.95
CA ALA L 25 122.80 -2.32 -94.01
C ALA L 25 123.33 -2.38 -92.58
N GLU L 26 123.75 -3.56 -92.14
CA GLU L 26 124.17 -3.73 -90.75
C GLU L 26 125.39 -2.88 -90.42
N ALA L 27 126.36 -2.83 -91.33
CA ALA L 27 127.57 -2.03 -91.08
C ALA L 27 127.24 -0.55 -90.97
N THR L 28 126.38 -0.05 -91.86
CA THR L 28 125.98 1.36 -91.80
C THR L 28 125.21 1.66 -90.52
N LEU L 29 124.31 0.76 -90.12
CA LEU L 29 123.57 0.94 -88.87
C LEU L 29 124.50 0.99 -87.67
N ARG L 30 125.47 0.07 -87.62
CA ARG L 30 126.41 0.05 -86.49
C ARG L 30 127.27 1.30 -86.47
N MET L 31 127.73 1.74 -87.65
CA MET L 31 128.55 2.94 -87.73
C MET L 31 127.77 4.18 -87.30
N LEU L 32 126.49 4.27 -87.67
CA LEU L 32 125.67 5.37 -87.18
C LEU L 32 125.48 5.32 -85.68
N GLU L 33 125.27 4.13 -85.11
CA GLU L 33 125.12 4.04 -83.66
C GLU L 33 126.41 4.41 -82.94
N ASP L 34 127.56 4.09 -83.52
CA ASP L 34 128.84 4.35 -82.85
C ASP L 34 129.12 5.84 -82.67
N ASN L 35 128.62 6.70 -83.56
CA ASN L 35 128.97 8.10 -83.57
C ASN L 35 127.82 9.02 -83.17
N VAL L 36 126.96 8.57 -82.25
CA VAL L 36 125.82 9.39 -81.84
C VAL L 36 126.27 10.60 -81.02
N ASP L 37 127.28 10.44 -80.17
CA ASP L 37 127.72 11.54 -79.32
C ASP L 37 128.40 12.65 -80.11
N ARG L 38 128.87 12.37 -81.32
CA ARG L 38 129.60 13.36 -82.08
C ARG L 38 128.66 14.46 -82.57
N PRO L 39 129.16 15.70 -82.67
CA PRO L 39 128.30 16.79 -83.18
C PRO L 39 127.96 16.67 -84.64
N GLY L 40 128.69 15.85 -85.41
CA GLY L 40 128.41 15.68 -86.81
C GLY L 40 127.53 14.48 -87.10
N TYR L 41 126.78 14.04 -86.08
CA TYR L 41 125.95 12.85 -86.23
C TYR L 41 124.89 13.04 -87.30
N TYR L 42 124.28 14.23 -87.34
CA TYR L 42 123.23 14.46 -88.33
C TYR L 42 123.80 14.51 -89.75
N ASP L 43 124.98 15.10 -89.93
CA ASP L 43 125.62 15.08 -91.24
C ASP L 43 125.99 13.66 -91.64
N LEU L 44 126.45 12.85 -90.68
CA LEU L 44 126.73 11.45 -90.96
C LEU L 44 125.48 10.72 -91.41
N LEU L 45 124.35 10.98 -90.73
CA LEU L 45 123.07 10.39 -91.13
C LEU L 45 122.67 10.84 -92.53
N GLN L 46 122.88 12.12 -92.84
CA GLN L 46 122.56 12.64 -94.17
C GLN L 46 123.38 11.93 -95.23
N ALA L 47 124.66 11.72 -94.98
CA ALA L 47 125.53 11.09 -95.97
C ALA L 47 125.25 9.59 -96.09
N ALA L 48 124.83 8.94 -95.00
CA ALA L 48 124.72 7.50 -95.00
C ALA L 48 123.50 7.01 -95.78
N LEU L 49 122.38 7.72 -95.69
CA LEU L 49 121.11 7.26 -96.26
C LEU L 49 120.66 8.12 -97.42
N THR L 50 121.58 8.51 -98.29
CA THR L 50 121.24 9.32 -99.46
C THR L 50 122.08 8.85 -100.65
N CYS L 51 121.43 8.22 -101.61
CA CYS L 51 122.09 7.79 -102.84
C CYS L 51 121.03 7.51 -103.89
N ARG L 52 121.33 7.86 -105.13
CA ARG L 52 120.39 7.66 -106.23
C ARG L 52 120.90 6.61 -107.21
N MET M 1 20.99 19.39 -95.03
CA MET M 1 20.73 18.96 -93.66
C MET M 1 19.25 19.02 -93.30
N CYS M 2 18.41 19.13 -94.33
CA CYS M 2 16.96 19.07 -94.15
C CYS M 2 16.49 17.61 -94.16
N VAL M 3 15.26 17.39 -93.72
CA VAL M 3 14.76 16.04 -93.48
C VAL M 3 13.40 15.87 -94.14
N LEU M 4 13.13 14.66 -94.63
CA LEU M 4 11.81 14.25 -95.12
C LEU M 4 11.65 12.76 -94.83
N ALA M 5 10.74 12.40 -93.92
CA ALA M 5 10.49 11.02 -93.56
C ALA M 5 11.77 10.34 -93.07
N ASN M 6 12.53 9.75 -93.98
CA ASN M 6 13.83 9.18 -93.65
C ASN M 6 14.84 9.48 -94.75
N ALA M 7 14.86 10.72 -95.23
CA ALA M 7 15.77 11.13 -96.30
C ALA M 7 17.07 11.71 -95.75
N THR M 8 16.98 12.80 -94.99
CA THR M 8 18.14 13.53 -94.48
C THR M 8 19.11 13.85 -95.63
N PHE M 9 18.59 14.58 -96.59
CA PHE M 9 19.25 15.03 -97.80
C PHE M 9 19.82 16.43 -97.61
N PRO M 10 20.84 16.81 -98.37
CA PRO M 10 21.37 18.17 -98.23
C PRO M 10 20.31 19.21 -98.61
N CYS M 11 20.30 20.29 -97.83
CA CYS M 11 19.21 21.26 -97.93
C CYS M 11 19.22 21.99 -99.26
N PHE M 12 20.36 22.02 -99.93
CA PHE M 12 20.46 22.74 -101.19
C PHE M 12 19.82 21.99 -102.36
N GLN M 13 19.77 20.66 -102.30
CA GLN M 13 19.31 19.83 -103.40
C GLN M 13 18.21 18.89 -102.92
N PRO M 14 16.97 19.38 -102.83
CA PRO M 14 15.88 18.52 -102.38
C PRO M 14 15.55 17.46 -103.41
N PRO M 15 14.95 16.34 -102.99
CA PRO M 15 14.65 15.26 -103.93
C PRO M 15 13.56 15.57 -104.95
N CYS M 16 12.86 16.68 -104.82
CA CYS M 16 11.76 17.01 -105.72
C CYS M 16 12.17 17.90 -106.89
N VAL M 17 13.44 18.26 -107.00
CA VAL M 17 13.87 19.19 -108.05
C VAL M 17 13.61 18.56 -109.41
N PRO M 18 13.05 19.29 -110.38
CA PRO M 18 12.58 20.68 -110.29
C PRO M 18 11.06 20.81 -110.14
N CYS M 19 10.58 22.04 -109.96
CA CYS M 19 9.16 22.35 -109.86
C CYS M 19 8.46 21.51 -108.80
N CYS M 20 8.98 21.59 -107.58
CA CYS M 20 8.42 20.81 -106.48
C CYS M 20 6.96 21.15 -106.24
N TYR M 21 6.66 22.45 -106.12
CA TYR M 21 5.29 22.85 -105.83
C TYR M 21 4.36 22.51 -106.98
N GLU M 22 4.81 22.71 -108.21
CA GLU M 22 3.97 22.36 -109.36
C GLU M 22 3.70 20.86 -109.39
N ASN M 23 4.67 20.05 -108.95
CA ASN M 23 4.45 18.61 -108.90
C ASN M 23 3.43 18.22 -107.83
N ASN M 24 3.61 18.73 -106.61
CA ASN M 24 2.73 18.30 -105.51
C ASN M 24 2.71 19.40 -104.45
N ALA M 25 1.64 20.19 -104.43
CA ALA M 25 1.59 21.35 -103.56
C ALA M 25 1.58 20.94 -102.08
N GLU M 26 0.63 20.08 -101.71
CA GLU M 26 0.46 19.74 -100.30
C GLU M 26 1.72 19.05 -99.77
N ALA M 27 2.35 18.21 -100.59
CA ALA M 27 3.56 17.52 -100.15
C ALA M 27 4.68 18.49 -99.86
N THR M 28 4.90 19.47 -100.74
CA THR M 28 5.96 20.45 -100.46
C THR M 28 5.64 21.26 -99.22
N LEU M 29 4.38 21.67 -99.05
CA LEU M 29 4.05 22.44 -97.85
C LEU M 29 4.27 21.61 -96.59
N ARG M 30 3.83 20.36 -96.58
CA ARG M 30 4.07 19.49 -95.43
C ARG M 30 5.55 19.21 -95.22
N MET M 31 6.35 19.24 -96.28
CA MET M 31 7.80 19.12 -96.11
C MET M 31 8.39 20.39 -95.48
N LEU M 32 7.88 21.56 -95.87
CA LEU M 32 8.24 22.80 -95.19
C LEU M 32 7.89 22.74 -93.71
N GLU M 33 6.72 22.24 -93.35
CA GLU M 33 6.31 22.26 -91.95
C GLU M 33 7.21 21.42 -91.07
N ASP M 34 8.02 20.54 -91.64
CA ASP M 34 8.89 19.66 -90.86
C ASP M 34 10.31 20.20 -90.68
N ASN M 35 10.67 21.31 -91.34
CA ASN M 35 12.03 21.82 -91.27
C ASN M 35 12.10 23.24 -90.76
N VAL M 36 11.14 23.67 -89.92
CA VAL M 36 11.14 25.05 -89.46
C VAL M 36 12.31 25.31 -88.51
N ASP M 37 12.65 24.35 -87.66
CA ASP M 37 13.75 24.55 -86.73
C ASP M 37 15.11 24.39 -87.36
N ARG M 38 15.22 23.69 -88.48
CA ARG M 38 16.51 23.48 -89.12
C ARG M 38 17.07 24.80 -89.60
N PRO M 39 18.36 25.06 -89.42
CA PRO M 39 18.93 26.35 -89.81
C PRO M 39 18.82 26.63 -91.30
N GLY M 40 18.74 25.59 -92.14
CA GLY M 40 18.68 25.78 -93.56
C GLY M 40 17.27 25.89 -94.08
N TYR M 41 16.36 26.34 -93.21
CA TYR M 41 14.96 26.50 -93.63
C TYR M 41 14.83 27.41 -94.83
N TYR M 42 15.47 28.57 -94.77
CA TYR M 42 15.35 29.52 -95.86
C TYR M 42 15.96 28.97 -97.14
N ASP M 43 17.07 28.23 -97.03
CA ASP M 43 17.67 27.62 -98.21
C ASP M 43 16.73 26.59 -98.82
N LEU M 44 16.09 25.78 -97.97
CA LEU M 44 15.14 24.80 -98.47
C LEU M 44 13.97 25.47 -99.17
N LEU M 45 13.45 26.56 -98.59
CA LEU M 45 12.34 27.28 -99.20
C LEU M 45 12.77 27.91 -100.51
N GLN M 46 14.01 28.41 -100.57
CA GLN M 46 14.54 28.96 -101.81
C GLN M 46 14.59 27.91 -102.90
N ALA M 47 15.02 26.69 -102.55
CA ALA M 47 15.09 25.64 -103.55
C ALA M 47 13.71 25.10 -103.91
N ALA M 48 12.76 25.14 -102.98
CA ALA M 48 11.50 24.41 -103.13
C ALA M 48 10.39 25.22 -103.79
N LEU M 49 10.60 26.50 -104.09
CA LEU M 49 9.57 27.27 -104.78
C LEU M 49 10.15 28.06 -105.93
N THR M 50 11.10 27.48 -106.67
CA THR M 50 11.80 28.18 -107.73
C THR M 50 11.94 27.26 -108.92
N CYS M 51 11.14 27.51 -109.97
CA CYS M 51 11.34 26.82 -111.24
C CYS M 51 10.64 27.59 -112.34
N ARG M 52 10.98 27.28 -113.58
CA ARG M 52 10.51 28.03 -114.74
C ARG M 52 9.86 27.10 -115.78
N LYS N 1 88.56 63.61 56.55
CA LYS N 1 89.86 63.85 55.93
C LYS N 1 90.13 62.81 54.84
N ARG N 2 90.42 61.58 55.26
CA ARG N 2 90.73 60.52 54.30
C ARG N 2 89.55 60.26 53.37
N GLU N 3 88.34 60.16 53.92
CA GLU N 3 87.19 59.87 53.08
C GLU N 3 86.83 61.06 52.20
N ARG N 4 87.05 62.29 52.69
CA ARG N 4 86.82 63.46 51.85
C ARG N 4 87.78 63.49 50.67
N MET N 5 89.06 63.19 50.90
CA MET N 5 90.01 63.11 49.80
C MET N 5 89.63 61.99 48.84
N CYS N 6 89.16 60.86 49.37
CA CYS N 6 88.71 59.77 48.51
C CYS N 6 87.55 60.20 47.63
N MET N 7 86.58 60.91 48.21
CA MET N 7 85.42 61.35 47.44
C MET N 7 85.83 62.37 46.38
N LYS N 8 86.75 63.27 46.72
CA LYS N 8 87.27 64.21 45.73
C LYS N 8 87.92 63.47 44.55
N ILE N 9 88.81 62.52 44.85
CA ILE N 9 89.50 61.79 43.80
C ILE N 9 88.49 61.01 42.96
N GLU N 10 87.48 60.43 43.60
CA GLU N 10 86.46 59.69 42.87
C GLU N 10 85.70 60.61 41.92
N ASN N 11 85.27 61.77 42.42
CA ASN N 11 84.56 62.71 41.55
C ASN N 11 85.42 63.15 40.38
N ASP N 12 86.72 63.31 40.60
CA ASP N 12 87.61 63.74 39.54
C ASP N 12 87.95 62.64 38.54
N CYS N 13 87.95 61.37 38.96
CA CYS N 13 88.55 60.33 38.15
C CYS N 13 87.65 59.12 37.91
N ILE N 14 86.34 59.26 38.10
CA ILE N 14 85.41 58.20 37.72
C ILE N 14 84.44 58.75 36.69
N PHE N 15 84.27 58.01 35.59
CA PHE N 15 83.21 58.29 34.61
C PHE N 15 82.28 57.10 34.58
N GLU N 16 80.98 57.35 34.73
CA GLU N 16 80.01 56.27 34.69
C GLU N 16 79.83 55.76 33.27
N VAL N 17 79.46 54.50 33.13
CA VAL N 17 79.24 53.85 31.84
C VAL N 17 77.87 53.19 31.87
N LYS N 18 77.02 53.56 30.92
CA LYS N 18 75.64 53.11 30.83
C LYS N 18 75.41 52.34 29.55
N HIS N 19 74.41 51.46 29.56
CA HIS N 19 74.01 50.68 28.39
C HIS N 19 72.49 50.71 28.32
N GLU N 20 71.96 51.23 27.21
CA GLU N 20 70.56 51.66 27.13
C GLU N 20 70.17 52.54 28.30
N GLY N 21 71.01 53.55 28.58
CA GLY N 21 70.66 54.59 29.52
C GLY N 21 70.65 54.18 30.97
N LYS N 22 71.16 53.00 31.30
CA LYS N 22 71.18 52.50 32.67
C LYS N 22 72.61 52.30 33.12
N VAL N 23 72.96 52.84 34.28
CA VAL N 23 74.33 52.77 34.78
C VAL N 23 74.72 51.32 35.00
N THR N 24 75.85 50.91 34.43
CA THR N 24 76.30 49.54 34.52
C THR N 24 77.77 49.39 34.92
N GLY N 25 78.60 50.41 34.72
CA GLY N 25 79.99 50.27 35.10
C GLY N 25 80.61 51.62 35.40
N TYR N 26 81.89 51.56 35.80
CA TYR N 26 82.65 52.77 36.07
C TYR N 26 84.05 52.63 35.47
N ALA N 27 84.44 53.63 34.69
CA ALA N 27 85.77 53.69 34.10
C ALA N 27 86.57 54.73 34.86
N CYS N 28 87.69 54.31 35.43
CA CYS N 28 88.53 55.19 36.23
C CYS N 28 89.80 55.55 35.48
N LEU N 29 90.36 56.71 35.83
CA LEU N 29 91.61 57.18 35.25
C LEU N 29 92.73 56.92 36.25
N VAL N 30 93.70 56.09 35.86
CA VAL N 30 94.84 55.77 36.71
C VAL N 30 96.10 56.11 35.94
N GLY N 31 97.00 56.84 36.57
CA GLY N 31 98.26 57.18 35.93
C GLY N 31 98.04 57.95 34.64
N ASP N 32 98.23 57.26 33.51
CA ASP N 32 98.01 57.86 32.20
C ASP N 32 97.21 56.92 31.32
N LYS N 33 96.37 56.09 31.91
CA LYS N 33 95.60 55.13 31.14
C LYS N 33 94.19 55.02 31.71
N VAL N 34 93.20 55.02 30.81
CA VAL N 34 91.81 54.80 31.16
C VAL N 34 91.57 53.30 31.07
N MET N 35 91.00 52.72 32.11
CA MET N 35 90.72 51.29 32.12
C MET N 35 89.28 51.01 32.50
N LYS N 36 88.75 49.89 32.01
CA LYS N 36 87.38 49.51 32.20
C LYS N 36 87.27 48.00 32.22
N PRO N 37 86.47 47.41 33.10
CA PRO N 37 86.20 45.98 33.03
C PRO N 37 85.49 45.62 31.73
N ALA N 38 85.76 44.42 31.23
CA ALA N 38 85.25 44.01 29.93
C ALA N 38 83.88 43.36 30.01
N HIS N 39 83.55 42.68 31.10
CA HIS N 39 82.27 42.00 31.17
C HIS N 39 81.11 42.99 31.23
N VAL N 40 81.38 44.23 31.58
CA VAL N 40 80.39 45.30 31.50
C VAL N 40 80.49 45.96 30.14
N LYS N 41 79.33 46.23 29.54
CA LYS N 41 79.27 46.82 28.20
C LYS N 41 78.45 48.09 28.24
N GLY N 42 78.78 49.00 27.33
CA GLY N 42 78.15 50.30 27.28
C GLY N 42 79.07 51.28 26.59
N VAL N 43 78.86 52.56 26.89
CA VAL N 43 79.70 53.64 26.38
C VAL N 43 80.04 54.56 27.54
N ILE N 44 81.29 55.04 27.57
CA ILE N 44 81.69 55.98 28.61
C ILE N 44 81.02 57.32 28.35
N ASP N 45 80.51 57.94 29.42
CA ASP N 45 79.79 59.20 29.33
C ASP N 45 80.76 60.36 29.12
N ASN N 46 81.38 60.36 27.94
CA ASN N 46 82.29 61.43 27.55
C ASN N 46 82.54 61.35 26.06
N ALA N 47 82.35 62.48 25.39
CA ALA N 47 82.60 62.55 23.95
C ALA N 47 84.07 62.33 23.64
N ASP N 48 84.96 62.89 24.45
CA ASP N 48 86.39 62.71 24.22
C ASP N 48 86.79 61.25 24.37
N LEU N 49 86.25 60.56 25.37
CA LEU N 49 86.60 59.16 25.56
C LEU N 49 85.83 58.24 24.63
N ALA N 50 84.77 58.72 23.97
CA ALA N 50 84.00 57.86 23.10
C ALA N 50 84.77 57.47 21.85
N LYS N 51 85.67 58.34 21.41
CA LYS N 51 86.42 58.10 20.18
C LYS N 51 87.75 57.39 20.40
N LEU N 52 88.16 57.19 21.65
CA LEU N 52 89.46 56.59 21.91
C LEU N 52 89.41 55.07 21.72
N ALA N 53 90.48 54.55 21.12
CA ALA N 53 90.54 53.12 20.82
C ALA N 53 90.98 52.34 22.05
N PHE N 54 90.19 51.34 22.43
CA PHE N 54 90.48 50.48 23.56
C PHE N 54 91.21 49.22 23.10
N LYS N 55 92.32 48.93 23.76
CA LYS N 55 92.95 47.62 23.64
C LYS N 55 92.37 46.71 24.70
N LYS N 56 91.90 45.53 24.28
CA LYS N 56 91.12 44.63 25.10
C LYS N 56 91.91 43.37 25.42
N SER N 57 91.57 42.72 26.52
CA SER N 57 92.07 41.38 26.82
C SER N 57 91.05 40.70 27.71
N SER N 58 90.38 39.69 27.18
CA SER N 58 89.41 38.94 27.97
C SER N 58 90.07 37.94 28.90
N LYS N 59 91.34 37.59 28.66
CA LYS N 59 92.06 36.76 29.63
C LYS N 59 92.29 37.52 30.92
N TYR N 60 92.69 38.79 30.83
CA TYR N 60 92.74 39.68 31.98
C TYR N 60 91.42 40.38 32.22
N ASP N 61 90.48 40.32 31.27
CA ASP N 61 89.14 40.87 31.41
C ASP N 61 89.24 42.37 31.70
N LEU N 62 89.73 43.11 30.72
CA LEU N 62 90.02 44.53 30.92
C LEU N 62 90.33 45.17 29.58
N GLU N 63 89.91 46.43 29.40
CA GLU N 63 90.31 47.22 28.25
C GLU N 63 90.82 48.57 28.70
N CYS N 64 91.85 49.07 28.02
CA CYS N 64 92.45 50.34 28.39
C CYS N 64 92.69 51.18 27.15
N ALA N 65 92.97 52.46 27.39
CA ALA N 65 93.32 53.39 26.32
C ALA N 65 94.24 54.46 26.90
N GLN N 66 95.05 55.03 26.01
CA GLN N 66 95.87 56.17 26.40
C GLN N 66 94.99 57.40 26.54
N ILE N 67 95.11 58.09 27.66
CA ILE N 67 94.22 59.20 27.98
C ILE N 67 94.60 60.42 27.14
N PRO N 68 93.68 61.34 26.88
CA PRO N 68 94.03 62.57 26.18
C PRO N 68 95.01 63.40 26.99
N VAL N 69 95.79 64.21 26.27
CA VAL N 69 96.88 64.95 26.90
C VAL N 69 96.35 65.92 27.94
N HIS N 70 95.26 66.62 27.63
CA HIS N 70 94.81 67.70 28.51
C HIS N 70 94.21 67.19 29.81
N MET N 71 93.85 65.92 29.90
CA MET N 71 93.27 65.37 31.12
C MET N 71 94.29 64.68 32.00
N ARG N 72 95.58 64.73 31.64
CA ARG N 72 96.60 64.08 32.46
C ARG N 72 96.72 64.66 33.85
N SER N 73 96.23 65.88 34.06
CA SER N 73 96.16 66.46 35.39
C SER N 73 94.95 65.97 36.17
N ASP N 74 94.10 65.16 35.55
CA ASP N 74 92.86 64.72 36.15
C ASP N 74 92.88 63.24 36.50
N ALA N 75 94.06 62.71 36.86
CA ALA N 75 94.20 61.30 37.13
C ALA N 75 94.85 61.08 38.48
N SER N 76 94.57 59.91 39.06
CA SER N 76 95.08 59.56 40.38
C SER N 76 96.57 59.27 40.30
N LYS N 77 97.11 58.72 41.39
CA LYS N 77 98.45 58.16 41.38
C LYS N 77 98.38 56.70 41.77
N TYR N 78 99.16 55.88 41.08
CA TYR N 78 99.11 54.43 41.25
C TYR N 78 100.20 54.01 42.23
N THR N 79 100.05 52.79 42.76
CA THR N 79 101.11 52.21 43.56
C THR N 79 100.96 50.69 43.54
N HIS N 80 102.09 50.02 43.57
CA HIS N 80 102.15 48.56 43.57
C HIS N 80 102.37 47.96 44.95
N GLU N 81 102.89 48.71 45.91
CA GLU N 81 103.02 48.21 47.27
C GLU N 81 101.64 47.98 47.87
N LYS N 82 101.44 46.80 48.45
CA LYS N 82 100.19 46.44 49.08
C LYS N 82 100.47 45.85 50.46
N PRO N 83 100.81 46.70 51.43
CA PRO N 83 101.08 46.19 52.78
C PRO N 83 99.83 45.63 53.43
N GLU N 84 100.06 44.71 54.36
CA GLU N 84 98.96 44.16 55.15
C GLU N 84 98.30 45.25 55.99
N GLY N 85 96.98 45.30 55.96
CA GLY N 85 96.27 46.33 56.69
C GLY N 85 94.86 46.53 56.14
N HIS N 86 94.40 47.78 56.17
CA HIS N 86 93.06 48.15 55.72
C HIS N 86 93.15 49.24 54.67
N TYR N 87 92.18 49.24 53.75
CA TYR N 87 92.16 50.18 52.64
C TYR N 87 90.77 50.77 52.48
N ASN N 88 90.68 51.81 51.66
CA ASN N 88 89.44 52.55 51.46
C ASN N 88 88.71 52.08 50.20
N TRP N 89 87.40 52.20 50.23
CA TRP N 89 86.58 51.85 49.07
C TRP N 89 85.34 52.73 49.13
N HIS N 90 84.69 52.90 48.00
CA HIS N 90 83.61 53.89 47.91
C HIS N 90 82.45 53.55 48.84
N HIS N 91 82.32 52.30 49.28
CA HIS N 91 81.28 51.92 50.22
C HIS N 91 81.85 51.55 51.59
N GLY N 92 82.96 52.15 51.96
CA GLY N 92 83.49 51.96 53.30
C GLY N 92 84.92 51.49 53.36
N ALA N 93 85.18 50.48 54.18
CA ALA N 93 86.52 49.99 54.42
C ALA N 93 86.64 48.57 53.92
N VAL N 94 87.83 48.23 53.42
CA VAL N 94 88.14 46.89 52.94
C VAL N 94 89.38 46.40 53.67
N GLN N 95 89.52 45.09 53.75
CA GLN N 95 90.62 44.45 54.45
C GLN N 95 91.48 43.70 53.46
N TYR N 96 92.79 43.92 53.54
CA TYR N 96 93.76 43.17 52.74
C TYR N 96 94.42 42.17 53.67
N SER N 97 94.00 40.90 53.56
CA SER N 97 94.54 39.83 54.37
C SER N 97 94.91 38.66 53.47
N GLY N 98 96.15 38.18 53.60
CA GLY N 98 96.58 36.99 52.90
C GLY N 98 96.44 37.07 51.40
N GLY N 99 96.77 38.21 50.81
CA GLY N 99 96.69 38.33 49.37
C GLY N 99 95.29 38.38 48.82
N ARG N 100 94.30 38.70 49.66
CA ARG N 100 92.91 38.76 49.23
C ARG N 100 92.30 40.07 49.68
N PHE N 101 91.31 40.54 48.94
CA PHE N 101 90.54 41.71 49.32
C PHE N 101 89.20 41.24 49.87
N THR N 102 88.94 41.53 51.14
CA THR N 102 87.73 41.07 51.81
C THR N 102 86.83 42.25 52.12
N ILE N 103 85.55 42.10 51.77
CA ILE N 103 84.53 43.10 52.04
C ILE N 103 83.88 42.74 53.37
N PRO N 104 84.03 43.56 54.41
CA PRO N 104 83.37 43.24 55.68
C PRO N 104 81.86 43.20 55.58
N THR N 105 81.27 43.96 54.67
CA THR N 105 79.83 44.15 54.68
C THR N 105 79.07 43.04 53.98
N GLY N 106 79.59 42.52 52.87
CA GLY N 106 78.71 41.77 51.98
C GLY N 106 77.62 42.64 51.40
N ALA N 107 77.91 43.93 51.17
CA ALA N 107 76.97 44.88 50.62
C ALA N 107 77.13 45.07 49.12
N GLY N 108 78.02 44.32 48.49
CA GLY N 108 78.23 44.43 47.06
C GLY N 108 77.00 44.09 46.25
N LYS N 109 76.74 44.90 45.23
CA LYS N 109 75.59 44.71 44.35
C LYS N 109 76.06 44.73 42.91
N PRO N 110 75.28 44.13 42.01
CA PRO N 110 75.61 44.24 40.58
C PRO N 110 75.65 45.70 40.15
N GLY N 111 76.62 46.02 39.29
CA GLY N 111 76.82 47.38 38.86
C GLY N 111 77.90 48.13 39.61
N ASP N 112 78.54 47.51 40.59
CA ASP N 112 79.61 48.14 41.35
C ASP N 112 80.98 47.97 40.69
N SER N 113 81.05 47.26 39.58
CA SER N 113 82.33 46.96 38.95
C SER N 113 82.98 48.23 38.39
N GLY N 114 84.29 48.33 38.58
CA GLY N 114 85.04 49.47 38.11
C GLY N 114 85.38 50.49 39.17
N ARG N 115 84.96 50.27 40.41
CA ARG N 115 85.23 51.22 41.48
C ARG N 115 86.58 50.92 42.11
N PRO N 116 87.55 51.83 42.05
CA PRO N 116 88.89 51.52 42.54
C PRO N 116 88.93 51.40 44.06
N ILE N 117 89.97 50.72 44.55
CA ILE N 117 90.26 50.61 45.97
C ILE N 117 91.48 51.47 46.25
N PHE N 118 91.33 52.41 47.20
CA PHE N 118 92.33 53.44 47.45
C PHE N 118 93.27 53.04 48.57
N ASP N 119 94.49 53.57 48.49
CA ASP N 119 95.45 53.43 49.57
C ASP N 119 95.16 54.46 50.66
N ASN N 120 95.90 54.39 51.76
CA ASN N 120 95.70 55.34 52.85
C ASN N 120 95.98 56.78 52.45
N LYS N 121 96.89 57.01 51.50
CA LYS N 121 97.20 58.35 51.05
C LYS N 121 96.36 58.77 49.85
N GLY N 122 95.43 57.92 49.43
CA GLY N 122 94.61 58.19 48.27
C GLY N 122 95.06 57.56 46.97
N ARG N 123 96.16 56.81 46.97
CA ARG N 123 96.62 56.17 45.75
C ARG N 123 95.73 54.98 45.40
N VAL N 124 95.64 54.70 44.10
CA VAL N 124 94.84 53.61 43.58
C VAL N 124 95.68 52.34 43.59
N VAL N 125 95.11 51.26 44.12
CA VAL N 125 95.82 50.00 44.27
C VAL N 125 95.28 48.92 43.34
N ALA N 126 93.96 48.85 43.17
CA ALA N 126 93.35 47.79 42.39
C ALA N 126 91.96 48.22 41.95
N ILE N 127 91.31 47.39 41.13
CA ILE N 127 89.97 47.70 40.62
C ILE N 127 89.05 46.51 40.86
N VAL N 128 87.92 46.77 41.49
CA VAL N 128 86.96 45.72 41.81
C VAL N 128 86.32 45.20 40.53
N LEU N 129 86.30 43.87 40.37
CA LEU N 129 85.56 43.22 39.31
C LEU N 129 84.34 42.48 39.82
N GLY N 130 84.51 41.55 40.75
CA GLY N 130 83.39 40.75 41.18
C GLY N 130 83.49 40.41 42.65
N GLY N 131 82.46 39.75 43.15
CA GLY N 131 82.42 39.37 44.55
C GLY N 131 81.96 37.93 44.71
N ALA N 132 82.55 37.28 45.70
CA ALA N 132 82.22 35.91 46.06
C ALA N 132 81.71 35.88 47.49
N ASN N 133 80.54 35.29 47.69
CA ASN N 133 79.87 35.28 48.99
C ASN N 133 80.59 34.29 49.89
N GLU N 134 81.54 34.78 50.68
CA GLU N 134 82.32 33.96 51.59
C GLU N 134 81.68 34.08 52.98
N GLY N 135 80.51 33.47 53.12
CA GLY N 135 79.82 33.58 54.40
C GLY N 135 79.47 35.03 54.71
N SER N 136 79.87 35.48 55.90
CA SER N 136 79.58 36.84 56.33
C SER N 136 80.41 37.90 55.60
N ARG N 137 81.63 37.55 55.18
CA ARG N 137 82.47 38.44 54.39
C ARG N 137 82.30 38.11 52.91
N THR N 138 82.90 38.95 52.08
CA THR N 138 82.87 38.76 50.63
C THR N 138 84.28 38.90 50.09
N ALA N 139 84.72 37.90 49.34
CA ALA N 139 86.02 37.98 48.68
C ALA N 139 85.89 38.76 47.39
N LEU N 140 86.86 39.62 47.10
CA LEU N 140 86.79 40.48 45.93
C LEU N 140 87.68 39.95 44.81
N SER N 141 87.07 39.60 43.69
CA SER N 141 87.78 39.27 42.47
C SER N 141 88.22 40.59 41.83
N VAL N 142 89.52 40.83 41.83
CA VAL N 142 90.06 42.17 41.63
C VAL N 142 91.26 42.10 40.70
N VAL N 143 91.56 43.23 40.06
CA VAL N 143 92.70 43.39 39.16
C VAL N 143 93.74 44.22 39.85
N THR N 144 94.93 43.65 40.07
CA THR N 144 95.98 44.35 40.76
C THR N 144 97.21 44.49 39.87
N TRP N 145 98.10 45.39 40.29
CA TRP N 145 99.37 45.65 39.64
C TRP N 145 100.48 44.93 40.38
N ASN N 146 101.32 44.22 39.65
CA ASN N 146 102.62 43.84 40.17
C ASN N 146 103.54 45.02 39.86
N LYS N 147 104.85 44.86 40.06
CA LYS N 147 105.77 45.93 39.70
C LYS N 147 105.72 46.21 38.21
N ASP N 148 105.60 45.17 37.39
CA ASP N 148 105.64 45.35 35.95
C ASP N 148 104.46 44.69 35.26
N MET N 149 103.98 43.60 35.84
CA MET N 149 102.92 42.78 35.25
C MET N 149 101.57 43.26 35.76
N VAL N 150 100.52 42.95 35.00
CA VAL N 150 99.15 43.06 35.49
C VAL N 150 98.62 41.66 35.69
N THR N 151 98.18 41.36 36.90
CA THR N 151 97.67 40.04 37.23
C THR N 151 96.26 40.15 37.77
N ARG N 152 95.55 39.02 37.71
CA ARG N 152 94.16 38.95 38.13
C ARG N 152 94.01 37.85 39.17
N VAL N 153 93.33 38.15 40.27
CA VAL N 153 93.02 37.16 41.29
C VAL N 153 91.50 37.04 41.38
N THR N 154 91.00 35.81 41.30
CA THR N 154 89.57 35.54 41.31
C THR N 154 89.28 34.36 42.22
N PRO N 155 88.60 34.58 43.34
CA PRO N 155 88.24 33.47 44.20
C PRO N 155 87.24 32.55 43.53
N GLU N 156 87.26 31.29 43.95
CA GLU N 156 86.33 30.31 43.41
C GLU N 156 84.91 30.66 43.81
N GLY N 157 84.00 30.56 42.83
CA GLY N 157 82.59 30.80 43.09
C GLY N 157 82.12 32.23 43.01
N SER N 158 82.98 33.15 42.59
CA SER N 158 82.56 34.55 42.45
C SER N 158 81.62 34.70 41.26
N GLU N 159 80.96 35.86 41.20
CA GLU N 159 80.08 36.19 40.09
C GLU N 159 80.43 37.58 39.57
N GLU N 160 80.26 37.76 38.25
CA GLU N 160 80.59 39.02 37.62
C GLU N 160 79.50 40.04 37.92
N TRP N 161 79.86 41.12 38.60
CA TRP N 161 78.93 42.20 38.86
C TRP N 161 78.73 43.06 37.61
N LYS O 1 75.62 99.17 38.17
CA LYS O 1 74.55 99.47 37.23
C LYS O 1 74.99 99.15 35.81
N ARG O 2 76.13 99.73 35.40
CA ARG O 2 76.70 99.41 34.10
C ARG O 2 77.05 97.93 33.99
N GLU O 3 77.72 97.40 35.02
CA GLU O 3 78.09 95.98 34.99
C GLU O 3 76.86 95.09 34.98
N ARG O 4 75.84 95.43 35.77
CA ARG O 4 74.63 94.62 35.80
C ARG O 4 73.91 94.64 34.46
N MET O 5 73.80 95.82 33.84
CA MET O 5 73.17 95.90 32.52
C MET O 5 73.96 95.11 31.49
N CYS O 6 75.28 95.22 31.50
CA CYS O 6 76.10 94.46 30.56
C CYS O 6 75.93 92.97 30.77
N MET O 7 75.90 92.52 32.02
CA MET O 7 75.77 91.10 32.30
C MET O 7 74.42 90.57 31.84
N LYS O 8 73.33 91.29 32.14
CA LYS O 8 72.02 90.80 31.74
C LYS O 8 71.89 90.79 30.22
N ILE O 9 72.39 91.84 29.54
CA ILE O 9 72.32 91.86 28.10
C ILE O 9 73.14 90.73 27.50
N GLU O 10 74.32 90.46 28.06
CA GLU O 10 75.14 89.35 27.60
C GLU O 10 74.41 88.02 27.74
N ASN O 11 73.85 87.75 28.92
CA ASN O 11 73.24 86.46 29.18
C ASN O 11 71.95 86.30 28.40
N ASP O 12 71.30 87.40 28.01
CA ASP O 12 70.07 87.34 27.26
C ASP O 12 70.26 87.43 25.75
N CYS O 13 71.44 87.81 25.26
CA CYS O 13 71.61 88.03 23.83
C CYS O 13 72.83 87.32 23.22
N ILE O 14 73.61 86.58 24.00
CA ILE O 14 74.76 85.87 23.46
C ILE O 14 74.69 84.40 23.84
N PHE O 15 74.95 83.53 22.87
CA PHE O 15 74.88 82.09 23.03
C PHE O 15 76.19 81.44 22.59
N GLU O 16 76.64 80.47 23.36
CA GLU O 16 77.87 79.77 23.04
C GLU O 16 77.65 78.80 21.88
N VAL O 17 78.74 78.44 21.22
CA VAL O 17 78.70 77.43 20.17
C VAL O 17 79.39 76.17 20.70
N LYS O 18 78.85 75.02 20.32
CA LYS O 18 79.34 73.73 20.78
C LYS O 18 79.76 72.88 19.60
N HIS O 19 80.91 72.21 19.72
CA HIS O 19 81.33 71.21 18.74
C HIS O 19 82.48 70.42 19.32
N GLU O 20 82.42 69.09 19.18
CA GLU O 20 83.42 68.18 19.73
C GLU O 20 83.51 68.28 21.24
N GLY O 21 82.44 68.77 21.88
CA GLY O 21 82.39 68.86 23.32
C GLY O 21 83.13 70.03 23.93
N LYS O 22 83.76 70.89 23.12
CA LYS O 22 84.48 72.05 23.62
C LYS O 22 83.92 73.31 22.98
N VAL O 23 83.85 74.37 23.79
CA VAL O 23 83.36 75.66 23.28
C VAL O 23 84.42 76.32 22.43
N THR O 24 83.99 76.97 21.36
CA THR O 24 84.91 77.64 20.44
C THR O 24 84.57 79.10 20.17
N GLY O 25 83.38 79.55 20.51
CA GLY O 25 83.02 80.93 20.24
C GLY O 25 81.62 81.25 20.71
N TYR O 26 81.22 82.50 20.47
CA TYR O 26 79.94 83.03 20.90
C TYR O 26 79.27 83.74 19.74
N ALA O 27 77.95 83.63 19.67
CA ALA O 27 77.14 84.33 18.68
C ALA O 27 76.22 85.31 19.39
N CYS O 28 76.19 86.54 18.90
CA CYS O 28 75.47 87.63 19.56
C CYS O 28 74.32 88.12 18.69
N LEU O 29 73.25 88.54 19.35
CA LEU O 29 72.07 89.08 18.69
C LEU O 29 72.17 90.59 18.74
N VAL O 30 72.38 91.22 17.59
CA VAL O 30 72.46 92.67 17.49
C VAL O 30 71.41 93.14 16.50
N GLY O 31 70.55 94.05 16.95
CA GLY O 31 69.52 94.58 16.08
C GLY O 31 68.54 93.52 15.62
N ASP O 32 68.63 93.15 14.33
CA ASP O 32 67.74 92.13 13.77
C ASP O 32 68.52 91.03 13.05
N LYS O 33 69.82 90.91 13.29
CA LYS O 33 70.61 89.89 12.63
C LYS O 33 71.53 89.18 13.61
N VAL O 34 71.51 87.85 13.56
CA VAL O 34 72.46 87.04 14.32
C VAL O 34 73.84 87.15 13.70
N MET O 35 74.84 87.42 14.55
CA MET O 35 76.23 87.51 14.18
C MET O 35 76.96 86.21 14.47
N LYS O 36 78.03 85.96 13.72
CA LYS O 36 78.99 84.92 14.03
C LYS O 36 80.33 85.27 13.39
N PRO O 37 81.46 84.98 14.02
CA PRO O 37 82.72 85.03 13.28
C PRO O 37 82.73 83.92 12.24
N ALA O 38 83.29 84.22 11.06
CA ALA O 38 83.35 83.20 10.03
C ALA O 38 84.45 82.19 10.33
N HIS O 39 85.55 82.63 10.92
CA HIS O 39 86.69 81.73 11.13
C HIS O 39 86.40 80.67 12.17
N VAL O 40 85.58 80.96 13.18
CA VAL O 40 85.24 79.97 14.18
C VAL O 40 84.29 78.94 13.55
N LYS O 41 84.51 77.68 13.86
CA LYS O 41 83.72 76.59 13.31
C LYS O 41 83.02 75.82 14.42
N GLY O 42 81.77 75.47 14.19
CA GLY O 42 80.96 74.79 15.19
C GLY O 42 79.49 74.98 14.88
N VAL O 43 78.65 74.58 15.84
CA VAL O 43 77.21 74.71 15.70
C VAL O 43 76.67 75.41 16.94
N ILE O 44 75.66 76.25 16.74
CA ILE O 44 75.10 77.04 17.83
C ILE O 44 74.29 76.15 18.75
N ASP O 45 74.41 76.38 20.05
CA ASP O 45 73.65 75.61 21.04
C ASP O 45 72.22 76.14 21.16
N ASN O 46 71.54 76.13 20.02
CA ASN O 46 70.15 76.58 19.93
C ASN O 46 69.51 75.95 18.71
N ALA O 47 68.46 75.15 18.93
CA ALA O 47 67.83 74.44 17.82
C ALA O 47 67.26 75.42 16.81
N ASP O 48 66.63 76.50 17.28
CA ASP O 48 66.05 77.47 16.36
C ASP O 48 67.12 78.15 15.52
N LEU O 49 68.23 78.53 16.14
CA LEU O 49 69.26 79.27 15.43
C LEU O 49 70.17 78.39 14.58
N ALA O 50 70.20 77.06 14.82
CA ALA O 50 71.11 76.21 14.08
C ALA O 50 70.67 76.00 12.64
N LYS O 51 69.36 76.00 12.40
CA LYS O 51 68.82 75.71 11.07
C LYS O 51 68.71 76.95 10.19
N LEU O 52 69.12 78.12 10.68
CA LEU O 52 69.02 79.32 9.89
C LEU O 52 70.04 79.34 8.76
N ALA O 53 69.66 79.93 7.63
CA ALA O 53 70.52 80.01 6.46
C ALA O 53 71.51 81.15 6.63
N PHE O 54 72.79 80.79 6.78
CA PHE O 54 73.83 81.75 7.11
C PHE O 54 74.47 82.26 5.84
N LYS O 55 74.64 83.58 5.76
CA LYS O 55 75.36 84.22 4.66
C LYS O 55 76.76 84.55 5.14
N LYS O 56 77.77 83.99 4.49
CA LYS O 56 79.16 84.10 4.92
C LYS O 56 79.91 85.06 4.02
N SER O 57 80.89 85.77 4.59
CA SER O 57 81.79 86.58 3.78
C SER O 57 83.19 86.42 4.35
N SER O 58 83.97 85.52 3.76
CA SER O 58 85.31 85.23 4.28
C SER O 58 86.23 86.44 4.21
N LYS O 59 85.93 87.43 3.37
CA LYS O 59 86.79 88.61 3.29
C LYS O 59 86.65 89.47 4.55
N TYR O 60 85.45 89.53 5.12
CA TYR O 60 85.20 90.22 6.38
C TYR O 60 85.17 89.30 7.58
N ASP O 61 85.40 87.99 7.38
CA ASP O 61 85.47 87.02 8.46
C ASP O 61 84.20 87.03 9.31
N LEU O 62 83.05 87.07 8.64
CA LEU O 62 81.79 87.27 9.32
C LEU O 62 80.67 86.47 8.66
N GLU O 63 79.84 85.83 9.48
CA GLU O 63 78.63 85.15 9.04
C GLU O 63 77.43 85.85 9.66
N CYS O 64 76.41 86.08 8.85
CA CYS O 64 75.19 86.72 9.30
C CYS O 64 74.03 85.75 9.14
N ALA O 65 72.97 86.00 9.89
CA ALA O 65 71.71 85.30 9.68
C ALA O 65 70.58 86.22 10.10
N GLN O 66 69.39 85.95 9.58
CA GLN O 66 68.23 86.75 9.97
C GLN O 66 67.51 86.10 11.14
N ILE O 67 67.26 86.89 12.18
CA ILE O 67 66.68 86.40 13.43
C ILE O 67 65.21 86.05 13.22
N PRO O 68 64.64 85.13 14.00
CA PRO O 68 63.21 84.84 13.88
C PRO O 68 62.37 85.93 14.53
N VAL O 69 61.06 85.74 14.47
CA VAL O 69 60.13 86.74 15.00
C VAL O 69 60.13 86.74 16.52
N HIS O 70 60.11 85.56 17.15
CA HIS O 70 59.88 85.50 18.59
C HIS O 70 61.14 85.71 19.42
N MET O 71 62.30 85.94 18.80
CA MET O 71 63.43 86.51 19.50
C MET O 71 63.78 87.92 19.02
N ARG O 72 62.84 88.63 18.41
CA ARG O 72 63.12 90.00 17.99
C ARG O 72 63.29 90.93 19.17
N SER O 73 62.48 90.80 20.21
CA SER O 73 62.55 91.72 21.33
C SER O 73 63.74 91.47 22.23
N ASP O 74 64.39 90.32 22.12
CA ASP O 74 65.52 89.95 22.98
C ASP O 74 66.86 90.23 22.30
N ALA O 75 66.92 91.31 21.54
CA ALA O 75 68.15 91.69 20.85
C ALA O 75 68.63 93.04 21.35
N SER O 76 69.94 93.19 21.45
CA SER O 76 70.55 94.42 21.87
C SER O 76 70.35 95.51 20.82
N LYS O 77 70.68 96.74 21.18
CA LYS O 77 70.60 97.86 20.25
C LYS O 77 72.00 98.41 20.00
N TYR O 78 72.17 99.02 18.84
CA TYR O 78 73.48 99.37 18.31
C TYR O 78 73.56 100.85 17.95
N THR O 79 74.69 101.22 17.38
CA THR O 79 74.95 102.58 16.90
C THR O 79 76.14 102.53 15.97
N HIS O 80 76.49 103.70 15.43
CA HIS O 80 77.64 103.81 14.54
C HIS O 80 78.60 104.91 14.95
N GLU O 81 78.55 105.37 16.19
CA GLU O 81 79.35 106.49 16.65
C GLU O 81 80.47 106.01 17.57
N LYS O 82 81.68 106.49 17.32
CA LYS O 82 82.88 106.07 18.06
C LYS O 82 83.62 107.31 18.57
N PRO O 83 83.11 107.94 19.63
CA PRO O 83 83.88 109.00 20.28
C PRO O 83 85.04 108.42 21.07
N GLU O 84 86.06 109.24 21.28
CA GLU O 84 87.23 108.82 22.04
C GLU O 84 86.86 108.55 23.49
N GLY O 85 87.46 107.53 24.06
CA GLY O 85 87.24 107.21 25.46
C GLY O 85 87.44 105.72 25.73
N HIS O 86 86.65 105.21 26.66
CA HIS O 86 86.71 103.82 27.09
C HIS O 86 85.32 103.19 27.01
N TYR O 87 85.29 101.87 26.86
CA TYR O 87 84.05 101.16 26.65
C TYR O 87 84.03 99.88 27.49
N ASN O 88 82.84 99.34 27.69
CA ASN O 88 82.65 98.17 28.52
C ASN O 88 82.88 96.89 27.74
N TRP O 89 83.15 95.81 28.48
CA TRP O 89 83.33 94.49 27.89
C TRP O 89 83.36 93.46 29.01
N HIS O 90 83.08 92.20 28.64
CA HIS O 90 82.91 91.15 29.63
C HIS O 90 84.13 90.93 30.50
N HIS O 91 85.32 91.31 30.04
CA HIS O 91 86.53 91.17 30.82
C HIS O 91 87.07 92.51 31.31
N GLY O 92 86.22 93.53 31.40
CA GLY O 92 86.59 94.80 32.00
C GLY O 92 86.32 95.96 31.03
N ALA O 93 87.34 96.80 30.86
CA ALA O 93 87.23 98.02 30.08
C ALA O 93 88.20 97.95 28.90
N VAL O 94 87.83 98.61 27.81
CA VAL O 94 88.62 98.63 26.59
C VAL O 94 88.88 100.09 26.20
N GLN O 95 90.13 100.39 25.85
CA GLN O 95 90.57 101.75 25.56
C GLN O 95 90.57 101.99 24.06
N TYR O 96 89.95 103.08 23.65
CA TYR O 96 89.85 103.44 22.24
C TYR O 96 90.61 104.74 22.01
N SER O 97 91.70 104.66 21.25
CA SER O 97 92.46 105.86 20.87
C SER O 97 93.07 105.66 19.50
N GLY O 98 93.00 106.69 18.67
CA GLY O 98 93.56 106.62 17.33
C GLY O 98 92.92 105.56 16.46
N GLY O 99 91.63 105.33 16.64
CA GLY O 99 90.93 104.31 15.86
C GLY O 99 91.30 102.89 16.21
N ARG O 100 91.89 102.68 17.39
CA ARG O 100 92.35 101.35 17.81
C ARG O 100 91.71 100.98 19.13
N PHE O 101 91.26 99.73 19.24
CA PHE O 101 90.76 99.18 20.49
C PHE O 101 91.87 98.36 21.12
N THR O 102 92.19 98.65 22.38
CA THR O 102 93.34 98.05 23.04
C THR O 102 92.89 97.33 24.32
N ILE O 103 93.38 96.11 24.49
CA ILE O 103 93.21 95.37 25.74
C ILE O 103 94.43 95.68 26.62
N PRO O 104 94.27 96.43 27.70
CA PRO O 104 95.44 96.74 28.54
C PRO O 104 96.11 95.52 29.13
N THR O 105 95.33 94.50 29.47
CA THR O 105 95.86 93.36 30.21
C THR O 105 96.35 92.23 29.34
N GLY O 106 95.95 92.18 28.07
CA GLY O 106 96.17 90.97 27.31
C GLY O 106 95.40 89.81 27.89
N ALA O 107 94.18 90.04 28.33
CA ALA O 107 93.36 89.02 28.97
C ALA O 107 92.51 88.23 27.98
N GLY O 108 92.62 88.52 26.69
CA GLY O 108 91.93 87.71 25.70
C GLY O 108 92.51 86.31 25.62
N LYS O 109 91.63 85.35 25.31
CA LYS O 109 92.03 83.96 25.23
C LYS O 109 91.47 83.32 23.97
N PRO O 110 92.11 82.27 23.47
CA PRO O 110 91.59 81.56 22.30
C PRO O 110 90.20 80.98 22.56
N GLY O 111 89.39 80.94 21.51
CA GLY O 111 88.04 80.44 21.59
C GLY O 111 87.02 81.45 22.06
N ASP O 112 87.45 82.66 22.40
CA ASP O 112 86.57 83.68 22.97
C ASP O 112 86.09 84.68 21.93
N SER O 113 86.29 84.41 20.64
CA SER O 113 85.90 85.34 19.59
C SER O 113 84.38 85.49 19.55
N GLY O 114 83.93 86.67 19.14
CA GLY O 114 82.52 86.93 18.99
C GLY O 114 81.86 87.63 20.16
N ARG O 115 82.64 88.13 21.12
CA ARG O 115 82.07 88.82 22.28
C ARG O 115 81.86 90.29 21.97
N PRO O 116 80.65 90.81 22.10
CA PRO O 116 80.41 92.21 21.75
C PRO O 116 81.13 93.17 22.68
N ILE O 117 81.54 94.29 22.11
CA ILE O 117 82.04 95.42 22.89
C ILE O 117 80.87 96.38 23.09
N PHE O 118 80.64 96.78 24.33
CA PHE O 118 79.46 97.56 24.66
C PHE O 118 79.78 99.05 24.65
N ASP O 119 78.73 99.86 24.72
CA ASP O 119 78.87 101.29 24.82
C ASP O 119 78.74 101.74 26.28
N ASN O 120 78.86 103.04 26.50
CA ASN O 120 78.57 103.61 27.80
C ASN O 120 77.11 103.40 28.19
N LYS O 121 76.18 103.66 27.26
CA LYS O 121 74.77 103.41 27.46
C LYS O 121 74.45 101.92 27.37
N GLY O 122 75.38 101.11 26.89
CA GLY O 122 75.14 99.71 26.64
C GLY O 122 74.86 99.36 25.20
N ARG O 123 74.98 100.33 24.28
CA ARG O 123 74.79 100.05 22.88
C ARG O 123 75.95 99.24 22.32
N VAL O 124 75.70 98.57 21.21
CA VAL O 124 76.71 97.73 20.57
C VAL O 124 77.49 98.55 19.58
N VAL O 125 78.81 98.37 19.55
CA VAL O 125 79.69 99.10 18.66
C VAL O 125 80.43 98.16 17.71
N ALA O 126 80.98 97.07 18.23
CA ALA O 126 81.83 96.21 17.43
C ALA O 126 81.79 94.79 17.98
N ILE O 127 82.32 93.86 17.19
CA ILE O 127 82.44 92.46 17.57
C ILE O 127 83.91 92.08 17.49
N VAL O 128 84.46 91.56 18.59
CA VAL O 128 85.87 91.22 18.66
C VAL O 128 86.15 89.94 17.88
N LEU O 129 87.32 89.89 17.25
CA LEU O 129 87.74 88.70 16.52
C LEU O 129 89.04 88.13 17.05
N GLY O 130 90.07 88.95 17.24
CA GLY O 130 91.35 88.41 17.68
C GLY O 130 92.18 89.46 18.37
N GLY O 131 93.36 89.04 18.82
CA GLY O 131 94.25 89.92 19.55
C GLY O 131 95.67 89.83 19.04
N ALA O 132 96.35 90.97 19.06
CA ALA O 132 97.75 91.09 18.69
C ALA O 132 98.54 91.59 19.89
N ASN O 133 99.55 90.81 20.29
CA ASN O 133 100.31 91.09 21.51
C ASN O 133 101.43 92.07 21.19
N GLU O 134 101.27 93.31 21.63
CA GLU O 134 102.30 94.36 21.47
C GLU O 134 102.75 94.82 22.85
N GLY O 135 103.96 94.39 23.23
CA GLY O 135 104.49 94.77 24.53
C GLY O 135 103.58 94.28 25.64
N SER O 136 103.22 95.19 26.55
CA SER O 136 102.26 94.86 27.59
C SER O 136 100.83 94.82 27.06
N ARG O 137 100.51 95.64 26.08
CA ARG O 137 99.16 95.78 25.59
C ARG O 137 98.85 94.73 24.52
N THR O 138 97.58 94.60 24.20
CA THR O 138 97.13 93.71 23.13
C THR O 138 96.08 94.44 22.31
N ALA O 139 96.46 94.82 21.10
CA ALA O 139 95.53 95.45 20.18
C ALA O 139 94.49 94.45 19.71
N LEU O 140 93.38 94.96 19.22
CA LEU O 140 92.23 94.13 18.84
C LEU O 140 92.06 94.11 17.33
N SER O 141 92.00 92.91 16.77
CA SER O 141 91.48 92.69 15.42
C SER O 141 89.97 92.57 15.57
N VAL O 142 89.25 93.62 15.16
CA VAL O 142 87.84 93.75 15.45
C VAL O 142 87.11 94.16 14.18
N VAL O 143 85.81 93.87 14.16
CA VAL O 143 84.91 94.27 13.09
C VAL O 143 84.03 95.39 13.65
N THR O 144 84.20 96.59 13.11
CA THR O 144 83.45 97.76 13.52
C THR O 144 82.41 98.10 12.46
N TRP O 145 81.57 99.08 12.75
CA TRP O 145 80.52 99.48 11.83
C TRP O 145 80.70 100.93 11.43
N ASN O 146 80.55 101.18 10.14
CA ASN O 146 80.47 102.54 9.62
C ASN O 146 78.99 102.92 9.59
N LYS O 147 78.60 103.98 8.88
CA LYS O 147 77.18 104.32 8.81
C LYS O 147 76.35 103.17 8.29
N ASP O 148 76.76 102.55 7.18
CA ASP O 148 76.08 101.38 6.69
C ASP O 148 77.02 100.30 6.15
N MET O 149 78.32 100.45 6.33
CA MET O 149 79.29 99.52 5.80
C MET O 149 80.06 98.87 6.93
N VAL O 150 80.21 97.57 6.88
CA VAL O 150 81.12 96.88 7.77
C VAL O 150 82.53 97.07 7.28
N THR O 151 83.40 97.55 8.15
CA THR O 151 84.82 97.69 7.83
C THR O 151 85.61 96.85 8.83
N ARG O 152 86.50 96.03 8.30
CA ARG O 152 87.31 95.13 9.11
C ARG O 152 88.69 95.75 9.30
N VAL O 153 89.03 96.05 10.54
CA VAL O 153 90.36 96.54 10.89
C VAL O 153 91.16 95.39 11.49
N THR O 154 92.43 95.31 11.14
CA THR O 154 93.31 94.26 11.64
C THR O 154 94.69 94.85 11.87
N PRO O 155 95.09 95.06 13.13
CA PRO O 155 96.46 95.47 13.41
C PRO O 155 97.45 94.38 13.06
N GLU O 156 98.67 94.80 12.75
CA GLU O 156 99.70 93.86 12.36
C GLU O 156 99.94 92.82 13.46
N GLY O 157 100.02 91.56 13.06
CA GLY O 157 100.35 90.50 13.97
C GLY O 157 99.20 89.91 14.77
N SER O 158 97.96 90.24 14.43
CA SER O 158 96.84 89.67 15.15
C SER O 158 96.67 88.19 14.79
N GLU O 159 96.04 87.45 15.70
CA GLU O 159 95.78 86.03 15.51
C GLU O 159 94.32 85.74 15.87
N GLU O 160 93.73 84.77 15.19
CA GLU O 160 92.31 84.47 15.39
C GLU O 160 92.14 83.64 16.66
N TRP O 161 91.32 84.14 17.58
CA TRP O 161 91.03 83.42 18.81
C TRP O 161 89.98 82.35 18.54
N LYS P 1 46.86 114.66 33.75
CA LYS P 1 47.04 115.71 32.75
C LYS P 1 47.15 115.12 31.34
N ARG P 2 48.34 114.60 31.02
CA ARG P 2 48.57 114.05 29.69
C ARG P 2 47.62 112.90 29.40
N GLU P 3 47.46 111.99 30.35
CA GLU P 3 46.55 110.86 30.17
C GLU P 3 45.10 111.33 30.01
N ARG P 4 44.71 112.32 30.81
CA ARG P 4 43.35 112.85 30.74
C ARG P 4 43.07 113.46 29.37
N MET P 5 43.94 114.36 28.91
CA MET P 5 43.74 114.95 27.59
C MET P 5 43.86 113.90 26.50
N CYS P 6 44.64 112.84 26.75
CA CYS P 6 44.74 111.76 25.79
C CYS P 6 43.40 111.08 25.55
N MET P 7 42.78 110.53 26.60
CA MET P 7 41.53 109.83 26.30
C MET P 7 40.40 110.81 26.03
N LYS P 8 40.54 112.07 26.46
CA LYS P 8 39.56 113.07 26.09
C LYS P 8 39.56 113.32 24.58
N ILE P 9 40.76 113.50 24.00
CA ILE P 9 40.85 113.67 22.55
C ILE P 9 40.42 112.39 21.85
N GLU P 10 40.73 111.23 22.44
CA GLU P 10 40.27 109.98 21.84
C GLU P 10 38.75 109.90 21.78
N ASN P 11 38.08 110.27 22.87
CA ASN P 11 36.62 110.28 22.89
C ASN P 11 36.06 111.29 21.90
N ASP P 12 36.70 112.46 21.81
CA ASP P 12 36.21 113.54 20.94
C ASP P 12 36.55 113.33 19.48
N CYS P 13 37.44 112.40 19.16
CA CYS P 13 37.86 112.20 17.77
C CYS P 13 37.89 110.71 17.41
N ILE P 14 37.10 109.89 18.08
CA ILE P 14 37.03 108.47 17.76
C ILE P 14 35.58 108.02 17.77
N PHE P 15 35.16 107.30 16.72
CA PHE P 15 33.83 106.75 16.61
C PHE P 15 33.89 105.28 16.25
N GLU P 16 32.91 104.52 16.72
CA GLU P 16 32.89 103.08 16.51
C GLU P 16 32.43 102.74 15.08
N VAL P 17 33.00 101.67 14.54
CA VAL P 17 32.56 101.08 13.29
C VAL P 17 32.14 99.66 13.61
N LYS P 18 30.85 99.38 13.44
CA LYS P 18 30.22 98.15 13.89
C LYS P 18 29.76 97.34 12.69
N HIS P 19 29.82 96.02 12.81
CA HIS P 19 29.50 95.16 11.69
C HIS P 19 28.91 93.86 12.24
N GLU P 20 27.75 93.46 11.69
CA GLU P 20 26.94 92.34 12.18
C GLU P 20 26.71 92.41 13.69
N GLY P 21 26.31 93.56 14.22
CA GLY P 21 25.91 93.65 15.61
C GLY P 21 27.05 93.76 16.61
N LYS P 22 28.30 93.64 16.17
CA LYS P 22 29.45 93.69 17.06
C LYS P 22 30.42 94.76 16.56
N VAL P 23 31.06 95.46 17.51
CA VAL P 23 32.00 96.50 17.14
C VAL P 23 33.23 95.87 16.53
N THR P 24 33.78 96.53 15.50
CA THR P 24 34.95 96.01 14.79
C THR P 24 36.08 97.00 14.62
N GLY P 25 35.82 98.31 14.59
CA GLY P 25 36.91 99.23 14.38
C GLY P 25 36.62 100.60 14.96
N TYR P 26 37.61 101.49 14.83
CA TYR P 26 37.48 102.86 15.30
C TYR P 26 38.00 103.83 14.25
N ALA P 27 37.15 104.78 13.88
CA ALA P 27 37.48 105.80 12.89
C ALA P 27 37.81 107.10 13.61
N CYS P 28 38.92 107.72 13.23
CA CYS P 28 39.45 108.88 13.93
C CYS P 28 39.50 110.09 13.01
N LEU P 29 39.36 111.27 13.62
CA LEU P 29 39.44 112.53 12.89
C LEU P 29 40.80 113.16 13.16
N VAL P 30 41.57 113.37 12.10
CA VAL P 30 42.88 114.02 12.17
C VAL P 30 42.89 115.15 11.16
N GLY P 31 43.33 116.33 11.60
CA GLY P 31 43.44 117.46 10.70
C GLY P 31 42.12 117.84 10.04
N ASP P 32 41.99 117.53 8.75
CA ASP P 32 40.80 117.88 7.99
C ASP P 32 40.27 116.68 7.20
N LYS P 33 40.76 115.48 7.48
CA LYS P 33 40.34 114.30 6.74
C LYS P 33 40.02 113.17 7.71
N VAL P 34 38.85 112.55 7.54
CA VAL P 34 38.51 111.36 8.30
C VAL P 34 39.25 110.18 7.70
N MET P 35 39.82 109.34 8.56
CA MET P 35 40.67 108.24 8.15
C MET P 35 40.20 106.96 8.84
N LYS P 36 40.26 105.83 8.14
CA LYS P 36 39.76 104.58 8.68
C LYS P 36 40.52 103.40 8.09
N PRO P 37 40.79 102.37 8.90
CA PRO P 37 41.54 101.22 8.39
C PRO P 37 40.77 100.47 7.30
N ALA P 38 41.43 100.22 6.18
CA ALA P 38 40.73 99.61 5.07
C ALA P 38 40.47 98.12 5.28
N HIS P 39 41.42 97.41 5.87
CA HIS P 39 41.30 95.95 5.93
C HIS P 39 40.18 95.51 6.86
N VAL P 40 39.72 96.37 7.76
CA VAL P 40 38.57 96.04 8.57
C VAL P 40 37.29 96.49 7.88
N LYS P 41 36.22 95.74 8.12
CA LYS P 41 34.94 95.96 7.46
C LYS P 41 33.89 96.38 8.48
N GLY P 42 32.91 97.15 8.03
CA GLY P 42 31.83 97.59 8.87
C GLY P 42 31.23 98.89 8.37
N VAL P 43 30.44 99.50 9.24
CA VAL P 43 29.78 100.77 8.97
C VAL P 43 30.02 101.71 10.15
N ILE P 44 30.24 102.99 9.83
CA ILE P 44 30.51 104.00 10.85
C ILE P 44 29.22 104.34 11.57
N ASP P 45 29.30 104.48 12.90
CA ASP P 45 28.15 104.81 13.74
C ASP P 45 27.89 106.32 13.72
N ASN P 46 27.57 106.82 12.52
CA ASN P 46 27.29 108.24 12.33
C ASN P 46 26.60 108.44 11.00
N ALA P 47 25.47 109.15 11.02
CA ALA P 47 24.70 109.36 9.80
C ALA P 47 25.51 110.16 8.78
N ASP P 48 26.13 111.26 9.21
CA ASP P 48 26.93 112.05 8.28
C ASP P 48 28.13 111.28 7.77
N LEU P 49 28.83 110.58 8.67
CA LEU P 49 30.09 109.93 8.29
C LEU P 49 29.83 108.72 7.40
N ALA P 50 28.66 108.09 7.53
CA ALA P 50 28.35 106.95 6.68
C ALA P 50 28.10 107.36 5.23
N LYS P 51 27.56 108.55 5.01
CA LYS P 51 27.13 108.96 3.68
C LYS P 51 28.23 109.59 2.84
N LEU P 52 29.40 109.84 3.42
CA LEU P 52 30.47 110.46 2.67
C LEU P 52 31.13 109.47 1.73
N ALA P 53 31.80 110.00 0.71
CA ALA P 53 32.47 109.18 -0.30
C ALA P 53 33.89 108.90 0.15
N PHE P 54 34.24 107.62 0.24
CA PHE P 54 35.53 107.21 0.77
C PHE P 54 36.47 106.83 -0.37
N LYS P 55 37.61 107.51 -0.45
CA LYS P 55 38.67 107.05 -1.33
C LYS P 55 39.40 105.87 -0.70
N LYS P 56 39.61 104.82 -1.49
CA LYS P 56 40.20 103.58 -1.05
C LYS P 56 41.66 103.51 -1.49
N SER P 57 42.44 102.71 -0.75
CA SER P 57 43.80 102.39 -1.17
C SER P 57 44.24 101.14 -0.43
N SER P 58 44.37 100.04 -1.15
CA SER P 58 44.80 98.79 -0.55
C SER P 58 46.31 98.74 -0.32
N LYS P 59 47.10 99.47 -1.11
CA LYS P 59 48.54 99.48 -0.89
C LYS P 59 48.89 100.03 0.49
N TYR P 60 48.22 101.10 0.89
CA TYR P 60 48.38 101.66 2.23
C TYR P 60 47.37 101.11 3.22
N ASP P 61 46.44 100.27 2.76
CA ASP P 61 45.39 99.71 3.60
C ASP P 61 44.74 100.84 4.38
N LEU P 62 44.09 101.75 3.66
CA LEU P 62 43.48 102.92 4.27
C LEU P 62 42.26 103.33 3.46
N GLU P 63 41.33 104.00 4.11
CA GLU P 63 40.24 104.69 3.42
C GLU P 63 40.09 106.07 4.03
N CYS P 64 39.81 107.06 3.18
CA CYS P 64 39.84 108.45 3.60
C CYS P 64 38.62 109.18 3.08
N ALA P 65 38.30 110.29 3.74
CA ALA P 65 37.24 111.18 3.27
C ALA P 65 37.55 112.57 3.75
N GLN P 66 37.01 113.57 3.06
CA GLN P 66 37.12 114.94 3.50
C GLN P 66 36.00 115.24 4.50
N ILE P 67 36.37 115.81 5.64
CA ILE P 67 35.42 116.06 6.72
C ILE P 67 34.50 117.22 6.34
N PRO P 68 33.29 117.28 6.86
CA PRO P 68 32.44 118.45 6.61
C PRO P 68 32.94 119.65 7.39
N VAL P 69 32.34 120.80 7.09
CA VAL P 69 32.79 122.04 7.71
C VAL P 69 32.45 122.07 9.20
N HIS P 70 31.28 121.55 9.57
CA HIS P 70 30.82 121.69 10.95
C HIS P 70 31.54 120.74 11.90
N MET P 71 32.24 119.72 11.39
CA MET P 71 33.05 118.84 12.22
C MET P 71 34.51 119.28 12.29
N ARG P 72 34.87 120.40 11.66
CA ARG P 72 36.26 120.80 11.61
C ARG P 72 36.82 121.14 12.98
N SER P 73 36.02 121.80 13.82
CA SER P 73 36.49 122.21 15.14
C SER P 73 36.73 121.03 16.07
N ASP P 74 36.30 119.84 15.70
CA ASP P 74 36.40 118.67 16.56
C ASP P 74 37.52 117.72 16.12
N ALA P 75 38.62 118.26 15.62
CA ALA P 75 39.72 117.46 15.10
C ALA P 75 41.02 117.80 15.81
N SER P 76 41.90 116.80 15.91
CA SER P 76 43.15 116.94 16.63
C SER P 76 44.14 117.79 15.84
N LYS P 77 45.41 117.72 16.28
CA LYS P 77 46.51 118.36 15.59
C LYS P 77 47.56 117.31 15.25
N TYR P 78 48.18 117.44 14.09
CA TYR P 78 49.14 116.47 13.60
C TYR P 78 50.58 116.98 13.71
N THR P 79 51.51 116.14 13.29
CA THR P 79 52.93 116.44 13.29
C THR P 79 53.62 115.53 12.28
N HIS P 80 54.87 115.86 11.97
CA HIS P 80 55.69 114.99 11.16
C HIS P 80 57.03 114.63 11.79
N GLU P 81 57.32 115.11 12.99
CA GLU P 81 58.55 114.76 13.68
C GLU P 81 58.36 113.56 14.59
N LYS P 82 59.31 112.64 14.57
CA LYS P 82 59.24 111.39 15.33
C LYS P 82 60.53 111.21 16.12
N PRO P 83 60.72 111.98 17.18
CA PRO P 83 61.88 111.74 18.05
C PRO P 83 61.73 110.41 18.78
N GLU P 84 62.87 109.79 19.07
CA GLU P 84 62.87 108.54 19.82
C GLU P 84 62.32 108.77 21.22
N GLY P 85 61.60 107.78 21.74
CA GLY P 85 61.09 107.90 23.09
C GLY P 85 59.78 107.21 23.34
N HIS P 86 58.99 107.76 24.26
CA HIS P 86 57.72 107.18 24.70
C HIS P 86 56.57 108.04 24.22
N TYR P 87 55.50 107.38 23.77
CA TYR P 87 54.36 108.07 23.18
C TYR P 87 53.08 107.49 23.77
N ASN P 88 51.99 108.23 23.60
CA ASN P 88 50.77 107.91 24.31
C ASN P 88 49.86 107.03 23.45
N TRP P 89 49.04 106.21 24.12
CA TRP P 89 48.10 105.36 23.42
C TRP P 89 47.00 104.99 24.41
N HIS P 90 45.84 104.62 23.87
CA HIS P 90 44.67 104.37 24.71
C HIS P 90 44.95 103.35 25.80
N HIS P 91 45.83 102.40 25.56
CA HIS P 91 46.11 101.35 26.52
C HIS P 91 47.47 101.50 27.16
N GLY P 92 48.05 102.69 27.12
CA GLY P 92 49.24 102.96 27.90
C GLY P 92 50.30 103.76 27.17
N ALA P 93 51.55 103.36 27.34
CA ALA P 93 52.68 104.03 26.73
C ALA P 93 53.35 103.09 25.73
N VAL P 94 53.54 103.60 24.52
CA VAL P 94 54.21 102.86 23.47
C VAL P 94 55.64 103.38 23.37
N GLN P 95 56.54 102.52 22.93
CA GLN P 95 57.95 102.83 22.91
C GLN P 95 58.44 102.90 21.48
N TYR P 96 59.18 103.96 21.15
CA TYR P 96 59.72 104.18 19.81
C TYR P 96 61.21 103.90 19.85
N SER P 97 61.65 102.88 19.11
CA SER P 97 63.04 102.47 19.09
C SER P 97 63.36 101.85 17.73
N GLY P 98 64.45 102.30 17.11
CA GLY P 98 64.90 101.75 15.85
C GLY P 98 63.91 101.90 14.71
N GLY P 99 63.26 103.05 14.61
CA GLY P 99 62.23 103.24 13.61
C GLY P 99 61.02 102.37 13.81
N ARG P 100 60.88 101.75 14.98
CA ARG P 100 59.83 100.79 15.25
C ARG P 100 59.04 101.21 16.48
N PHE P 101 57.72 101.08 16.39
CA PHE P 101 56.83 101.32 17.52
C PHE P 101 56.53 99.97 18.17
N THR P 102 56.83 99.84 19.44
CA THR P 102 56.56 98.62 20.18
C THR P 102 55.81 98.95 21.45
N ILE P 103 55.05 97.97 21.94
CA ILE P 103 54.29 98.12 23.18
C ILE P 103 54.98 97.27 24.25
N PRO P 104 55.23 97.81 25.44
CA PRO P 104 55.75 96.97 26.52
C PRO P 104 54.81 95.85 26.92
N THR P 105 53.50 96.07 26.80
CA THR P 105 52.54 95.13 27.36
C THR P 105 52.44 93.84 26.57
N GLY P 106 52.52 93.92 25.24
CA GLY P 106 52.09 92.79 24.44
C GLY P 106 50.61 92.53 24.59
N ALA P 107 49.81 93.57 24.73
CA ALA P 107 48.37 93.47 24.93
C ALA P 107 47.58 93.80 23.67
N GLY P 108 48.23 93.74 22.50
CA GLY P 108 47.54 93.95 21.25
C GLY P 108 46.50 92.90 20.96
N LYS P 109 45.29 93.33 20.61
CA LYS P 109 44.18 92.42 20.36
C LYS P 109 43.42 92.83 19.12
N PRO P 110 42.74 91.89 18.46
CA PRO P 110 41.92 92.24 17.30
C PRO P 110 40.78 93.18 17.69
N GLY P 111 40.37 94.02 16.75
CA GLY P 111 39.31 94.97 16.99
C GLY P 111 39.76 96.31 17.52
N ASP P 112 41.07 96.49 17.75
CA ASP P 112 41.61 97.72 18.27
C ASP P 112 42.08 98.66 17.17
N SER P 113 41.88 98.28 15.91
CA SER P 113 42.46 99.01 14.80
C SER P 113 41.83 100.39 14.64
N GLY P 114 42.63 101.36 14.20
CA GLY P 114 42.19 102.71 13.99
C GLY P 114 42.52 103.67 15.11
N ARG P 115 43.02 103.18 16.24
CA ARG P 115 43.25 104.05 17.39
C ARG P 115 44.51 104.88 17.17
N PRO P 116 44.42 106.21 17.22
CA PRO P 116 45.59 107.04 16.94
C PRO P 116 46.67 106.90 18.00
N ILE P 117 47.86 107.39 17.65
CA ILE P 117 49.00 107.43 18.56
C ILE P 117 49.30 108.88 18.87
N PHE P 118 49.38 109.21 20.17
CA PHE P 118 49.51 110.59 20.62
C PHE P 118 50.94 110.94 21.02
N ASP P 119 51.32 112.17 20.70
CA ASP P 119 52.57 112.77 21.11
C ASP P 119 52.47 113.22 22.57
N ASN P 120 53.60 113.63 23.14
CA ASN P 120 53.60 114.17 24.50
C ASN P 120 52.71 115.40 24.61
N LYS P 121 52.66 116.19 23.54
CA LYS P 121 51.82 117.38 23.49
C LYS P 121 50.41 117.07 23.03
N GLY P 122 50.08 115.79 22.85
CA GLY P 122 48.81 115.40 22.29
C GLY P 122 48.75 115.38 20.78
N ARG P 123 49.86 115.68 20.10
CA ARG P 123 49.88 115.58 18.66
C ARG P 123 49.77 114.12 18.22
N VAL P 124 49.21 113.91 17.06
CA VAL P 124 49.02 112.57 16.53
C VAL P 124 50.18 112.22 15.61
N VAL P 125 50.61 110.97 15.67
CA VAL P 125 51.75 110.49 14.91
C VAL P 125 51.35 109.41 13.90
N ALA P 126 50.54 108.45 14.33
CA ALA P 126 50.24 107.30 13.50
C ALA P 126 48.90 106.73 13.92
N ILE P 127 48.47 105.66 13.25
CA ILE P 127 47.21 105.00 13.52
C ILE P 127 47.44 103.50 13.59
N VAL P 128 46.86 102.86 14.61
CA VAL P 128 47.09 101.44 14.87
C VAL P 128 46.44 100.62 13.77
N LEU P 129 47.21 99.70 13.19
CA LEU P 129 46.73 98.78 12.16
C LEU P 129 46.88 97.33 12.57
N GLY P 130 48.05 96.92 13.02
CA GLY P 130 48.24 95.54 13.44
C GLY P 130 49.46 95.43 14.34
N GLY P 131 49.71 94.20 14.79
CA GLY P 131 50.85 93.94 15.64
C GLY P 131 51.38 92.54 15.46
N ALA P 132 52.69 92.42 15.61
CA ALA P 132 53.40 91.16 15.46
C ALA P 132 53.96 90.75 16.82
N ASN P 133 53.56 89.57 17.29
CA ASN P 133 53.96 89.10 18.61
C ASN P 133 55.42 88.69 18.59
N GLU P 134 56.29 89.61 18.99
CA GLU P 134 57.73 89.36 18.99
C GLU P 134 58.22 88.98 20.40
N GLY P 135 57.80 87.80 20.84
CA GLY P 135 58.14 87.33 22.16
C GLY P 135 57.33 87.98 23.25
N SER P 136 58.00 88.63 24.21
CA SER P 136 57.29 89.33 25.27
C SER P 136 56.64 90.61 24.79
N ARG P 137 57.10 91.17 23.68
CA ARG P 137 56.60 92.40 23.12
C ARG P 137 55.90 92.11 21.80
N THR P 138 55.22 93.14 21.28
CA THR P 138 54.62 93.05 19.95
C THR P 138 54.94 94.33 19.19
N ALA P 139 55.56 94.18 18.03
CA ALA P 139 55.85 95.32 17.16
C ALA P 139 54.57 95.84 16.55
N LEU P 140 54.44 97.16 16.47
CA LEU P 140 53.25 97.78 15.91
C LEU P 140 53.44 98.11 14.43
N SER P 141 52.52 97.61 13.61
CA SER P 141 52.43 97.99 12.20
C SER P 141 51.36 99.08 12.12
N VAL P 142 51.79 100.28 11.80
CA VAL P 142 50.93 101.45 11.76
C VAL P 142 51.19 102.21 10.48
N VAL P 143 50.38 103.23 10.24
CA VAL P 143 50.59 104.17 9.15
C VAL P 143 50.97 105.51 9.77
N THR P 144 52.11 106.04 9.34
CA THR P 144 52.65 107.30 9.84
C THR P 144 52.73 108.30 8.70
N TRP P 145 53.25 109.49 8.98
CA TRP P 145 53.34 110.54 7.97
C TRP P 145 54.76 111.02 7.78
N ASN P 146 55.12 111.26 6.54
CA ASN P 146 56.35 111.98 6.22
C ASN P 146 55.91 113.44 6.08
N LYS P 147 56.79 114.31 5.60
CA LYS P 147 56.44 115.71 5.43
C LYS P 147 55.25 115.88 4.50
N ASP P 148 55.32 115.27 3.31
CA ASP P 148 54.24 115.32 2.34
C ASP P 148 53.86 113.93 1.84
N MET P 149 54.26 112.88 2.55
CA MET P 149 54.12 111.52 2.09
C MET P 149 53.44 110.70 3.18
N VAL P 150 52.58 109.78 2.78
CA VAL P 150 52.04 108.78 3.68
C VAL P 150 52.82 107.50 3.46
N THR P 151 53.28 106.90 4.55
CA THR P 151 54.03 105.66 4.49
C THR P 151 53.38 104.63 5.37
N ARG P 152 53.53 103.37 5.01
CA ARG P 152 53.02 102.26 5.79
C ARG P 152 54.20 101.39 6.21
N VAL P 153 54.26 101.08 7.51
CA VAL P 153 55.33 100.27 8.08
C VAL P 153 54.70 99.00 8.63
N THR P 154 55.31 97.86 8.32
CA THR P 154 54.75 96.56 8.71
C THR P 154 55.86 95.56 8.97
N PRO P 155 56.07 95.13 10.20
CA PRO P 155 57.10 94.13 10.47
C PRO P 155 56.72 92.75 9.95
N GLU P 156 57.71 91.89 9.81
CA GLU P 156 57.46 90.51 9.41
C GLU P 156 56.59 89.80 10.44
N GLY P 157 55.74 88.91 9.94
CA GLY P 157 54.88 88.15 10.83
C GLY P 157 53.73 88.93 11.41
N SER P 158 53.55 90.17 11.00
CA SER P 158 52.45 90.98 11.53
C SER P 158 51.12 90.40 11.08
N GLU P 159 50.15 90.46 11.97
CA GLU P 159 48.80 89.99 11.69
C GLU P 159 47.85 91.17 11.74
N GLU P 160 46.92 91.21 10.79
CA GLU P 160 45.99 92.32 10.70
C GLU P 160 44.97 92.25 11.83
N TRP P 161 44.67 93.40 12.42
CA TRP P 161 43.67 93.47 13.48
C TRP P 161 42.37 94.08 12.99
N HIS Q 1 -78.48 -93.66 23.55
CA HIS Q 1 -78.04 -92.46 24.26
C HIS Q 1 -77.99 -92.69 25.76
N PHE Q 2 -78.33 -91.65 26.53
CA PHE Q 2 -78.34 -91.73 27.98
C PHE Q 2 -79.76 -91.65 28.54
N ASN Q 3 -80.53 -90.65 28.10
CA ASN Q 3 -81.91 -90.41 28.57
C ASN Q 3 -81.94 -90.49 30.10
N VAL Q 4 -81.23 -89.55 30.71
CA VAL Q 4 -81.10 -89.56 32.16
C VAL Q 4 -82.43 -89.23 32.81
N TYR Q 5 -83.23 -88.44 32.15
CA TYR Q 5 -84.45 -87.93 32.72
C TYR Q 5 -85.52 -88.97 32.87
N LYS Q 6 -85.23 -90.26 32.80
CA LYS Q 6 -86.28 -91.24 33.04
C LYS Q 6 -86.46 -91.56 34.51
N ALA Q 7 -85.73 -90.89 35.40
CA ALA Q 7 -85.91 -91.05 36.83
C ALA Q 7 -86.45 -89.80 37.51
N THR Q 8 -86.92 -88.81 36.75
CA THR Q 8 -87.40 -87.55 37.30
C THR Q 8 -88.80 -87.24 36.79
N ARG Q 9 -89.56 -86.49 37.57
CA ARG Q 9 -90.92 -86.11 37.23
C ARG Q 9 -91.15 -84.64 37.52
N PRO Q 10 -91.97 -83.98 36.73
CA PRO Q 10 -92.46 -82.65 37.12
C PRO Q 10 -93.20 -82.73 38.45
N TYR Q 11 -93.10 -81.66 39.23
CA TYR Q 11 -93.65 -81.66 40.58
C TYR Q 11 -94.52 -80.44 40.80
N ILE Q 12 -95.41 -80.55 41.77
CA ILE Q 12 -96.37 -79.52 42.11
C ILE Q 12 -95.81 -78.69 43.26
N ALA Q 13 -95.59 -77.42 43.00
CA ALA Q 13 -95.00 -76.49 43.97
C ALA Q 13 -95.97 -75.36 44.25
N TYR Q 14 -95.48 -74.35 44.97
CA TYR Q 14 -96.29 -73.24 45.44
C TYR Q 14 -95.86 -71.94 44.76
N CYS Q 15 -96.78 -71.29 44.07
CA CYS Q 15 -96.53 -70.00 43.45
C CYS Q 15 -97.16 -68.90 44.28
N ALA Q 16 -96.43 -67.79 44.44
CA ALA Q 16 -96.96 -66.67 45.20
C ALA Q 16 -98.22 -66.13 44.52
N ASP Q 17 -98.17 -65.96 43.21
CA ASP Q 17 -99.34 -65.57 42.43
C ASP Q 17 -99.20 -66.02 40.99
N CYS Q 18 -100.33 -66.40 40.39
CA CYS Q 18 -100.35 -67.04 39.10
C CYS Q 18 -100.79 -66.09 37.99
N GLY Q 19 -100.38 -64.83 38.05
CA GLY Q 19 -100.78 -63.85 37.07
C GLY Q 19 -102.10 -63.19 37.36
N ALA Q 20 -102.81 -63.63 38.39
CA ALA Q 20 -104.11 -63.09 38.74
C ALA Q 20 -104.15 -62.49 40.14
N GLY Q 21 -103.01 -62.42 40.82
CA GLY Q 21 -102.97 -61.89 42.16
C GLY Q 21 -103.36 -62.87 43.24
N HIS Q 22 -103.65 -64.12 42.90
CA HIS Q 22 -104.03 -65.13 43.87
C HIS Q 22 -103.00 -66.25 43.88
N SER Q 23 -102.90 -66.94 45.02
CA SER Q 23 -101.88 -67.95 45.24
C SER Q 23 -102.50 -69.34 45.12
N CYS Q 24 -101.87 -70.20 44.32
CA CYS Q 24 -102.30 -71.58 44.23
C CYS Q 24 -101.13 -72.43 43.74
N HIS Q 25 -101.23 -73.73 43.97
CA HIS Q 25 -100.18 -74.67 43.61
C HIS Q 25 -100.19 -74.90 42.11
N SER Q 26 -99.20 -74.37 41.43
CA SER Q 26 -99.19 -74.45 39.99
C SER Q 26 -98.08 -75.37 39.51
N PRO Q 27 -98.24 -76.03 38.36
CA PRO Q 27 -97.24 -76.96 37.88
C PRO Q 27 -96.07 -76.32 37.17
N VAL Q 28 -95.97 -75.00 37.14
CA VAL Q 28 -94.92 -74.35 36.38
C VAL Q 28 -94.22 -73.35 37.30
N ALA Q 29 -94.02 -73.74 38.55
CA ALA Q 29 -93.41 -72.83 39.52
C ALA Q 29 -91.99 -72.48 39.11
N ILE Q 30 -91.58 -71.25 39.39
CA ILE Q 30 -90.24 -70.79 39.08
C ILE Q 30 -89.38 -70.91 40.33
N GLU Q 31 -88.27 -71.62 40.22
CA GLU Q 31 -87.24 -71.63 41.24
C GLU Q 31 -86.22 -70.56 40.88
N ALA Q 32 -85.05 -70.61 41.51
CA ALA Q 32 -84.07 -69.52 41.39
C ALA Q 32 -83.77 -69.16 39.94
N VAL Q 33 -83.29 -67.94 39.75
CA VAL Q 33 -82.91 -67.42 38.44
C VAL Q 33 -81.44 -67.05 38.50
N ARG Q 34 -80.65 -67.57 37.56
CA ARG Q 34 -79.23 -67.27 37.50
C ARG Q 34 -78.96 -66.27 36.39
N SER Q 35 -78.15 -65.26 36.70
CA SER Q 35 -77.89 -64.19 35.74
C SER Q 35 -76.42 -63.75 35.78
N GLU Q 36 -75.51 -64.71 35.81
CA GLU Q 36 -74.09 -64.39 35.89
C GLU Q 36 -73.39 -64.40 34.53
N ALA Q 37 -74.12 -64.12 33.46
CA ALA Q 37 -73.52 -63.97 32.13
C ALA Q 37 -73.50 -62.50 31.78
N THR Q 38 -72.39 -62.05 31.17
CA THR Q 38 -72.22 -60.63 30.91
C THR Q 38 -73.25 -60.11 29.90
N ASP Q 39 -73.55 -60.90 28.87
CA ASP Q 39 -74.55 -60.46 27.89
C ASP Q 39 -75.92 -60.26 28.50
N GLY Q 40 -76.23 -60.96 29.58
CA GLY Q 40 -77.51 -60.78 30.23
C GLY Q 40 -78.53 -61.81 29.84
N MET Q 41 -78.10 -63.05 29.63
CA MET Q 41 -79.02 -64.13 29.32
C MET Q 41 -79.36 -64.85 30.61
N LEU Q 42 -80.64 -64.87 30.95
CA LEU Q 42 -81.08 -65.50 32.17
C LEU Q 42 -81.11 -67.02 32.03
N LYS Q 43 -81.20 -67.71 33.15
CA LYS Q 43 -81.35 -69.17 33.17
C LYS Q 43 -82.50 -69.51 34.10
N ILE Q 44 -83.72 -69.43 33.58
CA ILE Q 44 -84.87 -69.72 34.42
C ILE Q 44 -84.95 -71.23 34.65
N GLN Q 45 -85.54 -71.60 35.79
CA GLN Q 45 -85.64 -73.01 36.18
C GLN Q 45 -87.09 -73.33 36.52
N PHE Q 46 -87.76 -74.15 35.69
CA PHE Q 46 -89.13 -74.54 35.99
C PHE Q 46 -89.22 -75.44 37.21
N SER Q 47 -90.46 -75.87 37.46
CA SER Q 47 -90.78 -77.12 38.11
C SER Q 47 -91.34 -78.16 37.15
N ALA Q 48 -91.39 -77.86 35.85
CA ALA Q 48 -91.92 -78.77 34.84
C ALA Q 48 -90.90 -78.90 33.73
N GLN Q 49 -90.31 -80.08 33.59
CA GLN Q 49 -89.24 -80.29 32.65
C GLN Q 49 -89.75 -80.43 31.22
N ILE Q 50 -89.00 -79.86 30.28
CA ILE Q 50 -89.45 -79.71 28.90
C ILE Q 50 -88.40 -80.28 27.97
N GLY Q 51 -88.82 -80.69 26.77
CA GLY Q 51 -87.97 -81.38 25.84
C GLY Q 51 -88.17 -82.88 25.83
N ILE Q 52 -89.09 -83.40 26.62
CA ILE Q 52 -89.33 -84.83 26.75
C ILE Q 52 -90.84 -85.06 26.71
N ASP Q 53 -91.25 -86.19 26.13
CA ASP Q 53 -92.66 -86.52 26.11
C ASP Q 53 -93.05 -87.25 27.38
N LYS Q 54 -94.32 -87.68 27.43
CA LYS Q 54 -94.79 -88.45 28.57
C LYS Q 54 -94.07 -89.79 28.69
N SER Q 55 -93.80 -90.43 27.55
CA SER Q 55 -93.26 -91.78 27.53
C SER Q 55 -91.73 -91.82 27.52
N ASP Q 56 -91.07 -90.82 28.08
CA ASP Q 56 -89.64 -90.80 28.36
C ASP Q 56 -88.78 -90.70 27.12
N ASN Q 57 -89.32 -90.27 25.99
CA ASN Q 57 -88.53 -90.15 24.77
C ASN Q 57 -88.23 -88.68 24.49
N HIS Q 58 -87.08 -88.42 23.88
CA HIS Q 58 -86.78 -87.08 23.42
C HIS Q 58 -87.78 -86.66 22.35
N ASP Q 59 -88.17 -85.39 22.40
CA ASP Q 59 -89.14 -84.84 21.47
C ASP Q 59 -89.09 -83.33 21.57
N TYR Q 60 -89.08 -82.66 20.42
CA TYR Q 60 -89.05 -81.20 20.41
C TYR Q 60 -90.42 -80.59 20.61
N THR Q 61 -91.49 -81.36 20.51
CA THR Q 61 -92.83 -80.81 20.56
C THR Q 61 -93.53 -81.08 21.88
N LYS Q 62 -93.09 -82.06 22.63
CA LYS Q 62 -93.78 -82.40 23.87
C LYS Q 62 -93.09 -81.77 25.07
N ILE Q 63 -93.90 -81.38 26.05
CA ILE Q 63 -93.43 -80.83 27.31
C ILE Q 63 -94.17 -81.55 28.43
N ARG Q 64 -93.44 -82.16 29.35
CA ARG Q 64 -94.06 -82.84 30.47
C ARG Q 64 -94.50 -81.83 31.51
N TYR Q 65 -95.59 -82.15 32.20
CA TYR Q 65 -95.98 -81.40 33.37
C TYR Q 65 -96.86 -82.27 34.25
N ALA Q 66 -96.72 -82.11 35.56
CA ALA Q 66 -97.50 -82.91 36.49
C ALA Q 66 -98.89 -82.32 36.65
N ASP Q 67 -99.86 -83.20 36.93
CA ASP Q 67 -101.23 -82.78 37.17
C ASP Q 67 -101.89 -83.89 38.01
N GLY Q 68 -102.22 -83.55 39.25
CA GLY Q 68 -102.86 -84.49 40.16
C GLY Q 68 -102.13 -85.80 40.28
N HIS Q 69 -100.82 -85.72 40.51
CA HIS Q 69 -99.92 -86.87 40.50
C HIS Q 69 -100.23 -87.81 39.34
N ALA Q 70 -100.25 -87.21 38.15
CA ALA Q 70 -100.23 -87.95 36.89
C ALA Q 70 -99.58 -87.06 35.85
N ILE Q 71 -98.69 -87.61 35.05
CA ILE Q 71 -97.86 -86.84 34.14
C ILE Q 71 -98.58 -86.69 32.81
N GLU Q 72 -98.71 -85.45 32.34
CA GLU Q 72 -99.30 -85.15 31.04
C GLU Q 72 -98.26 -84.44 30.18
N ASN Q 73 -98.59 -84.24 28.91
CA ASN Q 73 -97.71 -83.50 28.02
C ASN Q 73 -98.49 -82.45 27.26
N ALA Q 74 -97.79 -81.39 26.88
CA ALA Q 74 -98.38 -80.23 26.22
C ALA Q 74 -97.46 -79.73 25.12
N VAL Q 75 -98.03 -78.96 24.19
CA VAL Q 75 -97.30 -78.55 23.00
C VAL Q 75 -96.19 -77.57 23.38
N ARG Q 76 -95.07 -77.63 22.65
CA ARG Q 76 -93.93 -76.77 22.95
C ARG Q 76 -94.25 -75.30 22.75
N SER Q 77 -94.97 -74.97 21.68
CA SER Q 77 -95.43 -73.59 21.58
C SER Q 77 -96.38 -73.30 22.73
N SER Q 78 -96.78 -72.04 22.84
CA SER Q 78 -97.51 -71.50 23.97
C SER Q 78 -96.64 -71.43 25.22
N LEU Q 79 -95.34 -71.68 25.11
CA LEU Q 79 -94.40 -71.37 26.18
C LEU Q 79 -93.93 -69.94 25.97
N LYS Q 80 -94.44 -69.01 26.77
CA LYS Q 80 -94.05 -67.61 26.67
C LYS Q 80 -93.42 -67.15 27.96
N VAL Q 81 -92.23 -66.55 27.86
CA VAL Q 81 -91.53 -65.94 28.98
C VAL Q 81 -91.53 -64.44 28.76
N ALA Q 82 -91.85 -63.69 29.81
CA ALA Q 82 -92.11 -62.26 29.61
C ALA Q 82 -91.67 -61.46 30.80
N THR Q 83 -91.42 -60.18 30.53
CA THR Q 83 -91.15 -59.16 31.54
C THR Q 83 -91.99 -57.97 31.08
N SER Q 84 -91.65 -56.78 31.53
CA SER Q 84 -92.28 -55.55 31.07
C SER Q 84 -92.55 -55.58 29.57
N GLY Q 85 -91.62 -56.15 28.81
CA GLY Q 85 -91.81 -56.29 27.39
C GLY Q 85 -92.27 -57.68 26.97
N ASP Q 86 -91.47 -58.36 26.15
CA ASP Q 86 -91.77 -59.73 25.76
C ASP Q 86 -90.47 -60.39 25.33
N CYS Q 87 -90.06 -61.41 26.07
CA CYS Q 87 -88.72 -61.95 25.97
C CYS Q 87 -88.56 -62.80 24.71
N PHE Q 88 -87.31 -63.19 24.45
CA PHE Q 88 -86.99 -64.11 23.36
C PHE Q 88 -86.19 -65.27 23.94
N VAL Q 89 -86.64 -66.48 23.66
CA VAL Q 89 -86.05 -67.68 24.24
C VAL Q 89 -85.09 -68.30 23.25
N HIS Q 90 -83.87 -68.59 23.69
CA HIS Q 90 -82.83 -69.07 22.79
C HIS Q 90 -82.69 -70.59 22.80
N GLY Q 91 -82.30 -71.15 23.94
CA GLY Q 91 -82.13 -72.58 24.07
C GLY Q 91 -83.11 -73.15 25.08
N THR Q 92 -83.06 -74.46 25.22
CA THR Q 92 -84.00 -75.14 26.10
C THR Q 92 -83.65 -76.60 26.33
N MET Q 93 -83.72 -77.06 27.58
CA MET Q 93 -83.60 -78.48 27.89
C MET Q 93 -83.93 -78.77 29.34
N GLY Q 94 -84.70 -79.83 29.59
CA GLY Q 94 -84.94 -80.26 30.95
C GLY Q 94 -85.68 -79.19 31.72
N HIS Q 95 -85.09 -78.75 32.83
CA HIS Q 95 -85.69 -77.73 33.68
C HIS Q 95 -85.36 -76.31 33.26
N PHE Q 96 -84.42 -76.11 32.33
CA PHE Q 96 -83.73 -74.84 32.22
C PHE Q 96 -84.09 -74.10 30.94
N ILE Q 97 -84.20 -72.77 31.04
CA ILE Q 97 -84.49 -71.91 29.92
C ILE Q 97 -83.44 -70.83 29.80
N LEU Q 98 -82.95 -70.62 28.59
CA LEU Q 98 -82.11 -69.49 28.27
C LEU Q 98 -82.95 -68.43 27.59
N ALA Q 99 -82.93 -67.20 28.10
CA ALA Q 99 -83.82 -66.18 27.58
C ALA Q 99 -83.14 -64.82 27.67
N LYS Q 100 -83.60 -63.91 26.81
CA LYS Q 100 -83.19 -62.51 26.83
C LYS Q 100 -84.44 -61.66 26.99
N CYS Q 101 -84.38 -60.68 27.88
CA CYS Q 101 -85.55 -59.87 28.13
C CYS Q 101 -85.22 -58.39 28.17
N PRO Q 102 -86.12 -57.53 27.73
CA PRO Q 102 -85.94 -56.11 27.90
C PRO Q 102 -86.11 -55.72 29.36
N PRO Q 103 -85.54 -54.59 29.78
CA PRO Q 103 -85.53 -54.26 31.21
C PRO Q 103 -86.92 -54.17 31.79
N GLY Q 104 -87.06 -54.58 33.04
CA GLY Q 104 -88.35 -54.63 33.69
C GLY Q 104 -88.21 -54.90 35.17
N GLU Q 105 -89.36 -55.16 35.82
CA GLU Q 105 -89.41 -55.35 37.26
C GLU Q 105 -90.03 -56.67 37.68
N PHE Q 106 -90.23 -57.61 36.75
CA PHE Q 106 -90.80 -58.91 37.10
C PHE Q 106 -90.59 -59.84 35.90
N LEU Q 107 -90.90 -61.12 36.09
CA LEU Q 107 -90.96 -61.98 34.92
C LEU Q 107 -91.90 -63.14 35.18
N GLN Q 108 -92.64 -63.53 34.16
CA GLN Q 108 -93.57 -64.64 34.25
C GLN Q 108 -93.30 -65.63 33.13
N VAL Q 109 -93.67 -66.88 33.39
CA VAL Q 109 -93.61 -67.94 32.40
C VAL Q 109 -94.98 -68.58 32.30
N SER Q 110 -95.41 -68.87 31.08
CA SER Q 110 -96.76 -69.37 30.86
C SER Q 110 -96.73 -70.48 29.82
N ILE Q 111 -97.64 -71.44 29.99
CA ILE Q 111 -97.69 -72.63 29.15
C ILE Q 111 -99.13 -73.11 29.12
N GLN Q 112 -99.54 -73.71 28.01
CA GLN Q 112 -100.92 -74.12 27.88
C GLN Q 112 -101.14 -75.55 28.37
N ASP Q 113 -102.34 -75.77 28.89
CA ASP Q 113 -102.75 -77.05 29.46
C ASP Q 113 -103.24 -77.98 28.33
N THR Q 114 -103.74 -79.15 28.70
CA THR Q 114 -104.39 -80.00 27.71
C THR Q 114 -105.74 -79.42 27.30
N ARG Q 115 -106.49 -78.86 28.25
CA ARG Q 115 -107.72 -78.15 27.92
C ARG Q 115 -107.46 -76.76 27.41
N ASN Q 116 -106.21 -76.47 27.02
CA ASN Q 116 -105.83 -75.18 26.44
C ASN Q 116 -106.18 -74.01 27.35
N ALA Q 117 -105.94 -74.19 28.64
CA ALA Q 117 -106.02 -73.13 29.62
C ALA Q 117 -104.61 -72.70 29.96
N VAL Q 118 -104.39 -71.39 30.11
CA VAL Q 118 -103.04 -70.91 30.36
C VAL Q 118 -102.70 -71.10 31.83
N ARG Q 119 -101.63 -71.83 32.10
CA ARG Q 119 -101.05 -71.93 33.43
C ARG Q 119 -99.79 -71.07 33.42
N ALA Q 120 -99.73 -70.12 34.35
CA ALA Q 120 -98.62 -69.17 34.38
C ALA Q 120 -98.19 -68.92 35.81
N CYS Q 121 -96.94 -68.50 35.96
CA CYS Q 121 -96.45 -68.09 37.27
C CYS Q 121 -95.44 -66.97 37.08
N ARG Q 122 -95.48 -65.98 37.97
CA ARG Q 122 -94.71 -64.76 37.86
C ARG Q 122 -93.92 -64.53 39.14
N ILE Q 123 -92.72 -64.00 39.01
CA ILE Q 123 -91.81 -63.81 40.13
C ILE Q 123 -91.21 -62.41 40.06
N GLN Q 124 -90.95 -61.84 41.23
CA GLN Q 124 -90.41 -60.49 41.31
C GLN Q 124 -88.91 -60.54 41.11
N TYR Q 125 -88.41 -59.71 40.19
CA TYR Q 125 -87.02 -59.77 39.79
C TYR Q 125 -86.66 -58.46 39.11
N HIS Q 126 -85.56 -57.84 39.54
CA HIS Q 126 -85.17 -56.54 39.03
C HIS Q 126 -84.09 -56.74 37.96
N HIS Q 127 -84.51 -56.84 36.72
CA HIS Q 127 -83.60 -57.08 35.60
C HIS Q 127 -83.29 -55.78 34.88
N ASP Q 128 -82.01 -55.47 34.76
CA ASP Q 128 -81.57 -54.30 34.03
C ASP Q 128 -80.14 -54.53 33.59
N PRO Q 129 -79.92 -55.18 32.45
CA PRO Q 129 -78.56 -55.49 32.01
C PRO Q 129 -77.80 -54.23 31.64
N GLN Q 130 -76.49 -54.31 31.75
CA GLN Q 130 -75.63 -53.24 31.24
C GLN Q 130 -74.55 -53.86 30.37
N PRO Q 131 -74.49 -53.49 29.09
CA PRO Q 131 -73.52 -54.12 28.19
C PRO Q 131 -72.10 -53.80 28.59
N VAL Q 132 -71.21 -54.73 28.27
CA VAL Q 132 -69.80 -54.58 28.61
C VAL Q 132 -69.20 -53.44 27.81
N GLY Q 133 -68.18 -52.80 28.37
CA GLY Q 133 -67.50 -51.71 27.71
C GLY Q 133 -67.60 -50.46 28.55
N ARG Q 134 -67.63 -49.32 27.87
CA ARG Q 134 -67.81 -48.04 28.54
C ARG Q 134 -69.03 -47.28 28.03
N GLU Q 135 -69.79 -47.84 27.10
CA GLU Q 135 -70.96 -47.19 26.54
C GLU Q 135 -72.19 -48.05 26.79
N LYS Q 136 -73.28 -47.42 27.14
CA LYS Q 136 -74.53 -48.15 27.41
C LYS Q 136 -75.43 -48.16 26.17
N PHE Q 137 -74.92 -48.74 25.09
CA PHE Q 137 -75.72 -48.91 23.89
C PHE Q 137 -76.80 -49.96 24.12
N THR Q 138 -77.71 -50.05 23.16
CA THR Q 138 -78.81 -51.00 23.28
C THR Q 138 -78.68 -52.18 22.32
N ILE Q 139 -78.32 -51.94 21.06
CA ILE Q 139 -78.15 -53.00 20.08
C ILE Q 139 -76.81 -52.83 19.40
N ARG Q 140 -76.30 -53.92 18.85
CA ARG Q 140 -74.94 -53.91 18.34
C ARG Q 140 -74.85 -53.10 17.06
N PRO Q 141 -73.69 -52.53 16.76
CA PRO Q 141 -73.55 -51.74 15.55
C PRO Q 141 -73.09 -52.59 14.38
N HIS Q 142 -72.92 -51.98 13.21
CA HIS Q 142 -72.32 -52.67 12.07
C HIS Q 142 -70.87 -52.27 11.86
N TYR Q 143 -70.26 -51.62 12.84
CA TYR Q 143 -68.84 -51.25 12.78
C TYR Q 143 -68.40 -50.88 14.17
N GLY Q 144 -67.35 -51.51 14.67
CA GLY Q 144 -66.90 -51.21 16.02
C GLY Q 144 -65.81 -52.14 16.46
N LYS Q 145 -65.57 -52.14 17.76
CA LYS Q 145 -64.50 -52.91 18.36
C LYS Q 145 -65.03 -54.23 18.86
N GLU Q 146 -64.11 -55.15 19.15
CA GLU Q 146 -64.43 -56.48 19.68
C GLU Q 146 -63.91 -56.55 21.11
N ILE Q 147 -64.79 -56.89 22.04
CA ILE Q 147 -64.48 -56.92 23.46
C ILE Q 147 -64.87 -58.29 24.00
N PRO Q 148 -64.02 -58.93 24.81
CA PRO Q 148 -64.40 -60.23 25.39
C PRO Q 148 -65.55 -60.09 26.37
N CYS Q 149 -66.34 -61.16 26.47
CA CYS Q 149 -67.45 -61.24 27.39
C CYS Q 149 -67.78 -62.72 27.61
N THR Q 150 -68.77 -63.00 28.44
CA THR Q 150 -69.13 -64.37 28.74
C THR Q 150 -70.61 -64.58 28.48
N THR Q 151 -70.98 -65.83 28.20
CA THR Q 151 -72.36 -66.18 27.90
C THR Q 151 -72.54 -67.67 28.12
N TYR Q 152 -73.79 -68.10 28.13
CA TYR Q 152 -74.10 -69.52 28.20
C TYR Q 152 -74.09 -70.10 26.80
N GLN Q 153 -73.51 -71.29 26.65
CA GLN Q 153 -73.55 -71.97 25.37
C GLN Q 153 -74.70 -72.97 25.34
N GLN Q 154 -75.24 -73.18 24.14
CA GLN Q 154 -76.37 -74.07 23.97
C GLN Q 154 -75.97 -75.54 24.01
N THR Q 155 -74.67 -75.84 24.05
CA THR Q 155 -74.24 -77.22 24.17
C THR Q 155 -74.71 -77.81 25.50
N THR Q 156 -75.12 -79.06 25.46
CA THR Q 156 -75.66 -79.76 26.61
C THR Q 156 -74.70 -80.84 27.09
N ALA Q 157 -73.41 -80.63 26.87
CA ALA Q 157 -72.38 -81.62 27.18
C ALA Q 157 -72.09 -81.66 28.67
N LYS Q 158 -70.98 -82.30 29.04
CA LYS Q 158 -70.60 -82.39 30.44
C LYS Q 158 -70.25 -81.00 30.98
N THR Q 159 -70.72 -80.71 32.19
CA THR Q 159 -70.65 -79.36 32.73
C THR Q 159 -70.02 -79.24 34.12
N VAL Q 160 -69.99 -80.30 34.92
CA VAL Q 160 -69.51 -80.23 36.29
C VAL Q 160 -70.40 -79.26 37.06
N GLU Q 161 -71.65 -79.65 37.27
CA GLU Q 161 -72.58 -78.90 38.08
C GLU Q 161 -73.41 -79.89 38.89
N GLU Q 162 -74.35 -79.37 39.67
CA GLU Q 162 -75.10 -80.21 40.57
C GLU Q 162 -76.57 -79.81 40.61
N ILE Q 163 -77.43 -80.82 40.58
CA ILE Q 163 -78.81 -80.72 41.02
C ILE Q 163 -79.11 -81.92 41.88
N ASP Q 164 -79.71 -81.69 43.04
CA ASP Q 164 -79.91 -82.74 44.02
C ASP Q 164 -81.32 -83.31 43.89
N MET Q 165 -81.40 -84.62 43.87
CA MET Q 165 -82.65 -85.34 43.68
C MET Q 165 -82.92 -86.17 44.92
N HIS Q 166 -84.19 -86.47 45.16
CA HIS Q 166 -84.53 -87.41 46.22
C HIS Q 166 -85.93 -87.96 45.98
N MET Q 167 -86.31 -88.92 46.81
CA MET Q 167 -87.60 -89.58 46.66
C MET Q 167 -88.73 -88.62 46.98
N PRO Q 168 -89.84 -88.67 46.24
CA PRO Q 168 -90.98 -87.86 46.61
C PRO Q 168 -91.57 -88.34 47.92
N PRO Q 169 -92.19 -87.45 48.68
CA PRO Q 169 -92.95 -87.89 49.86
C PRO Q 169 -94.29 -88.48 49.46
N ASP Q 170 -94.95 -89.08 50.43
CA ASP Q 170 -96.28 -89.66 50.22
C ASP Q 170 -97.30 -88.54 50.00
N THR Q 171 -97.77 -88.40 48.77
CA THR Q 171 -98.65 -87.30 48.42
C THR Q 171 -100.05 -87.55 48.97
N PRO Q 172 -100.59 -86.64 49.76
CA PRO Q 172 -101.96 -86.81 50.28
C PRO Q 172 -102.99 -86.76 49.16
N ASP Q 173 -104.11 -87.43 49.38
CA ASP Q 173 -105.22 -87.34 48.44
C ASP Q 173 -106.50 -87.81 49.11
N ARG Q 174 -107.50 -86.94 49.13
CA ARG Q 174 -108.77 -87.23 49.77
C ARG Q 174 -109.90 -87.44 48.78
N THR Q 175 -109.64 -87.37 47.47
CA THR Q 175 -110.67 -87.66 46.49
C THR Q 175 -110.92 -89.15 46.31
N LEU Q 176 -110.10 -90.00 46.93
CA LEU Q 176 -110.26 -91.44 46.79
C LEU Q 176 -111.26 -92.02 47.78
N LEU Q 177 -111.72 -91.23 48.76
CA LEU Q 177 -112.70 -91.71 49.74
C LEU Q 177 -114.09 -91.61 49.14
N SER Q 178 -114.81 -92.73 49.11
CA SER Q 178 -116.21 -92.74 48.68
C SER Q 178 -117.04 -93.38 49.79
N GLN Q 179 -117.78 -92.56 50.52
CA GLN Q 179 -118.63 -93.04 51.60
C GLN Q 179 -120.01 -93.37 51.02
N GLN Q 180 -120.38 -94.65 51.05
CA GLN Q 180 -121.65 -95.06 50.45
C GLN Q 180 -122.77 -95.10 51.47
N SER Q 181 -122.70 -96.03 52.43
CA SER Q 181 -123.66 -96.07 53.53
C SER Q 181 -122.97 -96.79 54.69
N GLY Q 182 -122.46 -96.01 55.65
CA GLY Q 182 -121.73 -96.60 56.75
C GLY Q 182 -120.49 -97.34 56.34
N ASN Q 183 -120.00 -97.14 55.12
CA ASN Q 183 -118.82 -97.83 54.62
C ASN Q 183 -118.11 -96.94 53.62
N VAL Q 184 -116.81 -97.19 53.46
CA VAL Q 184 -115.95 -96.37 52.63
C VAL Q 184 -115.29 -97.24 51.57
N LYS Q 185 -115.01 -96.62 50.42
CA LYS Q 185 -114.30 -97.25 49.32
C LYS Q 185 -113.10 -96.39 48.96
N ILE Q 186 -111.98 -97.05 48.67
CA ILE Q 186 -110.72 -96.38 48.34
C ILE Q 186 -110.39 -96.71 46.89
N THR Q 187 -110.16 -95.67 46.08
CA THR Q 187 -109.93 -95.87 44.67
C THR Q 187 -108.52 -96.38 44.42
N VAL Q 188 -108.38 -97.11 43.31
CA VAL Q 188 -107.11 -97.69 42.88
C VAL Q 188 -106.86 -97.30 41.44
N GLY Q 189 -105.85 -97.91 40.81
CA GLY Q 189 -105.49 -97.54 39.46
C GLY Q 189 -104.01 -97.59 39.22
N GLY Q 190 -103.25 -98.08 40.20
CA GLY Q 190 -101.83 -98.26 40.04
C GLY Q 190 -101.05 -97.64 41.17
N LYS Q 191 -101.78 -97.08 42.13
CA LYS Q 191 -101.17 -96.32 43.21
C LYS Q 191 -101.30 -97.12 44.51
N LYS Q 192 -100.17 -97.39 45.15
CA LYS Q 192 -100.16 -98.06 46.44
C LYS Q 192 -100.16 -97.00 47.54
N VAL Q 193 -101.18 -97.01 48.38
CA VAL Q 193 -101.38 -95.97 49.38
C VAL Q 193 -101.37 -96.57 50.78
N LYS Q 194 -101.07 -95.74 51.76
CA LYS Q 194 -101.25 -96.11 53.16
C LYS Q 194 -102.60 -95.62 53.65
N TYR Q 195 -103.01 -96.17 54.79
CA TYR Q 195 -104.21 -95.69 55.44
C TYR Q 195 -103.99 -95.70 56.95
N ASN Q 196 -104.68 -94.79 57.63
CA ASN Q 196 -104.62 -94.74 59.09
C ASN Q 196 -105.99 -94.25 59.57
N CYS Q 197 -106.85 -95.19 59.97
CA CYS Q 197 -108.20 -94.89 60.44
C CYS Q 197 -108.29 -95.37 61.88
N THR Q 198 -108.56 -94.44 62.80
CA THR Q 198 -108.69 -94.78 64.21
C THR Q 198 -110.14 -95.08 64.57
N CYS Q 199 -110.67 -96.14 63.97
CA CYS Q 199 -112.02 -96.60 64.21
C CYS Q 199 -111.96 -98.06 64.65
N GLY Q 200 -112.04 -98.29 65.96
CA GLY Q 200 -111.96 -99.64 66.49
C GLY Q 200 -110.53 -100.11 66.72
N THR Q 201 -110.20 -101.26 66.18
CA THR Q 201 -108.85 -101.82 66.32
C THR Q 201 -107.93 -101.17 65.29
N GLY Q 202 -106.71 -101.69 65.18
CA GLY Q 202 -105.74 -101.18 64.23
C GLY Q 202 -106.17 -101.30 62.79
N ASN Q 203 -106.12 -100.20 62.05
CA ASN Q 203 -106.51 -100.15 60.65
C ASN Q 203 -105.45 -99.38 59.85
N VAL Q 204 -104.19 -99.73 60.05
CA VAL Q 204 -103.08 -99.09 59.37
C VAL Q 204 -102.44 -100.10 58.43
N GLY Q 205 -101.75 -99.58 57.41
CA GLY Q 205 -101.08 -100.38 56.42
C GLY Q 205 -101.38 -99.91 55.02
N THR Q 206 -100.81 -100.64 54.06
CA THR Q 206 -100.94 -100.30 52.64
C THR Q 206 -101.80 -101.32 51.92
N THR Q 207 -102.18 -100.98 50.69
CA THR Q 207 -103.00 -101.87 49.87
C THR Q 207 -102.90 -101.46 48.42
N ASN Q 208 -103.31 -102.38 47.54
CA ASN Q 208 -103.39 -102.12 46.11
C ASN Q 208 -104.79 -102.43 45.56
N SER Q 209 -105.80 -102.52 46.42
CA SER Q 209 -107.14 -102.83 45.99
C SER Q 209 -108.14 -102.14 46.91
N ASP Q 210 -109.38 -102.04 46.45
CA ASP Q 210 -110.41 -101.36 47.21
C ASP Q 210 -110.66 -102.07 48.54
N MET Q 211 -110.92 -101.27 49.57
CA MET Q 211 -111.18 -101.78 50.91
C MET Q 211 -112.38 -101.07 51.51
N THR Q 212 -113.03 -101.74 52.45
CA THR Q 212 -114.14 -101.18 53.20
C THR Q 212 -113.88 -101.36 54.69
N ILE Q 213 -114.16 -100.31 55.47
CA ILE Q 213 -113.96 -100.38 56.91
C ILE Q 213 -115.27 -100.76 57.58
N ASN Q 214 -116.39 -100.33 57.00
CA ASN Q 214 -117.75 -100.64 57.44
C ASN Q 214 -118.06 -100.12 58.84
N THR Q 215 -117.14 -99.39 59.48
CA THR Q 215 -117.31 -98.97 60.86
C THR Q 215 -117.63 -97.48 60.98
N CYS Q 216 -116.79 -96.62 60.42
CA CYS Q 216 -116.90 -95.18 60.59
C CYS Q 216 -116.98 -94.50 59.22
N LEU Q 217 -117.06 -93.18 59.24
CA LEU Q 217 -117.13 -92.39 58.03
C LEU Q 217 -115.73 -92.01 57.56
N ILE Q 218 -115.64 -91.11 56.59
CA ILE Q 218 -114.34 -90.69 56.06
C ILE Q 218 -113.68 -89.61 56.91
N GLU Q 219 -114.24 -89.29 58.07
CA GLU Q 219 -113.70 -88.21 58.89
C GLU Q 219 -112.32 -88.54 59.46
N GLN Q 220 -111.92 -89.81 59.47
CA GLN Q 220 -110.63 -90.20 60.02
C GLN Q 220 -109.70 -90.85 59.01
N CYS Q 221 -110.23 -91.58 58.03
CA CYS Q 221 -109.37 -92.28 57.09
C CYS Q 221 -108.59 -91.29 56.23
N HIS Q 222 -107.34 -91.65 55.92
CA HIS Q 222 -106.49 -90.82 55.08
C HIS Q 222 -105.77 -91.68 54.05
N VAL Q 223 -105.57 -91.10 52.88
CA VAL Q 223 -104.94 -91.79 51.76
C VAL Q 223 -103.72 -91.00 51.33
N SER Q 224 -102.58 -91.69 51.24
CA SER Q 224 -101.33 -91.07 50.83
C SER Q 224 -100.74 -91.92 49.70
N VAL Q 225 -100.87 -91.43 48.47
CA VAL Q 225 -100.30 -92.13 47.33
C VAL Q 225 -98.78 -92.12 47.43
N THR Q 226 -98.17 -93.28 47.22
CA THR Q 226 -96.73 -93.41 47.46
C THR Q 226 -95.96 -93.83 46.22
N ASP Q 227 -96.22 -93.19 45.08
CA ASP Q 227 -95.35 -93.40 43.93
C ASP Q 227 -93.93 -93.11 44.34
N HIS Q 228 -93.09 -94.14 44.30
CA HIS Q 228 -91.80 -94.11 44.96
C HIS Q 228 -90.72 -94.60 44.00
N LYS Q 229 -90.92 -94.37 42.71
CA LYS Q 229 -90.14 -95.03 41.67
C LYS Q 229 -89.22 -94.06 40.92
N LYS Q 230 -89.38 -92.75 41.13
CA LYS Q 230 -88.54 -91.77 40.43
C LYS Q 230 -88.17 -90.61 41.34
N TRP Q 231 -86.98 -90.05 41.15
CA TRP Q 231 -86.56 -88.86 41.89
C TRP Q 231 -87.39 -87.65 41.49
N GLN Q 232 -87.53 -86.69 42.40
CA GLN Q 232 -88.38 -85.54 42.14
C GLN Q 232 -87.58 -84.23 42.07
N PHE Q 233 -87.06 -83.74 43.19
CA PHE Q 233 -86.14 -82.60 43.26
C PHE Q 233 -85.83 -82.30 44.72
N ASN Q 234 -84.81 -81.50 44.98
CA ASN Q 234 -84.58 -80.96 46.31
C ASN Q 234 -85.10 -79.52 46.31
N SER Q 235 -86.38 -79.37 46.63
CA SER Q 235 -86.97 -78.05 46.63
C SER Q 235 -87.45 -77.67 48.02
N PRO Q 236 -87.31 -76.41 48.40
CA PRO Q 236 -87.77 -76.00 49.74
C PRO Q 236 -89.27 -75.98 49.88
N PHE Q 237 -90.03 -76.10 48.80
CA PHE Q 237 -91.49 -76.02 48.88
C PHE Q 237 -92.17 -77.37 48.99
N VAL Q 238 -91.41 -78.46 48.96
CA VAL Q 238 -92.01 -79.80 49.03
C VAL Q 238 -91.32 -80.60 50.12
N PRO Q 239 -92.07 -81.26 51.01
CA PRO Q 239 -91.46 -81.87 52.20
C PRO Q 239 -90.48 -82.98 51.88
N ARG Q 240 -89.55 -83.26 52.79
CA ARG Q 240 -88.57 -84.32 52.62
C ARG Q 240 -89.07 -85.58 53.30
N ALA Q 241 -88.62 -86.72 52.79
CA ALA Q 241 -89.16 -88.02 53.17
C ALA Q 241 -88.49 -88.64 54.38
N ASP Q 242 -87.18 -88.57 54.48
CA ASP Q 242 -86.44 -89.18 55.58
C ASP Q 242 -85.70 -88.12 56.37
N GLU Q 243 -85.62 -88.31 57.68
CA GLU Q 243 -84.93 -87.33 58.51
C GLU Q 243 -83.45 -87.14 58.16
N PRO Q 244 -82.66 -88.17 57.86
CA PRO Q 244 -81.26 -87.91 57.51
C PRO Q 244 -81.01 -87.67 56.03
N ALA Q 245 -82.07 -87.59 55.23
CA ALA Q 245 -82.01 -87.34 53.79
C ALA Q 245 -81.31 -88.46 53.04
N ARG Q 246 -81.56 -88.55 51.73
CA ARG Q 246 -80.96 -89.57 50.89
C ARG Q 246 -80.08 -88.97 49.80
N LYS Q 247 -80.64 -88.08 48.99
CA LYS Q 247 -79.90 -87.27 48.03
C LYS Q 247 -79.35 -88.05 46.84
N GLY Q 248 -79.25 -87.36 45.71
CA GLY Q 248 -78.59 -87.86 44.53
C GLY Q 248 -77.95 -86.70 43.80
N LYS Q 249 -77.49 -86.95 42.58
CA LYS Q 249 -76.91 -85.87 41.79
C LYS Q 249 -77.27 -86.03 40.32
N VAL Q 250 -77.38 -84.89 39.63
CA VAL Q 250 -77.54 -84.88 38.19
C VAL Q 250 -76.96 -83.58 37.63
N HIS Q 251 -76.44 -83.63 36.41
CA HIS Q 251 -75.83 -82.45 35.81
C HIS Q 251 -76.89 -81.48 35.32
N ILE Q 252 -76.47 -80.25 35.04
CA ILE Q 252 -77.38 -79.26 34.47
C ILE Q 252 -76.89 -78.94 33.06
N PRO Q 253 -77.75 -78.48 32.18
CA PRO Q 253 -77.34 -78.13 30.82
C PRO Q 253 -76.71 -76.74 30.79
N PHE Q 254 -76.32 -76.32 29.59
CA PHE Q 254 -75.88 -74.99 29.25
C PHE Q 254 -74.79 -74.45 30.19
N PRO Q 255 -73.57 -74.92 30.10
CA PRO Q 255 -72.48 -74.29 30.84
C PRO Q 255 -72.12 -72.96 30.20
N LEU Q 256 -71.51 -72.09 30.99
CA LEU Q 256 -71.12 -70.78 30.48
C LEU Q 256 -69.75 -70.84 29.85
N ASP Q 257 -69.52 -69.98 28.88
CA ASP Q 257 -68.30 -69.96 28.10
C ASP Q 257 -68.02 -68.53 27.68
N ASN Q 258 -66.84 -68.32 27.13
CA ASN Q 258 -66.34 -66.98 26.88
C ASN Q 258 -66.24 -66.70 25.38
N ILE Q 259 -66.78 -65.57 24.96
CA ILE Q 259 -66.87 -65.21 23.55
C ILE Q 259 -66.51 -63.74 23.39
N THR Q 260 -66.70 -63.20 22.20
CA THR Q 260 -66.48 -61.78 21.96
C THR Q 260 -67.78 -61.13 21.50
N CYS Q 261 -67.99 -59.89 21.92
CA CYS Q 261 -69.09 -59.09 21.41
C CYS Q 261 -68.55 -57.83 20.76
N ARG Q 262 -69.44 -57.12 20.06
CA ARG Q 262 -69.06 -55.92 19.31
C ARG Q 262 -69.65 -54.70 19.99
N VAL Q 263 -68.84 -53.65 20.08
CA VAL Q 263 -69.22 -52.46 20.83
C VAL Q 263 -68.88 -51.22 20.01
N PRO Q 264 -69.74 -50.22 19.95
CA PRO Q 264 -69.47 -49.06 19.09
C PRO Q 264 -68.44 -48.14 19.69
N MET Q 265 -67.83 -47.32 18.82
CA MET Q 265 -66.85 -46.34 19.23
C MET Q 265 -67.39 -44.96 18.93
N ALA Q 266 -67.48 -44.11 19.95
CA ALA Q 266 -68.17 -42.84 19.81
C ALA Q 266 -67.35 -41.86 18.97
N ARG Q 267 -68.04 -40.85 18.45
CA ARG Q 267 -67.43 -39.90 17.53
C ARG Q 267 -66.32 -39.12 18.20
N GLU Q 268 -65.38 -38.66 17.40
CA GLU Q 268 -64.25 -37.90 17.92
C GLU Q 268 -64.71 -36.53 18.42
N PRO Q 269 -64.36 -36.11 19.62
CA PRO Q 269 -64.78 -34.80 20.11
C PRO Q 269 -63.99 -33.69 19.45
N THR Q 270 -64.56 -32.49 19.49
CA THR Q 270 -63.92 -31.32 18.93
C THR Q 270 -63.03 -30.66 19.97
N VAL Q 271 -61.86 -30.19 19.57
CA VAL Q 271 -60.94 -29.51 20.47
C VAL Q 271 -60.80 -28.06 20.05
N ILE Q 272 -60.69 -27.17 21.02
CA ILE Q 272 -60.46 -25.75 20.81
C ILE Q 272 -59.23 -25.35 21.60
N HIS Q 273 -58.15 -25.00 20.91
CA HIS Q 273 -56.90 -24.72 21.59
C HIS Q 273 -56.99 -23.43 22.40
N GLY Q 274 -56.22 -23.38 23.48
CA GLY Q 274 -56.18 -22.21 24.33
C GLY Q 274 -54.85 -22.07 25.04
N LYS Q 275 -54.71 -21.10 25.92
CA LYS Q 275 -53.46 -20.90 26.66
C LYS Q 275 -53.46 -21.82 27.87
N ARG Q 276 -52.78 -22.96 27.73
CA ARG Q 276 -52.71 -23.97 28.79
C ARG Q 276 -54.10 -24.44 29.20
N GLU Q 277 -55.01 -24.48 28.24
CA GLU Q 277 -56.34 -25.03 28.43
C GLU Q 277 -56.80 -25.63 27.11
N VAL Q 278 -57.73 -26.56 27.20
CA VAL Q 278 -58.40 -27.09 26.03
C VAL Q 278 -59.89 -27.08 26.31
N THR Q 279 -60.65 -26.40 25.47
CA THR Q 279 -62.11 -26.43 25.56
C THR Q 279 -62.61 -27.48 24.59
N LEU Q 280 -63.45 -28.38 25.08
CA LEU Q 280 -63.68 -29.66 24.43
C LEU Q 280 -65.18 -29.90 24.35
N HIS Q 281 -65.68 -30.05 23.13
CA HIS Q 281 -67.10 -30.29 22.90
C HIS Q 281 -67.39 -31.79 22.85
N LEU Q 282 -68.49 -32.19 23.46
CA LEU Q 282 -68.86 -33.59 23.53
C LEU Q 282 -70.27 -33.80 22.97
N HIS Q 283 -70.38 -34.68 21.97
CA HIS Q 283 -71.66 -35.07 21.36
C HIS Q 283 -71.84 -36.58 21.46
N PRO Q 284 -72.54 -37.07 22.49
CA PRO Q 284 -72.81 -38.49 22.60
C PRO Q 284 -74.18 -38.86 22.05
N ASP Q 285 -74.32 -40.14 21.68
CA ASP Q 285 -75.62 -40.69 21.32
C ASP Q 285 -76.23 -41.52 22.44
N HIS Q 286 -75.44 -41.92 23.43
CA HIS Q 286 -75.88 -42.74 24.53
C HIS Q 286 -74.89 -42.58 25.66
N PRO Q 287 -75.28 -42.84 26.89
CA PRO Q 287 -74.39 -42.53 28.01
C PRO Q 287 -73.02 -43.14 27.88
N THR Q 288 -71.99 -42.32 27.68
CA THR Q 288 -70.62 -42.80 27.60
C THR Q 288 -69.86 -42.35 28.84
N LEU Q 289 -68.60 -42.75 28.92
CA LEU Q 289 -67.74 -42.42 30.05
C LEU Q 289 -66.61 -41.53 29.53
N PHE Q 290 -66.38 -40.41 30.21
CA PHE Q 290 -65.33 -39.48 29.82
C PHE Q 290 -64.44 -39.23 31.02
N SER Q 291 -63.15 -39.49 30.88
CA SER Q 291 -62.27 -39.37 32.04
C SER Q 291 -60.88 -38.91 31.61
N TYR Q 292 -60.35 -37.93 32.34
CA TYR Q 292 -59.07 -37.34 31.98
C TYR Q 292 -58.18 -37.26 33.20
N ARG Q 293 -56.88 -37.15 32.96
CA ARG Q 293 -55.94 -36.98 34.06
C ARG Q 293 -54.71 -36.24 33.58
N THR Q 294 -54.15 -35.44 34.48
CA THR Q 294 -52.97 -34.65 34.20
C THR Q 294 -51.74 -35.43 34.62
N LEU Q 295 -50.86 -35.71 33.68
CA LEU Q 295 -49.79 -36.68 33.91
C LEU Q 295 -48.50 -36.04 34.43
N GLY Q 296 -48.63 -35.29 35.53
CA GLY Q 296 -47.50 -34.70 36.20
C GLY Q 296 -47.16 -35.41 37.50
N GLU Q 297 -46.62 -34.64 38.44
CA GLU Q 297 -46.28 -35.20 39.75
C GLU Q 297 -47.51 -35.57 40.55
N ASP Q 298 -48.46 -34.65 40.67
CA ASP Q 298 -49.67 -34.87 41.45
C ASP Q 298 -50.87 -34.68 40.53
N PRO Q 299 -51.51 -35.76 40.08
CA PRO Q 299 -52.45 -35.66 38.98
C PRO Q 299 -53.75 -35.01 39.40
N GLN Q 300 -54.63 -34.84 38.41
CA GLN Q 300 -56.00 -34.37 38.61
C GLN Q 300 -56.96 -35.43 38.08
N TYR Q 301 -58.13 -35.50 38.67
CA TYR Q 301 -59.02 -36.63 38.53
C TYR Q 301 -60.22 -36.17 37.73
N HIS Q 302 -60.93 -37.11 37.09
CA HIS Q 302 -62.32 -36.84 36.73
C HIS Q 302 -62.98 -38.06 36.10
N GLU Q 303 -64.27 -38.23 36.33
CA GLU Q 303 -64.98 -39.37 35.78
C GLU Q 303 -66.47 -39.08 35.86
N GLU Q 304 -67.14 -39.05 34.72
CA GLU Q 304 -68.57 -38.78 34.76
C GLU Q 304 -69.23 -39.45 33.57
N TRP Q 305 -70.50 -39.75 33.73
CA TRP Q 305 -71.30 -40.41 32.71
C TRP Q 305 -71.97 -39.32 31.89
N VAL Q 306 -71.32 -38.88 30.81
CA VAL Q 306 -71.90 -37.84 29.98
C VAL Q 306 -73.15 -38.38 29.30
N THR Q 307 -74.24 -37.63 29.39
CA THR Q 307 -75.51 -38.07 28.83
C THR Q 307 -76.00 -37.24 27.66
N ALA Q 308 -75.87 -35.92 27.72
CA ALA Q 308 -76.31 -35.05 26.65
C ALA Q 308 -75.12 -34.27 26.11
N ALA Q 309 -75.37 -33.50 25.05
CA ALA Q 309 -74.31 -32.71 24.47
C ALA Q 309 -73.79 -31.70 25.48
N VAL Q 310 -72.49 -31.72 25.73
CA VAL Q 310 -71.95 -30.84 26.77
C VAL Q 310 -70.70 -30.13 26.28
N GLU Q 311 -70.05 -29.41 27.17
CA GLU Q 311 -68.83 -28.69 26.84
C GLU Q 311 -67.97 -28.63 28.09
N ARG Q 312 -66.79 -29.26 28.06
CA ARG Q 312 -65.93 -29.29 29.23
C ARG Q 312 -64.60 -28.66 28.92
N THR Q 313 -64.07 -27.90 29.87
CA THR Q 313 -62.77 -27.25 29.74
C THR Q 313 -61.80 -27.97 30.64
N ILE Q 314 -60.58 -28.18 30.15
CA ILE Q 314 -59.61 -29.01 30.88
C ILE Q 314 -58.25 -28.33 30.90
N PRO Q 315 -57.51 -28.40 32.00
CA PRO Q 315 -56.18 -27.81 32.05
C PRO Q 315 -55.14 -28.76 31.48
N VAL Q 316 -54.19 -28.19 30.76
CA VAL Q 316 -53.13 -28.98 30.12
C VAL Q 316 -51.78 -28.31 30.38
N PRO Q 317 -51.13 -28.58 31.48
CA PRO Q 317 -49.86 -27.92 31.77
C PRO Q 317 -48.73 -28.41 30.91
N VAL Q 318 -47.52 -27.89 31.11
CA VAL Q 318 -46.38 -28.25 30.27
C VAL Q 318 -45.97 -29.70 30.45
N ASP Q 319 -46.57 -30.42 31.40
CA ASP Q 319 -46.32 -31.85 31.50
C ASP Q 319 -47.21 -32.64 30.57
N GLY Q 320 -48.46 -32.23 30.41
CA GLY Q 320 -49.38 -32.88 29.49
C GLY Q 320 -50.48 -33.64 30.22
N MET Q 321 -51.50 -34.01 29.45
CA MET Q 321 -52.61 -34.74 30.03
C MET Q 321 -53.16 -35.72 29.02
N GLU Q 322 -53.84 -36.76 29.52
CA GLU Q 322 -54.48 -37.72 28.65
C GLU Q 322 -55.96 -37.77 28.97
N TYR Q 323 -56.76 -37.97 27.93
CA TYR Q 323 -58.20 -38.11 28.12
C TYR Q 323 -58.69 -39.34 27.38
N HIS Q 324 -59.78 -39.89 27.89
CA HIS Q 324 -60.31 -41.19 27.50
C HIS Q 324 -61.80 -40.95 27.27
N TRP Q 325 -62.20 -40.86 26.02
CA TRP Q 325 -63.56 -40.49 25.66
C TRP Q 325 -64.28 -41.70 25.11
N GLY Q 326 -65.41 -42.04 25.72
CA GLY Q 326 -66.17 -43.14 25.20
C GLY Q 326 -65.37 -44.41 25.22
N ASN Q 327 -65.28 -45.05 24.06
CA ASN Q 327 -64.66 -46.36 23.98
C ASN Q 327 -63.41 -46.37 23.12
N ASN Q 328 -62.89 -45.21 22.74
CA ASN Q 328 -61.68 -45.15 21.94
C ASN Q 328 -60.45 -45.48 22.77
N ASP Q 329 -59.31 -45.21 22.20
CA ASP Q 329 -58.07 -45.28 22.96
C ASP Q 329 -57.72 -43.91 23.53
N PRO Q 330 -57.07 -43.86 24.69
CA PRO Q 330 -56.75 -42.58 25.30
C PRO Q 330 -55.79 -41.78 24.44
N VAL Q 331 -55.92 -40.46 24.52
CA VAL Q 331 -55.15 -39.53 23.70
C VAL Q 331 -54.44 -38.53 24.61
N ARG Q 332 -53.22 -38.18 24.25
CA ARG Q 332 -52.38 -37.31 25.06
C ARG Q 332 -52.15 -35.97 24.37
N LEU Q 333 -52.04 -34.91 25.16
CA LEU Q 333 -51.79 -33.57 24.65
C LEU Q 333 -50.77 -32.89 25.54
N TRP Q 334 -49.85 -32.16 24.94
CA TRP Q 334 -48.79 -31.47 25.66
C TRP Q 334 -48.85 -29.99 25.34
N SER Q 335 -48.71 -29.15 26.35
CA SER Q 335 -48.68 -27.72 26.09
C SER Q 335 -47.30 -27.31 25.63
N GLN Q 336 -47.19 -26.07 25.15
CA GLN Q 336 -45.96 -25.62 24.52
C GLN Q 336 -45.61 -24.26 25.09
N LEU Q 337 -44.32 -23.93 25.09
CA LEU Q 337 -43.89 -22.69 25.72
C LEU Q 337 -44.27 -21.49 24.88
N THR Q 338 -45.44 -20.93 25.13
CA THR Q 338 -45.92 -19.75 24.42
C THR Q 338 -46.23 -18.65 25.41
N THR Q 339 -46.25 -17.42 24.92
CA THR Q 339 -46.41 -16.25 25.77
C THR Q 339 -46.96 -15.09 24.95
N GLU Q 340 -47.01 -13.92 25.56
CA GLU Q 340 -47.53 -12.73 24.91
C GLU Q 340 -46.61 -11.53 24.97
N GLY Q 341 -45.52 -11.59 25.73
CA GLY Q 341 -44.55 -10.51 25.71
C GLY Q 341 -43.71 -10.55 24.46
N LYS Q 342 -42.78 -9.61 24.37
CA LYS Q 342 -41.80 -9.62 23.29
C LYS Q 342 -40.42 -9.80 23.89
N PRO Q 343 -39.77 -10.94 23.66
CA PRO Q 343 -38.40 -11.09 24.13
C PRO Q 343 -37.45 -10.30 23.26
N HIS Q 344 -36.28 -9.98 23.83
CA HIS Q 344 -35.19 -9.36 23.10
C HIS Q 344 -35.57 -7.97 22.58
N GLY Q 345 -36.48 -7.31 23.27
CA GLY Q 345 -36.83 -5.94 22.96
C GLY Q 345 -36.41 -5.04 24.09
N TRP Q 346 -37.25 -4.08 24.47
CA TRP Q 346 -36.92 -3.21 25.58
C TRP Q 346 -36.98 -3.97 26.89
N PRO Q 347 -36.30 -3.47 27.91
CA PRO Q 347 -36.40 -4.09 29.25
C PRO Q 347 -37.82 -4.15 29.78
N HIS Q 348 -38.67 -3.20 29.45
CA HIS Q 348 -40.06 -3.26 29.89
C HIS Q 348 -40.89 -4.27 29.10
N GLN Q 349 -40.34 -4.83 28.03
CA GLN Q 349 -40.98 -5.93 27.31
C GLN Q 349 -40.43 -7.29 27.67
N ILE Q 350 -39.12 -7.38 27.96
CA ILE Q 350 -38.57 -8.68 28.35
C ILE Q 350 -39.22 -9.15 29.65
N VAL Q 351 -39.53 -8.23 30.54
CA VAL Q 351 -40.23 -8.60 31.77
C VAL Q 351 -41.61 -9.16 31.46
N GLN Q 352 -42.31 -8.58 30.49
CA GLN Q 352 -43.60 -9.15 30.10
C GLN Q 352 -43.42 -10.54 29.52
N TYR Q 353 -42.40 -10.73 28.70
CA TYR Q 353 -42.16 -12.03 28.09
C TYR Q 353 -41.92 -13.09 29.15
N TYR Q 354 -41.14 -12.75 30.17
CA TYR Q 354 -40.86 -13.69 31.24
C TYR Q 354 -41.92 -13.68 32.33
N TYR Q 355 -42.93 -12.81 32.23
CA TYR Q 355 -44.07 -12.87 33.12
C TYR Q 355 -45.18 -13.73 32.56
N GLY Q 356 -45.25 -13.84 31.23
CA GLY Q 356 -46.16 -14.80 30.64
C GLY Q 356 -45.81 -16.22 31.07
N LEU Q 357 -44.53 -16.50 31.23
CA LEU Q 357 -44.05 -17.78 31.73
C LEU Q 357 -43.76 -17.63 33.22
N TYR Q 358 -44.29 -18.52 34.02
CA TYR Q 358 -43.93 -18.60 35.43
C TYR Q 358 -44.25 -17.29 36.13
N PRO Q 359 -45.52 -16.86 36.18
CA PRO Q 359 -45.80 -15.50 36.67
C PRO Q 359 -45.82 -15.44 38.19
N ALA Q 360 -44.87 -16.08 38.84
CA ALA Q 360 -44.77 -16.07 40.28
C ALA Q 360 -43.37 -15.82 40.79
N ALA Q 361 -42.35 -16.11 39.99
CA ALA Q 361 -40.98 -15.78 40.37
C ALA Q 361 -40.47 -14.55 39.65
N THR Q 362 -41.03 -14.22 38.49
CA THR Q 362 -40.57 -13.04 37.77
C THR Q 362 -40.81 -11.77 38.58
N VAL Q 363 -41.99 -11.63 39.16
CA VAL Q 363 -42.29 -10.45 39.97
C VAL Q 363 -41.34 -10.38 41.16
N SER Q 364 -41.11 -11.50 41.82
CA SER Q 364 -40.19 -11.51 42.95
C SER Q 364 -38.80 -11.09 42.54
N ALA Q 365 -38.31 -11.60 41.40
CA ALA Q 365 -36.96 -11.24 40.96
C ALA Q 365 -36.85 -9.77 40.62
N VAL Q 366 -37.85 -9.22 39.93
CA VAL Q 366 -37.80 -7.81 39.57
C VAL Q 366 -37.84 -6.94 40.81
N VAL Q 367 -38.70 -7.28 41.77
CA VAL Q 367 -38.78 -6.50 43.00
C VAL Q 367 -37.46 -6.56 43.74
N GLY Q 368 -36.86 -7.74 43.84
CA GLY Q 368 -35.58 -7.85 44.53
C GLY Q 368 -34.50 -7.00 43.88
N MET Q 369 -34.39 -7.06 42.54
CA MET Q 369 -33.37 -6.29 41.87
C MET Q 369 -33.57 -4.80 42.07
N SER Q 370 -34.81 -4.31 41.92
CA SER Q 370 -35.06 -2.88 42.09
C SER Q 370 -34.75 -2.44 43.51
N LEU Q 371 -35.15 -3.24 44.50
CA LEU Q 371 -34.86 -2.90 45.89
C LEU Q 371 -33.37 -2.83 46.15
N LEU Q 372 -32.60 -3.79 45.63
CA LEU Q 372 -31.17 -3.75 45.84
C LEU Q 372 -30.55 -2.54 45.16
N ALA Q 373 -31.05 -2.16 43.98
CA ALA Q 373 -30.53 -0.97 43.33
C ALA Q 373 -30.78 0.27 44.16
N LEU Q 374 -31.97 0.39 44.75
CA LEU Q 374 -32.24 1.53 45.62
C LEU Q 374 -31.33 1.54 46.83
N ILE Q 375 -31.08 0.38 47.44
CA ILE Q 375 -30.17 0.33 48.58
C ILE Q 375 -28.78 0.80 48.18
N SER Q 376 -28.29 0.32 47.04
CA SER Q 376 -26.95 0.72 46.61
C SER Q 376 -26.87 2.22 46.38
N ILE Q 377 -27.87 2.80 45.71
CA ILE Q 377 -27.78 4.21 45.38
C ILE Q 377 -27.91 5.07 46.63
N PHE Q 378 -28.79 4.70 47.57
CA PHE Q 378 -28.86 5.43 48.82
C PHE Q 378 -27.55 5.34 49.59
N ALA Q 379 -26.93 4.17 49.63
CA ALA Q 379 -25.66 4.05 50.35
C ALA Q 379 -24.61 4.95 49.74
N SER Q 380 -24.50 4.95 48.41
CA SER Q 380 -23.49 5.76 47.76
C SER Q 380 -23.72 7.25 48.03
N CYS Q 381 -24.95 7.71 47.88
CA CYS Q 381 -25.22 9.13 48.10
C CYS Q 381 -24.99 9.52 49.55
N TYR Q 382 -25.41 8.66 50.49
CA TYR Q 382 -25.21 8.97 51.90
C TYR Q 382 -23.73 9.09 52.22
N MET Q 383 -22.91 8.17 51.74
CA MET Q 383 -21.51 8.24 52.09
C MET Q 383 -20.85 9.44 51.42
N LEU Q 384 -21.34 9.85 50.25
CA LEU Q 384 -20.84 11.09 49.67
C LEU Q 384 -21.17 12.29 50.56
N VAL Q 385 -22.40 12.33 51.09
CA VAL Q 385 -22.77 13.43 51.98
C VAL Q 385 -21.88 13.44 53.22
N ALA Q 386 -21.63 12.26 53.78
CA ALA Q 386 -20.77 12.18 54.95
C ALA Q 386 -19.37 12.67 54.63
N ALA Q 387 -18.86 12.33 53.44
CA ALA Q 387 -17.54 12.80 53.05
C ALA Q 387 -17.51 14.32 52.95
N ARG Q 388 -18.54 14.93 52.35
CA ARG Q 388 -18.55 16.38 52.26
C ARG Q 388 -18.57 17.03 53.63
N SER Q 389 -19.42 16.53 54.53
CA SER Q 389 -19.47 17.10 55.87
C SER Q 389 -18.13 16.97 56.57
N LYS Q 390 -17.49 15.80 56.46
CA LYS Q 390 -16.23 15.57 57.15
C LYS Q 390 -15.13 16.45 56.58
N CYS Q 391 -15.14 16.70 55.27
CA CYS Q 391 -14.11 17.54 54.69
C CYS Q 391 -14.30 19.00 55.06
N LEU Q 392 -15.54 19.45 55.19
CA LEU Q 392 -15.77 20.87 55.39
C LEU Q 392 -15.84 21.28 56.85
N THR Q 393 -16.11 20.35 57.77
CA THR Q 393 -16.34 20.76 59.15
C THR Q 393 -15.15 21.41 59.86
N PRO Q 394 -13.87 21.12 59.54
CA PRO Q 394 -12.81 21.89 60.22
C PRO Q 394 -12.90 23.38 59.97
N TYR Q 395 -13.35 23.80 58.80
CA TYR Q 395 -13.41 25.22 58.49
C TYR Q 395 -14.43 25.95 59.34
N ALA Q 396 -15.51 25.28 59.75
CA ALA Q 396 -16.53 25.90 60.58
C ALA Q 396 -16.09 26.04 62.03
N LEU Q 397 -14.96 25.47 62.40
CA LEU Q 397 -14.47 25.53 63.77
C LEU Q 397 -13.43 26.64 63.99
N THR Q 398 -13.16 27.45 62.97
CA THR Q 398 -12.30 28.62 63.08
C THR Q 398 -12.97 29.82 62.43
N PRO Q 399 -12.64 31.03 62.86
CA PRO Q 399 -13.09 32.22 62.13
C PRO Q 399 -12.33 32.43 60.83
N GLY Q 400 -12.38 31.43 59.95
CA GLY Q 400 -11.69 31.48 58.68
C GLY Q 400 -12.62 31.61 57.49
N ALA Q 401 -12.02 31.63 56.31
CA ALA Q 401 -12.76 31.74 55.06
C ALA Q 401 -13.02 30.36 54.47
N ALA Q 402 -13.85 30.31 53.43
CA ALA Q 402 -14.29 29.04 52.87
C ALA Q 402 -13.46 28.57 51.69
N VAL Q 403 -12.48 29.34 51.23
CA VAL Q 403 -11.65 28.98 50.08
C VAL Q 403 -12.54 28.78 48.85
N PRO Q 404 -12.95 29.87 48.19
CA PRO Q 404 -13.91 29.78 47.08
C PRO Q 404 -13.67 28.63 46.10
N TRP Q 405 -12.42 28.23 45.90
CA TRP Q 405 -12.15 27.13 44.98
C TRP Q 405 -12.83 25.84 45.48
N THR Q 406 -12.66 25.52 46.76
CA THR Q 406 -13.35 24.39 47.33
C THR Q 406 -14.83 24.68 47.57
N LEU Q 407 -15.18 25.94 47.74
CA LEU Q 407 -16.60 26.30 47.87
C LEU Q 407 -17.38 25.91 46.63
N GLY Q 408 -16.85 26.25 45.45
CA GLY Q 408 -17.56 25.92 44.22
C GLY Q 408 -17.71 24.42 44.03
N ILE Q 409 -16.64 23.67 44.30
CA ILE Q 409 -16.68 22.23 44.12
C ILE Q 409 -17.65 21.58 45.08
N LEU Q 410 -17.55 21.91 46.37
CA LEU Q 410 -18.44 21.36 47.38
C LEU Q 410 -19.44 22.44 47.77
N CYS Q 411 -20.66 22.33 47.24
CA CYS Q 411 -21.70 23.29 47.57
C CYS Q 411 -22.05 23.19 49.05
N CYS Q 412 -22.14 24.33 49.71
CA CYS Q 412 -22.49 24.40 51.12
C CYS Q 412 -23.74 25.28 51.28
N ALA Q 413 -24.35 25.18 52.45
CA ALA Q 413 -25.55 25.98 52.73
C ALA Q 413 -25.31 27.47 52.56
N PRO Q 414 -24.21 28.07 53.06
CA PRO Q 414 -23.95 29.47 52.74
C PRO Q 414 -23.52 29.65 51.29
N ARG Q 415 -24.41 30.22 50.48
CA ARG Q 415 -24.09 30.44 49.07
C ARG Q 415 -23.05 31.53 48.91
N ALA Q 416 -23.23 32.66 49.60
CA ALA Q 416 -22.29 33.76 49.52
C ALA Q 416 -21.92 34.36 50.87
N HIS Q 417 -22.71 34.16 51.92
CA HIS Q 417 -22.42 34.76 53.21
C HIS Q 417 -21.58 33.78 54.02
N ALA Q 418 -20.26 33.99 54.00
CA ALA Q 418 -19.31 33.12 54.68
C ALA Q 418 -19.46 31.66 54.24
N LYS R 1 -4.09 44.73 87.48
CA LYS R 1 -4.20 45.16 86.09
C LYS R 1 -4.60 44.02 85.16
N ARG R 2 -3.64 43.16 84.84
CA ARG R 2 -3.90 42.05 83.94
C ARG R 2 -4.92 41.09 84.52
N GLU R 3 -4.85 40.84 85.82
CA GLU R 3 -5.85 40.01 86.49
C GLU R 3 -7.24 40.62 86.33
N ARG R 4 -7.36 41.93 86.54
CA ARG R 4 -8.66 42.57 86.47
C ARG R 4 -9.21 42.56 85.04
N MET R 5 -8.37 42.84 84.05
CA MET R 5 -8.82 42.80 82.67
C MET R 5 -9.26 41.41 82.27
N CYS R 6 -8.48 40.40 82.66
CA CYS R 6 -8.85 39.02 82.35
C CYS R 6 -10.15 38.63 83.02
N MET R 7 -10.35 39.04 84.28
CA MET R 7 -11.59 38.71 84.97
C MET R 7 -12.78 39.41 84.33
N LYS R 8 -12.61 40.67 83.92
CA LYS R 8 -13.68 41.39 83.24
C LYS R 8 -14.04 40.69 81.92
N ILE R 9 -13.03 40.33 81.13
CA ILE R 9 -13.30 39.71 79.84
C ILE R 9 -13.91 38.32 80.03
N GLU R 10 -13.49 37.59 81.06
CA GLU R 10 -14.12 36.31 81.36
C GLU R 10 -15.57 36.51 81.77
N ASN R 11 -15.85 37.54 82.56
CA ASN R 11 -17.24 37.85 82.91
C ASN R 11 -18.07 38.14 81.67
N ASP R 12 -17.48 38.85 80.71
CA ASP R 12 -18.15 39.16 79.46
C ASP R 12 -18.28 37.95 78.55
N CYS R 13 -17.39 36.95 78.66
CA CYS R 13 -17.30 35.93 77.62
C CYS R 13 -17.30 34.51 78.16
N ILE R 14 -17.88 34.25 79.32
CA ILE R 14 -18.00 32.89 79.84
C ILE R 14 -19.42 32.68 80.33
N PHE R 15 -20.02 31.56 79.94
CA PHE R 15 -21.36 31.19 80.37
C PHE R 15 -21.32 29.79 80.95
N GLU R 16 -21.98 29.61 82.10
CA GLU R 16 -21.97 28.32 82.77
C GLU R 16 -22.92 27.34 82.10
N VAL R 17 -22.68 26.07 82.35
CA VAL R 17 -23.52 24.97 81.86
C VAL R 17 -23.80 24.05 83.03
N LYS R 18 -25.08 23.74 83.26
CA LYS R 18 -25.49 22.90 84.38
C LYS R 18 -26.35 21.76 83.88
N HIS R 19 -26.21 20.59 84.51
CA HIS R 19 -27.07 19.46 84.22
C HIS R 19 -27.41 18.84 85.57
N GLU R 20 -28.68 18.51 85.77
CA GLU R 20 -29.27 18.33 87.12
C GLU R 20 -29.04 19.55 88.00
N GLY R 21 -29.03 20.75 87.41
CA GLY R 21 -28.94 21.97 88.16
C GLY R 21 -27.54 22.34 88.62
N LYS R 22 -26.57 21.43 88.50
CA LYS R 22 -25.22 21.67 88.98
C LYS R 22 -24.30 21.96 87.80
N VAL R 23 -23.49 23.01 87.97
CA VAL R 23 -22.62 23.47 86.88
C VAL R 23 -21.56 22.42 86.58
N THR R 24 -21.32 22.18 85.29
CA THR R 24 -20.38 21.16 84.86
C THR R 24 -19.47 21.58 83.73
N GLY R 25 -19.68 22.74 83.12
CA GLY R 25 -18.84 23.18 82.04
C GLY R 25 -19.06 24.66 81.75
N TYR R 26 -18.27 25.16 80.81
CA TYR R 26 -18.30 26.57 80.47
C TYR R 26 -18.19 26.74 78.96
N ALA R 27 -19.05 27.56 78.40
CA ALA R 27 -19.01 27.89 76.99
C ALA R 27 -18.58 29.34 76.82
N CYS R 28 -17.59 29.57 75.97
CA CYS R 28 -16.99 30.88 75.82
C CYS R 28 -17.23 31.42 74.42
N LEU R 29 -17.32 32.74 74.32
CA LEU R 29 -17.56 33.42 73.06
C LEU R 29 -16.23 33.96 72.54
N VAL R 30 -15.68 33.29 71.53
CA VAL R 30 -14.38 33.63 70.95
C VAL R 30 -14.60 34.14 69.55
N GLY R 31 -14.06 35.31 69.25
CA GLY R 31 -14.11 35.82 67.90
C GLY R 31 -15.52 36.02 67.40
N ASP R 32 -16.00 35.10 66.56
CA ASP R 32 -17.34 35.18 66.02
C ASP R 32 -18.11 33.87 66.19
N LYS R 33 -17.62 32.96 67.04
CA LYS R 33 -18.26 31.66 67.20
C LYS R 33 -18.41 31.28 68.66
N VAL R 34 -19.57 30.76 69.01
CA VAL R 34 -19.77 30.12 70.31
C VAL R 34 -19.07 28.77 70.28
N MET R 35 -18.27 28.48 71.29
CA MET R 35 -17.50 27.25 71.34
C MET R 35 -17.72 26.55 72.68
N LYS R 36 -17.78 25.23 72.65
CA LYS R 36 -17.93 24.46 73.88
C LYS R 36 -17.32 23.08 73.73
N PRO R 37 -16.67 22.55 74.76
CA PRO R 37 -16.19 21.17 74.72
C PRO R 37 -17.36 20.21 74.52
N ALA R 38 -17.11 19.15 73.76
CA ALA R 38 -18.18 18.22 73.47
C ALA R 38 -18.50 17.28 74.62
N HIS R 39 -17.48 16.77 75.31
CA HIS R 39 -17.74 15.71 76.28
C HIS R 39 -18.49 16.23 77.50
N VAL R 40 -18.44 17.53 77.76
CA VAL R 40 -19.26 18.09 78.83
C VAL R 40 -20.70 18.16 78.34
N LYS R 41 -21.64 17.81 79.21
CA LYS R 41 -23.05 17.77 78.85
C LYS R 41 -23.88 18.57 79.85
N GLY R 42 -24.87 19.28 79.32
CA GLY R 42 -25.75 20.13 80.09
C GLY R 42 -26.46 21.11 79.17
N VAL R 43 -26.83 22.26 79.73
CA VAL R 43 -27.47 23.32 78.96
C VAL R 43 -26.77 24.64 79.28
N ILE R 44 -26.58 25.45 78.26
CA ILE R 44 -25.98 26.78 78.43
C ILE R 44 -26.95 27.68 79.18
N ASP R 45 -26.42 28.53 80.06
CA ASP R 45 -27.22 29.40 80.91
C ASP R 45 -27.60 30.69 80.16
N ASN R 46 -28.21 30.49 78.98
CA ASN R 46 -28.74 31.60 78.19
C ASN R 46 -29.63 31.04 77.09
N ALA R 47 -30.86 31.56 76.97
CA ALA R 47 -31.77 31.03 75.98
C ALA R 47 -31.27 31.28 74.56
N ASP R 48 -30.68 32.46 74.32
CA ASP R 48 -30.21 32.78 72.98
C ASP R 48 -29.14 31.80 72.52
N LEU R 49 -28.19 31.49 73.39
CA LEU R 49 -27.16 30.51 73.03
C LEU R 49 -27.72 29.10 73.06
N ALA R 50 -28.78 28.86 73.83
CA ALA R 50 -29.33 27.52 73.95
C ALA R 50 -30.10 27.09 72.72
N LYS R 51 -30.87 27.99 72.10
CA LYS R 51 -31.69 27.58 70.97
C LYS R 51 -30.92 27.45 69.66
N LEU R 52 -29.63 27.78 69.66
CA LEU R 52 -28.87 27.79 68.41
C LEU R 52 -28.61 26.39 67.90
N ALA R 53 -28.23 26.30 66.63
CA ALA R 53 -27.85 25.03 66.01
C ALA R 53 -26.35 24.86 66.15
N PHE R 54 -25.94 23.85 66.90
CA PHE R 54 -24.52 23.61 67.16
C PHE R 54 -23.99 22.52 66.25
N LYS R 55 -22.87 22.82 65.60
CA LYS R 55 -22.16 21.81 64.81
C LYS R 55 -21.23 21.03 65.72
N LYS R 56 -21.32 19.71 65.65
CA LYS R 56 -20.59 18.77 66.49
C LYS R 56 -19.39 18.23 65.73
N SER R 57 -18.32 17.93 66.47
CA SER R 57 -17.23 17.13 65.94
C SER R 57 -16.57 16.41 67.10
N SER R 58 -16.73 15.09 67.15
CA SER R 58 -16.16 14.28 68.21
C SER R 58 -14.66 14.08 68.07
N LYS R 59 -14.13 14.17 66.85
CA LYS R 59 -12.69 14.00 66.67
C LYS R 59 -11.92 15.11 67.37
N TYR R 60 -12.45 16.33 67.32
CA TYR R 60 -11.88 17.45 68.04
C TYR R 60 -12.53 17.67 69.40
N ASP R 61 -13.58 16.91 69.71
CA ASP R 61 -14.30 17.03 70.97
C ASP R 61 -14.78 18.47 71.15
N LEU R 62 -15.65 18.91 70.23
CA LEU R 62 -15.97 20.32 70.21
C LEU R 62 -17.27 20.57 69.46
N GLU R 63 -18.08 21.48 70.00
CA GLU R 63 -19.21 22.05 69.29
C GLU R 63 -18.98 23.54 69.08
N CYS R 64 -19.38 24.02 67.91
CA CYS R 64 -19.29 25.43 67.58
C CYS R 64 -20.61 25.90 66.98
N ALA R 65 -20.82 27.20 67.01
CA ALA R 65 -22.03 27.76 66.42
C ALA R 65 -21.79 29.21 66.07
N GLN R 66 -22.61 29.72 65.16
CA GLN R 66 -22.53 31.12 64.77
C GLN R 66 -23.18 31.96 65.83
N ILE R 67 -22.47 32.96 66.33
CA ILE R 67 -22.96 33.81 67.41
C ILE R 67 -24.11 34.67 66.87
N PRO R 68 -25.12 34.94 67.67
CA PRO R 68 -26.15 35.90 67.25
C PRO R 68 -25.58 37.31 67.21
N VAL R 69 -26.27 38.19 66.50
CA VAL R 69 -25.71 39.52 66.27
C VAL R 69 -25.63 40.33 67.57
N HIS R 70 -26.66 40.26 68.41
CA HIS R 70 -26.75 41.18 69.54
C HIS R 70 -25.84 40.81 70.70
N MET R 71 -24.95 39.83 70.53
CA MET R 71 -23.78 39.69 71.39
C MET R 71 -22.48 39.68 70.60
N ARG R 72 -22.46 40.22 69.38
CA ARG R 72 -21.22 40.24 68.61
C ARG R 72 -20.18 41.16 69.20
N SER R 73 -20.57 42.09 70.07
CA SER R 73 -19.66 43.04 70.66
C SER R 73 -19.12 42.60 72.01
N ASP R 74 -19.56 41.45 72.51
CA ASP R 74 -19.18 40.98 73.84
C ASP R 74 -18.37 39.70 73.75
N ALA R 75 -17.47 39.62 72.78
CA ALA R 75 -16.67 38.43 72.57
C ALA R 75 -15.20 38.79 72.61
N SER R 76 -14.39 37.87 73.14
CA SER R 76 -12.96 38.09 73.24
C SER R 76 -12.33 38.19 71.85
N LYS R 77 -11.08 38.57 71.81
CA LYS R 77 -10.32 38.60 70.57
C LYS R 77 -9.33 37.44 70.55
N TYR R 78 -9.13 36.88 69.37
CA TYR R 78 -8.41 35.64 69.16
C TYR R 78 -7.06 35.89 68.51
N THR R 79 -6.25 34.84 68.45
CA THR R 79 -4.94 34.90 67.81
C THR R 79 -4.44 33.48 67.62
N HIS R 80 -3.28 33.37 66.99
CA HIS R 80 -2.64 32.09 66.75
C HIS R 80 -1.16 32.06 67.08
N GLU R 81 -0.55 33.21 67.39
CA GLU R 81 0.87 33.26 67.68
C GLU R 81 1.15 32.69 69.07
N LYS R 82 2.15 31.80 69.15
CA LYS R 82 2.49 31.14 70.41
C LYS R 82 3.99 31.21 70.65
N PRO R 83 4.49 32.37 71.05
CA PRO R 83 5.89 32.45 71.47
C PRO R 83 6.10 31.74 72.80
N GLU R 84 7.34 31.32 73.03
CA GLU R 84 7.72 30.78 74.34
C GLU R 84 7.60 31.85 75.42
N GLY R 85 7.00 31.49 76.53
CA GLY R 85 6.78 32.44 77.62
C GLY R 85 5.76 31.91 78.63
N HIS R 86 4.97 32.83 79.19
CA HIS R 86 3.94 32.50 80.16
C HIS R 86 2.59 33.04 79.69
N TYR R 87 1.51 32.45 80.20
CA TYR R 87 0.17 32.84 79.80
C TYR R 87 -0.75 32.85 81.01
N ASN R 88 -1.86 33.56 80.88
CA ASN R 88 -2.74 33.79 82.02
C ASN R 88 -4.00 32.94 81.93
N TRP R 89 -4.45 32.47 83.08
CA TRP R 89 -5.57 31.55 83.16
C TRP R 89 -6.40 31.94 84.37
N HIS R 90 -7.65 31.50 84.38
CA HIS R 90 -8.54 31.84 85.49
C HIS R 90 -8.00 31.43 86.84
N HIS R 91 -7.17 30.39 86.90
CA HIS R 91 -6.61 29.94 88.17
C HIS R 91 -5.12 30.26 88.28
N GLY R 92 -4.65 31.25 87.52
CA GLY R 92 -3.28 31.69 87.73
C GLY R 92 -2.44 31.82 86.48
N ALA R 93 -1.22 31.28 86.53
CA ALA R 93 -0.25 31.41 85.45
C ALA R 93 0.08 30.03 84.91
N VAL R 94 0.05 29.90 83.59
CA VAL R 94 0.38 28.65 82.90
C VAL R 94 1.67 28.84 82.14
N GLN R 95 2.48 27.79 82.12
CA GLN R 95 3.80 27.82 81.50
C GLN R 95 3.75 27.03 80.21
N TYR R 96 4.03 27.70 79.09
CA TYR R 96 4.13 27.04 77.79
C TYR R 96 5.59 26.67 77.59
N SER R 97 5.84 25.39 77.29
CA SER R 97 7.21 24.91 77.15
C SER R 97 7.22 23.64 76.32
N GLY R 98 7.83 23.69 75.14
CA GLY R 98 7.92 22.50 74.31
C GLY R 98 6.58 21.96 73.87
N GLY R 99 5.69 22.83 73.42
CA GLY R 99 4.43 22.40 72.86
C GLY R 99 3.37 21.99 73.86
N ARG R 100 3.65 22.10 75.15
CA ARG R 100 2.73 21.68 76.19
C ARG R 100 2.31 22.87 77.04
N PHE R 101 1.14 22.76 77.66
CA PHE R 101 0.67 23.75 78.62
C PHE R 101 0.67 23.09 79.99
N THR R 102 1.34 23.70 80.96
CA THR R 102 1.50 23.08 82.26
C THR R 102 0.95 23.97 83.37
N ILE R 103 0.36 23.33 84.37
CA ILE R 103 -0.16 24.01 85.55
C ILE R 103 0.89 23.90 86.64
N PRO R 104 1.33 25.02 87.23
CA PRO R 104 2.40 24.94 88.23
C PRO R 104 2.01 24.14 89.45
N THR R 105 0.72 23.97 89.72
CA THR R 105 0.29 23.37 90.97
C THR R 105 -0.32 21.98 90.82
N GLY R 106 -0.92 21.68 89.68
CA GLY R 106 -1.79 20.52 89.65
C GLY R 106 -3.02 20.73 90.51
N ALA R 107 -3.56 21.94 90.52
CA ALA R 107 -4.76 22.27 91.26
C ALA R 107 -6.02 22.28 90.40
N GLY R 108 -5.91 21.94 89.12
CA GLY R 108 -7.09 21.87 88.28
C GLY R 108 -8.02 20.75 88.74
N LYS R 109 -9.31 21.01 88.64
CA LYS R 109 -10.32 20.06 89.09
C LYS R 109 -11.34 19.83 87.98
N PRO R 110 -12.01 18.68 87.98
CA PRO R 110 -13.07 18.45 87.00
C PRO R 110 -14.16 19.49 87.14
N GLY R 111 -14.80 19.81 86.03
CA GLY R 111 -15.79 20.86 85.98
C GLY R 111 -15.29 22.20 85.50
N ASP R 112 -13.99 22.33 85.24
CA ASP R 112 -13.43 23.54 84.70
C ASP R 112 -13.15 23.43 83.21
N SER R 113 -13.77 22.49 82.51
CA SER R 113 -13.57 22.37 81.08
C SER R 113 -14.14 23.58 80.36
N GLY R 114 -13.46 23.99 79.30
CA GLY R 114 -13.92 25.10 78.50
C GLY R 114 -13.43 26.46 78.92
N ARG R 115 -12.75 26.59 80.05
CA ARG R 115 -12.20 27.88 80.44
C ARG R 115 -11.04 28.25 79.53
N PRO R 116 -11.07 29.41 78.88
CA PRO R 116 -10.03 29.75 77.92
C PRO R 116 -8.72 30.06 78.60
N ILE R 117 -7.66 30.12 77.79
CA ILE R 117 -6.34 30.53 78.22
C ILE R 117 -5.98 31.80 77.49
N PHE R 118 -5.65 32.85 78.25
CA PHE R 118 -5.51 34.18 77.70
C PHE R 118 -4.06 34.49 77.34
N ASP R 119 -3.90 35.53 76.53
CA ASP R 119 -2.60 36.06 76.15
C ASP R 119 -2.28 37.30 76.98
N ASN R 120 -1.12 37.91 76.71
CA ASN R 120 -0.73 39.11 77.43
C ASN R 120 -1.70 40.26 77.17
N LYS R 121 -2.08 40.45 75.91
CA LYS R 121 -2.96 41.54 75.53
C LYS R 121 -4.43 41.17 75.63
N GLY R 122 -4.77 40.17 76.43
CA GLY R 122 -6.14 39.75 76.58
C GLY R 122 -6.65 38.84 75.49
N ARG R 123 -5.82 38.49 74.51
CA ARG R 123 -6.25 37.58 73.46
C ARG R 123 -6.31 36.16 73.98
N VAL R 124 -7.07 35.33 73.29
CA VAL R 124 -7.24 33.94 73.64
C VAL R 124 -6.38 33.09 72.70
N VAL R 125 -5.85 31.99 73.22
CA VAL R 125 -4.95 31.13 72.47
C VAL R 125 -5.46 29.70 72.39
N ALA R 126 -6.06 29.20 73.47
CA ALA R 126 -6.51 27.82 73.50
C ALA R 126 -7.76 27.72 74.36
N ILE R 127 -8.31 26.51 74.45
CA ILE R 127 -9.43 26.21 75.32
C ILE R 127 -9.13 24.90 76.04
N VAL R 128 -9.28 24.90 77.35
CA VAL R 128 -8.89 23.75 78.15
C VAL R 128 -9.93 22.66 78.03
N LEU R 129 -9.50 21.45 77.65
CA LEU R 129 -10.34 20.27 77.70
C LEU R 129 -10.06 19.41 78.91
N GLY R 130 -8.83 18.98 79.09
CA GLY R 130 -8.55 18.11 80.22
C GLY R 130 -7.12 18.24 80.65
N GLY R 131 -6.78 17.50 81.71
CA GLY R 131 -5.44 17.56 82.25
C GLY R 131 -4.91 16.17 82.54
N ALA R 132 -3.59 16.07 82.54
CA ALA R 132 -2.89 14.85 82.90
C ALA R 132 -1.98 15.14 84.07
N ASN R 133 -2.18 14.42 85.18
CA ASN R 133 -1.33 14.54 86.36
C ASN R 133 0.03 13.99 86.01
N GLU R 134 0.96 14.89 85.70
CA GLU R 134 2.28 14.50 85.21
C GLU R 134 3.26 14.87 86.31
N GLY R 135 3.40 13.97 87.29
CA GLY R 135 4.23 14.29 88.44
C GLY R 135 3.65 15.44 89.24
N SER R 136 4.49 16.45 89.52
CA SER R 136 4.08 17.61 90.28
C SER R 136 3.30 18.62 89.45
N ARG R 137 3.30 18.49 88.15
CA ARG R 137 2.61 19.37 87.23
C ARG R 137 1.56 18.58 86.46
N THR R 138 0.73 19.30 85.71
CA THR R 138 -0.28 18.67 84.87
C THR R 138 -0.16 19.23 83.46
N ALA R 139 -0.11 18.34 82.48
CA ALA R 139 -0.12 18.74 81.08
C ALA R 139 -1.55 18.93 80.61
N LEU R 140 -1.80 20.03 79.89
CA LEU R 140 -3.15 20.38 79.50
C LEU R 140 -3.46 19.92 78.07
N SER R 141 -4.44 19.05 77.94
CA SER R 141 -5.00 18.67 76.65
C SER R 141 -5.99 19.76 76.26
N VAL R 142 -5.67 20.49 75.20
CA VAL R 142 -6.35 21.72 74.84
C VAL R 142 -6.70 21.69 73.36
N VAL R 143 -7.25 22.80 72.89
CA VAL R 143 -7.67 22.97 71.52
C VAL R 143 -7.13 24.31 71.03
N THR R 144 -6.14 24.28 70.16
CA THR R 144 -5.46 25.49 69.73
C THR R 144 -5.82 25.85 68.30
N TRP R 145 -5.39 27.04 67.89
CA TRP R 145 -5.65 27.57 66.56
C TRP R 145 -4.36 27.64 65.77
N ASN R 146 -4.37 27.04 64.60
CA ASN R 146 -3.31 27.23 63.63
C ASN R 146 -3.70 28.39 62.72
N LYS R 147 -3.04 28.50 61.56
CA LYS R 147 -3.37 29.58 60.63
C LYS R 147 -4.84 29.55 60.24
N ASP R 148 -5.35 28.39 59.82
CA ASP R 148 -6.78 28.27 59.53
C ASP R 148 -7.43 26.99 60.02
N MET R 149 -6.68 26.04 60.57
CA MET R 149 -7.22 24.77 61.02
C MET R 149 -7.09 24.62 62.52
N VAL R 150 -8.09 23.98 63.12
CA VAL R 150 -8.06 23.62 64.53
C VAL R 150 -7.23 22.37 64.69
N THR R 151 -6.34 22.36 65.66
CA THR R 151 -5.58 21.17 66.02
C THR R 151 -5.75 20.89 67.49
N ARG R 152 -5.85 19.62 67.83
CA ARG R 152 -6.06 19.17 69.20
C ARG R 152 -4.81 18.47 69.70
N VAL R 153 -4.44 18.75 70.94
CA VAL R 153 -3.32 18.10 71.61
C VAL R 153 -3.85 17.39 72.84
N THR R 154 -3.53 16.11 72.98
CA THR R 154 -3.95 15.33 74.15
C THR R 154 -2.76 14.53 74.67
N PRO R 155 -1.99 15.09 75.59
CA PRO R 155 -0.92 14.32 76.22
C PRO R 155 -1.47 13.09 76.91
N GLU R 156 -0.67 12.02 76.86
CA GLU R 156 -1.13 10.72 77.33
C GLU R 156 -1.49 10.77 78.81
N GLY R 157 -2.51 10.00 79.18
CA GLY R 157 -2.90 9.92 80.57
C GLY R 157 -3.83 11.01 81.04
N SER R 158 -4.31 11.87 80.15
CA SER R 158 -5.22 12.93 80.56
C SER R 158 -6.61 12.38 80.82
N GLU R 159 -7.33 13.06 81.70
CA GLU R 159 -8.74 12.77 81.96
C GLU R 159 -9.57 14.00 81.62
N GLU R 160 -10.54 13.81 80.73
CA GLU R 160 -11.37 14.91 80.27
C GLU R 160 -12.20 15.44 81.42
N TRP R 161 -11.90 16.66 81.85
CA TRP R 161 -12.52 17.24 83.04
C TRP R 161 -13.99 17.56 82.81
N TYR S 1 47.01 -86.29 63.53
CA TYR S 1 47.53 -85.06 64.10
C TYR S 1 47.71 -84.01 63.03
N GLU S 2 46.84 -83.00 63.06
CA GLU S 2 46.84 -81.98 62.02
C GLU S 2 48.02 -81.03 62.20
N HIS S 3 48.60 -80.60 61.08
CA HIS S 3 49.74 -79.68 61.11
C HIS S 3 49.76 -78.89 59.81
N SER S 4 50.43 -77.74 59.86
CA SER S 4 50.55 -76.88 58.69
C SER S 4 52.00 -76.39 58.59
N THR S 5 52.42 -76.11 57.36
CA THR S 5 53.81 -75.72 57.11
C THR S 5 53.85 -74.95 55.79
N VAL S 6 54.98 -74.33 55.50
CA VAL S 6 55.22 -73.65 54.25
C VAL S 6 56.57 -74.11 53.69
N MET S 7 56.61 -74.44 52.40
CA MET S 7 57.88 -74.74 51.76
C MET S 7 58.22 -73.72 50.68
N PRO S 8 59.49 -73.52 50.38
CA PRO S 8 59.84 -72.72 49.21
C PRO S 8 59.54 -73.49 47.94
N ASN S 9 59.32 -72.77 46.85
CA ASN S 9 59.09 -73.42 45.56
C ASN S 9 60.33 -73.39 44.69
N VAL S 10 61.37 -74.10 45.10
CA VAL S 10 62.58 -74.24 44.28
C VAL S 10 62.95 -75.71 44.21
N VAL S 11 63.30 -76.16 43.00
CA VAL S 11 63.45 -77.59 42.74
C VAL S 11 64.71 -78.11 43.41
N GLY S 12 64.59 -79.25 44.08
CA GLY S 12 65.72 -79.91 44.69
C GLY S 12 66.07 -79.46 46.09
N PHE S 13 65.40 -78.43 46.60
CA PHE S 13 65.73 -77.91 47.92
C PHE S 13 65.19 -78.83 49.01
N PRO S 14 66.03 -79.40 49.85
CA PRO S 14 65.61 -80.46 50.79
C PRO S 14 64.89 -79.93 52.03
N TYR S 15 63.61 -79.62 51.89
CA TYR S 15 62.92 -78.99 53.01
C TYR S 15 62.67 -79.99 54.11
N LYS S 16 62.92 -79.57 55.35
CA LYS S 16 62.71 -80.44 56.50
C LYS S 16 61.72 -79.80 57.45
N ALA S 17 60.68 -80.54 57.80
CA ALA S 17 59.64 -80.06 58.70
C ALA S 17 59.67 -80.86 59.99
N HIS S 18 59.32 -80.21 61.09
CA HIS S 18 59.48 -80.76 62.43
C HIS S 18 58.11 -80.86 63.09
N ILE S 19 57.77 -82.05 63.57
CA ILE S 19 56.49 -82.30 64.22
C ILE S 19 56.77 -82.70 65.65
N GLU S 20 56.06 -82.08 66.60
CA GLU S 20 56.29 -82.35 68.02
C GLU S 20 54.95 -82.49 68.75
N ARG S 21 54.47 -83.72 68.81
CA ARG S 21 53.27 -84.04 69.57
C ARG S 21 53.60 -84.02 71.06
N PRO S 22 52.67 -83.59 71.92
CA PRO S 22 52.98 -83.57 73.36
C PRO S 22 53.31 -84.94 73.94
N GLY S 23 52.66 -85.99 73.47
CA GLY S 23 52.89 -87.28 74.07
C GLY S 23 53.90 -88.18 73.38
N TYR S 24 54.60 -87.69 72.36
CA TYR S 24 55.44 -88.57 71.56
C TYR S 24 56.75 -87.86 71.21
N SER S 25 57.74 -88.67 70.84
CA SER S 25 59.01 -88.14 70.40
C SER S 25 58.83 -87.36 69.10
N PRO S 26 59.59 -86.29 68.92
CA PRO S 26 59.44 -85.49 67.70
C PRO S 26 59.83 -86.27 66.46
N LEU S 27 59.19 -85.92 65.35
CA LEU S 27 59.41 -86.55 64.06
C LEU S 27 59.86 -85.48 63.07
N THR S 28 60.59 -85.91 62.05
CA THR S 28 61.06 -85.01 61.01
C THR S 28 60.66 -85.55 59.64
N LEU S 29 60.01 -84.72 58.85
CA LEU S 29 59.67 -85.05 57.47
C LEU S 29 60.66 -84.38 56.53
N GLN S 30 61.03 -85.09 55.47
CA GLN S 30 61.79 -84.49 54.39
C GLN S 30 60.87 -84.43 53.19
N MET S 31 60.72 -83.25 52.62
CA MET S 31 59.91 -83.06 51.42
C MET S 31 60.73 -82.31 50.39
N GLN S 32 60.58 -82.72 49.13
CA GLN S 32 61.35 -82.15 48.03
C GLN S 32 60.46 -82.01 46.81
N VAL S 33 60.66 -80.95 46.04
CA VAL S 33 59.84 -80.68 44.85
C VAL S 33 60.61 -81.20 43.64
N VAL S 34 60.31 -82.42 43.22
CA VAL S 34 61.09 -83.00 42.12
C VAL S 34 60.78 -82.29 40.80
N GLU S 35 59.53 -81.91 40.57
CA GLU S 35 59.23 -81.27 39.30
C GLU S 35 57.99 -80.39 39.44
N THR S 36 57.87 -79.38 38.57
CA THR S 36 56.67 -78.56 38.50
C THR S 36 56.21 -78.46 37.05
N SER S 37 55.06 -77.82 36.86
CA SER S 37 54.54 -77.58 35.51
C SER S 37 53.43 -76.55 35.59
N LEU S 38 53.63 -75.40 34.97
CA LEU S 38 52.65 -74.32 34.95
C LEU S 38 52.06 -74.22 33.56
N GLU S 39 50.77 -74.52 33.41
CA GLU S 39 50.16 -74.46 32.08
C GLU S 39 48.95 -73.55 32.08
N PRO S 40 48.81 -72.65 31.12
CA PRO S 40 47.63 -71.81 31.05
C PRO S 40 46.50 -72.50 30.31
N THR S 41 45.37 -71.80 30.24
CA THR S 41 44.20 -72.23 29.50
C THR S 41 44.12 -71.43 28.21
N LEU S 42 43.83 -72.09 27.10
CA LEU S 42 43.99 -71.48 25.79
C LEU S 42 42.69 -71.48 25.01
N ASN S 43 42.46 -70.38 24.29
CA ASN S 43 41.38 -70.28 23.32
C ASN S 43 42.03 -70.07 21.97
N LEU S 44 41.70 -70.92 21.00
CA LEU S 44 42.33 -70.81 19.70
C LEU S 44 41.61 -69.77 18.86
N GLU S 45 42.34 -68.75 18.41
CA GLU S 45 41.77 -67.71 17.57
C GLU S 45 41.82 -68.06 16.09
N TYR S 46 43.02 -68.34 15.56
CA TYR S 46 43.08 -68.80 14.19
C TYR S 46 44.43 -69.46 13.90
N ILE S 47 44.59 -69.85 12.64
CA ILE S 47 45.74 -70.60 12.14
C ILE S 47 46.25 -69.88 10.92
N THR S 48 47.57 -69.87 10.73
CA THR S 48 48.15 -69.29 9.52
C THR S 48 49.12 -70.28 8.88
N CYS S 49 49.20 -70.22 7.55
CA CYS S 49 50.11 -71.04 6.77
C CYS S 49 50.27 -70.42 5.38
N GLU S 50 51.20 -70.96 4.60
CA GLU S 50 51.50 -70.39 3.29
C GLU S 50 50.27 -70.40 2.40
N TYR S 51 50.12 -69.36 1.60
CA TYR S 51 49.04 -69.36 0.63
C TYR S 51 49.56 -69.93 -0.68
N LYS S 52 48.65 -70.51 -1.46
CA LYS S 52 48.98 -71.10 -2.75
C LYS S 52 48.06 -70.54 -3.80
N THR S 53 48.63 -69.93 -4.83
CA THR S 53 47.84 -69.29 -5.86
C THR S 53 47.43 -70.31 -6.93
N VAL S 54 46.17 -70.29 -7.33
CA VAL S 54 45.70 -71.12 -8.43
C VAL S 54 45.34 -70.22 -9.60
N VAL S 55 45.83 -70.57 -10.78
CA VAL S 55 45.58 -69.80 -12.00
C VAL S 55 45.02 -70.75 -13.05
N PRO S 56 43.70 -70.81 -13.20
CA PRO S 56 43.12 -71.63 -14.26
C PRO S 56 43.50 -71.10 -15.62
N SER S 57 43.48 -71.99 -16.60
CA SER S 57 43.92 -71.63 -17.95
C SER S 57 43.03 -70.54 -18.53
N PRO S 58 43.60 -69.62 -19.30
CA PRO S 58 42.81 -68.54 -19.86
C PRO S 58 41.83 -69.09 -20.87
N TYR S 59 40.71 -68.38 -21.02
CA TYR S 59 39.69 -68.71 -22.01
C TYR S 59 39.74 -67.65 -23.10
N VAL S 60 40.10 -68.05 -24.31
CA VAL S 60 40.20 -67.13 -25.43
C VAL S 60 38.98 -67.32 -26.32
N LYS S 61 38.01 -66.43 -26.19
CA LYS S 61 36.82 -66.46 -27.03
C LYS S 61 37.07 -65.54 -28.22
N CYS S 62 37.26 -66.13 -29.39
CA CYS S 62 37.71 -65.37 -30.54
C CYS S 62 36.73 -65.44 -31.69
N CYS S 63 36.65 -64.35 -32.45
CA CYS S 63 35.54 -64.06 -33.35
C CYS S 63 34.23 -64.02 -32.58
N GLY S 64 34.23 -63.27 -31.48
CA GLY S 64 33.08 -63.15 -30.64
C GLY S 64 33.35 -62.24 -29.45
N ALA S 65 32.78 -62.55 -28.31
CA ALA S 65 33.03 -61.77 -27.09
C ALA S 65 32.75 -62.65 -25.89
N SER S 66 33.34 -62.28 -24.76
CA SER S 66 33.14 -62.99 -23.51
C SER S 66 32.82 -61.99 -22.41
N GLU S 67 31.96 -62.40 -21.49
CA GLU S 67 31.42 -61.51 -20.47
C GLU S 67 31.88 -61.94 -19.08
N CYS S 68 32.20 -60.95 -18.26
CA CYS S 68 32.71 -61.21 -16.92
C CYS S 68 31.61 -61.75 -16.01
N SER S 69 32.00 -62.65 -15.11
CA SER S 69 31.08 -63.24 -14.15
C SER S 69 31.72 -63.26 -12.77
N THR S 70 30.92 -63.12 -11.73
CA THR S 70 31.45 -63.11 -10.37
C THR S 70 31.19 -64.43 -9.66
N LYS S 71 32.06 -64.76 -8.73
CA LYS S 71 31.98 -66.00 -7.96
C LYS S 71 32.38 -65.73 -6.53
N GLU S 72 32.26 -66.75 -5.69
CA GLU S 72 32.54 -66.63 -4.26
C GLU S 72 33.77 -67.47 -3.92
N LYS S 73 34.94 -66.85 -4.03
CA LYS S 73 36.19 -67.45 -3.64
C LYS S 73 37.02 -66.41 -2.89
N PRO S 74 37.94 -66.83 -2.04
CA PRO S 74 38.78 -65.85 -1.34
C PRO S 74 39.64 -65.09 -2.32
N ASP S 75 39.44 -63.78 -2.36
CA ASP S 75 40.28 -62.88 -3.15
C ASP S 75 40.17 -63.17 -4.64
N TYR S 76 38.97 -63.42 -5.11
CA TYR S 76 38.74 -63.74 -6.51
C TYR S 76 38.99 -62.52 -7.39
N GLN S 77 39.63 -62.74 -8.53
CA GLN S 77 39.90 -61.67 -9.47
C GLN S 77 39.72 -62.18 -10.89
N CYS S 78 39.08 -61.39 -11.75
CA CYS S 78 38.89 -61.80 -13.13
C CYS S 78 38.68 -60.58 -14.00
N LYS S 79 39.14 -60.67 -15.24
CA LYS S 79 39.09 -59.55 -16.16
C LYS S 79 38.97 -60.07 -17.58
N VAL S 80 38.51 -59.21 -18.48
CA VAL S 80 38.38 -59.54 -19.89
C VAL S 80 39.14 -58.50 -20.70
N TYR S 81 40.02 -58.96 -21.57
CA TYR S 81 40.81 -58.07 -22.41
C TYR S 81 40.39 -58.22 -23.86
N THR S 82 40.49 -57.10 -24.58
CA THR S 82 40.00 -56.98 -25.94
C THR S 82 41.17 -56.75 -26.89
N GLY S 83 41.11 -57.39 -28.05
CA GLY S 83 42.10 -57.17 -29.08
C GLY S 83 43.26 -58.13 -29.07
N VAL S 84 43.16 -59.24 -28.37
CA VAL S 84 44.24 -60.20 -28.32
C VAL S 84 44.34 -60.91 -29.66
N TYR S 85 45.57 -61.25 -30.05
CA TYR S 85 45.85 -62.05 -31.24
C TYR S 85 46.85 -63.11 -30.83
N PRO S 86 46.43 -64.12 -30.09
CA PRO S 86 47.38 -65.07 -29.50
C PRO S 86 48.09 -65.87 -30.57
N PHE S 87 49.14 -66.55 -30.15
CA PHE S 87 49.92 -67.41 -31.03
C PHE S 87 50.15 -68.76 -30.37
N MET S 88 50.26 -69.79 -31.21
CA MET S 88 50.62 -71.12 -30.74
C MET S 88 51.77 -71.62 -31.61
N TRP S 89 52.28 -72.80 -31.27
CA TRP S 89 53.51 -73.26 -31.91
C TRP S 89 53.31 -73.47 -33.41
N GLY S 90 52.19 -74.07 -33.81
CA GLY S 90 51.97 -74.33 -35.21
C GLY S 90 51.64 -73.11 -36.02
N GLY S 91 51.17 -72.05 -35.38
CA GLY S 91 50.74 -70.87 -36.09
C GLY S 91 49.88 -70.03 -35.17
N ALA S 92 49.09 -69.16 -35.78
CA ALA S 92 48.28 -68.21 -35.03
C ALA S 92 46.82 -68.52 -35.31
N TYR S 93 46.08 -68.93 -34.29
CA TYR S 93 44.68 -69.23 -34.54
C TYR S 93 43.84 -68.01 -34.21
N CYS S 94 42.53 -68.20 -34.11
CA CYS S 94 41.58 -67.10 -33.99
C CYS S 94 41.63 -66.20 -35.22
N PHE S 95 41.08 -66.75 -36.30
CA PHE S 95 41.00 -66.18 -37.64
C PHE S 95 40.80 -64.67 -37.66
N CYS S 96 39.85 -64.16 -36.88
CA CYS S 96 39.58 -62.73 -36.89
C CYS S 96 40.83 -61.98 -36.42
N ASP S 97 41.17 -60.88 -37.11
CA ASP S 97 42.42 -60.20 -36.81
C ASP S 97 42.41 -59.59 -35.41
N SER S 98 41.32 -58.93 -35.01
CA SER S 98 41.35 -58.19 -33.76
C SER S 98 40.12 -58.42 -32.89
N GLU S 99 39.06 -58.98 -33.46
CA GLU S 99 37.78 -59.11 -32.75
C GLU S 99 37.81 -60.35 -31.86
N ASN S 100 38.61 -60.27 -30.79
CA ASN S 100 38.84 -61.42 -29.93
C ASN S 100 38.92 -60.93 -28.49
N THR S 101 38.53 -61.78 -27.55
CA THR S 101 38.65 -61.43 -26.14
C THR S 101 39.21 -62.59 -25.35
N GLN S 102 39.86 -62.25 -24.23
CA GLN S 102 40.45 -63.24 -23.35
C GLN S 102 40.00 -62.98 -21.92
N LEU S 103 39.56 -64.03 -21.24
CA LEU S 103 39.09 -63.95 -19.87
C LEU S 103 40.12 -64.59 -18.96
N SER S 104 40.69 -63.79 -18.07
CA SER S 104 41.70 -64.25 -17.14
C SER S 104 41.14 -64.24 -15.72
N GLU S 105 41.52 -65.24 -14.94
CA GLU S 105 40.85 -65.51 -13.67
C GLU S 105 41.85 -66.11 -12.67
N ALA S 106 41.74 -65.71 -11.41
CA ALA S 106 42.68 -66.20 -10.40
C ALA S 106 42.07 -66.03 -9.01
N TYR S 107 42.58 -66.81 -8.06
CA TYR S 107 42.17 -66.67 -6.67
C TYR S 107 43.15 -67.41 -5.78
N VAL S 108 43.02 -67.18 -4.47
CA VAL S 108 43.99 -67.62 -3.47
C VAL S 108 43.42 -68.81 -2.72
N ASP S 109 44.30 -69.70 -2.27
CA ASP S 109 43.84 -70.85 -1.50
C ASP S 109 44.94 -71.32 -0.56
N ARG S 110 44.50 -72.05 0.47
CA ARG S 110 45.39 -72.58 1.49
C ARG S 110 46.33 -73.61 0.88
N SER S 111 47.52 -73.74 1.46
CA SER S 111 48.52 -74.61 0.88
C SER S 111 48.11 -76.07 1.00
N ASP S 112 48.93 -76.94 0.41
CA ASP S 112 48.70 -78.37 0.50
C ASP S 112 49.16 -78.94 1.83
N VAL S 113 50.26 -78.44 2.39
CA VAL S 113 50.81 -78.97 3.61
C VAL S 113 50.50 -78.07 4.81
N CYS S 114 49.43 -77.28 4.71
CA CYS S 114 49.04 -76.43 5.83
C CYS S 114 48.68 -77.25 7.06
N ARG S 115 48.29 -78.50 6.87
CA ARG S 115 47.99 -79.37 7.99
C ARG S 115 49.24 -79.82 8.75
N HIS S 116 50.41 -79.78 8.12
CA HIS S 116 51.64 -80.13 8.81
C HIS S 116 52.54 -78.95 9.09
N ASP S 117 52.24 -77.77 8.55
CA ASP S 117 53.16 -76.63 8.64
C ASP S 117 52.34 -75.36 8.84
N HIS S 118 52.05 -75.04 10.10
CA HIS S 118 51.16 -73.93 10.39
C HIS S 118 51.45 -73.39 11.78
N ALA S 119 51.02 -72.16 12.01
CA ALA S 119 51.26 -71.47 13.28
C ALA S 119 49.93 -71.06 13.89
N SER S 120 49.81 -71.22 15.21
CA SER S 120 48.55 -71.04 15.91
C SER S 120 48.57 -69.73 16.69
N ALA S 121 47.42 -69.05 16.73
CA ALA S 121 47.31 -67.81 17.49
C ALA S 121 46.35 -68.04 18.65
N TYR S 122 46.82 -67.77 19.87
CA TYR S 122 46.14 -68.18 21.08
C TYR S 122 45.91 -67.01 22.02
N LYS S 123 44.91 -67.17 22.87
CA LYS S 123 44.67 -66.28 24.00
C LYS S 123 44.84 -67.10 25.27
N ALA S 124 45.70 -66.65 26.18
CA ALA S 124 46.09 -67.44 27.33
C ALA S 124 45.77 -66.68 28.62
N HIS S 125 45.27 -67.41 29.62
CA HIS S 125 44.91 -66.82 30.90
C HIS S 125 44.71 -67.90 31.93
N THR S 126 44.79 -67.50 33.21
CA THR S 126 44.36 -68.31 34.36
C THR S 126 45.12 -69.64 34.41
N ALA S 127 46.40 -69.52 34.67
CA ALA S 127 47.27 -70.69 34.70
C ALA S 127 46.88 -71.64 35.81
N SER S 128 47.18 -72.91 35.60
CA SER S 128 46.99 -73.97 36.57
C SER S 128 48.34 -74.64 36.79
N LEU S 129 48.63 -75.05 38.02
CA LEU S 129 49.94 -75.56 38.37
C LEU S 129 49.82 -77.03 38.77
N LYS S 130 50.81 -77.82 38.38
CA LYS S 130 50.90 -79.22 38.77
C LYS S 130 52.31 -79.48 39.28
N ALA S 131 52.48 -80.50 40.11
CA ALA S 131 53.79 -80.75 40.68
C ALA S 131 53.97 -82.23 40.94
N LYS S 132 55.23 -82.64 41.03
CA LYS S 132 55.60 -83.99 41.45
C LYS S 132 56.54 -83.84 42.63
N VAL S 133 56.17 -84.45 43.76
CA VAL S 133 56.77 -84.17 45.06
C VAL S 133 57.21 -85.47 45.72
N ARG S 134 58.39 -85.44 46.33
CA ARG S 134 59.01 -86.61 46.96
C ARG S 134 58.92 -86.43 48.46
N VAL S 135 58.44 -87.45 49.17
CA VAL S 135 58.23 -87.37 50.61
C VAL S 135 58.90 -88.56 51.29
N MET S 136 59.70 -88.30 52.32
CA MET S 136 60.27 -89.40 53.08
C MET S 136 60.31 -89.07 54.57
N TYR S 137 59.92 -90.06 55.38
CA TYR S 137 59.99 -89.98 56.82
C TYR S 137 59.88 -91.39 57.37
N GLY S 138 60.22 -91.57 58.64
CA GLY S 138 60.11 -92.87 59.24
C GLY S 138 60.94 -93.88 58.47
N ASN S 139 60.27 -94.72 57.69
CA ASN S 139 60.95 -95.59 56.76
C ASN S 139 60.28 -95.63 55.39
N VAL S 140 59.43 -94.65 55.08
CA VAL S 140 58.70 -94.64 53.82
C VAL S 140 59.35 -93.68 52.85
N ASN S 141 59.59 -94.14 51.63
CA ASN S 141 60.05 -93.34 50.52
C ASN S 141 58.85 -93.01 49.64
N GLN S 142 59.08 -92.35 48.50
CA GLN S 142 58.26 -92.33 47.28
C GLN S 142 57.74 -90.94 46.94
N THR S 143 57.25 -90.80 45.71
CA THR S 143 56.83 -89.53 45.16
C THR S 143 55.36 -89.62 44.74
N VAL S 144 54.69 -88.46 44.70
CA VAL S 144 53.29 -88.37 44.32
C VAL S 144 53.11 -87.19 43.37
N ASP S 145 52.02 -87.24 42.61
CA ASP S 145 51.70 -86.25 41.59
C ASP S 145 50.48 -85.47 42.03
N VAL S 146 50.63 -84.17 42.31
CA VAL S 146 49.59 -83.41 42.96
C VAL S 146 49.31 -82.14 42.17
N TYR S 147 48.03 -81.76 42.08
CA TYR S 147 47.67 -80.42 41.67
C TYR S 147 47.90 -79.47 42.83
N VAL S 148 48.61 -78.37 42.59
CA VAL S 148 48.89 -77.42 43.66
C VAL S 148 47.78 -76.37 43.62
N ASN S 149 46.68 -76.72 44.26
CA ASN S 149 45.67 -75.77 44.69
C ASN S 149 44.82 -76.47 45.73
N GLY S 150 44.05 -75.71 46.47
CA GLY S 150 43.46 -76.25 47.68
C GLY S 150 42.47 -77.38 47.47
N ASP S 151 42.41 -77.93 46.26
CA ASP S 151 41.39 -78.91 45.89
C ASP S 151 42.03 -80.19 45.32
N HIS S 152 42.98 -80.76 46.05
CA HIS S 152 43.44 -82.11 45.75
C HIS S 152 44.17 -82.64 46.98
N ALA S 153 43.74 -83.79 47.47
CA ALA S 153 44.36 -84.44 48.60
C ALA S 153 44.86 -85.82 48.19
N VAL S 154 46.07 -86.15 48.62
CA VAL S 154 46.71 -87.41 48.27
C VAL S 154 47.21 -88.07 49.54
N THR S 155 47.10 -89.40 49.61
CA THR S 155 47.48 -90.14 50.80
C THR S 155 48.76 -90.93 50.54
N ILE S 156 49.72 -90.79 51.44
CA ILE S 156 51.02 -91.43 51.32
C ILE S 156 51.21 -92.32 52.54
N GLY S 157 50.94 -93.61 52.39
CA GLY S 157 51.13 -94.52 53.51
C GLY S 157 50.26 -94.21 54.71
N GLY S 158 48.98 -93.92 54.48
CA GLY S 158 48.04 -93.65 55.54
C GLY S 158 47.93 -92.20 55.96
N THR S 159 48.80 -91.33 55.47
CA THR S 159 48.83 -89.92 55.85
C THR S 159 48.19 -89.10 54.75
N GLN S 160 47.43 -88.08 55.13
CA GLN S 160 46.81 -87.18 54.16
C GLN S 160 47.63 -85.91 53.99
N PHE S 161 47.86 -85.52 52.74
CA PHE S 161 48.60 -84.31 52.40
C PHE S 161 47.73 -83.43 51.51
N ILE S 162 47.80 -82.12 51.70
CA ILE S 162 47.11 -81.16 50.85
C ILE S 162 48.08 -80.03 50.55
N PHE S 163 48.24 -79.70 49.27
CA PHE S 163 49.13 -78.61 48.88
C PHE S 163 48.29 -77.41 48.48
N GLY S 164 48.34 -76.36 49.29
CA GLY S 164 47.47 -75.22 49.12
C GLY S 164 47.87 -74.34 47.96
N PRO S 165 47.09 -73.31 47.70
CA PRO S 165 47.32 -72.49 46.50
C PRO S 165 48.66 -71.79 46.56
N LEU S 166 49.25 -71.58 45.38
CA LEU S 166 50.56 -70.96 45.31
C LEU S 166 50.50 -69.53 45.81
N SER S 167 51.61 -69.08 46.39
CA SER S 167 51.65 -67.76 47.00
C SER S 167 51.43 -66.65 45.99
N SER S 168 52.05 -66.75 44.82
CA SER S 168 52.03 -65.68 43.84
C SER S 168 51.19 -66.06 42.63
N ALA S 169 50.79 -65.04 41.87
CA ALA S 169 49.96 -65.25 40.70
C ALA S 169 50.66 -64.74 39.45
N TRP S 170 51.92 -65.11 39.27
CA TRP S 170 52.75 -64.60 38.21
C TRP S 170 52.87 -65.65 37.10
N THR S 171 52.59 -65.24 35.86
CA THR S 171 52.76 -66.12 34.72
C THR S 171 53.56 -65.42 33.64
N PRO S 172 54.47 -66.13 32.97
CA PRO S 172 55.29 -65.49 31.94
C PRO S 172 54.61 -65.34 30.59
N PHE S 173 53.41 -65.86 30.41
CA PHE S 173 52.71 -65.76 29.13
C PHE S 173 51.83 -64.52 29.14
N ASP S 174 51.95 -63.71 28.09
CA ASP S 174 51.14 -62.50 27.99
C ASP S 174 49.70 -62.90 27.69
N ASN S 175 48.88 -61.90 27.36
CA ASN S 175 47.49 -62.20 27.06
C ASN S 175 47.35 -62.84 25.70
N LYS S 176 48.32 -62.66 24.82
CA LYS S 176 48.26 -63.20 23.46
C LYS S 176 49.53 -63.98 23.15
N ILE S 177 49.36 -65.11 22.50
CA ILE S 177 50.44 -66.06 22.23
C ILE S 177 50.42 -66.40 20.76
N VAL S 178 51.60 -66.70 20.20
CA VAL S 178 51.70 -67.32 18.89
C VAL S 178 52.62 -68.52 19.02
N VAL S 179 52.13 -69.69 18.64
CA VAL S 179 52.84 -70.96 18.85
C VAL S 179 53.22 -71.53 17.49
N TYR S 180 54.46 -71.97 17.37
CA TYR S 180 54.97 -72.57 16.14
C TYR S 180 55.88 -73.73 16.51
N LYS S 181 55.45 -74.95 16.20
CA LYS S 181 56.22 -76.15 16.49
C LYS S 181 56.52 -76.27 17.97
N ASP S 182 57.70 -75.82 18.41
CA ASP S 182 58.05 -75.90 19.83
C ASP S 182 58.53 -74.57 20.40
N GLU S 183 58.02 -73.46 19.90
CA GLU S 183 58.43 -72.15 20.38
C GLU S 183 57.22 -71.29 20.64
N VAL S 184 57.24 -70.54 21.73
CA VAL S 184 56.16 -69.66 22.11
C VAL S 184 56.65 -68.23 22.01
N PHE S 185 55.90 -67.38 21.33
CA PHE S 185 56.29 -66.00 21.15
C PHE S 185 55.25 -65.08 21.75
N ASN S 186 55.71 -64.15 22.59
CA ASN S 186 54.84 -63.12 23.13
C ASN S 186 54.66 -62.08 22.03
N GLN S 187 53.50 -62.12 21.39
CA GLN S 187 53.27 -61.32 20.20
C GLN S 187 51.86 -60.76 20.25
N ASP S 188 51.62 -59.72 19.46
CA ASP S 188 50.29 -59.15 19.28
C ASP S 188 49.92 -59.35 17.82
N PHE S 189 48.80 -60.04 17.58
CA PHE S 189 48.44 -60.37 16.21
C PHE S 189 47.19 -59.64 15.77
N PRO S 190 46.98 -59.51 14.45
CA PRO S 190 45.81 -58.79 13.97
C PRO S 190 44.53 -59.54 14.31
N PRO S 191 43.40 -58.84 14.37
CA PRO S 191 42.12 -59.52 14.59
C PRO S 191 41.74 -60.36 13.39
N TYR S 192 40.90 -61.37 13.63
CA TYR S 192 40.37 -62.15 12.52
C TYR S 192 39.58 -61.26 11.58
N GLY S 193 39.84 -61.42 10.29
CA GLY S 193 39.12 -60.66 9.30
C GLY S 193 39.66 -59.28 9.01
N SER S 194 40.80 -58.91 9.57
CA SER S 194 41.40 -57.61 9.31
C SER S 194 42.92 -57.73 9.20
N GLY S 195 43.39 -58.72 8.46
CA GLY S 195 44.81 -58.92 8.27
C GLY S 195 45.39 -57.90 7.31
N GLN S 196 46.67 -57.92 7.17
CA GLN S 196 47.25 -57.04 6.18
C GLN S 196 48.14 -57.82 5.22
N PRO S 197 48.23 -57.41 3.97
CA PRO S 197 49.07 -58.13 3.02
C PRO S 197 50.54 -58.08 3.39
N GLY S 198 51.21 -59.20 3.25
CA GLY S 198 52.64 -59.24 3.41
C GLY S 198 53.14 -59.43 4.83
N ARG S 199 52.26 -59.49 5.81
CA ARG S 199 52.66 -59.58 7.21
C ARG S 199 51.99 -60.79 7.83
N PHE S 200 52.17 -60.97 9.14
CA PHE S 200 51.54 -62.09 9.82
C PHE S 200 50.03 -62.00 9.67
N GLY S 201 49.41 -63.11 9.28
CA GLY S 201 47.98 -63.14 9.15
C GLY S 201 47.44 -62.70 7.81
N ASP S 202 48.21 -62.79 6.74
CA ASP S 202 47.70 -62.40 5.43
C ASP S 202 46.55 -63.32 5.00
N ILE S 203 46.57 -64.57 5.40
CA ILE S 203 45.42 -65.47 5.27
C ILE S 203 45.14 -66.08 6.64
N GLN S 204 43.86 -66.27 6.94
CA GLN S 204 43.45 -66.80 8.23
C GLN S 204 42.30 -67.77 8.06
N SER S 205 42.35 -68.87 8.80
CA SER S 205 41.28 -69.84 8.83
C SER S 205 40.99 -70.18 10.28
N ARG S 206 39.72 -70.41 10.59
CA ARG S 206 39.32 -70.54 11.98
C ARG S 206 39.89 -71.81 12.62
N THR S 207 40.04 -72.87 11.85
CA THR S 207 40.66 -74.10 12.35
C THR S 207 41.16 -74.88 11.15
N VAL S 208 42.08 -75.81 11.39
CA VAL S 208 42.80 -76.47 10.31
C VAL S 208 41.85 -77.17 9.36
N GLU S 209 40.71 -77.63 9.87
CA GLU S 209 39.73 -78.32 9.03
C GLU S 209 38.59 -77.42 8.57
N SER S 210 38.52 -76.19 9.04
CA SER S 210 37.42 -75.31 8.68
C SER S 210 37.45 -74.98 7.21
N ASN S 211 36.27 -74.87 6.60
CA ASN S 211 36.19 -74.65 5.17
C ASN S 211 36.41 -73.18 4.81
N ASP S 212 35.74 -72.26 5.48
CA ASP S 212 35.84 -70.85 5.13
C ASP S 212 37.24 -70.34 5.39
N LEU S 213 37.64 -69.33 4.62
CA LEU S 213 39.00 -68.79 4.66
C LEU S 213 38.93 -67.32 4.36
N TYR S 214 39.78 -66.52 5.00
CA TYR S 214 39.84 -65.09 4.75
C TYR S 214 41.24 -64.77 4.27
N ALA S 215 41.37 -64.39 3.01
CA ALA S 215 42.67 -64.14 2.41
C ALA S 215 42.71 -62.73 1.87
N ASN S 216 43.83 -62.04 2.10
CA ASN S 216 44.00 -60.67 1.64
C ASN S 216 45.46 -60.50 1.25
N THR S 217 45.75 -60.57 -0.05
CA THR S 217 47.12 -60.46 -0.52
C THR S 217 47.27 -59.53 -1.72
N ALA S 218 46.26 -58.71 -2.00
CA ALA S 218 46.33 -57.67 -3.03
C ALA S 218 46.66 -58.26 -4.40
N LEU S 219 46.04 -59.39 -4.72
CA LEU S 219 46.29 -60.04 -6.00
C LEU S 219 45.80 -59.13 -7.13
N LYS S 220 46.61 -58.98 -8.18
CA LYS S 220 46.23 -58.09 -9.27
C LYS S 220 46.57 -58.74 -10.61
N LEU S 221 45.73 -58.49 -11.60
CA LEU S 221 45.91 -59.02 -12.95
C LEU S 221 46.42 -57.93 -13.89
N ALA S 222 47.09 -58.33 -14.96
CA ALA S 222 47.55 -57.35 -15.92
C ALA S 222 47.30 -57.85 -17.34
N ARG S 223 47.25 -56.91 -18.26
CA ARG S 223 46.94 -57.21 -19.66
C ARG S 223 48.06 -58.03 -20.28
N PRO S 224 47.74 -59.16 -20.91
CA PRO S 224 48.81 -60.01 -21.47
C PRO S 224 49.53 -59.33 -22.60
N SER S 225 50.80 -59.66 -22.76
CA SER S 225 51.59 -59.08 -23.82
C SER S 225 51.01 -59.49 -25.18
N PRO S 226 51.18 -58.66 -26.20
CA PRO S 226 50.66 -59.03 -27.52
C PRO S 226 51.32 -60.30 -28.02
N GLY S 227 50.53 -61.15 -28.65
CA GLY S 227 51.04 -62.39 -29.20
C GLY S 227 51.54 -63.39 -28.18
N MET S 228 50.83 -63.55 -27.08
CA MET S 228 51.18 -64.53 -26.07
C MET S 228 49.94 -65.02 -25.36
N VAL S 229 50.07 -66.14 -24.65
CA VAL S 229 48.97 -66.71 -23.86
C VAL S 229 49.55 -67.02 -22.49
N HIS S 230 49.53 -66.05 -21.58
CA HIS S 230 50.18 -66.30 -20.30
C HIS S 230 49.51 -65.78 -19.03
N VAL S 231 48.46 -64.98 -19.10
CA VAL S 231 47.72 -64.48 -17.92
C VAL S 231 48.63 -64.02 -16.78
N PRO S 232 49.25 -62.85 -16.90
CA PRO S 232 50.17 -62.40 -15.86
C PRO S 232 49.47 -61.71 -14.70
N TYR S 233 50.02 -61.95 -13.51
CA TYR S 233 49.49 -61.38 -12.28
C TYR S 233 50.66 -60.91 -11.43
N THR S 234 50.35 -60.08 -10.44
CA THR S 234 51.31 -59.62 -9.46
C THR S 234 50.70 -59.72 -8.07
N GLN S 235 51.54 -60.05 -7.09
CA GLN S 235 51.02 -60.40 -5.78
C GLN S 235 52.11 -60.21 -4.74
N THR S 236 51.72 -59.72 -3.58
CA THR S 236 52.66 -59.51 -2.49
C THR S 236 53.02 -60.86 -1.85
N PRO S 237 54.30 -61.11 -1.55
CA PRO S 237 54.71 -62.41 -1.04
C PRO S 237 54.00 -62.81 0.24
N SER S 238 54.27 -64.03 0.67
CA SER S 238 53.50 -64.66 1.73
C SER S 238 53.93 -64.17 3.10
N GLY S 239 52.94 -63.67 3.84
CA GLY S 239 53.23 -63.12 5.16
C GLY S 239 53.79 -64.14 6.12
N PHE S 240 53.29 -65.37 6.08
CA PHE S 240 53.81 -66.37 6.99
C PHE S 240 55.29 -66.64 6.72
N LYS S 241 55.68 -66.77 5.46
CA LYS S 241 57.09 -66.97 5.19
C LYS S 241 57.92 -65.78 5.62
N TYR S 242 57.41 -64.56 5.44
CA TYR S 242 58.16 -63.41 5.91
C TYR S 242 58.36 -63.44 7.42
N TRP S 243 57.28 -63.68 8.16
CA TRP S 243 57.38 -63.83 9.60
C TRP S 243 58.37 -64.89 9.99
N LEU S 244 58.42 -65.98 9.22
CA LEU S 244 59.21 -67.14 9.64
C LEU S 244 60.68 -66.78 9.78
N LYS S 245 61.17 -65.82 9.00
CA LYS S 245 62.55 -65.42 9.15
C LYS S 245 62.71 -64.09 9.89
N GLU S 246 61.64 -63.31 10.08
CA GLU S 246 61.84 -62.09 10.85
C GLU S 246 60.91 -62.04 12.06
N LYS S 247 60.80 -63.15 12.79
CA LYS S 247 60.00 -63.16 14.01
C LYS S 247 60.70 -62.44 15.16
N GLY S 248 61.93 -62.82 15.47
CA GLY S 248 62.69 -62.15 16.51
C GLY S 248 62.56 -62.77 17.89
N THR S 249 63.70 -63.18 18.46
CA THR S 249 63.77 -63.79 19.78
C THR S 249 62.80 -64.95 19.93
N ALA S 250 62.43 -65.25 21.17
CA ALA S 250 61.50 -66.32 21.48
C ALA S 250 61.00 -66.07 22.90
N LEU S 251 60.40 -67.09 23.50
CA LEU S 251 60.26 -67.09 24.94
C LEU S 251 61.16 -68.10 25.61
N ASN S 252 61.57 -69.14 24.89
CA ASN S 252 62.43 -70.16 25.48
C ASN S 252 63.74 -69.56 25.94
N THR S 253 64.19 -68.48 25.30
CA THR S 253 65.40 -67.79 25.68
C THR S 253 65.14 -66.39 26.21
N LYS S 254 63.91 -66.12 26.64
CA LYS S 254 63.54 -64.82 27.17
C LYS S 254 62.82 -64.89 28.50
N ALA S 255 62.33 -66.05 28.90
CA ALA S 255 61.50 -66.14 30.09
C ALA S 255 62.32 -65.86 31.35
N PRO S 256 61.73 -65.18 32.33
CA PRO S 256 62.42 -64.94 33.59
C PRO S 256 62.43 -66.18 34.47
N PHE S 257 63.18 -66.08 35.57
CA PHE S 257 63.22 -67.11 36.61
C PHE S 257 63.76 -68.43 36.11
N GLY S 258 64.31 -68.46 34.90
CA GLY S 258 65.01 -69.63 34.41
C GLY S 258 64.17 -70.88 34.29
N CYS S 259 63.00 -70.75 33.67
CA CYS S 259 62.10 -71.88 33.54
C CYS S 259 61.83 -72.23 32.09
N GLN S 260 61.89 -73.54 31.78
CA GLN S 260 61.89 -73.99 30.41
C GLN S 260 60.49 -73.98 29.83
N ILE S 261 60.34 -73.46 28.65
CA ILE S 261 59.07 -73.56 27.93
C ILE S 261 59.06 -74.86 27.14
N LYS S 262 57.94 -75.55 27.16
CA LYS S 262 57.75 -76.72 26.32
C LYS S 262 56.36 -76.62 25.69
N THR S 263 56.15 -77.37 24.62
CA THR S 263 54.94 -77.25 23.84
C THR S 263 54.29 -78.62 23.72
N ASN S 264 52.98 -78.61 23.44
CA ASN S 264 52.16 -79.80 23.24
C ASN S 264 52.12 -80.66 24.49
N PRO S 265 51.41 -80.22 25.54
CA PRO S 265 50.69 -78.96 25.66
C PRO S 265 51.62 -77.84 26.09
N VAL S 266 51.26 -76.59 25.85
CA VAL S 266 52.14 -75.48 26.19
C VAL S 266 52.26 -75.36 27.70
N ARG S 267 53.49 -75.31 28.20
CA ARG S 267 53.68 -75.31 29.64
C ARG S 267 55.04 -74.73 29.95
N ALA S 268 55.20 -74.26 31.19
CA ALA S 268 56.46 -73.69 31.67
C ALA S 268 56.90 -74.48 32.89
N MET S 269 58.05 -75.13 32.78
CA MET S 269 58.45 -76.14 33.75
C MET S 269 59.66 -75.69 34.56
N ASN S 270 59.67 -76.12 35.83
CA ASN S 270 60.76 -75.91 36.78
C ASN S 270 60.97 -74.43 37.05
N CYS S 271 59.91 -73.73 37.42
CA CYS S 271 59.92 -72.28 37.32
C CYS S 271 59.75 -71.75 38.73
N ALA S 272 60.87 -71.29 39.30
CA ALA S 272 61.00 -71.15 40.75
C ALA S 272 60.55 -69.77 41.20
N VAL S 273 59.44 -69.72 41.94
CA VAL S 273 58.96 -68.50 42.56
C VAL S 273 57.95 -68.87 43.63
N GLY S 274 57.99 -68.16 44.74
CA GLY S 274 56.93 -68.22 45.71
C GLY S 274 57.00 -69.39 46.68
N ASN S 275 55.90 -69.55 47.40
CA ASN S 275 55.83 -70.50 48.50
C ASN S 275 54.66 -71.45 48.28
N ILE S 276 54.77 -72.63 48.86
CA ILE S 276 53.70 -73.63 48.78
C ILE S 276 53.25 -73.96 50.18
N PRO S 277 51.99 -73.72 50.53
CA PRO S 277 51.50 -74.16 51.84
C PRO S 277 51.20 -75.64 51.83
N VAL S 278 51.42 -76.27 52.98
CA VAL S 278 51.22 -77.71 53.13
C VAL S 278 50.36 -77.94 54.35
N SER S 279 49.30 -78.73 54.19
CA SER S 279 48.45 -79.16 55.29
C SER S 279 48.56 -80.67 55.41
N MET S 280 48.61 -81.17 56.63
CA MET S 280 48.89 -82.58 56.84
C MET S 280 47.87 -83.20 57.79
N ASN S 281 47.82 -84.53 57.78
CA ASN S 281 47.06 -85.25 58.80
C ASN S 281 47.70 -86.64 58.93
N LEU S 282 48.28 -86.91 60.09
CA LEU S 282 49.11 -88.09 60.23
C LEU S 282 48.51 -89.09 61.21
N PRO S 283 48.49 -90.37 60.86
CA PRO S 283 48.11 -91.41 61.81
C PRO S 283 49.02 -91.40 63.03
N ASP S 284 48.65 -92.24 64.00
CA ASP S 284 49.42 -92.37 65.22
C ASP S 284 50.60 -93.33 65.06
N SER S 285 50.51 -94.30 64.16
CA SER S 285 51.56 -95.30 64.03
C SER S 285 52.88 -94.71 63.57
N ALA S 286 52.86 -93.56 62.90
CA ALA S 286 54.11 -92.96 62.43
C ALA S 286 55.00 -92.53 63.59
N PHE S 287 54.41 -91.97 64.65
CA PHE S 287 55.17 -91.52 65.80
C PHE S 287 55.66 -92.70 66.63
N THR S 288 56.54 -92.40 67.57
CA THR S 288 57.06 -93.39 68.50
C THR S 288 56.84 -92.91 69.93
N ARG S 289 56.63 -93.87 70.82
CA ARG S 289 56.29 -93.54 72.20
C ARG S 289 57.47 -92.90 72.92
N ILE S 290 57.16 -91.92 73.77
CA ILE S 290 58.20 -91.21 74.50
C ILE S 290 58.91 -92.11 75.47
N VAL S 291 58.25 -93.17 75.96
CA VAL S 291 58.95 -94.15 76.79
C VAL S 291 59.99 -94.89 75.97
N GLU S 292 59.65 -95.29 74.75
CA GLU S 292 60.59 -96.01 73.90
C GLU S 292 61.75 -95.13 73.44
N ALA S 293 61.48 -93.86 73.13
CA ALA S 293 62.54 -92.98 72.68
C ALA S 293 63.54 -92.74 73.81
N PRO S 294 64.83 -92.73 73.52
CA PRO S 294 65.84 -92.59 74.57
C PRO S 294 65.77 -91.21 75.21
N THR S 295 66.24 -91.14 76.45
CA THR S 295 66.27 -89.91 77.22
C THR S 295 67.63 -89.25 77.08
N ILE S 296 67.64 -87.97 76.76
CA ILE S 296 68.87 -87.24 76.42
C ILE S 296 69.05 -86.07 77.38
N ILE S 297 70.22 -85.98 77.99
CA ILE S 297 70.58 -84.90 78.91
C ILE S 297 72.00 -84.45 78.60
N ASP S 298 72.33 -83.25 79.09
CA ASP S 298 73.67 -82.66 78.96
C ASP S 298 74.08 -82.50 77.49
N LEU S 299 73.33 -81.67 76.78
CA LEU S 299 73.58 -81.44 75.37
C LEU S 299 74.45 -80.21 75.17
N THR S 300 75.61 -80.39 74.55
CA THR S 300 76.51 -79.29 74.24
C THR S 300 76.92 -79.35 72.78
N CYS S 301 77.05 -78.16 72.18
CA CYS S 301 77.31 -77.98 70.76
C CYS S 301 78.69 -77.36 70.55
N THR S 302 79.44 -77.92 69.61
CA THR S 302 80.72 -77.34 69.20
C THR S 302 80.81 -77.41 67.68
N VAL S 303 81.59 -76.51 67.10
CA VAL S 303 81.80 -76.46 65.66
C VAL S 303 83.27 -76.72 65.38
N ALA S 304 83.55 -77.66 64.47
CA ALA S 304 84.93 -77.97 64.14
C ALA S 304 85.47 -77.01 63.09
N THR S 305 84.78 -76.92 61.95
CA THR S 305 85.21 -76.12 60.82
C THR S 305 83.98 -75.51 60.16
N CYS S 306 84.13 -74.27 59.68
CA CYS S 306 83.05 -73.63 58.94
C CYS S 306 83.57 -73.01 57.65
N THR S 307 82.73 -73.02 56.62
CA THR S 307 83.03 -72.35 55.36
C THR S 307 81.70 -72.15 54.63
N HIS S 308 81.23 -70.91 54.56
CA HIS S 308 79.88 -70.69 54.04
C HIS S 308 79.91 -70.84 52.53
N SER S 309 79.88 -72.10 52.10
CA SER S 309 79.78 -72.44 50.69
C SER S 309 78.38 -72.96 50.39
N SER S 310 78.08 -73.05 49.10
CA SER S 310 76.75 -73.51 48.70
C SER S 310 76.52 -74.95 49.12
N ASP S 311 77.56 -75.79 49.10
CA ASP S 311 77.40 -77.15 49.54
C ASP S 311 77.43 -77.21 51.07
N PHE S 312 77.34 -78.43 51.60
CA PHE S 312 77.35 -78.63 53.04
C PHE S 312 78.76 -78.49 53.59
N GLY S 313 79.09 -77.32 54.13
CA GLY S 313 80.45 -77.04 54.53
C GLY S 313 80.68 -76.65 55.98
N GLY S 314 80.00 -77.30 56.92
CA GLY S 314 80.32 -77.10 58.32
C GLY S 314 80.11 -78.38 59.11
N VAL S 315 81.13 -78.75 59.87
CA VAL S 315 81.11 -79.96 60.68
C VAL S 315 80.79 -79.58 62.11
N LEU S 316 79.78 -80.22 62.67
CA LEU S 316 79.22 -79.87 63.98
C LEU S 316 79.25 -81.09 64.87
N THR S 317 79.65 -80.92 66.12
CA THR S 317 79.79 -82.03 67.04
C THR S 317 78.90 -81.80 68.26
N LEU S 318 78.10 -82.79 68.61
CA LEU S 318 77.19 -82.72 69.74
C LEU S 318 77.58 -83.77 70.77
N THR S 319 77.68 -83.34 72.03
CA THR S 319 77.94 -84.24 73.15
C THR S 319 76.74 -84.27 74.06
N TYR S 320 76.48 -85.45 74.64
CA TYR S 320 75.25 -85.70 75.38
C TYR S 320 75.50 -86.83 76.37
N LYS S 321 74.43 -87.27 77.03
CA LYS S 321 74.44 -88.47 77.86
C LYS S 321 73.06 -89.12 77.78
N THR S 322 73.04 -90.42 77.54
CA THR S 322 71.80 -91.15 77.25
C THR S 322 71.64 -92.34 78.19
N ASP S 323 70.41 -92.86 78.21
CA ASP S 323 70.09 -94.06 78.97
C ASP S 323 70.35 -95.34 78.17
N LYS S 324 69.85 -95.40 76.94
CA LYS S 324 70.00 -96.56 76.08
C LYS S 324 70.20 -96.07 74.65
N ASN S 325 70.70 -96.96 73.80
CA ASN S 325 70.98 -96.64 72.40
C ASN S 325 69.69 -96.63 71.61
N GLY S 326 69.59 -95.71 70.65
CA GLY S 326 68.43 -95.62 69.79
C GLY S 326 68.66 -94.66 68.65
N ASP S 327 67.62 -93.98 68.18
CA ASP S 327 67.74 -92.98 67.13
C ASP S 327 66.87 -91.78 67.45
N CYS S 328 67.42 -90.59 67.26
CA CYS S 328 66.70 -89.35 67.48
C CYS S 328 66.48 -88.63 66.16
N SER S 329 65.54 -87.70 66.18
CA SER S 329 65.28 -86.82 65.04
C SER S 329 65.94 -85.48 65.31
N VAL S 330 66.89 -85.11 64.45
CA VAL S 330 67.73 -83.94 64.64
C VAL S 330 67.21 -82.80 63.77
N HIS S 331 67.10 -81.62 64.36
CA HIS S 331 66.58 -80.47 63.63
C HIS S 331 67.31 -79.21 64.04
N SER S 332 67.35 -78.25 63.12
CA SER S 332 67.79 -76.89 63.39
C SER S 332 66.58 -75.97 63.27
N HIS S 333 66.38 -75.10 64.27
CA HIS S 333 65.14 -74.36 64.36
C HIS S 333 65.17 -73.02 63.65
N SER S 334 66.25 -72.69 62.94
CA SER S 334 66.34 -71.43 62.23
C SER S 334 66.77 -71.69 60.80
N ASN S 335 66.43 -70.76 59.91
CA ASN S 335 66.77 -70.92 58.50
C ASN S 335 68.20 -70.49 58.18
N VAL S 336 68.92 -69.89 59.12
CA VAL S 336 70.28 -69.46 58.83
C VAL S 336 71.16 -70.66 58.51
N ALA S 337 70.81 -71.83 59.03
CA ALA S 337 71.56 -73.05 58.77
C ALA S 337 70.60 -74.14 58.35
N THR S 338 71.10 -75.08 57.55
CA THR S 338 70.33 -76.24 57.15
C THR S 338 71.17 -77.50 57.37
N LEU S 339 70.59 -78.48 58.05
CA LEU S 339 71.27 -79.74 58.29
C LEU S 339 71.27 -80.60 57.04
N GLN S 340 72.20 -81.55 56.98
CA GLN S 340 72.20 -82.47 55.85
C GLN S 340 71.24 -83.63 56.08
N GLU S 341 71.30 -84.27 57.24
CA GLU S 341 70.49 -85.44 57.53
C GLU S 341 69.51 -85.12 58.65
N ALA S 342 68.48 -85.95 58.76
CA ALA S 342 67.38 -85.68 59.69
C ALA S 342 67.31 -86.66 60.86
N THR S 343 67.94 -87.82 60.78
CA THR S 343 67.93 -88.76 61.89
C THR S 343 69.36 -89.08 62.28
N ALA S 344 69.58 -89.26 63.58
CA ALA S 344 70.90 -89.55 64.09
C ALA S 344 70.86 -90.77 64.98
N LYS S 345 71.90 -91.59 64.85
CA LYS S 345 72.03 -92.84 65.60
C LYS S 345 72.66 -92.50 66.94
N VAL S 346 71.86 -92.49 67.99
CA VAL S 346 72.33 -92.14 69.32
C VAL S 346 72.86 -93.39 70.00
N LYS S 347 74.12 -93.35 70.41
CA LYS S 347 74.79 -94.48 71.05
C LYS S 347 75.42 -94.00 72.35
N THR S 348 75.86 -94.94 73.17
CA THR S 348 76.33 -94.61 74.52
C THR S 348 77.64 -93.86 74.54
N ALA S 349 78.29 -93.69 73.39
CA ALA S 349 79.59 -93.02 73.37
C ALA S 349 79.48 -91.56 73.79
N GLY S 350 78.34 -90.93 73.54
CA GLY S 350 78.20 -89.52 73.86
C GLY S 350 78.76 -88.59 72.81
N LYS S 351 78.83 -89.03 71.55
CA LYS S 351 79.40 -88.23 70.48
C LYS S 351 78.56 -88.44 69.23
N VAL S 352 78.03 -87.35 68.66
CA VAL S 352 77.45 -87.42 67.32
C VAL S 352 77.97 -86.25 66.50
N THR S 353 77.98 -86.44 65.19
CA THR S 353 78.49 -85.45 64.27
C THR S 353 77.48 -85.20 63.17
N LEU S 354 77.36 -83.95 62.77
CA LEU S 354 76.41 -83.55 61.72
C LEU S 354 77.12 -82.62 60.75
N HIS S 355 76.55 -82.52 59.55
CA HIS S 355 77.02 -81.58 58.54
C HIS S 355 75.93 -80.57 58.28
N PHE S 356 76.31 -79.31 58.14
CA PHE S 356 75.34 -78.27 57.88
C PHE S 356 75.88 -77.28 56.86
N SER S 357 74.96 -76.49 56.32
CA SER S 357 75.27 -75.46 55.33
C SER S 357 74.69 -74.15 55.78
N THR S 358 75.44 -73.07 55.58
CA THR S 358 75.01 -71.74 55.97
C THR S 358 75.46 -70.72 54.93
N ALA S 359 75.12 -69.46 55.17
CA ALA S 359 75.48 -68.39 54.23
C ALA S 359 75.82 -67.08 54.93
N SER S 360 76.30 -67.12 56.16
CA SER S 360 76.67 -65.91 56.89
C SER S 360 77.93 -66.14 57.70
N ALA S 361 78.60 -65.03 58.04
CA ALA S 361 79.91 -65.12 58.68
C ALA S 361 79.82 -65.69 60.08
N SER S 362 78.80 -65.33 60.84
CA SER S 362 78.60 -65.82 62.20
C SER S 362 77.15 -66.23 62.38
N PRO S 363 76.83 -67.50 62.17
CA PRO S 363 75.47 -67.98 62.39
C PRO S 363 75.25 -68.31 63.86
N SER S 364 74.00 -68.15 64.29
CA SER S 364 73.60 -68.57 65.63
C SER S 364 72.27 -69.29 65.51
N PHE S 365 72.24 -70.56 65.89
CA PHE S 365 71.05 -71.36 65.67
C PHE S 365 70.93 -72.41 66.76
N VAL S 366 69.70 -72.85 67.01
CA VAL S 366 69.40 -73.79 68.07
C VAL S 366 69.07 -75.16 67.46
N VAL S 367 69.77 -76.18 67.94
CA VAL S 367 69.68 -77.53 67.41
C VAL S 367 69.08 -78.43 68.47
N SER S 368 68.28 -79.39 68.04
CA SER S 368 67.55 -80.28 68.95
C SER S 368 67.59 -81.71 68.43
N LEU S 369 67.86 -82.66 69.33
CA LEU S 369 67.69 -84.08 69.05
C LEU S 369 66.78 -84.66 70.11
N CYS S 370 65.89 -85.57 69.70
CA CYS S 370 64.82 -86.04 70.56
C CYS S 370 64.18 -84.88 71.29
N SER S 371 64.47 -84.72 72.57
CA SER S 371 63.86 -83.66 73.35
C SER S 371 64.86 -82.61 73.82
N ALA S 372 66.15 -82.88 73.78
CA ALA S 372 67.12 -81.94 74.31
C ALA S 372 67.34 -80.79 73.32
N ARG S 373 67.90 -79.69 73.81
CA ARG S 373 68.15 -78.52 72.98
C ARG S 373 69.53 -77.96 73.31
N ALA S 374 70.12 -77.28 72.34
CA ALA S 374 71.39 -76.60 72.58
C ALA S 374 71.55 -75.49 71.57
N THR S 375 72.43 -74.54 71.88
CA THR S 375 72.65 -73.37 71.04
C THR S 375 74.03 -73.50 70.39
N CYS S 376 74.13 -73.08 69.14
CA CYS S 376 75.34 -73.24 68.35
C CYS S 376 75.71 -71.88 67.76
N SER S 377 76.98 -71.50 67.90
CA SER S 377 77.53 -70.29 67.32
C SER S 377 78.90 -70.61 66.74
N ALA S 378 79.24 -69.96 65.62
CA ALA S 378 80.45 -70.33 64.90
C ALA S 378 80.97 -69.15 64.10
N SER S 379 82.25 -69.24 63.73
CA SER S 379 82.92 -68.26 62.89
C SER S 379 83.32 -68.94 61.58
N CYS S 380 82.91 -68.37 60.45
CA CYS S 380 82.98 -69.04 59.16
C CYS S 380 83.87 -68.24 58.22
N GLU S 381 84.80 -68.93 57.52
CA GLU S 381 85.65 -68.22 56.57
C GLU S 381 85.08 -68.35 55.15
N PRO S 382 85.34 -67.37 54.28
CA PRO S 382 84.80 -67.42 52.92
C PRO S 382 85.47 -68.50 52.10
N PRO S 383 84.82 -68.99 51.06
CA PRO S 383 85.37 -70.05 50.22
C PRO S 383 86.32 -69.45 49.18
N LYS S 384 86.99 -70.34 48.44
CA LYS S 384 87.98 -69.90 47.47
C LYS S 384 87.55 -70.06 46.02
N ASP S 385 86.54 -70.89 45.74
CA ASP S 385 86.09 -71.06 44.37
C ASP S 385 85.15 -69.94 43.96
N HIS S 386 85.43 -69.32 42.81
CA HIS S 386 84.59 -68.23 42.34
C HIS S 386 83.27 -68.72 41.75
N ILE S 387 83.28 -69.92 41.16
CA ILE S 387 82.14 -70.43 40.39
C ILE S 387 81.92 -71.89 40.73
N VAL S 388 80.65 -72.28 40.86
CA VAL S 388 80.28 -73.68 41.08
C VAL S 388 79.17 -74.08 40.11
N PRO S 389 79.06 -75.37 39.75
CA PRO S 389 78.05 -75.77 38.78
C PRO S 389 76.74 -76.28 39.38
N TYR S 390 76.56 -76.17 40.69
CA TYR S 390 75.35 -76.63 41.33
C TYR S 390 74.75 -75.51 42.18
N ALA S 391 73.43 -75.55 42.33
CA ALA S 391 72.72 -74.48 43.00
C ALA S 391 73.02 -74.48 44.49
N ALA S 392 72.60 -73.40 45.15
CA ALA S 392 72.87 -73.23 46.57
C ALA S 392 71.97 -74.12 47.41
N SER S 393 72.52 -74.65 48.50
CA SER S 393 71.79 -75.52 49.41
C SER S 393 71.42 -74.85 50.72
N HIS S 394 71.59 -73.54 50.82
CA HIS S 394 71.20 -72.81 52.01
C HIS S 394 70.02 -71.90 51.68
N SER S 395 69.51 -71.21 52.69
CA SER S 395 68.37 -70.33 52.51
C SER S 395 68.77 -68.90 52.18
N ASN S 396 70.06 -68.63 52.04
CA ASN S 396 70.57 -67.33 51.64
C ASN S 396 70.15 -66.23 52.62
N VAL S 397 70.63 -66.37 53.85
CA VAL S 397 70.52 -65.34 54.88
C VAL S 397 71.94 -64.98 55.31
N VAL S 398 72.24 -63.68 55.31
CA VAL S 398 73.62 -63.23 55.48
C VAL S 398 73.83 -62.42 56.75
N PHE S 399 72.80 -61.83 57.32
CA PHE S 399 72.97 -60.94 58.47
C PHE S 399 73.55 -61.69 59.65
N PRO S 400 74.62 -61.21 60.27
CA PRO S 400 75.28 -61.95 61.34
C PRO S 400 74.54 -61.81 62.66
N ASP S 401 74.97 -62.63 63.62
CA ASP S 401 74.38 -62.61 64.95
C ASP S 401 74.92 -61.45 65.78
N MET S 402 74.17 -61.08 66.81
CA MET S 402 74.60 -59.99 67.69
C MET S 402 75.84 -60.36 68.49
N SER S 403 76.16 -61.64 68.60
CA SER S 403 77.38 -62.08 69.26
C SER S 403 78.55 -62.20 68.30
N GLY S 404 78.34 -61.90 67.02
CA GLY S 404 79.42 -61.94 66.06
C GLY S 404 80.40 -60.81 66.29
N THR S 405 81.60 -60.99 65.72
CA THR S 405 82.70 -60.08 66.04
C THR S 405 82.38 -58.65 65.62
N ALA S 406 81.80 -58.48 64.44
CA ALA S 406 81.49 -57.13 63.98
C ALA S 406 80.48 -56.45 64.89
N LEU S 407 79.38 -57.13 65.18
CA LEU S 407 78.40 -56.54 66.08
C LEU S 407 78.92 -56.47 67.50
N SER S 408 79.89 -57.31 67.87
CA SER S 408 80.53 -57.16 69.16
C SER S 408 81.27 -55.83 69.25
N TRP S 409 82.03 -55.49 68.21
CA TRP S 409 82.70 -54.19 68.19
C TRP S 409 81.69 -53.06 68.18
N VAL S 410 80.59 -53.20 67.44
CA VAL S 410 79.57 -52.18 67.42
C VAL S 410 78.99 -51.98 68.82
N GLN S 411 78.72 -53.09 69.52
CA GLN S 411 78.20 -52.99 70.88
C GLN S 411 79.18 -52.28 71.80
N LYS S 412 80.47 -52.61 71.69
CA LYS S 412 81.45 -51.97 72.56
C LYS S 412 81.50 -50.46 72.32
N ILE S 413 81.55 -50.05 71.05
CA ILE S 413 81.62 -48.62 70.74
C ILE S 413 80.36 -47.90 71.20
N SER S 414 79.19 -48.49 70.93
CA SER S 414 77.94 -47.88 71.34
C SER S 414 77.86 -47.76 72.85
N GLY S 415 78.29 -48.79 73.58
CA GLY S 415 78.27 -48.73 75.02
C GLY S 415 79.18 -47.65 75.56
N GLY S 416 80.38 -47.52 74.99
CA GLY S 416 81.28 -46.46 75.43
C GLY S 416 80.68 -45.08 75.24
N LEU S 417 80.13 -44.81 74.05
CA LEU S 417 79.54 -43.50 73.82
C LEU S 417 78.31 -43.28 74.69
N GLY S 418 77.51 -44.33 74.91
CA GLY S 418 76.36 -44.19 75.78
C GLY S 418 76.74 -43.86 77.20
N ALA S 419 77.80 -44.50 77.71
CA ALA S 419 78.27 -44.20 79.06
C ALA S 419 78.77 -42.76 79.15
N PHE S 420 79.49 -42.31 78.11
CA PHE S 420 79.98 -40.94 78.12
C PHE S 420 78.82 -39.94 78.15
N ALA S 421 77.81 -40.17 77.33
CA ALA S 421 76.64 -39.29 77.32
C ALA S 421 75.90 -39.35 78.66
N ILE S 422 75.82 -40.54 79.26
CA ILE S 422 75.14 -40.68 80.55
C ILE S 422 75.87 -39.88 81.62
N GLY S 423 77.20 -39.95 81.63
CA GLY S 423 77.96 -39.17 82.59
C GLY S 423 77.74 -37.67 82.43
N ALA S 424 77.75 -37.19 81.18
CA ALA S 424 77.47 -35.78 80.96
C ALA S 424 76.07 -35.40 81.46
N ILE S 425 75.09 -36.27 81.19
CA ILE S 425 73.73 -35.99 81.62
C ILE S 425 73.66 -35.93 83.15
N LEU S 426 74.36 -36.84 83.82
CA LEU S 426 74.35 -36.82 85.28
C LEU S 426 74.97 -35.53 85.82
N VAL S 427 76.08 -35.08 85.23
CA VAL S 427 76.70 -33.85 85.71
C VAL S 427 75.75 -32.67 85.55
N LEU S 428 75.12 -32.56 84.38
CA LEU S 428 74.17 -31.47 84.18
C LEU S 428 73.01 -31.57 85.17
N VAL S 429 72.50 -32.77 85.41
CA VAL S 429 71.36 -32.92 86.30
C VAL S 429 71.74 -32.52 87.72
N VAL S 430 72.92 -32.93 88.18
CA VAL S 430 73.35 -32.58 89.54
C VAL S 430 73.47 -31.06 89.69
N VAL S 431 74.09 -30.41 88.72
CA VAL S 431 74.25 -28.96 88.81
C VAL S 431 72.90 -28.26 88.78
N THR S 432 72.00 -28.72 87.91
CA THR S 432 70.68 -28.11 87.82
C THR S 432 69.91 -28.27 89.13
N CYS S 433 69.96 -29.45 89.74
CA CYS S 433 69.24 -29.68 90.99
C CYS S 433 69.83 -28.84 92.12
N ILE S 434 71.15 -28.71 92.17
CA ILE S 434 71.74 -27.83 93.19
C ILE S 434 71.29 -26.38 92.98
N GLY S 435 71.31 -25.92 91.72
CA GLY S 435 70.87 -24.57 91.45
C GLY S 435 69.42 -24.35 91.83
N LEU S 436 68.56 -25.33 91.56
CA LEU S 436 67.17 -25.22 92.00
C LEU S 436 67.04 -25.18 93.51
N ARG S 437 67.79 -26.04 94.22
CA ARG S 437 67.67 -26.11 95.67
C ARG S 437 68.27 -24.90 96.36
N ARG S 438 69.13 -24.15 95.67
CA ARG S 438 69.68 -22.92 96.23
C ARG S 438 68.57 -21.94 96.59
N TYR T 1 -106.25 27.32 10.99
CA TYR T 1 -105.54 27.73 12.19
C TYR T 1 -104.52 26.68 12.61
N GLU T 2 -103.25 26.98 12.42
CA GLU T 2 -102.19 26.05 12.76
C GLU T 2 -102.19 25.77 14.26
N HIS T 3 -101.76 24.56 14.63
CA HIS T 3 -101.67 24.19 16.03
C HIS T 3 -100.65 23.07 16.20
N SER T 4 -100.19 22.87 17.44
CA SER T 4 -99.22 21.83 17.71
C SER T 4 -99.40 21.33 19.14
N THR T 5 -98.93 20.11 19.38
CA THR T 5 -99.05 19.51 20.70
C THR T 5 -98.18 18.26 20.78
N VAL T 6 -98.23 17.60 21.94
CA VAL T 6 -97.44 16.42 22.22
C VAL T 6 -98.32 15.41 22.93
N MET T 7 -98.26 14.14 22.50
CA MET T 7 -99.07 13.13 23.16
C MET T 7 -98.25 11.89 23.48
N PRO T 8 -98.53 11.22 24.60
CA PRO T 8 -97.71 10.07 25.01
C PRO T 8 -97.96 8.88 24.10
N ASN T 9 -96.96 8.02 23.99
CA ASN T 9 -97.06 6.86 23.11
C ASN T 9 -97.52 5.62 23.88
N VAL T 10 -98.66 5.74 24.55
CA VAL T 10 -99.19 4.67 25.38
C VAL T 10 -100.54 4.26 24.83
N VAL T 11 -100.70 2.97 24.55
CA VAL T 11 -101.94 2.46 23.97
C VAL T 11 -103.10 2.67 24.93
N GLY T 12 -104.20 3.21 24.43
CA GLY T 12 -105.40 3.37 25.21
C GLY T 12 -105.47 4.63 26.02
N PHE T 13 -104.43 5.43 26.07
CA PHE T 13 -104.46 6.65 26.84
C PHE T 13 -105.38 7.67 26.17
N PRO T 14 -106.39 8.17 26.87
CA PRO T 14 -107.37 9.06 26.23
C PRO T 14 -106.87 10.49 26.13
N TYR T 15 -105.96 10.76 25.20
CA TYR T 15 -105.34 12.07 25.17
C TYR T 15 -106.37 13.09 24.74
N LYS T 16 -106.39 14.24 25.39
CA LYS T 16 -107.30 15.30 25.02
C LYS T 16 -106.51 16.56 24.74
N ALA T 17 -106.70 17.14 23.56
CA ALA T 17 -106.02 18.35 23.16
C ALA T 17 -107.01 19.49 23.13
N HIS T 18 -106.59 20.64 23.65
CA HIS T 18 -107.50 21.78 23.80
C HIS T 18 -106.99 22.92 22.93
N ILE T 19 -107.86 23.44 22.06
CA ILE T 19 -107.48 24.50 21.13
C ILE T 19 -108.37 25.70 21.36
N GLU T 20 -107.75 26.86 21.62
CA GLU T 20 -108.45 28.08 21.98
C GLU T 20 -108.11 29.15 20.96
N ARG T 21 -109.00 29.38 20.00
CA ARG T 21 -108.81 30.42 19.00
C ARG T 21 -109.57 31.65 19.42
N PRO T 22 -108.92 32.81 19.57
CA PRO T 22 -109.51 33.92 20.32
C PRO T 22 -110.86 34.37 19.80
N GLY T 23 -111.11 34.25 18.50
CA GLY T 23 -112.38 34.68 17.98
C GLY T 23 -113.51 33.69 18.09
N TYR T 24 -113.24 32.44 18.49
CA TYR T 24 -114.24 31.39 18.48
C TYR T 24 -114.19 30.61 19.79
N SER T 25 -115.29 29.88 20.05
CA SER T 25 -115.42 29.08 21.25
C SER T 25 -114.37 27.99 21.28
N PRO T 26 -113.82 27.68 22.45
CA PRO T 26 -112.75 26.68 22.52
C PRO T 26 -113.24 25.31 22.07
N LEU T 27 -112.31 24.55 21.50
CA LEU T 27 -112.61 23.23 20.97
C LEU T 27 -111.74 22.20 21.67
N THR T 28 -112.27 20.99 21.83
CA THR T 28 -111.56 19.91 22.49
C THR T 28 -111.55 18.68 21.59
N LEU T 29 -110.40 18.06 21.45
CA LEU T 29 -110.17 16.91 20.60
C LEU T 29 -109.83 15.70 21.46
N GLN T 30 -110.36 14.55 21.10
CA GLN T 30 -110.01 13.30 21.77
C GLN T 30 -109.23 12.44 20.79
N MET T 31 -108.05 12.00 21.20
CA MET T 31 -107.20 11.17 20.37
C MET T 31 -106.74 9.95 21.17
N GLN T 32 -106.61 8.82 20.48
CA GLN T 32 -106.11 7.61 21.13
C GLN T 32 -105.23 6.86 20.15
N VAL T 33 -104.36 6.00 20.67
CA VAL T 33 -103.43 5.24 19.85
C VAL T 33 -103.88 3.78 19.87
N VAL T 34 -104.71 3.38 18.91
CA VAL T 34 -105.25 2.04 18.96
C VAL T 34 -104.17 0.99 18.71
N GLU T 35 -103.21 1.28 17.82
CA GLU T 35 -102.21 0.26 17.56
C GLU T 35 -100.93 0.93 17.08
N THR T 36 -99.80 0.27 17.31
CA THR T 36 -98.53 0.73 16.76
C THR T 36 -97.81 -0.44 16.12
N SER T 37 -96.66 -0.16 15.52
CA SER T 37 -95.85 -1.20 14.93
C SER T 37 -94.46 -0.68 14.59
N LEU T 38 -93.42 -1.28 15.16
CA LEU T 38 -92.06 -0.82 14.95
C LEU T 38 -91.36 -1.85 14.07
N GLU T 39 -91.22 -1.52 12.79
CA GLU T 39 -90.74 -2.47 11.80
C GLU T 39 -89.31 -2.16 11.42
N PRO T 40 -88.36 -3.05 11.61
CA PRO T 40 -86.97 -2.77 11.25
C PRO T 40 -86.71 -3.09 9.78
N THR T 41 -85.52 -2.71 9.33
CA THR T 41 -85.06 -2.97 7.97
C THR T 41 -84.11 -4.16 7.99
N LEU T 42 -84.30 -5.08 7.05
CA LEU T 42 -83.61 -6.36 7.08
C LEU T 42 -82.74 -6.55 5.86
N ASN T 43 -81.55 -7.11 6.07
CA ASN T 43 -80.65 -7.51 5.00
C ASN T 43 -80.33 -8.99 5.20
N LEU T 44 -80.96 -9.86 4.43
CA LEU T 44 -80.77 -11.29 4.64
C LEU T 44 -79.30 -11.65 4.44
N GLU T 45 -78.75 -12.37 5.42
CA GLU T 45 -77.32 -12.65 5.44
C GLU T 45 -77.04 -14.07 4.97
N TYR T 46 -77.73 -15.06 5.53
CA TYR T 46 -77.77 -16.41 4.95
C TYR T 46 -78.87 -17.21 5.62
N ILE T 47 -78.93 -18.49 5.27
CA ILE T 47 -79.96 -19.41 5.72
C ILE T 47 -79.29 -20.68 6.19
N THR T 48 -79.91 -21.39 7.13
CA THR T 48 -79.40 -22.66 7.61
C THR T 48 -80.53 -23.68 7.74
N CYS T 49 -80.22 -24.92 7.38
CA CYS T 49 -81.13 -26.04 7.57
C CYS T 49 -80.30 -27.28 7.89
N GLU T 50 -80.98 -28.30 8.41
CA GLU T 50 -80.31 -29.54 8.75
C GLU T 50 -79.67 -30.17 7.52
N TYR T 51 -78.54 -30.85 7.69
CA TYR T 51 -77.90 -31.46 6.55
C TYR T 51 -78.37 -32.90 6.36
N LYS T 52 -78.04 -33.47 5.21
CA LYS T 52 -78.26 -34.88 4.93
C LYS T 52 -77.06 -35.40 4.16
N THR T 53 -76.37 -36.39 4.71
CA THR T 53 -75.17 -36.92 4.09
C THR T 53 -75.50 -38.11 3.21
N VAL T 54 -74.98 -38.12 1.99
CA VAL T 54 -75.25 -39.18 1.02
C VAL T 54 -74.00 -40.01 0.86
N VAL T 55 -74.16 -41.33 0.84
CA VAL T 55 -73.06 -42.26 0.68
C VAL T 55 -73.31 -43.11 -0.55
N PRO T 56 -72.59 -42.87 -1.63
CA PRO T 56 -72.72 -43.71 -2.82
C PRO T 56 -72.24 -45.11 -2.53
N SER T 57 -72.80 -46.06 -3.29
CA SER T 57 -72.44 -47.46 -3.10
C SER T 57 -70.96 -47.66 -3.38
N PRO T 58 -70.25 -48.37 -2.50
CA PRO T 58 -68.80 -48.52 -2.66
C PRO T 58 -68.46 -49.28 -3.93
N TYR T 59 -67.38 -48.88 -4.56
CA TYR T 59 -66.88 -49.51 -5.77
C TYR T 59 -65.62 -50.30 -5.44
N VAL T 60 -65.71 -51.62 -5.55
CA VAL T 60 -64.59 -52.50 -5.27
C VAL T 60 -64.07 -53.06 -6.59
N LYS T 61 -62.94 -52.53 -7.04
CA LYS T 61 -62.30 -53.00 -8.27
C LYS T 61 -61.29 -54.05 -7.87
N CYS T 62 -61.71 -55.30 -7.90
CA CYS T 62 -60.90 -56.35 -7.32
C CYS T 62 -60.18 -57.13 -8.40
N CYS T 63 -59.04 -57.72 -8.00
CA CYS T 63 -58.04 -58.27 -8.92
C CYS T 63 -57.58 -57.18 -9.87
N GLY T 64 -57.38 -56.01 -9.26
CA GLY T 64 -57.03 -54.80 -9.97
C GLY T 64 -56.85 -53.68 -8.98
N ALA T 65 -56.62 -52.46 -9.48
CA ALA T 65 -56.38 -51.32 -8.61
C ALA T 65 -57.15 -50.11 -9.10
N SER T 66 -57.52 -49.23 -8.17
CA SER T 66 -58.26 -48.01 -8.47
C SER T 66 -57.49 -46.79 -8.02
N GLU T 67 -57.92 -45.63 -8.50
CA GLU T 67 -57.29 -44.35 -8.18
C GLU T 67 -58.36 -43.37 -7.76
N CYS T 68 -58.09 -42.60 -6.70
CA CYS T 68 -59.06 -41.63 -6.22
C CYS T 68 -58.99 -40.36 -7.05
N SER T 69 -60.16 -39.77 -7.31
CA SER T 69 -60.26 -38.56 -8.10
C SER T 69 -61.10 -37.53 -7.35
N THR T 70 -60.76 -36.26 -7.51
CA THR T 70 -61.44 -35.19 -6.80
C THR T 70 -62.67 -34.72 -7.58
N LYS T 71 -63.59 -34.09 -6.86
CA LYS T 71 -64.76 -33.47 -7.46
C LYS T 71 -65.05 -32.17 -6.74
N GLU T 72 -66.08 -31.47 -7.21
CA GLU T 72 -66.55 -30.25 -6.57
C GLU T 72 -67.88 -30.52 -5.89
N LYS T 73 -67.79 -31.00 -4.66
CA LYS T 73 -68.94 -31.15 -3.81
C LYS T 73 -68.63 -30.55 -2.45
N PRO T 74 -69.63 -30.07 -1.73
CA PRO T 74 -69.38 -29.50 -0.39
C PRO T 74 -68.90 -30.58 0.56
N ASP T 75 -67.69 -30.40 1.08
CA ASP T 75 -67.10 -31.34 2.02
C ASP T 75 -66.98 -32.74 1.42
N TYR T 76 -66.23 -32.84 0.34
CA TYR T 76 -66.08 -34.11 -0.35
C TYR T 76 -64.99 -34.93 0.32
N GLN T 77 -65.19 -36.25 0.38
CA GLN T 77 -64.21 -37.14 0.95
C GLN T 77 -64.17 -38.43 0.14
N CYS T 78 -62.98 -38.87 -0.25
CA CYS T 78 -62.86 -40.10 -1.03
C CYS T 78 -61.51 -40.72 -0.75
N LYS T 79 -61.49 -42.06 -0.67
CA LYS T 79 -60.28 -42.77 -0.29
C LYS T 79 -60.30 -44.17 -0.89
N VAL T 80 -59.13 -44.81 -0.89
CA VAL T 80 -58.98 -46.17 -1.40
C VAL T 80 -58.33 -47.03 -0.33
N TYR T 81 -58.89 -48.21 -0.10
CA TYR T 81 -58.38 -49.14 0.89
C TYR T 81 -58.01 -50.44 0.19
N THR T 82 -56.87 -51.01 0.59
CA THR T 82 -56.28 -52.16 -0.07
C THR T 82 -56.41 -53.40 0.80
N GLY T 83 -56.42 -54.57 0.17
CA GLY T 83 -56.47 -55.82 0.90
C GLY T 83 -57.85 -56.29 1.27
N VAL T 84 -58.88 -55.80 0.62
CA VAL T 84 -60.25 -56.18 0.96
C VAL T 84 -60.59 -57.53 0.35
N TYR T 85 -61.35 -58.33 1.10
CA TYR T 85 -61.82 -59.64 0.67
C TYR T 85 -63.29 -59.75 1.02
N PRO T 86 -64.16 -59.03 0.31
CA PRO T 86 -65.56 -58.96 0.71
C PRO T 86 -66.27 -60.29 0.60
N PHE T 87 -67.49 -60.30 1.11
CA PHE T 87 -68.37 -61.47 1.06
C PHE T 87 -69.75 -60.99 0.64
N MET T 88 -70.54 -61.90 0.09
CA MET T 88 -71.93 -61.62 -0.23
C MET T 88 -72.79 -62.82 0.18
N TRP T 89 -74.06 -62.76 -0.18
CA TRP T 89 -75.04 -63.65 0.42
C TRP T 89 -74.76 -65.10 0.06
N GLY T 90 -74.25 -65.35 -1.15
CA GLY T 90 -73.97 -66.71 -1.55
C GLY T 90 -72.55 -67.16 -1.27
N GLY T 91 -71.59 -66.31 -1.58
CA GLY T 91 -70.20 -66.64 -1.32
C GLY T 91 -69.33 -65.50 -1.76
N ALA T 92 -68.09 -65.51 -1.26
CA ALA T 92 -67.22 -64.35 -1.35
C ALA T 92 -66.69 -64.24 -2.77
N TYR T 93 -67.01 -63.14 -3.45
CA TYR T 93 -66.49 -62.99 -4.80
C TYR T 93 -65.13 -62.30 -4.70
N CYS T 94 -64.63 -61.79 -5.83
CA CYS T 94 -63.27 -61.26 -5.93
C CYS T 94 -62.25 -62.37 -5.62
N PHE T 95 -62.19 -63.31 -6.56
CA PHE T 95 -61.48 -64.56 -6.36
C PHE T 95 -59.97 -64.36 -6.30
N CYS T 96 -59.45 -63.35 -7.00
CA CYS T 96 -58.09 -62.91 -6.74
C CYS T 96 -57.97 -62.51 -5.27
N ASP T 97 -57.21 -63.29 -4.50
CA ASP T 97 -57.43 -63.35 -3.06
C ASP T 97 -57.11 -62.03 -2.36
N SER T 98 -55.95 -61.44 -2.64
CA SER T 98 -55.48 -60.34 -1.83
C SER T 98 -55.14 -59.06 -2.57
N GLU T 99 -55.22 -59.02 -3.90
CA GLU T 99 -54.96 -57.79 -4.63
C GLU T 99 -56.29 -57.16 -5.05
N ASN T 100 -56.90 -56.47 -4.09
CA ASN T 100 -58.19 -55.84 -4.32
C ASN T 100 -58.16 -54.43 -3.78
N THR T 101 -59.18 -53.65 -4.14
CA THR T 101 -59.23 -52.25 -3.73
C THR T 101 -60.68 -51.80 -3.64
N GLN T 102 -61.00 -51.08 -2.57
CA GLN T 102 -62.31 -50.45 -2.40
C GLN T 102 -62.14 -48.94 -2.39
N LEU T 103 -62.97 -48.24 -3.15
CA LEU T 103 -62.95 -46.78 -3.17
C LEU T 103 -64.23 -46.25 -2.55
N SER T 104 -64.09 -45.51 -1.46
CA SER T 104 -65.22 -44.96 -0.73
C SER T 104 -65.35 -43.47 -1.01
N GLU T 105 -66.59 -43.01 -1.13
CA GLU T 105 -66.88 -41.59 -1.30
C GLU T 105 -67.98 -41.17 -0.35
N ALA T 106 -67.97 -39.89 0.02
CA ALA T 106 -69.04 -39.31 0.81
C ALA T 106 -69.03 -37.80 0.66
N TYR T 107 -70.21 -37.22 0.67
CA TYR T 107 -70.37 -35.78 0.58
C TYR T 107 -71.75 -35.40 1.10
N VAL T 108 -71.88 -34.16 1.53
CA VAL T 108 -73.05 -33.70 2.27
C VAL T 108 -73.88 -32.79 1.38
N ASP T 109 -75.17 -32.70 1.69
CA ASP T 109 -76.11 -31.90 0.92
C ASP T 109 -77.22 -31.40 1.84
N ARG T 110 -77.88 -30.32 1.42
CA ARG T 110 -78.97 -29.77 2.22
C ARG T 110 -80.10 -30.79 2.32
N SER T 111 -80.85 -30.72 3.40
CA SER T 111 -81.92 -31.68 3.63
C SER T 111 -83.01 -31.52 2.58
N ASP T 112 -83.98 -32.44 2.61
CA ASP T 112 -85.07 -32.41 1.66
C ASP T 112 -86.01 -31.25 1.94
N VAL T 113 -86.18 -30.89 3.21
CA VAL T 113 -87.21 -29.94 3.61
C VAL T 113 -86.59 -28.59 3.95
N CYS T 114 -85.46 -28.29 3.33
CA CYS T 114 -84.77 -27.04 3.65
C CYS T 114 -85.60 -25.82 3.29
N ARG T 115 -86.59 -25.97 2.42
CA ARG T 115 -87.49 -24.87 2.11
C ARG T 115 -88.71 -24.84 3.02
N HIS T 116 -88.90 -25.86 3.85
CA HIS T 116 -90.02 -25.89 4.78
C HIS T 116 -89.62 -25.68 6.23
N ASP T 117 -88.33 -25.85 6.55
CA ASP T 117 -87.87 -25.92 7.93
C ASP T 117 -86.45 -25.38 8.00
N HIS T 118 -86.30 -24.07 8.17
CA HIS T 118 -84.99 -23.45 8.14
C HIS T 118 -84.99 -22.21 9.01
N ALA T 119 -83.79 -21.72 9.31
CA ALA T 119 -83.61 -20.52 10.11
C ALA T 119 -82.82 -19.48 9.33
N SER T 120 -83.22 -18.23 9.43
CA SER T 120 -82.61 -17.16 8.65
C SER T 120 -81.78 -16.27 9.56
N ALA T 121 -80.70 -15.70 9.02
CA ALA T 121 -79.89 -14.77 9.79
C ALA T 121 -79.93 -13.40 9.11
N TYR T 122 -80.27 -12.38 9.88
CA TYR T 122 -80.47 -11.04 9.35
C TYR T 122 -79.58 -10.04 10.07
N LYS T 123 -79.37 -8.89 9.41
CA LYS T 123 -78.79 -7.70 10.02
C LYS T 123 -79.85 -6.63 10.01
N ALA T 124 -80.12 -6.01 11.15
CA ALA T 124 -81.25 -5.11 11.30
C ALA T 124 -80.78 -3.72 11.70
N HIS T 125 -81.41 -2.69 11.13
CA HIS T 125 -81.10 -1.32 11.46
C HIS T 125 -82.22 -0.41 10.97
N THR T 126 -82.20 0.84 11.44
CA THR T 126 -83.08 1.90 10.95
C THR T 126 -84.55 1.53 11.02
N ALA T 127 -85.09 1.38 12.23
CA ALA T 127 -86.49 1.04 12.38
C ALA T 127 -87.38 2.16 11.84
N SER T 128 -88.55 1.77 11.35
CA SER T 128 -89.58 2.69 10.90
C SER T 128 -90.83 2.41 11.70
N LEU T 129 -91.55 3.45 12.09
CA LEU T 129 -92.70 3.24 12.96
C LEU T 129 -93.98 3.53 12.19
N LYS T 130 -95.00 2.71 12.43
CA LYS T 130 -96.32 2.87 11.84
C LYS T 130 -97.34 2.84 12.97
N ALA T 131 -98.48 3.47 12.76
CA ALA T 131 -99.43 3.63 13.85
C ALA T 131 -100.85 3.66 13.30
N LYS T 132 -101.81 3.48 14.20
CA LYS T 132 -103.22 3.55 13.85
C LYS T 132 -103.92 4.23 15.02
N VAL T 133 -104.52 5.39 14.75
CA VAL T 133 -105.00 6.29 15.80
C VAL T 133 -106.46 6.64 15.58
N ARG T 134 -107.17 6.90 16.67
CA ARG T 134 -108.57 7.28 16.62
C ARG T 134 -108.71 8.75 16.97
N VAL T 135 -109.54 9.47 16.19
CA VAL T 135 -109.76 10.90 16.37
C VAL T 135 -111.25 11.17 16.51
N MET T 136 -111.61 11.98 17.51
CA MET T 136 -113.00 12.39 17.70
C MET T 136 -113.04 13.86 18.06
N TYR T 137 -114.02 14.58 17.50
CA TYR T 137 -114.32 15.94 17.90
C TYR T 137 -115.60 16.37 17.20
N GLY T 138 -116.26 17.36 17.79
CA GLY T 138 -117.51 17.83 17.22
C GLY T 138 -118.52 16.71 17.12
N ASN T 139 -118.74 16.22 15.91
CA ASN T 139 -119.58 15.05 15.70
C ASN T 139 -118.96 14.08 14.70
N VAL T 140 -117.64 13.98 14.65
CA VAL T 140 -116.97 13.07 13.73
C VAL T 140 -116.17 12.07 14.54
N ASN T 141 -116.38 10.80 14.25
CA ASN T 141 -115.60 9.70 14.78
C ASN T 141 -114.44 9.45 13.82
N GLN T 142 -113.81 8.27 13.91
CA GLN T 142 -113.03 7.62 12.85
C GLN T 142 -111.59 7.34 13.27
N THR T 143 -111.09 6.18 12.86
CA THR T 143 -109.73 5.76 13.08
C THR T 143 -109.01 5.72 11.74
N VAL T 144 -107.74 6.12 11.74
CA VAL T 144 -106.98 6.22 10.50
C VAL T 144 -105.57 5.69 10.74
N ASP T 145 -104.93 5.28 9.65
CA ASP T 145 -103.61 4.65 9.65
C ASP T 145 -102.57 5.66 9.19
N VAL T 146 -101.52 5.84 9.99
CA VAL T 146 -100.56 6.91 9.77
C VAL T 146 -99.13 6.39 9.93
N TYR T 147 -98.25 6.87 9.06
CA TYR T 147 -96.81 6.69 9.22
C TYR T 147 -96.31 7.75 10.20
N VAL T 148 -95.57 7.33 11.22
CA VAL T 148 -95.03 8.28 12.20
C VAL T 148 -93.62 8.63 11.77
N ASN T 149 -93.54 9.61 10.88
CA ASN T 149 -92.37 10.43 10.65
C ASN T 149 -92.89 11.64 9.89
N GLY T 150 -92.20 12.76 9.96
CA GLY T 150 -92.87 13.97 9.52
C GLY T 150 -93.08 14.05 8.02
N ASP T 151 -93.56 12.94 7.44
CA ASP T 151 -93.71 12.80 5.99
C ASP T 151 -94.98 12.03 5.64
N HIS T 152 -96.03 12.16 6.43
CA HIS T 152 -97.33 11.65 6.02
C HIS T 152 -98.40 12.44 6.75
N ALA T 153 -99.29 13.06 5.98
CA ALA T 153 -100.38 13.86 6.52
C ALA T 153 -101.69 13.29 6.01
N VAL T 154 -102.63 13.06 6.91
CA VAL T 154 -103.90 12.45 6.57
C VAL T 154 -105.02 13.38 7.01
N THR T 155 -106.03 13.52 6.16
CA THR T 155 -107.12 14.46 6.39
C THR T 155 -108.29 13.72 7.01
N ILE T 156 -108.85 14.29 8.08
CA ILE T 156 -109.97 13.69 8.80
C ILE T 156 -111.10 14.70 8.81
N GLY T 157 -111.98 14.64 7.82
CA GLY T 157 -113.15 15.52 7.83
C GLY T 157 -112.82 16.99 7.79
N GLY T 158 -111.90 17.38 6.91
CA GLY T 158 -111.55 18.78 6.74
C GLY T 158 -110.38 19.26 7.56
N THR T 159 -109.84 18.44 8.46
CA THR T 159 -108.70 18.80 9.28
C THR T 159 -107.49 17.99 8.83
N GLN T 160 -106.31 18.60 8.86
CA GLN T 160 -105.11 17.92 8.41
C GLN T 160 -104.15 17.69 9.58
N PHE T 161 -103.67 16.46 9.72
CA PHE T 161 -102.82 16.05 10.83
C PHE T 161 -101.46 15.59 10.30
N ILE T 162 -100.41 15.82 11.06
CA ILE T 162 -99.07 15.30 10.78
C ILE T 162 -98.49 14.80 12.08
N PHE T 163 -97.94 13.59 12.09
CA PHE T 163 -97.36 13.01 13.30
C PHE T 163 -95.85 13.00 13.15
N GLY T 164 -95.16 13.71 14.03
CA GLY T 164 -93.74 13.92 13.92
C GLY T 164 -92.93 12.72 14.34
N PRO T 165 -91.61 12.80 14.18
CA PRO T 165 -90.76 11.65 14.50
C PRO T 165 -90.78 11.34 15.97
N LEU T 166 -90.55 10.07 16.30
CA LEU T 166 -90.61 9.65 17.69
C LEU T 166 -89.52 10.34 18.50
N SER T 167 -89.87 10.70 19.73
CA SER T 167 -88.92 11.43 20.58
C SER T 167 -87.70 10.59 20.91
N SER T 168 -87.91 9.32 21.21
CA SER T 168 -86.81 8.40 21.51
C SER T 168 -86.44 7.60 20.27
N ALA T 169 -85.29 6.95 20.33
CA ALA T 169 -84.77 6.16 19.23
C ALA T 169 -84.31 4.80 19.74
N TRP T 170 -85.15 4.18 20.55
CA TRP T 170 -84.87 2.90 21.16
C TRP T 170 -85.54 1.81 20.36
N THR T 171 -84.79 0.76 20.03
CA THR T 171 -85.34 -0.37 19.32
C THR T 171 -84.91 -1.66 19.99
N PRO T 172 -85.82 -2.62 20.16
CA PRO T 172 -85.45 -3.83 20.89
C PRO T 172 -84.63 -4.80 20.07
N PHE T 173 -84.74 -4.76 18.76
CA PHE T 173 -83.98 -5.67 17.91
C PHE T 173 -82.52 -5.23 17.86
N ASP T 174 -81.63 -6.15 18.17
CA ASP T 174 -80.22 -5.82 18.28
C ASP T 174 -79.66 -5.67 16.86
N ASN T 175 -78.33 -5.65 16.73
CA ASN T 175 -77.74 -5.49 15.40
C ASN T 175 -77.91 -6.73 14.54
N LYS T 176 -77.87 -7.91 15.14
CA LYS T 176 -77.95 -9.16 14.40
C LYS T 176 -79.12 -10.00 14.93
N ILE T 177 -79.87 -10.60 14.01
CA ILE T 177 -81.12 -11.28 14.32
C ILE T 177 -81.05 -12.69 13.75
N VAL T 178 -81.67 -13.65 14.43
CA VAL T 178 -81.90 -14.98 13.89
C VAL T 178 -83.39 -15.29 13.99
N VAL T 179 -84.01 -15.59 12.88
CA VAL T 179 -85.46 -15.74 12.80
C VAL T 179 -85.79 -17.19 12.50
N TYR T 180 -86.71 -17.76 13.28
CA TYR T 180 -87.18 -19.13 13.08
C TYR T 180 -88.67 -19.17 13.38
N LYS T 181 -89.46 -19.60 12.40
CA LYS T 181 -90.91 -19.68 12.55
C LYS T 181 -91.50 -18.33 12.97
N ASP T 182 -91.80 -18.18 14.25
CA ASP T 182 -92.32 -16.93 14.79
C ASP T 182 -91.60 -16.56 16.06
N GLU T 183 -90.28 -16.67 16.05
CA GLU T 183 -89.46 -16.33 17.19
C GLU T 183 -88.25 -15.55 16.71
N VAL T 184 -87.87 -14.53 17.45
CA VAL T 184 -86.75 -13.66 17.09
C VAL T 184 -85.73 -13.76 18.21
N PHE T 185 -84.45 -13.88 17.85
CA PHE T 185 -83.39 -14.03 18.82
C PHE T 185 -82.33 -12.96 18.62
N ASN T 186 -81.82 -12.41 19.71
CA ASN T 186 -80.68 -11.51 19.65
C ASN T 186 -79.43 -12.36 19.76
N GLN T 187 -79.00 -12.91 18.64
CA GLN T 187 -77.87 -13.82 18.56
C GLN T 187 -76.78 -13.16 17.75
N ASP T 188 -75.56 -13.71 17.85
CA ASP T 188 -74.44 -13.24 17.05
C ASP T 188 -73.92 -14.43 16.25
N PHE T 189 -74.51 -14.63 15.08
CA PHE T 189 -74.13 -15.73 14.21
C PHE T 189 -72.76 -15.49 13.59
N PRO T 190 -71.99 -16.55 13.36
CA PRO T 190 -70.69 -16.39 12.72
C PRO T 190 -70.86 -15.94 11.28
N PRO T 191 -69.87 -15.24 10.72
CA PRO T 191 -70.02 -14.69 9.37
C PRO T 191 -70.10 -15.80 8.34
N TYR T 192 -70.43 -15.41 7.11
CA TYR T 192 -70.54 -16.38 6.04
C TYR T 192 -69.18 -16.98 5.73
N GLY T 193 -69.16 -18.28 5.50
CA GLY T 193 -67.94 -18.95 5.12
C GLY T 193 -67.00 -19.29 6.25
N SER T 194 -67.41 -19.13 7.50
CA SER T 194 -66.55 -19.43 8.63
C SER T 194 -67.34 -20.08 9.75
N GLY T 195 -68.18 -21.06 9.41
CA GLY T 195 -68.91 -21.79 10.42
C GLY T 195 -68.04 -22.79 11.13
N GLN T 196 -68.60 -23.42 12.16
CA GLN T 196 -67.86 -24.43 12.89
C GLN T 196 -68.70 -25.68 13.07
N PRO T 197 -68.08 -26.84 13.12
CA PRO T 197 -68.85 -28.08 13.25
C PRO T 197 -69.56 -28.16 14.57
N GLY T 198 -70.75 -28.77 14.56
CA GLY T 198 -71.47 -29.05 15.77
C GLY T 198 -72.25 -27.90 16.36
N ARG T 199 -72.20 -26.72 15.74
CA ARG T 199 -72.92 -25.56 16.26
C ARG T 199 -73.75 -24.91 15.17
N PHE T 200 -74.31 -23.73 15.45
CA PHE T 200 -75.12 -23.05 14.46
C PHE T 200 -74.28 -22.68 13.24
N GLY T 201 -74.87 -22.84 12.06
CA GLY T 201 -74.16 -22.56 10.84
C GLY T 201 -73.05 -23.53 10.48
N ASP T 202 -73.28 -24.83 10.66
CA ASP T 202 -72.31 -25.79 10.16
C ASP T 202 -72.43 -25.94 8.65
N ILE T 203 -73.63 -25.76 8.12
CA ILE T 203 -73.85 -25.63 6.68
C ILE T 203 -74.58 -24.31 6.44
N GLN T 204 -74.25 -23.65 5.35
CA GLN T 204 -74.77 -22.32 5.07
C GLN T 204 -75.04 -22.16 3.58
N SER T 205 -76.12 -21.46 3.25
CA SER T 205 -76.50 -21.16 1.89
C SER T 205 -76.87 -19.69 1.79
N ARG T 206 -76.60 -19.07 0.65
CA ARG T 206 -76.94 -17.67 0.48
C ARG T 206 -78.44 -17.43 0.53
N THR T 207 -79.22 -18.26 -0.14
CA THR T 207 -80.67 -18.21 -0.06
C THR T 207 -81.20 -19.63 -0.14
N VAL T 208 -82.50 -19.77 0.09
CA VAL T 208 -83.11 -21.09 0.07
C VAL T 208 -83.04 -21.69 -1.31
N GLU T 209 -83.13 -20.88 -2.36
CA GLU T 209 -83.21 -21.36 -3.73
C GLU T 209 -81.85 -21.41 -4.42
N SER T 210 -80.78 -21.06 -3.73
CA SER T 210 -79.47 -20.97 -4.37
C SER T 210 -78.91 -22.35 -4.67
N ASN T 211 -77.81 -22.39 -5.42
CA ASN T 211 -77.19 -23.65 -5.77
C ASN T 211 -76.02 -23.98 -4.85
N ASP T 212 -75.16 -23.01 -4.58
CA ASP T 212 -73.96 -23.27 -3.79
C ASP T 212 -74.31 -23.55 -2.34
N LEU T 213 -73.35 -24.14 -1.63
CA LEU T 213 -73.52 -24.54 -0.25
C LEU T 213 -72.14 -24.65 0.37
N TYR T 214 -72.01 -24.20 1.61
CA TYR T 214 -70.74 -24.30 2.31
C TYR T 214 -70.97 -25.10 3.59
N ALA T 215 -70.37 -26.28 3.66
CA ALA T 215 -70.60 -27.18 4.77
C ALA T 215 -69.28 -27.61 5.38
N ASN T 216 -69.28 -27.79 6.70
CA ASN T 216 -68.04 -28.09 7.42
C ASN T 216 -68.41 -28.94 8.63
N THR T 217 -68.38 -30.27 8.45
CA THR T 217 -68.83 -31.17 9.51
C THR T 217 -67.79 -32.22 9.88
N ALA T 218 -66.55 -32.04 9.45
CA ALA T 218 -65.46 -32.93 9.84
C ALA T 218 -65.77 -34.40 9.50
N LEU T 219 -66.34 -34.62 8.32
CA LEU T 219 -66.68 -35.96 7.89
C LEU T 219 -65.42 -36.77 7.64
N LYS T 220 -65.35 -37.95 8.26
CA LYS T 220 -64.16 -38.78 8.10
C LYS T 220 -64.57 -40.21 7.81
N LEU T 221 -63.77 -40.89 6.99
CA LEU T 221 -64.04 -42.26 6.59
C LEU T 221 -63.05 -43.19 7.25
N ALA T 222 -63.49 -44.42 7.53
CA ALA T 222 -62.65 -45.39 8.19
C ALA T 222 -62.57 -46.65 7.36
N ARG T 223 -61.42 -47.31 7.45
CA ARG T 223 -61.20 -48.54 6.71
C ARG T 223 -62.23 -49.59 7.10
N PRO T 224 -62.86 -50.26 6.15
CA PRO T 224 -63.92 -51.21 6.50
C PRO T 224 -63.34 -52.42 7.21
N SER T 225 -64.20 -53.05 8.00
CA SER T 225 -63.83 -54.27 8.69
C SER T 225 -63.54 -55.38 7.68
N PRO T 226 -62.73 -56.36 8.05
CA PRO T 226 -62.48 -57.47 7.12
C PRO T 226 -63.76 -58.23 6.80
N GLY T 227 -63.89 -58.60 5.54
CA GLY T 227 -65.04 -59.38 5.10
C GLY T 227 -66.35 -58.65 5.14
N MET T 228 -66.38 -57.37 4.80
CA MET T 228 -67.62 -56.61 4.79
C MET T 228 -67.57 -55.55 3.72
N VAL T 229 -68.75 -55.06 3.35
CA VAL T 229 -68.91 -53.99 2.37
C VAL T 229 -69.84 -52.94 2.96
N HIS T 230 -69.28 -52.00 3.74
CA HIS T 230 -70.16 -51.08 4.45
C HIS T 230 -69.71 -49.62 4.54
N VAL T 231 -68.55 -49.23 4.04
CA VAL T 231 -68.07 -47.84 3.99
C VAL T 231 -68.37 -47.05 5.27
N PRO T 232 -67.65 -47.28 6.36
CA PRO T 232 -67.95 -46.59 7.61
C PRO T 232 -67.47 -45.15 7.61
N TYR T 233 -68.25 -44.29 8.26
CA TYR T 233 -67.89 -42.88 8.41
C TYR T 233 -68.22 -42.44 9.83
N THR T 234 -67.63 -41.31 10.22
CA THR T 234 -67.98 -40.61 11.44
C THR T 234 -68.09 -39.12 11.16
N GLN T 235 -68.97 -38.46 11.91
CA GLN T 235 -69.38 -37.10 11.59
C GLN T 235 -70.11 -36.52 12.79
N THR T 236 -69.78 -35.29 13.15
CA THR T 236 -70.44 -34.65 14.28
C THR T 236 -71.89 -34.34 13.91
N PRO T 237 -72.83 -34.43 14.86
CA PRO T 237 -74.25 -34.28 14.51
C PRO T 237 -74.54 -32.92 13.92
N SER T 238 -75.76 -32.80 13.39
CA SER T 238 -76.16 -31.58 12.72
C SER T 238 -76.17 -30.43 13.70
N GLY T 239 -75.53 -29.33 13.31
CA GLY T 239 -75.49 -28.16 14.17
C GLY T 239 -76.84 -27.53 14.36
N PHE T 240 -77.68 -27.53 13.34
CA PHE T 240 -78.99 -26.92 13.47
C PHE T 240 -79.82 -27.60 14.54
N LYS T 241 -79.76 -28.93 14.62
CA LYS T 241 -80.57 -29.61 15.61
C LYS T 241 -80.13 -29.24 17.03
N TYR T 242 -78.84 -29.15 17.27
CA TYR T 242 -78.42 -28.81 18.62
C TYR T 242 -78.65 -27.35 18.93
N TRP T 243 -78.61 -26.47 17.93
CA TRP T 243 -79.07 -25.11 18.18
C TRP T 243 -80.54 -25.10 18.55
N LEU T 244 -81.32 -25.96 17.91
CA LEU T 244 -82.73 -26.07 18.28
C LEU T 244 -82.89 -26.52 19.71
N LYS T 245 -82.07 -27.47 20.14
CA LYS T 245 -82.22 -28.00 21.49
C LYS T 245 -81.76 -27.01 22.54
N GLU T 246 -80.72 -26.23 22.27
CA GLU T 246 -80.11 -25.41 23.30
C GLU T 246 -80.03 -23.94 22.86
N LYS T 247 -81.03 -23.45 22.13
CA LYS T 247 -80.98 -22.05 21.71
C LYS T 247 -81.03 -21.12 22.91
N GLY T 248 -81.90 -21.41 23.85
CA GLY T 248 -81.94 -20.63 25.07
C GLY T 248 -82.73 -19.35 24.87
N THR T 249 -83.72 -19.13 25.72
CA THR T 249 -84.54 -17.93 25.69
C THR T 249 -85.17 -17.64 24.34
N ALA T 250 -85.58 -16.40 24.15
CA ALA T 250 -86.19 -15.90 22.95
C ALA T 250 -86.24 -14.39 23.08
N LEU T 251 -86.95 -13.70 22.21
CA LEU T 251 -87.24 -12.31 22.46
C LEU T 251 -88.68 -12.07 22.83
N ASN T 252 -89.60 -12.93 22.40
CA ASN T 252 -91.00 -12.72 22.67
C ASN T 252 -91.28 -12.67 24.15
N THR T 253 -90.47 -13.34 24.96
CA THR T 253 -90.62 -13.38 26.40
C THR T 253 -89.52 -12.63 27.13
N LYS T 254 -88.80 -11.76 26.43
CA LYS T 254 -87.73 -11.00 27.04
C LYS T 254 -87.69 -9.54 26.65
N ALA T 255 -88.50 -9.09 25.69
CA ALA T 255 -88.43 -7.71 25.25
C ALA T 255 -88.82 -6.76 26.38
N PRO T 256 -88.21 -5.60 26.46
CA PRO T 256 -88.63 -4.60 27.44
C PRO T 256 -89.91 -3.92 27.05
N PHE T 257 -90.44 -3.13 27.98
CA PHE T 257 -91.61 -2.28 27.77
C PHE T 257 -92.84 -3.05 27.36
N GLY T 258 -92.81 -4.37 27.46
CA GLY T 258 -94.00 -5.18 27.26
C GLY T 258 -94.59 -5.11 25.87
N CYS T 259 -93.75 -5.18 24.86
CA CYS T 259 -94.21 -5.09 23.49
C CYS T 259 -94.01 -6.39 22.74
N GLN T 260 -95.04 -6.79 22.01
CA GLN T 260 -95.11 -8.14 21.46
C GLN T 260 -94.29 -8.24 20.18
N ILE T 261 -93.44 -9.23 20.11
CA ILE T 261 -92.70 -9.53 18.89
C ILE T 261 -93.57 -10.41 18.02
N LYS T 262 -93.53 -10.19 16.71
CA LYS T 262 -94.20 -11.09 15.79
C LYS T 262 -93.24 -11.38 14.65
N THR T 263 -93.74 -12.02 13.61
CA THR T 263 -92.88 -12.39 12.49
C THR T 263 -93.70 -12.38 11.21
N ASN T 264 -92.99 -12.27 10.08
CA ASN T 264 -93.57 -12.28 8.74
C ASN T 264 -94.50 -11.09 8.53
N PRO T 265 -93.96 -9.87 8.43
CA PRO T 265 -92.55 -9.48 8.59
C PRO T 265 -92.23 -9.27 10.05
N VAL T 266 -90.95 -9.23 10.44
CA VAL T 266 -90.60 -9.06 11.84
C VAL T 266 -91.04 -7.68 12.30
N ARG T 267 -91.67 -7.62 13.46
CA ARG T 267 -92.10 -6.33 13.97
C ARG T 267 -92.33 -6.42 15.46
N ALA T 268 -92.29 -5.27 16.12
CA ALA T 268 -92.55 -5.15 17.55
C ALA T 268 -93.78 -4.26 17.71
N MET T 269 -94.87 -4.84 18.19
CA MET T 269 -96.15 -4.17 18.23
C MET T 269 -96.49 -3.69 19.64
N ASN T 270 -97.16 -2.54 19.68
CA ASN T 270 -97.75 -1.95 20.88
C ASN T 270 -96.69 -1.69 21.94
N CYS T 271 -95.69 -0.90 21.59
CA CYS T 271 -94.47 -0.91 22.37
C CYS T 271 -94.31 0.48 22.97
N ALA T 272 -94.54 0.56 24.28
CA ALA T 272 -94.78 1.84 24.95
C ALA T 272 -93.47 2.52 25.30
N VAL T 273 -93.18 3.64 24.63
CA VAL T 273 -92.03 4.47 24.95
C VAL T 273 -92.18 5.81 24.24
N GLY T 274 -91.85 6.87 24.95
CA GLY T 274 -91.67 8.16 24.31
C GLY T 274 -92.94 8.94 24.02
N ASN T 275 -92.73 10.01 23.28
CA ASN T 275 -93.77 10.98 22.98
C ASN T 275 -93.87 11.18 21.47
N ILE T 276 -95.06 11.48 21.00
CA ILE T 276 -95.33 11.72 19.59
C ILE T 276 -95.81 13.16 19.43
N PRO T 277 -95.08 13.98 18.68
CA PRO T 277 -95.57 15.33 18.43
C PRO T 277 -96.63 15.31 17.35
N VAL T 278 -97.58 16.24 17.46
CA VAL T 278 -98.68 16.35 16.52
C VAL T 278 -98.74 17.76 16.00
N SER T 279 -98.81 17.92 14.69
CA SER T 279 -98.93 19.21 14.05
C SER T 279 -100.24 19.23 13.25
N MET T 280 -101.10 20.18 13.55
CA MET T 280 -102.44 20.17 12.99
C MET T 280 -102.67 21.37 12.10
N ASN T 281 -103.79 21.33 11.39
CA ASN T 281 -104.22 22.48 10.60
C ASN T 281 -105.74 22.36 10.46
N LEU T 282 -106.43 23.41 10.79
CA LEU T 282 -107.88 23.24 10.89
C LEU T 282 -108.61 24.28 10.03
N PRO T 283 -109.77 23.91 9.51
CA PRO T 283 -110.57 24.86 8.74
C PRO T 283 -111.51 25.65 9.64
N ASP T 284 -112.11 26.69 9.06
CA ASP T 284 -112.97 27.56 9.86
C ASP T 284 -114.37 26.99 10.05
N SER T 285 -114.71 25.90 9.38
CA SER T 285 -116.01 25.29 9.61
C SER T 285 -116.03 24.42 10.87
N ALA T 286 -114.87 24.09 11.42
CA ALA T 286 -114.83 23.23 12.59
C ALA T 286 -115.23 23.98 13.86
N PHE T 287 -114.86 25.25 13.98
CA PHE T 287 -115.16 26.01 15.17
C PHE T 287 -116.62 26.48 15.16
N THR T 288 -116.99 27.22 16.20
CA THR T 288 -118.29 27.87 16.28
C THR T 288 -118.11 29.33 16.64
N ARG T 289 -118.97 30.19 16.09
CA ARG T 289 -118.94 31.60 16.46
C ARG T 289 -119.31 31.78 17.93
N ILE T 290 -118.79 32.86 18.51
CA ILE T 290 -119.08 33.17 19.90
C ILE T 290 -120.57 33.41 20.12
N VAL T 291 -121.27 33.95 19.12
CA VAL T 291 -122.64 34.41 19.34
C VAL T 291 -123.57 33.26 19.69
N GLU T 292 -123.36 32.07 19.13
CA GLU T 292 -124.29 30.98 19.39
C GLU T 292 -123.87 30.13 20.60
N ALA T 293 -122.61 30.20 21.01
CA ALA T 293 -122.18 29.46 22.18
C ALA T 293 -122.74 30.11 23.45
N PRO T 294 -123.04 29.31 24.48
CA PRO T 294 -123.56 29.88 25.71
C PRO T 294 -122.51 30.72 26.43
N THR T 295 -122.99 31.64 27.24
CA THR T 295 -122.15 32.49 28.06
C THR T 295 -122.09 31.95 29.48
N ILE T 296 -120.89 31.82 30.03
CA ILE T 296 -120.68 31.23 31.35
C ILE T 296 -119.94 32.23 32.21
N ILE T 297 -120.57 32.68 33.29
CA ILE T 297 -120.00 33.66 34.20
C ILE T 297 -120.18 33.17 35.63
N ASP T 298 -119.26 33.61 36.50
CA ASP T 298 -119.26 33.24 37.91
C ASP T 298 -119.09 31.73 38.10
N LEU T 299 -117.92 31.24 37.70
CA LEU T 299 -117.63 29.82 37.78
C LEU T 299 -116.92 29.48 39.08
N THR T 300 -117.45 28.51 39.81
CA THR T 300 -116.86 28.03 41.05
C THR T 300 -116.77 26.51 41.03
N CYS T 301 -115.73 25.98 41.64
CA CYS T 301 -115.41 24.56 41.66
C CYS T 301 -115.43 24.00 43.07
N THR T 302 -116.01 22.83 43.23
CA THR T 302 -115.93 22.07 44.47
C THR T 302 -115.62 20.63 44.13
N VAL T 303 -115.07 19.90 45.09
CA VAL T 303 -114.70 18.50 44.90
C VAL T 303 -115.46 17.67 45.91
N ALA T 304 -116.24 16.68 45.42
CA ALA T 304 -117.00 15.85 46.33
C ALA T 304 -116.10 14.84 47.03
N THR T 305 -115.43 13.98 46.27
CA THR T 305 -114.51 12.99 46.82
C THR T 305 -113.30 12.90 45.92
N CYS T 306 -112.22 12.36 46.47
CA CYS T 306 -111.04 12.06 45.68
C CYS T 306 -110.50 10.69 46.09
N THR T 307 -109.97 9.96 45.11
CA THR T 307 -109.40 8.64 45.37
C THR T 307 -108.40 8.33 44.27
N HIS T 308 -107.11 8.43 44.57
CA HIS T 308 -106.11 8.31 43.51
C HIS T 308 -105.91 6.84 43.16
N SER T 309 -106.86 6.35 42.36
CA SER T 309 -106.82 4.99 41.81
C SER T 309 -106.55 5.07 40.32
N SER T 310 -106.47 3.89 39.69
CA SER T 310 -106.22 3.82 38.26
C SER T 310 -107.44 4.28 37.47
N ASP T 311 -108.63 3.88 37.88
CA ASP T 311 -109.85 4.28 37.19
C ASP T 311 -110.18 5.70 37.65
N PHE T 312 -111.15 6.34 37.00
CA PHE T 312 -111.49 7.73 37.27
C PHE T 312 -112.12 7.81 38.66
N GLY T 313 -111.37 8.30 39.62
CA GLY T 313 -111.81 8.28 40.99
C GLY T 313 -111.91 9.62 41.69
N GLY T 314 -112.44 10.63 41.02
CA GLY T 314 -112.76 11.87 41.68
C GLY T 314 -113.92 12.56 40.99
N VAL T 315 -114.85 13.07 41.80
CA VAL T 315 -116.04 13.71 41.28
C VAL T 315 -115.98 15.19 41.59
N LEU T 316 -116.18 16.00 40.55
CA LEU T 316 -115.96 17.43 40.61
C LEU T 316 -117.24 18.14 40.21
N THR T 317 -117.62 19.18 40.94
CA THR T 317 -118.86 19.88 40.67
C THR T 317 -118.59 21.34 40.38
N LEU T 318 -119.27 21.87 39.37
CA LEU T 318 -119.09 23.24 38.91
C LEU T 318 -120.41 23.97 39.02
N THR T 319 -120.37 25.19 39.56
CA THR T 319 -121.53 26.07 39.62
C THR T 319 -121.25 27.33 38.82
N TYR T 320 -122.27 27.81 38.11
CA TYR T 320 -122.10 28.92 37.19
C TYR T 320 -123.42 29.68 37.10
N LYS T 321 -123.48 30.65 36.20
CA LYS T 321 -124.72 31.28 35.80
C LYS T 321 -124.68 31.49 34.30
N THR T 322 -125.70 31.02 33.59
CA THR T 322 -125.72 31.07 32.14
C THR T 322 -127.05 31.63 31.67
N ASP T 323 -127.05 32.16 30.44
CA ASP T 323 -128.25 32.75 29.87
C ASP T 323 -129.09 31.74 29.10
N LYS T 324 -128.47 30.84 28.35
CA LYS T 324 -129.22 29.89 27.55
C LYS T 324 -128.50 28.54 27.57
N ASN T 325 -129.29 27.48 27.45
CA ASN T 325 -128.77 26.12 27.57
C ASN T 325 -128.16 25.64 26.26
N GLY T 326 -127.03 24.96 26.37
CA GLY T 326 -126.27 24.54 25.21
C GLY T 326 -125.19 23.52 25.51
N ASP T 327 -124.05 23.64 24.84
CA ASP T 327 -122.94 22.70 25.01
C ASP T 327 -121.64 23.45 25.21
N CYS T 328 -120.75 22.87 26.00
CA CYS T 328 -119.45 23.46 26.29
C CYS T 328 -118.38 22.37 26.24
N SER T 329 -117.13 22.80 26.22
CA SER T 329 -116.00 21.90 26.03
C SER T 329 -115.07 22.01 27.24
N VAL T 330 -115.21 21.07 28.18
CA VAL T 330 -114.43 21.11 29.41
C VAL T 330 -112.98 20.76 29.13
N HIS T 331 -112.09 21.27 29.97
CA HIS T 331 -110.70 20.86 29.90
C HIS T 331 -109.99 21.16 31.20
N SER T 332 -108.90 20.43 31.45
CA SER T 332 -108.00 20.68 32.58
C SER T 332 -106.66 21.16 32.03
N HIS T 333 -106.20 22.32 32.50
CA HIS T 333 -104.99 22.90 31.95
C HIS T 333 -103.73 22.37 32.61
N SER T 334 -103.80 21.22 33.26
CA SER T 334 -102.61 20.56 33.79
C SER T 334 -102.73 19.06 33.56
N ASN T 335 -101.60 18.36 33.65
CA ASN T 335 -101.63 16.90 33.55
C ASN T 335 -101.72 16.24 34.92
N VAL T 336 -101.75 17.00 36.00
CA VAL T 336 -101.93 16.42 37.32
C VAL T 336 -103.26 15.66 37.37
N ALA T 337 -104.28 16.21 36.74
CA ALA T 337 -105.58 15.59 36.65
C ALA T 337 -105.90 15.30 35.19
N THR T 338 -106.69 14.28 34.94
CA THR T 338 -107.22 14.02 33.61
C THR T 338 -108.73 13.86 33.71
N LEU T 339 -109.47 14.69 33.00
CA LEU T 339 -110.92 14.49 32.99
C LEU T 339 -111.30 13.30 32.11
N GLN T 340 -112.52 12.85 32.29
CA GLN T 340 -113.04 11.74 31.50
C GLN T 340 -113.59 12.17 30.15
N GLU T 341 -114.40 13.23 30.12
CA GLU T 341 -115.09 13.63 28.91
C GLU T 341 -114.54 14.95 28.40
N ALA T 342 -114.96 15.31 27.18
CA ALA T 342 -114.52 16.53 26.54
C ALA T 342 -115.66 17.47 26.22
N THR T 343 -116.91 17.08 26.49
CA THR T 343 -118.04 17.96 26.27
C THR T 343 -118.97 17.85 27.47
N ALA T 344 -119.77 18.88 27.67
CA ALA T 344 -120.75 18.85 28.74
C ALA T 344 -121.96 19.68 28.34
N LYS T 345 -123.12 19.34 28.90
CA LYS T 345 -124.34 20.08 28.67
C LYS T 345 -124.50 21.13 29.77
N VAL T 346 -124.65 22.36 29.37
CA VAL T 346 -124.89 23.44 30.32
C VAL T 346 -126.36 23.84 30.25
N LYS T 347 -127.00 23.89 31.41
CA LYS T 347 -128.42 24.19 31.52
C LYS T 347 -128.62 25.31 32.52
N THR T 348 -129.83 25.84 32.54
CA THR T 348 -130.15 26.99 33.39
C THR T 348 -130.11 26.65 34.87
N ALA T 349 -130.03 25.37 35.25
CA ALA T 349 -129.98 25.01 36.65
C ALA T 349 -128.75 25.60 37.32
N GLY T 350 -127.62 25.56 36.64
CA GLY T 350 -126.41 26.19 37.14
C GLY T 350 -125.37 25.28 37.72
N LYS T 351 -125.57 23.96 37.69
CA LYS T 351 -124.61 23.02 38.27
C LYS T 351 -124.37 21.86 37.31
N VAL T 352 -123.11 21.48 37.16
CA VAL T 352 -122.73 20.34 36.34
C VAL T 352 -121.68 19.55 37.11
N THR T 353 -121.53 18.27 36.75
CA THR T 353 -120.58 17.40 37.43
C THR T 353 -119.74 16.62 36.43
N LEU T 354 -118.50 16.34 36.82
CA LEU T 354 -117.52 15.72 35.95
C LEU T 354 -116.74 14.69 36.74
N HIS T 355 -116.10 13.76 36.03
CA HIS T 355 -115.25 12.75 36.64
C HIS T 355 -113.81 12.95 36.20
N PHE T 356 -112.88 12.81 37.13
CA PHE T 356 -111.49 13.00 36.83
C PHE T 356 -110.67 11.93 37.54
N SER T 357 -109.42 11.80 37.10
CA SER T 357 -108.48 10.86 37.70
C SER T 357 -107.20 11.60 38.02
N THR T 358 -106.54 11.18 39.10
CA THR T 358 -105.31 11.80 39.56
C THR T 358 -104.38 10.74 40.10
N ALA T 359 -103.20 11.17 40.54
CA ALA T 359 -102.25 10.25 41.14
C ALA T 359 -101.43 10.89 42.24
N SER T 360 -101.87 12.03 42.78
CA SER T 360 -101.17 12.71 43.84
C SER T 360 -102.13 12.99 45.00
N ALA T 361 -101.57 13.05 46.21
CA ALA T 361 -102.42 13.16 47.40
C ALA T 361 -103.18 14.48 47.41
N SER T 362 -102.62 15.53 46.79
CA SER T 362 -103.26 16.84 46.77
C SER T 362 -103.07 17.46 45.38
N PRO T 363 -104.06 17.37 44.52
CA PRO T 363 -103.98 18.01 43.22
C PRO T 363 -104.54 19.43 43.27
N SER T 364 -104.05 20.27 42.36
CA SER T 364 -104.56 21.63 42.24
C SER T 364 -104.43 22.04 40.78
N PHE T 365 -105.57 22.17 40.10
CA PHE T 365 -105.56 22.36 38.66
C PHE T 365 -106.67 23.31 38.27
N VAL T 366 -106.51 23.95 37.12
CA VAL T 366 -107.47 24.93 36.62
C VAL T 366 -108.30 24.30 35.51
N VAL T 367 -109.61 24.31 35.68
CA VAL T 367 -110.55 23.69 34.76
C VAL T 367 -111.33 24.78 34.04
N SER T 368 -111.54 24.59 32.74
CA SER T 368 -112.25 25.57 31.93
C SER T 368 -113.47 24.94 31.31
N LEU T 369 -114.59 25.68 31.38
CA LEU T 369 -115.86 25.32 30.77
C LEU T 369 -116.20 26.39 29.75
N CYS T 370 -116.37 26.00 28.48
CA CYS T 370 -116.38 26.96 27.39
C CYS T 370 -115.20 27.91 27.53
N SER T 371 -115.46 29.18 27.81
CA SER T 371 -114.37 30.14 27.94
C SER T 371 -114.13 30.59 29.37
N ALA T 372 -114.89 30.09 30.34
CA ALA T 372 -114.70 30.49 31.73
C ALA T 372 -113.43 29.84 32.29
N ARG T 373 -113.25 29.95 33.60
CA ARG T 373 -112.10 29.37 34.24
C ARG T 373 -112.38 29.19 35.72
N ALA T 374 -111.73 28.21 36.33
CA ALA T 374 -111.81 28.08 37.78
C ALA T 374 -110.65 27.25 38.27
N THR T 375 -110.37 27.33 39.57
CA THR T 375 -109.31 26.57 40.21
C THR T 375 -109.93 25.54 41.14
N CYS T 376 -109.45 24.31 41.05
CA CYS T 376 -109.95 23.19 41.85
C CYS T 376 -108.79 22.64 42.68
N SER T 377 -109.00 22.59 43.98
CA SER T 377 -108.03 21.99 44.90
C SER T 377 -108.76 21.04 45.84
N ALA T 378 -108.11 19.92 46.14
CA ALA T 378 -108.80 18.85 46.86
C ALA T 378 -107.80 17.96 47.55
N SER T 379 -108.30 17.15 48.48
CA SER T 379 -107.51 16.19 49.24
C SER T 379 -107.96 14.79 48.87
N CYS T 380 -107.00 13.88 48.69
CA CYS T 380 -107.27 12.56 48.15
C CYS T 380 -106.81 11.49 49.12
N GLU T 381 -107.48 10.33 49.08
CA GLU T 381 -107.17 9.23 49.98
C GLU T 381 -106.73 8.00 49.20
N PRO T 382 -105.88 7.15 49.76
CA PRO T 382 -105.37 6.00 49.02
C PRO T 382 -106.47 5.00 48.72
N PRO T 383 -106.32 4.21 47.66
CA PRO T 383 -107.27 3.14 47.39
C PRO T 383 -106.92 1.90 48.18
N LYS T 384 -107.96 1.15 48.55
CA LYS T 384 -107.78 0.03 49.46
C LYS T 384 -107.39 -1.24 48.73
N ASP T 385 -107.78 -1.41 47.47
CA ASP T 385 -107.47 -2.62 46.73
C ASP T 385 -106.00 -2.70 46.40
N HIS T 386 -105.52 -3.89 46.07
CA HIS T 386 -104.10 -4.06 45.84
C HIS T 386 -103.74 -4.28 44.37
N ILE T 387 -104.55 -5.02 43.62
CA ILE T 387 -104.24 -5.39 42.25
C ILE T 387 -105.45 -5.16 41.37
N VAL T 388 -105.24 -4.56 40.20
CA VAL T 388 -106.31 -4.35 39.22
C VAL T 388 -105.80 -4.75 37.85
N PRO T 389 -106.70 -5.16 36.95
CA PRO T 389 -106.29 -5.61 35.62
C PRO T 389 -106.37 -4.58 34.50
N TYR T 390 -106.63 -3.31 34.78
CA TYR T 390 -106.60 -2.28 33.74
C TYR T 390 -105.54 -1.24 34.04
N ALA T 391 -104.91 -0.75 32.98
CA ALA T 391 -103.73 0.10 33.13
C ALA T 391 -104.09 1.49 33.65
N ALA T 392 -103.05 2.24 33.99
CA ALA T 392 -103.24 3.56 34.59
C ALA T 392 -103.78 4.56 33.59
N SER T 393 -104.77 5.33 34.02
CA SER T 393 -105.37 6.38 33.19
C SER T 393 -104.93 7.78 33.60
N HIS T 394 -104.05 7.91 34.59
CA HIS T 394 -103.49 9.19 34.96
C HIS T 394 -102.07 9.30 34.43
N SER T 395 -101.53 10.50 34.42
CA SER T 395 -100.21 10.71 33.86
C SER T 395 -99.10 10.47 34.87
N ASN T 396 -99.46 10.08 36.09
CA ASN T 396 -98.50 9.57 37.08
C ASN T 396 -97.50 10.64 37.54
N VAL T 397 -98.04 11.66 38.21
CA VAL T 397 -97.23 12.64 38.94
C VAL T 397 -97.65 12.59 40.40
N VAL T 398 -96.68 12.71 41.31
CA VAL T 398 -96.92 12.54 42.74
C VAL T 398 -96.54 13.74 43.58
N PHE T 399 -95.79 14.70 43.05
CA PHE T 399 -95.40 15.84 43.88
C PHE T 399 -96.63 16.66 44.23
N PRO T 400 -96.91 16.89 45.52
CA PRO T 400 -98.16 17.53 45.91
C PRO T 400 -98.14 19.03 45.62
N ASP T 401 -99.28 19.66 45.88
CA ASP T 401 -99.39 21.10 45.75
C ASP T 401 -98.70 21.80 46.91
N MET T 402 -98.21 23.01 46.64
CA MET T 402 -97.54 23.79 47.67
C MET T 402 -98.47 24.18 48.81
N SER T 403 -99.79 24.13 48.60
CA SER T 403 -100.74 24.37 49.66
C SER T 403 -101.24 23.08 50.30
N GLY T 404 -100.66 21.94 49.95
CA GLY T 404 -101.05 20.68 50.55
C GLY T 404 -100.64 20.64 52.00
N THR T 405 -101.23 19.69 52.73
CA THR T 405 -101.02 19.63 54.18
C THR T 405 -99.56 19.34 54.50
N ALA T 406 -98.92 18.45 53.76
CA ALA T 406 -97.52 18.15 54.01
C ALA T 406 -96.66 19.39 53.84
N LEU T 407 -96.83 20.08 52.72
CA LEU T 407 -96.04 21.28 52.50
C LEU T 407 -96.49 22.41 53.42
N SER T 408 -97.73 22.40 53.89
CA SER T 408 -98.12 23.37 54.91
C SER T 408 -97.32 23.19 56.18
N TRP T 409 -97.18 21.94 56.65
CA TRP T 409 -96.39 21.71 57.84
C TRP T 409 -94.92 22.06 57.62
N VAL T 410 -94.38 21.69 56.45
CA VAL T 410 -92.99 22.04 56.16
C VAL T 410 -92.81 23.55 56.17
N GLN T 411 -93.74 24.27 55.55
CA GLN T 411 -93.62 25.72 55.49
C GLN T 411 -93.73 26.35 56.88
N LYS T 412 -94.64 25.85 57.71
CA LYS T 412 -94.76 26.43 59.05
C LYS T 412 -93.48 26.23 59.85
N ILE T 413 -92.92 25.02 59.82
CA ILE T 413 -91.70 24.77 60.58
C ILE T 413 -90.56 25.61 60.05
N SER T 414 -90.42 25.67 58.72
CA SER T 414 -89.35 26.46 58.13
C SER T 414 -89.49 27.93 58.48
N GLY T 415 -90.72 28.45 58.45
CA GLY T 415 -90.94 29.84 58.79
C GLY T 415 -90.58 30.15 60.23
N GLY T 416 -90.97 29.27 61.15
CA GLY T 416 -90.61 29.48 62.55
C GLY T 416 -89.10 29.52 62.73
N LEU T 417 -88.41 28.54 62.16
CA LEU T 417 -86.95 28.50 62.32
C LEU T 417 -86.28 29.70 61.67
N GLY T 418 -86.74 30.09 60.49
CA GLY T 418 -86.15 31.24 59.81
C GLY T 418 -86.36 32.53 60.58
N ALA T 419 -87.56 32.72 61.15
CA ALA T 419 -87.81 33.90 61.95
C ALA T 419 -86.91 33.93 63.17
N PHE T 420 -86.71 32.78 63.81
CA PHE T 420 -85.82 32.71 64.97
C PHE T 420 -84.40 33.08 64.57
N ALA T 421 -83.94 32.58 63.42
CA ALA T 421 -82.58 32.91 62.96
C ALA T 421 -82.44 34.39 62.67
N ILE T 422 -83.45 34.99 62.03
CA ILE T 422 -83.38 36.42 61.74
C ILE T 422 -83.35 37.22 63.03
N GLY T 423 -84.13 36.81 64.04
CA GLY T 423 -84.06 37.48 65.33
C GLY T 423 -82.68 37.39 65.94
N ALA T 424 -82.05 36.23 65.85
CA ALA T 424 -80.68 36.08 66.33
C ALA T 424 -79.73 37.06 65.65
N ILE T 425 -79.81 37.13 64.33
CA ILE T 425 -78.92 38.02 63.58
C ILE T 425 -79.17 39.47 63.96
N LEU T 426 -80.43 39.86 64.12
CA LEU T 426 -80.73 41.23 64.51
C LEU T 426 -80.15 41.55 65.88
N VAL T 427 -80.26 40.62 66.82
CA VAL T 427 -79.72 40.87 68.16
C VAL T 427 -78.21 41.07 68.10
N LEU T 428 -77.52 40.17 67.39
CA LEU T 428 -76.06 40.27 67.36
C LEU T 428 -75.62 41.55 66.65
N VAL T 429 -76.27 41.91 65.55
CA VAL T 429 -75.87 43.10 64.83
C VAL T 429 -76.16 44.36 65.65
N VAL T 430 -77.28 44.36 66.39
CA VAL T 430 -77.58 45.49 67.26
C VAL T 430 -76.50 45.65 68.32
N VAL T 431 -76.07 44.55 68.92
CA VAL T 431 -75.04 44.64 69.95
C VAL T 431 -73.73 45.14 69.36
N THR T 432 -73.36 44.63 68.18
CA THR T 432 -72.13 45.09 67.53
C THR T 432 -72.18 46.58 67.19
N CYS T 433 -73.30 47.04 66.64
CA CYS T 433 -73.41 48.46 66.31
C CYS T 433 -73.43 49.33 67.55
N ILE T 434 -74.05 48.88 68.64
CA ILE T 434 -73.97 49.63 69.88
C ILE T 434 -72.52 49.73 70.35
N GLY T 435 -71.79 48.62 70.23
CA GLY T 435 -70.37 48.67 70.57
C GLY T 435 -69.59 49.63 69.72
N LEU T 436 -69.96 49.75 68.44
CA LEU T 436 -69.25 50.68 67.55
C LEU T 436 -69.60 52.14 67.83
N ARG T 437 -70.89 52.44 68.03
CA ARG T 437 -71.31 53.83 68.25
C ARG T 437 -70.58 54.48 69.41
N ARG T 438 -70.22 53.70 70.44
CA ARG T 438 -69.45 54.22 71.55
C ARG T 438 -67.99 54.38 71.17
N TYR U 1 -105.88 -47.85 108.32
CA TYR U 1 -104.69 -47.03 108.36
C TYR U 1 -104.50 -46.32 107.01
N GLU U 2 -104.38 -45.00 107.07
CA GLU U 2 -104.23 -44.21 105.85
C GLU U 2 -102.76 -43.98 105.55
N HIS U 3 -102.43 -43.91 104.26
CA HIS U 3 -101.06 -43.63 103.86
C HIS U 3 -101.07 -43.00 102.48
N SER U 4 -100.01 -42.23 102.20
CA SER U 4 -99.89 -41.54 100.92
C SER U 4 -98.45 -41.67 100.42
N THR U 5 -98.31 -41.74 99.10
CA THR U 5 -97.02 -41.99 98.48
C THR U 5 -96.99 -41.30 97.13
N VAL U 6 -95.79 -41.06 96.61
CA VAL U 6 -95.62 -40.49 95.28
C VAL U 6 -94.90 -41.53 94.43
N MET U 7 -95.33 -41.65 93.17
CA MET U 7 -94.82 -42.65 92.25
C MET U 7 -94.42 -41.99 90.94
N PRO U 8 -93.33 -42.43 90.31
CA PRO U 8 -93.01 -41.92 88.98
C PRO U 8 -93.91 -42.57 87.95
N ASN U 9 -94.34 -41.79 86.97
CA ASN U 9 -95.22 -42.31 85.92
C ASN U 9 -94.40 -42.79 84.72
N VAL U 10 -93.58 -43.80 84.97
CA VAL U 10 -92.78 -44.44 83.93
C VAL U 10 -93.19 -45.90 83.85
N VAL U 11 -93.63 -46.33 82.68
CA VAL U 11 -94.09 -47.71 82.51
C VAL U 11 -92.90 -48.66 82.59
N GLY U 12 -93.08 -49.76 83.32
CA GLY U 12 -92.03 -50.73 83.51
C GLY U 12 -91.13 -50.49 84.71
N PHE U 13 -91.36 -49.43 85.45
CA PHE U 13 -90.51 -49.14 86.61
C PHE U 13 -91.12 -49.78 87.85
N PRO U 14 -90.39 -50.66 88.54
CA PRO U 14 -90.96 -51.41 89.68
C PRO U 14 -90.84 -50.70 91.03
N TYR U 15 -91.73 -49.75 91.30
CA TYR U 15 -91.62 -48.95 92.50
C TYR U 15 -91.94 -49.78 93.73
N LYS U 16 -91.24 -49.51 94.82
CA LYS U 16 -91.42 -50.22 96.08
C LYS U 16 -91.65 -49.22 97.20
N ALA U 17 -92.79 -49.36 97.88
CA ALA U 17 -93.20 -48.42 98.92
C ALA U 17 -93.11 -49.09 100.28
N HIS U 18 -92.69 -48.32 101.29
CA HIS U 18 -92.42 -48.84 102.61
C HIS U 18 -93.29 -48.12 103.64
N ILE U 19 -93.99 -48.91 104.46
CA ILE U 19 -94.90 -48.38 105.47
C ILE U 19 -94.47 -48.91 106.83
N GLU U 20 -94.50 -48.04 107.83
CA GLU U 20 -94.00 -48.33 109.17
C GLU U 20 -95.10 -48.04 110.19
N ARG U 21 -95.91 -49.04 110.49
CA ARG U 21 -96.89 -48.87 111.56
C ARG U 21 -96.17 -48.94 112.91
N PRO U 22 -96.40 -47.96 113.79
CA PRO U 22 -95.66 -47.97 115.08
C PRO U 22 -95.91 -49.21 115.91
N GLY U 23 -97.11 -49.78 115.84
CA GLY U 23 -97.44 -50.97 116.60
C GLY U 23 -97.29 -52.28 115.87
N TYR U 24 -96.89 -52.26 114.60
CA TYR U 24 -96.80 -53.47 113.79
C TYR U 24 -95.46 -53.49 113.06
N SER U 25 -95.22 -54.59 112.35
CA SER U 25 -93.99 -54.78 111.59
C SER U 25 -94.03 -53.96 110.30
N PRO U 26 -92.86 -53.51 109.82
CA PRO U 26 -92.84 -52.77 108.55
C PRO U 26 -93.29 -53.63 107.40
N LEU U 27 -93.91 -52.99 106.41
CA LEU U 27 -94.42 -53.67 105.24
C LEU U 27 -93.99 -52.95 103.97
N THR U 28 -93.86 -53.70 102.88
CA THR U 28 -93.43 -53.15 101.60
C THR U 28 -94.35 -53.64 100.50
N LEU U 29 -94.74 -52.73 99.61
CA LEU U 29 -95.57 -53.03 98.47
C LEU U 29 -94.79 -52.80 97.18
N GLN U 30 -95.06 -53.62 96.17
CA GLN U 30 -94.50 -53.42 94.85
C GLN U 30 -95.60 -52.99 93.91
N MET U 31 -95.43 -51.83 93.28
CA MET U 31 -96.40 -51.29 92.36
C MET U 31 -95.70 -50.99 91.02
N GLN U 32 -96.39 -51.32 89.94
CA GLN U 32 -95.83 -51.20 88.61
C GLN U 32 -96.94 -50.80 87.64
N VAL U 33 -96.74 -49.69 86.94
CA VAL U 33 -97.74 -49.18 86.01
C VAL U 33 -97.62 -49.94 84.70
N VAL U 34 -98.55 -50.87 84.47
CA VAL U 34 -98.51 -51.65 83.25
C VAL U 34 -98.87 -50.80 82.05
N GLU U 35 -99.96 -50.03 82.12
CA GLU U 35 -100.42 -49.31 80.93
C GLU U 35 -100.99 -47.96 81.31
N THR U 36 -100.95 -47.03 80.35
CA THR U 36 -101.59 -45.73 80.47
C THR U 36 -102.31 -45.40 79.17
N SER U 37 -103.24 -44.46 79.23
CA SER U 37 -104.02 -44.08 78.06
C SER U 37 -104.51 -42.66 78.27
N LEU U 38 -104.13 -41.77 77.37
CA LEU U 38 -104.49 -40.36 77.46
C LEU U 38 -105.61 -40.10 76.46
N GLU U 39 -106.85 -40.24 76.90
CA GLU U 39 -108.01 -40.13 76.03
C GLU U 39 -108.54 -38.71 76.07
N PRO U 40 -108.46 -37.93 75.01
CA PRO U 40 -109.04 -36.59 75.02
C PRO U 40 -110.53 -36.68 74.74
N THR U 41 -111.23 -35.58 74.99
CA THR U 41 -112.65 -35.46 74.64
C THR U 41 -112.76 -34.69 73.34
N LEU U 42 -113.44 -35.28 72.36
CA LEU U 42 -113.40 -34.83 70.99
C LEU U 42 -114.75 -34.26 70.58
N ASN U 43 -114.72 -33.16 69.82
CA ASN U 43 -115.90 -32.59 69.20
C ASN U 43 -115.73 -32.60 67.70
N LEU U 44 -116.70 -33.16 66.99
CA LEU U 44 -116.62 -33.31 65.55
C LEU U 44 -116.99 -32.00 64.85
N GLU U 45 -116.11 -31.53 63.97
CA GLU U 45 -116.38 -30.32 63.20
C GLU U 45 -116.98 -30.66 61.84
N TYR U 46 -116.25 -31.42 61.02
CA TYR U 46 -116.80 -31.83 59.73
C TYR U 46 -115.94 -32.93 59.12
N ILE U 47 -116.31 -33.30 57.90
CA ILE U 47 -115.79 -34.45 57.17
C ILE U 47 -115.45 -34.00 55.76
N THR U 48 -114.35 -34.49 55.23
CA THR U 48 -114.01 -34.19 53.84
C THR U 48 -113.67 -35.45 53.08
N CYS U 49 -113.93 -35.45 51.78
CA CYS U 49 -113.70 -36.60 50.92
C CYS U 49 -113.74 -36.13 49.46
N GLU U 50 -113.54 -37.07 48.54
CA GLU U 50 -113.55 -36.72 47.14
C GLU U 50 -114.96 -36.39 46.67
N TYR U 51 -115.04 -35.72 45.54
CA TYR U 51 -116.31 -35.36 44.93
C TYR U 51 -116.49 -36.03 43.57
N LYS U 52 -117.73 -35.98 43.09
CA LYS U 52 -118.08 -36.53 41.78
C LYS U 52 -118.88 -35.46 41.04
N THR U 53 -118.39 -35.02 39.90
CA THR U 53 -119.06 -33.97 39.15
C THR U 53 -120.17 -34.56 38.29
N VAL U 54 -121.39 -34.08 38.49
CA VAL U 54 -122.55 -34.57 37.75
C VAL U 54 -122.79 -33.62 36.58
N VAL U 55 -122.69 -34.15 35.37
CA VAL U 55 -122.89 -33.37 34.16
C VAL U 55 -124.02 -34.00 33.36
N PRO U 56 -125.26 -33.57 33.58
CA PRO U 56 -126.39 -34.16 32.86
C PRO U 56 -126.28 -33.87 31.37
N SER U 57 -127.04 -34.63 30.59
CA SER U 57 -126.97 -34.53 29.14
C SER U 57 -127.44 -33.16 28.68
N PRO U 58 -126.77 -32.56 27.70
CA PRO U 58 -127.17 -31.22 27.26
C PRO U 58 -128.55 -31.27 26.61
N TYR U 59 -129.26 -30.15 26.71
CA TYR U 59 -130.56 -29.97 26.08
C TYR U 59 -130.35 -29.05 24.89
N VAL U 60 -130.69 -29.53 23.71
CA VAL U 60 -130.61 -28.73 22.50
C VAL U 60 -132.01 -28.42 22.02
N LYS U 61 -132.35 -27.14 21.94
CA LYS U 61 -133.67 -26.70 21.52
C LYS U 61 -133.59 -26.21 20.08
N CYS U 62 -134.38 -26.83 19.21
CA CYS U 62 -134.40 -26.49 17.80
C CYS U 62 -135.49 -25.48 17.52
N CYS U 63 -135.14 -24.40 16.82
CA CYS U 63 -136.08 -23.37 16.40
C CYS U 63 -136.80 -22.77 17.61
N GLY U 64 -136.00 -22.13 18.46
CA GLY U 64 -136.55 -21.54 19.68
C GLY U 64 -135.45 -21.10 20.62
N ALA U 65 -135.81 -21.03 21.90
CA ALA U 65 -134.88 -20.57 22.92
C ALA U 65 -135.25 -21.23 24.25
N SER U 66 -134.29 -21.28 25.16
CA SER U 66 -134.49 -21.82 26.50
C SER U 66 -133.99 -20.81 27.53
N GLU U 67 -134.75 -20.66 28.60
CA GLU U 67 -134.47 -19.68 29.64
C GLU U 67 -133.72 -20.33 30.79
N CYS U 68 -132.66 -19.68 31.23
CA CYS U 68 -131.87 -20.17 32.34
C CYS U 68 -132.70 -20.15 33.62
N SER U 69 -132.36 -21.07 34.54
CA SER U 69 -133.02 -21.15 35.83
C SER U 69 -131.97 -21.36 36.91
N THR U 70 -132.34 -21.05 38.14
CA THR U 70 -131.49 -21.29 39.28
C THR U 70 -132.12 -22.32 40.20
N LYS U 71 -131.32 -23.28 40.67
CA LYS U 71 -131.79 -24.32 41.56
C LYS U 71 -130.73 -24.53 42.64
N GLU U 72 -131.18 -24.99 43.80
CA GLU U 72 -130.32 -25.08 44.97
C GLU U 72 -129.60 -26.44 44.99
N LYS U 73 -128.42 -26.42 44.38
CA LYS U 73 -127.47 -27.50 44.42
C LYS U 73 -126.10 -26.92 44.78
N PRO U 74 -125.24 -27.70 45.41
CA PRO U 74 -123.90 -27.20 45.71
C PRO U 74 -123.13 -26.89 44.44
N ASP U 75 -122.70 -25.63 44.32
CA ASP U 75 -121.87 -25.18 43.21
C ASP U 75 -122.56 -25.36 41.86
N TYR U 76 -123.87 -25.21 41.85
CA TYR U 76 -124.64 -25.39 40.62
C TYR U 76 -124.27 -24.33 39.58
N GLN U 77 -124.19 -24.75 38.32
CA GLN U 77 -123.86 -23.86 37.23
C GLN U 77 -124.74 -24.16 36.03
N CYS U 78 -125.18 -23.09 35.37
CA CYS U 78 -126.12 -23.20 34.26
C CYS U 78 -125.87 -22.07 33.27
N LYS U 79 -125.79 -22.40 32.00
CA LYS U 79 -125.59 -21.39 30.97
C LYS U 79 -126.35 -21.77 29.71
N VAL U 80 -126.66 -20.78 28.90
CA VAL U 80 -127.43 -20.96 27.67
C VAL U 80 -126.62 -20.37 26.53
N TYR U 81 -126.38 -21.16 25.50
CA TYR U 81 -125.63 -20.72 24.33
C TYR U 81 -126.55 -20.67 23.13
N THR U 82 -126.37 -19.65 22.30
CA THR U 82 -127.18 -19.42 21.12
C THR U 82 -126.31 -19.49 19.87
N GLY U 83 -126.91 -19.93 18.77
CA GLY U 83 -126.23 -20.02 17.51
C GLY U 83 -125.51 -21.31 17.23
N VAL U 84 -125.92 -22.41 17.84
CA VAL U 84 -125.21 -23.68 17.73
C VAL U 84 -125.86 -24.54 16.65
N TYR U 85 -125.03 -25.33 15.97
CA TYR U 85 -125.46 -26.27 14.94
C TYR U 85 -124.88 -27.64 15.22
N PRO U 86 -125.53 -28.43 16.05
CA PRO U 86 -125.01 -29.76 16.40
C PRO U 86 -125.02 -30.73 15.24
N PHE U 87 -124.10 -31.69 15.27
CA PHE U 87 -124.12 -32.84 14.39
C PHE U 87 -124.38 -34.10 15.21
N MET U 88 -124.71 -35.17 14.49
CA MET U 88 -124.78 -36.52 15.04
C MET U 88 -124.22 -37.47 13.99
N TRP U 89 -124.23 -38.76 14.29
CA TRP U 89 -123.63 -39.73 13.39
C TRP U 89 -124.40 -39.82 12.08
N GLY U 90 -125.72 -39.71 12.15
CA GLY U 90 -126.58 -39.87 10.99
C GLY U 90 -127.01 -38.61 10.30
N GLY U 91 -126.33 -37.49 10.51
CA GLY U 91 -126.74 -36.25 9.89
C GLY U 91 -126.64 -35.05 10.82
N ALA U 92 -127.66 -34.22 10.85
CA ALA U 92 -127.70 -33.05 11.71
C ALA U 92 -129.15 -32.64 11.91
N TYR U 93 -129.60 -32.61 13.16
CA TYR U 93 -130.95 -32.12 13.40
C TYR U 93 -130.86 -30.64 13.80
N CYS U 94 -131.96 -30.08 14.31
CA CYS U 94 -132.11 -28.64 14.45
C CYS U 94 -132.00 -27.95 13.08
N PHE U 95 -133.04 -28.21 12.27
CA PHE U 95 -133.08 -27.75 10.88
C PHE U 95 -132.97 -26.23 10.77
N CYS U 96 -133.45 -25.48 11.76
CA CYS U 96 -133.20 -24.04 11.76
C CYS U 96 -131.70 -23.79 11.80
N ASP U 97 -131.23 -22.87 10.96
CA ASP U 97 -129.79 -22.71 10.77
C ASP U 97 -129.14 -21.99 11.94
N SER U 98 -129.85 -21.09 12.61
CA SER U 98 -129.23 -20.28 13.66
C SER U 98 -130.05 -20.10 14.91
N GLU U 99 -131.34 -20.43 14.92
CA GLU U 99 -132.18 -20.23 16.09
C GLU U 99 -132.27 -21.53 16.90
N ASN U 100 -131.11 -22.04 17.29
CA ASN U 100 -131.02 -23.22 18.11
C ASN U 100 -130.17 -22.93 19.33
N THR U 101 -130.61 -23.43 20.49
CA THR U 101 -129.93 -23.12 21.73
C THR U 101 -129.45 -24.40 22.39
N GLN U 102 -128.40 -24.27 23.19
CA GLN U 102 -127.87 -25.38 23.98
C GLN U 102 -127.81 -24.96 25.44
N LEU U 103 -128.30 -25.83 26.32
CA LEU U 103 -128.38 -25.52 27.74
C LEU U 103 -127.38 -26.39 28.49
N SER U 104 -126.32 -25.78 29.01
CA SER U 104 -125.30 -26.50 29.75
C SER U 104 -125.57 -26.41 31.25
N GLU U 105 -125.50 -27.56 31.92
CA GLU U 105 -125.82 -27.65 33.33
C GLU U 105 -124.79 -28.54 34.02
N ALA U 106 -124.38 -28.16 35.23
CA ALA U 106 -123.43 -28.97 35.97
C ALA U 106 -123.56 -28.66 37.47
N TYR U 107 -123.09 -29.59 38.28
CA TYR U 107 -123.01 -29.36 39.72
C TYR U 107 -122.10 -30.41 40.33
N VAL U 108 -121.81 -30.26 41.62
CA VAL U 108 -120.87 -31.12 42.34
C VAL U 108 -121.64 -31.84 43.44
N ASP U 109 -121.31 -33.12 43.63
CA ASP U 109 -121.95 -33.88 44.68
C ASP U 109 -120.92 -34.76 45.36
N ARG U 110 -121.21 -35.09 46.62
CA ARG U 110 -120.35 -35.97 47.39
C ARG U 110 -120.16 -37.31 46.68
N SER U 111 -118.92 -37.78 46.62
CA SER U 111 -118.65 -39.02 45.92
C SER U 111 -119.30 -40.18 46.66
N ASP U 112 -119.49 -41.28 45.94
CA ASP U 112 -120.24 -42.41 46.45
C ASP U 112 -119.42 -43.33 47.34
N VAL U 113 -118.12 -43.08 47.49
CA VAL U 113 -117.28 -43.86 48.39
C VAL U 113 -116.93 -43.08 49.66
N CYS U 114 -117.57 -41.94 49.86
CA CYS U 114 -117.20 -41.06 50.97
C CYS U 114 -117.44 -41.73 52.32
N ARG U 115 -118.48 -42.57 52.41
CA ARG U 115 -118.78 -43.24 53.66
C ARG U 115 -117.68 -44.21 54.07
N HIS U 116 -116.97 -44.81 53.12
CA HIS U 116 -115.88 -45.72 53.44
C HIS U 116 -114.53 -45.03 53.50
N ASP U 117 -114.35 -43.90 52.82
CA ASP U 117 -113.05 -43.23 52.80
C ASP U 117 -113.26 -41.73 53.00
N HIS U 118 -112.93 -41.23 54.19
CA HIS U 118 -113.09 -39.83 54.49
C HIS U 118 -112.10 -39.42 55.56
N ALA U 119 -111.88 -38.12 55.69
CA ALA U 119 -111.01 -37.55 56.71
C ALA U 119 -111.84 -36.69 57.64
N SER U 120 -111.63 -36.85 58.95
CA SER U 120 -112.42 -36.16 59.96
C SER U 120 -111.63 -34.99 60.53
N ALA U 121 -112.34 -33.95 60.94
CA ALA U 121 -111.73 -32.83 61.65
C ALA U 121 -112.35 -32.71 63.03
N TYR U 122 -111.51 -32.62 64.05
CA TYR U 122 -111.94 -32.65 65.44
C TYR U 122 -111.36 -31.48 66.21
N LYS U 123 -112.02 -31.18 67.32
CA LYS U 123 -111.48 -30.30 68.35
C LYS U 123 -111.29 -31.11 69.62
N ALA U 124 -110.11 -31.03 70.21
CA ALA U 124 -109.75 -31.83 71.37
C ALA U 124 -109.45 -30.93 72.56
N HIS U 125 -109.96 -31.31 73.74
CA HIS U 125 -109.75 -30.52 74.94
C HIS U 125 -109.99 -31.39 76.17
N THR U 126 -109.36 -31.01 77.27
CA THR U 126 -109.57 -31.60 78.60
C THR U 126 -109.41 -33.12 78.56
N ALA U 127 -108.17 -33.54 78.35
CA ALA U 127 -107.85 -34.95 78.26
C ALA U 127 -108.04 -35.64 79.62
N SER U 128 -108.49 -36.89 79.57
CA SER U 128 -108.68 -37.73 80.74
C SER U 128 -107.66 -38.86 80.71
N LEU U 129 -107.13 -39.21 81.87
CA LEU U 129 -106.13 -40.26 81.97
C LEU U 129 -106.76 -41.55 82.51
N LYS U 130 -106.38 -42.67 81.89
CA LYS U 130 -106.79 -43.98 82.36
C LYS U 130 -105.52 -44.81 82.51
N ALA U 131 -105.51 -45.73 83.46
CA ALA U 131 -104.29 -46.48 83.72
C ALA U 131 -104.62 -47.90 84.15
N LYS U 132 -103.64 -48.77 84.04
CA LYS U 132 -103.72 -50.13 84.53
C LYS U 132 -102.46 -50.43 85.31
N VAL U 133 -102.61 -50.83 86.57
CA VAL U 133 -101.54 -50.91 87.54
C VAL U 133 -101.55 -52.30 88.19
N ARG U 134 -100.35 -52.84 88.42
CA ARG U 134 -100.16 -54.13 89.05
C ARG U 134 -99.52 -53.94 90.41
N VAL U 135 -100.11 -54.55 91.43
CA VAL U 135 -99.66 -54.41 92.81
C VAL U 135 -99.45 -55.80 93.39
N MET U 136 -98.42 -55.94 94.23
CA MET U 136 -98.15 -57.18 94.92
C MET U 136 -97.56 -56.91 96.30
N TYR U 137 -97.99 -57.72 97.26
CA TYR U 137 -97.52 -57.70 98.64
C TYR U 137 -98.07 -58.93 99.32
N GLY U 138 -97.26 -59.52 100.20
CA GLY U 138 -97.66 -60.75 100.86
C GLY U 138 -97.93 -61.85 99.85
N ASN U 139 -99.22 -62.16 99.66
CA ASN U 139 -99.65 -63.13 98.66
C ASN U 139 -100.76 -62.56 97.79
N VAL U 140 -100.73 -61.26 97.51
CA VAL U 140 -101.79 -60.58 96.78
C VAL U 140 -101.19 -60.09 95.47
N ASN U 141 -101.37 -60.86 94.42
CA ASN U 141 -100.97 -60.49 93.07
C ASN U 141 -102.17 -59.98 92.29
N GLN U 142 -102.19 -58.68 91.98
CA GLN U 142 -103.38 -58.18 91.32
C GLN U 142 -102.98 -57.14 90.28
N THR U 143 -103.87 -56.96 89.31
CA THR U 143 -103.70 -55.96 88.25
C THR U 143 -105.07 -55.37 87.94
N VAL U 144 -105.24 -54.08 88.24
CA VAL U 144 -106.53 -53.44 88.10
C VAL U 144 -106.39 -52.17 87.26
N ASP U 145 -107.49 -51.80 86.62
CA ASP U 145 -107.55 -50.57 85.83
C ASP U 145 -108.31 -49.48 86.57
N VAL U 146 -107.71 -48.29 86.62
CA VAL U 146 -108.22 -47.19 87.42
C VAL U 146 -108.22 -45.93 86.57
N TYR U 147 -109.10 -45.00 86.95
CA TYR U 147 -109.10 -43.65 86.39
C TYR U 147 -108.21 -42.79 87.26
N VAL U 148 -107.30 -42.06 86.64
CA VAL U 148 -106.35 -41.28 87.42
C VAL U 148 -106.96 -39.94 87.78
N ASN U 149 -107.73 -39.93 88.87
CA ASN U 149 -108.30 -38.73 89.43
C ASN U 149 -108.68 -39.03 90.87
N GLY U 150 -108.51 -38.05 91.75
CA GLY U 150 -108.63 -38.31 93.17
C GLY U 150 -110.04 -38.48 93.66
N ASP U 151 -110.85 -39.25 92.92
CA ASP U 151 -112.19 -39.57 93.40
C ASP U 151 -112.61 -41.00 93.10
N HIS U 152 -111.73 -41.84 92.53
CA HIS U 152 -112.05 -43.21 92.21
C HIS U 152 -111.44 -44.12 93.26
N ALA U 153 -112.28 -44.95 93.88
CA ALA U 153 -111.84 -45.89 94.90
C ALA U 153 -111.97 -47.31 94.37
N VAL U 154 -110.88 -48.06 94.43
CA VAL U 154 -110.85 -49.45 93.98
C VAL U 154 -110.31 -50.31 95.12
N THR U 155 -110.93 -51.46 95.34
CA THR U 155 -110.57 -52.34 96.43
C THR U 155 -109.74 -53.51 95.93
N ILE U 156 -108.64 -53.80 96.64
CA ILE U 156 -107.80 -54.94 96.34
C ILE U 156 -107.54 -55.71 97.63
N GLY U 157 -108.33 -56.76 97.87
CA GLY U 157 -108.17 -57.54 99.09
C GLY U 157 -108.44 -56.76 100.35
N GLY U 158 -109.50 -55.95 100.36
CA GLY U 158 -109.82 -55.14 101.51
C GLY U 158 -109.05 -53.86 101.64
N THR U 159 -108.28 -53.47 100.64
CA THR U 159 -107.48 -52.26 100.66
C THR U 159 -108.04 -51.25 99.68
N GLN U 160 -108.26 -50.02 100.15
CA GLN U 160 -108.81 -48.95 99.33
C GLN U 160 -107.66 -48.20 98.65
N PHE U 161 -107.76 -48.02 97.34
CA PHE U 161 -106.76 -47.31 96.57
C PHE U 161 -107.40 -46.14 95.83
N ILE U 162 -106.78 -44.97 95.94
CA ILE U 162 -107.21 -43.78 95.21
C ILE U 162 -105.96 -43.17 94.58
N PHE U 163 -105.97 -43.05 93.25
CA PHE U 163 -104.84 -42.48 92.54
C PHE U 163 -105.17 -41.03 92.21
N GLY U 164 -104.44 -40.09 92.80
CA GLY U 164 -104.76 -38.70 92.69
C GLY U 164 -104.49 -38.17 91.30
N PRO U 165 -104.88 -36.92 91.06
CA PRO U 165 -104.70 -36.33 89.73
C PRO U 165 -103.22 -36.23 89.37
N LEU U 166 -102.95 -36.30 88.08
CA LEU U 166 -101.58 -36.32 87.58
C LEU U 166 -100.84 -35.05 87.97
N SER U 167 -99.52 -35.17 88.11
CA SER U 167 -98.71 -34.04 88.50
C SER U 167 -98.75 -32.93 87.46
N SER U 168 -98.67 -33.29 86.18
CA SER U 168 -98.73 -32.34 85.10
C SER U 168 -99.93 -32.63 84.21
N ALA U 169 -100.48 -31.58 83.61
CA ALA U 169 -101.63 -31.71 82.71
C ALA U 169 -101.22 -31.54 81.26
N TRP U 170 -100.03 -31.97 80.91
CA TRP U 170 -99.50 -31.82 79.56
C TRP U 170 -100.13 -32.84 78.63
N THR U 171 -100.56 -32.40 77.45
CA THR U 171 -101.10 -33.28 76.44
C THR U 171 -100.47 -32.96 75.09
N PRO U 172 -100.30 -33.97 74.23
CA PRO U 172 -99.65 -33.71 72.93
C PRO U 172 -100.59 -33.25 71.84
N PHE U 173 -101.89 -33.46 71.99
CA PHE U 173 -102.85 -33.00 70.99
C PHE U 173 -103.02 -31.49 71.07
N ASP U 174 -103.01 -30.83 69.92
CA ASP U 174 -103.29 -29.41 69.89
C ASP U 174 -104.80 -29.19 69.97
N ASN U 175 -105.25 -27.98 69.64
CA ASN U 175 -106.67 -27.69 69.70
C ASN U 175 -107.43 -28.30 68.54
N LYS U 176 -106.79 -28.41 67.38
CA LYS U 176 -107.46 -28.85 66.16
C LYS U 176 -106.74 -30.06 65.59
N ILE U 177 -107.48 -31.12 65.28
CA ILE U 177 -106.92 -32.40 64.87
C ILE U 177 -107.53 -32.82 63.55
N VAL U 178 -106.73 -33.44 62.69
CA VAL U 178 -107.22 -34.12 61.50
C VAL U 178 -106.95 -35.61 61.67
N VAL U 179 -108.01 -36.41 61.55
CA VAL U 179 -107.93 -37.86 61.77
C VAL U 179 -108.23 -38.56 60.45
N TYR U 180 -107.41 -39.54 60.12
CA TYR U 180 -107.53 -40.28 58.86
C TYR U 180 -107.05 -41.71 59.08
N LYS U 181 -107.96 -42.67 59.01
CA LYS U 181 -107.64 -44.08 59.23
C LYS U 181 -107.04 -44.29 60.62
N ASP U 182 -105.73 -44.29 60.72
CA ASP U 182 -105.06 -44.49 62.01
C ASP U 182 -103.95 -43.48 62.21
N GLU U 183 -104.16 -42.25 61.74
CA GLU U 183 -103.18 -41.19 61.88
C GLU U 183 -103.87 -39.93 62.38
N VAL U 184 -103.22 -39.22 63.28
CA VAL U 184 -103.71 -37.92 63.75
C VAL U 184 -102.65 -36.88 63.40
N PHE U 185 -103.10 -35.66 63.15
CA PHE U 185 -102.22 -34.59 62.72
C PHE U 185 -102.50 -33.35 63.54
N ASN U 186 -101.48 -32.53 63.73
CA ASN U 186 -101.65 -31.22 64.35
C ASN U 186 -101.80 -30.22 63.21
N GLN U 187 -103.03 -29.98 62.81
CA GLN U 187 -103.33 -29.20 61.62
C GLN U 187 -104.39 -28.16 61.96
N ASP U 188 -104.33 -27.03 61.27
CA ASP U 188 -105.26 -25.93 61.48
C ASP U 188 -106.17 -25.85 60.25
N PHE U 189 -107.24 -26.62 60.28
CA PHE U 189 -108.13 -26.69 59.13
C PHE U 189 -109.00 -25.43 59.02
N PRO U 190 -109.37 -25.04 57.81
CA PRO U 190 -110.22 -23.86 57.66
C PRO U 190 -111.62 -24.12 58.22
N PRO U 191 -112.30 -23.09 58.71
CA PRO U 191 -113.59 -23.30 59.37
C PRO U 191 -114.66 -23.73 58.38
N TYR U 192 -115.70 -24.35 58.92
CA TYR U 192 -116.76 -24.92 58.08
C TYR U 192 -117.37 -23.83 57.22
N GLY U 193 -117.59 -24.13 55.95
CA GLY U 193 -118.22 -23.21 55.03
C GLY U 193 -117.30 -22.18 54.43
N SER U 194 -116.00 -22.27 54.65
CA SER U 194 -115.07 -21.26 54.15
C SER U 194 -113.89 -21.89 53.46
N GLY U 195 -114.09 -23.06 52.85
CA GLY U 195 -113.00 -23.76 52.23
C GLY U 195 -112.51 -23.06 50.98
N GLN U 196 -111.29 -23.37 50.60
CA GLN U 196 -110.77 -22.80 49.37
C GLN U 196 -110.55 -23.89 48.33
N PRO U 197 -110.86 -23.62 47.07
CA PRO U 197 -110.66 -24.63 46.04
C PRO U 197 -109.18 -24.97 45.86
N GLY U 198 -108.91 -26.24 45.64
CA GLY U 198 -107.56 -26.71 45.40
C GLY U 198 -106.77 -27.10 46.61
N ARG U 199 -107.32 -26.97 47.81
CA ARG U 199 -106.62 -27.39 49.03
C ARG U 199 -107.57 -28.15 49.94
N PHE U 200 -107.12 -28.44 51.17
CA PHE U 200 -107.94 -29.21 52.09
C PHE U 200 -109.24 -28.50 52.38
N GLY U 201 -110.33 -29.25 52.39
CA GLY U 201 -111.61 -28.71 52.80
C GLY U 201 -112.39 -27.95 51.74
N ASP U 202 -112.15 -28.25 50.47
CA ASP U 202 -112.92 -27.59 49.42
C ASP U 202 -114.36 -28.06 49.40
N ILE U 203 -114.60 -29.28 49.88
CA ILE U 203 -115.94 -29.83 50.04
C ILE U 203 -116.09 -30.31 51.47
N GLN U 204 -117.18 -29.92 52.11
CA GLN U 204 -117.35 -30.19 53.53
C GLN U 204 -118.78 -30.57 53.85
N SER U 205 -118.92 -31.50 54.79
CA SER U 205 -120.22 -31.93 55.28
C SER U 205 -120.19 -32.01 56.80
N ARG U 206 -121.30 -31.60 57.42
CA ARG U 206 -121.37 -31.60 58.87
C ARG U 206 -121.25 -33.01 59.43
N THR U 207 -121.85 -33.98 58.75
CA THR U 207 -121.70 -35.38 59.12
C THR U 207 -121.90 -36.23 57.87
N VAL U 208 -121.65 -37.53 58.00
CA VAL U 208 -121.70 -38.40 56.83
C VAL U 208 -123.10 -38.46 56.24
N GLU U 209 -124.11 -38.55 57.09
CA GLU U 209 -125.49 -38.68 56.64
C GLU U 209 -126.17 -37.34 56.41
N SER U 210 -125.45 -36.23 56.56
CA SER U 210 -126.06 -34.92 56.40
C SER U 210 -126.49 -34.69 54.95
N ASN U 211 -127.70 -34.14 54.79
CA ASN U 211 -128.17 -33.80 53.45
C ASN U 211 -127.44 -32.58 52.90
N ASP U 212 -127.12 -31.62 53.76
CA ASP U 212 -126.43 -30.43 53.31
C ASP U 212 -124.99 -30.76 52.89
N LEU U 213 -124.44 -29.89 52.06
CA LEU U 213 -123.06 -30.03 51.60
C LEU U 213 -122.59 -28.67 51.12
N TYR U 214 -121.36 -28.32 51.46
CA TYR U 214 -120.79 -27.05 51.05
C TYR U 214 -119.61 -27.34 50.13
N ALA U 215 -119.68 -26.86 48.91
CA ALA U 215 -118.65 -27.15 47.91
C ALA U 215 -118.19 -25.86 47.28
N ASN U 216 -116.88 -25.72 47.09
CA ASN U 216 -116.33 -24.52 46.44
C ASN U 216 -115.11 -24.95 45.63
N THR U 217 -115.33 -25.25 44.35
CA THR U 217 -114.29 -25.81 43.51
C THR U 217 -114.03 -25.00 42.26
N ALA U 218 -114.71 -23.87 42.07
CA ALA U 218 -114.54 -23.01 40.90
C ALA U 218 -114.81 -23.76 39.60
N LEU U 219 -116.04 -24.25 39.49
CA LEU U 219 -116.48 -25.00 38.33
C LEU U 219 -117.04 -24.04 37.30
N LYS U 220 -116.39 -23.93 36.14
CA LYS U 220 -116.73 -22.92 35.16
C LYS U 220 -116.99 -23.57 33.81
N LEU U 221 -118.16 -23.30 33.24
CA LEU U 221 -118.56 -23.86 31.97
C LEU U 221 -117.98 -23.04 30.82
N ALA U 222 -117.96 -23.65 29.63
CA ALA U 222 -117.38 -23.02 28.46
C ALA U 222 -118.30 -23.22 27.25
N ARG U 223 -118.06 -22.44 26.21
CA ARG U 223 -118.90 -22.51 25.03
C ARG U 223 -118.51 -23.70 24.18
N PRO U 224 -119.45 -24.57 23.81
CA PRO U 224 -119.09 -25.76 23.04
C PRO U 224 -118.52 -25.40 21.68
N SER U 225 -117.61 -26.23 21.21
CA SER U 225 -116.98 -26.00 19.91
C SER U 225 -117.98 -26.25 18.79
N PRO U 226 -117.71 -25.73 17.59
CA PRO U 226 -118.66 -25.93 16.49
C PRO U 226 -118.83 -27.39 16.13
N GLY U 227 -120.08 -27.76 15.82
CA GLY U 227 -120.38 -29.08 15.30
C GLY U 227 -120.25 -30.25 16.24
N MET U 228 -120.34 -30.02 17.55
CA MET U 228 -120.28 -31.13 18.49
C MET U 228 -121.24 -30.89 19.64
N VAL U 229 -121.49 -31.93 20.43
CA VAL U 229 -122.39 -31.87 21.58
C VAL U 229 -121.67 -32.48 22.78
N HIS U 230 -120.92 -31.65 23.52
CA HIS U 230 -120.10 -32.22 24.58
C HIS U 230 -120.03 -31.44 25.89
N VAL U 231 -120.67 -30.28 26.01
CA VAL U 231 -120.75 -29.48 27.24
C VAL U 231 -119.42 -29.44 27.99
N PRO U 232 -118.43 -28.70 27.49
CA PRO U 232 -117.14 -28.63 28.18
C PRO U 232 -117.27 -27.93 29.52
N TYR U 233 -116.27 -28.15 30.36
CA TYR U 233 -116.19 -27.47 31.65
C TYR U 233 -114.74 -27.50 32.11
N THR U 234 -114.42 -26.63 33.06
CA THR U 234 -113.09 -26.62 33.65
C THR U 234 -113.24 -26.45 35.16
N GLN U 235 -112.32 -27.06 35.90
CA GLN U 235 -112.48 -27.10 37.34
C GLN U 235 -111.18 -27.54 38.00
N THR U 236 -110.84 -26.88 39.11
CA THR U 236 -109.64 -27.21 39.86
C THR U 236 -109.74 -28.61 40.44
N PRO U 237 -108.66 -29.38 40.42
CA PRO U 237 -108.72 -30.76 40.92
C PRO U 237 -109.16 -30.82 42.37
N SER U 238 -109.48 -32.03 42.82
CA SER U 238 -109.92 -32.21 44.18
C SER U 238 -108.80 -31.91 45.16
N GLY U 239 -109.13 -31.19 46.23
CA GLY U 239 -108.12 -30.84 47.20
C GLY U 239 -107.77 -32.00 48.12
N PHE U 240 -108.70 -32.93 48.29
CA PHE U 240 -108.46 -34.04 49.20
C PHE U 240 -107.30 -34.91 48.72
N LYS U 241 -107.27 -35.21 47.42
CA LYS U 241 -106.17 -36.03 46.89
C LYS U 241 -104.84 -35.31 47.00
N TYR U 242 -104.80 -34.01 46.73
CA TYR U 242 -103.54 -33.29 46.90
C TYR U 242 -103.14 -33.20 48.36
N TRP U 243 -104.08 -33.13 49.28
CA TRP U 243 -103.70 -33.21 50.69
C TRP U 243 -103.10 -34.56 51.02
N LEU U 244 -103.69 -35.63 50.48
CA LEU U 244 -103.10 -36.95 50.65
C LEU U 244 -101.70 -37.00 50.09
N LYS U 245 -101.45 -36.27 49.00
CA LYS U 245 -100.14 -36.27 48.37
C LYS U 245 -99.12 -35.49 49.19
N GLU U 246 -99.50 -34.32 49.71
CA GLU U 246 -98.53 -33.36 50.22
C GLU U 246 -98.76 -33.01 51.69
N LYS U 247 -99.41 -33.88 52.46
CA LYS U 247 -99.74 -33.53 53.83
C LYS U 247 -98.49 -33.32 54.67
N GLY U 248 -97.53 -34.21 54.57
CA GLY U 248 -96.29 -34.04 55.28
C GLY U 248 -96.39 -34.41 56.74
N THR U 249 -95.38 -35.11 57.25
CA THR U 249 -95.28 -35.48 58.66
C THR U 249 -96.51 -36.22 59.16
N ALA U 250 -96.61 -36.32 60.47
CA ALA U 250 -97.74 -36.95 61.16
C ALA U 250 -97.59 -36.61 62.63
N LEU U 251 -98.37 -37.28 63.48
CA LEU U 251 -98.09 -37.22 64.90
C LEU U 251 -97.51 -38.51 65.43
N ASN U 252 -97.83 -39.64 64.78
CA ASN U 252 -97.30 -40.92 65.24
C ASN U 252 -95.79 -40.93 65.23
N THR U 253 -95.18 -40.19 64.30
CA THR U 253 -93.74 -40.13 64.16
C THR U 253 -93.16 -38.84 64.70
N LYS U 254 -93.90 -38.11 65.52
CA LYS U 254 -93.40 -36.85 66.03
C LYS U 254 -93.73 -36.57 67.48
N ALA U 255 -94.62 -37.34 68.11
CA ALA U 255 -95.02 -37.04 69.47
C ALA U 255 -93.81 -37.14 70.41
N PRO U 256 -93.70 -36.24 71.38
CA PRO U 256 -92.58 -36.29 72.31
C PRO U 256 -92.82 -37.32 73.40
N PHE U 257 -91.80 -37.51 74.24
CA PHE U 257 -91.84 -38.42 75.37
C PHE U 257 -92.05 -39.87 74.95
N GLY U 258 -91.96 -40.15 73.65
CA GLY U 258 -91.98 -41.51 73.14
C GLY U 258 -93.22 -42.28 73.51
N CYS U 259 -94.39 -41.82 73.09
CA CYS U 259 -95.64 -42.49 73.41
C CYS U 259 -96.46 -42.77 72.16
N GLN U 260 -97.08 -43.95 72.14
CA GLN U 260 -97.71 -44.43 70.91
C GLN U 260 -99.06 -43.77 70.72
N ILE U 261 -99.44 -43.57 69.47
CA ILE U 261 -100.72 -42.97 69.14
C ILE U 261 -101.60 -44.00 68.45
N LYS U 262 -102.83 -44.15 68.92
CA LYS U 262 -103.75 -45.09 68.31
C LYS U 262 -105.12 -44.43 68.19
N THR U 263 -105.93 -44.94 67.29
CA THR U 263 -107.20 -44.32 66.97
C THR U 263 -108.36 -45.26 67.28
N ASN U 264 -109.56 -44.71 67.22
CA ASN U 264 -110.80 -45.45 67.43
C ASN U 264 -110.83 -46.14 68.79
N PRO U 265 -110.89 -45.38 69.90
CA PRO U 265 -110.89 -43.92 69.99
C PRO U 265 -109.48 -43.34 69.92
N VAL U 266 -109.37 -42.04 69.70
CA VAL U 266 -108.07 -41.39 69.65
C VAL U 266 -107.46 -41.39 71.04
N ARG U 267 -106.21 -41.83 71.14
CA ARG U 267 -105.56 -41.91 72.44
C ARG U 267 -104.05 -42.00 72.25
N ALA U 268 -103.33 -41.58 73.27
CA ALA U 268 -101.88 -41.66 73.32
C ALA U 268 -101.49 -42.42 74.58
N MET U 269 -100.71 -43.47 74.42
CA MET U 269 -100.49 -44.43 75.50
C MET U 269 -99.01 -44.66 75.78
N ASN U 270 -98.74 -45.09 77.01
CA ASN U 270 -97.40 -45.34 77.53
C ASN U 270 -96.51 -44.11 77.32
N CYS U 271 -96.89 -43.04 78.00
CA CYS U 271 -96.36 -41.73 77.67
C CYS U 271 -95.86 -41.14 78.98
N ALA U 272 -94.58 -41.37 79.28
CA ALA U 272 -94.02 -41.19 80.60
C ALA U 272 -93.84 -39.71 80.90
N VAL U 273 -94.51 -39.22 81.93
CA VAL U 273 -94.33 -37.85 82.39
C VAL U 273 -94.85 -37.74 83.82
N GLY U 274 -94.08 -37.03 84.65
CA GLY U 274 -94.58 -36.61 85.94
C GLY U 274 -94.75 -37.74 86.95
N ASN U 275 -95.54 -37.42 87.97
CA ASN U 275 -95.71 -38.29 89.11
C ASN U 275 -97.20 -38.53 89.36
N ILE U 276 -97.50 -39.69 89.92
CA ILE U 276 -98.85 -40.00 90.39
C ILE U 276 -98.82 -40.11 91.92
N PRO U 277 -99.57 -39.30 92.63
CA PRO U 277 -99.78 -39.57 94.05
C PRO U 277 -100.79 -40.70 94.24
N VAL U 278 -100.56 -41.49 95.27
CA VAL U 278 -101.46 -42.60 95.60
C VAL U 278 -101.78 -42.55 97.08
N SER U 279 -103.06 -42.64 97.41
CA SER U 279 -103.54 -42.69 98.77
C SER U 279 -104.24 -44.03 99.01
N MET U 280 -103.82 -44.73 100.06
CA MET U 280 -104.31 -46.07 100.31
C MET U 280 -104.73 -46.25 101.75
N ASN U 281 -105.80 -47.01 101.93
CA ASN U 281 -106.35 -47.36 103.25
C ASN U 281 -106.17 -48.86 103.42
N LEU U 282 -105.46 -49.26 104.47
CA LEU U 282 -105.14 -50.64 104.74
C LEU U 282 -105.86 -51.15 105.98
N PRO U 283 -106.22 -52.42 106.03
CA PRO U 283 -106.77 -53.01 107.24
C PRO U 283 -105.66 -53.49 108.18
N ASP U 284 -106.08 -53.93 109.36
CA ASP U 284 -105.11 -54.44 110.33
C ASP U 284 -104.62 -55.84 109.97
N SER U 285 -105.32 -56.55 109.11
CA SER U 285 -104.92 -57.91 108.75
C SER U 285 -103.64 -57.95 107.92
N ALA U 286 -103.37 -56.91 107.14
CA ALA U 286 -102.17 -56.90 106.30
C ALA U 286 -100.90 -56.80 107.13
N PHE U 287 -100.95 -56.09 108.25
CA PHE U 287 -99.80 -55.95 109.13
C PHE U 287 -99.60 -57.21 109.97
N THR U 288 -98.42 -57.32 110.55
CA THR U 288 -98.08 -58.40 111.48
C THR U 288 -97.52 -57.80 112.75
N ARG U 289 -97.92 -58.36 113.89
CA ARG U 289 -97.47 -57.83 115.17
C ARG U 289 -95.96 -58.01 115.33
N ILE U 290 -95.36 -57.10 116.10
CA ILE U 290 -93.91 -57.11 116.28
C ILE U 290 -93.44 -58.36 117.00
N VAL U 291 -94.30 -58.95 117.84
CA VAL U 291 -93.90 -60.12 118.61
C VAL U 291 -93.55 -61.29 117.70
N GLU U 292 -94.34 -61.50 116.64
CA GLU U 292 -94.04 -62.57 115.71
C GLU U 292 -92.87 -62.26 114.79
N ALA U 293 -92.55 -60.99 114.60
CA ALA U 293 -91.45 -60.63 113.72
C ALA U 293 -90.11 -61.00 114.36
N PRO U 294 -89.17 -61.55 113.57
CA PRO U 294 -87.85 -61.84 114.12
C PRO U 294 -87.11 -60.58 114.51
N THR U 295 -86.29 -60.70 115.56
CA THR U 295 -85.51 -59.58 116.07
C THR U 295 -84.10 -59.65 115.50
N ILE U 296 -83.62 -58.52 114.95
CA ILE U 296 -82.33 -58.46 114.28
C ILE U 296 -81.45 -57.46 115.01
N ILE U 297 -80.22 -57.88 115.33
CA ILE U 297 -79.28 -57.09 116.10
C ILE U 297 -77.90 -57.20 115.46
N ASP U 298 -77.19 -56.07 115.43
CA ASP U 298 -75.83 -55.99 114.87
C ASP U 298 -75.80 -56.46 113.41
N LEU U 299 -76.50 -55.67 112.59
CA LEU U 299 -76.60 -55.96 111.18
C LEU U 299 -75.49 -55.19 110.45
N THR U 300 -74.63 -55.92 109.75
CA THR U 300 -73.51 -55.33 109.02
C THR U 300 -73.69 -55.53 107.53
N CYS U 301 -73.23 -54.55 106.76
CA CYS U 301 -73.47 -54.49 105.33
C CYS U 301 -72.15 -54.46 104.59
N THR U 302 -72.06 -55.25 103.52
CA THR U 302 -70.89 -55.25 102.64
C THR U 302 -71.35 -55.31 101.20
N VAL U 303 -70.49 -54.88 100.29
CA VAL U 303 -70.76 -54.87 98.86
C VAL U 303 -69.73 -55.75 98.18
N ALA U 304 -70.19 -56.69 97.35
CA ALA U 304 -69.24 -57.57 96.69
C ALA U 304 -68.75 -56.96 95.38
N THR U 305 -69.68 -56.67 94.46
CA THR U 305 -69.32 -56.01 93.22
C THR U 305 -70.35 -54.94 92.89
N CYS U 306 -69.89 -53.91 92.19
CA CYS U 306 -70.76 -52.85 91.73
C CYS U 306 -70.35 -52.41 90.33
N THR U 307 -71.35 -52.16 89.49
CA THR U 307 -71.12 -51.57 88.19
C THR U 307 -72.40 -50.85 87.80
N HIS U 308 -72.33 -49.52 87.64
CA HIS U 308 -73.54 -48.74 87.41
C HIS U 308 -73.99 -48.96 85.98
N SER U 309 -74.78 -50.02 85.80
CA SER U 309 -75.34 -50.37 84.52
C SER U 309 -76.86 -50.25 84.58
N SER U 310 -77.48 -50.18 83.41
CA SER U 310 -78.93 -50.00 83.38
C SER U 310 -79.64 -51.17 84.04
N ASP U 311 -79.14 -52.39 83.84
CA ASP U 311 -79.69 -53.54 84.53
C ASP U 311 -79.31 -53.50 86.00
N PHE U 312 -79.66 -54.57 86.72
CA PHE U 312 -79.33 -54.65 88.13
C PHE U 312 -77.89 -55.09 88.30
N GLY U 313 -76.99 -54.13 88.53
CA GLY U 313 -75.57 -54.38 88.52
C GLY U 313 -74.83 -54.18 89.83
N GLY U 314 -75.42 -54.60 90.94
CA GLY U 314 -74.70 -54.61 92.20
C GLY U 314 -75.19 -55.68 93.15
N VAL U 315 -74.27 -56.31 93.87
CA VAL U 315 -74.59 -57.39 94.79
C VAL U 315 -74.17 -56.99 96.20
N LEU U 316 -75.09 -57.15 97.14
CA LEU U 316 -74.96 -56.65 98.49
C LEU U 316 -75.15 -57.82 99.46
N THR U 317 -74.41 -57.81 100.56
CA THR U 317 -74.47 -58.88 101.55
C THR U 317 -74.75 -58.28 102.93
N LEU U 318 -75.61 -58.94 103.68
CA LEU U 318 -75.95 -58.52 105.03
C LEU U 318 -75.71 -59.66 106.00
N THR U 319 -75.01 -59.37 107.09
CA THR U 319 -74.76 -60.31 108.16
C THR U 319 -75.53 -59.87 109.41
N TYR U 320 -76.23 -60.81 110.02
CA TYR U 320 -77.15 -60.47 111.10
C TYR U 320 -77.16 -61.60 112.12
N LYS U 321 -77.72 -61.29 113.30
CA LYS U 321 -77.96 -62.27 114.35
C LYS U 321 -79.45 -62.29 114.64
N THR U 322 -80.04 -63.49 114.58
CA THR U 322 -81.49 -63.64 114.70
C THR U 322 -81.82 -64.74 115.70
N ASP U 323 -83.04 -64.67 116.23
CA ASP U 323 -83.52 -65.66 117.18
C ASP U 323 -84.43 -66.71 116.53
N LYS U 324 -85.13 -66.36 115.46
CA LYS U 324 -86.00 -67.29 114.76
C LYS U 324 -85.96 -67.02 113.26
N ASN U 325 -86.36 -68.02 112.49
CA ASN U 325 -86.43 -67.90 111.04
C ASN U 325 -87.75 -67.23 110.66
N GLY U 326 -87.69 -66.35 109.67
CA GLY U 326 -88.87 -65.63 109.26
C GLY U 326 -88.67 -64.87 107.98
N ASP U 327 -89.52 -63.87 107.77
CA ASP U 327 -89.47 -63.02 106.59
C ASP U 327 -89.39 -61.56 107.01
N CYS U 328 -88.52 -60.80 106.34
CA CYS U 328 -88.38 -59.37 106.58
C CYS U 328 -88.61 -58.60 105.29
N SER U 329 -89.31 -57.48 105.40
CA SER U 329 -89.46 -56.53 104.32
C SER U 329 -88.22 -55.66 104.29
N VAL U 330 -87.46 -55.75 103.21
CA VAL U 330 -86.17 -55.06 103.09
C VAL U 330 -86.36 -53.80 102.26
N HIS U 331 -85.84 -52.69 102.75
CA HIS U 331 -86.01 -51.41 102.07
C HIS U 331 -84.68 -50.69 101.95
N SER U 332 -84.58 -49.88 100.89
CA SER U 332 -83.55 -48.87 100.74
C SER U 332 -84.16 -47.50 100.93
N HIS U 333 -83.56 -46.69 101.82
CA HIS U 333 -84.13 -45.42 102.20
C HIS U 333 -83.60 -44.25 101.38
N SER U 334 -83.08 -44.52 100.19
CA SER U 334 -82.66 -43.46 99.27
C SER U 334 -82.91 -43.93 97.85
N ASN U 335 -83.07 -42.98 96.95
CA ASN U 335 -83.26 -43.28 95.54
C ASN U 335 -81.94 -43.36 94.79
N VAL U 336 -80.80 -43.24 95.48
CA VAL U 336 -79.52 -43.42 94.80
C VAL U 336 -79.37 -44.86 94.33
N ALA U 337 -79.89 -45.81 95.10
CA ALA U 337 -79.84 -47.22 94.76
C ALA U 337 -81.19 -47.84 94.98
N THR U 338 -81.57 -48.78 94.11
CA THR U 338 -82.86 -49.45 94.20
C THR U 338 -82.66 -50.95 94.38
N LEU U 339 -83.43 -51.54 95.28
CA LEU U 339 -83.35 -52.98 95.53
C LEU U 339 -84.15 -53.75 94.48
N GLN U 340 -83.91 -55.05 94.44
CA GLN U 340 -84.67 -55.91 93.54
C GLN U 340 -85.84 -56.60 94.23
N GLU U 341 -85.63 -57.19 95.39
CA GLU U 341 -86.65 -57.97 96.05
C GLU U 341 -87.15 -57.25 97.30
N ALA U 342 -88.45 -57.32 97.51
CA ALA U 342 -89.09 -56.64 98.63
C ALA U 342 -89.07 -57.45 99.91
N THR U 343 -89.18 -58.77 99.82
CA THR U 343 -89.16 -59.63 101.00
C THR U 343 -87.93 -60.52 100.94
N ALA U 344 -87.39 -60.84 102.11
CA ALA U 344 -86.25 -61.73 102.22
C ALA U 344 -86.50 -62.73 103.34
N LYS U 345 -86.00 -63.94 103.15
CA LYS U 345 -86.11 -64.99 104.16
C LYS U 345 -84.86 -64.95 105.04
N VAL U 346 -85.05 -64.66 106.31
CA VAL U 346 -83.96 -64.66 107.29
C VAL U 346 -83.96 -65.99 108.00
N LYS U 347 -82.80 -66.64 108.03
CA LYS U 347 -82.60 -67.91 108.70
C LYS U 347 -81.50 -67.77 109.74
N THR U 348 -81.31 -68.83 110.52
CA THR U 348 -80.36 -68.81 111.63
C THR U 348 -78.91 -68.71 111.16
N ALA U 349 -78.65 -68.90 109.86
CA ALA U 349 -77.28 -68.74 109.37
C ALA U 349 -76.79 -67.32 109.59
N GLY U 350 -77.68 -66.34 109.49
CA GLY U 350 -77.31 -64.96 109.74
C GLY U 350 -76.72 -64.28 108.51
N LYS U 351 -77.00 -64.82 107.33
CA LYS U 351 -76.43 -64.31 106.09
C LYS U 351 -77.54 -64.14 105.08
N VAL U 352 -77.60 -62.98 104.42
CA VAL U 352 -78.53 -62.77 103.31
C VAL U 352 -77.82 -61.97 102.23
N THR U 353 -78.29 -62.13 101.00
CA THR U 353 -77.76 -61.38 99.86
C THR U 353 -78.91 -60.70 99.12
N LEU U 354 -78.59 -59.58 98.49
CA LEU U 354 -79.57 -58.78 97.77
C LEU U 354 -78.95 -58.25 96.48
N HIS U 355 -79.81 -57.95 95.53
CA HIS U 355 -79.41 -57.37 94.26
C HIS U 355 -79.93 -55.94 94.20
N PHE U 356 -79.11 -55.02 93.72
CA PHE U 356 -79.52 -53.63 93.62
C PHE U 356 -78.92 -53.01 92.37
N SER U 357 -79.48 -51.86 91.99
CA SER U 357 -79.04 -51.13 90.81
C SER U 357 -78.89 -49.66 91.14
N THR U 358 -77.85 -49.03 90.60
CA THR U 358 -77.60 -47.63 90.82
C THR U 358 -76.78 -47.07 89.67
N ALA U 359 -76.69 -45.75 89.61
CA ALA U 359 -75.98 -45.08 88.54
C ALA U 359 -74.86 -44.15 89.01
N SER U 360 -74.57 -44.12 90.30
CA SER U 360 -73.56 -43.21 90.84
C SER U 360 -72.28 -43.94 91.16
N ALA U 361 -71.17 -43.23 91.02
CA ALA U 361 -69.86 -43.85 91.20
C ALA U 361 -69.66 -44.30 92.64
N SER U 362 -70.16 -43.53 93.60
CA SER U 362 -70.00 -43.83 95.02
C SER U 362 -71.36 -43.75 95.71
N PRO U 363 -72.21 -44.74 95.52
CA PRO U 363 -73.51 -44.72 96.19
C PRO U 363 -73.35 -44.99 97.68
N SER U 364 -74.32 -44.49 98.44
CA SER U 364 -74.29 -44.62 99.89
C SER U 364 -75.72 -44.52 100.38
N PHE U 365 -76.22 -45.58 101.01
CA PHE U 365 -77.62 -45.63 101.36
C PHE U 365 -77.81 -46.33 102.69
N VAL U 366 -79.05 -46.27 103.17
CA VAL U 366 -79.46 -46.88 104.43
C VAL U 366 -80.40 -48.03 104.09
N VAL U 367 -80.10 -49.21 104.60
CA VAL U 367 -80.90 -50.40 104.33
C VAL U 367 -81.57 -50.85 105.62
N SER U 368 -82.82 -51.27 105.50
CA SER U 368 -83.62 -51.70 106.65
C SER U 368 -84.12 -53.12 106.42
N LEU U 369 -84.01 -53.93 107.47
CA LEU U 369 -84.39 -55.35 107.45
C LEU U 369 -85.23 -55.62 108.69
N CYS U 370 -86.51 -55.96 108.48
CA CYS U 370 -87.49 -55.93 109.56
C CYS U 370 -87.41 -54.61 110.33
N SER U 371 -86.83 -54.63 111.52
CA SER U 371 -86.72 -53.41 112.32
C SER U 371 -85.30 -52.88 112.40
N ALA U 372 -84.31 -53.62 111.91
CA ALA U 372 -82.92 -53.19 112.02
C ALA U 372 -82.61 -52.13 110.98
N ARG U 373 -81.35 -51.67 111.00
CA ARG U 373 -80.90 -50.60 110.12
C ARG U 373 -79.40 -50.71 109.95
N ALA U 374 -78.92 -50.32 108.78
CA ALA U 374 -77.47 -50.24 108.56
C ALA U 374 -77.22 -49.32 107.40
N THR U 375 -75.94 -49.00 107.19
CA THR U 375 -75.52 -48.13 106.10
C THR U 375 -74.56 -48.91 105.20
N CYS U 376 -74.66 -48.67 103.89
CA CYS U 376 -73.80 -49.31 102.91
C CYS U 376 -73.20 -48.26 101.99
N SER U 377 -71.90 -48.39 101.73
CA SER U 377 -71.19 -47.55 100.78
C SER U 377 -70.31 -48.45 99.92
N ALA U 378 -70.04 -48.01 98.69
CA ALA U 378 -69.31 -48.83 97.75
C ALA U 378 -68.60 -47.95 96.74
N SER U 379 -67.69 -48.58 96.00
CA SER U 379 -67.11 -47.98 94.80
C SER U 379 -67.62 -48.77 93.60
N CYS U 380 -68.02 -48.07 92.55
CA CYS U 380 -68.60 -48.72 91.39
C CYS U 380 -67.80 -48.36 90.14
N GLU U 381 -67.75 -49.27 89.21
CA GLU U 381 -66.96 -49.06 88.00
C GLU U 381 -67.86 -48.92 86.78
N PRO U 382 -67.42 -48.18 85.77
CA PRO U 382 -68.26 -47.97 84.60
C PRO U 382 -68.44 -49.25 83.80
N PRO U 383 -69.56 -49.42 83.11
CA PRO U 383 -69.73 -50.57 82.23
C PRO U 383 -69.10 -50.32 80.86
N LYS U 384 -69.01 -51.40 80.09
CA LYS U 384 -68.38 -51.35 78.78
C LYS U 384 -69.36 -51.29 77.63
N ASP U 385 -70.60 -51.75 77.83
CA ASP U 385 -71.58 -51.73 76.76
C ASP U 385 -72.04 -50.32 76.47
N HIS U 386 -72.22 -50.00 75.19
CA HIS U 386 -72.63 -48.65 74.83
C HIS U 386 -74.15 -48.52 74.74
N ILE U 387 -74.83 -49.52 74.18
CA ILE U 387 -76.27 -49.49 73.99
C ILE U 387 -76.87 -50.80 74.49
N VAL U 388 -77.98 -50.72 75.20
CA VAL U 388 -78.72 -51.91 75.59
C VAL U 388 -80.17 -51.75 75.19
N PRO U 389 -80.86 -52.83 74.85
CA PRO U 389 -82.25 -52.70 74.41
C PRO U 389 -83.28 -52.77 75.53
N TYR U 390 -82.86 -52.62 76.78
CA TYR U 390 -83.79 -52.65 77.90
C TYR U 390 -83.71 -51.35 78.67
N ALA U 391 -84.86 -50.92 79.18
CA ALA U 391 -84.97 -49.61 79.80
C ALA U 391 -84.17 -49.54 81.09
N ALA U 392 -83.63 -48.35 81.36
CA ALA U 392 -82.87 -48.14 82.59
C ALA U 392 -83.75 -48.35 83.81
N SER U 393 -83.17 -48.93 84.85
CA SER U 393 -83.92 -49.28 86.04
C SER U 393 -83.38 -48.68 87.32
N HIS U 394 -82.57 -47.64 87.25
CA HIS U 394 -82.22 -46.88 88.43
C HIS U 394 -82.97 -45.55 88.39
N SER U 395 -82.68 -44.69 89.36
CA SER U 395 -83.32 -43.38 89.44
C SER U 395 -82.50 -42.29 88.75
N ASN U 396 -81.36 -42.65 88.16
CA ASN U 396 -80.53 -41.72 87.40
C ASN U 396 -80.08 -40.54 88.26
N VAL U 397 -79.49 -40.87 89.40
CA VAL U 397 -78.88 -39.89 90.29
C VAL U 397 -77.37 -40.03 90.17
N VAL U 398 -76.70 -38.95 89.80
CA VAL U 398 -75.28 -39.03 89.46
C VAL U 398 -74.39 -38.44 90.55
N PHE U 399 -74.90 -37.57 91.39
CA PHE U 399 -74.08 -36.87 92.37
C PHE U 399 -73.59 -37.84 93.43
N PRO U 400 -72.28 -37.97 93.63
CA PRO U 400 -71.76 -39.00 94.53
C PRO U 400 -71.97 -38.63 95.99
N ASP U 401 -71.55 -39.54 96.86
CA ASP U 401 -71.56 -39.29 98.29
C ASP U 401 -70.46 -38.30 98.67
N MET U 402 -70.65 -37.63 99.81
CA MET U 402 -69.57 -36.81 100.35
C MET U 402 -68.40 -37.66 100.81
N SER U 403 -68.61 -38.96 101.02
CA SER U 403 -67.54 -39.87 101.39
C SER U 403 -66.79 -40.43 100.19
N GLY U 404 -67.22 -40.09 98.97
CA GLY U 404 -66.59 -40.63 97.78
C GLY U 404 -65.17 -40.13 97.62
N THR U 405 -64.43 -40.83 96.76
CA THR U 405 -63.00 -40.55 96.63
C THR U 405 -62.77 -39.12 96.15
N ALA U 406 -63.54 -38.68 95.16
CA ALA U 406 -63.38 -37.30 94.69
C ALA U 406 -63.74 -36.30 95.79
N LEU U 407 -64.87 -36.52 96.44
CA LEU U 407 -65.29 -35.57 97.47
C LEU U 407 -64.40 -35.64 98.70
N SER U 408 -63.90 -36.83 99.05
CA SER U 408 -62.94 -36.92 100.14
C SER U 408 -61.65 -36.19 99.78
N TRP U 409 -61.20 -36.30 98.53
CA TRP U 409 -60.00 -35.60 98.10
C TRP U 409 -60.19 -34.09 98.22
N VAL U 410 -61.35 -33.61 97.78
CA VAL U 410 -61.65 -32.19 97.88
C VAL U 410 -61.72 -31.76 99.34
N GLN U 411 -62.29 -32.61 100.19
CA GLN U 411 -62.31 -32.31 101.62
C GLN U 411 -60.91 -32.17 102.17
N LYS U 412 -60.00 -33.07 101.77
CA LYS U 412 -58.62 -32.98 102.23
C LYS U 412 -58.00 -31.64 101.85
N ILE U 413 -58.10 -31.28 100.57
CA ILE U 413 -57.45 -30.04 100.13
C ILE U 413 -58.08 -28.82 100.79
N SER U 414 -59.41 -28.78 100.86
CA SER U 414 -60.08 -27.64 101.46
C SER U 414 -59.73 -27.51 102.94
N GLY U 415 -59.63 -28.64 103.64
CA GLY U 415 -59.25 -28.58 105.04
C GLY U 415 -57.85 -28.07 105.24
N GLY U 416 -56.92 -28.51 104.40
CA GLY U 416 -55.55 -27.99 104.50
C GLY U 416 -55.49 -26.49 104.30
N LEU U 417 -56.13 -26.00 103.23
CA LEU U 417 -56.10 -24.56 102.97
C LEU U 417 -56.84 -23.78 104.05
N GLY U 418 -57.93 -24.32 104.57
CA GLY U 418 -58.64 -23.64 105.65
C GLY U 418 -57.83 -23.56 106.93
N ALA U 419 -57.10 -24.63 107.26
CA ALA U 419 -56.22 -24.58 108.42
C ALA U 419 -55.13 -23.53 108.22
N PHE U 420 -54.59 -23.45 107.00
CA PHE U 420 -53.62 -22.40 106.71
C PHE U 420 -54.21 -21.02 106.95
N ALA U 421 -55.41 -20.78 106.43
CA ALA U 421 -56.03 -19.46 106.58
C ALA U 421 -56.31 -19.16 108.05
N ILE U 422 -56.76 -20.16 108.81
CA ILE U 422 -57.05 -19.94 110.22
C ILE U 422 -55.79 -19.60 110.99
N GLY U 423 -54.70 -20.33 110.74
CA GLY U 423 -53.45 -20.00 111.39
C GLY U 423 -52.99 -18.59 111.07
N ALA U 424 -53.13 -18.19 109.80
CA ALA U 424 -52.77 -16.83 109.43
C ALA U 424 -53.63 -15.81 110.16
N ILE U 425 -54.94 -16.06 110.26
CA ILE U 425 -55.81 -15.14 110.99
C ILE U 425 -55.38 -15.01 112.44
N LEU U 426 -55.05 -16.15 113.07
CA LEU U 426 -54.63 -16.09 114.46
C LEU U 426 -53.35 -15.28 114.63
N VAL U 427 -52.39 -15.45 113.72
CA VAL U 427 -51.16 -14.68 113.81
C VAL U 427 -51.45 -13.19 113.69
N LEU U 428 -52.27 -12.81 112.72
CA LEU U 428 -52.57 -11.39 112.54
C LEU U 428 -53.30 -10.82 113.75
N VAL U 429 -54.24 -11.59 114.31
CA VAL U 429 -54.97 -11.14 115.50
C VAL U 429 -54.00 -10.94 116.66
N VAL U 430 -53.07 -11.87 116.85
CA VAL U 430 -52.11 -11.73 117.94
C VAL U 430 -51.29 -10.47 117.78
N VAL U 431 -50.77 -10.23 116.57
CA VAL U 431 -49.92 -9.07 116.37
C VAL U 431 -50.70 -7.78 116.57
N THR U 432 -51.93 -7.72 116.06
CA THR U 432 -52.73 -6.51 116.25
C THR U 432 -53.04 -6.29 117.72
N CYS U 433 -53.35 -7.35 118.47
CA CYS U 433 -53.63 -7.20 119.88
C CYS U 433 -52.40 -6.70 120.63
N ILE U 434 -51.22 -7.20 120.29
CA ILE U 434 -49.99 -6.70 120.89
C ILE U 434 -49.80 -5.23 120.56
N GLY U 435 -50.06 -4.85 119.31
CA GLY U 435 -49.92 -3.45 118.93
C GLY U 435 -50.85 -2.54 119.72
N LEU U 436 -52.08 -2.98 119.95
CA LEU U 436 -53.00 -2.17 120.75
C LEU U 436 -52.56 -2.13 122.22
N ARG U 437 -52.05 -3.25 122.75
CA ARG U 437 -51.56 -3.25 124.12
C ARG U 437 -50.34 -2.36 124.31
N ARG U 438 -49.54 -2.17 123.27
CA ARG U 438 -48.45 -1.21 123.32
C ARG U 438 -48.99 0.20 123.20
N TYR V 1 -65.73 -59.01 75.75
CA TYR V 1 -64.78 -58.25 76.55
C TYR V 1 -63.43 -58.25 75.86
N GLU V 2 -62.85 -57.06 75.70
CA GLU V 2 -61.61 -56.94 74.95
C GLU V 2 -60.42 -56.93 75.91
N HIS V 3 -59.28 -57.41 75.43
CA HIS V 3 -58.09 -57.53 76.25
C HIS V 3 -56.86 -57.56 75.35
N SER V 4 -55.71 -57.27 75.94
CA SER V 4 -54.46 -57.28 75.19
C SER V 4 -53.31 -57.71 76.10
N THR V 5 -52.26 -58.24 75.50
CA THR V 5 -51.11 -58.71 76.26
C THR V 5 -49.92 -58.86 75.32
N VAL V 6 -48.78 -59.25 75.90
CA VAL V 6 -47.55 -59.48 75.16
C VAL V 6 -46.95 -60.80 75.62
N MET V 7 -46.35 -61.54 74.70
CA MET V 7 -45.90 -62.90 74.98
C MET V 7 -44.52 -63.15 74.37
N PRO V 8 -43.58 -63.69 75.15
CA PRO V 8 -42.24 -63.91 74.62
C PRO V 8 -42.25 -64.98 73.55
N ASN V 9 -41.33 -64.85 72.59
CA ASN V 9 -41.26 -65.80 71.48
C ASN V 9 -40.21 -66.87 71.75
N VAL V 10 -40.45 -67.65 72.78
CA VAL V 10 -39.55 -68.74 73.16
C VAL V 10 -40.35 -70.03 73.19
N VAL V 11 -39.90 -71.02 72.42
CA VAL V 11 -40.66 -72.24 72.26
C VAL V 11 -40.71 -73.00 73.57
N GLY V 12 -41.91 -73.46 73.94
CA GLY V 12 -42.09 -74.21 75.16
C GLY V 12 -42.26 -73.37 76.40
N PHE V 13 -42.19 -72.06 76.31
CA PHE V 13 -42.34 -71.21 77.48
C PHE V 13 -43.82 -71.07 77.81
N PRO V 14 -44.27 -71.52 78.96
CA PRO V 14 -45.72 -71.62 79.26
C PRO V 14 -46.32 -70.29 79.70
N TYR V 15 -46.61 -69.42 78.73
CA TYR V 15 -46.99 -68.07 79.12
C TYR V 15 -48.40 -68.07 79.66
N LYS V 16 -48.68 -67.18 80.60
CA LYS V 16 -49.95 -67.14 81.30
C LYS V 16 -50.52 -65.73 81.26
N ALA V 17 -51.84 -65.62 81.16
CA ALA V 17 -52.52 -64.35 81.14
C ALA V 17 -53.62 -64.32 82.20
N HIS V 18 -53.73 -63.19 82.88
CA HIS V 18 -54.69 -62.99 83.97
C HIS V 18 -55.63 -61.86 83.58
N ILE V 19 -56.93 -62.12 83.61
CA ILE V 19 -57.94 -61.16 83.18
C ILE V 19 -58.91 -60.94 84.33
N GLU V 20 -59.22 -59.68 84.61
CA GLU V 20 -60.03 -59.28 85.75
C GLU V 20 -61.24 -58.47 85.28
N ARG V 21 -62.36 -59.15 85.08
CA ARG V 21 -63.61 -58.44 84.82
C ARG V 21 -64.19 -57.95 86.14
N PRO V 22 -64.59 -56.68 86.23
CA PRO V 22 -65.06 -56.13 87.52
C PRO V 22 -66.26 -56.85 88.11
N GLY V 23 -67.16 -57.37 87.28
CA GLY V 23 -68.32 -58.06 87.82
C GLY V 23 -68.15 -59.56 87.90
N TYR V 24 -66.99 -60.07 87.52
CA TYR V 24 -66.78 -61.50 87.39
C TYR V 24 -65.50 -61.93 88.10
N SER V 25 -65.42 -63.21 88.42
CA SER V 25 -64.20 -63.76 89.01
C SER V 25 -63.07 -63.77 87.99
N PRO V 26 -61.83 -63.60 88.45
CA PRO V 26 -60.70 -63.52 87.51
C PRO V 26 -60.51 -64.82 86.75
N LEU V 27 -59.85 -64.72 85.60
CA LEU V 27 -59.57 -65.87 84.76
C LEU V 27 -58.08 -65.92 84.43
N THR V 28 -57.56 -67.14 84.30
CA THR V 28 -56.18 -67.37 83.90
C THR V 28 -56.17 -68.31 82.71
N LEU V 29 -55.57 -67.86 81.61
CA LEU V 29 -55.47 -68.69 80.42
C LEU V 29 -54.03 -68.91 80.03
N GLN V 30 -53.73 -70.10 79.52
CA GLN V 30 -52.37 -70.54 79.26
C GLN V 30 -52.16 -70.62 77.76
N MET V 31 -51.07 -70.03 77.29
CA MET V 31 -50.70 -70.06 75.88
C MET V 31 -49.31 -70.62 75.76
N GLN V 32 -49.05 -71.30 74.64
CA GLN V 32 -47.73 -71.88 74.42
C GLN V 32 -47.45 -71.92 72.93
N VAL V 33 -46.22 -71.64 72.54
CA VAL V 33 -45.84 -71.55 71.12
C VAL V 33 -45.17 -72.86 70.74
N VAL V 34 -45.89 -73.73 70.04
CA VAL V 34 -45.35 -75.08 69.80
C VAL V 34 -44.34 -75.06 68.67
N GLU V 35 -44.51 -74.19 67.69
CA GLU V 35 -43.70 -74.26 66.49
C GLU V 35 -43.80 -72.94 65.73
N THR V 36 -42.71 -72.53 65.08
CA THR V 36 -42.69 -71.32 64.30
C THR V 36 -42.14 -71.60 62.91
N SER V 37 -42.12 -70.56 62.08
CA SER V 37 -41.60 -70.68 60.72
C SER V 37 -41.39 -69.28 60.16
N LEU V 38 -40.30 -69.07 59.45
CA LEU V 38 -39.94 -67.76 58.92
C LEU V 38 -39.73 -67.89 57.41
N GLU V 39 -40.77 -67.61 56.64
CA GLU V 39 -40.74 -67.77 55.19
C GLU V 39 -40.12 -66.52 54.57
N PRO V 40 -38.98 -66.59 53.91
CA PRO V 40 -38.55 -65.45 53.10
C PRO V 40 -39.21 -65.52 51.72
N THR V 41 -39.29 -64.37 51.07
CA THR V 41 -39.89 -64.27 49.74
C THR V 41 -38.79 -64.22 48.69
N LEU V 42 -38.86 -65.13 47.73
CA LEU V 42 -37.76 -65.40 46.82
C LEU V 42 -38.17 -65.13 45.38
N ASN V 43 -37.22 -64.69 44.56
CA ASN V 43 -37.41 -64.62 43.12
C ASN V 43 -36.17 -65.16 42.44
N LEU V 44 -36.34 -66.26 41.70
CA LEU V 44 -35.22 -67.01 41.15
C LEU V 44 -34.38 -66.15 40.21
N GLU V 45 -33.06 -66.21 40.39
CA GLU V 45 -32.14 -65.49 39.50
C GLU V 45 -31.61 -66.37 38.38
N TYR V 46 -31.03 -67.53 38.71
CA TYR V 46 -30.70 -68.49 37.68
C TYR V 46 -30.36 -69.84 38.31
N ILE V 47 -29.99 -70.78 37.45
CA ILE V 47 -29.71 -72.17 37.80
C ILE V 47 -28.35 -72.53 37.26
N THR V 48 -27.57 -73.27 38.03
CA THR V 48 -26.27 -73.75 37.57
C THR V 48 -26.15 -75.26 37.76
N CYS V 49 -25.60 -75.91 36.75
CA CYS V 49 -25.36 -77.35 36.79
C CYS V 49 -24.11 -77.65 35.98
N GLU V 50 -23.53 -78.83 36.21
CA GLU V 50 -22.31 -79.19 35.51
C GLU V 50 -22.57 -79.25 34.01
N TYR V 51 -21.64 -78.72 33.23
CA TYR V 51 -21.83 -78.69 31.78
C TYR V 51 -21.42 -80.02 31.18
N LYS V 52 -21.62 -80.14 29.88
CA LYS V 52 -21.23 -81.33 29.12
C LYS V 52 -20.73 -80.88 27.77
N THR V 53 -19.61 -81.43 27.32
CA THR V 53 -19.01 -81.02 26.06
C THR V 53 -19.31 -82.05 24.97
N VAL V 54 -19.85 -81.58 23.85
CA VAL V 54 -20.07 -82.43 22.69
C VAL V 54 -19.04 -82.07 21.64
N VAL V 55 -18.45 -83.10 21.02
CA VAL V 55 -17.50 -82.93 19.94
C VAL V 55 -17.95 -83.81 18.77
N PRO V 56 -18.45 -83.21 17.70
CA PRO V 56 -18.81 -84.00 16.54
C PRO V 56 -17.58 -84.48 15.80
N SER V 57 -17.75 -85.59 15.09
CA SER V 57 -16.62 -86.25 14.45
C SER V 57 -15.97 -85.33 13.44
N PRO V 58 -14.65 -85.38 13.31
CA PRO V 58 -13.96 -84.44 12.42
C PRO V 58 -14.32 -84.69 10.97
N TYR V 59 -14.37 -83.62 10.20
CA TYR V 59 -14.59 -83.70 8.76
C TYR V 59 -13.23 -83.54 8.11
N VAL V 60 -12.60 -84.65 7.77
CA VAL V 60 -11.32 -84.66 7.08
C VAL V 60 -11.63 -84.80 5.60
N LYS V 61 -11.50 -83.71 4.86
CA LYS V 61 -11.88 -83.72 3.47
C LYS V 61 -10.60 -83.68 2.65
N CYS V 62 -10.55 -84.53 1.63
CA CYS V 62 -9.30 -84.78 0.91
C CYS V 62 -9.31 -83.97 -0.37
N CYS V 63 -8.12 -83.52 -0.76
CA CYS V 63 -7.88 -82.97 -2.10
C CYS V 63 -8.70 -81.70 -2.32
N GLY V 64 -8.47 -80.72 -1.44
CA GLY V 64 -9.17 -79.46 -1.56
C GLY V 64 -9.07 -78.65 -0.28
N ALA V 65 -9.89 -77.61 -0.23
CA ALA V 65 -9.98 -76.72 0.92
C ALA V 65 -11.43 -76.61 1.37
N SER V 66 -11.63 -76.34 2.66
CA SER V 66 -12.95 -76.21 3.24
C SER V 66 -13.03 -74.94 4.08
N GLU V 67 -14.25 -74.43 4.27
CA GLU V 67 -14.48 -73.16 4.96
C GLU V 67 -15.39 -73.37 6.15
N CYS V 68 -15.09 -72.65 7.24
CA CYS V 68 -15.87 -72.76 8.46
C CYS V 68 -17.01 -71.74 8.46
N SER V 69 -18.11 -72.11 9.12
CA SER V 69 -19.30 -71.27 9.19
C SER V 69 -19.72 -71.12 10.64
N THR V 70 -20.02 -69.89 11.05
CA THR V 70 -20.44 -69.64 12.42
C THR V 70 -21.83 -70.18 12.68
N LYS V 71 -22.10 -70.52 13.94
CA LYS V 71 -23.41 -71.00 14.35
C LYS V 71 -23.77 -70.38 15.69
N GLU V 72 -25.07 -70.31 15.95
CA GLU V 72 -25.59 -69.66 17.16
C GLU V 72 -25.71 -70.70 18.26
N LYS V 73 -24.57 -71.12 18.79
CA LYS V 73 -24.53 -72.13 19.83
C LYS V 73 -23.72 -71.61 21.01
N PRO V 74 -24.01 -72.08 22.23
CA PRO V 74 -23.31 -71.55 23.40
C PRO V 74 -21.84 -71.93 23.37
N ASP V 75 -20.98 -70.92 23.25
CA ASP V 75 -19.53 -71.09 23.29
C ASP V 75 -19.06 -72.04 22.19
N TYR V 76 -19.22 -71.58 20.95
CA TYR V 76 -18.91 -72.37 19.77
C TYR V 76 -17.46 -72.10 19.35
N GLN V 77 -16.76 -73.13 18.90
CA GLN V 77 -15.39 -72.98 18.43
C GLN V 77 -15.16 -73.91 17.25
N CYS V 78 -14.81 -73.33 16.11
CA CYS V 78 -14.61 -74.10 14.89
C CYS V 78 -13.39 -73.59 14.15
N LYS V 79 -12.56 -74.50 13.67
CA LYS V 79 -11.34 -74.10 12.99
C LYS V 79 -11.02 -75.07 11.86
N VAL V 80 -10.15 -74.61 10.96
CA VAL V 80 -9.74 -75.35 9.77
C VAL V 80 -8.23 -75.51 9.80
N TYR V 81 -7.77 -76.73 9.58
CA TYR V 81 -6.34 -77.02 9.60
C TYR V 81 -5.91 -77.64 8.28
N THR V 82 -4.75 -77.21 7.80
CA THR V 82 -4.26 -77.57 6.48
C THR V 82 -3.08 -78.53 6.60
N GLY V 83 -2.79 -79.23 5.50
CA GLY V 83 -1.63 -80.08 5.46
C GLY V 83 -1.77 -81.40 6.19
N VAL V 84 -2.95 -81.73 6.65
CA VAL V 84 -3.14 -82.94 7.44
C VAL V 84 -3.02 -84.17 6.55
N TYR V 85 -2.46 -85.24 7.10
CA TYR V 85 -2.31 -86.51 6.40
C TYR V 85 -2.73 -87.64 7.33
N PRO V 86 -4.03 -87.85 7.50
CA PRO V 86 -4.50 -88.80 8.50
C PRO V 86 -4.12 -90.23 8.16
N PHE V 87 -4.46 -91.12 9.08
CA PHE V 87 -4.22 -92.55 8.94
C PHE V 87 -5.43 -93.29 9.48
N MET V 88 -5.65 -94.49 8.98
CA MET V 88 -6.66 -95.35 9.58
C MET V 88 -6.11 -96.74 9.80
N TRP V 89 -6.96 -97.67 10.22
CA TRP V 89 -6.50 -99.00 10.61
C TRP V 89 -5.88 -99.74 9.43
N GLY V 90 -6.44 -99.59 8.25
CA GLY V 90 -5.93 -100.32 7.11
C GLY V 90 -4.81 -99.60 6.37
N GLY V 91 -4.79 -98.29 6.45
CA GLY V 91 -3.84 -97.51 5.68
C GLY V 91 -4.15 -96.05 5.84
N ALA V 92 -3.57 -95.24 4.96
CA ALA V 92 -3.73 -93.81 5.01
C ALA V 92 -4.59 -93.37 3.83
N TYR V 93 -5.75 -92.81 4.12
CA TYR V 93 -6.58 -92.32 3.03
C TYR V 93 -6.29 -90.84 2.82
N CYS V 94 -7.11 -90.18 2.00
CA CYS V 94 -6.75 -88.91 1.38
C CYS V 94 -5.48 -89.06 0.53
N PHE V 95 -5.67 -89.78 -0.58
CA PHE V 95 -4.64 -90.04 -1.58
C PHE V 95 -3.75 -88.85 -1.93
N CYS V 96 -4.30 -87.64 -2.01
CA CYS V 96 -3.46 -86.48 -2.26
C CYS V 96 -2.40 -86.36 -1.18
N ASP V 97 -1.19 -85.95 -1.58
CA ASP V 97 -0.07 -85.94 -0.65
C ASP V 97 -0.27 -84.94 0.48
N SER V 98 -0.57 -83.68 0.15
CA SER V 98 -0.67 -82.66 1.17
C SER V 98 -1.81 -81.67 0.97
N GLU V 99 -2.64 -81.82 -0.05
CA GLU V 99 -3.78 -80.92 -0.21
C GLU V 99 -5.01 -81.43 0.55
N ASN V 100 -4.86 -81.73 1.82
CA ASN V 100 -5.97 -82.20 2.63
C ASN V 100 -6.37 -81.12 3.63
N THR V 101 -7.50 -81.33 4.30
CA THR V 101 -7.95 -80.33 5.25
C THR V 101 -8.81 -81.01 6.32
N GLN V 102 -8.76 -80.48 7.55
CA GLN V 102 -9.59 -80.96 8.63
C GLN V 102 -10.41 -79.82 9.22
N LEU V 103 -11.67 -80.09 9.50
CA LEU V 103 -12.57 -79.13 10.15
C LEU V 103 -12.86 -79.60 11.57
N SER V 104 -12.31 -78.91 12.56
CA SER V 104 -12.60 -79.22 13.95
C SER V 104 -13.72 -78.33 14.46
N GLU V 105 -14.68 -78.94 15.15
CA GLU V 105 -15.83 -78.21 15.64
C GLU V 105 -16.11 -78.64 17.07
N ALA V 106 -16.53 -77.71 17.92
CA ALA V 106 -16.83 -78.05 19.31
C ALA V 106 -17.72 -77.00 19.92
N TYR V 107 -18.55 -77.41 20.88
CA TYR V 107 -19.39 -76.48 21.62
C TYR V 107 -19.87 -77.16 22.89
N VAL V 108 -20.43 -76.36 23.79
CA VAL V 108 -20.79 -76.79 25.13
C VAL V 108 -22.30 -76.84 25.27
N ASP V 109 -22.80 -77.61 26.22
CA ASP V 109 -24.23 -77.72 26.45
C ASP V 109 -24.50 -78.20 27.87
N ARG V 110 -25.68 -77.85 28.36
CA ARG V 110 -26.09 -78.23 29.71
C ARG V 110 -26.22 -79.74 29.82
N SER V 111 -25.75 -80.30 30.93
CA SER V 111 -25.72 -81.75 31.05
C SER V 111 -27.13 -82.30 31.21
N ASP V 112 -27.24 -83.61 30.98
CA ASP V 112 -28.55 -84.25 30.92
C ASP V 112 -29.14 -84.50 32.30
N VAL V 113 -28.31 -84.51 33.34
CA VAL V 113 -28.78 -84.71 34.70
C VAL V 113 -29.09 -83.36 35.37
N CYS V 114 -28.94 -82.26 34.62
CA CYS V 114 -29.15 -80.93 35.16
C CYS V 114 -30.52 -80.76 35.78
N ARG V 115 -31.54 -81.43 35.25
CA ARG V 115 -32.86 -81.33 35.85
C ARG V 115 -32.94 -81.97 37.22
N HIS V 116 -32.10 -82.95 37.51
CA HIS V 116 -32.11 -83.63 38.80
C HIS V 116 -31.11 -83.07 39.79
N ASP V 117 -30.01 -82.49 39.30
CA ASP V 117 -28.87 -82.12 40.14
C ASP V 117 -28.40 -80.73 39.74
N HIS V 118 -28.78 -79.71 40.50
CA HIS V 118 -28.44 -78.34 40.16
C HIS V 118 -28.53 -77.47 41.40
N ALA V 119 -28.00 -76.26 41.29
CA ALA V 119 -28.01 -75.30 42.39
C ALA V 119 -28.68 -74.01 41.94
N SER V 120 -29.54 -73.46 42.79
CA SER V 120 -30.34 -72.30 42.43
C SER V 120 -29.78 -71.06 43.10
N ALA V 121 -29.96 -69.90 42.46
CA ALA V 121 -29.53 -68.64 43.08
C ALA V 121 -30.73 -67.72 43.22
N TYR V 122 -31.02 -67.31 44.45
CA TYR V 122 -32.17 -66.46 44.75
C TYR V 122 -31.72 -65.12 45.32
N LYS V 123 -32.66 -64.18 45.35
CA LYS V 123 -32.56 -62.97 46.15
C LYS V 123 -33.68 -63.00 47.17
N ALA V 124 -33.35 -62.86 48.44
CA ALA V 124 -34.32 -63.05 49.52
C ALA V 124 -34.59 -61.73 50.23
N HIS V 125 -35.86 -61.48 50.55
CA HIS V 125 -36.24 -60.29 51.29
C HIS V 125 -37.64 -60.46 51.85
N THR V 126 -37.95 -59.62 52.85
CA THR V 126 -39.30 -59.45 53.38
C THR V 126 -39.87 -60.77 53.93
N ALA V 127 -39.23 -61.22 55.00
CA ALA V 127 -39.66 -62.44 55.67
C ALA V 127 -41.05 -62.27 56.28
N SER V 128 -41.81 -63.35 56.26
CA SER V 128 -43.13 -63.41 56.88
C SER V 128 -43.16 -64.57 57.85
N LEU V 129 -43.60 -64.31 59.07
CA LEU V 129 -43.63 -65.34 60.09
C LEU V 129 -44.94 -66.09 60.03
N LYS V 130 -44.93 -67.32 60.53
CA LYS V 130 -46.16 -68.02 60.83
C LYS V 130 -45.86 -68.98 61.96
N ALA V 131 -46.89 -69.41 62.67
CA ALA V 131 -46.65 -70.16 63.89
C ALA V 131 -47.86 -71.03 64.21
N LYS V 132 -47.68 -71.92 65.18
CA LYS V 132 -48.82 -72.67 65.71
C LYS V 132 -48.76 -72.64 67.23
N VAL V 133 -49.88 -72.31 67.83
CA VAL V 133 -49.98 -71.99 69.25
C VAL V 133 -51.06 -72.87 69.86
N ARG V 134 -50.79 -73.38 71.05
CA ARG V 134 -51.82 -74.10 71.80
C ARG V 134 -52.31 -73.20 72.92
N VAL V 135 -53.64 -73.08 73.00
CA VAL V 135 -54.29 -72.24 74.01
C VAL V 135 -55.15 -73.16 74.86
N MET V 136 -55.32 -72.80 76.12
CA MET V 136 -56.19 -73.57 76.98
C MET V 136 -56.63 -72.76 78.19
N TYR V 137 -57.89 -72.94 78.57
CA TYR V 137 -58.52 -72.22 79.67
C TYR V 137 -59.81 -72.93 80.01
N GLY V 138 -60.09 -73.01 81.31
CA GLY V 138 -61.32 -73.64 81.76
C GLY V 138 -61.46 -75.06 81.24
N ASN V 139 -62.38 -75.27 80.32
CA ASN V 139 -62.61 -76.58 79.73
C ASN V 139 -62.29 -76.60 78.24
N VAL V 140 -61.50 -75.64 77.77
CA VAL V 140 -61.13 -75.52 76.36
C VAL V 140 -59.66 -75.84 76.23
N ASN V 141 -59.29 -76.51 75.15
CA ASN V 141 -57.89 -76.90 74.93
C ASN V 141 -57.73 -77.16 73.43
N GLN V 142 -56.90 -76.34 72.77
CA GLN V 142 -56.86 -76.42 71.32
C GLN V 142 -55.47 -76.02 70.84
N THR V 143 -55.15 -76.45 69.62
CA THR V 143 -53.92 -76.09 68.93
C THR V 143 -54.27 -75.54 67.56
N VAL V 144 -53.81 -74.33 67.27
CA VAL V 144 -54.24 -73.63 66.07
C VAL V 144 -53.04 -73.09 65.30
N ASP V 145 -53.22 -72.96 63.99
CA ASP V 145 -52.22 -72.39 63.09
C ASP V 145 -52.59 -70.95 62.80
N VAL V 146 -51.65 -70.03 63.04
CA VAL V 146 -51.90 -68.61 62.88
C VAL V 146 -50.74 -67.96 62.16
N TYR V 147 -51.04 -66.96 61.35
CA TYR V 147 -50.03 -66.09 60.79
C TYR V 147 -49.68 -65.04 61.84
N VAL V 148 -48.39 -64.79 62.05
CA VAL V 148 -47.97 -63.75 62.99
C VAL V 148 -47.79 -62.48 62.16
N ASN V 149 -48.91 -61.83 61.89
CA ASN V 149 -48.98 -60.48 61.38
C ASN V 149 -50.40 -59.99 61.65
N GLY V 150 -50.60 -58.70 61.64
CA GLY V 150 -51.78 -58.20 62.31
C GLY V 150 -53.11 -58.43 61.65
N ASP V 151 -53.20 -59.38 60.72
CA ASP V 151 -54.44 -59.58 59.99
C ASP V 151 -54.76 -61.06 59.77
N HIS V 152 -54.70 -61.87 60.83
CA HIS V 152 -55.34 -63.19 60.78
C HIS V 152 -55.96 -63.47 62.13
N ALA V 153 -57.27 -63.38 62.21
CA ALA V 153 -58.01 -63.62 63.43
C ALA V 153 -58.62 -65.00 63.39
N VAL V 154 -58.37 -65.80 64.42
CA VAL V 154 -58.83 -67.17 64.49
C VAL V 154 -59.74 -67.32 65.69
N THR V 155 -60.83 -68.07 65.51
CA THR V 155 -61.82 -68.27 66.55
C THR V 155 -61.55 -69.59 67.26
N ILE V 156 -61.54 -69.56 68.59
CA ILE V 156 -61.32 -70.75 69.40
C ILE V 156 -62.41 -70.75 70.47
N GLY V 157 -63.42 -71.59 70.28
CA GLY V 157 -64.46 -71.72 71.29
C GLY V 157 -65.18 -70.43 71.61
N GLY V 158 -65.53 -69.65 70.59
CA GLY V 158 -66.23 -68.40 70.80
C GLY V 158 -65.35 -67.21 71.09
N THR V 159 -64.05 -67.39 71.18
CA THR V 159 -63.11 -66.33 71.49
C THR V 159 -62.30 -65.98 70.26
N GLN V 160 -62.11 -64.68 70.02
CA GLN V 160 -61.36 -64.23 68.86
C GLN V 160 -59.96 -63.80 69.28
N PHE V 161 -58.95 -64.35 68.60
CA PHE V 161 -57.54 -64.11 68.92
C PHE V 161 -56.87 -63.48 67.71
N ILE V 162 -56.04 -62.48 67.94
CA ILE V 162 -55.24 -61.89 66.87
C ILE V 162 -53.81 -61.76 67.35
N PHE V 163 -52.87 -62.35 66.61
CA PHE V 163 -51.47 -62.30 66.97
C PHE V 163 -50.79 -61.23 66.13
N GLY V 164 -50.27 -60.20 66.79
CA GLY V 164 -49.80 -59.01 66.11
C GLY V 164 -48.45 -59.19 65.47
N PRO V 165 -47.96 -58.13 64.84
CA PRO V 165 -46.67 -58.21 64.16
C PRO V 165 -45.54 -58.42 65.15
N LEU V 166 -44.48 -59.07 64.67
CA LEU V 166 -43.38 -59.43 65.55
C LEU V 166 -42.65 -58.19 66.03
N SER V 167 -42.03 -58.30 67.20
CA SER V 167 -41.41 -57.14 67.83
C SER V 167 -40.25 -56.60 67.01
N SER V 168 -39.35 -57.48 66.56
CA SER V 168 -38.19 -57.08 65.77
C SER V 168 -38.32 -57.57 64.35
N ALA V 169 -37.43 -57.10 63.50
CA ALA V 169 -37.44 -57.43 62.08
C ALA V 169 -36.12 -58.05 61.65
N TRP V 170 -35.62 -58.99 62.44
CA TRP V 170 -34.33 -59.62 62.18
C TRP V 170 -34.54 -60.90 61.39
N THR V 171 -33.75 -61.07 60.33
CA THR V 171 -33.84 -62.25 59.48
C THR V 171 -32.44 -62.82 59.24
N PRO V 172 -32.31 -64.14 59.17
CA PRO V 172 -30.98 -64.74 59.01
C PRO V 172 -30.46 -64.74 57.59
N PHE V 173 -31.32 -64.61 56.59
CA PHE V 173 -30.90 -64.74 55.20
C PHE V 173 -30.41 -63.41 54.68
N ASP V 174 -29.23 -63.42 54.06
CA ASP V 174 -28.69 -62.19 53.49
C ASP V 174 -29.51 -61.77 52.28
N ASN V 175 -29.01 -60.74 51.60
CA ASN V 175 -29.70 -60.26 50.41
C ASN V 175 -29.68 -61.29 49.29
N LYS V 176 -28.61 -62.08 49.20
CA LYS V 176 -28.45 -63.04 48.13
C LYS V 176 -28.22 -64.43 48.70
N ILE V 177 -28.81 -65.44 48.06
CA ILE V 177 -28.88 -66.78 48.61
C ILE V 177 -28.55 -67.78 47.51
N VAL V 178 -27.89 -68.88 47.87
CA VAL V 178 -27.65 -69.99 46.96
C VAL V 178 -28.12 -71.26 47.64
N VAL V 179 -29.00 -72.01 46.97
CA VAL V 179 -29.63 -73.19 47.55
C VAL V 179 -29.18 -74.43 46.80
N TYR V 180 -28.84 -75.49 47.54
CA TYR V 180 -28.41 -76.76 46.97
C TYR V 180 -28.95 -77.87 47.86
N LYS V 181 -29.83 -78.70 47.30
CA LYS V 181 -30.43 -79.82 48.02
C LYS V 181 -31.17 -79.37 49.27
N ASP V 182 -30.54 -79.49 50.43
CA ASP V 182 -31.16 -79.05 51.67
C ASP V 182 -30.23 -78.20 52.52
N GLU V 183 -29.42 -77.37 51.88
CA GLU V 183 -28.55 -76.44 52.57
C GLU V 183 -28.67 -75.09 51.90
N VAL V 184 -28.55 -74.02 52.66
CA VAL V 184 -28.64 -72.67 52.15
C VAL V 184 -27.36 -71.93 52.51
N PHE V 185 -26.86 -71.11 51.59
CA PHE V 185 -25.58 -70.46 51.77
C PHE V 185 -25.72 -68.96 51.56
N ASN V 186 -25.19 -68.17 52.49
CA ASN V 186 -25.14 -66.72 52.33
C ASN V 186 -23.94 -66.41 51.46
N GLN V 187 -24.17 -66.25 50.17
CA GLN V 187 -23.11 -66.06 49.19
C GLN V 187 -23.51 -64.90 48.30
N ASP V 188 -22.57 -64.44 47.48
CA ASP V 188 -22.88 -63.51 46.41
C ASP V 188 -22.35 -64.10 45.11
N PHE V 189 -23.21 -64.21 44.13
CA PHE V 189 -22.91 -64.81 42.84
C PHE V 189 -22.71 -63.76 41.78
N PRO V 190 -21.97 -64.07 40.72
CA PRO V 190 -21.79 -63.10 39.65
C PRO V 190 -23.10 -62.84 38.93
N PRO V 191 -23.26 -61.68 38.32
CA PRO V 191 -24.51 -61.37 37.63
C PRO V 191 -24.74 -62.30 36.46
N TYR V 192 -26.01 -62.54 36.16
CA TYR V 192 -26.32 -63.36 35.00
C TYR V 192 -25.71 -62.75 33.75
N GLY V 193 -25.18 -63.58 32.89
CA GLY V 193 -24.56 -63.10 31.68
C GLY V 193 -23.13 -62.65 31.82
N SER V 194 -22.55 -62.72 33.02
CA SER V 194 -21.17 -62.32 33.24
C SER V 194 -20.45 -63.32 34.12
N GLY V 195 -20.72 -64.62 33.92
CA GLY V 195 -20.03 -65.63 34.69
C GLY V 195 -18.56 -65.66 34.38
N GLN V 196 -17.82 -66.38 35.20
CA GLN V 196 -16.41 -66.46 34.85
C GLN V 196 -15.94 -67.90 34.87
N PRO V 197 -14.95 -68.27 34.06
CA PRO V 197 -14.55 -69.67 33.98
C PRO V 197 -13.97 -70.17 35.29
N GLY V 198 -14.23 -71.43 35.59
CA GLY V 198 -13.60 -72.10 36.70
C GLY V 198 -14.24 -71.89 38.05
N ARG V 199 -15.16 -70.95 38.19
CA ARG V 199 -15.79 -70.70 39.47
C ARG V 199 -17.29 -70.95 39.36
N PHE V 200 -18.02 -70.59 40.42
CA PHE V 200 -19.47 -70.72 40.39
C PHE V 200 -20.06 -69.90 39.26
N GLY V 201 -20.98 -70.52 38.52
CA GLY V 201 -21.64 -69.81 37.45
C GLY V 201 -20.88 -69.73 36.16
N ASP V 202 -20.18 -70.79 35.77
CA ASP V 202 -19.57 -70.79 34.45
C ASP V 202 -20.60 -70.99 33.35
N ILE V 203 -21.70 -71.66 33.66
CA ILE V 203 -22.87 -71.70 32.78
C ILE V 203 -24.08 -71.25 33.59
N GLN V 204 -24.97 -70.52 32.93
CA GLN V 204 -26.16 -69.98 33.59
C GLN V 204 -27.35 -70.05 32.66
N SER V 205 -28.51 -70.39 33.23
CA SER V 205 -29.75 -70.44 32.47
C SER V 205 -30.88 -69.94 33.34
N ARG V 206 -31.77 -69.12 32.77
CA ARG V 206 -32.76 -68.42 33.56
C ARG V 206 -33.68 -69.36 34.31
N THR V 207 -33.88 -70.57 33.82
CA THR V 207 -34.76 -71.51 34.48
C THR V 207 -34.35 -72.91 34.04
N VAL V 208 -34.79 -73.91 34.81
CA VAL V 208 -34.46 -75.29 34.47
C VAL V 208 -34.89 -75.63 33.05
N GLU V 209 -36.04 -75.11 32.62
CA GLU V 209 -36.58 -75.45 31.31
C GLU V 209 -36.26 -74.45 30.22
N SER V 210 -35.59 -73.34 30.53
CA SER V 210 -35.41 -72.29 29.54
C SER V 210 -34.45 -72.74 28.44
N ASN V 211 -34.73 -72.31 27.21
CA ASN V 211 -33.98 -72.78 26.05
C ASN V 211 -32.63 -72.08 25.91
N ASP V 212 -32.54 -70.82 26.30
CA ASP V 212 -31.28 -70.11 26.17
C ASP V 212 -30.29 -70.57 27.23
N LEU V 213 -29.01 -70.27 27.00
CA LEU V 213 -27.95 -70.70 27.90
C LEU V 213 -26.75 -69.80 27.67
N TYR V 214 -26.08 -69.41 28.75
CA TYR V 214 -24.88 -68.59 28.65
C TYR V 214 -23.74 -69.32 29.30
N ALA V 215 -22.76 -69.74 28.51
CA ALA V 215 -21.65 -70.53 29.02
C ALA V 215 -20.35 -69.89 28.62
N ASN V 216 -19.38 -69.88 29.53
CA ASN V 216 -18.11 -69.21 29.26
C ASN V 216 -17.02 -69.98 30.01
N THR V 217 -16.43 -70.96 29.31
CA THR V 217 -15.46 -71.84 29.93
C THR V 217 -14.16 -71.98 29.14
N ALA V 218 -13.89 -71.10 28.20
CA ALA V 218 -12.60 -71.05 27.51
C ALA V 218 -12.27 -72.37 26.82
N LEU V 219 -13.10 -72.71 25.84
CA LEU V 219 -12.88 -73.89 25.00
C LEU V 219 -11.94 -73.50 23.88
N LYS V 220 -10.76 -74.11 23.84
CA LYS V 220 -9.78 -73.75 22.82
C LYS V 220 -9.29 -75.00 22.10
N LEU V 221 -9.34 -74.96 20.78
CA LEU V 221 -8.99 -76.10 19.93
C LEU V 221 -7.54 -76.00 19.48
N ALA V 222 -6.89 -77.15 19.29
CA ALA V 222 -5.52 -77.17 18.82
C ALA V 222 -5.37 -78.16 17.67
N ARG V 223 -4.39 -77.91 16.81
CA ARG V 223 -4.25 -78.70 15.60
C ARG V 223 -3.87 -80.14 15.94
N PRO V 224 -4.34 -81.12 15.19
CA PRO V 224 -4.06 -82.51 15.54
C PRO V 224 -2.63 -82.90 15.23
N SER V 225 -2.15 -83.93 15.90
CA SER V 225 -0.81 -84.41 15.71
C SER V 225 -0.64 -84.93 14.29
N PRO V 226 0.59 -85.03 13.80
CA PRO V 226 0.80 -85.62 12.48
C PRO V 226 0.33 -87.06 12.44
N GLY V 227 -0.47 -87.37 11.42
CA GLY V 227 -0.94 -88.74 11.23
C GLY V 227 -1.89 -89.25 12.28
N MET V 228 -2.84 -88.42 12.73
CA MET V 228 -3.85 -88.89 13.66
C MET V 228 -5.15 -88.14 13.40
N VAL V 229 -6.24 -88.69 13.91
CA VAL V 229 -7.57 -88.09 13.82
C VAL V 229 -8.17 -88.04 15.22
N HIS V 230 -7.92 -86.95 15.96
CA HIS V 230 -8.39 -86.93 17.33
C HIS V 230 -9.01 -85.63 17.84
N VAL V 231 -8.85 -84.49 17.17
CA VAL V 231 -9.53 -83.25 17.57
C VAL V 231 -9.20 -82.85 19.01
N PRO V 232 -8.00 -82.34 19.30
CA PRO V 232 -7.66 -82.00 20.68
C PRO V 232 -8.12 -80.61 21.09
N TYR V 233 -8.49 -80.49 22.36
CA TYR V 233 -9.01 -79.25 22.91
C TYR V 233 -8.60 -79.14 24.36
N THR V 234 -8.60 -77.90 24.86
CA THR V 234 -8.37 -77.61 26.27
C THR V 234 -9.48 -76.72 26.80
N GLN V 235 -9.96 -77.04 27.99
CA GLN V 235 -11.21 -76.47 28.46
C GLN V 235 -11.27 -76.62 29.97
N THR V 236 -11.46 -75.49 30.65
CA THR V 236 -11.31 -75.40 32.09
C THR V 236 -12.32 -76.28 32.82
N PRO V 237 -11.94 -76.95 33.91
CA PRO V 237 -12.86 -77.86 34.59
C PRO V 237 -14.12 -77.15 35.05
N SER V 238 -15.04 -77.97 35.55
CA SER V 238 -16.39 -77.49 35.84
C SER V 238 -16.41 -76.57 37.04
N GLY V 239 -16.96 -75.38 36.82
CA GLY V 239 -17.10 -74.44 37.92
C GLY V 239 -18.04 -74.93 39.00
N PHE V 240 -19.19 -75.48 38.60
CA PHE V 240 -20.10 -76.03 39.60
C PHE V 240 -19.45 -77.17 40.36
N LYS V 241 -18.66 -78.01 39.68
CA LYS V 241 -18.01 -79.10 40.36
C LYS V 241 -16.94 -78.61 41.33
N TYR V 242 -16.24 -77.53 40.99
CA TYR V 242 -15.35 -76.90 41.96
C TYR V 242 -16.12 -76.39 43.16
N TRP V 243 -17.22 -75.69 42.91
CA TRP V 243 -17.96 -75.07 44.00
C TRP V 243 -18.51 -76.13 44.94
N LEU V 244 -18.89 -77.29 44.40
CA LEU V 244 -19.44 -78.32 45.25
C LEU V 244 -18.41 -78.82 46.24
N LYS V 245 -17.13 -78.64 45.96
CA LYS V 245 -16.07 -79.05 46.87
C LYS V 245 -15.57 -77.90 47.74
N GLU V 246 -15.62 -76.67 47.25
CA GLU V 246 -15.05 -75.55 47.99
C GLU V 246 -16.10 -74.54 48.40
N LYS V 247 -17.34 -74.97 48.62
CA LYS V 247 -18.36 -74.03 49.07
C LYS V 247 -18.01 -73.49 50.44
N GLY V 248 -17.67 -74.37 51.38
CA GLY V 248 -17.25 -73.93 52.68
C GLY V 248 -18.42 -73.55 53.56
N THR V 249 -18.43 -74.04 54.79
CA THR V 249 -19.49 -73.73 55.75
C THR V 249 -20.86 -74.03 55.20
N ALA V 250 -21.86 -73.39 55.78
CA ALA V 250 -23.26 -73.57 55.44
C ALA V 250 -24.02 -72.44 56.11
N LEU V 251 -25.34 -72.57 56.19
CA LEU V 251 -26.08 -71.83 57.20
C LEU V 251 -26.62 -72.73 58.28
N ASN V 252 -26.84 -74.01 57.98
CA ASN V 252 -27.39 -74.94 58.96
C ASN V 252 -26.51 -75.05 60.18
N THR V 253 -25.22 -74.75 60.05
CA THR V 253 -24.26 -74.82 61.15
C THR V 253 -23.70 -73.46 61.51
N LYS V 254 -24.34 -72.39 61.07
CA LYS V 254 -23.85 -71.05 61.35
C LYS V 254 -24.93 -70.06 61.75
N ALA V 255 -26.20 -70.40 61.61
CA ALA V 255 -27.26 -69.42 61.85
C ALA V 255 -27.32 -69.06 63.33
N PRO V 256 -27.54 -67.79 63.65
CA PRO V 256 -27.63 -67.37 65.04
C PRO V 256 -28.92 -67.86 65.70
N PHE V 257 -29.02 -67.58 66.99
CA PHE V 257 -30.22 -67.85 67.79
C PHE V 257 -30.65 -69.29 67.74
N GLY V 258 -29.81 -70.17 67.21
CA GLY V 258 -30.05 -71.59 67.27
C GLY V 258 -31.30 -72.06 66.58
N CYS V 259 -31.55 -71.57 65.37
CA CYS V 259 -32.74 -71.92 64.63
C CYS V 259 -32.41 -72.74 63.40
N GLN V 260 -33.14 -73.84 63.23
CA GLN V 260 -32.84 -74.79 62.16
C GLN V 260 -33.13 -74.17 60.81
N ILE V 261 -32.49 -74.68 59.78
CA ILE V 261 -32.78 -74.29 58.42
C ILE V 261 -33.32 -75.50 57.68
N LYS V 262 -34.34 -75.30 56.85
CA LYS V 262 -34.88 -76.35 56.03
C LYS V 262 -35.19 -75.79 54.65
N THR V 263 -35.27 -76.68 53.68
CA THR V 263 -35.46 -76.27 52.29
C THR V 263 -36.77 -76.86 51.78
N ASN V 264 -37.29 -76.24 50.71
CA ASN V 264 -38.50 -76.68 50.04
C ASN V 264 -39.71 -76.64 50.96
N PRO V 265 -40.24 -75.45 51.25
CA PRO V 265 -39.72 -74.16 50.82
C PRO V 265 -38.63 -73.69 51.74
N VAL V 266 -37.84 -72.69 51.33
CA VAL V 266 -36.77 -72.19 52.20
C VAL V 266 -37.37 -71.61 53.46
N ARG V 267 -36.97 -72.14 54.61
CA ARG V 267 -37.56 -71.62 55.84
C ARG V 267 -36.59 -71.84 56.99
N ALA V 268 -36.72 -71.01 58.02
CA ALA V 268 -35.92 -71.13 59.24
C ALA V 268 -36.85 -71.32 60.42
N MET V 269 -36.67 -72.40 61.16
CA MET V 269 -37.66 -72.82 62.12
C MET V 269 -37.15 -72.75 63.55
N ASN V 270 -38.09 -72.45 64.45
CA ASN V 270 -37.89 -72.40 65.89
C ASN V 270 -36.82 -71.37 66.26
N CYS V 271 -37.03 -70.13 65.86
CA CYS V 271 -35.92 -69.20 65.80
C CYS V 271 -36.26 -68.07 66.76
N ALA V 272 -35.77 -68.21 67.99
CA ALA V 272 -36.31 -67.48 69.13
C ALA V 272 -35.75 -66.06 69.19
N VAL V 273 -36.63 -65.08 69.05
CA VAL V 273 -36.30 -63.67 69.24
C VAL V 273 -37.59 -62.88 69.35
N GLY V 274 -37.62 -61.94 70.27
CA GLY V 274 -38.66 -60.93 70.28
C GLY V 274 -39.93 -61.31 71.00
N ASN V 275 -40.92 -60.44 70.84
CA ASN V 275 -42.17 -60.51 71.57
C ASN V 275 -43.32 -60.49 70.58
N ILE V 276 -44.43 -61.12 70.96
CA ILE V 276 -45.61 -61.23 70.12
C ILE V 276 -46.77 -60.58 70.87
N PRO V 277 -47.31 -59.48 70.36
CA PRO V 277 -48.54 -58.93 70.95
C PRO V 277 -49.71 -59.84 70.66
N VAL V 278 -50.66 -59.87 71.58
CA VAL V 278 -51.89 -60.65 71.42
C VAL V 278 -53.07 -59.77 71.77
N SER V 279 -54.07 -59.74 70.88
CA SER V 279 -55.32 -59.08 71.16
C SER V 279 -56.41 -60.13 71.25
N MET V 280 -57.31 -59.98 72.22
CA MET V 280 -58.26 -61.03 72.52
C MET V 280 -59.64 -60.43 72.67
N ASN V 281 -60.65 -61.22 72.32
CA ASN V 281 -62.04 -60.80 72.48
C ASN V 281 -62.81 -62.01 73.00
N LEU V 282 -63.30 -61.91 74.20
CA LEU V 282 -63.85 -63.08 74.85
C LEU V 282 -65.36 -62.96 75.04
N PRO V 283 -66.08 -64.07 75.04
CA PRO V 283 -67.51 -64.03 75.32
C PRO V 283 -67.76 -63.91 76.83
N ASP V 284 -69.04 -63.77 77.18
CA ASP V 284 -69.39 -63.63 78.57
C ASP V 284 -69.72 -64.95 79.25
N SER V 285 -69.66 -66.08 78.54
CA SER V 285 -69.81 -67.37 79.19
C SER V 285 -68.48 -67.94 79.67
N ALA V 286 -67.35 -67.33 79.29
CA ALA V 286 -66.06 -67.83 79.72
C ALA V 286 -65.82 -67.58 81.21
N PHE V 287 -66.21 -66.41 81.70
CA PHE V 287 -66.02 -66.08 83.10
C PHE V 287 -67.09 -66.78 83.94
N THR V 288 -67.13 -66.44 85.22
CA THR V 288 -68.13 -66.97 86.14
C THR V 288 -68.68 -65.87 87.05
N ARG V 289 -69.90 -66.08 87.53
CA ARG V 289 -70.47 -65.27 88.59
C ARG V 289 -69.51 -65.17 89.77
N ILE V 290 -69.28 -63.94 90.23
CA ILE V 290 -68.52 -63.76 91.47
C ILE V 290 -69.30 -64.30 92.66
N VAL V 291 -70.63 -64.24 92.62
CA VAL V 291 -71.41 -64.84 93.70
C VAL V 291 -71.18 -66.34 93.74
N GLU V 292 -71.19 -66.99 92.58
CA GLU V 292 -71.02 -68.44 92.57
C GLU V 292 -69.58 -68.86 92.85
N ALA V 293 -68.62 -68.00 92.54
CA ALA V 293 -67.25 -68.27 92.90
C ALA V 293 -67.08 -68.16 94.42
N PRO V 294 -66.19 -68.96 95.00
CA PRO V 294 -65.95 -68.88 96.44
C PRO V 294 -65.25 -67.59 96.81
N THR V 295 -65.43 -67.18 98.06
CA THR V 295 -64.78 -66.00 98.61
C THR V 295 -63.62 -66.44 99.50
N ILE V 296 -62.52 -65.71 99.43
CA ILE V 296 -61.30 -66.05 100.14
C ILE V 296 -60.93 -64.89 101.05
N ILE V 297 -60.74 -65.20 102.33
CA ILE V 297 -60.36 -64.21 103.33
C ILE V 297 -59.20 -64.76 104.16
N ASP V 298 -58.35 -63.84 104.64
CA ASP V 298 -57.19 -64.17 105.47
C ASP V 298 -56.24 -65.11 104.73
N LEU V 299 -55.63 -64.56 103.67
CA LEU V 299 -54.73 -65.31 102.81
C LEU V 299 -53.29 -65.09 103.24
N THR V 300 -52.58 -66.18 103.53
CA THR V 300 -51.18 -66.11 103.94
C THR V 300 -50.36 -67.08 103.10
N CYS V 301 -49.17 -66.64 102.70
CA CYS V 301 -48.25 -67.42 101.89
C CYS V 301 -47.01 -67.77 102.70
N THR V 302 -46.62 -69.04 102.68
CA THR V 302 -45.37 -69.48 103.29
C THR V 302 -44.61 -70.36 102.32
N VAL V 303 -43.32 -70.07 102.13
CA VAL V 303 -42.47 -70.83 101.23
C VAL V 303 -41.79 -71.94 102.03
N ALA V 304 -41.85 -73.17 101.53
CA ALA V 304 -41.23 -74.27 102.26
C ALA V 304 -39.76 -74.42 101.88
N THR V 305 -39.48 -74.57 100.59
CA THR V 305 -38.12 -74.74 100.12
C THR V 305 -37.95 -74.03 98.79
N CYS V 306 -36.81 -73.36 98.61
CA CYS V 306 -36.51 -72.69 97.36
C CYS V 306 -35.13 -73.07 96.87
N THR V 307 -35.01 -73.26 95.56
CA THR V 307 -33.72 -73.57 94.94
C THR V 307 -33.81 -73.12 93.49
N HIS V 308 -33.04 -72.09 93.12
CA HIS V 308 -33.19 -71.49 91.81
C HIS V 308 -32.49 -72.36 90.78
N SER V 309 -33.19 -73.39 90.34
CA SER V 309 -32.74 -74.24 89.25
C SER V 309 -33.58 -73.95 88.02
N SER V 310 -33.31 -74.67 86.93
CA SER V 310 -34.07 -74.45 85.71
C SER V 310 -35.45 -75.08 85.81
N ASP V 311 -35.59 -76.16 86.56
CA ASP V 311 -36.88 -76.80 86.75
C ASP V 311 -37.66 -76.05 87.82
N PHE V 312 -38.92 -76.46 88.03
CA PHE V 312 -39.78 -75.79 88.99
C PHE V 312 -39.33 -76.18 90.38
N GLY V 313 -38.51 -75.32 90.99
CA GLY V 313 -37.79 -75.69 92.19
C GLY V 313 -38.13 -74.94 93.46
N GLY V 314 -39.37 -74.51 93.61
CA GLY V 314 -39.81 -73.92 94.87
C GLY V 314 -41.26 -74.27 95.16
N VAL V 315 -41.58 -74.42 96.43
CA VAL V 315 -42.90 -74.88 96.84
C VAL V 315 -43.53 -73.86 97.79
N LEU V 316 -44.77 -73.50 97.52
CA LEU V 316 -45.54 -72.53 98.28
C LEU V 316 -46.72 -73.21 98.93
N THR V 317 -47.06 -72.76 100.14
CA THR V 317 -48.27 -73.17 100.82
C THR V 317 -49.10 -71.93 101.09
N LEU V 318 -50.35 -71.97 100.64
CA LEU V 318 -51.29 -70.88 100.85
C LEU V 318 -52.32 -71.36 101.86
N THR V 319 -52.51 -70.58 102.92
CA THR V 319 -53.48 -70.86 103.96
C THR V 319 -54.54 -69.78 103.96
N TYR V 320 -55.77 -70.17 104.21
CA TYR V 320 -56.90 -69.26 104.02
C TYR V 320 -58.11 -69.79 104.78
N LYS V 321 -59.20 -69.04 104.69
CA LYS V 321 -60.51 -69.48 105.15
C LYS V 321 -61.50 -69.26 104.01
N THR V 322 -62.40 -70.21 103.80
CA THR V 322 -63.36 -70.15 102.72
C THR V 322 -64.76 -70.43 103.25
N ASP V 323 -65.76 -70.15 102.41
CA ASP V 323 -67.14 -70.46 102.77
C ASP V 323 -67.66 -71.67 102.00
N LYS V 324 -67.36 -71.75 100.71
CA LYS V 324 -67.81 -72.85 99.87
C LYS V 324 -66.68 -73.32 98.98
N ASN V 325 -66.76 -74.59 98.59
CA ASN V 325 -65.73 -75.26 97.81
C ASN V 325 -65.89 -74.93 96.33
N GLY V 326 -64.76 -74.77 95.65
CA GLY V 326 -64.79 -74.45 94.23
C GLY V 326 -63.43 -74.42 93.59
N ASP V 327 -63.27 -73.63 92.53
CA ASP V 327 -62.01 -73.52 91.81
C ASP V 327 -61.53 -72.08 91.83
N CYS V 328 -60.25 -71.90 92.09
CA CYS V 328 -59.65 -70.57 92.07
C CYS V 328 -58.58 -70.51 90.98
N SER V 329 -58.47 -69.32 90.40
CA SER V 329 -57.56 -69.07 89.28
C SER V 329 -56.33 -68.35 89.83
N VAL V 330 -55.34 -69.13 90.23
CA VAL V 330 -54.15 -68.58 90.87
C VAL V 330 -53.26 -67.92 89.83
N HIS V 331 -52.57 -66.85 90.23
CA HIS V 331 -51.63 -66.20 89.34
C HIS V 331 -50.58 -65.46 90.16
N SER V 332 -49.42 -65.25 89.56
CA SER V 332 -48.33 -64.48 90.16
C SER V 332 -48.12 -63.22 89.37
N HIS V 333 -48.18 -62.07 90.03
CA HIS V 333 -48.20 -60.80 89.31
C HIS V 333 -46.83 -60.31 88.90
N SER V 334 -45.78 -61.08 89.12
CA SER V 334 -44.44 -60.68 88.74
C SER V 334 -43.78 -61.78 87.93
N ASN V 335 -42.80 -61.39 87.12
CA ASN V 335 -42.09 -62.36 86.29
C ASN V 335 -40.86 -62.94 86.96
N VAL V 336 -40.54 -62.52 88.19
CA VAL V 336 -39.43 -63.13 88.90
C VAL V 336 -39.70 -64.60 89.15
N ALA V 337 -40.93 -64.93 89.49
CA ALA V 337 -41.35 -66.31 89.70
C ALA V 337 -42.37 -66.69 88.64
N THR V 338 -42.35 -67.96 88.24
CA THR V 338 -43.34 -68.51 87.32
C THR V 338 -43.98 -69.71 87.96
N LEU V 339 -45.31 -69.74 88.00
CA LEU V 339 -46.02 -70.82 88.64
C LEU V 339 -46.16 -72.02 87.70
N GLN V 340 -46.56 -73.15 88.28
CA GLN V 340 -46.81 -74.36 87.49
C GLN V 340 -48.21 -74.39 86.91
N GLU V 341 -49.23 -74.38 87.74
CA GLU V 341 -50.60 -74.60 87.30
C GLU V 341 -51.38 -73.29 87.35
N ALA V 342 -52.59 -73.32 86.81
CA ALA V 342 -53.42 -72.13 86.72
C ALA V 342 -54.73 -72.26 87.49
N THR V 343 -54.99 -73.43 88.07
CA THR V 343 -56.22 -73.60 88.85
C THR V 343 -55.91 -74.40 90.10
N ALA V 344 -56.67 -74.12 91.16
CA ALA V 344 -56.56 -74.90 92.39
C ALA V 344 -57.95 -75.20 92.93
N LYS V 345 -58.16 -76.43 93.36
CA LYS V 345 -59.42 -76.85 93.95
C LYS V 345 -59.41 -76.46 95.42
N VAL V 346 -60.14 -75.42 95.76
CA VAL V 346 -60.16 -74.89 97.12
C VAL V 346 -61.14 -75.71 97.95
N LYS V 347 -60.67 -76.17 99.11
CA LYS V 347 -61.48 -76.95 100.02
C LYS V 347 -61.48 -76.29 101.39
N THR V 348 -62.43 -76.73 102.22
CA THR V 348 -62.63 -76.08 103.52
C THR V 348 -61.43 -76.26 104.45
N ALA V 349 -60.53 -77.19 104.14
CA ALA V 349 -59.35 -77.38 104.99
C ALA V 349 -58.45 -76.16 105.00
N GLY V 350 -58.52 -75.31 103.98
CA GLY V 350 -57.75 -74.09 103.95
C GLY V 350 -56.25 -74.30 103.84
N LYS V 351 -55.83 -75.26 103.01
CA LYS V 351 -54.41 -75.52 102.80
C LYS V 351 -54.21 -75.95 101.37
N VAL V 352 -53.49 -75.14 100.58
CA VAL V 352 -53.20 -75.51 99.20
C VAL V 352 -51.71 -75.36 98.97
N THR V 353 -51.19 -76.13 98.01
CA THR V 353 -49.77 -76.13 97.69
C THR V 353 -49.56 -75.87 96.21
N LEU V 354 -48.45 -75.21 95.89
CA LEU V 354 -48.15 -74.83 94.52
C LEU V 354 -46.65 -74.93 94.26
N HIS V 355 -46.29 -75.08 93.00
CA HIS V 355 -44.90 -75.18 92.59
C HIS V 355 -44.55 -74.00 91.70
N PHE V 356 -43.32 -73.52 91.80
CA PHE V 356 -42.88 -72.40 90.99
C PHE V 356 -41.40 -72.51 90.69
N SER V 357 -40.94 -71.68 89.76
CA SER V 357 -39.55 -71.60 89.38
C SER V 357 -39.10 -70.15 89.40
N THR V 358 -37.87 -69.92 89.87
CA THR V 358 -37.33 -68.58 89.99
C THR V 358 -35.89 -68.57 89.54
N ALA V 359 -35.28 -67.38 89.56
CA ALA V 359 -33.89 -67.25 89.17
C ALA V 359 -33.14 -66.23 90.02
N SER V 360 -33.68 -65.85 91.17
CA SER V 360 -33.03 -64.89 92.05
C SER V 360 -32.94 -65.47 93.46
N ALA V 361 -31.88 -65.08 94.17
CA ALA V 361 -31.65 -65.66 95.49
C ALA V 361 -32.73 -65.25 96.47
N SER V 362 -33.27 -64.04 96.33
CA SER V 362 -34.30 -63.53 97.23
C SER V 362 -35.46 -62.99 96.41
N PRO V 363 -36.37 -63.87 95.97
CA PRO V 363 -37.53 -63.40 95.21
C PRO V 363 -38.64 -62.92 96.13
N SER V 364 -39.43 -61.99 95.62
CA SER V 364 -40.57 -61.47 96.36
C SER V 364 -41.64 -61.09 95.34
N PHE V 365 -42.81 -61.72 95.44
CA PHE V 365 -43.85 -61.53 94.45
C PHE V 365 -45.20 -61.55 95.15
N VAL V 366 -46.20 -61.00 94.49
CA VAL V 366 -47.57 -61.00 94.99
C VAL V 366 -48.37 -62.04 94.22
N VAL V 367 -48.92 -63.00 94.95
CA VAL V 367 -49.69 -64.08 94.36
C VAL V 367 -51.15 -63.90 94.75
N SER V 368 -52.03 -64.13 93.76
CA SER V 368 -53.46 -63.95 93.95
C SER V 368 -54.17 -65.26 93.71
N LEU V 369 -55.12 -65.57 94.59
CA LEU V 369 -55.97 -66.75 94.51
C LEU V 369 -57.42 -66.27 94.48
N CYS V 370 -58.16 -66.68 93.45
CA CYS V 370 -59.43 -66.05 93.11
C CYS V 370 -59.33 -64.53 93.18
N SER V 371 -60.02 -63.92 94.13
CA SER V 371 -60.02 -62.47 94.26
C SER V 371 -59.04 -61.98 95.32
N ALA V 372 -58.55 -62.85 96.19
CA ALA V 372 -57.71 -62.44 97.30
C ALA V 372 -56.33 -62.01 96.81
N ARG V 373 -55.48 -61.60 97.74
CA ARG V 373 -54.12 -61.23 97.45
C ARG V 373 -53.22 -61.71 98.58
N ALA V 374 -51.93 -61.88 98.27
CA ALA V 374 -50.96 -62.11 99.33
C ALA V 374 -49.58 -61.77 98.79
N THR V 375 -48.73 -61.26 99.67
CA THR V 375 -47.35 -60.94 99.32
C THR V 375 -46.44 -62.00 99.92
N CYS V 376 -45.60 -62.62 99.09
CA CYS V 376 -44.85 -63.79 99.48
C CYS V 376 -43.40 -63.65 99.04
N SER V 377 -42.48 -63.91 99.97
CA SER V 377 -41.05 -63.77 99.73
C SER V 377 -40.33 -65.00 100.23
N ALA V 378 -39.15 -65.27 99.67
CA ALA V 378 -38.48 -66.54 99.93
C ALA V 378 -36.98 -66.35 99.88
N SER V 379 -36.27 -67.33 100.43
CA SER V 379 -34.82 -67.42 100.41
C SER V 379 -34.43 -68.68 99.65
N CYS V 380 -33.51 -68.55 98.68
CA CYS V 380 -33.23 -69.61 97.75
C CYS V 380 -31.74 -69.90 97.73
N GLU V 381 -31.39 -71.17 97.54
CA GLU V 381 -30.01 -71.65 97.57
C GLU V 381 -29.59 -72.14 96.18
N PRO V 382 -28.30 -72.10 95.85
CA PRO V 382 -27.86 -72.45 94.50
C PRO V 382 -28.05 -73.92 94.21
N PRO V 383 -28.09 -74.32 92.94
CA PRO V 383 -28.15 -75.73 92.59
C PRO V 383 -26.76 -76.29 92.29
N LYS V 384 -26.66 -77.61 92.40
CA LYS V 384 -25.36 -78.27 92.29
C LYS V 384 -25.02 -78.68 90.87
N ASP V 385 -25.99 -79.20 90.12
CA ASP V 385 -25.69 -79.77 88.82
C ASP V 385 -25.24 -78.69 87.85
N HIS V 386 -24.08 -78.90 87.23
CA HIS V 386 -23.50 -77.86 86.40
C HIS V 386 -24.25 -77.70 85.08
N ILE V 387 -24.71 -78.80 84.48
CA ILE V 387 -25.28 -78.75 83.15
C ILE V 387 -26.47 -79.70 83.06
N VAL V 388 -27.56 -79.22 82.45
CA VAL V 388 -28.77 -80.01 82.25
C VAL V 388 -29.27 -79.84 80.82
N PRO V 389 -30.06 -80.78 80.29
CA PRO V 389 -30.48 -80.72 78.89
C PRO V 389 -31.82 -80.06 78.61
N TYR V 390 -32.46 -79.38 79.55
CA TYR V 390 -33.73 -78.72 79.29
C TYR V 390 -33.61 -77.21 79.48
N ALA V 391 -34.36 -76.46 78.68
CA ALA V 391 -34.24 -75.02 78.64
C ALA V 391 -34.72 -74.39 79.95
N ALA V 392 -34.42 -73.10 80.09
CA ALA V 392 -34.82 -72.38 81.29
C ALA V 392 -36.32 -72.18 81.33
N SER V 393 -36.92 -72.49 82.48
CA SER V 393 -38.35 -72.33 82.67
C SER V 393 -38.70 -71.05 83.42
N HIS V 394 -37.71 -70.24 83.79
CA HIS V 394 -37.96 -68.96 84.43
C HIS V 394 -37.69 -67.84 83.44
N SER V 395 -38.03 -66.63 83.85
CA SER V 395 -37.92 -65.48 82.96
C SER V 395 -36.52 -64.90 82.92
N ASN V 396 -35.58 -65.47 83.67
CA ASN V 396 -34.19 -65.02 83.70
C ASN V 396 -34.08 -63.56 84.14
N VAL V 397 -34.50 -63.31 85.38
CA VAL V 397 -34.26 -62.05 86.07
C VAL V 397 -33.56 -62.38 87.38
N VAL V 398 -32.58 -61.55 87.75
CA VAL V 398 -31.65 -61.95 88.80
C VAL V 398 -31.53 -60.91 89.91
N PHE V 399 -31.99 -59.69 89.63
CA PHE V 399 -31.87 -58.63 90.63
C PHE V 399 -32.66 -58.99 91.88
N PRO V 400 -32.04 -58.96 93.06
CA PRO V 400 -32.74 -59.39 94.27
C PRO V 400 -33.70 -58.32 94.78
N ASP V 401 -34.55 -58.74 95.71
CA ASP V 401 -35.54 -57.84 96.30
C ASP V 401 -34.87 -56.89 97.28
N MET V 402 -35.54 -55.76 97.52
CA MET V 402 -35.05 -54.77 98.47
C MET V 402 -34.98 -55.33 99.89
N SER V 403 -35.87 -56.24 100.25
CA SER V 403 -35.86 -56.82 101.58
C SER V 403 -34.87 -57.98 101.71
N GLY V 404 -34.18 -58.34 100.64
CA GLY V 404 -33.25 -59.44 100.69
C GLY V 404 -32.06 -59.13 101.58
N THR V 405 -31.33 -60.18 101.92
CA THR V 405 -30.26 -60.04 102.90
C THR V 405 -29.20 -59.05 102.43
N ALA V 406 -28.76 -59.17 101.18
CA ALA V 406 -27.74 -58.27 100.68
C ALA V 406 -28.22 -56.83 100.67
N LEU V 407 -29.42 -56.60 100.15
CA LEU V 407 -29.91 -55.23 100.06
C LEU V 407 -30.28 -54.68 101.43
N SER V 408 -30.78 -55.52 102.34
CA SER V 408 -31.00 -55.04 103.71
C SER V 408 -29.68 -54.62 104.34
N TRP V 409 -28.63 -55.38 104.08
CA TRP V 409 -27.33 -55.06 104.66
C TRP V 409 -26.82 -53.73 104.14
N VAL V 410 -26.89 -53.53 102.82
CA VAL V 410 -26.46 -52.26 102.23
C VAL V 410 -27.34 -51.13 102.72
N GLN V 411 -28.63 -51.39 102.90
CA GLN V 411 -29.52 -50.38 103.46
C GLN V 411 -29.06 -49.95 104.84
N LYS V 412 -28.69 -50.91 105.69
CA LYS V 412 -28.24 -50.57 107.04
C LYS V 412 -26.97 -49.72 107.00
N ILE V 413 -26.01 -50.11 106.16
CA ILE V 413 -24.76 -49.35 106.10
C ILE V 413 -25.02 -47.93 105.59
N SER V 414 -25.80 -47.80 104.52
CA SER V 414 -26.10 -46.48 103.98
C SER V 414 -26.86 -45.64 104.99
N GLY V 415 -27.76 -46.25 105.75
CA GLY V 415 -28.47 -45.51 106.78
C GLY V 415 -27.55 -45.01 107.87
N GLY V 416 -26.59 -45.83 108.28
CA GLY V 416 -25.63 -45.36 109.26
C GLY V 416 -24.86 -44.15 108.78
N LEU V 417 -24.33 -44.23 107.55
CA LEU V 417 -23.56 -43.09 107.05
C LEU V 417 -24.45 -41.86 106.83
N GLY V 418 -25.69 -42.07 106.38
CA GLY V 418 -26.58 -40.95 106.18
C GLY V 418 -26.95 -40.24 107.47
N ALA V 419 -27.22 -41.00 108.53
CA ALA V 419 -27.50 -40.38 109.82
C ALA V 419 -26.27 -39.65 110.32
N PHE V 420 -25.07 -40.21 110.09
CA PHE V 420 -23.84 -39.52 110.47
C PHE V 420 -23.73 -38.16 109.76
N ALA V 421 -23.97 -38.16 108.45
CA ALA V 421 -23.89 -36.91 107.70
C ALA V 421 -24.94 -35.91 108.16
N ILE V 422 -26.15 -36.38 108.47
CA ILE V 422 -27.20 -35.49 108.94
C ILE V 422 -26.79 -34.86 110.27
N GLY V 423 -26.22 -35.66 111.17
CA GLY V 423 -25.75 -35.09 112.44
C GLY V 423 -24.67 -34.05 112.24
N ALA V 424 -23.73 -34.33 111.35
CA ALA V 424 -22.67 -33.35 111.09
C ALA V 424 -23.24 -32.05 110.54
N ILE V 425 -24.18 -32.15 109.61
CA ILE V 425 -24.79 -30.95 109.04
C ILE V 425 -25.55 -30.18 110.11
N LEU V 426 -26.26 -30.89 111.00
CA LEU V 426 -26.97 -30.20 112.07
C LEU V 426 -25.99 -29.44 112.97
N VAL V 427 -24.87 -30.07 113.33
CA VAL V 427 -23.92 -29.39 114.20
C VAL V 427 -23.37 -28.14 113.52
N LEU V 428 -23.01 -28.27 112.24
CA LEU V 428 -22.50 -27.09 111.53
C LEU V 428 -23.55 -25.98 111.47
N VAL V 429 -24.81 -26.34 111.20
CA VAL V 429 -25.84 -25.31 111.09
C VAL V 429 -26.05 -24.63 112.43
N VAL V 430 -26.06 -25.39 113.53
CA VAL V 430 -26.23 -24.77 114.84
C VAL V 430 -25.08 -23.81 115.13
N VAL V 431 -23.85 -24.24 114.85
CA VAL V 431 -22.69 -23.41 115.14
C VAL V 431 -22.73 -22.13 114.31
N THR V 432 -23.05 -22.26 113.02
CA THR V 432 -23.05 -21.05 112.18
C THR V 432 -24.22 -20.13 112.52
N CYS V 433 -25.35 -20.68 112.95
CA CYS V 433 -26.43 -19.84 113.42
C CYS V 433 -26.03 -19.07 114.66
N ILE V 434 -25.35 -19.72 115.60
CA ILE V 434 -24.87 -19.02 116.79
C ILE V 434 -23.88 -17.93 116.41
N GLY V 435 -22.95 -18.25 115.50
CA GLY V 435 -21.97 -17.26 115.08
C GLY V 435 -22.60 -16.06 114.41
N LEU V 436 -23.62 -16.28 113.58
CA LEU V 436 -24.29 -15.16 112.94
C LEU V 436 -25.14 -14.38 113.93
N ARG V 437 -25.80 -15.06 114.87
CA ARG V 437 -26.59 -14.39 115.89
C ARG V 437 -25.75 -13.53 116.81
N ARG V 438 -24.51 -13.93 117.09
CA ARG V 438 -23.61 -13.07 117.84
C ARG V 438 -23.40 -11.74 117.10
N HIS W 1 -102.01 -46.25 -16.72
CA HIS W 1 -101.05 -45.17 -16.54
C HIS W 1 -99.62 -45.72 -16.38
N PHE W 2 -98.72 -44.87 -15.92
CA PHE W 2 -97.34 -45.27 -15.70
C PHE W 2 -97.25 -46.22 -14.51
N ASN W 3 -96.32 -47.17 -14.58
CA ASN W 3 -96.17 -48.17 -13.54
C ASN W 3 -94.71 -48.33 -13.13
N VAL W 4 -94.06 -47.22 -12.79
CA VAL W 4 -92.61 -47.12 -12.60
C VAL W 4 -92.04 -48.33 -11.86
N TYR W 5 -92.81 -48.90 -10.94
CA TYR W 5 -92.31 -50.02 -10.17
C TYR W 5 -92.37 -51.30 -10.98
N LYS W 6 -91.77 -51.28 -12.16
CA LYS W 6 -91.61 -52.48 -12.98
C LYS W 6 -90.15 -52.79 -13.27
N ALA W 7 -89.27 -51.79 -13.28
CA ALA W 7 -87.85 -51.97 -13.50
C ALA W 7 -87.07 -52.06 -12.19
N THR W 8 -87.76 -52.18 -11.07
CA THR W 8 -87.13 -52.25 -9.77
C THR W 8 -87.45 -53.58 -9.10
N ARG W 9 -86.49 -54.09 -8.34
CA ARG W 9 -86.57 -55.39 -7.70
C ARG W 9 -86.21 -55.29 -6.23
N PRO W 10 -86.76 -56.17 -5.40
CA PRO W 10 -86.27 -56.29 -4.02
C PRO W 10 -84.83 -56.80 -4.02
N TYR W 11 -84.10 -56.42 -2.99
CA TYR W 11 -82.70 -56.81 -2.87
C TYR W 11 -82.42 -57.28 -1.46
N ILE W 12 -81.24 -57.87 -1.27
CA ILE W 12 -80.83 -58.47 -0.02
C ILE W 12 -79.58 -57.76 0.47
N ALA W 13 -79.56 -57.40 1.75
CA ALA W 13 -78.44 -56.66 2.34
C ALA W 13 -78.15 -57.21 3.74
N TYR W 14 -77.26 -56.50 4.44
CA TYR W 14 -76.73 -56.94 5.72
C TYR W 14 -77.40 -56.18 6.85
N CYS W 15 -78.04 -56.89 7.76
CA CYS W 15 -78.69 -56.29 8.91
C CYS W 15 -77.83 -56.53 10.14
N ALA W 16 -77.78 -55.52 11.02
CA ALA W 16 -76.87 -55.60 12.17
C ALA W 16 -77.19 -56.79 13.06
N ASP W 17 -78.47 -56.98 13.38
CA ASP W 17 -78.91 -58.20 14.03
C ASP W 17 -80.36 -58.44 13.68
N CYS W 18 -80.73 -59.72 13.58
CA CYS W 18 -82.04 -60.10 13.07
C CYS W 18 -82.99 -60.52 14.17
N GLY W 19 -83.00 -59.78 15.28
CA GLY W 19 -83.92 -60.04 16.35
C GLY W 19 -83.47 -61.06 17.36
N ALA W 20 -82.25 -61.57 17.23
CA ALA W 20 -81.73 -62.53 18.18
C ALA W 20 -80.28 -62.26 18.58
N GLY W 21 -79.73 -61.11 18.21
CA GLY W 21 -78.37 -60.78 18.55
C GLY W 21 -77.32 -61.31 17.61
N HIS W 22 -77.71 -62.01 16.55
CA HIS W 22 -76.76 -62.51 15.57
C HIS W 22 -77.03 -61.85 14.22
N SER W 23 -75.97 -61.62 13.47
CA SER W 23 -76.04 -60.86 12.23
C SER W 23 -76.10 -61.81 11.04
N CYS W 24 -77.07 -61.59 10.16
CA CYS W 24 -77.16 -62.36 8.93
C CYS W 24 -77.82 -61.52 7.86
N HIS W 25 -77.56 -61.88 6.61
CA HIS W 25 -78.09 -61.14 5.46
C HIS W 25 -79.59 -61.34 5.40
N SER W 26 -80.33 -60.25 5.25
CA SER W 26 -81.76 -60.26 5.38
C SER W 26 -82.44 -59.73 4.13
N PRO W 27 -83.69 -60.12 3.88
CA PRO W 27 -84.47 -59.47 2.82
C PRO W 27 -85.21 -58.22 3.28
N VAL W 28 -85.16 -57.89 4.58
CA VAL W 28 -85.96 -56.81 5.13
C VAL W 28 -85.04 -55.78 5.78
N ALA W 29 -83.85 -55.59 5.22
CA ALA W 29 -82.90 -54.67 5.81
C ALA W 29 -83.44 -53.25 5.83
N ILE W 30 -83.18 -52.54 6.92
CA ILE W 30 -83.65 -51.17 7.11
C ILE W 30 -82.57 -50.19 6.72
N GLU W 31 -82.91 -49.22 5.91
CA GLU W 31 -82.06 -48.08 5.63
C GLU W 31 -82.50 -46.93 6.53
N ALA W 32 -82.02 -45.72 6.27
CA ALA W 32 -82.28 -44.59 7.15
C ALA W 32 -83.77 -44.34 7.33
N VAL W 33 -84.12 -43.79 8.49
CA VAL W 33 -85.49 -43.37 8.80
C VAL W 33 -85.49 -41.84 8.82
N ARG W 34 -86.59 -41.24 8.39
CA ARG W 34 -86.74 -39.80 8.40
C ARG W 34 -87.91 -39.40 9.29
N SER W 35 -87.77 -38.27 9.97
CA SER W 35 -88.74 -37.84 10.97
C SER W 35 -88.99 -36.33 10.90
N GLU W 36 -89.22 -35.80 9.70
CA GLU W 36 -89.50 -34.37 9.58
C GLU W 36 -90.94 -34.01 9.91
N ALA W 37 -91.73 -34.95 10.43
CA ALA W 37 -93.14 -34.73 10.67
C ALA W 37 -93.36 -34.32 12.11
N THR W 38 -93.92 -33.13 12.31
CA THR W 38 -93.95 -32.55 13.64
C THR W 38 -94.89 -33.30 14.57
N ASP W 39 -96.01 -33.82 14.04
CA ASP W 39 -96.84 -34.62 14.91
C ASP W 39 -96.21 -35.96 15.24
N GLY W 40 -95.19 -36.38 14.48
CA GLY W 40 -94.43 -37.55 14.84
C GLY W 40 -94.80 -38.84 14.13
N MET W 41 -94.87 -38.82 12.81
CA MET W 41 -95.00 -40.06 12.03
C MET W 41 -93.68 -40.35 11.33
N LEU W 42 -93.20 -41.57 11.50
CA LEU W 42 -91.94 -42.00 10.92
C LEU W 42 -92.17 -42.56 9.53
N LYS W 43 -91.19 -42.35 8.66
CA LYS W 43 -91.16 -42.94 7.33
C LYS W 43 -89.99 -43.92 7.28
N ILE W 44 -90.26 -45.19 7.55
CA ILE W 44 -89.22 -46.20 7.54
C ILE W 44 -89.05 -46.74 6.13
N GLN W 45 -87.81 -47.08 5.78
CA GLN W 45 -87.47 -47.54 4.44
C GLN W 45 -86.93 -48.96 4.49
N PHE W 46 -87.63 -49.90 3.88
CA PHE W 46 -87.12 -51.26 3.73
C PHE W 46 -86.09 -51.35 2.62
N SER W 47 -85.78 -52.59 2.27
CA SER W 47 -85.17 -52.97 1.02
C SER W 47 -86.14 -53.68 0.08
N ALA W 48 -87.23 -54.22 0.60
CA ALA W 48 -88.17 -55.02 -0.19
C ALA W 48 -89.43 -54.21 -0.45
N GLN W 49 -89.84 -54.13 -1.71
CA GLN W 49 -91.03 -53.35 -2.05
C GLN W 49 -92.28 -53.96 -1.44
N ILE W 50 -93.30 -53.12 -1.27
CA ILE W 50 -94.54 -53.49 -0.64
C ILE W 50 -95.69 -53.05 -1.52
N GLY W 51 -96.77 -53.82 -1.50
CA GLY W 51 -97.97 -53.50 -2.24
C GLY W 51 -97.93 -53.87 -3.70
N ILE W 52 -96.89 -54.56 -4.14
CA ILE W 52 -96.72 -54.93 -5.53
C ILE W 52 -96.43 -56.43 -5.60
N ASP W 53 -97.25 -57.16 -6.33
CA ASP W 53 -97.04 -58.60 -6.39
C ASP W 53 -95.82 -58.91 -7.24
N LYS W 54 -95.53 -60.20 -7.39
CA LYS W 54 -94.35 -60.61 -8.15
C LYS W 54 -94.48 -60.23 -9.61
N SER W 55 -95.68 -60.35 -10.18
CA SER W 55 -95.93 -60.12 -11.60
C SER W 55 -96.25 -58.66 -11.93
N ASP W 56 -95.82 -57.71 -11.10
CA ASP W 56 -95.94 -56.28 -11.40
C ASP W 56 -97.41 -55.84 -11.47
N ASN W 57 -98.17 -56.16 -10.44
CA ASN W 57 -99.55 -55.70 -10.29
C ASN W 57 -99.71 -55.03 -8.93
N HIS W 58 -100.38 -53.89 -8.91
CA HIS W 58 -100.65 -53.23 -7.64
C HIS W 58 -101.65 -54.07 -6.84
N ASP W 59 -101.23 -54.53 -5.66
CA ASP W 59 -102.05 -55.38 -4.82
C ASP W 59 -101.97 -54.94 -3.37
N TYR W 60 -103.12 -54.85 -2.72
CA TYR W 60 -103.18 -54.52 -1.31
C TYR W 60 -103.09 -55.76 -0.42
N THR W 61 -102.90 -56.93 -1.00
CA THR W 61 -102.80 -58.16 -0.21
C THR W 61 -101.46 -58.87 -0.32
N LYS W 62 -100.65 -58.57 -1.32
CA LYS W 62 -99.40 -59.27 -1.55
C LYS W 62 -98.25 -58.27 -1.60
N ILE W 63 -97.07 -58.67 -1.12
CA ILE W 63 -95.90 -57.80 -1.21
C ILE W 63 -94.70 -58.61 -1.67
N ARG W 64 -93.86 -58.00 -2.49
CA ARG W 64 -92.66 -58.63 -3.01
C ARG W 64 -91.61 -58.74 -1.93
N TYR W 65 -90.66 -59.64 -2.15
CA TYR W 65 -89.38 -59.59 -1.44
C TYR W 65 -88.39 -60.50 -2.15
N ALA W 66 -87.11 -60.23 -1.93
CA ALA W 66 -86.06 -60.97 -2.60
C ALA W 66 -85.63 -62.18 -1.76
N ASP W 67 -85.21 -63.23 -2.46
CA ASP W 67 -84.74 -64.47 -1.83
C ASP W 67 -83.91 -65.22 -2.87
N GLY W 68 -82.60 -65.26 -2.64
CA GLY W 68 -81.71 -66.01 -3.51
C GLY W 68 -81.93 -65.80 -4.99
N HIS W 69 -81.64 -64.60 -5.47
CA HIS W 69 -81.90 -64.21 -6.86
C HIS W 69 -83.24 -64.75 -7.36
N ALA W 70 -84.27 -64.58 -6.53
CA ALA W 70 -85.62 -64.96 -6.93
C ALA W 70 -86.60 -64.08 -6.18
N ILE W 71 -87.62 -63.61 -6.85
CA ILE W 71 -88.58 -62.70 -6.25
C ILE W 71 -89.79 -63.51 -5.82
N GLU W 72 -90.13 -63.45 -4.54
CA GLU W 72 -91.29 -64.15 -4.03
C GLU W 72 -92.22 -63.14 -3.38
N ASN W 73 -93.38 -63.63 -2.92
CA ASN W 73 -94.38 -62.74 -2.38
C ASN W 73 -94.88 -63.28 -1.05
N ALA W 74 -95.24 -62.35 -0.16
CA ALA W 74 -95.73 -62.69 1.17
C ALA W 74 -96.97 -61.87 1.46
N VAL W 75 -97.84 -62.42 2.31
CA VAL W 75 -99.11 -61.77 2.60
C VAL W 75 -98.86 -60.45 3.32
N ARG W 76 -99.64 -59.43 2.98
CA ARG W 76 -99.45 -58.11 3.57
C ARG W 76 -99.83 -58.09 5.03
N SER W 77 -100.69 -59.01 5.45
CA SER W 77 -100.83 -59.23 6.87
C SER W 77 -99.50 -59.69 7.45
N SER W 78 -99.42 -59.74 8.77
CA SER W 78 -98.21 -60.14 9.48
C SER W 78 -97.04 -59.21 9.23
N LEU W 79 -97.29 -58.00 8.73
CA LEU W 79 -96.27 -56.95 8.71
C LEU W 79 -96.32 -56.24 10.05
N LYS W 80 -95.32 -56.44 10.89
CA LYS W 80 -95.31 -55.87 12.22
C LYS W 80 -94.14 -54.90 12.37
N VAL W 81 -94.45 -53.66 12.74
CA VAL W 81 -93.47 -52.63 13.02
C VAL W 81 -93.51 -52.34 14.51
N ALA W 82 -92.39 -52.54 15.19
CA ALA W 82 -92.45 -52.52 16.65
C ALA W 82 -91.35 -51.65 17.24
N THR W 83 -91.70 -51.06 18.38
CA THR W 83 -90.78 -50.35 19.25
C THR W 83 -91.22 -50.84 20.64
N SER W 84 -90.78 -50.18 21.71
CA SER W 84 -91.00 -50.62 23.07
C SER W 84 -92.41 -51.15 23.32
N GLY W 85 -93.38 -50.64 22.58
CA GLY W 85 -94.73 -51.17 22.64
C GLY W 85 -95.11 -51.90 21.38
N ASP W 86 -96.07 -51.35 20.64
CA ASP W 86 -96.45 -51.93 19.36
C ASP W 86 -97.03 -50.80 18.52
N CYS W 87 -96.42 -50.53 17.36
CA CYS W 87 -96.73 -49.34 16.59
C CYS W 87 -98.03 -49.50 15.82
N PHE W 88 -98.34 -48.48 15.03
CA PHE W 88 -99.50 -48.45 14.15
C PHE W 88 -99.04 -48.01 12.78
N VAL W 89 -99.53 -48.68 11.74
CA VAL W 89 -99.06 -48.47 10.38
C VAL W 89 -100.16 -47.76 9.60
N HIS W 90 -99.83 -46.61 9.03
CA HIS W 90 -100.81 -45.80 8.31
C HIS W 90 -100.72 -45.98 6.79
N GLY W 91 -99.58 -45.63 6.22
CA GLY W 91 -99.43 -45.68 4.78
C GLY W 91 -98.50 -46.80 4.39
N THR W 92 -98.64 -47.31 3.16
CA THR W 92 -97.86 -48.48 2.78
C THR W 92 -97.79 -48.56 1.26
N MET W 93 -96.64 -48.23 0.70
CA MET W 93 -96.42 -48.35 -0.75
C MET W 93 -94.94 -48.21 -1.05
N GLY W 94 -94.45 -48.96 -2.03
CA GLY W 94 -93.05 -48.84 -2.36
C GLY W 94 -92.18 -49.42 -1.27
N HIS W 95 -91.01 -48.83 -1.08
CA HIS W 95 -90.12 -49.23 -0.01
C HIS W 95 -90.53 -48.69 1.35
N PHE W 96 -91.45 -47.73 1.40
CA PHE W 96 -91.62 -46.89 2.57
C PHE W 96 -92.90 -47.25 3.32
N ILE W 97 -92.81 -47.24 4.64
CA ILE W 97 -93.96 -47.47 5.49
C ILE W 97 -94.04 -46.34 6.51
N LEU W 98 -95.25 -45.82 6.72
CA LEU W 98 -95.48 -44.74 7.67
C LEU W 98 -96.01 -45.33 8.97
N ALA W 99 -95.37 -44.96 10.08
CA ALA W 99 -95.72 -45.56 11.36
C ALA W 99 -95.84 -44.47 12.41
N LYS W 100 -96.57 -44.80 13.48
CA LYS W 100 -96.74 -43.90 14.63
C LYS W 100 -96.43 -44.69 15.89
N CYS W 101 -95.19 -44.59 16.40
CA CYS W 101 -94.70 -45.50 17.42
C CYS W 101 -94.62 -44.86 18.80
N PRO W 102 -94.86 -45.62 19.85
CA PRO W 102 -94.67 -45.11 21.22
C PRO W 102 -93.19 -44.98 21.54
N PRO W 103 -92.82 -44.19 22.55
CA PRO W 103 -91.41 -43.88 22.76
C PRO W 103 -90.59 -45.11 23.12
N GLY W 104 -89.35 -45.12 22.69
CA GLY W 104 -88.48 -46.27 22.89
C GLY W 104 -87.10 -45.97 22.35
N GLU W 105 -86.25 -46.99 22.37
CA GLU W 105 -84.85 -46.84 22.00
C GLU W 105 -84.46 -47.61 20.74
N PHE W 106 -85.31 -48.52 20.26
CA PHE W 106 -85.00 -49.31 19.09
C PHE W 106 -86.30 -49.59 18.34
N LEU W 107 -86.18 -49.91 17.06
CA LEU W 107 -87.36 -50.38 16.34
C LEU W 107 -86.97 -51.54 15.43
N GLN W 108 -87.87 -52.50 15.31
CA GLN W 108 -87.69 -53.60 14.38
C GLN W 108 -88.85 -53.64 13.41
N VAL W 109 -88.60 -54.25 12.25
CA VAL W 109 -89.64 -54.56 11.29
C VAL W 109 -89.57 -56.05 11.00
N SER W 110 -90.74 -56.69 10.90
CA SER W 110 -90.77 -58.13 10.74
C SER W 110 -91.96 -58.52 9.89
N ILE W 111 -91.82 -59.68 9.23
CA ILE W 111 -92.90 -60.21 8.41
C ILE W 111 -92.73 -61.72 8.27
N GLN W 112 -93.85 -62.41 8.06
CA GLN W 112 -93.82 -63.82 7.73
C GLN W 112 -93.15 -64.06 6.40
N ASP W 113 -92.53 -65.22 6.25
CA ASP W 113 -91.90 -65.62 5.01
C ASP W 113 -92.88 -66.45 4.20
N THR W 114 -92.39 -67.07 3.13
CA THR W 114 -93.22 -67.99 2.37
C THR W 114 -93.64 -69.18 3.23
N ARG W 115 -92.72 -69.71 4.02
CA ARG W 115 -92.95 -70.93 4.78
C ARG W 115 -93.23 -70.66 6.25
N ASN W 116 -93.79 -69.50 6.58
CA ASN W 116 -94.20 -69.16 7.93
C ASN W 116 -93.02 -69.16 8.90
N ALA W 117 -91.99 -68.41 8.52
CA ALA W 117 -90.85 -68.12 9.38
C ALA W 117 -90.70 -66.61 9.45
N VAL W 118 -90.49 -66.07 10.65
CA VAL W 118 -90.42 -64.63 10.81
C VAL W 118 -89.07 -64.12 10.34
N ARG W 119 -89.08 -63.04 9.57
CA ARG W 119 -87.88 -62.34 9.14
C ARG W 119 -87.96 -60.93 9.70
N ALA W 120 -86.91 -60.49 10.39
CA ALA W 120 -86.95 -59.20 11.07
C ALA W 120 -85.59 -58.54 11.01
N CYS W 121 -85.59 -57.21 11.18
CA CYS W 121 -84.37 -56.44 11.31
C CYS W 121 -84.58 -55.36 12.36
N ARG W 122 -83.55 -55.11 13.16
CA ARG W 122 -83.60 -54.24 14.34
C ARG W 122 -82.59 -53.11 14.16
N ILE W 123 -82.98 -51.90 14.54
CA ILE W 123 -82.07 -50.77 14.42
C ILE W 123 -82.29 -49.80 15.58
N GLN W 124 -81.21 -49.19 16.02
CA GLN W 124 -81.22 -48.31 17.18
C GLN W 124 -81.70 -46.93 16.77
N TYR W 125 -82.72 -46.43 17.46
CA TYR W 125 -83.30 -45.14 17.11
C TYR W 125 -83.96 -44.53 18.33
N HIS W 126 -83.54 -43.33 18.70
CA HIS W 126 -84.02 -42.65 19.90
C HIS W 126 -85.27 -41.85 19.53
N HIS W 127 -86.44 -42.43 19.80
CA HIS W 127 -87.71 -41.86 19.38
C HIS W 127 -88.48 -41.35 20.59
N ASP W 128 -88.85 -40.07 20.56
CA ASP W 128 -89.70 -39.45 21.58
C ASP W 128 -90.38 -38.18 21.05
N PRO W 129 -91.61 -38.27 20.59
CA PRO W 129 -92.25 -37.11 19.98
C PRO W 129 -92.61 -36.06 21.02
N GLN W 130 -92.49 -34.80 20.61
CA GLN W 130 -92.97 -33.68 21.40
C GLN W 130 -94.02 -32.95 20.57
N PRO W 131 -95.28 -32.97 20.95
CA PRO W 131 -96.30 -32.32 20.15
C PRO W 131 -96.13 -30.82 20.14
N VAL W 132 -96.71 -30.18 19.13
CA VAL W 132 -96.66 -28.73 19.06
C VAL W 132 -97.38 -28.12 20.25
N GLY W 133 -96.93 -26.93 20.65
CA GLY W 133 -97.57 -26.20 21.71
C GLY W 133 -96.62 -26.07 22.88
N ARG W 134 -97.21 -25.80 24.03
CA ARG W 134 -96.45 -25.65 25.26
C ARG W 134 -96.80 -26.69 26.29
N GLU W 135 -97.70 -27.61 25.98
CA GLU W 135 -98.05 -28.70 26.85
C GLU W 135 -97.60 -30.02 26.24
N LYS W 136 -96.99 -30.87 27.04
CA LYS W 136 -96.53 -32.17 26.56
C LYS W 136 -97.58 -33.24 26.84
N PHE W 137 -98.73 -33.11 26.17
CA PHE W 137 -99.84 -34.04 26.39
C PHE W 137 -99.56 -35.35 25.67
N THR W 138 -100.53 -36.26 25.72
CA THR W 138 -100.37 -37.61 25.18
C THR W 138 -101.32 -37.92 24.04
N ILE W 139 -102.62 -37.71 24.22
CA ILE W 139 -103.59 -37.91 23.14
C ILE W 139 -104.48 -36.68 23.04
N ARG W 140 -105.07 -36.51 21.87
CA ARG W 140 -105.81 -35.29 21.59
C ARG W 140 -107.07 -35.21 22.46
N PRO W 141 -107.48 -34.02 22.83
CA PRO W 141 -108.64 -33.87 23.73
C PRO W 141 -109.93 -33.71 22.96
N HIS W 142 -111.04 -33.56 23.67
CA HIS W 142 -112.32 -33.26 23.05
C HIS W 142 -112.70 -31.80 23.17
N TYR W 143 -111.77 -30.94 23.59
CA TYR W 143 -112.01 -29.51 23.69
C TYR W 143 -110.66 -28.80 23.74
N GLY W 144 -110.35 -27.99 22.74
CA GLY W 144 -109.05 -27.35 22.71
C GLY W 144 -108.92 -26.40 21.55
N LYS W 145 -107.69 -25.95 21.34
CA LYS W 145 -107.38 -24.98 20.30
C LYS W 145 -107.02 -25.71 19.02
N GLU W 146 -106.48 -24.99 18.04
CA GLU W 146 -106.04 -25.56 16.78
C GLU W 146 -104.72 -24.92 16.38
N ILE W 147 -103.66 -25.71 16.29
CA ILE W 147 -102.32 -25.21 16.05
C ILE W 147 -101.83 -25.80 14.72
N PRO W 148 -101.26 -25.01 13.83
CA PRO W 148 -100.73 -25.57 12.59
C PRO W 148 -99.52 -26.47 12.85
N CYS W 149 -99.42 -27.53 12.04
CA CYS W 149 -98.30 -28.45 12.12
C CYS W 149 -98.19 -29.19 10.80
N THR W 150 -97.16 -30.02 10.67
CA THR W 150 -96.89 -30.72 9.42
C THR W 150 -97.02 -32.23 9.62
N THR W 151 -97.32 -32.93 8.52
CA THR W 151 -97.47 -34.37 8.57
C THR W 151 -97.29 -34.93 7.17
N TYR W 152 -97.20 -36.25 7.09
CA TYR W 152 -97.04 -36.95 5.83
C TYR W 152 -98.41 -37.35 5.31
N GLN W 153 -98.72 -37.01 4.06
CA GLN W 153 -100.01 -37.38 3.51
C GLN W 153 -99.91 -38.63 2.63
N GLN W 154 -101.08 -39.18 2.31
CA GLN W 154 -101.20 -40.44 1.59
C GLN W 154 -101.22 -40.27 0.08
N THR W 155 -101.24 -39.04 -0.43
CA THR W 155 -101.32 -38.84 -1.87
C THR W 155 -100.04 -39.31 -2.56
N THR W 156 -100.18 -39.69 -3.82
CA THR W 156 -99.06 -40.14 -4.64
C THR W 156 -99.01 -39.37 -5.96
N ALA W 157 -99.28 -38.07 -5.89
CA ALA W 157 -99.21 -37.20 -7.07
C ALA W 157 -97.76 -36.84 -7.34
N LYS W 158 -97.53 -35.82 -8.17
CA LYS W 158 -96.19 -35.32 -8.39
C LYS W 158 -95.59 -34.80 -7.08
N THR W 159 -94.35 -35.20 -6.80
CA THR W 159 -93.71 -34.91 -5.53
C THR W 159 -92.38 -34.20 -5.66
N VAL W 160 -91.64 -34.43 -6.75
CA VAL W 160 -90.30 -33.87 -6.94
C VAL W 160 -89.41 -34.38 -5.81
N GLU W 161 -89.09 -35.67 -5.84
CA GLU W 161 -88.20 -36.29 -4.86
C GLU W 161 -87.47 -37.43 -5.56
N GLU W 162 -86.30 -37.77 -5.05
CA GLU W 162 -85.42 -38.64 -5.80
C GLU W 162 -84.84 -39.74 -4.94
N ILE W 163 -84.75 -40.93 -5.52
CA ILE W 163 -83.90 -42.02 -5.07
C ILE W 163 -83.04 -42.45 -6.23
N ASP W 164 -81.76 -42.66 -5.96
CA ASP W 164 -80.78 -43.06 -6.97
C ASP W 164 -80.80 -44.57 -7.19
N MET W 165 -81.03 -44.95 -8.45
CA MET W 165 -81.24 -46.31 -8.91
C MET W 165 -80.02 -46.72 -9.70
N HIS W 166 -79.69 -48.01 -9.73
CA HIS W 166 -78.68 -48.42 -10.69
C HIS W 166 -78.76 -49.93 -10.90
N MET W 167 -78.01 -50.38 -11.91
CA MET W 167 -78.01 -51.79 -12.26
C MET W 167 -77.19 -52.59 -11.25
N PRO W 168 -77.68 -53.76 -10.84
CA PRO W 168 -77.04 -54.51 -9.76
C PRO W 168 -75.70 -55.06 -10.21
N PRO W 169 -74.86 -55.49 -9.27
CA PRO W 169 -73.58 -56.07 -9.65
C PRO W 169 -73.74 -57.51 -10.11
N ASP W 170 -72.63 -58.20 -10.34
CA ASP W 170 -72.67 -59.63 -10.65
C ASP W 170 -72.73 -60.42 -9.35
N THR W 171 -73.89 -60.97 -9.06
CA THR W 171 -74.08 -61.67 -7.80
C THR W 171 -73.34 -63.00 -7.82
N PRO W 172 -72.45 -63.26 -6.86
CA PRO W 172 -71.74 -64.55 -6.86
C PRO W 172 -72.55 -65.62 -6.16
N ASP W 173 -72.24 -66.86 -6.50
CA ASP W 173 -72.99 -68.00 -6.00
C ASP W 173 -72.09 -69.23 -6.01
N ARG W 174 -72.50 -70.25 -5.24
CA ARG W 174 -71.76 -71.50 -5.19
C ARG W 174 -72.62 -72.75 -5.19
N THR W 175 -73.94 -72.62 -5.09
CA THR W 175 -74.81 -73.78 -5.25
C THR W 175 -74.90 -74.23 -6.71
N LEU W 176 -74.77 -73.33 -7.66
CA LEU W 176 -74.97 -73.64 -9.06
C LEU W 176 -73.89 -74.54 -9.65
N LEU W 177 -72.79 -74.76 -8.94
CA LEU W 177 -71.73 -75.66 -9.39
C LEU W 177 -71.91 -77.03 -8.76
N SER W 178 -71.92 -78.08 -9.59
CA SER W 178 -72.12 -79.44 -9.11
C SER W 178 -71.01 -80.32 -9.65
N GLN W 179 -70.17 -80.86 -8.77
CA GLN W 179 -69.09 -81.76 -9.17
C GLN W 179 -69.69 -83.15 -9.38
N GLN W 180 -69.64 -83.65 -10.61
CA GLN W 180 -70.19 -84.98 -10.88
C GLN W 180 -69.12 -86.06 -10.82
N SER W 181 -68.18 -86.05 -11.76
CA SER W 181 -67.03 -86.97 -11.70
C SER W 181 -65.92 -86.36 -12.57
N GLY W 182 -64.95 -85.72 -11.93
CA GLY W 182 -63.93 -85.03 -12.70
C GLY W 182 -64.48 -83.94 -13.58
N ASN W 183 -65.71 -83.49 -13.33
CA ASN W 183 -66.38 -82.51 -14.16
C ASN W 183 -67.32 -81.70 -13.29
N VAL W 184 -67.64 -80.49 -13.76
CA VAL W 184 -68.58 -79.63 -13.06
C VAL W 184 -69.72 -79.30 -14.00
N LYS W 185 -70.91 -79.29 -13.43
CA LYS W 185 -72.13 -78.94 -14.14
C LYS W 185 -72.67 -77.65 -13.57
N ILE W 186 -73.19 -76.80 -14.46
CA ILE W 186 -73.65 -75.46 -14.13
C ILE W 186 -75.17 -75.43 -14.24
N THR W 187 -75.82 -75.00 -13.16
CA THR W 187 -77.26 -74.87 -13.19
C THR W 187 -77.66 -73.63 -14.01
N VAL W 188 -78.87 -73.69 -14.58
CA VAL W 188 -79.46 -72.59 -15.34
C VAL W 188 -80.90 -72.41 -14.91
N GLY W 189 -81.65 -71.62 -15.68
CA GLY W 189 -83.00 -71.25 -15.32
C GLY W 189 -83.29 -69.86 -15.82
N GLY W 190 -82.35 -69.34 -16.60
CA GLY W 190 -82.44 -68.01 -17.16
C GLY W 190 -81.25 -67.15 -16.79
N LYS W 191 -80.39 -67.62 -15.91
CA LYS W 191 -79.28 -66.84 -15.40
C LYS W 191 -78.08 -67.02 -16.31
N LYS W 192 -77.81 -66.01 -17.13
CA LYS W 192 -76.66 -66.05 -18.03
C LYS W 192 -75.39 -65.91 -17.18
N VAL W 193 -75.00 -67.02 -16.57
CA VAL W 193 -73.91 -67.03 -15.62
C VAL W 193 -72.60 -66.68 -16.31
N LYS W 194 -71.84 -65.78 -15.70
CA LYS W 194 -70.48 -65.50 -16.10
C LYS W 194 -69.54 -66.43 -15.36
N TYR W 195 -68.49 -66.87 -16.04
CA TYR W 195 -67.62 -67.89 -15.46
C TYR W 195 -66.16 -67.54 -15.69
N ASN W 196 -65.31 -68.09 -14.81
CA ASN W 196 -63.86 -67.91 -14.90
C ASN W 196 -63.21 -69.06 -14.16
N CYS W 197 -62.23 -69.71 -14.78
CA CYS W 197 -61.52 -70.82 -14.18
C CYS W 197 -60.04 -70.72 -14.51
N THR W 198 -59.24 -71.57 -13.87
CA THR W 198 -57.79 -71.54 -14.05
C THR W 198 -57.24 -72.77 -14.76
N CYS W 199 -57.92 -73.91 -14.68
CA CYS W 199 -57.39 -75.18 -15.18
C CYS W 199 -57.25 -75.09 -16.69
N GLY W 200 -56.00 -75.14 -17.17
CA GLY W 200 -55.72 -75.20 -18.59
C GLY W 200 -56.25 -74.05 -19.40
N THR W 201 -55.71 -72.85 -19.18
CA THR W 201 -56.02 -71.65 -19.96
C THR W 201 -57.45 -71.20 -19.69
N GLY W 202 -58.21 -72.01 -18.98
CA GLY W 202 -59.50 -71.65 -18.42
C GLY W 202 -60.53 -71.34 -19.49
N ASN W 203 -61.65 -70.79 -19.03
CA ASN W 203 -62.75 -70.40 -19.90
C ASN W 203 -63.36 -69.13 -19.32
N VAL W 204 -63.21 -68.03 -20.04
CA VAL W 204 -63.68 -66.73 -19.61
C VAL W 204 -64.81 -66.31 -20.54
N GLY W 205 -65.92 -65.89 -19.95
CA GLY W 205 -67.04 -65.40 -20.71
C GLY W 205 -68.37 -65.69 -20.05
N THR W 206 -69.43 -65.30 -20.76
CA THR W 206 -70.80 -65.46 -20.30
C THR W 206 -71.55 -66.38 -21.25
N THR W 207 -72.21 -67.38 -20.69
CA THR W 207 -73.04 -68.29 -21.46
C THR W 207 -74.51 -67.94 -21.26
N ASN W 208 -75.37 -68.78 -21.82
CA ASN W 208 -76.80 -68.71 -21.53
C ASN W 208 -77.42 -70.05 -21.23
N SER W 209 -76.68 -71.14 -21.31
CA SER W 209 -77.22 -72.47 -21.10
C SER W 209 -76.24 -73.33 -20.30
N ASP W 210 -76.48 -74.63 -20.26
CA ASP W 210 -75.62 -75.53 -19.52
C ASP W 210 -74.23 -75.61 -20.13
N MET W 211 -73.24 -75.88 -19.29
CA MET W 211 -71.88 -76.12 -19.74
C MET W 211 -71.22 -77.12 -18.80
N THR W 212 -70.06 -77.62 -19.21
CA THR W 212 -69.27 -78.55 -18.41
C THR W 212 -67.79 -78.34 -18.74
N ILE W 213 -66.93 -78.52 -17.73
CA ILE W 213 -65.50 -78.34 -17.88
C ILE W 213 -64.77 -79.67 -18.06
N ASN W 214 -65.23 -80.72 -17.38
CA ASN W 214 -64.67 -82.07 -17.50
C ASN W 214 -63.21 -82.16 -17.06
N THR W 215 -62.61 -81.06 -16.60
CA THR W 215 -61.16 -81.02 -16.45
C THR W 215 -60.71 -80.86 -15.00
N CYS W 216 -61.15 -79.82 -14.29
CA CYS W 216 -60.63 -79.50 -12.97
C CYS W 216 -61.72 -79.61 -11.91
N LEU W 217 -61.36 -79.25 -10.68
CA LEU W 217 -62.25 -79.38 -9.53
C LEU W 217 -63.10 -78.12 -9.38
N ILE W 218 -63.94 -78.11 -8.35
CA ILE W 218 -64.81 -76.97 -8.11
C ILE W 218 -64.01 -75.76 -7.66
N GLU W 219 -62.89 -75.97 -6.97
CA GLU W 219 -62.19 -74.82 -6.44
C GLU W 219 -61.32 -74.16 -7.50
N GLN W 220 -61.85 -74.04 -8.71
CA GLN W 220 -61.29 -73.15 -9.72
C GLN W 220 -62.34 -72.36 -10.49
N CYS W 221 -63.57 -72.84 -10.61
CA CYS W 221 -64.62 -72.21 -11.39
C CYS W 221 -65.59 -71.48 -10.47
N HIS W 222 -66.32 -70.54 -11.05
CA HIS W 222 -67.07 -69.59 -10.25
C HIS W 222 -68.35 -69.22 -10.97
N VAL W 223 -69.39 -68.96 -10.18
CA VAL W 223 -70.69 -68.60 -10.71
C VAL W 223 -71.00 -67.16 -10.30
N SER W 224 -71.24 -66.32 -11.30
CA SER W 224 -71.52 -64.90 -11.08
C SER W 224 -72.69 -64.49 -11.96
N VAL W 225 -73.90 -64.66 -11.43
CA VAL W 225 -75.11 -64.34 -12.18
C VAL W 225 -75.14 -62.84 -12.47
N THR W 226 -75.42 -62.49 -13.72
CA THR W 226 -75.48 -61.08 -14.12
C THR W 226 -76.88 -60.48 -14.02
N ASP W 227 -77.91 -61.23 -14.45
CA ASP W 227 -79.30 -60.80 -14.39
C ASP W 227 -79.55 -59.53 -15.19
N HIS W 228 -79.22 -58.37 -14.63
CA HIS W 228 -79.46 -57.09 -15.27
C HIS W 228 -80.94 -56.89 -15.57
N LYS W 229 -81.24 -56.00 -16.52
CA LYS W 229 -82.58 -55.66 -16.97
C LYS W 229 -83.42 -55.01 -15.89
N LYS W 230 -82.89 -54.78 -14.69
CA LYS W 230 -83.69 -54.27 -13.59
C LYS W 230 -82.85 -53.44 -12.65
N TRP W 231 -83.26 -52.19 -12.45
CA TRP W 231 -82.61 -51.32 -11.48
C TRP W 231 -82.91 -51.77 -10.06
N GLN W 232 -81.88 -51.81 -9.22
CA GLN W 232 -82.03 -52.33 -7.87
C GLN W 232 -82.20 -51.28 -6.76
N PHE W 233 -81.14 -50.50 -6.49
CA PHE W 233 -81.12 -49.40 -5.53
C PHE W 233 -79.69 -48.90 -5.41
N ASN W 234 -79.46 -47.68 -4.91
CA ASN W 234 -78.11 -47.28 -4.53
C ASN W 234 -77.92 -47.52 -3.03
N SER W 235 -77.49 -48.73 -2.71
CA SER W 235 -77.36 -48.90 -1.28
C SER W 235 -75.90 -49.04 -0.88
N PRO W 236 -75.54 -48.53 0.30
CA PRO W 236 -74.15 -48.64 0.76
C PRO W 236 -73.69 -50.06 1.03
N PHE W 237 -74.59 -51.01 1.19
CA PHE W 237 -74.22 -52.35 1.62
C PHE W 237 -74.00 -53.33 0.48
N VAL W 238 -74.22 -52.95 -0.77
CA VAL W 238 -73.92 -53.83 -1.91
C VAL W 238 -73.11 -53.05 -2.95
N PRO W 239 -72.03 -53.62 -3.44
CA PRO W 239 -71.10 -52.86 -4.29
C PRO W 239 -71.69 -52.55 -5.66
N ARG W 240 -71.09 -51.57 -6.32
CA ARG W 240 -71.48 -51.20 -7.67
C ARG W 240 -70.53 -51.82 -8.68
N ALA W 241 -70.92 -51.76 -9.95
CA ALA W 241 -70.28 -52.56 -10.99
C ALA W 241 -69.25 -51.81 -11.82
N ASP W 242 -69.29 -50.49 -11.87
CA ASP W 242 -68.37 -49.76 -12.73
C ASP W 242 -68.15 -48.34 -12.20
N GLU W 243 -66.91 -47.86 -12.33
CA GLU W 243 -66.50 -46.66 -11.59
C GLU W 243 -67.25 -45.40 -11.98
N PRO W 244 -67.33 -44.99 -13.25
CA PRO W 244 -67.94 -43.69 -13.55
C PRO W 244 -69.45 -43.65 -13.33
N ALA W 245 -70.02 -44.66 -12.67
CA ALA W 245 -71.37 -44.63 -12.14
C ALA W 245 -72.45 -44.68 -13.21
N ARG W 246 -73.65 -45.11 -12.80
CA ARG W 246 -74.76 -45.35 -13.72
C ARG W 246 -75.95 -44.44 -13.43
N LYS W 247 -76.55 -44.53 -12.24
CA LYS W 247 -77.50 -43.55 -11.74
C LYS W 247 -78.82 -43.49 -12.50
N GLY W 248 -79.91 -43.41 -11.74
CA GLY W 248 -81.24 -43.24 -12.30
C GLY W 248 -82.04 -42.31 -11.42
N LYS W 249 -83.36 -42.44 -11.41
CA LYS W 249 -84.20 -41.61 -10.54
C LYS W 249 -85.55 -42.28 -10.34
N VAL W 250 -86.00 -42.34 -9.09
CA VAL W 250 -87.39 -42.69 -8.81
C VAL W 250 -87.96 -41.75 -7.75
N HIS W 251 -89.20 -41.32 -7.95
CA HIS W 251 -89.89 -40.50 -6.96
C HIS W 251 -90.24 -41.33 -5.74
N ILE W 252 -90.11 -40.74 -4.55
CA ILE W 252 -90.61 -41.38 -3.34
C ILE W 252 -92.09 -41.04 -3.24
N PRO W 253 -92.87 -41.82 -2.52
CA PRO W 253 -94.24 -41.42 -2.20
C PRO W 253 -94.26 -40.49 -0.99
N PHE W 254 -95.46 -40.09 -0.59
CA PHE W 254 -95.67 -39.52 0.73
C PHE W 254 -94.93 -38.22 0.97
N PRO W 255 -95.36 -37.11 0.37
CA PRO W 255 -94.78 -35.81 0.74
C PRO W 255 -95.31 -35.33 2.09
N LEU W 256 -94.86 -34.17 2.54
CA LEU W 256 -95.31 -33.60 3.81
C LEU W 256 -96.07 -32.31 3.57
N ASP W 257 -97.13 -32.11 4.33
CA ASP W 257 -98.10 -31.05 4.04
C ASP W 257 -98.69 -30.54 5.34
N ASN W 258 -99.14 -29.28 5.29
CA ASN W 258 -99.71 -28.63 6.48
C ASN W 258 -101.04 -29.26 6.85
N ILE W 259 -101.24 -29.46 8.15
CA ILE W 259 -102.54 -29.77 8.73
C ILE W 259 -102.65 -29.02 10.05
N THR W 260 -103.76 -29.22 10.74
CA THR W 260 -104.00 -28.61 12.04
C THR W 260 -104.12 -29.69 13.10
N CYS W 261 -103.42 -29.50 14.21
CA CYS W 261 -103.44 -30.43 15.33
C CYS W 261 -104.17 -29.78 16.50
N ARG W 262 -104.85 -30.59 17.30
CA ARG W 262 -105.62 -30.07 18.41
C ARG W 262 -104.80 -30.19 19.69
N VAL W 263 -104.78 -29.12 20.47
CA VAL W 263 -104.05 -29.11 21.74
C VAL W 263 -104.98 -28.69 22.86
N PRO W 264 -104.79 -29.20 24.07
CA PRO W 264 -105.64 -28.81 25.20
C PRO W 264 -105.19 -27.51 25.83
N MET W 265 -106.08 -26.97 26.66
CA MET W 265 -105.82 -25.75 27.42
C MET W 265 -105.83 -26.08 28.90
N ALA W 266 -104.77 -25.70 29.60
CA ALA W 266 -104.68 -26.00 31.02
C ALA W 266 -105.63 -25.13 31.82
N ARG W 267 -105.93 -25.58 33.04
CA ARG W 267 -106.85 -24.86 33.90
C ARG W 267 -106.29 -23.51 34.30
N GLU W 268 -107.18 -22.56 34.57
CA GLU W 268 -106.75 -21.27 35.07
C GLU W 268 -106.25 -21.40 36.51
N PRO W 269 -105.11 -20.81 36.83
CA PRO W 269 -104.61 -20.85 38.19
C PRO W 269 -105.45 -19.99 39.12
N THR W 270 -105.23 -20.17 40.41
CA THR W 270 -105.87 -19.35 41.43
C THR W 270 -104.92 -18.25 41.85
N VAL W 271 -105.42 -17.02 41.89
CA VAL W 271 -104.60 -15.86 42.23
C VAL W 271 -104.94 -15.42 43.64
N ILE W 272 -103.92 -14.93 44.35
CA ILE W 272 -104.09 -14.25 45.62
C ILE W 272 -103.37 -12.92 45.54
N HIS W 273 -104.08 -11.84 45.86
CA HIS W 273 -103.52 -10.50 45.74
C HIS W 273 -102.73 -10.13 46.99
N GLY W 274 -101.61 -9.43 46.77
CA GLY W 274 -100.77 -9.02 47.87
C GLY W 274 -100.28 -7.60 47.72
N LYS W 275 -99.23 -7.22 48.46
CA LYS W 275 -98.63 -5.90 48.32
C LYS W 275 -97.52 -5.98 47.28
N ARG W 276 -97.84 -5.58 46.04
CA ARG W 276 -96.91 -5.66 44.92
C ARG W 276 -96.45 -7.08 44.64
N GLU W 277 -97.15 -8.06 45.20
CA GLU W 277 -96.81 -9.44 44.95
C GLU W 277 -98.08 -10.22 44.66
N VAL W 278 -97.96 -11.21 43.79
CA VAL W 278 -99.09 -12.08 43.47
C VAL W 278 -98.67 -13.51 43.76
N THR W 279 -99.45 -14.20 44.60
CA THR W 279 -99.21 -15.59 44.93
C THR W 279 -100.18 -16.46 44.15
N LEU W 280 -99.67 -17.51 43.53
CA LEU W 280 -100.31 -18.19 42.41
C LEU W 280 -100.24 -19.68 42.67
N HIS W 281 -101.39 -20.37 42.58
CA HIS W 281 -101.44 -21.81 42.75
C HIS W 281 -101.53 -22.47 41.38
N LEU W 282 -100.67 -23.46 41.13
CA LEU W 282 -100.62 -24.11 39.83
C LEU W 282 -100.99 -25.58 39.98
N HIS W 283 -101.94 -26.04 39.14
CA HIS W 283 -102.45 -27.40 39.16
C HIS W 283 -102.41 -27.99 37.76
N PRO W 284 -101.28 -28.52 37.32
CA PRO W 284 -101.19 -29.10 35.98
C PRO W 284 -101.54 -30.58 35.98
N ASP W 285 -101.91 -31.07 34.79
CA ASP W 285 -102.09 -32.50 34.56
C ASP W 285 -100.94 -33.14 33.81
N HIS W 286 -100.22 -32.38 33.01
CA HIS W 286 -99.05 -32.85 32.30
C HIS W 286 -98.09 -31.68 32.18
N PRO W 287 -96.80 -31.94 31.98
CA PRO W 287 -95.82 -30.85 31.98
C PRO W 287 -96.18 -29.69 31.08
N THR W 288 -96.45 -28.53 31.67
CA THR W 288 -96.80 -27.32 30.94
C THR W 288 -95.69 -26.29 31.11
N LEU W 289 -95.75 -25.24 30.29
CA LEU W 289 -94.75 -24.18 30.34
C LEU W 289 -95.36 -22.96 31.01
N PHE W 290 -94.64 -22.39 31.97
CA PHE W 290 -95.09 -21.24 32.73
C PHE W 290 -94.03 -20.16 32.66
N SER W 291 -94.40 -18.97 32.19
CA SER W 291 -93.42 -17.92 32.04
C SER W 291 -94.04 -16.58 32.40
N TYR W 292 -93.20 -15.61 32.74
CA TYR W 292 -93.72 -14.30 33.09
C TYR W 292 -92.62 -13.27 32.90
N ARG W 293 -93.04 -12.02 32.77
CA ARG W 293 -92.10 -10.93 32.66
C ARG W 293 -92.75 -9.65 33.17
N THR W 294 -91.95 -8.79 33.77
CA THR W 294 -92.40 -7.48 34.22
C THR W 294 -92.17 -6.49 33.09
N LEU W 295 -93.23 -5.83 32.67
CA LEU W 295 -93.19 -4.97 31.49
C LEU W 295 -92.82 -3.52 31.83
N GLY W 296 -91.71 -3.36 32.55
CA GLY W 296 -91.15 -2.07 32.84
C GLY W 296 -90.05 -1.70 31.87
N GLU W 297 -89.10 -0.89 32.37
CA GLU W 297 -87.95 -0.53 31.55
C GLU W 297 -86.93 -1.66 31.49
N ASP W 298 -86.75 -2.38 32.58
CA ASP W 298 -85.80 -3.48 32.66
C ASP W 298 -86.52 -4.71 33.18
N PRO W 299 -86.70 -5.74 32.38
CA PRO W 299 -87.66 -6.80 32.71
C PRO W 299 -87.10 -7.77 33.73
N GLN W 300 -87.98 -8.66 34.18
CA GLN W 300 -87.61 -9.83 34.97
C GLN W 300 -87.92 -11.08 34.14
N TYR W 301 -86.94 -11.48 33.34
CA TYR W 301 -87.04 -12.68 32.52
C TYR W 301 -87.10 -13.94 33.37
N HIS W 302 -87.96 -14.88 32.98
CA HIS W 302 -88.06 -16.17 33.67
C HIS W 302 -88.96 -17.12 32.89
N GLU W 303 -88.63 -18.40 32.91
CA GLU W 303 -89.49 -19.42 32.30
C GLU W 303 -89.09 -20.80 32.79
N GLU W 304 -90.07 -21.69 32.92
CA GLU W 304 -89.90 -22.91 33.70
C GLU W 304 -90.85 -23.99 33.19
N TRP W 305 -90.53 -25.24 33.51
CA TRP W 305 -91.34 -26.40 33.13
C TRP W 305 -91.95 -27.01 34.39
N VAL W 306 -93.11 -26.51 34.79
CA VAL W 306 -93.75 -27.03 35.99
C VAL W 306 -94.30 -28.42 35.71
N THR W 307 -94.17 -29.32 36.68
CA THR W 307 -94.64 -30.69 36.55
C THR W 307 -95.76 -31.06 37.51
N ALA W 308 -95.53 -30.90 38.81
CA ALA W 308 -96.54 -31.23 39.80
C ALA W 308 -97.05 -29.96 40.47
N ALA W 309 -98.13 -30.11 41.23
CA ALA W 309 -98.86 -28.97 41.77
C ALA W 309 -97.96 -28.13 42.65
N VAL W 310 -97.93 -26.83 42.41
CA VAL W 310 -97.00 -25.97 43.15
C VAL W 310 -97.59 -24.60 43.47
N GLU W 311 -96.79 -23.74 44.09
CA GLU W 311 -97.16 -22.35 44.34
C GLU W 311 -96.00 -21.47 43.91
N ARG W 312 -96.31 -20.33 43.32
CA ARG W 312 -95.31 -19.38 42.89
C ARG W 312 -95.65 -18.00 43.42
N THR W 313 -94.63 -17.16 43.57
CA THR W 313 -94.83 -15.76 43.94
C THR W 313 -94.12 -14.90 42.91
N ILE W 314 -94.84 -13.91 42.40
CA ILE W 314 -94.40 -13.13 41.26
C ILE W 314 -94.50 -11.64 41.58
N PRO W 315 -93.50 -10.84 41.20
CA PRO W 315 -93.53 -9.42 41.55
C PRO W 315 -94.33 -8.62 40.54
N VAL W 316 -95.07 -7.65 41.04
CA VAL W 316 -95.94 -6.83 40.19
C VAL W 316 -95.69 -5.37 40.52
N PRO W 317 -94.68 -4.75 39.96
CA PRO W 317 -94.44 -3.33 40.24
C PRO W 317 -95.52 -2.46 39.61
N VAL W 318 -95.40 -1.14 39.75
CA VAL W 318 -96.41 -0.23 39.21
C VAL W 318 -96.43 -0.24 37.69
N ASP W 319 -95.39 -0.78 37.05
CA ASP W 319 -95.41 -0.89 35.61
C ASP W 319 -96.35 -2.00 35.14
N GLY W 320 -96.39 -3.11 35.87
CA GLY W 320 -97.23 -4.24 35.52
C GLY W 320 -96.43 -5.41 35.01
N MET W 321 -97.10 -6.56 34.92
CA MET W 321 -96.42 -7.73 34.40
C MET W 321 -97.42 -8.63 33.69
N GLU W 322 -96.90 -9.56 32.92
CA GLU W 322 -97.72 -10.52 32.20
C GLU W 322 -97.19 -11.93 32.45
N TYR W 323 -98.11 -12.88 32.48
CA TYR W 323 -97.75 -14.28 32.61
C TYR W 323 -98.50 -15.12 31.59
N HIS W 324 -97.80 -16.15 31.12
CA HIS W 324 -98.22 -17.06 30.06
C HIS W 324 -98.20 -18.45 30.67
N TRP W 325 -99.37 -19.07 30.78
CA TRP W 325 -99.53 -20.35 31.45
C TRP W 325 -100.10 -21.36 30.47
N GLY W 326 -99.28 -22.33 30.09
CA GLY W 326 -99.76 -23.36 29.19
C GLY W 326 -100.06 -22.80 27.82
N ASN W 327 -101.23 -23.14 27.28
CA ASN W 327 -101.68 -22.64 25.99
C ASN W 327 -102.65 -21.49 26.10
N ASN W 328 -102.96 -21.03 27.30
CA ASN W 328 -103.87 -19.91 27.44
C ASN W 328 -103.24 -18.63 26.89
N ASP W 329 -104.08 -17.63 26.69
CA ASP W 329 -103.60 -16.33 26.26
C ASP W 329 -102.83 -15.66 27.39
N PRO W 330 -101.79 -14.88 27.07
CA PRO W 330 -101.06 -14.17 28.11
C PRO W 330 -101.99 -13.21 28.85
N VAL W 331 -101.75 -13.06 30.15
CA VAL W 331 -102.60 -12.24 31.00
C VAL W 331 -101.75 -11.18 31.67
N ARG W 332 -102.30 -9.98 31.82
CA ARG W 332 -101.58 -8.84 32.36
C ARG W 332 -102.21 -8.40 33.68
N LEU W 333 -101.37 -7.94 34.61
CA LEU W 333 -101.82 -7.39 35.88
C LEU W 333 -100.97 -6.19 36.24
N TRP W 334 -101.62 -5.13 36.72
CA TRP W 334 -100.97 -3.87 37.06
C TRP W 334 -101.15 -3.57 38.54
N SER W 335 -100.08 -3.14 39.19
CA SER W 335 -100.16 -2.75 40.58
C SER W 335 -100.84 -1.40 40.73
N GLN W 336 -101.23 -1.08 41.96
CA GLN W 336 -101.99 0.12 42.24
C GLN W 336 -101.35 0.83 43.40
N LEU W 337 -101.38 2.16 43.38
CA LEU W 337 -100.68 2.97 44.39
C LEU W 337 -101.45 2.87 45.70
N THR W 338 -101.07 1.90 46.52
CA THR W 338 -101.66 1.73 47.84
C THR W 338 -100.57 1.66 48.89
N THR W 339 -100.93 2.07 50.11
CA THR W 339 -99.99 2.08 51.22
C THR W 339 -100.79 2.01 52.53
N GLU W 340 -100.09 2.27 53.64
CA GLU W 340 -100.65 2.02 54.95
C GLU W 340 -100.69 3.22 55.88
N GLY W 341 -99.96 4.29 55.57
CA GLY W 341 -99.94 5.44 56.43
C GLY W 341 -101.26 6.18 56.41
N LYS W 342 -101.23 7.39 56.98
CA LYS W 342 -102.38 8.29 56.92
C LYS W 342 -101.94 9.63 56.35
N PRO W 343 -102.25 9.93 55.09
CA PRO W 343 -102.01 11.27 54.57
C PRO W 343 -103.01 12.24 55.15
N HIS W 344 -102.65 13.52 55.11
CA HIS W 344 -103.50 14.59 55.65
C HIS W 344 -103.78 14.38 57.14
N GLY W 345 -102.76 13.96 57.88
CA GLY W 345 -102.89 13.76 59.31
C GLY W 345 -101.73 14.37 60.07
N TRP W 346 -101.29 13.70 61.12
CA TRP W 346 -100.16 14.19 61.87
C TRP W 346 -98.87 14.00 61.09
N PRO W 347 -97.84 14.79 61.39
CA PRO W 347 -96.58 14.66 60.64
C PRO W 347 -95.95 13.29 60.72
N HIS W 348 -96.11 12.57 61.84
CA HIS W 348 -95.55 11.24 61.90
C HIS W 348 -96.40 10.20 61.16
N GLN W 349 -97.59 10.58 60.68
CA GLN W 349 -98.36 9.71 59.82
C GLN W 349 -98.20 10.03 58.35
N ILE W 350 -97.98 11.30 58.00
CA ILE W 350 -97.69 11.63 56.61
C ILE W 350 -96.40 10.97 56.17
N VAL W 351 -95.41 10.89 57.06
CA VAL W 351 -94.15 10.25 56.69
C VAL W 351 -94.37 8.77 56.45
N GLN W 352 -95.22 8.12 57.24
CA GLN W 352 -95.53 6.73 56.96
C GLN W 352 -96.22 6.58 55.61
N TYR W 353 -97.16 7.48 55.31
CA TYR W 353 -97.88 7.39 54.05
C TYR W 353 -96.92 7.51 52.88
N TYR W 354 -95.99 8.46 52.96
CA TYR W 354 -95.02 8.66 51.88
C TYR W 354 -93.84 7.71 51.98
N TYR W 355 -93.78 6.87 53.01
CA TYR W 355 -92.76 5.84 53.08
C TYR W 355 -93.25 4.53 52.52
N GLY W 356 -94.55 4.26 52.64
CA GLY W 356 -95.10 3.08 51.98
C GLY W 356 -94.86 3.09 50.48
N LEU W 357 -94.98 4.27 49.87
CA LEU W 357 -94.62 4.47 48.48
C LEU W 357 -93.21 5.04 48.43
N TYR W 358 -92.38 4.51 47.55
CA TYR W 358 -91.03 5.02 47.36
C TYR W 358 -90.24 4.98 48.67
N PRO W 359 -89.96 3.81 49.22
CA PRO W 359 -89.25 3.76 50.50
C PRO W 359 -87.75 3.83 50.32
N ALA W 360 -87.31 4.73 49.46
CA ALA W 360 -85.89 5.01 49.29
C ALA W 360 -85.56 6.48 49.32
N ALA W 361 -86.45 7.33 48.82
CA ALA W 361 -86.25 8.77 48.87
C ALA W 361 -86.87 9.40 50.10
N THR W 362 -87.88 8.75 50.69
CA THR W 362 -88.50 9.33 51.89
C THR W 362 -87.49 9.47 53.01
N VAL W 363 -86.72 8.43 53.26
CA VAL W 363 -85.72 8.50 54.33
C VAL W 363 -84.68 9.57 54.03
N SER W 364 -84.22 9.63 52.78
CA SER W 364 -83.22 10.63 52.43
C SER W 364 -83.75 12.05 52.64
N ALA W 365 -84.97 12.31 52.19
CA ALA W 365 -85.54 13.65 52.36
C ALA W 365 -85.72 13.98 53.84
N VAL W 366 -86.19 13.02 54.63
CA VAL W 366 -86.41 13.29 56.06
C VAL W 366 -85.09 13.60 56.75
N VAL W 367 -84.05 12.82 56.45
CA VAL W 367 -82.74 13.08 57.05
C VAL W 367 -82.22 14.45 56.64
N GLY W 368 -82.35 14.78 55.36
CA GLY W 368 -81.87 16.08 54.90
C GLY W 368 -82.56 17.22 55.63
N MET W 369 -83.88 17.15 55.74
CA MET W 369 -84.61 18.22 56.43
C MET W 369 -84.21 18.30 57.89
N SER W 370 -84.03 17.14 58.55
CA SER W 370 -83.66 17.16 59.96
C SER W 370 -82.29 17.79 60.16
N LEU W 371 -81.31 17.43 59.33
CA LEU W 371 -79.99 18.04 59.46
C LEU W 371 -80.04 19.55 59.21
N LEU W 372 -80.80 19.98 58.21
CA LEU W 372 -80.91 21.42 57.99
C LEU W 372 -81.49 22.12 59.20
N ALA W 373 -82.55 21.56 59.79
CA ALA W 373 -83.17 22.20 60.95
C ALA W 373 -82.19 22.28 62.11
N LEU W 374 -81.49 21.19 62.40
CA LEU W 374 -80.55 21.20 63.53
C LEU W 374 -79.41 22.18 63.29
N ILE W 375 -78.88 22.23 62.06
CA ILE W 375 -77.80 23.16 61.77
C ILE W 375 -78.26 24.58 61.98
N SER W 376 -79.44 24.93 61.46
CA SER W 376 -79.93 26.29 61.62
C SER W 376 -80.13 26.65 63.08
N ILE W 377 -80.73 25.75 63.86
CA ILE W 377 -81.03 26.09 65.25
C ILE W 377 -79.75 26.23 66.07
N PHE W 378 -78.78 25.34 65.83
CA PHE W 378 -77.51 25.46 66.56
C PHE W 378 -76.78 26.74 66.19
N ALA W 379 -76.79 27.11 64.91
CA ALA W 379 -76.12 28.34 64.50
C ALA W 379 -76.76 29.55 65.17
N SER W 380 -78.09 29.61 65.19
CA SER W 380 -78.73 30.77 65.80
C SER W 380 -78.46 30.82 67.30
N CYS W 381 -78.49 29.68 67.98
CA CYS W 381 -78.19 29.68 69.41
C CYS W 381 -76.77 30.15 69.66
N TYR W 382 -75.83 29.73 68.81
CA TYR W 382 -74.46 30.22 68.92
C TYR W 382 -74.39 31.73 68.72
N MET W 383 -75.21 32.27 67.80
CA MET W 383 -75.23 33.71 67.62
C MET W 383 -75.67 34.43 68.89
N LEU W 384 -76.73 33.93 69.55
CA LEU W 384 -77.12 34.56 70.81
C LEU W 384 -76.02 34.46 71.85
N VAL W 385 -75.36 33.31 71.94
CA VAL W 385 -74.31 33.15 72.95
C VAL W 385 -73.18 34.14 72.71
N ALA W 386 -72.74 34.26 71.46
CA ALA W 386 -71.66 35.20 71.14
C ALA W 386 -72.09 36.63 71.43
N ALA W 387 -73.33 36.98 71.10
CA ALA W 387 -73.80 38.34 71.38
C ALA W 387 -73.78 38.63 72.88
N ARG W 388 -74.24 37.68 73.69
CA ARG W 388 -74.24 37.93 75.13
C ARG W 388 -72.83 38.05 75.67
N SER W 389 -71.91 37.22 75.19
CA SER W 389 -70.52 37.35 75.62
C SER W 389 -69.98 38.73 75.27
N LYS W 390 -70.24 39.20 74.04
CA LYS W 390 -69.73 40.49 73.60
C LYS W 390 -70.32 41.63 74.42
N CYS W 391 -71.61 41.57 74.72
CA CYS W 391 -72.26 42.63 75.46
C CYS W 391 -71.94 42.61 76.95
N LEU W 392 -71.47 41.49 77.49
CA LEU W 392 -71.25 41.41 78.92
C LEU W 392 -69.78 41.43 79.32
N THR W 393 -68.85 41.20 78.39
CA THR W 393 -67.46 41.16 78.82
C THR W 393 -66.87 42.51 79.25
N PRO W 394 -67.31 43.67 78.73
CA PRO W 394 -66.74 44.92 79.26
C PRO W 394 -67.06 45.13 80.72
N TYR W 395 -68.29 44.83 81.14
CA TYR W 395 -68.69 44.99 82.53
C TYR W 395 -67.94 44.04 83.46
N ALA W 396 -67.26 43.04 82.91
CA ALA W 396 -66.49 42.08 83.71
C ALA W 396 -65.05 42.52 83.90
N LEU W 397 -64.74 43.77 83.55
CA LEU W 397 -63.42 44.34 83.76
C LEU W 397 -63.42 45.56 84.67
N THR W 398 -64.58 45.98 85.15
CA THR W 398 -64.72 47.08 86.10
C THR W 398 -65.64 46.68 87.24
N PRO W 399 -65.25 46.97 88.49
CA PRO W 399 -66.15 46.70 89.62
C PRO W 399 -67.31 47.69 89.66
N GLY W 400 -68.21 47.61 88.68
CA GLY W 400 -69.28 48.57 88.55
C GLY W 400 -70.67 47.95 88.68
N ALA W 401 -71.67 48.81 88.54
CA ALA W 401 -73.06 48.39 88.66
C ALA W 401 -73.47 47.52 87.48
N ALA W 402 -74.39 46.59 87.74
CA ALA W 402 -74.95 45.76 86.69
C ALA W 402 -76.17 46.37 86.03
N VAL W 403 -76.57 47.58 86.44
CA VAL W 403 -77.67 48.32 85.81
C VAL W 403 -78.94 47.48 85.86
N PRO W 404 -79.63 47.41 87.02
CA PRO W 404 -80.78 46.51 87.17
C PRO W 404 -81.68 46.43 85.95
N TRP W 405 -81.80 47.54 85.22
CA TRP W 405 -82.64 47.56 84.02
C TRP W 405 -82.13 46.58 82.97
N THR W 406 -80.81 46.47 82.80
CA THR W 406 -80.28 45.45 81.90
C THR W 406 -80.04 44.13 82.63
N LEU W 407 -79.90 44.18 83.95
CA LEU W 407 -79.72 42.95 84.73
C LEU W 407 -80.94 42.04 84.61
N GLY W 408 -82.13 42.62 84.71
CA GLY W 408 -83.34 41.83 84.51
C GLY W 408 -83.50 41.38 83.06
N ILE W 409 -83.15 42.25 82.11
CA ILE W 409 -83.35 41.95 80.70
C ILE W 409 -82.48 40.78 80.26
N LEU W 410 -81.19 40.82 80.59
CA LEU W 410 -80.24 39.82 80.13
C LEU W 410 -79.71 39.04 81.32
N CYS W 411 -79.75 37.72 81.22
CA CYS W 411 -79.38 36.83 82.31
C CYS W 411 -77.86 36.74 82.39
N CYS W 412 -77.29 37.45 83.36
CA CYS W 412 -75.84 37.44 83.58
C CYS W 412 -75.49 36.54 84.74
N ALA W 413 -74.19 36.38 84.97
CA ALA W 413 -73.73 35.52 86.07
C ALA W 413 -74.13 36.06 87.44
N PRO W 414 -73.90 37.35 87.78
CA PRO W 414 -74.37 37.86 89.08
C PRO W 414 -75.83 38.31 88.99
N ARG W 415 -76.71 37.56 89.65
CA ARG W 415 -78.14 37.88 89.62
C ARG W 415 -78.43 39.16 90.39
N ALA W 416 -77.89 39.27 91.60
CA ALA W 416 -78.01 40.47 92.41
C ALA W 416 -76.70 40.89 93.06
N HIS W 417 -75.61 40.13 92.86
CA HIS W 417 -74.30 40.43 93.44
C HIS W 417 -73.63 41.51 92.60
N ALA W 418 -73.91 42.77 92.93
CA ALA W 418 -73.37 43.93 92.23
C ALA W 418 -73.68 43.91 90.74
N HIS X 1 -137.25 -63.48 37.97
CA HIS X 1 -136.06 -63.29 37.15
C HIS X 1 -135.48 -61.89 37.35
N PHE X 2 -136.30 -60.87 37.09
CA PHE X 2 -135.94 -59.47 37.30
C PHE X 2 -134.70 -59.09 36.47
N ASN X 3 -134.87 -59.19 35.16
CA ASN X 3 -133.84 -58.81 34.20
C ASN X 3 -133.94 -57.31 33.99
N VAL X 4 -132.95 -56.57 34.50
CA VAL X 4 -133.01 -55.11 34.44
C VAL X 4 -132.59 -54.60 33.08
N TYR X 5 -131.98 -55.45 32.25
CA TYR X 5 -131.44 -55.00 30.98
C TYR X 5 -132.42 -55.14 29.82
N LYS X 6 -133.67 -55.54 30.09
CA LYS X 6 -134.70 -55.54 29.05
C LYS X 6 -135.01 -54.14 28.54
N ALA X 7 -134.84 -53.11 29.35
CA ALA X 7 -135.22 -51.75 28.99
C ALA X 7 -134.02 -50.87 28.68
N THR X 8 -132.83 -51.46 28.59
CA THR X 8 -131.62 -50.69 28.32
C THR X 8 -130.97 -51.21 27.06
N ARG X 9 -130.33 -50.31 26.32
CA ARG X 9 -129.75 -50.59 25.03
C ARG X 9 -128.40 -49.92 24.90
N PRO X 10 -127.52 -50.43 24.04
CA PRO X 10 -126.24 -49.77 23.81
C PRO X 10 -126.42 -48.46 23.08
N TYR X 11 -125.35 -47.67 22.92
CA TYR X 11 -125.49 -46.39 22.25
C TYR X 11 -124.19 -46.00 21.57
N ILE X 12 -124.20 -44.83 20.94
CA ILE X 12 -123.07 -44.31 20.20
C ILE X 12 -122.66 -42.97 20.81
N ALA X 13 -121.38 -42.81 21.10
CA ALA X 13 -120.86 -41.58 21.68
C ALA X 13 -119.62 -41.13 20.91
N TYR X 14 -119.29 -39.85 21.04
CA TYR X 14 -118.17 -39.27 20.32
C TYR X 14 -116.88 -39.55 21.07
N CYS X 15 -116.06 -40.45 20.54
CA CYS X 15 -114.80 -40.82 21.15
C CYS X 15 -113.71 -39.87 20.67
N ALA X 16 -112.78 -39.53 21.55
CA ALA X 16 -111.78 -38.52 21.22
C ALA X 16 -110.92 -38.95 20.04
N ASP X 17 -110.50 -40.21 20.04
CA ASP X 17 -109.82 -40.78 18.89
C ASP X 17 -109.96 -42.29 18.94
N CYS X 18 -110.06 -42.90 17.76
CA CYS X 18 -110.25 -44.34 17.65
C CYS X 18 -108.95 -45.06 17.37
N GLY X 19 -107.86 -44.61 17.97
CA GLY X 19 -106.59 -45.28 17.89
C GLY X 19 -105.68 -44.82 16.78
N ALA X 20 -106.16 -43.97 15.89
CA ALA X 20 -105.36 -43.53 14.75
C ALA X 20 -105.15 -42.02 14.70
N GLY X 21 -105.67 -41.27 15.65
CA GLY X 21 -105.58 -39.83 15.59
C GLY X 21 -106.72 -39.15 14.88
N HIS X 22 -107.86 -39.83 14.70
CA HIS X 22 -109.03 -39.23 14.09
C HIS X 22 -110.25 -39.58 14.92
N SER X 23 -111.15 -38.62 15.07
CA SER X 23 -112.31 -38.78 15.93
C SER X 23 -113.51 -39.22 15.11
N CYS X 24 -114.09 -40.35 15.48
CA CYS X 24 -115.29 -40.81 14.79
C CYS X 24 -116.21 -41.49 15.79
N HIS X 25 -117.50 -41.46 15.48
CA HIS X 25 -118.52 -41.97 16.37
C HIS X 25 -118.34 -43.47 16.53
N SER X 26 -117.93 -43.90 17.70
CA SER X 26 -117.64 -45.29 17.97
C SER X 26 -118.71 -45.90 18.86
N PRO X 27 -118.96 -47.19 18.77
CA PRO X 27 -119.87 -47.86 19.70
C PRO X 27 -119.22 -48.28 21.01
N VAL X 28 -117.95 -47.99 21.22
CA VAL X 28 -117.22 -48.48 22.38
C VAL X 28 -116.54 -47.31 23.09
N ALA X 29 -117.15 -46.13 23.02
CA ALA X 29 -116.57 -44.96 23.67
C ALA X 29 -116.53 -45.15 25.18
N ILE X 30 -115.56 -44.49 25.83
CA ILE X 30 -115.26 -44.73 27.23
C ILE X 30 -115.82 -43.60 28.09
N GLU X 31 -116.59 -43.96 29.11
CA GLU X 31 -117.02 -43.01 30.12
C GLU X 31 -116.03 -42.99 31.29
N ALA X 32 -116.44 -42.43 32.41
CA ALA X 32 -115.53 -42.20 33.51
C ALA X 32 -114.88 -43.49 33.99
N VAL X 33 -113.63 -43.38 34.43
CA VAL X 33 -112.86 -44.50 34.97
C VAL X 33 -112.74 -44.32 36.48
N ARG X 34 -113.32 -45.25 37.23
CA ARG X 34 -113.33 -45.16 38.69
C ARG X 34 -112.26 -46.09 39.26
N SER X 35 -111.46 -45.55 40.18
CA SER X 35 -110.34 -46.31 40.74
C SER X 35 -110.21 -46.08 42.24
N GLU X 36 -111.31 -46.22 42.97
CA GLU X 36 -111.29 -45.93 44.40
C GLU X 36 -110.91 -47.14 45.26
N ALA X 37 -110.19 -48.12 44.70
CA ALA X 37 -109.77 -49.29 45.45
C ALA X 37 -108.27 -49.27 45.66
N THR X 38 -107.83 -49.68 46.85
CA THR X 38 -106.43 -49.50 47.24
C THR X 38 -105.50 -50.42 46.47
N ASP X 39 -105.93 -51.65 46.19
CA ASP X 39 -105.02 -52.61 45.57
C ASP X 39 -104.72 -52.28 44.11
N GLY X 40 -105.49 -51.40 43.49
CA GLY X 40 -105.14 -50.92 42.17
C GLY X 40 -105.93 -51.55 41.03
N MET X 41 -107.24 -51.70 41.23
CA MET X 41 -108.11 -52.32 40.24
C MET X 41 -109.11 -51.30 39.74
N LEU X 42 -109.23 -51.15 38.41
CA LEU X 42 -110.04 -50.10 37.82
C LEU X 42 -111.46 -50.59 37.52
N LYS X 43 -112.32 -49.64 37.13
CA LYS X 43 -113.69 -49.94 36.68
C LYS X 43 -114.00 -49.09 35.45
N ILE X 44 -113.67 -49.58 34.26
CA ILE X 44 -113.95 -48.85 33.05
C ILE X 44 -115.43 -49.00 32.68
N GLN X 45 -115.99 -47.97 32.07
CA GLN X 45 -117.39 -47.94 31.65
C GLN X 45 -117.47 -47.81 30.13
N PHE X 46 -117.86 -48.89 29.44
CA PHE X 46 -118.16 -48.81 28.02
C PHE X 46 -119.35 -47.92 27.72
N SER X 47 -119.55 -47.74 26.41
CA SER X 47 -120.79 -47.27 25.83
C SER X 47 -121.69 -48.41 25.36
N ALA X 48 -121.18 -49.63 25.27
CA ALA X 48 -121.92 -50.76 24.76
C ALA X 48 -121.92 -51.88 25.81
N GLN X 49 -123.08 -52.15 26.38
CA GLN X 49 -123.17 -53.13 27.47
C GLN X 49 -122.85 -54.52 26.95
N ILE X 50 -122.18 -55.30 27.79
CA ILE X 50 -121.58 -56.57 27.39
C ILE X 50 -122.01 -57.66 28.35
N GLY X 51 -122.02 -58.88 27.85
CA GLY X 51 -122.52 -60.02 28.60
C GLY X 51 -123.97 -60.34 28.38
N ILE X 52 -124.63 -59.71 27.40
CA ILE X 52 -126.03 -59.96 27.10
C ILE X 52 -126.19 -60.05 25.59
N ASP X 53 -127.02 -61.00 25.14
CA ASP X 53 -127.23 -61.22 23.72
C ASP X 53 -128.16 -60.16 23.14
N LYS X 54 -128.32 -60.19 21.82
CA LYS X 54 -129.23 -59.24 21.17
C LYS X 54 -130.66 -59.45 21.65
N SER X 55 -131.02 -60.67 22.04
CA SER X 55 -132.39 -61.00 22.42
C SER X 55 -132.64 -60.85 23.91
N ASP X 56 -131.88 -59.98 24.58
CA ASP X 56 -132.11 -59.66 25.99
C ASP X 56 -132.03 -60.89 26.89
N ASN X 57 -131.02 -61.74 26.65
CA ASN X 57 -130.81 -62.93 27.46
C ASN X 57 -129.38 -62.96 27.96
N HIS X 58 -129.22 -63.29 29.24
CA HIS X 58 -127.90 -63.30 29.86
C HIS X 58 -127.03 -64.38 29.23
N ASP X 59 -125.78 -64.03 28.93
CA ASP X 59 -124.89 -64.95 28.23
C ASP X 59 -123.44 -64.58 28.53
N TYR X 60 -122.56 -65.57 28.43
CA TYR X 60 -121.13 -65.35 28.64
C TYR X 60 -120.38 -65.16 27.34
N THR X 61 -121.07 -65.14 26.19
CA THR X 61 -120.38 -65.11 24.91
C THR X 61 -120.85 -63.99 24.00
N LYS X 62 -122.10 -63.58 24.08
CA LYS X 62 -122.62 -62.52 23.23
C LYS X 62 -122.63 -61.20 23.98
N ILE X 63 -122.22 -60.12 23.31
CA ILE X 63 -122.32 -58.79 23.88
C ILE X 63 -123.09 -57.90 22.92
N ARG X 64 -123.96 -57.05 23.47
CA ARG X 64 -124.73 -56.14 22.66
C ARG X 64 -123.90 -54.90 22.32
N TYR X 65 -124.16 -54.34 21.14
CA TYR X 65 -123.65 -53.02 20.82
C TYR X 65 -124.50 -52.44 19.70
N ALA X 66 -124.31 -51.14 19.44
CA ALA X 66 -125.23 -50.38 18.60
C ALA X 66 -124.58 -50.03 17.28
N ASP X 67 -125.40 -50.01 16.22
CA ASP X 67 -124.95 -49.64 14.89
C ASP X 67 -126.18 -49.31 14.06
N GLY X 68 -126.24 -48.09 13.52
CA GLY X 68 -127.31 -47.74 12.62
C GLY X 68 -128.69 -47.88 13.23
N HIS X 69 -128.87 -47.35 14.44
CA HIS X 69 -130.08 -47.54 15.25
C HIS X 69 -130.58 -48.98 15.14
N ALA X 70 -129.65 -49.93 15.21
CA ALA X 70 -129.94 -51.36 15.24
C ALA X 70 -128.96 -52.02 16.19
N ILE X 71 -129.41 -53.03 16.91
CA ILE X 71 -128.59 -53.69 17.92
C ILE X 71 -127.99 -54.96 17.32
N GLU X 72 -126.67 -55.07 17.33
CA GLU X 72 -126.00 -56.30 16.94
C GLU X 72 -125.28 -56.88 18.15
N ASN X 73 -124.73 -58.08 17.99
CA ASN X 73 -123.98 -58.68 19.07
C ASN X 73 -122.66 -59.23 18.54
N ALA X 74 -121.64 -59.22 19.40
CA ALA X 74 -120.29 -59.60 19.05
C ALA X 74 -119.71 -60.55 20.10
N VAL X 75 -118.65 -61.25 19.70
CA VAL X 75 -118.10 -62.33 20.51
C VAL X 75 -117.32 -61.78 21.68
N ARG X 76 -117.45 -62.43 22.84
CA ARG X 76 -116.84 -61.93 24.07
C ARG X 76 -115.33 -61.98 24.01
N SER X 77 -114.76 -62.98 23.34
CA SER X 77 -113.33 -62.98 23.14
C SER X 77 -112.92 -61.77 22.32
N SER X 78 -111.61 -61.53 22.25
CA SER X 78 -110.98 -60.43 21.55
C SER X 78 -111.26 -59.08 22.20
N LEU X 79 -112.00 -59.03 23.29
CA LEU X 79 -112.13 -57.80 24.06
C LEU X 79 -110.80 -57.48 24.71
N LYS X 80 -110.06 -56.52 24.15
CA LYS X 80 -108.74 -56.20 24.65
C LYS X 80 -108.75 -54.83 25.30
N VAL X 81 -108.44 -54.79 26.59
CA VAL X 81 -108.21 -53.56 27.33
C VAL X 81 -106.72 -53.44 27.56
N ALA X 82 -106.17 -52.25 27.33
CA ALA X 82 -104.73 -52.15 27.39
C ALA X 82 -104.28 -50.77 27.84
N THR X 83 -103.06 -50.73 28.35
CA THR X 83 -102.34 -49.51 28.70
C THR X 83 -100.94 -49.74 28.14
N SER X 84 -99.96 -49.02 28.68
CA SER X 84 -98.57 -49.13 28.23
C SER X 84 -98.16 -50.55 27.87
N GLY X 85 -98.67 -51.53 28.61
CA GLY X 85 -98.43 -52.92 28.27
C GLY X 85 -99.70 -53.62 27.82
N ASP X 86 -100.16 -54.59 28.60
CA ASP X 86 -101.43 -55.24 28.34
C ASP X 86 -102.04 -55.63 29.67
N CYS X 87 -103.31 -55.33 29.85
CA CYS X 87 -103.97 -55.49 31.14
C CYS X 87 -104.50 -56.90 31.32
N PHE X 88 -105.22 -57.10 32.41
CA PHE X 88 -105.95 -58.33 32.68
C PHE X 88 -107.35 -57.97 33.14
N VAL X 89 -108.34 -58.73 32.70
CA VAL X 89 -109.73 -58.48 33.05
C VAL X 89 -110.17 -59.48 34.10
N HIS X 90 -110.91 -59.03 35.10
CA HIS X 90 -111.36 -59.93 36.16
C HIS X 90 -112.86 -60.14 36.12
N GLY X 91 -113.63 -59.06 36.00
CA GLY X 91 -115.08 -59.13 36.02
C GLY X 91 -115.69 -58.53 34.76
N THR X 92 -116.98 -58.77 34.61
CA THR X 92 -117.72 -58.26 33.47
C THR X 92 -119.22 -58.34 33.66
N MET X 93 -119.90 -57.20 33.61
CA MET X 93 -121.36 -57.20 33.55
C MET X 93 -121.83 -55.83 33.09
N GLY X 94 -122.79 -55.82 32.16
CA GLY X 94 -123.33 -54.55 31.71
C GLY X 94 -122.27 -53.69 31.06
N HIS X 95 -122.37 -52.38 31.30
CA HIS X 95 -121.38 -51.45 30.78
C HIS X 95 -120.03 -51.57 31.45
N PHE X 96 -119.92 -52.24 32.59
CA PHE X 96 -118.79 -52.09 33.49
C PHE X 96 -117.75 -53.18 33.26
N ILE X 97 -116.50 -52.85 33.61
CA ILE X 97 -115.39 -53.78 33.55
C ILE X 97 -114.62 -53.68 34.87
N LEU X 98 -113.89 -54.73 35.21
CA LEU X 98 -112.79 -54.64 36.16
C LEU X 98 -111.51 -55.05 35.46
N ALA X 99 -110.51 -54.17 35.52
CA ALA X 99 -109.25 -54.46 34.89
C ALA X 99 -108.13 -54.16 35.86
N LYS X 100 -106.97 -54.72 35.56
CA LYS X 100 -105.75 -54.45 36.30
C LYS X 100 -104.64 -54.26 35.29
N CYS X 101 -103.90 -53.16 35.41
CA CYS X 101 -102.99 -52.76 34.35
C CYS X 101 -101.63 -52.39 34.91
N PRO X 102 -100.58 -52.52 34.10
CA PRO X 102 -99.29 -51.96 34.46
C PRO X 102 -99.30 -50.45 34.33
N PRO X 103 -98.37 -49.75 34.95
CA PRO X 103 -98.39 -48.29 34.92
C PRO X 103 -98.25 -47.74 33.51
N GLY X 104 -98.91 -46.62 33.26
CA GLY X 104 -98.92 -46.02 31.94
C GLY X 104 -99.67 -44.71 31.96
N GLU X 105 -99.81 -44.11 30.78
CA GLU X 105 -100.42 -42.79 30.64
C GLU X 105 -101.78 -42.81 29.94
N PHE X 106 -102.14 -43.92 29.30
CA PHE X 106 -103.40 -43.95 28.55
C PHE X 106 -103.92 -45.37 28.56
N LEU X 107 -105.21 -45.50 28.28
CA LEU X 107 -105.75 -46.84 28.12
C LEU X 107 -106.76 -46.86 26.98
N GLN X 108 -106.81 -47.98 26.28
CA GLN X 108 -107.81 -48.16 25.24
C GLN X 108 -108.57 -49.43 25.49
N VAL X 109 -109.79 -49.48 24.96
CA VAL X 109 -110.56 -50.71 24.88
C VAL X 109 -110.93 -50.94 23.42
N SER X 110 -110.75 -52.18 22.96
CA SER X 110 -110.96 -52.50 21.56
C SER X 110 -111.67 -53.84 21.47
N ILE X 111 -112.43 -54.02 20.39
CA ILE X 111 -113.21 -55.23 20.22
C ILE X 111 -113.58 -55.40 18.75
N GLN X 112 -113.83 -56.63 18.35
CA GLN X 112 -114.16 -56.93 16.96
C GLN X 112 -115.61 -56.64 16.65
N ASP X 113 -115.87 -56.29 15.39
CA ASP X 113 -117.21 -55.94 14.92
C ASP X 113 -117.88 -57.18 14.34
N THR X 114 -119.13 -57.04 13.90
CA THR X 114 -119.79 -58.13 13.21
C THR X 114 -119.07 -58.45 11.91
N ARG X 115 -118.51 -57.44 11.26
CA ARG X 115 -117.72 -57.59 10.05
C ARG X 115 -116.28 -57.97 10.36
N ASN X 116 -115.94 -58.16 11.63
CA ASN X 116 -114.59 -58.58 12.05
C ASN X 116 -113.55 -57.51 11.73
N ALA X 117 -113.78 -56.30 12.21
CA ALA X 117 -112.78 -55.23 12.21
C ALA X 117 -112.67 -54.68 13.61
N VAL X 118 -111.53 -54.07 13.94
CA VAL X 118 -111.30 -53.56 15.28
C VAL X 118 -111.99 -52.22 15.45
N ARG X 119 -112.74 -52.09 16.55
CA ARG X 119 -113.31 -50.82 16.98
C ARG X 119 -112.71 -50.53 18.35
N ALA X 120 -112.09 -49.37 18.50
CA ALA X 120 -111.37 -49.05 19.72
C ALA X 120 -111.61 -47.60 20.13
N CYS X 121 -111.59 -47.37 21.44
CA CYS X 121 -111.63 -46.01 21.97
C CYS X 121 -110.53 -45.88 23.00
N ARG X 122 -109.81 -44.76 22.96
CA ARG X 122 -108.60 -44.55 23.73
C ARG X 122 -108.71 -43.25 24.51
N ILE X 123 -108.31 -43.27 25.77
CA ILE X 123 -108.48 -42.15 26.68
C ILE X 123 -107.21 -41.95 27.49
N GLN X 124 -106.90 -40.68 27.77
CA GLN X 124 -105.73 -40.36 28.58
C GLN X 124 -106.03 -40.61 30.05
N TYR X 125 -105.13 -41.31 30.73
CA TYR X 125 -105.36 -41.67 32.12
C TYR X 125 -104.02 -41.98 32.76
N HIS X 126 -103.59 -41.13 33.68
CA HIS X 126 -102.27 -41.27 34.33
C HIS X 126 -102.41 -42.28 35.46
N HIS X 127 -102.02 -43.52 35.18
CA HIS X 127 -102.21 -44.63 36.10
C HIS X 127 -100.89 -45.00 36.75
N ASP X 128 -100.88 -45.05 38.08
CA ASP X 128 -99.71 -45.42 38.85
C ASP X 128 -100.10 -45.83 40.25
N PRO X 129 -100.44 -47.09 40.48
CA PRO X 129 -100.97 -47.48 41.79
C PRO X 129 -99.86 -47.51 42.82
N GLN X 130 -100.26 -47.53 44.09
CA GLN X 130 -99.32 -47.72 45.16
C GLN X 130 -99.86 -48.75 46.14
N PRO X 131 -99.15 -49.85 46.37
CA PRO X 131 -99.65 -50.88 47.26
C PRO X 131 -99.75 -50.39 48.69
N VAL X 132 -100.71 -50.97 49.42
CA VAL X 132 -100.94 -50.57 50.80
C VAL X 132 -99.76 -51.01 51.66
N GLY X 133 -99.30 -50.11 52.53
CA GLY X 133 -98.18 -50.38 53.41
C GLY X 133 -97.11 -49.31 53.29
N ARG X 134 -95.89 -49.69 53.65
CA ARG X 134 -94.77 -48.77 53.61
C ARG X 134 -93.66 -49.21 52.67
N GLU X 135 -93.90 -50.26 51.90
CA GLU X 135 -92.97 -50.76 50.90
C GLU X 135 -93.63 -50.72 49.54
N LYS X 136 -92.95 -50.15 48.56
CA LYS X 136 -93.52 -50.04 47.22
C LYS X 136 -93.07 -51.23 46.37
N PHE X 137 -93.54 -52.41 46.76
CA PHE X 137 -93.24 -53.64 46.06
C PHE X 137 -94.14 -53.80 44.85
N THR X 138 -93.92 -54.87 44.09
CA THR X 138 -94.67 -55.13 42.86
C THR X 138 -95.47 -56.42 42.91
N ILE X 139 -94.91 -57.49 43.47
CA ILE X 139 -95.58 -58.78 43.51
C ILE X 139 -95.59 -59.30 44.94
N ARG X 140 -96.75 -59.78 45.38
CA ARG X 140 -96.86 -60.27 46.74
C ARG X 140 -95.93 -61.45 46.96
N PRO X 141 -95.20 -61.48 48.05
CA PRO X 141 -94.30 -62.60 48.32
C PRO X 141 -94.96 -63.68 49.13
N HIS X 142 -94.20 -64.73 49.44
CA HIS X 142 -94.71 -65.88 50.19
C HIS X 142 -94.44 -65.79 51.68
N TYR X 143 -93.97 -64.64 52.18
CA TYR X 143 -93.75 -64.46 53.61
C TYR X 143 -93.91 -62.99 53.94
N GLY X 144 -94.93 -62.66 54.73
CA GLY X 144 -95.15 -61.28 55.10
C GLY X 144 -96.34 -61.14 56.03
N LYS X 145 -96.79 -59.90 56.17
CA LYS X 145 -97.90 -59.55 57.05
C LYS X 145 -99.20 -59.43 56.28
N GLU X 146 -100.29 -59.35 57.04
CA GLU X 146 -101.64 -59.12 56.53
C GLU X 146 -102.08 -57.72 56.94
N ILE X 147 -102.39 -56.89 55.96
CA ILE X 147 -102.84 -55.52 56.18
C ILE X 147 -104.22 -55.38 55.56
N PRO X 148 -105.17 -54.70 56.21
CA PRO X 148 -106.47 -54.47 55.56
C PRO X 148 -106.32 -53.59 54.33
N CYS X 149 -107.18 -53.84 53.36
CA CYS X 149 -107.16 -53.13 52.08
C CYS X 149 -108.58 -53.02 51.57
N THR X 150 -108.75 -52.68 50.29
CA THR X 150 -110.07 -52.63 49.67
C THR X 150 -109.97 -53.12 48.24
N THR X 151 -111.08 -53.69 47.75
CA THR X 151 -111.17 -54.09 46.35
C THR X 151 -112.62 -54.34 46.02
N TYR X 152 -112.89 -54.60 44.74
CA TYR X 152 -114.24 -54.82 44.26
C TYR X 152 -114.56 -56.30 44.26
N GLN X 153 -115.76 -56.66 44.72
CA GLN X 153 -116.19 -58.03 44.77
C GLN X 153 -116.88 -58.40 43.46
N GLN X 154 -117.36 -59.64 43.40
CA GLN X 154 -118.14 -60.07 42.24
C GLN X 154 -119.64 -60.16 42.53
N THR X 155 -120.07 -59.83 43.74
CA THR X 155 -121.47 -59.93 44.10
C THR X 155 -122.30 -58.91 43.34
N THR X 156 -123.52 -59.32 42.95
CA THR X 156 -124.43 -58.46 42.22
C THR X 156 -125.75 -58.30 42.98
N ALA X 157 -125.67 -58.12 44.30
CA ALA X 157 -126.86 -57.94 45.12
C ALA X 157 -127.25 -56.48 45.19
N LYS X 158 -128.13 -56.14 46.12
CA LYS X 158 -128.44 -54.73 46.39
C LYS X 158 -127.15 -53.99 46.76
N THR X 159 -126.85 -52.93 46.03
CA THR X 159 -125.62 -52.19 46.22
C THR X 159 -125.81 -50.70 46.45
N VAL X 160 -126.95 -50.15 46.08
CA VAL X 160 -127.31 -48.77 46.36
C VAL X 160 -126.31 -47.82 45.70
N GLU X 161 -126.34 -47.77 44.38
CA GLU X 161 -125.72 -46.69 43.62
C GLU X 161 -126.68 -46.27 42.52
N GLU X 162 -126.24 -45.34 41.70
CA GLU X 162 -127.14 -44.67 40.78
C GLU X 162 -126.55 -44.67 39.38
N ILE X 163 -127.37 -45.07 38.41
CA ILE X 163 -127.15 -44.72 37.01
C ILE X 163 -128.46 -44.18 36.45
N ASP X 164 -128.38 -43.04 35.77
CA ASP X 164 -129.58 -42.36 35.33
C ASP X 164 -129.91 -42.70 33.89
N MET X 165 -131.17 -43.06 33.67
CA MET X 165 -131.72 -43.49 32.39
C MET X 165 -132.75 -42.48 31.91
N HIS X 166 -132.93 -42.40 30.60
CA HIS X 166 -133.96 -41.57 30.01
C HIS X 166 -134.21 -42.05 28.58
N MET X 167 -135.28 -41.52 27.99
CA MET X 167 -135.64 -41.91 26.63
C MET X 167 -134.59 -41.39 25.64
N PRO X 168 -134.33 -42.15 24.59
CA PRO X 168 -133.36 -41.70 23.58
C PRO X 168 -133.84 -40.43 22.90
N PRO X 169 -132.94 -39.63 22.38
CA PRO X 169 -133.35 -38.45 21.61
C PRO X 169 -133.87 -38.83 20.23
N ASP X 170 -134.39 -37.86 19.49
CA ASP X 170 -134.89 -38.09 18.13
C ASP X 170 -133.66 -38.27 17.23
N THR X 171 -133.47 -39.47 16.74
CA THR X 171 -132.25 -39.76 15.99
C THR X 171 -132.35 -39.22 14.57
N PRO X 172 -131.48 -38.32 14.15
CA PRO X 172 -131.56 -37.79 12.79
C PRO X 172 -130.91 -38.71 11.78
N ASP X 173 -131.55 -38.84 10.63
CA ASP X 173 -131.01 -39.66 9.55
C ASP X 173 -131.42 -39.06 8.22
N ARG X 174 -130.61 -39.33 7.19
CA ARG X 174 -130.87 -38.83 5.85
C ARG X 174 -130.89 -39.92 4.78
N THR X 175 -130.25 -41.05 5.03
CA THR X 175 -130.20 -42.10 4.01
C THR X 175 -131.55 -42.77 3.82
N LEU X 176 -132.52 -42.51 4.70
CA LEU X 176 -133.85 -43.06 4.51
C LEU X 176 -134.65 -42.34 3.44
N LEU X 177 -134.10 -41.28 2.85
CA LEU X 177 -134.75 -40.55 1.78
C LEU X 177 -134.39 -41.15 0.42
N SER X 178 -135.39 -41.25 -0.46
CA SER X 178 -135.17 -41.56 -1.86
C SER X 178 -135.92 -40.54 -2.70
N GLN X 179 -135.20 -39.82 -3.54
CA GLN X 179 -135.79 -38.83 -4.45
C GLN X 179 -135.61 -39.35 -5.86
N GLN X 180 -136.72 -39.74 -6.50
CA GLN X 180 -136.66 -40.29 -7.85
C GLN X 180 -137.00 -39.24 -8.90
N SER X 181 -138.20 -38.65 -8.85
CA SER X 181 -138.56 -37.60 -9.80
C SER X 181 -139.68 -36.76 -9.16
N GLY X 182 -139.32 -35.59 -8.65
CA GLY X 182 -140.31 -34.66 -8.16
C GLY X 182 -141.13 -35.16 -7.00
N ASN X 183 -140.70 -36.23 -6.35
CA ASN X 183 -141.40 -36.77 -5.19
C ASN X 183 -140.41 -37.57 -4.36
N VAL X 184 -140.80 -37.85 -3.11
CA VAL X 184 -139.89 -38.45 -2.15
C VAL X 184 -140.50 -39.73 -1.60
N LYS X 185 -139.64 -40.61 -1.11
CA LYS X 185 -140.08 -41.78 -0.37
C LYS X 185 -139.19 -41.92 0.85
N ILE X 186 -139.81 -42.19 1.99
CA ILE X 186 -139.12 -42.30 3.26
C ILE X 186 -139.23 -43.73 3.74
N THR X 187 -138.08 -44.38 3.95
CA THR X 187 -138.06 -45.79 4.30
C THR X 187 -138.58 -46.01 5.72
N VAL X 188 -139.30 -47.11 5.91
CA VAL X 188 -139.94 -47.47 7.17
C VAL X 188 -139.63 -48.93 7.46
N GLY X 189 -140.29 -49.50 8.47
CA GLY X 189 -140.03 -50.88 8.83
C GLY X 189 -140.14 -51.15 10.31
N GLY X 190 -140.61 -50.16 11.06
CA GLY X 190 -140.77 -50.31 12.50
C GLY X 190 -140.35 -49.03 13.19
N LYS X 191 -139.80 -48.12 12.41
CA LYS X 191 -139.23 -46.88 12.92
C LYS X 191 -140.21 -45.76 12.59
N LYS X 192 -141.06 -45.42 13.56
CA LYS X 192 -142.06 -44.39 13.35
C LYS X 192 -141.38 -43.02 13.30
N VAL X 193 -140.99 -42.60 12.09
CA VAL X 193 -140.21 -41.39 11.95
C VAL X 193 -141.12 -40.17 11.94
N LYS X 194 -140.51 -39.00 12.11
CA LYS X 194 -141.21 -37.73 11.92
C LYS X 194 -140.58 -36.99 10.75
N TYR X 195 -141.31 -36.01 10.24
CA TYR X 195 -140.93 -35.24 9.08
C TYR X 195 -141.33 -33.78 9.28
N ASN X 196 -140.41 -32.88 8.98
CA ASN X 196 -140.68 -31.45 8.91
C ASN X 196 -140.61 -31.05 7.45
N CYS X 197 -141.75 -30.68 6.87
CA CYS X 197 -141.82 -30.28 5.48
C CYS X 197 -142.71 -29.06 5.36
N THR X 198 -142.13 -27.92 5.01
CA THR X 198 -142.86 -26.67 4.91
C THR X 198 -142.81 -26.12 3.50
N CYS X 199 -143.01 -26.98 2.50
CA CYS X 199 -143.09 -26.57 1.11
C CYS X 199 -144.51 -26.22 0.69
N GLY X 200 -145.34 -25.75 1.63
CA GLY X 200 -146.73 -25.50 1.36
C GLY X 200 -147.59 -26.73 1.35
N THR X 201 -146.99 -27.91 1.42
CA THR X 201 -147.68 -29.18 1.42
C THR X 201 -148.01 -29.55 2.87
N GLY X 202 -148.35 -30.81 3.10
CA GLY X 202 -148.61 -31.32 4.44
C GLY X 202 -147.61 -30.82 5.46
N ASN X 203 -148.10 -30.37 6.61
CA ASN X 203 -147.25 -29.75 7.62
C ASN X 203 -146.45 -30.83 8.33
N VAL X 204 -145.75 -30.44 9.39
CA VAL X 204 -144.93 -31.39 10.13
C VAL X 204 -145.80 -32.52 10.67
N GLY X 205 -145.20 -33.68 10.85
CA GLY X 205 -145.97 -34.79 11.36
C GLY X 205 -145.10 -36.00 11.65
N THR X 206 -145.76 -37.07 12.07
CA THR X 206 -145.13 -38.36 12.31
C THR X 206 -145.92 -39.43 11.56
N THR X 207 -145.21 -40.27 10.82
CA THR X 207 -145.85 -41.34 10.06
C THR X 207 -145.10 -42.64 10.27
N ASN X 208 -145.83 -43.75 10.20
CA ASN X 208 -145.26 -45.08 10.36
C ASN X 208 -145.04 -45.79 9.03
N SER X 209 -145.62 -45.30 7.95
CA SER X 209 -145.55 -45.97 6.66
C SER X 209 -144.96 -45.03 5.63
N ASP X 210 -144.84 -45.53 4.40
CA ASP X 210 -144.23 -44.76 3.33
C ASP X 210 -145.16 -43.63 2.89
N MET X 211 -144.58 -42.59 2.31
CA MET X 211 -145.34 -41.44 1.85
C MET X 211 -144.52 -40.65 0.84
N THR X 212 -145.17 -39.64 0.25
CA THR X 212 -144.54 -38.76 -0.72
C THR X 212 -144.87 -37.31 -0.39
N ILE X 213 -143.96 -36.39 -0.75
CA ILE X 213 -144.21 -34.96 -0.56
C ILE X 213 -144.53 -34.35 -1.91
N ASN X 214 -143.98 -34.94 -2.98
CA ASN X 214 -144.36 -34.71 -4.38
C ASN X 214 -144.11 -33.29 -4.87
N THR X 215 -143.53 -32.40 -4.06
CA THR X 215 -143.29 -31.04 -4.51
C THR X 215 -141.81 -30.66 -4.52
N CYS X 216 -141.11 -30.83 -3.39
CA CYS X 216 -139.73 -30.39 -3.23
C CYS X 216 -138.87 -31.55 -2.75
N LEU X 217 -137.59 -31.53 -3.14
CA LEU X 217 -136.84 -32.79 -3.24
C LEU X 217 -136.26 -33.27 -1.91
N ILE X 218 -135.24 -32.59 -1.40
CA ILE X 218 -134.60 -33.08 -0.17
C ILE X 218 -134.32 -31.93 0.78
N GLU X 219 -134.36 -30.71 0.29
CA GLU X 219 -133.98 -29.57 1.11
C GLU X 219 -135.00 -29.23 2.18
N GLN X 220 -136.17 -29.86 2.16
CA GLN X 220 -137.23 -29.52 3.10
C GLN X 220 -137.51 -30.63 4.10
N CYS X 221 -137.82 -31.84 3.63
CA CYS X 221 -138.19 -32.91 4.53
C CYS X 221 -136.96 -33.51 5.22
N HIS X 222 -137.17 -34.00 6.43
CA HIS X 222 -136.11 -34.57 7.24
C HIS X 222 -136.67 -35.73 8.05
N VAL X 223 -135.79 -36.57 8.55
CA VAL X 223 -136.21 -37.81 9.21
C VAL X 223 -135.56 -37.90 10.58
N SER X 224 -136.40 -38.06 11.60
CA SER X 224 -135.95 -38.22 12.97
C SER X 224 -136.67 -39.45 13.54
N VAL X 225 -135.95 -40.57 13.60
CA VAL X 225 -136.49 -41.78 14.16
C VAL X 225 -136.77 -41.59 15.64
N THR X 226 -137.89 -42.11 16.11
CA THR X 226 -138.25 -42.13 17.52
C THR X 226 -138.25 -43.57 18.00
N ASP X 227 -137.65 -43.82 19.16
CA ASP X 227 -137.63 -45.15 19.77
C ASP X 227 -137.94 -45.05 21.25
N HIS X 228 -139.01 -44.33 21.60
CA HIS X 228 -139.39 -44.14 23.00
C HIS X 228 -139.91 -45.46 23.57
N LYS X 229 -138.99 -46.43 23.67
CA LYS X 229 -139.32 -47.72 24.24
C LYS X 229 -138.24 -48.28 25.17
N LYS X 230 -137.03 -47.74 25.18
CA LYS X 230 -135.96 -48.28 26.02
C LYS X 230 -135.12 -47.14 26.57
N TRP X 231 -134.85 -47.20 27.88
CA TRP X 231 -133.93 -46.25 28.50
C TRP X 231 -132.52 -46.41 27.96
N GLN X 232 -131.87 -45.29 27.65
CA GLN X 232 -130.54 -45.35 27.05
C GLN X 232 -129.40 -45.16 28.03
N PHE X 233 -129.21 -43.92 28.50
CA PHE X 233 -128.20 -43.49 29.46
C PHE X 233 -128.29 -41.97 29.58
N ASN X 234 -127.77 -41.44 30.68
CA ASN X 234 -127.62 -40.00 30.83
C ASN X 234 -126.15 -39.64 30.57
N SER X 235 -125.83 -39.49 29.30
CA SER X 235 -124.45 -39.20 28.93
C SER X 235 -124.31 -37.75 28.50
N PRO X 236 -123.16 -37.13 28.76
CA PRO X 236 -122.96 -35.76 28.29
C PRO X 236 -122.82 -35.66 26.79
N PHE X 237 -122.67 -36.77 26.07
CA PHE X 237 -122.45 -36.71 24.63
C PHE X 237 -123.72 -36.97 23.82
N VAL X 238 -124.87 -37.10 24.46
CA VAL X 238 -126.11 -37.42 23.78
C VAL X 238 -127.21 -36.49 24.26
N PRO X 239 -127.87 -35.75 23.37
CA PRO X 239 -128.84 -34.74 23.82
C PRO X 239 -130.09 -35.37 24.43
N ARG X 240 -130.77 -34.58 25.25
CA ARG X 240 -132.00 -35.01 25.89
C ARG X 240 -133.21 -34.64 25.04
N ALA X 241 -134.39 -35.01 25.53
CA ALA X 241 -135.62 -34.86 24.77
C ALA X 241 -136.56 -33.81 25.32
N ASP X 242 -136.70 -33.71 26.65
CA ASP X 242 -137.68 -32.81 27.24
C ASP X 242 -137.09 -32.04 28.42
N GLU X 243 -137.64 -30.85 28.67
CA GLU X 243 -137.36 -30.07 29.85
C GLU X 243 -138.66 -29.73 30.56
N PRO X 244 -138.75 -29.87 31.89
CA PRO X 244 -137.67 -30.32 32.78
C PRO X 244 -137.36 -31.80 32.62
N ALA X 245 -136.16 -32.20 33.02
CA ALA X 245 -135.72 -33.57 32.80
C ALA X 245 -136.60 -34.55 33.57
N ARG X 246 -137.01 -35.61 32.88
CA ARG X 246 -137.80 -36.68 33.48
C ARG X 246 -136.95 -37.95 33.39
N LYS X 247 -136.63 -38.52 34.55
CA LYS X 247 -135.47 -39.39 34.64
C LYS X 247 -135.84 -40.70 35.32
N GLY X 248 -134.99 -41.71 35.15
CA GLY X 248 -135.06 -42.94 35.90
C GLY X 248 -133.72 -43.29 36.51
N LYS X 249 -133.77 -44.18 37.50
CA LYS X 249 -132.60 -44.55 38.28
C LYS X 249 -132.48 -46.07 38.38
N VAL X 250 -131.26 -46.57 38.17
CA VAL X 250 -131.00 -48.00 38.10
C VAL X 250 -129.75 -48.34 38.90
N HIS X 251 -129.69 -49.58 39.38
CA HIS X 251 -128.61 -50.07 40.21
C HIS X 251 -127.39 -50.47 39.38
N ILE X 252 -126.24 -50.50 40.04
CA ILE X 252 -125.00 -50.92 39.41
C ILE X 252 -124.49 -52.14 40.16
N PRO X 253 -123.69 -52.95 39.53
CA PRO X 253 -123.12 -54.13 40.20
C PRO X 253 -121.80 -53.77 40.86
N PHE X 254 -121.14 -54.80 41.38
CA PHE X 254 -119.72 -54.77 41.65
C PHE X 254 -119.36 -53.76 42.74
N PRO X 255 -119.80 -53.98 43.98
CA PRO X 255 -119.51 -53.01 45.04
C PRO X 255 -118.09 -53.07 45.55
N LEU X 256 -117.80 -52.28 46.59
CA LEU X 256 -116.49 -52.20 47.20
C LEU X 256 -116.49 -52.92 48.54
N ASP X 257 -115.43 -53.67 48.82
CA ASP X 257 -115.39 -54.48 50.03
C ASP X 257 -113.95 -54.58 50.52
N ASN X 258 -113.79 -55.01 51.78
CA ASN X 258 -112.55 -54.77 52.49
C ASN X 258 -111.46 -55.80 52.15
N ILE X 259 -111.69 -57.06 52.53
CA ILE X 259 -110.69 -58.14 52.51
C ILE X 259 -109.33 -57.68 53.03
N THR X 260 -108.30 -58.51 52.86
CA THR X 260 -106.96 -58.23 53.35
C THR X 260 -105.95 -58.40 52.23
N CYS X 261 -104.71 -58.00 52.50
CA CYS X 261 -103.63 -58.10 51.52
C CYS X 261 -102.34 -58.48 52.23
N ARG X 262 -101.41 -59.07 51.48
CA ARG X 262 -100.14 -59.54 52.03
C ARG X 262 -99.02 -58.60 51.60
N VAL X 263 -98.12 -58.30 52.53
CA VAL X 263 -97.06 -57.33 52.27
C VAL X 263 -95.73 -57.85 52.82
N PRO X 264 -94.61 -57.65 52.12
CA PRO X 264 -93.34 -58.18 52.60
C PRO X 264 -92.79 -57.38 53.79
N MET X 265 -91.83 -57.99 54.46
CA MET X 265 -91.10 -57.36 55.55
C MET X 265 -89.63 -57.31 55.19
N ALA X 266 -89.07 -56.10 55.11
CA ALA X 266 -87.71 -55.95 54.62
C ALA X 266 -86.70 -56.39 55.69
N ARG X 267 -85.45 -56.53 55.25
CA ARG X 267 -84.41 -57.12 56.08
C ARG X 267 -84.08 -56.25 57.28
N GLU X 268 -83.57 -56.88 58.32
CA GLU X 268 -83.07 -56.15 59.47
C GLU X 268 -81.79 -55.43 59.08
N PRO X 269 -81.65 -54.15 59.42
CA PRO X 269 -80.43 -53.43 59.10
C PRO X 269 -79.29 -53.84 60.00
N THR X 270 -78.08 -53.62 59.51
CA THR X 270 -76.87 -53.87 60.29
C THR X 270 -76.69 -52.75 61.30
N VAL X 271 -76.55 -53.10 62.56
CA VAL X 271 -76.41 -52.11 63.63
C VAL X 271 -74.96 -52.07 64.07
N ILE X 272 -74.39 -50.88 64.14
CA ILE X 272 -73.03 -50.68 64.63
C ILE X 272 -73.08 -49.69 65.77
N HIS X 273 -72.73 -50.13 66.98
CA HIS X 273 -72.78 -49.24 68.13
C HIS X 273 -71.62 -48.26 68.12
N GLY X 274 -71.77 -47.19 68.88
CA GLY X 274 -70.75 -46.17 68.99
C GLY X 274 -70.81 -45.47 70.34
N LYS X 275 -70.31 -44.24 70.43
CA LYS X 275 -70.43 -43.48 71.67
C LYS X 275 -71.65 -42.58 71.55
N ARG X 276 -72.79 -43.07 72.06
CA ARG X 276 -74.06 -42.36 72.01
C ARG X 276 -74.53 -42.14 70.56
N GLU X 277 -73.98 -42.91 69.63
CA GLU X 277 -74.45 -42.90 68.26
C GLU X 277 -74.65 -44.33 67.79
N VAL X 278 -75.52 -44.51 66.82
CA VAL X 278 -75.74 -45.80 66.18
C VAL X 278 -75.59 -45.59 64.69
N THR X 279 -74.79 -46.43 64.05
CA THR X 279 -74.62 -46.39 62.61
C THR X 279 -75.39 -47.56 62.00
N LEU X 280 -76.22 -47.29 61.01
CA LEU X 280 -77.05 -48.29 60.39
C LEU X 280 -76.65 -48.44 58.93
N HIS X 281 -76.61 -49.68 58.45
CA HIS X 281 -76.50 -49.98 57.04
C HIS X 281 -77.87 -50.39 56.54
N LEU X 282 -78.35 -49.75 55.48
CA LEU X 282 -79.68 -50.01 54.94
C LEU X 282 -79.55 -50.62 53.57
N HIS X 283 -80.17 -51.81 53.40
CA HIS X 283 -80.09 -52.62 52.18
C HIS X 283 -81.50 -52.91 51.69
N PRO X 284 -82.09 -52.06 50.88
CA PRO X 284 -83.45 -52.31 50.39
C PRO X 284 -83.45 -53.02 49.04
N ASP X 285 -84.52 -53.76 48.79
CA ASP X 285 -84.78 -54.27 47.46
C ASP X 285 -85.58 -53.31 46.61
N HIS X 286 -86.40 -52.48 47.26
CA HIS X 286 -87.32 -51.55 46.61
C HIS X 286 -87.60 -50.44 47.58
N PRO X 287 -88.02 -49.27 47.09
CA PRO X 287 -88.13 -48.10 47.98
C PRO X 287 -88.89 -48.34 49.27
N THR X 288 -88.28 -47.98 50.40
CA THR X 288 -88.85 -48.19 51.72
C THR X 288 -88.72 -46.95 52.58
N LEU X 289 -89.58 -46.85 53.58
CA LEU X 289 -89.67 -45.67 54.44
C LEU X 289 -89.00 -45.95 55.77
N PHE X 290 -88.09 -45.06 56.17
CA PHE X 290 -87.24 -45.26 57.34
C PHE X 290 -87.29 -44.00 58.20
N SER X 291 -87.83 -44.14 59.40
CA SER X 291 -88.12 -42.96 60.21
C SER X 291 -87.75 -43.21 61.65
N TYR X 292 -87.04 -42.25 62.26
CA TYR X 292 -86.60 -42.40 63.64
C TYR X 292 -86.92 -41.15 64.44
N ARG X 293 -87.18 -41.34 65.72
CA ARG X 293 -87.47 -40.22 66.61
C ARG X 293 -86.81 -40.44 67.95
N THR X 294 -86.25 -39.36 68.51
CA THR X 294 -85.64 -39.39 69.83
C THR X 294 -86.72 -39.17 70.87
N LEU X 295 -86.87 -40.11 71.79
CA LEU X 295 -88.06 -40.12 72.64
C LEU X 295 -87.84 -39.37 73.95
N GLY X 296 -86.98 -38.36 73.90
CA GLY X 296 -86.76 -37.50 75.05
C GLY X 296 -87.85 -36.48 75.23
N GLU X 297 -87.48 -35.22 75.48
CA GLU X 297 -88.46 -34.15 75.66
C GLU X 297 -88.68 -33.32 74.41
N ASP X 298 -87.65 -33.12 73.60
CA ASP X 298 -87.75 -32.35 72.37
C ASP X 298 -87.29 -33.24 71.23
N PRO X 299 -88.17 -34.06 70.68
CA PRO X 299 -87.75 -35.10 69.75
C PRO X 299 -87.16 -34.52 68.47
N GLN X 300 -86.28 -35.31 67.87
CA GLN X 300 -85.68 -34.96 66.57
C GLN X 300 -86.38 -35.80 65.50
N TYR X 301 -87.39 -35.20 64.90
CA TYR X 301 -88.13 -35.79 63.79
C TYR X 301 -87.23 -36.07 62.59
N HIS X 302 -87.51 -37.16 61.88
CA HIS X 302 -86.91 -37.42 60.58
C HIS X 302 -87.65 -38.54 59.86
N GLU X 303 -87.83 -38.38 58.55
CA GLU X 303 -88.60 -39.33 57.76
C GLU X 303 -88.07 -39.29 56.33
N GLU X 304 -87.93 -40.46 55.72
CA GLU X 304 -87.17 -40.55 54.47
C GLU X 304 -87.64 -41.74 53.65
N TRP X 305 -87.45 -41.64 52.34
CA TRP X 305 -87.79 -42.70 51.39
C TRP X 305 -86.48 -43.22 50.79
N VAL X 306 -85.85 -44.17 51.47
CA VAL X 306 -84.56 -44.68 51.02
C VAL X 306 -84.78 -45.63 49.85
N THR X 307 -83.90 -45.59 48.87
CA THR X 307 -84.11 -46.34 47.64
C THR X 307 -82.93 -47.19 47.23
N ALA X 308 -81.73 -46.91 47.71
CA ALA X 308 -80.55 -47.68 47.37
C ALA X 308 -79.84 -48.13 48.64
N ALA X 309 -78.71 -48.81 48.47
CA ALA X 309 -77.91 -49.20 49.63
C ALA X 309 -77.25 -47.96 50.20
N VAL X 310 -77.40 -47.75 51.51
CA VAL X 310 -76.94 -46.50 52.11
C VAL X 310 -76.50 -46.79 53.54
N GLU X 311 -75.85 -45.80 54.15
CA GLU X 311 -75.53 -45.87 55.57
C GLU X 311 -75.90 -44.56 56.24
N ARG X 312 -76.45 -44.65 57.45
CA ARG X 312 -76.94 -43.50 58.19
C ARG X 312 -76.38 -43.53 59.59
N THR X 313 -76.30 -42.36 60.23
CA THR X 313 -75.88 -42.25 61.62
C THR X 313 -76.95 -41.51 62.40
N ILE X 314 -77.37 -42.09 63.51
CA ILE X 314 -78.48 -41.57 64.29
C ILE X 314 -78.07 -41.47 65.76
N PRO X 315 -78.26 -40.31 66.39
CA PRO X 315 -77.83 -40.15 67.77
C PRO X 315 -78.79 -40.80 68.74
N VAL X 316 -78.28 -41.24 69.88
CA VAL X 316 -79.08 -41.92 70.88
C VAL X 316 -78.89 -41.25 72.24
N PRO X 317 -79.58 -40.16 72.53
CA PRO X 317 -79.51 -39.58 73.88
C PRO X 317 -79.87 -40.58 74.95
N VAL X 318 -79.46 -40.29 76.19
CA VAL X 318 -79.66 -41.22 77.30
C VAL X 318 -81.13 -41.53 77.53
N ASP X 319 -82.03 -40.62 77.16
CA ASP X 319 -83.45 -40.94 77.24
C ASP X 319 -83.80 -42.09 76.30
N GLY X 320 -83.22 -42.12 75.11
CA GLY X 320 -83.41 -43.22 74.18
C GLY X 320 -84.15 -42.78 72.93
N MET X 321 -84.30 -43.74 72.03
CA MET X 321 -84.96 -43.41 70.77
C MET X 321 -85.56 -44.67 70.17
N GLU X 322 -86.39 -44.46 69.16
CA GLU X 322 -86.95 -45.57 68.41
C GLU X 322 -86.85 -45.28 66.92
N TYR X 323 -86.79 -46.35 66.15
CA TYR X 323 -86.76 -46.24 64.71
C TYR X 323 -87.64 -47.31 64.10
N HIS X 324 -88.12 -47.04 62.91
CA HIS X 324 -89.10 -47.85 62.23
C HIS X 324 -88.60 -47.98 60.81
N TRP X 325 -88.35 -49.22 60.36
CA TRP X 325 -87.78 -49.50 59.05
C TRP X 325 -88.64 -50.50 58.33
N GLY X 326 -89.15 -50.12 57.17
CA GLY X 326 -90.00 -51.03 56.42
C GLY X 326 -91.25 -51.35 57.19
N ASN X 327 -91.71 -52.58 57.07
CA ASN X 327 -92.90 -53.02 57.80
C ASN X 327 -92.56 -53.66 59.13
N ASN X 328 -91.28 -53.72 59.50
CA ASN X 328 -90.92 -54.29 60.78
C ASN X 328 -91.51 -53.46 61.91
N ASP X 329 -91.72 -54.09 63.04
CA ASP X 329 -92.19 -53.35 64.19
C ASP X 329 -91.11 -52.40 64.70
N PRO X 330 -91.50 -51.30 65.32
CA PRO X 330 -90.51 -50.30 65.76
C PRO X 330 -89.54 -50.88 66.78
N VAL X 331 -88.31 -50.37 66.74
CA VAL X 331 -87.22 -50.86 67.58
C VAL X 331 -86.71 -49.72 68.44
N ARG X 332 -86.51 -49.98 69.73
CA ARG X 332 -86.06 -48.98 70.69
C ARG X 332 -84.65 -49.27 71.16
N LEU X 333 -83.84 -48.21 71.30
CA LEU X 333 -82.50 -48.32 71.83
C LEU X 333 -82.26 -47.24 72.86
N TRP X 334 -81.55 -47.59 73.93
CA TRP X 334 -81.21 -46.70 75.04
C TRP X 334 -79.70 -46.67 75.22
N SER X 335 -79.14 -45.47 75.27
CA SER X 335 -77.71 -45.37 75.55
C SER X 335 -77.45 -45.68 77.02
N GLN X 336 -76.19 -45.91 77.34
CA GLN X 336 -75.82 -46.34 78.68
C GLN X 336 -74.59 -45.58 79.13
N LEU X 337 -74.50 -45.32 80.43
CA LEU X 337 -73.52 -44.39 80.97
C LEU X 337 -72.11 -44.97 80.94
N THR X 338 -71.38 -44.78 79.85
CA THR X 338 -70.03 -45.26 79.73
C THR X 338 -69.10 -44.12 79.34
N THR X 339 -67.81 -44.31 79.58
CA THR X 339 -66.82 -43.28 79.29
C THR X 339 -65.44 -43.93 79.20
N GLU X 340 -64.41 -43.09 79.26
CA GLU X 340 -63.03 -43.53 79.06
C GLU X 340 -62.10 -43.18 80.20
N GLY X 341 -62.58 -42.59 81.29
CA GLY X 341 -61.73 -42.23 82.40
C GLY X 341 -61.47 -43.42 83.31
N LYS X 342 -61.07 -43.10 84.54
CA LYS X 342 -60.83 -44.11 85.56
C LYS X 342 -61.23 -43.56 86.92
N PRO X 343 -62.40 -43.92 87.42
CA PRO X 343 -62.81 -43.45 88.74
C PRO X 343 -61.97 -44.08 89.84
N HIS X 344 -61.96 -43.42 91.00
CA HIS X 344 -61.22 -43.88 92.16
C HIS X 344 -59.75 -44.07 91.83
N GLY X 345 -59.21 -43.16 91.02
CA GLY X 345 -57.81 -43.22 90.67
C GLY X 345 -57.10 -41.93 90.98
N TRP X 346 -56.20 -41.51 90.11
CA TRP X 346 -55.49 -40.27 90.34
C TRP X 346 -56.41 -39.08 90.09
N PRO X 347 -56.12 -37.95 90.74
CA PRO X 347 -56.93 -36.75 90.50
C PRO X 347 -56.95 -36.32 89.05
N HIS X 348 -55.85 -36.46 88.32
CA HIS X 348 -55.89 -36.10 86.91
C HIS X 348 -56.66 -37.11 86.08
N GLN X 349 -57.07 -38.24 86.66
CA GLN X 349 -57.93 -39.20 85.98
C GLN X 349 -59.40 -39.08 86.36
N ILE X 350 -59.69 -38.65 87.59
CA ILE X 350 -61.09 -38.39 87.92
C ILE X 350 -61.64 -37.29 87.03
N VAL X 351 -60.82 -36.31 86.69
CA VAL X 351 -61.25 -35.26 85.77
C VAL X 351 -61.62 -35.85 84.43
N GLN X 352 -60.83 -36.80 83.93
CA GLN X 352 -61.20 -37.46 82.67
C GLN X 352 -62.50 -38.22 82.82
N TYR X 353 -62.67 -38.95 83.91
CA TYR X 353 -63.85 -39.78 84.06
C TYR X 353 -65.10 -38.94 84.11
N TYR X 354 -65.03 -37.79 84.78
CA TYR X 354 -66.19 -36.91 84.86
C TYR X 354 -66.21 -35.88 83.74
N TYR X 355 -65.25 -35.92 82.81
CA TYR X 355 -65.34 -35.15 81.59
C TYR X 355 -65.90 -35.95 80.43
N GLY X 356 -65.73 -37.28 80.46
CA GLY X 356 -66.44 -38.11 79.50
C GLY X 356 -67.94 -37.97 79.63
N LEU X 357 -68.44 -37.97 80.86
CA LEU X 357 -69.82 -37.64 81.14
C LEU X 357 -69.90 -36.14 81.38
N TYR X 358 -70.90 -35.50 80.78
CA TYR X 358 -71.20 -34.10 81.09
C TYR X 358 -70.00 -33.21 80.81
N PRO X 359 -69.57 -33.06 79.57
CA PRO X 359 -68.33 -32.30 79.30
C PRO X 359 -68.57 -30.82 79.19
N ALA X 360 -69.40 -30.27 80.07
CA ALA X 360 -69.67 -28.84 80.08
C ALA X 360 -69.75 -28.24 81.47
N ALA X 361 -70.22 -28.98 82.47
CA ALA X 361 -70.15 -28.53 83.84
C ALA X 361 -68.87 -28.96 84.54
N THR X 362 -68.22 -30.00 84.05
CA THR X 362 -66.94 -30.41 84.64
C THR X 362 -65.90 -29.31 84.52
N VAL X 363 -65.75 -28.75 83.33
CA VAL X 363 -64.77 -27.68 83.14
C VAL X 363 -65.13 -26.47 84.00
N SER X 364 -66.41 -26.12 84.05
CA SER X 364 -66.84 -25.01 84.87
C SER X 364 -66.47 -25.22 86.33
N ALA X 365 -66.82 -26.37 86.88
CA ALA X 365 -66.56 -26.63 88.29
C ALA X 365 -65.06 -26.67 88.58
N VAL X 366 -64.29 -27.30 87.70
CA VAL X 366 -62.85 -27.37 87.93
C VAL X 366 -62.23 -25.98 87.93
N VAL X 367 -62.59 -25.15 86.95
CA VAL X 367 -62.02 -23.81 86.90
C VAL X 367 -62.45 -23.00 88.11
N GLY X 368 -63.71 -23.15 88.53
CA GLY X 368 -64.17 -22.45 89.72
C GLY X 368 -63.38 -22.83 90.95
N MET X 369 -63.14 -24.13 91.13
CA MET X 369 -62.38 -24.58 92.28
C MET X 369 -60.95 -24.05 92.24
N SER X 370 -60.33 -24.07 91.06
CA SER X 370 -58.97 -23.57 90.94
C SER X 370 -58.90 -22.09 91.28
N LEU X 371 -59.84 -21.30 90.76
CA LEU X 371 -59.86 -19.87 91.04
C LEU X 371 -60.07 -19.60 92.52
N LEU X 372 -60.98 -20.33 93.16
CA LEU X 372 -61.22 -20.12 94.58
C LEU X 372 -59.98 -20.43 95.38
N ALA X 373 -59.28 -21.52 95.06
CA ALA X 373 -58.06 -21.85 95.79
C ALA X 373 -56.99 -20.78 95.60
N LEU X 374 -56.86 -20.27 94.37
CA LEU X 374 -55.84 -19.24 94.13
C LEU X 374 -56.14 -17.95 94.88
N ILE X 375 -57.41 -17.55 94.92
CA ILE X 375 -57.75 -16.36 95.71
C ILE X 375 -57.44 -16.60 97.18
N SER X 376 -57.78 -17.78 97.69
CA SER X 376 -57.49 -18.07 99.09
C SER X 376 -56.00 -17.94 99.39
N ILE X 377 -55.16 -18.54 98.54
CA ILE X 377 -53.72 -18.54 98.85
C ILE X 377 -53.14 -17.15 98.71
N PHE X 378 -53.56 -16.37 97.70
CA PHE X 378 -53.06 -15.00 97.60
C PHE X 378 -53.48 -14.17 98.80
N ALA X 379 -54.72 -14.31 99.25
CA ALA X 379 -55.17 -13.56 100.42
C ALA X 379 -54.34 -13.91 101.64
N SER X 380 -54.12 -15.20 101.88
CA SER X 380 -53.34 -15.58 103.06
C SER X 380 -51.91 -15.06 102.98
N CYS X 381 -51.25 -15.22 101.83
CA CYS X 381 -49.87 -14.79 101.73
C CYS X 381 -49.74 -13.27 101.91
N TYR X 382 -50.64 -12.51 101.28
CA TYR X 382 -50.59 -11.06 101.44
C TYR X 382 -50.85 -10.66 102.88
N MET X 383 -51.70 -11.41 103.58
CA MET X 383 -51.99 -11.02 104.96
C MET X 383 -50.82 -11.31 105.88
N LEU X 384 -50.05 -12.37 105.61
CA LEU X 384 -48.80 -12.54 106.35
C LEU X 384 -47.79 -11.45 106.01
N VAL X 385 -47.73 -11.02 104.75
CA VAL X 385 -46.82 -9.90 104.44
C VAL X 385 -47.23 -8.66 105.23
N ALA X 386 -48.52 -8.38 105.30
CA ALA X 386 -49.00 -7.22 106.05
C ALA X 386 -48.68 -7.35 107.53
N ALA X 387 -48.86 -8.55 108.09
CA ALA X 387 -48.56 -8.76 109.51
C ALA X 387 -47.07 -8.56 109.78
N ARG X 388 -46.21 -9.09 108.91
CA ARG X 388 -44.78 -8.91 109.07
C ARG X 388 -44.41 -7.43 109.07
N SER X 389 -44.90 -6.69 108.06
CA SER X 389 -44.57 -5.28 107.97
C SER X 389 -45.08 -4.51 109.17
N LYS X 390 -46.31 -4.81 109.61
CA LYS X 390 -46.88 -4.11 110.76
C LYS X 390 -46.11 -4.38 112.04
N CYS X 391 -45.62 -5.61 112.24
CA CYS X 391 -44.86 -5.89 113.44
C CYS X 391 -43.43 -5.33 113.36
N LEU X 392 -42.88 -5.21 112.15
CA LEU X 392 -41.50 -4.78 111.99
C LEU X 392 -41.35 -3.27 111.87
N THR X 393 -42.42 -2.55 111.54
CA THR X 393 -42.28 -1.12 111.30
C THR X 393 -41.73 -0.31 112.46
N PRO X 394 -42.11 -0.54 113.74
CA PRO X 394 -41.60 0.35 114.79
C PRO X 394 -40.10 0.27 114.97
N TYR X 395 -39.46 -0.84 114.60
CA TYR X 395 -38.03 -1.00 114.80
C TYR X 395 -37.21 -0.21 113.81
N ALA X 396 -37.79 0.21 112.69
CA ALA X 396 -37.10 1.06 111.73
C ALA X 396 -37.31 2.53 112.01
N LEU X 397 -37.97 2.86 113.12
CA LEU X 397 -38.31 4.24 113.47
C LEU X 397 -37.46 4.76 114.62
N THR X 398 -36.63 3.92 115.23
CA THR X 398 -35.65 4.25 116.25
C THR X 398 -34.30 3.71 115.79
N PRO X 399 -33.19 4.30 116.26
CA PRO X 399 -31.86 3.79 115.88
C PRO X 399 -31.47 2.54 116.68
N GLY X 400 -32.37 1.56 116.75
CA GLY X 400 -32.25 0.47 117.67
C GLY X 400 -31.98 -0.88 117.02
N ALA X 401 -31.81 -1.87 117.88
CA ALA X 401 -31.49 -3.23 117.48
C ALA X 401 -32.75 -3.96 117.02
N ALA X 402 -32.55 -5.02 116.24
CA ALA X 402 -33.64 -5.75 115.62
C ALA X 402 -33.99 -7.03 116.35
N VAL X 403 -33.34 -7.32 117.47
CA VAL X 403 -33.66 -8.49 118.30
C VAL X 403 -33.52 -9.77 117.47
N PRO X 404 -32.28 -10.24 117.22
CA PRO X 404 -32.10 -11.45 116.38
C PRO X 404 -33.02 -12.61 116.72
N TRP X 405 -33.47 -12.71 117.97
CA TRP X 405 -34.47 -13.71 118.32
C TRP X 405 -35.71 -13.59 117.45
N THR X 406 -36.24 -12.36 117.34
CA THR X 406 -37.38 -12.10 116.47
C THR X 406 -36.98 -12.04 115.00
N LEU X 407 -35.74 -11.63 114.71
CA LEU X 407 -35.28 -11.62 113.33
C LEU X 407 -35.30 -13.02 112.73
N GLY X 408 -34.94 -14.03 113.52
CA GLY X 408 -34.96 -15.39 113.01
C GLY X 408 -36.35 -15.84 112.60
N ILE X 409 -37.34 -15.58 113.45
CA ILE X 409 -38.70 -16.00 113.12
C ILE X 409 -39.23 -15.19 111.95
N LEU X 410 -39.05 -13.87 111.99
CA LEU X 410 -39.61 -12.97 110.98
C LEU X 410 -38.47 -12.52 110.09
N CYS X 411 -38.37 -13.11 108.91
CA CYS X 411 -37.37 -12.67 107.95
C CYS X 411 -37.63 -11.23 107.55
N CYS X 412 -36.56 -10.52 107.22
CA CYS X 412 -36.67 -9.10 106.89
C CYS X 412 -35.70 -8.74 105.79
N ALA X 413 -35.97 -7.60 105.14
CA ALA X 413 -35.05 -7.06 104.14
C ALA X 413 -33.68 -6.73 104.72
N PRO X 414 -33.55 -6.06 105.89
CA PRO X 414 -32.20 -5.82 106.42
C PRO X 414 -31.57 -7.10 106.94
N ARG X 415 -30.65 -7.69 106.18
CA ARG X 415 -30.09 -8.99 106.56
C ARG X 415 -29.02 -8.85 107.64
N ALA X 416 -28.01 -8.02 107.39
CA ALA X 416 -26.90 -7.86 108.31
C ALA X 416 -26.74 -6.46 108.85
N HIS X 417 -26.90 -5.43 108.01
CA HIS X 417 -26.81 -4.06 108.48
C HIS X 417 -28.03 -3.71 109.32
N ALA X 418 -27.80 -3.00 110.43
CA ALA X 418 -28.85 -2.53 111.33
C ALA X 418 -29.62 -3.69 111.98
N HIS Y 1 -40.20 -108.24 17.56
CA HIS Y 1 -40.70 -106.95 18.03
C HIS Y 1 -39.70 -105.81 17.72
N PHE Y 2 -39.40 -104.98 18.71
CA PHE Y 2 -38.61 -103.78 18.51
C PHE Y 2 -37.16 -104.07 18.87
N ASN Y 3 -36.27 -103.92 17.90
CA ASN Y 3 -34.90 -104.43 17.98
C ASN Y 3 -33.89 -103.39 17.50
N VAL Y 4 -33.97 -102.18 18.06
CA VAL Y 4 -33.27 -101.00 17.57
C VAL Y 4 -31.80 -101.25 17.22
N TYR Y 5 -31.21 -102.31 17.78
CA TYR Y 5 -29.83 -102.60 17.46
C TYR Y 5 -29.63 -103.30 16.13
N LYS Y 6 -30.69 -103.63 15.38
CA LYS Y 6 -30.47 -104.23 14.07
C LYS Y 6 -29.73 -103.30 13.13
N ALA Y 7 -29.88 -101.99 13.29
CA ALA Y 7 -29.34 -101.03 12.34
C ALA Y 7 -27.96 -100.50 12.71
N THR Y 8 -27.39 -100.93 13.84
CA THR Y 8 -26.10 -100.43 14.27
C THR Y 8 -25.11 -101.57 14.43
N ARG Y 9 -23.83 -101.25 14.30
CA ARG Y 9 -22.76 -102.23 14.27
C ARG Y 9 -21.62 -101.73 15.13
N PRO Y 10 -20.75 -102.62 15.60
CA PRO Y 10 -19.55 -102.19 16.31
C PRO Y 10 -18.61 -101.44 15.38
N TYR Y 11 -17.60 -100.83 15.98
CA TYR Y 11 -16.63 -100.08 15.20
C TYR Y 11 -15.26 -100.16 15.86
N ILE Y 12 -14.25 -99.83 15.08
CA ILE Y 12 -12.86 -99.93 15.49
C ILE Y 12 -12.30 -98.52 15.63
N ALA Y 13 -11.73 -98.22 16.79
CA ALA Y 13 -11.24 -96.89 17.12
C ALA Y 13 -9.86 -96.98 17.74
N TYR Y 14 -9.34 -95.82 18.13
CA TYR Y 14 -7.96 -95.68 18.59
C TYR Y 14 -7.94 -95.55 20.10
N CYS Y 15 -7.13 -96.37 20.76
CA CYS Y 15 -6.96 -96.33 22.20
C CYS Y 15 -5.58 -95.80 22.51
N ALA Y 16 -5.46 -95.05 23.60
CA ALA Y 16 -4.19 -94.40 23.93
C ALA Y 16 -3.10 -95.44 24.21
N ASP Y 17 -3.43 -96.46 24.99
CA ASP Y 17 -2.51 -97.57 25.20
C ASP Y 17 -3.33 -98.81 25.45
N CYS Y 18 -2.86 -99.94 24.94
CA CYS Y 18 -3.63 -101.17 24.94
C CYS Y 18 -3.22 -102.09 26.09
N GLY Y 19 -2.89 -101.50 27.23
CA GLY Y 19 -2.52 -102.28 28.38
C GLY Y 19 -1.08 -102.72 28.41
N ALA Y 20 -0.24 -102.17 27.55
CA ALA Y 20 1.17 -102.52 27.53
C ALA Y 20 2.08 -101.33 27.27
N GLY Y 21 1.53 -100.13 27.16
CA GLY Y 21 2.34 -98.97 26.82
C GLY Y 21 2.51 -98.75 25.33
N HIS Y 22 1.69 -99.36 24.50
CA HIS Y 22 1.74 -99.16 23.06
C HIS Y 22 0.36 -98.76 22.55
N SER Y 23 0.34 -97.93 21.52
CA SER Y 23 -0.90 -97.42 20.97
C SER Y 23 -1.23 -98.16 19.69
N CYS Y 24 -2.33 -98.91 19.72
CA CYS Y 24 -2.77 -99.59 18.51
C CYS Y 24 -4.28 -99.59 18.48
N HIS Y 25 -4.83 -99.55 17.27
CA HIS Y 25 -6.27 -99.45 17.06
C HIS Y 25 -6.94 -100.69 17.60
N SER Y 26 -7.70 -100.55 18.67
CA SER Y 26 -8.31 -101.72 19.27
C SER Y 26 -9.82 -101.67 19.10
N PRO Y 27 -10.48 -102.82 19.10
CA PRO Y 27 -11.95 -102.84 18.99
C PRO Y 27 -12.68 -102.55 20.29
N VAL Y 28 -11.96 -102.26 21.38
CA VAL Y 28 -12.59 -102.10 22.68
C VAL Y 28 -12.27 -100.70 23.20
N ALA Y 29 -12.18 -99.73 22.30
CA ALA Y 29 -11.84 -98.37 22.70
C ALA Y 29 -12.87 -97.81 23.67
N ILE Y 30 -12.39 -97.03 24.65
CA ILE Y 30 -13.26 -96.48 25.69
C ILE Y 30 -13.55 -95.02 25.40
N GLU Y 31 -14.82 -94.69 25.29
CA GLU Y 31 -15.29 -93.32 25.21
C GLU Y 31 -15.58 -92.81 26.62
N ALA Y 32 -16.27 -91.67 26.72
CA ALA Y 32 -16.41 -90.98 27.99
C ALA Y 32 -16.98 -91.89 29.08
N VAL Y 33 -16.72 -91.52 30.32
CA VAL Y 33 -17.21 -92.23 31.49
C VAL Y 33 -18.13 -91.29 32.26
N ARG Y 34 -19.34 -91.76 32.57
CA ARG Y 34 -20.32 -90.99 33.32
C ARG Y 34 -20.43 -91.56 34.72
N SER Y 35 -20.38 -90.70 35.73
CA SER Y 35 -20.43 -91.12 37.12
C SER Y 35 -21.29 -90.19 37.96
N GLU Y 36 -22.49 -89.86 37.48
CA GLU Y 36 -23.34 -88.92 38.20
C GLU Y 36 -24.13 -89.57 39.32
N ALA Y 37 -23.79 -90.79 39.70
CA ALA Y 37 -24.56 -91.50 40.72
C ALA Y 37 -23.87 -91.37 42.07
N THR Y 38 -24.65 -90.99 43.08
CA THR Y 38 -24.08 -90.81 44.41
C THR Y 38 -23.64 -92.12 45.01
N ASP Y 39 -24.15 -93.24 44.51
CA ASP Y 39 -23.81 -94.56 45.04
C ASP Y 39 -22.40 -94.99 44.64
N GLY Y 40 -21.85 -94.46 43.57
CA GLY Y 40 -20.56 -94.90 43.09
C GLY Y 40 -20.68 -95.96 42.01
N MET Y 41 -21.49 -95.67 40.99
CA MET Y 41 -21.79 -96.60 39.91
C MET Y 41 -21.32 -95.97 38.60
N LEU Y 42 -20.56 -96.70 37.80
CA LEU Y 42 -20.01 -96.13 36.58
C LEU Y 42 -20.63 -96.76 35.33
N LYS Y 43 -20.81 -95.93 34.30
CA LYS Y 43 -21.26 -96.36 32.98
C LYS Y 43 -20.11 -96.21 31.99
N ILE Y 44 -19.27 -97.23 31.89
CA ILE Y 44 -18.22 -97.20 30.87
C ILE Y 44 -18.86 -97.44 29.52
N GLN Y 45 -18.43 -96.68 28.52
CA GLN Y 45 -18.97 -96.78 27.17
C GLN Y 45 -17.91 -97.41 26.25
N PHE Y 46 -18.14 -98.64 25.82
CA PHE Y 46 -17.32 -99.26 24.78
C PHE Y 46 -17.34 -98.56 23.44
N SER Y 47 -16.62 -99.16 22.50
CA SER Y 47 -16.85 -99.01 21.07
C SER Y 47 -17.44 -100.25 20.44
N ALA Y 48 -17.46 -101.37 21.15
CA ALA Y 48 -17.96 -102.64 20.63
C ALA Y 48 -19.14 -103.08 21.49
N GLN Y 49 -20.35 -103.03 20.93
CA GLN Y 49 -21.52 -103.30 21.74
C GLN Y 49 -21.64 -104.77 22.09
N ILE Y 50 -22.26 -105.03 23.23
CA ILE Y 50 -22.32 -106.37 23.82
C ILE Y 50 -23.76 -106.69 24.16
N GLY Y 51 -24.02 -107.98 24.38
CA GLY Y 51 -25.36 -108.44 24.62
C GLY Y 51 -26.19 -108.64 23.38
N ILE Y 52 -25.60 -108.51 22.20
CA ILE Y 52 -26.28 -108.75 20.94
C ILE Y 52 -25.42 -109.68 20.12
N ASP Y 53 -26.02 -110.72 19.55
CA ASP Y 53 -25.26 -111.63 18.70
C ASP Y 53 -24.99 -110.97 17.34
N LYS Y 54 -24.16 -111.65 16.54
CA LYS Y 54 -23.78 -111.11 15.24
C LYS Y 54 -24.99 -110.94 14.34
N SER Y 55 -25.96 -111.85 14.43
CA SER Y 55 -27.11 -111.86 13.56
C SER Y 55 -28.27 -111.01 14.08
N ASP Y 56 -27.98 -110.03 14.93
CA ASP Y 56 -28.97 -109.03 15.37
C ASP Y 56 -30.17 -109.69 16.07
N ASN Y 57 -29.88 -110.70 16.89
CA ASN Y 57 -30.91 -111.31 17.72
C ASN Y 57 -30.48 -111.25 19.17
N HIS Y 58 -31.40 -110.82 20.04
CA HIS Y 58 -31.06 -110.46 21.41
C HIS Y 58 -30.65 -111.68 22.23
N ASP Y 59 -29.36 -111.97 22.26
CA ASP Y 59 -28.85 -113.07 23.06
C ASP Y 59 -27.90 -112.53 24.12
N TYR Y 60 -27.83 -113.24 25.26
CA TYR Y 60 -27.12 -112.72 26.42
C TYR Y 60 -25.83 -113.48 26.71
N THR Y 61 -25.23 -114.13 25.71
CA THR Y 61 -23.97 -114.80 25.95
C THR Y 61 -22.97 -114.46 24.85
N LYS Y 62 -23.47 -114.00 23.72
CA LYS Y 62 -22.60 -113.49 22.66
C LYS Y 62 -22.39 -111.98 22.87
N ILE Y 63 -21.23 -111.50 22.47
CA ILE Y 63 -20.98 -110.06 22.42
C ILE Y 63 -20.35 -109.73 21.06
N ARG Y 64 -20.95 -108.78 20.37
CA ARG Y 64 -20.46 -108.36 19.07
C ARG Y 64 -19.21 -107.52 19.21
N TYR Y 65 -18.44 -107.45 18.13
CA TYR Y 65 -17.37 -106.47 18.02
C TYR Y 65 -16.91 -106.41 16.58
N ALA Y 66 -16.12 -105.39 16.26
CA ALA Y 66 -15.70 -105.14 14.90
C ALA Y 66 -14.27 -105.60 14.67
N ASP Y 67 -14.00 -106.10 13.46
CA ASP Y 67 -12.67 -106.60 13.13
C ASP Y 67 -12.53 -106.60 11.61
N GLY Y 68 -11.77 -105.63 11.10
CA GLY Y 68 -11.50 -105.51 9.68
C GLY Y 68 -12.73 -105.57 8.80
N HIS Y 69 -13.63 -104.59 8.95
CA HIS Y 69 -14.96 -104.60 8.31
C HIS Y 69 -15.55 -106.01 8.29
N ALA Y 70 -15.49 -106.66 9.45
CA ALA Y 70 -16.11 -107.97 9.64
C ALA Y 70 -16.56 -108.03 11.10
N ILE Y 71 -17.86 -108.10 11.31
CA ILE Y 71 -18.38 -108.15 12.67
C ILE Y 71 -18.36 -109.58 13.18
N GLU Y 72 -17.77 -109.79 14.35
CA GLU Y 72 -17.67 -111.13 14.92
C GLU Y 72 -18.17 -111.10 16.35
N ASN Y 73 -18.17 -112.26 17.00
CA ASN Y 73 -18.71 -112.35 18.35
C ASN Y 73 -17.79 -113.15 19.25
N ALA Y 74 -17.77 -112.78 20.52
CA ALA Y 74 -16.99 -113.45 21.55
C ALA Y 74 -17.88 -113.72 22.76
N VAL Y 75 -17.35 -114.50 23.70
CA VAL Y 75 -18.15 -114.91 24.85
C VAL Y 75 -18.30 -113.76 25.83
N ARG Y 76 -19.49 -113.63 26.43
CA ARG Y 76 -19.73 -112.57 27.40
C ARG Y 76 -18.93 -112.76 28.67
N SER Y 77 -18.71 -114.02 29.07
CA SER Y 77 -17.70 -114.24 30.11
C SER Y 77 -16.36 -113.74 29.61
N SER Y 78 -15.42 -113.60 30.54
CA SER Y 78 -14.10 -113.03 30.30
C SER Y 78 -14.15 -111.56 29.97
N LEU Y 79 -15.29 -110.89 30.10
CA LEU Y 79 -15.32 -109.44 30.11
C LEU Y 79 -14.80 -108.98 31.47
N LYS Y 80 -13.59 -108.46 31.49
CA LYS Y 80 -12.95 -108.06 32.74
C LYS Y 80 -12.74 -106.57 32.73
N VAL Y 81 -13.43 -105.87 33.63
CA VAL Y 81 -13.26 -104.45 33.86
C VAL Y 81 -12.56 -104.28 35.19
N ALA Y 82 -11.49 -103.49 35.21
CA ALA Y 82 -10.61 -103.47 36.37
C ALA Y 82 -10.10 -102.08 36.65
N THR Y 83 -9.73 -101.89 37.91
CA THR Y 83 -9.09 -100.69 38.45
C THR Y 83 -7.99 -101.23 39.37
N SER Y 84 -7.48 -100.41 40.29
CA SER Y 84 -6.48 -100.88 41.23
C SER Y 84 -6.86 -102.23 41.85
N GLY Y 85 -8.15 -102.53 41.93
CA GLY Y 85 -8.59 -103.84 42.36
C GLY Y 85 -9.32 -104.61 41.28
N ASP Y 86 -10.45 -105.21 41.61
CA ASP Y 86 -11.26 -105.90 40.60
C ASP Y 86 -12.68 -105.40 40.71
N CYS Y 87 -13.22 -104.86 39.63
CA CYS Y 87 -14.54 -104.28 39.66
C CYS Y 87 -15.59 -105.39 39.65
N PHE Y 88 -16.84 -105.00 39.84
CA PHE Y 88 -17.99 -105.88 39.76
C PHE Y 88 -18.98 -105.30 38.77
N VAL Y 89 -19.43 -106.12 37.83
CA VAL Y 89 -20.34 -105.68 36.77
C VAL Y 89 -21.76 -106.01 37.18
N HIS Y 90 -22.66 -105.05 36.98
CA HIS Y 90 -24.09 -105.26 37.21
C HIS Y 90 -24.88 -105.26 35.91
N GLY Y 91 -24.78 -104.19 35.13
CA GLY Y 91 -25.56 -104.03 33.92
C GLY Y 91 -24.79 -104.47 32.69
N THR Y 92 -25.54 -104.80 31.65
CA THR Y 92 -24.96 -105.26 30.40
C THR Y 92 -25.92 -105.07 29.26
N MET Y 93 -25.73 -104.04 28.45
CA MET Y 93 -26.59 -103.82 27.29
C MET Y 93 -25.93 -102.83 26.36
N GLY Y 94 -25.92 -103.15 25.07
CA GLY Y 94 -25.44 -102.20 24.10
C GLY Y 94 -23.98 -101.88 24.31
N HIS Y 95 -23.67 -100.58 24.26
CA HIS Y 95 -22.31 -100.14 24.44
C HIS Y 95 -21.92 -99.98 25.91
N PHE Y 96 -22.85 -100.03 26.84
CA PHE Y 96 -22.61 -99.52 28.19
C PHE Y 96 -22.45 -100.62 29.21
N ILE Y 97 -21.54 -100.41 30.15
CA ILE Y 97 -21.29 -101.32 31.26
C ILE Y 97 -21.46 -100.59 32.56
N LEU Y 98 -22.20 -101.20 33.49
CA LEU Y 98 -22.29 -100.72 34.86
C LEU Y 98 -21.33 -101.49 35.74
N ALA Y 99 -20.43 -100.77 36.41
CA ALA Y 99 -19.47 -101.36 37.31
C ALA Y 99 -19.45 -100.59 38.63
N LYS Y 100 -19.14 -101.29 39.70
CA LYS Y 100 -18.95 -100.68 41.01
C LYS Y 100 -17.57 -101.08 41.49
N CYS Y 101 -16.63 -100.14 41.45
CA CYS Y 101 -15.25 -100.61 41.48
C CYS Y 101 -14.42 -99.87 42.53
N PRO Y 102 -13.47 -100.55 43.16
CA PRO Y 102 -12.72 -99.96 44.29
C PRO Y 102 -11.79 -98.85 43.82
N PRO Y 103 -11.34 -97.99 44.74
CA PRO Y 103 -10.73 -96.72 44.32
C PRO Y 103 -9.39 -96.91 43.61
N GLY Y 104 -9.10 -95.97 42.73
CA GLY Y 104 -7.91 -96.03 41.90
C GLY Y 104 -7.81 -94.80 41.04
N GLU Y 105 -6.94 -94.86 40.03
CA GLU Y 105 -6.70 -93.72 39.17
C GLU Y 105 -6.88 -94.02 37.68
N PHE Y 106 -6.99 -95.29 37.31
CA PHE Y 106 -7.18 -95.68 35.91
C PHE Y 106 -8.19 -96.80 35.86
N LEU Y 107 -8.66 -97.12 34.67
CA LEU Y 107 -9.52 -98.30 34.52
C LEU Y 107 -9.31 -98.91 33.15
N GLN Y 108 -9.31 -100.23 33.08
CA GLN Y 108 -9.20 -100.90 31.80
C GLN Y 108 -10.37 -101.85 31.62
N VAL Y 109 -10.66 -102.16 30.37
CA VAL Y 109 -11.63 -103.18 30.01
C VAL Y 109 -10.98 -104.12 29.01
N SER Y 110 -11.25 -105.42 29.15
CA SER Y 110 -10.62 -106.42 28.31
C SER Y 110 -11.60 -107.54 28.01
N ILE Y 111 -11.53 -108.06 26.78
CA ILE Y 111 -12.31 -109.21 26.35
C ILE Y 111 -11.38 -110.22 25.68
N GLN Y 112 -11.93 -111.39 25.42
CA GLN Y 112 -11.20 -112.44 24.72
C GLN Y 112 -11.68 -112.51 23.28
N ASP Y 113 -10.74 -112.43 22.34
CA ASP Y 113 -11.09 -112.43 20.94
C ASP Y 113 -11.39 -113.86 20.47
N THR Y 114 -11.94 -113.97 19.25
CA THR Y 114 -12.32 -115.28 18.73
C THR Y 114 -11.13 -116.22 18.67
N ARG Y 115 -9.95 -115.69 18.35
CA ARG Y 115 -8.73 -116.47 18.32
C ARG Y 115 -8.10 -116.63 19.69
N ASN Y 116 -8.83 -116.24 20.74
CA ASN Y 116 -8.39 -116.42 22.13
C ASN Y 116 -7.12 -115.63 22.44
N ALA Y 117 -7.20 -114.32 22.23
CA ALA Y 117 -6.18 -113.37 22.67
C ALA Y 117 -6.89 -112.27 23.45
N VAL Y 118 -6.21 -111.71 24.45
CA VAL Y 118 -6.83 -110.68 25.27
C VAL Y 118 -6.69 -109.32 24.59
N ARG Y 119 -7.81 -108.62 24.44
CA ARG Y 119 -7.83 -107.28 23.86
C ARG Y 119 -8.31 -106.32 24.95
N ALA Y 120 -7.51 -105.31 25.25
CA ALA Y 120 -7.77 -104.43 26.38
C ALA Y 120 -7.50 -102.98 26.01
N CYS Y 121 -8.13 -102.09 26.76
CA CYS Y 121 -7.84 -100.65 26.66
C CYS Y 121 -8.04 -100.03 28.02
N ARG Y 122 -7.15 -99.12 28.42
CA ARG Y 122 -7.21 -98.48 29.73
C ARG Y 122 -7.13 -96.97 29.59
N ILE Y 123 -7.79 -96.27 30.50
CA ILE Y 123 -7.96 -94.84 30.46
C ILE Y 123 -7.67 -94.27 31.84
N GLN Y 124 -7.26 -93.01 31.89
CA GLN Y 124 -6.90 -92.34 33.13
C GLN Y 124 -8.13 -91.69 33.73
N TYR Y 125 -8.52 -92.12 34.93
CA TYR Y 125 -9.75 -91.62 35.53
C TYR Y 125 -9.64 -91.69 37.04
N HIS Y 126 -9.54 -90.55 37.70
CA HIS Y 126 -9.31 -90.47 39.13
C HIS Y 126 -10.61 -90.78 39.86
N HIS Y 127 -10.79 -92.02 40.29
CA HIS Y 127 -12.03 -92.49 40.88
C HIS Y 127 -11.88 -92.62 42.39
N ASP Y 128 -12.80 -92.00 43.12
CA ASP Y 128 -12.81 -92.05 44.58
C ASP Y 128 -14.22 -91.76 45.09
N PRO Y 129 -15.01 -92.78 45.40
CA PRO Y 129 -16.39 -92.54 45.79
C PRO Y 129 -16.48 -92.00 47.20
N GLN Y 130 -17.56 -91.28 47.48
CA GLN Y 130 -17.84 -90.81 48.84
C GLN Y 130 -19.29 -91.09 49.17
N PRO Y 131 -19.57 -92.00 50.09
CA PRO Y 131 -20.96 -92.32 50.40
C PRO Y 131 -21.70 -91.11 50.96
N VAL Y 132 -22.97 -91.01 50.60
CA VAL Y 132 -23.78 -89.90 51.09
C VAL Y 132 -23.91 -90.01 52.60
N GLY Y 133 -24.00 -88.86 53.25
CA GLY Y 133 -24.14 -88.84 54.68
C GLY Y 133 -23.12 -87.92 55.31
N ARG Y 134 -22.71 -88.23 56.54
CA ARG Y 134 -21.69 -87.44 57.20
C ARG Y 134 -20.52 -88.31 57.65
N GLU Y 135 -20.61 -89.62 57.45
CA GLU Y 135 -19.52 -90.53 57.76
C GLU Y 135 -19.03 -91.18 56.49
N LYS Y 136 -17.72 -91.36 56.39
CA LYS Y 136 -17.12 -91.97 55.21
C LYS Y 136 -16.85 -93.45 55.45
N PHE Y 137 -17.92 -94.22 55.56
CA PHE Y 137 -17.82 -95.64 55.83
C PHE Y 137 -17.48 -96.41 54.56
N THR Y 138 -17.37 -97.73 54.69
CA THR Y 138 -16.95 -98.60 53.60
C THR Y 138 -18.03 -99.58 53.18
N ILE Y 139 -18.50 -100.42 54.10
CA ILE Y 139 -19.51 -101.42 53.79
C ILE Y 139 -20.69 -101.21 54.71
N ARG Y 140 -21.89 -101.33 54.15
CA ARG Y 140 -23.09 -100.98 54.88
C ARG Y 140 -23.27 -101.90 56.10
N PRO Y 141 -23.70 -101.35 57.21
CA PRO Y 141 -23.81 -102.14 58.44
C PRO Y 141 -25.15 -102.81 58.58
N HIS Y 142 -25.36 -103.51 59.69
CA HIS Y 142 -26.64 -104.16 59.95
C HIS Y 142 -27.50 -103.39 60.93
N TYR Y 143 -27.25 -102.09 61.12
CA TYR Y 143 -28.07 -101.26 61.98
C TYR Y 143 -27.76 -99.81 61.66
N GLY Y 144 -28.74 -99.06 61.17
CA GLY Y 144 -28.45 -97.69 60.79
C GLY Y 144 -29.68 -96.96 60.31
N LYS Y 145 -29.45 -95.87 59.60
CA LYS Y 145 -30.53 -95.08 59.04
C LYS Y 145 -30.59 -95.25 57.51
N GLU Y 146 -31.65 -94.70 56.93
CA GLU Y 146 -31.84 -94.67 55.49
C GLU Y 146 -31.86 -93.22 55.02
N ILE Y 147 -31.13 -92.94 53.95
CA ILE Y 147 -31.06 -91.61 53.34
C ILE Y 147 -31.30 -91.76 51.84
N PRO Y 148 -32.01 -90.82 51.21
CA PRO Y 148 -32.14 -90.87 49.76
C PRO Y 148 -30.80 -90.67 49.08
N CYS Y 149 -30.65 -91.30 47.93
CA CYS Y 149 -29.43 -91.25 47.13
C CYS Y 149 -29.83 -91.34 45.67
N THR Y 150 -28.89 -91.66 44.79
CA THR Y 150 -29.19 -91.92 43.39
C THR Y 150 -28.33 -93.07 42.88
N THR Y 151 -28.87 -93.82 41.92
CA THR Y 151 -28.17 -94.92 41.30
C THR Y 151 -28.86 -95.23 39.98
N TYR Y 152 -28.16 -95.96 39.12
CA TYR Y 152 -28.73 -96.38 37.84
C TYR Y 152 -29.50 -97.67 37.99
N GLN Y 153 -30.72 -97.70 37.47
CA GLN Y 153 -31.54 -98.91 37.47
C GLN Y 153 -31.32 -99.72 36.20
N GLN Y 154 -31.79 -100.97 36.23
CA GLN Y 154 -31.63 -101.88 35.11
C GLN Y 154 -32.72 -101.75 34.06
N THR Y 155 -33.78 -101.00 34.34
CA THR Y 155 -34.90 -100.93 33.40
C THR Y 155 -34.47 -100.25 32.11
N THR Y 156 -35.02 -100.74 31.00
CA THR Y 156 -34.67 -100.23 29.69
C THR Y 156 -35.87 -99.59 29.00
N ALA Y 157 -36.70 -98.88 29.75
CA ALA Y 157 -37.89 -98.25 29.22
C ALA Y 157 -37.55 -96.94 28.52
N LYS Y 158 -38.56 -96.13 28.23
CA LYS Y 158 -38.32 -94.78 27.73
C LYS Y 158 -37.47 -94.00 28.72
N THR Y 159 -36.45 -93.32 28.21
CA THR Y 159 -35.52 -92.59 29.06
C THR Y 159 -35.35 -91.13 28.70
N VAL Y 160 -35.63 -90.75 27.45
CA VAL Y 160 -35.31 -89.42 26.93
C VAL Y 160 -33.81 -89.24 27.06
N GLU Y 161 -33.05 -90.00 26.27
CA GLU Y 161 -31.61 -89.86 26.20
C GLU Y 161 -31.19 -89.99 24.74
N GLU Y 162 -30.02 -89.47 24.43
CA GLU Y 162 -29.64 -89.25 23.04
C GLU Y 162 -28.24 -89.74 22.79
N ILE Y 163 -28.06 -90.54 21.74
CA ILE Y 163 -26.77 -90.78 21.12
C ILE Y 163 -26.90 -90.53 19.64
N ASP Y 164 -25.91 -89.88 19.06
CA ASP Y 164 -25.90 -89.61 17.62
C ASP Y 164 -25.19 -90.72 16.86
N MET Y 165 -25.91 -91.34 15.93
CA MET Y 165 -25.38 -92.31 15.00
C MET Y 165 -25.23 -91.63 13.65
N HIS Y 166 -24.37 -92.17 12.78
CA HIS Y 166 -24.36 -91.67 11.41
C HIS Y 166 -23.71 -92.69 10.50
N MET Y 167 -23.65 -92.33 9.21
CA MET Y 167 -23.10 -93.22 8.20
C MET Y 167 -21.62 -93.44 8.43
N PRO Y 168 -21.15 -94.68 8.41
CA PRO Y 168 -19.72 -94.92 8.58
C PRO Y 168 -18.95 -94.28 7.44
N PRO Y 169 -17.72 -93.85 7.68
CA PRO Y 169 -16.94 -93.22 6.62
C PRO Y 169 -16.51 -94.30 5.62
N ASP Y 170 -16.03 -93.83 4.46
CA ASP Y 170 -15.54 -94.78 3.48
C ASP Y 170 -14.27 -95.44 4.02
N THR Y 171 -14.35 -96.72 4.29
CA THR Y 171 -13.23 -97.38 4.95
C THR Y 171 -12.09 -97.57 3.97
N PRO Y 172 -10.88 -97.12 4.28
CA PRO Y 172 -9.75 -97.37 3.39
C PRO Y 172 -9.02 -98.66 3.75
N ASP Y 173 -8.70 -99.40 2.70
CA ASP Y 173 -8.01 -100.67 2.82
C ASP Y 173 -7.10 -100.84 1.61
N ARG Y 174 -6.06 -101.65 1.81
CA ARG Y 174 -5.03 -101.84 0.81
C ARG Y 174 -4.65 -103.30 0.57
N THR Y 175 -4.96 -104.20 1.49
CA THR Y 175 -4.74 -105.62 1.25
C THR Y 175 -5.46 -106.11 0.00
N LEU Y 176 -6.61 -105.54 -0.32
CA LEU Y 176 -7.43 -106.07 -1.41
C LEU Y 176 -6.76 -105.90 -2.77
N LEU Y 177 -5.82 -104.96 -2.90
CA LEU Y 177 -5.07 -104.86 -4.15
C LEU Y 177 -4.17 -106.07 -4.33
N SER Y 178 -4.31 -106.75 -5.46
CA SER Y 178 -3.38 -107.80 -5.85
C SER Y 178 -2.67 -107.40 -7.13
N GLN Y 179 -1.35 -107.56 -7.15
CA GLN Y 179 -0.55 -107.22 -8.31
C GLN Y 179 0.05 -108.50 -8.89
N GLN Y 180 -0.46 -108.93 -10.04
CA GLN Y 180 0.08 -110.13 -10.65
C GLN Y 180 1.19 -109.80 -11.64
N SER Y 181 0.85 -109.08 -12.72
CA SER Y 181 1.86 -108.72 -13.72
C SER Y 181 1.27 -107.59 -14.58
N GLY Y 182 1.74 -106.37 -14.35
CA GLY Y 182 1.27 -105.24 -15.14
C GLY Y 182 -0.23 -105.06 -15.11
N ASN Y 183 -0.87 -105.46 -14.02
CA ASN Y 183 -2.32 -105.41 -13.90
C ASN Y 183 -2.68 -105.39 -12.43
N VAL Y 184 -3.96 -105.15 -12.15
CA VAL Y 184 -4.43 -105.08 -10.78
C VAL Y 184 -5.61 -106.04 -10.62
N LYS Y 185 -5.83 -106.46 -9.37
CA LYS Y 185 -6.96 -107.30 -9.03
C LYS Y 185 -7.61 -106.73 -7.77
N ILE Y 186 -8.89 -106.45 -7.88
CA ILE Y 186 -9.66 -105.86 -6.80
C ILE Y 186 -10.70 -106.88 -6.32
N THR Y 187 -10.69 -107.17 -5.03
CA THR Y 187 -11.48 -108.26 -4.49
C THR Y 187 -12.76 -107.75 -3.84
N VAL Y 188 -13.79 -108.59 -3.85
CA VAL Y 188 -15.12 -108.28 -3.33
C VAL Y 188 -15.53 -109.41 -2.40
N GLY Y 189 -16.82 -109.48 -2.09
CA GLY Y 189 -17.31 -110.36 -1.04
C GLY Y 189 -18.48 -109.73 -0.33
N GLY Y 190 -18.95 -108.61 -0.87
CA GLY Y 190 -20.13 -107.93 -0.36
C GLY Y 190 -19.85 -106.45 -0.33
N LYS Y 191 -18.60 -106.11 -0.62
CA LYS Y 191 -18.07 -104.78 -0.39
C LYS Y 191 -17.84 -104.12 -1.74
N LYS Y 192 -18.51 -102.99 -1.97
CA LYS Y 192 -18.42 -102.33 -3.26
C LYS Y 192 -17.32 -101.28 -3.20
N VAL Y 193 -16.14 -101.65 -3.71
CA VAL Y 193 -14.96 -100.80 -3.60
C VAL Y 193 -15.12 -99.59 -4.51
N LYS Y 194 -14.74 -98.42 -4.00
CA LYS Y 194 -14.59 -97.23 -4.80
C LYS Y 194 -13.10 -96.96 -4.98
N TYR Y 195 -12.66 -96.84 -6.23
CA TYR Y 195 -11.24 -96.73 -6.54
C TYR Y 195 -10.95 -95.39 -7.19
N ASN Y 196 -9.69 -94.95 -7.07
CA ASN Y 196 -9.24 -93.76 -7.78
C ASN Y 196 -7.84 -94.07 -8.31
N CYS Y 197 -7.76 -94.59 -9.52
CA CYS Y 197 -6.50 -94.96 -10.16
C CYS Y 197 -6.32 -94.10 -11.41
N THR Y 198 -5.49 -93.07 -11.31
CA THR Y 198 -5.27 -92.12 -12.41
C THR Y 198 -3.95 -92.42 -13.13
N CYS Y 199 -4.02 -93.43 -14.01
CA CYS Y 199 -2.98 -93.65 -15.02
C CYS Y 199 -3.53 -93.40 -16.43
N GLY Y 200 -4.33 -92.34 -16.57
CA GLY Y 200 -5.09 -92.12 -17.79
C GLY Y 200 -6.28 -93.04 -17.94
N THR Y 201 -6.37 -94.08 -17.12
CA THR Y 201 -7.36 -95.13 -17.26
C THR Y 201 -8.70 -94.69 -16.69
N GLY Y 202 -9.61 -95.64 -16.53
CA GLY Y 202 -10.91 -95.38 -15.95
C GLY Y 202 -10.82 -94.50 -14.72
N ASN Y 203 -11.72 -93.53 -14.63
CA ASN Y 203 -11.67 -92.55 -13.55
C ASN Y 203 -12.17 -93.19 -12.27
N VAL Y 204 -12.47 -92.37 -11.27
CA VAL Y 204 -13.06 -92.90 -10.05
C VAL Y 204 -14.30 -93.69 -10.39
N GLY Y 205 -14.47 -94.83 -9.74
CA GLY Y 205 -15.59 -95.68 -10.02
C GLY Y 205 -15.82 -96.68 -8.92
N THR Y 206 -17.03 -97.23 -8.93
CA THR Y 206 -17.43 -98.25 -7.98
C THR Y 206 -17.73 -99.55 -8.72
N THR Y 207 -17.25 -100.66 -8.18
CA THR Y 207 -17.52 -101.96 -8.76
C THR Y 207 -18.08 -102.90 -7.70
N ASN Y 208 -19.00 -103.75 -8.11
CA ASN Y 208 -19.49 -104.83 -7.26
C ASN Y 208 -18.75 -106.13 -7.45
N SER Y 209 -18.08 -106.33 -8.59
CA SER Y 209 -17.30 -107.52 -8.85
C SER Y 209 -15.87 -107.12 -9.18
N ASP Y 210 -15.03 -108.12 -9.43
CA ASP Y 210 -13.61 -107.88 -9.60
C ASP Y 210 -13.36 -107.06 -10.87
N MET Y 211 -12.24 -106.35 -10.89
CA MET Y 211 -11.88 -105.49 -12.00
C MET Y 211 -10.37 -105.49 -12.16
N THR Y 212 -9.92 -105.27 -13.39
CA THR Y 212 -8.50 -105.19 -13.71
C THR Y 212 -8.24 -103.92 -14.51
N ILE Y 213 -7.08 -103.29 -14.27
CA ILE Y 213 -6.77 -102.03 -14.94
C ILE Y 213 -5.69 -102.26 -15.99
N ASN Y 214 -4.90 -103.31 -15.84
CA ASN Y 214 -3.94 -103.79 -16.83
C ASN Y 214 -2.84 -102.80 -17.15
N THR Y 215 -2.72 -101.70 -16.42
CA THR Y 215 -1.78 -100.65 -16.83
C THR Y 215 -0.71 -100.35 -15.80
N CYS Y 216 -1.08 -100.00 -14.57
CA CYS Y 216 -0.13 -99.60 -13.53
C CYS Y 216 -0.51 -100.25 -12.20
N LEU Y 217 0.52 -100.51 -11.39
CA LEU Y 217 0.40 -101.62 -10.43
C LEU Y 217 -0.32 -101.26 -9.13
N ILE Y 218 0.33 -100.52 -8.23
CA ILE Y 218 -0.27 -100.33 -6.92
C ILE Y 218 -0.22 -98.87 -6.45
N GLU Y 219 0.73 -98.10 -6.96
CA GLU Y 219 0.89 -96.73 -6.52
C GLU Y 219 -0.09 -95.79 -7.19
N GLN Y 220 -1.20 -96.32 -7.67
CA GLN Y 220 -2.22 -95.51 -8.30
C GLN Y 220 -3.59 -95.83 -7.74
N CYS Y 221 -3.75 -96.99 -7.11
CA CYS Y 221 -5.07 -97.44 -6.71
C CYS Y 221 -5.28 -97.35 -5.21
N HIS Y 222 -6.51 -97.66 -4.78
CA HIS Y 222 -6.92 -97.65 -3.39
C HIS Y 222 -7.94 -98.74 -3.15
N VAL Y 223 -8.39 -98.88 -1.91
CA VAL Y 223 -9.64 -99.55 -1.61
C VAL Y 223 -10.43 -98.66 -0.66
N SER Y 224 -11.68 -98.35 -1.02
CA SER Y 224 -12.54 -97.51 -0.21
C SER Y 224 -13.93 -98.15 -0.21
N VAL Y 225 -14.22 -98.90 0.84
CA VAL Y 225 -15.51 -99.57 0.97
C VAL Y 225 -16.55 -98.58 1.48
N THR Y 226 -17.68 -98.46 0.79
CA THR Y 226 -18.56 -97.29 0.96
C THR Y 226 -20.02 -97.70 1.20
N ASP Y 227 -20.80 -96.71 1.64
CA ASP Y 227 -22.27 -96.68 1.57
C ASP Y 227 -22.92 -97.94 2.12
N HIS Y 228 -22.76 -98.12 3.43
CA HIS Y 228 -23.22 -99.33 4.05
C HIS Y 228 -24.63 -99.16 4.61
N LYS Y 229 -25.12 -100.23 5.21
CA LYS Y 229 -26.50 -100.31 5.68
C LYS Y 229 -26.61 -100.17 7.18
N LYS Y 230 -25.55 -99.72 7.85
CA LYS Y 230 -25.55 -99.71 9.31
C LYS Y 230 -24.98 -98.41 9.84
N TRP Y 231 -25.77 -97.74 10.66
CA TRP Y 231 -25.32 -96.58 11.40
C TRP Y 231 -24.25 -97.00 12.40
N GLN Y 232 -23.14 -96.26 12.45
CA GLN Y 232 -22.04 -96.71 13.30
C GLN Y 232 -21.98 -96.05 14.68
N PHE Y 233 -21.62 -94.77 14.71
CA PHE Y 233 -21.55 -93.96 15.93
C PHE Y 233 -21.01 -92.59 15.57
N ASN Y 234 -21.20 -91.59 16.43
CA ASN Y 234 -20.55 -90.31 16.24
C ASN Y 234 -19.41 -90.22 17.25
N SER Y 235 -18.27 -90.75 16.84
CA SER Y 235 -17.13 -90.67 17.72
C SER Y 235 -16.13 -89.67 17.19
N PRO Y 236 -15.39 -88.98 18.05
CA PRO Y 236 -14.35 -88.07 17.56
C PRO Y 236 -13.17 -88.79 16.92
N PHE Y 237 -13.10 -90.11 17.01
CA PHE Y 237 -11.95 -90.84 16.53
C PHE Y 237 -12.10 -91.40 15.12
N VAL Y 238 -13.26 -91.23 14.48
CA VAL Y 238 -13.44 -91.66 13.09
C VAL Y 238 -14.13 -90.55 12.31
N PRO Y 239 -13.73 -90.29 11.07
CA PRO Y 239 -14.21 -89.08 10.38
C PRO Y 239 -15.66 -89.15 9.92
N ARG Y 240 -16.11 -88.12 9.21
CA ARG Y 240 -17.47 -88.03 8.71
C ARG Y 240 -17.50 -88.26 7.21
N ALA Y 241 -18.70 -88.13 6.63
CA ALA Y 241 -18.92 -88.36 5.21
C ALA Y 241 -19.16 -87.08 4.44
N ASP Y 242 -20.13 -86.26 4.86
CA ASP Y 242 -20.53 -85.08 4.12
C ASP Y 242 -20.67 -83.90 5.08
N GLU Y 243 -20.76 -82.69 4.52
CA GLU Y 243 -20.82 -81.50 5.35
C GLU Y 243 -22.09 -80.66 5.07
N PRO Y 244 -23.26 -81.29 4.97
CA PRO Y 244 -24.45 -80.70 5.60
C PRO Y 244 -24.81 -81.35 6.93
N ALA Y 245 -24.06 -82.38 7.34
CA ALA Y 245 -24.29 -83.18 8.53
C ALA Y 245 -25.57 -84.02 8.41
N ARG Y 246 -25.48 -85.30 8.79
CA ARG Y 246 -26.62 -86.20 8.75
C ARG Y 246 -26.53 -87.11 9.96
N LYS Y 247 -27.45 -86.97 10.91
CA LYS Y 247 -27.30 -87.62 12.19
C LYS Y 247 -28.60 -88.30 12.59
N GLY Y 248 -28.49 -89.34 13.40
CA GLY Y 248 -29.65 -90.04 13.93
C GLY Y 248 -29.77 -89.93 15.43
N LYS Y 249 -30.57 -90.80 16.05
CA LYS Y 249 -30.80 -90.76 17.48
C LYS Y 249 -31.02 -92.17 17.99
N VAL Y 250 -30.42 -92.47 19.15
CA VAL Y 250 -30.63 -93.75 19.81
C VAL Y 250 -30.72 -93.56 21.32
N HIS Y 251 -31.61 -94.33 21.97
CA HIS Y 251 -31.70 -94.34 23.43
C HIS Y 251 -30.45 -94.89 24.09
N ILE Y 252 -30.08 -94.26 25.20
CA ILE Y 252 -29.11 -94.84 26.14
C ILE Y 252 -29.89 -95.70 27.12
N PRO Y 253 -29.41 -96.88 27.47
CA PRO Y 253 -30.05 -97.67 28.52
C PRO Y 253 -29.64 -97.14 29.90
N PHE Y 254 -30.22 -97.75 30.93
CA PHE Y 254 -29.88 -97.43 32.31
C PHE Y 254 -30.12 -95.98 32.67
N PRO Y 255 -31.36 -95.55 32.83
CA PRO Y 255 -31.63 -94.20 33.33
C PRO Y 255 -31.38 -94.15 34.84
N LEU Y 256 -31.64 -92.98 35.42
CA LEU Y 256 -31.27 -92.68 36.79
C LEU Y 256 -32.51 -92.62 37.68
N ASP Y 257 -32.43 -93.22 38.86
CA ASP Y 257 -33.58 -93.32 39.76
C ASP Y 257 -33.16 -92.90 41.16
N ASN Y 258 -34.14 -92.79 42.06
CA ASN Y 258 -33.88 -92.27 43.39
C ASN Y 258 -33.35 -93.34 44.35
N ILE Y 259 -34.18 -94.34 44.67
CA ILE Y 259 -33.89 -95.43 45.62
C ILE Y 259 -33.38 -94.85 46.95
N THR Y 260 -33.10 -95.71 47.93
CA THR Y 260 -32.60 -95.29 49.23
C THR Y 260 -31.34 -96.07 49.58
N CYS Y 261 -30.59 -95.57 50.55
CA CYS Y 261 -29.33 -96.16 50.98
C CYS Y 261 -29.25 -96.20 52.49
N ARG Y 262 -28.40 -97.07 53.01
CA ARG Y 262 -28.24 -97.25 54.46
C ARG Y 262 -26.90 -96.69 54.91
N VAL Y 263 -26.90 -96.00 56.05
CA VAL Y 263 -25.65 -95.53 56.63
C VAL Y 263 -25.59 -95.91 58.10
N PRO Y 264 -24.41 -96.04 58.69
CA PRO Y 264 -24.29 -96.37 60.10
C PRO Y 264 -24.36 -95.12 60.97
N MET Y 265 -24.47 -95.34 62.27
CA MET Y 265 -24.55 -94.29 63.26
C MET Y 265 -23.38 -94.44 64.22
N ALA Y 266 -22.58 -93.39 64.37
CA ALA Y 266 -21.40 -93.46 65.21
C ALA Y 266 -21.79 -93.52 66.68
N ARG Y 267 -20.84 -93.98 67.50
CA ARG Y 267 -21.07 -94.07 68.93
C ARG Y 267 -21.22 -92.69 69.55
N GLU Y 268 -22.01 -92.63 70.61
CA GLU Y 268 -22.19 -91.38 71.34
C GLU Y 268 -20.90 -91.03 72.07
N PRO Y 269 -20.56 -89.76 72.18
CA PRO Y 269 -19.35 -89.39 72.91
C PRO Y 269 -19.59 -89.45 74.40
N THR Y 270 -18.50 -89.52 75.15
CA THR Y 270 -18.57 -89.41 76.60
C THR Y 270 -18.39 -87.95 77.00
N VAL Y 271 -19.22 -87.48 77.90
CA VAL Y 271 -19.23 -86.09 78.32
C VAL Y 271 -18.83 -86.00 79.78
N ILE Y 272 -18.06 -84.98 80.11
CA ILE Y 272 -17.71 -84.68 81.49
C ILE Y 272 -18.07 -83.23 81.78
N HIS Y 273 -19.00 -83.02 82.71
CA HIS Y 273 -19.52 -81.69 82.98
C HIS Y 273 -18.50 -80.83 83.70
N GLY Y 274 -18.47 -79.55 83.37
CA GLY Y 274 -17.63 -78.59 84.06
C GLY Y 274 -18.30 -77.24 84.17
N LYS Y 275 -17.64 -76.26 84.79
CA LYS Y 275 -18.24 -74.94 84.94
C LYS Y 275 -18.29 -74.27 83.59
N ARG Y 276 -19.43 -74.38 82.93
CA ARG Y 276 -19.68 -73.74 81.64
C ARG Y 276 -18.79 -74.32 80.55
N GLU Y 277 -18.21 -75.48 80.82
CA GLU Y 277 -17.42 -76.20 79.82
C GLU Y 277 -17.86 -77.65 79.80
N VAL Y 278 -17.81 -78.25 78.62
CA VAL Y 278 -18.06 -79.67 78.45
C VAL Y 278 -16.85 -80.26 77.76
N THR Y 279 -16.32 -81.35 78.30
CA THR Y 279 -15.20 -82.06 77.68
C THR Y 279 -15.72 -83.35 77.06
N LEU Y 280 -15.57 -83.47 75.75
CA LEU Y 280 -16.06 -84.61 74.99
C LEU Y 280 -14.88 -85.49 74.59
N HIS Y 281 -15.04 -86.79 74.78
CA HIS Y 281 -14.13 -87.78 74.23
C HIS Y 281 -14.79 -88.38 72.98
N LEU Y 282 -14.11 -88.30 71.84
CA LEU Y 282 -14.63 -88.83 70.60
C LEU Y 282 -13.84 -90.06 70.20
N HIS Y 283 -14.55 -91.14 69.87
CA HIS Y 283 -13.95 -92.42 69.48
C HIS Y 283 -14.54 -92.87 68.15
N PRO Y 284 -14.02 -92.38 67.04
CA PRO Y 284 -14.56 -92.76 65.74
C PRO Y 284 -14.01 -94.08 65.24
N ASP Y 285 -14.83 -94.76 64.44
CA ASP Y 285 -14.39 -95.95 63.72
C ASP Y 285 -13.92 -95.65 62.30
N HIS Y 286 -14.14 -94.43 61.83
CA HIS Y 286 -13.84 -94.01 60.47
C HIS Y 286 -14.08 -92.52 60.39
N PRO Y 287 -13.48 -91.82 59.43
CA PRO Y 287 -13.56 -90.36 59.43
C PRO Y 287 -14.98 -89.83 59.48
N THR Y 288 -15.36 -89.22 60.59
CA THR Y 288 -16.69 -88.66 60.78
C THR Y 288 -16.61 -87.16 60.84
N LEU Y 289 -17.77 -86.51 60.78
CA LEU Y 289 -17.86 -85.07 60.92
C LEU Y 289 -18.38 -84.70 62.30
N PHE Y 290 -17.76 -83.71 62.92
CA PHE Y 290 -18.17 -83.22 64.23
C PHE Y 290 -18.31 -81.71 64.15
N SER Y 291 -19.43 -81.17 64.61
CA SER Y 291 -19.62 -79.73 64.57
C SER Y 291 -20.43 -79.27 65.76
N TYR Y 292 -20.31 -77.99 66.09
CA TYR Y 292 -21.08 -77.45 67.19
C TYR Y 292 -21.23 -75.95 67.01
N ARG Y 293 -22.22 -75.40 67.68
CA ARG Y 293 -22.42 -73.96 67.64
C ARG Y 293 -23.16 -73.52 68.88
N THR Y 294 -22.82 -72.32 69.34
CA THR Y 294 -23.44 -71.70 70.50
C THR Y 294 -24.69 -70.96 70.06
N LEU Y 295 -25.83 -71.34 70.63
CA LEU Y 295 -27.12 -70.89 70.12
C LEU Y 295 -27.56 -69.59 70.82
N GLY Y 296 -26.67 -68.60 70.78
CA GLY Y 296 -26.93 -67.30 71.30
C GLY Y 296 -27.15 -66.26 70.23
N GLU Y 297 -26.92 -65.00 70.58
CA GLU Y 297 -27.15 -63.91 69.64
C GLU Y 297 -26.01 -63.80 68.63
N ASP Y 298 -24.78 -64.11 69.05
CA ASP Y 298 -23.65 -64.23 68.15
C ASP Y 298 -22.97 -65.56 68.39
N PRO Y 299 -23.04 -66.49 67.44
CA PRO Y 299 -22.64 -67.87 67.72
C PRO Y 299 -21.14 -68.06 67.57
N GLN Y 300 -20.72 -69.30 67.77
CA GLN Y 300 -19.32 -69.71 67.62
C GLN Y 300 -19.27 -70.85 66.59
N TYR Y 301 -19.17 -70.48 65.32
CA TYR Y 301 -19.03 -71.43 64.24
C TYR Y 301 -17.82 -72.34 64.46
N HIS Y 302 -17.98 -73.62 64.12
CA HIS Y 302 -16.87 -74.56 64.08
C HIS Y 302 -17.30 -75.90 63.49
N GLU Y 303 -16.40 -76.52 62.73
CA GLU Y 303 -16.63 -77.87 62.22
C GLU Y 303 -15.30 -78.48 61.82
N GLU Y 304 -15.22 -79.81 61.90
CA GLU Y 304 -13.94 -80.49 61.78
C GLU Y 304 -14.18 -81.92 61.33
N TRP Y 305 -13.17 -82.47 60.65
CA TRP Y 305 -13.22 -83.83 60.11
C TRP Y 305 -12.40 -84.74 61.02
N VAL Y 306 -12.97 -85.13 62.15
CA VAL Y 306 -12.24 -85.96 63.11
C VAL Y 306 -11.92 -87.30 62.48
N THR Y 307 -10.70 -87.78 62.69
CA THR Y 307 -10.25 -89.03 62.09
C THR Y 307 -9.69 -90.03 63.09
N ALA Y 308 -9.19 -89.58 64.23
CA ALA Y 308 -8.67 -90.47 65.25
C ALA Y 308 -9.27 -90.10 66.60
N ALA Y 309 -9.02 -90.95 67.59
CA ALA Y 309 -9.63 -90.75 68.90
C ALA Y 309 -9.12 -89.47 69.54
N VAL Y 310 -10.02 -88.54 69.84
CA VAL Y 310 -9.57 -87.23 70.31
C VAL Y 310 -10.37 -86.75 71.52
N GLU Y 311 -10.00 -85.57 72.01
CA GLU Y 311 -10.62 -84.98 73.20
C GLU Y 311 -10.78 -83.49 72.95
N ARG Y 312 -11.97 -82.95 73.19
CA ARG Y 312 -12.25 -81.55 72.92
C ARG Y 312 -12.95 -80.92 74.10
N THR Y 313 -12.83 -79.60 74.22
CA THR Y 313 -13.55 -78.83 75.21
C THR Y 313 -14.37 -77.76 74.52
N ILE Y 314 -15.62 -77.61 74.93
CA ILE Y 314 -16.58 -76.75 74.27
C ILE Y 314 -17.25 -75.85 75.32
N PRO Y 315 -17.44 -74.57 75.02
CA PRO Y 315 -18.10 -73.68 75.98
C PRO Y 315 -19.61 -73.82 75.88
N VAL Y 316 -20.27 -73.78 77.03
CA VAL Y 316 -21.72 -73.86 77.07
C VAL Y 316 -22.27 -72.70 77.90
N PRO Y 317 -22.35 -71.51 77.34
CA PRO Y 317 -22.89 -70.38 78.09
C PRO Y 317 -24.33 -70.60 78.48
N VAL Y 318 -24.92 -69.67 79.23
CA VAL Y 318 -26.27 -69.85 79.74
C VAL Y 318 -27.28 -70.03 78.63
N ASP Y 319 -27.01 -69.50 77.43
CA ASP Y 319 -27.92 -69.69 76.33
C ASP Y 319 -27.93 -71.12 75.83
N GLY Y 320 -26.81 -71.82 75.91
CA GLY Y 320 -26.72 -73.20 75.49
C GLY Y 320 -26.13 -73.35 74.09
N MET Y 321 -25.86 -74.61 73.74
CA MET Y 321 -25.31 -74.86 72.41
C MET Y 321 -25.65 -76.26 71.96
N GLU Y 322 -25.56 -76.46 70.64
CA GLU Y 322 -25.87 -77.75 70.04
C GLU Y 322 -24.63 -78.31 69.36
N TYR Y 323 -24.41 -79.60 69.53
CA TYR Y 323 -23.35 -80.29 68.83
C TYR Y 323 -23.95 -81.44 68.04
N HIS Y 324 -23.40 -81.67 66.85
CA HIS Y 324 -23.95 -82.59 65.87
C HIS Y 324 -22.79 -83.47 65.43
N TRP Y 325 -22.89 -84.77 65.72
CA TRP Y 325 -21.77 -85.70 65.67
C TRP Y 325 -22.15 -86.89 64.81
N GLY Y 326 -21.55 -86.97 63.62
CA GLY Y 326 -21.86 -88.09 62.75
C GLY Y 326 -23.24 -87.95 62.17
N ASN Y 327 -23.97 -89.07 62.09
CA ASN Y 327 -25.33 -89.06 61.58
C ASN Y 327 -26.37 -88.99 62.69
N ASN Y 328 -25.97 -88.89 63.95
CA ASN Y 328 -26.94 -88.77 65.01
C ASN Y 328 -27.68 -87.44 64.90
N ASP Y 329 -28.77 -87.33 65.63
CA ASP Y 329 -29.46 -86.05 65.72
C ASP Y 329 -28.64 -85.08 66.56
N PRO Y 330 -28.71 -83.78 66.24
CA PRO Y 330 -28.00 -82.79 67.06
C PRO Y 330 -28.53 -82.80 68.48
N VAL Y 331 -27.64 -82.54 69.44
CA VAL Y 331 -27.99 -82.54 70.85
C VAL Y 331 -27.69 -81.18 71.43
N ARG Y 332 -28.61 -80.68 72.26
CA ARG Y 332 -28.53 -79.34 72.83
C ARG Y 332 -28.30 -79.42 74.34
N LEU Y 333 -27.39 -78.59 74.84
CA LEU Y 333 -27.07 -78.54 76.26
C LEU Y 333 -27.13 -77.10 76.77
N TRP Y 334 -27.66 -76.93 77.97
CA TRP Y 334 -27.78 -75.64 78.65
C TRP Y 334 -27.09 -75.68 80.00
N SER Y 335 -26.56 -74.53 80.42
CA SER Y 335 -25.90 -74.40 81.70
C SER Y 335 -26.81 -73.71 82.71
N GLN Y 336 -26.65 -74.07 83.99
CA GLN Y 336 -27.44 -73.48 85.05
C GLN Y 336 -26.64 -72.43 85.78
N LEU Y 337 -27.35 -71.59 86.52
CA LEU Y 337 -26.72 -70.52 87.29
C LEU Y 337 -26.19 -71.10 88.60
N THR Y 338 -25.06 -71.78 88.50
CA THR Y 338 -24.40 -72.36 89.67
C THR Y 338 -23.13 -71.57 89.98
N THR Y 339 -22.72 -71.63 91.24
CA THR Y 339 -21.53 -70.95 91.70
C THR Y 339 -21.09 -71.54 93.02
N GLU Y 340 -20.10 -70.91 93.66
CA GLU Y 340 -19.42 -71.48 94.81
C GLU Y 340 -19.45 -70.65 96.07
N GLY Y 341 -19.94 -69.41 96.03
CA GLY Y 341 -20.11 -68.63 97.23
C GLY Y 341 -21.26 -69.15 98.05
N LYS Y 342 -21.55 -68.43 99.14
CA LYS Y 342 -22.70 -68.74 99.98
C LYS Y 342 -23.63 -67.53 100.04
N PRO Y 343 -24.77 -67.56 99.39
CA PRO Y 343 -25.75 -66.49 99.55
C PRO Y 343 -26.45 -66.62 100.89
N HIS Y 344 -27.02 -65.49 101.33
CA HIS Y 344 -27.72 -65.42 102.61
C HIS Y 344 -26.81 -65.79 103.77
N GLY Y 345 -25.58 -65.29 103.72
CA GLY Y 345 -24.61 -65.55 104.78
C GLY Y 345 -23.79 -64.32 105.10
N TRP Y 346 -22.52 -64.53 105.43
CA TRP Y 346 -21.65 -63.41 105.77
C TRP Y 346 -21.43 -62.52 104.55
N PRO Y 347 -21.15 -61.23 104.78
CA PRO Y 347 -20.94 -60.33 103.64
C PRO Y 347 -19.74 -60.69 102.78
N HIS Y 348 -18.70 -61.29 103.34
CA HIS Y 348 -17.58 -61.70 102.51
C HIS Y 348 -17.90 -62.95 101.70
N GLN Y 349 -18.93 -63.72 102.08
CA GLN Y 349 -19.38 -64.84 101.27
C GLN Y 349 -20.40 -64.43 100.21
N ILE Y 350 -21.20 -63.41 100.50
CA ILE Y 350 -22.14 -62.92 99.49
C ILE Y 350 -21.39 -62.35 98.30
N VAL Y 351 -20.23 -61.74 98.54
CA VAL Y 351 -19.44 -61.25 97.40
C VAL Y 351 -18.94 -62.42 96.57
N GLN Y 352 -18.58 -63.54 97.21
CA GLN Y 352 -18.20 -64.72 96.44
C GLN Y 352 -19.37 -65.23 95.60
N TYR Y 353 -20.56 -65.27 96.21
CA TYR Y 353 -21.72 -65.79 95.50
C TYR Y 353 -22.04 -64.94 94.28
N TYR Y 354 -21.98 -63.63 94.43
CA TYR Y 354 -22.27 -62.79 93.28
C TYR Y 354 -21.08 -62.54 92.43
N TYR Y 355 -19.93 -63.11 92.80
CA TYR Y 355 -18.78 -63.13 91.93
C TYR Y 355 -18.79 -64.31 90.98
N GLY Y 356 -19.22 -65.47 91.46
CA GLY Y 356 -19.34 -66.62 90.58
C GLY Y 356 -20.23 -66.34 89.39
N LEU Y 357 -21.35 -65.69 89.63
CA LEU Y 357 -22.18 -65.17 88.56
C LEU Y 357 -21.65 -63.80 88.15
N TYR Y 358 -21.54 -63.56 86.86
CA TYR Y 358 -21.16 -62.25 86.34
C TYR Y 358 -19.87 -61.76 86.98
N PRO Y 359 -18.73 -62.41 86.74
CA PRO Y 359 -17.49 -61.99 87.40
C PRO Y 359 -16.82 -60.81 86.72
N ALA Y 360 -17.60 -59.81 86.34
CA ALA Y 360 -17.04 -58.63 85.71
C ALA Y 360 -17.68 -57.33 86.16
N ALA Y 361 -18.95 -57.34 86.55
CA ALA Y 361 -19.59 -56.16 87.09
C ALA Y 361 -19.64 -56.17 88.60
N THR Y 362 -19.48 -57.33 89.23
CA THR Y 362 -19.48 -57.38 90.68
C THR Y 362 -18.33 -56.55 91.25
N VAL Y 363 -17.14 -56.68 90.68
CA VAL Y 363 -15.99 -55.92 91.16
C VAL Y 363 -16.23 -54.44 90.99
N SER Y 364 -16.76 -54.04 89.83
CA SER Y 364 -17.01 -52.63 89.59
C SER Y 364 -18.03 -52.08 90.58
N ALA Y 365 -19.11 -52.84 90.83
CA ALA Y 365 -20.11 -52.38 91.77
C ALA Y 365 -19.55 -52.25 93.18
N VAL Y 366 -18.76 -53.24 93.61
CA VAL Y 366 -18.19 -53.18 94.96
C VAL Y 366 -17.27 -51.97 95.09
N VAL Y 367 -16.41 -51.75 94.11
CA VAL Y 367 -15.49 -50.62 94.17
C VAL Y 367 -16.25 -49.31 94.20
N GLY Y 368 -17.28 -49.18 93.35
CA GLY Y 368 -18.05 -47.95 93.34
C GLY Y 368 -18.74 -47.67 94.66
N MET Y 369 -19.40 -48.68 95.22
CA MET Y 369 -20.11 -48.47 96.47
C MET Y 369 -19.15 -48.11 97.60
N SER Y 370 -18.02 -48.81 97.67
CA SER Y 370 -17.02 -48.50 98.69
C SER Y 370 -16.49 -47.07 98.52
N LEU Y 371 -16.26 -46.66 97.27
CA LEU Y 371 -15.74 -45.31 97.04
C LEU Y 371 -16.74 -44.26 97.48
N LEU Y 372 -18.02 -44.46 97.17
CA LEU Y 372 -19.03 -43.50 97.63
C LEU Y 372 -19.08 -43.44 99.15
N ALA Y 373 -19.02 -44.59 99.82
CA ALA Y 373 -19.02 -44.57 101.28
C ALA Y 373 -17.83 -43.81 101.82
N LEU Y 374 -16.65 -44.03 101.23
CA LEU Y 374 -15.43 -43.40 101.72
C LEU Y 374 -15.47 -41.89 101.51
N ILE Y 375 -15.95 -41.45 100.35
CA ILE Y 375 -16.08 -40.02 100.10
C ILE Y 375 -17.08 -39.41 101.07
N SER Y 376 -18.16 -40.13 101.37
CA SER Y 376 -19.12 -39.64 102.35
C SER Y 376 -18.47 -39.45 103.71
N ILE Y 377 -17.67 -40.41 104.16
CA ILE Y 377 -17.10 -40.32 105.50
C ILE Y 377 -16.08 -39.18 105.58
N PHE Y 378 -15.25 -39.01 104.54
CA PHE Y 378 -14.36 -37.85 104.55
C PHE Y 378 -15.12 -36.53 104.48
N ALA Y 379 -16.21 -36.46 103.71
CA ALA Y 379 -16.97 -35.22 103.66
C ALA Y 379 -17.52 -34.87 105.04
N SER Y 380 -18.08 -35.85 105.73
CA SER Y 380 -18.62 -35.59 107.06
C SER Y 380 -17.52 -35.17 108.04
N CYS Y 381 -16.38 -35.87 108.00
CA CYS Y 381 -15.30 -35.53 108.92
C CYS Y 381 -14.76 -34.13 108.67
N TYR Y 382 -14.56 -33.77 107.39
CA TYR Y 382 -14.03 -32.45 107.07
C TYR Y 382 -15.00 -31.36 107.45
N MET Y 383 -16.31 -31.58 107.21
CA MET Y 383 -17.28 -30.60 107.65
C MET Y 383 -17.27 -30.44 109.16
N LEU Y 384 -17.14 -31.54 109.91
CA LEU Y 384 -17.07 -31.44 111.37
C LEU Y 384 -15.84 -30.64 111.81
N VAL Y 385 -14.69 -30.89 111.19
CA VAL Y 385 -13.48 -30.18 111.59
C VAL Y 385 -13.60 -28.69 111.28
N ALA Y 386 -14.13 -28.35 110.10
CA ALA Y 386 -14.32 -26.95 109.77
C ALA Y 386 -15.29 -26.29 110.74
N ALA Y 387 -16.35 -27.02 111.15
CA ALA Y 387 -17.28 -26.46 112.12
C ALA Y 387 -16.58 -26.19 113.46
N ARG Y 388 -15.73 -27.12 113.89
CA ARG Y 388 -14.99 -26.89 115.13
C ARG Y 388 -14.11 -25.65 115.04
N SER Y 389 -13.38 -25.52 113.93
CA SER Y 389 -12.52 -24.35 113.77
C SER Y 389 -13.33 -23.06 113.76
N LYS Y 390 -14.47 -23.06 113.06
CA LYS Y 390 -15.29 -21.86 113.01
C LYS Y 390 -15.85 -21.50 114.39
N CYS Y 391 -16.27 -22.50 115.15
CA CYS Y 391 -16.79 -22.24 116.50
C CYS Y 391 -15.71 -21.81 117.48
N LEU Y 392 -14.46 -22.22 117.28
CA LEU Y 392 -13.40 -21.86 118.20
C LEU Y 392 -12.74 -20.53 117.87
N THR Y 393 -12.67 -20.16 116.60
CA THR Y 393 -11.81 -19.03 116.24
C THR Y 393 -12.20 -17.68 116.84
N PRO Y 394 -13.45 -17.43 117.28
CA PRO Y 394 -13.67 -16.17 118.03
C PRO Y 394 -12.81 -16.05 119.28
N TYR Y 395 -12.53 -17.16 119.96
CA TYR Y 395 -11.84 -17.12 121.23
C TYR Y 395 -10.32 -17.08 121.07
N ALA Y 396 -9.80 -17.38 119.89
CA ALA Y 396 -8.36 -17.35 119.66
C ALA Y 396 -7.86 -16.00 119.22
N LEU Y 397 -8.73 -14.99 119.16
CA LEU Y 397 -8.34 -13.64 118.80
C LEU Y 397 -8.34 -12.71 120.01
N THR Y 398 -8.62 -13.24 121.20
CA THR Y 398 -8.71 -12.50 122.44
C THR Y 398 -7.79 -13.14 123.47
N PRO Y 399 -7.07 -12.35 124.26
CA PRO Y 399 -6.38 -12.86 125.44
C PRO Y 399 -7.33 -13.26 126.56
N GLY Y 400 -8.21 -14.24 126.28
CA GLY Y 400 -9.24 -14.65 127.20
C GLY Y 400 -9.02 -16.05 127.75
N ALA Y 401 -10.07 -16.55 128.39
CA ALA Y 401 -10.03 -17.85 129.06
C ALA Y 401 -10.38 -18.95 128.06
N ALA Y 402 -10.70 -20.15 128.58
CA ALA Y 402 -11.00 -21.29 127.73
C ALA Y 402 -12.45 -21.73 127.76
N VAL Y 403 -13.24 -21.31 128.75
CA VAL Y 403 -14.63 -21.73 128.89
C VAL Y 403 -14.66 -23.25 129.00
N PRO Y 404 -14.28 -23.82 130.14
CA PRO Y 404 -14.09 -25.28 130.22
C PRO Y 404 -15.31 -26.09 129.81
N TRP Y 405 -16.53 -25.55 129.96
CA TRP Y 405 -17.70 -26.28 129.49
C TRP Y 405 -17.60 -26.54 127.99
N THR Y 406 -17.20 -25.52 127.22
CA THR Y 406 -16.98 -25.70 125.80
C THR Y 406 -15.71 -26.46 125.48
N LEU Y 407 -14.68 -26.32 126.33
CA LEU Y 407 -13.46 -27.08 126.10
C LEU Y 407 -13.72 -28.58 126.18
N GLY Y 408 -14.52 -29.01 127.15
CA GLY Y 408 -14.80 -30.42 127.31
C GLY Y 408 -15.53 -31.01 126.11
N ILE Y 409 -16.52 -30.28 125.59
CA ILE Y 409 -17.24 -30.76 124.41
C ILE Y 409 -16.33 -30.78 123.19
N LEU Y 410 -15.63 -29.67 122.93
CA LEU Y 410 -14.82 -29.55 121.74
C LEU Y 410 -13.35 -29.58 122.11
N CYS Y 411 -12.67 -30.68 121.78
CA CYS Y 411 -11.26 -30.84 122.10
C CYS Y 411 -10.45 -29.94 121.18
N CYS Y 412 -9.79 -28.95 121.75
CA CYS Y 412 -9.08 -27.93 121.00
C CYS Y 412 -7.57 -28.13 121.10
N ALA Y 413 -6.84 -27.30 120.36
CA ALA Y 413 -5.38 -27.33 120.42
C ALA Y 413 -4.84 -27.01 121.81
N PRO Y 414 -5.31 -25.97 122.53
CA PRO Y 414 -4.85 -25.77 123.91
C PRO Y 414 -5.47 -26.81 124.85
N ARG Y 415 -4.64 -27.77 125.27
CA ARG Y 415 -5.10 -28.73 126.27
C ARG Y 415 -5.32 -28.07 127.62
N ALA Y 416 -4.32 -27.32 128.09
CA ALA Y 416 -4.44 -26.58 129.34
C ALA Y 416 -3.88 -25.17 129.28
N HIS Y 417 -2.96 -24.86 128.36
CA HIS Y 417 -2.39 -23.52 128.28
C HIS Y 417 -3.35 -22.61 127.53
N ALA Y 418 -3.89 -21.60 128.22
CA ALA Y 418 -4.77 -20.61 127.63
C ALA Y 418 -5.99 -21.23 126.97
N MET Z 1 -85.82 -32.57 -26.21
CA MET Z 1 -84.59 -31.95 -25.71
C MET Z 1 -83.56 -33.01 -25.32
N CYS Z 2 -84.02 -34.25 -25.18
CA CYS Z 2 -83.16 -35.34 -24.73
C CYS Z 2 -82.27 -35.83 -25.87
N VAL Z 3 -81.38 -36.77 -25.53
CA VAL Z 3 -80.33 -37.21 -26.44
C VAL Z 3 -80.41 -38.73 -26.64
N LEU Z 4 -80.16 -39.17 -27.86
CA LEU Z 4 -80.14 -40.58 -28.24
C LEU Z 4 -79.01 -40.77 -29.24
N ALA Z 5 -77.87 -41.28 -28.77
CA ALA Z 5 -76.72 -41.49 -29.65
C ALA Z 5 -76.37 -40.20 -30.36
N ASN Z 6 -76.98 -39.98 -31.53
CA ASN Z 6 -76.93 -38.69 -32.22
C ASN Z 6 -78.27 -38.36 -32.83
N ALA Z 7 -79.35 -38.62 -32.11
CA ALA Z 7 -80.70 -38.33 -32.58
C ALA Z 7 -81.25 -37.02 -32.03
N THR Z 8 -81.18 -36.84 -30.72
CA THR Z 8 -81.62 -35.62 -30.04
C THR Z 8 -83.09 -35.33 -30.38
N PHE Z 9 -83.92 -36.22 -29.97
CA PHE Z 9 -85.35 -36.16 -30.22
C PHE Z 9 -86.07 -35.48 -29.06
N PRO Z 10 -87.22 -34.86 -29.31
CA PRO Z 10 -87.99 -34.29 -28.20
C PRO Z 10 -88.39 -35.36 -27.20
N CYS Z 11 -88.18 -35.05 -25.92
CA CYS Z 11 -88.35 -36.05 -24.88
C CYS Z 11 -89.78 -36.54 -24.78
N PHE Z 12 -90.76 -35.68 -25.07
CA PHE Z 12 -92.15 -36.06 -24.92
C PHE Z 12 -92.54 -37.20 -25.85
N GLN Z 13 -91.85 -37.34 -26.98
CA GLN Z 13 -92.16 -38.35 -27.99
C GLN Z 13 -90.93 -39.18 -28.27
N PRO Z 14 -90.67 -40.20 -27.44
CA PRO Z 14 -89.54 -41.08 -27.68
C PRO Z 14 -89.74 -41.93 -28.91
N PRO Z 15 -88.66 -42.38 -29.56
CA PRO Z 15 -88.81 -43.19 -30.77
C PRO Z 15 -89.19 -44.64 -30.52
N CYS Z 16 -89.27 -45.07 -29.27
CA CYS Z 16 -89.58 -46.46 -28.96
C CYS Z 16 -91.07 -46.72 -28.75
N VAL Z 17 -91.90 -45.69 -28.86
CA VAL Z 17 -93.33 -45.84 -28.58
C VAL Z 17 -93.94 -46.84 -29.55
N PRO Z 18 -94.80 -47.76 -29.10
CA PRO Z 18 -95.20 -47.91 -27.69
C PRO Z 18 -94.58 -49.13 -27.01
N CYS Z 19 -94.82 -49.25 -25.71
CA CYS Z 19 -94.34 -50.38 -24.92
C CYS Z 19 -92.83 -50.55 -25.04
N CYS Z 20 -92.12 -49.48 -24.69
CA CYS Z 20 -90.66 -49.50 -24.79
C CYS Z 20 -90.06 -50.57 -23.88
N TYR Z 21 -90.52 -50.64 -22.64
CA TYR Z 21 -89.97 -51.60 -21.71
C TYR Z 21 -90.31 -53.03 -22.12
N GLU Z 22 -91.55 -53.27 -22.51
CA GLU Z 22 -91.94 -54.61 -22.95
C GLU Z 22 -91.13 -55.03 -24.18
N ASN Z 23 -90.91 -54.11 -25.11
CA ASN Z 23 -90.16 -54.43 -26.32
C ASN Z 23 -88.70 -54.73 -25.98
N ASN Z 24 -88.05 -53.84 -25.22
CA ASN Z 24 -86.62 -54.00 -24.91
C ASN Z 24 -86.38 -53.35 -23.55
N ALA Z 25 -86.21 -54.17 -22.51
CA ALA Z 25 -86.03 -53.65 -21.17
C ALA Z 25 -84.65 -52.98 -21.01
N GLU Z 26 -83.60 -53.68 -21.43
CA GLU Z 26 -82.25 -53.18 -21.18
C GLU Z 26 -82.00 -51.86 -21.92
N ALA Z 27 -82.39 -51.80 -23.19
CA ALA Z 27 -82.22 -50.56 -23.94
C ALA Z 27 -83.02 -49.43 -23.32
N THR Z 28 -84.25 -49.73 -22.88
CA THR Z 28 -85.06 -48.71 -22.23
C THR Z 28 -84.38 -48.17 -20.98
N LEU Z 29 -83.83 -49.05 -20.15
CA LEU Z 29 -83.14 -48.61 -18.94
C LEU Z 29 -81.93 -47.75 -19.27
N ARG Z 30 -81.04 -48.27 -20.14
CA ARG Z 30 -79.82 -47.52 -20.45
C ARG Z 30 -80.14 -46.25 -21.21
N MET Z 31 -81.35 -46.13 -21.76
CA MET Z 31 -81.74 -44.90 -22.41
C MET Z 31 -82.28 -43.89 -21.40
N LEU Z 32 -83.10 -44.35 -20.46
CA LEU Z 32 -83.54 -43.51 -19.36
C LEU Z 32 -82.35 -43.02 -18.54
N GLU Z 33 -81.27 -43.77 -18.57
CA GLU Z 33 -80.10 -43.54 -17.73
C GLU Z 33 -79.23 -42.37 -18.17
N ASP Z 34 -79.20 -42.05 -19.46
CA ASP Z 34 -78.37 -40.98 -19.95
C ASP Z 34 -79.11 -39.65 -20.05
N ASN Z 35 -80.36 -39.60 -19.59
CA ASN Z 35 -81.12 -38.37 -19.51
C ASN Z 35 -81.28 -37.88 -18.09
N VAL Z 36 -80.43 -38.35 -17.17
CA VAL Z 36 -80.52 -37.94 -15.77
C VAL Z 36 -80.22 -36.46 -15.61
N ASP Z 37 -79.24 -35.94 -16.34
CA ASP Z 37 -78.88 -34.54 -16.23
C ASP Z 37 -79.81 -33.63 -17.02
N ARG Z 38 -80.55 -34.15 -17.98
CA ARG Z 38 -81.38 -33.32 -18.83
C ARG Z 38 -82.63 -32.90 -18.07
N PRO Z 39 -83.06 -31.64 -18.17
CA PRO Z 39 -84.28 -31.21 -17.48
C PRO Z 39 -85.52 -31.98 -17.90
N GLY Z 40 -85.56 -32.48 -19.13
CA GLY Z 40 -86.70 -33.25 -19.57
C GLY Z 40 -86.59 -34.72 -19.26
N TYR Z 41 -86.39 -35.07 -17.99
CA TYR Z 41 -86.21 -36.47 -17.63
C TYR Z 41 -87.52 -37.12 -17.20
N TYR Z 42 -88.30 -36.43 -16.37
CA TYR Z 42 -89.48 -37.05 -15.78
C TYR Z 42 -90.56 -37.30 -16.84
N ASP Z 43 -90.71 -36.38 -17.80
CA ASP Z 43 -91.65 -36.64 -18.89
C ASP Z 43 -91.18 -37.80 -19.77
N LEU Z 44 -89.87 -37.91 -19.99
CA LEU Z 44 -89.35 -39.06 -20.72
C LEU Z 44 -89.67 -40.36 -20.00
N LEU Z 45 -89.50 -40.36 -18.68
CA LEU Z 45 -89.87 -41.52 -17.87
C LEU Z 45 -91.36 -41.82 -17.96
N GLN Z 46 -92.20 -40.78 -17.92
CA GLN Z 46 -93.64 -40.98 -18.02
C GLN Z 46 -94.00 -41.64 -19.33
N ALA Z 47 -93.36 -41.20 -20.42
CA ALA Z 47 -93.65 -41.80 -21.72
C ALA Z 47 -93.10 -43.21 -21.84
N ALA Z 48 -91.93 -43.48 -21.26
CA ALA Z 48 -91.23 -44.73 -21.52
C ALA Z 48 -91.99 -45.93 -20.99
N LEU Z 49 -92.62 -45.80 -19.83
CA LEU Z 49 -93.25 -46.93 -19.15
C LEU Z 49 -94.77 -46.81 -19.12
N THR Z 50 -95.37 -46.38 -20.22
CA THR Z 50 -96.82 -46.26 -20.30
C THR Z 50 -97.27 -46.71 -21.68
N CYS Z 51 -98.00 -47.82 -21.73
CA CYS Z 51 -98.55 -48.31 -22.98
C CYS Z 51 -99.72 -49.23 -22.69
N ARG Z 52 -100.76 -49.12 -23.51
CA ARG Z 52 -102.00 -49.87 -23.29
C ARG Z 52 -102.15 -50.98 -24.31
N MET AA 1 -147.19 -46.51 48.13
CA MET AA 1 -147.16 -45.08 48.38
C MET AA 1 -146.94 -44.31 47.08
N CYS AA 2 -146.84 -45.04 45.97
CA CYS AA 2 -146.67 -44.44 44.66
C CYS AA 2 -147.99 -43.87 44.16
N VAL AA 3 -147.89 -42.98 43.17
CA VAL AA 3 -149.06 -42.30 42.62
C VAL AA 3 -149.00 -42.37 41.10
N LEU AA 4 -150.15 -42.57 40.47
CA LEU AA 4 -150.29 -42.56 39.02
C LEU AA 4 -151.54 -41.75 38.69
N ALA AA 5 -151.34 -40.50 38.28
CA ALA AA 5 -152.43 -39.57 37.96
C ALA AA 5 -153.37 -39.39 39.14
N ASN AA 6 -154.35 -40.27 39.27
CA ASN AA 6 -155.32 -40.22 40.36
C ASN AA 6 -155.57 -41.61 40.93
N ALA AA 7 -154.51 -42.40 41.08
CA ALA AA 7 -154.63 -43.77 41.58
C ALA AA 7 -154.27 -43.86 43.05
N THR AA 8 -153.07 -43.43 43.43
CA THR AA 8 -152.56 -43.49 44.80
C THR AA 8 -152.65 -44.93 45.33
N PHE AA 9 -151.90 -45.81 44.67
CA PHE AA 9 -151.85 -47.22 44.98
C PHE AA 9 -150.54 -47.58 45.70
N PRO AA 10 -150.56 -48.60 46.55
CA PRO AA 10 -149.29 -49.04 47.17
C PRO AA 10 -148.29 -49.50 46.12
N CYS AA 11 -147.03 -49.17 46.36
CA CYS AA 11 -145.98 -49.48 45.39
C CYS AA 11 -145.70 -50.98 45.29
N PHE AA 12 -146.13 -51.77 46.28
CA PHE AA 12 -145.90 -53.21 46.24
C PHE AA 12 -146.85 -53.93 45.29
N GLN AA 13 -148.00 -53.33 44.98
CA GLN AA 13 -149.02 -53.94 44.11
C GLN AA 13 -149.44 -52.95 43.04
N PRO AA 14 -148.62 -52.77 41.99
CA PRO AA 14 -149.02 -51.89 40.90
C PRO AA 14 -150.21 -52.46 40.16
N PRO AA 15 -151.06 -51.60 39.57
CA PRO AA 15 -152.25 -52.11 38.87
C PRO AA 15 -151.96 -52.80 37.56
N CYS AA 16 -150.74 -52.70 37.03
CA CYS AA 16 -150.39 -53.29 35.75
C CYS AA 16 -149.93 -54.74 35.86
N VAL AA 17 -149.95 -55.32 37.07
CA VAL AA 17 -149.55 -56.71 37.24
C VAL AA 17 -150.49 -57.62 36.45
N PRO AA 18 -149.97 -58.59 35.67
CA PRO AA 18 -148.54 -58.87 35.49
C PRO AA 18 -147.98 -58.37 34.17
N CYS AA 19 -146.65 -58.44 34.03
CA CYS AA 19 -145.95 -58.08 32.80
C CYS AA 19 -146.30 -56.65 32.35
N CYS AA 20 -145.95 -55.69 33.22
CA CYS AA 20 -146.21 -54.30 32.91
C CYS AA 20 -145.46 -53.85 31.65
N TYR AA 21 -144.19 -54.23 31.55
CA TYR AA 21 -143.38 -53.83 30.41
C TYR AA 21 -143.92 -54.43 29.12
N GLU AA 22 -144.29 -55.72 29.14
CA GLU AA 22 -144.78 -56.37 27.93
C GLU AA 22 -146.15 -55.83 27.53
N ASN AA 23 -147.02 -55.56 28.51
CA ASN AA 23 -148.33 -55.02 28.20
C ASN AA 23 -148.23 -53.60 27.63
N ASN AA 24 -147.39 -52.76 28.24
CA ASN AA 24 -147.21 -51.38 27.76
C ASN AA 24 -145.83 -50.92 28.22
N ALA AA 25 -144.86 -50.94 27.29
CA ALA AA 25 -143.50 -50.53 27.63
C ALA AA 25 -143.43 -49.05 27.96
N GLU AA 26 -143.96 -48.21 27.06
CA GLU AA 26 -143.85 -46.76 27.25
C GLU AA 26 -144.57 -46.30 28.52
N ALA AA 27 -145.77 -46.84 28.76
CA ALA AA 27 -146.50 -46.47 29.97
C ALA AA 27 -145.76 -46.90 31.23
N THR AA 28 -145.17 -48.10 31.21
CA THR AA 28 -144.41 -48.57 32.36
C THR AA 28 -143.21 -47.67 32.62
N LEU AA 29 -142.48 -47.30 31.57
CA LEU AA 29 -141.34 -46.40 31.74
C LEU AA 29 -141.79 -45.04 32.26
N ARG AA 30 -142.90 -44.52 31.74
CA ARG AA 30 -143.40 -43.23 32.20
C ARG AA 30 -143.79 -43.27 33.68
N MET AA 31 -144.48 -44.33 34.11
CA MET AA 31 -144.89 -44.41 35.51
C MET AA 31 -143.69 -44.65 36.43
N LEU AA 32 -142.68 -45.38 35.94
CA LEU AA 32 -141.46 -45.52 36.72
C LEU AA 32 -140.75 -44.18 36.88
N GLU AA 33 -140.65 -43.41 35.79
CA GLU AA 33 -139.98 -42.11 35.87
C GLU AA 33 -140.73 -41.14 36.77
N ASP AA 34 -142.06 -41.18 36.74
CA ASP AA 34 -142.85 -40.25 37.56
C ASP AA 34 -142.63 -40.48 39.06
N ASN AA 35 -142.24 -41.68 39.47
CA ASN AA 35 -142.17 -42.03 40.88
C ASN AA 35 -140.73 -42.24 41.37
N VAL AA 36 -139.76 -41.53 40.78
CA VAL AA 36 -138.38 -41.67 41.23
C VAL AA 36 -138.20 -41.07 42.61
N ASP AA 37 -138.90 -39.96 42.92
CA ASP AA 37 -138.73 -39.30 44.20
C ASP AA 37 -139.22 -40.14 45.36
N ARG AA 38 -140.22 -40.99 45.15
CA ARG AA 38 -140.81 -41.75 46.24
C ARG AA 38 -139.81 -42.80 46.75
N PRO AA 39 -139.79 -43.06 48.05
CA PRO AA 39 -138.85 -44.06 48.59
C PRO AA 39 -139.14 -45.48 48.13
N GLY AA 40 -140.36 -45.75 47.65
CA GLY AA 40 -140.70 -47.10 47.22
C GLY AA 40 -140.44 -47.32 45.75
N TYR AA 41 -139.58 -46.48 45.17
CA TYR AA 41 -139.30 -46.59 43.74
C TYR AA 41 -138.70 -47.95 43.40
N TYR AA 42 -137.79 -48.44 44.25
CA TYR AA 42 -137.15 -49.72 43.95
C TYR AA 42 -138.14 -50.86 44.01
N ASP AA 43 -139.07 -50.83 44.96
CA ASP AA 43 -140.12 -51.84 45.00
C ASP AA 43 -141.00 -51.78 43.76
N LEU AA 44 -141.37 -50.56 43.35
CA LEU AA 44 -142.19 -50.42 42.14
C LEU AA 44 -141.45 -50.95 40.92
N LEU AA 45 -140.15 -50.64 40.81
CA LEU AA 45 -139.35 -51.15 39.71
C LEU AA 45 -139.25 -52.66 39.74
N GLN AA 46 -139.07 -53.24 40.92
CA GLN AA 46 -139.01 -54.70 41.04
C GLN AA 46 -140.31 -55.33 40.60
N ALA AA 47 -141.44 -54.75 40.98
CA ALA AA 47 -142.73 -55.31 40.62
C ALA AA 47 -143.04 -55.13 39.13
N ALA AA 48 -142.57 -54.03 38.54
CA ALA AA 48 -142.95 -53.73 37.16
C ALA AA 48 -142.17 -54.58 36.16
N LEU AA 49 -140.92 -54.92 36.45
CA LEU AA 49 -140.05 -55.63 35.51
C LEU AA 49 -139.81 -57.07 35.95
N THR AA 50 -140.84 -57.72 36.49
CA THR AA 50 -140.71 -59.11 36.94
C THR AA 50 -142.01 -59.84 36.63
N CYS AA 51 -141.97 -60.71 35.62
CA CYS AA 51 -143.11 -61.55 35.28
C CYS AA 51 -142.62 -62.73 34.45
N ARG AA 52 -143.22 -63.89 34.68
CA ARG AA 52 -142.82 -65.11 33.98
C ARG AA 52 -143.91 -65.57 33.03
N MET BA 1 -46.85 -86.47 11.09
CA MET BA 1 -46.50 -85.21 10.45
C MET BA 1 -45.06 -85.22 9.93
N CYS BA 2 -44.55 -86.42 9.67
CA CYS BA 2 -43.25 -86.63 9.06
C CYS BA 2 -43.32 -86.34 7.55
N VAL BA 3 -42.14 -86.17 6.94
CA VAL BA 3 -42.05 -85.76 5.54
C VAL BA 3 -41.02 -86.61 4.81
N LEU BA 4 -41.35 -87.00 3.58
CA LEU BA 4 -40.41 -87.62 2.64
C LEU BA 4 -40.63 -86.96 1.28
N ALA BA 5 -39.64 -86.22 0.79
CA ALA BA 5 -39.73 -85.52 -0.49
C ALA BA 5 -40.93 -84.58 -0.51
N ASN BA 6 -42.11 -85.10 -0.89
CA ASN BA 6 -43.35 -84.34 -0.85
C ASN BA 6 -44.51 -85.20 -0.38
N ALA BA 7 -44.26 -86.06 0.60
CA ALA BA 7 -45.29 -86.99 1.08
C ALA BA 7 -46.19 -86.35 2.13
N THR BA 8 -45.61 -85.73 3.15
CA THR BA 8 -46.37 -85.07 4.21
C THR BA 8 -47.39 -86.02 4.84
N PHE BA 9 -46.87 -87.14 5.30
CA PHE BA 9 -47.75 -88.17 5.84
C PHE BA 9 -47.67 -88.20 7.36
N PRO BA 10 -48.76 -88.59 8.04
CA PRO BA 10 -48.69 -88.71 9.50
C PRO BA 10 -47.69 -89.79 9.90
N CYS BA 11 -46.93 -89.50 10.97
CA CYS BA 11 -45.87 -90.40 11.38
C CYS BA 11 -46.41 -91.71 11.94
N PHE BA 12 -47.69 -91.75 12.28
CA PHE BA 12 -48.30 -92.97 12.78
C PHE BA 12 -48.27 -94.10 11.75
N GLN BA 13 -48.54 -93.78 10.48
CA GLN BA 13 -48.61 -94.78 9.41
C GLN BA 13 -47.65 -94.41 8.29
N PRO BA 14 -46.43 -94.93 8.32
CA PRO BA 14 -45.49 -94.65 7.24
C PRO BA 14 -45.91 -95.33 5.95
N PRO BA 15 -45.49 -94.83 4.80
CA PRO BA 15 -45.94 -95.40 3.52
C PRO BA 15 -45.34 -96.74 3.17
N CYS BA 16 -44.30 -97.17 3.88
CA CYS BA 16 -43.59 -98.40 3.58
C CYS BA 16 -44.02 -99.58 4.45
N VAL BA 17 -45.08 -99.43 5.24
CA VAL BA 17 -45.54 -100.53 6.09
C VAL BA 17 -45.88 -101.73 5.24
N PRO BA 18 -45.50 -102.96 5.63
CA PRO BA 18 -44.64 -103.26 6.78
C PRO BA 18 -43.19 -103.49 6.38
N CYS BA 19 -42.34 -103.75 7.38
CA CYS BA 19 -40.96 -104.17 7.19
C CYS BA 19 -40.19 -103.20 6.27
N CYS BA 20 -40.24 -101.92 6.65
CA CYS BA 20 -39.55 -100.90 5.85
C CYS BA 20 -38.06 -101.17 5.77
N TYR BA 21 -37.45 -101.50 6.91
CA TYR BA 21 -36.01 -101.73 6.93
C TYR BA 21 -35.62 -102.91 6.04
N GLU BA 22 -36.39 -103.99 6.11
CA GLU BA 22 -36.09 -105.14 5.26
C GLU BA 22 -36.30 -104.81 3.80
N ASN BA 23 -37.36 -104.06 3.48
CA ASN BA 23 -37.65 -103.73 2.09
C ASN BA 23 -36.53 -102.86 1.49
N ASN BA 24 -36.08 -101.86 2.22
CA ASN BA 24 -35.02 -100.98 1.72
C ASN BA 24 -34.32 -100.36 2.92
N ALA BA 25 -33.14 -100.89 3.27
CA ALA BA 25 -32.42 -100.38 4.43
C ALA BA 25 -31.95 -98.96 4.20
N GLU BA 26 -31.28 -98.71 3.07
CA GLU BA 26 -30.72 -97.39 2.81
C GLU BA 26 -31.80 -96.32 2.74
N ALA BA 27 -32.90 -96.62 2.04
CA ALA BA 27 -33.97 -95.64 1.93
C ALA BA 27 -34.62 -95.37 3.28
N THR BA 28 -34.77 -96.41 4.10
CA THR BA 28 -35.34 -96.22 5.43
C THR BA 28 -34.45 -95.33 6.28
N LEU BA 29 -33.15 -95.58 6.27
CA LEU BA 29 -32.25 -94.72 7.02
C LEU BA 29 -32.29 -93.29 6.47
N ARG BA 30 -32.36 -93.15 5.15
CA ARG BA 30 -32.41 -91.83 4.55
C ARG BA 30 -33.64 -91.05 4.99
N MET BA 31 -34.82 -91.67 5.00
CA MET BA 31 -35.98 -90.97 5.52
C MET BA 31 -35.89 -90.82 7.03
N LEU BA 32 -35.03 -91.59 7.68
CA LEU BA 32 -34.81 -91.39 9.11
C LEU BA 32 -34.04 -90.11 9.38
N GLU BA 33 -32.95 -89.85 8.65
CA GLU BA 33 -32.30 -88.55 8.86
C GLU BA 33 -33.17 -87.38 8.43
N ASP BA 34 -34.16 -87.61 7.58
CA ASP BA 34 -34.95 -86.51 7.06
C ASP BA 34 -35.95 -85.94 8.06
N ASN BA 35 -36.27 -86.69 9.11
CA ASN BA 35 -37.30 -86.26 10.06
C ASN BA 35 -36.77 -86.11 11.48
N VAL BA 36 -35.46 -85.92 11.64
CA VAL BA 36 -34.89 -85.84 12.99
C VAL BA 36 -35.42 -84.63 13.74
N ASP BA 37 -35.67 -83.52 13.05
CA ASP BA 37 -36.16 -82.32 13.71
C ASP BA 37 -37.66 -82.36 13.98
N ARG BA 38 -38.40 -83.25 13.33
CA ARG BA 38 -39.83 -83.34 13.61
C ARG BA 38 -40.05 -83.97 14.99
N PRO BA 39 -40.97 -83.42 15.78
CA PRO BA 39 -41.21 -83.97 17.13
C PRO BA 39 -41.73 -85.38 17.13
N GLY BA 40 -42.27 -85.88 16.02
CA GLY BA 40 -42.76 -87.24 15.97
C GLY BA 40 -41.71 -88.22 15.50
N TYR BA 41 -40.43 -87.81 15.62
CA TYR BA 41 -39.35 -88.64 15.12
C TYR BA 41 -39.32 -90.00 15.79
N TYR BA 42 -39.55 -90.02 17.10
CA TYR BA 42 -39.45 -91.29 17.82
C TYR BA 42 -40.59 -92.22 17.44
N ASP BA 43 -41.78 -91.66 17.21
CA ASP BA 43 -42.88 -92.44 16.68
C ASP BA 43 -42.54 -93.00 15.31
N LEU BA 44 -41.92 -92.17 14.46
CA LEU BA 44 -41.52 -92.65 13.13
C LEU BA 44 -40.55 -93.81 13.24
N LEU BA 45 -39.58 -93.70 14.13
CA LEU BA 45 -38.61 -94.79 14.28
C LEU BA 45 -39.28 -96.04 14.82
N GLN BA 46 -40.21 -95.89 15.77
CA GLN BA 46 -40.92 -97.05 16.28
C GLN BA 46 -41.73 -97.74 15.20
N ALA BA 47 -42.40 -96.96 14.35
CA ALA BA 47 -43.20 -97.56 13.29
C ALA BA 47 -42.33 -98.17 12.20
N ALA BA 48 -41.16 -97.59 11.94
CA ALA BA 48 -40.37 -97.98 10.78
C ALA BA 48 -39.51 -99.21 10.99
N LEU BA 49 -39.39 -99.72 12.23
CA LEU BA 49 -38.49 -100.84 12.46
C LEU BA 49 -39.16 -101.96 13.24
N THR BA 50 -40.47 -102.12 13.06
CA THR BA 50 -41.23 -103.10 13.83
C THR BA 50 -42.10 -103.91 12.89
N CYS BA 51 -41.74 -105.17 12.66
CA CYS BA 51 -42.55 -106.03 11.83
C CYS BA 51 -42.17 -107.48 12.09
N ARG BA 52 -43.05 -108.40 11.69
CA ARG BA 52 -42.90 -109.82 12.00
C ARG BA 52 -42.80 -110.65 10.73
N LYS CA 1 -40.19 60.75 98.68
CA LYS CA 1 -41.48 60.45 99.31
C LYS CA 1 -42.44 59.82 98.30
N ARG CA 2 -42.89 60.63 97.34
CA ARG CA 2 -43.75 60.10 96.28
C ARG CA 2 -43.05 59.02 95.48
N GLU CA 3 -41.78 59.26 95.13
CA GLU CA 3 -41.01 58.26 94.39
C GLU CA 3 -40.87 56.96 95.18
N ARG CA 4 -40.57 57.07 96.48
CA ARG CA 4 -40.38 55.88 97.29
C ARG CA 4 -41.67 55.11 97.44
N MET CA 5 -42.79 55.82 97.64
CA MET CA 5 -44.09 55.17 97.67
C MET CA 5 -44.41 54.47 96.35
N CYS CA 6 -44.13 55.14 95.23
CA CYS CA 6 -44.37 54.52 93.93
C CYS CA 6 -43.55 53.25 93.77
N MET CA 7 -42.27 53.30 94.15
CA MET CA 7 -41.41 52.13 94.02
C MET CA 7 -41.87 51.00 94.93
N LYS CA 8 -42.31 51.33 96.15
CA LYS CA 8 -42.78 50.30 97.07
C LYS CA 8 -44.04 49.62 96.54
N ILE CA 9 -45.03 50.39 96.11
CA ILE CA 9 -46.25 49.78 95.58
C ILE CA 9 -45.95 49.00 94.30
N GLU CA 10 -45.02 49.48 93.49
CA GLU CA 10 -44.64 48.73 92.30
C GLU CA 10 -43.99 47.40 92.67
N ASN CA 11 -43.07 47.41 93.65
CA ASN CA 11 -42.47 46.17 94.10
C ASN CA 11 -43.51 45.20 94.63
N ASP CA 12 -44.55 45.73 95.27
CA ASP CA 12 -45.60 44.90 95.84
C ASP CA 12 -46.58 44.37 94.81
N CYS CA 13 -46.81 45.10 93.71
CA CYS CA 13 -47.94 44.79 92.85
C CYS CA 13 -47.57 44.60 91.38
N ILE CA 14 -46.29 44.43 91.05
CA ILE CA 14 -45.89 44.12 89.68
C ILE CA 14 -45.20 42.77 89.65
N PHE CA 15 -45.57 41.95 88.67
CA PHE CA 15 -44.91 40.66 88.44
C PHE CA 15 -44.44 40.63 86.99
N GLU CA 16 -43.16 40.29 86.81
CA GLU CA 16 -42.62 40.20 85.45
C GLU CA 16 -43.14 38.95 84.76
N VAL CA 17 -43.35 39.06 83.44
CA VAL CA 17 -43.83 37.98 82.62
C VAL CA 17 -42.76 37.64 81.61
N LYS CA 18 -42.27 36.40 81.65
CA LYS CA 18 -41.13 35.94 80.87
C LYS CA 18 -41.57 34.85 79.90
N HIS CA 19 -41.11 34.98 78.66
CA HIS CA 19 -41.33 33.97 77.62
C HIS CA 19 -39.99 33.62 77.00
N GLU CA 20 -39.72 32.33 76.88
CA GLU CA 20 -38.46 31.84 76.35
C GLU CA 20 -37.27 32.38 77.14
N GLY CA 21 -37.43 32.48 78.45
CA GLY CA 21 -36.35 32.87 79.32
C GLY CA 21 -36.03 34.35 79.34
N LYS CA 22 -36.79 35.18 78.64
CA LYS CA 22 -36.54 36.61 78.59
C LYS CA 22 -37.76 37.37 79.07
N VAL CA 23 -37.53 38.43 79.84
CA VAL CA 23 -38.62 39.25 80.35
C VAL CA 23 -39.31 39.95 79.18
N THR CA 24 -40.64 39.91 79.17
CA THR CA 24 -41.41 40.52 78.10
C THR CA 24 -42.54 41.41 78.56
N GLY CA 25 -43.13 41.18 79.72
CA GLY CA 25 -44.28 41.97 80.11
C GLY CA 25 -44.35 42.17 81.61
N TYR CA 26 -45.40 42.89 82.03
CA TYR CA 26 -45.63 43.14 83.44
C TYR CA 26 -47.11 43.05 83.75
N ALA CA 27 -47.44 42.26 84.77
CA ALA CA 27 -48.81 42.08 85.22
C ALA CA 27 -48.98 42.77 86.56
N CYS CA 28 -50.01 43.59 86.69
CA CYS CA 28 -50.23 44.36 87.89
C CYS CA 28 -51.48 43.88 88.62
N LEU CA 29 -51.49 44.11 89.93
CA LEU CA 29 -52.63 43.81 90.78
C LEU CA 29 -53.37 45.10 91.07
N VAL CA 30 -54.53 45.30 90.47
CA VAL CA 30 -55.35 46.48 90.73
C VAL CA 30 -56.68 46.03 91.31
N GLY CA 31 -57.02 46.59 92.46
CA GLY CA 31 -58.27 46.25 93.11
C GLY CA 31 -58.39 44.77 93.44
N ASP CA 32 -59.23 44.06 92.70
CA ASP CA 32 -59.44 42.65 92.94
C ASP CA 32 -59.34 41.88 91.64
N LYS CA 33 -58.41 42.28 90.78
CA LYS CA 33 -58.28 41.69 89.46
C LYS CA 33 -56.88 41.87 88.92
N VAL CA 34 -56.36 40.82 88.30
CA VAL CA 34 -55.06 40.84 87.63
C VAL CA 34 -55.30 41.20 86.18
N MET CA 35 -54.60 42.21 85.69
CA MET CA 35 -54.61 42.56 84.28
C MET CA 35 -53.28 42.20 83.64
N LYS CA 36 -53.31 41.97 82.32
CA LYS CA 36 -52.09 41.74 81.58
C LYS CA 36 -52.37 42.10 80.13
N PRO CA 37 -51.46 42.80 79.46
CA PRO CA 37 -51.68 43.09 78.03
C PRO CA 37 -51.76 41.83 77.21
N ALA CA 38 -52.56 41.87 76.15
CA ALA CA 38 -52.77 40.69 75.33
C ALA CA 38 -51.70 40.50 74.27
N HIS CA 39 -51.08 41.57 73.80
CA HIS CA 39 -50.08 41.40 72.74
C HIS CA 39 -48.77 40.86 73.27
N VAL CA 40 -48.55 40.90 74.58
CA VAL CA 40 -47.37 40.30 75.19
C VAL CA 40 -47.69 38.88 75.62
N LYS CA 41 -46.77 37.95 75.34
CA LYS CA 41 -47.02 36.53 75.55
C LYS CA 41 -45.99 35.97 76.52
N GLY CA 42 -46.38 34.91 77.21
CA GLY CA 42 -45.50 34.24 78.15
C GLY CA 42 -46.29 33.68 79.31
N VAL CA 43 -45.58 33.47 80.42
CA VAL CA 43 -46.17 32.97 81.65
C VAL CA 43 -45.79 33.90 82.78
N ILE CA 44 -46.76 34.28 83.60
CA ILE CA 44 -46.47 35.09 84.76
C ILE CA 44 -45.53 34.33 85.69
N ASP CA 45 -44.53 35.04 86.22
CA ASP CA 45 -43.58 34.43 87.16
C ASP CA 45 -44.19 34.35 88.56
N ASN CA 46 -45.18 33.47 88.68
CA ASN CA 46 -45.82 33.20 89.96
C ASN CA 46 -46.62 31.91 89.85
N ALA CA 47 -46.46 31.04 90.85
CA ALA CA 47 -47.16 29.76 90.84
C ALA CA 47 -48.66 29.96 90.89
N ASP CA 48 -49.14 30.85 91.77
CA ASP CA 48 -50.58 31.05 91.90
C ASP CA 48 -51.18 31.68 90.66
N LEU CA 49 -50.55 32.75 90.14
CA LEU CA 49 -51.08 33.38 88.95
C LEU CA 49 -50.89 32.52 87.70
N ALA CA 50 -50.03 31.51 87.76
CA ALA CA 50 -49.82 30.66 86.59
C ALA CA 50 -51.07 29.86 86.25
N LYS CA 51 -51.73 29.32 87.27
CA LYS CA 51 -52.84 28.39 87.06
C LYS CA 51 -54.19 29.08 86.91
N LEU CA 52 -54.24 30.40 87.06
CA LEU CA 52 -55.52 31.10 87.04
C LEU CA 52 -56.13 31.09 85.65
N ALA CA 53 -57.45 31.17 85.61
CA ALA CA 53 -58.18 31.25 84.35
C ALA CA 53 -58.29 32.71 83.92
N PHE CA 54 -57.88 33.00 82.69
CA PHE CA 54 -57.86 34.35 82.17
C PHE CA 54 -59.00 34.55 81.19
N LYS CA 55 -59.72 35.65 81.33
CA LYS CA 55 -60.68 36.10 80.34
C LYS CA 55 -59.98 37.07 79.41
N LYS CA 56 -60.00 36.79 78.12
CA LYS CA 56 -59.24 37.51 77.12
C LYS CA 56 -60.15 38.36 76.26
N SER CA 57 -59.67 39.52 75.83
CA SER CA 57 -60.39 40.31 74.84
C SER CA 57 -59.38 41.02 73.97
N SER CA 58 -59.41 40.75 72.67
CA SER CA 58 -58.57 41.45 71.72
C SER CA 58 -59.17 42.76 71.24
N LYS CA 59 -60.44 43.02 71.56
CA LYS CA 59 -61.00 44.34 71.32
C LYS CA 59 -60.36 45.38 72.22
N TYR CA 60 -60.30 45.09 73.52
CA TYR CA 60 -59.61 45.95 74.47
C TYR CA 60 -58.15 45.55 74.67
N ASP CA 61 -57.71 44.44 74.09
CA ASP CA 61 -56.31 44.00 74.15
C ASP CA 61 -55.88 43.83 75.61
N LEU CA 62 -56.53 42.89 76.28
CA LEU CA 62 -56.33 42.73 77.72
C LEU CA 62 -56.82 41.36 78.17
N GLU CA 63 -56.09 40.76 79.11
CA GLU CA 63 -56.52 39.60 79.85
C GLU CA 63 -56.74 39.99 81.30
N CYS CA 64 -57.76 39.40 81.92
CA CYS CA 64 -58.03 39.60 83.33
C CYS CA 64 -58.15 38.26 84.03
N ALA CA 65 -57.97 38.29 85.35
CA ALA CA 65 -58.20 37.12 86.18
C ALA CA 65 -58.59 37.56 87.57
N GLN CA 66 -59.33 36.72 88.28
CA GLN CA 66 -59.69 37.01 89.66
C GLN CA 66 -58.59 36.54 90.59
N ILE CA 67 -58.12 37.44 91.45
CA ILE CA 67 -56.97 37.19 92.31
C ILE CA 67 -57.38 36.26 93.46
N PRO CA 68 -56.44 35.48 94.00
CA PRO CA 68 -56.78 34.62 95.14
C PRO CA 68 -57.03 35.46 96.39
N VAL CA 69 -57.53 34.78 97.42
CA VAL CA 69 -57.97 35.48 98.62
C VAL CA 69 -56.77 36.07 99.37
N HIS CA 70 -55.71 35.28 99.54
CA HIS CA 70 -54.61 35.72 100.40
C HIS CA 70 -53.83 36.87 99.82
N MET CA 71 -53.99 37.17 98.54
CA MET CA 71 -53.25 38.25 97.89
C MET CA 71 -54.05 39.53 97.81
N ARG CA 72 -55.24 39.59 98.41
CA ARG CA 72 -56.07 40.78 98.30
C ARG CA 72 -55.48 41.98 99.03
N SER CA 73 -54.66 41.76 100.05
CA SER CA 73 -54.04 42.86 100.78
C SER CA 73 -52.79 43.37 100.10
N ASP CA 74 -52.39 42.76 98.98
CA ASP CA 74 -51.18 43.13 98.26
C ASP CA 74 -51.49 43.78 96.93
N ALA CA 75 -52.57 44.55 96.85
CA ALA CA 75 -53.00 45.18 95.62
C ALA CA 75 -53.08 46.68 95.80
N SER CA 76 -52.96 47.40 94.68
CA SER CA 76 -53.07 48.84 94.69
C SER CA 76 -54.51 49.25 94.96
N LYS CA 77 -54.77 50.55 94.88
CA LYS CA 77 -56.14 51.05 94.90
C LYS CA 77 -56.44 51.74 93.58
N TYR CA 78 -57.67 51.57 93.12
CA TYR CA 78 -58.10 52.00 91.80
C TYR CA 78 -58.84 53.32 91.89
N THR CA 79 -58.95 53.99 90.76
CA THR CA 79 -59.77 55.18 90.66
C THR CA 79 -60.11 55.42 89.20
N HIS CA 80 -61.10 56.29 88.98
CA HIS CA 80 -61.48 56.69 87.64
C HIS CA 80 -61.32 58.17 87.39
N GLU CA 81 -61.14 58.98 88.44
CA GLU CA 81 -60.96 60.41 88.27
C GLU CA 81 -59.67 60.70 87.54
N LYS CA 82 -59.72 61.59 86.56
CA LYS CA 82 -58.54 62.00 85.79
C LYS CA 82 -58.52 63.51 85.66
N PRO CA 83 -58.22 64.21 86.75
CA PRO CA 83 -58.07 65.67 86.65
C PRO CA 83 -56.83 66.05 85.87
N GLU CA 84 -56.87 67.23 85.29
CA GLU CA 84 -55.73 67.74 84.53
C GLU CA 84 -54.54 67.96 85.45
N GLY CA 85 -53.36 67.61 84.97
CA GLY CA 85 -52.14 67.84 85.73
C GLY CA 85 -51.08 66.83 85.35
N HIS CA 86 -50.17 66.56 86.28
CA HIS CA 86 -49.05 65.65 86.09
C HIS CA 86 -49.32 64.34 86.81
N TYR CA 87 -48.75 63.26 86.30
CA TYR CA 87 -48.91 61.94 86.91
C TYR CA 87 -47.57 61.23 86.92
N ASN CA 88 -47.46 60.21 87.76
CA ASN CA 88 -46.20 59.51 87.94
C ASN CA 88 -46.12 58.29 87.03
N TRP CA 89 -44.91 57.80 86.84
CA TRP CA 89 -44.68 56.63 86.01
C TRP CA 89 -43.34 56.04 86.40
N HIS CA 90 -43.18 54.74 86.14
CA HIS CA 90 -41.95 54.04 86.53
C HIS CA 90 -40.71 54.68 85.93
N HIS CA 91 -40.84 55.36 84.79
CA HIS CA 91 -39.71 56.01 84.15
C HIS CA 91 -39.80 57.53 84.22
N GLY CA 92 -40.53 58.04 85.21
CA GLY CA 92 -40.52 59.49 85.44
C GLY CA 92 -41.87 60.13 85.63
N ALA CA 93 -42.08 61.26 84.95
CA ALA CA 93 -43.31 62.03 85.06
C ALA CA 93 -43.98 62.11 83.71
N VAL CA 94 -45.31 62.14 83.72
CA VAL CA 94 -46.11 62.15 82.50
C VAL CA 94 -47.12 63.29 82.57
N GLN CA 95 -47.51 63.76 81.40
CA GLN CA 95 -48.41 64.88 81.26
C GLN CA 95 -49.73 64.41 80.66
N TYR CA 96 -50.82 64.71 81.34
CA TYR CA 96 -52.17 64.37 80.87
C TYR CA 96 -52.82 65.65 80.38
N SER CA 97 -52.96 65.77 79.06
CA SER CA 97 -53.51 66.97 78.44
C SER CA 97 -54.52 66.56 77.37
N GLY CA 98 -55.76 67.02 77.54
CA GLY CA 98 -56.78 66.86 76.52
C GLY CA 98 -57.08 65.42 76.14
N GLY CA 99 -57.20 64.53 77.12
CA GLY CA 99 -57.48 63.15 76.80
C GLY CA 99 -56.31 62.39 76.23
N ARG CA 100 -55.09 62.88 76.46
CA ARG CA 100 -53.89 62.20 75.99
C ARG CA 100 -52.89 62.08 77.11
N PHE CA 101 -52.15 60.98 77.12
CA PHE CA 101 -51.00 60.80 77.99
C PHE CA 101 -49.75 60.93 77.12
N THR CA 102 -48.86 61.83 77.50
CA THR CA 102 -47.67 62.08 76.70
C THR CA 102 -46.41 61.96 77.54
N ILE CA 103 -45.35 61.45 76.93
CA ILE CA 103 -44.06 61.26 77.57
C ILE CA 103 -43.16 62.42 77.15
N PRO CA 104 -42.78 63.32 78.06
CA PRO CA 104 -41.90 64.42 77.65
C PRO CA 104 -40.59 63.96 77.08
N THR CA 105 -40.05 62.83 77.55
CA THR CA 105 -38.73 62.40 77.12
C THR CA 105 -38.77 61.56 75.85
N GLY CA 106 -39.87 60.86 75.58
CA GLY CA 106 -39.83 59.88 74.51
C GLY CA 106 -38.86 58.77 74.77
N ALA CA 107 -38.71 58.36 76.03
CA ALA CA 107 -37.75 57.33 76.42
C ALA CA 107 -38.36 55.94 76.51
N GLY CA 108 -39.64 55.81 76.17
CA GLY CA 108 -40.29 54.50 76.19
C GLY CA 108 -39.68 53.50 75.25
N LYS CA 109 -39.54 52.26 75.68
CA LYS CA 109 -38.96 51.20 74.88
C LYS CA 109 -39.82 49.95 74.95
N PRO CA 110 -39.79 49.11 73.92
CA PRO CA 110 -40.55 47.86 73.96
C PRO CA 110 -40.13 47.01 75.14
N GLY CA 111 -41.08 46.26 75.68
CA GLY CA 111 -40.93 45.58 76.95
C GLY CA 111 -41.50 46.35 78.12
N ASP CA 112 -41.95 47.58 77.91
CA ASP CA 112 -42.51 48.42 78.97
C ASP CA 112 -44.00 48.25 79.11
N SER CA 113 -44.63 47.39 78.31
CA SER CA 113 -46.07 47.21 78.38
C SER CA 113 -46.47 46.57 79.70
N GLY CA 114 -47.49 47.12 80.34
CA GLY CA 114 -47.99 46.59 81.59
C GLY CA 114 -47.55 47.33 82.83
N ARG CA 115 -46.77 48.39 82.70
CA ARG CA 115 -46.37 49.17 83.87
C ARG CA 115 -47.44 50.21 84.15
N PRO CA 116 -48.12 50.15 85.29
CA PRO CA 116 -49.24 51.07 85.54
C PRO CA 116 -48.78 52.51 85.69
N ILE CA 117 -49.69 53.41 85.38
CA ILE CA 117 -49.50 54.85 85.57
C ILE CA 117 -50.18 55.25 86.87
N PHE CA 118 -49.43 55.89 87.76
CA PHE CA 118 -49.90 56.19 89.10
C PHE CA 118 -50.54 57.56 89.17
N ASP CA 119 -51.36 57.74 90.20
CA ASP CA 119 -51.90 59.03 90.55
C ASP CA 119 -50.98 59.70 91.58
N ASN CA 120 -51.33 60.92 91.99
CA ASN CA 120 -50.52 61.62 92.97
C ASN CA 120 -50.66 61.06 94.37
N LYS CA 121 -51.67 60.23 94.63
CA LYS CA 121 -51.81 59.57 95.92
C LYS CA 121 -51.40 58.11 95.87
N GLY CA 122 -50.85 57.66 94.75
CA GLY CA 122 -50.45 56.27 94.60
C GLY CA 122 -51.51 55.35 94.05
N ARG CA 123 -52.66 55.88 93.65
CA ARG CA 123 -53.70 55.04 93.06
C ARG CA 123 -53.41 54.83 91.58
N VAL CA 124 -53.92 53.72 91.05
CA VAL CA 124 -53.70 53.35 89.66
C VAL CA 124 -54.81 53.95 88.81
N VAL CA 125 -54.43 54.56 87.68
CA VAL CA 125 -55.39 55.22 86.81
C VAL CA 125 -55.50 54.53 85.46
N ALA CA 126 -54.41 53.95 84.95
CA ALA CA 126 -54.42 53.36 83.62
C ALA CA 126 -53.35 52.28 83.54
N ILE CA 127 -53.21 51.69 82.35
CA ILE CA 127 -52.16 50.73 82.08
C ILE CA 127 -51.56 51.06 80.71
N VAL CA 128 -50.23 51.09 80.64
CA VAL CA 128 -49.54 51.40 79.39
C VAL CA 128 -49.59 50.19 78.48
N LEU CA 129 -49.95 50.41 77.22
CA LEU CA 129 -49.94 49.37 76.21
C LEU CA 129 -48.93 49.62 75.09
N GLY CA 130 -48.90 50.84 74.56
CA GLY CA 130 -47.97 51.12 73.48
C GLY CA 130 -47.68 52.60 73.41
N GLY CA 131 -46.82 52.96 72.44
CA GLY CA 131 -46.43 54.33 72.28
C GLY CA 131 -46.33 54.72 70.81
N ALA CA 132 -46.56 56.01 70.56
CA ALA CA 132 -46.48 56.59 69.23
C ALA CA 132 -45.44 57.70 69.26
N ASN CA 133 -44.48 57.64 68.34
CA ASN CA 133 -43.39 58.61 68.30
C ASN CA 133 -43.91 59.93 67.74
N GLU CA 134 -44.29 60.82 68.63
CA GLU CA 134 -44.86 62.12 68.29
C GLU CA 134 -43.73 63.14 68.33
N GLY CA 135 -42.78 63.00 67.42
CA GLY CA 135 -41.63 63.88 67.41
C GLY CA 135 -40.82 63.72 68.68
N SER CA 136 -40.58 64.84 69.38
CA SER CA 136 -39.82 64.82 70.62
C SER CA 136 -40.59 64.17 71.77
N ARG CA 137 -41.92 64.31 71.80
CA ARG CA 137 -42.74 63.66 72.79
C ARG CA 137 -43.15 62.28 72.29
N THR CA 138 -43.91 61.57 73.10
CA THR CA 138 -44.45 60.27 72.73
C THR CA 138 -45.85 60.14 73.31
N ALA CA 139 -46.82 59.83 72.44
CA ALA CA 139 -48.19 59.66 72.88
C ALA CA 139 -48.41 58.22 73.35
N LEU CA 140 -49.02 58.05 74.52
CA LEU CA 140 -49.23 56.74 75.09
C LEU CA 140 -50.58 56.18 74.68
N SER CA 141 -50.58 54.97 74.12
CA SER CA 141 -51.80 54.21 73.88
C SER CA 141 -52.03 53.33 75.09
N VAL CA 142 -53.11 53.60 75.83
CA VAL CA 142 -53.33 52.99 77.13
C VAL CA 142 -54.75 52.44 77.20
N VAL CA 143 -54.95 51.53 78.15
CA VAL CA 143 -56.27 51.06 78.54
C VAL CA 143 -56.60 51.68 79.89
N THR CA 144 -57.82 52.19 80.03
CA THR CA 144 -58.19 52.90 81.23
C THR CA 144 -59.50 52.38 81.79
N TRP CA 145 -59.83 52.86 82.99
CA TRP CA 145 -61.08 52.57 83.65
C TRP CA 145 -61.96 53.81 83.61
N ASN CA 146 -63.12 53.69 82.98
CA ASN CA 146 -64.12 54.74 83.09
C ASN CA 146 -64.90 54.49 84.37
N LYS CA 147 -66.03 55.19 84.54
CA LYS CA 147 -66.87 54.94 85.70
C LYS CA 147 -67.34 53.50 85.72
N ASP CA 148 -67.71 52.96 84.55
CA ASP CA 148 -68.17 51.58 84.45
C ASP CA 148 -67.54 50.84 83.28
N MET CA 149 -67.13 51.59 82.27
CA MET CA 149 -66.57 51.03 81.04
C MET CA 149 -65.07 50.82 81.17
N VAL CA 150 -64.55 49.88 80.38
CA VAL CA 150 -63.14 49.82 80.07
C VAL CA 150 -62.98 50.27 78.64
N THR CA 151 -62.16 51.29 78.41
CA THR CA 151 -61.97 51.83 77.08
C THR CA 151 -60.51 51.72 76.69
N ARG CA 152 -60.27 51.79 75.39
CA ARG CA 152 -58.92 51.78 74.82
C ARG CA 152 -58.75 53.01 73.96
N VAL CA 153 -57.66 53.73 74.16
CA VAL CA 153 -57.34 54.90 73.35
C VAL CA 153 -56.02 54.63 72.62
N THR CA 154 -56.05 54.74 71.30
CA THR CA 154 -54.88 54.44 70.47
C THR CA 154 -54.60 55.61 69.55
N PRO CA 155 -53.66 56.48 69.90
CA PRO CA 155 -53.24 57.52 68.96
C PRO CA 155 -52.63 56.90 67.71
N GLU CA 156 -52.82 57.59 66.60
CA GLU CA 156 -52.37 57.06 65.31
C GLU CA 156 -50.85 56.94 65.29
N GLY CA 157 -50.37 55.91 64.60
CA GLY CA 157 -48.94 55.66 64.49
C GLY CA 157 -48.33 54.92 65.65
N SER CA 158 -49.14 54.44 66.59
CA SER CA 158 -48.61 53.74 67.76
C SER CA 158 -48.05 52.38 67.39
N GLU CA 159 -47.28 51.81 68.30
CA GLU CA 159 -46.68 50.51 68.13
C GLU CA 159 -46.84 49.71 69.41
N GLU CA 160 -47.00 48.40 69.28
CA GLU CA 160 -47.11 47.53 70.45
C GLU CA 160 -45.74 47.38 71.10
N TRP CA 161 -45.70 47.53 72.42
CA TRP CA 161 -44.46 47.36 73.16
C TRP CA 161 -44.36 45.99 73.80
N LYS DA 1 -24.95 30.87 124.04
CA LYS DA 1 -24.24 29.63 123.72
C LYS DA 1 -25.20 28.52 123.34
N ARG DA 2 -26.14 28.19 124.23
CA ARG DA 2 -27.09 27.12 123.95
C ARG DA 2 -27.98 27.47 122.77
N GLU DA 3 -28.50 28.70 122.72
CA GLU DA 3 -29.35 29.10 121.62
C GLU DA 3 -28.59 29.07 120.30
N ARG DA 4 -27.35 29.57 120.30
CA ARG DA 4 -26.54 29.57 119.09
C ARG DA 4 -26.24 28.14 118.64
N MET DA 5 -25.93 27.26 119.60
CA MET DA 5 -25.67 25.85 119.28
C MET DA 5 -26.90 25.20 118.66
N CYS DA 6 -28.07 25.43 119.28
CA CYS DA 6 -29.31 24.84 118.77
C CYS DA 6 -29.62 25.38 117.38
N MET DA 7 -29.42 26.68 117.15
CA MET DA 7 -29.71 27.25 115.85
C MET DA 7 -28.76 26.73 114.78
N LYS DA 8 -27.47 26.56 115.11
CA LYS DA 8 -26.55 25.98 114.13
C LYS DA 8 -26.90 24.53 113.81
N ILE DA 9 -27.23 23.74 114.84
CA ILE DA 9 -27.63 22.36 114.60
C ILE DA 9 -28.88 22.31 113.75
N GLU DA 10 -29.84 23.21 114.01
CA GLU DA 10 -31.05 23.26 113.21
C GLU DA 10 -30.75 23.66 111.77
N ASN DA 11 -29.84 24.62 111.57
CA ASN DA 11 -29.48 25.03 110.22
C ASN DA 11 -28.83 23.88 109.45
N ASP DA 12 -28.03 23.06 110.12
CA ASP DA 12 -27.41 21.92 109.45
C ASP DA 12 -28.32 20.69 109.38
N CYS DA 13 -29.40 20.63 110.16
CA CYS DA 13 -30.16 19.39 110.26
C CYS DA 13 -31.66 19.56 110.04
N ILE DA 14 -32.11 20.70 109.54
CA ILE DA 14 -33.54 20.93 109.32
C ILE DA 14 -33.74 21.52 107.94
N PHE DA 15 -34.64 20.90 107.17
CA PHE DA 15 -34.88 21.33 105.80
C PHE DA 15 -36.36 21.48 105.55
N GLU DA 16 -36.70 22.39 104.65
CA GLU DA 16 -38.08 22.80 104.45
C GLU DA 16 -38.74 21.92 103.39
N VAL DA 17 -40.05 21.78 103.50
CA VAL DA 17 -40.83 20.92 102.62
C VAL DA 17 -41.69 21.82 101.75
N LYS DA 18 -41.56 21.67 100.43
CA LYS DA 18 -42.20 22.56 99.47
C LYS DA 18 -43.25 21.79 98.67
N HIS DA 19 -44.44 22.37 98.58
CA HIS DA 19 -45.47 21.91 97.67
C HIS DA 19 -46.33 23.09 97.29
N GLU DA 20 -46.59 23.26 96.00
CA GLU DA 20 -47.37 24.37 95.48
C GLU DA 20 -46.70 25.71 95.77
N GLY DA 21 -45.40 25.68 96.05
CA GLY DA 21 -44.66 26.89 96.35
C GLY DA 21 -44.80 27.41 97.75
N LYS DA 22 -45.54 26.72 98.62
CA LYS DA 22 -45.70 27.12 100.01
C LYS DA 22 -45.08 26.08 100.92
N VAL DA 23 -44.45 26.55 101.99
CA VAL DA 23 -43.81 25.63 102.92
C VAL DA 23 -44.86 24.99 103.82
N THR DA 24 -44.79 23.66 103.93
CA THR DA 24 -45.78 22.91 104.70
C THR DA 24 -45.21 22.16 105.89
N GLY DA 25 -43.90 21.93 105.94
CA GLY DA 25 -43.31 21.22 107.06
C GLY DA 25 -41.81 21.24 107.02
N TYR DA 26 -41.21 20.57 107.99
CA TYR DA 26 -39.77 20.51 108.16
C TYR DA 26 -39.34 19.07 108.40
N ALA DA 27 -38.29 18.64 107.69
CA ALA DA 27 -37.75 17.30 107.81
C ALA DA 27 -36.36 17.40 108.42
N CYS DA 28 -36.09 16.59 109.43
CA CYS DA 28 -34.88 16.71 110.22
C CYS DA 28 -34.08 15.42 110.23
N LEU DA 29 -32.77 15.56 110.39
CA LEU DA 29 -31.85 14.42 110.48
C LEU DA 29 -31.56 14.12 111.95
N VAL DA 30 -32.12 13.03 112.45
CA VAL DA 30 -31.87 12.59 113.82
C VAL DA 30 -31.09 11.29 113.76
N GLY DA 31 -29.94 11.26 114.44
CA GLY DA 31 -29.15 10.05 114.42
C GLY DA 31 -28.69 9.68 113.04
N ASP DA 32 -29.29 8.63 112.46
CA ASP DA 32 -28.87 8.12 111.17
C ASP DA 32 -30.04 7.96 110.20
N LYS DA 33 -31.16 8.64 110.44
CA LYS DA 33 -32.33 8.48 109.60
C LYS DA 33 -33.16 9.77 109.55
N VAL DA 34 -33.64 10.10 108.35
CA VAL DA 34 -34.43 11.31 108.14
C VAL DA 34 -35.86 11.07 108.59
N MET DA 35 -36.44 12.06 109.27
CA MET DA 35 -37.82 12.05 109.73
C MET DA 35 -38.71 12.78 108.75
N LYS DA 36 -40.01 12.51 108.80
CA LYS DA 36 -41.02 13.45 108.33
C LYS DA 36 -42.36 13.05 108.92
N PRO DA 37 -43.18 14.00 109.35
CA PRO DA 37 -44.54 13.65 109.76
C PRO DA 37 -45.32 13.08 108.57
N ALA DA 38 -46.15 12.09 108.86
CA ALA DA 38 -46.88 11.43 107.78
C ALA DA 38 -48.01 12.29 107.27
N HIS DA 39 -48.68 13.03 108.16
CA HIS DA 39 -49.86 13.79 107.75
C HIS DA 39 -49.51 14.97 106.86
N VAL DA 40 -48.31 15.53 106.99
CA VAL DA 40 -47.90 16.63 106.12
C VAL DA 40 -47.56 16.07 104.75
N LYS DA 41 -47.97 16.78 103.70
CA LYS DA 41 -47.79 16.34 102.33
C LYS DA 41 -46.99 17.37 101.54
N GLY DA 42 -46.04 16.90 100.76
CA GLY DA 42 -45.14 17.76 100.02
C GLY DA 42 -43.88 16.99 99.62
N VAL DA 43 -42.86 17.75 99.23
CA VAL DA 43 -41.56 17.17 98.89
C VAL DA 43 -40.47 17.97 99.62
N ILE DA 44 -39.44 17.25 100.07
CA ILE DA 44 -38.35 17.88 100.80
C ILE DA 44 -37.47 18.66 99.83
N ASP DA 45 -37.11 19.89 100.22
CA ASP DA 45 -36.33 20.77 99.36
C ASP DA 45 -34.84 20.39 99.38
N ASN DA 46 -34.57 19.18 98.90
CA ASN DA 46 -33.21 18.69 98.80
C ASN DA 46 -33.16 17.55 97.81
N ALA DA 47 -32.24 17.62 96.84
CA ALA DA 47 -32.18 16.61 95.80
C ALA DA 47 -31.84 15.25 96.37
N ASP DA 48 -30.84 15.19 97.25
CA ASP DA 48 -30.44 13.91 97.81
C ASP DA 48 -31.56 13.27 98.61
N LEU DA 49 -32.35 14.07 99.33
CA LEU DA 49 -33.48 13.54 100.08
C LEU DA 49 -34.72 13.36 99.24
N ALA DA 50 -34.72 13.81 97.98
CA ALA DA 50 -35.92 13.67 97.16
C ALA DA 50 -36.12 12.25 96.66
N LYS DA 51 -35.03 11.53 96.38
CA LYS DA 51 -35.13 10.20 95.77
C LYS DA 51 -35.06 9.06 96.76
N LEU DA 52 -35.02 9.34 98.07
CA LEU DA 52 -34.96 8.27 99.04
C LEU DA 52 -36.31 7.59 99.19
N ALA DA 53 -36.27 6.30 99.52
CA ALA DA 53 -37.48 5.50 99.72
C ALA DA 53 -37.89 5.54 101.18
N PHE DA 54 -39.13 5.95 101.43
CA PHE DA 54 -39.60 6.25 102.78
C PHE DA 54 -40.50 5.14 103.28
N LYS DA 55 -40.24 4.67 104.50
CA LYS DA 55 -41.12 3.72 105.17
C LYS DA 55 -42.12 4.52 105.98
N LYS DA 56 -43.40 4.28 105.71
CA LYS DA 56 -44.49 5.08 106.26
C LYS DA 56 -45.26 4.28 107.29
N SER DA 57 -45.82 4.97 108.28
CA SER DA 57 -46.67 4.30 109.27
C SER DA 57 -47.76 5.28 109.68
N SER DA 58 -49.01 4.93 109.37
CA SER DA 58 -50.14 5.75 109.79
C SER DA 58 -50.32 5.79 111.29
N LYS DA 59 -50.24 4.64 111.96
CA LYS DA 59 -50.64 4.59 113.37
C LYS DA 59 -49.68 5.38 114.24
N TYR DA 60 -48.40 5.44 113.85
CA TYR DA 60 -47.43 6.35 114.44
C TYR DA 60 -47.32 7.68 113.71
N ASP DA 61 -48.01 7.84 112.59
CA ASP DA 61 -48.09 9.10 111.86
C ASP DA 61 -46.70 9.64 111.53
N LEU DA 62 -45.86 8.79 110.96
CA LEU DA 62 -44.47 9.13 110.75
C LEU DA 62 -43.92 8.38 109.54
N GLU DA 63 -43.02 9.03 108.80
CA GLU DA 63 -42.29 8.43 107.70
C GLU DA 63 -40.80 8.57 107.99
N CYS DA 64 -40.04 7.51 107.75
CA CYS DA 64 -38.61 7.53 108.00
C CYS DA 64 -37.86 7.12 106.75
N ALA DA 65 -36.60 7.54 106.68
CA ALA DA 65 -35.73 7.08 105.59
C ALA DA 65 -34.32 6.95 106.10
N GLN DA 66 -33.53 6.11 105.44
CA GLN DA 66 -32.13 5.95 105.81
C GLN DA 66 -31.26 6.95 105.06
N ILE DA 67 -30.45 7.69 105.80
CA ILE DA 67 -29.67 8.82 105.28
C ILE DA 67 -28.57 8.36 104.35
N PRO DA 68 -28.15 9.17 103.38
CA PRO DA 68 -27.02 8.81 102.52
C PRO DA 68 -25.70 8.90 103.26
N VAL DA 69 -24.68 8.29 102.67
CA VAL DA 69 -23.39 8.13 103.35
C VAL DA 69 -22.66 9.47 103.46
N HIS DA 70 -22.70 10.29 102.41
CA HIS DA 70 -21.94 11.53 102.47
C HIS DA 70 -22.51 12.50 103.48
N MET DA 71 -23.83 12.48 103.67
CA MET DA 71 -24.56 13.43 104.50
C MET DA 71 -24.67 12.96 105.94
N ARG DA 72 -23.97 11.89 106.30
CA ARG DA 72 -24.16 11.30 107.63
C ARG DA 72 -23.67 12.21 108.75
N SER DA 73 -22.50 12.83 108.60
CA SER DA 73 -21.92 13.57 109.72
C SER DA 73 -22.58 14.92 109.95
N ASP DA 74 -23.62 15.27 109.21
CA ASP DA 74 -24.33 16.53 109.41
C ASP DA 74 -25.63 16.33 110.18
N ALA DA 75 -25.63 15.44 111.17
CA ALA DA 75 -26.84 15.03 111.85
C ALA DA 75 -26.70 15.24 113.36
N SER DA 76 -27.85 15.43 114.01
CA SER DA 76 -27.89 15.67 115.44
C SER DA 76 -27.58 14.40 116.20
N LYS DA 77 -27.53 14.51 117.52
CA LYS DA 77 -27.38 13.36 118.40
C LYS DA 77 -28.64 13.20 119.23
N TYR DA 78 -29.04 11.96 119.41
CA TYR DA 78 -30.33 11.62 120.01
C TYR DA 78 -30.14 11.12 121.45
N THR DA 79 -31.26 11.00 122.15
CA THR DA 79 -31.26 10.54 123.53
C THR DA 79 -32.63 9.95 123.83
N HIS DA 80 -32.69 9.22 124.94
CA HIS DA 80 -33.92 8.54 125.34
C HIS DA 80 -34.32 8.84 126.78
N GLU DA 81 -33.76 9.88 127.39
CA GLU DA 81 -34.09 10.25 128.77
C GLU DA 81 -34.94 11.51 128.80
N LYS DA 82 -36.02 11.48 129.57
CA LYS DA 82 -36.93 12.61 129.73
C LYS DA 82 -36.97 13.02 131.20
N PRO DA 83 -35.96 13.77 131.65
CA PRO DA 83 -36.04 14.36 132.99
C PRO DA 83 -37.10 15.47 133.03
N GLU DA 84 -37.66 15.69 134.21
CA GLU DA 84 -38.56 16.81 134.41
C GLU DA 84 -37.81 18.13 134.29
N GLY DA 85 -38.44 19.11 133.68
CA GLY DA 85 -37.86 20.42 133.57
C GLY DA 85 -38.33 21.12 132.30
N HIS DA 86 -37.49 22.01 131.78
CA HIS DA 86 -37.81 22.80 130.61
C HIS DA 86 -36.85 22.45 129.48
N TYR DA 87 -37.34 22.57 128.26
CA TYR DA 87 -36.62 22.05 127.10
C TYR DA 87 -36.62 23.12 126.01
N ASN DA 88 -35.59 23.09 125.18
CA ASN DA 88 -35.40 24.15 124.20
C ASN DA 88 -36.30 23.92 122.98
N TRP DA 89 -36.41 24.97 122.16
CA TRP DA 89 -37.16 24.89 120.92
C TRP DA 89 -36.81 26.14 120.11
N HIS DA 90 -36.84 26.00 118.79
CA HIS DA 90 -36.71 27.16 117.90
C HIS DA 90 -37.71 28.27 118.21
N HIS DA 91 -38.83 27.95 118.85
CA HIS DA 91 -39.82 28.94 119.22
C HIS DA 91 -39.80 29.25 120.71
N GLY DA 92 -38.67 29.02 121.38
CA GLY DA 92 -38.49 29.41 122.76
C GLY DA 92 -38.18 28.20 123.65
N ALA DA 93 -38.99 28.04 124.70
CA ALA DA 93 -38.83 26.95 125.63
C ALA DA 93 -40.18 26.31 125.90
N VAL DA 94 -40.16 25.02 126.24
CA VAL DA 94 -41.35 24.21 126.47
C VAL DA 94 -41.21 23.57 127.84
N GLN DA 95 -42.25 23.70 128.66
CA GLN DA 95 -42.22 23.13 130.01
C GLN DA 95 -42.68 21.68 129.94
N TYR DA 96 -41.84 20.78 130.43
CA TYR DA 96 -42.14 19.34 130.44
C TYR DA 96 -42.49 18.95 131.87
N SER DA 97 -43.77 18.68 132.10
CA SER DA 97 -44.26 18.37 133.43
C SER DA 97 -45.20 17.17 133.38
N GLY DA 98 -44.93 16.17 134.21
CA GLY DA 98 -45.80 15.01 134.32
C GLY DA 98 -45.95 14.25 133.03
N GLY DA 99 -44.89 14.18 132.22
CA GLY DA 99 -44.96 13.49 130.95
C GLY DA 99 -45.75 14.21 129.89
N ARG DA 100 -46.01 15.50 130.07
CA ARG DA 100 -46.73 16.31 129.09
C ARG DA 100 -45.86 17.48 128.67
N PHE DA 101 -45.94 17.84 127.39
CA PHE DA 101 -45.23 18.99 126.86
C PHE DA 101 -46.19 20.17 126.77
N THR DA 102 -45.83 21.29 127.39
CA THR DA 102 -46.72 22.43 127.53
C THR DA 102 -46.10 23.66 126.89
N ILE DA 103 -46.87 24.32 126.03
CA ILE DA 103 -46.47 25.58 125.42
C ILE DA 103 -47.08 26.71 126.25
N PRO DA 104 -46.28 27.51 126.94
CA PRO DA 104 -46.86 28.63 127.70
C PRO DA 104 -47.58 29.63 126.83
N THR DA 105 -47.10 29.86 125.61
CA THR DA 105 -47.54 31.01 124.82
C THR DA 105 -48.64 30.69 123.81
N GLY DA 106 -48.78 29.43 123.41
CA GLY DA 106 -49.64 29.16 122.27
C GLY DA 106 -49.11 29.74 120.99
N ALA DA 107 -47.80 29.65 120.78
CA ALA DA 107 -47.15 30.19 119.60
C ALA DA 107 -47.06 29.18 118.46
N GLY DA 108 -47.54 27.96 118.66
CA GLY DA 108 -47.53 26.98 117.59
C GLY DA 108 -48.47 27.35 116.46
N LYS DA 109 -47.97 27.24 115.24
CA LYS DA 109 -48.72 27.58 114.04
C LYS DA 109 -48.74 26.40 113.08
N PRO DA 110 -49.78 26.31 112.23
CA PRO DA 110 -49.78 25.29 111.18
C PRO DA 110 -48.58 25.47 110.26
N GLY DA 111 -48.06 24.34 109.78
CA GLY DA 111 -46.87 24.33 108.97
C GLY DA 111 -45.58 24.17 109.74
N ASP DA 112 -45.63 24.21 111.07
CA ASP DA 112 -44.45 24.04 111.91
C ASP DA 112 -44.24 22.60 112.34
N SER DA 113 -45.08 21.68 111.90
CA SER DA 113 -44.91 20.29 112.32
C SER DA 113 -43.61 19.72 111.78
N GLY DA 114 -42.88 19.05 112.66
CA GLY DA 114 -41.56 18.54 112.33
C GLY DA 114 -40.39 19.29 112.93
N ARG DA 115 -40.64 20.24 113.83
CA ARG DA 115 -39.56 20.94 114.51
C ARG DA 115 -39.14 20.17 115.76
N PRO DA 116 -37.88 19.76 115.87
CA PRO DA 116 -37.46 18.97 117.03
C PRO DA 116 -37.49 19.78 118.30
N ILE DA 117 -37.73 19.07 119.40
CA ILE DA 117 -37.58 19.63 120.75
C ILE DA 117 -36.19 19.29 121.25
N PHE DA 118 -35.41 20.32 121.57
CA PHE DA 118 -33.99 20.12 121.80
C PHE DA 118 -33.66 20.02 123.28
N ASP DA 119 -32.59 19.28 123.57
CA ASP DA 119 -32.15 19.02 124.93
C ASP DA 119 -31.23 20.14 125.41
N ASN DA 120 -31.08 20.23 126.74
CA ASN DA 120 -30.19 21.21 127.34
C ASN DA 120 -28.73 20.99 126.95
N LYS DA 121 -28.38 19.77 126.52
CA LYS DA 121 -27.06 19.48 126.01
C LYS DA 121 -27.00 19.64 124.50
N GLY DA 122 -28.10 20.08 123.89
CA GLY DA 122 -28.19 20.19 122.44
C GLY DA 122 -28.69 18.95 121.73
N ARG DA 123 -29.03 17.90 122.46
CA ARG DA 123 -29.51 16.67 121.83
C ARG DA 123 -30.99 16.78 121.46
N VAL DA 124 -31.44 15.88 120.59
CA VAL DA 124 -32.82 15.86 120.13
C VAL DA 124 -33.60 14.86 120.97
N VAL DA 125 -34.84 15.21 121.29
CA VAL DA 125 -35.68 14.40 122.16
C VAL DA 125 -36.94 13.91 121.44
N ALA DA 126 -37.67 14.81 120.80
CA ALA DA 126 -38.98 14.48 120.25
C ALA DA 126 -39.25 15.36 119.05
N ILE DA 127 -40.24 14.97 118.25
CA ILE DA 127 -40.61 15.68 117.03
C ILE DA 127 -42.06 16.12 117.15
N VAL DA 128 -42.29 17.42 117.02
CA VAL DA 128 -43.62 17.98 117.26
C VAL DA 128 -44.58 17.55 116.15
N LEU DA 129 -45.82 17.29 116.53
CA LEU DA 129 -46.86 16.91 115.57
C LEU DA 129 -48.02 17.90 115.55
N GLY DA 130 -48.61 18.19 116.71
CA GLY DA 130 -49.75 19.08 116.73
C GLY DA 130 -49.95 19.67 118.11
N GLY DA 131 -50.95 20.53 118.22
CA GLY DA 131 -51.22 21.24 119.46
C GLY DA 131 -52.67 21.23 119.84
N ALA DA 132 -52.90 21.26 121.16
CA ALA DA 132 -54.23 21.36 121.74
C ALA DA 132 -54.28 22.60 122.62
N ASN DA 133 -55.23 23.49 122.31
CA ASN DA 133 -55.35 24.75 123.04
C ASN DA 133 -56.21 24.51 124.28
N GLU DA 134 -55.58 24.54 125.45
CA GLU DA 134 -56.29 24.40 126.72
C GLU DA 134 -55.88 25.58 127.60
N GLY DA 135 -56.77 26.56 127.72
CA GLY DA 135 -56.46 27.75 128.48
C GLY DA 135 -55.32 28.53 127.84
N SER DA 136 -54.55 29.23 128.67
CA SER DA 136 -53.42 29.99 128.17
C SER DA 136 -52.29 29.09 127.67
N ARG DA 137 -52.23 27.86 128.15
CA ARG DA 137 -51.18 26.93 127.76
C ARG DA 137 -51.63 26.15 126.54
N THR DA 138 -50.68 25.41 125.95
CA THR DA 138 -50.95 24.64 124.74
C THR DA 138 -50.26 23.29 124.88
N ALA DA 139 -51.06 22.24 125.06
CA ALA DA 139 -50.52 20.89 125.13
C ALA DA 139 -50.01 20.48 123.76
N LEU DA 140 -48.98 19.63 123.75
CA LEU DA 140 -48.35 19.18 122.52
C LEU DA 140 -48.62 17.70 122.30
N SER DA 141 -49.17 17.38 121.13
CA SER DA 141 -49.22 16.01 120.64
C SER DA 141 -47.93 15.77 119.87
N VAL DA 142 -47.04 14.97 120.45
CA VAL DA 142 -45.66 14.85 119.99
C VAL DA 142 -45.24 13.39 120.04
N VAL DA 143 -44.31 13.02 119.18
CA VAL DA 143 -43.75 11.67 119.14
C VAL DA 143 -42.45 11.67 119.92
N THR DA 144 -42.39 10.86 120.97
CA THR DA 144 -41.21 10.71 121.80
C THR DA 144 -40.63 9.32 121.58
N TRP DA 145 -39.50 9.05 122.23
CA TRP DA 145 -38.86 7.75 122.11
C TRP DA 145 -38.74 7.10 123.48
N ASN DA 146 -39.01 5.80 123.52
CA ASN DA 146 -38.60 4.97 124.63
C ASN DA 146 -37.23 4.36 124.31
N LYS DA 147 -36.83 3.35 125.08
CA LYS DA 147 -35.52 2.75 124.89
C LYS DA 147 -35.34 2.22 123.47
N ASP DA 148 -36.33 1.51 122.95
CA ASP DA 148 -36.30 1.10 121.55
C ASP DA 148 -37.64 1.21 120.84
N MET DA 149 -38.68 1.74 121.49
CA MET DA 149 -40.00 1.83 120.89
C MET DA 149 -40.42 3.28 120.74
N VAL DA 150 -40.91 3.61 119.56
CA VAL DA 150 -41.55 4.91 119.31
C VAL DA 150 -42.92 4.92 119.95
N THR DA 151 -43.24 6.01 120.65
CA THR DA 151 -44.57 6.19 121.21
C THR DA 151 -45.09 7.58 120.86
N ARG DA 152 -46.34 7.63 120.44
CA ARG DA 152 -47.02 8.87 120.10
C ARG DA 152 -48.08 9.16 121.15
N VAL DA 153 -47.95 10.29 121.83
CA VAL DA 153 -48.92 10.74 122.82
C VAL DA 153 -49.75 11.86 122.20
N THR DA 154 -51.07 11.79 122.39
CA THR DA 154 -51.99 12.74 121.79
C THR DA 154 -52.98 13.23 122.85
N PRO DA 155 -52.80 14.45 123.34
CA PRO DA 155 -53.81 15.03 124.23
C PRO DA 155 -55.11 15.26 123.49
N GLU DA 156 -56.20 15.17 124.24
CA GLU DA 156 -57.53 15.23 123.65
C GLU DA 156 -57.77 16.61 123.03
N GLY DA 157 -58.31 16.61 121.81
CA GLY DA 157 -58.66 17.84 121.14
C GLY DA 157 -57.52 18.52 120.40
N SER DA 158 -56.38 17.86 120.24
CA SER DA 158 -55.27 18.46 119.53
C SER DA 158 -55.59 18.62 118.05
N GLU DA 159 -54.97 19.61 117.41
CA GLU DA 159 -55.12 19.85 115.99
C GLU DA 159 -53.80 19.59 115.28
N GLU DA 160 -53.86 18.99 114.10
CA GLU DA 160 -52.66 18.72 113.32
C GLU DA 160 -52.21 20.02 112.65
N TRP DA 161 -50.97 20.41 112.91
CA TRP DA 161 -50.43 21.62 112.33
C TRP DA 161 -49.76 21.33 110.98
N LYS EA 1 3.90 14.33 127.32
CA LYS EA 1 3.22 13.47 128.29
C LYS EA 1 2.49 12.32 127.60
N ARG EA 2 1.16 12.48 127.45
CA ARG EA 2 0.36 11.41 126.87
C ARG EA 2 0.76 11.12 125.43
N GLU EA 3 0.94 12.17 124.63
CA GLU EA 3 1.27 11.96 123.21
C GLU EA 3 2.65 11.33 123.06
N ARG EA 4 3.60 11.79 123.86
CA ARG EA 4 4.96 11.23 123.82
C ARG EA 4 4.97 9.76 124.22
N MET EA 5 4.24 9.43 125.29
CA MET EA 5 4.11 8.04 125.72
C MET EA 5 3.40 7.21 124.65
N CYS EA 6 2.39 7.77 124.00
CA CYS EA 6 1.70 7.08 122.91
C CYS EA 6 2.65 6.77 121.77
N MET EA 7 3.47 7.74 121.38
CA MET EA 7 4.43 7.51 120.30
C MET EA 7 5.50 6.51 120.69
N LYS EA 8 5.95 6.54 121.95
CA LYS EA 8 6.90 5.54 122.42
C LYS EA 8 6.32 4.14 122.32
N ILE EA 9 5.07 3.95 122.79
CA ILE EA 9 4.46 2.63 122.69
C ILE EA 9 4.24 2.25 121.23
N GLU EA 10 3.91 3.23 120.38
CA GLU EA 10 3.76 2.93 118.96
C GLU EA 10 5.05 2.37 118.38
N ASN EA 11 6.18 3.03 118.66
CA ASN EA 11 7.46 2.54 118.18
C ASN EA 11 7.78 1.17 118.76
N ASP EA 12 7.46 0.96 120.03
CA ASP EA 12 7.80 -0.30 120.69
C ASP EA 12 6.92 -1.48 120.28
N CYS EA 13 5.71 -1.24 119.78
CA CYS EA 13 4.78 -2.34 119.56
C CYS EA 13 4.32 -2.46 118.11
N ILE EA 14 4.76 -1.56 117.23
CA ILE EA 14 4.30 -1.57 115.84
C ILE EA 14 5.48 -1.67 114.88
N PHE EA 15 5.38 -2.60 113.94
CA PHE EA 15 6.42 -2.89 112.96
C PHE EA 15 5.82 -2.69 111.56
N GLU EA 16 6.62 -2.16 110.65
CA GLU EA 16 6.14 -1.95 109.29
C GLU EA 16 6.01 -3.28 108.55
N VAL EA 17 5.06 -3.34 107.63
CA VAL EA 17 4.80 -4.51 106.80
C VAL EA 17 4.85 -4.05 105.36
N LYS EA 18 5.84 -4.55 104.62
CA LYS EA 18 6.16 -4.07 103.28
C LYS EA 18 5.85 -5.13 102.24
N HIS EA 19 5.46 -4.68 101.05
CA HIS EA 19 5.27 -5.55 99.90
C HIS EA 19 5.88 -4.88 98.69
N GLU EA 20 6.66 -5.65 97.91
CA GLU EA 20 7.33 -5.17 96.70
C GLU EA 20 8.22 -3.97 96.99
N GLY EA 21 8.80 -3.92 98.19
CA GLY EA 21 9.69 -2.85 98.59
C GLY EA 21 9.02 -1.64 99.18
N LYS EA 22 7.70 -1.58 99.18
CA LYS EA 22 6.98 -0.44 99.72
C LYS EA 22 6.17 -0.87 100.94
N VAL EA 23 6.13 0.00 101.95
CA VAL EA 23 5.34 -0.28 103.14
C VAL EA 23 3.86 -0.18 102.80
N THR EA 24 3.09 -1.16 103.27
CA THR EA 24 1.66 -1.19 103.03
C THR EA 24 0.83 -1.40 104.28
N GLY EA 25 1.39 -1.91 105.37
CA GLY EA 25 0.61 -2.07 106.58
C GLY EA 25 1.48 -1.96 107.81
N TYR EA 26 0.85 -2.05 108.97
CA TYR EA 26 1.56 -1.99 110.23
C TYR EA 26 1.00 -3.03 111.20
N ALA EA 27 1.90 -3.83 111.76
CA ALA EA 27 1.52 -4.87 112.70
C ALA EA 27 1.79 -4.39 114.12
N CYS EA 28 0.76 -4.40 114.95
CA CYS EA 28 0.88 -3.96 116.34
C CYS EA 28 0.82 -5.18 117.25
N LEU EA 29 1.53 -5.09 118.37
CA LEU EA 29 1.62 -6.19 119.32
C LEU EA 29 0.82 -5.81 120.57
N VAL EA 30 -0.13 -6.65 120.93
CA VAL EA 30 -1.00 -6.43 122.08
C VAL EA 30 -1.03 -7.71 122.90
N GLY EA 31 -1.01 -7.56 124.23
CA GLY EA 31 -1.12 -8.70 125.11
C GLY EA 31 0.02 -9.68 124.92
N ASP EA 32 -0.29 -10.88 124.43
CA ASP EA 32 0.72 -11.86 124.07
C ASP EA 32 0.47 -12.40 122.68
N LYS EA 33 -0.27 -11.64 121.86
CA LYS EA 33 -0.63 -12.08 120.52
C LYS EA 33 -0.31 -10.97 119.52
N VAL EA 34 0.53 -11.30 118.55
CA VAL EA 34 0.77 -10.42 117.41
C VAL EA 34 -0.45 -10.49 116.51
N MET EA 35 -1.01 -9.32 116.21
CA MET EA 35 -2.21 -9.24 115.39
C MET EA 35 -1.98 -8.28 114.25
N LYS EA 36 -2.55 -8.60 113.09
CA LYS EA 36 -2.34 -7.85 111.87
C LYS EA 36 -3.64 -7.82 111.07
N PRO EA 37 -3.87 -6.76 110.29
CA PRO EA 37 -4.99 -6.80 109.35
C PRO EA 37 -4.74 -7.86 108.28
N ALA EA 38 -5.74 -8.71 108.07
CA ALA EA 38 -5.59 -9.76 107.07
C ALA EA 38 -5.69 -9.21 105.66
N HIS EA 39 -6.42 -8.11 105.47
CA HIS EA 39 -6.66 -7.62 104.12
C HIS EA 39 -5.41 -7.00 103.50
N VAL EA 40 -4.50 -6.46 104.32
CA VAL EA 40 -3.26 -5.94 103.78
C VAL EA 40 -2.31 -7.10 103.47
N LYS EA 41 -1.57 -6.96 102.37
CA LYS EA 41 -0.64 -7.99 101.92
C LYS EA 41 0.78 -7.51 102.06
N GLY EA 42 1.69 -8.45 102.27
CA GLY EA 42 3.09 -8.14 102.42
C GLY EA 42 3.71 -9.07 103.44
N VAL EA 43 4.88 -8.67 103.93
CA VAL EA 43 5.60 -9.40 104.97
C VAL EA 43 5.98 -8.43 106.08
N ILE EA 44 6.01 -8.94 107.30
CA ILE EA 44 6.46 -8.15 108.44
C ILE EA 44 7.95 -7.96 108.35
N ASP EA 45 8.42 -6.76 108.71
CA ASP EA 45 9.86 -6.46 108.74
C ASP EA 45 10.48 -7.03 110.01
N ASN EA 46 10.39 -8.35 110.15
CA ASN EA 46 10.93 -9.06 111.30
C ASN EA 46 11.17 -10.50 110.92
N ALA EA 47 12.41 -10.96 111.04
CA ALA EA 47 12.73 -12.35 110.77
C ALA EA 47 11.99 -13.28 111.73
N ASP EA 48 11.93 -12.90 113.01
CA ASP EA 48 11.26 -13.74 114.00
C ASP EA 48 9.76 -13.82 113.75
N LEU EA 49 9.13 -12.67 113.50
CA LEU EA 49 7.68 -12.66 113.32
C LEU EA 49 7.28 -13.29 111.99
N ALA EA 50 8.08 -13.08 110.94
CA ALA EA 50 7.74 -13.61 109.63
C ALA EA 50 7.80 -15.12 109.57
N LYS EA 51 8.43 -15.77 110.54
CA LYS EA 51 8.46 -17.22 110.58
C LYS EA 51 7.34 -17.83 111.42
N LEU EA 52 6.51 -17.01 112.06
CA LEU EA 52 5.46 -17.53 112.91
C LEU EA 52 4.27 -18.00 112.07
N ALA EA 53 3.45 -18.87 112.67
CA ALA EA 53 2.25 -19.39 112.02
C ALA EA 53 1.09 -18.45 112.34
N PHE EA 54 0.60 -17.76 111.32
CA PHE EA 54 -0.46 -16.77 111.49
C PHE EA 54 -1.82 -17.45 111.28
N LYS EA 55 -2.60 -17.55 112.34
CA LYS EA 55 -3.95 -18.08 112.22
C LYS EA 55 -4.87 -17.06 111.56
N LYS EA 56 -5.70 -17.56 110.65
CA LYS EA 56 -6.54 -16.82 109.73
C LYS EA 56 -7.90 -16.53 110.32
N SER EA 57 -8.52 -15.45 109.84
CA SER EA 57 -9.95 -15.22 109.98
C SER EA 57 -10.36 -14.13 109.00
N SER EA 58 -11.22 -14.47 108.04
CA SER EA 58 -11.70 -13.46 107.10
C SER EA 58 -13.00 -12.82 107.54
N LYS EA 59 -13.75 -13.45 108.45
CA LYS EA 59 -14.96 -12.82 108.96
C LYS EA 59 -14.61 -11.57 109.75
N TYR EA 60 -13.55 -11.62 110.54
CA TYR EA 60 -13.05 -10.46 111.26
C TYR EA 60 -11.89 -9.78 110.56
N ASP EA 61 -11.41 -10.34 109.45
CA ASP EA 61 -10.29 -9.77 108.70
C ASP EA 61 -9.10 -9.54 109.64
N LEU EA 62 -8.55 -10.63 110.16
CA LEU EA 62 -7.48 -10.53 111.14
C LEU EA 62 -6.54 -11.71 111.00
N GLU EA 63 -5.29 -11.48 111.39
CA GLU EA 63 -4.29 -12.54 111.51
C GLU EA 63 -3.72 -12.48 112.91
N CYS EA 64 -3.65 -13.62 113.59
CA CYS EA 64 -3.13 -13.62 114.95
C CYS EA 64 -2.13 -14.74 115.14
N ALA EA 65 -1.12 -14.47 115.97
CA ALA EA 65 -0.12 -15.46 116.28
C ALA EA 65 0.33 -15.24 117.71
N GLN EA 66 0.85 -16.30 118.34
CA GLN EA 66 1.33 -16.20 119.70
C GLN EA 66 2.77 -15.70 119.69
N ILE EA 67 3.01 -14.59 120.38
CA ILE EA 67 4.30 -13.89 120.32
C ILE EA 67 5.39 -14.71 120.97
N PRO EA 68 6.66 -14.49 120.61
CA PRO EA 68 7.75 -15.21 121.27
C PRO EA 68 7.85 -14.83 122.75
N VAL EA 69 8.41 -15.76 123.52
CA VAL EA 69 8.54 -15.54 124.96
C VAL EA 69 9.49 -14.37 125.25
N HIS EA 70 10.52 -14.20 124.42
CA HIS EA 70 11.47 -13.12 124.65
C HIS EA 70 10.97 -11.77 124.14
N MET EA 71 9.80 -11.71 123.51
CA MET EA 71 9.16 -10.45 123.17
C MET EA 71 7.97 -10.13 124.06
N ARG EA 72 7.72 -10.91 125.11
CA ARG EA 72 6.60 -10.60 125.99
C ARG EA 72 6.84 -9.32 126.77
N SER EA 73 8.11 -8.99 127.03
CA SER EA 73 8.42 -7.80 127.82
C SER EA 73 8.10 -6.51 127.08
N ASP EA 74 7.96 -6.55 125.75
CA ASP EA 74 7.72 -5.35 124.95
C ASP EA 74 6.27 -5.25 124.52
N ALA EA 75 5.34 -5.65 125.38
CA ALA EA 75 3.94 -5.78 125.04
C ALA EA 75 3.12 -4.66 125.67
N SER EA 76 2.18 -4.14 124.90
CA SER EA 76 1.25 -3.15 125.41
C SER EA 76 0.22 -3.81 126.33
N LYS EA 77 -0.67 -3.00 126.89
CA LYS EA 77 -1.77 -3.47 127.70
C LYS EA 77 -3.10 -3.17 127.01
N TYR EA 78 -4.08 -4.03 127.21
CA TYR EA 78 -5.36 -3.94 126.53
C TYR EA 78 -6.45 -3.48 127.50
N THR EA 79 -7.65 -3.27 126.95
CA THR EA 79 -8.82 -2.96 127.76
C THR EA 79 -10.06 -3.33 126.97
N HIS EA 80 -11.19 -3.40 127.67
CA HIS EA 80 -12.47 -3.69 127.05
C HIS EA 80 -13.58 -2.70 127.38
N GLU EA 81 -13.40 -1.84 128.37
CA GLU EA 81 -14.36 -0.76 128.64
C GLU EA 81 -14.22 0.33 127.59
N LYS EA 82 -15.36 0.80 127.07
CA LYS EA 82 -15.38 1.77 125.98
C LYS EA 82 -16.27 2.94 126.37
N PRO EA 83 -15.81 3.81 127.28
CA PRO EA 83 -16.62 4.97 127.65
C PRO EA 83 -16.69 5.99 126.52
N GLU EA 84 -17.69 6.87 126.61
CA GLU EA 84 -17.74 8.02 125.71
C GLU EA 84 -16.56 8.93 125.98
N GLY EA 85 -16.04 9.56 124.94
CA GLY EA 85 -14.99 10.56 125.14
C GLY EA 85 -13.99 10.68 124.00
N HIS EA 86 -12.77 11.09 124.34
CA HIS EA 86 -11.73 11.32 123.36
C HIS EA 86 -10.64 10.27 123.51
N TYR EA 87 -10.08 9.82 122.39
CA TYR EA 87 -9.03 8.82 122.42
C TYR EA 87 -7.90 9.26 121.49
N ASN EA 88 -6.77 8.56 121.58
CA ASN EA 88 -5.57 9.01 120.89
C ASN EA 88 -5.33 8.18 119.63
N TRP EA 89 -4.67 8.80 118.65
CA TRP EA 89 -4.28 8.08 117.45
C TRP EA 89 -3.08 8.82 116.84
N HIS EA 90 -2.35 8.11 115.99
CA HIS EA 90 -1.05 8.60 115.53
C HIS EA 90 -1.18 9.90 114.75
N HIS EA 91 -2.33 10.19 114.18
CA HIS EA 91 -2.54 11.44 113.44
C HIS EA 91 -3.41 12.42 114.20
N GLY EA 92 -3.58 12.24 115.51
CA GLY EA 92 -4.30 13.19 116.31
C GLY EA 92 -5.24 12.61 117.35
N ALA EA 93 -6.42 13.20 117.49
CA ALA EA 93 -7.41 12.79 118.47
C ALA EA 93 -8.63 12.22 117.74
N VAL EA 94 -9.27 11.23 118.36
CA VAL EA 94 -10.40 10.55 117.76
C VAL EA 94 -11.58 10.62 118.71
N GLN EA 95 -12.77 10.63 118.11
CA GLN EA 95 -14.03 10.85 118.82
C GLN EA 95 -14.83 9.57 118.91
N TYR EA 96 -15.28 9.22 120.10
CA TYR EA 96 -16.17 8.08 120.31
C TYR EA 96 -17.54 8.64 120.66
N SER EA 97 -18.49 8.48 119.75
CA SER EA 97 -19.83 9.03 119.94
C SER EA 97 -20.84 8.03 119.38
N GLY EA 98 -21.76 7.57 120.24
CA GLY EA 98 -22.76 6.62 119.79
C GLY EA 98 -22.18 5.32 119.28
N GLY EA 99 -21.09 4.85 119.87
CA GLY EA 99 -20.47 3.64 119.40
C GLY EA 99 -19.80 3.73 118.05
N ARG EA 100 -19.58 4.95 117.55
CA ARG EA 100 -18.96 5.14 116.25
C ARG EA 100 -17.67 5.93 116.41
N PHE EA 101 -16.65 5.50 115.68
CA PHE EA 101 -15.34 6.13 115.68
C PHE EA 101 -15.27 7.06 114.48
N THR EA 102 -14.89 8.31 114.70
CA THR EA 102 -14.74 9.26 113.62
C THR EA 102 -13.44 10.04 113.77
N ILE EA 103 -12.85 10.36 112.63
CA ILE EA 103 -11.64 11.19 112.56
C ILE EA 103 -12.08 12.63 112.29
N PRO EA 104 -11.84 13.56 113.21
CA PRO EA 104 -12.22 14.95 112.93
C PRO EA 104 -11.63 15.50 111.65
N THR EA 105 -10.38 15.15 111.36
CA THR EA 105 -9.69 15.75 110.22
C THR EA 105 -10.16 15.15 108.90
N GLY EA 106 -10.69 13.93 108.91
CA GLY EA 106 -11.01 13.28 107.66
C GLY EA 106 -9.80 13.04 106.79
N ALA EA 107 -8.64 12.77 107.40
CA ALA EA 107 -7.39 12.58 106.69
C ALA EA 107 -6.98 11.12 106.60
N GLY EA 108 -7.95 10.20 106.54
CA GLY EA 108 -7.66 8.80 106.37
C GLY EA 108 -6.93 8.50 105.07
N LYS EA 109 -5.87 7.72 105.16
CA LYS EA 109 -5.09 7.36 103.98
C LYS EA 109 -4.88 5.85 103.94
N PRO EA 110 -5.22 5.21 102.82
CA PRO EA 110 -4.87 3.81 102.66
C PRO EA 110 -3.38 3.59 102.79
N GLY EA 111 -3.02 2.46 103.40
CA GLY EA 111 -1.66 2.21 103.82
C GLY EA 111 -1.42 2.41 105.30
N ASP EA 112 -2.38 3.00 106.01
CA ASP EA 112 -2.29 3.25 107.44
C ASP EA 112 -3.05 2.24 108.27
N SER EA 113 -3.45 1.11 107.67
CA SER EA 113 -4.20 0.10 108.40
C SER EA 113 -3.33 -0.54 109.47
N GLY EA 114 -3.97 -1.05 110.51
CA GLY EA 114 -3.29 -1.73 111.58
C GLY EA 114 -2.88 -0.85 112.74
N ARG EA 115 -3.02 0.45 112.61
CA ARG EA 115 -2.61 1.36 113.67
C ARG EA 115 -3.59 1.27 114.83
N PRO EA 116 -3.12 1.02 116.05
CA PRO EA 116 -4.05 0.82 117.17
C PRO EA 116 -4.67 2.12 117.62
N ILE EA 117 -5.82 2.00 118.27
CA ILE EA 117 -6.49 3.13 118.90
C ILE EA 117 -6.13 3.08 120.38
N PHE EA 118 -5.69 4.21 120.92
CA PHE EA 118 -5.13 4.27 122.26
C PHE EA 118 -6.12 4.84 123.25
N ASP EA 119 -6.05 4.34 124.48
CA ASP EA 119 -6.88 4.84 125.56
C ASP EA 119 -6.20 6.04 126.21
N ASN EA 120 -6.87 6.62 127.20
CA ASN EA 120 -6.27 7.74 127.93
C ASN EA 120 -5.05 7.31 128.72
N LYS EA 121 -5.11 6.13 129.33
CA LYS EA 121 -4.00 5.63 130.13
C LYS EA 121 -3.00 4.82 129.30
N GLY EA 122 -3.11 4.86 127.98
CA GLY EA 122 -2.19 4.17 127.11
C GLY EA 122 -2.57 2.76 126.72
N ARG EA 123 -3.62 2.21 127.33
CA ARG EA 123 -4.12 0.91 126.93
C ARG EA 123 -4.71 1.00 125.53
N VAL EA 124 -4.76 -0.14 124.86
CA VAL EA 124 -5.21 -0.19 123.47
C VAL EA 124 -6.72 -0.36 123.44
N VAL EA 125 -7.33 0.16 122.38
CA VAL EA 125 -8.78 0.23 122.25
C VAL EA 125 -9.28 -0.63 121.10
N ALA EA 126 -8.76 -0.39 119.90
CA ALA EA 126 -9.21 -1.07 118.70
C ALA EA 126 -8.10 -0.95 117.66
N ILE EA 127 -8.37 -1.43 116.45
CA ILE EA 127 -7.40 -1.33 115.36
C ILE EA 127 -8.10 -0.72 114.15
N VAL EA 128 -7.47 0.29 113.56
CA VAL EA 128 -8.02 0.93 112.37
C VAL EA 128 -7.99 -0.05 111.21
N LEU EA 129 -9.13 -0.23 110.57
CA LEU EA 129 -9.25 -1.15 109.43
C LEU EA 129 -9.73 -0.45 108.17
N GLY EA 130 -10.64 0.50 108.30
CA GLY EA 130 -11.07 1.25 107.13
C GLY EA 130 -11.80 2.51 107.55
N GLY EA 131 -12.11 3.33 106.56
CA GLY EA 131 -12.85 4.56 106.81
C GLY EA 131 -13.76 4.88 105.65
N ALA EA 132 -14.86 5.55 105.99
CA ALA EA 132 -15.86 5.97 105.02
C ALA EA 132 -16.05 7.48 105.11
N ASN EA 133 -16.02 8.14 103.96
CA ASN EA 133 -16.10 9.60 103.90
C ASN EA 133 -17.52 10.04 104.23
N GLU EA 134 -17.74 10.50 105.45
CA GLU EA 134 -19.02 11.06 105.86
C GLU EA 134 -19.05 12.57 105.59
N GLY EA 135 -18.73 12.94 104.36
CA GLY EA 135 -18.61 14.35 104.03
C GLY EA 135 -17.43 14.99 104.70
N SER EA 136 -17.69 15.82 105.71
CA SER EA 136 -16.60 16.46 106.44
C SER EA 136 -15.78 15.48 107.26
N ARG EA 137 -16.42 14.49 107.86
CA ARG EA 137 -15.76 13.54 108.74
C ARG EA 137 -15.63 12.20 108.05
N THR EA 138 -14.93 11.28 108.72
CA THR EA 138 -14.80 9.91 108.24
C THR EA 138 -15.13 8.97 109.38
N ALA EA 139 -16.02 8.02 109.11
CA ALA EA 139 -16.38 7.01 110.09
C ALA EA 139 -15.41 5.84 109.98
N LEU EA 140 -14.95 5.35 111.12
CA LEU EA 140 -13.94 4.31 111.17
C LEU EA 140 -14.56 2.94 111.36
N SER EA 141 -14.23 2.02 110.47
CA SER EA 141 -14.56 0.61 110.61
C SER EA 141 -13.34 -0.06 111.25
N VAL EA 142 -13.50 -0.46 112.51
CA VAL EA 142 -12.41 -0.98 113.31
C VAL EA 142 -12.81 -2.33 113.88
N VAL EA 143 -11.86 -2.92 114.60
CA VAL EA 143 -12.08 -4.20 115.29
C VAL EA 143 -11.77 -3.97 116.77
N THR EA 144 -12.70 -4.38 117.63
CA THR EA 144 -12.62 -4.07 119.06
C THR EA 144 -12.51 -5.35 119.88
N TRP EA 145 -12.65 -5.19 121.19
CA TRP EA 145 -12.68 -6.29 122.13
C TRP EA 145 -13.91 -6.19 123.03
N ASN EA 146 -14.60 -7.32 123.17
CA ASN EA 146 -15.64 -7.47 124.18
C ASN EA 146 -14.98 -8.04 125.43
N LYS EA 147 -15.78 -8.50 126.39
CA LYS EA 147 -15.21 -9.14 127.57
C LYS EA 147 -14.38 -10.37 127.19
N ASP EA 148 -14.90 -11.19 126.28
CA ASP EA 148 -14.16 -12.34 125.78
C ASP EA 148 -14.35 -12.56 124.28
N MET EA 149 -14.83 -11.57 123.54
CA MET EA 149 -15.14 -11.71 122.13
C MET EA 149 -14.55 -10.55 121.35
N VAL EA 150 -14.22 -10.81 120.10
CA VAL EA 150 -13.78 -9.78 119.18
C VAL EA 150 -14.93 -9.43 118.25
N THR EA 151 -15.24 -8.14 118.15
CA THR EA 151 -16.33 -7.66 117.33
C THR EA 151 -15.80 -6.69 116.28
N ARG EA 152 -16.25 -6.86 115.05
CA ARG EA 152 -15.88 -6.00 113.95
C ARG EA 152 -17.07 -5.15 113.55
N VAL EA 153 -16.89 -3.83 113.55
CA VAL EA 153 -17.94 -2.89 113.22
C VAL EA 153 -17.53 -2.17 111.94
N THR EA 154 -18.46 -2.05 111.00
CA THR EA 154 -18.17 -1.47 109.70
C THR EA 154 -19.30 -0.56 109.25
N PRO EA 155 -19.12 0.76 109.33
CA PRO EA 155 -20.13 1.66 108.75
C PRO EA 155 -20.28 1.45 107.26
N GLU EA 156 -21.50 1.62 106.78
CA GLU EA 156 -21.80 1.36 105.38
C GLU EA 156 -20.97 2.25 104.48
N GLY EA 157 -20.50 1.68 103.36
CA GLY EA 157 -19.69 2.42 102.43
C GLY EA 157 -18.25 2.58 102.81
N SER EA 158 -17.80 1.92 103.88
CA SER EA 158 -16.40 2.01 104.27
C SER EA 158 -15.52 1.33 103.24
N GLU EA 159 -14.32 1.85 103.07
CA GLU EA 159 -13.37 1.31 102.10
C GLU EA 159 -12.10 0.87 102.82
N GLU EA 160 -11.56 -0.26 102.40
CA GLU EA 160 -10.38 -0.83 103.02
C GLU EA 160 -9.17 0.07 102.81
N TRP EA 161 -8.35 0.23 103.84
CA TRP EA 161 -7.14 1.02 103.74
C TRP EA 161 -5.90 0.14 103.61
N HIS FA 1 47.32 -103.74 -14.12
CA HIS FA 1 47.17 -102.95 -12.91
C HIS FA 1 46.17 -101.81 -13.12
N PHE FA 2 46.64 -100.58 -12.89
CA PHE FA 2 45.80 -99.39 -12.93
C PHE FA 2 46.10 -98.51 -14.13
N ASN FA 3 47.35 -98.07 -14.29
CA ASN FA 3 47.79 -97.28 -15.43
C ASN FA 3 46.91 -96.03 -15.60
N VAL FA 4 46.91 -95.20 -14.57
CA VAL FA 4 46.16 -93.95 -14.65
C VAL FA 4 46.74 -93.05 -15.74
N TYR FA 5 47.99 -93.26 -16.10
CA TYR FA 5 48.63 -92.44 -17.11
C TYR FA 5 48.20 -92.78 -18.51
N LYS FA 6 47.32 -93.74 -18.75
CA LYS FA 6 46.91 -94.06 -20.10
C LYS FA 6 45.87 -93.09 -20.65
N ALA FA 7 45.46 -92.10 -19.86
CA ALA FA 7 44.57 -91.06 -20.34
C ALA FA 7 45.24 -89.70 -20.39
N THR FA 8 46.57 -89.64 -20.28
CA THR FA 8 47.28 -88.38 -20.21
C THR FA 8 48.37 -88.33 -21.27
N ARG FA 9 48.61 -87.14 -21.80
CA ARG FA 9 49.62 -86.98 -22.84
C ARG FA 9 50.53 -85.80 -22.52
N PRO FA 10 51.80 -85.89 -22.88
CA PRO FA 10 52.69 -84.74 -22.74
C PRO FA 10 52.21 -83.59 -23.61
N TYR FA 11 52.48 -82.38 -23.16
CA TYR FA 11 52.01 -81.21 -23.87
C TYR FA 11 53.14 -80.22 -24.05
N ILE FA 12 53.01 -79.40 -25.10
CA ILE FA 12 54.03 -78.45 -25.50
C ILE FA 12 53.59 -77.07 -25.03
N ALA FA 13 54.47 -76.38 -24.31
CA ALA FA 13 54.18 -75.10 -23.69
C ALA FA 13 55.30 -74.12 -24.00
N TYR FA 14 55.26 -72.98 -23.32
CA TYR FA 14 56.21 -71.90 -23.52
C TYR FA 14 57.24 -71.89 -22.41
N CYS FA 15 58.51 -71.70 -22.76
CA CYS FA 15 59.60 -71.58 -21.80
C CYS FA 15 60.20 -70.20 -21.93
N ALA FA 16 60.62 -69.62 -20.80
CA ALA FA 16 61.14 -68.25 -20.83
C ALA FA 16 62.43 -68.16 -21.62
N ASP FA 17 63.38 -69.05 -21.36
CA ASP FA 17 64.57 -69.17 -22.17
C ASP FA 17 65.02 -70.62 -22.18
N CYS FA 18 65.45 -71.09 -23.33
CA CYS FA 18 65.76 -72.50 -23.50
C CYS FA 18 67.25 -72.78 -23.38
N GLY FA 19 67.93 -72.08 -22.47
CA GLY FA 19 69.32 -72.33 -22.21
C GLY FA 19 70.28 -71.50 -23.04
N ALA FA 20 69.78 -70.64 -23.91
CA ALA FA 20 70.62 -69.83 -24.76
C ALA FA 20 70.18 -68.38 -24.85
N GLY FA 21 69.30 -67.94 -23.97
CA GLY FA 21 68.80 -66.58 -24.03
C GLY FA 21 67.73 -66.33 -25.06
N HIS FA 22 67.17 -67.38 -25.66
CA HIS FA 22 66.10 -67.23 -26.63
C HIS FA 22 64.90 -68.07 -26.21
N SER FA 23 63.71 -67.58 -26.52
CA SER FA 23 62.47 -68.20 -26.08
C SER FA 23 61.85 -68.97 -27.22
N CYS FA 24 61.54 -70.24 -26.99
CA CYS FA 24 60.88 -71.03 -28.02
C CYS FA 24 60.04 -72.10 -27.33
N HIS FA 25 58.92 -72.43 -27.97
CA HIS FA 25 57.95 -73.36 -27.40
C HIS FA 25 58.62 -74.73 -27.28
N SER FA 26 58.89 -75.12 -26.06
CA SER FA 26 59.68 -76.29 -25.75
C SER FA 26 58.81 -77.39 -25.18
N PRO FA 27 59.16 -78.66 -25.41
CA PRO FA 27 58.38 -79.76 -24.82
C PRO FA 27 58.70 -80.04 -23.37
N VAL FA 28 59.61 -79.30 -22.76
CA VAL FA 28 60.06 -79.61 -21.41
C VAL FA 28 59.92 -78.34 -20.57
N ALA FA 29 58.77 -77.69 -20.70
CA ALA FA 29 58.51 -76.52 -19.89
C ALA FA 29 58.49 -76.90 -18.42
N ILE FA 30 59.04 -76.02 -17.57
CA ILE FA 30 59.01 -76.22 -16.13
C ILE FA 30 57.88 -75.40 -15.54
N GLU FA 31 56.98 -76.06 -14.86
CA GLU FA 31 55.90 -75.39 -14.16
C GLU FA 31 56.38 -75.12 -12.73
N ALA FA 32 55.47 -74.76 -11.83
CA ALA FA 32 55.87 -74.37 -10.48
C ALA FA 32 56.70 -75.46 -9.81
N VAL FA 33 57.60 -75.04 -8.93
CA VAL FA 33 58.48 -75.93 -8.18
C VAL FA 33 58.10 -75.84 -6.71
N ARG FA 34 58.07 -76.97 -6.03
CA ARG FA 34 57.66 -77.04 -4.63
C ARG FA 34 58.84 -77.41 -3.75
N SER FA 35 59.01 -76.69 -2.64
CA SER FA 35 60.15 -76.91 -1.75
C SER FA 35 59.74 -76.82 -0.29
N GLU FA 36 58.64 -77.49 0.09
CA GLU FA 36 58.19 -77.46 1.48
C GLU FA 36 58.71 -78.62 2.31
N ALA FA 37 59.84 -79.21 1.94
CA ALA FA 37 60.44 -80.29 2.72
C ALA FA 37 61.57 -79.71 3.56
N THR FA 38 61.67 -80.18 4.81
CA THR FA 38 62.60 -79.54 5.74
C THR FA 38 64.06 -79.79 5.35
N ASP FA 39 64.42 -81.02 5.00
CA ASP FA 39 65.84 -81.24 4.71
C ASP FA 39 66.22 -80.74 3.33
N GLY FA 40 65.27 -80.40 2.47
CA GLY FA 40 65.61 -79.69 1.25
C GLY FA 40 65.63 -80.47 -0.04
N MET FA 41 64.57 -81.24 -0.32
CA MET FA 41 64.41 -81.91 -1.61
C MET FA 41 63.33 -81.21 -2.40
N LEU FA 42 63.57 -80.99 -3.68
CA LEU FA 42 62.60 -80.30 -4.51
C LEU FA 42 61.65 -81.29 -5.18
N LYS FA 43 60.55 -80.75 -5.72
CA LYS FA 43 59.64 -81.52 -6.58
C LYS FA 43 59.43 -80.72 -7.86
N ILE FA 44 60.36 -80.86 -8.80
CA ILE FA 44 60.21 -80.13 -10.05
C ILE FA 44 59.15 -80.79 -10.91
N GLN FA 45 58.37 -79.97 -11.62
CA GLN FA 45 57.26 -80.46 -12.41
C GLN FA 45 57.49 -80.13 -13.87
N PHE FA 46 57.69 -81.14 -14.72
CA PHE FA 46 57.83 -80.88 -16.16
C PHE FA 46 56.52 -80.44 -16.77
N SER FA 47 56.55 -80.32 -18.09
CA SER FA 47 55.37 -80.45 -18.94
C SER FA 47 55.38 -81.75 -19.74
N ALA FA 48 56.38 -82.60 -19.58
CA ALA FA 48 56.51 -83.84 -20.33
C ALA FA 48 56.73 -84.99 -19.36
N GLN FA 49 55.73 -85.86 -19.23
CA GLN FA 49 55.77 -86.91 -18.22
C GLN FA 49 56.77 -88.01 -18.56
N ILE FA 50 57.34 -88.61 -17.52
CA ILE FA 50 58.47 -89.52 -17.65
C ILE FA 50 58.20 -90.76 -16.81
N GLY FA 51 58.67 -91.91 -17.30
CA GLY FA 51 58.38 -93.21 -16.71
C GLY FA 51 57.51 -94.08 -17.58
N ILE FA 52 56.93 -93.54 -18.65
CA ILE FA 52 56.00 -94.27 -19.50
C ILE FA 52 56.51 -94.21 -20.92
N ASP FA 53 56.49 -95.33 -21.62
CA ASP FA 53 56.89 -95.35 -23.02
C ASP FA 53 55.75 -94.80 -23.89
N LYS FA 54 55.97 -94.82 -25.21
CA LYS FA 54 54.98 -94.25 -26.12
C LYS FA 54 53.66 -95.00 -26.06
N SER FA 55 53.70 -96.33 -25.96
CA SER FA 55 52.52 -97.17 -26.07
C SER FA 55 51.84 -97.43 -24.73
N ASP FA 56 51.95 -96.51 -23.77
CA ASP FA 56 51.23 -96.52 -22.50
C ASP FA 56 51.64 -97.64 -21.56
N ASN FA 57 52.86 -98.14 -21.64
CA ASN FA 57 53.32 -99.15 -20.71
C ASN FA 57 54.33 -98.56 -19.73
N HIS FA 58 54.40 -99.17 -18.55
CA HIS FA 58 55.40 -98.76 -17.58
C HIS FA 58 56.78 -99.20 -18.04
N ASP FA 59 57.77 -98.33 -17.82
CA ASP FA 59 59.14 -98.66 -18.19
C ASP FA 59 60.10 -97.79 -17.41
N TYR FA 60 61.22 -98.39 -17.02
CA TYR FA 60 62.27 -97.68 -16.30
C TYR FA 60 63.25 -96.97 -17.21
N THR FA 61 63.08 -97.07 -18.52
CA THR FA 61 64.05 -96.56 -19.47
C THR FA 61 63.48 -95.60 -20.48
N LYS FA 62 62.16 -95.56 -20.65
CA LYS FA 62 61.59 -94.68 -21.66
C LYS FA 62 60.99 -93.43 -21.03
N ILE FA 63 61.03 -92.33 -21.78
CA ILE FA 63 60.47 -91.05 -21.37
C ILE FA 63 59.58 -90.53 -22.48
N ARG FA 64 58.29 -90.37 -22.19
CA ARG FA 64 57.36 -89.81 -23.16
C ARG FA 64 57.57 -88.32 -23.27
N TYR FA 65 57.29 -87.77 -24.46
CA TYR FA 65 57.23 -86.32 -24.61
C TYR FA 65 56.54 -85.96 -25.91
N ALA FA 66 55.86 -84.81 -25.90
CA ALA FA 66 55.14 -84.34 -27.07
C ALA FA 66 56.09 -83.69 -28.05
N ASP FA 67 55.72 -83.75 -29.33
CA ASP FA 67 56.45 -83.06 -30.40
C ASP FA 67 55.49 -82.98 -31.59
N GLY FA 68 55.04 -81.77 -31.87
CA GLY FA 68 54.13 -81.53 -32.97
C GLY FA 68 52.97 -82.49 -33.05
N HIS FA 69 52.15 -82.53 -32.00
CA HIS FA 69 51.03 -83.47 -31.89
C HIS FA 69 51.43 -84.88 -32.36
N ALA FA 70 52.59 -85.32 -31.89
CA ALA FA 70 53.01 -86.71 -31.99
C ALA FA 70 53.84 -87.01 -30.76
N ILE FA 71 53.63 -88.18 -30.15
CA ILE FA 71 54.22 -88.50 -28.86
C ILE FA 71 55.37 -89.46 -29.06
N GLU FA 72 56.59 -89.02 -28.75
CA GLU FA 72 57.77 -89.87 -28.90
C GLU FA 72 58.35 -90.22 -27.54
N ASN FA 73 59.40 -91.04 -27.56
CA ASN FA 73 60.06 -91.45 -26.33
C ASN FA 73 61.56 -91.31 -26.46
N ALA FA 74 62.21 -90.95 -25.36
CA ALA FA 74 63.65 -90.76 -25.28
C ALA FA 74 64.21 -91.53 -24.11
N VAL FA 75 65.49 -91.87 -24.20
CA VAL FA 75 66.12 -92.69 -23.16
C VAL FA 75 66.13 -91.94 -21.84
N ARG FA 76 65.95 -92.67 -20.74
CA ARG FA 76 65.86 -92.05 -19.42
C ARG FA 76 67.18 -91.43 -19.01
N SER FA 77 68.30 -92.01 -19.42
CA SER FA 77 69.55 -91.30 -19.25
C SER FA 77 69.48 -89.98 -19.99
N SER FA 78 70.44 -89.11 -19.72
CA SER FA 78 70.50 -87.76 -20.25
C SER FA 78 69.46 -86.84 -19.63
N LEU FA 79 68.68 -87.31 -18.66
CA LEU FA 79 67.85 -86.40 -17.87
C LEU FA 79 68.75 -85.71 -16.88
N LYS FA 80 69.08 -84.45 -17.14
CA LYS FA 80 69.97 -83.71 -16.26
C LYS FA 80 69.26 -82.49 -15.70
N VAL FA 81 69.27 -82.36 -14.37
CA VAL FA 81 68.77 -81.19 -13.67
C VAL FA 81 69.95 -80.51 -13.00
N ALA FA 82 70.03 -79.19 -13.12
CA ALA FA 82 71.21 -78.51 -12.65
C ALA FA 82 70.89 -77.13 -12.11
N THR FA 83 71.77 -76.67 -11.23
CA THR FA 83 71.80 -75.31 -10.72
C THR FA 83 73.29 -74.96 -10.77
N SER FA 84 73.70 -73.92 -10.04
CA SER FA 84 75.09 -73.49 -10.03
C SER FA 84 76.07 -74.66 -9.96
N GLY FA 85 75.64 -75.76 -9.36
CA GLY FA 85 76.44 -76.97 -9.37
C GLY FA 85 75.86 -78.05 -10.26
N ASP FA 86 75.72 -79.26 -9.72
CA ASP FA 86 75.10 -80.35 -10.47
C ASP FA 86 74.28 -81.18 -9.50
N CYS FA 87 72.98 -81.27 -9.75
CA CYS FA 87 72.05 -81.85 -8.80
C CYS FA 87 72.18 -83.37 -8.80
N PHE FA 88 71.45 -83.98 -7.87
CA PHE FA 88 71.29 -85.42 -7.82
C PHE FA 88 69.81 -85.74 -7.88
N VAL FA 89 69.44 -86.75 -8.66
CA VAL FA 89 68.04 -87.09 -8.86
C VAL FA 89 67.71 -88.35 -8.07
N HIS FA 90 66.75 -88.23 -7.15
CA HIS FA 90 66.43 -89.33 -6.25
C HIS FA 90 65.27 -90.17 -6.77
N GLY FA 91 64.10 -89.56 -6.93
CA GLY FA 91 62.90 -90.26 -7.31
C GLY FA 91 62.36 -89.77 -8.65
N THR FA 92 61.51 -90.60 -9.25
CA THR FA 92 61.03 -90.32 -10.60
C THR FA 92 59.81 -91.13 -11.00
N MET FA 93 58.69 -90.46 -11.25
CA MET FA 93 57.63 -91.02 -12.10
C MET FA 93 56.56 -89.98 -12.37
N GLY FA 94 56.03 -89.97 -13.58
CA GLY FA 94 54.99 -89.00 -13.90
C GLY FA 94 55.61 -87.69 -14.32
N HIS FA 95 54.96 -86.59 -13.94
CA HIS FA 95 55.47 -85.28 -14.28
C HIS FA 95 56.61 -84.83 -13.37
N PHE FA 96 56.87 -85.53 -12.29
CA PHE FA 96 57.55 -84.95 -11.14
C PHE FA 96 58.94 -85.52 -10.94
N ILE FA 97 59.83 -84.69 -10.44
CA ILE FA 97 61.20 -85.11 -10.15
C ILE FA 97 61.55 -84.73 -8.73
N LEU FA 98 62.12 -85.67 -7.99
CA LEU FA 98 62.72 -85.37 -6.70
C LEU FA 98 64.22 -85.19 -6.88
N ALA FA 99 64.74 -84.07 -6.40
CA ALA FA 99 66.13 -83.73 -6.64
C ALA FA 99 66.71 -82.99 -5.45
N LYS FA 100 68.04 -83.05 -5.34
CA LYS FA 100 68.81 -82.28 -4.37
C LYS FA 100 69.79 -81.41 -5.14
N CYS FA 101 69.86 -80.13 -4.81
CA CYS FA 101 70.76 -79.27 -5.56
C CYS FA 101 71.58 -78.37 -4.65
N PRO FA 102 72.83 -78.10 -5.00
CA PRO FA 102 73.62 -77.13 -4.26
C PRO FA 102 73.13 -75.72 -4.51
N PRO FA 103 73.47 -74.78 -3.65
CA PRO FA 103 72.87 -73.44 -3.73
C PRO FA 103 73.17 -72.75 -5.04
N GLY FA 104 72.19 -72.01 -5.55
CA GLY FA 104 72.31 -71.34 -6.83
C GLY FA 104 71.18 -70.35 -7.00
N GLU FA 105 71.07 -69.82 -8.22
CA GLU FA 105 70.06 -68.80 -8.50
C GLU FA 105 69.11 -69.19 -9.62
N PHE FA 106 69.32 -70.34 -10.23
CA PHE FA 106 68.49 -70.78 -11.35
C PHE FA 106 68.54 -72.30 -11.39
N LEU FA 107 67.56 -72.90 -12.07
CA LEU FA 107 67.67 -74.34 -12.29
C LEU FA 107 67.12 -74.67 -13.65
N GLN FA 108 67.81 -75.58 -14.34
CA GLN FA 108 67.41 -76.02 -15.66
C GLN FA 108 67.27 -77.52 -15.69
N VAL FA 109 66.38 -77.99 -16.57
CA VAL FA 109 66.18 -79.41 -16.82
C VAL FA 109 66.39 -79.64 -18.30
N SER FA 110 67.00 -80.78 -18.63
CA SER FA 110 67.37 -81.04 -20.02
C SER FA 110 67.29 -82.52 -20.33
N ILE FA 111 66.85 -82.82 -21.55
CA ILE FA 111 66.75 -84.20 -22.03
C ILE FA 111 67.16 -84.23 -23.49
N GLN FA 112 67.67 -85.37 -23.93
CA GLN FA 112 67.97 -85.54 -25.35
C GLN FA 112 66.70 -85.87 -26.12
N ASP FA 113 66.68 -85.43 -27.37
CA ASP FA 113 65.53 -85.56 -28.24
C ASP FA 113 65.56 -86.93 -28.90
N THR FA 114 64.73 -87.14 -29.92
CA THR FA 114 64.85 -88.35 -30.72
C THR FA 114 66.11 -88.33 -31.56
N ARG FA 115 66.47 -87.17 -32.11
CA ARG FA 115 67.64 -87.05 -32.96
C ARG FA 115 68.90 -86.66 -32.20
N ASN FA 116 68.93 -86.88 -30.88
CA ASN FA 116 70.10 -86.60 -30.06
C ASN FA 116 70.47 -85.11 -30.08
N ALA FA 117 69.48 -84.25 -29.88
CA ALA FA 117 69.71 -82.84 -29.63
C ALA FA 117 69.12 -82.48 -28.27
N VAL FA 118 69.83 -81.66 -27.50
CA VAL FA 118 69.38 -81.35 -26.15
C VAL FA 118 68.21 -80.37 -26.21
N ARG FA 119 67.18 -80.64 -25.43
CA ARG FA 119 66.08 -79.72 -25.19
C ARG FA 119 66.07 -79.41 -23.70
N ALA FA 120 66.09 -78.12 -23.37
CA ALA FA 120 66.26 -77.70 -21.99
C ALA FA 120 65.40 -76.49 -21.69
N CYS FA 121 65.14 -76.27 -20.41
CA CYS FA 121 64.45 -75.07 -19.95
C CYS FA 121 64.97 -74.73 -18.57
N ARG FA 122 65.29 -73.46 -18.36
CA ARG FA 122 65.80 -72.97 -17.08
C ARG FA 122 64.92 -71.86 -16.54
N ILE FA 123 64.75 -71.83 -15.23
CA ILE FA 123 63.88 -70.89 -14.57
C ILE FA 123 64.62 -70.25 -13.42
N GLN FA 124 64.22 -69.03 -13.09
CA GLN FA 124 64.77 -68.30 -11.95
C GLN FA 124 64.19 -68.84 -10.66
N TYR FA 125 65.07 -69.18 -9.71
CA TYR FA 125 64.64 -69.76 -8.45
C TYR FA 125 65.78 -69.61 -7.45
N HIS FA 126 65.50 -68.97 -6.32
CA HIS FA 126 66.54 -68.69 -5.32
C HIS FA 126 66.55 -69.83 -4.31
N HIS FA 127 67.39 -70.83 -4.57
CA HIS FA 127 67.45 -72.02 -3.74
C HIS FA 127 68.57 -71.88 -2.73
N ASP FA 128 68.25 -72.06 -1.45
CA ASP FA 128 69.22 -71.94 -0.38
C ASP FA 128 68.75 -72.70 0.85
N PRO FA 129 69.08 -73.98 0.97
CA PRO FA 129 68.59 -74.77 2.10
C PRO FA 129 69.33 -74.41 3.37
N GLN FA 130 68.68 -74.68 4.50
CA GLN FA 130 69.35 -74.64 5.80
C GLN FA 130 68.90 -75.80 6.66
N PRO FA 131 69.81 -76.64 7.12
CA PRO FA 131 69.40 -77.84 7.86
C PRO FA 131 68.73 -77.48 9.16
N VAL FA 132 67.81 -78.36 9.58
CA VAL FA 132 67.09 -78.14 10.82
C VAL FA 132 68.06 -78.17 11.99
N GLY FA 133 67.81 -77.34 12.98
CA GLY FA 133 68.63 -77.34 14.16
C GLY FA 133 69.22 -75.98 14.41
N ARG FA 134 70.45 -75.97 14.92
CA ARG FA 134 71.13 -74.74 15.28
C ARG FA 134 72.50 -74.61 14.65
N GLU FA 135 72.86 -75.49 13.73
CA GLU FA 135 74.13 -75.38 13.03
C GLU FA 135 73.92 -75.49 11.53
N LYS FA 136 74.62 -74.64 10.78
CA LYS FA 136 74.50 -74.65 9.32
C LYS FA 136 75.63 -75.49 8.71
N PHE FA 137 75.67 -76.75 9.09
CA PHE FA 137 76.64 -77.69 8.52
C PHE FA 137 76.27 -78.00 7.08
N THR FA 138 77.16 -78.72 6.40
CA THR FA 138 76.91 -79.06 5.00
C THR FA 138 76.49 -80.51 4.81
N ILE FA 139 77.24 -81.46 5.37
CA ILE FA 139 76.92 -82.87 5.23
C ILE FA 139 76.89 -83.51 6.62
N ARG FA 140 76.21 -84.64 6.71
CA ARG FA 140 75.98 -85.24 8.00
C ARG FA 140 77.28 -85.79 8.58
N PRO FA 141 77.44 -85.74 9.88
CA PRO FA 141 78.65 -86.28 10.51
C PRO FA 141 78.47 -87.73 10.86
N HIS FA 142 79.48 -88.35 11.46
CA HIS FA 142 79.41 -89.74 11.84
C HIS FA 142 79.19 -89.93 13.34
N TYR FA 143 78.83 -88.87 14.06
CA TYR FA 143 78.47 -89.00 15.48
C TYR FA 143 77.75 -87.73 15.88
N GLY FA 144 76.49 -87.85 16.30
CA GLY FA 144 75.74 -86.67 16.67
C GLY FA 144 74.33 -87.02 17.10
N LYS FA 145 73.50 -86.00 17.20
CA LYS FA 145 72.14 -86.18 17.68
C LYS FA 145 71.18 -86.45 16.53
N GLU FA 146 69.99 -86.93 16.89
CA GLU FA 146 68.93 -87.23 15.94
C GLU FA 146 67.79 -86.25 16.15
N ILE FA 147 67.34 -85.61 15.09
CA ILE FA 147 66.34 -84.55 15.14
C ILE FA 147 65.24 -84.88 14.14
N PRO FA 148 63.98 -84.68 14.47
CA PRO FA 148 62.91 -84.91 13.50
C PRO FA 148 62.96 -83.89 12.36
N CYS FA 149 62.54 -84.33 11.18
CA CYS FA 149 62.44 -83.46 10.02
C CYS FA 149 61.48 -84.11 9.02
N THR FA 150 61.15 -83.39 7.96
CA THR FA 150 60.18 -83.88 6.99
C THR FA 150 60.82 -83.94 5.61
N THR FA 151 60.33 -84.89 4.80
CA THR FA 151 60.86 -85.09 3.46
C THR FA 151 59.80 -85.80 2.64
N TYR FA 152 60.09 -85.98 1.36
CA TYR FA 152 59.20 -86.68 0.45
C TYR FA 152 59.61 -88.14 0.34
N GLN FA 153 58.64 -89.04 0.36
CA GLN FA 153 58.93 -90.46 0.29
C GLN FA 153 58.91 -90.95 -1.15
N GLN FA 154 59.57 -92.08 -1.37
CA GLN FA 154 59.63 -92.70 -2.69
C GLN FA 154 58.46 -93.61 -2.98
N THR FA 155 57.57 -93.83 -2.01
CA THR FA 155 56.35 -94.57 -2.28
C THR FA 155 55.42 -93.74 -3.15
N THR FA 156 54.65 -94.42 -3.98
CA THR FA 156 53.75 -93.78 -4.93
C THR FA 156 52.29 -94.15 -4.65
N ALA FA 157 51.97 -94.39 -3.38
CA ALA FA 157 50.66 -94.92 -3.01
C ALA FA 157 49.61 -93.82 -2.93
N LYS FA 158 48.45 -94.15 -2.35
CA LYS FA 158 47.37 -93.17 -2.19
C LYS FA 158 47.84 -91.98 -1.37
N THR FA 159 47.48 -90.78 -1.81
CA THR FA 159 48.10 -89.57 -1.28
C THR FA 159 47.13 -88.44 -0.94
N VAL FA 160 45.93 -88.41 -1.52
CA VAL FA 160 45.00 -87.29 -1.37
C VAL FA 160 45.71 -86.02 -1.83
N GLU FA 161 45.93 -85.91 -3.13
CA GLU FA 161 46.46 -84.70 -3.74
C GLU FA 161 45.81 -84.51 -5.10
N GLU FA 162 45.80 -83.26 -5.55
CA GLU FA 162 44.98 -82.90 -6.69
C GLU FA 162 45.85 -82.32 -7.79
N ILE FA 163 45.56 -82.72 -9.02
CA ILE FA 163 45.93 -81.94 -10.19
C ILE FA 163 44.69 -81.83 -11.07
N ASP FA 164 44.38 -80.61 -11.50
CA ASP FA 164 43.22 -80.33 -12.32
C ASP FA 164 43.59 -80.50 -13.79
N MET FA 165 42.91 -81.42 -14.44
CA MET FA 165 43.35 -82.11 -15.64
C MET FA 165 42.18 -82.15 -16.60
N HIS FA 166 42.39 -81.79 -17.86
CA HIS FA 166 41.22 -81.62 -18.71
C HIS FA 166 41.61 -81.74 -20.18
N MET FA 167 40.62 -81.45 -21.03
CA MET FA 167 40.66 -81.82 -22.43
C MET FA 167 41.40 -80.79 -23.27
N PRO FA 168 42.35 -81.18 -24.12
CA PRO FA 168 43.14 -80.19 -24.83
C PRO FA 168 42.29 -79.44 -25.84
N PRO FA 169 42.71 -78.26 -26.25
CA PRO FA 169 41.94 -77.51 -27.23
C PRO FA 169 42.26 -77.96 -28.65
N ASP FA 170 41.74 -77.20 -29.60
CA ASP FA 170 42.03 -77.41 -31.02
C ASP FA 170 43.38 -76.81 -31.38
N THR FA 171 44.33 -77.67 -31.69
CA THR FA 171 45.68 -77.20 -32.00
C THR FA 171 45.75 -76.67 -33.43
N PRO FA 172 46.12 -75.42 -33.63
CA PRO FA 172 46.20 -74.88 -34.99
C PRO FA 172 47.49 -75.27 -35.68
N ASP FA 173 47.39 -75.46 -36.99
CA ASP FA 173 48.50 -75.91 -37.80
C ASP FA 173 48.38 -75.33 -39.20
N ARG FA 174 49.52 -75.04 -39.82
CA ARG FA 174 49.54 -74.48 -41.16
C ARG FA 174 50.48 -75.21 -42.10
N THR FA 175 51.09 -76.31 -41.66
CA THR FA 175 51.85 -77.12 -42.59
C THR FA 175 51.00 -78.15 -43.31
N LEU FA 176 49.70 -78.22 -43.01
CA LEU FA 176 48.84 -79.16 -43.71
C LEU FA 176 48.22 -78.59 -44.96
N LEU FA 177 48.30 -77.28 -45.18
CA LEU FA 177 47.82 -76.67 -46.42
C LEU FA 177 48.88 -76.81 -47.50
N SER FA 178 48.49 -77.35 -48.66
CA SER FA 178 49.37 -77.38 -49.83
C SER FA 178 48.58 -76.83 -51.02
N GLN FA 179 48.96 -75.64 -51.48
CA GLN FA 179 48.31 -75.01 -52.62
C GLN FA 179 48.95 -75.51 -53.90
N GLN FA 180 48.18 -76.19 -54.75
CA GLN FA 180 48.74 -76.71 -55.99
C GLN FA 180 48.54 -75.74 -57.16
N SER FA 181 47.29 -75.57 -57.59
CA SER FA 181 46.99 -74.61 -58.66
C SER FA 181 45.52 -74.24 -58.53
N GLY FA 182 45.26 -73.08 -57.92
CA GLY FA 182 43.87 -72.71 -57.68
C GLY FA 182 43.12 -73.70 -56.84
N ASN FA 183 43.82 -74.55 -56.09
CA ASN FA 183 43.19 -75.55 -55.24
C ASN FA 183 44.14 -75.88 -54.11
N VAL FA 184 43.57 -76.39 -53.02
CA VAL FA 184 44.35 -76.71 -51.82
C VAL FA 184 44.17 -78.18 -51.49
N LYS FA 185 45.18 -78.73 -50.85
CA LYS FA 185 45.14 -80.09 -50.32
C LYS FA 185 45.43 -80.04 -48.82
N ILE FA 186 44.60 -80.75 -48.06
CA ILE FA 186 44.68 -80.82 -46.61
C ILE FA 186 45.08 -82.23 -46.24
N THR FA 187 46.31 -82.41 -45.76
CA THR FA 187 46.79 -83.73 -45.45
C THR FA 187 46.11 -84.25 -44.17
N VAL FA 188 46.03 -85.57 -44.06
CA VAL FA 188 45.38 -86.27 -42.95
C VAL FA 188 46.34 -87.33 -42.44
N GLY FA 189 45.81 -88.29 -41.68
CA GLY FA 189 46.63 -89.26 -41.00
C GLY FA 189 46.02 -89.69 -39.69
N GLY FA 190 44.79 -89.27 -39.45
CA GLY FA 190 44.04 -89.72 -38.30
C GLY FA 190 43.48 -88.53 -37.55
N LYS FA 191 43.94 -87.35 -37.95
CA LYS FA 191 43.63 -86.13 -37.23
C LYS FA 191 42.45 -85.44 -37.90
N LYS FA 192 41.28 -85.52 -37.26
CA LYS FA 192 40.07 -84.95 -37.83
C LYS FA 192 40.18 -83.42 -37.77
N VAL FA 193 40.25 -82.81 -38.92
CA VAL FA 193 40.58 -81.40 -39.03
C VAL FA 193 39.31 -80.57 -39.20
N LYS FA 194 39.22 -79.51 -38.41
CA LYS FA 194 38.20 -78.49 -38.59
C LYS FA 194 38.71 -77.39 -39.51
N TYR FA 195 37.79 -76.82 -40.29
CA TYR FA 195 38.20 -75.82 -41.26
C TYR FA 195 37.19 -74.69 -41.31
N ASN FA 196 37.67 -73.51 -41.69
CA ASN FA 196 36.81 -72.34 -41.87
C ASN FA 196 37.49 -71.46 -42.91
N CYS FA 197 37.01 -71.53 -44.15
CA CYS FA 197 37.59 -70.80 -45.27
C CYS FA 197 36.48 -69.96 -45.89
N THR FA 198 36.70 -68.65 -45.99
CA THR FA 198 35.70 -67.74 -46.51
C THR FA 198 35.93 -67.44 -47.99
N CYS FA 199 35.66 -68.45 -48.82
CA CYS FA 199 35.72 -68.31 -50.27
C CYS FA 199 34.40 -68.81 -50.84
N GLY FA 200 33.50 -67.89 -51.17
CA GLY FA 200 32.22 -68.25 -51.73
C GLY FA 200 31.19 -68.64 -50.68
N THR FA 201 30.63 -69.82 -50.82
CA THR FA 201 29.59 -70.29 -49.90
C THR FA 201 30.23 -70.93 -48.68
N GLY FA 202 29.41 -71.55 -47.83
CA GLY FA 202 29.88 -72.16 -46.61
C GLY FA 202 30.89 -73.27 -46.82
N ASN FA 203 32.04 -73.15 -46.17
CA ASN FA 203 33.12 -74.14 -46.23
C ASN FA 203 33.63 -74.42 -44.83
N VAL FA 204 32.71 -74.66 -43.90
CA VAL FA 204 33.05 -74.91 -42.51
C VAL FA 204 32.60 -76.31 -42.14
N GLY FA 205 33.32 -76.90 -41.19
CA GLY FA 205 33.05 -78.25 -40.73
C GLY FA 205 34.31 -79.05 -40.57
N THR FA 206 34.13 -80.36 -40.39
CA THR FA 206 35.22 -81.27 -40.12
C THR FA 206 35.39 -82.27 -41.26
N THR FA 207 36.45 -83.07 -41.18
CA THR FA 207 36.72 -84.11 -42.15
C THR FA 207 37.68 -85.12 -41.56
N ASN FA 208 37.74 -86.29 -42.19
CA ASN FA 208 38.74 -87.30 -41.86
C ASN FA 208 39.53 -87.69 -43.10
N SER FA 209 39.41 -86.94 -44.18
CA SER FA 209 40.01 -87.32 -45.45
C SER FA 209 40.46 -86.07 -46.20
N ASP FA 210 41.37 -86.28 -47.14
CA ASP FA 210 41.89 -85.20 -47.96
C ASP FA 210 40.77 -84.56 -48.77
N MET FA 211 40.86 -83.25 -48.98
CA MET FA 211 39.89 -82.55 -49.82
C MET FA 211 40.57 -81.47 -50.65
N THR FA 212 39.77 -80.84 -51.49
CA THR FA 212 40.17 -79.71 -52.32
C THR FA 212 39.08 -78.65 -52.23
N ILE FA 213 39.44 -77.40 -52.50
CA ILE FA 213 38.44 -76.34 -52.52
C ILE FA 213 38.24 -75.85 -53.95
N ASN FA 214 39.32 -75.87 -54.74
CA ASN FA 214 39.35 -75.51 -56.16
C ASN FA 214 39.02 -74.04 -56.42
N THR FA 215 38.82 -73.23 -55.38
CA THR FA 215 38.39 -71.84 -55.60
C THR FA 215 39.48 -70.83 -55.29
N CYS FA 216 40.02 -70.83 -54.08
CA CYS FA 216 40.92 -69.77 -53.62
C CYS FA 216 42.23 -70.38 -53.11
N LEU FA 217 43.09 -69.52 -52.61
CA LEU FA 217 44.43 -69.90 -52.20
C LEU FA 217 44.40 -70.41 -50.76
N ILE FA 218 45.59 -70.56 -50.16
CA ILE FA 218 45.69 -70.98 -48.75
C ILE FA 218 45.54 -69.83 -47.78
N GLU FA 219 45.27 -68.62 -48.27
CA GLU FA 219 45.23 -67.46 -47.38
C GLU FA 219 44.02 -67.47 -46.46
N GLN FA 220 43.04 -68.35 -46.69
CA GLN FA 220 41.84 -68.36 -45.88
C GLN FA 220 41.50 -69.71 -45.25
N CYS FA 221 42.10 -70.80 -45.70
CA CYS FA 221 41.93 -72.06 -45.02
C CYS FA 221 42.96 -72.22 -43.91
N HIS FA 222 42.51 -72.66 -42.73
CA HIS FA 222 43.43 -73.04 -41.67
C HIS FA 222 43.00 -74.36 -41.06
N VAL FA 223 43.98 -75.12 -40.60
CA VAL FA 223 43.79 -76.45 -40.06
C VAL FA 223 43.82 -76.38 -38.54
N SER FA 224 42.89 -77.05 -37.90
CA SER FA 224 42.85 -77.11 -36.43
C SER FA 224 42.63 -78.57 -36.02
N VAL FA 225 43.73 -79.26 -35.73
CA VAL FA 225 43.63 -80.64 -35.26
C VAL FA 225 42.81 -80.67 -33.98
N THR FA 226 41.84 -81.57 -33.92
CA THR FA 226 40.79 -81.54 -32.91
C THR FA 226 40.72 -82.84 -32.12
N ASP FA 227 41.84 -83.30 -31.59
CA ASP FA 227 41.86 -84.53 -30.80
C ASP FA 227 41.22 -84.29 -29.44
N HIS FA 228 40.37 -85.24 -29.04
CA HIS FA 228 39.83 -85.31 -27.68
C HIS FA 228 39.85 -86.74 -27.15
N LYS FA 229 40.91 -87.48 -27.40
CA LYS FA 229 41.00 -88.86 -26.96
C LYS FA 229 41.66 -89.02 -25.60
N LYS FA 230 42.18 -87.94 -25.02
CA LYS FA 230 42.77 -88.00 -23.68
C LYS FA 230 43.07 -86.64 -23.08
N TRP FA 231 43.14 -86.61 -21.77
CA TRP FA 231 43.44 -85.39 -21.00
C TRP FA 231 44.88 -84.93 -21.18
N GLN FA 232 45.10 -83.62 -21.01
CA GLN FA 232 46.43 -83.05 -21.20
C GLN FA 232 47.01 -82.38 -19.96
N PHE FA 233 46.40 -81.30 -19.43
CA PHE FA 233 46.74 -80.68 -18.14
C PHE FA 233 45.92 -79.41 -17.95
N ASN FA 234 45.91 -78.80 -16.76
CA ASN FA 234 45.43 -77.43 -16.67
C ASN FA 234 46.63 -76.52 -16.42
N SER FA 235 47.20 -75.98 -17.51
CA SER FA 235 48.31 -75.05 -17.39
C SER FA 235 47.91 -73.66 -17.84
N PRO FA 236 48.51 -72.61 -17.28
CA PRO FA 236 48.17 -71.26 -17.72
C PRO FA 236 48.74 -70.90 -19.07
N PHE FA 237 49.55 -71.76 -19.69
CA PHE FA 237 50.17 -71.40 -20.96
C PHE FA 237 49.49 -72.00 -22.18
N VAL FA 238 48.43 -72.79 -22.03
CA VAL FA 238 47.71 -73.30 -23.20
C VAL FA 238 46.21 -73.05 -23.02
N PRO FA 239 45.56 -72.39 -23.95
CA PRO FA 239 44.19 -71.90 -23.72
C PRO FA 239 43.17 -72.99 -23.49
N ARG FA 240 41.97 -72.60 -23.08
CA ARG FA 240 40.90 -73.52 -22.71
C ARG FA 240 39.85 -73.53 -23.81
N ALA FA 241 38.94 -74.50 -23.73
CA ALA FA 241 37.94 -74.72 -24.77
C ALA FA 241 36.51 -74.43 -24.34
N ASP FA 242 36.00 -75.12 -23.33
CA ASP FA 242 34.62 -74.99 -22.91
C ASP FA 242 34.55 -74.11 -21.67
N GLU FA 243 33.96 -72.92 -21.84
CA GLU FA 243 34.14 -71.87 -20.83
C GLU FA 243 33.46 -72.17 -19.50
N PRO FA 244 32.42 -72.99 -19.39
CA PRO FA 244 32.06 -73.54 -18.08
C PRO FA 244 33.16 -74.36 -17.42
N ALA FA 245 34.22 -74.70 -18.16
CA ALA FA 245 35.30 -75.57 -17.72
C ALA FA 245 34.81 -76.99 -17.52
N ARG FA 246 35.69 -77.96 -17.70
CA ARG FA 246 35.31 -79.37 -17.61
C ARG FA 246 36.00 -80.06 -16.43
N LYS FA 247 37.33 -80.10 -16.42
CA LYS FA 247 38.11 -80.42 -15.23
C LYS FA 247 37.99 -81.87 -14.82
N GLY FA 248 39.04 -82.37 -14.19
CA GLY FA 248 39.09 -83.70 -13.62
C GLY FA 248 40.07 -83.67 -12.47
N LYS FA 249 40.53 -84.85 -12.07
CA LYS FA 249 41.52 -84.92 -11.02
C LYS FA 249 42.52 -86.03 -11.33
N VAL FA 250 43.76 -85.81 -10.91
CA VAL FA 250 44.72 -86.91 -10.88
C VAL FA 250 45.61 -86.76 -9.66
N HIS FA 251 46.03 -87.88 -9.10
CA HIS FA 251 46.82 -87.89 -7.87
C HIS FA 251 48.26 -87.46 -8.13
N ILE FA 252 48.88 -86.91 -7.09
CA ILE FA 252 50.26 -86.45 -7.15
C ILE FA 252 51.15 -87.46 -6.44
N PRO FA 253 52.27 -87.84 -7.02
CA PRO FA 253 53.14 -88.83 -6.39
C PRO FA 253 53.90 -88.20 -5.22
N PHE FA 254 54.61 -89.06 -4.48
CA PHE FA 254 55.54 -88.62 -3.46
C PHE FA 254 54.90 -87.78 -2.37
N PRO FA 255 54.14 -88.38 -1.45
CA PRO FA 255 53.59 -87.62 -0.34
C PRO FA 255 54.66 -87.26 0.67
N LEU FA 256 54.34 -86.25 1.50
CA LEU FA 256 55.25 -85.74 2.51
C LEU FA 256 55.18 -86.61 3.76
N ASP FA 257 56.32 -86.80 4.42
CA ASP FA 257 56.36 -87.71 5.56
C ASP FA 257 57.52 -87.33 6.48
N ASN FA 258 57.57 -87.99 7.63
CA ASN FA 258 58.52 -87.67 8.69
C ASN FA 258 59.69 -88.64 8.68
N ILE FA 259 60.89 -88.11 8.83
CA ILE FA 259 62.07 -88.95 9.11
C ILE FA 259 62.91 -88.26 10.17
N THR FA 260 64.07 -88.84 10.47
CA THR FA 260 64.99 -88.28 11.44
C THR FA 260 66.35 -88.09 10.80
N CYS FA 261 66.90 -86.89 10.96
CA CYS FA 261 68.21 -86.57 10.42
C CYS FA 261 69.22 -86.41 11.55
N ARG FA 262 70.50 -86.41 11.19
CA ARG FA 262 71.58 -86.37 12.16
C ARG FA 262 72.30 -85.04 12.09
N VAL FA 263 72.50 -84.42 13.25
CA VAL FA 263 73.17 -83.14 13.32
C VAL FA 263 74.37 -83.25 14.26
N PRO FA 264 75.48 -82.60 13.96
CA PRO FA 264 76.65 -82.71 14.82
C PRO FA 264 76.51 -81.85 16.06
N MET FA 265 77.34 -82.14 17.05
CA MET FA 265 77.37 -81.39 18.28
C MET FA 265 78.67 -80.62 18.36
N ALA FA 266 78.58 -79.31 18.53
CA ALA FA 266 79.77 -78.48 18.54
C ALA FA 266 80.59 -78.74 19.79
N ARG FA 267 81.85 -78.33 19.73
CA ARG FA 267 82.77 -78.59 20.83
C ARG FA 267 82.38 -77.83 22.08
N GLU FA 268 82.81 -78.34 23.21
CA GLU FA 268 82.59 -77.66 24.48
C GLU FA 268 83.48 -76.43 24.56
N PRO FA 269 82.93 -75.24 24.78
CA PRO FA 269 83.76 -74.05 24.89
C PRO FA 269 84.63 -74.11 26.13
N THR FA 270 85.81 -73.52 26.03
CA THR FA 270 86.68 -73.37 27.18
C THR FA 270 86.11 -72.31 28.10
N VAL FA 271 86.21 -72.52 29.40
CA VAL FA 271 85.61 -71.64 30.40
C VAL FA 271 86.69 -71.13 31.32
N ILE FA 272 86.62 -69.84 31.66
CA ILE FA 272 87.56 -69.20 32.57
C ILE FA 272 86.76 -68.54 33.69
N HIS FA 273 87.02 -68.96 34.92
CA HIS FA 273 86.27 -68.46 36.05
C HIS FA 273 86.79 -67.10 36.50
N GLY FA 274 85.86 -66.22 36.88
CA GLY FA 274 86.22 -64.92 37.41
C GLY FA 274 85.28 -64.43 38.49
N LYS FA 275 85.49 -63.22 38.99
CA LYS FA 275 84.67 -62.67 40.08
C LYS FA 275 83.35 -62.21 39.50
N ARG FA 276 82.32 -63.05 39.64
CA ARG FA 276 80.99 -62.76 39.13
C ARG FA 276 81.03 -62.46 37.64
N GLU FA 277 81.91 -63.17 36.94
CA GLU FA 277 82.07 -63.03 35.51
C GLU FA 277 82.72 -64.29 34.97
N VAL FA 278 82.28 -64.73 33.80
CA VAL FA 278 82.80 -65.94 33.18
C VAL FA 278 83.30 -65.60 31.78
N THR FA 279 84.52 -66.00 31.48
CA THR FA 279 85.10 -65.76 30.16
C THR FA 279 85.10 -67.05 29.36
N LEU FA 280 84.55 -67.01 28.15
CA LEU FA 280 84.37 -68.17 27.30
C LEU FA 280 85.13 -67.97 26.00
N HIS FA 281 85.81 -69.03 25.57
CA HIS FA 281 86.42 -69.07 24.25
C HIS FA 281 85.58 -69.96 23.35
N LEU FA 282 85.22 -69.45 22.18
CA LEU FA 282 84.35 -70.16 21.26
C LEU FA 282 85.14 -70.50 20.00
N HIS FA 283 85.13 -71.79 19.65
CA HIS FA 283 85.86 -72.32 18.49
C HIS FA 283 84.91 -73.10 17.60
N PRO FA 284 84.22 -72.43 16.68
CA PRO FA 284 83.27 -73.13 15.82
C PRO FA 284 83.93 -73.62 14.53
N ASP FA 285 83.32 -74.64 13.94
CA ASP FA 285 83.70 -75.12 12.61
C ASP FA 285 82.76 -74.62 11.51
N HIS FA 286 81.57 -74.18 11.89
CA HIS FA 286 80.57 -73.71 10.95
C HIS FA 286 79.57 -72.87 11.74
N PRO FA 287 78.86 -71.97 11.08
CA PRO FA 287 78.02 -71.03 11.84
C PRO FA 287 77.08 -71.70 12.81
N THR FA 288 77.32 -71.54 14.12
CA THR FA 288 76.44 -72.08 15.15
C THR FA 288 75.67 -70.94 15.79
N LEU FA 289 74.78 -71.29 16.70
CA LEU FA 289 73.99 -70.30 17.42
C LEU FA 289 74.30 -70.40 18.91
N PHE FA 290 74.61 -69.27 19.52
CA PHE FA 290 75.04 -69.21 20.91
C PHE FA 290 74.15 -68.22 21.66
N SER FA 291 73.59 -68.65 22.78
CA SER FA 291 72.64 -67.79 23.47
C SER FA 291 72.64 -68.05 24.97
N TYR FA 292 72.67 -66.97 25.74
CA TYR FA 292 72.68 -67.10 27.18
C TYR FA 292 71.58 -66.23 27.77
N ARG FA 293 71.18 -66.57 28.99
CA ARG FA 293 70.26 -65.71 29.72
C ARG FA 293 70.49 -65.88 31.21
N THR FA 294 70.25 -64.80 31.93
CA THR FA 294 70.41 -64.78 33.38
C THR FA 294 69.12 -65.21 34.04
N LEU FA 295 69.19 -66.27 34.83
CA LEU FA 295 67.98 -66.80 35.45
C LEU FA 295 67.68 -66.13 36.78
N GLY FA 296 67.62 -64.80 36.73
CA GLY FA 296 67.20 -63.98 37.84
C GLY FA 296 65.73 -63.64 37.76
N GLU FA 297 65.43 -62.36 38.01
CA GLU FA 297 64.04 -61.93 37.85
C GLU FA 297 63.86 -61.11 36.58
N ASP FA 298 64.71 -60.13 36.35
CA ASP FA 298 64.82 -59.46 35.06
C ASP FA 298 66.04 -59.97 34.33
N PRO FA 299 65.88 -60.75 33.28
CA PRO FA 299 67.03 -61.40 32.66
C PRO FA 299 67.73 -60.49 31.68
N GLN FA 300 68.85 -60.98 31.15
CA GLN FA 300 69.63 -60.32 30.12
C GLN FA 300 69.74 -61.29 28.95
N TYR FA 301 69.57 -60.77 27.73
CA TYR FA 301 69.42 -61.70 26.62
C TYR FA 301 70.67 -61.66 25.76
N HIS FA 302 70.80 -62.68 24.92
CA HIS FA 302 71.71 -62.58 23.79
C HIS FA 302 71.51 -63.75 22.85
N GLU FA 303 71.58 -63.48 21.55
CA GLU FA 303 71.40 -64.52 20.55
C GLU FA 303 72.21 -64.13 19.34
N GLU FA 304 73.20 -64.95 18.99
CA GLU FA 304 74.18 -64.51 18.03
C GLU FA 304 74.62 -65.70 17.18
N TRP FA 305 74.92 -65.43 15.91
CA TRP FA 305 75.38 -66.45 14.97
C TRP FA 305 76.90 -66.34 14.88
N VAL FA 306 77.60 -67.10 15.73
CA VAL FA 306 79.05 -67.05 15.71
C VAL FA 306 79.56 -67.76 14.46
N THR FA 307 80.51 -67.14 13.77
CA THR FA 307 81.12 -67.74 12.58
C THR FA 307 82.61 -67.96 12.70
N ALA FA 308 83.32 -67.08 13.40
CA ALA FA 308 84.75 -67.20 13.58
C ALA FA 308 85.07 -67.39 15.05
N ALA FA 309 86.30 -67.82 15.33
CA ALA FA 309 86.70 -68.05 16.71
C ALA FA 309 86.65 -66.74 17.48
N VAL FA 310 85.94 -66.74 18.61
CA VAL FA 310 85.74 -65.48 19.33
C VAL FA 310 85.96 -65.66 20.82
N GLU FA 311 85.70 -64.60 21.57
CA GLU FA 311 85.94 -64.60 23.01
C GLU FA 311 84.90 -63.70 23.66
N ARG FA 312 84.20 -64.21 24.66
CA ARG FA 312 83.10 -63.46 25.29
C ARG FA 312 83.24 -63.48 26.80
N THR FA 313 82.60 -62.50 27.44
CA THR FA 313 82.50 -62.44 28.88
C THR FA 313 81.04 -62.26 29.27
N ILE FA 314 80.57 -63.11 30.17
CA ILE FA 314 79.15 -63.15 30.52
C ILE FA 314 79.00 -62.93 32.02
N PRO FA 315 78.04 -62.11 32.45
CA PRO FA 315 77.86 -61.88 33.89
C PRO FA 315 77.05 -63.00 34.52
N VAL FA 316 77.52 -63.45 35.67
CA VAL FA 316 76.88 -64.56 36.37
C VAL FA 316 76.58 -64.15 37.81
N PRO FA 317 75.43 -63.55 38.06
CA PRO FA 317 75.11 -63.12 39.43
C PRO FA 317 74.87 -64.30 40.37
N VAL FA 318 74.48 -64.02 41.61
CA VAL FA 318 74.26 -65.09 42.57
C VAL FA 318 73.10 -65.98 42.18
N ASP FA 319 72.19 -65.49 41.34
CA ASP FA 319 71.06 -66.31 40.94
C ASP FA 319 71.46 -67.36 39.92
N GLY FA 320 72.34 -67.03 38.99
CA GLY FA 320 72.84 -67.99 38.02
C GLY FA 320 72.48 -67.63 36.59
N MET FA 321 73.16 -68.30 35.67
CA MET FA 321 72.93 -68.08 34.25
C MET FA 321 72.90 -69.43 33.54
N GLU FA 322 72.31 -69.45 32.35
CA GLU FA 322 72.38 -70.61 31.49
C GLU FA 322 72.88 -70.18 30.13
N TYR FA 323 73.67 -71.05 29.50
CA TYR FA 323 74.07 -70.80 28.12
C TYR FA 323 73.84 -72.04 27.29
N HIS FA 324 73.56 -71.78 26.01
CA HIS FA 324 73.13 -72.76 25.02
C HIS FA 324 74.09 -72.59 23.86
N TRP FA 325 74.95 -73.59 23.63
CA TRP FA 325 76.00 -73.50 22.62
C TRP FA 325 75.74 -74.56 21.56
N GLY FA 326 75.35 -74.12 20.38
CA GLY FA 326 75.15 -75.06 19.31
C GLY FA 326 74.02 -76.02 19.63
N ASN FA 327 74.23 -77.29 19.32
CA ASN FA 327 73.22 -78.32 19.54
C ASN FA 327 73.39 -79.03 20.87
N ASN FA 328 74.33 -78.61 21.69
CA ASN FA 328 74.51 -79.24 22.99
C ASN FA 328 73.29 -78.96 23.88
N ASP FA 329 73.28 -79.61 25.01
CA ASP FA 329 72.28 -79.45 26.05
C ASP FA 329 72.65 -78.24 26.90
N PRO FA 330 71.73 -77.28 27.06
CA PRO FA 330 72.07 -76.05 27.79
C PRO FA 330 72.58 -76.32 29.19
N VAL FA 331 73.56 -75.50 29.60
CA VAL FA 331 74.26 -75.70 30.87
C VAL FA 331 74.08 -74.48 31.75
N ARG FA 332 73.86 -74.72 33.04
CA ARG FA 332 73.63 -73.68 34.03
C ARG FA 332 74.83 -73.54 34.95
N LEU FA 333 75.14 -72.31 35.32
CA LEU FA 333 76.26 -72.01 36.20
C LEU FA 333 75.84 -71.00 37.26
N TRP FA 334 76.31 -71.20 38.49
CA TRP FA 334 75.94 -70.39 39.64
C TRP FA 334 77.17 -69.74 40.26
N SER FA 335 77.03 -68.48 40.65
CA SER FA 335 78.08 -67.77 41.36
C SER FA 335 78.13 -68.24 42.81
N GLN FA 336 79.08 -67.72 43.57
CA GLN FA 336 79.26 -68.14 44.95
C GLN FA 336 79.66 -66.92 45.75
N LEU FA 337 79.42 -66.96 47.06
CA LEU FA 337 79.76 -65.82 47.90
C LEU FA 337 81.24 -65.82 48.24
N THR FA 338 82.05 -65.16 47.42
CA THR FA 338 83.48 -65.05 47.66
C THR FA 338 83.88 -63.58 47.64
N THR FA 339 84.94 -63.26 48.39
CA THR FA 339 85.41 -61.90 48.50
C THR FA 339 86.85 -61.91 49.01
N GLU FA 340 87.36 -60.72 49.34
CA GLU FA 340 88.78 -60.52 49.56
C GLU FA 340 89.13 -59.95 50.93
N GLY FA 341 88.17 -59.41 51.68
CA GLY FA 341 88.45 -58.94 53.02
C GLY FA 341 88.74 -60.11 53.95
N LYS FA 342 89.05 -59.77 55.19
CA LYS FA 342 89.36 -60.78 56.21
C LYS FA 342 88.36 -60.67 57.35
N PRO FA 343 87.38 -61.57 57.43
CA PRO FA 343 86.42 -61.52 58.54
C PRO FA 343 87.10 -61.81 59.86
N HIS FA 344 86.45 -61.36 60.93
CA HIS FA 344 86.87 -61.68 62.30
C HIS FA 344 88.27 -61.14 62.60
N GLY FA 345 88.59 -59.99 62.02
CA GLY FA 345 89.85 -59.34 62.28
C GLY FA 345 89.66 -57.91 62.77
N TRP FA 346 90.47 -56.99 62.26
CA TRP FA 346 90.37 -55.62 62.71
C TRP FA 346 89.21 -54.92 62.01
N PRO FA 347 88.69 -53.85 62.61
CA PRO FA 347 87.56 -53.13 62.00
C PRO FA 347 87.85 -52.61 60.60
N HIS FA 348 89.09 -52.24 60.29
CA HIS FA 348 89.39 -51.82 58.94
C HIS FA 348 89.46 -52.98 57.96
N GLN FA 349 89.39 -54.22 58.46
CA GLN FA 349 89.30 -55.40 57.62
C GLN FA 349 87.90 -55.94 57.48
N ILE FA 350 87.10 -55.88 58.55
CA ILE FA 350 85.72 -56.35 58.45
C ILE FA 350 84.93 -55.47 57.48
N VAL FA 351 85.23 -54.17 57.44
CA VAL FA 351 84.55 -53.30 56.51
C VAL FA 351 84.92 -53.65 55.08
N GLN FA 352 86.18 -54.02 54.83
CA GLN FA 352 86.53 -54.50 53.50
C GLN FA 352 85.78 -55.78 53.16
N TYR FA 353 85.67 -56.70 54.12
CA TYR FA 353 84.98 -57.95 53.85
C TYR FA 353 83.53 -57.69 53.46
N TYR FA 354 82.83 -56.84 54.22
CA TYR FA 354 81.45 -56.56 53.86
C TYR FA 354 81.34 -55.53 52.75
N TYR FA 355 82.45 -54.96 52.28
CA TYR FA 355 82.42 -54.20 51.05
C TYR FA 355 82.51 -55.12 49.84
N GLY FA 356 83.17 -56.26 50.00
CA GLY FA 356 83.19 -57.22 48.92
C GLY FA 356 81.80 -57.73 48.57
N LEU FA 357 80.98 -57.98 49.58
CA LEU FA 357 79.62 -58.46 49.39
C LEU FA 357 78.66 -57.31 49.56
N TYR FA 358 77.83 -57.08 48.55
CA TYR FA 358 76.90 -55.96 48.55
C TYR FA 358 77.64 -54.63 48.66
N PRO FA 359 78.47 -54.27 47.68
CA PRO FA 359 79.25 -53.02 47.80
C PRO FA 359 78.43 -51.79 47.48
N ALA FA 360 77.22 -51.73 48.00
CA ALA FA 360 76.36 -50.57 47.81
C ALA FA 360 75.76 -50.04 49.09
N ALA FA 361 75.44 -50.91 50.04
CA ALA FA 361 74.91 -50.46 51.32
C ALA FA 361 75.96 -50.41 52.41
N THR FA 362 77.13 -51.01 52.19
CA THR FA 362 78.19 -50.94 53.19
C THR FA 362 78.61 -49.51 53.44
N VAL FA 363 78.80 -48.73 52.36
CA VAL FA 363 79.20 -47.34 52.51
C VAL FA 363 78.13 -46.55 53.24
N SER FA 364 76.86 -46.75 52.86
CA SER FA 364 75.79 -46.01 53.53
C SER FA 364 75.73 -46.35 55.01
N ALA FA 365 75.86 -47.63 55.37
CA ALA FA 365 75.78 -48.00 56.77
C ALA FA 365 76.93 -47.40 57.57
N VAL FA 366 78.15 -47.47 57.03
CA VAL FA 366 79.28 -46.92 57.77
C VAL FA 366 79.15 -45.42 57.93
N VAL FA 367 78.73 -44.72 56.87
CA VAL FA 367 78.56 -43.27 56.95
C VAL FA 367 77.51 -42.92 57.99
N GLY FA 368 76.37 -43.63 57.98
CA GLY FA 368 75.34 -43.35 58.96
C GLY FA 368 75.81 -43.56 60.38
N MET FA 369 76.50 -44.68 60.63
CA MET FA 369 76.97 -44.95 62.00
C MET FA 369 77.97 -43.91 62.46
N SER FA 370 78.93 -43.55 61.61
CA SER FA 370 79.92 -42.56 62.02
C SER FA 370 79.27 -41.21 62.27
N LEU FA 371 78.34 -40.82 61.42
CA LEU FA 371 77.64 -39.55 61.61
C LEU FA 371 76.88 -39.54 62.93
N LEU FA 372 76.19 -40.64 63.24
CA LEU FA 372 75.47 -40.72 64.51
C LEU FA 372 76.43 -40.57 65.68
N ALA FA 373 77.59 -41.24 65.62
CA ALA FA 373 78.54 -41.15 66.72
C ALA FA 373 79.01 -39.71 66.90
N LEU FA 374 79.31 -39.01 65.79
CA LEU FA 374 79.78 -37.63 65.92
C LEU FA 374 78.70 -36.73 66.50
N ILE FA 375 77.45 -36.91 66.09
CA ILE FA 375 76.37 -36.09 66.65
C ILE FA 375 76.26 -36.33 68.14
N SER FA 376 76.35 -37.59 68.55
CA SER FA 376 76.27 -37.90 69.98
C SER FA 376 77.39 -37.22 70.75
N ILE FA 377 78.62 -37.29 70.23
CA ILE FA 377 79.74 -36.76 71.00
C ILE FA 377 79.67 -35.24 71.07
N PHE FA 378 79.24 -34.57 69.99
CA PHE FA 378 79.04 -33.12 70.07
C PHE FA 378 77.96 -32.76 71.07
N ALA FA 379 76.86 -33.51 71.10
CA ALA FA 379 75.82 -33.21 72.06
C ALA FA 379 76.33 -33.35 73.49
N SER FA 380 77.12 -34.40 73.76
CA SER FA 380 77.62 -34.61 75.11
C SER FA 380 78.58 -33.50 75.52
N CYS FA 381 79.52 -33.14 74.64
CA CYS FA 381 80.48 -32.10 74.97
C CYS FA 381 79.78 -30.76 75.19
N TYR FA 382 78.77 -30.47 74.36
CA TYR FA 382 78.04 -29.22 74.50
C TYR FA 382 77.26 -29.17 75.81
N MET FA 383 76.67 -30.29 76.21
CA MET FA 383 76.04 -30.36 77.53
C MET FA 383 77.04 -30.07 78.63
N LEU FA 384 78.24 -30.65 78.53
CA LEU FA 384 79.24 -30.41 79.58
C LEU FA 384 79.63 -28.94 79.65
N VAL FA 385 79.85 -28.31 78.50
CA VAL FA 385 80.24 -26.90 78.49
C VAL FA 385 79.12 -26.04 79.07
N ALA FA 386 77.88 -26.32 78.69
CA ALA FA 386 76.76 -25.56 79.24
C ALA FA 386 76.68 -25.71 80.74
N ALA FA 387 76.89 -26.93 81.25
CA ALA FA 387 76.85 -27.13 82.69
C ALA FA 387 77.95 -26.35 83.40
N ARG FA 388 79.16 -26.36 82.84
CA ARG FA 388 80.23 -25.59 83.47
C ARG FA 388 79.91 -24.10 83.48
N SER FA 389 79.40 -23.58 82.36
CA SER FA 389 79.06 -22.16 82.31
C SER FA 389 77.97 -21.83 83.32
N LYS FA 390 76.99 -22.72 83.48
CA LYS FA 390 75.92 -22.47 84.43
C LYS FA 390 76.41 -22.52 85.86
N CYS FA 391 77.42 -23.35 86.14
CA CYS FA 391 77.93 -23.41 87.50
C CYS FA 391 78.85 -22.23 87.80
N LEU FA 392 79.53 -21.68 86.79
CA LEU FA 392 80.43 -20.56 87.03
C LEU FA 392 79.77 -19.19 86.88
N THR FA 393 78.62 -19.09 86.25
CA THR FA 393 77.97 -17.78 86.15
C THR FA 393 77.61 -17.16 87.51
N PRO FA 394 77.13 -17.89 88.53
CA PRO FA 394 76.74 -17.20 89.76
C PRO FA 394 77.89 -16.48 90.46
N TYR FA 395 79.08 -17.08 90.50
CA TYR FA 395 80.20 -16.39 91.15
C TYR FA 395 80.66 -15.18 90.36
N ALA FA 396 80.31 -15.09 89.08
CA ALA FA 396 80.70 -13.95 88.27
C ALA FA 396 79.77 -12.76 88.45
N LEU FA 397 78.73 -12.88 89.27
CA LEU FA 397 77.86 -11.76 89.57
C LEU FA 397 78.04 -11.24 91.00
N THR FA 398 79.03 -11.75 91.73
CA THR FA 398 79.40 -11.26 93.04
C THR FA 398 80.91 -11.06 93.09
N PRO FA 399 81.39 -10.14 93.93
CA PRO FA 399 82.84 -10.02 94.11
C PRO FA 399 83.40 -11.15 94.99
N GLY FA 400 83.08 -12.40 94.62
CA GLY FA 400 83.46 -13.55 95.41
C GLY FA 400 84.82 -14.12 95.05
N ALA FA 401 85.15 -15.23 95.72
CA ALA FA 401 86.43 -15.87 95.56
C ALA FA 401 86.37 -16.96 94.49
N ALA FA 402 87.54 -17.46 94.10
CA ALA FA 402 87.63 -18.48 93.05
C ALA FA 402 87.40 -19.89 93.56
N VAL FA 403 87.45 -20.10 94.88
CA VAL FA 403 87.20 -21.41 95.49
C VAL FA 403 88.19 -22.43 94.90
N PRO FA 404 89.45 -22.41 95.33
CA PRO FA 404 90.46 -23.27 94.69
C PRO FA 404 90.06 -24.73 94.56
N TRP FA 405 89.26 -25.26 95.49
CA TRP FA 405 88.77 -26.62 95.33
C TRP FA 405 87.95 -26.75 94.05
N THR FA 406 87.07 -25.78 93.78
CA THR FA 406 86.30 -25.81 92.56
C THR FA 406 87.15 -25.47 91.34
N LEU FA 407 88.16 -24.61 91.50
CA LEU FA 407 89.05 -24.32 90.38
C LEU FA 407 89.82 -25.56 89.94
N GLY FA 408 90.26 -26.37 90.90
CA GLY FA 408 90.98 -27.60 90.55
C GLY FA 408 90.13 -28.58 89.78
N ILE FA 409 88.89 -28.80 90.24
CA ILE FA 409 88.01 -29.73 89.54
C ILE FA 409 87.62 -29.19 88.18
N LEU FA 410 87.20 -27.93 88.11
CA LEU FA 410 86.65 -27.35 86.91
C LEU FA 410 87.66 -26.36 86.33
N CYS FA 411 88.16 -26.66 85.14
CA CYS FA 411 89.06 -25.73 84.46
C CYS FA 411 88.29 -24.53 83.94
N CYS FA 412 88.83 -23.35 84.20
CA CYS FA 412 88.20 -22.10 83.78
C CYS FA 412 89.23 -21.25 83.07
N ALA FA 413 88.74 -20.21 82.39
CA ALA FA 413 89.64 -19.32 81.64
C ALA FA 413 90.68 -18.64 82.53
N PRO FA 414 90.33 -18.07 83.69
CA PRO FA 414 91.39 -17.49 84.54
C PRO FA 414 92.25 -18.57 85.18
N ARG FA 415 93.48 -18.73 84.67
CA ARG FA 415 94.35 -19.78 85.20
C ARG FA 415 94.87 -19.43 86.59
N ALA FA 416 95.35 -18.20 86.77
CA ALA FA 416 95.89 -17.76 88.06
C ALA FA 416 95.43 -16.39 88.49
N HIS FA 417 94.97 -15.54 87.59
CA HIS FA 417 94.45 -14.22 87.96
C HIS FA 417 92.96 -14.36 88.24
N ALA FA 418 92.60 -14.38 89.51
CA ALA FA 418 91.21 -14.51 89.94
C ALA FA 418 90.56 -15.75 89.33
N MET GA 1 -65.44 -98.27 42.19
CA MET GA 1 -65.11 -98.20 43.61
C MET GA 1 -66.38 -98.11 44.44
N CYS GA 2 -67.50 -98.49 43.83
CA CYS GA 2 -68.80 -98.40 44.48
C CYS GA 2 -69.00 -99.57 45.42
N VAL GA 3 -70.02 -99.45 46.27
CA VAL GA 3 -70.36 -100.49 47.23
C VAL GA 3 -71.86 -100.73 47.20
N LEU GA 4 -72.26 -101.99 47.32
CA LEU GA 4 -73.66 -102.39 47.43
C LEU GA 4 -73.73 -103.27 48.67
N ALA GA 5 -74.00 -102.64 49.82
CA ALA GA 5 -73.94 -103.31 51.11
C ALA GA 5 -72.56 -103.93 51.31
N ASN GA 6 -72.36 -105.12 50.77
CA ASN GA 6 -71.10 -105.86 50.93
C ASN GA 6 -70.65 -106.41 49.58
N ALA GA 7 -70.74 -105.60 48.53
CA ALA GA 7 -70.40 -106.06 47.18
C ALA GA 7 -69.05 -105.53 46.71
N THR GA 8 -68.73 -104.28 47.07
CA THR GA 8 -67.46 -103.60 46.75
C THR GA 8 -67.00 -103.89 45.32
N PHE GA 9 -67.91 -103.70 44.39
CA PHE GA 9 -67.66 -103.89 42.98
C PHE GA 9 -67.20 -102.59 42.34
N PRO GA 10 -66.39 -102.65 41.28
CA PRO GA 10 -65.98 -101.42 40.60
C PRO GA 10 -67.16 -100.73 39.94
N CYS GA 11 -67.11 -99.40 39.91
CA CYS GA 11 -68.28 -98.62 39.52
C CYS GA 11 -68.59 -98.73 38.04
N PHE GA 12 -67.58 -99.01 37.20
CA PHE GA 12 -67.83 -99.01 35.77
C PHE GA 12 -68.68 -100.20 35.34
N GLN GA 13 -68.72 -101.26 36.15
CA GLN GA 13 -69.52 -102.45 35.86
C GLN GA 13 -70.37 -102.80 37.07
N PRO GA 14 -71.52 -102.15 37.24
CA PRO GA 14 -72.45 -102.57 38.29
C PRO GA 14 -73.04 -103.93 37.97
N PRO GA 15 -73.42 -104.71 38.99
CA PRO GA 15 -73.83 -106.10 38.74
C PRO GA 15 -75.18 -106.25 38.08
N CYS GA 16 -75.97 -105.18 37.95
CA CYS GA 16 -77.31 -105.27 37.39
C CYS GA 16 -77.33 -105.11 35.87
N VAL GA 17 -76.15 -104.97 35.24
CA VAL GA 17 -76.10 -104.70 33.80
C VAL GA 17 -76.74 -105.86 33.04
N PRO GA 18 -77.61 -105.61 32.07
CA PRO GA 18 -78.07 -104.29 31.65
C PRO GA 18 -79.49 -103.94 32.11
N CYS GA 19 -80.00 -102.79 31.68
CA CYS GA 19 -81.36 -102.33 31.99
C CYS GA 19 -81.64 -102.38 33.49
N CYS GA 20 -80.73 -101.76 34.26
CA CYS GA 20 -80.91 -101.72 35.71
C CYS GA 20 -82.18 -100.98 36.09
N TYR GA 21 -82.39 -99.78 35.52
CA TYR GA 21 -83.58 -99.00 35.86
C TYR GA 21 -84.85 -99.74 35.46
N GLU GA 22 -84.86 -100.32 34.26
CA GLU GA 22 -86.06 -101.00 33.79
C GLU GA 22 -86.37 -102.23 34.64
N ASN GA 23 -85.34 -102.99 35.01
CA ASN GA 23 -85.56 -104.18 35.81
C ASN GA 23 -86.03 -103.83 37.21
N ASN GA 24 -85.38 -102.85 37.85
CA ASN GA 24 -85.78 -102.43 39.19
C ASN GA 24 -85.44 -100.96 39.34
N ALA GA 25 -86.43 -100.10 39.15
CA ALA GA 25 -86.22 -98.67 39.33
C ALA GA 25 -85.96 -98.34 40.79
N GLU GA 26 -86.77 -98.91 41.70
CA GLU GA 26 -86.63 -98.59 43.11
C GLU GA 26 -85.27 -99.03 43.65
N ALA GA 27 -84.88 -100.27 43.36
CA ALA GA 27 -83.59 -100.76 43.84
C ALA GA 27 -82.43 -100.01 43.22
N THR GA 28 -82.52 -99.71 41.92
CA THR GA 28 -81.44 -98.99 41.25
C THR GA 28 -81.26 -97.60 41.84
N LEU GA 29 -82.37 -96.89 42.05
CA LEU GA 29 -82.28 -95.55 42.63
C LEU GA 29 -81.76 -95.61 44.05
N ARG GA 30 -82.20 -96.61 44.82
CA ARG GA 30 -81.69 -96.77 46.18
C ARG GA 30 -80.20 -97.04 46.20
N MET GA 31 -79.72 -97.85 45.26
CA MET GA 31 -78.28 -98.12 45.16
C MET GA 31 -77.52 -96.86 44.79
N LEU GA 32 -78.06 -96.07 43.86
CA LEU GA 32 -77.40 -94.82 43.48
C LEU GA 32 -77.31 -93.85 44.65
N GLU GA 33 -78.38 -93.74 45.43
CA GLU GA 33 -78.41 -92.75 46.51
C GLU GA 33 -77.36 -93.02 47.57
N ASP GA 34 -77.01 -94.28 47.81
CA ASP GA 34 -76.01 -94.61 48.82
C ASP GA 34 -74.62 -94.14 48.45
N ASN GA 35 -74.40 -93.74 47.20
CA ASN GA 35 -73.07 -93.42 46.70
C ASN GA 35 -72.94 -91.97 46.24
N VAL GA 36 -73.60 -91.03 46.91
CA VAL GA 36 -73.46 -89.64 46.51
C VAL GA 36 -72.05 -89.14 46.79
N ASP GA 37 -71.44 -89.56 47.90
CA ASP GA 37 -70.14 -89.07 48.32
C ASP GA 37 -68.98 -89.71 47.56
N ARG GA 38 -69.18 -90.88 46.97
CA ARG GA 38 -68.09 -91.58 46.32
C ARG GA 38 -67.70 -90.84 45.04
N PRO GA 39 -66.40 -90.80 44.70
CA PRO GA 39 -65.99 -90.11 43.48
C PRO GA 39 -66.48 -90.77 42.20
N GLY GA 40 -66.91 -92.03 42.26
CA GLY GA 40 -67.34 -92.73 41.07
C GLY GA 40 -68.82 -92.64 40.80
N TYR GA 41 -69.49 -91.67 41.42
CA TYR GA 41 -70.94 -91.58 41.31
C TYR GA 41 -71.37 -91.34 39.87
N TYR GA 42 -70.67 -90.48 39.15
CA TYR GA 42 -71.11 -90.15 37.80
C TYR GA 42 -70.93 -91.33 36.86
N ASP GA 43 -69.82 -92.05 36.98
CA ASP GA 43 -69.62 -93.25 36.18
C ASP GA 43 -70.67 -94.30 36.50
N LEU GA 44 -70.97 -94.48 37.78
CA LEU GA 44 -72.02 -95.42 38.16
C LEU GA 44 -73.36 -95.01 37.57
N LEU GA 45 -73.67 -93.72 37.59
CA LEU GA 45 -74.93 -93.24 37.02
C LEU GA 45 -75.01 -93.54 35.53
N GLN GA 46 -73.95 -93.22 34.79
CA GLN GA 46 -74.00 -93.41 33.34
C GLN GA 46 -74.00 -94.88 32.99
N ALA GA 47 -73.41 -95.73 33.83
CA ALA GA 47 -73.46 -97.17 33.59
C ALA GA 47 -74.73 -97.83 34.09
N ALA GA 48 -75.51 -97.14 34.93
CA ALA GA 48 -76.74 -97.73 35.44
C ALA GA 48 -77.98 -97.28 34.66
N LEU GA 49 -77.97 -96.08 34.09
CA LEU GA 49 -79.13 -95.56 33.39
C LEU GA 49 -78.99 -95.63 31.87
N THR GA 50 -78.35 -96.68 31.36
CA THR GA 50 -78.23 -96.86 29.91
C THR GA 50 -78.57 -98.30 29.56
N CYS GA 51 -79.37 -98.48 28.50
CA CYS GA 51 -79.72 -99.80 28.02
C CYS GA 51 -80.46 -99.65 26.69
N ARG GA 52 -80.27 -100.62 25.80
CA ARG GA 52 -80.87 -100.56 24.47
C ARG GA 52 -81.76 -101.77 24.19
N LYS HA 1 72.83 16.17 103.69
CA LYS HA 1 74.07 15.42 103.67
C LYS HA 1 73.95 14.08 102.93
N ARG HA 2 73.19 13.16 103.54
CA ARG HA 2 73.05 11.81 103.00
C ARG HA 2 72.65 11.87 101.54
N GLU HA 3 71.64 12.70 101.22
CA GLU HA 3 71.21 12.83 99.84
C GLU HA 3 72.31 13.45 98.99
N ARG HA 4 73.13 14.31 99.59
CA ARG HA 4 74.19 14.97 98.81
C ARG HA 4 75.28 14.00 98.37
N MET HA 5 75.81 13.17 99.28
CA MET HA 5 76.84 12.27 98.79
C MET HA 5 76.19 11.11 98.02
N CYS HA 6 74.92 10.82 98.30
CA CYS HA 6 74.20 9.87 97.47
C CYS HA 6 74.13 10.36 96.03
N MET HA 7 73.84 11.64 95.83
CA MET HA 7 73.74 12.20 94.48
C MET HA 7 75.11 12.28 93.82
N LYS HA 8 76.13 12.64 94.58
CA LYS HA 8 77.49 12.63 94.03
C LYS HA 8 77.88 11.22 93.56
N ILE HA 9 77.65 10.22 94.41
CA ILE HA 9 77.93 8.85 94.02
C ILE HA 9 77.06 8.44 92.85
N GLU HA 10 75.83 8.97 92.78
CA GLU HA 10 74.96 8.69 91.64
C GLU HA 10 75.56 9.21 90.35
N ASN HA 11 76.05 10.45 90.37
CA ASN HA 11 76.64 11.02 89.16
C ASN HA 11 77.90 10.27 88.76
N ASP HA 12 78.68 9.81 89.73
CA ASP HA 12 79.87 9.04 89.39
C ASP HA 12 79.58 7.59 89.02
N CYS HA 13 78.41 7.05 89.38
CA CYS HA 13 78.24 5.60 89.28
C CYS HA 13 76.95 5.17 88.59
N ILE HA 14 76.25 6.04 87.88
CA ILE HA 14 75.12 5.63 87.05
C ILE HA 14 75.22 6.27 85.67
N PHE HA 15 75.03 5.44 84.64
CA PHE HA 15 75.05 5.87 83.25
C PHE HA 15 73.73 5.48 82.61
N GLU HA 16 73.16 6.38 81.81
CA GLU HA 16 71.89 6.06 81.19
C GLU HA 16 72.08 5.20 79.94
N VAL HA 17 71.03 4.48 79.57
CA VAL HA 17 71.01 3.57 78.43
C VAL HA 17 69.83 3.94 77.54
N LYS HA 18 70.07 4.04 76.25
CA LYS HA 18 69.06 4.51 75.31
C LYS HA 18 68.86 3.50 74.18
N HIS HA 19 67.61 3.33 73.78
CA HIS HA 19 67.25 2.62 72.56
C HIS HA 19 66.30 3.51 71.78
N GLU HA 20 66.48 3.58 70.47
CA GLU HA 20 65.80 4.56 69.62
C GLU HA 20 66.08 5.99 70.08
N GLY HA 21 67.19 6.19 70.77
CA GLY HA 21 67.59 7.51 71.23
C GLY HA 21 66.96 7.96 72.52
N LYS HA 22 66.02 7.19 73.08
CA LYS HA 22 65.36 7.56 74.33
C LYS HA 22 65.78 6.60 75.44
N VAL HA 23 65.92 7.13 76.65
CA VAL HA 23 66.44 6.35 77.75
C VAL HA 23 65.42 5.31 78.20
N THR HA 24 65.90 4.12 78.55
CA THR HA 24 65.07 3.07 79.11
C THR HA 24 65.67 2.38 80.33
N GLY HA 25 66.91 2.68 80.69
CA GLY HA 25 67.52 1.99 81.80
C GLY HA 25 68.80 2.67 82.25
N TYR HA 26 69.42 2.07 83.26
CA TYR HA 26 70.62 2.63 83.86
C TYR HA 26 71.60 1.51 84.17
N ALA HA 27 72.88 1.85 84.21
CA ALA HA 27 73.93 0.93 84.62
C ALA HA 27 74.69 1.54 85.78
N CYS HA 28 75.13 0.69 86.71
CA CYS HA 28 75.78 1.16 87.93
C CYS HA 28 77.16 0.54 88.06
N LEU HA 29 78.06 1.29 88.67
CA LEU HA 29 79.42 0.84 88.97
C LEU HA 29 79.49 0.46 90.44
N VAL HA 30 79.46 -0.84 90.71
CA VAL HA 30 79.46 -1.36 92.07
C VAL HA 30 80.68 -2.25 92.25
N GLY HA 31 81.43 -2.03 93.32
CA GLY HA 31 82.55 -2.90 93.62
C GLY HA 31 83.62 -2.83 92.55
N ASP HA 32 83.67 -3.87 91.72
CA ASP HA 32 84.60 -3.92 90.59
C ASP HA 32 83.91 -4.41 89.33
N LYS HA 33 82.58 -4.38 89.31
CA LYS HA 33 81.84 -4.97 88.21
C LYS HA 33 80.69 -4.05 87.80
N VAL HA 34 80.52 -3.87 86.49
CA VAL HA 34 79.31 -3.27 85.95
C VAL HA 34 78.23 -4.34 85.95
N MET HA 35 77.01 -3.96 86.37
CA MET HA 35 75.86 -4.84 86.29
C MET HA 35 74.66 -4.07 85.79
N LYS HA 36 73.88 -4.69 84.91
CA LYS HA 36 72.70 -4.10 84.32
C LYS HA 36 71.60 -5.14 84.24
N PRO HA 37 70.34 -4.74 84.41
CA PRO HA 37 69.23 -5.68 84.27
C PRO HA 37 69.21 -6.31 82.88
N ALA HA 38 68.85 -7.59 82.83
CA ALA HA 38 68.85 -8.29 81.55
C ALA HA 38 67.67 -7.90 80.67
N HIS HA 39 66.49 -7.71 81.27
CA HIS HA 39 65.30 -7.48 80.45
C HIS HA 39 65.35 -6.14 79.74
N VAL HA 40 66.02 -5.15 80.31
CA VAL HA 40 66.13 -3.86 79.65
C VAL HA 40 67.04 -3.98 78.44
N LYS HA 41 66.68 -3.31 77.36
CA LYS HA 41 67.43 -3.35 76.11
C LYS HA 41 67.88 -1.96 75.72
N GLY HA 42 69.04 -1.89 75.07
CA GLY HA 42 69.60 -0.64 74.61
C GLY HA 42 71.11 -0.72 74.55
N VAL HA 43 71.75 0.45 74.61
CA VAL HA 43 73.20 0.54 74.61
C VAL HA 43 73.61 1.57 75.65
N ILE HA 44 74.68 1.27 76.37
CA ILE HA 44 75.19 2.17 77.39
C ILE HA 44 75.88 3.34 76.72
N ASP HA 45 75.72 4.53 77.29
CA ASP HA 45 76.29 5.76 76.71
C ASP HA 45 77.75 5.93 77.14
N ASN HA 46 78.55 4.92 76.78
CA ASN HA 46 79.98 4.95 77.07
C ASN HA 46 80.70 3.92 76.20
N ALA HA 47 81.75 4.33 75.51
CA ALA HA 47 82.42 3.44 74.55
C ALA HA 47 83.09 2.27 75.25
N ASP HA 48 83.79 2.54 76.36
CA ASP HA 48 84.48 1.47 77.06
C ASP HA 48 83.51 0.40 77.53
N LEU HA 49 82.38 0.81 78.09
CA LEU HA 49 81.40 -0.15 78.57
C LEU HA 49 80.71 -0.86 77.41
N ALA HA 50 80.46 -0.14 76.31
CA ALA HA 50 79.82 -0.76 75.16
C ALA HA 50 80.71 -1.82 74.52
N LYS HA 51 82.04 -1.66 74.60
CA LYS HA 51 82.91 -2.64 73.98
C LYS HA 51 83.16 -3.88 74.82
N LEU HA 52 82.79 -3.88 76.10
CA LEU HA 52 83.04 -5.05 76.94
C LEU HA 52 82.05 -6.17 76.61
N ALA HA 53 82.47 -7.40 76.90
CA ALA HA 53 81.63 -8.58 76.72
C ALA HA 53 80.92 -8.88 78.03
N PHE HA 54 79.59 -8.93 77.98
CA PHE HA 54 78.79 -9.09 79.18
C PHE HA 54 78.39 -10.54 79.41
N LYS HA 55 78.70 -11.04 80.60
CA LYS HA 55 78.21 -12.35 81.00
C LYS HA 55 76.73 -12.23 81.35
N LYS HA 56 75.92 -13.13 80.79
CA LYS HA 56 74.47 -13.06 80.84
C LYS HA 56 73.90 -14.12 81.78
N SER HA 57 72.78 -13.80 82.42
CA SER HA 57 72.05 -14.79 83.21
C SER HA 57 70.58 -14.38 83.23
N SER HA 58 69.75 -15.14 82.52
CA SER HA 58 68.33 -14.87 82.48
C SER HA 58 67.60 -15.32 83.74
N LYS HA 59 68.11 -16.34 84.43
CA LYS HA 59 67.47 -16.78 85.65
C LYS HA 59 67.48 -15.68 86.71
N TYR HA 60 68.61 -15.00 86.84
CA TYR HA 60 68.75 -13.89 87.76
C TYR HA 60 68.38 -12.57 87.11
N ASP HA 61 68.18 -12.56 85.80
CA ASP HA 61 67.88 -11.35 85.02
C ASP HA 61 68.95 -10.31 85.29
N LEU HA 62 70.15 -10.58 84.75
CA LEU HA 62 71.28 -9.69 84.99
C LEU HA 62 72.41 -10.01 84.05
N GLU HA 63 73.12 -8.97 83.60
CA GLU HA 63 74.39 -9.16 82.92
C GLU HA 63 75.44 -8.27 83.56
N CYS HA 64 76.68 -8.77 83.57
CA CYS HA 64 77.77 -8.11 84.26
C CYS HA 64 78.99 -8.06 83.38
N ALA HA 65 79.94 -7.21 83.76
CA ALA HA 65 81.21 -7.10 83.06
C ALA HA 65 82.26 -6.57 84.01
N GLN HA 66 83.51 -6.89 83.72
CA GLN HA 66 84.63 -6.42 84.53
C GLN HA 66 84.97 -5.00 84.10
N ILE HA 67 85.05 -4.10 85.07
CA ILE HA 67 85.26 -2.67 84.81
C ILE HA 67 86.69 -2.44 84.32
N PRO HA 68 86.94 -1.39 83.54
CA PRO HA 68 88.31 -1.10 83.12
C PRO HA 68 89.17 -0.67 84.31
N VAL HA 69 90.49 -0.79 84.11
CA VAL HA 69 91.42 -0.47 85.19
C VAL HA 69 91.41 1.02 85.52
N HIS HA 70 91.18 1.88 84.53
CA HIS HA 70 91.24 3.32 84.74
C HIS HA 70 89.96 3.88 85.35
N MET HA 71 88.90 3.07 85.45
CA MET HA 71 87.67 3.48 86.10
C MET HA 71 87.50 2.84 87.48
N ARG HA 72 88.54 2.20 88.00
CA ARG HA 72 88.40 1.45 89.25
C ARG HA 72 88.17 2.35 90.45
N SER HA 73 88.44 3.65 90.34
CA SER HA 73 88.27 4.57 91.45
C SER HA 73 86.90 5.26 91.45
N ASP HA 74 86.02 4.89 90.52
CA ASP HA 74 84.73 5.56 90.38
C ASP HA 74 83.58 4.59 90.66
N ALA HA 75 83.78 3.68 91.61
CA ALA HA 75 82.82 2.62 91.88
C ALA HA 75 82.36 2.68 93.33
N SER HA 76 81.06 2.53 93.54
CA SER HA 76 80.50 2.54 94.88
C SER HA 76 80.91 1.29 95.63
N LYS HA 77 80.74 1.31 96.95
CA LYS HA 77 81.07 0.17 97.80
C LYS HA 77 79.80 -0.54 98.23
N TYR HA 78 79.88 -1.88 98.29
CA TYR HA 78 78.75 -2.77 98.53
C TYR HA 78 78.75 -3.30 99.95
N THR HA 79 77.69 -4.02 100.29
CA THR HA 79 77.54 -4.64 101.60
C THR HA 79 76.65 -5.87 101.46
N HIS HA 80 76.70 -6.74 102.47
CA HIS HA 80 75.91 -7.95 102.49
C HIS HA 80 74.91 -8.02 103.62
N GLU HA 81 75.04 -7.19 104.65
CA GLU HA 81 74.06 -7.14 105.73
C GLU HA 81 72.92 -6.20 105.39
N LYS HA 82 71.70 -6.62 105.73
CA LYS HA 82 70.47 -5.89 105.39
C LYS HA 82 69.69 -5.62 106.67
N PRO HA 83 70.15 -4.68 107.49
CA PRO HA 83 69.44 -4.38 108.73
C PRO HA 83 68.05 -3.83 108.47
N GLU HA 84 67.12 -4.18 109.36
CA GLU HA 84 65.76 -3.68 109.25
C GLU HA 84 65.73 -2.18 109.44
N GLY HA 85 64.97 -1.48 108.61
CA GLY HA 85 64.85 -0.04 108.76
C GLY HA 85 64.53 0.61 107.42
N HIS HA 86 65.19 1.73 107.17
CA HIS HA 86 64.95 2.56 105.99
C HIS HA 86 66.26 2.83 105.25
N TYR HA 87 66.15 3.01 103.94
CA TYR HA 87 67.29 3.22 103.06
C TYR HA 87 66.96 4.30 102.04
N ASN HA 88 67.99 4.83 101.39
CA ASN HA 88 67.79 5.94 100.48
C ASN HA 88 67.71 5.48 99.03
N TRP HA 89 66.99 6.25 98.21
CA TRP HA 89 66.77 5.87 96.83
C TRP HA 89 66.48 7.15 96.05
N HIS HA 90 66.68 7.08 94.72
CA HIS HA 90 66.68 8.30 93.92
C HIS HA 90 65.36 9.06 93.98
N HIS HA 91 64.27 8.42 94.38
CA HIS HA 91 62.99 9.08 94.48
C HIS HA 91 62.50 9.13 95.93
N GLY HA 92 63.43 9.23 96.88
CA GLY HA 92 63.06 9.38 98.27
C GLY HA 92 63.64 8.33 99.20
N ALA HA 93 62.80 7.82 100.10
CA ALA HA 93 63.20 6.85 101.10
C ALA HA 93 62.40 5.57 100.94
N VAL HA 94 63.07 4.44 101.02
CA VAL HA 94 62.45 3.13 100.99
C VAL HA 94 62.59 2.51 102.37
N GLN HA 95 61.79 1.48 102.64
CA GLN HA 95 61.82 0.79 103.92
C GLN HA 95 61.90 -0.72 103.68
N TYR HA 96 62.69 -1.41 104.49
CA TYR HA 96 62.84 -2.85 104.38
C TYR HA 96 62.04 -3.49 105.51
N SER HA 97 61.02 -4.27 105.17
CA SER HA 97 60.07 -4.79 106.16
C SER HA 97 59.82 -6.26 105.89
N GLY HA 98 60.30 -7.12 106.79
CA GLY HA 98 60.02 -8.54 106.69
C GLY HA 98 60.51 -9.17 105.41
N GLY HA 99 61.73 -8.85 104.99
CA GLY HA 99 62.28 -9.42 103.79
C GLY HA 99 61.74 -8.86 102.50
N ARG HA 100 60.98 -7.77 102.55
CA ARG HA 100 60.42 -7.15 101.35
C ARG HA 100 60.85 -5.70 101.29
N PHE HA 101 61.22 -5.24 100.10
CA PHE HA 101 61.53 -3.83 99.87
C PHE HA 101 60.33 -3.17 99.22
N THR HA 102 59.83 -2.09 99.81
CA THR HA 102 58.68 -1.40 99.27
C THR HA 102 58.89 0.11 99.26
N ILE HA 103 58.25 0.73 98.28
CA ILE HA 103 58.22 2.19 98.14
C ILE HA 103 56.99 2.70 98.89
N PRO HA 104 57.06 3.84 99.57
CA PRO HA 104 55.87 4.34 100.28
C PRO HA 104 54.73 4.70 99.34
N THR HA 105 55.02 5.16 98.12
CA THR HA 105 54.01 5.83 97.31
C THR HA 105 53.60 5.07 96.07
N GLY HA 106 54.44 4.18 95.55
CA GLY HA 106 54.21 3.66 94.21
C GLY HA 106 54.41 4.70 93.13
N ALA HA 107 55.45 5.52 93.27
CA ALA HA 107 55.78 6.55 92.28
C ALA HA 107 56.78 6.07 91.24
N GLY HA 108 57.32 4.87 91.39
CA GLY HA 108 58.27 4.36 90.40
C GLY HA 108 57.59 4.14 89.07
N LYS HA 109 58.35 4.39 88.00
CA LYS HA 109 57.82 4.29 86.65
C LYS HA 109 58.75 3.43 85.79
N PRO HA 110 58.23 2.82 84.73
CA PRO HA 110 59.07 1.97 83.88
C PRO HA 110 60.23 2.73 83.27
N GLY HA 111 61.29 2.00 82.96
CA GLY HA 111 62.52 2.59 82.50
C GLY HA 111 63.51 2.90 83.60
N ASP HA 112 63.08 2.80 84.86
CA ASP HA 112 63.91 3.14 86.00
C ASP HA 112 64.69 1.95 86.53
N SER HA 113 64.65 0.82 85.83
CA SER HA 113 65.38 -0.36 86.26
C SER HA 113 66.87 -0.09 86.22
N GLY HA 114 67.58 -0.57 87.26
CA GLY HA 114 69.00 -0.36 87.36
C GLY HA 114 69.41 0.74 88.30
N ARG HA 115 68.47 1.42 88.95
CA ARG HA 115 68.82 2.50 89.86
C ARG HA 115 69.15 1.90 91.22
N PRO HA 116 70.37 2.05 91.72
CA PRO HA 116 70.78 1.30 92.90
C PRO HA 116 70.18 1.86 94.18
N ILE HA 117 70.29 1.05 95.23
CA ILE HA 117 69.79 1.38 96.55
C ILE HA 117 70.99 1.47 97.49
N PHE HA 118 71.13 2.60 98.18
CA PHE HA 118 72.27 2.84 99.04
C PHE HA 118 71.90 2.61 100.51
N ASP HA 119 72.93 2.44 101.33
CA ASP HA 119 72.76 2.19 102.75
C ASP HA 119 72.85 3.50 103.52
N ASN HA 120 72.90 3.40 104.85
CA ASN HA 120 73.03 4.59 105.67
C ASN HA 120 74.35 5.31 105.40
N LYS HA 121 75.45 4.55 105.31
CA LYS HA 121 76.75 5.12 105.02
C LYS HA 121 76.96 5.36 103.53
N GLY HA 122 75.98 5.02 102.71
CA GLY HA 122 76.12 5.07 101.26
C GLY HA 122 76.44 3.75 100.61
N ARG HA 123 76.63 2.69 101.39
CA ARG HA 123 76.94 1.38 100.84
C ARG HA 123 75.78 0.86 100.01
N VAL HA 124 76.10 0.10 98.98
CA VAL HA 124 75.09 -0.41 98.05
C VAL HA 124 74.46 -1.67 98.63
N VAL HA 125 73.13 -1.71 98.62
CA VAL HA 125 72.39 -2.82 99.20
C VAL HA 125 71.70 -3.67 98.14
N ALA HA 126 70.99 -3.04 97.20
CA ALA HA 126 70.24 -3.79 96.20
C ALA HA 126 70.02 -2.92 94.97
N ILE HA 127 69.56 -3.55 93.90
CA ILE HA 127 69.33 -2.88 92.63
C ILE HA 127 67.88 -3.13 92.22
N VAL HA 128 67.18 -2.08 91.84
CA VAL HA 128 65.77 -2.19 91.47
C VAL HA 128 65.66 -2.93 90.15
N LEU HA 129 64.63 -3.77 90.04
CA LEU HA 129 64.29 -4.42 88.77
C LEU HA 129 62.86 -4.14 88.33
N GLY HA 130 61.89 -4.36 89.22
CA GLY HA 130 60.50 -4.16 88.84
C GLY HA 130 59.66 -3.80 90.03
N GLY HA 131 58.40 -3.49 89.76
CA GLY HA 131 57.50 -3.06 90.80
C GLY HA 131 56.18 -3.80 90.72
N ALA HA 132 55.60 -4.04 91.90
CA ALA HA 132 54.33 -4.73 92.03
C ALA HA 132 53.35 -3.86 92.80
N ASN HA 133 52.24 -3.52 92.17
CA ASN HA 133 51.21 -2.70 92.81
C ASN HA 133 50.58 -3.52 93.92
N GLU HA 134 51.06 -3.32 95.14
CA GLU HA 134 50.54 -4.01 96.32
C GLU HA 134 49.73 -3.00 97.11
N GLY HA 135 48.46 -2.87 96.74
CA GLY HA 135 47.59 -1.93 97.43
C GLY HA 135 48.05 -0.50 97.24
N SER HA 136 48.17 0.23 98.35
CA SER HA 136 48.59 1.62 98.33
C SER HA 136 50.09 1.78 98.13
N ARG HA 137 50.86 0.72 98.28
CA ARG HA 137 52.30 0.76 98.09
C ARG HA 137 52.67 -0.10 96.89
N THR HA 138 53.96 -0.18 96.61
CA THR HA 138 54.45 -1.00 95.51
C THR HA 138 55.70 -1.73 95.97
N ALA HA 139 55.63 -3.06 95.97
CA ALA HA 139 56.76 -3.87 96.35
C ALA HA 139 57.82 -3.84 95.26
N LEU HA 140 59.09 -3.90 95.65
CA LEU HA 140 60.20 -3.84 94.72
C LEU HA 140 60.79 -5.22 94.49
N SER HA 141 60.76 -5.68 93.24
CA SER HA 141 61.49 -6.87 92.82
C SER HA 141 62.90 -6.44 92.49
N VAL HA 142 63.87 -6.91 93.27
CA VAL HA 142 65.22 -6.38 93.25
C VAL HA 142 66.23 -7.51 93.16
N VAL HA 143 67.50 -7.13 93.14
CA VAL HA 143 68.64 -8.05 93.14
C VAL HA 143 69.43 -7.75 94.41
N THR HA 144 69.61 -8.76 95.24
CA THR HA 144 70.36 -8.59 96.48
C THR HA 144 71.69 -9.33 96.40
N TRP HA 145 72.42 -9.28 97.50
CA TRP HA 145 73.66 -10.00 97.69
C TRP HA 145 73.62 -10.75 99.01
N ASN HA 146 73.96 -12.03 98.96
CA ASN HA 146 74.24 -12.77 100.18
C ASN HA 146 75.73 -12.67 100.47
N LYS HA 147 76.23 -13.51 101.37
CA LYS HA 147 77.66 -13.56 101.61
C LYS HA 147 78.43 -13.83 100.33
N ASP HA 148 77.94 -14.73 99.49
CA ASP HA 148 78.63 -15.06 98.25
C ASP HA 148 77.75 -15.14 97.01
N MET HA 149 76.45 -15.38 97.13
CA MET HA 149 75.60 -15.62 95.98
C MET HA 149 74.52 -14.55 95.87
N VAL HA 150 74.18 -14.20 94.64
CA VAL HA 150 73.11 -13.25 94.34
C VAL HA 150 71.78 -13.99 94.47
N THR HA 151 70.80 -13.32 95.07
CA THR HA 151 69.44 -13.83 95.13
C THR HA 151 68.50 -12.81 94.53
N ARG HA 152 67.50 -13.28 93.80
CA ARG HA 152 66.48 -12.43 93.21
C ARG HA 152 65.17 -12.67 93.94
N VAL HA 153 64.53 -11.58 94.38
CA VAL HA 153 63.23 -11.63 95.03
C VAL HA 153 62.23 -10.93 94.13
N THR HA 154 61.13 -11.61 93.82
CA THR HA 154 60.12 -11.07 92.92
C THR HA 154 58.73 -11.27 93.52
N PRO HA 155 58.09 -10.21 93.99
CA PRO HA 155 56.72 -10.34 94.48
C PRO HA 155 55.79 -10.74 93.35
N GLU HA 156 54.82 -11.59 93.68
CA GLU HA 156 53.88 -12.05 92.67
C GLU HA 156 53.05 -10.88 92.18
N GLY HA 157 52.77 -10.87 90.87
CA GLY HA 157 52.09 -9.76 90.25
C GLY HA 157 52.98 -8.59 89.91
N SER HA 158 54.30 -8.73 90.06
CA SER HA 158 55.21 -7.65 89.71
C SER HA 158 55.37 -7.55 88.19
N GLU HA 159 55.56 -6.32 87.72
CA GLU HA 159 55.84 -6.05 86.33
C GLU HA 159 57.25 -5.49 86.21
N GLU HA 160 57.98 -5.95 85.19
CA GLU HA 160 59.33 -5.47 84.95
C GLU HA 160 59.29 -4.02 84.49
N TRP HA 161 60.14 -3.19 85.06
CA TRP HA 161 60.26 -1.80 84.62
C TRP HA 161 61.36 -1.68 83.56
N TYR IA 1 149.28 -39.56 16.41
CA TYR IA 1 148.66 -38.40 17.04
C TYR IA 1 147.24 -38.73 17.50
N GLU IA 2 147.00 -38.66 18.81
CA GLU IA 2 145.71 -39.02 19.35
C GLU IA 2 144.67 -37.94 19.06
N HIS IA 3 143.46 -38.38 18.74
CA HIS IA 3 142.36 -37.47 18.44
C HIS IA 3 141.04 -38.13 18.80
N SER IA 4 140.05 -37.31 19.14
CA SER IA 4 138.75 -37.81 19.53
C SER IA 4 137.67 -37.02 18.81
N THR IA 5 136.56 -37.68 18.52
CA THR IA 5 135.48 -37.07 17.76
C THR IA 5 134.20 -37.81 18.11
N VAL IA 6 133.06 -37.21 17.78
CA VAL IA 6 131.78 -37.89 17.86
C VAL IA 6 131.04 -37.69 16.55
N MET IA 7 130.38 -38.74 16.06
CA MET IA 7 129.60 -38.55 14.86
C MET IA 7 128.18 -39.07 15.07
N PRO IA 8 127.19 -38.50 14.40
CA PRO IA 8 125.83 -39.01 14.53
C PRO IA 8 125.74 -40.38 13.92
N ASN IA 9 124.85 -41.21 14.48
CA ASN IA 9 124.60 -42.52 13.91
C ASN IA 9 123.38 -42.46 12.99
N VAL IA 10 123.63 -41.98 11.77
CA VAL IA 10 122.65 -41.99 10.70
C VAL IA 10 123.34 -42.51 9.46
N VAL IA 11 122.76 -43.54 8.84
CA VAL IA 11 123.37 -44.12 7.64
C VAL IA 11 123.31 -43.11 6.51
N GLY IA 12 124.43 -42.98 5.79
CA GLY IA 12 124.51 -42.10 4.65
C GLY IA 12 124.90 -40.67 4.96
N PHE IA 13 125.03 -40.31 6.23
CA PHE IA 13 125.42 -38.95 6.58
C PHE IA 13 126.89 -38.71 6.29
N PRO IA 14 127.24 -37.63 5.61
CA PRO IA 14 128.66 -37.37 5.26
C PRO IA 14 129.42 -36.64 6.35
N TYR IA 15 129.86 -37.35 7.39
CA TYR IA 15 130.52 -36.67 8.49
C TYR IA 15 131.94 -36.29 8.10
N LYS IA 16 132.38 -35.12 8.54
CA LYS IA 16 133.71 -34.61 8.24
C LYS IA 16 134.41 -34.23 9.54
N ALA IA 17 135.57 -34.82 9.77
CA ALA IA 17 136.33 -34.60 10.99
C ALA IA 17 137.64 -33.90 10.66
N HIS IA 18 137.97 -32.85 11.42
CA HIS IA 18 139.08 -31.99 11.09
C HIS IA 18 140.15 -32.12 12.17
N ILE IA 19 141.36 -32.47 11.76
CA ILE IA 19 142.46 -32.68 12.69
C ILE IA 19 143.53 -31.64 12.39
N GLU IA 20 143.98 -30.94 13.43
CA GLU IA 20 144.84 -29.78 13.30
C GLU IA 20 146.12 -30.01 14.11
N ARG IA 21 147.14 -30.58 13.46
CA ARG IA 21 148.44 -30.69 14.08
C ARG IA 21 149.18 -29.37 13.90
N PRO IA 22 149.62 -28.72 14.97
CA PRO IA 22 150.24 -27.39 14.83
C PRO IA 22 151.45 -27.36 13.91
N GLY IA 23 152.26 -28.41 13.91
CA GLY IA 23 153.46 -28.43 13.10
C GLY IA 23 153.27 -28.89 11.67
N TYR IA 24 152.05 -29.16 11.24
CA TYR IA 24 151.79 -29.65 9.89
C TYR IA 24 150.51 -29.02 9.36
N SER IA 25 150.15 -29.39 8.14
CA SER IA 25 148.96 -28.87 7.50
C SER IA 25 147.70 -29.51 8.12
N PRO IA 26 146.62 -28.76 8.21
CA PRO IA 26 145.36 -29.34 8.67
C PRO IA 26 144.88 -30.43 7.74
N LEU IA 27 144.17 -31.41 8.30
CA LEU IA 27 143.67 -32.54 7.52
C LEU IA 27 142.19 -32.74 7.79
N THR IA 28 141.46 -33.18 6.78
CA THR IA 28 140.03 -33.40 6.89
C THR IA 28 139.72 -34.83 6.46
N LEU IA 29 138.82 -35.47 7.19
CA LEU IA 29 138.49 -36.88 7.01
C LEU IA 29 137.01 -37.02 6.73
N GLN IA 30 136.66 -37.89 5.80
CA GLN IA 30 135.26 -38.13 5.45
C GLN IA 30 134.88 -39.52 5.91
N MET IA 31 133.91 -39.59 6.82
CA MET IA 31 133.41 -40.88 7.30
C MET IA 31 131.93 -40.99 7.02
N GLN IA 32 131.48 -42.21 6.72
CA GLN IA 32 130.08 -42.45 6.42
C GLN IA 32 129.70 -43.84 6.87
N VAL IA 33 128.66 -43.95 7.68
CA VAL IA 33 128.19 -45.24 8.19
C VAL IA 33 127.37 -45.87 7.09
N VAL IA 34 127.99 -46.77 6.32
CA VAL IA 34 127.28 -47.41 5.22
C VAL IA 34 126.23 -48.38 5.73
N GLU IA 35 126.52 -49.12 6.80
CA GLU IA 35 125.62 -50.19 7.22
C GLU IA 35 125.71 -50.35 8.74
N THR IA 36 124.60 -50.76 9.36
CA THR IA 36 124.59 -51.09 10.79
C THR IA 36 123.87 -52.41 10.99
N SER IA 37 123.98 -52.94 12.21
CA SER IA 37 123.32 -54.19 12.57
C SER IA 37 123.19 -54.31 14.08
N LEU IA 38 121.97 -54.48 14.58
CA LEU IA 38 121.71 -54.62 16.01
C LEU IA 38 121.41 -56.08 16.29
N GLU IA 39 122.37 -56.77 16.90
CA GLU IA 39 122.29 -58.21 17.14
C GLU IA 39 121.98 -58.47 18.61
N PRO IA 40 120.78 -58.87 18.99
CA PRO IA 40 120.52 -59.25 20.38
C PRO IA 40 121.05 -60.66 20.62
N THR IA 41 121.18 -61.00 21.91
CA THR IA 41 121.65 -62.31 22.33
C THR IA 41 120.45 -63.15 22.71
N LEU IA 42 120.33 -64.33 22.12
CA LEU IA 42 119.10 -65.11 22.19
C LEU IA 42 119.37 -66.46 22.83
N ASN IA 43 118.39 -66.94 23.60
CA ASN IA 43 118.44 -68.28 24.18
C ASN IA 43 117.07 -68.92 24.00
N LEU IA 44 117.06 -70.16 23.53
CA LEU IA 44 115.81 -70.83 23.20
C LEU IA 44 115.02 -71.16 24.45
N GLU IA 45 113.71 -70.90 24.39
CA GLU IA 45 112.78 -71.35 25.42
C GLU IA 45 112.05 -72.62 25.03
N TYR IA 46 111.33 -72.61 23.91
CA TYR IA 46 110.74 -73.82 23.38
C TYR IA 46 110.29 -73.61 21.94
N ILE IA 47 109.80 -74.70 21.35
CA ILE IA 47 109.37 -74.78 19.97
C ILE IA 47 107.89 -75.16 19.98
N THR IA 48 107.13 -74.67 19.02
CA THR IA 48 105.71 -74.94 18.95
C THR IA 48 105.29 -75.21 17.51
N CYS IA 49 104.34 -76.13 17.33
CA CYS IA 49 103.83 -76.46 16.02
C CYS IA 49 102.44 -77.05 16.14
N GLU IA 50 101.86 -77.40 15.01
CA GLU IA 50 100.56 -78.06 15.02
C GLU IA 50 100.70 -79.48 15.56
N TYR IA 51 99.60 -80.01 16.09
CA TYR IA 51 99.60 -81.35 16.64
C TYR IA 51 98.89 -82.31 15.69
N LYS IA 52 99.00 -83.60 16.01
CA LYS IA 52 98.34 -84.65 15.24
C LYS IA 52 97.76 -85.66 16.21
N THR IA 53 96.46 -85.92 16.10
CA THR IA 53 95.76 -86.81 17.01
C THR IA 53 95.87 -88.24 16.52
N VAL IA 54 96.43 -89.12 17.34
CA VAL IA 54 96.63 -90.52 16.98
C VAL IA 54 95.53 -91.33 17.64
N VAL IA 55 94.76 -92.05 16.84
CA VAL IA 55 93.65 -92.84 17.32
C VAL IA 55 93.81 -94.26 16.80
N PRO IA 56 94.31 -95.18 17.63
CA PRO IA 56 94.42 -96.57 17.19
C PRO IA 56 93.04 -97.22 17.07
N SER IA 57 93.01 -98.33 16.35
CA SER IA 57 91.75 -99.03 16.11
C SER IA 57 91.21 -99.60 17.42
N PRO IA 58 89.91 -99.45 17.67
CA PRO IA 58 89.33 -99.92 18.94
C PRO IA 58 89.42 -101.43 19.05
N TYR IA 59 89.55 -101.89 20.29
CA TYR IA 59 89.62 -103.31 20.60
C TYR IA 59 88.29 -103.72 21.22
N VAL IA 60 87.60 -104.65 20.57
CA VAL IA 60 86.32 -105.16 21.05
C VAL IA 60 86.52 -106.60 21.48
N LYS IA 61 86.14 -106.89 22.71
CA LYS IA 61 86.25 -108.24 23.26
C LYS IA 61 84.87 -108.88 23.23
N CYS IA 62 84.71 -109.93 22.43
CA CYS IA 62 83.42 -110.60 22.31
C CYS IA 62 83.24 -111.57 23.48
N CYS IA 63 82.10 -111.49 24.15
CA CYS IA 63 81.74 -112.41 25.23
C CYS IA 63 82.81 -112.37 26.33
N GLY IA 64 82.88 -111.20 26.97
CA GLY IA 64 83.86 -111.01 28.03
C GLY IA 64 83.91 -109.56 28.43
N ALA IA 65 84.93 -109.22 29.22
CA ALA IA 65 85.18 -107.85 29.61
C ALA IA 65 86.67 -107.59 29.60
N SER IA 66 87.05 -106.33 29.37
CA SER IA 66 88.45 -105.92 29.35
C SER IA 66 88.66 -104.75 30.29
N GLU IA 67 89.87 -104.66 30.83
CA GLU IA 67 90.21 -103.70 31.87
C GLU IA 67 91.19 -102.68 31.31
N CYS IA 68 90.89 -101.39 31.53
CA CYS IA 68 91.69 -100.32 30.98
C CYS IA 68 93.08 -100.26 31.63
N SER IA 69 94.07 -99.91 30.82
CA SER IA 69 95.46 -99.89 31.25
C SER IA 69 96.06 -98.52 30.96
N THR IA 70 96.89 -98.04 31.89
CA THR IA 70 97.52 -96.73 31.74
C THR IA 70 98.88 -96.85 31.07
N LYS IA 71 99.27 -95.78 30.37
CA LYS IA 71 100.55 -95.70 29.69
C LYS IA 71 101.08 -94.29 29.80
N GLU IA 72 102.38 -94.14 29.53
CA GLU IA 72 103.07 -92.85 29.64
C GLU IA 72 103.13 -92.19 28.26
N LYS IA 73 102.05 -91.50 27.92
CA LYS IA 73 101.97 -90.79 26.65
C LYS IA 73 101.44 -89.39 26.87
N PRO IA 74 101.82 -88.44 26.00
CA PRO IA 74 101.37 -87.05 26.18
C PRO IA 74 99.87 -86.95 25.93
N ASP IA 75 99.15 -86.46 26.95
CA ASP IA 75 97.70 -86.33 26.91
C ASP IA 75 97.04 -87.66 26.53
N TYR IA 76 97.38 -88.70 27.26
CA TYR IA 76 96.83 -90.02 27.02
C TYR IA 76 95.41 -90.12 27.56
N GLN IA 77 94.56 -90.86 26.85
CA GLN IA 77 93.19 -91.08 27.28
C GLN IA 77 92.81 -92.52 27.00
N CYS IA 78 92.22 -93.18 27.99
CA CYS IA 78 91.80 -94.57 27.85
C CYS IA 78 90.47 -94.75 28.55
N LYS IA 79 89.55 -95.46 27.88
CA LYS IA 79 88.24 -95.71 28.47
C LYS IA 79 87.72 -97.05 28.00
N VAL IA 80 86.74 -97.57 28.73
CA VAL IA 80 86.07 -98.82 28.39
C VAL IA 80 84.58 -98.59 28.41
N TYR IA 81 83.89 -99.11 27.40
CA TYR IA 81 82.43 -99.04 27.32
C TYR IA 81 81.86 -100.43 27.24
N THR IA 82 80.79 -100.67 27.98
CA THR IA 82 80.14 -101.97 28.04
C THR IA 82 78.74 -101.88 27.47
N GLY IA 83 78.26 -103.00 26.95
CA GLY IA 83 76.97 -103.04 26.30
C GLY IA 83 76.98 -102.73 24.82
N VAL IA 84 78.13 -102.84 24.17
CA VAL IA 84 78.23 -102.53 22.76
C VAL IA 84 77.86 -103.75 21.92
N TYR IA 85 77.19 -103.50 20.80
CA TYR IA 85 76.84 -104.54 19.83
C TYR IA 85 77.30 -104.08 18.46
N PRO IA 86 78.55 -104.36 18.11
CA PRO IA 86 79.10 -103.85 16.85
C PRO IA 86 78.46 -104.49 15.64
N PHE IA 87 78.62 -103.83 14.49
CA PHE IA 87 78.14 -104.32 13.21
C PHE IA 87 79.22 -104.16 12.16
N MET IA 88 79.15 -104.97 11.11
CA MET IA 88 80.09 -104.90 10.00
C MET IA 88 79.32 -104.99 8.68
N TRP IA 89 80.08 -105.10 7.59
CA TRP IA 89 79.48 -105.08 6.26
C TRP IA 89 78.64 -106.33 6.02
N GLY IA 90 79.07 -107.47 6.57
CA GLY IA 90 78.37 -108.72 6.31
C GLY IA 90 77.40 -109.11 7.39
N GLY IA 91 77.77 -108.91 8.64
CA GLY IA 91 76.89 -109.21 9.75
C GLY IA 91 77.62 -108.91 11.04
N ALA IA 92 76.85 -108.79 12.11
CA ALA IA 92 77.37 -108.31 13.38
C ALA IA 92 78.10 -109.46 14.07
N TYR IA 93 79.32 -109.20 14.52
CA TYR IA 93 80.03 -110.23 15.28
C TYR IA 93 79.93 -109.89 16.77
N CYS IA 94 80.71 -110.58 17.61
CA CYS IA 94 80.44 -110.67 19.05
C CYS IA 94 79.06 -111.28 19.29
N PHE IA 95 79.01 -112.59 19.02
CA PHE IA 95 77.81 -113.41 18.94
C PHE IA 95 76.93 -113.26 20.19
N CYS IA 96 77.55 -113.02 21.35
CA CYS IA 96 76.78 -112.75 22.56
C CYS IA 96 75.92 -111.52 22.40
N ASP IA 97 74.75 -111.52 23.03
CA ASP IA 97 73.79 -110.46 22.81
C ASP IA 97 74.26 -109.13 23.39
N SER IA 98 74.72 -109.12 24.64
CA SER IA 98 75.05 -107.86 25.29
C SER IA 98 76.26 -107.89 26.20
N GLU IA 99 77.06 -108.95 26.22
CA GLU IA 99 78.24 -108.99 27.07
C GLU IA 99 79.50 -108.72 26.23
N ASN IA 100 79.66 -107.47 25.85
CA ASN IA 100 80.79 -107.06 25.03
C ASN IA 100 81.37 -105.76 25.54
N THR IA 101 82.66 -105.57 25.28
CA THR IA 101 83.40 -104.41 25.79
C THR IA 101 84.25 -103.82 24.69
N GLN IA 102 84.18 -102.49 24.55
CA GLN IA 102 85.04 -101.75 23.63
C GLN IA 102 86.02 -100.92 24.42
N LEU IA 103 87.28 -100.92 24.00
CA LEU IA 103 88.34 -100.17 24.65
C LEU IA 103 88.79 -99.06 23.71
N SER IA 104 88.73 -97.82 24.17
CA SER IA 104 89.11 -96.66 23.38
C SER IA 104 90.40 -96.04 23.92
N GLU IA 105 91.33 -95.77 23.01
CA GLU IA 105 92.65 -95.24 23.34
C GLU IA 105 92.95 -94.06 22.43
N ALA IA 106 93.53 -92.99 23.00
CA ALA IA 106 93.87 -91.84 22.17
C ALA IA 106 95.01 -91.07 22.81
N TYR IA 107 95.77 -90.34 21.99
CA TYR IA 107 96.85 -89.52 22.49
C TYR IA 107 97.29 -88.55 21.40
N VAL IA 108 98.02 -87.52 21.81
CA VAL IA 108 98.41 -86.40 20.96
C VAL IA 108 99.91 -86.45 20.71
N ASP IA 109 100.30 -86.22 19.46
CA ASP IA 109 101.72 -86.25 19.10
C ASP IA 109 102.04 -85.10 18.16
N ARG IA 110 103.31 -84.74 18.14
CA ARG IA 110 103.83 -83.68 17.29
C ARG IA 110 103.60 -84.01 15.82
N SER IA 111 103.29 -82.98 15.03
CA SER IA 111 102.95 -83.20 13.63
C SER IA 111 104.17 -83.65 12.84
N ASP IA 112 103.92 -84.02 11.58
CA ASP IA 112 104.99 -84.58 10.75
C ASP IA 112 105.95 -83.50 10.27
N VAL IA 113 105.44 -82.30 10.02
CA VAL IA 113 106.25 -81.25 9.40
C VAL IA 113 106.62 -80.20 10.43
N CYS IA 114 106.67 -80.59 11.70
CA CYS IA 114 107.08 -79.66 12.74
C CYS IA 114 108.52 -79.21 12.55
N ARG IA 115 109.36 -80.06 11.97
CA ARG IA 115 110.75 -79.71 11.69
C ARG IA 115 110.89 -78.73 10.54
N HIS IA 116 109.86 -78.56 9.72
CA HIS IA 116 109.89 -77.60 8.62
C HIS IA 116 109.06 -76.36 8.87
N ASP IA 117 108.08 -76.43 9.77
CA ASP IA 117 107.13 -75.34 10.03
C ASP IA 117 106.90 -75.32 11.54
N HIS IA 118 107.46 -74.32 12.20
CA HIS IA 118 107.29 -74.17 13.64
C HIS IA 118 107.63 -72.75 14.05
N ALA IA 119 107.18 -72.38 15.25
CA ALA IA 119 107.48 -71.09 15.83
C ALA IA 119 108.36 -71.30 17.05
N SER IA 120 109.16 -70.30 17.39
CA SER IA 120 110.08 -70.41 18.51
C SER IA 120 109.85 -69.29 19.50
N ALA IA 121 110.09 -69.58 20.77
CA ALA IA 121 109.99 -68.57 21.83
C ALA IA 121 111.38 -68.29 22.37
N TYR IA 122 111.71 -67.01 22.53
CA TYR IA 122 113.06 -66.58 22.87
C TYR IA 122 113.02 -65.53 23.97
N LYS IA 123 114.13 -65.41 24.70
CA LYS IA 123 114.40 -64.26 25.56
C LYS IA 123 115.56 -63.48 24.97
N ALA IA 124 115.49 -62.15 25.02
CA ALA IA 124 116.50 -61.28 24.44
C ALA IA 124 117.06 -60.35 25.51
N HIS IA 125 118.38 -60.15 25.47
CA HIS IA 125 119.05 -59.24 26.37
C HIS IA 125 120.40 -58.86 25.79
N THR IA 126 120.98 -57.81 26.36
CA THR IA 126 122.33 -57.32 26.05
C THR IA 126 122.67 -57.34 24.55
N ALA IA 127 121.95 -56.56 23.77
CA ALA IA 127 122.21 -56.47 22.34
C ALA IA 127 123.60 -55.87 22.08
N SER IA 128 124.27 -56.42 21.07
CA SER IA 128 125.54 -55.90 20.58
C SER IA 128 125.28 -55.19 19.26
N LEU IA 129 126.23 -54.35 18.85
CA LEU IA 129 126.03 -53.56 17.63
C LEU IA 129 127.25 -53.67 16.72
N LYS IA 130 126.99 -53.98 15.46
CA LYS IA 130 128.05 -54.14 14.47
C LYS IA 130 127.82 -53.12 13.37
N ALA IA 131 128.89 -52.71 12.70
CA ALA IA 131 128.79 -51.60 11.76
C ALA IA 131 129.73 -51.82 10.59
N LYS IA 132 129.44 -51.11 9.49
CA LYS IA 132 130.26 -51.09 8.30
C LYS IA 132 130.37 -49.62 7.87
N VAL IA 133 131.58 -49.07 7.89
CA VAL IA 133 131.79 -47.65 7.67
C VAL IA 133 132.83 -47.44 6.57
N ARG IA 134 132.55 -46.48 5.70
CA ARG IA 134 133.47 -46.08 4.63
C ARG IA 134 134.24 -44.85 5.08
N VAL IA 135 135.56 -44.89 4.90
CA VAL IA 135 136.44 -43.82 5.35
C VAL IA 135 137.28 -43.35 4.17
N MET IA 136 137.40 -42.04 4.02
CA MET IA 136 138.10 -41.44 2.89
C MET IA 136 138.94 -40.27 3.36
N TYR IA 137 140.15 -40.17 2.81
CA TYR IA 137 141.02 -39.01 3.05
C TYR IA 137 142.24 -39.15 2.16
N GLY IA 138 142.77 -37.99 1.77
CA GLY IA 138 143.95 -37.97 0.92
C GLY IA 138 143.73 -38.68 -0.39
N ASN IA 139 144.36 -39.84 -0.53
CA ASN IA 139 144.20 -40.67 -1.73
C ASN IA 139 143.81 -42.10 -1.38
N VAL IA 140 143.18 -42.32 -0.23
CA VAL IA 140 142.77 -43.65 0.20
C VAL IA 140 141.26 -43.67 0.35
N ASN IA 141 140.63 -44.64 -0.28
CA ASN IA 141 139.23 -44.97 -0.12
C ASN IA 141 139.12 -46.08 0.94
N GLN IA 142 137.97 -46.77 0.98
CA GLN IA 142 137.78 -48.13 1.51
C GLN IA 142 136.73 -48.19 2.62
N THR IA 143 135.99 -49.29 2.66
CA THR IA 143 135.01 -49.59 3.69
C THR IA 143 135.55 -50.69 4.60
N VAL IA 144 135.20 -50.61 5.87
CA VAL IA 144 135.63 -51.61 6.86
C VAL IA 144 134.43 -52.03 7.69
N ASP IA 145 134.55 -53.21 8.29
CA ASP IA 145 133.57 -53.75 9.20
C ASP IA 145 134.13 -53.75 10.62
N VAL IA 146 133.38 -53.19 11.56
CA VAL IA 146 133.84 -53.05 12.92
C VAL IA 146 132.74 -53.47 13.88
N TYR IA 147 133.14 -53.78 15.11
CA TYR IA 147 132.23 -53.93 16.24
C TYR IA 147 132.26 -52.65 17.05
N VAL IA 148 131.08 -52.06 17.27
CA VAL IA 148 131.00 -50.76 17.94
C VAL IA 148 131.04 -51.04 19.44
N ASN IA 149 132.27 -51.07 19.97
CA ASN IA 149 132.54 -51.03 21.39
C ASN IA 149 134.01 -50.70 21.54
N GLY IA 150 134.43 -50.35 22.74
CA GLY IA 150 135.81 -49.94 22.91
C GLY IA 150 136.79 -51.10 22.97
N ASP IA 151 136.61 -52.12 22.14
CA ASP IA 151 137.51 -53.27 22.13
C ASP IA 151 137.76 -53.78 20.72
N HIS IA 152 137.69 -52.90 19.72
CA HIS IA 152 137.94 -53.34 18.35
C HIS IA 152 138.65 -52.20 17.61
N ALA IA 153 139.89 -52.44 17.21
CA ALA IA 153 140.69 -51.46 16.49
C ALA IA 153 140.99 -51.97 15.10
N VAL IA 154 140.70 -51.15 14.09
CA VAL IA 154 140.93 -51.50 12.70
C VAL IA 154 141.94 -50.53 12.11
N THR IA 155 142.89 -51.06 11.35
CA THR IA 155 143.91 -50.26 10.69
C THR IA 155 143.49 -50.02 9.25
N ILE IA 156 143.60 -48.78 8.80
CA ILE IA 156 143.24 -48.39 7.44
C ILE IA 156 144.38 -47.51 6.93
N GLY IA 157 145.34 -48.13 6.23
CA GLY IA 157 146.47 -47.38 5.72
C GLY IA 157 147.36 -46.80 6.81
N GLY IA 158 147.62 -47.57 7.86
CA GLY IA 158 148.50 -47.14 8.92
C GLY IA 158 147.85 -46.30 9.99
N THR IA 159 146.53 -46.09 9.93
CA THR IA 159 145.80 -45.32 10.92
C THR IA 159 144.96 -46.24 11.78
N GLN IA 160 144.99 -46.04 13.10
CA GLN IA 160 144.25 -46.87 14.03
C GLN IA 160 142.97 -46.18 14.44
N PHE IA 161 141.85 -46.89 14.30
CA PHE IA 161 140.52 -46.38 14.62
C PHE IA 161 139.91 -47.24 15.72
N ILE IA 162 139.23 -46.60 16.66
CA ILE IA 162 138.41 -47.31 17.65
C ILE IA 162 137.07 -46.60 17.76
N PHE IA 163 135.99 -47.34 17.54
CA PHE IA 163 134.65 -46.79 17.61
C PHE IA 163 134.04 -47.19 18.94
N GLY IA 164 133.88 -46.23 19.84
CA GLY IA 164 133.49 -46.50 21.20
C GLY IA 164 132.03 -46.86 21.34
N PRO IA 165 131.58 -47.08 22.57
CA PRO IA 165 130.22 -47.55 22.80
C PRO IA 165 129.18 -46.52 22.38
N LEU IA 166 128.01 -47.02 22.01
CA LEU IA 166 126.91 -46.14 21.63
C LEU IA 166 126.48 -45.29 22.81
N SER IA 167 125.92 -44.12 22.51
CA SER IA 167 125.44 -43.24 23.57
C SER IA 167 124.26 -43.86 24.31
N SER IA 168 123.25 -44.32 23.59
CA SER IA 168 122.06 -44.89 24.20
C SER IA 168 122.13 -46.41 24.13
N ALA IA 169 121.18 -47.06 24.79
CA ALA IA 169 121.11 -48.51 24.85
C ALA IA 169 119.70 -48.99 24.55
N TRP IA 170 119.10 -48.41 23.52
CA TRP IA 170 117.70 -48.65 23.19
C TRP IA 170 117.61 -49.73 22.12
N THR IA 171 116.84 -50.78 22.40
CA THR IA 171 116.64 -51.88 21.45
C THR IA 171 115.14 -52.15 21.33
N PRO IA 172 114.63 -52.39 20.12
CA PRO IA 172 113.19 -52.57 19.96
C PRO IA 172 112.64 -53.85 20.55
N PHE IA 173 113.48 -54.86 20.81
CA PHE IA 173 113.00 -56.14 21.30
C PHE IA 173 112.80 -56.08 22.81
N ASP IA 174 111.64 -56.52 23.27
CA ASP IA 174 111.40 -56.63 24.70
C ASP IA 174 112.07 -57.88 25.24
N ASN IA 175 111.72 -58.27 26.47
CA ASN IA 175 112.36 -59.44 27.07
C ASN IA 175 112.05 -60.71 26.30
N LYS IA 176 110.81 -60.89 25.86
CA LYS IA 176 110.38 -62.12 25.25
C LYS IA 176 109.95 -61.89 23.81
N ILE IA 177 110.38 -62.77 22.92
CA ILE IA 177 110.16 -62.64 21.48
C ILE IA 177 109.57 -63.92 20.96
N VAL IA 178 108.66 -63.81 20.00
CA VAL IA 178 108.14 -64.95 19.25
C VAL IA 178 108.63 -64.83 17.83
N VAL IA 179 109.39 -65.83 17.37
CA VAL IA 179 109.99 -65.80 16.04
C VAL IA 179 109.32 -66.84 15.17
N TYR IA 180 108.85 -66.43 14.00
CA TYR IA 180 108.18 -67.31 13.05
C TYR IA 180 108.65 -66.97 11.65
N LYS IA 181 109.41 -67.88 11.04
CA LYS IA 181 109.88 -67.72 9.67
C LYS IA 181 110.69 -66.44 9.50
N ASP IA 182 110.06 -65.37 9.05
CA ASP IA 182 110.77 -64.13 8.76
C ASP IA 182 110.05 -62.95 9.38
N GLU IA 183 109.55 -63.13 10.61
CA GLU IA 183 108.82 -62.08 11.29
C GLU IA 183 109.08 -62.20 12.79
N VAL IA 184 109.16 -61.06 13.45
CA VAL IA 184 109.47 -61.00 14.88
C VAL IA 184 108.34 -60.27 15.58
N PHE IA 185 107.99 -60.72 16.78
CA PHE IA 185 106.85 -60.19 17.52
C PHE IA 185 107.26 -59.88 18.95
N ASN IA 186 106.60 -58.89 19.55
CA ASN IA 186 106.80 -58.58 20.96
C ASN IA 186 105.63 -59.18 21.72
N GLN IA 187 105.77 -60.44 22.11
CA GLN IA 187 104.71 -61.20 22.73
C GLN IA 187 105.14 -61.65 24.11
N ASP IA 188 104.18 -62.05 24.92
CA ASP IA 188 104.43 -62.59 26.26
C ASP IA 188 103.91 -64.02 26.29
N PHE IA 189 104.74 -64.95 25.89
CA PHE IA 189 104.28 -66.33 25.87
C PHE IA 189 104.22 -66.90 27.28
N PRO IA 190 103.32 -67.85 27.52
CA PRO IA 190 103.30 -68.52 28.82
C PRO IA 190 104.53 -69.38 28.99
N PRO IA 191 105.00 -69.58 30.22
CA PRO IA 191 106.23 -70.35 30.42
C PRO IA 191 106.04 -71.81 30.08
N TYR IA 192 107.16 -72.52 30.03
CA TYR IA 192 107.13 -73.94 29.69
C TYR IA 192 106.31 -74.72 30.70
N GLY IA 193 105.54 -75.68 30.20
CA GLY IA 193 104.82 -76.59 31.05
C GLY IA 193 103.50 -76.08 31.59
N SER IA 194 103.06 -74.90 31.18
CA SER IA 194 101.80 -74.36 31.67
C SER IA 194 101.02 -73.72 30.52
N GLY IA 195 100.90 -74.44 29.41
CA GLY IA 195 100.14 -73.93 28.30
C GLY IA 195 98.65 -73.99 28.55
N GLN IA 196 97.89 -73.43 27.62
CA GLN IA 196 96.44 -73.48 27.71
C GLN IA 196 95.86 -73.89 26.37
N PRO IA 197 94.87 -74.78 26.38
CA PRO IA 197 94.27 -75.23 25.11
C PRO IA 197 93.55 -74.11 24.41
N GLY IA 198 93.59 -74.13 23.09
CA GLY IA 198 92.94 -73.14 22.28
C GLY IA 198 93.73 -71.87 22.04
N ARG IA 199 94.96 -71.77 22.54
CA ARG IA 199 95.76 -70.58 22.33
C ARG IA 199 97.19 -70.96 22.03
N PHE IA 200 98.09 -69.98 22.05
CA PHE IA 200 99.49 -70.23 21.72
C PHE IA 200 100.09 -71.22 22.70
N GLY IA 201 100.93 -72.11 22.19
CA GLY IA 201 101.64 -73.05 23.03
C GLY IA 201 100.80 -74.11 23.70
N ASP IA 202 99.81 -74.67 22.99
CA ASP IA 202 99.06 -75.79 23.56
C ASP IA 202 99.94 -77.03 23.65
N ILE IA 203 100.89 -77.19 22.72
CA ILE IA 203 101.90 -78.22 22.81
C ILE IA 203 103.26 -77.53 22.77
N GLN IA 204 104.22 -78.06 23.53
CA GLN IA 204 105.52 -77.44 23.66
C GLN IA 204 106.59 -78.51 23.76
N SER IA 205 107.69 -78.31 23.06
CA SER IA 205 108.85 -79.20 23.14
C SER IA 205 110.08 -78.36 23.42
N ARG IA 206 111.03 -78.93 24.16
CA ARG IA 206 112.21 -78.16 24.54
C ARG IA 206 113.03 -77.77 23.33
N THR IA 207 113.29 -78.71 22.43
CA THR IA 207 114.03 -78.42 21.20
C THR IA 207 113.35 -79.13 20.05
N VAL IA 208 113.81 -78.84 18.83
CA VAL IA 208 113.24 -79.48 17.66
C VAL IA 208 113.56 -80.97 17.62
N GLU IA 209 114.74 -81.37 18.10
CA GLU IA 209 115.17 -82.76 18.03
C GLU IA 209 114.94 -83.53 19.33
N SER IA 210 114.37 -82.91 20.35
CA SER IA 210 114.14 -83.62 21.60
C SER IA 210 112.87 -84.47 21.52
N ASN IA 211 112.93 -85.66 22.10
CA ASN IA 211 111.81 -86.59 22.03
C ASN IA 211 110.66 -86.18 22.95
N ASP IA 212 110.97 -85.52 24.05
CA ASP IA 212 109.96 -85.17 25.04
C ASP IA 212 108.97 -84.16 24.48
N LEU IA 213 107.79 -84.12 25.10
CA LEU IA 213 106.73 -83.20 24.68
C LEU IA 213 105.76 -82.99 25.84
N TYR IA 214 105.20 -81.79 25.92
CA TYR IA 214 104.13 -81.48 26.87
C TYR IA 214 102.96 -80.93 26.09
N ALA IA 215 101.81 -81.59 26.19
CA ALA IA 215 100.63 -81.19 25.44
C ALA IA 215 99.45 -81.01 26.38
N ASN IA 216 98.54 -80.11 26.01
CA ASN IA 216 97.34 -79.88 26.82
C ASN IA 216 96.24 -79.39 25.88
N THR IA 217 95.34 -80.29 25.50
CA THR IA 217 94.34 -79.96 24.49
C THR IA 217 92.93 -80.36 24.90
N ALA IA 218 92.73 -80.85 26.12
CA ALA IA 218 91.41 -81.22 26.63
C ALA IA 218 90.74 -82.27 25.73
N LEU IA 219 91.48 -83.34 25.44
CA LEU IA 219 90.92 -84.42 24.63
C LEU IA 219 89.93 -85.24 25.46
N LYS IA 220 88.73 -85.42 24.92
CA LYS IA 220 87.72 -86.17 25.64
C LYS IA 220 87.09 -87.19 24.70
N LEU IA 221 86.70 -88.32 25.24
CA LEU IA 221 86.14 -89.42 24.47
C LEU IA 221 84.66 -89.56 24.77
N ALA IA 222 83.91 -90.09 23.80
CA ALA IA 222 82.47 -90.25 23.99
C ALA IA 222 82.07 -91.69 23.75
N ARG IA 223 80.93 -92.06 24.31
CA ARG IA 223 80.40 -93.40 24.08
C ARG IA 223 80.06 -93.57 22.60
N PRO IA 224 80.52 -94.63 21.95
CA PRO IA 224 80.15 -94.85 20.55
C PRO IA 224 78.66 -95.07 20.40
N SER IA 225 78.13 -94.61 19.28
CA SER IA 225 76.72 -94.80 18.99
C SER IA 225 76.43 -96.29 18.77
N PRO IA 226 75.21 -96.73 19.03
CA PRO IA 226 74.89 -98.16 18.88
C PRO IA 226 75.09 -98.64 17.45
N GLY IA 227 75.59 -99.86 17.33
CA GLY IA 227 75.78 -100.48 16.03
C GLY IA 227 76.83 -99.83 15.14
N MET IA 228 77.93 -99.35 15.72
CA MET IA 228 79.03 -98.80 14.95
C MET IA 228 80.32 -99.03 15.72
N VAL IA 229 81.44 -98.87 15.01
CA VAL IA 229 82.78 -98.98 15.60
C VAL IA 229 83.58 -97.75 15.16
N HIS IA 230 83.45 -96.64 15.89
CA HIS IA 230 84.06 -95.41 15.39
C HIS IA 230 84.82 -94.56 16.40
N VAL IA 231 84.83 -94.88 17.69
CA VAL IA 231 85.63 -94.19 18.71
C VAL IA 231 85.59 -92.68 18.56
N PRO IA 232 84.48 -92.04 18.87
CA PRO IA 232 84.38 -90.59 18.68
C PRO IA 232 84.99 -89.82 19.84
N TYR IA 233 85.57 -88.67 19.49
CA TYR IA 233 86.25 -87.84 20.47
C TYR IA 233 85.93 -86.39 20.17
N THR IA 234 86.26 -85.53 21.12
CA THR IA 234 86.22 -84.09 20.94
C THR IA 234 87.50 -83.48 21.47
N GLN IA 235 87.93 -82.39 20.84
CA GLN IA 235 89.20 -81.77 21.15
C GLN IA 235 89.18 -80.33 20.68
N THR IA 236 89.70 -79.44 21.50
CA THR IA 236 89.78 -78.03 21.13
C THR IA 236 90.74 -77.86 19.95
N PRO IA 237 90.41 -77.03 18.96
CA PRO IA 237 91.28 -76.88 17.79
C PRO IA 237 92.69 -76.50 18.17
N SER IA 238 93.60 -76.67 17.21
CA SER IA 238 94.99 -76.35 17.44
C SER IA 238 95.15 -74.87 17.77
N GLY IA 239 95.93 -74.59 18.80
CA GLY IA 239 96.19 -73.20 19.14
C GLY IA 239 97.12 -72.52 18.15
N PHE IA 240 98.03 -73.28 17.56
CA PHE IA 240 98.99 -72.70 16.63
C PHE IA 240 98.28 -72.08 15.43
N LYS IA 241 97.29 -72.77 14.86
CA LYS IA 241 96.62 -72.25 13.69
C LYS IA 241 95.87 -70.96 14.00
N TYR IA 242 95.22 -70.89 15.16
CA TYR IA 242 94.53 -69.65 15.51
C TYR IA 242 95.51 -68.54 15.85
N TRP IA 243 96.69 -68.88 16.36
CA TRP IA 243 97.71 -67.85 16.51
C TRP IA 243 98.14 -67.31 15.16
N LEU IA 244 98.33 -68.18 14.18
CA LEU IA 244 98.64 -67.72 12.82
C LEU IA 244 97.53 -66.83 12.30
N LYS IA 245 96.28 -67.20 12.55
CA LYS IA 245 95.18 -66.46 11.96
C LYS IA 245 94.98 -65.10 12.64
N GLU IA 246 95.34 -64.97 13.91
CA GLU IA 246 95.00 -63.77 14.65
C GLU IA 246 96.16 -63.27 15.50
N LYS IA 247 97.39 -63.37 15.00
CA LYS IA 247 98.52 -62.90 15.79
C LYS IA 247 98.46 -61.39 15.97
N GLY IA 248 98.12 -60.66 14.92
CA GLY IA 248 97.91 -59.23 15.06
C GLY IA 248 99.21 -58.45 14.98
N THR IA 249 99.30 -57.52 14.03
CA THR IA 249 100.47 -56.69 13.83
C THR IA 249 101.74 -57.48 13.68
N ALA IA 250 102.87 -56.82 13.90
CA ALA IA 250 104.19 -57.45 13.85
C ALA IA 250 105.21 -56.47 14.42
N LEU IA 251 106.49 -56.79 14.31
CA LEU IA 251 107.51 -55.80 14.56
C LEU IA 251 108.14 -55.28 13.28
N ASN IA 252 108.16 -56.09 12.23
CA ASN IA 252 108.68 -55.64 10.94
C ASN IA 252 108.00 -54.36 10.48
N THR IA 253 106.71 -54.23 10.76
CA THR IA 253 105.93 -53.09 10.33
C THR IA 253 105.59 -52.14 11.45
N LYS IA 254 106.29 -52.22 12.58
CA LYS IA 254 106.01 -51.30 13.67
C LYS IA 254 107.23 -50.82 14.42
N ALA IA 255 108.44 -51.30 14.11
CA ALA IA 255 109.60 -50.87 14.86
C ALA IA 255 109.77 -49.36 14.76
N PRO IA 256 110.08 -48.68 15.85
CA PRO IA 256 110.26 -47.23 15.80
C PRO IA 256 111.58 -46.87 15.13
N PHE IA 257 111.76 -45.57 14.91
CA PHE IA 257 113.00 -45.00 14.39
C PHE IA 257 113.32 -45.49 12.99
N GLY IA 258 112.39 -46.19 12.36
CA GLY IA 258 112.56 -46.58 10.97
C GLY IA 258 113.74 -47.50 10.72
N CYS IA 259 113.65 -48.72 11.22
CA CYS IA 259 114.70 -49.70 11.02
C CYS IA 259 114.13 -51.07 10.71
N GLN IA 260 114.77 -51.76 9.76
CA GLN IA 260 114.26 -53.03 9.29
C GLN IA 260 114.52 -54.12 10.32
N ILE IA 261 113.69 -55.15 10.29
CA ILE IA 261 113.87 -56.32 11.12
C ILE IA 261 114.11 -57.52 10.21
N LYS IA 262 115.14 -58.30 10.51
CA LYS IA 262 115.43 -59.47 9.69
C LYS IA 262 115.63 -60.67 10.60
N THR IA 263 115.78 -61.84 10.00
CA THR IA 263 115.79 -63.10 10.73
C THR IA 263 116.94 -63.96 10.25
N ASN IA 264 117.38 -64.87 11.12
CA ASN IA 264 118.43 -65.83 10.81
C ASN IA 264 119.74 -65.14 10.46
N PRO IA 265 120.42 -64.52 11.43
CA PRO IA 265 120.02 -64.37 12.82
C PRO IA 265 119.08 -63.20 12.98
N VAL IA 266 118.33 -63.13 14.08
CA VAL IA 266 117.44 -61.99 14.29
C VAL IA 266 118.28 -60.74 14.52
N ARG IA 267 117.96 -59.69 13.78
CA ARG IA 267 118.71 -58.45 13.91
C ARG IA 267 117.85 -57.29 13.43
N ALA IA 268 118.24 -56.09 13.86
CA ALA IA 268 117.61 -54.84 13.45
C ALA IA 268 118.64 -54.06 12.65
N MET IA 269 118.26 -53.67 11.44
CA MET IA 269 119.20 -53.14 10.46
C MET IA 269 118.88 -51.69 10.12
N ASN IA 270 119.94 -50.88 10.06
CA ASN IA 270 119.87 -49.47 9.67
C ASN IA 270 118.95 -48.69 10.60
N CYS IA 271 119.34 -48.61 11.86
CA CYS IA 271 118.39 -48.16 12.88
C CYS IA 271 119.06 -47.00 13.59
N ALA IA 272 118.66 -45.79 13.20
CA ALA IA 272 119.42 -44.57 13.47
C ALA IA 272 119.06 -43.97 14.81
N VAL IA 273 120.05 -43.88 15.71
CA VAL IA 273 119.87 -43.24 17.00
C VAL IA 273 121.24 -42.98 17.61
N GLY IA 274 121.38 -41.84 18.26
CA GLY IA 274 122.51 -41.60 19.13
C GLY IA 274 123.81 -41.23 18.42
N ASN IA 275 124.89 -41.33 19.19
CA ASN IA 275 126.19 -40.84 18.78
C ASN IA 275 127.21 -41.96 18.89
N ILE IA 276 128.20 -41.91 18.01
CA ILE IA 276 129.30 -42.86 18.01
C ILE IA 276 130.59 -42.09 18.28
N PRO IA 277 131.22 -42.30 19.43
CA PRO IA 277 132.53 -41.70 19.66
C PRO IA 277 133.60 -42.43 18.87
N VAL IA 278 134.62 -41.69 18.47
CA VAL IA 278 135.72 -42.21 17.67
C VAL IA 278 137.02 -41.74 18.27
N SER IA 279 137.94 -42.69 18.45
CA SER IA 279 139.30 -42.41 18.89
C SER IA 279 140.26 -42.81 17.79
N MET IA 280 141.26 -41.96 17.54
CA MET IA 280 142.08 -42.08 16.35
C MET IA 280 143.55 -42.01 16.70
N ASN IA 281 144.37 -42.67 15.87
CA ASN IA 281 145.82 -42.61 16.04
C ASN IA 281 146.43 -42.60 14.63
N LEU IA 282 147.01 -41.47 14.26
CA LEU IA 282 147.51 -41.35 12.90
C LEU IA 282 149.04 -41.32 12.88
N PRO IA 283 149.65 -41.90 11.86
CA PRO IA 283 151.11 -41.89 11.75
C PRO IA 283 151.61 -40.53 11.27
N ASP IA 284 152.93 -40.38 11.29
CA ASP IA 284 153.56 -39.14 10.88
C ASP IA 284 153.47 -38.92 9.38
N SER IA 285 153.30 -39.99 8.60
CA SER IA 285 153.26 -39.87 7.14
C SER IA 285 151.91 -39.41 6.61
N ALA IA 286 150.87 -39.44 7.44
CA ALA IA 286 149.55 -39.00 6.99
C ALA IA 286 149.49 -37.49 6.79
N PHE IA 287 150.20 -36.73 7.60
CA PHE IA 287 150.23 -35.29 7.47
C PHE IA 287 151.18 -34.85 6.38
N THR IA 288 151.12 -33.56 6.06
CA THR IA 288 152.03 -32.93 5.11
C THR IA 288 152.73 -31.76 5.80
N ARG IA 289 154.02 -31.58 5.51
CA ARG IA 289 154.78 -30.52 6.14
C ARG IA 289 154.25 -29.16 5.71
N ILE IA 290 154.36 -28.18 6.61
CA ILE IA 290 153.82 -26.85 6.36
C ILE IA 290 154.55 -26.16 5.21
N VAL IA 291 155.80 -26.51 4.94
CA VAL IA 291 156.52 -25.88 3.84
C VAL IA 291 155.94 -26.31 2.50
N GLU IA 292 155.47 -27.55 2.39
CA GLU IA 292 154.95 -28.04 1.11
C GLU IA 292 153.61 -27.42 0.75
N ALA IA 293 152.74 -27.24 1.73
CA ALA IA 293 151.41 -26.71 1.47
C ALA IA 293 151.47 -25.23 1.11
N PRO IA 294 150.59 -24.77 0.23
CA PRO IA 294 150.54 -23.34 -0.08
C PRO IA 294 150.05 -22.52 1.10
N THR IA 295 150.45 -21.26 1.11
CA THR IA 295 150.06 -20.32 2.16
C THR IA 295 148.91 -19.45 1.67
N ILE IA 296 148.01 -19.10 2.59
CA ILE IA 296 146.83 -18.31 2.28
C ILE IA 296 146.78 -17.13 3.23
N ILE IA 297 146.63 -15.92 2.68
CA ILE IA 297 146.50 -14.70 3.45
C ILE IA 297 145.38 -13.84 2.86
N ASP IA 298 144.79 -13.00 3.71
CA ASP IA 298 143.71 -12.10 3.34
C ASP IA 298 142.54 -12.87 2.72
N LEU IA 299 141.91 -13.69 3.54
CA LEU IA 299 140.83 -14.55 3.07
C LEU IA 299 139.50 -13.95 3.51
N THR IA 300 138.61 -13.72 2.55
CA THR IA 300 137.31 -13.13 2.81
C THR IA 300 136.22 -14.02 2.22
N CYS IA 301 135.06 -14.03 2.88
CA CYS IA 301 133.96 -14.94 2.56
C CYS IA 301 132.71 -14.16 2.19
N THR IA 302 132.02 -14.60 1.15
CA THR IA 302 130.75 -14.02 0.75
C THR IA 302 129.80 -15.13 0.34
N VAL IA 303 128.51 -14.84 0.36
CA VAL IA 303 127.48 -15.82 0.00
C VAL IA 303 126.78 -15.32 -1.25
N ALA IA 304 126.65 -16.19 -2.25
CA ALA IA 304 125.93 -15.81 -3.46
C ALA IA 304 124.43 -16.04 -3.30
N THR IA 305 124.06 -17.23 -2.86
CA THR IA 305 122.66 -17.58 -2.69
C THR IA 305 122.53 -18.58 -1.56
N CYS IA 306 121.46 -18.46 -0.78
CA CYS IA 306 121.15 -19.42 0.25
C CYS IA 306 119.72 -19.89 0.12
N THR IA 307 119.47 -21.14 0.50
CA THR IA 307 118.12 -21.68 0.57
C THR IA 307 118.17 -22.92 1.44
N HIS IA 308 117.52 -22.87 2.61
CA HIS IA 308 117.61 -23.97 3.57
C HIS IA 308 116.71 -25.12 3.10
N SER IA 309 117.22 -25.84 2.12
CA SER IA 309 116.56 -27.03 1.61
C SER IA 309 117.32 -28.27 2.06
N SER IA 310 116.73 -29.43 1.77
CA SER IA 310 117.32 -30.68 2.23
C SER IA 310 118.68 -30.92 1.58
N ASP IA 311 118.81 -30.62 0.31
CA ASP IA 311 120.05 -30.84 -0.42
C ASP IA 311 121.05 -29.75 -0.07
N PHE IA 312 122.12 -29.67 -0.85
CA PHE IA 312 123.13 -28.60 -0.71
C PHE IA 312 122.59 -27.35 -1.37
N GLY IA 313 122.08 -26.43 -0.57
CA GLY IA 313 121.38 -25.28 -1.11
C GLY IA 313 121.96 -23.92 -0.79
N GLY IA 314 123.28 -23.79 -0.73
CA GLY IA 314 123.90 -22.48 -0.64
C GLY IA 314 125.27 -22.49 -1.28
N VAL IA 315 125.58 -21.41 -1.98
CA VAL IA 315 126.85 -21.29 -2.69
C VAL IA 315 127.66 -20.16 -2.07
N LEU IA 316 128.92 -20.46 -1.77
CA LEU IA 316 129.79 -19.57 -1.01
C LEU IA 316 131.05 -19.31 -1.82
N THR IA 317 131.55 -18.08 -1.77
CA THR IA 317 132.72 -17.69 -2.54
C THR IA 317 133.79 -17.14 -1.61
N LEU IA 318 135.01 -17.64 -1.78
CA LEU IA 318 136.16 -17.25 -0.99
C LEU IA 318 137.15 -16.53 -1.88
N THR IA 319 137.59 -15.36 -1.42
CA THR IA 319 138.62 -14.58 -2.10
C THR IA 319 139.86 -14.54 -1.24
N TYR IA 320 141.01 -14.74 -1.84
CA TYR IA 320 142.24 -14.88 -1.04
C TYR IA 320 143.43 -14.38 -1.85
N LYS IA 321 144.62 -14.66 -1.35
CA LYS IA 321 145.87 -14.38 -2.04
C LYS IA 321 146.85 -15.49 -1.67
N THR IA 322 147.48 -16.08 -2.68
CA THR IA 322 148.34 -17.24 -2.48
C THR IA 322 149.68 -17.01 -3.15
N ASP IA 323 150.69 -17.74 -2.68
CA ASP IA 323 151.99 -17.71 -3.31
C ASP IA 323 152.16 -18.77 -4.40
N LYS IA 324 151.53 -19.92 -4.22
CA LYS IA 324 151.61 -20.97 -5.23
C LYS IA 324 150.27 -21.71 -5.28
N ASN IA 325 150.03 -22.37 -6.40
CA ASN IA 325 148.80 -23.12 -6.62
C ASN IA 325 148.93 -24.53 -6.08
N GLY IA 326 147.83 -25.04 -5.52
CA GLY IA 326 147.86 -26.35 -4.91
C GLY IA 326 146.56 -26.84 -4.32
N ASP IA 327 146.62 -27.51 -3.17
CA ASP IA 327 145.45 -28.11 -2.54
C ASP IA 327 145.32 -27.64 -1.11
N CYS IA 328 144.08 -27.40 -0.69
CA CYS IA 328 143.77 -26.96 0.67
C CYS IA 328 142.66 -27.83 1.23
N SER IA 329 142.60 -27.89 2.55
CA SER IA 329 141.62 -28.70 3.26
C SER IA 329 140.59 -27.77 3.88
N VAL IA 330 139.50 -27.55 3.17
CA VAL IA 330 138.47 -26.64 3.66
C VAL IA 330 137.65 -27.33 4.74
N HIS IA 331 137.18 -26.54 5.70
CA HIS IA 331 136.31 -27.06 6.75
C HIS IA 331 135.38 -25.97 7.24
N SER IA 332 134.28 -26.39 7.87
CA SER IA 332 133.37 -25.52 8.60
C SER IA 332 133.48 -25.84 10.07
N HIS IA 333 133.52 -24.80 10.92
CA HIS IA 333 133.68 -24.98 12.36
C HIS IA 333 132.37 -24.96 13.13
N SER IA 334 131.24 -25.04 12.45
CA SER IA 334 129.96 -25.13 13.14
C SER IA 334 129.10 -26.18 12.48
N ASN IA 335 128.23 -26.81 13.25
CA ASN IA 335 127.29 -27.77 12.70
C ASN IA 335 126.07 -27.10 12.10
N VAL IA 336 126.02 -25.77 12.10
CA VAL IA 336 124.93 -25.06 11.44
C VAL IA 336 124.98 -25.32 9.94
N ALA IA 337 126.18 -25.40 9.39
CA ALA IA 337 126.37 -25.61 7.97
C ALA IA 337 127.28 -26.81 7.74
N THR IA 338 126.92 -27.66 6.78
CA THR IA 338 127.75 -28.77 6.37
C THR IA 338 128.21 -28.53 4.94
N LEU IA 339 129.51 -28.65 4.71
CA LEU IA 339 130.09 -28.44 3.39
C LEU IA 339 129.81 -29.63 2.49
N GLN IA 340 130.04 -29.45 1.20
CA GLN IA 340 130.01 -30.57 0.27
C GLN IA 340 131.33 -31.32 0.20
N GLU IA 341 132.44 -30.60 0.07
CA GLU IA 341 133.73 -31.22 -0.17
C GLU IA 341 134.66 -30.94 0.99
N ALA IA 342 135.75 -31.68 1.03
CA ALA IA 342 136.77 -31.52 2.05
C ALA IA 342 138.08 -31.01 1.51
N THR IA 343 138.28 -31.01 0.20
CA THR IA 343 139.51 -30.54 -0.39
C THR IA 343 139.18 -29.59 -1.53
N ALA IA 344 140.05 -28.61 -1.73
CA ALA IA 344 139.82 -27.58 -2.74
C ALA IA 344 141.14 -27.29 -3.45
N LYS IA 345 141.03 -26.85 -4.70
CA LYS IA 345 142.20 -26.50 -5.50
C LYS IA 345 142.35 -24.99 -5.53
N VAL IA 346 143.45 -24.49 -4.97
CA VAL IA 346 143.73 -23.07 -4.97
C VAL IA 346 144.60 -22.73 -6.17
N LYS IA 347 144.25 -21.64 -6.86
CA LYS IA 347 145.00 -21.15 -8.00
C LYS IA 347 145.30 -19.67 -7.78
N THR IA 348 146.30 -19.16 -8.50
CA THR IA 348 146.77 -17.82 -8.26
C THR IA 348 145.73 -16.75 -8.60
N ALA IA 349 144.66 -17.11 -9.31
CA ALA IA 349 143.60 -16.15 -9.58
C ALA IA 349 142.97 -15.66 -8.29
N GLY IA 350 142.82 -16.54 -7.31
CA GLY IA 350 142.44 -16.14 -5.97
C GLY IA 350 140.98 -16.28 -5.61
N LYS IA 351 140.17 -16.98 -6.41
CA LYS IA 351 138.76 -17.15 -6.11
C LYS IA 351 138.42 -18.62 -6.13
N VAL IA 352 137.71 -19.09 -5.10
CA VAL IA 352 137.16 -20.45 -5.10
C VAL IA 352 135.72 -20.39 -4.66
N THR IA 353 134.97 -21.44 -4.97
CA THR IA 353 133.57 -21.55 -4.58
C THR IA 353 133.31 -22.90 -3.92
N LEU IA 354 132.34 -22.92 -3.03
CA LEU IA 354 131.97 -24.11 -2.28
C LEU IA 354 130.46 -24.18 -2.16
N HIS IA 355 129.96 -25.36 -1.85
CA HIS IA 355 128.53 -25.56 -1.65
C HIS IA 355 128.31 -26.03 -0.21
N PHE IA 356 127.28 -25.51 0.42
CA PHE IA 356 126.98 -25.88 1.79
C PHE IA 356 125.48 -26.06 1.94
N SER IA 357 125.10 -26.73 3.03
CA SER IA 357 123.69 -26.93 3.36
C SER IA 357 123.46 -26.56 4.82
N THR IA 358 122.33 -25.91 5.07
CA THR IA 358 121.94 -25.51 6.42
C THR IA 358 120.42 -25.51 6.50
N ALA IA 359 119.92 -25.27 7.71
CA ALA IA 359 118.48 -25.29 7.93
C ALA IA 359 118.01 -24.15 8.83
N SER IA 360 118.78 -23.06 8.92
CA SER IA 360 118.39 -21.91 9.71
C SER IA 360 118.20 -20.70 8.81
N ALA IA 361 117.28 -19.82 9.20
CA ALA IA 361 117.03 -18.64 8.38
C ALA IA 361 118.26 -17.75 8.29
N SER IA 362 119.03 -17.66 9.38
CA SER IA 362 120.21 -16.81 9.44
C SER IA 362 121.40 -17.62 9.93
N PRO IA 363 122.09 -18.32 9.04
CA PRO IA 363 123.28 -19.05 9.44
C PRO IA 363 124.45 -18.11 9.70
N SER IA 364 125.42 -18.62 10.46
CA SER IA 364 126.61 -17.84 10.77
C SER IA 364 127.69 -18.81 11.23
N PHE IA 365 128.81 -18.86 10.53
CA PHE IA 365 129.80 -19.88 10.82
C PHE IA 365 131.18 -19.45 10.32
N VAL IA 366 132.19 -20.13 10.83
CA VAL IA 366 133.58 -19.83 10.51
C VAL IA 366 134.12 -20.94 9.60
N VAL IA 367 134.57 -20.56 8.42
CA VAL IA 367 135.13 -21.52 7.48
C VAL IA 367 136.63 -21.30 7.40
N SER IA 368 137.36 -22.41 7.28
CA SER IA 368 138.82 -22.38 7.24
C SER IA 368 139.31 -23.03 5.97
N LEU IA 369 140.26 -22.38 5.32
CA LEU IA 369 140.89 -22.86 4.10
C LEU IA 369 142.38 -22.97 4.37
N CYS IA 370 142.93 -24.18 4.23
CA CYS IA 370 144.28 -24.47 4.70
C CYS IA 370 144.46 -23.95 6.12
N SER IA 371 145.36 -22.99 6.30
CA SER IA 371 145.66 -22.49 7.64
C SER IA 371 144.97 -21.18 7.96
N ALA IA 372 144.10 -20.69 7.08
CA ALA IA 372 143.45 -19.40 7.27
C ALA IA 372 142.13 -19.58 8.00
N ARG IA 373 141.36 -18.49 8.06
CA ARG IA 373 140.11 -18.49 8.81
C ARG IA 373 139.28 -17.30 8.38
N ALA IA 374 137.96 -17.48 8.31
CA ALA IA 374 137.12 -16.32 8.03
C ALA IA 374 135.71 -16.59 8.51
N THR IA 375 134.93 -15.51 8.61
CA THR IA 375 133.58 -15.55 9.13
C THR IA 375 132.60 -15.36 7.98
N CYS IA 376 131.55 -16.16 7.96
CA CYS IA 376 130.51 -16.09 6.93
C CYS IA 376 129.17 -15.93 7.60
N SER IA 377 128.34 -15.05 7.06
CA SER IA 377 126.96 -14.90 7.47
C SER IA 377 126.11 -14.71 6.24
N ALA IA 378 124.83 -15.09 6.33
CA ALA IA 378 123.98 -15.08 5.17
C ALA IA 378 122.52 -15.00 5.59
N SER IA 379 121.66 -14.71 4.62
CA SER IA 379 120.22 -14.76 4.78
C SER IA 379 119.67 -15.83 3.85
N CYS IA 380 118.73 -16.63 4.34
CA CYS IA 380 118.22 -17.76 3.57
C CYS IA 380 116.70 -17.68 3.46
N GLU IA 381 116.17 -18.14 2.34
CA GLU IA 381 114.77 -18.12 1.96
C GLU IA 381 114.19 -19.53 1.91
N PRO IA 382 112.91 -19.71 2.22
CA PRO IA 382 112.33 -21.04 2.30
C PRO IA 382 112.28 -21.70 0.93
N PRO IA 383 112.35 -23.01 0.85
CA PRO IA 383 112.13 -23.70 -0.41
C PRO IA 383 110.65 -23.93 -0.67
N LYS IA 384 110.34 -24.07 -1.97
CA LYS IA 384 108.95 -24.15 -2.41
C LYS IA 384 108.46 -25.59 -2.56
N ASP IA 385 109.36 -26.55 -2.64
CA ASP IA 385 108.97 -27.93 -2.84
C ASP IA 385 108.55 -28.58 -1.52
N HIS IA 386 107.46 -29.34 -1.56
CA HIS IA 386 106.89 -29.84 -0.31
C HIS IA 386 107.51 -31.15 0.16
N ILE IA 387 107.71 -32.12 -0.72
CA ILE IA 387 108.21 -33.43 -0.34
C ILE IA 387 109.32 -33.86 -1.29
N VAL IA 388 110.38 -34.46 -0.74
CA VAL IA 388 111.49 -34.94 -1.55
C VAL IA 388 111.79 -36.38 -1.16
N PRO IA 389 112.36 -37.16 -2.07
CA PRO IA 389 112.70 -38.56 -1.77
C PRO IA 389 114.12 -38.81 -1.24
N TYR IA 390 114.87 -37.79 -0.84
CA TYR IA 390 116.17 -38.00 -0.25
C TYR IA 390 116.22 -37.39 1.14
N ALA IA 391 116.98 -38.03 2.03
CA ALA IA 391 117.06 -37.58 3.41
C ALA IA 391 117.80 -36.26 3.52
N ALA IA 392 117.52 -35.53 4.60
CA ALA IA 392 118.15 -34.24 4.81
C ALA IA 392 119.63 -34.41 5.11
N SER IA 393 120.45 -33.47 4.62
CA SER IA 393 121.89 -33.53 4.82
C SER IA 393 122.42 -32.42 5.72
N HIS IA 394 121.57 -31.78 6.50
CA HIS IA 394 122.02 -30.84 7.51
C HIS IA 394 121.90 -31.47 8.89
N SER IA 395 122.46 -30.81 9.88
CA SER IA 395 122.39 -31.30 11.25
C SER IA 395 121.08 -30.94 11.93
N ASN IA 396 120.19 -30.25 11.23
CA ASN IA 396 118.86 -29.90 11.72
C ASN IA 396 118.95 -29.06 12.99
N VAL IA 397 119.58 -27.90 12.85
CA VAL IA 397 119.61 -26.87 13.88
C VAL IA 397 118.92 -25.63 13.32
N VAL IA 398 118.07 -25.01 14.13
CA VAL IA 398 117.14 -24.00 13.63
C VAL IA 398 117.36 -22.62 14.22
N PHE IA 399 117.89 -22.51 15.43
CA PHE IA 399 117.97 -21.22 16.10
C PHE IA 399 118.88 -20.26 15.33
N PRO IA 400 118.39 -19.08 14.95
CA PRO IA 400 119.21 -18.17 14.15
C PRO IA 400 120.32 -17.54 14.97
N ASP IA 401 121.26 -16.94 14.26
CA ASP IA 401 122.32 -16.19 14.92
C ASP IA 401 121.76 -14.94 15.57
N MET IA 402 122.48 -14.42 16.56
CA MET IA 402 122.04 -13.22 17.27
C MET IA 402 122.00 -11.99 16.37
N SER IA 403 122.73 -11.98 15.26
CA SER IA 403 122.75 -10.85 14.34
C SER IA 403 121.70 -10.96 13.24
N GLY IA 404 120.86 -11.98 13.29
CA GLY IA 404 119.82 -12.14 12.29
C GLY IA 404 118.76 -11.06 12.41
N THR IA 405 117.89 -11.01 11.40
CA THR IA 405 116.91 -9.94 11.34
C THR IA 405 115.95 -9.96 12.52
N ALA IA 406 115.36 -11.13 12.81
CA ALA IA 406 114.39 -11.21 13.88
C ALA IA 406 115.02 -10.89 15.22
N LEU IA 407 116.19 -11.47 15.50
CA LEU IA 407 116.84 -11.17 16.77
C LEU IA 407 117.32 -9.73 16.83
N SER IA 408 117.72 -9.14 15.69
CA SER IA 408 118.08 -7.73 15.70
C SER IA 408 116.90 -6.86 16.08
N TRP IA 409 115.72 -7.16 15.53
CA TRP IA 409 114.54 -6.39 15.90
C TRP IA 409 114.20 -6.56 17.38
N VAL IA 410 114.27 -7.79 17.88
CA VAL IA 410 114.01 -8.02 19.30
C VAL IA 410 115.00 -7.25 20.16
N GLN IA 411 116.27 -7.26 19.77
CA GLN IA 411 117.30 -6.61 20.55
C GLN IA 411 117.10 -5.09 20.56
N LYS IA 412 116.71 -4.52 19.42
CA LYS IA 412 116.41 -3.09 19.39
C LYS IA 412 115.22 -2.72 20.27
N ILE IA 413 114.15 -3.52 20.21
CA ILE IA 413 112.98 -3.22 21.05
C ILE IA 413 113.35 -3.29 22.53
N SER IA 414 114.10 -4.32 22.90
CA SER IA 414 114.51 -4.46 24.29
C SER IA 414 115.39 -3.31 24.72
N GLY IA 415 116.29 -2.87 23.84
CA GLY IA 415 117.12 -1.72 24.17
C GLY IA 415 116.32 -0.47 24.40
N GLY IA 416 115.33 -0.21 23.55
CA GLY IA 416 114.49 0.97 23.76
C GLY IA 416 113.74 0.92 25.08
N LEU IA 417 113.11 -0.22 25.37
CA LEU IA 417 112.37 -0.34 26.62
C LEU IA 417 113.30 -0.19 27.82
N GLY IA 418 114.48 -0.81 27.77
CA GLY IA 418 115.41 -0.71 28.87
C GLY IA 418 115.92 0.71 29.09
N ALA IA 419 116.20 1.42 28.01
CA ALA IA 419 116.64 2.81 28.16
C ALA IA 419 115.57 3.66 28.80
N PHE IA 420 114.31 3.48 28.39
CA PHE IA 420 113.22 4.24 29.00
C PHE IA 420 113.10 3.90 30.49
N ALA IA 421 113.19 2.62 30.83
CA ALA IA 421 113.08 2.24 32.23
C ALA IA 421 114.21 2.83 33.06
N ILE IA 422 115.43 2.82 32.52
CA ILE IA 422 116.56 3.38 33.27
C ILE IA 422 116.39 4.87 33.45
N GLY IA 423 115.85 5.56 32.45
CA GLY IA 423 115.56 6.97 32.62
C GLY IA 423 114.60 7.22 33.76
N ALA IA 424 113.55 6.40 33.86
CA ALA IA 424 112.60 6.57 34.97
C ALA IA 424 113.27 6.26 36.31
N ILE IA 425 114.13 5.24 36.35
CA ILE IA 425 114.92 4.96 37.55
C ILE IA 425 115.70 6.19 37.97
N LEU IA 426 116.38 6.83 37.01
CA LEU IA 426 117.17 8.01 37.36
C LEU IA 426 116.29 9.13 37.89
N VAL IA 427 115.12 9.32 37.29
CA VAL IA 427 114.23 10.36 37.80
C VAL IA 427 113.87 10.10 39.26
N LEU IA 428 113.46 8.87 39.58
CA LEU IA 428 113.05 8.59 40.96
C LEU IA 428 114.22 8.74 41.93
N VAL IA 429 115.39 8.22 41.57
CA VAL IA 429 116.53 8.33 42.46
C VAL IA 429 116.90 9.78 42.69
N VAL IA 430 116.89 10.60 41.63
CA VAL IA 430 117.25 11.99 41.77
C VAL IA 430 116.28 12.72 42.69
N VAL IA 431 114.98 12.48 42.52
CA VAL IA 431 114.01 13.17 43.36
C VAL IA 431 114.18 12.77 44.81
N THR IA 432 114.31 11.47 45.09
CA THR IA 432 114.45 11.04 46.47
C THR IA 432 115.75 11.53 47.09
N CYS IA 433 116.84 11.55 46.33
CA CYS IA 433 118.09 12.07 46.86
C CYS IA 433 118.03 13.57 47.11
N ILE IA 434 117.27 14.31 46.30
CA ILE IA 434 117.04 15.71 46.63
C ILE IA 434 116.27 15.81 47.95
N GLY IA 435 115.27 14.95 48.13
CA GLY IA 435 114.56 14.94 49.40
C GLY IA 435 115.45 14.64 50.59
N LEU IA 436 116.43 13.74 50.40
CA LEU IA 436 117.30 13.34 51.51
C LEU IA 436 118.39 14.35 51.80
N ARG IA 437 119.00 14.92 50.74
CA ARG IA 437 120.01 15.96 50.92
C ARG IA 437 119.50 17.13 51.74
N ARG IA 438 118.24 17.52 51.55
CA ARG IA 438 117.61 18.53 52.38
C ARG IA 438 117.49 18.02 53.81
N TYR JA 1 40.92 -5.40 -30.00
CA TYR JA 1 40.92 -4.97 -28.60
C TYR JA 1 42.05 -5.65 -27.84
N GLU JA 2 42.85 -4.86 -27.14
CA GLU JA 2 44.02 -5.41 -26.45
C GLU JA 2 43.70 -5.76 -25.02
N HIS JA 3 44.43 -6.74 -24.49
CA HIS JA 3 44.30 -7.12 -23.10
C HIS JA 3 45.59 -7.77 -22.63
N SER JA 4 45.81 -7.73 -21.31
CA SER JA 4 46.99 -8.31 -20.71
C SER JA 4 46.59 -9.09 -19.47
N THR JA 5 47.32 -10.18 -19.21
CA THR JA 5 47.00 -11.06 -18.11
C THR JA 5 48.29 -11.79 -17.71
N VAL JA 6 48.29 -12.39 -16.52
CA VAL JA 6 49.42 -13.18 -16.06
C VAL JA 6 48.89 -14.51 -15.54
N MET JA 7 49.45 -15.62 -16.02
CA MET JA 7 48.99 -16.92 -15.58
C MET JA 7 50.13 -17.72 -14.97
N PRO JA 8 49.87 -18.53 -13.95
CA PRO JA 8 50.94 -19.32 -13.35
C PRO JA 8 51.47 -20.35 -14.33
N ASN JA 9 52.77 -20.61 -14.27
CA ASN JA 9 53.37 -21.61 -15.15
C ASN JA 9 53.29 -22.99 -14.52
N VAL JA 10 52.08 -23.35 -14.11
CA VAL JA 10 51.82 -24.63 -13.48
C VAL JA 10 51.05 -25.49 -14.45
N VAL JA 11 51.65 -26.58 -14.88
CA VAL JA 11 51.06 -27.45 -15.89
C VAL JA 11 49.80 -28.09 -15.33
N GLY JA 12 48.69 -27.97 -16.05
CA GLY JA 12 47.44 -28.56 -15.64
C GLY JA 12 46.53 -27.66 -14.85
N PHE JA 13 46.99 -26.49 -14.43
CA PHE JA 13 46.13 -25.57 -13.71
C PHE JA 13 45.17 -24.90 -14.70
N PRO JA 14 43.87 -25.01 -14.50
CA PRO JA 14 42.89 -24.53 -15.49
C PRO JA 14 42.59 -23.03 -15.38
N TYR JA 15 43.49 -22.20 -15.92
CA TYR JA 15 43.34 -20.77 -15.73
C TYR JA 15 42.20 -20.25 -16.57
N LYS JA 16 41.49 -19.25 -16.06
CA LYS JA 16 40.38 -18.65 -16.79
C LYS JA 16 40.44 -17.14 -16.66
N ALA JA 17 40.41 -16.46 -17.80
CA ALA JA 17 40.60 -15.02 -17.87
C ALA JA 17 39.32 -14.34 -18.28
N HIS JA 18 39.04 -13.20 -17.65
CA HIS JA 18 37.76 -12.50 -17.77
C HIS JA 18 37.96 -11.19 -18.51
N ILE JA 19 37.20 -10.99 -19.58
CA ILE JA 19 37.36 -9.82 -20.44
C ILE JA 19 36.09 -8.98 -20.33
N GLU JA 20 36.27 -7.69 -20.02
CA GLU JA 20 35.18 -6.78 -19.71
C GLU JA 20 35.28 -5.55 -20.63
N ARG JA 21 34.57 -5.61 -21.75
CA ARG JA 21 34.49 -4.45 -22.64
C ARG JA 21 33.22 -3.67 -22.33
N PRO JA 22 33.31 -2.34 -22.14
CA PRO JA 22 32.11 -1.59 -21.75
C PRO JA 22 31.01 -1.61 -22.80
N GLY JA 23 31.36 -1.80 -24.06
CA GLY JA 23 30.37 -1.83 -25.11
C GLY JA 23 29.78 -3.19 -25.42
N TYR JA 24 30.16 -4.24 -24.70
CA TYR JA 24 29.68 -5.59 -24.96
C TYR JA 24 29.49 -6.33 -23.65
N SER JA 25 29.08 -7.59 -23.76
CA SER JA 25 28.93 -8.46 -22.60
C SER JA 25 30.30 -9.05 -22.21
N PRO JA 26 30.47 -9.41 -20.95
CA PRO JA 26 31.74 -10.01 -20.53
C PRO JA 26 31.97 -11.36 -21.21
N LEU JA 27 33.24 -11.71 -21.36
CA LEU JA 27 33.64 -12.97 -21.96
C LEU JA 27 34.63 -13.69 -21.05
N THR JA 28 34.72 -15.00 -21.19
CA THR JA 28 35.61 -15.80 -20.35
C THR JA 28 36.40 -16.78 -21.21
N LEU JA 29 37.68 -16.95 -20.88
CA LEU JA 29 38.61 -17.77 -21.63
C LEU JA 29 39.18 -18.84 -20.72
N GLN JA 30 39.36 -20.06 -21.24
CA GLN JA 30 40.13 -21.09 -20.56
C GLN JA 30 41.47 -21.25 -21.25
N MET JA 31 42.53 -21.27 -20.46
CA MET JA 31 43.86 -21.62 -20.91
C MET JA 31 44.43 -22.68 -19.98
N GLN JA 32 45.22 -23.58 -20.54
CA GLN JA 32 45.89 -24.61 -19.76
C GLN JA 32 47.17 -25.02 -20.47
N VAL JA 33 48.29 -24.90 -19.76
CA VAL JA 33 49.60 -25.19 -20.34
C VAL JA 33 49.83 -26.70 -20.28
N VAL JA 34 49.63 -27.37 -21.40
CA VAL JA 34 49.74 -28.83 -21.40
C VAL JA 34 51.20 -29.25 -21.25
N GLU JA 35 52.13 -28.54 -21.89
CA GLU JA 35 53.51 -28.97 -21.79
C GLU JA 35 54.46 -27.79 -21.87
N THR JA 36 55.64 -27.94 -21.26
CA THR JA 36 56.68 -26.93 -21.32
C THR JA 36 58.01 -27.61 -21.64
N SER JA 37 59.01 -26.82 -22.02
CA SER JA 37 60.30 -27.37 -22.38
C SER JA 37 61.36 -26.29 -22.24
N LEU JA 38 62.31 -26.48 -21.35
CA LEU JA 38 63.43 -25.57 -21.19
C LEU JA 38 64.64 -26.18 -21.89
N GLU JA 39 65.02 -25.63 -23.05
CA GLU JA 39 66.11 -26.19 -23.81
C GLU JA 39 67.32 -25.27 -23.73
N PRO JA 40 68.43 -25.70 -23.17
CA PRO JA 40 69.62 -24.86 -23.13
C PRO JA 40 70.33 -24.88 -24.49
N THR JA 41 71.40 -24.11 -24.58
CA THR JA 41 72.25 -24.08 -25.77
C THR JA 41 73.63 -24.62 -25.42
N LEU JA 42 74.15 -25.50 -26.27
CA LEU JA 42 75.30 -26.32 -25.91
C LEU JA 42 76.44 -26.13 -26.88
N ASN JA 43 77.66 -26.13 -26.35
CA ASN JA 43 78.89 -26.17 -27.13
C ASN JA 43 79.68 -27.40 -26.73
N LEU JA 44 79.96 -28.27 -27.69
CA LEU JA 44 80.68 -29.50 -27.39
C LEU JA 44 82.11 -29.16 -26.97
N GLU JA 45 82.53 -29.72 -25.84
CA GLU JA 45 83.91 -29.52 -25.38
C GLU JA 45 84.80 -30.69 -25.78
N TYR JA 46 84.47 -31.90 -25.35
CA TYR JA 46 85.17 -33.06 -25.86
C TYR JA 46 84.35 -34.31 -25.58
N ILE JA 47 84.93 -35.44 -25.96
CA ILE JA 47 84.30 -36.75 -25.90
C ILE JA 47 85.27 -37.70 -25.23
N THR JA 48 84.78 -38.52 -24.31
CA THR JA 48 85.62 -39.46 -23.60
C THR JA 48 85.08 -40.86 -23.78
N CYS JA 49 85.97 -41.84 -23.77
CA CYS JA 49 85.59 -43.23 -23.90
C CYS JA 49 86.74 -44.10 -23.41
N GLU JA 50 86.57 -45.41 -23.50
CA GLU JA 50 87.61 -46.33 -23.07
C GLU JA 50 88.82 -46.17 -23.96
N TYR JA 51 89.97 -46.63 -23.48
CA TYR JA 51 91.14 -46.68 -24.36
C TYR JA 51 91.52 -48.13 -24.62
N LYS JA 52 92.40 -48.31 -25.59
CA LYS JA 52 92.87 -49.65 -25.97
C LYS JA 52 94.35 -49.55 -26.25
N THR JA 53 95.17 -50.07 -25.34
CA THR JA 53 96.61 -50.05 -25.54
C THR JA 53 96.98 -50.98 -26.68
N VAL JA 54 97.94 -50.55 -27.50
CA VAL JA 54 98.46 -51.35 -28.59
C VAL JA 54 99.90 -51.68 -28.29
N VAL JA 55 100.28 -52.95 -28.41
CA VAL JA 55 101.67 -53.36 -28.24
C VAL JA 55 102.09 -54.15 -29.48
N PRO JA 56 102.80 -53.52 -30.40
CA PRO JA 56 103.33 -54.26 -31.55
C PRO JA 56 104.36 -55.27 -31.11
N SER JA 57 104.61 -56.23 -31.98
CA SER JA 57 105.50 -57.33 -31.65
C SER JA 57 106.90 -56.80 -31.40
N PRO JA 58 107.60 -57.28 -30.38
CA PRO JA 58 108.94 -56.77 -30.10
C PRO JA 58 109.93 -57.14 -31.20
N TYR JA 59 110.95 -56.31 -31.36
CA TYR JA 59 111.99 -56.54 -32.35
C TYR JA 59 113.27 -56.91 -31.61
N VAL JA 60 113.81 -58.08 -31.93
CA VAL JA 60 115.01 -58.58 -31.30
C VAL JA 60 116.14 -58.61 -32.32
N LYS JA 61 117.24 -57.93 -32.02
CA LYS JA 61 118.41 -57.90 -32.88
C LYS JA 61 119.42 -58.90 -32.35
N CYS JA 62 119.72 -59.91 -33.16
CA CYS JA 62 120.71 -60.92 -32.82
C CYS JA 62 122.07 -60.49 -33.31
N CYS JA 63 123.06 -60.50 -32.40
CA CYS JA 63 124.44 -60.15 -32.73
C CYS JA 63 124.50 -58.78 -33.39
N GLY JA 64 124.06 -57.79 -32.62
CA GLY JA 64 124.03 -56.43 -33.14
C GLY JA 64 123.59 -55.43 -32.09
N ALA JA 65 123.19 -54.25 -32.56
CA ALA JA 65 122.74 -53.20 -31.67
C ALA JA 65 121.65 -52.41 -32.39
N SER JA 66 120.62 -52.02 -31.64
CA SER JA 66 119.50 -51.28 -32.20
C SER JA 66 119.38 -49.94 -31.51
N GLU JA 67 118.93 -48.94 -32.25
CA GLU JA 67 118.83 -47.57 -31.76
C GLU JA 67 117.37 -47.17 -31.58
N CYS JA 68 117.10 -46.50 -30.47
CA CYS JA 68 115.75 -45.99 -30.22
C CYS JA 68 115.41 -44.88 -31.20
N SER JA 69 114.13 -44.77 -31.50
CA SER JA 69 113.63 -43.69 -32.34
C SER JA 69 112.27 -43.25 -31.82
N THR JA 70 111.91 -42.00 -32.10
CA THR JA 70 110.69 -41.40 -31.59
C THR JA 70 109.66 -41.26 -32.70
N LYS JA 71 108.39 -41.19 -32.31
CA LYS JA 71 107.30 -40.99 -33.24
C LYS JA 71 106.28 -40.06 -32.61
N GLU JA 72 105.30 -39.65 -33.41
CA GLU JA 72 104.23 -38.78 -32.92
C GLU JA 72 102.94 -39.59 -32.78
N LYS JA 73 102.80 -40.18 -31.61
CA LYS JA 73 101.60 -40.90 -31.22
C LYS JA 73 101.30 -40.60 -29.77
N PRO JA 74 100.05 -40.71 -29.33
CA PRO JA 74 99.74 -40.43 -27.92
C PRO JA 74 100.45 -41.41 -27.01
N ASP JA 75 101.15 -40.87 -26.01
CA ASP JA 75 101.81 -41.65 -24.97
C ASP JA 75 102.80 -42.66 -25.52
N TYR JA 76 103.33 -42.38 -26.71
CA TYR JA 76 104.27 -43.32 -27.30
C TYR JA 76 105.48 -43.52 -26.40
N GLN JA 77 105.81 -44.78 -26.16
CA GLN JA 77 106.94 -45.14 -25.33
C GLN JA 77 107.78 -46.17 -26.06
N CYS JA 78 109.09 -45.94 -26.09
CA CYS JA 78 109.99 -46.85 -26.79
C CYS JA 78 111.30 -46.93 -26.02
N LYS JA 79 111.78 -48.15 -25.79
CA LYS JA 79 113.02 -48.36 -25.07
C LYS JA 79 113.83 -49.46 -25.73
N VAL JA 80 115.10 -49.52 -25.39
CA VAL JA 80 115.99 -50.58 -25.86
C VAL JA 80 116.69 -51.18 -24.65
N TYR JA 81 116.80 -52.49 -24.64
CA TYR JA 81 117.45 -53.23 -23.56
C TYR JA 81 118.55 -54.11 -24.11
N THR JA 82 119.60 -54.28 -23.33
CA THR JA 82 120.78 -55.02 -23.73
C THR JA 82 120.99 -56.22 -22.82
N GLY JA 83 121.41 -57.33 -23.40
CA GLY JA 83 121.76 -58.52 -22.66
C GLY JA 83 120.71 -59.59 -22.57
N VAL JA 84 119.89 -59.76 -23.59
CA VAL JA 84 118.81 -60.74 -23.54
C VAL JA 84 119.18 -61.96 -24.35
N TYR JA 85 118.71 -63.11 -23.88
CA TYR JA 85 118.92 -64.39 -24.56
C TYR JA 85 117.58 -65.10 -24.69
N PRO JA 86 116.71 -64.62 -25.58
CA PRO JA 86 115.36 -65.16 -25.67
C PRO JA 86 115.35 -66.61 -26.11
N PHE JA 87 114.32 -67.33 -25.68
CA PHE JA 87 114.12 -68.73 -26.05
C PHE JA 87 112.85 -68.84 -26.87
N MET JA 88 112.80 -69.87 -27.71
CA MET JA 88 111.60 -70.25 -28.41
C MET JA 88 111.38 -71.75 -28.20
N TRP JA 89 110.22 -72.23 -28.67
CA TRP JA 89 109.87 -73.63 -28.41
C TRP JA 89 110.88 -74.57 -29.03
N GLY JA 90 111.38 -74.24 -30.21
CA GLY JA 90 112.34 -75.09 -30.88
C GLY JA 90 113.77 -74.87 -30.48
N GLY JA 91 114.03 -73.99 -29.53
CA GLY JA 91 115.40 -73.73 -29.13
C GLY JA 91 115.62 -72.27 -28.72
N ALA JA 92 116.84 -71.78 -28.90
CA ALA JA 92 117.18 -70.43 -28.52
C ALA JA 92 118.01 -69.81 -29.64
N TYR JA 93 117.44 -68.80 -30.31
CA TYR JA 93 118.19 -68.15 -31.38
C TYR JA 93 118.89 -66.91 -30.82
N CYS JA 94 119.38 -66.04 -31.71
CA CYS JA 94 120.37 -65.04 -31.34
C CYS JA 94 121.61 -65.72 -30.75
N PHE JA 95 122.32 -66.41 -31.64
CA PHE JA 95 123.35 -67.35 -31.23
C PHE JA 95 124.45 -66.69 -30.41
N CYS JA 96 124.60 -65.36 -30.53
CA CYS JA 96 125.50 -64.65 -29.64
C CYS JA 96 124.95 -64.68 -28.22
N ASP JA 97 125.82 -65.01 -27.26
CA ASP JA 97 125.34 -65.25 -25.90
C ASP JA 97 124.81 -63.98 -25.25
N SER JA 98 125.47 -62.85 -25.46
CA SER JA 98 125.08 -61.62 -24.77
C SER JA 98 124.98 -60.39 -25.66
N GLU JA 99 125.49 -60.42 -26.88
CA GLU JA 99 125.47 -59.25 -27.75
C GLU JA 99 124.16 -59.23 -28.55
N ASN JA 100 123.06 -59.18 -27.82
CA ASN JA 100 121.74 -59.15 -28.42
C ASN JA 100 120.94 -58.03 -27.77
N THR JA 101 120.02 -57.45 -28.52
CA THR JA 101 119.26 -56.31 -28.01
C THR JA 101 117.78 -56.49 -28.29
N GLN JA 102 116.95 -55.86 -27.48
CA GLN JA 102 115.51 -55.89 -27.67
C GLN JA 102 114.96 -54.47 -27.68
N LEU JA 103 114.01 -54.22 -28.58
CA LEU JA 103 113.38 -52.90 -28.68
C LEU JA 103 111.91 -53.03 -28.30
N SER JA 104 111.54 -52.41 -27.19
CA SER JA 104 110.15 -52.45 -26.73
C SER JA 104 109.43 -51.19 -27.17
N GLU JA 105 108.20 -51.36 -27.67
CA GLU JA 105 107.41 -50.28 -28.24
C GLU JA 105 105.99 -50.38 -27.75
N ALA JA 106 105.37 -49.24 -27.44
CA ALA JA 106 103.98 -49.25 -27.04
C ALA JA 106 103.39 -47.86 -27.21
N TYR JA 107 102.07 -47.79 -27.31
CA TYR JA 107 101.36 -46.51 -27.32
C TYR JA 107 99.91 -46.79 -26.98
N VAL JA 108 99.07 -45.76 -27.08
CA VAL JA 108 97.68 -45.84 -26.68
C VAL JA 108 96.81 -45.38 -27.83
N ASP JA 109 95.56 -45.83 -27.84
CA ASP JA 109 94.65 -45.49 -28.92
C ASP JA 109 93.22 -45.50 -28.42
N ARG JA 110 92.36 -44.77 -29.12
CA ARG JA 110 90.93 -44.80 -28.85
C ARG JA 110 90.37 -46.19 -29.11
N SER JA 111 89.35 -46.56 -28.35
CA SER JA 111 88.76 -47.89 -28.49
C SER JA 111 88.02 -48.00 -29.82
N ASP JA 112 87.72 -49.24 -30.19
CA ASP JA 112 87.00 -49.49 -31.43
C ASP JA 112 85.51 -49.18 -31.34
N VAL JA 113 84.98 -48.99 -30.14
CA VAL JA 113 83.55 -48.82 -29.92
C VAL JA 113 83.21 -47.39 -29.50
N CYS JA 114 84.23 -46.52 -29.47
CA CYS JA 114 84.04 -45.16 -28.97
C CYS JA 114 82.99 -44.41 -29.78
N ARG JA 115 82.72 -44.86 -30.99
CA ARG JA 115 81.67 -44.26 -31.79
C ARG JA 115 80.28 -44.57 -31.26
N HIS JA 116 80.12 -45.68 -30.54
CA HIS JA 116 78.82 -46.01 -29.96
C HIS JA 116 78.74 -45.68 -28.48
N ASP JA 117 79.83 -45.79 -27.73
CA ASP JA 117 79.80 -45.70 -26.27
C ASP JA 117 80.76 -44.63 -25.79
N HIS JA 118 80.25 -43.41 -25.60
CA HIS JA 118 81.09 -42.30 -25.22
C HIS JA 118 80.30 -41.31 -24.37
N ALA JA 119 81.03 -40.48 -23.64
CA ALA JA 119 80.46 -39.47 -22.77
C ALA JA 119 80.82 -38.10 -23.31
N SER JA 120 79.84 -37.20 -23.36
CA SER JA 120 80.02 -35.89 -23.95
C SER JA 120 80.18 -34.85 -22.87
N ALA JA 121 81.02 -33.85 -23.12
CA ALA JA 121 81.18 -32.73 -22.19
C ALA JA 121 80.67 -31.46 -22.86
N TYR JA 122 79.84 -30.70 -22.16
CA TYR JA 122 79.17 -29.55 -22.74
C TYR JA 122 79.24 -28.37 -21.79
N LYS JA 123 79.08 -27.18 -22.36
CA LYS JA 123 78.85 -25.96 -21.61
C LYS JA 123 77.46 -25.44 -21.96
N ALA JA 124 76.63 -25.21 -20.97
CA ALA JA 124 75.23 -24.85 -21.18
C ALA JA 124 74.99 -23.43 -20.70
N HIS JA 125 74.23 -22.67 -21.48
CA HIS JA 125 73.96 -21.28 -21.16
C HIS JA 125 72.78 -20.77 -21.95
N THR JA 126 72.12 -19.74 -21.39
CA THR JA 126 71.04 -18.98 -22.03
C THR JA 126 69.94 -19.89 -22.58
N ALA JA 127 69.28 -20.57 -21.64
CA ALA JA 127 68.23 -21.49 -22.02
C ALA JA 127 67.04 -20.75 -22.62
N SER JA 128 66.38 -21.41 -23.59
CA SER JA 128 65.20 -20.87 -24.25
C SER JA 128 64.01 -21.74 -23.90
N LEU JA 129 62.85 -21.12 -23.74
CA LEU JA 129 61.67 -21.85 -23.32
C LEU JA 129 60.71 -22.04 -24.49
N LYS JA 130 60.06 -23.20 -24.52
CA LYS JA 130 59.03 -23.53 -25.49
C LYS JA 130 57.84 -24.08 -24.74
N ALA JA 131 56.64 -23.87 -25.25
CA ALA JA 131 55.45 -24.30 -24.54
C ALA JA 131 54.41 -24.81 -25.52
N LYS JA 132 53.48 -25.59 -24.99
CA LYS JA 132 52.33 -26.06 -25.74
C LYS JA 132 51.10 -25.88 -24.87
N VAL JA 133 50.19 -25.01 -25.30
CA VAL JA 133 49.09 -24.54 -24.47
C VAL JA 133 47.78 -24.71 -25.21
N ARG JA 134 46.72 -25.03 -24.47
CA ARG JA 134 45.40 -25.26 -25.02
C ARG JA 134 44.48 -24.15 -24.58
N VAL JA 135 43.73 -23.58 -25.52
CA VAL JA 135 42.83 -22.47 -25.28
C VAL JA 135 41.45 -22.86 -25.76
N MET JA 136 40.43 -22.43 -25.01
CA MET JA 136 39.04 -22.68 -25.39
C MET JA 136 38.15 -21.56 -24.91
N TYR JA 137 37.17 -21.22 -25.75
CA TYR JA 137 36.17 -20.19 -25.51
C TYR JA 137 35.20 -20.20 -26.68
N GLY JA 138 34.00 -19.67 -26.45
CA GLY JA 138 33.03 -19.60 -27.51
C GLY JA 138 32.72 -20.96 -28.09
N ASN JA 139 33.23 -21.23 -29.29
CA ASN JA 139 33.08 -22.52 -29.95
C ASN JA 139 34.39 -22.99 -30.57
N VAL JA 140 35.52 -22.67 -29.93
CA VAL JA 140 36.84 -23.04 -30.44
C VAL JA 140 37.56 -23.82 -29.36
N ASN JA 141 38.16 -24.93 -29.76
CA ASN JA 141 38.98 -25.79 -28.93
C ASN JA 141 40.30 -26.04 -29.61
N GLN JA 142 41.39 -25.52 -29.05
CA GLN JA 142 42.58 -25.70 -29.86
C GLN JA 142 43.81 -25.78 -28.98
N THR JA 143 44.87 -26.37 -29.53
CA THR JA 143 46.15 -26.55 -28.85
C THR JA 143 47.25 -26.06 -29.77
N VAL JA 144 48.02 -25.08 -29.30
CA VAL JA 144 49.06 -24.48 -30.11
C VAL JA 144 50.36 -24.47 -29.34
N ASP JA 145 51.45 -24.69 -30.05
CA ASP JA 145 52.79 -24.68 -29.48
C ASP JA 145 53.53 -23.42 -29.90
N VAL JA 146 54.04 -22.69 -28.92
CA VAL JA 146 54.60 -21.37 -29.14
C VAL JA 146 55.89 -21.25 -28.35
N TYR JA 147 56.76 -20.33 -28.80
CA TYR JA 147 57.95 -19.94 -28.06
C TYR JA 147 57.58 -18.84 -27.09
N VAL JA 148 57.87 -19.05 -25.81
CA VAL JA 148 57.49 -18.06 -24.81
C VAL JA 148 58.56 -16.99 -24.77
N ASN JA 149 58.34 -15.91 -25.51
CA ASN JA 149 59.16 -14.72 -25.50
C ASN JA 149 58.44 -13.67 -26.32
N GLY JA 150 58.51 -12.42 -25.89
CA GLY JA 150 57.62 -11.41 -26.43
C GLY JA 150 57.91 -11.00 -27.86
N ASP JA 151 58.11 -11.98 -28.75
CA ASP JA 151 58.23 -11.66 -30.16
C ASP JA 151 57.57 -12.69 -31.07
N HIS JA 152 56.91 -13.71 -30.55
CA HIS JA 152 56.31 -14.75 -31.38
C HIS JA 152 54.80 -14.57 -31.33
N ALA JA 153 54.16 -14.61 -32.50
CA ALA JA 153 52.74 -14.37 -32.62
C ALA JA 153 52.06 -15.58 -33.22
N VAL JA 154 50.95 -16.00 -32.62
CA VAL JA 154 50.16 -17.13 -33.09
C VAL JA 154 48.70 -16.72 -33.09
N THR JA 155 47.94 -17.22 -34.06
CA THR JA 155 46.54 -16.85 -34.24
C THR JA 155 45.63 -18.04 -34.00
N ILE JA 156 44.56 -17.78 -33.25
CA ILE JA 156 43.56 -18.81 -32.91
C ILE JA 156 42.18 -18.24 -33.12
N GLY JA 157 41.54 -18.58 -34.24
CA GLY JA 157 40.22 -18.06 -34.52
C GLY JA 157 40.16 -16.56 -34.65
N GLY JA 158 41.09 -15.98 -35.40
CA GLY JA 158 41.09 -14.54 -35.65
C GLY JA 158 41.66 -13.69 -34.53
N THR JA 159 42.25 -14.31 -33.51
CA THR JA 159 42.75 -13.61 -32.34
C THR JA 159 44.27 -13.73 -32.28
N GLN JA 160 44.94 -12.65 -31.89
CA GLN JA 160 46.39 -12.63 -31.76
C GLN JA 160 46.77 -12.90 -30.31
N PHE JA 161 47.72 -13.82 -30.10
CA PHE JA 161 48.21 -14.17 -28.77
C PHE JA 161 49.72 -13.94 -28.72
N ILE JA 162 50.19 -13.36 -27.62
CA ILE JA 162 51.61 -13.09 -27.42
C ILE JA 162 51.96 -13.58 -26.02
N PHE JA 163 52.93 -14.47 -25.92
CA PHE JA 163 53.36 -14.98 -24.62
C PHE JA 163 54.72 -14.35 -24.29
N GLY JA 164 54.71 -13.39 -23.38
CA GLY JA 164 55.89 -12.62 -23.07
C GLY JA 164 56.94 -13.45 -22.36
N PRO JA 165 58.08 -12.84 -22.07
CA PRO JA 165 59.17 -13.59 -21.45
C PRO JA 165 58.78 -14.10 -20.07
N LEU JA 166 59.38 -15.22 -19.68
CA LEU JA 166 59.09 -15.80 -18.38
C LEU JA 166 59.48 -14.82 -17.28
N SER JA 167 58.72 -14.85 -16.19
CA SER JA 167 58.95 -13.92 -15.10
C SER JA 167 60.32 -14.13 -14.47
N SER JA 168 60.73 -15.37 -14.29
CA SER JA 168 61.97 -15.69 -13.61
C SER JA 168 62.94 -16.37 -14.58
N ALA JA 169 64.23 -16.13 -14.37
CA ALA JA 169 65.28 -16.63 -15.25
C ALA JA 169 66.06 -17.77 -14.62
N TRP JA 170 65.39 -18.67 -13.91
CA TRP JA 170 66.03 -19.78 -13.23
C TRP JA 170 66.15 -20.98 -14.16
N THR JA 171 67.31 -21.63 -14.16
CA THR JA 171 67.52 -22.85 -14.91
C THR JA 171 68.21 -23.89 -14.05
N PRO JA 172 67.87 -25.17 -14.23
CA PRO JA 172 68.50 -26.21 -13.41
C PRO JA 172 69.83 -26.71 -13.94
N PHE JA 173 70.18 -26.44 -15.19
CA PHE JA 173 71.46 -26.89 -15.71
C PHE JA 173 72.55 -25.91 -15.32
N ASP JA 174 73.57 -26.41 -14.64
CA ASP JA 174 74.64 -25.54 -14.18
C ASP JA 174 75.51 -25.19 -15.38
N ASN JA 175 76.64 -24.52 -15.15
CA ASN JA 175 77.41 -23.97 -16.27
C ASN JA 175 78.13 -25.05 -17.06
N LYS JA 176 78.44 -26.19 -16.45
CA LYS JA 176 79.12 -27.28 -17.13
C LYS JA 176 78.29 -28.55 -16.99
N ILE JA 177 78.28 -29.37 -18.03
CA ILE JA 177 77.40 -30.51 -18.12
C ILE JA 177 78.19 -31.69 -18.66
N VAL JA 178 77.90 -32.89 -18.16
CA VAL JA 178 78.40 -34.12 -18.76
C VAL JA 178 77.18 -34.98 -19.08
N VAL JA 179 77.09 -35.45 -20.32
CA VAL JA 179 75.95 -36.23 -20.77
C VAL JA 179 76.43 -37.63 -21.13
N TYR JA 180 75.78 -38.64 -20.56
CA TYR JA 180 76.09 -40.03 -20.85
C TYR JA 180 74.80 -40.76 -21.16
N LYS JA 181 74.64 -41.18 -22.41
CA LYS JA 181 73.48 -41.93 -22.83
C LYS JA 181 72.20 -41.16 -22.57
N ASP JA 182 71.56 -41.42 -21.43
CA ASP JA 182 70.24 -40.87 -21.15
C ASP JA 182 70.22 -40.14 -19.82
N GLU JA 183 71.37 -39.62 -19.38
CA GLU JA 183 71.47 -39.01 -18.07
C GLU JA 183 72.27 -37.72 -18.16
N VAL JA 184 72.01 -36.79 -17.24
CA VAL JA 184 72.68 -35.49 -17.22
C VAL JA 184 73.30 -35.31 -15.85
N PHE JA 185 74.55 -34.86 -15.82
CA PHE JA 185 75.29 -34.70 -14.57
C PHE JA 185 75.78 -33.27 -14.47
N ASN JA 186 75.94 -32.79 -13.24
CA ASN JA 186 76.48 -31.45 -12.99
C ASN JA 186 77.89 -31.58 -12.47
N GLN JA 187 78.84 -31.78 -13.38
CA GLN JA 187 80.23 -31.95 -12.98
C GLN JA 187 81.08 -30.81 -13.49
N ASP JA 188 82.31 -30.79 -13.01
CA ASP JA 188 83.31 -29.81 -13.42
C ASP JA 188 84.46 -30.58 -14.07
N PHE JA 189 84.32 -30.87 -15.35
CA PHE JA 189 85.34 -31.69 -16.00
C PHE JA 189 86.63 -30.90 -16.18
N PRO JA 190 87.77 -31.58 -16.24
CA PRO JA 190 89.03 -30.89 -16.43
C PRO JA 190 89.11 -30.28 -17.82
N PRO JA 191 89.91 -29.25 -18.01
CA PRO JA 191 90.01 -28.61 -19.32
C PRO JA 191 90.68 -29.52 -20.32
N TYR JA 192 90.38 -29.30 -21.60
CA TYR JA 192 91.00 -30.08 -22.65
C TYR JA 192 92.50 -30.00 -22.54
N GLY JA 193 93.17 -31.13 -22.70
CA GLY JA 193 94.62 -31.16 -22.62
C GLY JA 193 95.17 -31.28 -21.22
N SER JA 194 94.34 -31.47 -20.21
CA SER JA 194 94.81 -31.54 -18.83
C SER JA 194 94.17 -32.68 -18.10
N GLY JA 195 94.06 -33.84 -18.73
CA GLY JA 195 93.48 -34.98 -18.06
C GLY JA 195 94.46 -35.64 -17.12
N GLN JA 196 93.95 -36.11 -16.00
CA GLN JA 196 94.83 -36.77 -15.07
C GLN JA 196 94.55 -38.27 -15.07
N PRO JA 197 95.58 -39.09 -14.94
CA PRO JA 197 95.39 -40.54 -15.10
C PRO JA 197 94.44 -41.11 -14.07
N GLY JA 198 93.60 -42.04 -14.52
CA GLY JA 198 92.74 -42.79 -13.64
C GLY JA 198 91.44 -42.12 -13.29
N ARG JA 199 91.23 -40.88 -13.65
CA ARG JA 199 89.97 -40.22 -13.34
C ARG JA 199 89.26 -39.87 -14.64
N PHE JA 200 88.18 -39.11 -14.57
CA PHE JA 200 87.43 -38.81 -15.78
C PHE JA 200 88.30 -38.04 -16.76
N GLY JA 201 88.18 -38.40 -18.03
CA GLY JA 201 88.95 -37.73 -19.06
C GLY JA 201 90.44 -38.00 -19.05
N ASP JA 202 90.87 -39.25 -18.90
CA ASP JA 202 92.28 -39.55 -19.11
C ASP JA 202 92.63 -39.52 -20.59
N ILE JA 203 91.68 -39.82 -21.46
CA ILE JA 203 91.83 -39.58 -22.89
C ILE JA 203 90.71 -38.65 -23.33
N GLN JA 204 91.05 -37.71 -24.21
CA GLN JA 204 90.09 -36.76 -24.72
C GLN JA 204 90.27 -36.61 -26.22
N SER JA 205 89.16 -36.43 -26.92
CA SER JA 205 89.17 -36.16 -28.33
C SER JA 205 88.21 -35.02 -28.62
N ARG JA 206 88.57 -34.16 -29.57
CA ARG JA 206 87.78 -32.95 -29.79
C ARG JA 206 86.36 -33.28 -30.20
N THR JA 207 86.19 -34.30 -31.03
CA THR JA 207 84.87 -34.79 -31.39
C THR JA 207 84.97 -36.26 -31.77
N VAL JA 208 83.86 -36.82 -32.22
CA VAL JA 208 83.77 -38.27 -32.38
C VAL JA 208 84.77 -38.79 -33.42
N GLU JA 209 84.86 -38.12 -34.56
CA GLU JA 209 85.69 -38.60 -35.65
C GLU JA 209 86.97 -37.79 -35.85
N SER JA 210 87.30 -36.89 -34.94
CA SER JA 210 88.47 -36.04 -35.14
C SER JA 210 89.75 -36.86 -35.06
N ASN JA 211 90.80 -36.37 -35.73
CA ASN JA 211 92.03 -37.13 -35.84
C ASN JA 211 92.86 -37.11 -34.56
N ASP JA 212 92.95 -35.96 -33.90
CA ASP JA 212 93.87 -35.85 -32.77
C ASP JA 212 93.32 -36.56 -31.55
N LEU JA 213 94.22 -36.79 -30.58
CA LEU JA 213 93.86 -37.49 -29.35
C LEU JA 213 94.82 -37.05 -28.26
N TYR JA 214 94.29 -36.69 -27.10
CA TYR JA 214 95.11 -36.33 -25.96
C TYR JA 214 94.93 -37.40 -24.89
N ALA JA 215 95.94 -38.23 -24.69
CA ALA JA 215 95.86 -39.32 -23.73
C ALA JA 215 96.98 -39.18 -22.73
N ASN JA 216 96.67 -39.48 -21.46
CA ASN JA 216 97.67 -39.43 -20.39
C ASN JA 216 97.31 -40.49 -19.36
N THR JA 217 97.94 -41.66 -19.46
CA THR JA 217 97.68 -42.76 -18.55
C THR JA 217 98.94 -43.35 -17.95
N ALA JA 218 100.10 -42.76 -18.22
CA ALA JA 218 101.35 -43.12 -17.57
C ALA JA 218 101.72 -44.59 -17.81
N LEU JA 219 101.93 -44.92 -19.07
CA LEU JA 219 102.50 -46.20 -19.43
C LEU JA 219 103.96 -46.24 -18.98
N LYS JA 220 104.40 -47.38 -18.47
CA LYS JA 220 105.80 -47.60 -18.19
C LYS JA 220 106.20 -48.97 -18.70
N LEU JA 221 107.24 -49.02 -19.50
CA LEU JA 221 107.79 -50.30 -19.92
C LEU JA 221 108.82 -50.78 -18.92
N ALA JA 222 109.01 -52.09 -18.87
CA ALA JA 222 109.92 -52.68 -17.91
C ALA JA 222 110.79 -53.72 -18.60
N ARG JA 223 111.92 -54.01 -17.97
CA ARG JA 223 112.90 -54.90 -18.55
C ARG JA 223 112.34 -56.32 -18.63
N PRO JA 224 112.35 -56.95 -19.80
CA PRO JA 224 111.81 -58.30 -19.91
C PRO JA 224 112.62 -59.31 -19.12
N SER JA 225 111.93 -60.36 -18.66
CA SER JA 225 112.58 -61.40 -17.89
C SER JA 225 113.61 -62.13 -18.74
N PRO JA 226 114.64 -62.68 -18.12
CA PRO JA 226 115.60 -63.50 -18.87
C PRO JA 226 114.92 -64.72 -19.48
N GLY JA 227 115.33 -65.05 -20.69
CA GLY JA 227 114.76 -66.20 -21.39
C GLY JA 227 113.29 -66.07 -21.73
N MET JA 228 112.85 -64.90 -22.18
CA MET JA 228 111.45 -64.66 -22.47
C MET JA 228 111.30 -63.59 -23.52
N VAL JA 229 110.15 -63.55 -24.17
CA VAL JA 229 109.78 -62.49 -25.11
C VAL JA 229 108.35 -62.07 -24.80
N HIS JA 230 108.18 -61.05 -23.94
CA HIS JA 230 106.83 -60.72 -23.52
C HIS JA 230 106.52 -59.24 -23.33
N VAL JA 231 107.44 -58.32 -23.60
CA VAL JA 231 107.22 -56.87 -23.54
C VAL JA 231 106.35 -56.48 -22.35
N PRO JA 232 106.87 -56.57 -21.13
CA PRO JA 232 106.06 -56.21 -19.96
C PRO JA 232 105.79 -54.71 -19.93
N TYR JA 233 104.65 -54.36 -19.36
CA TYR JA 233 104.30 -52.95 -19.24
C TYR JA 233 103.30 -52.78 -18.12
N THR JA 234 103.21 -51.55 -17.61
CA THR JA 234 102.27 -51.24 -16.55
C THR JA 234 101.60 -49.91 -16.84
N GLN JA 235 100.37 -49.77 -16.36
CA GLN JA 235 99.53 -48.65 -16.77
C GLN JA 235 98.42 -48.46 -15.76
N THR JA 236 98.09 -47.21 -15.47
CA THR JA 236 96.95 -46.92 -14.63
C THR JA 236 95.65 -47.28 -15.35
N PRO JA 237 94.74 -47.97 -14.70
CA PRO JA 237 93.52 -48.43 -15.38
C PRO JA 237 92.71 -47.28 -15.94
N SER JA 238 91.77 -47.64 -16.80
CA SER JA 238 91.04 -46.66 -17.57
C SER JA 238 90.21 -45.76 -16.68
N GLY JA 239 90.25 -44.46 -16.97
CA GLY JA 239 89.51 -43.52 -16.14
C GLY JA 239 88.02 -43.54 -16.40
N PHE JA 240 87.61 -43.87 -17.62
CA PHE JA 240 86.19 -43.86 -17.92
C PHE JA 240 85.46 -44.96 -17.15
N LYS JA 241 86.08 -46.13 -16.99
CA LYS JA 241 85.44 -47.17 -16.20
C LYS JA 241 85.24 -46.76 -14.75
N TYR JA 242 86.26 -46.18 -14.14
CA TYR JA 242 86.07 -45.76 -12.75
C TYR JA 242 85.13 -44.59 -12.63
N TRP JA 243 85.03 -43.74 -13.65
CA TRP JA 243 83.95 -42.76 -13.61
C TRP JA 243 82.60 -43.44 -13.65
N LEU JA 244 82.47 -44.47 -14.50
CA LEU JA 244 81.22 -45.23 -14.52
C LEU JA 244 80.88 -45.79 -13.15
N LYS JA 245 81.88 -46.26 -12.43
CA LYS JA 245 81.62 -46.86 -11.14
C LYS JA 245 81.27 -45.83 -10.08
N GLU JA 246 82.01 -44.72 -10.04
CA GLU JA 246 81.97 -43.81 -8.89
C GLU JA 246 81.40 -42.45 -9.27
N LYS JA 247 80.58 -42.37 -10.32
CA LYS JA 247 80.05 -41.06 -10.72
C LYS JA 247 79.15 -40.47 -9.65
N GLY JA 248 78.19 -41.25 -9.17
CA GLY JA 248 77.32 -40.78 -8.12
C GLY JA 248 76.25 -39.82 -8.61
N THR JA 249 75.05 -39.96 -8.07
CA THR JA 249 73.93 -39.06 -8.33
C THR JA 249 73.59 -38.94 -9.81
N ALA JA 250 72.79 -37.93 -10.13
CA ALA JA 250 72.37 -37.61 -11.49
C ALA JA 250 71.71 -36.26 -11.41
N LEU JA 251 71.05 -35.84 -12.49
CA LEU JA 251 70.15 -34.71 -12.38
C LEU JA 251 68.71 -35.12 -12.45
N ASN JA 252 68.41 -36.26 -13.08
CA ASN JA 252 67.04 -36.71 -13.19
C ASN JA 252 66.42 -36.92 -11.82
N THR JA 253 67.20 -37.44 -10.88
CA THR JA 253 66.73 -37.74 -9.53
C THR JA 253 67.05 -36.65 -8.54
N LYS JA 254 67.42 -35.47 -9.01
CA LYS JA 254 67.84 -34.40 -8.12
C LYS JA 254 67.31 -33.04 -8.48
N ALA JA 255 66.74 -32.85 -9.67
CA ALA JA 255 66.38 -31.51 -10.10
C ALA JA 255 65.35 -30.90 -9.17
N PRO JA 256 65.42 -29.59 -8.94
CA PRO JA 256 64.41 -28.92 -8.14
C PRO JA 256 63.12 -28.76 -8.92
N PHE JA 257 62.06 -28.40 -8.21
CA PHE JA 257 60.76 -28.09 -8.78
C PHE JA 257 60.14 -29.28 -9.49
N GLY JA 258 60.72 -30.46 -9.35
CA GLY JA 258 60.14 -31.68 -9.86
C GLY JA 258 59.90 -31.67 -11.35
N CYS JA 259 60.95 -31.53 -12.14
CA CYS JA 259 60.82 -31.46 -13.59
C CYS JA 259 61.75 -32.43 -14.27
N GLN JA 260 61.22 -33.13 -15.27
CA GLN JA 260 61.91 -34.29 -15.82
C GLN JA 260 63.05 -33.85 -16.73
N ILE JA 261 64.17 -34.52 -16.62
CA ILE JA 261 65.28 -34.28 -17.53
C ILE JA 261 65.28 -35.36 -18.59
N LYS JA 262 65.41 -34.96 -19.85
CA LYS JA 262 65.50 -35.93 -20.93
C LYS JA 262 66.58 -35.49 -21.90
N THR JA 263 67.00 -36.42 -22.74
CA THR JA 263 68.20 -36.25 -23.56
C THR JA 263 67.85 -36.36 -25.04
N ASN JA 264 68.70 -35.77 -25.87
CA ASN JA 264 68.67 -35.88 -27.31
C ASN JA 264 67.35 -35.35 -27.81
N PRO JA 265 67.15 -34.02 -27.84
CA PRO JA 265 68.10 -33.01 -27.36
C PRO JA 265 67.98 -32.86 -25.87
N VAL JA 266 69.01 -32.36 -25.18
CA VAL JA 266 68.93 -32.22 -23.73
C VAL JA 266 67.89 -31.15 -23.38
N ARG JA 267 67.00 -31.47 -22.47
CA ARG JA 267 65.94 -30.54 -22.11
C ARG JA 267 65.36 -30.93 -20.77
N ALA JA 268 64.72 -29.95 -20.12
CA ALA JA 268 64.02 -30.14 -18.87
C ALA JA 268 62.57 -29.75 -19.07
N MET JA 269 61.65 -30.67 -18.83
CA MET JA 269 60.25 -30.46 -19.15
C MET JA 269 59.37 -30.46 -17.92
N ASN JA 270 58.23 -29.77 -18.07
CA ASN JA 270 57.13 -29.77 -17.11
C ASN JA 270 57.58 -29.20 -15.78
N CYS JA 271 58.17 -28.02 -15.82
CA CYS JA 271 59.02 -27.59 -14.73
C CYS JA 271 58.39 -26.32 -14.17
N ALA JA 272 57.71 -26.48 -13.03
CA ALA JA 272 56.79 -25.47 -12.52
C ALA JA 272 57.53 -24.38 -11.78
N VAL JA 273 57.54 -23.17 -12.36
CA VAL JA 273 58.09 -22.00 -11.69
C VAL JA 273 57.62 -20.77 -12.43
N GLY JA 274 57.28 -19.72 -11.68
CA GLY JA 274 57.10 -18.41 -12.25
C GLY JA 274 55.78 -18.20 -12.97
N ASN JA 275 55.75 -17.08 -13.70
CA ASN JA 275 54.53 -16.58 -14.30
C ASN JA 275 54.74 -16.32 -15.78
N ILE JA 276 53.68 -16.50 -16.56
CA ILE JA 276 53.72 -16.22 -17.99
C ILE JA 276 52.80 -15.03 -18.29
N PRO JA 277 53.32 -13.98 -18.93
CA PRO JA 277 52.44 -12.89 -19.33
C PRO JA 277 51.81 -13.16 -20.68
N VAL JA 278 50.54 -12.80 -20.80
CA VAL JA 278 49.78 -12.98 -22.03
C VAL JA 278 49.27 -11.63 -22.48
N SER JA 279 49.64 -11.23 -23.69
CA SER JA 279 49.12 -10.03 -24.33
C SER JA 279 48.33 -10.43 -25.56
N MET JA 280 47.08 -10.04 -25.62
CA MET JA 280 46.15 -10.60 -26.58
C MET JA 280 45.38 -9.50 -27.30
N ASN JA 281 45.05 -9.79 -28.56
CA ASN JA 281 44.29 -8.87 -29.40
C ASN JA 281 43.09 -9.64 -29.95
N LEU JA 282 41.90 -9.23 -29.53
CA LEU JA 282 40.66 -9.90 -29.88
C LEU JA 282 39.92 -9.17 -30.99
N PRO JA 283 39.20 -9.88 -31.85
CA PRO JA 283 38.40 -9.25 -32.88
C PRO JA 283 37.00 -8.96 -32.38
N ASP JA 284 36.26 -8.17 -33.15
CA ASP JA 284 34.92 -7.80 -32.73
C ASP JA 284 33.92 -8.94 -32.91
N SER JA 285 34.28 -9.97 -33.66
CA SER JA 285 33.37 -11.09 -33.88
C SER JA 285 33.11 -11.91 -32.63
N ALA JA 286 34.11 -12.09 -31.76
CA ALA JA 286 33.94 -12.97 -30.61
C ALA JA 286 32.96 -12.39 -29.60
N PHE JA 287 32.94 -11.08 -29.44
CA PHE JA 287 32.07 -10.45 -28.47
C PHE JA 287 30.62 -10.50 -28.93
N THR JA 288 29.70 -10.23 -28.01
CA THR JA 288 28.30 -10.04 -28.35
C THR JA 288 27.80 -8.77 -27.67
N ARG JA 289 26.93 -8.05 -28.36
CA ARG JA 289 26.41 -6.79 -27.84
C ARG JA 289 25.52 -7.07 -26.63
N ILE JA 290 25.31 -6.04 -25.80
CA ILE JA 290 24.48 -6.22 -24.61
C ILE JA 290 23.06 -6.57 -25.00
N VAL JA 291 22.60 -6.09 -26.16
CA VAL JA 291 21.20 -6.22 -26.52
C VAL JA 291 20.80 -7.68 -26.64
N GLU JA 292 21.63 -8.51 -27.28
CA GLU JA 292 21.32 -9.92 -27.39
C GLU JA 292 21.38 -10.64 -26.05
N ALA JA 293 22.35 -10.29 -25.21
CA ALA JA 293 22.57 -11.04 -23.98
C ALA JA 293 21.48 -10.72 -22.96
N PRO JA 294 21.13 -11.68 -22.12
CA PRO JA 294 20.08 -11.45 -21.12
C PRO JA 294 20.47 -10.38 -20.12
N THR JA 295 19.47 -9.69 -19.60
CA THR JA 295 19.63 -8.82 -18.44
C THR JA 295 19.24 -9.60 -17.19
N ILE JA 296 20.10 -9.58 -16.18
CA ILE JA 296 19.91 -10.37 -14.97
C ILE JA 296 19.69 -9.41 -13.81
N ILE JA 297 18.70 -9.72 -12.97
CA ILE JA 297 18.28 -8.85 -11.87
C ILE JA 297 18.15 -9.67 -10.59
N ASP JA 298 18.59 -9.10 -9.46
CA ASP JA 298 18.42 -9.69 -8.14
C ASP JA 298 19.09 -11.06 -8.04
N LEU JA 299 20.42 -11.01 -8.13
CA LEU JA 299 21.23 -12.22 -8.15
C LEU JA 299 21.78 -12.49 -6.75
N THR JA 300 21.41 -13.63 -6.17
CA THR JA 300 21.89 -14.02 -4.85
C THR JA 300 22.53 -15.40 -4.90
N CYS JA 301 23.42 -15.67 -3.96
CA CYS JA 301 24.14 -16.94 -3.93
C CYS JA 301 24.13 -17.51 -2.53
N THR JA 302 23.98 -18.82 -2.44
CA THR JA 302 24.18 -19.55 -1.18
C THR JA 302 25.02 -20.77 -1.46
N VAL JA 303 25.47 -21.44 -0.40
CA VAL JA 303 26.41 -22.53 -0.50
C VAL JA 303 25.77 -23.77 0.10
N ALA JA 304 25.83 -24.89 -0.63
CA ALA JA 304 25.27 -26.13 -0.12
C ALA JA 304 26.25 -26.80 0.84
N THR JA 305 27.44 -27.16 0.35
CA THR JA 305 28.47 -27.77 1.16
C THR JA 305 29.81 -27.19 0.78
N CYS JA 306 30.73 -27.20 1.74
CA CYS JA 306 32.10 -26.80 1.47
C CYS JA 306 33.05 -27.78 2.11
N THR JA 307 34.17 -28.03 1.41
CA THR JA 307 35.25 -28.83 1.97
C THR JA 307 36.50 -28.46 1.20
N HIS JA 308 37.46 -27.82 1.86
CA HIS JA 308 38.63 -27.28 1.18
C HIS JA 308 39.60 -28.41 0.88
N SER JA 309 39.30 -29.16 -0.18
CA SER JA 309 40.14 -30.26 -0.61
C SER JA 309 40.68 -29.95 -2.00
N SER JA 310 41.66 -30.75 -2.42
CA SER JA 310 42.35 -30.46 -3.68
C SER JA 310 41.40 -30.50 -4.87
N ASP JA 311 40.52 -31.49 -4.92
CA ASP JA 311 39.55 -31.53 -6.00
C ASP JA 311 38.51 -30.43 -5.82
N PHE JA 312 37.55 -30.39 -6.73
CA PHE JA 312 36.50 -29.38 -6.66
C PHE JA 312 35.46 -29.75 -5.62
N GLY JA 313 35.55 -29.16 -4.43
CA GLY JA 313 34.74 -29.57 -3.31
C GLY JA 313 33.81 -28.53 -2.74
N GLY JA 314 33.13 -27.76 -3.59
CA GLY JA 314 32.10 -26.86 -3.10
C GLY JA 314 30.99 -26.60 -4.09
N VAL JA 315 29.74 -26.66 -3.61
CA VAL JA 315 28.56 -26.50 -4.45
C VAL JA 315 27.92 -25.16 -4.15
N LEU JA 316 27.78 -24.33 -5.18
CA LEU JA 316 27.34 -22.95 -5.03
C LEU JA 316 26.10 -22.75 -5.88
N THR JA 317 25.02 -22.29 -5.27
CA THR JA 317 23.76 -22.14 -5.98
C THR JA 317 23.40 -20.67 -6.13
N LEU JA 318 22.97 -20.31 -7.34
CA LEU JA 318 22.69 -18.93 -7.73
C LEU JA 318 21.23 -18.80 -8.12
N THR JA 319 20.54 -17.85 -7.49
CA THR JA 319 19.14 -17.55 -7.77
C THR JA 319 19.04 -16.16 -8.40
N TYR JA 320 18.23 -16.06 -9.46
CA TYR JA 320 18.25 -14.88 -10.32
C TYR JA 320 16.89 -14.72 -10.98
N LYS JA 321 16.69 -13.54 -11.58
CA LYS JA 321 15.48 -13.21 -12.30
C LYS JA 321 15.87 -12.68 -13.68
N THR JA 322 15.16 -13.12 -14.71
CA THR JA 322 15.53 -12.81 -16.09
C THR JA 322 14.32 -12.51 -16.94
N ASP JA 323 14.59 -12.20 -18.21
CA ASP JA 323 13.57 -12.02 -19.24
C ASP JA 323 13.64 -13.08 -20.32
N LYS JA 324 14.83 -13.48 -20.74
CA LYS JA 324 15.01 -14.48 -21.79
C LYS JA 324 16.11 -15.44 -21.39
N ASN JA 325 16.11 -16.61 -22.03
CA ASN JA 325 17.10 -17.64 -21.75
C ASN JA 325 18.30 -17.49 -22.68
N GLY JA 326 19.47 -17.84 -22.19
CA GLY JA 326 20.67 -17.71 -22.98
C GLY JA 326 21.90 -18.23 -22.27
N ASP JA 327 23.06 -17.75 -22.70
CA ASP JA 327 24.34 -18.13 -22.12
C ASP JA 327 24.97 -16.92 -21.43
N CYS JA 328 25.39 -17.10 -20.20
CA CYS JA 328 26.14 -16.09 -19.47
C CYS JA 328 27.53 -16.60 -19.15
N SER JA 329 28.48 -15.67 -19.08
CA SER JA 329 29.85 -15.98 -18.69
C SER JA 329 29.99 -15.77 -17.19
N VAL JA 330 30.27 -16.85 -16.46
CA VAL JA 330 30.35 -16.83 -15.01
C VAL JA 330 31.80 -16.69 -14.60
N HIS JA 331 32.07 -15.83 -13.63
CA HIS JA 331 33.43 -15.64 -13.15
C HIS JA 331 33.44 -15.38 -11.66
N SER JA 332 34.59 -15.64 -11.04
CA SER JA 332 34.87 -15.26 -9.67
C SER JA 332 35.96 -14.21 -9.66
N HIS JA 333 35.82 -13.20 -8.81
CA HIS JA 333 36.71 -12.05 -8.80
C HIS JA 333 37.78 -12.14 -7.73
N SER JA 334 38.01 -13.33 -7.17
CA SER JA 334 39.08 -13.52 -6.21
C SER JA 334 39.71 -14.88 -6.46
N ASN JA 335 40.98 -15.00 -6.11
CA ASN JA 335 41.68 -16.26 -6.29
C ASN JA 335 41.54 -17.18 -5.09
N VAL JA 336 40.83 -16.75 -4.04
CA VAL JA 336 40.59 -17.65 -2.92
C VAL JA 336 39.70 -18.81 -3.34
N ALA JA 337 38.93 -18.63 -4.41
CA ALA JA 337 38.06 -19.67 -4.93
C ALA JA 337 38.29 -19.80 -6.42
N THR JA 338 38.31 -21.05 -6.91
CA THR JA 338 38.44 -21.31 -8.33
C THR JA 338 37.16 -22.00 -8.81
N LEU JA 339 36.55 -21.43 -9.85
CA LEU JA 339 35.35 -22.03 -10.41
C LEU JA 339 35.72 -23.16 -11.37
N GLN JA 340 34.75 -24.03 -11.64
CA GLN JA 340 34.97 -25.14 -12.54
C GLN JA 340 34.63 -24.83 -13.98
N GLU JA 341 33.40 -24.38 -14.24
CA GLU JA 341 32.96 -24.11 -15.61
C GLU JA 341 32.76 -22.62 -15.79
N ALA JA 342 33.09 -22.14 -16.97
CA ALA JA 342 33.11 -20.71 -17.24
C ALA JA 342 31.84 -20.19 -17.86
N THR JA 343 31.02 -21.02 -18.47
CA THR JA 343 29.76 -20.57 -19.04
C THR JA 343 28.61 -21.30 -18.39
N ALA JA 344 27.46 -20.63 -18.32
CA ALA JA 344 26.28 -21.22 -17.74
C ALA JA 344 25.05 -20.87 -18.56
N LYS JA 345 24.06 -21.75 -18.49
CA LYS JA 345 22.81 -21.59 -19.22
C LYS JA 345 21.77 -20.94 -18.30
N VAL JA 346 21.44 -19.69 -18.58
CA VAL JA 346 20.41 -18.98 -17.82
C VAL JA 346 19.07 -19.32 -18.44
N LYS JA 347 18.14 -19.75 -17.58
CA LYS JA 347 16.80 -20.15 -17.99
C LYS JA 347 15.80 -19.37 -17.14
N THR JA 348 14.53 -19.43 -17.54
CA THR JA 348 13.49 -18.74 -16.79
C THR JA 348 13.18 -19.41 -15.46
N ALA JA 349 13.71 -20.61 -15.20
CA ALA JA 349 13.47 -21.26 -13.92
C ALA JA 349 14.03 -20.45 -12.76
N GLY JA 350 15.24 -19.94 -12.92
CA GLY JA 350 15.80 -19.04 -11.92
C GLY JA 350 16.75 -19.68 -10.93
N LYS JA 351 17.38 -20.79 -11.32
CA LYS JA 351 18.41 -21.42 -10.47
C LYS JA 351 19.50 -21.97 -11.38
N VAL JA 352 20.75 -21.69 -11.03
CA VAL JA 352 21.88 -22.37 -11.64
C VAL JA 352 22.82 -22.81 -10.52
N THR JA 353 23.69 -23.77 -10.84
CA THR JA 353 24.58 -24.35 -9.86
C THR JA 353 26.00 -24.38 -10.40
N LEU JA 354 26.96 -24.30 -9.48
CA LEU JA 354 28.36 -24.14 -9.81
C LEU JA 354 29.21 -25.01 -8.89
N HIS JA 355 30.38 -25.40 -9.37
CA HIS JA 355 31.35 -26.14 -8.58
C HIS JA 355 32.58 -25.26 -8.40
N PHE JA 356 33.12 -25.22 -7.20
CA PHE JA 356 34.31 -24.43 -6.92
C PHE JA 356 35.22 -25.18 -5.96
N SER JA 357 36.45 -24.72 -5.90
CA SER JA 357 37.45 -25.27 -4.99
C SER JA 357 38.12 -24.14 -4.24
N THR JA 358 38.39 -24.36 -2.96
CA THR JA 358 39.00 -23.36 -2.10
C THR JA 358 39.91 -24.03 -1.10
N ALA JA 359 40.66 -23.22 -0.36
CA ALA JA 359 41.61 -23.74 0.62
C ALA JA 359 41.52 -23.05 1.97
N SER JA 360 40.60 -22.12 2.15
CA SER JA 360 40.46 -21.39 3.40
C SER JA 360 39.25 -21.88 4.16
N ALA JA 361 39.31 -21.76 5.48
CA ALA JA 361 38.21 -22.25 6.30
C ALA JA 361 36.95 -21.41 6.06
N SER JA 362 37.12 -20.14 5.75
CA SER JA 362 35.99 -19.23 5.54
C SER JA 362 36.27 -18.31 4.35
N PRO JA 363 35.97 -18.75 3.14
CA PRO JA 363 36.19 -17.91 1.96
C PRO JA 363 35.07 -16.89 1.80
N SER JA 364 35.35 -15.87 0.99
CA SER JA 364 34.36 -14.84 0.67
C SER JA 364 34.78 -14.19 -0.64
N PHE JA 365 33.93 -14.28 -1.65
CA PHE JA 365 34.33 -13.88 -3.00
C PHE JA 365 33.13 -13.37 -3.76
N VAL JA 366 33.40 -12.60 -4.81
CA VAL JA 366 32.35 -11.98 -5.60
C VAL JA 366 32.20 -12.78 -6.89
N VAL JA 367 30.99 -13.30 -7.12
CA VAL JA 367 30.69 -14.05 -8.33
C VAL JA 367 29.87 -13.16 -9.25
N SER JA 368 30.21 -13.19 -10.53
CA SER JA 368 29.53 -12.38 -11.54
C SER JA 368 28.96 -13.28 -12.62
N LEU JA 369 27.70 -13.03 -12.96
CA LEU JA 369 26.98 -13.75 -14.00
C LEU JA 369 26.49 -12.70 -15.00
N CYS JA 370 26.90 -12.86 -16.27
CA CYS JA 370 26.78 -11.77 -17.23
C CYS JA 370 27.22 -10.45 -16.62
N SER JA 371 26.29 -9.58 -16.25
CA SER JA 371 26.67 -8.29 -15.70
C SER JA 371 26.37 -8.14 -14.21
N ALA JA 372 25.58 -9.04 -13.64
CA ALA JA 372 25.24 -8.89 -12.23
C ALA JA 372 26.42 -9.30 -11.35
N ARG JA 373 26.34 -8.96 -10.07
CA ARG JA 373 27.38 -9.33 -9.12
C ARG JA 373 26.73 -9.72 -7.81
N ALA JA 374 27.38 -10.61 -7.08
CA ALA JA 374 26.92 -10.93 -5.74
C ALA JA 374 28.09 -11.44 -4.93
N THR JA 375 27.91 -11.49 -3.62
CA THR JA 375 28.96 -11.91 -2.70
C THR JA 375 28.57 -13.24 -2.08
N CYS JA 376 29.52 -14.17 -2.05
CA CYS JA 376 29.32 -15.50 -1.50
C CYS JA 376 30.28 -15.70 -0.34
N SER JA 377 29.75 -16.24 0.76
CA SER JA 377 30.55 -16.61 1.92
C SER JA 377 30.10 -17.98 2.37
N ALA JA 378 31.03 -18.75 2.93
CA ALA JA 378 30.74 -20.12 3.32
C ALA JA 378 31.67 -20.55 4.44
N SER JA 379 31.23 -21.56 5.18
CA SER JA 379 32.05 -22.21 6.20
C SER JA 379 32.42 -23.59 5.70
N CYS JA 380 33.70 -23.94 5.81
CA CYS JA 380 34.21 -25.16 5.20
C CYS JA 380 34.79 -26.07 6.29
N GLU JA 381 34.71 -27.36 6.07
CA GLU JA 381 35.27 -28.28 7.04
C GLU JA 381 36.47 -29.01 6.46
N PRO JA 382 37.46 -29.35 7.29
CA PRO JA 382 38.65 -30.00 6.75
C PRO JA 382 38.33 -31.37 6.21
N PRO JA 383 39.05 -31.83 5.20
CA PRO JA 383 38.79 -33.15 4.61
C PRO JA 383 39.49 -34.26 5.37
N LYS JA 384 39.07 -35.48 5.08
CA LYS JA 384 39.53 -36.64 5.84
C LYS JA 384 40.77 -37.30 5.26
N ASP JA 385 40.90 -37.40 3.94
CA ASP JA 385 41.99 -38.15 3.35
C ASP JA 385 43.32 -37.45 3.58
N HIS JA 386 44.35 -38.23 3.90
CA HIS JA 386 45.65 -37.62 4.17
C HIS JA 386 46.46 -37.44 2.89
N ILE JA 387 46.33 -38.35 1.94
CA ILE JA 387 47.14 -38.35 0.73
C ILE JA 387 46.25 -38.52 -0.49
N VAL JA 388 46.50 -37.72 -1.52
CA VAL JA 388 45.74 -37.81 -2.76
C VAL JA 388 46.71 -37.97 -3.92
N PRO JA 389 46.33 -38.64 -5.00
CA PRO JA 389 47.28 -38.86 -6.09
C PRO JA 389 47.22 -37.82 -7.20
N TYR JA 390 46.56 -36.68 -6.98
CA TYR JA 390 46.47 -35.65 -7.99
C TYR JA 390 46.75 -34.29 -7.37
N ALA JA 391 47.28 -33.38 -8.20
CA ALA JA 391 47.71 -32.08 -7.73
C ALA JA 391 46.52 -31.21 -7.34
N ALA JA 392 46.80 -30.14 -6.61
CA ALA JA 392 45.76 -29.24 -6.14
C ALA JA 392 45.19 -28.42 -7.30
N SER JA 393 43.98 -27.92 -7.11
CA SER JA 393 43.30 -27.11 -8.10
C SER JA 393 42.84 -25.75 -7.57
N HIS JA 394 43.21 -25.39 -6.35
CA HIS JA 394 42.97 -24.06 -5.83
C HIS JA 394 44.26 -23.26 -5.89
N SER JA 395 44.18 -21.99 -5.49
CA SER JA 395 45.33 -21.11 -5.55
C SER JA 395 46.16 -21.14 -4.28
N ASN JA 396 45.82 -22.02 -3.33
CA ASN JA 396 46.58 -22.21 -2.10
C ASN JA 396 46.65 -20.91 -1.29
N VAL JA 397 45.48 -20.39 -0.98
CA VAL JA 397 45.33 -19.21 -0.13
C VAL JA 397 44.64 -19.65 1.15
N VAL JA 398 45.24 -19.33 2.29
CA VAL JA 398 44.80 -19.86 3.57
C VAL JA 398 44.11 -18.83 4.45
N PHE JA 399 44.48 -17.56 4.34
CA PHE JA 399 44.00 -16.54 5.27
C PHE JA 399 42.49 -16.39 5.16
N PRO JA 400 41.74 -16.53 6.25
CA PRO JA 400 40.29 -16.51 6.17
C PRO JA 400 39.77 -15.11 5.89
N ASP JA 401 38.46 -15.03 5.68
CA ASP JA 401 37.80 -13.75 5.53
C ASP JA 401 37.76 -13.02 6.87
N MET JA 402 37.68 -11.69 6.79
CA MET JA 402 37.55 -10.89 8.01
C MET JA 402 36.25 -11.18 8.74
N SER JA 403 35.23 -11.65 8.03
CA SER JA 403 33.95 -11.93 8.65
C SER JA 403 33.80 -13.37 9.12
N GLY JA 404 34.85 -14.17 9.04
CA GLY JA 404 34.79 -15.53 9.52
C GLY JA 404 34.63 -15.60 11.02
N THR JA 405 34.39 -16.81 11.51
CA THR JA 405 34.10 -16.99 12.93
C THR JA 405 35.28 -16.55 13.79
N ALA JA 406 36.49 -16.98 13.44
CA ALA JA 406 37.65 -16.63 14.26
C ALA JA 406 37.87 -15.13 14.28
N LEU JA 407 37.82 -14.50 13.11
CA LEU JA 407 38.02 -13.06 13.09
C LEU JA 407 36.81 -12.32 13.66
N SER JA 408 35.63 -12.93 13.65
CA SER JA 408 34.51 -12.32 14.38
C SER JA 408 34.80 -12.28 15.87
N TRP JA 409 35.34 -13.36 16.42
CA TRP JA 409 35.69 -13.35 17.84
C TRP JA 409 36.78 -12.32 18.13
N VAL JA 410 37.79 -12.24 17.25
CA VAL JA 410 38.84 -11.25 17.44
C VAL JA 410 38.27 -9.84 17.40
N GLN JA 411 37.36 -9.59 16.46
CA GLN JA 411 36.73 -8.29 16.36
C GLN JA 411 35.95 -7.95 17.63
N LYS JA 412 35.21 -8.92 18.17
CA LYS JA 412 34.43 -8.65 19.38
C LYS JA 412 35.35 -8.33 20.57
N ILE JA 413 36.39 -9.13 20.78
CA ILE JA 413 37.28 -8.87 21.91
C ILE JA 413 37.99 -7.53 21.75
N SER JA 414 38.45 -7.25 20.53
CA SER JA 414 39.12 -5.97 20.30
C SER JA 414 38.17 -4.81 20.53
N GLY JA 415 36.91 -4.96 20.13
CA GLY JA 415 35.94 -3.91 20.38
C GLY JA 415 35.69 -3.70 21.85
N GLY JA 416 35.63 -4.77 22.62
CA GLY JA 416 35.44 -4.62 24.06
C GLY JA 416 36.61 -3.88 24.70
N LEU JA 417 37.83 -4.27 24.35
CA LEU JA 417 38.99 -3.60 24.91
C LEU JA 417 39.05 -2.14 24.50
N GLY JA 418 38.72 -1.85 23.23
CA GLY JA 418 38.70 -0.47 22.78
C GLY JA 418 37.66 0.37 23.50
N ALA JA 419 36.48 -0.20 23.73
CA ALA JA 419 35.45 0.53 24.47
C ALA JA 419 35.92 0.84 25.88
N PHE JA 420 36.53 -0.13 26.55
CA PHE JA 420 37.05 0.12 27.89
C PHE JA 420 38.10 1.22 27.88
N ALA JA 421 39.03 1.17 26.92
CA ALA JA 421 40.07 2.18 26.85
C ALA JA 421 39.49 3.57 26.60
N ILE JA 422 38.48 3.67 25.72
CA ILE JA 422 37.91 4.97 25.42
C ILE JA 422 37.14 5.51 26.62
N GLY JA 423 36.42 4.65 27.33
CA GLY JA 423 35.75 5.11 28.53
C GLY JA 423 36.71 5.66 29.56
N ALA JA 424 37.81 4.95 29.80
CA ALA JA 424 38.81 5.45 30.73
C ALA JA 424 39.41 6.77 30.25
N ILE JA 425 39.68 6.87 28.95
CA ILE JA 425 40.26 8.10 28.42
C ILE JA 425 39.31 9.27 28.63
N LEU JA 426 38.01 9.06 28.40
CA LEU JA 426 37.05 10.14 28.60
C LEU JA 426 37.00 10.56 30.06
N VAL JA 427 37.05 9.60 30.98
CA VAL JA 427 37.05 9.95 32.39
C VAL JA 427 38.26 10.80 32.73
N LEU JA 428 39.44 10.40 32.27
CA LEU JA 428 40.63 11.17 32.58
C LEU JA 428 40.55 12.57 31.98
N VAL JA 429 40.04 12.68 30.75
CA VAL JA 429 39.98 13.98 30.09
C VAL JA 429 39.03 14.92 30.83
N VAL JA 430 37.85 14.42 31.21
CA VAL JA 430 36.88 15.30 31.87
C VAL JA 430 37.41 15.73 33.23
N VAL JA 431 38.05 14.81 33.97
CA VAL JA 431 38.59 15.19 35.27
C VAL JA 431 39.68 16.25 35.12
N THR JA 432 40.58 16.08 34.15
CA THR JA 432 41.63 17.07 33.96
C THR JA 432 41.06 18.40 33.51
N CYS JA 433 40.00 18.38 32.70
CA CYS JA 433 39.38 19.64 32.28
C CYS JA 433 38.78 20.37 33.47
N ILE JA 434 38.09 19.65 34.36
CA ILE JA 434 37.56 20.29 35.57
C ILE JA 434 38.70 20.85 36.40
N GLY JA 435 39.77 20.07 36.57
CA GLY JA 435 40.90 20.54 37.35
C GLY JA 435 41.51 21.81 36.80
N LEU JA 436 41.65 21.89 35.48
CA LEU JA 436 42.14 23.12 34.87
C LEU JA 436 41.18 24.27 35.12
N ARG JA 437 39.87 24.03 34.99
CA ARG JA 437 38.94 25.12 35.19
C ARG JA 437 38.92 25.59 36.64
N ARG JA 438 39.33 24.76 37.58
CA ARG JA 438 39.48 25.20 38.96
C ARG JA 438 40.66 26.16 39.09
N TYR KA 1 35.05 -44.02 5.45
CA TYR KA 1 34.68 -43.13 6.54
C TYR KA 1 34.64 -43.89 7.86
N GLU KA 2 35.20 -43.28 8.90
CA GLU KA 2 35.25 -43.91 10.20
C GLU KA 2 34.15 -43.36 11.09
N HIS KA 3 33.56 -44.23 11.90
CA HIS KA 3 32.52 -43.83 12.84
C HIS KA 3 32.46 -44.83 13.97
N SER KA 4 31.87 -44.43 15.09
CA SER KA 4 31.78 -45.30 16.25
C SER KA 4 30.63 -44.86 17.13
N THR KA 5 29.95 -45.83 17.72
CA THR KA 5 28.80 -45.54 18.57
C THR KA 5 28.59 -46.69 19.54
N VAL KA 6 27.51 -46.61 20.31
CA VAL KA 6 27.25 -47.55 21.41
C VAL KA 6 25.77 -47.91 21.39
N MET KA 7 25.46 -49.18 21.70
CA MET KA 7 24.08 -49.62 21.63
C MET KA 7 23.74 -50.53 22.80
N PRO KA 8 22.50 -50.53 23.26
CA PRO KA 8 22.13 -51.33 24.43
C PRO KA 8 22.14 -52.82 24.10
N ASN KA 9 22.38 -53.63 25.12
CA ASN KA 9 22.44 -55.08 24.93
C ASN KA 9 21.10 -55.72 25.29
N VAL KA 10 20.05 -55.29 24.60
CA VAL KA 10 18.69 -55.78 24.83
C VAL KA 10 18.19 -56.44 23.56
N VAL KA 11 17.73 -57.67 23.68
CA VAL KA 11 17.30 -58.44 22.51
C VAL KA 11 16.05 -57.82 21.92
N GLY KA 12 16.11 -57.47 20.64
CA GLY KA 12 14.97 -56.95 19.93
C GLY KA 12 14.81 -55.45 19.94
N PHE KA 13 15.64 -54.72 20.68
CA PHE KA 13 15.54 -53.27 20.70
C PHE KA 13 16.07 -52.71 19.39
N PRO KA 14 15.27 -51.98 18.63
CA PRO KA 14 15.64 -51.55 17.26
C PRO KA 14 16.56 -50.33 17.23
N TYR KA 15 17.85 -50.54 17.45
CA TYR KA 15 18.73 -49.38 17.59
C TYR KA 15 18.94 -48.72 16.24
N LYS KA 16 19.01 -47.39 16.24
CA LYS KA 16 19.21 -46.62 15.02
C LYS KA 16 20.41 -45.70 15.20
N ALA KA 17 21.30 -45.68 14.22
CA ALA KA 17 22.49 -44.85 14.25
C ALA KA 17 22.45 -43.85 13.11
N HIS KA 18 22.96 -42.65 13.37
CA HIS KA 18 22.90 -41.52 12.44
C HIS KA 18 24.31 -41.18 11.98
N ILE KA 19 24.54 -41.19 10.66
CA ILE KA 19 25.84 -40.89 10.08
C ILE KA 19 25.69 -39.62 9.27
N GLU KA 20 26.48 -38.60 9.61
CA GLU KA 20 26.32 -37.27 9.01
C GLU KA 20 27.65 -36.82 8.41
N ARG KA 21 27.91 -37.25 7.18
CA ARG KA 21 29.13 -36.87 6.50
C ARG KA 21 29.08 -35.41 6.08
N PRO KA 22 30.19 -34.69 6.15
CA PRO KA 22 30.17 -33.26 5.76
C PRO KA 22 29.75 -33.02 4.32
N GLY KA 23 30.07 -33.91 3.39
CA GLY KA 23 29.79 -33.64 2.00
C GLY KA 23 28.54 -34.29 1.43
N TYR KA 24 27.84 -35.10 2.21
CA TYR KA 24 26.76 -35.90 1.69
C TYR KA 24 25.53 -35.82 2.59
N SER KA 25 24.43 -36.36 2.09
CA SER KA 25 23.19 -36.41 2.84
C SER KA 25 23.32 -37.40 4.00
N PRO KA 26 22.57 -37.20 5.08
CA PRO KA 26 22.67 -38.12 6.22
C PRO KA 26 22.21 -39.52 5.88
N LEU KA 27 22.70 -40.48 6.67
CA LEU KA 27 22.34 -41.88 6.54
C LEU KA 27 21.90 -42.39 7.91
N THR KA 28 21.05 -43.42 7.90
CA THR KA 28 20.55 -44.01 9.14
C THR KA 28 20.60 -45.52 9.06
N LEU KA 29 21.40 -46.13 9.93
CA LEU KA 29 21.50 -47.58 10.03
C LEU KA 29 20.56 -48.09 11.09
N GLN KA 30 20.07 -49.32 10.89
CA GLN KA 30 19.29 -50.01 11.91
C GLN KA 30 20.04 -51.27 12.29
N MET KA 31 20.22 -51.47 13.59
CA MET KA 31 20.87 -52.65 14.12
C MET KA 31 19.95 -53.30 15.14
N GLN KA 32 20.09 -54.61 15.28
CA GLN KA 32 19.28 -55.35 16.23
C GLN KA 32 20.05 -56.60 16.61
N VAL KA 33 19.86 -57.09 17.83
CA VAL KA 33 20.54 -58.31 18.26
C VAL KA 33 19.47 -59.39 18.42
N VAL KA 34 19.55 -60.43 17.57
CA VAL KA 34 18.53 -61.46 17.62
C VAL KA 34 18.83 -62.47 18.72
N GLU KA 35 20.10 -62.76 18.97
CA GLU KA 35 20.44 -63.81 19.90
C GLU KA 35 21.81 -63.54 20.50
N THR KA 36 21.98 -63.92 21.77
CA THR KA 36 23.20 -63.73 22.50
C THR KA 36 23.56 -65.03 23.22
N SER KA 37 24.86 -65.28 23.38
CA SER KA 37 25.31 -66.49 24.04
C SER KA 37 26.59 -66.18 24.80
N LEU KA 38 26.72 -66.75 26.00
CA LEU KA 38 27.82 -66.42 26.89
C LEU KA 38 28.47 -67.72 27.37
N GLU KA 39 29.70 -67.96 26.95
CA GLU KA 39 30.40 -69.23 27.11
C GLU KA 39 31.32 -69.12 28.32
N PRO KA 40 31.16 -69.90 29.37
CA PRO KA 40 32.23 -70.02 30.36
C PRO KA 40 33.23 -71.09 29.93
N THR KA 41 34.49 -70.87 30.29
CA THR KA 41 35.57 -71.79 29.94
C THR KA 41 35.80 -72.75 31.07
N LEU KA 42 35.65 -74.04 30.79
CA LEU KA 42 35.52 -75.07 31.82
C LEU KA 42 36.71 -76.01 31.75
N ASN KA 43 37.21 -76.41 32.92
CA ASN KA 43 38.25 -77.43 33.00
C ASN KA 43 37.85 -78.42 34.09
N LEU KA 44 37.48 -79.62 33.68
CA LEU KA 44 36.78 -80.57 34.54
C LEU KA 44 37.63 -80.98 35.75
N GLU KA 45 36.98 -81.09 36.91
CA GLU KA 45 37.58 -81.69 38.09
C GLU KA 45 37.33 -83.18 38.20
N TYR KA 46 36.07 -83.61 38.27
CA TYR KA 46 35.80 -85.04 38.34
C TYR KA 46 34.35 -85.33 37.99
N ILE KA 47 34.03 -86.63 38.02
CA ILE KA 47 32.77 -87.19 37.57
C ILE KA 47 32.27 -88.12 38.66
N THR KA 48 30.97 -88.13 38.90
CA THR KA 48 30.40 -89.07 39.87
C THR KA 48 29.18 -89.76 39.30
N CYS KA 49 28.93 -90.97 39.79
CA CYS KA 49 27.76 -91.75 39.39
C CYS KA 49 27.45 -92.74 40.49
N GLU KA 50 26.29 -93.39 40.37
CA GLU KA 50 25.91 -94.41 41.34
C GLU KA 50 26.98 -95.49 41.41
N TYR KA 51 27.27 -95.97 42.62
CA TYR KA 51 28.26 -97.03 42.69
C TYR KA 51 27.57 -98.38 42.49
N LYS KA 52 28.35 -99.43 42.66
CA LYS KA 52 27.82 -100.80 42.57
C LYS KA 52 28.70 -101.71 43.41
N THR KA 53 28.07 -102.45 44.32
CA THR KA 53 28.81 -103.33 45.22
C THR KA 53 28.98 -104.70 44.61
N VAL KA 54 30.21 -105.20 44.60
CA VAL KA 54 30.53 -106.51 44.06
C VAL KA 54 30.91 -107.42 45.22
N VAL KA 55 30.20 -108.53 45.36
CA VAL KA 55 30.44 -109.49 46.42
C VAL KA 55 30.70 -110.85 45.81
N PRO KA 56 31.95 -111.31 45.81
CA PRO KA 56 32.23 -112.65 45.29
C PRO KA 56 31.73 -113.72 46.24
N SER KA 57 31.56 -114.91 45.70
CA SER KA 57 31.04 -116.02 46.48
C SER KA 57 31.97 -116.32 47.65
N PRO KA 58 31.43 -116.67 48.81
CA PRO KA 58 32.28 -116.94 49.96
C PRO KA 58 33.12 -118.19 49.75
N TYR KA 59 34.26 -118.22 50.41
CA TYR KA 59 35.14 -119.39 50.40
C TYR KA 59 35.11 -120.00 51.80
N VAL KA 60 34.40 -121.11 51.92
CA VAL KA 60 34.32 -121.84 53.17
C VAL KA 60 35.20 -123.07 53.04
N LYS KA 61 36.41 -123.01 53.59
CA LYS KA 61 37.33 -124.12 53.48
C LYS KA 61 37.20 -124.93 54.77
N CYS KA 62 37.07 -126.24 54.60
CA CYS KA 62 36.74 -127.14 55.68
C CYS KA 62 38.02 -127.60 56.36
N CYS KA 63 37.96 -127.86 57.67
CA CYS KA 63 39.02 -128.58 58.38
C CYS KA 63 40.36 -127.85 58.29
N GLY KA 64 40.38 -126.63 58.81
CA GLY KA 64 41.63 -125.90 58.88
C GLY KA 64 41.39 -124.42 59.06
N ALA KA 65 42.42 -123.65 58.75
CA ALA KA 65 42.36 -122.20 58.75
C ALA KA 65 43.01 -121.67 57.48
N SER KA 66 42.55 -120.51 57.05
CA SER KA 66 43.09 -119.85 55.86
C SER KA 66 43.43 -118.41 56.20
N GLU KA 67 44.34 -117.84 55.44
CA GLU KA 67 44.87 -116.51 55.70
C GLU KA 67 44.37 -115.51 54.66
N CYS KA 68 43.89 -114.37 55.14
CA CYS KA 68 43.45 -113.31 54.26
C CYS KA 68 44.64 -112.65 53.58
N SER KA 69 44.40 -112.14 52.38
CA SER KA 69 45.44 -111.49 51.58
C SER KA 69 44.94 -110.12 51.13
N THR KA 70 45.78 -109.10 51.30
CA THR KA 70 45.40 -107.76 50.87
C THR KA 70 45.46 -107.65 49.35
N LYS KA 71 44.69 -106.69 48.82
CA LYS KA 71 44.63 -106.47 47.38
C LYS KA 71 44.48 -104.97 47.10
N GLU KA 72 44.74 -104.60 45.86
CA GLU KA 72 44.68 -103.20 45.44
C GLU KA 72 43.36 -102.96 44.69
N LYS KA 73 42.30 -102.78 45.45
CA LYS KA 73 40.99 -102.52 44.86
C LYS KA 73 40.31 -101.39 45.62
N PRO KA 74 39.43 -100.63 44.96
CA PRO KA 74 38.83 -99.48 45.64
C PRO KA 74 37.92 -99.94 46.77
N ASP KA 75 38.29 -99.56 48.00
CA ASP KA 75 37.53 -99.85 49.20
C ASP KA 75 37.37 -101.35 49.42
N TYR KA 76 38.49 -102.04 49.37
CA TYR KA 76 38.51 -103.49 49.51
C TYR KA 76 38.42 -103.87 50.99
N GLN KA 77 37.59 -104.86 51.30
CA GLN KA 77 37.43 -105.34 52.67
C GLN KA 77 37.40 -106.86 52.66
N CYS KA 78 38.32 -107.48 53.38
CA CYS KA 78 38.41 -108.93 53.44
C CYS KA 78 38.62 -109.37 54.88
N LYS KA 79 37.97 -110.45 55.27
CA LYS KA 79 38.09 -110.92 56.64
C LYS KA 79 37.98 -112.43 56.71
N VAL KA 80 38.39 -112.97 57.85
CA VAL KA 80 38.43 -114.42 58.08
C VAL KA 80 37.62 -114.72 59.33
N TYR KA 81 36.83 -115.79 59.28
CA TYR KA 81 35.95 -116.18 60.36
C TYR KA 81 36.17 -117.66 60.70
N THR KA 82 36.07 -117.98 61.98
CA THR KA 82 36.33 -119.32 62.47
C THR KA 82 35.09 -119.91 63.14
N GLY KA 83 35.08 -121.23 63.25
CA GLY KA 83 34.00 -121.92 63.94
C GLY KA 83 32.74 -122.11 63.14
N VAL KA 84 32.73 -121.73 61.87
CA VAL KA 84 31.52 -121.78 61.06
C VAL KA 84 31.18 -123.23 60.73
N TYR KA 85 29.89 -123.52 60.72
CA TYR KA 85 29.38 -124.84 60.35
C TYR KA 85 28.20 -124.68 59.41
N PRO KA 86 28.46 -124.51 58.12
CA PRO KA 86 27.38 -124.18 57.19
C PRO KA 86 26.51 -125.38 56.89
N PHE KA 87 25.54 -125.15 56.00
CA PHE KA 87 24.61 -126.18 55.57
C PHE KA 87 24.35 -126.02 54.09
N MET KA 88 23.76 -127.05 53.49
CA MET KA 88 23.33 -126.96 52.10
C MET KA 88 21.94 -127.55 51.97
N TRP KA 89 21.43 -127.66 50.74
CA TRP KA 89 20.08 -128.21 50.57
C TRP KA 89 20.04 -129.68 50.93
N GLY KA 90 21.06 -130.44 50.56
CA GLY KA 90 21.06 -131.87 50.82
C GLY KA 90 21.58 -132.25 52.19
N GLY KA 91 22.33 -131.35 52.83
CA GLY KA 91 22.95 -131.65 54.10
C GLY KA 91 23.96 -130.58 54.45
N ALA KA 92 24.77 -130.86 55.46
CA ALA KA 92 25.80 -129.95 55.93
C ALA KA 92 27.17 -130.57 55.68
N TYR KA 93 28.00 -129.89 54.90
CA TYR KA 93 29.35 -130.36 54.66
C TYR KA 93 30.31 -129.64 55.59
N CYS KA 94 31.62 -129.80 55.37
CA CYS KA 94 32.63 -129.58 56.41
C CYS KA 94 32.36 -130.49 57.60
N PHE KA 95 32.55 -131.78 57.34
CA PHE KA 95 32.49 -132.84 58.35
C PHE KA 95 33.18 -132.47 59.66
N CYS KA 96 34.26 -131.69 59.59
CA CYS KA 96 34.89 -131.22 60.82
C CYS KA 96 33.94 -130.30 61.57
N ASP KA 97 33.68 -130.61 62.84
CA ASP KA 97 32.57 -129.98 63.56
C ASP KA 97 32.79 -128.48 63.75
N SER KA 98 34.01 -128.06 64.07
CA SER KA 98 34.25 -126.67 64.39
C SER KA 98 35.49 -126.07 63.77
N GLU KA 99 36.42 -126.87 63.26
CA GLU KA 99 37.71 -126.35 62.78
C GLU KA 99 37.61 -125.88 61.33
N ASN KA 100 36.59 -125.10 61.02
CA ASN KA 100 36.31 -124.67 59.67
C ASN KA 100 36.58 -123.18 59.55
N THR KA 101 36.68 -122.69 58.33
CA THR KA 101 37.02 -121.29 58.17
C THR KA 101 36.28 -120.72 56.97
N GLN KA 102 35.84 -119.47 57.08
CA GLN KA 102 35.21 -118.80 55.96
C GLN KA 102 35.84 -117.44 55.73
N LEU KA 103 36.23 -117.19 54.48
CA LEU KA 103 36.85 -115.92 54.10
C LEU KA 103 35.81 -115.11 53.33
N SER KA 104 35.52 -113.92 53.83
CA SER KA 104 34.56 -113.03 53.18
C SER KA 104 35.30 -111.89 52.49
N GLU KA 105 34.84 -111.54 51.30
CA GLU KA 105 35.49 -110.53 50.47
C GLU KA 105 34.45 -109.57 49.94
N ALA KA 106 34.82 -108.30 49.77
CA ALA KA 106 33.91 -107.34 49.15
C ALA KA 106 34.70 -106.13 48.68
N TYR KA 107 34.17 -105.48 47.65
CA TYR KA 107 34.77 -104.25 47.13
C TYR KA 107 33.74 -103.53 46.27
N VAL KA 108 34.01 -102.27 46.01
CA VAL KA 108 33.07 -101.39 45.31
C VAL KA 108 33.66 -101.01 43.97
N ASP KA 109 32.78 -100.65 43.02
CA ASP KA 109 33.20 -100.30 41.68
C ASP KA 109 32.17 -99.41 41.02
N ARG KA 110 32.60 -98.77 39.93
CA ARG KA 110 31.73 -97.90 39.16
C ARG KA 110 30.56 -98.70 38.59
N SER KA 111 29.41 -98.05 38.45
CA SER KA 111 28.23 -98.76 37.97
C SER KA 111 28.37 -99.08 36.48
N ASP KA 112 27.48 -99.95 36.00
CA ASP KA 112 27.56 -100.37 34.62
C ASP KA 112 27.06 -99.30 33.67
N VAL KA 113 26.13 -98.47 34.11
CA VAL KA 113 25.54 -97.46 33.27
C VAL KA 113 26.10 -96.06 33.59
N CYS KA 114 27.27 -96.02 34.22
CA CYS KA 114 27.87 -94.73 34.56
C CYS KA 114 28.25 -93.92 33.33
N ARG KA 115 28.66 -94.58 32.26
CA ARG KA 115 28.98 -93.85 31.04
C ARG KA 115 27.77 -93.15 30.46
N HIS KA 116 26.55 -93.53 30.86
CA HIS KA 116 25.33 -92.88 30.41
C HIS KA 116 24.74 -91.93 31.43
N ASP KA 117 24.88 -92.22 32.73
CA ASP KA 117 24.27 -91.43 33.80
C ASP KA 117 25.36 -90.98 34.76
N HIS KA 118 25.85 -89.76 34.58
CA HIS KA 118 26.90 -89.25 35.45
C HIS KA 118 26.73 -87.75 35.60
N ALA KA 119 27.22 -87.24 36.73
CA ALA KA 119 27.17 -85.82 37.03
C ALA KA 119 28.58 -85.29 37.06
N SER KA 120 28.79 -84.14 36.42
CA SER KA 120 30.13 -83.61 36.25
C SER KA 120 30.35 -82.40 37.12
N ALA KA 121 31.56 -82.25 37.66
CA ALA KA 121 31.89 -81.11 38.51
C ALA KA 121 32.92 -80.25 37.79
N TYR KA 122 32.62 -78.98 37.61
CA TYR KA 122 33.40 -78.07 36.79
C TYR KA 122 33.89 -76.88 37.60
N LYS KA 123 34.87 -76.18 37.05
CA LYS KA 123 35.22 -74.83 37.47
C LYS KA 123 35.03 -73.90 36.28
N ALA KA 124 34.33 -72.80 36.48
CA ALA KA 124 33.98 -71.88 35.40
C ALA KA 124 34.62 -70.53 35.64
N HIS KA 125 35.22 -69.96 34.61
CA HIS KA 125 35.83 -68.64 34.73
C HIS KA 125 36.05 -68.04 33.35
N THR KA 126 36.09 -66.71 33.30
CA THR KA 126 36.47 -65.94 32.11
C THR KA 126 35.52 -66.25 30.94
N ALA KA 127 34.29 -65.78 31.11
CA ALA KA 127 33.28 -65.94 30.09
C ALA KA 127 33.60 -65.14 28.84
N SER KA 128 33.10 -65.63 27.71
CA SER KA 128 33.27 -64.98 26.40
C SER KA 128 31.91 -64.84 25.73
N LEU KA 129 31.67 -63.71 25.10
CA LEU KA 129 30.37 -63.43 24.50
C LEU KA 129 30.39 -63.68 23.00
N LYS KA 130 29.26 -64.12 22.47
CA LYS KA 130 29.07 -64.14 21.02
C LYS KA 130 27.61 -63.85 20.73
N ALA KA 131 27.34 -63.32 19.55
CA ALA KA 131 26.00 -62.81 19.28
C ALA KA 131 25.67 -62.95 17.80
N LYS KA 132 24.40 -62.73 17.49
CA LYS KA 132 23.93 -62.78 16.11
C LYS KA 132 23.15 -61.49 15.86
N VAL KA 133 23.65 -60.66 14.96
CA VAL KA 133 23.20 -59.28 14.80
C VAL KA 133 22.64 -59.07 13.41
N ARG KA 134 21.49 -58.42 13.34
CA ARG KA 134 20.84 -58.04 12.09
C ARG KA 134 21.14 -56.58 11.82
N VAL KA 135 21.56 -56.29 10.58
CA VAL KA 135 21.88 -54.93 10.17
C VAL KA 135 21.16 -54.62 8.87
N MET KA 136 20.55 -53.44 8.81
CA MET KA 136 19.95 -53.00 7.55
C MET KA 136 20.18 -51.51 7.37
N TYR KA 137 20.45 -51.12 6.13
CA TYR KA 137 20.61 -49.72 5.76
C TYR KA 137 20.60 -49.64 4.25
N GLY KA 138 19.84 -48.68 3.73
CA GLY KA 138 19.71 -48.55 2.29
C GLY KA 138 19.14 -49.80 1.66
N ASN KA 139 19.89 -50.41 0.75
CA ASN KA 139 19.45 -51.62 0.06
C ASN KA 139 20.08 -52.88 0.65
N VAL KA 140 20.78 -52.76 1.77
CA VAL KA 140 21.50 -53.86 2.38
C VAL KA 140 20.70 -54.35 3.57
N ASN KA 141 20.66 -55.67 3.77
CA ASN KA 141 19.91 -56.25 4.88
C ASN KA 141 20.44 -57.66 5.12
N GLN KA 142 21.10 -57.87 6.26
CA GLN KA 142 21.70 -59.17 6.51
C GLN KA 142 21.73 -59.49 7.99
N THR KA 143 22.10 -60.72 8.29
CA THR KA 143 22.26 -61.21 9.64
C THR KA 143 23.59 -61.93 9.74
N VAL KA 144 24.41 -61.52 10.70
CA VAL KA 144 25.77 -62.03 10.82
C VAL KA 144 25.98 -62.57 12.23
N ASP KA 145 26.95 -63.47 12.36
CA ASP KA 145 27.34 -64.00 13.65
C ASP KA 145 28.68 -63.37 14.01
N VAL KA 146 28.72 -62.67 15.14
CA VAL KA 146 29.88 -61.88 15.53
C VAL KA 146 30.29 -62.22 16.94
N TYR KA 147 31.58 -62.46 17.14
CA TYR KA 147 32.16 -62.52 18.48
C TYR KA 147 32.23 -61.12 19.04
N VAL KA 148 31.73 -60.92 20.25
CA VAL KA 148 31.70 -59.58 20.85
C VAL KA 148 32.95 -59.46 21.71
N ASN KA 149 34.06 -59.12 21.05
CA ASN KA 149 35.24 -58.59 21.67
C ASN KA 149 36.03 -57.92 20.58
N GLY KA 150 36.87 -56.96 20.93
CA GLY KA 150 37.33 -56.03 19.93
C GLY KA 150 38.33 -56.61 18.96
N ASP KA 151 38.22 -57.91 18.70
CA ASP KA 151 39.12 -58.56 17.76
C ASP KA 151 38.35 -59.55 16.87
N HIS KA 152 37.22 -59.10 16.32
CA HIS KA 152 36.57 -59.81 15.23
C HIS KA 152 35.80 -58.78 14.43
N ALA KA 153 36.27 -58.51 13.22
CA ALA KA 153 35.61 -57.58 12.32
C ALA KA 153 35.04 -58.34 11.14
N VAL KA 154 33.80 -58.04 10.78
CA VAL KA 154 33.08 -58.76 9.74
C VAL KA 154 32.56 -57.74 8.74
N THR KA 155 32.63 -58.09 7.46
CA THR KA 155 32.27 -57.18 6.38
C THR KA 155 30.85 -57.46 5.91
N ILE KA 156 30.07 -56.40 5.74
CA ILE KA 156 28.68 -56.50 5.33
C ILE KA 156 28.46 -55.50 4.20
N GLY KA 157 28.34 -55.98 2.98
CA GLY KA 157 28.07 -55.09 1.86
C GLY KA 157 29.10 -54.01 1.67
N GLY KA 158 30.38 -54.35 1.77
CA GLY KA 158 31.45 -53.40 1.62
C GLY KA 158 31.79 -52.60 2.85
N THR KA 159 30.98 -52.70 3.90
CA THR KA 159 31.21 -51.99 5.15
C THR KA 159 31.81 -52.94 6.16
N GLN KA 160 32.73 -52.44 6.98
CA GLN KA 160 33.39 -53.29 7.97
C GLN KA 160 32.96 -52.88 9.37
N PHE KA 161 32.41 -53.83 10.13
CA PHE KA 161 31.88 -53.59 11.45
C PHE KA 161 32.75 -54.33 12.46
N ILE KA 162 32.97 -53.74 13.62
CA ILE KA 162 33.72 -54.41 14.68
C ILE KA 162 33.05 -54.11 16.02
N PHE KA 163 32.76 -55.16 16.78
CA PHE KA 163 31.95 -55.04 18.00
C PHE KA 163 32.85 -55.16 19.23
N GLY KA 164 33.01 -54.07 19.96
CA GLY KA 164 33.96 -54.00 21.05
C GLY KA 164 33.53 -54.80 22.25
N PRO KA 165 34.36 -54.79 23.30
CA PRO KA 165 34.07 -55.62 24.47
C PRO KA 165 32.83 -55.16 25.18
N LEU KA 166 32.15 -56.12 25.82
CA LEU KA 166 30.97 -55.80 26.60
C LEU KA 166 31.34 -54.87 27.75
N SER KA 167 30.44 -53.93 28.06
CA SER KA 167 30.77 -52.89 29.03
C SER KA 167 30.98 -53.46 30.42
N SER KA 168 30.05 -54.26 30.90
CA SER KA 168 30.16 -54.87 32.22
C SER KA 168 30.65 -56.30 32.11
N ALA KA 169 31.35 -56.74 33.14
CA ALA KA 169 31.98 -58.05 33.15
C ALA KA 169 31.28 -58.99 34.10
N TRP KA 170 29.95 -58.94 34.10
CA TRP KA 170 29.13 -59.72 35.00
C TRP KA 170 28.86 -61.08 34.39
N THR KA 171 28.92 -62.13 35.21
CA THR KA 171 28.58 -63.47 34.77
C THR KA 171 27.77 -64.19 35.84
N PRO KA 172 26.82 -65.05 35.45
CA PRO KA 172 25.97 -65.69 36.46
C PRO KA 172 26.52 -67.00 37.01
N PHE KA 173 27.61 -67.53 36.47
CA PHE KA 173 28.18 -68.77 36.96
C PHE KA 173 29.20 -68.49 38.05
N ASP KA 174 29.08 -69.18 39.18
CA ASP KA 174 30.05 -69.00 40.26
C ASP KA 174 31.38 -69.63 39.86
N ASN KA 175 32.28 -69.71 40.84
CA ASN KA 175 33.59 -70.27 40.57
C ASN KA 175 33.54 -71.78 40.48
N LYS KA 176 32.49 -72.41 40.99
CA LYS KA 176 32.33 -73.85 40.91
C LYS KA 176 30.96 -74.20 40.38
N ILE KA 177 30.88 -75.30 39.64
CA ILE KA 177 29.67 -75.67 38.89
C ILE KA 177 29.46 -77.16 39.03
N VAL KA 178 28.20 -77.59 39.05
CA VAL KA 178 27.86 -79.01 38.90
C VAL KA 178 26.81 -79.11 37.81
N VAL KA 179 27.08 -79.95 36.81
CA VAL KA 179 26.21 -80.09 35.65
C VAL KA 179 25.64 -81.49 35.60
N TYR KA 180 24.33 -81.59 35.36
CA TYR KA 180 23.63 -82.86 35.27
C TYR KA 180 22.63 -82.75 34.12
N LYS KA 181 22.83 -83.56 33.08
CA LYS KA 181 21.93 -83.58 31.93
C LYS KA 181 21.80 -82.19 31.32
N ASP KA 182 20.71 -81.49 31.60
CA ASP KA 182 20.53 -80.13 31.10
C ASP KA 182 20.17 -79.17 32.22
N GLU KA 183 20.67 -79.41 33.42
CA GLU KA 183 20.51 -78.52 34.55
C GLU KA 183 21.87 -78.23 35.14
N VAL KA 184 22.12 -76.98 35.49
CA VAL KA 184 23.40 -76.55 36.05
C VAL KA 184 23.15 -75.92 37.41
N PHE KA 185 23.99 -76.25 38.39
CA PHE KA 185 23.76 -75.84 39.76
C PHE KA 185 24.98 -75.07 40.28
N ASN KA 186 24.74 -74.02 41.04
CA ASN KA 186 25.79 -73.28 41.72
C ASN KA 186 26.05 -73.97 43.05
N GLN KA 187 27.14 -74.71 43.14
CA GLN KA 187 27.36 -75.60 44.26
C GLN KA 187 28.81 -75.52 44.69
N ASP KA 188 29.11 -76.13 45.83
CA ASP KA 188 30.48 -76.40 46.24
C ASP KA 188 30.64 -77.91 46.36
N PHE KA 189 31.58 -78.47 45.62
CA PHE KA 189 31.79 -79.90 45.73
C PHE KA 189 33.04 -80.19 46.52
N PRO KA 190 33.06 -81.31 47.26
CA PRO KA 190 34.24 -81.62 48.06
C PRO KA 190 35.44 -81.87 47.17
N PRO KA 191 36.65 -81.61 47.67
CA PRO KA 191 37.85 -81.77 46.84
C PRO KA 191 38.08 -83.22 46.48
N TYR KA 192 38.71 -83.43 45.34
CA TYR KA 192 38.97 -84.78 44.87
C TYR KA 192 39.76 -85.56 45.91
N GLY KA 193 39.43 -86.83 46.06
CA GLY KA 193 40.15 -87.66 47.00
C GLY KA 193 39.76 -87.49 48.44
N SER KA 194 38.78 -86.65 48.74
CA SER KA 194 38.34 -86.42 50.11
C SER KA 194 36.82 -86.40 50.20
N GLY KA 195 36.16 -87.29 49.46
CA GLY KA 195 34.72 -87.35 49.53
C GLY KA 195 34.26 -88.06 50.79
N GLN KA 196 33.17 -87.56 51.35
CA GLN KA 196 32.65 -88.13 52.57
C GLN KA 196 31.46 -89.02 52.27
N PRO KA 197 31.31 -90.14 52.97
CA PRO KA 197 30.26 -91.09 52.61
C PRO KA 197 28.87 -90.51 52.76
N GLY KA 198 27.99 -90.91 51.85
CA GLY KA 198 26.58 -90.59 51.97
C GLY KA 198 26.15 -89.30 51.34
N ARG KA 199 27.06 -88.47 50.86
CA ARG KA 199 26.70 -87.21 50.22
C ARG KA 199 27.30 -87.18 48.83
N PHE KA 200 27.22 -86.03 48.17
CA PHE KA 200 27.72 -85.92 46.81
C PHE KA 200 29.20 -86.24 46.76
N GLY KA 201 29.56 -87.19 45.89
CA GLY KA 201 30.96 -87.52 45.71
C GLY KA 201 31.50 -88.58 46.62
N ASP KA 202 30.72 -89.61 46.92
CA ASP KA 202 31.26 -90.72 47.70
C ASP KA 202 32.16 -91.62 46.86
N ILE KA 203 31.93 -91.66 45.54
CA ILE KA 203 32.89 -92.26 44.61
C ILE KA 203 33.24 -91.20 43.58
N GLN KA 204 34.52 -91.13 43.21
CA GLN KA 204 35.05 -90.09 42.35
C GLN KA 204 35.99 -90.71 41.34
N SER KA 205 35.89 -90.26 40.09
CA SER KA 205 36.78 -90.71 39.03
C SER KA 205 37.15 -89.52 38.17
N ARG KA 206 38.40 -89.48 37.71
CA ARG KA 206 38.90 -88.28 37.05
C ARG KA 206 38.26 -88.08 35.68
N THR KA 207 37.86 -89.15 35.01
CA THR KA 207 37.13 -89.03 33.76
C THR KA 207 36.38 -90.33 33.52
N VAL KA 208 35.30 -90.23 32.73
CA VAL KA 208 34.40 -91.37 32.56
C VAL KA 208 35.14 -92.60 32.07
N GLU KA 209 36.20 -92.42 31.29
CA GLU KA 209 37.01 -93.54 30.84
C GLU KA 209 38.15 -93.88 31.79
N SER KA 210 38.40 -93.06 32.81
CA SER KA 210 39.59 -93.24 33.62
C SER KA 210 39.53 -94.52 34.43
N ASN KA 211 40.67 -95.18 34.56
CA ASN KA 211 40.72 -96.48 35.22
C ASN KA 211 40.61 -96.35 36.74
N ASP KA 212 41.36 -95.43 37.33
CA ASP KA 212 41.41 -95.34 38.78
C ASP KA 212 40.15 -94.71 39.35
N LEU KA 213 39.89 -94.98 40.63
CA LEU KA 213 38.64 -94.56 41.24
C LEU KA 213 38.82 -94.51 42.75
N TYR KA 214 38.39 -93.42 43.36
CA TYR KA 214 38.49 -93.21 44.79
C TYR KA 214 37.10 -93.34 45.39
N ALA KA 215 36.91 -94.32 46.26
CA ALA KA 215 35.60 -94.61 46.81
C ALA KA 215 35.68 -94.70 48.32
N ASN KA 216 34.68 -94.13 48.99
CA ASN KA 216 34.67 -94.11 50.45
C ASN KA 216 33.21 -94.20 50.90
N THR KA 217 32.76 -95.42 51.22
CA THR KA 217 31.37 -95.63 51.61
C THR KA 217 31.23 -96.45 52.89
N ALA KA 218 32.31 -96.70 53.61
CA ALA KA 218 32.27 -97.40 54.89
C ALA KA 218 31.62 -98.77 54.75
N LEU KA 219 32.04 -99.50 53.73
CA LEU KA 219 31.61 -100.87 53.54
C LEU KA 219 32.17 -101.70 54.69
N LYS KA 220 31.31 -102.47 55.35
CA LYS KA 220 31.75 -103.24 56.50
C LYS KA 220 31.11 -104.62 56.47
N LEU KA 221 31.82 -105.61 56.97
CA LEU KA 221 31.35 -106.98 56.99
C LEU KA 221 30.90 -107.36 58.40
N ALA KA 222 30.09 -108.41 58.49
CA ALA KA 222 29.66 -108.92 59.79
C ALA KA 222 29.72 -110.44 59.81
N ARG KA 223 29.81 -110.99 61.02
CA ARG KA 223 29.91 -112.43 61.17
C ARG KA 223 28.64 -113.11 60.67
N PRO KA 224 28.75 -114.12 59.81
CA PRO KA 224 27.56 -114.79 59.29
C PRO KA 224 26.85 -115.57 60.38
N SER KA 225 25.54 -115.74 60.19
CA SER KA 225 24.72 -116.46 61.15
C SER KA 225 25.07 -117.94 61.13
N PRO KA 226 24.75 -118.67 62.21
CA PRO KA 226 25.03 -120.10 62.23
C PRO KA 226 24.25 -120.84 61.15
N GLY KA 227 24.90 -121.84 60.55
CA GLY KA 227 24.24 -122.69 59.58
C GLY KA 227 23.79 -122.01 58.31
N MET KA 228 24.51 -120.99 57.85
CA MET KA 228 24.15 -120.29 56.63
C MET KA 228 25.40 -119.86 55.88
N VAL KA 229 25.22 -119.55 54.61
CA VAL KA 229 26.29 -119.07 53.75
C VAL KA 229 25.79 -117.82 53.01
N HIS KA 230 26.00 -116.65 53.60
CA HIS KA 230 25.41 -115.45 53.01
C HIS KA 230 26.27 -114.20 53.02
N VAL KA 231 27.47 -114.19 53.58
CA VAL KA 231 28.40 -113.05 53.56
C VAL KA 231 27.70 -111.72 53.85
N PRO KA 232 27.30 -111.47 55.09
CA PRO KA 232 26.52 -110.26 55.38
C PRO KA 232 27.38 -109.03 55.48
N TYR KA 233 26.85 -107.93 54.94
CA TYR KA 233 27.58 -106.67 54.93
C TYR KA 233 26.61 -105.52 55.12
N THR KA 234 27.15 -104.38 55.53
CA THR KA 234 26.42 -103.13 55.66
C THR KA 234 27.19 -102.01 55.00
N GLN KA 235 26.46 -101.05 54.43
CA GLN KA 235 27.09 -99.99 53.66
C GLN KA 235 26.13 -98.82 53.54
N THR KA 236 26.67 -97.62 53.65
CA THR KA 236 25.86 -96.42 53.58
C THR KA 236 25.34 -96.20 52.17
N PRO KA 237 24.07 -95.87 51.99
CA PRO KA 237 23.51 -95.70 50.65
C PRO KA 237 24.25 -94.66 49.84
N SER KA 238 23.93 -94.61 48.56
CA SER KA 238 24.76 -93.90 47.60
C SER KA 238 24.55 -92.40 47.65
N GLY KA 239 25.65 -91.69 47.78
CA GLY KA 239 25.60 -90.25 47.86
C GLY KA 239 25.04 -89.62 46.62
N PHE KA 240 25.31 -90.20 45.45
CA PHE KA 240 24.69 -89.67 44.25
C PHE KA 240 23.17 -89.77 44.32
N LYS KA 241 22.64 -90.84 44.91
CA LYS KA 241 21.20 -90.94 44.98
C LYS KA 241 20.57 -90.02 46.01
N TYR KA 242 21.20 -89.81 47.18
CA TYR KA 242 20.68 -88.73 48.02
C TYR KA 242 20.79 -87.37 47.34
N TRP KA 243 21.85 -87.13 46.57
CA TRP KA 243 21.94 -85.84 45.92
C TRP KA 243 20.83 -85.66 44.91
N LEU KA 244 20.51 -86.73 44.16
CA LEU KA 244 19.47 -86.61 43.15
C LEU KA 244 18.13 -86.22 43.76
N LYS KA 245 17.91 -86.57 45.02
CA LYS KA 245 16.65 -86.28 45.67
C LYS KA 245 16.65 -84.96 46.42
N GLU KA 246 17.78 -84.56 47.00
CA GLU KA 246 17.77 -83.36 47.84
C GLU KA 246 18.64 -82.25 47.26
N LYS KA 247 18.87 -82.25 45.94
CA LYS KA 247 19.76 -81.24 45.38
C LYS KA 247 19.25 -79.85 45.62
N GLY KA 248 17.96 -79.62 45.36
CA GLY KA 248 17.38 -78.33 45.63
C GLY KA 248 17.65 -77.33 44.54
N THR KA 249 16.61 -76.62 44.12
CA THR KA 249 16.70 -75.54 43.14
C THR KA 249 17.37 -75.97 41.85
N ALA KA 250 17.88 -74.98 41.13
CA ALA KA 250 18.60 -75.13 39.88
C ALA KA 250 19.26 -73.80 39.62
N LEU KA 251 19.76 -73.59 38.41
CA LEU KA 251 20.04 -72.25 37.97
C LEU KA 251 19.08 -71.79 36.90
N ASN KA 252 18.46 -72.72 36.18
CA ASN KA 252 17.54 -72.35 35.13
C ASN KA 252 16.38 -71.52 35.66
N THR KA 253 15.96 -71.78 36.90
CA THR KA 253 14.82 -71.11 37.49
C THR KA 253 15.23 -70.09 38.55
N LYS KA 254 16.49 -69.67 38.55
CA LYS KA 254 16.98 -68.70 39.52
C LYS KA 254 17.88 -67.65 38.94
N ALA KA 255 18.38 -67.80 37.72
CA ALA KA 255 19.40 -66.89 37.22
C ALA KA 255 18.85 -65.47 37.12
N PRO KA 256 19.67 -64.46 37.39
CA PRO KA 256 19.21 -63.08 37.29
C PRO KA 256 19.08 -62.65 35.84
N PHE KA 257 18.49 -61.47 35.65
CA PHE KA 257 18.35 -60.83 34.35
C PHE KA 257 17.54 -61.65 33.36
N GLY KA 258 16.95 -62.75 33.80
CA GLY KA 258 16.03 -63.48 32.97
C GLY KA 258 16.62 -64.07 31.71
N CYS KA 259 17.74 -64.76 31.84
CA CYS KA 259 18.39 -65.39 30.70
C CYS KA 259 18.39 -66.89 30.82
N GLN KA 260 18.03 -67.56 29.73
CA GLN KA 260 17.88 -69.01 29.78
C GLN KA 260 19.25 -69.66 29.85
N ILE KA 261 19.29 -70.91 30.29
CA ILE KA 261 20.54 -71.63 30.42
C ILE KA 261 20.40 -72.98 29.73
N LYS KA 262 21.43 -73.37 28.98
CA LYS KA 262 21.41 -74.64 28.30
C LYS KA 262 22.77 -75.30 28.40
N THR KA 263 22.83 -76.57 28.02
CA THR KA 263 24.02 -77.39 28.17
C THR KA 263 24.45 -77.93 26.81
N ASN KA 264 25.69 -78.41 26.74
CA ASN KA 264 26.30 -78.95 25.54
C ASN KA 264 26.38 -77.92 24.43
N PRO KA 265 27.25 -76.91 24.55
CA PRO KA 265 28.09 -76.60 25.69
C PRO KA 265 27.32 -75.78 26.71
N VAL KA 266 27.87 -75.62 27.91
CA VAL KA 266 27.22 -74.81 28.93
C VAL KA 266 27.15 -73.37 28.45
N ARG KA 267 25.98 -72.76 28.52
CA ARG KA 267 25.86 -71.40 28.03
C ARG KA 267 24.61 -70.76 28.59
N ALA KA 268 24.63 -69.44 28.69
CA ALA KA 268 23.49 -68.66 29.14
C ALA KA 268 23.11 -67.68 28.06
N MET KA 269 21.90 -67.80 27.53
CA MET KA 269 21.50 -67.05 26.35
C MET KA 269 20.46 -65.99 26.67
N ASN KA 270 20.53 -64.91 25.86
CA ASN KA 270 19.54 -63.86 25.82
C ASN KA 270 19.46 -63.11 27.14
N CYS KA 271 20.59 -62.56 27.56
CA CYS KA 271 20.75 -62.18 28.96
C CYS KA 271 21.09 -60.71 28.98
N ALA KA 272 20.07 -59.88 29.18
CA ALA KA 272 20.15 -58.45 28.87
C ALA KA 272 20.86 -57.71 29.99
N VAL KA 273 22.04 -57.17 29.69
CA VAL KA 273 22.77 -56.32 30.61
C VAL KA 273 23.87 -55.60 29.83
N GLY KA 274 24.04 -54.32 30.13
CA GLY KA 274 25.17 -53.58 29.61
C GLY KA 274 25.03 -53.06 28.19
N ASN KA 275 26.15 -52.58 27.68
CA ASN KA 275 26.21 -51.90 26.40
C ASN KA 275 27.25 -52.57 25.52
N ILE KA 276 27.08 -52.44 24.22
CA ILE KA 276 28.02 -52.96 23.23
C ILE KA 276 28.48 -51.79 22.37
N PRO KA 277 29.77 -51.49 22.37
CA PRO KA 277 30.29 -50.48 21.44
C PRO KA 277 30.46 -51.11 20.06
N VAL KA 278 30.30 -50.29 19.02
CA VAL KA 278 30.51 -50.73 17.65
C VAL KA 278 31.34 -49.66 16.95
N SER KA 279 32.26 -50.10 16.10
CA SER KA 279 32.99 -49.21 15.22
C SER KA 279 32.72 -49.63 13.78
N MET KA 280 32.63 -48.63 12.90
CA MET KA 280 32.22 -48.85 11.53
C MET KA 280 33.27 -48.27 10.60
N ASN KA 281 33.37 -48.87 9.42
CA ASN KA 281 34.23 -48.33 8.37
C ASN KA 281 33.42 -48.46 7.07
N LEU KA 282 33.01 -47.33 6.55
CA LEU KA 282 32.06 -47.37 5.44
C LEU KA 282 32.73 -46.98 4.13
N PRO KA 283 32.29 -47.58 3.02
CA PRO KA 283 32.73 -47.12 1.71
C PRO KA 283 31.99 -45.85 1.33
N ASP KA 284 32.48 -45.22 0.26
CA ASP KA 284 31.92 -43.94 -0.15
C ASP KA 284 30.73 -44.07 -1.08
N SER KA 285 30.41 -45.28 -1.53
CA SER KA 285 29.24 -45.48 -2.37
C SER KA 285 27.95 -45.58 -1.58
N ALA KA 286 28.02 -45.77 -0.27
CA ALA KA 286 26.80 -45.94 0.51
C ALA KA 286 25.99 -44.66 0.60
N PHE KA 287 26.65 -43.53 0.79
CA PHE KA 287 25.95 -42.27 0.92
C PHE KA 287 25.43 -41.81 -0.45
N THR KA 288 24.72 -40.69 -0.43
CA THR KA 288 24.22 -40.07 -1.65
C THR KA 288 24.73 -38.63 -1.72
N ARG KA 289 25.11 -38.21 -2.92
CA ARG KA 289 25.53 -36.83 -3.11
C ARG KA 289 24.40 -35.87 -2.77
N ILE KA 290 24.73 -34.77 -2.09
CA ILE KA 290 23.71 -33.87 -1.59
C ILE KA 290 22.93 -33.22 -2.72
N VAL KA 291 23.59 -32.82 -3.80
CA VAL KA 291 22.87 -32.23 -4.92
C VAL KA 291 21.88 -33.23 -5.50
N GLU KA 292 22.21 -34.51 -5.49
CA GLU KA 292 21.26 -35.54 -5.91
C GLU KA 292 20.12 -35.67 -4.92
N ALA KA 293 20.40 -35.52 -3.63
CA ALA KA 293 19.35 -35.61 -2.62
C ALA KA 293 18.43 -34.39 -2.68
N PRO KA 294 17.18 -34.55 -2.27
CA PRO KA 294 16.27 -33.40 -2.21
C PRO KA 294 16.69 -32.44 -1.12
N THR KA 295 16.22 -31.20 -1.25
CA THR KA 295 16.47 -30.15 -0.28
C THR KA 295 15.17 -29.76 0.40
N ILE KA 296 15.19 -29.73 1.73
CA ILE KA 296 13.98 -29.46 2.52
C ILE KA 296 14.13 -28.11 3.20
N ILE KA 297 13.11 -27.28 3.09
CA ILE KA 297 13.09 -25.96 3.69
C ILE KA 297 11.79 -25.78 4.45
N ASP KA 298 11.85 -25.01 5.53
CA ASP KA 298 10.68 -24.64 6.32
C ASP KA 298 9.94 -25.88 6.84
N LEU KA 299 10.62 -26.58 7.74
CA LEU KA 299 10.13 -27.83 8.29
C LEU KA 299 9.43 -27.55 9.62
N THR KA 300 8.21 -28.09 9.77
CA THR KA 300 7.39 -27.85 10.95
C THR KA 300 6.84 -29.15 11.48
N CYS KA 301 6.90 -29.34 12.79
CA CYS KA 301 6.50 -30.57 13.47
C CYS KA 301 5.23 -30.35 14.27
N THR KA 302 4.27 -31.27 14.13
CA THR KA 302 3.06 -31.25 14.93
C THR KA 302 2.75 -32.66 15.41
N VAL KA 303 2.12 -32.77 16.57
CA VAL KA 303 1.77 -34.06 17.16
C VAL KA 303 0.28 -34.23 17.10
N ALA KA 304 -0.18 -35.36 16.54
CA ALA KA 304 -1.61 -35.63 16.50
C ALA KA 304 -2.12 -36.14 17.84
N THR KA 305 -1.52 -37.21 18.35
CA THR KA 305 -1.87 -37.75 19.64
C THR KA 305 -0.69 -38.52 20.22
N CYS KA 306 -0.73 -38.74 21.53
CA CYS KA 306 0.37 -39.39 22.23
C CYS KA 306 -0.20 -40.30 23.31
N THR KA 307 0.49 -41.40 23.58
CA THR KA 307 0.15 -42.26 24.73
C THR KA 307 1.37 -43.12 25.03
N HIS KA 308 2.01 -42.88 26.17
CA HIS KA 308 3.29 -43.54 26.46
C HIS KA 308 3.04 -44.98 26.86
N SER KA 309 2.87 -45.83 25.85
CA SER KA 309 2.71 -47.26 26.04
C SER KA 309 3.99 -47.97 25.63
N SER KA 310 4.01 -49.28 25.79
CA SER KA 310 5.18 -50.06 25.40
C SER KA 310 5.32 -50.10 23.89
N ASP KA 311 4.21 -50.14 23.17
CA ASP KA 311 4.28 -50.13 21.71
C ASP KA 311 4.35 -48.68 21.23
N PHE KA 312 4.31 -48.49 19.92
CA PHE KA 312 4.46 -47.16 19.33
C PHE KA 312 3.12 -46.44 19.42
N GLY KA 313 3.05 -45.45 20.30
CA GLY KA 313 1.80 -44.78 20.56
C GLY KA 313 1.78 -43.27 20.36
N GLY KA 314 2.51 -42.75 19.38
CA GLY KA 314 2.39 -41.35 19.03
C GLY KA 314 2.50 -41.15 17.53
N VAL KA 315 1.67 -40.26 17.01
CA VAL KA 315 1.62 -39.97 15.58
C VAL KA 315 2.14 -38.56 15.36
N LEU KA 316 3.14 -38.43 14.49
CA LEU KA 316 3.81 -37.18 14.19
C LEU KA 316 3.52 -36.78 12.75
N THR KA 317 3.34 -35.49 12.50
CA THR KA 317 3.22 -34.98 11.16
C THR KA 317 4.23 -33.87 10.93
N LEU KA 318 4.94 -33.95 9.81
CA LEU KA 318 5.94 -32.97 9.42
C LEU KA 318 5.50 -32.32 8.13
N THR KA 319 5.51 -30.99 8.10
CA THR KA 319 5.12 -30.22 6.93
C THR KA 319 6.34 -29.47 6.41
N TYR KA 320 6.45 -29.38 5.09
CA TYR KA 320 7.67 -28.89 4.46
C TYR KA 320 7.37 -28.40 3.06
N LYS KA 321 8.39 -27.85 2.42
CA LYS KA 321 8.36 -27.50 1.00
C LYS KA 321 9.65 -28.01 0.37
N THR KA 322 9.54 -28.67 -0.78
CA THR KA 322 10.68 -29.26 -1.45
C THR KA 322 10.68 -28.90 -2.93
N ASP KA 323 11.83 -29.12 -3.56
CA ASP KA 323 11.97 -28.81 -4.98
C ASP KA 323 11.82 -30.05 -5.85
N LYS KA 324 12.45 -31.15 -5.46
CA LYS KA 324 12.30 -32.42 -6.14
C LYS KA 324 11.97 -33.49 -5.11
N ASN KA 325 11.33 -34.56 -5.57
CA ASN KA 325 10.85 -35.60 -4.67
C ASN KA 325 11.82 -36.77 -4.66
N GLY KA 326 12.06 -37.31 -3.46
CA GLY KA 326 13.01 -38.38 -3.28
C GLY KA 326 12.87 -39.02 -1.90
N ASP KA 327 13.99 -39.37 -1.27
CA ASP KA 327 13.96 -40.02 0.03
C ASP KA 327 14.78 -39.22 1.03
N CYS KA 328 14.30 -39.20 2.27
CA CYS KA 328 15.06 -38.67 3.38
C CYS KA 328 15.23 -39.74 4.44
N SER KA 329 16.21 -39.52 5.31
CA SER KA 329 16.49 -40.39 6.44
C SER KA 329 16.11 -39.66 7.72
N VAL KA 330 14.92 -39.90 8.21
CA VAL KA 330 14.44 -39.23 9.41
C VAL KA 330 15.24 -39.71 10.62
N HIS KA 331 15.26 -38.89 11.66
CA HIS KA 331 15.88 -39.32 12.91
C HIS KA 331 15.42 -38.45 14.07
N SER KA 332 15.51 -39.02 15.27
CA SER KA 332 15.31 -38.32 16.53
C SER KA 332 16.65 -38.17 17.22
N HIS KA 333 16.95 -36.97 17.72
CA HIS KA 333 18.23 -36.74 18.38
C HIS KA 333 18.18 -36.90 19.89
N SER KA 334 17.16 -37.55 20.42
CA SER KA 334 17.08 -37.81 21.85
C SER KA 334 16.59 -39.24 22.07
N ASN KA 335 16.92 -39.80 23.22
CA ASN KA 335 16.41 -41.12 23.58
C ASN KA 335 15.08 -41.04 24.31
N VAL KA 336 14.50 -39.86 24.47
CA VAL KA 336 13.19 -39.77 25.09
C VAL KA 336 12.16 -40.47 24.21
N ALA KA 337 12.24 -40.25 22.90
CA ALA KA 337 11.34 -40.86 21.96
C ALA KA 337 12.12 -41.58 20.88
N THR KA 338 11.66 -42.78 20.54
CA THR KA 338 12.29 -43.57 19.48
C THR KA 338 11.31 -43.70 18.32
N LEU KA 339 11.78 -43.42 17.11
CA LEU KA 339 10.95 -43.52 15.93
C LEU KA 339 10.79 -44.97 15.51
N GLN KA 340 9.81 -45.22 14.64
CA GLN KA 340 9.63 -46.57 14.15
C GLN KA 340 10.38 -46.83 12.84
N GLU KA 341 10.34 -45.89 11.91
CA GLU KA 341 10.96 -46.07 10.61
C GLU KA 341 12.12 -45.09 10.43
N ALA KA 342 13.04 -45.44 9.53
CA ALA KA 342 14.24 -44.66 9.32
C ALA KA 342 14.38 -44.18 7.89
N THR KA 343 13.30 -44.15 7.12
CA THR KA 343 13.37 -43.61 5.77
C THR KA 343 11.97 -43.20 5.33
N ALA KA 344 11.87 -42.00 4.79
CA ALA KA 344 10.57 -41.47 4.41
C ALA KA 344 10.63 -40.96 2.97
N LYS KA 345 9.50 -41.08 2.28
CA LYS KA 345 9.38 -40.60 0.91
C LYS KA 345 8.89 -39.16 0.95
N VAL KA 346 9.66 -38.27 0.40
CA VAL KA 346 9.27 -36.87 0.36
C VAL KA 346 8.63 -36.59 -0.99
N LYS KA 347 7.56 -35.80 -0.98
CA LYS KA 347 6.86 -35.41 -2.19
C LYS KA 347 6.48 -33.94 -2.09
N THR KA 348 6.11 -33.37 -3.24
CA THR KA 348 5.74 -31.96 -3.26
C THR KA 348 4.45 -31.67 -2.50
N ALA KA 349 3.70 -32.72 -2.14
CA ALA KA 349 2.46 -32.53 -1.40
C ALA KA 349 2.69 -31.88 -0.04
N GLY KA 350 3.92 -31.89 0.46
CA GLY KA 350 4.25 -31.18 1.68
C GLY KA 350 3.58 -31.71 2.92
N LYS KA 351 3.62 -33.03 3.12
CA LYS KA 351 3.05 -33.61 4.33
C LYS KA 351 3.57 -35.03 4.48
N VAL KA 352 4.21 -35.34 5.60
CA VAL KA 352 4.68 -36.69 5.89
C VAL KA 352 4.30 -37.02 7.33
N THR KA 353 4.22 -38.31 7.62
CA THR KA 353 3.82 -38.77 8.95
C THR KA 353 4.80 -39.81 9.47
N LEU KA 354 4.85 -39.95 10.79
CA LEU KA 354 5.75 -40.88 11.45
C LEU KA 354 5.08 -41.45 12.68
N HIS KA 355 5.56 -42.59 13.13
CA HIS KA 355 5.13 -43.18 14.39
C HIS KA 355 6.30 -43.20 15.35
N PHE KA 356 6.04 -42.86 16.61
CA PHE KA 356 7.10 -42.87 17.61
C PHE KA 356 6.57 -43.44 18.91
N SER KA 357 7.50 -43.83 19.78
CA SER KA 357 7.18 -44.32 21.11
C SER KA 357 7.95 -43.52 22.14
N THR KA 358 7.27 -43.17 23.23
CA THR KA 358 7.84 -42.36 24.29
C THR KA 358 7.44 -42.94 25.63
N ALA KA 359 8.06 -42.42 26.70
CA ALA KA 359 7.76 -42.93 28.04
C ALA KA 359 7.72 -41.82 29.08
N SER KA 360 7.50 -40.58 28.66
CA SER KA 360 7.42 -39.46 29.59
C SER KA 360 6.14 -38.68 29.32
N ALA KA 361 5.63 -38.03 30.36
CA ALA KA 361 4.37 -37.31 30.22
C ALA KA 361 4.49 -36.17 29.21
N SER KA 362 5.63 -35.48 29.20
CA SER KA 362 5.84 -34.33 28.32
C SER KA 362 7.17 -34.51 27.60
N PRO KA 363 7.20 -35.26 26.51
CA PRO KA 363 8.44 -35.46 25.76
C PRO KA 363 8.81 -34.23 24.96
N SER KA 364 10.10 -34.09 24.70
CA SER KA 364 10.61 -33.00 23.88
C SER KA 364 11.82 -33.49 23.13
N PHE KA 365 11.74 -33.52 21.80
CA PHE KA 365 12.85 -34.04 21.02
C PHE KA 365 12.93 -33.32 19.69
N VAL KA 366 14.12 -33.33 19.10
CA VAL KA 366 14.37 -32.66 17.84
C VAL KA 366 14.54 -33.73 16.75
N VAL KA 367 13.72 -33.64 15.71
CA VAL KA 367 13.73 -34.60 14.62
C VAL KA 367 14.30 -33.95 13.38
N SER KA 368 14.81 -34.77 12.48
CA SER KA 368 15.49 -34.28 11.29
C SER KA 368 15.04 -35.09 10.08
N LEU KA 369 14.82 -34.40 8.97
CA LEU KA 369 14.44 -34.99 7.69
C LEU KA 369 15.43 -34.50 6.65
N CYS KA 370 16.10 -35.44 5.97
CA CYS KA 370 17.30 -35.10 5.22
C CYS KA 370 18.21 -34.17 6.01
N SER KA 371 18.34 -32.92 5.61
CA SER KA 371 19.24 -32.00 6.28
C SER KA 371 18.53 -30.95 7.12
N ALA KA 372 17.20 -30.91 7.09
CA ALA KA 372 16.46 -29.93 7.86
C ALA KA 372 16.53 -30.27 9.35
N ARG KA 373 15.72 -29.56 10.14
CA ARG KA 373 15.65 -29.82 11.57
C ARG KA 373 14.41 -29.17 12.13
N ALA KA 374 13.78 -29.82 13.11
CA ALA KA 374 12.62 -29.20 13.73
C ALA KA 374 12.46 -29.77 15.13
N THR KA 375 11.75 -29.05 15.98
CA THR KA 375 11.60 -29.42 17.38
C THR KA 375 10.15 -29.85 17.62
N CYS KA 376 9.96 -30.80 18.52
CA CYS KA 376 8.65 -31.39 18.78
C CYS KA 376 8.44 -31.50 20.28
N SER KA 377 7.25 -31.12 20.72
CA SER KA 377 6.83 -31.25 22.10
C SER KA 377 5.33 -31.47 22.14
N ALA KA 378 4.88 -32.32 23.06
CA ALA KA 378 3.47 -32.65 23.14
C ALA KA 378 3.16 -33.18 24.53
N SER KA 379 1.88 -33.44 24.76
CA SER KA 379 1.41 -33.96 26.04
C SER KA 379 0.85 -35.35 25.81
N CYS KA 380 1.25 -36.30 26.65
CA CYS KA 380 0.81 -37.68 26.52
C CYS KA 380 0.06 -38.11 27.76
N GLU KA 381 -1.03 -38.84 27.57
CA GLU KA 381 -1.92 -39.35 28.60
C GLU KA 381 -1.56 -40.80 28.92
N PRO KA 382 -1.76 -41.25 30.14
CA PRO KA 382 -1.37 -42.62 30.51
C PRO KA 382 -2.19 -43.65 29.77
N PRO KA 383 -1.69 -44.87 29.62
CA PRO KA 383 -2.48 -45.94 29.02
C PRO KA 383 -3.33 -46.63 30.07
N LYS KA 384 -4.31 -47.40 29.59
CA LYS KA 384 -5.25 -48.05 30.49
C LYS KA 384 -4.85 -49.47 30.84
N ASP KA 385 -4.13 -50.16 29.95
CA ASP KA 385 -3.87 -51.58 30.14
C ASP KA 385 -2.82 -51.81 31.21
N HIS KA 386 -3.15 -52.67 32.17
CA HIS KA 386 -2.22 -52.91 33.26
C HIS KA 386 -1.01 -53.72 32.81
N ILE KA 387 -1.22 -54.77 32.02
CA ILE KA 387 -0.16 -55.72 31.70
C ILE KA 387 -0.20 -56.09 30.23
N VAL KA 388 0.96 -56.21 29.61
CA VAL KA 388 1.06 -56.55 28.19
C VAL KA 388 2.05 -57.70 28.03
N PRO KA 389 1.95 -58.50 26.98
CA PRO KA 389 2.87 -59.63 26.78
C PRO KA 389 4.11 -59.34 25.94
N TYR KA 390 4.49 -58.09 25.70
CA TYR KA 390 5.70 -57.80 24.94
C TYR KA 390 6.53 -56.75 25.66
N ALA KA 391 7.84 -56.84 25.52
CA ALA KA 391 8.74 -55.94 26.22
C ALA KA 391 8.63 -54.52 25.68
N ALA KA 392 9.06 -53.57 26.50
CA ALA KA 392 8.94 -52.16 26.16
C ALA KA 392 9.84 -51.80 24.98
N SER KA 393 9.37 -50.87 24.15
CA SER KA 393 10.10 -50.44 22.98
C SER KA 393 10.70 -49.06 23.11
N HIS KA 394 10.67 -48.45 24.29
CA HIS KA 394 11.27 -47.14 24.48
C HIS KA 394 12.52 -47.27 25.34
N SER KA 395 13.20 -46.15 25.56
CA SER KA 395 14.43 -46.15 26.34
C SER KA 395 14.17 -46.09 27.83
N ASN KA 396 12.91 -45.99 28.24
CA ASN KA 396 12.51 -45.99 29.64
C ASN KA 396 13.10 -44.80 30.40
N VAL KA 397 12.78 -43.61 29.91
CA VAL KA 397 13.17 -42.35 30.53
C VAL KA 397 11.88 -41.60 30.87
N VAL KA 398 11.87 -40.94 32.02
CA VAL KA 398 10.60 -40.46 32.57
C VAL KA 398 10.59 -38.96 32.83
N PHE KA 399 11.77 -38.37 33.02
CA PHE KA 399 11.82 -36.95 33.40
C PHE KA 399 11.22 -36.09 32.30
N PRO KA 400 10.23 -35.26 32.61
CA PRO KA 400 9.59 -34.44 31.58
C PRO KA 400 10.47 -33.29 31.16
N ASP KA 401 9.99 -32.54 30.17
CA ASP KA 401 10.70 -31.36 29.72
C ASP KA 401 10.54 -30.23 30.72
N MET KA 402 11.51 -29.32 30.72
CA MET KA 402 11.45 -28.15 31.57
C MET KA 402 10.25 -27.27 31.25
N SER KA 403 9.78 -27.29 30.01
CA SER KA 403 8.65 -26.47 29.59
C SER KA 403 7.31 -27.21 29.63
N GLY KA 404 7.29 -28.43 30.13
CA GLY KA 404 6.03 -29.14 30.29
C GLY KA 404 5.19 -28.50 31.38
N THR KA 405 3.99 -29.04 31.55
CA THR KA 405 3.03 -28.41 32.46
C THR KA 405 3.56 -28.36 33.89
N ALA KA 406 4.02 -29.49 34.41
CA ALA KA 406 4.41 -29.54 35.82
C ALA KA 406 5.60 -28.62 36.08
N LEU KA 407 6.65 -28.74 35.29
CA LEU KA 407 7.80 -27.88 35.51
C LEU KA 407 7.47 -26.43 35.18
N SER KA 408 6.48 -26.19 34.32
CA SER KA 408 6.03 -24.82 34.12
C SER KA 408 5.45 -24.24 35.40
N TRP KA 409 4.64 -25.03 36.10
CA TRP KA 409 4.09 -24.54 37.37
C TRP KA 409 5.19 -24.27 38.38
N VAL KA 410 6.16 -25.19 38.46
CA VAL KA 410 7.28 -24.96 39.38
C VAL KA 410 8.03 -23.69 38.99
N GLN KA 411 8.21 -23.47 37.69
CA GLN KA 411 8.89 -22.25 37.23
C GLN KA 411 8.14 -21.01 37.67
N LYS KA 412 6.82 -21.00 37.48
CA LYS KA 412 6.05 -19.81 37.83
C LYS KA 412 6.12 -19.51 39.31
N ILE KA 413 5.95 -20.53 40.16
CA ILE KA 413 5.99 -20.29 41.59
C ILE KA 413 7.38 -19.82 42.03
N SER KA 414 8.43 -20.47 41.55
CA SER KA 414 9.76 -20.07 41.95
C SER KA 414 10.07 -18.67 41.46
N GLY KA 415 9.59 -18.32 40.27
CA GLY KA 415 9.80 -16.97 39.77
C GLY KA 415 9.13 -15.92 40.64
N GLY KA 416 7.91 -16.20 41.09
CA GLY KA 416 7.25 -15.27 42.00
C GLY KA 416 8.03 -15.07 43.28
N LEU KA 417 8.46 -16.18 43.90
CA LEU KA 417 9.21 -16.05 45.15
C LEU KA 417 10.53 -15.32 44.93
N GLY KA 418 11.21 -15.59 43.82
CA GLY KA 418 12.47 -14.93 43.56
C GLY KA 418 12.30 -13.43 43.34
N ALA KA 419 11.23 -13.04 42.62
CA ALA KA 419 10.97 -11.62 42.46
C ALA KA 419 10.72 -10.95 43.79
N PHE KA 420 9.95 -11.60 44.66
CA PHE KA 420 9.72 -11.04 45.99
C PHE KA 420 11.02 -10.88 46.76
N ALA KA 421 11.86 -11.91 46.77
CA ALA KA 421 13.10 -11.85 47.54
C ALA KA 421 14.03 -10.78 47.00
N ILE KA 422 14.12 -10.64 45.68
CA ILE KA 422 14.99 -9.63 45.11
C ILE KA 422 14.48 -8.24 45.42
N GLY KA 423 13.15 -8.05 45.42
CA GLY KA 423 12.61 -6.76 45.84
C GLY KA 423 12.98 -6.42 47.28
N ALA KA 424 12.85 -7.40 48.18
CA ALA KA 424 13.22 -7.14 49.56
C ALA KA 424 14.70 -6.81 49.70
N ILE KA 425 15.56 -7.53 48.97
CA ILE KA 425 16.99 -7.23 48.99
C ILE KA 425 17.23 -5.81 48.52
N LEU KA 426 16.53 -5.39 47.46
CA LEU KA 426 16.72 -4.03 46.96
C LEU KA 426 16.36 -3.00 48.02
N VAL KA 427 15.24 -3.22 48.72
CA VAL KA 427 14.85 -2.28 49.76
C VAL KA 427 15.89 -2.22 50.87
N LEU KA 428 16.38 -3.38 51.30
CA LEU KA 428 17.36 -3.37 52.38
C LEU KA 428 18.65 -2.67 51.95
N VAL KA 429 19.08 -2.89 50.71
CA VAL KA 429 20.30 -2.24 50.24
C VAL KA 429 20.11 -0.73 50.15
N VAL KA 430 18.94 -0.28 49.69
CA VAL KA 430 18.69 1.16 49.65
C VAL KA 430 18.75 1.76 51.04
N VAL KA 431 18.13 1.09 52.02
CA VAL KA 431 18.15 1.62 53.38
C VAL KA 431 19.56 1.63 53.94
N THR KA 432 20.33 0.57 53.69
CA THR KA 432 21.71 0.56 54.20
C THR KA 432 22.54 1.66 53.55
N CYS KA 433 22.37 1.90 52.25
CA CYS KA 433 23.11 2.97 51.61
C CYS KA 433 22.72 4.34 52.16
N ILE KA 434 21.42 4.57 52.38
CA ILE KA 434 21.01 5.87 52.90
C ILE KA 434 21.54 6.07 54.32
N GLY KA 435 21.57 4.99 55.11
CA GLY KA 435 22.13 5.08 56.45
C GLY KA 435 23.62 5.37 56.43
N LEU KA 436 24.36 4.69 55.56
CA LEU KA 436 25.79 4.94 55.46
C LEU KA 436 26.08 6.35 54.97
N ARG KA 437 25.29 6.85 54.03
CA ARG KA 437 25.47 8.22 53.57
C ARG KA 437 25.14 9.23 54.66
N ARG KA 438 24.18 8.94 55.53
CA ARG KA 438 23.95 9.78 56.70
C ARG KA 438 25.17 9.83 57.61
N HIS LA 1 113.51 -104.79 -7.29
CA HIS LA 1 113.73 -104.17 -6.00
C HIS LA 1 112.57 -104.46 -5.04
N PHE LA 2 112.50 -103.70 -3.95
CA PHE LA 2 111.45 -103.91 -2.96
C PHE LA 2 110.09 -103.50 -3.51
N ASN LA 3 109.07 -104.25 -3.11
CA ASN LA 3 107.71 -104.07 -3.62
C ASN LA 3 106.72 -104.00 -2.45
N VAL LA 4 106.97 -103.11 -1.49
CA VAL LA 4 106.29 -103.06 -0.20
C VAL LA 4 104.79 -103.30 -0.33
N TYR LA 5 104.19 -102.87 -1.43
CA TYR LA 5 102.76 -103.06 -1.60
C TYR LA 5 102.43 -104.48 -2.05
N LYS LA 6 102.96 -105.49 -1.37
CA LYS LA 6 102.60 -106.87 -1.62
C LYS LA 6 101.96 -107.55 -0.42
N ALA LA 7 102.31 -107.13 0.79
CA ALA LA 7 101.69 -107.64 2.01
C ALA LA 7 100.53 -106.77 2.45
N THR LA 8 100.13 -105.82 1.63
CA THR LA 8 99.04 -104.91 1.94
C THR LA 8 97.88 -105.19 1.00
N ARG LA 9 96.67 -105.10 1.53
CA ARG LA 9 95.48 -105.30 0.72
C ARG LA 9 94.50 -104.17 0.97
N PRO LA 10 93.67 -103.85 -0.02
CA PRO LA 10 92.62 -102.85 0.20
C PRO LA 10 91.61 -103.34 1.22
N TYR LA 11 90.95 -102.37 1.87
CA TYR LA 11 89.94 -102.71 2.85
C TYR LA 11 88.70 -101.86 2.60
N ILE LA 12 87.65 -102.17 3.36
CA ILE LA 12 86.37 -101.51 3.25
C ILE LA 12 86.03 -100.90 4.61
N ALA LA 13 85.61 -99.65 4.61
CA ALA LA 13 85.33 -98.92 5.85
C ALA LA 13 83.94 -98.31 5.79
N TYR LA 14 83.64 -97.46 6.76
CA TYR LA 14 82.33 -96.83 6.89
C TYR LA 14 82.44 -95.37 6.50
N CYS LA 15 81.76 -94.98 5.42
CA CYS LA 15 81.77 -93.61 4.95
C CYS LA 15 80.53 -92.89 5.47
N ALA LA 16 80.68 -91.60 5.76
CA ALA LA 16 79.61 -90.86 6.42
C ALA LA 16 78.36 -90.82 5.56
N ASP LA 17 78.52 -90.50 4.28
CA ASP LA 17 77.40 -90.62 3.35
C ASP LA 17 77.99 -90.97 1.99
N CYS LA 18 77.20 -91.70 1.19
CA CYS LA 18 77.69 -92.25 -0.07
C CYS LA 18 77.30 -91.37 -1.25
N GLY LA 19 77.34 -90.06 -1.06
CA GLY LA 19 77.08 -89.14 -2.13
C GLY LA 19 75.62 -88.89 -2.42
N ALA LA 20 74.71 -89.41 -1.61
CA ALA LA 20 73.29 -89.24 -1.85
C ALA LA 20 72.48 -88.98 -0.59
N GLY LA 21 73.10 -89.01 0.58
CA GLY LA 21 72.37 -88.82 1.82
C GLY LA 21 72.17 -90.08 2.64
N HIS LA 22 72.80 -91.19 2.27
CA HIS LA 22 72.74 -92.41 3.05
C HIS LA 22 74.13 -92.92 3.33
N SER LA 23 74.28 -93.58 4.47
CA SER LA 23 75.57 -94.12 4.91
C SER LA 23 75.66 -95.58 4.53
N CYS LA 24 76.78 -95.97 3.95
CA CYS LA 24 77.00 -97.38 3.64
C CYS LA 24 78.49 -97.67 3.64
N HIS LA 25 78.83 -98.92 3.95
CA HIS LA 25 80.22 -99.36 3.99
C HIS LA 25 80.76 -99.38 2.58
N SER LA 26 81.55 -98.39 2.23
CA SER LA 26 82.03 -98.26 0.87
C SER LA 26 83.51 -98.59 0.77
N PRO LA 27 83.97 -99.06 -0.39
CA PRO LA 27 85.39 -99.36 -0.55
C PRO LA 27 86.25 -98.16 -0.88
N VAL LA 28 85.68 -96.95 -0.88
CA VAL LA 28 86.43 -95.76 -1.25
C VAL LA 28 86.41 -94.78 -0.09
N ALA LA 29 86.38 -95.29 1.13
CA ALA LA 29 86.28 -94.44 2.31
C ALA LA 29 87.45 -93.48 2.39
N ILE LA 30 87.18 -92.27 2.87
CA ILE LA 30 88.16 -91.19 2.92
C ILE LA 30 88.71 -91.06 4.33
N GLU LA 31 90.02 -91.13 4.45
CA GLU LA 31 90.71 -90.91 5.71
C GLU LA 31 91.11 -89.43 5.79
N ALA LA 32 92.00 -89.08 6.72
CA ALA LA 32 92.32 -87.69 6.96
C ALA LA 32 92.91 -87.02 5.73
N VAL LA 33 92.73 -85.71 5.65
CA VAL LA 33 93.21 -84.88 4.55
C VAL LA 33 94.28 -83.95 5.08
N ARG LA 34 95.51 -84.10 4.57
CA ARG LA 34 96.61 -83.22 4.94
C ARG LA 34 96.78 -82.14 3.88
N SER LA 35 96.88 -80.89 4.33
CA SER LA 35 97.00 -79.77 3.42
C SER LA 35 98.03 -78.77 3.93
N GLU LA 36 99.19 -79.27 4.37
CA GLU LA 36 100.24 -78.39 4.85
C GLU LA 36 101.16 -77.91 3.74
N ALA LA 37 100.66 -77.80 2.52
CA ALA LA 37 101.41 -77.24 1.40
C ALA LA 37 101.07 -75.76 1.25
N THR LA 38 102.09 -74.93 1.10
CA THR LA 38 101.87 -73.49 1.08
C THR LA 38 101.10 -73.06 -0.16
N ASP LA 39 101.44 -73.60 -1.33
CA ASP LA 39 100.68 -73.26 -2.52
C ASP LA 39 99.29 -73.89 -2.53
N GLY LA 40 99.05 -74.88 -1.67
CA GLY LA 40 97.71 -75.40 -1.49
C GLY LA 40 97.35 -76.63 -2.30
N MET LA 41 98.16 -77.67 -2.21
CA MET LA 41 97.90 -78.92 -2.91
C MET LA 41 97.68 -80.03 -1.89
N LEU LA 42 96.53 -80.70 -1.98
CA LEU LA 42 96.06 -81.62 -0.96
C LEU LA 42 96.56 -83.03 -1.21
N LYS LA 43 96.77 -83.77 -0.12
CA LYS LA 43 97.10 -85.19 -0.14
C LYS LA 43 95.94 -85.96 0.45
N ILE LA 44 95.00 -86.36 -0.41
CA ILE LA 44 93.85 -87.13 0.06
C ILE LA 44 94.26 -88.58 0.20
N GLN LA 45 93.60 -89.29 1.10
CA GLN LA 45 93.90 -90.69 1.39
C GLN LA 45 92.65 -91.54 1.20
N PHE LA 46 92.68 -92.44 0.23
CA PHE LA 46 91.64 -93.45 0.11
C PHE LA 46 91.74 -94.48 1.22
N SER LA 47 90.82 -95.44 1.15
CA SER LA 47 90.95 -96.74 1.78
C SER LA 47 91.33 -97.83 0.80
N ALA LA 48 91.11 -97.61 -0.50
CA ALA LA 48 91.44 -98.59 -1.54
C ALA LA 48 92.62 -98.08 -2.34
N GLN LA 49 93.73 -98.81 -2.29
CA GLN LA 49 94.97 -98.36 -2.93
C GLN LA 49 94.87 -98.39 -4.44
N ILE LA 50 95.62 -97.51 -5.09
CA ILE LA 50 95.50 -97.30 -6.53
C ILE LA 50 96.88 -97.29 -7.15
N GLY LA 51 96.93 -97.59 -8.45
CA GLY LA 51 98.17 -97.72 -9.16
C GLY LA 51 98.76 -99.12 -9.20
N ILE LA 52 98.07 -100.10 -8.61
CA ILE LA 52 98.56 -101.47 -8.52
C ILE LA 52 97.43 -102.43 -8.87
N ASP LA 53 97.73 -103.42 -9.69
CA ASP LA 53 96.70 -104.35 -10.16
C ASP LA 53 96.40 -105.39 -9.09
N LYS LA 54 95.42 -106.26 -9.39
CA LYS LA 54 95.06 -107.32 -8.45
C LYS LA 54 96.23 -108.27 -8.24
N SER LA 55 97.02 -108.52 -9.28
CA SER LA 55 98.13 -109.46 -9.23
C SER LA 55 99.40 -108.84 -8.65
N ASP LA 56 99.30 -107.74 -7.92
CA ASP LA 56 100.44 -107.13 -7.23
C ASP LA 56 101.56 -106.75 -8.19
N ASN LA 57 101.19 -106.24 -9.36
CA ASN LA 57 102.17 -105.77 -10.34
C ASN LA 57 101.89 -104.31 -10.66
N HIS LA 58 102.96 -103.52 -10.68
CA HIS LA 58 102.82 -102.08 -10.87
C HIS LA 58 102.24 -101.79 -12.24
N ASP LA 59 101.06 -101.18 -12.26
CA ASP LA 59 100.36 -100.94 -13.52
C ASP LA 59 99.81 -99.54 -13.52
N TYR LA 60 99.94 -98.86 -14.66
CA TYR LA 60 99.47 -97.49 -14.81
C TYR LA 60 97.99 -97.41 -15.11
N THR LA 61 97.30 -98.53 -15.24
CA THR LA 61 95.89 -98.53 -15.58
C THR LA 61 95.00 -99.23 -14.56
N LYS LA 62 95.49 -100.24 -13.85
CA LYS LA 62 94.67 -100.97 -12.92
C LYS LA 62 94.89 -100.47 -11.51
N ILE LA 63 93.80 -100.35 -10.75
CA ILE LA 63 93.89 -100.04 -9.33
C ILE LA 63 93.10 -101.07 -8.54
N ARG LA 64 93.70 -101.52 -7.44
CA ARG LA 64 93.07 -102.49 -6.57
C ARG LA 64 91.95 -101.87 -5.77
N TYR LA 65 91.05 -102.70 -5.27
CA TYR LA 65 90.07 -102.29 -4.28
C TYR LA 65 89.40 -103.54 -3.72
N ALA LA 66 88.78 -103.38 -2.56
CA ALA LA 66 88.17 -104.50 -1.87
C ALA LA 66 86.69 -104.59 -2.20
N ASP LA 67 86.19 -105.83 -2.24
CA ASP LA 67 84.78 -106.08 -2.52
C ASP LA 67 84.46 -107.45 -1.92
N GLY LA 68 83.72 -107.45 -0.81
CA GLY LA 68 83.35 -108.66 -0.12
C GLY LA 68 84.50 -109.63 0.06
N HIS LA 69 85.53 -109.22 0.81
CA HIS LA 69 86.73 -110.02 1.04
C HIS LA 69 87.23 -110.69 -0.24
N ALA LA 70 87.17 -109.93 -1.33
CA ALA LA 70 87.78 -110.33 -2.59
C ALA LA 70 88.40 -109.09 -3.21
N ILE LA 71 89.54 -109.25 -3.86
CA ILE LA 71 90.26 -108.11 -4.40
C ILE LA 71 89.95 -107.98 -5.88
N GLU LA 72 89.40 -106.83 -6.27
CA GLU LA 72 89.12 -106.57 -7.67
C GLU LA 72 89.89 -105.34 -8.12
N ASN LA 73 89.86 -105.07 -9.42
CA ASN LA 73 90.61 -103.95 -9.96
C ASN LA 73 89.73 -103.16 -10.92
N ALA LA 74 89.99 -101.86 -10.97
CA ALA LA 74 89.20 -100.95 -11.79
C ALA LA 74 90.12 -100.02 -12.58
N VAL LA 75 89.54 -99.42 -13.62
CA VAL LA 75 90.33 -98.60 -14.54
C VAL LA 75 90.68 -97.27 -13.89
N ARG LA 76 91.91 -96.82 -14.12
CA ARG LA 76 92.39 -95.58 -13.48
C ARG LA 76 91.67 -94.37 -14.01
N SER LA 77 91.24 -94.39 -15.27
CA SER LA 77 90.34 -93.38 -15.74
C SER LA 77 89.05 -93.42 -14.92
N SER LA 78 88.28 -92.35 -15.01
CA SER LA 78 87.03 -92.19 -14.27
C SER LA 78 87.25 -92.02 -12.77
N LEU LA 79 88.50 -91.92 -12.32
CA LEU LA 79 88.77 -91.52 -10.94
C LEU LA 79 88.50 -90.04 -10.82
N LYS LA 80 87.35 -89.66 -10.30
CA LYS LA 80 86.96 -88.26 -10.27
C LYS LA 80 86.95 -87.77 -8.83
N VAL LA 81 87.80 -86.78 -8.53
CA VAL LA 81 87.86 -86.11 -7.25
C VAL LA 81 87.29 -84.70 -7.42
N ALA LA 82 86.34 -84.35 -6.58
CA ALA LA 82 85.54 -83.15 -6.83
C ALA LA 82 85.36 -82.34 -5.56
N THR LA 83 85.15 -81.04 -5.77
CA THR LA 83 84.91 -80.05 -4.72
C THR LA 83 83.79 -79.23 -5.33
N SER LA 84 83.56 -78.01 -4.82
CA SER LA 84 82.53 -77.13 -5.37
C SER LA 84 82.61 -77.02 -6.88
N GLY LA 85 83.77 -77.29 -7.46
CA GLY LA 85 83.92 -77.30 -8.90
C GLY LA 85 84.32 -78.64 -9.46
N ASP LA 86 85.58 -78.77 -9.85
CA ASP LA 86 86.11 -80.02 -10.38
C ASP LA 86 87.64 -79.95 -10.32
N CYS LA 87 88.24 -80.86 -9.57
CA CYS LA 87 89.65 -80.72 -9.23
C CYS LA 87 90.55 -81.22 -10.36
N PHE LA 88 91.85 -81.16 -10.11
CA PHE LA 88 92.88 -81.69 -10.99
C PHE LA 88 93.78 -82.61 -10.18
N VAL LA 89 94.21 -83.70 -10.80
CA VAL LA 89 94.97 -84.75 -10.13
C VAL LA 89 96.40 -84.71 -10.63
N HIS LA 90 97.36 -84.77 -9.71
CA HIS LA 90 98.77 -84.71 -10.06
C HIS LA 90 99.47 -86.05 -9.80
N GLY LA 91 99.41 -86.54 -8.57
CA GLY LA 91 100.14 -87.75 -8.22
C GLY LA 91 99.23 -88.94 -8.00
N THR LA 92 99.81 -90.14 -7.99
CA THR LA 92 99.03 -91.36 -7.82
C THR LA 92 99.95 -92.49 -7.40
N MET LA 93 99.83 -92.94 -6.16
CA MET LA 93 100.60 -94.07 -5.67
C MET LA 93 100.02 -94.55 -4.35
N GLY LA 94 99.81 -95.86 -4.23
CA GLY LA 94 99.29 -96.37 -2.97
C GLY LA 94 97.92 -95.81 -2.64
N HIS LA 95 97.75 -95.44 -1.38
CA HIS LA 95 96.47 -94.89 -0.93
C HIS LA 95 96.32 -93.41 -1.21
N PHE LA 96 97.40 -92.71 -1.55
CA PHE LA 96 97.41 -91.25 -1.51
C PHE LA 96 97.29 -90.65 -2.90
N ILE LA 97 96.47 -89.62 -3.02
CA ILE LA 97 96.28 -88.91 -4.28
C ILE LA 97 96.53 -87.44 -4.06
N LEU LA 98 97.23 -86.82 -5.00
CA LEU LA 98 97.59 -85.41 -4.92
C LEU LA 98 96.62 -84.61 -5.78
N ALA LA 99 95.97 -83.61 -5.19
CA ALA LA 99 94.93 -82.91 -5.93
C ALA LA 99 95.07 -81.42 -5.72
N LYS LA 100 94.51 -80.65 -6.65
CA LYS LA 100 94.43 -79.20 -6.55
C LYS LA 100 92.98 -78.80 -6.83
N CYS LA 101 92.32 -78.22 -5.85
CA CYS LA 101 90.89 -78.02 -5.99
C CYS LA 101 90.52 -76.54 -5.85
N PRO LA 102 89.45 -76.12 -6.51
CA PRO LA 102 88.93 -74.77 -6.29
C PRO LA 102 88.23 -74.68 -4.95
N PRO LA 103 87.98 -73.47 -4.45
CA PRO LA 103 87.44 -73.33 -3.09
C PRO LA 103 86.05 -73.93 -2.95
N GLY LA 104 85.77 -74.45 -1.77
CA GLY LA 104 84.51 -75.11 -1.51
C GLY LA 104 84.46 -75.59 -0.07
N GLU LA 105 83.38 -76.30 0.27
CA GLU LA 105 83.11 -76.70 1.63
C GLU LA 105 83.26 -78.20 1.86
N PHE LA 106 83.32 -79.00 0.80
CA PHE LA 106 83.38 -80.45 0.95
C PHE LA 106 84.18 -81.00 -0.20
N LEU LA 107 84.49 -82.28 -0.12
CA LEU LA 107 85.08 -82.93 -1.28
C LEU LA 107 84.70 -84.39 -1.30
N GLN LA 108 84.60 -84.94 -2.50
CA GLN LA 108 84.20 -86.31 -2.69
C GLN LA 108 85.12 -86.99 -3.69
N VAL LA 109 85.26 -88.29 -3.55
CA VAL LA 109 86.03 -89.09 -4.49
C VAL LA 109 85.13 -90.21 -4.99
N SER LA 110 85.14 -90.41 -6.31
CA SER LA 110 84.22 -91.35 -6.93
C SER LA 110 84.94 -92.12 -8.01
N ILE LA 111 84.44 -93.33 -8.28
CA ILE LA 111 85.12 -94.24 -9.19
C ILE LA 111 84.12 -95.28 -9.70
N GLN LA 112 84.34 -95.75 -10.92
CA GLN LA 112 83.51 -96.81 -11.47
C GLN LA 112 83.92 -98.17 -10.91
N ASP LA 113 82.93 -99.02 -10.68
CA ASP LA 113 83.15 -100.33 -10.09
C ASP LA 113 83.37 -101.36 -11.19
N THR LA 114 83.40 -102.64 -10.81
CA THR LA 114 83.61 -103.70 -11.78
C THR LA 114 82.50 -103.73 -12.82
N ARG LA 115 81.25 -103.57 -12.39
CA ARG LA 115 80.12 -103.63 -13.28
C ARG LA 115 79.60 -102.25 -13.66
N ASN LA 116 80.47 -101.24 -13.65
CA ASN LA 116 80.14 -99.89 -14.11
C ASN LA 116 79.02 -99.26 -13.28
N ALA LA 117 79.33 -99.06 -11.99
CA ALA LA 117 78.48 -98.30 -11.09
C ALA LA 117 79.37 -97.36 -10.30
N VAL LA 118 78.89 -96.14 -10.06
CA VAL LA 118 79.69 -95.17 -9.31
C VAL LA 118 79.71 -95.55 -7.85
N ARG LA 119 80.90 -95.54 -7.26
CA ARG LA 119 81.09 -95.67 -5.81
C ARG LA 119 81.79 -94.39 -5.38
N ALA LA 120 81.21 -93.71 -4.40
CA ALA LA 120 81.70 -92.40 -3.99
C ALA LA 120 81.66 -92.25 -2.48
N CYS LA 121 82.60 -91.47 -1.96
CA CYS LA 121 82.60 -91.11 -0.55
C CYS LA 121 82.85 -89.62 -0.44
N ARG LA 122 82.11 -88.96 0.45
CA ARG LA 122 82.09 -87.52 0.56
C ARG LA 122 82.35 -87.11 1.99
N ILE LA 123 83.17 -86.07 2.17
CA ILE LA 123 83.56 -85.60 3.49
C ILE LA 123 83.51 -84.08 3.51
N GLN LA 124 83.25 -83.52 4.68
CA GLN LA 124 83.16 -82.07 4.84
C GLN LA 124 84.55 -81.51 5.13
N TYR LA 125 84.95 -80.49 4.38
CA TYR LA 125 86.29 -79.95 4.50
C TYR LA 125 86.30 -78.54 3.96
N HIS LA 126 86.56 -77.56 4.83
CA HIS LA 126 86.51 -76.15 4.45
C HIS LA 126 87.86 -75.78 3.83
N HIS LA 127 87.91 -75.76 2.51
CA HIS LA 127 89.14 -75.52 1.77
C HIS LA 127 89.07 -74.14 1.12
N ASP LA 128 90.09 -73.32 1.37
CA ASP LA 128 90.21 -71.98 0.82
C ASP LA 128 91.67 -71.53 0.88
N PRO LA 129 92.44 -71.78 -0.17
CA PRO LA 129 93.87 -71.49 -0.10
C PRO LA 129 94.16 -70.01 -0.21
N GLN LA 130 95.32 -69.62 0.33
CA GLN LA 130 95.83 -68.27 0.23
C GLN LA 130 97.20 -68.32 -0.40
N PRO LA 131 97.38 -67.77 -1.60
CA PRO LA 131 98.70 -67.79 -2.22
C PRO LA 131 99.70 -67.00 -1.40
N VAL LA 132 100.93 -67.52 -1.35
CA VAL LA 132 101.95 -66.92 -0.51
C VAL LA 132 102.36 -65.57 -1.07
N GLY LA 133 102.55 -64.61 -0.19
CA GLY LA 133 102.92 -63.27 -0.58
C GLY LA 133 102.05 -62.26 0.11
N ARG LA 134 101.76 -61.17 -0.58
CA ARG LA 134 100.89 -60.14 -0.05
C ARG LA 134 99.71 -59.84 -0.94
N GLU LA 135 99.55 -60.57 -2.04
CA GLU LA 135 98.48 -60.34 -2.98
C GLU LA 135 97.64 -61.61 -3.12
N LYS LA 136 96.33 -61.45 -3.07
CA LYS LA 136 95.42 -62.59 -3.15
C LYS LA 136 95.01 -62.85 -4.60
N PHE LA 137 95.99 -63.11 -5.45
CA PHE LA 137 95.69 -63.38 -6.84
C PHE LA 137 95.11 -64.77 -6.98
N THR LA 138 94.81 -65.17 -8.21
CA THR LA 138 94.26 -66.49 -8.48
C THR LA 138 95.22 -67.36 -9.27
N ILE LA 139 95.67 -66.91 -10.44
CA ILE LA 139 96.55 -67.71 -11.28
C ILE LA 139 97.80 -66.91 -11.61
N ARG LA 140 98.89 -67.64 -11.84
CA ARG LA 140 100.19 -67.00 -11.95
C ARG LA 140 100.24 -66.10 -13.17
N PRO LA 141 100.95 -64.99 -13.08
CA PRO LA 141 101.08 -64.09 -14.23
C PRO LA 141 102.35 -64.34 -15.01
N HIS LA 142 102.53 -63.64 -16.12
CA HIS LA 142 103.71 -63.79 -16.96
C HIS LA 142 104.79 -62.76 -16.64
N TYR LA 143 104.61 -61.96 -15.59
CA TYR LA 143 105.65 -61.03 -15.16
C TYR LA 143 105.50 -60.82 -13.66
N GLY LA 144 106.51 -61.19 -12.89
CA GLY LA 144 106.43 -61.05 -11.45
C GLY LA 144 107.70 -61.49 -10.78
N LYS LA 145 107.64 -61.59 -9.46
CA LYS LA 145 108.79 -61.97 -8.66
C LYS LA 145 108.81 -63.48 -8.44
N GLU LA 146 109.75 -63.94 -7.62
CA GLU LA 146 109.76 -65.32 -7.14
C GLU LA 146 109.85 -65.32 -5.63
N ILE LA 147 109.07 -66.20 -5.00
CA ILE LA 147 108.98 -66.29 -3.55
C ILE LA 147 109.14 -67.75 -3.18
N PRO LA 148 109.91 -68.09 -2.16
CA PRO LA 148 109.97 -69.50 -1.73
C PRO LA 148 108.62 -69.97 -1.21
N CYS LA 149 108.35 -71.25 -1.42
CA CYS LA 149 107.11 -71.87 -0.97
C CYS LA 149 107.31 -73.38 -0.94
N THR LA 150 106.30 -74.08 -0.41
CA THR LA 150 106.40 -75.51 -0.15
C THR LA 150 105.38 -76.29 -0.96
N THR LA 151 105.78 -77.46 -1.44
CA THR LA 151 104.92 -78.29 -2.29
C THR LA 151 105.42 -79.73 -2.20
N TYR LA 152 104.51 -80.67 -2.41
CA TYR LA 152 104.83 -82.09 -2.42
C TYR LA 152 105.48 -82.44 -3.75
N GLN LA 153 106.52 -83.26 -3.71
CA GLN LA 153 107.19 -83.71 -4.92
C GLN LA 153 106.62 -85.05 -5.39
N GLN LA 154 106.92 -85.39 -6.63
CA GLN LA 154 106.51 -86.67 -7.20
C GLN LA 154 107.53 -87.77 -6.97
N THR LA 155 108.65 -87.47 -6.32
CA THR LA 155 109.64 -88.50 -6.04
C THR LA 155 109.08 -89.51 -5.04
N THR LA 156 109.58 -90.75 -5.15
CA THR LA 156 109.16 -91.84 -4.29
C THR LA 156 110.34 -92.46 -3.59
N ALA LA 157 111.33 -91.64 -3.25
CA ALA LA 157 112.57 -92.11 -2.64
C ALA LA 157 112.33 -92.39 -1.16
N LYS LA 158 113.42 -92.57 -0.41
CA LYS LA 158 113.30 -92.72 1.03
C LYS LA 158 112.73 -91.45 1.65
N THR LA 159 111.72 -91.61 2.51
CA THR LA 159 110.96 -90.48 3.02
C THR LA 159 110.94 -90.34 4.53
N VAL LA 160 111.15 -91.43 5.28
CA VAL LA 160 111.07 -91.43 6.73
C VAL LA 160 109.68 -90.98 7.15
N GLU LA 161 108.70 -91.87 6.97
CA GLU LA 161 107.33 -91.62 7.37
C GLU LA 161 106.74 -92.94 7.86
N GLU LA 162 105.65 -92.86 8.60
CA GLU LA 162 105.10 -94.04 9.23
C GLU LA 162 103.61 -94.17 8.97
N ILE LA 163 103.22 -95.36 8.50
CA ILE LA 163 101.82 -95.78 8.49
C ILE LA 163 101.75 -97.14 9.17
N ASP LA 164 100.81 -97.29 10.10
CA ASP LA 164 100.73 -98.49 10.93
C ASP LA 164 99.84 -99.53 10.27
N MET LA 165 100.33 -100.76 10.22
CA MET LA 165 99.65 -101.83 9.51
C MET LA 165 99.50 -103.01 10.46
N HIS LA 166 98.41 -103.77 10.31
CA HIS LA 166 98.20 -104.93 11.16
C HIS LA 166 97.23 -105.89 10.49
N MET LA 167 97.11 -107.10 11.06
CA MET LA 167 96.24 -108.11 10.48
C MET LA 167 94.77 -107.68 10.59
N PRO LA 168 93.94 -107.99 9.60
CA PRO LA 168 92.53 -107.66 9.68
C PRO LA 168 91.84 -108.53 10.72
N PRO LA 169 90.71 -108.09 11.26
CA PRO LA 169 89.97 -108.91 12.22
C PRO LA 169 89.23 -110.06 11.55
N ASP LA 170 88.60 -110.92 12.34
CA ASP LA 170 87.82 -112.02 11.77
C ASP LA 170 86.53 -111.47 11.16
N THR LA 171 86.51 -111.43 9.84
CA THR LA 171 85.38 -110.83 9.12
C THR LA 171 84.14 -111.70 9.28
N PRO LA 172 83.05 -111.17 9.82
CA PRO LA 172 81.85 -111.98 10.02
C PRO LA 172 80.91 -111.92 8.82
N ASP LA 173 80.40 -113.08 8.46
CA ASP LA 173 79.59 -113.21 7.26
C ASP LA 173 78.45 -114.18 7.52
N ARG LA 174 77.43 -114.13 6.66
CA ARG LA 174 76.27 -114.99 6.82
C ARG LA 174 75.83 -115.69 5.55
N THR LA 175 76.30 -115.27 4.38
CA THR LA 175 75.95 -115.97 3.15
C THR LA 175 76.63 -117.32 3.04
N LEU LA 176 77.71 -117.55 3.78
CA LEU LA 176 78.48 -118.78 3.64
C LEU LA 176 77.75 -120.01 4.17
N LEU LA 177 76.66 -119.82 4.92
CA LEU LA 177 75.88 -120.93 5.45
C LEU LA 177 74.67 -121.19 4.56
N SER LA 178 74.38 -122.46 4.31
CA SER LA 178 73.22 -122.86 3.52
C SER LA 178 72.50 -123.99 4.23
N GLN LA 179 71.23 -123.76 4.59
CA GLN LA 179 70.42 -124.76 5.28
C GLN LA 179 69.68 -125.59 4.23
N GLN LA 180 69.97 -126.89 4.20
CA GLN LA 180 69.32 -127.78 3.22
C GLN LA 180 68.07 -128.43 3.80
N SER LA 181 68.25 -129.32 4.78
CA SER LA 181 67.11 -129.91 5.50
C SER LA 181 67.64 -130.42 6.83
N GLY LA 182 67.44 -129.63 7.88
CA GLY LA 182 67.97 -130.01 9.18
C GLY LA 182 69.48 -130.03 9.24
N ASN LA 183 70.16 -129.48 8.24
CA ASN LA 183 71.62 -129.43 8.22
C ASN LA 183 72.03 -128.20 7.44
N VAL LA 184 73.27 -127.76 7.66
CA VAL LA 184 73.80 -126.63 6.93
C VAL LA 184 75.17 -127.00 6.35
N LYS LA 185 75.49 -126.34 5.24
CA LYS LA 185 76.80 -126.43 4.62
C LYS LA 185 77.49 -125.07 4.69
N ILE LA 186 78.81 -125.12 4.80
CA ILE LA 186 79.67 -123.94 4.80
C ILE LA 186 80.41 -123.91 3.47
N THR LA 187 80.22 -122.84 2.72
CA THR LA 187 80.89 -122.71 1.43
C THR LA 187 82.37 -122.40 1.65
N VAL LA 188 83.17 -122.76 0.65
CA VAL LA 188 84.63 -122.68 0.73
C VAL LA 188 85.17 -121.95 -0.49
N GLY LA 189 86.49 -121.96 -0.66
CA GLY LA 189 87.13 -121.23 -1.73
C GLY LA 189 88.47 -120.68 -1.34
N GLY LA 190 88.93 -121.06 -0.15
CA GLY LA 190 90.25 -120.68 0.34
C GLY LA 190 90.24 -120.02 1.70
N LYS LA 191 89.06 -119.75 2.27
CA LYS LA 191 88.95 -119.05 3.53
C LYS LA 191 88.83 -120.07 4.65
N LYS LA 192 89.85 -120.13 5.51
CA LYS LA 192 89.83 -121.04 6.66
C LYS LA 192 88.89 -120.45 7.71
N VAL LA 193 87.59 -120.66 7.47
CA VAL LA 193 86.56 -119.99 8.25
C VAL LA 193 86.46 -120.62 9.64
N LYS LA 194 86.28 -119.76 10.65
CA LYS LA 194 86.02 -120.20 12.01
C LYS LA 194 84.54 -120.13 12.30
N TYR LA 195 84.03 -121.14 13.00
CA TYR LA 195 82.61 -121.27 13.27
C TYR LA 195 82.38 -121.53 14.75
N ASN LA 196 81.23 -121.08 15.23
CA ASN LA 196 80.85 -121.30 16.62
C ASN LA 196 79.38 -121.70 16.65
N CYS LA 197 79.08 -122.79 17.33
CA CYS LA 197 77.73 -123.34 17.35
C CYS LA 197 77.30 -123.64 18.77
N THR LA 198 75.98 -123.70 18.95
CA THR LA 198 75.36 -123.92 20.25
C THR LA 198 74.69 -125.29 20.35
N CYS LA 199 74.29 -125.88 19.24
CA CYS LA 199 73.53 -127.13 19.23
C CYS LA 199 74.42 -128.30 19.63
N GLY LA 200 73.95 -129.10 20.58
CA GLY LA 200 74.61 -130.33 20.96
C GLY LA 200 76.05 -130.15 21.40
N THR LA 201 76.27 -129.43 22.51
CA THR LA 201 77.58 -129.14 23.05
C THR LA 201 78.33 -128.19 22.11
N GLY LA 202 77.74 -127.93 20.95
CA GLY LA 202 78.30 -127.02 19.98
C GLY LA 202 79.51 -127.63 19.29
N ASN LA 203 80.08 -126.84 18.38
CA ASN LA 203 81.31 -127.23 17.69
C ASN LA 203 82.09 -125.95 17.45
N VAL LA 204 83.26 -125.84 18.08
CA VAL LA 204 84.08 -124.64 18.00
C VAL LA 204 85.39 -124.98 17.31
N GLY LA 205 85.81 -124.11 16.39
CA GLY LA 205 87.04 -124.28 15.66
C GLY LA 205 86.94 -123.72 14.26
N THR LA 206 88.06 -123.84 13.55
CA THR LA 206 88.16 -123.39 12.17
C THR LA 206 88.48 -124.56 11.27
N THR LA 207 87.83 -124.59 10.10
CA THR LA 207 87.99 -125.68 9.15
C THR LA 207 88.71 -125.18 7.90
N ASN LA 208 88.81 -126.07 6.91
CA ASN LA 208 89.36 -125.72 5.61
C ASN LA 208 88.54 -126.21 4.44
N SER LA 209 87.54 -127.07 4.66
CA SER LA 209 86.69 -127.57 3.58
C SER LA 209 85.23 -127.51 4.01
N ASP LA 210 84.34 -128.10 3.21
CA ASP LA 210 82.92 -128.06 3.53
C ASP LA 210 82.64 -128.82 4.82
N MET LA 211 81.60 -128.38 5.53
CA MET LA 211 81.24 -129.01 6.79
C MET LA 211 79.71 -129.00 6.92
N THR LA 212 79.18 -130.10 7.44
CA THR LA 212 77.75 -130.27 7.65
C THR LA 212 77.49 -130.53 9.12
N ILE LA 213 76.43 -129.92 9.65
CA ILE LA 213 76.13 -129.95 11.07
C ILE LA 213 75.07 -130.99 11.40
N ASN LA 214 74.06 -131.15 10.55
CA ASN LA 214 73.03 -132.19 10.68
C ASN LA 214 72.20 -132.06 11.95
N THR LA 215 72.44 -131.03 12.76
CA THR LA 215 71.84 -130.97 14.10
C THR LA 215 70.89 -129.80 14.26
N CYS LA 216 71.34 -128.57 14.01
CA CYS LA 216 70.59 -127.38 14.40
C CYS LA 216 70.25 -126.53 13.19
N LEU LA 217 69.69 -125.36 13.46
CA LEU LA 217 69.27 -124.40 12.44
C LEU LA 217 70.39 -123.40 12.18
N ILE LA 218 70.15 -122.47 11.25
CA ILE LA 218 71.19 -121.51 10.88
C ILE LA 218 71.52 -120.57 12.04
N GLU LA 219 70.52 -120.20 12.84
CA GLU LA 219 70.80 -119.24 13.89
C GLU LA 219 71.38 -119.95 15.11
N GLN LA 220 72.36 -120.81 14.90
CA GLN LA 220 73.23 -121.25 15.99
C GLN LA 220 74.69 -121.36 15.60
N CYS LA 221 75.03 -121.53 14.33
CA CYS LA 221 76.40 -121.47 13.84
C CYS LA 221 76.60 -120.16 13.10
N HIS LA 222 77.84 -119.69 13.06
CA HIS LA 222 78.10 -118.42 12.40
C HIS LA 222 79.48 -118.44 11.76
N VAL LA 223 79.66 -117.56 10.79
CA VAL LA 223 80.76 -117.62 9.84
C VAL LA 223 81.73 -116.48 10.12
N SER LA 224 83.00 -116.82 10.31
CA SER LA 224 84.05 -115.86 10.64
C SER LA 224 85.26 -116.17 9.76
N VAL LA 225 85.39 -115.44 8.65
CA VAL LA 225 86.54 -115.60 7.78
C VAL LA 225 87.77 -115.00 8.45
N THR LA 226 88.86 -115.76 8.48
CA THR LA 226 90.04 -115.35 9.22
C THR LA 226 91.12 -114.71 8.35
N ASP LA 227 91.41 -115.29 7.19
CA ASP LA 227 92.36 -114.75 6.22
C ASP LA 227 93.78 -114.59 6.75
N HIS LA 228 94.07 -113.43 7.33
CA HIS LA 228 95.45 -113.01 7.65
C HIS LA 228 96.31 -112.97 6.39
N LYS LA 229 97.61 -113.13 6.59
CA LYS LA 229 98.71 -113.12 5.61
C LYS LA 229 98.83 -111.80 4.85
N LYS LA 230 98.06 -110.78 5.20
CA LYS LA 230 98.19 -109.49 4.53
C LYS LA 230 97.80 -108.37 5.49
N TRP LA 231 98.70 -107.40 5.65
CA TRP LA 231 98.44 -106.23 6.49
C TRP LA 231 97.34 -105.40 5.86
N GLN LA 232 96.35 -105.00 6.66
CA GLN LA 232 95.26 -104.23 6.11
C GLN LA 232 95.45 -102.73 6.27
N PHE LA 233 95.46 -102.26 7.53
CA PHE LA 233 95.70 -100.87 7.91
C PHE LA 233 95.46 -100.77 9.40
N ASN LA 234 95.84 -99.68 10.04
CA ASN LA 234 95.36 -99.41 11.40
C ASN LA 234 94.39 -98.24 11.37
N SER LA 235 93.13 -98.56 11.07
CA SER LA 235 92.16 -97.50 10.91
C SER LA 235 91.19 -97.49 12.08
N PRO LA 236 90.65 -96.33 12.46
CA PRO LA 236 89.70 -96.29 13.57
C PRO LA 236 88.36 -96.92 13.25
N PHE LA 237 88.08 -97.25 12.00
CA PHE LA 237 86.79 -97.80 11.64
C PHE LA 237 86.73 -99.32 11.60
N VAL LA 238 87.84 -100.00 11.87
CA VAL LA 238 87.82 -101.47 11.87
C VAL LA 238 88.46 -101.99 13.16
N PRO LA 239 87.87 -102.98 13.81
CA PRO LA 239 88.36 -103.40 15.13
C PRO LA 239 89.67 -104.16 15.04
N ARG LA 240 90.38 -104.16 16.17
CA ARG LA 240 91.63 -104.89 16.29
C ARG LA 240 91.36 -106.35 16.65
N ALA LA 241 92.39 -107.18 16.48
CA ALA LA 241 92.31 -108.59 16.83
C ALA LA 241 93.10 -108.94 18.08
N ASP LA 242 93.78 -107.97 18.68
CA ASP LA 242 94.64 -108.25 19.81
C ASP LA 242 94.79 -106.97 20.63
N GLU LA 243 94.72 -107.10 21.95
CA GLU LA 243 94.85 -105.92 22.81
C GLU LA 243 96.22 -105.25 22.71
N PRO LA 244 97.35 -105.95 22.92
CA PRO LA 244 98.64 -105.26 22.80
C PRO LA 244 98.98 -104.84 21.39
N ALA LA 245 98.29 -105.36 20.38
CA ALA LA 245 98.47 -105.00 18.98
C ALA LA 245 99.85 -105.39 18.46
N ARG LA 246 99.99 -105.40 17.13
CA ARG LA 246 101.23 -105.83 16.49
C ARG LA 246 101.97 -104.67 15.83
N LYS LA 247 101.31 -103.94 14.92
CA LYS LA 247 101.83 -102.72 14.32
C LYS LA 247 102.95 -103.00 13.32
N GLY LA 248 102.92 -102.30 12.20
CA GLY LA 248 104.00 -102.30 11.24
C GLY LA 248 104.32 -100.89 10.80
N LYS LA 249 105.17 -100.74 9.78
CA LYS LA 249 105.56 -99.42 9.29
C LYS LA 249 105.62 -99.45 7.76
N VAL LA 250 104.89 -98.52 7.14
CA VAL LA 250 104.99 -98.30 5.71
C VAL LA 250 105.33 -96.85 5.45
N HIS LA 251 106.24 -96.63 4.51
CA HIS LA 251 106.66 -95.29 4.12
C HIS LA 251 105.69 -94.73 3.07
N ILE LA 252 105.12 -93.57 3.35
CA ILE LA 252 104.20 -92.93 2.42
C ILE LA 252 105.03 -92.33 1.29
N PRO LA 253 104.43 -92.06 0.14
CA PRO LA 253 105.13 -91.30 -0.90
C PRO LA 253 104.90 -89.81 -0.69
N PHE LA 254 105.40 -89.01 -1.64
CA PHE LA 254 105.11 -87.60 -1.74
C PHE LA 254 105.54 -86.81 -0.51
N PRO LA 255 106.84 -86.65 -0.27
CA PRO LA 255 107.28 -85.80 0.85
C PRO LA 255 107.10 -84.33 0.54
N LEU LA 256 107.57 -83.46 1.44
CA LEU LA 256 107.41 -82.03 1.33
C LEU LA 256 108.76 -81.38 1.01
N ASP LA 257 108.76 -80.39 0.12
CA ASP LA 257 110.02 -79.82 -0.35
C ASP LA 257 109.81 -78.38 -0.80
N ASN LA 258 110.92 -77.67 -0.94
CA ASN LA 258 110.90 -76.26 -1.30
C ASN LA 258 110.91 -76.07 -2.81
N ILE LA 259 110.09 -75.14 -3.29
CA ILE LA 259 110.13 -74.66 -4.66
C ILE LA 259 109.94 -73.14 -4.63
N THR LA 260 109.88 -72.53 -5.81
CA THR LA 260 109.69 -71.09 -5.94
C THR LA 260 108.45 -70.82 -6.76
N CYS LA 261 107.60 -69.94 -6.26
CA CYS LA 261 106.34 -69.58 -6.90
C CYS LA 261 106.44 -68.16 -7.43
N ARG LA 262 105.75 -67.89 -8.53
CA ARG LA 262 105.73 -66.56 -9.12
C ARG LA 262 104.52 -65.78 -8.63
N VAL LA 263 104.72 -64.50 -8.36
CA VAL LA 263 103.68 -63.65 -7.77
C VAL LA 263 103.73 -62.28 -8.42
N PRO LA 264 102.59 -61.65 -8.71
CA PRO LA 264 102.59 -60.39 -9.46
C PRO LA 264 102.86 -59.15 -8.62
N MET LA 265 103.10 -58.06 -9.32
CA MET LA 265 103.36 -56.75 -8.73
C MET LA 265 102.17 -55.85 -9.03
N ALA LA 266 101.68 -55.15 -8.01
CA ALA LA 266 100.59 -54.24 -8.26
C ALA LA 266 101.12 -52.95 -8.89
N ARG LA 267 100.21 -52.20 -9.50
CA ARG LA 267 100.58 -50.98 -10.19
C ARG LA 267 101.10 -49.93 -9.23
N GLU LA 268 101.92 -49.04 -9.74
CA GLU LA 268 102.41 -47.94 -8.93
C GLU LA 268 101.27 -46.97 -8.62
N PRO LA 269 101.06 -46.61 -7.37
CA PRO LA 269 100.00 -45.68 -7.02
C PRO LA 269 100.36 -44.27 -7.45
N THR LA 270 99.36 -43.41 -7.48
CA THR LA 270 99.55 -42.03 -7.86
C THR LA 270 99.72 -41.18 -6.60
N VAL LA 271 100.77 -40.37 -6.56
CA VAL LA 271 101.04 -39.50 -5.43
C VAL LA 271 100.67 -38.08 -5.80
N ILE LA 272 100.08 -37.36 -4.87
CA ILE LA 272 99.85 -35.92 -5.00
C ILE LA 272 100.38 -35.26 -3.74
N HIS LA 273 101.35 -34.38 -3.90
CA HIS LA 273 102.01 -33.76 -2.76
C HIS LA 273 101.11 -32.71 -2.12
N GLY LA 274 101.17 -32.63 -0.80
CA GLY LA 274 100.47 -31.60 -0.04
C GLY LA 274 101.37 -31.00 1.01
N LYS LA 275 100.80 -30.29 1.98
CA LYS LA 275 101.59 -29.70 3.06
C LYS LA 275 101.69 -30.72 4.19
N ARG LA 276 102.83 -31.41 4.26
CA ARG LA 276 103.08 -32.46 5.24
C ARG LA 276 102.10 -33.62 5.09
N GLU LA 277 101.43 -33.68 3.94
CA GLU LA 277 100.53 -34.78 3.65
C GLU LA 277 100.90 -35.37 2.31
N VAL LA 278 100.49 -36.61 2.09
CA VAL LA 278 100.57 -37.23 0.78
C VAL LA 278 99.23 -37.88 0.50
N THR LA 279 98.57 -37.47 -0.57
CA THR LA 279 97.32 -38.09 -0.96
C THR LA 279 97.62 -39.12 -2.02
N LEU LA 280 97.10 -40.33 -1.83
CA LEU LA 280 97.53 -41.50 -2.56
C LEU LA 280 96.31 -42.14 -3.18
N HIS LA 281 96.33 -42.32 -4.51
CA HIS LA 281 95.27 -43.04 -5.20
C HIS LA 281 95.69 -44.49 -5.35
N LEU LA 282 94.79 -45.40 -5.00
CA LEU LA 282 95.08 -46.83 -5.06
C LEU LA 282 94.14 -47.52 -6.02
N HIS LA 283 94.71 -48.25 -6.98
CA HIS LA 283 93.97 -48.95 -8.02
C HIS LA 283 94.35 -50.43 -8.00
N PRO LA 284 93.60 -51.26 -7.28
CA PRO LA 284 93.91 -52.68 -7.24
C PRO LA 284 93.10 -53.48 -8.26
N ASP LA 285 93.66 -54.61 -8.64
CA ASP LA 285 92.95 -55.61 -9.44
C ASP LA 285 92.31 -56.69 -8.59
N HIS LA 286 92.90 -56.96 -7.43
CA HIS LA 286 92.53 -58.04 -6.54
C HIS LA 286 93.08 -57.69 -5.17
N PRO LA 287 92.46 -58.18 -4.10
CA PRO LA 287 92.81 -57.68 -2.76
C PRO LA 287 94.30 -57.65 -2.44
N THR LA 288 94.82 -56.48 -2.09
CA THR LA 288 96.22 -56.31 -1.78
C THR LA 288 96.41 -55.61 -0.44
N LEU LA 289 97.61 -55.79 0.14
CA LEU LA 289 97.94 -55.26 1.45
C LEU LA 289 98.65 -53.93 1.30
N PHE LA 290 98.21 -52.93 2.07
CA PHE LA 290 98.75 -51.59 2.03
C PHE LA 290 99.03 -51.09 3.43
N SER LA 291 100.31 -50.85 3.74
CA SER LA 291 100.67 -50.44 5.08
C SER LA 291 101.62 -49.26 5.01
N TYR LA 292 101.75 -48.55 6.13
CA TYR LA 292 102.65 -47.42 6.17
C TYR LA 292 103.05 -47.14 7.60
N ARG LA 293 104.24 -46.59 7.78
CA ARG LA 293 104.69 -46.24 9.11
C ARG LA 293 105.51 -44.97 9.07
N THR LA 294 105.32 -44.14 10.08
CA THR LA 294 106.06 -42.90 10.25
C THR LA 294 107.32 -43.18 11.05
N LEU LA 295 108.47 -42.92 10.47
CA LEU LA 295 109.73 -43.35 11.09
C LEU LA 295 110.33 -42.29 12.00
N GLY LA 296 109.51 -41.81 12.92
CA GLY LA 296 109.93 -40.90 13.96
C GLY LA 296 110.31 -41.63 15.23
N GLU LA 297 110.04 -40.99 16.37
CA GLU LA 297 110.28 -41.62 17.66
C GLU LA 297 109.15 -42.57 18.03
N ASP LA 298 107.91 -42.14 17.87
CA ASP LA 298 106.76 -43.00 18.10
C ASP LA 298 105.94 -43.19 16.82
N PRO LA 299 106.08 -44.32 16.15
CA PRO LA 299 105.49 -44.48 14.82
C PRO LA 299 103.98 -44.48 14.86
N GLN LA 300 103.40 -44.20 13.70
CA GLN LA 300 101.95 -44.30 13.50
C GLN LA 300 101.67 -45.56 12.68
N TYR LA 301 101.51 -46.67 13.38
CA TYR LA 301 101.23 -47.97 12.78
C TYR LA 301 99.91 -47.96 12.03
N HIS LA 302 99.86 -48.70 10.92
CA HIS LA 302 98.61 -48.92 10.20
C HIS LA 302 98.80 -49.93 9.08
N GLU LA 303 97.80 -50.78 8.86
CA GLU LA 303 97.80 -51.68 7.71
C GLU LA 303 96.35 -52.07 7.39
N GLU LA 304 96.13 -52.51 6.16
CA GLU LA 304 94.77 -52.61 5.63
C GLU LA 304 94.76 -53.51 4.40
N TRP LA 305 93.62 -54.16 4.17
CA TRP LA 305 93.40 -55.00 3.00
C TRP LA 305 92.54 -54.19 2.01
N VAL LA 306 93.19 -53.64 0.99
CA VAL LA 306 92.46 -52.82 0.01
C VAL LA 306 91.76 -53.73 -0.99
N THR LA 307 90.52 -53.40 -1.33
CA THR LA 307 89.73 -54.19 -2.27
C THR LA 307 89.37 -53.43 -3.55
N ALA LA 308 88.75 -52.26 -3.43
CA ALA LA 308 88.33 -51.48 -4.57
C ALA LA 308 89.23 -50.27 -4.77
N ALA LA 309 88.90 -49.45 -5.75
CA ALA LA 309 89.68 -48.26 -6.04
C ALA LA 309 89.44 -47.22 -4.95
N VAL LA 310 90.51 -46.80 -4.27
CA VAL LA 310 90.33 -45.94 -3.11
C VAL LA 310 91.25 -44.74 -3.15
N GLU LA 311 91.05 -43.84 -2.20
CA GLU LA 311 91.81 -42.60 -2.10
C GLU LA 311 92.19 -42.40 -0.64
N ARG LA 312 93.45 -42.64 -0.30
CA ARG LA 312 93.92 -42.58 1.07
C ARG LA 312 94.75 -41.32 1.25
N THR LA 313 94.92 -40.91 2.51
CA THR LA 313 95.74 -39.75 2.84
C THR LA 313 96.65 -40.12 3.99
N ILE LA 314 97.95 -39.89 3.83
CA ILE LA 314 98.92 -40.33 4.81
C ILE LA 314 99.74 -39.13 5.27
N PRO LA 315 99.88 -38.92 6.58
CA PRO LA 315 100.64 -37.76 7.06
C PRO LA 315 102.12 -38.05 7.15
N VAL LA 316 102.92 -37.17 6.57
CA VAL LA 316 104.36 -37.33 6.52
C VAL LA 316 105.03 -36.20 7.28
N PRO LA 317 105.52 -36.45 8.48
CA PRO LA 317 106.20 -35.40 9.24
C PRO LA 317 107.63 -35.21 8.77
N VAL LA 318 108.34 -34.27 9.40
CA VAL LA 318 109.68 -33.93 8.96
C VAL LA 318 110.63 -35.11 9.07
N ASP LA 319 110.36 -36.05 9.97
CA ASP LA 319 111.25 -37.21 10.10
C ASP LA 319 111.10 -38.17 8.93
N GLY LA 320 109.90 -38.30 8.37
CA GLY LA 320 109.69 -39.09 7.17
C GLY LA 320 108.90 -40.35 7.43
N MET LA 321 108.57 -41.04 6.34
CA MET LA 321 107.79 -42.26 6.49
C MET LA 321 108.03 -43.19 5.33
N GLU LA 322 107.53 -44.41 5.44
CA GLU LA 322 107.59 -45.37 4.35
C GLU LA 322 106.26 -46.07 4.18
N TYR LA 323 105.98 -46.49 2.96
CA TYR LA 323 104.77 -47.22 2.67
C TYR LA 323 105.08 -48.45 1.83
N HIS LA 324 104.31 -49.51 2.07
CA HIS LA 324 104.50 -50.83 1.48
C HIS LA 324 103.19 -51.17 0.78
N TRP LA 325 103.23 -51.32 -0.53
CA TRP LA 325 102.04 -51.51 -1.34
C TRP LA 325 102.23 -52.75 -2.22
N GLY LA 326 101.35 -53.72 -2.05
CA GLY LA 326 101.46 -54.92 -2.84
C GLY LA 326 102.75 -55.63 -2.53
N ASN LA 327 103.39 -56.20 -3.54
CA ASN LA 327 104.68 -56.86 -3.37
C ASN LA 327 105.85 -55.96 -3.69
N ASN LA 328 105.61 -54.69 -3.98
CA ASN LA 328 106.70 -53.80 -4.33
C ASN LA 328 107.60 -53.55 -3.14
N ASP LA 329 108.78 -53.03 -3.41
CA ASP LA 329 109.66 -52.63 -2.33
C ASP LA 329 109.06 -51.43 -1.60
N PRO LA 330 109.36 -51.27 -0.32
CA PRO LA 330 108.88 -50.09 0.40
C PRO LA 330 109.42 -48.81 -0.21
N VAL LA 331 108.58 -47.79 -0.24
CA VAL LA 331 108.94 -46.49 -0.80
C VAL LA 331 108.95 -45.47 0.34
N ARG LA 332 110.02 -44.69 0.40
CA ARG LA 332 110.26 -43.80 1.53
C ARG LA 332 110.21 -42.34 1.09
N LEU LA 333 109.67 -41.48 1.95
CA LEU LA 333 109.51 -40.06 1.66
C LEU LA 333 109.87 -39.23 2.88
N TRP LA 334 110.24 -37.97 2.64
CA TRP LA 334 110.60 -37.03 3.69
C TRP LA 334 109.97 -35.69 3.40
N SER LA 335 109.47 -35.01 4.44
CA SER LA 335 108.98 -33.66 4.23
C SER LA 335 110.14 -32.67 4.27
N GLN LA 336 109.85 -31.43 3.87
CA GLN LA 336 110.87 -30.43 3.70
C GLN LA 336 110.42 -29.14 4.37
N LEU LA 337 111.37 -28.39 4.90
CA LEU LA 337 111.07 -27.26 5.77
C LEU LA 337 110.48 -26.11 4.96
N THR LA 338 109.19 -26.21 4.67
CA THR LA 338 108.49 -25.19 3.90
C THR LA 338 107.40 -24.54 4.74
N THR LA 339 107.01 -23.33 4.33
CA THR LA 339 106.00 -22.57 5.04
C THR LA 339 105.46 -21.47 4.14
N GLU LA 340 104.78 -20.51 4.76
CA GLU LA 340 104.00 -19.52 4.02
C GLU LA 340 104.21 -18.08 4.46
N GLY LA 341 104.99 -17.83 5.51
CA GLY LA 341 105.33 -16.48 5.88
C GLY LA 341 106.46 -15.94 5.02
N LYS LA 342 107.07 -14.86 5.50
CA LYS LA 342 108.20 -14.25 4.80
C LYS LA 342 109.29 -13.86 5.80
N PRO LA 343 110.41 -14.56 5.81
CA PRO LA 343 111.53 -14.12 6.66
C PRO LA 343 112.15 -12.85 6.14
N HIS LA 344 112.89 -12.18 7.02
CA HIS LA 344 113.62 -10.96 6.68
C HIS LA 344 112.68 -9.89 6.15
N GLY LA 345 111.50 -9.81 6.73
CA GLY LA 345 110.55 -8.79 6.36
C GLY LA 345 110.09 -8.01 7.56
N TRP LA 346 108.82 -7.62 7.57
CA TRP LA 346 108.29 -6.88 8.69
C TRP LA 346 108.05 -7.80 9.88
N PRO LA 347 107.95 -7.21 11.08
CA PRO LA 347 107.66 -8.02 12.26
C PRO LA 347 106.37 -8.81 12.20
N HIS LA 348 105.35 -8.36 11.47
CA HIS LA 348 104.17 -9.20 11.40
C HIS LA 348 104.30 -10.30 10.36
N GLN LA 349 105.42 -10.34 9.64
CA GLN LA 349 105.68 -11.43 8.70
C GLN LA 349 106.71 -12.42 9.22
N ILE LA 350 107.65 -11.99 10.05
CA ILE LA 350 108.52 -12.96 10.71
C ILE LA 350 107.70 -13.91 11.57
N VAL LA 351 106.66 -13.40 12.22
CA VAL LA 351 105.79 -14.25 13.03
C VAL LA 351 105.08 -15.26 12.15
N GLN LA 352 104.60 -14.85 10.98
CA GLN LA 352 103.96 -15.82 10.09
C GLN LA 352 104.94 -16.89 9.66
N TYR LA 353 106.17 -16.49 9.32
CA TYR LA 353 107.14 -17.47 8.84
C TYR LA 353 107.46 -18.49 9.94
N TYR LA 354 107.64 -18.02 11.17
CA TYR LA 354 107.96 -18.92 12.27
C TYR LA 354 106.73 -19.54 12.91
N TYR LA 355 105.54 -19.22 12.42
CA TYR LA 355 104.33 -19.91 12.84
C TYR LA 355 103.95 -21.01 11.85
N GLY LA 356 104.37 -20.87 10.59
CA GLY LA 356 104.27 -21.99 9.68
C GLY LA 356 105.08 -23.18 10.14
N LEU LA 357 106.27 -22.92 10.65
CA LEU LA 357 107.10 -23.95 11.27
C LEU LA 357 106.88 -23.91 12.77
N TYR LA 358 106.65 -25.08 13.38
CA TYR LA 358 106.48 -25.17 14.83
C TYR LA 358 105.34 -24.28 15.30
N PRO LA 359 104.10 -24.56 14.94
CA PRO LA 359 103.01 -23.67 15.38
C PRO LA 359 102.58 -23.96 16.80
N ALA LA 360 103.54 -24.16 17.69
CA ALA LA 360 103.24 -24.52 19.07
C ALA LA 360 104.08 -23.67 20.01
N ALA LA 361 105.33 -23.42 19.60
CA ALA LA 361 106.23 -22.64 20.43
C ALA LA 361 106.19 -21.16 20.09
N THR LA 362 105.86 -20.80 18.85
CA THR LA 362 105.83 -19.39 18.48
C THR LA 362 104.76 -18.64 19.26
N VAL LA 363 103.58 -19.24 19.45
CA VAL LA 363 102.54 -18.56 20.20
C VAL LA 363 102.99 -18.31 21.62
N SER LA 364 103.58 -19.31 22.25
CA SER LA 364 104.07 -19.13 23.62
C SER LA 364 105.13 -18.05 23.69
N ALA LA 365 106.09 -18.06 22.75
CA ALA LA 365 107.16 -17.07 22.79
C ALA LA 365 106.62 -15.66 22.59
N VAL LA 366 105.67 -15.50 21.67
CA VAL LA 366 105.09 -14.19 21.42
C VAL LA 366 104.35 -13.69 22.66
N VAL LA 367 103.56 -14.56 23.29
CA VAL LA 367 102.83 -14.14 24.49
C VAL LA 367 103.81 -13.75 25.59
N GLY LA 368 104.86 -14.55 25.80
CA GLY LA 368 105.82 -14.22 26.84
C GLY LA 368 106.51 -12.89 26.59
N MET LA 369 106.97 -12.67 25.36
CA MET LA 369 107.63 -11.40 25.05
C MET LA 369 106.68 -10.23 25.21
N SER LA 370 105.44 -10.37 24.75
CA SER LA 370 104.48 -9.28 24.86
C SER LA 370 104.20 -8.96 26.32
N LEU LA 371 104.06 -9.97 27.17
CA LEU LA 371 103.77 -9.70 28.57
C LEU LA 371 104.97 -9.05 29.27
N LEU LA 372 106.20 -9.49 28.96
CA LEU LA 372 107.34 -8.81 29.57
C LEU LA 372 107.39 -7.34 29.16
N ALA LA 373 107.17 -7.05 27.87
CA ALA LA 373 107.17 -5.66 27.44
C ALA LA 373 106.07 -4.87 28.15
N LEU LA 374 104.88 -5.44 28.25
CA LEU LA 374 103.76 -4.73 28.86
C LEU LA 374 104.00 -4.47 30.34
N ILE LA 375 104.53 -5.45 31.06
CA ILE LA 375 104.83 -5.25 32.48
C ILE LA 375 105.91 -4.18 32.65
N SER LA 376 106.95 -4.21 31.82
CA SER LA 376 107.99 -3.19 31.93
C SER LA 376 107.42 -1.80 31.70
N ILE LA 377 106.59 -1.64 30.66
CA ILE LA 377 106.07 -0.30 30.37
C ILE LA 377 105.13 0.16 31.48
N PHE LA 378 104.29 -0.74 32.01
CA PHE LA 378 103.38 -0.34 33.07
C PHE LA 378 104.13 0.05 34.34
N ALA LA 379 105.11 -0.75 34.73
CA ALA LA 379 105.88 -0.43 35.92
C ALA LA 379 106.61 0.89 35.77
N SER LA 380 107.21 1.12 34.60
CA SER LA 380 107.94 2.37 34.40
C SER LA 380 106.99 3.57 34.46
N CYS LA 381 105.81 3.47 33.84
CA CYS LA 381 104.87 4.58 33.89
C CYS LA 381 104.40 4.84 35.32
N TYR LA 382 104.08 3.79 36.07
CA TYR LA 382 103.65 3.97 37.45
C TYR LA 382 104.74 4.63 38.27
N MET LA 383 105.99 4.21 38.08
CA MET LA 383 107.08 4.76 38.86
C MET LA 383 107.32 6.23 38.50
N LEU LA 384 107.13 6.58 37.23
CA LEU LA 384 107.19 7.98 36.85
C LEU LA 384 106.10 8.80 37.55
N VAL LA 385 104.87 8.27 37.60
CA VAL LA 385 103.78 8.99 38.24
C VAL LA 385 104.06 9.15 39.73
N ALA LA 386 104.62 8.12 40.35
CA ALA LA 386 104.99 8.22 41.75
C ALA LA 386 106.05 9.31 41.96
N ALA LA 387 107.01 9.41 41.05
CA ALA LA 387 108.00 10.47 41.16
C ALA LA 387 107.35 11.85 41.07
N ARG LA 388 106.41 12.01 40.14
CA ARG LA 388 105.75 13.30 40.00
C ARG LA 388 104.97 13.66 41.26
N SER LA 389 104.25 12.70 41.82
CA SER LA 389 103.51 12.94 43.05
C SER LA 389 104.45 13.30 44.21
N LYS LA 390 105.57 12.57 44.32
CA LYS LA 390 106.50 12.84 45.40
C LYS LA 390 107.09 14.24 45.30
N CYS LA 391 107.46 14.66 44.09
CA CYS LA 391 108.04 15.99 43.92
C CYS LA 391 107.02 17.10 43.97
N LEU LA 392 105.74 16.81 43.78
CA LEU LA 392 104.74 17.85 43.76
C LEU LA 392 103.92 17.94 45.05
N THR LA 393 104.02 16.97 45.94
CA THR LA 393 103.20 17.05 47.15
C THR LA 393 103.61 18.15 48.13
N PRO LA 394 104.90 18.47 48.37
CA PRO LA 394 105.16 19.44 49.43
C PRO LA 394 104.64 20.83 49.11
N TYR LA 395 104.77 21.24 47.85
CA TYR LA 395 104.37 22.58 47.43
C TYR LA 395 102.88 22.75 47.39
N ALA LA 396 102.11 21.68 47.55
CA ALA LA 396 100.66 21.72 47.47
C ALA LA 396 99.99 21.83 48.82
N LEU LA 397 100.77 22.10 49.88
CA LEU LA 397 100.22 22.34 51.20
C LEU LA 397 100.29 23.79 51.62
N THR LA 398 100.90 24.66 50.81
CA THR LA 398 100.98 26.09 51.03
C THR LA 398 100.59 26.84 49.77
N PRO LA 399 99.92 27.98 49.89
CA PRO LA 399 99.50 28.72 48.70
C PRO LA 399 100.65 29.51 48.10
N GLY LA 400 101.65 28.82 47.55
CA GLY LA 400 102.85 29.45 47.07
C GLY LA 400 103.03 29.34 45.56
N ALA LA 401 104.14 29.90 45.11
CA ALA LA 401 104.51 29.86 43.70
C ALA LA 401 104.95 28.46 43.31
N ALA LA 402 104.61 28.06 42.09
CA ALA LA 402 105.05 26.78 41.59
C ALA LA 402 106.40 26.85 40.89
N VAL LA 403 107.03 28.02 40.86
CA VAL LA 403 108.33 28.20 40.22
C VAL LA 403 108.23 27.84 38.74
N PRO LA 404 107.67 28.72 37.90
CA PRO LA 404 107.46 28.39 36.48
C PRO LA 404 108.66 27.73 35.80
N TRP LA 405 109.88 28.05 36.21
CA TRP LA 405 111.05 27.41 35.61
C TRP LA 405 110.99 25.90 35.76
N THR LA 406 110.67 25.41 36.97
CA THR LA 406 110.54 23.97 37.15
C THR LA 406 109.16 23.47 36.72
N LEU LA 407 108.15 24.34 36.78
CA LEU LA 407 106.82 23.91 36.39
C LEU LA 407 106.73 23.63 34.90
N GLY LA 408 107.55 24.31 34.10
CA GLY LA 408 107.64 23.96 32.70
C GLY LA 408 108.22 22.58 32.50
N ILE LA 409 109.21 22.20 33.32
CA ILE LA 409 109.76 20.86 33.26
C ILE LA 409 108.70 19.83 33.60
N LEU LA 410 107.97 20.04 34.68
CA LEU LA 410 107.03 19.04 35.18
C LEU LA 410 105.60 19.55 35.06
N CYS LA 411 104.76 18.80 34.37
CA CYS LA 411 103.36 19.20 34.15
C CYS LA 411 102.60 19.02 35.45
N CYS LA 412 101.91 20.08 35.89
CA CYS LA 412 101.15 20.04 37.13
C CYS LA 412 99.66 20.10 36.84
N ALA LA 413 98.86 19.80 37.86
CA ALA LA 413 97.41 19.84 37.69
C ALA LA 413 96.88 21.26 37.45
N PRO LA 414 97.22 22.28 38.25
CA PRO LA 414 96.73 23.64 37.94
C PRO LA 414 97.61 24.30 36.88
N ARG LA 415 97.12 24.32 35.64
CA ARG LA 415 97.91 24.87 34.55
C ARG LA 415 98.22 26.34 34.77
N ALA LA 416 97.21 27.12 35.17
CA ALA LA 416 97.36 28.55 35.37
C ALA LA 416 97.00 29.03 36.76
N HIS LA 417 96.27 28.25 37.56
CA HIS LA 417 95.96 28.63 38.93
C HIS LA 417 97.22 28.45 39.76
N ALA LA 418 98.07 29.48 39.77
CA ALA LA 418 99.35 29.47 40.48
C ALA LA 418 100.23 28.29 40.04
N HIS MA 1 84.55 -66.37 -54.27
CA HIS MA 1 84.72 -67.12 -53.04
C HIS MA 1 85.33 -66.24 -51.95
N PHE MA 2 86.54 -65.73 -52.22
CA PHE MA 2 87.23 -64.78 -51.35
C PHE MA 2 87.44 -65.40 -49.96
N ASN MA 3 88.25 -66.45 -49.95
CA ASN MA 3 88.67 -67.11 -48.72
C ASN MA 3 89.90 -66.38 -48.21
N VAL MA 4 89.69 -65.44 -47.29
CA VAL MA 4 90.77 -64.56 -46.87
C VAL MA 4 91.85 -65.31 -46.10
N TYR MA 5 91.56 -66.51 -45.63
CA TYR MA 5 92.51 -67.24 -44.81
C TYR MA 5 93.44 -68.13 -45.61
N LYS MA 6 93.72 -67.80 -46.87
CA LYS MA 6 94.70 -68.58 -47.62
C LYS MA 6 96.14 -68.29 -47.21
N ALA MA 7 96.44 -67.08 -46.76
CA ALA MA 7 97.80 -66.71 -46.38
C ALA MA 7 97.98 -66.62 -44.87
N THR MA 8 97.07 -67.22 -44.11
CA THR MA 8 97.05 -67.14 -42.67
C THR MA 8 97.27 -68.52 -42.08
N ARG MA 9 98.10 -68.60 -41.05
CA ARG MA 9 98.37 -69.86 -40.38
C ARG MA 9 98.28 -69.70 -38.88
N PRO MA 10 97.86 -70.73 -38.17
CA PRO MA 10 97.86 -70.68 -36.70
C PRO MA 10 99.28 -70.67 -36.18
N TYR MA 11 99.48 -70.24 -34.93
CA TYR MA 11 100.82 -70.08 -34.41
C TYR MA 11 100.88 -70.54 -32.97
N ILE MA 12 102.10 -70.78 -32.50
CA ILE MA 12 102.34 -71.24 -31.14
C ILE MA 12 102.86 -70.07 -30.32
N ALA MA 13 102.24 -69.84 -29.18
CA ALA MA 13 102.57 -68.71 -28.31
C ALA MA 13 102.80 -69.21 -26.89
N TYR MA 14 103.08 -68.26 -26.01
CA TYR MA 14 103.38 -68.59 -24.61
C TYR MA 14 102.14 -68.36 -23.76
N CYS MA 15 101.73 -69.39 -23.03
CA CYS MA 15 100.61 -69.31 -22.12
C CYS MA 15 101.12 -69.41 -20.69
N ALA MA 16 100.57 -68.56 -19.81
CA ALA MA 16 101.11 -68.45 -18.46
C ALA MA 16 101.03 -69.78 -17.72
N ASP MA 17 99.86 -70.41 -17.72
CA ASP MA 17 99.73 -71.76 -17.19
C ASP MA 17 98.74 -72.51 -18.05
N CYS MA 18 99.01 -73.81 -18.25
CA CYS MA 18 98.21 -74.62 -19.16
C CYS MA 18 97.14 -75.40 -18.41
N GLY MA 19 96.56 -74.79 -17.38
CA GLY MA 19 95.57 -75.45 -16.56
C GLY MA 19 96.12 -76.33 -15.47
N ALA MA 20 97.45 -76.40 -15.34
CA ALA MA 20 98.09 -77.26 -14.36
C ALA MA 20 99.10 -76.54 -13.50
N GLY MA 21 99.25 -75.23 -13.62
CA GLY MA 21 100.24 -74.51 -12.85
C GLY MA 21 101.63 -74.50 -13.45
N HIS MA 22 101.80 -74.92 -14.69
CA HIS MA 22 103.09 -74.88 -15.37
C HIS MA 22 102.96 -74.08 -16.65
N SER MA 23 104.06 -73.46 -17.04
CA SER MA 23 104.11 -72.63 -18.24
C SER MA 23 104.78 -73.41 -19.36
N CYS MA 24 104.09 -73.50 -20.50
CA CYS MA 24 104.70 -74.10 -21.68
C CYS MA 24 104.03 -73.51 -22.91
N HIS MA 25 104.76 -73.55 -24.03
CA HIS MA 25 104.31 -72.95 -25.27
C HIS MA 25 103.13 -73.73 -25.82
N SER MA 26 101.92 -73.20 -25.68
CA SER MA 26 100.75 -73.96 -26.06
C SER MA 26 100.11 -73.39 -27.32
N PRO MA 27 99.51 -74.22 -28.15
CA PRO MA 27 98.95 -73.75 -29.42
C PRO MA 27 97.57 -73.14 -29.33
N VAL MA 28 97.03 -72.97 -28.12
CA VAL MA 28 95.70 -72.41 -27.97
C VAL MA 28 95.77 -71.16 -27.09
N ALA MA 29 96.90 -70.44 -27.19
CA ALA MA 29 97.12 -69.27 -26.35
C ALA MA 29 96.00 -68.26 -26.49
N ILE MA 30 95.62 -67.65 -25.37
CA ILE MA 30 94.50 -66.71 -25.33
C ILE MA 30 95.06 -65.30 -25.41
N GLU MA 31 94.61 -64.54 -26.40
CA GLU MA 31 94.93 -63.12 -26.49
C GLU MA 31 93.81 -62.34 -25.81
N ALA MA 32 93.79 -61.03 -26.03
CA ALA MA 32 92.87 -60.17 -25.31
C ALA MA 32 91.43 -60.66 -25.42
N VAL MA 33 90.64 -60.43 -24.37
CA VAL MA 33 89.22 -60.74 -24.34
C VAL MA 33 88.45 -59.44 -24.28
N ARG MA 34 87.45 -59.29 -25.14
CA ARG MA 34 86.69 -58.06 -25.27
C ARG MA 34 85.26 -58.30 -24.80
N SER MA 35 84.74 -57.39 -23.98
CA SER MA 35 83.43 -57.58 -23.38
C SER MA 35 82.60 -56.30 -23.36
N GLU MA 36 82.61 -55.56 -24.46
CA GLU MA 36 81.94 -54.27 -24.49
C GLU MA 36 80.48 -54.36 -24.93
N ALA MA 37 79.84 -55.52 -24.80
CA ALA MA 37 78.43 -55.68 -25.10
C ALA MA 37 77.63 -55.59 -23.82
N THR MA 38 76.41 -55.07 -23.92
CA THR MA 38 75.63 -54.78 -22.73
C THR MA 38 75.14 -56.04 -22.04
N ASP MA 39 74.59 -56.99 -22.78
CA ASP MA 39 73.95 -58.13 -22.12
C ASP MA 39 74.98 -59.13 -21.61
N GLY MA 40 76.23 -59.03 -22.01
CA GLY MA 40 77.25 -59.87 -21.40
C GLY MA 40 77.74 -61.05 -22.21
N MET MA 41 78.03 -60.83 -23.49
CA MET MA 41 78.63 -61.84 -24.34
C MET MA 41 80.07 -61.46 -24.64
N LEU MA 42 81.00 -62.38 -24.41
CA LEU MA 42 82.41 -62.07 -24.56
C LEU MA 42 82.88 -62.28 -26.00
N LYS MA 43 84.17 -62.02 -26.24
CA LYS MA 43 84.82 -62.35 -27.50
C LYS MA 43 86.23 -62.83 -27.20
N ILE MA 44 86.38 -64.13 -26.96
CA ILE MA 44 87.72 -64.65 -26.72
C ILE MA 44 88.46 -64.74 -28.05
N GLN MA 45 89.79 -64.62 -28.00
CA GLN MA 45 90.61 -64.63 -29.20
C GLN MA 45 91.69 -65.70 -29.08
N PHE MA 46 91.54 -66.80 -29.83
CA PHE MA 46 92.57 -67.83 -29.87
C PHE MA 46 93.87 -67.33 -30.48
N SER MA 47 94.84 -68.23 -30.46
CA SER MA 47 95.94 -68.24 -31.42
C SER MA 47 95.79 -69.32 -32.47
N ALA MA 48 94.89 -70.28 -32.29
CA ALA MA 48 94.67 -71.36 -33.25
C ALA MA 48 93.31 -71.13 -33.89
N GLN MA 49 93.31 -70.85 -35.18
CA GLN MA 49 92.10 -70.43 -35.88
C GLN MA 49 91.18 -71.61 -36.19
N ILE MA 50 89.88 -71.38 -36.09
CA ILE MA 50 88.89 -72.44 -36.15
C ILE MA 50 87.83 -72.10 -37.18
N GLY MA 51 87.21 -73.14 -37.74
CA GLY MA 51 86.32 -73.02 -38.86
C GLY MA 51 86.95 -73.30 -40.22
N ILE MA 52 88.22 -73.70 -40.24
CA ILE MA 52 88.95 -73.95 -41.47
C ILE MA 52 89.75 -75.25 -41.30
N ASP MA 53 89.67 -76.12 -42.31
CA ASP MA 53 90.42 -77.36 -42.23
C ASP MA 53 91.89 -77.11 -42.57
N LYS MA 54 92.69 -78.16 -42.48
CA LYS MA 54 94.12 -78.03 -42.78
C LYS MA 54 94.36 -77.61 -44.22
N SER MA 55 93.58 -78.16 -45.16
CA SER MA 55 93.73 -77.89 -46.58
C SER MA 55 93.02 -76.62 -47.01
N ASP MA 56 92.73 -75.72 -46.07
CA ASP MA 56 92.15 -74.42 -46.39
C ASP MA 56 90.79 -74.54 -47.06
N ASN MA 57 89.81 -75.07 -46.34
CA ASN MA 57 88.46 -75.21 -46.83
C ASN MA 57 87.48 -74.97 -45.70
N HIS MA 58 86.39 -74.26 -45.99
CA HIS MA 58 85.37 -74.04 -44.97
C HIS MA 58 84.73 -75.34 -44.54
N ASP MA 59 84.60 -75.51 -43.23
CA ASP MA 59 83.97 -76.68 -42.64
C ASP MA 59 83.32 -76.28 -41.33
N TYR MA 60 82.37 -77.10 -40.90
CA TYR MA 60 81.76 -76.93 -39.60
C TYR MA 60 82.33 -77.90 -38.57
N THR MA 61 83.31 -78.71 -38.97
CA THR MA 61 83.74 -79.81 -38.14
C THR MA 61 85.24 -79.83 -37.88
N LYS MA 62 86.04 -79.14 -38.68
CA LYS MA 62 87.48 -79.13 -38.48
C LYS MA 62 87.94 -77.77 -37.99
N ILE MA 63 88.96 -77.77 -37.13
CA ILE MA 63 89.65 -76.55 -36.74
C ILE MA 63 91.14 -76.76 -36.91
N ARG MA 64 91.85 -75.71 -37.29
CA ARG MA 64 93.28 -75.80 -37.50
C ARG MA 64 94.02 -75.51 -36.20
N TYR MA 65 95.27 -75.98 -36.15
CA TYR MA 65 96.19 -75.55 -35.12
C TYR MA 65 97.60 -75.89 -35.57
N ALA MA 66 98.58 -75.32 -34.88
CA ALA MA 66 99.97 -75.42 -35.30
C ALA MA 66 100.75 -76.28 -34.31
N ASP MA 67 101.72 -77.03 -34.83
CA ASP MA 67 102.55 -77.90 -34.01
C ASP MA 67 103.81 -78.22 -34.79
N GLY MA 68 104.96 -77.86 -34.23
CA GLY MA 68 106.23 -78.18 -34.85
C GLY MA 68 106.37 -77.65 -36.26
N HIS MA 69 106.03 -76.37 -36.46
CA HIS MA 69 105.94 -75.76 -37.78
C HIS MA 69 105.28 -76.69 -38.79
N ALA MA 70 104.19 -77.32 -38.37
CA ALA MA 70 103.32 -78.08 -39.26
C ALA MA 70 101.89 -77.89 -38.78
N ILE MA 71 100.95 -77.79 -39.72
CA ILE MA 71 99.57 -77.46 -39.39
C ILE MA 71 98.72 -78.72 -39.40
N GLU MA 72 98.03 -78.97 -38.30
CA GLU MA 72 97.13 -80.11 -38.19
C GLU MA 72 95.72 -79.61 -37.92
N ASN MA 73 94.77 -80.54 -37.84
CA ASN MA 73 93.37 -80.20 -37.63
C ASN MA 73 92.74 -81.15 -36.62
N ALA MA 74 91.73 -80.65 -35.92
CA ALA MA 74 91.06 -81.37 -34.86
C ALA MA 74 89.56 -81.14 -34.94
N VAL MA 75 88.80 -82.00 -34.25
CA VAL MA 75 87.35 -81.97 -34.35
C VAL MA 75 86.79 -80.76 -33.61
N ARG MA 76 85.68 -80.21 -34.12
CA ARG MA 76 85.10 -79.00 -33.55
C ARG MA 76 84.43 -79.27 -32.22
N SER MA 77 83.85 -80.45 -32.03
CA SER MA 77 83.52 -80.83 -30.68
C SER MA 77 84.79 -80.91 -29.85
N SER MA 78 84.63 -81.05 -28.54
CA SER MA 78 85.71 -80.99 -27.57
C SER MA 78 86.32 -79.60 -27.47
N LEU MA 79 85.66 -78.57 -27.98
CA LEU MA 79 86.04 -77.19 -27.69
C LEU MA 79 85.35 -76.76 -26.41
N LYS MA 80 86.09 -76.71 -25.29
CA LYS MA 80 85.50 -76.38 -24.01
C LYS MA 80 86.02 -75.03 -23.55
N VAL MA 81 85.11 -74.06 -23.44
CA VAL MA 81 85.40 -72.76 -22.88
C VAL MA 81 84.69 -72.65 -21.54
N ALA MA 82 85.43 -72.31 -20.49
CA ALA MA 82 84.89 -72.46 -19.16
C ALA MA 82 85.38 -71.35 -18.24
N THR MA 83 84.63 -71.18 -17.15
CA THR MA 83 84.98 -70.28 -16.06
C THR MA 83 84.68 -71.12 -14.81
N SER MA 84 84.48 -70.44 -13.68
CA SER MA 84 84.07 -71.13 -12.46
C SER MA 84 82.96 -72.14 -12.73
N GLY MA 85 82.08 -71.84 -13.68
CA GLY MA 85 81.02 -72.77 -14.04
C GLY MA 85 81.33 -73.52 -15.33
N ASP MA 86 80.51 -73.30 -16.36
CA ASP MA 86 80.79 -73.85 -17.68
C ASP MA 86 80.04 -73.03 -18.71
N CYS MA 87 80.76 -72.50 -19.70
CA CYS MA 87 80.21 -71.50 -20.59
C CYS MA 87 79.39 -72.14 -21.71
N PHE MA 88 78.69 -71.30 -22.46
CA PHE MA 88 77.93 -71.71 -23.62
C PHE MA 88 78.42 -70.93 -24.83
N VAL MA 89 78.61 -71.62 -25.94
CA VAL MA 89 79.22 -71.04 -27.13
C VAL MA 89 78.13 -70.68 -28.12
N HIS MA 90 78.19 -69.47 -28.68
CA HIS MA 90 77.16 -69.02 -29.61
C HIS MA 90 77.66 -68.97 -31.05
N GLY MA 91 78.75 -68.24 -31.28
CA GLY MA 91 79.27 -68.04 -32.62
C GLY MA 91 80.73 -68.45 -32.72
N THR MA 92 81.20 -68.55 -33.97
CA THR MA 92 82.57 -69.01 -34.19
C THR MA 92 83.05 -68.80 -35.62
N MET MA 93 84.16 -68.10 -35.79
CA MET MA 93 84.93 -68.08 -37.02
C MET MA 93 86.36 -67.71 -36.69
N GLY MA 94 87.30 -68.22 -37.50
CA GLY MA 94 88.65 -67.71 -37.44
C GLY MA 94 89.27 -67.86 -36.07
N HIS MA 95 89.65 -66.73 -35.49
CA HIS MA 95 90.22 -66.68 -34.17
C HIS MA 95 89.20 -66.45 -33.06
N PHE MA 96 88.02 -65.97 -33.38
CA PHE MA 96 87.17 -65.31 -32.41
C PHE MA 96 86.00 -66.18 -31.99
N ILE MA 97 85.80 -66.27 -30.67
CA ILE MA 97 84.74 -67.10 -30.10
C ILE MA 97 83.81 -66.24 -29.28
N LEU MA 98 82.51 -66.42 -29.52
CA LEU MA 98 81.48 -65.71 -28.78
C LEU MA 98 80.92 -66.64 -27.71
N ALA MA 99 80.95 -66.21 -26.46
CA ALA MA 99 80.60 -67.09 -25.36
C ALA MA 99 79.80 -66.32 -24.33
N LYS MA 100 79.01 -67.07 -23.56
CA LYS MA 100 78.32 -66.57 -22.38
C LYS MA 100 78.74 -67.41 -21.19
N CYS MA 101 79.07 -66.77 -20.08
CA CYS MA 101 79.61 -67.55 -18.97
C CYS MA 101 78.91 -67.17 -17.68
N PRO MA 102 78.88 -68.08 -16.71
CA PRO MA 102 78.43 -67.73 -15.37
C PRO MA 102 79.50 -66.89 -14.69
N PRO MA 103 79.12 -66.08 -13.70
CA PRO MA 103 80.10 -65.21 -13.05
C PRO MA 103 81.22 -66.01 -12.40
N GLY MA 104 82.42 -65.46 -12.46
CA GLY MA 104 83.59 -66.17 -11.96
C GLY MA 104 84.79 -65.25 -11.98
N GLU MA 105 85.96 -65.85 -11.75
CA GLU MA 105 87.19 -65.09 -11.58
C GLU MA 105 88.26 -65.40 -12.62
N PHE MA 106 88.04 -66.35 -13.52
CA PHE MA 106 89.02 -66.66 -14.54
C PHE MA 106 88.31 -67.35 -15.69
N LEU MA 107 89.03 -67.57 -16.79
CA LEU MA 107 88.46 -68.43 -17.83
C LEU MA 107 89.58 -69.16 -18.55
N GLN MA 108 89.24 -70.35 -19.00
CA GLN MA 108 90.18 -71.20 -19.72
C GLN MA 108 89.49 -71.74 -20.96
N VAL MA 109 90.29 -72.04 -21.97
CA VAL MA 109 89.81 -72.69 -23.19
C VAL MA 109 90.70 -73.89 -23.46
N SER MA 110 90.09 -74.98 -23.90
CA SER MA 110 90.86 -76.17 -24.18
C SER MA 110 90.23 -76.95 -25.31
N ILE MA 111 91.05 -77.78 -25.95
CA ILE MA 111 90.55 -78.68 -26.98
C ILE MA 111 91.55 -79.80 -27.18
N GLN MA 112 91.07 -80.92 -27.75
CA GLN MA 112 91.89 -82.11 -27.91
C GLN MA 112 92.91 -81.93 -29.02
N ASP MA 113 93.95 -82.76 -28.98
CA ASP MA 113 95.00 -82.80 -29.99
C ASP MA 113 94.60 -83.79 -31.08
N THR MA 114 95.55 -84.16 -31.93
CA THR MA 114 95.33 -85.29 -32.81
C THR MA 114 95.55 -86.61 -32.07
N ARG MA 115 96.26 -86.55 -30.95
CA ARG MA 115 96.47 -87.71 -30.07
C ARG MA 115 95.43 -87.82 -28.99
N ASN MA 116 94.37 -87.02 -29.06
CA ASN MA 116 93.33 -86.97 -28.04
C ASN MA 116 93.90 -86.66 -26.67
N ALA MA 117 94.84 -85.72 -26.62
CA ALA MA 117 95.34 -85.17 -25.37
C ALA MA 117 94.89 -83.73 -25.29
N VAL MA 118 94.48 -83.29 -24.10
CA VAL MA 118 93.90 -81.95 -23.96
C VAL MA 118 95.02 -80.90 -24.01
N ARG MA 119 94.77 -79.83 -24.76
CA ARG MA 119 95.62 -78.65 -24.74
C ARG MA 119 94.75 -77.52 -24.19
N ALA MA 120 95.26 -76.80 -23.19
CA ALA MA 120 94.47 -75.81 -22.48
C ALA MA 120 95.29 -74.57 -22.17
N CYS MA 121 94.60 -73.44 -22.09
CA CYS MA 121 95.21 -72.18 -21.66
C CYS MA 121 94.22 -71.41 -20.83
N ARG MA 122 94.71 -70.79 -19.76
CA ARG MA 122 93.88 -70.22 -18.71
C ARG MA 122 94.37 -68.82 -18.36
N ILE MA 123 93.44 -67.87 -18.23
CA ILE MA 123 93.78 -66.47 -18.03
C ILE MA 123 92.86 -65.88 -16.97
N GLN MA 124 93.42 -65.02 -16.12
CA GLN MA 124 92.65 -64.40 -15.04
C GLN MA 124 91.83 -63.25 -15.58
N TYR MA 125 90.55 -63.23 -15.25
CA TYR MA 125 89.64 -62.24 -15.83
C TYR MA 125 88.45 -62.09 -14.88
N HIS MA 126 88.28 -60.90 -14.33
CA HIS MA 126 87.22 -60.66 -13.36
C HIS MA 126 85.93 -60.39 -14.12
N HIS MA 127 85.18 -61.45 -14.41
CA HIS MA 127 83.94 -61.36 -15.15
C HIS MA 127 82.77 -61.27 -14.19
N ASP MA 128 81.88 -60.31 -14.44
CA ASP MA 128 80.72 -60.12 -13.58
C ASP MA 128 79.67 -59.30 -14.30
N PRO MA 129 78.84 -59.91 -15.13
CA PRO MA 129 77.90 -59.15 -15.95
C PRO MA 129 76.80 -58.52 -15.12
N GLN MA 130 76.31 -57.39 -15.60
CA GLN MA 130 75.18 -56.71 -14.99
C GLN MA 130 74.19 -56.33 -16.07
N PRO MA 131 72.97 -56.82 -16.00
CA PRO MA 131 72.00 -56.55 -17.07
C PRO MA 131 71.57 -55.10 -17.08
N VAL MA 132 71.11 -54.66 -18.25
CA VAL MA 132 70.63 -53.30 -18.42
C VAL MA 132 69.36 -53.11 -17.61
N GLY MA 133 69.16 -51.89 -17.11
CA GLY MA 133 67.95 -51.56 -16.39
C GLY MA 133 68.25 -51.12 -14.97
N ARG MA 134 67.32 -51.43 -14.06
CA ARG MA 134 67.46 -51.08 -12.66
C ARG MA 134 67.36 -52.29 -11.75
N GLU MA 135 67.22 -53.50 -12.29
CA GLU MA 135 67.13 -54.71 -11.49
C GLU MA 135 68.25 -55.67 -11.87
N LYS MA 136 68.85 -56.29 -10.88
CA LYS MA 136 69.92 -57.24 -11.13
C LYS MA 136 69.34 -58.65 -11.22
N PHE MA 137 68.45 -58.83 -12.19
CA PHE MA 137 67.82 -60.13 -12.40
C PHE MA 137 68.81 -61.08 -13.06
N THR MA 138 68.41 -62.34 -13.19
CA THR MA 138 69.28 -63.39 -13.69
C THR MA 138 68.80 -64.03 -14.98
N ILE MA 139 67.50 -64.31 -15.11
CA ILE MA 139 66.94 -64.91 -16.31
C ILE MA 139 65.71 -64.15 -16.74
N ARG MA 140 65.59 -63.90 -18.04
CA ARG MA 140 64.54 -63.05 -18.55
C ARG MA 140 63.18 -63.59 -18.17
N PRO MA 141 62.21 -62.73 -17.90
CA PRO MA 141 60.91 -63.20 -17.45
C PRO MA 141 59.94 -63.40 -18.58
N HIS MA 142 58.75 -63.92 -18.29
CA HIS MA 142 57.72 -64.09 -19.29
C HIS MA 142 56.71 -62.96 -19.31
N TYR MA 143 57.01 -61.85 -18.65
CA TYR MA 143 56.17 -60.64 -18.71
C TYR MA 143 56.99 -59.47 -18.21
N GLY MA 144 57.25 -58.50 -19.08
CA GLY MA 144 58.09 -57.38 -18.69
C GLY MA 144 58.11 -56.30 -19.75
N LYS MA 145 59.12 -55.45 -19.64
CA LYS MA 145 59.33 -54.35 -20.56
C LYS MA 145 60.49 -54.66 -21.51
N GLU MA 146 60.61 -53.83 -22.54
CA GLU MA 146 61.68 -53.95 -23.53
C GLU MA 146 62.56 -52.71 -23.43
N ILE MA 147 63.85 -52.93 -23.27
CA ILE MA 147 64.84 -51.87 -23.07
C ILE MA 147 65.93 -52.02 -24.13
N PRO MA 148 66.40 -50.95 -24.74
CA PRO MA 148 67.50 -51.08 -25.69
C PRO MA 148 68.77 -51.57 -25.00
N CYS MA 149 69.58 -52.33 -25.73
CA CYS MA 149 70.85 -52.84 -25.24
C CYS MA 149 71.80 -52.95 -26.44
N THR MA 150 72.89 -53.70 -26.27
CA THR MA 150 73.82 -53.94 -27.36
C THR MA 150 74.32 -55.37 -27.28
N THR MA 151 74.65 -55.95 -28.43
CA THR MA 151 75.20 -57.29 -28.46
C THR MA 151 75.90 -57.52 -29.79
N TYR MA 152 76.67 -58.59 -29.85
CA TYR MA 152 77.32 -58.98 -31.10
C TYR MA 152 76.34 -59.76 -31.95
N GLN MA 153 76.55 -59.76 -33.26
CA GLN MA 153 75.75 -60.52 -34.19
C GLN MA 153 76.60 -61.53 -34.92
N GLN MA 154 75.93 -62.52 -35.50
CA GLN MA 154 76.62 -63.59 -36.22
C GLN MA 154 76.94 -63.24 -37.66
N THR MA 155 76.54 -62.06 -38.13
CA THR MA 155 76.86 -61.65 -39.49
C THR MA 155 78.37 -61.51 -39.66
N THR MA 156 78.85 -61.78 -40.87
CA THR MA 156 80.27 -61.64 -41.18
C THR MA 156 80.45 -60.72 -42.39
N ALA MA 157 79.62 -59.68 -42.49
CA ALA MA 157 79.72 -58.74 -43.59
C ALA MA 157 80.87 -57.75 -43.34
N LYS MA 158 80.89 -56.65 -44.07
CA LYS MA 158 81.87 -55.61 -43.79
C LYS MA 158 81.71 -55.10 -42.37
N THR MA 159 82.81 -55.00 -41.64
CA THR MA 159 82.80 -54.71 -40.23
C THR MA 159 83.66 -53.52 -39.82
N VAL MA 160 84.58 -53.08 -40.67
CA VAL MA 160 85.38 -51.90 -40.43
C VAL MA 160 86.13 -52.06 -39.11
N GLU MA 161 87.04 -53.03 -39.07
CA GLU MA 161 87.92 -53.25 -37.93
C GLU MA 161 89.30 -53.64 -38.44
N GLU MA 162 90.17 -54.01 -37.53
CA GLU MA 162 91.55 -54.29 -37.88
C GLU MA 162 92.09 -55.50 -37.14
N ILE MA 163 92.95 -56.22 -37.83
CA ILE MA 163 93.98 -57.04 -37.21
C ILE MA 163 95.28 -56.77 -37.94
N ASP MA 164 96.32 -56.45 -37.18
CA ASP MA 164 97.65 -56.24 -37.74
C ASP MA 164 98.31 -57.59 -37.94
N MET MA 165 98.61 -57.92 -39.19
CA MET MA 165 98.91 -59.27 -39.62
C MET MA 165 100.22 -59.18 -40.39
N HIS MA 166 101.23 -59.96 -40.03
CA HIS MA 166 102.53 -59.73 -40.65
C HIS MA 166 103.28 -61.03 -40.89
N MET MA 167 104.43 -60.89 -41.53
CA MET MA 167 105.23 -62.02 -41.94
C MET MA 167 105.88 -62.67 -40.71
N PRO MA 168 106.01 -63.99 -40.70
CA PRO MA 168 106.56 -64.70 -39.54
C PRO MA 168 108.08 -64.54 -39.43
N PRO MA 169 108.64 -64.79 -38.25
CA PRO MA 169 110.09 -64.73 -38.08
C PRO MA 169 110.78 -66.03 -38.44
N ASP MA 170 112.08 -66.11 -38.14
CA ASP MA 170 112.89 -67.29 -38.42
C ASP MA 170 112.77 -68.26 -37.26
N THR MA 171 112.05 -69.35 -37.47
CA THR MA 171 111.80 -70.29 -36.37
C THR MA 171 113.06 -71.09 -36.06
N PRO MA 172 113.58 -71.03 -34.84
CA PRO MA 172 114.75 -71.85 -34.51
C PRO MA 172 114.35 -73.30 -34.31
N ASP MA 173 115.30 -74.20 -34.58
CA ASP MA 173 115.05 -75.62 -34.41
C ASP MA 173 116.37 -76.36 -34.29
N ARG MA 174 116.37 -77.44 -33.50
CA ARG MA 174 117.55 -78.26 -33.29
C ARG MA 174 117.36 -79.73 -33.61
N THR MA 175 116.10 -80.18 -33.72
CA THR MA 175 115.84 -81.60 -33.91
C THR MA 175 116.38 -82.11 -35.25
N LEU MA 176 116.29 -81.29 -36.29
CA LEU MA 176 116.65 -81.70 -37.64
C LEU MA 176 118.14 -81.66 -37.89
N LEU MA 177 118.97 -81.53 -36.86
CA LEU MA 177 120.41 -81.66 -36.98
C LEU MA 177 120.83 -83.07 -36.53
N SER MA 178 121.52 -83.79 -37.41
CA SER MA 178 121.98 -85.13 -37.13
C SER MA 178 123.49 -85.19 -37.22
N GLN MA 179 124.13 -85.82 -36.24
CA GLN MA 179 125.58 -86.00 -36.23
C GLN MA 179 125.86 -87.50 -36.13
N GLN MA 180 126.43 -88.07 -37.20
CA GLN MA 180 126.72 -89.49 -37.24
C GLN MA 180 128.19 -89.79 -36.94
N SER MA 181 129.10 -89.28 -37.77
CA SER MA 181 130.53 -89.49 -37.54
C SER MA 181 131.29 -88.36 -38.25
N GLY MA 182 131.69 -87.35 -37.50
CA GLY MA 182 132.51 -86.28 -38.04
C GLY MA 182 131.86 -85.48 -39.14
N ASN MA 183 130.55 -85.58 -39.32
CA ASN MA 183 129.84 -84.83 -40.34
C ASN MA 183 128.41 -84.61 -39.88
N VAL MA 184 127.76 -83.62 -40.48
CA VAL MA 184 126.42 -83.22 -40.06
C VAL MA 184 125.44 -83.48 -41.19
N LYS MA 185 124.17 -83.59 -40.83
CA LYS MA 185 123.08 -83.65 -41.79
C LYS MA 185 121.97 -82.72 -41.31
N ILE MA 186 121.48 -81.88 -42.21
CA ILE MA 186 120.38 -80.96 -41.93
C ILE MA 186 119.16 -81.44 -42.69
N THR MA 187 118.16 -81.93 -41.95
CA THR MA 187 116.98 -82.49 -42.59
C THR MA 187 116.18 -81.39 -43.28
N VAL MA 188 115.57 -81.76 -44.41
CA VAL MA 188 114.80 -80.84 -45.23
C VAL MA 188 113.48 -81.52 -45.58
N GLY MA 189 112.71 -80.91 -46.48
CA GLY MA 189 111.39 -81.42 -46.79
C GLY MA 189 110.41 -80.34 -47.15
N GLY MA 190 110.91 -79.13 -47.33
CA GLY MA 190 110.09 -78.01 -47.72
C GLY MA 190 110.54 -76.79 -46.95
N LYS MA 191 111.44 -77.03 -46.01
CA LYS MA 191 111.89 -76.02 -45.06
C LYS MA 191 113.24 -75.50 -45.52
N LYS MA 192 113.24 -74.34 -46.17
CA LYS MA 192 114.50 -73.73 -46.54
C LYS MA 192 115.18 -73.16 -45.31
N VAL MA 193 116.08 -73.94 -44.71
CA VAL MA 193 116.69 -73.53 -43.45
C VAL MA 193 117.67 -72.39 -43.69
N LYS MA 194 118.07 -71.75 -42.60
CA LYS MA 194 119.17 -70.79 -42.60
C LYS MA 194 120.20 -71.25 -41.60
N TYR MA 195 121.44 -71.39 -42.06
CA TYR MA 195 122.50 -71.95 -41.23
C TYR MA 195 123.61 -70.94 -41.04
N ASN MA 196 124.11 -70.87 -39.81
CA ASN MA 196 125.26 -70.06 -39.44
C ASN MA 196 126.31 -70.99 -38.87
N CYS MA 197 127.48 -71.05 -39.52
CA CYS MA 197 128.56 -71.92 -39.09
C CYS MA 197 129.88 -71.19 -39.32
N THR MA 198 130.64 -70.99 -38.24
CA THR MA 198 131.91 -70.28 -38.31
C THR MA 198 133.06 -71.15 -37.85
N CYS MA 199 133.10 -72.41 -38.30
CA CYS MA 199 134.21 -73.31 -38.01
C CYS MA 199 135.31 -73.24 -39.06
N GLY MA 200 135.37 -72.16 -39.82
CA GLY MA 200 136.29 -72.04 -40.93
C GLY MA 200 135.79 -72.66 -42.22
N THR MA 201 134.71 -73.44 -42.16
CA THR MA 201 134.11 -74.07 -43.31
C THR MA 201 133.02 -73.14 -43.88
N GLY MA 202 132.16 -73.67 -44.74
CA GLY MA 202 131.09 -72.92 -45.37
C GLY MA 202 130.40 -71.92 -44.47
N ASN MA 203 130.27 -70.68 -44.96
CA ASN MA 203 129.77 -69.57 -44.16
C ASN MA 203 128.26 -69.67 -44.04
N VAL MA 204 127.63 -68.60 -43.57
CA VAL MA 204 126.19 -68.57 -43.40
C VAL MA 204 125.51 -68.75 -44.76
N GLY MA 205 124.27 -69.21 -44.73
CA GLY MA 205 123.53 -69.32 -45.98
C GLY MA 205 122.13 -69.86 -45.78
N THR MA 206 121.42 -69.95 -46.89
CA THR MA 206 120.08 -70.53 -46.96
C THR MA 206 120.06 -71.55 -48.09
N THR MA 207 119.56 -72.75 -47.78
CA THR MA 207 119.58 -73.90 -48.67
C THR MA 207 118.26 -74.64 -48.62
N ASN MA 208 118.07 -75.59 -49.53
CA ASN MA 208 116.88 -76.42 -49.57
C ASN MA 208 117.17 -77.91 -49.38
N SER MA 209 118.43 -78.32 -49.44
CA SER MA 209 118.76 -79.75 -49.46
C SER MA 209 119.70 -80.08 -48.31
N ASP MA 210 120.16 -81.33 -48.29
CA ASP MA 210 121.01 -81.82 -47.20
C ASP MA 210 122.46 -81.37 -47.40
N MET MA 211 123.19 -81.28 -46.29
CA MET MA 211 124.59 -80.85 -46.33
C MET MA 211 125.42 -81.70 -45.39
N THR MA 212 126.74 -81.61 -45.58
CA THR MA 212 127.71 -82.07 -44.59
C THR MA 212 128.73 -80.96 -44.37
N ILE MA 213 128.99 -80.63 -43.10
CA ILE MA 213 129.95 -79.58 -42.78
C ILE MA 213 131.29 -80.23 -42.49
N ASN MA 214 131.26 -81.49 -42.03
CA ASN MA 214 132.39 -82.40 -41.94
C ASN MA 214 133.48 -81.98 -40.95
N THR MA 215 133.34 -80.85 -40.25
CA THR MA 215 134.41 -80.39 -39.37
C THR MA 215 133.99 -80.35 -37.91
N CYS MA 216 132.92 -79.64 -37.55
CA CYS MA 216 132.52 -79.49 -36.16
C CYS MA 216 131.07 -79.92 -35.99
N LEU MA 217 130.74 -80.44 -34.81
CA LEU MA 217 129.63 -81.39 -34.70
C LEU MA 217 128.27 -80.70 -34.62
N ILE MA 218 127.98 -80.03 -33.51
CA ILE MA 218 126.68 -79.36 -33.36
C ILE MA 218 126.85 -77.99 -32.74
N GLU MA 219 128.01 -77.72 -32.16
CA GLU MA 219 128.20 -76.51 -31.38
C GLU MA 219 128.23 -75.25 -32.22
N GLN MA 220 128.31 -75.37 -33.54
CA GLN MA 220 128.44 -74.22 -34.42
C GLN MA 220 127.26 -74.07 -35.36
N CYS MA 221 126.92 -75.13 -36.09
CA CYS MA 221 125.80 -75.06 -37.02
C CYS MA 221 124.48 -75.19 -36.26
N HIS MA 222 123.50 -74.41 -36.68
CA HIS MA 222 122.16 -74.48 -36.12
C HIS MA 222 121.16 -74.18 -37.24
N VAL MA 223 119.88 -74.38 -36.93
CA VAL MA 223 118.85 -74.32 -37.95
C VAL MA 223 117.84 -73.24 -37.58
N SER MA 224 117.58 -72.35 -38.54
CA SER MA 224 116.52 -71.35 -38.41
C SER MA 224 115.65 -71.45 -39.66
N VAL MA 225 114.57 -72.21 -39.57
CA VAL MA 225 113.66 -72.38 -40.69
C VAL MA 225 113.03 -71.05 -41.06
N THR MA 226 113.01 -70.75 -42.35
CA THR MA 226 112.33 -69.57 -42.88
C THR MA 226 111.10 -70.02 -43.63
N ASP MA 227 109.97 -69.39 -43.37
CA ASP MA 227 108.68 -69.80 -43.90
C ASP MA 227 107.95 -68.60 -44.50
N HIS MA 228 108.65 -67.88 -45.38
CA HIS MA 228 108.15 -66.62 -45.93
C HIS MA 228 107.00 -66.89 -46.90
N LYS MA 229 105.90 -67.43 -46.37
CA LYS MA 229 104.81 -67.85 -47.24
C LYS MA 229 103.41 -67.55 -46.69
N LYS MA 230 103.26 -67.28 -45.41
CA LYS MA 230 101.93 -67.05 -44.88
C LYS MA 230 102.03 -66.03 -43.76
N TRP MA 231 101.04 -65.15 -43.67
CA TRP MA 231 100.97 -64.21 -42.57
C TRP MA 231 100.62 -64.94 -41.27
N GLN MA 232 101.24 -64.51 -40.16
CA GLN MA 232 101.01 -65.18 -38.88
C GLN MA 232 100.05 -64.47 -37.93
N PHE MA 233 100.48 -63.35 -37.35
CA PHE MA 233 99.71 -62.41 -36.54
C PHE MA 233 100.69 -61.40 -35.98
N ASN MA 234 100.18 -60.28 -35.48
CA ASN MA 234 101.01 -59.34 -34.74
C ASN MA 234 100.82 -59.60 -33.25
N SER MA 235 101.54 -60.57 -32.75
CA SER MA 235 101.34 -60.92 -31.37
C SER MA 235 102.46 -60.36 -30.50
N PRO MA 236 102.13 -59.84 -29.33
CA PRO MA 236 103.17 -59.36 -28.43
C PRO MA 236 104.10 -60.44 -27.93
N PHE MA 237 103.75 -61.71 -28.08
CA PHE MA 237 104.59 -62.79 -27.58
C PHE MA 237 105.51 -63.38 -28.63
N VAL MA 238 105.45 -62.91 -29.88
CA VAL MA 238 106.21 -63.50 -30.98
C VAL MA 238 107.04 -62.42 -31.65
N PRO MA 239 108.34 -62.62 -31.84
CA PRO MA 239 109.18 -61.56 -32.43
C PRO MA 239 108.81 -61.31 -33.88
N ARG MA 240 109.15 -60.11 -34.34
CA ARG MA 240 108.95 -59.71 -35.73
C ARG MA 240 110.29 -59.70 -36.45
N ALA MA 241 110.22 -59.52 -37.77
CA ALA MA 241 111.38 -59.78 -38.61
C ALA MA 241 112.20 -58.53 -38.92
N ASP MA 242 111.59 -57.48 -39.43
CA ASP MA 242 112.33 -56.37 -40.01
C ASP MA 242 111.92 -55.04 -39.44
N GLU MA 243 112.88 -54.11 -39.34
CA GLU MA 243 112.67 -52.76 -38.87
C GLU MA 243 112.93 -51.78 -40.00
N PRO MA 244 111.98 -50.89 -40.31
CA PRO MA 244 110.67 -50.77 -39.65
C PRO MA 244 109.74 -51.91 -39.98
N ALA MA 245 108.66 -52.03 -39.23
CA ALA MA 245 107.74 -53.14 -39.40
C ALA MA 245 107.05 -53.06 -40.75
N ARG MA 246 106.94 -54.21 -41.42
CA ARG MA 246 106.12 -54.34 -42.61
C ARG MA 246 104.95 -55.24 -42.27
N LYS MA 247 103.74 -54.74 -42.49
CA LYS MA 247 102.56 -55.42 -42.00
C LYS MA 247 101.34 -55.01 -42.82
N GLY MA 248 100.37 -55.91 -42.89
CA GLY MA 248 99.08 -55.63 -43.47
C GLY MA 248 97.99 -55.78 -42.43
N LYS MA 249 96.76 -55.78 -42.91
CA LYS MA 249 95.59 -55.83 -42.03
C LYS MA 249 94.55 -56.79 -42.59
N VAL MA 250 93.76 -57.37 -41.68
CA VAL MA 250 92.63 -58.20 -42.08
C VAL MA 250 91.42 -57.86 -41.20
N HIS MA 251 90.23 -58.15 -41.71
CA HIS MA 251 89.01 -57.80 -40.98
C HIS MA 251 88.74 -58.83 -39.89
N ILE MA 252 87.79 -58.51 -39.02
CA ILE MA 252 87.35 -59.42 -37.97
C ILE MA 252 85.85 -59.64 -38.14
N PRO MA 253 85.34 -60.74 -37.62
CA PRO MA 253 83.90 -61.00 -37.70
C PRO MA 253 83.16 -60.36 -36.53
N PHE MA 254 81.86 -60.57 -36.50
CA PHE MA 254 80.99 -60.22 -35.38
C PHE MA 254 81.02 -58.73 -35.03
N PRO MA 255 80.40 -57.87 -35.83
CA PRO MA 255 80.28 -56.47 -35.43
C PRO MA 255 79.22 -56.28 -34.36
N LEU MA 256 78.92 -55.03 -34.00
CA LEU MA 256 78.08 -54.70 -32.86
C LEU MA 256 76.74 -54.17 -33.33
N ASP MA 257 75.67 -54.53 -32.61
CA ASP MA 257 74.33 -54.11 -33.00
C ASP MA 257 73.44 -53.98 -31.78
N ASN MA 258 72.30 -53.31 -31.98
CA ASN MA 258 71.51 -52.82 -30.86
C ASN MA 258 70.59 -53.89 -30.26
N ILE MA 259 69.64 -54.39 -31.05
CA ILE MA 259 68.49 -55.20 -30.61
C ILE MA 259 67.88 -54.65 -29.32
N THR MA 260 67.03 -55.45 -28.68
CA THR MA 260 66.41 -55.09 -27.41
C THR MA 260 66.51 -56.25 -26.44
N CYS MA 261 66.29 -55.96 -25.16
CA CYS MA 261 66.33 -56.96 -24.11
C CYS MA 261 65.06 -56.83 -23.28
N ARG MA 262 64.70 -57.91 -22.60
CA ARG MA 262 63.47 -57.96 -21.82
C ARG MA 262 63.83 -57.90 -20.34
N VAL MA 263 63.14 -57.05 -19.60
CA VAL MA 263 63.42 -56.87 -18.18
C VAL MA 263 62.13 -56.97 -17.36
N PRO MA 264 62.18 -57.52 -16.15
CA PRO MA 264 60.98 -57.65 -15.34
C PRO MA 264 60.63 -56.32 -14.67
N MET MA 265 59.36 -56.21 -14.28
CA MET MA 265 58.90 -55.09 -13.48
C MET MA 265 58.55 -55.59 -12.09
N ALA MA 266 59.15 -54.98 -11.07
CA ALA MA 266 58.95 -55.47 -9.71
C ALA MA 266 57.58 -55.04 -9.17
N ARG MA 267 57.19 -55.66 -8.07
CA ARG MA 267 55.85 -55.50 -7.52
C ARG MA 267 55.62 -54.07 -7.07
N GLU MA 268 54.38 -53.65 -7.14
CA GLU MA 268 53.99 -52.39 -6.55
C GLU MA 268 54.08 -52.51 -5.03
N PRO MA 269 54.64 -51.54 -4.33
CA PRO MA 269 54.81 -51.66 -2.89
C PRO MA 269 53.52 -51.37 -2.16
N THR MA 270 53.45 -51.85 -0.92
CA THR MA 270 52.32 -51.55 -0.06
C THR MA 270 52.49 -50.18 0.56
N VAL MA 271 51.55 -49.30 0.30
CA VAL MA 271 51.64 -47.92 0.76
C VAL MA 271 50.65 -47.70 1.89
N ILE MA 272 51.09 -47.06 2.97
CA ILE MA 272 50.26 -46.79 4.13
C ILE MA 272 50.30 -45.30 4.40
N HIS MA 273 49.14 -44.65 4.30
CA HIS MA 273 49.09 -43.20 4.45
C HIS MA 273 49.30 -42.79 5.90
N GLY MA 274 49.75 -41.54 6.09
CA GLY MA 274 49.94 -40.97 7.40
C GLY MA 274 49.80 -39.46 7.35
N LYS MA 275 50.09 -38.77 8.45
CA LYS MA 275 49.98 -37.30 8.46
C LYS MA 275 51.26 -36.73 7.86
N ARG MA 276 51.18 -36.36 6.58
CA ARG MA 276 52.30 -35.80 5.84
C ARG MA 276 53.47 -36.78 5.73
N GLU MA 277 53.22 -38.05 6.01
CA GLU MA 277 54.19 -39.08 5.72
C GLU MA 277 53.53 -40.19 4.91
N VAL MA 278 54.37 -40.94 4.20
CA VAL MA 278 53.96 -42.17 3.54
C VAL MA 278 54.92 -43.25 3.99
N THR MA 279 54.39 -44.35 4.51
CA THR MA 279 55.20 -45.46 4.96
C THR MA 279 55.08 -46.59 3.93
N LEU MA 280 56.20 -46.95 3.32
CA LEU MA 280 56.24 -47.92 2.23
C LEU MA 280 56.81 -49.22 2.75
N HIS MA 281 56.22 -50.34 2.35
CA HIS MA 281 56.79 -51.66 2.58
C HIS MA 281 57.36 -52.15 1.26
N LEU MA 282 58.62 -52.56 1.27
CA LEU MA 282 59.34 -52.95 0.07
C LEU MA 282 59.60 -54.45 0.09
N HIS MA 283 59.15 -55.12 -0.97
CA HIS MA 283 59.27 -56.58 -1.14
C HIS MA 283 60.00 -56.87 -2.44
N PRO MA 284 61.33 -56.99 -2.40
CA PRO MA 284 62.07 -57.31 -3.63
C PRO MA 284 62.37 -58.79 -3.75
N ASP MA 285 62.43 -59.26 -5.00
CA ASP MA 285 62.92 -60.60 -5.29
C ASP MA 285 64.42 -60.63 -5.54
N HIS MA 286 65.00 -59.50 -5.91
CA HIS MA 286 66.40 -59.38 -6.28
C HIS MA 286 66.79 -57.91 -6.20
N PRO MA 287 68.07 -57.61 -6.06
CA PRO MA 287 68.46 -56.23 -5.76
C PRO MA 287 67.90 -55.19 -6.72
N THR MA 288 67.01 -54.34 -6.24
CA THR MA 288 66.41 -53.29 -7.06
C THR MA 288 66.86 -51.93 -6.58
N LEU MA 289 66.43 -50.89 -7.30
CA LEU MA 289 66.82 -49.52 -7.01
C LEU MA 289 65.58 -48.73 -6.60
N PHE MA 290 65.65 -48.04 -5.47
CA PHE MA 290 64.53 -47.28 -4.95
C PHE MA 290 65.00 -45.86 -4.69
N SER MA 291 64.34 -44.87 -5.29
CA SER MA 291 64.82 -43.51 -5.16
C SER MA 291 63.65 -42.55 -5.16
N TYR MA 292 63.67 -41.59 -4.23
CA TYR MA 292 62.58 -40.66 -4.08
C TYR MA 292 63.11 -39.24 -3.99
N ARG MA 293 62.29 -38.29 -4.40
CA ARG MA 293 62.67 -36.89 -4.29
C ARG MA 293 61.43 -36.05 -4.03
N THR MA 294 61.61 -35.00 -3.25
CA THR MA 294 60.53 -34.09 -2.88
C THR MA 294 60.48 -32.96 -3.89
N LEU MA 295 59.37 -32.86 -4.62
CA LEU MA 295 59.35 -31.94 -5.75
C LEU MA 295 58.90 -30.54 -5.35
N GLY MA 296 59.53 -30.03 -4.29
CA GLY MA 296 59.28 -28.68 -3.85
C GLY MA 296 60.28 -27.71 -4.42
N GLU MA 297 61.06 -27.06 -3.56
CA GLU MA 297 62.14 -26.18 -4.00
C GLU MA 297 63.51 -26.65 -3.54
N ASP MA 298 63.61 -27.22 -2.34
CA ASP MA 298 64.84 -27.84 -1.86
C ASP MA 298 64.60 -29.34 -1.70
N PRO MA 299 64.89 -30.13 -2.72
CA PRO MA 299 64.52 -31.54 -2.70
C PRO MA 299 65.35 -32.31 -1.70
N GLN MA 300 64.97 -33.57 -1.52
CA GLN MA 300 65.74 -34.52 -0.72
C GLN MA 300 66.18 -35.67 -1.62
N TYR MA 301 67.34 -35.50 -2.25
CA TYR MA 301 68.00 -36.60 -2.93
C TYR MA 301 68.03 -37.85 -2.07
N HIS MA 302 67.86 -39.01 -2.71
CA HIS MA 302 68.03 -40.30 -2.03
C HIS MA 302 68.00 -41.43 -3.06
N GLU MA 303 68.99 -42.32 -2.96
CA GLU MA 303 69.02 -43.54 -3.75
C GLU MA 303 69.54 -44.68 -2.88
N GLU MA 304 69.11 -45.89 -3.19
CA GLU MA 304 69.48 -47.03 -2.37
C GLU MA 304 69.23 -48.31 -3.14
N TRP MA 305 70.07 -49.30 -2.89
CA TRP MA 305 69.96 -50.61 -3.53
C TRP MA 305 69.28 -51.54 -2.52
N VAL MA 306 67.97 -51.68 -2.63
CA VAL MA 306 67.23 -52.54 -1.73
C VAL MA 306 67.55 -53.99 -2.02
N THR MA 307 67.86 -54.76 -0.99
CA THR MA 307 68.19 -56.16 -1.17
C THR MA 307 67.20 -57.13 -0.52
N ALA MA 308 66.90 -56.95 0.74
CA ALA MA 308 65.94 -57.79 1.44
C ALA MA 308 64.68 -56.99 1.78
N ALA MA 309 63.63 -57.69 2.17
CA ALA MA 309 62.37 -57.04 2.46
C ALA MA 309 62.55 -56.04 3.59
N VAL MA 310 62.03 -54.83 3.40
CA VAL MA 310 62.32 -53.74 4.32
C VAL MA 310 61.12 -52.81 4.37
N GLU MA 311 61.20 -51.78 5.21
CA GLU MA 311 60.18 -50.74 5.23
C GLU MA 311 60.84 -49.37 5.38
N ARG MA 312 60.21 -48.36 4.81
CA ARG MA 312 60.75 -47.01 4.79
C ARG MA 312 59.66 -46.01 5.12
N THR MA 313 60.06 -44.86 5.65
CA THR MA 313 59.14 -43.77 5.94
C THR MA 313 59.63 -42.53 5.22
N ILE MA 314 58.79 -41.95 4.37
CA ILE MA 314 59.22 -40.88 3.50
C ILE MA 314 58.27 -39.71 3.60
N PRO MA 315 58.78 -38.48 3.76
CA PRO MA 315 57.90 -37.34 4.00
C PRO MA 315 57.27 -36.86 2.71
N VAL MA 316 56.04 -36.37 2.83
CA VAL MA 316 55.31 -35.86 1.68
C VAL MA 316 54.72 -34.50 1.99
N PRO MA 317 55.44 -33.42 1.71
CA PRO MA 317 54.93 -32.09 2.04
C PRO MA 317 53.78 -31.68 1.14
N VAL MA 318 53.27 -30.46 1.31
CA VAL MA 318 52.17 -29.99 0.49
C VAL MA 318 52.59 -29.84 -0.96
N ASP MA 319 53.88 -29.66 -1.21
CA ASP MA 319 54.36 -29.53 -2.59
C ASP MA 319 54.20 -30.83 -3.36
N GLY MA 320 54.46 -31.97 -2.73
CA GLY MA 320 54.38 -33.26 -3.38
C GLY MA 320 55.73 -33.91 -3.55
N MET MA 321 55.71 -35.19 -3.90
CA MET MA 321 56.96 -35.92 -4.06
C MET MA 321 56.74 -37.07 -5.02
N GLU MA 322 57.85 -37.65 -5.50
CA GLU MA 322 57.75 -38.81 -6.37
C GLU MA 322 58.77 -39.85 -5.95
N TYR MA 323 58.46 -41.11 -6.26
CA TYR MA 323 59.39 -42.20 -6.01
C TYR MA 323 59.44 -43.12 -7.22
N HIS MA 324 60.53 -43.86 -7.29
CA HIS MA 324 60.91 -44.66 -8.45
C HIS MA 324 61.35 -46.00 -7.90
N TRP MA 325 60.61 -47.04 -8.25
CA TRP MA 325 60.80 -48.36 -7.64
C TRP MA 325 60.94 -49.39 -8.75
N GLY MA 326 62.15 -49.92 -8.91
CA GLY MA 326 62.36 -50.90 -9.94
C GLY MA 326 62.25 -50.26 -11.31
N ASN MA 327 61.72 -51.02 -12.25
CA ASN MA 327 61.60 -50.57 -13.63
C ASN MA 327 60.31 -49.81 -13.89
N ASN MA 328 59.45 -49.68 -12.88
CA ASN MA 328 58.22 -48.95 -13.06
C ASN MA 328 58.50 -47.47 -13.33
N ASP MA 329 57.54 -46.81 -13.91
CA ASP MA 329 57.70 -45.38 -14.08
C ASP MA 329 57.50 -44.67 -12.74
N PRO MA 330 57.99 -43.45 -12.59
CA PRO MA 330 57.85 -42.76 -11.31
C PRO MA 330 56.41 -42.52 -10.94
N VAL MA 331 56.15 -42.51 -9.64
CA VAL MA 331 54.82 -42.30 -9.09
C VAL MA 331 54.84 -41.05 -8.23
N ARG MA 332 53.78 -40.24 -8.32
CA ARG MA 332 53.71 -38.93 -7.72
C ARG MA 332 52.58 -38.86 -6.70
N LEU MA 333 52.84 -38.25 -5.54
CA LEU MA 333 51.85 -38.12 -4.48
C LEU MA 333 51.87 -36.71 -3.91
N TRP MA 334 50.71 -36.15 -3.63
CA TRP MA 334 50.58 -34.82 -3.05
C TRP MA 334 49.84 -34.92 -1.72
N SER MA 335 50.26 -34.12 -0.75
CA SER MA 335 49.59 -34.13 0.54
C SER MA 335 48.38 -33.21 0.52
N GLN MA 336 47.59 -33.27 1.59
CA GLN MA 336 46.30 -32.60 1.65
C GLN MA 336 46.18 -31.88 2.97
N LEU MA 337 45.38 -30.82 3.00
CA LEU MA 337 45.30 -29.97 4.19
C LEU MA 337 44.39 -30.56 5.26
N THR MA 338 44.89 -31.55 6.01
CA THR MA 338 44.08 -32.21 7.01
C THR MA 338 44.70 -31.98 8.39
N THR MA 339 43.85 -32.05 9.40
CA THR MA 339 44.27 -31.78 10.77
C THR MA 339 43.30 -32.45 11.73
N GLU MA 340 43.38 -32.06 13.00
CA GLU MA 340 42.61 -32.68 14.06
C GLU MA 340 41.81 -31.72 14.92
N GLY MA 341 41.91 -30.42 14.71
CA GLY MA 341 41.12 -29.47 15.46
C GLY MA 341 39.66 -29.52 15.06
N LYS MA 342 38.97 -28.42 15.30
CA LYS MA 342 37.59 -28.24 14.83
C LYS MA 342 37.34 -26.77 14.56
N PRO MA 343 37.24 -26.36 13.31
CA PRO MA 343 36.89 -24.97 13.01
C PRO MA 343 35.45 -24.71 13.38
N HIS MA 344 35.12 -23.43 13.47
CA HIS MA 344 33.73 -23.00 13.63
C HIS MA 344 33.11 -23.58 14.90
N GLY MA 345 33.94 -23.75 15.93
CA GLY MA 345 33.47 -24.25 17.20
C GLY MA 345 33.83 -23.31 18.32
N TRP MA 346 34.30 -23.84 19.43
CA TRP MA 346 34.74 -22.99 20.51
C TRP MA 346 36.08 -22.35 20.18
N PRO MA 347 36.39 -21.20 20.78
CA PRO MA 347 37.69 -20.58 20.57
C PRO MA 347 38.85 -21.46 20.99
N HIS MA 348 38.67 -22.33 21.98
CA HIS MA 348 39.78 -23.23 22.31
C HIS MA 348 39.91 -24.36 21.31
N GLN MA 349 38.97 -24.50 20.37
CA GLN MA 349 39.07 -25.46 19.29
C GLN MA 349 39.58 -24.85 17.99
N ILE MA 350 39.23 -23.59 17.70
CA ILE MA 350 39.77 -22.97 16.50
C ILE MA 350 41.29 -22.89 16.58
N VAL MA 351 41.84 -22.63 17.75
CA VAL MA 351 43.29 -22.60 17.88
C VAL MA 351 43.89 -23.98 17.62
N GLN MA 352 43.21 -25.05 18.05
CA GLN MA 352 43.69 -26.38 17.72
C GLN MA 352 43.69 -26.60 16.21
N TYR MA 353 42.62 -26.15 15.55
CA TYR MA 353 42.54 -26.36 14.11
C TYR MA 353 43.64 -25.63 13.36
N TYR MA 354 43.92 -24.38 13.75
CA TYR MA 354 45.03 -23.64 13.16
C TYR MA 354 46.39 -24.01 13.75
N TYR MA 355 46.43 -24.88 14.75
CA TYR MA 355 47.71 -25.40 15.22
C TYR MA 355 48.09 -26.67 14.48
N GLY MA 356 47.11 -27.47 14.09
CA GLY MA 356 47.42 -28.61 13.24
C GLY MA 356 48.10 -28.19 11.96
N LEU MA 357 47.64 -27.08 11.38
CA LEU MA 357 48.29 -26.46 10.23
C LEU MA 357 49.28 -25.42 10.73
N TYR MA 358 50.48 -25.45 10.20
CA TYR MA 358 51.48 -24.43 10.45
C TYR MA 358 51.80 -24.34 11.94
N PRO MA 359 52.31 -25.41 12.57
CA PRO MA 359 52.37 -25.42 14.03
C PRO MA 359 53.53 -24.63 14.60
N ALA MA 360 53.78 -23.46 14.04
CA ALA MA 360 54.85 -22.60 14.56
C ALA MA 360 54.47 -21.13 14.57
N ALA MA 361 53.61 -20.67 13.68
CA ALA MA 361 53.15 -19.29 13.71
C ALA MA 361 51.86 -19.13 14.50
N THR MA 362 51.08 -20.18 14.68
CA THR MA 362 49.86 -20.06 15.47
C THR MA 362 50.18 -19.72 16.91
N VAL MA 363 51.14 -20.42 17.52
CA VAL MA 363 51.50 -20.11 18.91
C VAL MA 363 52.04 -18.71 19.02
N SER MA 364 52.88 -18.29 18.08
CA SER MA 364 53.42 -16.94 18.11
C SER MA 364 52.32 -15.89 18.00
N ALA MA 365 51.37 -16.09 17.10
CA ALA MA 365 50.29 -15.12 16.94
C ALA MA 365 49.42 -15.06 18.19
N VAL MA 366 49.09 -16.21 18.77
CA VAL MA 366 48.26 -16.20 19.96
C VAL MA 366 48.98 -15.50 21.12
N VAL MA 367 50.27 -15.78 21.29
CA VAL MA 367 51.03 -15.10 22.34
C VAL MA 367 51.05 -13.60 22.11
N GLY MA 368 51.25 -13.19 20.86
CA GLY MA 368 51.27 -11.76 20.58
C GLY MA 368 49.96 -11.08 20.91
N MET MA 369 48.84 -11.67 20.49
CA MET MA 369 47.55 -11.06 20.79
C MET MA 369 47.29 -11.01 22.29
N SER MA 370 47.60 -12.09 23.01
CA SER MA 370 47.37 -12.11 24.45
C SER MA 370 48.21 -11.05 25.15
N LEU MA 371 49.48 -10.93 24.75
CA LEU MA 371 50.36 -9.93 25.34
C LEU MA 371 49.83 -8.53 25.11
N LEU MA 372 49.38 -8.23 23.89
CA LEU MA 372 48.87 -6.90 23.61
C LEU MA 372 47.60 -6.62 24.40
N ALA MA 373 46.72 -7.62 24.52
CA ALA MA 373 45.51 -7.40 25.30
C ALA MA 373 45.83 -7.10 26.75
N LEU MA 374 46.79 -7.82 27.34
CA LEU MA 374 47.17 -7.54 28.72
C LEU MA 374 47.78 -6.15 28.85
N ILE MA 375 48.63 -5.74 27.91
CA ILE MA 375 49.18 -4.39 27.99
C ILE MA 375 48.07 -3.35 27.98
N SER MA 376 47.11 -3.51 27.05
CA SER MA 376 46.04 -2.53 26.94
C SER MA 376 45.20 -2.48 28.22
N ILE MA 377 44.88 -3.63 28.79
CA ILE MA 377 44.01 -3.63 29.97
C ILE MA 377 44.76 -3.04 31.17
N PHE MA 378 46.05 -3.34 31.31
CA PHE MA 378 46.81 -2.71 32.40
C PHE MA 378 46.90 -1.20 32.23
N ALA MA 379 47.14 -0.72 31.01
CA ALA MA 379 47.20 0.72 30.80
C ALA MA 379 45.88 1.38 31.17
N SER MA 380 44.76 0.77 30.75
CA SER MA 380 43.47 1.36 31.07
C SER MA 380 43.23 1.39 32.57
N CYS MA 381 43.53 0.29 33.27
CA CYS MA 381 43.31 0.26 34.71
C CYS MA 381 44.18 1.29 35.44
N TYR MA 382 45.45 1.38 35.07
CA TYR MA 382 46.33 2.35 35.72
C TYR MA 382 45.85 3.77 35.48
N MET MA 383 45.40 4.06 34.26
CA MET MA 383 44.95 5.42 33.98
C MET MA 383 43.66 5.74 34.71
N LEU MA 384 42.80 4.73 34.90
CA LEU MA 384 41.61 4.94 35.72
C LEU MA 384 41.99 5.29 37.15
N VAL MA 385 42.92 4.55 37.74
CA VAL MA 385 43.31 4.81 39.12
C VAL MA 385 43.99 6.18 39.23
N ALA MA 386 44.77 6.55 38.22
CA ALA MA 386 45.39 7.87 38.23
C ALA MA 386 44.35 8.98 38.18
N ALA MA 387 43.31 8.80 37.35
CA ALA MA 387 42.25 9.81 37.30
C ALA MA 387 41.56 9.92 38.65
N ARG MA 388 41.30 8.78 39.29
CA ARG MA 388 40.78 8.80 40.66
C ARG MA 388 41.66 9.63 41.58
N SER MA 389 42.96 9.35 41.62
CA SER MA 389 43.82 10.03 42.57
C SER MA 389 43.89 11.52 42.28
N LYS MA 390 43.98 11.89 41.00
CA LYS MA 390 44.10 13.31 40.70
C LYS MA 390 42.78 14.04 40.93
N CYS MA 391 41.66 13.34 40.92
CA CYS MA 391 40.41 14.01 41.28
C CYS MA 391 40.24 14.13 42.79
N LEU MA 392 40.69 13.12 43.55
CA LEU MA 392 40.42 13.09 44.98
C LEU MA 392 41.57 13.61 45.83
N THR MA 393 42.67 14.04 45.21
CA THR MA 393 43.76 14.53 46.04
C THR MA 393 43.54 15.91 46.66
N PRO MA 394 42.83 16.86 46.02
CA PRO MA 394 42.68 18.17 46.68
C PRO MA 394 41.87 18.10 47.96
N TYR MA 395 41.09 17.04 48.16
CA TYR MA 395 40.31 16.93 49.38
C TYR MA 395 41.13 16.38 50.54
N ALA MA 396 42.37 16.00 50.28
CA ALA MA 396 43.30 15.63 51.33
C ALA MA 396 44.14 16.81 51.82
N LEU MA 397 43.94 17.99 51.25
CA LEU MA 397 44.74 19.16 51.58
C LEU MA 397 43.93 20.25 52.26
N THR MA 398 42.66 20.00 52.56
CA THR MA 398 41.84 20.91 53.32
C THR MA 398 41.22 20.14 54.49
N PRO MA 399 40.85 20.84 55.56
CA PRO MA 399 40.09 20.21 56.65
C PRO MA 399 38.61 20.05 56.31
N GLY MA 400 38.33 19.55 55.11
CA GLY MA 400 36.99 19.53 54.56
C GLY MA 400 36.40 18.13 54.47
N ALA MA 401 35.15 18.11 54.02
CA ALA MA 401 34.37 16.88 53.92
C ALA MA 401 34.70 16.16 52.62
N ALA MA 402 34.17 14.94 52.50
CA ALA MA 402 34.44 14.10 51.36
C ALA MA 402 33.38 14.19 50.27
N VAL MA 403 32.28 14.90 50.52
CA VAL MA 403 31.19 15.03 49.56
C VAL MA 403 30.61 13.66 49.21
N PRO MA 404 29.78 13.08 50.09
CA PRO MA 404 29.25 11.72 49.87
C PRO MA 404 28.79 11.38 48.46
N TRP MA 405 28.28 12.34 47.70
CA TRP MA 405 27.91 12.05 46.32
C TRP MA 405 29.11 11.50 45.55
N THR MA 406 30.22 12.23 45.59
CA THR MA 406 31.45 11.75 44.96
C THR MA 406 32.06 10.59 45.71
N LEU MA 407 31.84 10.50 47.03
CA LEU MA 407 32.38 9.38 47.78
C LEU MA 407 31.81 8.06 47.29
N GLY MA 408 30.50 8.02 47.05
CA GLY MA 408 29.88 6.76 46.63
C GLY MA 408 30.43 6.26 45.31
N ILE MA 409 30.53 7.15 44.32
CA ILE MA 409 31.00 6.73 43.00
C ILE MA 409 32.49 6.41 43.04
N LEU MA 410 33.30 7.32 43.59
CA LEU MA 410 34.74 7.12 43.67
C LEU MA 410 35.04 6.69 45.10
N CYS MA 411 35.21 5.38 45.29
CA CYS MA 411 35.54 4.85 46.60
C CYS MA 411 36.85 5.45 47.08
N CYS MA 412 36.96 5.67 48.39
CA CYS MA 412 38.19 6.19 48.95
C CYS MA 412 38.72 5.23 50.00
N ALA MA 413 40.04 5.25 50.16
CA ALA MA 413 40.70 4.43 51.18
C ALA MA 413 40.14 4.65 52.57
N PRO MA 414 39.80 5.88 52.99
CA PRO MA 414 39.08 6.02 54.26
C PRO MA 414 37.66 5.47 54.15
N ARG MA 415 37.41 4.31 54.75
CA ARG MA 415 36.08 3.71 54.68
C ARG MA 415 35.08 4.47 55.55
N ALA MA 416 35.50 4.89 56.74
CA ALA MA 416 34.63 5.61 57.65
C ALA MA 416 35.16 6.95 58.10
N HIS MA 417 36.45 7.08 58.38
CA HIS MA 417 36.98 8.34 58.90
C HIS MA 417 37.10 9.38 57.79
N ALA MA 418 36.60 10.58 58.07
CA ALA MA 418 36.72 11.73 57.18
C ALA MA 418 36.16 11.47 55.78
N HIS NA 1 24.28 -122.40 15.18
CA HIS NA 1 24.97 -121.15 15.49
C HIS NA 1 25.54 -121.18 16.91
N PHE NA 2 25.39 -120.08 17.63
CA PHE NA 2 25.93 -119.93 18.98
C PHE NA 2 24.87 -120.27 20.01
N ASN NA 3 25.22 -121.12 20.98
CA ASN NA 3 24.28 -121.61 21.97
C ASN NA 3 24.92 -121.55 23.36
N VAL NA 4 25.44 -120.38 23.72
CA VAL NA 4 26.21 -120.16 24.94
C VAL NA 4 25.60 -120.84 26.15
N TYR NA 5 24.29 -121.03 26.15
CA TYR NA 5 23.63 -121.59 27.31
C TYR NA 5 23.90 -123.06 27.51
N LYS NA 6 24.56 -123.73 26.58
CA LYS NA 6 24.84 -125.14 26.77
C LYS NA 6 25.89 -125.38 27.86
N ALA NA 7 26.53 -124.33 28.35
CA ALA NA 7 27.54 -124.44 29.39
C ALA NA 7 27.07 -123.94 30.75
N THR NA 8 25.82 -123.46 30.86
CA THR NA 8 25.29 -122.95 32.12
C THR NA 8 24.14 -123.82 32.58
N ARG NA 9 23.97 -123.93 33.89
CA ARG NA 9 22.92 -124.75 34.46
C ARG NA 9 22.20 -123.97 35.55
N PRO NA 10 20.95 -124.34 35.85
CA PRO NA 10 20.28 -123.73 37.00
C PRO NA 10 20.92 -124.18 38.30
N TYR NA 11 20.57 -123.47 39.37
CA TYR NA 11 21.13 -123.76 40.68
C TYR NA 11 20.10 -123.46 41.75
N ILE NA 12 20.31 -124.07 42.91
CA ILE NA 12 19.38 -124.01 44.03
C ILE NA 12 20.00 -123.15 45.13
N ALA NA 13 19.32 -122.06 45.47
CA ALA NA 13 19.86 -121.06 46.38
C ALA NA 13 18.88 -120.82 47.53
N TYR NA 14 19.21 -119.83 48.37
CA TYR NA 14 18.51 -119.57 49.61
C TYR NA 14 17.67 -118.31 49.48
N CYS NA 15 16.38 -118.42 49.77
CA CYS NA 15 15.46 -117.29 49.73
C CYS NA 15 14.97 -116.99 51.14
N ALA NA 16 14.82 -115.70 51.44
CA ALA NA 16 14.49 -115.29 52.81
C ALA NA 16 13.12 -115.82 53.22
N ASP NA 17 12.14 -115.74 52.32
CA ASP NA 17 10.84 -116.33 52.58
C ASP NA 17 10.22 -116.74 51.25
N CYS NA 18 9.60 -117.91 51.23
CA CYS NA 18 9.13 -118.51 49.99
C CYS NA 18 7.65 -118.24 49.77
N GLY NA 19 7.21 -117.04 50.14
CA GLY NA 19 5.82 -116.67 50.01
C GLY NA 19 4.94 -117.13 51.13
N ALA NA 20 5.49 -117.84 52.12
CA ALA NA 20 4.71 -118.38 53.22
C ALA NA 20 5.26 -117.98 54.58
N GLY NA 21 6.12 -116.97 54.65
CA GLY NA 21 6.73 -116.57 55.90
C GLY NA 21 7.80 -117.52 56.40
N HIS NA 22 8.26 -118.45 55.58
CA HIS NA 22 9.27 -119.41 55.97
C HIS NA 22 10.40 -119.43 54.95
N SER NA 23 11.60 -119.77 55.42
CA SER NA 23 12.79 -119.78 54.59
C SER NA 23 13.13 -121.20 54.21
N CYS NA 24 13.27 -121.46 52.91
CA CYS NA 24 13.77 -122.74 52.46
C CYS NA 24 14.49 -122.53 51.13
N HIS NA 25 15.40 -123.46 50.84
CA HIS NA 25 16.22 -123.37 49.63
C HIS NA 25 15.33 -123.52 48.40
N SER NA 26 15.28 -122.49 47.58
CA SER NA 26 14.33 -122.46 46.48
C SER NA 26 15.04 -122.50 45.14
N PRO NA 27 14.42 -123.11 44.13
CA PRO NA 27 14.96 -123.07 42.78
C PRO NA 27 14.67 -121.78 42.03
N VAL NA 28 13.87 -120.87 42.60
CA VAL NA 28 13.58 -119.62 41.91
C VAL NA 28 14.06 -118.48 42.80
N ALA NA 29 15.16 -118.73 43.53
CA ALA NA 29 15.74 -117.69 44.35
C ALA NA 29 16.07 -116.47 43.51
N ILE NA 30 15.81 -115.29 44.05
CA ILE NA 30 15.93 -114.03 43.32
C ILE NA 30 17.19 -113.30 43.75
N GLU NA 31 18.00 -112.91 42.77
CA GLU NA 31 19.21 -112.13 43.00
C GLU NA 31 18.87 -110.65 42.85
N ALA NA 32 19.89 -109.80 42.75
CA ALA NA 32 19.66 -108.36 42.76
C ALA NA 32 18.79 -107.92 41.58
N VAL NA 33 18.10 -106.80 41.77
CA VAL NA 33 17.20 -106.23 40.76
C VAL NA 33 17.71 -104.85 40.37
N ARG NA 34 17.71 -104.57 39.07
CA ARG NA 34 18.22 -103.32 38.52
C ARG NA 34 17.05 -102.48 38.02
N SER NA 35 17.15 -101.16 38.17
CA SER NA 35 16.08 -100.28 37.73
C SER NA 35 16.60 -98.99 37.14
N GLU NA 36 17.61 -99.06 36.29
CA GLU NA 36 18.23 -97.84 35.77
C GLU NA 36 17.49 -97.24 34.58
N ALA NA 37 16.29 -97.73 34.26
CA ALA NA 37 15.55 -97.23 33.13
C ALA NA 37 14.58 -96.16 33.57
N THR NA 38 14.55 -95.06 32.84
CA THR NA 38 13.78 -93.91 33.29
C THR NA 38 12.29 -94.19 33.29
N ASP NA 39 11.77 -94.86 32.26
CA ASP NA 39 10.33 -95.05 32.17
C ASP NA 39 9.80 -96.07 33.15
N GLY NA 40 10.66 -96.79 33.86
CA GLY NA 40 10.21 -97.69 34.89
C GLY NA 40 10.08 -99.14 34.48
N MET NA 41 11.15 -99.72 33.96
CA MET NA 41 11.21 -101.15 33.62
C MET NA 41 12.24 -101.83 34.49
N LEU NA 42 11.84 -102.89 35.18
CA LEU NA 42 12.78 -103.60 36.02
C LEU NA 42 13.46 -104.72 35.24
N LYS NA 43 14.59 -105.19 35.77
CA LYS NA 43 15.29 -106.35 35.23
C LYS NA 43 15.52 -107.34 36.36
N ILE NA 44 14.51 -108.14 36.64
CA ILE NA 44 14.62 -109.10 37.73
C ILE NA 44 15.50 -110.26 37.28
N GLN NA 45 16.22 -110.86 38.22
CA GLN NA 45 17.16 -111.94 37.92
C GLN NA 45 16.84 -113.16 38.77
N PHE NA 46 16.47 -114.26 38.10
CA PHE NA 46 16.28 -115.55 38.77
C PHE NA 46 17.52 -116.23 39.28
N SER NA 47 17.32 -117.46 39.71
CA SER NA 47 18.35 -118.49 39.78
C SER NA 47 18.16 -119.59 38.76
N ALA NA 48 17.02 -119.62 38.07
CA ALA NA 48 16.70 -120.67 37.11
C ALA NA 48 16.43 -120.04 35.75
N GLN NA 49 17.30 -120.30 34.79
CA GLN NA 49 17.18 -119.67 33.48
C GLN NA 49 15.97 -120.18 32.73
N ILE NA 50 15.38 -119.30 31.94
CA ILE NA 50 14.10 -119.55 31.29
C ILE NA 50 14.20 -119.21 29.81
N GLY NA 51 13.40 -119.89 29.01
CA GLY NA 51 13.53 -119.84 27.57
C GLY NA 51 14.50 -120.83 26.97
N ILE NA 52 15.04 -121.75 27.76
CA ILE NA 52 15.98 -122.76 27.30
C ILE NA 52 15.45 -124.13 27.67
N ASP NA 53 15.40 -125.03 26.69
CA ASP NA 53 14.91 -126.37 26.94
C ASP NA 53 15.90 -127.10 27.84
N LYS NA 54 15.43 -128.17 28.47
CA LYS NA 54 16.27 -128.93 29.40
C LYS NA 54 17.53 -129.43 28.72
N SER NA 55 17.45 -129.80 27.44
CA SER NA 55 18.58 -130.36 26.70
C SER NA 55 19.32 -129.31 25.87
N ASP NA 56 19.43 -128.08 26.37
CA ASP NA 56 20.24 -127.03 25.75
C ASP NA 56 19.72 -126.66 24.36
N ASN NA 57 18.39 -126.60 24.24
CA ASN NA 57 17.74 -126.27 22.99
C ASN NA 57 17.02 -124.94 23.12
N HIS NA 58 17.18 -124.08 22.12
CA HIS NA 58 16.64 -122.73 22.19
C HIS NA 58 15.14 -122.74 21.97
N ASP NA 59 14.37 -123.03 23.01
CA ASP NA 59 12.92 -123.06 22.97
C ASP NA 59 12.37 -121.68 23.30
N TYR NA 60 11.05 -121.54 23.20
CA TYR NA 60 10.36 -120.37 23.73
C TYR NA 60 9.11 -120.74 24.50
N THR NA 61 9.00 -121.98 24.97
CA THR NA 61 7.85 -122.40 25.74
C THR NA 61 8.26 -123.23 26.94
N LYS NA 62 9.51 -123.66 27.00
CA LYS NA 62 10.02 -124.42 28.13
C LYS NA 62 10.96 -123.54 28.93
N ILE NA 63 11.03 -123.78 30.24
CA ILE NA 63 11.95 -123.06 31.11
C ILE NA 63 12.68 -124.07 31.99
N ARG NA 64 13.99 -123.90 32.13
CA ARG NA 64 14.78 -124.81 32.93
C ARG NA 64 14.78 -124.39 34.38
N TYR NA 65 14.99 -125.36 35.27
CA TYR NA 65 15.26 -125.05 36.66
C TYR NA 65 15.97 -126.24 37.29
N ALA NA 66 16.55 -126.00 38.46
CA ALA NA 66 17.34 -127.03 39.13
C ALA NA 66 16.52 -127.69 40.24
N ASP NA 67 16.76 -128.98 40.43
CA ASP NA 67 16.08 -129.70 41.49
C ASP NA 67 16.88 -130.99 41.73
N GLY NA 68 17.41 -131.11 42.95
CA GLY NA 68 18.14 -132.29 43.35
C GLY NA 68 19.25 -132.67 42.39
N HIS NA 69 20.15 -131.73 42.09
CA HIS NA 69 21.22 -131.91 41.13
C HIS NA 69 20.73 -132.61 39.86
N ALA NA 70 19.56 -132.18 39.40
CA ALA NA 70 19.00 -132.65 38.14
C ALA NA 70 18.19 -131.49 37.55
N ILE NA 71 18.34 -131.26 36.26
CA ILE NA 71 17.63 -130.16 35.63
C ILE NA 71 16.24 -130.64 35.19
N GLU NA 72 15.22 -129.85 35.50
CA GLU NA 72 13.85 -130.12 35.08
C GLU NA 72 13.35 -128.94 34.27
N ASN NA 73 12.21 -129.14 33.60
CA ASN NA 73 11.65 -128.08 32.77
C ASN NA 73 10.18 -127.90 33.12
N ALA NA 74 9.72 -126.65 33.03
CA ALA NA 74 8.34 -126.29 33.31
C ALA NA 74 7.82 -125.37 32.22
N VAL NA 75 6.50 -125.26 32.13
CA VAL NA 75 5.89 -124.49 31.06
C VAL NA 75 6.18 -123.01 31.26
N ARG NA 76 6.35 -122.28 30.15
CA ARG NA 76 6.63 -120.86 30.24
C ARG NA 76 5.45 -120.08 30.76
N SER NA 77 4.23 -120.51 30.45
CA SER NA 77 3.10 -119.99 31.18
C SER NA 77 3.26 -120.33 32.65
N SER NA 78 2.38 -119.77 33.48
CA SER NA 78 2.44 -119.91 34.93
C SER NA 78 3.66 -119.24 35.54
N LEU NA 79 4.35 -118.38 34.80
CA LEU NA 79 5.35 -117.51 35.39
C LEU NA 79 4.65 -116.24 35.82
N LYS NA 80 4.60 -115.99 37.13
CA LYS NA 80 3.92 -114.83 37.67
C LYS NA 80 4.92 -113.96 38.41
N VAL NA 81 5.12 -112.74 37.91
CA VAL NA 81 5.87 -111.71 38.61
C VAL NA 81 4.86 -110.71 39.15
N ALA NA 82 4.88 -110.49 40.46
CA ALA NA 82 3.83 -109.71 41.08
C ALA NA 82 4.41 -108.75 42.11
N THR NA 83 3.66 -107.69 42.33
CA THR NA 83 3.93 -106.68 43.35
C THR NA 83 2.59 -106.37 43.97
N SER NA 84 2.45 -105.19 44.58
CA SER NA 84 1.16 -104.78 45.14
C SER NA 84 -0.01 -105.13 44.24
N GLY NA 85 0.18 -105.10 42.92
CA GLY NA 85 -0.85 -105.53 41.98
C GLY NA 85 -0.43 -106.74 41.16
N ASP NA 86 -0.46 -106.62 39.84
CA ASP NA 86 0.06 -107.66 38.95
C ASP NA 86 0.90 -106.99 37.88
N CYS NA 87 2.11 -107.51 37.66
CA CYS NA 87 3.01 -106.90 36.71
C CYS NA 87 2.78 -107.46 35.31
N PHE NA 88 3.36 -106.79 34.33
CA PHE NA 88 3.32 -107.20 32.94
C PHE NA 88 4.73 -107.42 32.46
N VAL NA 89 5.00 -108.59 31.88
CA VAL NA 89 6.33 -108.94 31.40
C VAL NA 89 6.44 -108.52 29.95
N HIS NA 90 7.63 -108.02 29.57
CA HIS NA 90 7.85 -107.56 28.20
C HIS NA 90 8.87 -108.42 27.47
N GLY NA 91 9.98 -108.75 28.12
CA GLY NA 91 11.01 -109.58 27.54
C GLY NA 91 11.34 -110.76 28.44
N THR NA 92 12.15 -111.66 27.90
CA THR NA 92 12.55 -112.85 28.64
C THR NA 92 13.69 -113.58 27.93
N MET NA 93 14.82 -113.76 28.60
CA MET NA 93 15.86 -114.61 28.04
C MET NA 93 16.84 -115.03 29.12
N GLY NA 94 16.92 -116.32 29.40
CA GLY NA 94 17.90 -116.80 30.36
C GLY NA 94 17.51 -116.44 31.78
N HIS NA 95 18.38 -115.71 32.46
CA HIS NA 95 18.20 -115.37 33.86
C HIS NA 95 17.30 -114.17 34.09
N PHE NA 96 16.93 -113.43 33.06
CA PHE NA 96 16.46 -112.06 33.23
C PHE NA 96 14.99 -111.91 32.83
N ILE NA 97 14.28 -111.04 33.54
CA ILE NA 97 12.92 -110.70 33.17
C ILE NA 97 12.77 -109.19 33.13
N LEU NA 98 12.22 -108.69 32.04
CA LEU NA 98 11.79 -107.30 31.99
C LEU NA 98 10.33 -107.23 32.41
N ALA NA 99 10.05 -106.44 33.43
CA ALA NA 99 8.70 -106.33 33.94
C ALA NA 99 8.37 -104.87 34.16
N LYS NA 100 7.08 -104.57 34.20
CA LYS NA 100 6.55 -103.26 34.55
C LYS NA 100 5.56 -103.47 35.70
N CYS NA 101 5.76 -102.77 36.80
CA CYS NA 101 4.92 -103.07 37.93
C CYS NA 101 4.26 -101.82 38.51
N PRO NA 102 3.10 -101.95 39.13
CA PRO NA 102 2.51 -100.84 39.87
C PRO NA 102 3.25 -100.61 41.17
N PRO NA 103 3.15 -99.42 41.75
CA PRO NA 103 3.93 -99.12 42.95
C PRO NA 103 3.54 -100.02 44.11
N GLY NA 104 4.52 -100.36 44.94
CA GLY NA 104 4.29 -101.27 46.04
C GLY NA 104 5.49 -101.31 46.96
N GLU NA 105 5.51 -102.30 47.85
CA GLU NA 105 6.57 -102.41 48.83
C GLU NA 105 7.46 -103.63 48.60
N PHE NA 106 7.00 -104.64 47.87
CA PHE NA 106 7.75 -105.87 47.72
C PHE NA 106 7.45 -106.42 46.32
N LEU NA 107 8.21 -107.45 45.93
CA LEU NA 107 7.80 -108.18 44.74
C LEU NA 107 8.17 -109.63 44.88
N GLN NA 108 7.36 -110.49 44.26
CA GLN NA 108 7.60 -111.92 44.28
C GLN NA 108 7.58 -112.45 42.86
N VAL NA 109 8.29 -113.56 42.65
CA VAL NA 109 8.29 -114.27 41.37
C VAL NA 109 8.03 -115.74 41.65
N SER NA 110 7.16 -116.34 40.85
CA SER NA 110 6.74 -117.72 41.08
C SER NA 110 6.54 -118.45 39.76
N ILE NA 111 6.75 -119.76 39.80
CA ILE NA 111 6.48 -120.65 38.67
C ILE NA 111 5.81 -121.91 39.20
N GLN NA 112 5.43 -122.78 38.26
CA GLN NA 112 4.84 -124.07 38.61
C GLN NA 112 5.85 -125.18 38.42
N ASP NA 113 5.83 -126.14 39.34
CA ASP NA 113 6.74 -127.27 39.28
C ASP NA 113 6.28 -128.27 38.21
N THR NA 114 7.12 -129.28 37.98
CA THR NA 114 6.72 -130.35 37.07
C THR NA 114 5.62 -131.20 37.69
N ARG NA 115 5.41 -131.08 39.00
CA ARG NA 115 4.33 -131.73 39.70
C ARG NA 115 3.18 -130.78 40.02
N ASN NA 116 3.17 -129.60 39.40
CA ASN NA 116 2.09 -128.61 39.56
C ASN NA 116 1.95 -128.16 41.02
N ALA NA 117 3.05 -127.68 41.59
CA ALA NA 117 3.05 -126.99 42.87
C ALA NA 117 3.72 -125.64 42.66
N VAL NA 118 3.24 -124.61 43.36
CA VAL NA 118 3.79 -123.27 43.17
C VAL NA 118 5.11 -123.14 43.90
N ARG NA 119 6.09 -122.55 43.22
CA ARG NA 119 7.39 -122.25 43.82
C ARG NA 119 7.61 -120.75 43.66
N ALA NA 120 7.80 -120.05 44.78
CA ALA NA 120 7.84 -118.60 44.78
C ALA NA 120 8.95 -118.10 45.68
N CYS NA 121 9.42 -116.89 45.39
CA CYS NA 121 10.34 -116.20 46.27
C CYS NA 121 10.09 -114.70 46.14
N ARG NA 122 10.05 -114.01 47.27
CA ARG NA 122 9.73 -112.59 47.33
C ARG NA 122 10.83 -111.83 48.05
N ILE NA 123 10.96 -110.55 47.71
CA ILE NA 123 12.00 -109.71 48.25
C ILE NA 123 11.43 -108.32 48.48
N GLN NA 124 11.90 -107.67 49.55
CA GLN NA 124 11.50 -106.30 49.85
C GLN NA 124 12.18 -105.36 48.87
N TYR NA 125 11.41 -104.46 48.28
CA TYR NA 125 11.95 -103.53 47.29
C TYR NA 125 11.00 -102.37 47.15
N HIS NA 126 11.46 -101.17 47.50
CA HIS NA 126 10.59 -100.00 47.53
C HIS NA 126 10.49 -99.41 46.13
N HIS NA 127 9.42 -99.74 45.41
CA HIS NA 127 9.26 -99.36 44.01
C HIS NA 127 8.27 -98.20 43.90
N ASP NA 128 8.68 -97.16 43.19
CA ASP NA 128 7.82 -96.02 42.92
C ASP NA 128 8.31 -95.23 41.72
N PRO NA 129 7.84 -95.56 40.52
CA PRO NA 129 8.33 -94.85 39.33
C PRO NA 129 7.87 -93.42 39.31
N GLN NA 130 8.71 -92.57 38.70
CA GLN NA 130 8.36 -91.17 38.47
C GLN NA 130 8.58 -90.90 37.00
N PRO NA 131 7.52 -90.71 36.22
CA PRO NA 131 7.69 -90.54 34.78
C PRO NA 131 8.50 -89.29 34.47
N VAL NA 132 9.28 -89.38 33.40
CA VAL NA 132 10.12 -88.26 32.98
C VAL NA 132 9.25 -87.04 32.69
N GLY NA 133 9.73 -85.88 33.08
CA GLY NA 133 9.00 -84.67 32.78
C GLY NA 133 8.71 -83.86 34.02
N ARG NA 134 7.66 -83.04 33.97
CA ARG NA 134 7.32 -82.19 35.09
C ARG NA 134 5.93 -82.49 35.64
N GLU NA 135 5.23 -83.48 35.10
CA GLU NA 135 3.93 -83.88 35.60
C GLU NA 135 3.94 -85.35 35.96
N LYS NA 136 3.29 -85.69 37.07
CA LYS NA 136 3.27 -87.06 37.54
C LYS NA 136 2.02 -87.80 37.04
N PHE NA 137 1.91 -87.92 35.72
CA PHE NA 137 0.77 -88.64 35.16
C PHE NA 137 0.92 -90.14 35.42
N THR NA 138 -0.07 -90.90 34.95
CA THR NA 138 -0.12 -92.34 35.17
C THR NA 138 -0.08 -93.14 33.87
N ILE NA 139 -0.84 -92.74 32.85
CA ILE NA 139 -0.79 -93.40 31.56
C ILE NA 139 -0.73 -92.35 30.47
N ARG NA 140 -0.14 -92.71 29.34
CA ARG NA 140 0.14 -91.73 28.32
C ARG NA 140 -1.16 -91.21 27.71
N PRO NA 141 -1.18 -89.96 27.30
CA PRO NA 141 -2.40 -89.39 26.71
C PRO NA 141 -2.39 -89.51 25.20
N HIS NA 142 -3.44 -89.01 24.54
CA HIS NA 142 -3.47 -89.00 23.09
C HIS NA 142 -3.17 -87.62 22.52
N TYR NA 143 -2.53 -86.75 23.28
CA TYR NA 143 -2.07 -85.45 22.78
C TYR NA 143 -1.01 -84.93 23.73
N GLY NA 144 0.21 -84.72 23.25
CA GLY NA 144 1.26 -84.27 24.15
C GLY NA 144 2.56 -84.03 23.42
N LYS NA 145 3.62 -83.93 24.21
CA LYS NA 145 4.96 -83.70 23.71
C LYS NA 145 5.78 -84.99 23.75
N GLU NA 146 6.95 -84.95 23.09
CA GLU NA 146 7.87 -86.07 23.05
C GLU NA 146 9.14 -85.68 23.79
N ILE NA 147 9.53 -86.49 24.75
CA ILE NA 147 10.66 -86.20 25.64
C ILE NA 147 11.58 -87.40 25.65
N PRO NA 148 12.90 -87.22 25.60
CA PRO NA 148 13.79 -88.38 25.61
C PRO NA 148 13.75 -89.12 26.94
N CYS NA 149 13.96 -90.43 26.88
CA CYS NA 149 13.93 -91.29 28.06
C CYS NA 149 14.94 -92.41 27.85
N THR NA 150 14.81 -93.49 28.62
CA THR NA 150 15.67 -94.66 28.47
C THR NA 150 14.86 -95.91 28.78
N THR NA 151 15.27 -97.03 28.21
CA THR NA 151 14.55 -98.27 28.42
C THR NA 151 15.43 -99.44 28.02
N TYR NA 152 14.97 -100.64 28.35
CA TYR NA 152 15.68 -101.85 27.98
C TYR NA 152 15.04 -102.46 26.74
N GLN NA 153 15.82 -102.60 25.66
CA GLN NA 153 15.31 -103.16 24.41
C GLN NA 153 15.30 -104.68 24.46
N GLN NA 154 14.55 -105.27 23.53
CA GLN NA 154 14.48 -106.73 23.44
C GLN NA 154 15.63 -107.36 22.68
N THR NA 155 16.40 -106.57 21.93
CA THR NA 155 17.47 -107.14 21.12
C THR NA 155 18.55 -107.74 22.00
N THR NA 156 19.04 -108.91 21.60
CA THR NA 156 20.05 -109.62 22.39
C THR NA 156 21.37 -109.67 21.65
N ALA NA 157 21.76 -108.56 21.02
CA ALA NA 157 23.00 -108.47 20.26
C ALA NA 157 24.20 -108.28 21.18
N LYS NA 158 25.33 -107.87 20.61
CA LYS NA 158 26.48 -107.48 21.42
C LYS NA 158 26.09 -106.36 22.38
N THR NA 159 26.48 -106.50 23.63
CA THR NA 159 26.09 -105.55 24.68
C THR NA 159 27.25 -105.05 25.53
N VAL NA 160 28.31 -105.81 25.69
CA VAL NA 160 29.41 -105.49 26.60
C VAL NA 160 28.86 -105.40 28.01
N GLU NA 161 28.50 -106.54 28.58
CA GLU NA 161 28.12 -106.64 29.98
C GLU NA 161 28.68 -107.95 30.52
N GLU NA 162 28.98 -107.97 31.81
CA GLU NA 162 29.70 -109.08 32.41
C GLU NA 162 28.84 -109.77 33.45
N ILE NA 163 28.81 -111.09 33.39
CA ILE NA 163 28.42 -111.94 34.51
C ILE NA 163 29.51 -112.98 34.70
N ASP NA 164 29.94 -113.17 35.94
CA ASP NA 164 31.03 -114.10 36.22
C ASP NA 164 30.49 -115.47 36.62
N MET NA 165 31.03 -116.50 36.00
CA MET NA 165 30.56 -117.87 36.14
C MET NA 165 31.69 -118.70 36.70
N HIS NA 166 31.37 -119.83 37.32
CA HIS NA 166 32.45 -120.72 37.73
C HIS NA 166 31.91 -122.12 37.98
N MET NA 167 32.83 -123.04 38.25
CA MET NA 167 32.47 -124.42 38.48
C MET NA 167 31.70 -124.56 39.81
N PRO NA 168 30.55 -125.23 39.80
CA PRO NA 168 29.82 -125.41 41.04
C PRO NA 168 30.63 -126.22 42.03
N PRO NA 169 30.43 -126.01 43.32
CA PRO NA 169 31.19 -126.75 44.33
C PRO NA 169 30.78 -128.21 44.37
N ASP NA 170 31.50 -128.99 45.16
CA ASP NA 170 31.16 -130.38 45.38
C ASP NA 170 29.89 -130.46 46.23
N THR NA 171 28.78 -130.74 45.59
CA THR NA 171 27.49 -130.69 46.26
C THR NA 171 27.36 -131.83 47.24
N PRO NA 172 27.00 -131.57 48.50
CA PRO NA 172 26.82 -132.65 49.46
C PRO NA 172 25.42 -133.24 49.40
N ASP NA 173 25.34 -134.50 49.79
CA ASP NA 173 24.10 -135.26 49.82
C ASP NA 173 24.29 -136.48 50.71
N ARG NA 174 23.22 -136.87 51.38
CA ARG NA 174 23.24 -138.00 52.31
C ARG NA 174 22.25 -139.10 51.95
N THR NA 175 21.24 -138.81 51.12
CA THR NA 175 20.26 -139.82 50.77
C THR NA 175 20.83 -140.95 49.93
N LEU NA 176 21.99 -140.74 49.30
CA LEU NA 176 22.54 -141.76 48.42
C LEU NA 176 23.23 -142.87 49.19
N LEU NA 177 23.57 -142.64 50.45
CA LEU NA 177 24.13 -143.70 51.29
C LEU NA 177 23.02 -144.62 51.78
N SER NA 178 23.04 -145.86 51.34
CA SER NA 178 22.06 -146.86 51.76
C SER NA 178 22.73 -147.86 52.69
N GLN NA 179 22.07 -148.18 53.79
CA GLN NA 179 22.60 -149.13 54.77
C GLN NA 179 21.76 -150.40 54.71
N GLN NA 180 22.35 -151.48 54.17
CA GLN NA 180 21.64 -152.76 54.06
C GLN NA 180 21.92 -153.65 55.26
N SER NA 181 23.19 -154.02 55.46
CA SER NA 181 23.57 -154.80 56.64
C SER NA 181 25.07 -154.60 56.85
N GLY NA 182 25.41 -153.70 57.78
CA GLY NA 182 26.81 -153.47 58.13
C GLY NA 182 27.68 -153.03 56.98
N ASN NA 183 27.11 -152.31 56.01
CA ASN NA 183 27.86 -151.87 54.84
C ASN NA 183 27.17 -150.67 54.23
N VAL NA 184 27.86 -150.03 53.30
CA VAL NA 184 27.34 -148.85 52.62
C VAL NA 184 27.05 -149.21 51.16
N LYS NA 185 26.08 -148.49 50.60
CA LYS NA 185 25.71 -148.64 49.19
C LYS NA 185 25.64 -147.23 48.62
N ILE NA 186 26.48 -146.96 47.62
CA ILE NA 186 26.59 -145.63 47.05
C ILE NA 186 25.91 -145.62 45.68
N THR NA 187 25.06 -144.63 45.45
CA THR NA 187 24.27 -144.54 44.23
C THR NA 187 25.03 -143.78 43.15
N VAL NA 188 24.91 -144.27 41.92
CA VAL NA 188 25.53 -143.66 40.75
C VAL NA 188 24.48 -143.54 39.66
N GLY NA 189 24.91 -143.19 38.45
CA GLY NA 189 23.98 -142.97 37.37
C GLY NA 189 24.40 -141.83 36.46
N GLY NA 190 25.61 -141.32 36.70
CA GLY NA 190 26.16 -140.27 35.87
C GLY NA 190 26.88 -139.23 36.70
N LYS NA 191 26.83 -139.40 38.01
CA LYS NA 191 27.41 -138.46 38.95
C LYS NA 191 28.50 -139.18 39.74
N LYS NA 192 29.70 -138.62 39.71
CA LYS NA 192 30.87 -139.25 40.33
C LYS NA 192 31.00 -138.74 41.75
N VAL NA 193 30.91 -139.66 42.70
CA VAL NA 193 30.82 -139.31 44.11
C VAL NA 193 32.21 -139.23 44.71
N LYS NA 194 32.50 -138.14 45.41
CA LYS NA 194 33.71 -137.98 46.19
C LYS NA 194 33.39 -138.30 47.64
N TYR NA 195 34.18 -139.17 48.25
CA TYR NA 195 33.86 -139.71 49.56
C TYR NA 195 35.01 -139.48 50.53
N ASN NA 196 34.66 -139.49 51.82
CA ASN NA 196 35.65 -139.41 52.90
C ASN NA 196 35.13 -140.28 54.04
N CYS NA 197 35.58 -141.54 54.07
CA CYS NA 197 35.15 -142.50 55.08
C CYS NA 197 36.38 -142.98 55.84
N THR NA 198 36.63 -142.37 57.01
CA THR NA 198 37.78 -142.72 57.84
C THR NA 198 37.35 -143.71 58.93
N CYS NA 199 37.08 -144.93 58.49
CA CYS NA 199 36.80 -146.04 59.40
C CYS NA 199 37.84 -147.15 59.28
N GLY NA 200 39.10 -146.76 59.04
CA GLY NA 200 40.17 -147.70 58.82
C GLY NA 200 40.25 -148.24 57.41
N THR NA 201 39.14 -148.28 56.69
CA THR NA 201 39.11 -148.75 55.30
C THR NA 201 39.55 -147.63 54.37
N GLY NA 202 39.33 -147.82 53.06
CA GLY NA 202 39.74 -146.90 52.02
C GLY NA 202 39.56 -145.43 52.34
N ASN NA 203 40.59 -144.63 52.05
CA ASN NA 203 40.58 -143.21 52.33
C ASN NA 203 39.78 -142.45 51.28
N VAL NA 204 39.97 -141.13 51.22
CA VAL NA 204 39.25 -140.29 50.27
C VAL NA 204 39.45 -140.80 48.86
N GLY NA 205 38.45 -140.58 48.01
CA GLY NA 205 38.54 -140.96 46.63
C GLY NA 205 37.28 -140.58 45.87
N THR NA 206 37.32 -140.79 44.56
CA THR NA 206 36.17 -140.62 43.70
C THR NA 206 35.87 -141.93 43.00
N THR NA 207 34.59 -142.14 42.68
CA THR NA 207 34.15 -143.36 42.04
C THR NA 207 33.19 -143.05 40.92
N ASN NA 208 32.87 -144.08 40.14
CA ASN NA 208 31.83 -143.99 39.13
C ASN NA 208 30.82 -145.11 39.20
N SER NA 209 31.02 -146.10 40.07
CA SER NA 209 30.08 -147.19 40.30
C SER NA 209 29.83 -147.35 41.80
N ASP NA 210 29.12 -148.42 42.15
CA ASP NA 210 28.80 -148.67 43.55
C ASP NA 210 30.00 -149.27 44.28
N MET NA 211 29.88 -149.35 45.61
CA MET NA 211 30.88 -150.01 46.44
C MET NA 211 30.25 -150.40 47.76
N THR NA 212 31.07 -151.06 48.59
CA THR NA 212 30.73 -151.35 49.98
C THR NA 212 31.95 -151.04 50.84
N ILE NA 213 31.70 -150.69 52.10
CA ILE NA 213 32.79 -150.38 53.02
C ILE NA 213 32.85 -151.45 54.11
N ASN NA 214 31.72 -152.09 54.37
CA ASN NA 214 31.60 -153.24 55.26
C ASN NA 214 32.04 -152.97 56.70
N THR NA 215 32.27 -151.71 57.07
CA THR NA 215 32.76 -151.40 58.40
C THR NA 215 31.83 -150.50 59.20
N CYS NA 216 31.52 -149.31 58.70
CA CYS NA 216 30.72 -148.34 59.43
C CYS NA 216 29.59 -147.83 58.53
N LEU NA 217 28.45 -147.56 59.15
CA LEU NA 217 27.20 -147.49 58.40
C LEU NA 217 26.96 -146.13 57.74
N ILE NA 218 26.72 -145.09 58.54
CA ILE NA 218 26.23 -143.83 57.99
C ILE NA 218 27.04 -142.65 58.52
N GLU NA 219 27.63 -142.81 59.70
CA GLU NA 219 28.16 -141.68 60.45
C GLU NA 219 29.57 -141.28 60.04
N GLN NA 220 30.09 -141.82 58.94
CA GLN NA 220 31.42 -141.44 58.49
C GLN NA 220 31.46 -141.04 57.03
N CYS NA 221 30.60 -141.65 56.21
CA CYS NA 221 30.63 -141.43 54.78
C CYS NA 221 29.76 -140.24 54.39
N HIS NA 222 29.95 -139.78 53.16
CA HIS NA 222 29.19 -138.65 52.62
C HIS NA 222 28.90 -138.92 51.16
N VAL NA 223 28.20 -137.98 50.53
CA VAL NA 223 28.12 -137.91 49.09
C VAL NA 223 28.49 -136.49 48.67
N SER NA 224 29.42 -136.37 47.75
CA SER NA 224 29.83 -135.06 47.24
C SER NA 224 29.95 -135.18 45.73
N VAL NA 225 28.85 -134.90 45.04
CA VAL NA 225 28.85 -134.98 43.58
C VAL NA 225 29.62 -133.78 43.05
N THR NA 226 30.59 -134.03 42.17
CA THR NA 226 31.53 -133.02 41.74
C THR NA 226 31.88 -133.23 40.27
N ASP NA 227 32.90 -132.49 39.81
CA ASP NA 227 33.48 -132.62 38.48
C ASP NA 227 32.41 -132.43 37.40
N HIS NA 228 31.84 -131.23 37.41
CA HIS NA 228 30.72 -130.93 36.54
C HIS NA 228 31.19 -130.31 35.24
N LYS NA 229 30.28 -130.29 34.26
CA LYS NA 229 30.59 -129.86 32.91
C LYS NA 229 29.97 -128.51 32.59
N LYS NA 230 29.41 -127.82 33.57
CA LYS NA 230 28.67 -126.60 33.29
C LYS NA 230 29.00 -125.54 34.34
N TRP NA 231 29.01 -124.29 33.88
CA TRP NA 231 29.24 -123.14 34.74
C TRP NA 231 27.95 -122.80 35.47
N GLN NA 232 28.04 -122.54 36.78
CA GLN NA 232 26.80 -122.34 37.53
C GLN NA 232 26.41 -120.88 37.71
N PHE NA 233 27.17 -120.13 38.49
CA PHE NA 233 27.07 -118.68 38.68
C PHE NA 233 28.06 -118.29 39.76
N ASN NA 234 28.37 -116.99 39.84
CA ASN NA 234 29.08 -116.48 41.01
C ASN NA 234 28.06 -115.79 41.91
N SER NA 235 27.42 -116.58 42.78
CA SER NA 235 26.43 -116.04 43.70
C SER NA 235 26.95 -116.05 45.14
N PRO NA 236 26.64 -115.02 45.92
CA PRO NA 236 27.11 -114.98 47.30
C PRO NA 236 26.47 -116.03 48.19
N PHE NA 237 25.46 -116.75 47.74
CA PHE NA 237 24.80 -117.73 48.58
C PHE NA 237 25.32 -119.15 48.39
N VAL NA 238 26.25 -119.36 47.46
CA VAL NA 238 26.78 -120.70 47.18
C VAL NA 238 28.29 -120.63 47.31
N PRO NA 239 28.93 -121.59 47.98
CA PRO NA 239 30.38 -121.48 48.21
C PRO NA 239 31.22 -121.61 46.95
N ARG NA 240 32.54 -121.45 47.10
CA ARG NA 240 33.52 -121.68 46.05
C ARG NA 240 34.25 -122.99 46.34
N ALA NA 241 35.07 -123.41 45.38
CA ALA NA 241 35.79 -124.67 45.45
C ALA NA 241 37.19 -124.47 46.01
N ASP NA 242 37.98 -123.60 45.41
CA ASP NA 242 39.35 -123.35 45.85
C ASP NA 242 39.59 -121.86 45.92
N GLU NA 243 40.76 -121.49 46.45
CA GLU NA 243 41.12 -120.10 46.62
C GLU NA 243 42.31 -119.66 45.78
N PRO NA 244 42.38 -120.01 44.50
CA PRO NA 244 42.92 -119.07 43.51
C PRO NA 244 41.85 -118.38 42.67
N ALA NA 245 40.62 -118.89 42.69
CA ALA NA 245 39.50 -118.38 41.89
C ALA NA 245 39.74 -118.57 40.40
N ARG NA 246 38.70 -118.98 39.66
CA ARG NA 246 38.73 -119.01 38.20
C ARG NA 246 37.37 -118.58 37.71
N LYS NA 247 37.31 -117.39 37.12
CA LYS NA 247 36.05 -116.79 36.71
C LYS NA 247 35.92 -116.90 35.21
N GLY NA 248 34.69 -117.10 34.74
CA GLY NA 248 34.39 -117.01 33.33
C GLY NA 248 33.62 -115.74 33.03
N LYS NA 249 33.08 -115.61 31.81
CA LYS NA 249 32.30 -114.44 31.46
C LYS NA 249 31.05 -114.89 30.70
N VAL NA 250 29.98 -114.11 30.84
CA VAL NA 250 28.77 -114.28 30.05
C VAL NA 250 28.20 -112.90 29.80
N HIS NA 251 27.60 -112.70 28.62
CA HIS NA 251 26.98 -111.44 28.28
C HIS NA 251 25.56 -111.36 28.83
N ILE NA 252 25.19 -110.16 29.27
CA ILE NA 252 23.85 -109.87 29.77
C ILE NA 252 22.98 -109.46 28.58
N PRO NA 253 21.76 -109.95 28.47
CA PRO NA 253 20.86 -109.48 27.42
C PRO NA 253 20.31 -108.11 27.78
N PHE NA 254 19.53 -107.56 26.85
CA PHE NA 254 18.76 -106.35 27.09
C PHE NA 254 19.64 -105.15 27.45
N PRO NA 255 20.29 -104.53 26.47
CA PRO NA 255 21.03 -103.29 26.73
C PRO NA 255 20.07 -102.13 26.94
N LEU NA 256 20.63 -100.94 27.15
CA LEU NA 256 19.86 -99.75 27.47
C LEU NA 256 19.94 -98.75 26.33
N ASP NA 257 18.80 -98.21 25.92
CA ASP NA 257 18.72 -97.41 24.71
C ASP NA 257 17.78 -96.23 24.95
N ASN NA 258 17.86 -95.22 24.10
CA ASN NA 258 17.23 -93.94 24.38
C ASN NA 258 15.73 -93.93 24.15
N ILE NA 259 15.29 -94.05 22.90
CA ILE NA 259 13.90 -93.87 22.43
C ILE NA 259 13.32 -92.56 22.96
N THR NA 260 12.05 -92.30 22.64
CA THR NA 260 11.33 -91.15 23.19
C THR NA 260 10.04 -91.64 23.87
N CYS NA 261 9.55 -90.81 24.78
CA CYS NA 261 8.30 -91.07 25.50
C CYS NA 261 7.36 -89.89 25.29
N ARG NA 262 6.08 -90.10 25.54
CA ARG NA 262 5.08 -89.06 25.35
C ARG NA 262 4.58 -88.58 26.70
N VAL NA 263 4.42 -87.26 26.83
CA VAL NA 263 3.95 -86.68 28.08
C VAL NA 263 2.80 -85.70 27.81
N PRO NA 264 1.85 -85.56 28.71
CA PRO NA 264 0.73 -84.65 28.50
C PRO NA 264 1.12 -83.21 28.80
N MET NA 265 0.27 -82.30 28.35
CA MET NA 265 0.45 -80.87 28.55
C MET NA 265 -0.74 -80.34 29.34
N ALA NA 266 -0.47 -79.79 30.52
CA ALA NA 266 -1.55 -79.33 31.38
C ALA NA 266 -2.09 -78.00 30.91
N ARG NA 267 -3.31 -77.70 31.35
CA ARG NA 267 -4.09 -76.59 30.82
C ARG NA 267 -3.45 -75.25 31.11
N GLU NA 268 -3.74 -74.28 30.26
CA GLU NA 268 -3.30 -72.92 30.53
C GLU NA 268 -4.15 -72.32 31.66
N PRO NA 269 -3.54 -71.65 32.61
CA PRO NA 269 -4.28 -71.15 33.77
C PRO NA 269 -4.94 -69.81 33.50
N THR NA 270 -6.01 -69.56 34.24
CA THR NA 270 -6.73 -68.30 34.13
C THR NA 270 -5.85 -67.15 34.62
N VAL NA 271 -5.94 -66.00 33.98
CA VAL NA 271 -5.13 -64.84 34.31
C VAL NA 271 -6.04 -63.65 34.56
N ILE NA 272 -5.82 -62.97 35.69
CA ILE NA 272 -6.54 -61.74 36.03
C ILE NA 272 -5.53 -60.64 36.21
N HIS NA 273 -5.60 -59.60 35.38
CA HIS NA 273 -4.66 -58.50 35.47
C HIS NA 273 -5.02 -57.58 36.62
N GLY NA 274 -4.00 -57.18 37.38
CA GLY NA 274 -4.17 -56.23 38.46
C GLY NA 274 -3.16 -55.10 38.33
N LYS NA 275 -2.94 -54.33 39.38
CA LYS NA 275 -1.95 -53.26 39.31
C LYS NA 275 -0.61 -53.81 39.75
N ARG NA 276 0.20 -54.20 38.75
CA ARG NA 276 1.50 -54.82 38.98
C ARG NA 276 1.38 -56.16 39.68
N GLU NA 277 0.17 -56.72 39.68
CA GLU NA 277 -0.06 -58.04 40.23
C GLU NA 277 -0.81 -58.87 39.21
N VAL NA 278 -0.49 -60.16 39.16
CA VAL NA 278 -1.22 -61.12 38.37
C VAL NA 278 -1.71 -62.21 39.30
N THR NA 279 -3.00 -62.50 39.27
CA THR NA 279 -3.55 -63.56 40.09
C THR NA 279 -3.89 -64.74 39.19
N LEU NA 280 -3.22 -65.85 39.39
CA LEU NA 280 -3.37 -67.03 38.57
C LEU NA 280 -4.24 -68.04 39.29
N HIS NA 281 -5.21 -68.60 38.57
CA HIS NA 281 -6.01 -69.72 39.07
C HIS NA 281 -5.43 -70.99 38.47
N LEU NA 282 -5.10 -71.96 39.31
CA LEU NA 282 -4.42 -73.18 38.88
C LEU NA 282 -5.37 -74.36 39.03
N HIS NA 283 -5.57 -75.10 37.94
CA HIS NA 283 -6.48 -76.24 37.87
C HIS NA 283 -5.76 -77.47 37.38
N PRO NA 284 -5.16 -78.25 38.28
CA PRO NA 284 -4.40 -79.43 37.86
C PRO NA 284 -5.22 -80.70 37.90
N ASP NA 285 -4.90 -81.61 36.98
CA ASP NA 285 -5.46 -82.96 36.99
C ASP NA 285 -4.60 -83.94 37.78
N HIS NA 286 -3.34 -83.63 38.00
CA HIS NA 286 -2.38 -84.49 38.66
C HIS NA 286 -1.19 -83.63 39.07
N PRO NA 287 -0.41 -84.07 40.05
CA PRO NA 287 0.65 -83.21 40.59
C PRO NA 287 1.55 -82.60 39.53
N THR NA 288 1.50 -81.29 39.35
CA THR NA 288 2.33 -80.60 38.39
C THR NA 288 3.25 -79.61 39.08
N LEU NA 289 4.35 -79.29 38.42
CA LEU NA 289 5.32 -78.34 38.94
C LEU NA 289 5.00 -76.95 38.42
N PHE NA 290 5.02 -75.96 39.30
CA PHE NA 290 4.75 -74.57 38.93
C PHE NA 290 5.85 -73.69 39.47
N SER NA 291 6.42 -72.86 38.60
CA SER NA 291 7.53 -72.01 39.02
C SER NA 291 7.40 -70.64 38.39
N TYR NA 292 8.02 -69.65 39.02
CA TYR NA 292 7.99 -68.31 38.46
C TYR NA 292 9.20 -67.55 38.97
N ARG NA 293 9.64 -66.57 38.20
CA ARG NA 293 10.74 -65.74 38.65
C ARG NA 293 10.65 -64.38 37.99
N THR NA 294 11.07 -63.38 38.74
CA THR NA 294 11.09 -62.00 38.27
C THR NA 294 12.41 -61.73 37.58
N LEU NA 295 12.35 -61.24 36.35
CA LEU NA 295 13.53 -61.14 35.50
C LEU NA 295 14.15 -59.74 35.57
N GLY NA 296 14.47 -59.34 36.80
CA GLY NA 296 15.22 -58.13 37.06
C GLY NA 296 16.64 -58.42 37.48
N GLU NA 297 17.26 -57.42 38.11
CA GLU NA 297 18.65 -57.57 38.52
C GLU NA 297 18.79 -58.46 39.74
N ASP NA 298 17.73 -58.58 40.53
CA ASP NA 298 17.73 -59.42 41.73
C ASP NA 298 16.42 -60.20 41.76
N PRO NA 299 16.45 -61.49 41.48
CA PRO NA 299 15.21 -62.22 41.18
C PRO NA 299 14.46 -62.62 42.44
N GLN NA 300 13.30 -63.23 42.23
CA GLN NA 300 12.48 -63.79 43.30
C GLN NA 300 12.22 -65.26 42.95
N TYR NA 301 13.16 -66.11 43.33
CA TYR NA 301 13.06 -67.54 43.11
C TYR NA 301 11.83 -68.11 43.80
N HIS NA 302 11.20 -69.10 43.15
CA HIS NA 302 10.11 -69.84 43.79
C HIS NA 302 9.70 -71.02 42.93
N GLU NA 303 9.39 -72.15 43.57
CA GLU NA 303 8.85 -73.29 42.85
C GLU NA 303 8.09 -74.18 43.82
N GLU NA 304 7.12 -74.93 43.29
CA GLU NA 304 6.12 -75.57 44.14
C GLU NA 304 5.49 -76.72 43.38
N TRP NA 305 4.92 -77.67 44.12
CA TRP NA 305 4.27 -78.85 43.56
C TRP NA 305 2.78 -78.74 43.81
N VAL NA 306 2.06 -78.17 42.84
CA VAL NA 306 0.63 -77.98 42.97
C VAL NA 306 -0.07 -79.33 42.90
N THR NA 307 -1.03 -79.55 43.79
CA THR NA 307 -1.79 -80.80 43.81
C THR NA 307 -3.28 -80.62 43.59
N ALA NA 308 -3.93 -79.73 44.33
CA ALA NA 308 -5.34 -79.47 44.17
C ALA NA 308 -5.53 -78.08 43.58
N ALA NA 309 -6.76 -77.74 43.23
CA ALA NA 309 -7.03 -76.47 42.57
C ALA NA 309 -6.74 -75.33 43.52
N VAL NA 310 -5.88 -74.41 43.10
CA VAL NA 310 -5.46 -73.32 43.98
C VAL NA 310 -5.50 -71.99 43.25
N GLU NA 311 -5.06 -70.93 43.93
CA GLU NA 311 -4.90 -69.63 43.27
C GLU NA 311 -3.74 -68.90 43.93
N ARG NA 312 -2.86 -68.32 43.12
CA ARG NA 312 -1.66 -67.67 43.60
C ARG NA 312 -1.60 -66.25 43.07
N THR NA 313 -0.84 -65.40 43.76
CA THR NA 313 -0.64 -64.02 43.35
C THR NA 313 0.83 -63.77 43.15
N ILE NA 314 1.17 -63.14 42.03
CA ILE NA 314 2.55 -62.98 41.60
C ILE NA 314 2.80 -61.52 41.24
N PRO NA 315 3.94 -60.96 41.61
CA PRO NA 315 4.23 -59.57 41.28
C PRO NA 315 4.88 -59.45 39.92
N VAL NA 316 4.57 -58.38 39.21
CA VAL NA 316 5.15 -58.19 37.88
C VAL NA 316 5.75 -56.80 37.76
N PRO NA 317 6.90 -56.57 38.34
CA PRO NA 317 7.51 -55.23 38.25
C PRO NA 317 7.86 -54.86 36.82
N VAL NA 318 8.13 -53.57 36.59
CA VAL NA 318 8.25 -53.04 35.23
C VAL NA 318 9.28 -53.79 34.40
N ASP NA 319 10.23 -54.46 35.04
CA ASP NA 319 11.18 -55.25 34.27
C ASP NA 319 10.54 -56.53 33.74
N GLY NA 320 9.54 -57.07 34.44
CA GLY NA 320 8.79 -58.21 33.97
C GLY NA 320 9.16 -59.51 34.64
N MET NA 321 8.40 -60.55 34.34
CA MET NA 321 8.67 -61.85 34.94
C MET NA 321 8.15 -62.96 34.06
N GLU NA 322 8.65 -64.17 34.32
CA GLU NA 322 8.26 -65.33 33.55
C GLU NA 322 7.76 -66.42 34.49
N TYR NA 323 6.92 -67.30 33.97
CA TYR NA 323 6.46 -68.43 34.75
C TYR NA 323 6.34 -69.67 33.88
N HIS NA 324 6.52 -70.82 34.52
CA HIS NA 324 6.62 -72.13 33.91
C HIS NA 324 5.58 -73.03 34.55
N TRP NA 325 4.65 -73.53 33.76
CA TRP NA 325 3.50 -74.29 34.28
C TRP NA 325 3.41 -75.62 33.55
N GLY NA 326 3.61 -76.70 34.28
CA GLY NA 326 3.53 -78.02 33.66
C GLY NA 326 4.62 -78.20 32.63
N ASN NA 327 4.28 -78.78 31.49
CA ASN NA 327 5.21 -78.94 30.39
C ASN NA 327 5.08 -77.87 29.32
N ASN NA 328 4.23 -76.87 29.52
CA ASN NA 328 4.13 -75.80 28.54
C ASN NA 328 5.43 -75.03 28.47
N ASP NA 329 5.58 -74.26 27.40
CA ASP NA 329 6.70 -73.34 27.32
C ASP NA 329 6.52 -72.22 28.35
N PRO NA 330 7.61 -71.72 28.92
CA PRO NA 330 7.49 -70.60 29.85
C PRO NA 330 6.91 -69.37 29.16
N VAL NA 331 6.15 -68.59 29.92
CA VAL NA 331 5.49 -67.42 29.38
C VAL NA 331 5.97 -66.18 30.13
N ARG NA 332 6.18 -65.09 29.40
CA ARG NA 332 6.71 -63.86 29.96
C ARG NA 332 5.65 -62.76 29.97
N LEU NA 333 5.70 -61.89 30.97
CA LEU NA 333 4.74 -60.82 31.14
C LEU NA 333 5.44 -59.57 31.64
N TRP NA 334 5.11 -58.42 31.07
CA TRP NA 334 5.68 -57.15 31.47
C TRP NA 334 4.57 -56.22 31.91
N SER NA 335 4.88 -55.32 32.84
CA SER NA 335 3.93 -54.32 33.29
C SER NA 335 4.11 -53.02 32.53
N GLN NA 336 3.08 -52.19 32.56
CA GLN NA 336 3.10 -50.90 31.88
C GLN NA 336 3.07 -49.78 32.89
N LEU NA 337 3.36 -48.57 32.41
CA LEU NA 337 3.38 -47.38 33.25
C LEU NA 337 1.96 -46.84 33.36
N THR NA 338 1.14 -47.51 34.15
CA THR NA 338 -0.21 -47.08 34.42
C THR NA 338 -0.25 -46.34 35.75
N THR NA 339 -1.33 -45.60 35.98
CA THR NA 339 -1.47 -44.82 37.20
C THR NA 339 -2.93 -44.51 37.43
N GLU NA 340 -3.21 -43.63 38.40
CA GLU NA 340 -4.57 -43.27 38.75
C GLU NA 340 -4.82 -41.77 38.85
N GLY NA 341 -3.78 -40.95 38.77
CA GLY NA 341 -3.95 -39.52 38.81
C GLY NA 341 -4.41 -38.97 37.47
N LYS NA 342 -4.10 -37.70 37.26
CA LYS NA 342 -4.36 -37.04 35.98
C LYS NA 342 -3.25 -36.05 35.67
N PRO NA 343 -2.34 -36.37 34.76
CA PRO NA 343 -1.32 -35.39 34.38
C PRO NA 343 -1.95 -34.30 33.53
N HIS NA 344 -1.24 -33.16 33.47
CA HIS NA 344 -1.69 -32.01 32.68
C HIS NA 344 -2.99 -31.44 33.23
N GLY NA 345 -3.19 -31.55 34.53
CA GLY NA 345 -4.42 -31.10 35.13
C GLY NA 345 -4.17 -30.10 36.23
N TRP NA 346 -4.98 -30.14 37.29
CA TRP NA 346 -4.73 -29.25 38.41
C TRP NA 346 -3.50 -29.71 39.18
N PRO NA 347 -2.79 -28.78 39.83
CA PRO NA 347 -1.59 -29.14 40.57
C PRO NA 347 -1.81 -30.14 41.68
N HIS NA 348 -3.01 -30.23 42.24
CA HIS NA 348 -3.25 -31.29 43.22
C HIS NA 348 -3.54 -32.62 42.56
N GLN NA 349 -3.70 -32.65 41.24
CA GLN NA 349 -3.86 -33.91 40.50
C GLN NA 349 -2.57 -34.39 39.88
N ILE NA 350 -1.69 -33.49 39.48
CA ILE NA 350 -0.40 -33.92 38.95
C ILE NA 350 0.36 -34.72 39.99
N VAL NA 351 0.25 -34.33 41.25
CA VAL NA 351 0.94 -35.09 42.29
C VAL NA 351 0.34 -36.48 42.44
N GLN NA 352 -0.97 -36.62 42.28
CA GLN NA 352 -1.53 -37.97 42.28
C GLN NA 352 -0.99 -38.78 41.11
N TYR NA 353 -0.87 -38.16 39.94
CA TYR NA 353 -0.35 -38.87 38.79
C TYR NA 353 1.08 -39.35 39.05
N TYR NA 354 1.91 -38.48 39.56
CA TYR NA 354 3.30 -38.88 39.82
C TYR NA 354 3.45 -39.60 41.10
N TYR NA 355 2.40 -39.81 41.88
CA TYR NA 355 2.45 -40.69 43.03
C TYR NA 355 2.00 -42.10 42.70
N GLY NA 356 1.13 -42.24 41.70
CA GLY NA 356 0.88 -43.58 41.19
C GLY NA 356 2.14 -44.23 40.69
N LEU NA 357 2.96 -43.48 39.97
CA LEU NA 357 4.28 -43.94 39.57
C LEU NA 357 5.28 -43.54 40.64
N TYR NA 358 6.19 -44.43 40.97
CA TYR NA 358 7.27 -44.11 41.89
C TYR NA 358 6.72 -43.61 43.23
N PRO NA 359 5.95 -44.41 43.96
CA PRO NA 359 5.27 -43.87 45.14
C PRO NA 359 6.15 -43.82 46.37
N ALA NA 360 7.38 -43.37 46.23
CA ALA NA 360 8.24 -43.20 47.39
C ALA NA 360 9.12 -41.97 47.33
N ALA NA 361 9.46 -41.47 46.15
CA ALA NA 361 10.31 -40.31 46.04
C ALA NA 361 9.54 -39.03 45.77
N THR NA 362 8.32 -39.12 45.23
CA THR NA 362 7.56 -37.92 44.96
C THR NA 362 7.16 -37.22 46.25
N VAL NA 363 6.87 -37.99 47.29
CA VAL NA 363 6.57 -37.39 48.59
C VAL NA 363 7.79 -36.62 49.10
N SER NA 364 8.97 -37.23 48.98
CA SER NA 364 10.18 -36.56 49.43
C SER NA 364 10.43 -35.28 48.63
N ALA NA 365 10.21 -35.33 47.32
CA ALA NA 365 10.42 -34.15 46.49
C ALA NA 365 9.45 -33.04 46.88
N VAL NA 366 8.19 -33.38 47.12
CA VAL NA 366 7.22 -32.37 47.52
C VAL NA 366 7.62 -31.74 48.85
N VAL NA 367 8.04 -32.56 49.81
CA VAL NA 367 8.44 -32.01 51.11
C VAL NA 367 9.64 -31.09 50.96
N GLY NA 368 10.65 -31.51 50.20
CA GLY NA 368 11.82 -30.67 50.02
C GLY NA 368 11.51 -29.35 49.35
N MET NA 369 10.72 -29.40 48.27
CA MET NA 369 10.31 -28.16 47.61
C MET NA 369 9.54 -27.26 48.56
N SER NA 370 8.64 -27.83 49.36
CA SER NA 370 7.84 -27.02 50.27
C SER NA 370 8.72 -26.35 51.31
N LEU NA 371 9.67 -27.08 51.90
CA LEU NA 371 10.53 -26.46 52.90
C LEU NA 371 11.39 -25.36 52.28
N LEU NA 372 11.91 -25.58 51.07
CA LEU NA 372 12.72 -24.52 50.46
C LEU NA 372 11.88 -23.27 50.20
N ALA NA 373 10.65 -23.44 49.69
CA ALA NA 373 9.81 -22.27 49.46
C ALA NA 373 9.51 -21.55 50.77
N LEU NA 374 9.22 -22.31 51.82
CA LEU NA 374 8.88 -21.71 53.11
C LEU NA 374 10.07 -20.95 53.68
N ILE NA 375 11.27 -21.53 53.60
CA ILE NA 375 12.45 -20.83 54.10
C ILE NA 375 12.70 -19.56 53.30
N SER NA 376 12.53 -19.63 51.98
CA SER NA 376 12.75 -18.43 51.18
C SER NA 376 11.80 -17.31 51.58
N ILE NA 377 10.52 -17.62 51.73
CA ILE NA 377 9.57 -16.57 52.07
C ILE NA 377 9.81 -16.06 53.50
N PHE NA 378 10.16 -16.95 54.43
CA PHE NA 378 10.44 -16.50 55.79
C PHE NA 378 11.63 -15.56 55.81
N ALA NA 379 12.71 -15.90 55.10
CA ALA NA 379 13.87 -15.03 55.06
C ALA NA 379 13.53 -13.69 54.44
N SER NA 380 12.74 -13.70 53.36
CA SER NA 380 12.34 -12.44 52.74
C SER NA 380 11.57 -11.56 53.72
N CYS NA 381 10.59 -12.14 54.41
CA CYS NA 381 9.79 -11.34 55.34
C CYS NA 381 10.63 -10.80 56.48
N TYR NA 382 11.48 -11.65 57.08
CA TYR NA 382 12.28 -11.21 58.21
C TYR NA 382 13.24 -10.11 57.81
N MET NA 383 13.86 -10.25 56.63
CA MET NA 383 14.76 -9.22 56.17
C MET NA 383 14.02 -7.91 55.92
N LEU NA 384 12.80 -7.98 55.39
CA LEU NA 384 12.02 -6.76 55.21
C LEU NA 384 11.73 -6.09 56.54
N VAL NA 385 11.37 -6.88 57.56
CA VAL NA 385 11.09 -6.31 58.88
C VAL NA 385 12.34 -5.65 59.45
N ALA NA 386 13.49 -6.30 59.29
CA ALA NA 386 14.74 -5.70 59.77
C ALA NA 386 15.01 -4.39 59.06
N ALA NA 387 14.72 -4.32 57.76
CA ALA NA 387 14.88 -3.07 57.04
C ALA NA 387 13.99 -1.98 57.61
N ARG NA 388 12.74 -2.32 57.93
CA ARG NA 388 11.84 -1.34 58.52
C ARG NA 388 12.37 -0.83 59.85
N SER NA 389 12.83 -1.74 60.71
CA SER NA 389 13.37 -1.33 62.00
C SER NA 389 14.59 -0.44 61.82
N LYS NA 390 15.48 -0.81 60.91
CA LYS NA 390 16.69 -0.03 60.68
C LYS NA 390 16.36 1.37 60.19
N CYS NA 391 15.35 1.50 59.33
CA CYS NA 391 14.97 2.82 58.83
C CYS NA 391 14.19 3.64 59.85
N LEU NA 392 13.49 3.02 60.78
CA LEU NA 392 12.66 3.78 61.70
C LEU NA 392 13.36 4.15 63.00
N THR NA 393 14.22 3.29 63.54
CA THR NA 393 14.65 3.45 64.92
C THR NA 393 15.40 4.74 65.25
N PRO NA 394 16.06 5.45 64.31
CA PRO NA 394 16.59 6.77 64.69
C PRO NA 394 15.52 7.75 65.15
N TYR NA 395 14.33 7.68 64.58
CA TYR NA 395 13.27 8.63 64.91
C TYR NA 395 12.71 8.43 66.30
N ALA NA 396 12.95 7.28 66.90
CA ALA NA 396 12.63 7.04 68.30
C ALA NA 396 13.81 7.28 69.22
N LEU NA 397 14.91 7.84 68.70
CA LEU NA 397 16.06 8.18 69.50
C LEU NA 397 16.23 9.69 69.66
N THR NA 398 15.35 10.49 69.08
CA THR NA 398 15.25 11.91 69.32
C THR NA 398 13.82 12.22 69.72
N PRO NA 399 13.60 13.24 70.52
CA PRO NA 399 12.23 13.69 70.82
C PRO NA 399 11.58 14.43 69.66
N GLY NA 400 11.60 13.82 68.47
CA GLY NA 400 11.15 14.45 67.25
C GLY NA 400 9.96 13.76 66.61
N ALA NA 401 9.63 14.24 65.42
CA ALA NA 401 8.43 13.80 64.70
C ALA NA 401 8.70 12.50 63.96
N ALA NA 402 7.79 12.12 63.06
CA ALA NA 402 7.91 10.87 62.32
C ALA NA 402 7.76 11.01 60.80
N VAL NA 403 7.48 12.21 60.30
CA VAL NA 403 7.38 12.44 58.85
C VAL NA 403 6.27 11.59 58.24
N PRO NA 404 5.01 11.98 58.38
CA PRO NA 404 3.90 11.17 57.83
C PRO NA 404 4.12 10.64 56.43
N TRP NA 405 4.91 11.31 55.59
CA TRP NA 405 5.28 10.74 54.30
C TRP NA 405 5.89 9.36 54.47
N THR NA 406 6.83 9.22 55.40
CA THR NA 406 7.41 7.92 55.72
C THR NA 406 6.48 7.08 56.60
N LEU NA 407 5.63 7.72 57.40
CA LEU NA 407 4.72 6.95 58.25
C LEU NA 407 3.72 6.15 57.41
N GLY NA 408 3.25 6.74 56.32
CA GLY NA 408 2.34 6.01 55.45
C GLY NA 408 2.97 4.77 54.85
N ILE NA 409 4.20 4.89 54.36
CA ILE NA 409 4.88 3.73 53.80
C ILE NA 409 5.18 2.71 54.90
N LEU NA 410 6.12 3.02 55.78
CA LEU NA 410 6.61 2.05 56.74
C LEU NA 410 5.69 2.06 57.95
N CYS NA 411 4.67 1.21 57.92
CA CYS NA 411 3.66 1.17 58.97
C CYS NA 411 4.35 0.84 60.28
N CYS NA 412 4.46 1.85 61.15
CA CYS NA 412 5.29 1.75 62.33
C CYS NA 412 4.45 1.45 63.56
N ALA NA 413 5.14 1.04 64.63
CA ALA NA 413 4.48 0.81 65.91
C ALA NA 413 3.78 2.06 66.43
N PRO NA 414 4.37 3.26 66.39
CA PRO NA 414 3.61 4.44 66.79
C PRO NA 414 2.56 4.81 65.75
N ARG NA 415 1.30 4.45 66.02
CA ARG NA 415 0.23 4.77 65.07
C ARG NA 415 -0.10 6.25 65.12
N ALA NA 416 -0.20 6.82 66.31
CA ALA NA 416 -0.42 8.25 66.48
C ALA NA 416 0.45 8.89 67.54
N HIS NA 417 0.97 8.13 68.50
CA HIS NA 417 1.73 8.72 69.60
C HIS NA 417 3.15 8.97 69.13
N ALA NA 418 3.44 10.23 68.80
CA ALA NA 418 4.77 10.66 68.39
C ALA NA 418 5.32 9.87 67.21
N MET OA 1 121.06 -107.14 14.31
CA MET OA 1 120.46 -106.55 15.50
C MET OA 1 119.07 -107.12 15.76
N CYS OA 2 118.43 -107.57 14.69
CA CYS OA 2 117.10 -108.15 14.82
C CYS OA 2 117.16 -109.51 15.51
N VAL OA 3 116.03 -109.91 16.09
CA VAL OA 3 115.94 -111.13 16.87
C VAL OA 3 114.76 -111.96 16.39
N LEU OA 4 114.91 -113.28 16.42
CA LEU OA 4 113.84 -114.24 16.16
C LEU OA 4 113.89 -115.32 17.23
N ALA OA 5 113.00 -115.23 18.22
CA ALA OA 5 113.01 -116.14 19.36
C ALA OA 5 114.36 -116.10 20.06
N ASN OA 6 115.23 -117.04 19.73
CA ASN OA 6 116.58 -117.11 20.27
C ASN OA 6 117.61 -117.18 19.16
N ALA OA 7 117.47 -116.33 18.14
CA ALA OA 7 118.37 -116.32 16.99
C ALA OA 7 119.42 -115.21 17.08
N THR OA 8 118.98 -113.95 17.20
CA THR OA 8 119.87 -112.79 17.28
C THR OA 8 120.80 -112.73 16.06
N PHE OA 9 120.17 -112.52 14.89
CA PHE OA 9 120.83 -112.44 13.59
C PHE OA 9 120.91 -111.00 13.10
N PRO OA 10 121.93 -110.66 12.30
CA PRO OA 10 121.97 -109.32 11.70
C PRO OA 10 120.79 -109.08 10.80
N CYS OA 11 120.26 -107.86 10.85
CA CYS OA 11 119.06 -107.53 10.08
C CYS OA 11 119.34 -107.50 8.57
N PHE OA 12 120.59 -107.25 8.18
CA PHE OA 12 120.91 -107.20 6.77
C PHE OA 12 120.83 -108.58 6.11
N GLN OA 13 121.06 -109.64 6.88
CA GLN OA 13 121.06 -111.01 6.37
C GLN OA 13 120.13 -111.87 7.20
N PRO OA 14 118.82 -111.80 6.95
CA PRO OA 14 117.88 -112.66 7.66
C PRO OA 14 118.06 -114.11 7.25
N PRO OA 15 117.72 -115.06 8.13
CA PRO OA 15 117.95 -116.48 7.81
C PRO OA 15 117.01 -117.05 6.76
N CYS OA 16 115.99 -116.30 6.33
CA CYS OA 16 115.02 -116.79 5.38
C CYS OA 16 115.38 -116.47 3.93
N VAL OA 17 116.55 -115.89 3.69
CA VAL OA 17 116.95 -115.52 2.33
C VAL OA 17 117.08 -116.78 1.48
N PRO OA 18 116.52 -116.83 0.26
CA PRO OA 18 115.74 -115.74 -0.34
C PRO OA 18 114.24 -116.01 -0.32
N CYS OA 19 113.47 -115.03 -0.80
CA CYS OA 19 112.02 -115.14 -0.96
C CYS OA 19 111.34 -115.53 0.35
N CYS OA 20 111.56 -114.70 1.37
CA CYS OA 20 110.96 -114.95 2.68
C CYS OA 20 109.45 -114.93 2.61
N TYR OA 21 108.89 -113.89 2.00
CA TYR OA 21 107.44 -113.77 1.88
C TYR OA 21 106.86 -114.89 1.01
N GLU OA 22 107.54 -115.24 -0.08
CA GLU OA 22 107.06 -116.30 -0.95
C GLU OA 22 107.06 -117.64 -0.23
N ASN OA 23 108.11 -117.93 0.54
CA ASN OA 23 108.18 -119.20 1.26
C ASN OA 23 107.13 -119.26 2.37
N ASN OA 24 107.05 -118.21 3.19
CA ASN OA 24 106.07 -118.17 4.28
C ASN OA 24 105.68 -116.72 4.50
N ALA OA 25 104.56 -116.32 3.89
CA ALA OA 25 104.12 -114.93 4.00
C ALA OA 25 103.70 -114.59 5.43
N GLU OA 26 102.88 -115.45 6.04
CA GLU OA 26 102.37 -115.16 7.37
C GLU OA 26 103.51 -115.09 8.39
N ALA OA 27 104.42 -116.07 8.36
CA ALA OA 27 105.55 -116.05 9.29
C ALA OA 27 106.45 -114.85 9.05
N THR OA 28 106.61 -114.45 7.79
CA THR OA 28 107.35 -113.24 7.47
C THR OA 28 106.72 -112.01 8.12
N LEU OA 29 105.40 -111.87 8.01
CA LEU OA 29 104.74 -110.74 8.65
C LEU OA 29 104.88 -110.80 10.17
N ARG OA 30 104.72 -111.99 10.75
CA ARG OA 30 104.90 -112.14 12.18
C ARG OA 30 106.30 -111.69 12.62
N MET OA 31 107.34 -112.10 11.89
CA MET OA 31 108.69 -111.78 12.34
C MET OA 31 109.01 -110.31 12.09
N LEU OA 32 108.42 -109.72 11.06
CA LEU OA 32 108.58 -108.28 10.87
C LEU OA 32 107.89 -107.49 11.96
N GLU OA 33 106.78 -107.99 12.50
CA GLU OA 33 106.03 -107.25 13.51
C GLU OA 33 106.68 -107.24 14.88
N ASP OA 34 107.71 -108.06 15.11
CA ASP OA 34 108.43 -108.06 16.38
C ASP OA 34 109.64 -107.14 16.36
N ASN OA 35 109.93 -106.49 15.24
CA ASN OA 35 111.10 -105.63 15.12
C ASN OA 35 110.73 -104.17 14.89
N VAL OA 36 109.52 -103.76 15.28
CA VAL OA 36 109.09 -102.39 15.01
C VAL OA 36 109.91 -101.38 15.80
N ASP OA 37 110.28 -101.71 17.03
CA ASP OA 37 111.06 -100.81 17.87
C ASP OA 37 112.55 -100.92 17.64
N ARG OA 38 113.01 -101.92 16.90
CA ARG OA 38 114.44 -102.08 16.65
C ARG OA 38 114.90 -101.03 15.63
N PRO OA 39 116.09 -100.45 15.80
CA PRO OA 39 116.57 -99.48 14.80
C PRO OA 39 116.71 -100.07 13.41
N GLY OA 40 117.10 -101.33 13.29
CA GLY OA 40 117.26 -101.96 12.00
C GLY OA 40 116.00 -102.63 11.50
N TYR OA 41 114.92 -101.86 11.36
CA TYR OA 41 113.67 -102.41 10.86
C TYR OA 41 113.58 -102.29 9.34
N TYR OA 42 114.10 -101.18 8.80
CA TYR OA 42 113.90 -100.91 7.38
C TYR OA 42 114.74 -101.82 6.50
N ASP OA 43 115.98 -102.11 6.91
CA ASP OA 43 116.78 -103.07 6.16
C ASP OA 43 116.18 -104.46 6.23
N LEU OA 44 115.64 -104.85 7.39
CA LEU OA 44 114.96 -106.13 7.51
C LEU OA 44 113.76 -106.20 6.58
N LEU OA 45 112.98 -105.12 6.52
CA LEU OA 45 111.84 -105.09 5.61
C LEU OA 45 112.28 -105.15 4.16
N GLN OA 46 113.38 -104.46 3.83
CA GLN OA 46 113.92 -104.52 2.47
C GLN OA 46 114.32 -105.94 2.10
N ALA OA 47 114.99 -106.64 3.01
CA ALA OA 47 115.44 -108.00 2.73
C ALA OA 47 114.28 -108.99 2.71
N ALA OA 48 113.21 -108.71 3.46
CA ALA OA 48 112.11 -109.66 3.56
C ALA OA 48 111.32 -109.75 2.25
N LEU OA 49 111.12 -108.61 1.58
CA LEU OA 49 110.24 -108.55 0.42
C LEU OA 49 111.01 -108.25 -0.87
N THR OA 50 112.18 -108.85 -1.04
CA THR OA 50 112.98 -108.64 -2.23
C THR OA 50 113.66 -109.95 -2.61
N CYS OA 51 113.24 -110.54 -3.72
CA CYS OA 51 113.88 -111.72 -4.29
C CYS OA 51 113.44 -111.86 -5.74
N ARG OA 52 114.35 -112.37 -6.56
CA ARG OA 52 114.08 -112.52 -7.99
C ARG OA 52 113.94 -113.99 -8.36
N MET PA 1 94.78 -47.02 -57.83
CA MET PA 1 95.67 -45.95 -57.37
C MET PA 1 96.83 -46.55 -56.57
N CYS PA 2 96.80 -47.86 -56.41
CA CYS PA 2 97.83 -48.57 -55.67
C CYS PA 2 99.12 -48.64 -56.50
N VAL PA 3 100.23 -48.94 -55.81
CA VAL PA 3 101.55 -48.83 -56.40
C VAL PA 3 102.31 -50.14 -56.23
N LEU PA 4 103.07 -50.51 -57.26
CA LEU PA 4 103.99 -51.66 -57.24
C LEU PA 4 105.32 -51.18 -57.84
N ALA PA 5 106.26 -50.82 -56.97
CA ALA PA 5 107.59 -50.42 -57.41
C ALA PA 5 107.52 -49.26 -58.41
N ASN PA 6 107.23 -49.57 -59.66
CA ASN PA 6 107.07 -48.56 -60.70
C ASN PA 6 105.87 -48.89 -61.58
N ALA PA 7 104.75 -49.27 -60.94
CA ALA PA 7 103.55 -49.67 -61.68
C ALA PA 7 102.51 -48.55 -61.73
N THR PA 8 102.08 -48.06 -60.57
CA THR PA 8 101.04 -47.04 -60.46
C THR PA 8 99.78 -47.44 -61.24
N PHE PA 9 99.25 -48.58 -60.81
CA PHE PA 9 98.13 -49.27 -61.44
C PHE PA 9 96.84 -49.02 -60.67
N PRO PA 10 95.69 -49.11 -61.33
CA PRO PA 10 94.42 -49.00 -60.60
C PRO PA 10 94.24 -50.19 -59.66
N CYS PA 11 93.70 -49.90 -58.47
CA CYS PA 11 93.59 -50.92 -57.44
C CYS PA 11 92.55 -51.98 -57.77
N PHE PA 12 91.59 -51.69 -58.64
CA PHE PA 12 90.58 -52.68 -58.98
C PHE PA 12 91.11 -53.76 -59.92
N GLN PA 13 92.19 -53.49 -60.66
CA GLN PA 13 92.75 -54.42 -61.63
C GLN PA 13 94.23 -54.61 -61.36
N PRO PA 14 94.59 -55.52 -60.46
CA PRO PA 14 96.01 -55.81 -60.24
C PRO PA 14 96.61 -56.46 -61.47
N PRO PA 15 97.91 -56.28 -61.71
CA PRO PA 15 98.54 -56.89 -62.88
C PRO PA 15 98.65 -58.40 -62.81
N CYS PA 16 98.42 -59.00 -61.64
CA CYS PA 16 98.63 -60.43 -61.44
C CYS PA 16 97.37 -61.26 -61.66
N VAL PA 17 96.28 -60.66 -62.11
CA VAL PA 17 95.05 -61.44 -62.33
C VAL PA 17 95.30 -62.46 -63.42
N PRO PA 18 94.86 -63.72 -63.26
CA PRO PA 18 94.14 -64.26 -62.11
C PRO PA 18 95.00 -65.11 -61.17
N CYS PA 19 94.47 -65.41 -59.99
CA CYS PA 19 95.13 -66.26 -59.00
C CYS PA 19 96.51 -65.71 -58.63
N CYS PA 20 96.50 -64.49 -58.09
CA CYS PA 20 97.76 -63.84 -57.70
C CYS PA 20 98.49 -64.63 -56.63
N TYR PA 21 97.78 -65.03 -55.58
CA TYR PA 21 98.41 -65.75 -54.48
C TYR PA 21 98.97 -67.08 -54.95
N GLU PA 22 98.20 -67.82 -55.76
CA GLU PA 22 98.65 -69.12 -56.23
C GLU PA 22 99.84 -68.99 -57.17
N ASN PA 23 99.81 -68.01 -58.07
CA ASN PA 23 100.93 -67.82 -58.99
C ASN PA 23 102.19 -67.41 -58.23
N ASN PA 24 102.06 -66.51 -57.26
CA ASN PA 24 103.22 -66.09 -56.47
C ASN PA 24 102.70 -65.67 -55.10
N ALA PA 25 102.96 -66.50 -54.09
CA ALA PA 25 102.53 -66.18 -52.73
C ALA PA 25 103.33 -65.01 -52.17
N GLU PA 26 104.66 -65.14 -52.15
CA GLU PA 26 105.49 -64.13 -51.50
C GLU PA 26 105.34 -62.77 -52.16
N ALA PA 27 105.31 -62.74 -53.49
CA ALA PA 27 105.14 -61.47 -54.20
C ALA PA 27 103.79 -60.84 -53.87
N THR PA 28 102.74 -61.66 -53.80
CA THR PA 28 101.41 -61.13 -53.47
C THR PA 28 101.40 -60.54 -52.07
N LEU PA 29 102.00 -61.24 -51.11
CA LEU PA 29 102.08 -60.70 -49.76
C LEU PA 29 102.87 -59.39 -49.71
N ARG PA 30 103.99 -59.32 -50.45
CA ARG PA 30 104.77 -58.09 -50.41
C ARG PA 30 104.02 -56.93 -51.06
N MET PA 31 103.31 -57.21 -52.16
CA MET PA 31 102.51 -56.18 -52.82
C MET PA 31 101.35 -55.74 -51.96
N LEU PA 32 100.84 -56.64 -51.12
CA LEU PA 32 99.84 -56.24 -50.13
C LEU PA 32 100.46 -55.39 -49.04
N GLU PA 33 101.66 -55.75 -48.58
CA GLU PA 33 102.25 -55.07 -47.44
C GLU PA 33 102.67 -53.65 -47.78
N ASP PA 34 103.23 -53.43 -48.97
CA ASP PA 34 103.69 -52.08 -49.29
C ASP PA 34 102.54 -51.12 -49.57
N ASN PA 35 101.32 -51.63 -49.69
CA ASN PA 35 100.15 -50.80 -49.97
C ASN PA 35 99.18 -50.74 -48.79
N VAL PA 36 99.69 -50.90 -47.56
CA VAL PA 36 98.80 -50.98 -46.40
C VAL PA 36 98.13 -49.64 -46.12
N ASP PA 37 98.83 -48.53 -46.33
CA ASP PA 37 98.29 -47.22 -45.96
C ASP PA 37 97.35 -46.64 -47.00
N ARG PA 38 97.33 -47.16 -48.23
CA ARG PA 38 96.48 -46.60 -49.26
C ARG PA 38 95.01 -46.89 -48.97
N PRO PA 39 94.12 -45.95 -49.30
CA PRO PA 39 92.69 -46.17 -49.02
C PRO PA 39 92.09 -47.31 -49.82
N GLY PA 40 92.71 -47.75 -50.90
CA GLY PA 40 92.18 -48.83 -51.69
C GLY PA 40 92.74 -50.18 -51.29
N TYR PA 41 93.31 -50.25 -50.07
CA TYR PA 41 93.93 -51.48 -49.63
C TYR PA 41 92.94 -52.63 -49.60
N TYR PA 42 91.72 -52.36 -49.13
CA TYR PA 42 90.72 -53.42 -49.04
C TYR PA 42 90.32 -53.91 -50.42
N ASP PA 43 90.16 -53.02 -51.39
CA ASP PA 43 89.83 -53.46 -52.74
C ASP PA 43 90.95 -54.29 -53.35
N LEU PA 44 92.19 -53.85 -53.16
CA LEU PA 44 93.32 -54.63 -53.66
C LEU PA 44 93.36 -56.00 -53.00
N LEU PA 45 93.12 -56.06 -51.69
CA LEU PA 45 93.08 -57.33 -50.99
C LEU PA 45 91.98 -58.23 -51.51
N GLN PA 46 90.79 -57.65 -51.78
CA GLN PA 46 89.70 -58.42 -52.32
C GLN PA 46 90.06 -59.01 -53.68
N ALA PA 47 90.72 -58.22 -54.52
CA ALA PA 47 91.07 -58.71 -55.84
C ALA PA 47 92.19 -59.74 -55.79
N ALA PA 48 93.12 -59.60 -54.86
CA ALA PA 48 94.31 -60.43 -54.87
C ALA PA 48 94.01 -61.89 -54.51
N LEU PA 49 93.04 -62.11 -53.63
CA LEU PA 49 92.78 -63.44 -53.07
C LEU PA 49 91.46 -64.01 -53.57
N THR PA 50 91.13 -63.77 -54.83
CA THR PA 50 89.85 -64.21 -55.38
C THR PA 50 90.06 -64.78 -56.77
N CYS PA 51 89.97 -66.10 -56.89
CA CYS PA 51 90.05 -66.77 -58.18
C CYS PA 51 89.56 -68.21 -58.01
N ARG PA 52 88.85 -68.70 -59.02
CA ARG PA 52 88.29 -70.05 -58.97
C ARG PA 52 89.02 -71.01 -59.89
N MET QA 1 46.10 -114.57 19.98
CA MET QA 1 46.93 -114.30 21.16
C MET QA 1 46.43 -115.02 22.42
N CYS QA 2 45.56 -116.01 22.24
CA CYS QA 2 45.19 -116.88 23.33
C CYS QA 2 46.36 -117.80 23.70
N VAL QA 3 46.32 -118.32 24.92
CA VAL QA 3 47.40 -119.15 25.45
C VAL QA 3 46.81 -120.43 26.02
N LEU QA 4 47.50 -121.55 25.77
CA LEU QA 4 47.09 -122.87 26.27
C LEU QA 4 48.35 -123.64 26.65
N ALA QA 5 48.62 -123.73 27.95
CA ALA QA 5 49.80 -124.43 28.45
C ALA QA 5 51.06 -123.83 27.85
N ASN QA 6 51.44 -124.29 26.66
CA ASN QA 6 52.59 -123.75 25.93
C ASN QA 6 52.28 -123.64 24.44
N ALA QA 7 51.06 -123.22 24.10
CA ALA QA 7 50.62 -123.18 22.71
C ALA QA 7 50.81 -121.79 22.11
N THR QA 8 50.21 -120.77 22.73
CA THR QA 8 50.28 -119.39 22.25
C THR QA 8 49.83 -119.30 20.79
N PHE QA 9 48.60 -119.75 20.56
CA PHE QA 9 47.95 -119.81 19.28
C PHE QA 9 47.09 -118.58 19.07
N PRO QA 10 46.80 -118.20 17.81
CA PRO QA 10 45.89 -117.08 17.58
C PRO QA 10 44.52 -117.38 18.14
N CYS QA 11 43.88 -116.34 18.69
CA CYS QA 11 42.57 -116.54 19.32
C CYS QA 11 41.51 -116.89 18.29
N PHE QA 12 41.75 -116.55 17.04
CA PHE QA 12 40.79 -116.86 15.98
C PHE QA 12 40.68 -118.36 15.72
N GLN QA 13 41.80 -119.09 15.84
CA GLN QA 13 41.86 -120.50 15.46
C GLN QA 13 42.39 -121.32 16.63
N PRO QA 14 41.53 -121.72 17.57
CA PRO QA 14 41.95 -122.65 18.60
C PRO QA 14 42.26 -124.00 18.02
N PRO QA 15 43.18 -124.76 18.64
CA PRO QA 15 43.61 -126.04 18.05
C PRO QA 15 42.58 -127.16 18.12
N CYS QA 16 41.50 -127.01 18.87
CA CYS QA 16 40.54 -128.09 19.07
C CYS QA 16 39.40 -128.09 18.06
N VAL QA 17 39.44 -127.20 17.07
CA VAL QA 17 38.33 -127.07 16.11
C VAL QA 17 38.16 -128.38 15.36
N PRO QA 18 36.93 -128.87 15.13
CA PRO QA 18 35.66 -128.31 15.59
C PRO QA 18 35.05 -129.07 16.77
N CYS QA 19 33.98 -128.51 17.35
CA CYS QA 19 33.23 -129.11 18.44
C CYS QA 19 34.11 -129.37 19.66
N CYS QA 20 34.79 -128.31 20.11
CA CYS QA 20 35.67 -128.44 21.28
C CYS QA 20 34.88 -128.87 22.51
N TYR QA 21 33.74 -128.22 22.75
CA TYR QA 21 32.94 -128.52 23.94
C TYR QA 21 32.47 -129.97 23.94
N GLU QA 22 31.88 -130.43 22.84
CA GLU QA 22 31.36 -131.79 22.80
C GLU QA 22 32.50 -132.81 22.82
N ASN QA 23 33.62 -132.49 22.18
CA ASN QA 23 34.75 -133.39 22.20
C ASN QA 23 35.28 -133.59 23.62
N ASN QA 24 35.43 -132.51 24.39
CA ASN QA 24 35.82 -132.65 25.79
C ASN QA 24 35.41 -131.36 26.50
N ALA QA 25 34.46 -131.48 27.43
CA ALA QA 25 33.93 -130.30 28.11
C ALA QA 25 34.93 -129.72 29.10
N GLU QA 26 35.52 -130.58 29.94
CA GLU QA 26 36.38 -130.11 31.02
C GLU QA 26 37.54 -129.28 30.49
N ALA QA 27 38.20 -129.78 29.45
CA ALA QA 27 39.32 -129.05 28.86
C ALA QA 27 38.85 -127.73 28.26
N THR QA 28 37.65 -127.71 27.66
CA THR QA 28 37.15 -126.48 27.06
C THR QA 28 36.93 -125.40 28.13
N LEU QA 29 36.28 -125.77 29.23
CA LEU QA 29 36.11 -124.81 30.32
C LEU QA 29 37.46 -124.38 30.87
N ARG QA 30 38.40 -125.32 31.00
CA ARG QA 30 39.71 -124.96 31.54
C ARG QA 30 40.47 -124.00 30.64
N MET QA 31 40.38 -124.15 29.32
CA MET QA 31 41.05 -123.18 28.46
C MET QA 31 40.32 -121.85 28.47
N LEU QA 32 39.00 -121.87 28.59
CA LEU QA 32 38.28 -120.60 28.69
C LEU QA 32 38.68 -119.82 29.94
N GLU QA 33 38.82 -120.51 31.06
CA GLU QA 33 39.09 -119.82 32.32
C GLU QA 33 40.44 -119.11 32.32
N ASP QA 34 41.46 -119.70 31.71
CA ASP QA 34 42.81 -119.15 31.82
C ASP QA 34 43.03 -117.91 30.96
N ASN QA 35 42.11 -117.60 30.05
CA ASN QA 35 42.30 -116.50 29.11
C ASN QA 35 41.31 -115.37 29.34
N VAL QA 36 40.86 -115.17 30.58
CA VAL QA 36 39.93 -114.09 30.86
C VAL QA 36 40.59 -112.73 30.73
N ASP QA 37 41.87 -112.63 31.08
CA ASP QA 37 42.56 -111.35 30.97
C ASP QA 37 42.82 -110.94 29.53
N ARG QA 38 42.90 -111.89 28.60
CA ARG QA 38 43.28 -111.56 27.25
C ARG QA 38 42.17 -110.77 26.56
N PRO QA 39 42.51 -109.75 25.78
CA PRO QA 39 41.48 -108.99 25.05
C PRO QA 39 40.74 -109.79 24.00
N GLY QA 40 41.26 -110.95 23.59
CA GLY QA 40 40.60 -111.76 22.60
C GLY QA 40 39.73 -112.83 23.21
N TYR QA 41 39.33 -112.62 24.47
CA TYR QA 41 38.58 -113.64 25.20
C TYR QA 41 37.26 -113.94 24.51
N TYR QA 42 36.56 -112.92 24.05
CA TYR QA 42 35.26 -113.15 23.43
C TYR QA 42 35.40 -113.85 22.09
N ASP QA 43 36.47 -113.55 21.36
CA ASP QA 43 36.76 -114.30 20.14
C ASP QA 43 37.01 -115.77 20.45
N LEU QA 44 37.76 -116.04 21.51
CA LEU QA 44 37.97 -117.43 21.91
C LEU QA 44 36.65 -118.09 22.28
N LEU QA 45 35.78 -117.34 22.94
CA LEU QA 45 34.47 -117.89 23.30
C LEU QA 45 33.68 -118.25 22.05
N GLN QA 46 33.67 -117.36 21.05
CA GLN QA 46 32.98 -117.66 19.81
C GLN QA 46 33.56 -118.89 19.14
N ALA QA 47 34.89 -119.00 19.10
CA ALA QA 47 35.51 -120.11 18.40
C ALA QA 47 35.32 -121.42 19.16
N ALA QA 48 35.15 -121.36 20.47
CA ALA QA 48 35.11 -122.57 21.28
C ALA QA 48 33.71 -123.11 21.52
N LEU QA 49 32.68 -122.52 20.92
CA LEU QA 49 31.33 -123.02 21.17
C LEU QA 49 30.46 -123.02 19.92
N THR QA 50 31.07 -123.20 18.74
CA THR QA 50 30.37 -123.10 17.48
C THR QA 50 30.83 -124.21 16.56
N CYS QA 51 29.94 -125.17 16.28
CA CYS QA 51 30.30 -126.27 15.39
C CYS QA 51 29.05 -127.00 14.94
N ARG QA 52 29.11 -127.59 13.76
CA ARG QA 52 28.02 -128.38 13.20
C ARG QA 52 28.49 -129.80 12.89
N LYS RA 1 93.84 40.30 76.81
CA LYS RA 1 93.46 40.66 75.44
C LYS RA 1 94.01 39.65 74.43
N ARG RA 2 95.32 39.41 74.51
CA ARG RA 2 95.93 38.37 73.69
C ARG RA 2 95.32 37.01 73.99
N GLU RA 3 95.10 36.72 75.27
CA GLU RA 3 94.36 35.53 75.65
C GLU RA 3 93.00 35.48 74.97
N ARG RA 4 92.26 36.59 74.98
CA ARG RA 4 90.88 36.55 74.51
C ARG RA 4 90.83 36.37 72.99
N MET RA 5 91.70 37.04 72.24
CA MET RA 5 91.71 36.80 70.81
C MET RA 5 92.21 35.40 70.48
N CYS RA 6 93.21 34.91 71.23
CA CYS RA 6 93.67 33.54 71.02
C CYS RA 6 92.55 32.54 71.21
N MET RA 7 91.78 32.70 72.29
CA MET RA 7 90.68 31.79 72.57
C MET RA 7 89.57 31.91 71.54
N LYS RA 8 89.25 33.13 71.10
CA LYS RA 8 88.23 33.32 70.09
C LYS RA 8 88.62 32.65 68.77
N ILE RA 9 89.87 32.86 68.33
CA ILE RA 9 90.34 32.22 67.11
C ILE RA 9 90.34 30.71 67.28
N GLU RA 10 90.71 30.22 68.46
CA GLU RA 10 90.70 28.78 68.71
C GLU RA 10 89.28 28.23 68.59
N ASN RA 11 88.30 28.94 69.14
CA ASN RA 11 86.93 28.46 69.10
C ASN RA 11 86.36 28.50 67.69
N ASP RA 12 86.75 29.50 66.90
CA ASP RA 12 86.29 29.57 65.52
C ASP RA 12 87.07 28.66 64.57
N CYS RA 13 88.25 28.17 64.96
CA CYS RA 13 89.11 27.46 64.03
C CYS RA 13 89.66 26.16 64.62
N ILE RA 14 88.97 25.54 65.56
CA ILE RA 14 89.38 24.24 66.06
C ILE RA 14 88.16 23.33 66.12
N PHE RA 15 88.29 22.12 65.59
CA PHE RA 15 87.21 21.13 65.59
C PHE RA 15 87.76 19.82 66.12
N GLU RA 16 87.04 19.23 67.07
CA GLU RA 16 87.51 18.01 67.69
C GLU RA 16 87.30 16.82 66.75
N VAL RA 17 88.23 15.86 66.82
CA VAL RA 17 88.18 14.63 66.04
C VAL RA 17 88.10 13.48 67.02
N LYS RA 18 86.98 12.75 66.97
CA LYS RA 18 86.67 11.69 67.90
C LYS RA 18 86.50 10.38 67.14
N HIS RA 19 87.09 9.31 67.67
CA HIS RA 19 86.92 7.98 67.12
C HIS RA 19 86.53 7.03 68.24
N GLU RA 20 85.61 6.11 67.95
CA GLU RA 20 85.09 5.18 68.95
C GLU RA 20 84.50 5.95 70.12
N GLY RA 21 83.86 7.08 69.83
CA GLY RA 21 83.18 7.87 70.82
C GLY RA 21 84.06 8.70 71.73
N LYS RA 22 85.37 8.70 71.51
CA LYS RA 22 86.31 9.40 72.38
C LYS RA 22 87.21 10.31 71.56
N VAL RA 23 87.58 11.44 72.14
CA VAL RA 23 88.36 12.46 71.44
C VAL RA 23 89.79 11.99 71.31
N THR RA 24 90.37 12.17 70.12
CA THR RA 24 91.77 11.88 69.89
C THR RA 24 92.55 13.00 69.21
N GLY RA 25 91.89 13.89 68.48
CA GLY RA 25 92.67 14.91 67.80
C GLY RA 25 91.92 16.22 67.62
N TYR RA 26 92.61 17.17 67.01
CA TYR RA 26 92.03 18.45 66.66
C TYR RA 26 92.40 18.79 65.23
N ALA RA 27 91.42 19.27 64.47
CA ALA RA 27 91.65 19.76 63.12
C ALA RA 27 91.43 21.26 63.12
N CYS RA 28 92.40 22.01 62.59
CA CYS RA 28 92.33 23.46 62.58
C CYS RA 28 92.24 23.97 61.15
N LEU RA 29 91.75 25.20 61.01
CA LEU RA 29 91.60 25.84 59.72
C LEU RA 29 92.59 26.99 59.60
N VAL RA 30 93.48 26.91 58.61
CA VAL RA 30 94.46 27.96 58.35
C VAL RA 30 94.35 28.34 56.88
N GLY RA 31 94.26 29.64 56.61
CA GLY RA 31 94.12 30.10 55.24
C GLY RA 31 92.89 29.52 54.60
N ASP RA 32 93.07 28.72 53.56
CA ASP RA 32 91.95 28.03 52.93
C ASP RA 32 92.25 26.54 52.79
N LYS RA 33 92.89 25.98 53.81
CA LYS RA 33 93.17 24.55 53.86
C LYS RA 33 92.91 24.05 55.27
N VAL RA 34 92.46 22.79 55.36
CA VAL RA 34 92.24 22.12 56.63
C VAL RA 34 93.38 21.15 56.86
N MET RA 35 94.03 21.25 58.01
CA MET RA 35 95.10 20.35 58.40
C MET RA 35 94.62 19.37 59.45
N LYS RA 36 95.32 18.24 59.56
CA LYS RA 36 95.06 17.27 60.59
C LYS RA 36 96.33 16.44 60.74
N PRO RA 37 96.73 16.09 61.97
CA PRO RA 37 97.87 15.19 62.12
C PRO RA 37 97.55 13.81 61.59
N ALA RA 38 98.59 13.12 61.11
CA ALA RA 38 98.36 11.79 60.53
C ALA RA 38 98.60 10.66 61.52
N HIS RA 39 99.43 10.86 62.54
CA HIS RA 39 99.63 9.81 63.52
C HIS RA 39 98.39 9.59 64.38
N VAL RA 40 97.42 10.50 64.30
CA VAL RA 40 96.13 10.32 64.94
C VAL RA 40 95.17 9.70 63.94
N LYS RA 41 94.18 8.97 64.45
CA LYS RA 41 93.18 8.32 63.63
C LYS RA 41 91.80 8.52 64.23
N GLY RA 42 90.84 8.83 63.35
CA GLY RA 42 89.50 9.18 63.75
C GLY RA 42 88.79 9.90 62.62
N VAL RA 43 87.63 10.48 62.94
CA VAL RA 43 86.82 11.21 61.98
C VAL RA 43 86.53 12.60 62.53
N ILE RA 44 86.71 13.62 61.68
CA ILE RA 44 86.45 14.99 62.10
C ILE RA 44 84.95 15.17 62.31
N ASP RA 45 84.59 15.78 63.44
CA ASP RA 45 83.19 15.90 63.84
C ASP RA 45 82.50 17.08 63.15
N ASN RA 46 82.30 16.92 61.85
CA ASN RA 46 81.57 17.91 61.06
C ASN RA 46 81.12 17.25 59.76
N ALA RA 47 79.88 17.53 59.39
CA ALA RA 47 79.33 16.93 58.17
C ALA RA 47 80.09 17.38 56.94
N ASP RA 48 80.43 18.67 56.86
CA ASP RA 48 81.21 19.14 55.72
C ASP RA 48 82.59 18.53 55.69
N LEU RA 49 83.27 18.50 56.85
CA LEU RA 49 84.67 18.12 56.86
C LEU RA 49 84.87 16.62 56.82
N ALA RA 50 83.84 15.83 57.11
CA ALA RA 50 84.02 14.38 57.12
C ALA RA 50 84.12 13.82 55.71
N LYS RA 51 83.34 14.36 54.77
CA LYS RA 51 83.26 13.83 53.42
C LYS RA 51 84.22 14.49 52.44
N LEU RA 52 85.00 15.47 52.87
CA LEU RA 52 85.97 16.10 51.98
C LEU RA 52 87.12 15.14 51.67
N ALA RA 53 87.65 15.24 50.45
CA ALA RA 53 88.76 14.42 50.04
C ALA RA 53 90.05 14.94 50.66
N PHE RA 54 90.80 14.05 51.30
CA PHE RA 54 92.00 14.41 52.04
C PHE RA 54 93.23 13.85 51.36
N LYS RA 55 94.25 14.68 51.20
CA LYS RA 55 95.54 14.23 50.72
C LYS RA 55 96.47 14.04 51.91
N LYS RA 56 97.12 12.88 51.97
CA LYS RA 56 97.91 12.48 53.13
C LYS RA 56 99.39 12.52 52.79
N SER RA 57 100.22 12.56 53.82
CA SER RA 57 101.66 12.37 53.67
C SER RA 57 102.21 11.90 55.01
N SER RA 58 102.62 10.64 55.06
CA SER RA 58 103.20 10.09 56.27
C SER RA 58 104.61 10.58 56.53
N LYS RA 59 105.34 10.96 55.47
CA LYS RA 59 106.66 11.57 55.67
C LYS RA 59 106.54 12.87 56.44
N TYR RA 60 105.52 13.67 56.13
CA TYR RA 60 105.25 14.89 56.87
C TYR RA 60 104.25 14.70 57.99
N ASP RA 61 103.64 13.52 58.10
CA ASP RA 61 102.70 13.20 59.17
C ASP RA 61 101.52 14.17 59.18
N LEU RA 62 100.87 14.29 58.02
CA LEU RA 62 99.88 15.35 57.88
C LEU RA 62 98.88 15.01 56.78
N GLU RA 63 97.60 15.30 57.03
CA GLU RA 63 96.57 15.29 56.01
C GLU RA 63 96.03 16.70 55.81
N CYS RA 64 95.69 17.02 54.58
CA CYS RA 64 95.16 18.32 54.22
C CYS RA 64 93.89 18.13 53.39
N ALA RA 65 93.09 19.19 53.34
CA ALA RA 65 91.93 19.24 52.46
C ALA RA 65 91.65 20.68 52.09
N GLN RA 66 90.90 20.86 51.01
CA GLN RA 66 90.43 22.19 50.64
C GLN RA 66 89.09 22.46 51.31
N ILE RA 67 88.97 23.59 51.99
CA ILE RA 67 87.79 23.94 52.76
C ILE RA 67 86.69 24.43 51.82
N PRO RA 68 85.42 24.36 52.19
CA PRO RA 68 84.36 24.78 51.29
C PRO RA 68 84.26 26.30 51.17
N VAL RA 69 83.30 26.75 50.37
CA VAL RA 69 83.17 28.18 50.07
C VAL RA 69 82.60 28.93 51.26
N HIS RA 70 81.59 28.37 51.93
CA HIS RA 70 80.88 29.13 52.96
C HIS RA 70 81.68 29.28 54.23
N MET RA 71 82.66 28.42 54.47
CA MET RA 71 83.37 28.36 55.74
C MET RA 71 84.69 29.11 55.69
N ARG RA 72 85.04 29.70 54.54
CA ARG RA 72 86.32 30.38 54.43
C ARG RA 72 86.43 31.58 55.38
N SER RA 73 85.32 32.13 55.83
CA SER RA 73 85.34 33.29 56.70
C SER RA 73 85.55 32.94 58.16
N ASP RA 74 85.61 31.65 58.48
CA ASP RA 74 85.78 31.20 59.86
C ASP RA 74 87.17 30.59 60.09
N ALA RA 75 88.17 31.09 59.37
CA ALA RA 75 89.51 30.52 59.41
C ALA RA 75 90.51 31.56 59.89
N SER RA 76 91.61 31.06 60.45
CA SER RA 76 92.67 31.92 60.96
C SER RA 76 93.42 32.56 59.80
N LYS RA 77 94.52 33.23 60.11
CA LYS RA 77 95.42 33.70 59.07
C LYS RA 77 96.85 33.33 59.43
N TYR RA 78 97.63 33.02 58.41
CA TYR RA 78 98.93 32.38 58.54
C TYR RA 78 100.03 33.42 58.43
N THR RA 79 101.23 32.99 58.79
CA THR RA 79 102.44 33.78 58.55
C THR RA 79 103.63 32.85 58.69
N HIS RA 80 104.63 33.07 57.84
CA HIS RA 80 105.79 32.21 57.79
C HIS RA 80 106.98 32.72 58.59
N GLU RA 81 107.10 34.03 58.77
CA GLU RA 81 108.24 34.61 59.47
C GLU RA 81 108.19 34.21 60.95
N LYS RA 82 109.35 33.84 61.50
CA LYS RA 82 109.45 33.32 62.85
C LYS RA 82 110.59 34.02 63.59
N PRO RA 83 110.38 35.26 64.02
CA PRO RA 83 111.40 35.94 64.82
C PRO RA 83 111.47 35.38 66.23
N GLU RA 84 112.63 35.58 66.85
CA GLU RA 84 112.85 35.10 68.21
C GLU RA 84 111.96 35.85 69.20
N GLY RA 85 111.44 35.14 70.18
CA GLY RA 85 110.62 35.76 71.21
C GLY RA 85 109.76 34.73 71.92
N HIS RA 86 108.51 35.12 72.18
CA HIS RA 86 107.53 34.28 72.84
C HIS RA 86 106.32 34.12 71.94
N TYR RA 87 105.60 33.01 72.11
CA TYR RA 87 104.41 32.73 71.31
C TYR RA 87 103.34 32.10 72.19
N ASN RA 88 102.09 32.16 71.72
CA ASN RA 88 100.95 31.75 72.51
C ASN RA 88 100.59 30.29 72.27
N TRP RA 89 99.71 29.77 73.11
CA TRP RA 89 99.25 28.39 72.98
C TRP RA 89 98.00 28.23 73.83
N HIS RA 90 97.15 27.27 73.43
CA HIS RA 90 95.94 26.97 74.19
C HIS RA 90 96.25 26.63 75.64
N HIS RA 91 97.44 26.11 75.92
CA HIS RA 91 97.84 25.76 77.27
C HIS RA 91 98.93 26.69 77.80
N GLY RA 92 99.05 27.89 77.25
CA GLY RA 92 99.97 28.85 77.84
C GLY RA 92 100.93 29.54 76.91
N ALA RA 93 102.21 29.56 77.27
CA ALA RA 93 103.23 30.31 76.55
C ALA RA 93 104.36 29.39 76.13
N VAL RA 94 104.87 29.60 74.93
CA VAL RA 94 105.95 28.80 74.36
C VAL RA 94 107.07 29.73 73.93
N GLN RA 95 108.27 29.18 73.86
CA GLN RA 95 109.48 29.94 73.54
C GLN RA 95 110.13 29.36 72.28
N TYR RA 96 110.66 30.25 71.43
CA TYR RA 96 111.38 29.87 70.24
C TYR RA 96 112.82 30.36 70.40
N SER RA 97 113.76 29.43 70.44
CA SER RA 97 115.17 29.75 70.50
C SER RA 97 115.97 28.65 69.82
N GLY RA 98 116.86 29.04 68.91
CA GLY RA 98 117.78 28.09 68.30
C GLY RA 98 117.12 27.01 67.48
N GLY RA 99 116.05 27.35 66.78
CA GLY RA 99 115.43 26.40 65.87
C GLY RA 99 114.63 25.29 66.53
N ARG RA 100 114.10 25.52 67.73
CA ARG RA 100 113.26 24.55 68.40
C ARG RA 100 112.18 25.27 69.18
N PHE RA 101 111.07 24.58 69.43
CA PHE RA 101 110.00 25.09 70.30
C PHE RA 101 110.06 24.34 71.62
N THR RA 102 110.21 25.07 72.72
CA THR RA 102 110.35 24.47 74.04
C THR RA 102 109.13 24.78 74.89
N ILE RA 103 108.67 23.77 75.63
CA ILE RA 103 107.56 23.89 76.56
C ILE RA 103 108.15 24.12 77.95
N PRO RA 104 108.03 25.31 78.52
CA PRO RA 104 108.55 25.52 79.88
C PRO RA 104 107.90 24.62 80.92
N THR RA 105 106.65 24.22 80.69
CA THR RA 105 105.85 23.59 81.73
C THR RA 105 105.99 22.08 81.77
N GLY RA 106 106.37 21.45 80.67
CA GLY RA 106 106.24 20.00 80.61
C GLY RA 106 104.80 19.56 80.73
N ALA RA 107 103.88 20.29 80.09
CA ALA RA 107 102.46 20.03 80.19
C ALA RA 107 101.93 19.13 79.08
N GLY RA 108 102.79 18.63 78.21
CA GLY RA 108 102.38 17.73 77.16
C GLY RA 108 101.86 16.40 77.65
N LYS RA 109 100.72 15.96 77.13
CA LYS RA 109 100.09 14.69 77.47
C LYS RA 109 99.57 14.04 76.20
N PRO RA 110 99.41 12.70 76.21
CA PRO RA 110 98.89 12.03 75.03
C PRO RA 110 97.54 12.60 74.61
N GLY RA 111 97.40 12.82 73.30
CA GLY RA 111 96.24 13.49 72.75
C GLY RA 111 96.41 14.98 72.55
N ASP RA 112 97.61 15.50 72.73
CA ASP RA 112 97.85 16.94 72.63
C ASP RA 112 98.20 17.41 71.23
N SER RA 113 98.28 16.51 70.25
CA SER RA 113 98.63 16.93 68.90
C SER RA 113 97.43 17.62 68.25
N GLY RA 114 97.71 18.68 67.50
CA GLY RA 114 96.69 19.29 66.70
C GLY RA 114 96.18 20.65 67.12
N ARG RA 115 96.82 21.33 68.07
CA ARG RA 115 96.50 22.74 68.28
C ARG RA 115 97.59 23.63 67.70
N PRO RA 116 97.24 24.67 66.97
CA PRO RA 116 98.25 25.58 66.44
C PRO RA 116 98.92 26.40 67.52
N ILE RA 117 100.16 26.78 67.26
CA ILE RA 117 100.89 27.75 68.06
C ILE RA 117 100.73 29.11 67.40
N PHE RA 118 100.22 30.08 68.17
CA PHE RA 118 99.86 31.38 67.62
C PHE RA 118 101.02 32.37 67.69
N ASP RA 119 100.93 33.39 66.85
CA ASP RA 119 101.85 34.51 66.91
C ASP RA 119 101.30 35.58 67.86
N ASN RA 120 102.11 36.62 68.10
CA ASN RA 120 101.70 37.69 69.00
C ASN RA 120 100.52 38.48 68.45
N LYS RA 121 100.23 38.39 67.16
CA LYS RA 121 99.06 39.03 66.57
C LYS RA 121 97.91 38.04 66.38
N GLY RA 122 98.01 36.85 66.98
CA GLY RA 122 97.01 35.82 66.79
C GLY RA 122 97.16 35.00 65.53
N ARG RA 123 98.27 35.15 64.82
CA ARG RA 123 98.46 34.43 63.57
C ARG RA 123 99.06 33.05 63.82
N VAL RA 124 98.70 32.10 62.96
CA VAL RA 124 99.15 30.72 63.08
C VAL RA 124 100.58 30.63 62.61
N VAL RA 125 101.43 29.99 63.40
CA VAL RA 125 102.84 29.83 63.09
C VAL RA 125 103.21 28.38 62.86
N ALA RA 126 102.64 27.46 63.65
CA ALA RA 126 102.98 26.05 63.56
C ALA RA 126 101.84 25.23 64.15
N ILE RA 127 101.89 23.91 63.93
CA ILE RA 127 100.92 22.98 64.49
C ILE RA 127 101.66 21.87 65.21
N VAL RA 128 101.39 21.73 66.52
CA VAL RA 128 102.15 20.81 67.35
C VAL RA 128 101.83 19.37 66.96
N LEU RA 129 102.84 18.51 67.01
CA LEU RA 129 102.69 17.08 66.78
C LEU RA 129 103.07 16.23 67.98
N GLY RA 130 104.27 16.41 68.51
CA GLY RA 130 104.69 15.57 69.63
C GLY RA 130 105.64 16.31 70.51
N GLY RA 131 106.07 15.64 71.58
CA GLY RA 131 106.99 16.23 72.52
C GLY RA 131 108.05 15.24 72.96
N ALA RA 132 109.21 15.80 73.30
CA ALA RA 132 110.30 15.04 73.89
C ALA RA 132 110.70 15.70 75.20
N ASN RA 133 110.58 14.96 76.29
CA ASN RA 133 110.85 15.49 77.63
C ASN RA 133 112.35 15.46 77.85
N GLU RA 134 112.96 16.64 77.89
CA GLU RA 134 114.39 16.78 78.15
C GLU RA 134 114.53 17.57 79.45
N GLY RA 135 114.55 16.86 80.57
CA GLY RA 135 114.64 17.52 81.86
C GLY RA 135 113.36 18.28 82.17
N SER RA 136 113.51 19.54 82.57
CA SER RA 136 112.36 20.38 82.91
C SER RA 136 111.59 20.87 81.70
N ARG RA 137 112.20 20.85 80.51
CA ARG RA 137 111.60 21.40 79.32
C ARG RA 137 111.20 20.28 78.36
N THR RA 138 110.17 20.56 77.57
CA THR RA 138 109.67 19.62 76.57
C THR RA 138 109.90 20.22 75.20
N ALA RA 139 110.84 19.65 74.44
CA ALA RA 139 111.09 20.10 73.08
C ALA RA 139 109.99 19.61 72.17
N LEU RA 140 109.47 20.50 71.33
CA LEU RA 140 108.30 20.19 70.51
C LEU RA 140 108.72 19.69 69.14
N SER RA 141 108.20 18.53 68.75
CA SER RA 141 108.26 18.05 67.38
C SER RA 141 107.04 18.62 66.65
N VAL RA 142 107.28 19.61 65.79
CA VAL RA 142 106.22 20.43 65.24
C VAL RA 142 106.40 20.55 63.73
N VAL RA 143 105.29 20.73 63.03
CA VAL RA 143 105.27 20.99 61.60
C VAL RA 143 104.97 22.47 61.39
N THR RA 144 105.76 23.12 60.55
CA THR RA 144 105.67 24.55 60.37
C THR RA 144 105.58 24.93 58.90
N TRP RA 145 105.52 26.22 58.66
CA TRP RA 145 105.50 26.81 57.33
C TRP RA 145 106.80 27.53 57.07
N ASN RA 146 107.47 27.17 55.99
CA ASN RA 146 108.53 28.01 55.46
C ASN RA 146 107.90 28.97 54.46
N LYS RA 147 108.72 29.65 53.66
CA LYS RA 147 108.18 30.59 52.69
C LYS RA 147 107.29 29.89 51.68
N ASP RA 148 107.73 28.74 51.18
CA ASP RA 148 106.93 27.97 50.22
C ASP RA 148 106.86 26.50 50.58
N MET RA 149 107.90 25.99 51.22
CA MET RA 149 108.00 24.57 51.56
C MET RA 149 107.41 24.34 52.94
N VAL RA 150 106.85 23.14 53.15
CA VAL RA 150 106.40 22.71 54.46
C VAL RA 150 107.49 21.81 55.03
N THR RA 151 108.00 22.15 56.20
CA THR RA 151 109.05 21.37 56.84
C THR RA 151 108.60 20.92 58.22
N ARG RA 152 109.13 19.78 58.64
CA ARG RA 152 108.82 19.18 59.93
C ARG RA 152 110.11 19.02 60.71
N VAL RA 153 110.11 19.46 61.97
CA VAL RA 153 111.25 19.30 62.84
C VAL RA 153 110.87 18.36 63.97
N THR RA 154 111.73 17.38 64.25
CA THR RA 154 111.45 16.35 65.25
C THR RA 154 112.70 16.14 66.08
N PRO RA 155 112.72 16.63 67.32
CA PRO RA 155 113.86 16.36 68.20
C PRO RA 155 113.91 14.89 68.60
N GLU RA 156 115.10 14.44 68.95
CA GLU RA 156 115.30 13.06 69.34
C GLU RA 156 114.50 12.74 70.60
N GLY RA 157 113.87 11.57 70.59
CA GLY RA 157 113.11 11.13 71.75
C GLY RA 157 111.68 11.60 71.80
N SER RA 158 111.16 12.19 70.72
CA SER RA 158 109.78 12.62 70.70
C SER RA 158 108.84 11.42 70.67
N GLU RA 159 107.64 11.62 71.21
CA GLU RA 159 106.60 10.61 71.16
C GLU RA 159 105.35 11.22 70.56
N GLU RA 160 104.63 10.42 69.78
CA GLU RA 160 103.43 10.90 69.11
C GLU RA 160 102.32 11.08 70.14
N TRP RA 161 101.66 12.24 70.09
CA TRP RA 161 100.56 12.51 71.00
C TRP RA 161 99.22 12.24 70.35
N LYS SA 1 51.45 40.63 73.66
CA LYS SA 1 50.20 39.87 73.62
C LYS SA 1 50.09 39.06 72.34
N ARG SA 2 49.78 39.75 71.24
CA ARG SA 2 49.67 39.08 69.95
C ARG SA 2 51.00 38.45 69.55
N GLU SA 3 52.10 39.20 69.66
CA GLU SA 3 53.38 38.67 69.25
C GLU SA 3 53.79 37.47 70.09
N ARG SA 4 53.61 37.56 71.40
CA ARG SA 4 53.97 36.47 72.29
C ARG SA 4 53.13 35.24 72.02
N MET SA 5 51.81 35.43 71.82
CA MET SA 5 50.93 34.30 71.58
C MET SA 5 51.23 33.65 70.25
N CYS SA 6 51.56 34.46 69.23
CA CYS SA 6 51.96 33.92 67.93
C CYS SA 6 53.28 33.16 68.04
N MET SA 7 54.22 33.67 68.84
CA MET SA 7 55.47 32.97 69.04
C MET SA 7 55.26 31.64 69.77
N LYS SA 8 54.32 31.62 70.72
CA LYS SA 8 53.98 30.37 71.39
C LYS SA 8 53.40 29.36 70.40
N ILE SA 9 52.46 29.81 69.56
CA ILE SA 9 51.93 28.96 68.52
C ILE SA 9 53.04 28.42 67.65
N GLU SA 10 53.96 29.29 67.24
CA GLU SA 10 55.01 28.89 66.33
C GLU SA 10 55.95 27.86 66.96
N ASN SA 11 56.31 28.06 68.23
CA ASN SA 11 57.17 27.08 68.90
C ASN SA 11 56.48 25.73 69.06
N ASP SA 12 55.18 25.73 69.34
CA ASP SA 12 54.49 24.46 69.49
C ASP SA 12 53.99 23.86 68.18
N CYS SA 13 54.07 24.58 67.06
CA CYS SA 13 53.43 24.13 65.84
C CYS SA 13 54.29 24.26 64.59
N ILE SA 14 55.58 24.57 64.71
CA ILE SA 14 56.45 24.62 63.54
C ILE SA 14 57.67 23.75 63.78
N PHE SA 15 58.02 22.95 62.79
CA PHE SA 15 59.17 22.06 62.88
C PHE SA 15 60.07 22.27 61.67
N GLU SA 16 61.37 22.29 61.92
CA GLU SA 16 62.35 22.45 60.86
C GLU SA 16 62.46 21.17 60.04
N VAL SA 17 63.01 21.30 58.84
CA VAL SA 17 63.32 20.17 58.00
C VAL SA 17 64.82 20.18 57.72
N LYS SA 18 65.49 19.08 58.01
CA LYS SA 18 66.94 18.97 57.85
C LYS SA 18 67.27 18.32 56.52
N HIS SA 19 68.24 18.89 55.82
CA HIS SA 19 68.85 18.21 54.68
C HIS SA 19 70.34 18.51 54.72
N GLU SA 20 71.16 17.47 54.89
CA GLU SA 20 72.60 17.61 54.94
C GLU SA 20 73.04 18.56 56.05
N GLY SA 21 72.31 18.57 57.16
CA GLY SA 21 72.69 19.36 58.31
C GLY SA 21 72.37 20.83 58.23
N LYS SA 22 71.72 21.28 57.16
CA LYS SA 22 71.37 22.69 57.00
C LYS SA 22 69.85 22.83 56.94
N VAL SA 23 69.33 23.89 57.54
CA VAL SA 23 67.89 24.13 57.54
C VAL SA 23 67.42 24.42 56.13
N THR SA 24 66.32 23.80 55.73
CA THR SA 24 65.80 23.97 54.38
C THR SA 24 64.40 24.57 54.33
N GLY SA 25 63.50 24.13 55.22
CA GLY SA 25 62.14 24.65 55.23
C GLY SA 25 61.48 24.28 56.53
N TYR SA 26 60.20 24.68 56.65
CA TYR SA 26 59.45 24.45 57.86
C TYR SA 26 58.10 23.81 57.55
N ALA SA 27 57.65 22.97 58.47
CA ALA SA 27 56.36 22.29 58.37
C ALA SA 27 55.50 22.73 59.55
N CYS SA 28 54.24 23.01 59.28
CA CYS SA 28 53.31 23.53 60.27
C CYS SA 28 52.17 22.54 60.49
N LEU SA 29 51.60 22.57 61.69
CA LEU SA 29 50.49 21.69 62.06
C LEU SA 29 49.23 22.54 62.06
N VAL SA 30 48.36 22.32 61.08
CA VAL SA 30 47.14 23.10 60.91
C VAL SA 30 45.95 22.18 60.91
N GLY SA 31 44.90 22.55 61.62
CA GLY SA 31 43.71 21.73 61.66
C GLY SA 31 44.02 20.38 62.26
N ASP SA 32 44.09 19.35 61.42
CA ASP SA 32 44.57 18.04 61.85
C ASP SA 32 45.49 17.42 60.80
N LYS SA 33 46.26 18.21 60.08
CA LYS SA 33 47.09 17.68 59.01
C LYS SA 33 48.44 18.38 58.95
N VAL SA 34 49.50 17.58 58.94
CA VAL SA 34 50.85 18.10 58.74
C VAL SA 34 50.95 18.66 57.34
N MET SA 35 51.51 19.86 57.23
CA MET SA 35 51.61 20.60 55.98
C MET SA 35 53.09 20.78 55.65
N LYS SA 36 53.45 20.67 54.36
CA LYS SA 36 54.81 21.05 54.01
C LYS SA 36 54.93 21.29 52.51
N PRO SA 37 55.58 22.36 52.06
CA PRO SA 37 55.73 22.57 50.62
C PRO SA 37 56.50 21.46 49.94
N ALA SA 38 56.08 21.13 48.72
CA ALA SA 38 56.66 19.97 48.04
C ALA SA 38 58.08 20.23 47.58
N HIS SA 39 58.37 21.44 47.09
CA HIS SA 39 59.69 21.68 46.53
C HIS SA 39 60.79 21.66 47.57
N VAL SA 40 60.45 21.80 48.85
CA VAL SA 40 61.44 21.67 49.92
C VAL SA 40 61.71 20.20 50.17
N LYS SA 41 62.98 19.81 50.11
CA LYS SA 41 63.37 18.41 50.27
C LYS SA 41 64.22 18.25 51.52
N GLY SA 42 64.01 17.13 52.22
CA GLY SA 42 64.68 16.86 53.46
C GLY SA 42 63.84 15.96 54.33
N VAL SA 43 64.19 15.91 55.62
CA VAL SA 43 63.48 15.10 56.59
C VAL SA 43 63.06 15.99 57.75
N ILE SA 44 61.82 15.83 58.20
CA ILE SA 44 61.32 16.63 59.30
C ILE SA 44 62.04 16.25 60.58
N ASP SA 45 62.50 17.25 61.33
CA ASP SA 45 63.33 17.01 62.50
C ASP SA 45 62.49 16.48 63.66
N ASN SA 46 61.98 15.27 63.47
CA ASN SA 46 61.23 14.58 64.51
C ASN SA 46 61.11 13.11 64.13
N ALA SA 47 61.43 12.22 65.07
CA ALA SA 47 61.34 10.80 64.80
C ALA SA 47 59.91 10.37 64.52
N ASP SA 48 58.95 10.87 65.30
CA ASP SA 48 57.55 10.51 65.07
C ASP SA 48 57.05 11.09 63.75
N LEU SA 49 57.41 12.33 63.45
CA LEU SA 49 56.90 12.98 62.25
C LEU SA 49 57.57 12.51 60.97
N ALA SA 50 58.75 11.90 61.06
CA ALA SA 50 59.40 11.42 59.85
C ALA SA 50 58.73 10.18 59.30
N LYS SA 51 58.17 9.33 60.16
CA LYS SA 51 57.63 8.05 59.76
C LYS SA 51 56.27 8.13 59.10
N LEU SA 52 55.63 9.30 59.11
CA LEU SA 52 54.34 9.44 58.47
C LEU SA 52 54.48 9.41 56.96
N ALA SA 53 53.48 8.83 56.29
CA ALA SA 53 53.46 8.77 54.84
C ALA SA 53 52.72 9.99 54.29
N PHE SA 54 53.37 10.69 53.36
CA PHE SA 54 52.89 11.97 52.86
C PHE SA 54 52.16 11.78 51.53
N LYS SA 55 51.10 12.56 51.33
CA LYS SA 55 50.37 12.59 50.06
C LYS SA 55 50.83 13.82 49.28
N LYS SA 56 51.14 13.62 48.01
CA LYS SA 56 51.77 14.61 47.16
C LYS SA 56 50.73 15.39 46.36
N SER SA 57 51.07 16.61 45.97
CA SER SA 57 50.37 17.25 44.86
C SER SA 57 51.33 18.22 44.19
N SER SA 58 51.98 17.77 43.12
CA SER SA 58 52.95 18.61 42.43
C SER SA 58 52.31 19.84 41.80
N LYS SA 59 51.02 19.82 41.51
CA LYS SA 59 50.36 20.99 40.94
C LYS SA 59 50.19 22.08 41.99
N TYR SA 60 49.92 21.70 43.23
CA TYR SA 60 49.79 22.64 44.34
C TYR SA 60 51.08 22.80 45.13
N ASP SA 61 52.13 22.07 44.77
CA ASP SA 61 53.43 22.18 45.44
C ASP SA 61 53.27 21.97 46.94
N LEU SA 62 52.57 20.91 47.32
CA LEU SA 62 52.19 20.69 48.70
C LEU SA 62 52.14 19.21 49.04
N GLU SA 63 52.59 18.88 50.25
CA GLU SA 63 52.60 17.53 50.76
C GLU SA 63 51.90 17.53 52.10
N CYS SA 64 50.90 16.67 52.25
CA CYS SA 64 50.07 16.67 53.44
C CYS SA 64 50.15 15.33 54.14
N ALA SA 65 49.77 15.31 55.40
CA ALA SA 65 49.68 14.05 56.12
C ALA SA 65 48.66 14.18 57.23
N GLN SA 66 48.08 13.05 57.61
CA GLN SA 66 47.17 13.03 58.74
C GLN SA 66 47.95 12.90 60.04
N ILE SA 67 47.76 13.86 60.94
CA ILE SA 67 48.58 13.97 62.15
C ILE SA 67 48.27 12.83 63.09
N PRO SA 68 49.26 12.33 63.83
CA PRO SA 68 48.99 11.26 64.81
C PRO SA 68 48.24 11.81 66.01
N VAL SA 69 47.67 10.90 66.78
CA VAL SA 69 46.72 11.29 67.82
C VAL SA 69 47.41 12.07 68.93
N HIS SA 70 48.68 11.80 69.19
CA HIS SA 70 49.32 12.35 70.39
C HIS SA 70 50.05 13.67 70.14
N MET SA 71 50.03 14.21 68.93
CA MET SA 71 50.29 15.63 68.71
C MET SA 71 49.08 16.38 68.20
N ARG SA 72 47.89 15.81 68.32
CA ARG SA 72 46.72 16.45 67.75
C ARG SA 72 46.39 17.76 68.45
N SER SA 73 46.64 17.84 69.76
CA SER SA 73 46.27 19.01 70.54
C SER SA 73 47.27 20.16 70.45
N ASP SA 74 48.48 19.91 69.97
CA ASP SA 74 49.50 20.95 69.89
C ASP SA 74 49.53 21.59 68.52
N ALA SA 75 48.38 21.73 67.88
CA ALA SA 75 48.30 22.29 66.54
C ALA SA 75 47.41 23.53 66.57
N SER SA 76 47.68 24.43 65.63
CA SER SA 76 46.96 25.69 65.59
C SER SA 76 45.53 25.47 65.14
N LYS SA 77 44.82 26.58 64.92
CA LYS SA 77 43.45 26.55 64.45
C LYS SA 77 43.33 27.41 63.20
N TYR SA 78 42.44 27.00 62.30
CA TYR SA 78 42.41 27.46 60.93
C TYR SA 78 41.13 28.23 60.64
N THR SA 79 41.10 28.86 59.46
CA THR SA 79 39.92 29.56 58.98
C THR SA 79 40.06 29.72 57.48
N HIS SA 80 39.10 30.42 56.88
CA HIS SA 80 39.09 30.62 55.43
C HIS SA 80 38.70 32.03 55.03
N GLU SA 81 38.59 32.96 55.98
CA GLU SA 81 38.06 34.28 55.75
C GLU SA 81 39.20 35.26 55.52
N LYS SA 82 39.14 36.00 54.42
CA LYS SA 82 40.22 36.91 54.03
C LYS SA 82 39.66 38.29 53.73
N PRO SA 83 39.27 39.05 54.76
CA PRO SA 83 38.92 40.45 54.55
C PRO SA 83 40.17 41.29 54.34
N GLU SA 84 39.98 42.46 53.75
CA GLU SA 84 41.08 43.39 53.54
C GLU SA 84 41.62 43.89 54.88
N GLY SA 85 42.92 44.04 54.96
CA GLY SA 85 43.54 44.55 56.17
C GLY SA 85 45.02 44.12 56.25
N HIS SA 86 45.49 43.94 57.47
CA HIS SA 86 46.86 43.55 57.74
C HIS SA 86 46.90 42.29 58.58
N TYR SA 87 47.96 41.50 58.40
CA TYR SA 87 48.07 40.19 59.03
C TYR SA 87 49.50 40.01 59.54
N ASN SA 88 49.70 38.97 60.35
CA ASN SA 88 51.00 38.81 61.00
C ASN SA 88 51.92 37.91 60.17
N TRP SA 89 53.18 37.87 60.59
CA TRP SA 89 54.14 36.93 60.03
C TRP SA 89 55.35 36.93 60.94
N HIS SA 90 56.09 35.82 60.95
CA HIS SA 90 57.27 35.71 61.79
C HIS SA 90 58.31 36.79 61.52
N HIS SA 91 58.26 37.40 60.34
CA HIS SA 91 59.17 38.50 60.02
C HIS SA 91 58.45 39.83 59.87
N GLY SA 92 57.41 40.06 60.68
CA GLY SA 92 56.79 41.37 60.79
C GLY SA 92 55.31 41.32 60.46
N ALA SA 93 54.86 42.31 59.69
CA ALA SA 93 53.46 42.44 59.31
C ALA SA 93 53.34 42.37 57.79
N VAL SA 94 52.25 41.79 57.32
CA VAL SA 94 52.01 41.57 55.90
C VAL SA 94 50.72 42.25 55.51
N GLN SA 95 50.67 42.71 54.26
CA GLN SA 95 49.60 43.55 53.76
C GLN SA 95 48.81 42.77 52.72
N TYR SA 96 47.49 42.77 52.84
CA TYR SA 96 46.62 42.05 51.92
C TYR SA 96 45.83 43.07 51.11
N SER SA 97 46.12 43.16 49.81
CA SER SA 97 45.50 44.16 48.96
C SER SA 97 45.27 43.58 47.57
N GLY SA 98 44.04 43.67 47.09
CA GLY SA 98 43.72 43.22 45.74
C GLY SA 98 43.98 41.74 45.51
N GLY SA 99 43.69 40.91 46.49
CA GLY SA 99 43.96 39.49 46.36
C GLY SA 99 45.42 39.13 46.35
N ARG SA 100 46.29 40.01 46.86
CA ARG SA 100 47.72 39.77 46.88
C ARG SA 100 48.27 40.03 48.27
N PHE SA 101 49.31 39.29 48.63
CA PHE SA 101 50.03 39.49 49.88
C PHE SA 101 51.34 40.19 49.57
N THR SA 102 51.63 41.27 50.28
CA THR SA 102 52.82 42.06 50.03
C THR SA 102 53.68 42.15 51.29
N ILE SA 103 55.00 42.07 51.10
CA ILE SA 103 55.96 42.17 52.19
C ILE SA 103 56.48 43.60 52.23
N PRO SA 104 56.49 44.24 53.40
CA PRO SA 104 56.96 45.64 53.45
C PRO SA 104 58.41 45.80 53.03
N THR SA 105 59.26 44.81 53.30
CA THR SA 105 60.70 45.04 53.27
C THR SA 105 61.43 44.27 52.18
N GLY SA 106 60.87 43.17 51.68
CA GLY SA 106 61.73 42.22 51.00
C GLY SA 106 62.67 41.53 51.96
N ALA SA 107 62.16 41.11 53.11
CA ALA SA 107 62.92 40.37 54.10
C ALA SA 107 62.84 38.86 53.90
N GLY SA 108 62.20 38.40 52.83
CA GLY SA 108 62.23 36.99 52.53
C GLY SA 108 63.61 36.52 52.12
N LYS SA 109 63.92 35.27 52.49
CA LYS SA 109 65.19 34.67 52.16
C LYS SA 109 64.96 33.25 51.65
N PRO SA 110 65.91 32.69 50.90
CA PRO SA 110 65.82 31.25 50.61
C PRO SA 110 65.82 30.44 51.89
N GLY SA 111 65.04 29.38 51.89
CA GLY SA 111 64.85 28.56 53.08
C GLY SA 111 63.80 29.06 54.03
N ASP SA 112 63.12 30.15 53.71
CA ASP SA 112 62.07 30.71 54.53
C ASP SA 112 60.69 30.18 54.15
N SER SA 113 60.62 29.41 53.06
CA SER SA 113 59.34 28.91 52.59
C SER SA 113 58.67 28.03 53.63
N GLY SA 114 57.35 28.11 53.69
CA GLY SA 114 56.57 27.22 54.52
C GLY SA 114 56.23 27.72 55.90
N ARG SA 115 56.46 28.99 56.19
CA ARG SA 115 56.06 29.53 57.48
C ARG SA 115 54.72 30.22 57.35
N PRO SA 116 53.72 29.86 58.15
CA PRO SA 116 52.36 30.32 57.87
C PRO SA 116 52.18 31.80 58.12
N ILE SA 117 51.16 32.36 57.47
CA ILE SA 117 50.66 33.70 57.74
C ILE SA 117 49.48 33.60 58.68
N PHE SA 118 49.54 34.33 59.78
CA PHE SA 118 48.53 34.24 60.82
C PHE SA 118 47.48 35.32 60.66
N ASP SA 119 46.34 35.11 61.31
CA ASP SA 119 45.31 36.14 61.36
C ASP SA 119 45.47 36.95 62.65
N ASN SA 120 44.57 37.91 62.86
CA ASN SA 120 44.66 38.75 64.05
C ASN SA 120 44.33 37.98 65.31
N LYS SA 121 43.43 37.01 65.26
CA LYS SA 121 43.08 36.21 66.43
C LYS SA 121 44.03 35.03 66.62
N GLY SA 122 45.01 34.88 65.75
CA GLY SA 122 45.90 33.74 65.81
C GLY SA 122 45.55 32.61 64.86
N ARG SA 123 44.56 32.79 64.00
CA ARG SA 123 44.19 31.75 63.06
C ARG SA 123 45.14 31.69 61.89
N VAL SA 124 45.25 30.51 61.29
CA VAL SA 124 46.09 30.31 60.12
C VAL SA 124 45.25 30.50 58.87
N VAL SA 125 45.79 31.23 57.91
CA VAL SA 125 45.09 31.55 56.68
C VAL SA 125 45.81 31.03 55.45
N ALA SA 126 47.14 31.09 55.43
CA ALA SA 126 47.88 30.77 54.22
C ALA SA 126 49.26 30.22 54.59
N ILE SA 127 49.90 29.59 53.61
CA ILE SA 127 51.25 29.06 53.76
C ILE SA 127 52.13 29.67 52.69
N VAL SA 128 53.17 30.38 53.11
CA VAL SA 128 54.05 31.06 52.16
C VAL SA 128 54.87 30.05 51.39
N LEU SA 129 54.96 30.25 50.08
CA LEU SA 129 55.81 29.44 49.22
C LEU SA 129 57.01 30.21 48.70
N GLY SA 130 56.79 31.37 48.10
CA GLY SA 130 57.91 32.08 47.54
C GLY SA 130 57.60 33.56 47.39
N GLY SA 131 58.59 34.30 46.93
CA GLY SA 131 58.46 35.73 46.79
C GLY SA 131 58.91 36.23 45.43
N ALA SA 132 58.10 37.13 44.88
CA ALA SA 132 58.44 37.85 43.66
C ALA SA 132 58.84 39.26 44.04
N ASN SA 133 60.08 39.63 43.71
CA ASN SA 133 60.65 40.89 44.15
C ASN SA 133 59.97 41.99 43.35
N GLU SA 134 59.03 42.68 43.97
CA GLU SA 134 58.24 43.72 43.33
C GLU SA 134 58.86 45.07 43.67
N GLY SA 135 59.98 45.37 43.01
CA GLY SA 135 60.64 46.64 43.28
C GLY SA 135 61.02 46.75 44.75
N SER SA 136 60.43 47.73 45.43
CA SER SA 136 60.61 47.88 46.86
C SER SA 136 59.82 46.85 47.66
N ARG SA 137 58.73 46.34 47.12
CA ARG SA 137 57.89 45.37 47.81
C ARG SA 137 58.20 43.96 47.32
N THR SA 138 57.46 42.99 47.87
CA THR SA 138 57.68 41.59 47.58
C THR SA 138 56.34 40.87 47.62
N ALA SA 139 55.81 40.52 46.45
CA ALA SA 139 54.57 39.77 46.41
C ALA SA 139 54.83 38.32 46.80
N LEU SA 140 53.80 37.67 47.32
CA LEU SA 140 53.94 36.30 47.83
C LEU SA 140 53.19 35.31 46.96
N SER SA 141 53.93 34.33 46.45
CA SER SA 141 53.33 33.10 45.92
C SER SA 141 52.97 32.25 47.14
N VAL SA 142 51.68 32.18 47.43
CA VAL SA 142 51.20 31.63 48.69
C VAL SA 142 50.07 30.65 48.40
N VAL SA 143 49.86 29.71 49.31
CA VAL SA 143 48.83 28.69 49.19
C VAL SA 143 47.66 29.10 50.06
N THR SA 144 46.62 29.64 49.45
CA THR SA 144 45.43 30.08 50.18
C THR SA 144 44.38 28.97 50.15
N TRP SA 145 43.33 29.13 50.94
CA TRP SA 145 42.28 28.13 51.02
C TRP SA 145 40.94 28.73 50.65
N ASN SA 146 40.12 27.92 50.00
CA ASN SA 146 38.73 28.25 49.74
C ASN SA 146 37.89 27.64 50.85
N LYS SA 147 36.57 27.56 50.65
CA LYS SA 147 35.72 26.92 51.64
C LYS SA 147 36.09 25.46 51.82
N ASP SA 148 36.42 24.76 50.72
CA ASP SA 148 36.82 23.36 50.81
C ASP SA 148 37.94 22.97 49.85
N MET SA 149 38.52 23.90 49.10
CA MET SA 149 39.53 23.60 48.11
C MET SA 149 40.78 24.42 48.34
N VAL SA 150 41.92 23.79 48.21
CA VAL SA 150 43.20 24.51 48.23
C VAL SA 150 43.42 25.16 46.88
N THR SA 151 43.73 26.44 46.89
CA THR SA 151 44.05 27.16 45.67
C THR SA 151 45.41 27.81 45.81
N ARG SA 152 46.17 27.80 44.73
CA ARG SA 152 47.53 28.32 44.71
C ARG SA 152 47.55 29.60 43.89
N VAL SA 153 48.06 30.67 44.47
CA VAL SA 153 48.18 31.96 43.78
C VAL SA 153 49.66 32.25 43.55
N THR SA 154 50.01 32.57 42.31
CA THR SA 154 51.40 32.76 41.92
C THR SA 154 51.53 33.98 41.02
N PRO SA 155 52.08 35.08 41.53
CA PRO SA 155 52.34 36.24 40.68
C PRO SA 155 53.52 35.98 39.75
N GLU SA 156 53.63 36.82 38.72
CA GLU SA 156 54.71 36.67 37.76
C GLU SA 156 56.06 36.79 38.43
N GLY SA 157 56.97 35.90 38.05
CA GLY SA 157 58.36 36.03 38.44
C GLY SA 157 58.69 35.64 39.86
N SER SA 158 57.87 34.83 40.50
CA SER SA 158 58.19 34.38 41.85
C SER SA 158 59.29 33.32 41.81
N GLU SA 159 60.15 33.34 42.83
CA GLU SA 159 61.17 32.32 43.01
C GLU SA 159 60.82 31.44 44.19
N GLU SA 160 60.94 30.13 44.03
CA GLU SA 160 60.73 29.22 45.15
C GLU SA 160 61.83 29.44 46.18
N TRP SA 161 61.48 30.04 47.31
CA TRP SA 161 62.46 30.26 48.35
C TRP SA 161 62.85 28.93 48.98
N LYS TA 1 25.86 29.64 91.16
CA LYS TA 1 24.78 29.92 90.22
C LYS TA 1 24.69 28.84 89.15
N ARG TA 2 25.44 29.02 88.06
CA ARG TA 2 25.40 28.05 86.96
C ARG TA 2 25.86 26.67 87.43
N GLU TA 3 26.94 26.63 88.20
CA GLU TA 3 27.41 25.35 88.74
C GLU TA 3 26.33 24.70 89.62
N ARG TA 4 25.63 25.51 90.42
CA ARG TA 4 24.62 24.96 91.31
C ARG TA 4 23.42 24.41 90.54
N MET TA 5 22.94 25.15 89.54
CA MET TA 5 21.83 24.64 88.74
C MET TA 5 22.24 23.39 87.98
N CYS TA 6 23.48 23.36 87.46
CA CYS TA 6 23.98 22.19 86.77
C CYS TA 6 23.99 20.97 87.68
N MET TA 7 24.55 21.13 88.89
CA MET TA 7 24.64 19.98 89.79
C MET TA 7 23.26 19.54 90.28
N LYS TA 8 22.34 20.47 90.51
CA LYS TA 8 21.00 20.07 90.94
C LYS TA 8 20.25 19.31 89.85
N ILE TA 9 20.32 19.81 88.61
CA ILE TA 9 19.65 19.10 87.52
C ILE TA 9 20.31 17.75 87.28
N GLU TA 10 21.63 17.67 87.43
CA GLU TA 10 22.29 16.38 87.37
C GLU TA 10 21.76 15.45 88.46
N ASN TA 11 21.59 15.97 89.67
CA ASN TA 11 21.17 15.15 90.81
C ASN TA 11 19.77 14.60 90.61
N ASP TA 12 18.86 15.39 90.06
CA ASP TA 12 17.52 14.86 89.89
C ASP TA 12 17.29 14.23 88.52
N CYS TA 13 18.26 14.27 87.60
CA CYS TA 13 18.06 13.69 86.28
C CYS TA 13 19.16 12.69 85.92
N ILE TA 14 19.89 12.19 86.90
CA ILE TA 14 20.88 11.14 86.66
C ILE TA 14 20.69 10.02 87.66
N PHE TA 15 20.70 8.78 87.17
CA PHE TA 15 20.58 7.60 87.99
C PHE TA 15 21.80 6.72 87.78
N GLU TA 16 22.23 6.05 88.85
CA GLU TA 16 23.41 5.19 88.77
C GLU TA 16 23.03 3.83 88.21
N VAL TA 17 23.99 3.19 87.55
CA VAL TA 17 23.84 1.83 87.04
C VAL TA 17 25.04 1.04 87.54
N LYS TA 18 24.77 0.01 88.35
CA LYS TA 18 25.80 -0.75 89.04
C LYS TA 18 25.72 -2.22 88.66
N HIS TA 19 26.88 -2.86 88.57
CA HIS TA 19 26.97 -4.28 88.23
C HIS TA 19 28.05 -4.91 89.11
N GLU TA 20 27.77 -6.13 89.59
CA GLU TA 20 28.49 -6.73 90.72
C GLU TA 20 28.61 -5.76 91.89
N GLY TA 21 27.57 -4.93 92.11
CA GLY TA 21 27.53 -4.06 93.25
C GLY TA 21 28.33 -2.79 93.13
N LYS TA 22 29.06 -2.59 92.03
CA LYS TA 22 29.91 -1.42 91.84
C LYS TA 22 29.36 -0.56 90.72
N VAL TA 23 29.42 0.76 90.89
CA VAL TA 23 28.85 1.68 89.92
C VAL TA 23 29.60 1.58 88.60
N THR TA 24 28.84 1.43 87.52
CA THR TA 24 29.43 1.24 86.20
C THR TA 24 28.98 2.24 85.16
N GLY TA 25 27.84 2.90 85.34
CA GLY TA 25 27.40 3.84 84.32
C GLY TA 25 26.37 4.80 84.88
N TYR TA 26 26.01 5.77 84.04
CA TYR TA 26 25.05 6.80 84.43
C TYR TA 26 23.95 6.90 83.39
N ALA TA 27 22.73 6.62 83.80
CA ALA TA 27 21.56 6.70 82.94
C ALA TA 27 20.79 7.98 83.24
N CYS TA 28 20.67 8.84 82.24
CA CYS TA 28 20.09 10.16 82.41
C CYS TA 28 18.71 10.19 81.78
N LEU TA 29 17.91 11.16 82.21
CA LEU TA 29 16.56 11.35 81.70
C LEU TA 29 16.51 12.68 80.98
N VAL TA 30 16.08 12.67 79.72
CA VAL TA 30 16.10 13.86 78.87
C VAL TA 30 14.78 13.92 78.12
N GLY TA 31 14.24 15.13 77.98
CA GLY TA 31 13.07 15.32 77.16
C GLY TA 31 11.91 14.47 77.63
N ASP TA 32 11.65 13.37 76.93
CA ASP TA 32 10.66 12.39 77.36
C ASP TA 32 11.16 10.96 77.16
N LYS TA 33 12.47 10.75 77.25
CA LYS TA 33 13.03 9.43 77.03
C LYS TA 33 14.16 9.18 78.01
N VAL TA 34 14.11 8.04 78.69
CA VAL TA 34 15.27 7.58 79.45
C VAL TA 34 16.29 7.06 78.47
N MET TA 35 17.50 7.62 78.53
CA MET TA 35 18.56 7.27 77.58
C MET TA 35 19.80 6.85 78.34
N LYS TA 36 20.48 5.82 77.85
CA LYS TA 36 21.77 5.49 78.43
C LYS TA 36 22.66 4.80 77.40
N PRO TA 37 23.99 4.89 77.57
CA PRO TA 37 24.88 4.21 76.63
C PRO TA 37 24.62 2.71 76.63
N ALA TA 38 24.79 2.10 75.47
CA ALA TA 38 24.56 0.67 75.36
C ALA TA 38 25.76 -0.15 75.79
N HIS TA 39 26.96 0.42 75.74
CA HIS TA 39 28.14 -0.38 76.04
C HIS TA 39 28.28 -0.67 77.53
N VAL TA 40 27.64 0.14 78.38
CA VAL TA 40 27.69 -0.13 79.81
C VAL TA 40 26.78 -1.29 80.15
N LYS TA 41 27.20 -2.11 81.12
CA LYS TA 41 26.47 -3.30 81.51
C LYS TA 41 26.05 -3.20 82.98
N GLY TA 42 24.80 -3.51 83.24
CA GLY TA 42 24.25 -3.42 84.58
C GLY TA 42 22.76 -3.17 84.52
N VAL TA 43 22.23 -2.69 85.65
CA VAL TA 43 20.82 -2.36 85.78
C VAL TA 43 20.69 -0.95 86.34
N ILE TA 44 19.62 -0.27 85.96
CA ILE TA 44 19.38 1.09 86.42
C ILE TA 44 18.82 1.05 87.83
N ASP TA 45 19.38 1.87 88.72
CA ASP TA 45 19.02 1.89 90.13
C ASP TA 45 17.68 2.58 90.35
N ASN TA 46 16.62 1.94 89.84
CA ASN TA 46 15.26 2.36 90.13
C ASN TA 46 14.32 1.23 89.71
N ALA TA 47 13.45 0.83 90.63
CA ALA TA 47 12.54 -0.27 90.35
C ALA TA 47 11.62 0.06 89.18
N ASP TA 48 11.14 1.30 89.13
CA ASP TA 48 10.27 1.70 88.03
C ASP TA 48 11.00 1.70 86.70
N LEU TA 49 12.24 2.17 86.68
CA LEU TA 49 12.96 2.28 85.41
C LEU TA 49 13.43 0.92 84.93
N ALA TA 50 13.69 -0.01 85.84
CA ALA TA 50 14.28 -1.29 85.46
C ALA TA 50 13.33 -2.15 84.64
N LYS TA 51 12.02 -1.89 84.68
CA LYS TA 51 11.04 -2.77 84.07
C LYS TA 51 10.61 -2.33 82.67
N LEU TA 52 11.17 -1.26 82.13
CA LEU TA 52 10.73 -0.79 80.83
C LEU TA 52 11.40 -1.58 79.70
N ALA TA 53 10.89 -1.38 78.48
CA ALA TA 53 11.43 -2.02 77.29
C ALA TA 53 12.35 -1.04 76.58
N PHE TA 54 13.63 -1.38 76.52
CA PHE TA 54 14.64 -0.47 75.99
C PHE TA 54 14.91 -0.78 74.53
N LYS TA 55 14.68 0.19 73.66
CA LYS TA 55 15.08 0.06 72.27
C LYS TA 55 16.60 0.14 72.16
N LYS TA 56 17.16 -0.81 71.41
CA LYS TA 56 18.59 -0.99 71.18
C LYS TA 56 19.04 -0.27 69.93
N SER TA 57 20.31 0.13 69.92
CA SER TA 57 20.98 0.49 68.67
C SER TA 57 22.48 0.47 68.92
N SER TA 58 23.17 -0.44 68.24
CA SER TA 58 24.62 -0.53 68.36
C SER TA 58 25.35 0.49 67.49
N LYS TA 59 24.71 1.00 66.44
CA LYS TA 59 25.36 2.01 65.62
C LYS TA 59 25.45 3.34 66.34
N TYR TA 60 24.43 3.65 67.14
CA TYR TA 60 24.44 4.85 67.97
C TYR TA 60 24.85 4.55 69.40
N ASP TA 61 25.05 3.28 69.74
CA ASP TA 61 25.47 2.87 71.08
C ASP TA 61 24.51 3.46 72.12
N LEU TA 62 23.22 3.38 71.83
CA LEU TA 62 22.27 4.10 72.68
C LEU TA 62 21.03 3.25 72.95
N GLU TA 63 20.70 3.09 74.23
CA GLU TA 63 19.50 2.41 74.68
C GLU TA 63 18.50 3.47 75.11
N CYS TA 64 17.30 3.43 74.54
CA CYS TA 64 16.30 4.46 74.83
C CYS TA 64 15.02 3.81 75.32
N ALA TA 65 14.21 4.60 76.03
CA ALA TA 65 12.92 4.10 76.48
C ALA TA 65 12.00 5.28 76.74
N GLN TA 66 10.70 5.01 76.70
CA GLN TA 66 9.68 6.01 76.99
C GLN TA 66 9.39 6.02 78.47
N ILE TA 67 9.42 7.20 79.08
CA ILE TA 67 9.41 7.34 80.53
C ILE TA 67 7.99 7.24 81.07
N PRO TA 68 7.80 6.82 82.32
CA PRO TA 68 6.46 6.80 82.90
C PRO TA 68 5.93 8.21 83.07
N VAL TA 69 4.61 8.31 83.23
CA VAL TA 69 3.96 9.61 83.30
C VAL TA 69 4.39 10.35 84.56
N HIS TA 70 4.51 9.65 85.69
CA HIS TA 70 4.79 10.33 86.94
C HIS TA 70 6.25 10.67 87.15
N MET TA 71 7.09 10.57 86.13
CA MET TA 71 8.44 11.12 86.17
C MET TA 71 8.60 12.31 85.23
N ARG TA 72 7.51 12.84 84.69
CA ARG TA 72 7.62 13.91 83.69
C ARG TA 72 8.09 15.23 84.28
N SER TA 73 7.78 15.49 85.55
CA SER TA 73 8.14 16.79 86.10
C SER TA 73 9.64 16.96 86.32
N ASP TA 74 10.41 15.88 86.35
CA ASP TA 74 11.84 15.94 86.56
C ASP TA 74 12.61 15.70 85.26
N ALA TA 75 12.13 16.27 84.16
CA ALA TA 75 12.75 16.10 82.86
C ALA TA 75 13.52 17.34 82.47
N SER TA 76 14.73 17.14 81.98
CA SER TA 76 15.51 18.26 81.48
C SER TA 76 14.86 18.85 80.23
N LYS TA 77 15.51 19.84 79.66
CA LYS TA 77 15.04 20.45 78.41
C LYS TA 77 16.14 20.28 77.36
N TYR TA 78 15.72 20.11 76.11
CA TYR TA 78 16.63 19.77 75.04
C TYR TA 78 16.78 20.93 74.07
N THR TA 79 17.79 20.84 73.20
CA THR TA 79 18.02 21.83 72.18
C THR TA 79 18.90 21.22 71.10
N HIS TA 80 19.11 21.99 70.03
CA HIS TA 80 19.94 21.53 68.94
C HIS TA 80 20.92 22.56 68.39
N GLU TA 81 20.96 23.77 68.95
CA GLU TA 81 21.95 24.75 68.53
C GLU TA 81 23.29 24.46 69.21
N LYS TA 82 24.37 24.56 68.44
CA LYS TA 82 25.72 24.43 68.96
C LYS TA 82 26.58 25.58 68.46
N PRO TA 83 26.35 26.79 68.94
CA PRO TA 83 27.27 27.89 68.62
C PRO TA 83 28.57 27.73 69.40
N GLU TA 84 29.60 28.42 68.93
CA GLU TA 84 30.88 28.39 69.62
C GLU TA 84 30.73 28.95 71.02
N GLY TA 85 31.44 28.35 71.97
CA GLY TA 85 31.36 28.83 73.34
C GLY TA 85 31.79 27.82 74.39
N HIS TA 86 31.28 27.97 75.60
CA HIS TA 86 31.61 27.10 76.71
C HIS TA 86 30.35 26.47 77.27
N TYR TA 87 30.43 25.20 77.65
CA TYR TA 87 29.27 24.49 78.17
C TYR TA 87 29.66 23.81 79.48
N ASN TA 88 28.67 23.27 80.16
CA ASN TA 88 28.87 22.74 81.51
C ASN TA 88 29.19 21.24 81.47
N TRP TA 89 29.66 20.75 82.62
CA TRP TA 89 29.81 19.32 82.84
C TRP TA 89 30.08 19.12 84.31
N HIS TA 90 29.72 17.93 84.82
CA HIS TA 90 29.94 17.66 86.23
C HIS TA 90 31.38 17.87 86.64
N HIS TA 91 32.32 17.68 85.72
CA HIS TA 91 33.73 17.76 86.04
C HIS TA 91 34.35 19.07 85.56
N GLY TA 92 33.52 20.06 85.23
CA GLY TA 92 34.03 21.38 84.92
C GLY TA 92 33.35 22.06 83.74
N ALA TA 93 34.15 22.70 82.89
CA ALA TA 93 33.65 23.39 81.71
C ALA TA 93 34.24 22.74 80.47
N VAL TA 94 33.42 22.62 79.43
CA VAL TA 94 33.79 21.94 78.20
C VAL TA 94 33.81 22.95 77.07
N GLN TA 95 34.80 22.80 76.20
CA GLN TA 95 35.07 23.76 75.14
C GLN TA 95 34.54 23.21 73.82
N TYR TA 96 33.98 24.09 73.00
CA TYR TA 96 33.53 23.74 71.66
C TYR TA 96 34.44 24.45 70.67
N SER TA 97 35.07 23.69 69.78
CA SER TA 97 35.94 24.25 68.75
C SER TA 97 35.92 23.35 67.54
N GLY TA 98 35.34 23.86 66.44
CA GLY TA 98 35.30 23.12 65.19
C GLY TA 98 34.54 21.81 65.25
N GLY TA 99 33.43 21.78 65.97
CA GLY TA 99 32.62 20.58 66.04
C GLY TA 99 33.14 19.51 66.97
N ARG TA 100 34.15 19.80 67.77
CA ARG TA 100 34.68 18.84 68.74
C ARG TA 100 34.48 19.37 70.15
N PHE TA 101 34.31 18.44 71.08
CA PHE TA 101 34.20 18.78 72.49
C PHE TA 101 35.51 18.39 73.16
N THR TA 102 36.09 19.33 73.91
CA THR TA 102 37.42 19.14 74.48
C THR TA 102 37.36 19.35 75.98
N ILE TA 103 38.01 18.45 76.72
CA ILE TA 103 38.09 18.53 78.17
C ILE TA 103 39.46 19.09 78.54
N PRO TA 104 39.54 20.23 79.23
CA PRO TA 104 40.86 20.81 79.52
C PRO TA 104 41.77 19.89 80.30
N THR TA 105 41.24 19.14 81.26
CA THR TA 105 42.09 18.48 82.23
C THR TA 105 42.77 17.24 81.67
N GLY TA 106 42.12 16.52 80.78
CA GLY TA 106 42.53 15.15 80.56
C GLY TA 106 42.29 14.27 81.77
N ALA TA 107 41.21 14.54 82.52
CA ALA TA 107 40.88 13.82 83.74
C ALA TA 107 39.61 12.99 83.61
N GLY TA 108 39.07 12.83 82.40
CA GLY TA 108 37.98 11.92 82.19
C GLY TA 108 38.40 10.49 82.46
N LYS TA 109 37.60 9.74 83.20
CA LYS TA 109 37.99 8.40 83.59
C LYS TA 109 36.92 7.39 83.21
N PRO TA 110 37.30 6.12 83.02
CA PRO TA 110 36.29 5.09 82.73
C PRO TA 110 35.25 5.02 83.82
N GLY TA 111 34.01 4.75 83.43
CA GLY TA 111 32.88 4.79 84.33
C GLY TA 111 32.20 6.14 84.41
N ASP TA 112 32.71 7.14 83.70
CA ASP TA 112 32.13 8.48 83.68
C ASP TA 112 31.11 8.64 82.58
N SER TA 113 30.96 7.65 81.70
CA SER TA 113 30.10 7.80 80.53
C SER TA 113 28.64 7.89 80.95
N GLY TA 114 27.86 8.64 80.17
CA GLY TA 114 26.45 8.83 80.43
C GLY TA 114 26.10 10.17 81.03
N ARG TA 115 27.07 10.94 81.48
CA ARG TA 115 26.79 12.23 82.10
C ARG TA 115 26.41 13.26 81.04
N PRO TA 116 25.28 13.95 81.20
CA PRO TA 116 24.86 14.91 80.17
C PRO TA 116 25.80 16.10 80.12
N ILE TA 117 25.77 16.79 78.98
CA ILE TA 117 26.47 18.06 78.81
C ILE TA 117 25.43 19.16 78.71
N PHE TA 118 25.50 20.12 79.63
CA PHE TA 118 24.46 21.12 79.79
C PHE TA 118 24.80 22.40 79.04
N ASP TA 119 23.77 23.14 78.67
CA ASP TA 119 23.93 24.44 78.05
C ASP TA 119 24.09 25.48 79.15
N ASN TA 120 24.24 26.74 78.75
CA ASN TA 120 24.32 27.79 79.76
C ASN TA 120 23.00 27.95 80.48
N LYS TA 121 21.89 27.79 79.76
CA LYS TA 121 20.56 28.08 80.27
C LYS TA 121 19.95 26.90 81.03
N GLY TA 122 20.64 25.77 81.09
CA GLY TA 122 20.10 24.59 81.71
C GLY TA 122 19.55 23.54 80.77
N ARG TA 123 19.60 23.77 79.47
CA ARG TA 123 19.21 22.74 78.52
C ARG TA 123 20.38 21.81 78.22
N VAL TA 124 20.07 20.62 77.71
CA VAL TA 124 21.09 19.63 77.38
C VAL TA 124 21.39 19.70 75.90
N VAL TA 125 22.55 19.20 75.52
CA VAL TA 125 22.96 19.15 74.13
C VAL TA 125 23.33 17.74 73.69
N ALA TA 126 24.09 17.02 74.51
CA ALA TA 126 24.64 15.74 74.08
C ALA TA 126 24.86 14.87 75.31
N ILE TA 127 25.35 13.65 75.09
CA ILE TA 127 25.67 12.73 76.17
C ILE TA 127 27.05 12.13 75.91
N VAL TA 128 27.94 12.28 76.88
CA VAL TA 128 29.31 11.82 76.73
C VAL TA 128 29.33 10.30 76.65
N LEU TA 129 30.19 9.77 75.78
CA LEU TA 129 30.39 8.33 75.64
C LEU TA 129 31.82 7.92 75.98
N GLY TA 130 32.81 8.60 75.43
CA GLY TA 130 34.18 8.23 75.75
C GLY TA 130 35.12 9.39 75.50
N GLY TA 131 36.40 9.13 75.74
CA GLY TA 131 37.42 10.15 75.56
C GLY TA 131 38.63 9.61 74.85
N ALA TA 132 39.28 10.48 74.10
CA ALA TA 132 40.50 10.18 73.37
C ALA TA 132 41.66 10.95 73.98
N ASN TA 133 42.78 10.28 74.19
CA ASN TA 133 43.92 10.85 74.90
C ASN TA 133 44.54 11.93 74.04
N GLU TA 134 44.09 13.16 74.25
CA GLU TA 134 44.39 14.29 73.38
C GLU TA 134 45.57 15.10 73.93
N GLY TA 135 46.71 14.43 74.06
CA GLY TA 135 47.88 15.06 74.61
C GLY TA 135 47.63 15.55 76.03
N SER TA 136 47.56 16.87 76.21
CA SER TA 136 47.17 17.43 77.50
C SER TA 136 45.67 17.43 77.70
N ARG TA 137 44.90 17.22 76.64
CA ARG TA 137 43.46 17.25 76.69
C ARG TA 137 42.90 15.85 76.50
N THR TA 138 41.57 15.77 76.47
CA THR TA 138 40.87 14.60 75.98
C THR TA 138 39.75 15.05 75.07
N ALA TA 139 39.68 14.44 73.89
CA ALA TA 139 38.61 14.76 72.95
C ALA TA 139 37.41 13.86 73.21
N LEU TA 140 36.24 14.46 73.37
CA LEU TA 140 35.05 13.70 73.73
C LEU TA 140 34.42 13.05 72.51
N SER TA 141 34.23 11.74 72.59
CA SER TA 141 33.39 10.99 71.67
C SER TA 141 32.00 11.00 72.27
N VAL TA 142 31.10 11.75 71.64
CA VAL TA 142 29.82 12.12 72.22
C VAL TA 142 28.73 11.88 71.19
N VAL TA 143 27.49 11.74 71.67
CA VAL TA 143 26.31 11.60 70.83
C VAL TA 143 25.50 12.88 70.91
N THR TA 144 25.30 13.53 69.77
CA THR TA 144 24.58 14.79 69.72
C THR TA 144 23.30 14.61 68.92
N TRP TA 145 22.58 15.71 68.75
CA TRP TA 145 21.37 15.73 67.95
C TRP TA 145 21.47 16.82 66.89
N ASN TA 146 21.13 16.46 65.66
CA ASN TA 146 20.86 17.47 64.65
C ASN TA 146 19.41 17.86 64.83
N LYS TA 147 18.81 18.52 63.83
CA LYS TA 147 17.42 18.95 63.97
C LYS TA 147 16.52 17.78 64.38
N ASP TA 148 16.61 16.66 63.67
CA ASP TA 148 15.78 15.49 64.00
C ASP TA 148 16.58 14.20 64.08
N MET TA 149 17.87 14.23 63.78
CA MET TA 149 18.67 13.02 63.68
C MET TA 149 19.63 12.93 64.85
N VAL TA 150 19.81 11.72 65.34
CA VAL TA 150 20.90 11.39 66.24
C VAL TA 150 22.17 11.31 65.41
N THR TA 151 23.27 11.85 65.94
CA THR TA 151 24.56 11.70 65.30
C THR TA 151 25.57 11.29 66.35
N ARG TA 152 26.50 10.41 65.93
CA ARG TA 152 27.58 9.95 66.79
C ARG TA 152 28.89 10.46 66.23
N VAL TA 153 29.65 11.17 67.05
CA VAL TA 153 30.96 11.68 66.67
C VAL TA 153 31.99 10.96 67.53
N THR TA 154 32.89 10.24 66.89
CA THR TA 154 33.93 9.50 67.61
C THR TA 154 35.30 9.86 67.06
N PRO TA 155 36.00 10.80 67.65
CA PRO TA 155 37.36 11.13 67.18
C PRO TA 155 38.26 9.91 67.23
N GLU TA 156 39.19 9.84 66.29
CA GLU TA 156 40.05 8.67 66.15
C GLU TA 156 40.85 8.46 67.43
N GLY TA 157 41.07 7.19 67.77
CA GLY TA 157 41.83 6.84 68.95
C GLY TA 157 41.05 6.90 70.24
N SER TA 158 39.75 7.15 70.17
CA SER TA 158 38.94 7.23 71.38
C SER TA 158 38.75 5.85 71.99
N GLU TA 159 38.61 5.82 73.31
CA GLU TA 159 38.31 4.59 74.03
C GLU TA 159 37.07 4.80 74.89
N GLU TA 160 36.21 3.78 74.90
CA GLU TA 160 34.92 3.90 75.55
C GLU TA 160 35.08 4.01 77.06
N TRP TA 161 34.11 4.66 77.69
CA TRP TA 161 34.05 4.74 79.14
C TRP TA 161 32.85 3.97 79.69
N MET UA 1 26.86 -93.74 -6.09
CA MET UA 1 26.29 -92.40 -5.96
C MET UA 1 26.56 -91.59 -7.22
N CYS UA 2 27.22 -92.21 -8.19
CA CYS UA 2 27.59 -91.54 -9.42
C CYS UA 2 26.41 -91.49 -10.38
N VAL UA 3 26.42 -90.49 -11.27
CA VAL UA 3 25.32 -90.25 -12.19
C VAL UA 3 25.86 -90.15 -13.60
N LEU UA 4 25.01 -90.51 -14.57
CA LEU UA 4 25.32 -90.36 -15.99
C LEU UA 4 23.98 -90.07 -16.68
N ALA UA 5 23.75 -88.79 -16.97
CA ALA UA 5 22.48 -88.32 -17.51
C ALA UA 5 21.34 -88.68 -16.56
N ASN UA 6 20.81 -89.89 -16.68
CA ASN UA 6 19.76 -90.38 -15.80
C ASN UA 6 19.99 -91.83 -15.44
N ALA UA 7 21.22 -92.18 -15.07
CA ALA UA 7 21.56 -93.55 -14.70
C ALA UA 7 21.46 -93.76 -13.18
N THR UA 8 22.17 -92.94 -12.41
CA THR UA 8 22.19 -93.02 -10.94
C THR UA 8 22.60 -94.43 -10.50
N PHE UA 9 23.83 -94.77 -10.85
CA PHE UA 9 24.41 -96.06 -10.52
C PHE UA 9 25.42 -95.92 -9.40
N PRO UA 10 25.58 -96.95 -8.56
CA PRO UA 10 26.60 -96.87 -7.50
C PRO UA 10 27.99 -96.83 -8.09
N CYS UA 11 28.86 -96.01 -7.47
CA CYS UA 11 30.15 -95.68 -8.07
C CYS UA 11 31.08 -96.88 -8.10
N PHE UA 12 30.77 -97.93 -7.34
CA PHE UA 12 31.63 -99.10 -7.35
C PHE UA 12 31.46 -99.93 -8.62
N GLN UA 13 30.27 -99.91 -9.21
CA GLN UA 13 29.95 -100.75 -10.37
C GLN UA 13 29.38 -99.88 -11.48
N PRO UA 14 30.25 -99.21 -12.24
CA PRO UA 14 29.78 -98.46 -13.40
C PRO UA 14 29.24 -99.40 -14.47
N PRO UA 15 28.29 -98.94 -15.28
CA PRO UA 15 27.69 -99.84 -16.29
C PRO UA 15 28.61 -100.21 -17.42
N CYS UA 16 29.77 -99.57 -17.56
CA CYS UA 16 30.65 -99.81 -18.69
C CYS UA 16 31.64 -100.94 -18.43
N VAL UA 17 31.57 -101.58 -17.27
CA VAL UA 17 32.53 -102.63 -16.92
C VAL UA 17 32.42 -103.79 -17.90
N PRO UA 18 33.53 -104.35 -18.41
CA PRO UA 18 34.89 -103.89 -18.16
C PRO UA 18 35.52 -103.17 -19.35
N CYS UA 19 36.74 -102.67 -19.16
CA CYS UA 19 37.49 -101.96 -20.20
C CYS UA 19 36.67 -100.80 -20.77
N CYS UA 20 36.26 -99.89 -19.88
CA CYS UA 20 35.51 -98.73 -20.33
C CYS UA 20 36.34 -97.87 -21.27
N TYR UA 21 37.61 -97.64 -20.93
CA TYR UA 21 38.46 -96.81 -21.77
C TYR UA 21 38.70 -97.46 -23.12
N GLU UA 22 38.97 -98.77 -23.12
CA GLU UA 22 39.21 -99.46 -24.38
C GLU UA 22 37.96 -99.47 -25.25
N ASN UA 23 36.79 -99.70 -24.65
CA ASN UA 23 35.56 -99.76 -25.42
C ASN UA 23 35.20 -98.40 -26.00
N ASN UA 24 35.29 -97.34 -25.19
CA ASN UA 24 35.06 -95.99 -25.70
C ASN UA 24 35.79 -95.04 -24.77
N ALA UA 25 36.88 -94.45 -25.24
CA ALA UA 25 37.66 -93.55 -24.40
C ALA UA 25 36.95 -92.23 -24.15
N GLU UA 26 36.45 -91.61 -25.21
CA GLU UA 26 35.93 -90.24 -25.08
C GLU UA 26 34.71 -90.20 -24.18
N ALA UA 27 33.81 -91.18 -24.32
CA ALA UA 27 32.67 -91.26 -23.42
C ALA UA 27 33.11 -91.54 -22.00
N THR UA 28 34.20 -92.28 -21.82
CA THR UA 28 34.73 -92.53 -20.48
C THR UA 28 35.20 -91.24 -19.83
N LEU UA 29 35.93 -90.42 -20.59
CA LEU UA 29 36.39 -89.15 -20.05
C LEU UA 29 35.22 -88.23 -19.75
N ARG UA 30 34.18 -88.24 -20.61
CA ARG UA 30 32.99 -87.47 -20.30
C ARG UA 30 32.28 -87.97 -19.05
N MET UA 31 32.30 -89.28 -18.81
CA MET UA 31 31.73 -89.81 -17.56
C MET UA 31 32.55 -89.38 -16.36
N LEU UA 32 33.89 -89.36 -16.50
CA LEU UA 32 34.73 -88.93 -15.39
C LEU UA 32 34.50 -87.47 -15.05
N GLU UA 33 34.49 -86.58 -16.06
CA GLU UA 33 34.56 -85.15 -15.78
C GLU UA 33 33.28 -84.60 -15.15
N ASP UA 34 32.12 -85.19 -15.43
CA ASP UA 34 30.90 -84.67 -14.82
C ASP UA 34 30.71 -85.15 -13.39
N ASN UA 35 31.72 -85.76 -12.78
CA ASN UA 35 31.65 -86.22 -11.40
C ASN UA 35 32.82 -85.74 -10.55
N VAL UA 36 33.40 -84.58 -10.86
CA VAL UA 36 34.50 -84.09 -10.03
C VAL UA 36 34.01 -83.74 -8.63
N ASP UA 37 32.82 -83.16 -8.51
CA ASP UA 37 32.33 -82.72 -7.22
C ASP UA 37 31.62 -83.82 -6.44
N ARG UA 38 31.34 -84.96 -7.05
CA ARG UA 38 30.77 -86.06 -6.29
C ARG UA 38 31.86 -86.69 -5.42
N PRO UA 39 31.52 -87.09 -4.19
CA PRO UA 39 32.54 -87.67 -3.31
C PRO UA 39 33.11 -88.98 -3.79
N GLY UA 40 32.43 -89.70 -4.68
CA GLY UA 40 32.89 -91.01 -5.10
C GLY UA 40 33.74 -90.98 -6.35
N TYR UA 41 34.32 -89.82 -6.65
CA TYR UA 41 35.06 -89.65 -7.89
C TYR UA 41 36.22 -90.62 -8.00
N TYR UA 42 36.96 -90.79 -6.90
CA TYR UA 42 38.12 -91.67 -6.96
C TYR UA 42 37.72 -93.12 -7.15
N ASP UA 43 36.62 -93.54 -6.52
CA ASP UA 43 36.13 -94.90 -6.74
C ASP UA 43 35.69 -95.10 -8.18
N LEU UA 44 35.02 -94.10 -8.77
CA LEU UA 44 34.61 -94.22 -10.16
C LEU UA 44 35.84 -94.31 -11.06
N LEU UA 45 36.87 -93.51 -10.77
CA LEU UA 45 38.11 -93.58 -11.54
C LEU UA 45 38.74 -94.96 -11.43
N GLN UA 46 38.81 -95.51 -10.22
CA GLN UA 46 39.42 -96.82 -10.03
C GLN UA 46 38.66 -97.90 -10.76
N ALA UA 47 37.33 -97.84 -10.73
CA ALA UA 47 36.53 -98.84 -11.42
C ALA UA 47 36.47 -98.64 -12.93
N ALA UA 48 36.77 -97.44 -13.42
CA ALA UA 48 36.64 -97.19 -14.85
C ALA UA 48 37.96 -97.36 -15.59
N LEU UA 49 39.09 -97.17 -14.92
CA LEU UA 49 40.39 -97.30 -15.60
C LEU UA 49 41.12 -98.56 -15.15
N THR UA 50 40.41 -99.67 -15.00
CA THR UA 50 41.02 -100.94 -14.61
C THR UA 50 40.36 -102.07 -15.40
N CYS UA 51 41.15 -102.77 -16.20
CA CYS UA 51 40.66 -103.97 -16.87
C CYS UA 51 41.84 -104.75 -17.43
N ARG UA 52 41.69 -106.07 -17.51
CA ARG UA 52 42.76 -106.96 -17.92
C ARG UA 52 42.39 -107.79 -19.14
N TYR VA 1 -12.42 -50.71 26.47
CA TYR VA 1 -12.42 -49.39 27.09
C TYR VA 1 -13.71 -49.21 27.88
N GLU VA 2 -13.61 -48.82 29.15
CA GLU VA 2 -14.80 -48.68 29.98
C GLU VA 2 -15.33 -47.26 29.92
N HIS VA 3 -16.59 -47.10 30.33
CA HIS VA 3 -17.24 -45.81 30.34
C HIS VA 3 -18.51 -45.91 31.17
N SER VA 4 -19.02 -44.74 31.58
CA SER VA 4 -20.24 -44.69 32.38
C SER VA 4 -20.96 -43.38 32.08
N THR VA 5 -22.29 -43.42 32.15
CA THR VA 5 -23.07 -42.21 32.02
C THR VA 5 -24.46 -42.46 32.60
N VAL VA 6 -25.31 -41.45 32.51
CA VAL VA 6 -26.67 -41.53 33.04
C VAL VA 6 -27.62 -41.08 31.94
N MET VA 7 -28.81 -41.67 31.90
CA MET VA 7 -29.79 -41.25 30.92
C MET VA 7 -31.16 -41.13 31.56
N PRO VA 8 -31.97 -40.15 31.15
CA PRO VA 8 -33.28 -39.97 31.76
C PRO VA 8 -34.19 -41.14 31.48
N ASN VA 9 -35.11 -41.42 32.41
CA ASN VA 9 -36.04 -42.53 32.23
C ASN VA 9 -37.32 -42.07 31.54
N VAL VA 10 -37.16 -41.49 30.36
CA VAL VA 10 -38.31 -41.01 29.59
C VAL VA 10 -38.42 -41.83 28.32
N VAL VA 11 -39.61 -42.34 28.04
CA VAL VA 11 -39.82 -43.14 26.85
C VAL VA 11 -39.75 -42.27 25.61
N GLY VA 12 -38.94 -42.67 24.63
CA GLY VA 12 -38.84 -41.96 23.39
C GLY VA 12 -37.88 -40.79 23.38
N PHE VA 13 -37.17 -40.55 24.47
CA PHE VA 13 -36.21 -39.45 24.49
C PHE VA 13 -34.89 -39.90 23.87
N PRO VA 14 -34.42 -39.25 22.82
CA PRO VA 14 -33.23 -39.73 22.09
C PRO VA 14 -31.90 -39.39 22.77
N TYR VA 15 -31.47 -40.23 23.70
CA TYR VA 15 -30.26 -39.90 24.44
C TYR VA 15 -29.04 -40.18 23.59
N LYS VA 16 -28.09 -39.24 23.60
CA LYS VA 16 -26.88 -39.35 22.81
C LYS VA 16 -25.67 -39.20 23.71
N ALA VA 17 -24.80 -40.20 23.70
CA ALA VA 17 -23.62 -40.22 24.56
C ALA VA 17 -22.37 -40.11 23.72
N HIS VA 18 -21.34 -39.48 24.27
CA HIS VA 18 -20.10 -39.16 23.57
C HIS VA 18 -18.97 -39.95 24.19
N ILE VA 19 -18.19 -40.64 23.37
CA ILE VA 19 -17.05 -41.40 23.85
C ILE VA 19 -15.79 -40.82 23.21
N GLU VA 20 -14.82 -40.43 24.02
CA GLU VA 20 -13.66 -39.70 23.53
C GLU VA 20 -12.39 -40.39 24.00
N ARG VA 21 -11.95 -41.39 23.24
CA ARG VA 21 -10.73 -42.11 23.55
C ARG VA 21 -9.51 -41.28 23.17
N PRO VA 22 -8.43 -41.31 23.95
CA PRO VA 22 -7.25 -40.52 23.59
C PRO VA 22 -6.63 -40.89 22.25
N GLY VA 23 -6.61 -42.15 21.89
CA GLY VA 23 -5.93 -42.56 20.68
C GLY VA 23 -6.79 -42.75 19.46
N TYR VA 24 -8.04 -42.29 19.48
CA TYR VA 24 -8.95 -42.55 18.37
C TYR VA 24 -9.92 -41.38 18.23
N SER VA 25 -10.58 -41.32 17.07
CA SER VA 25 -11.62 -40.35 16.85
C SER VA 25 -12.83 -40.67 17.73
N PRO VA 26 -13.59 -39.66 18.13
CA PRO VA 26 -14.71 -39.89 19.06
C PRO VA 26 -15.85 -40.69 18.43
N LEU VA 27 -16.64 -41.32 19.29
CA LEU VA 27 -17.89 -41.96 18.92
C LEU VA 27 -19.07 -41.24 19.53
N THR VA 28 -20.24 -41.47 18.93
CA THR VA 28 -21.51 -41.07 19.51
C THR VA 28 -22.44 -42.26 19.48
N LEU VA 29 -22.89 -42.68 20.66
CA LEU VA 29 -23.90 -43.73 20.78
C LEU VA 29 -25.27 -43.09 20.96
N GLN VA 30 -26.30 -43.82 20.56
CA GLN VA 30 -27.67 -43.36 20.71
C GLN VA 30 -28.44 -44.43 21.45
N MET VA 31 -29.31 -44.01 22.36
CA MET VA 31 -30.15 -44.93 23.11
C MET VA 31 -31.57 -44.38 23.18
N GLN VA 32 -32.54 -45.27 23.12
CA GLN VA 32 -33.95 -44.94 23.34
C GLN VA 32 -34.59 -46.02 24.18
N VAL VA 33 -35.24 -45.63 25.27
CA VAL VA 33 -35.96 -46.56 26.12
C VAL VA 33 -37.34 -46.77 25.48
N VAL VA 34 -37.51 -47.84 24.72
CA VAL VA 34 -38.78 -47.97 23.99
C VAL VA 34 -39.88 -48.51 24.90
N GLU VA 35 -39.53 -49.20 25.98
CA GLU VA 35 -40.60 -49.60 26.89
C GLU VA 35 -40.04 -49.96 28.26
N THR VA 36 -40.84 -49.77 29.31
CA THR VA 36 -40.49 -50.20 30.66
C THR VA 36 -41.66 -50.96 31.27
N SER VA 37 -41.41 -51.54 32.44
CA SER VA 37 -42.48 -52.20 33.19
C SER VA 37 -42.02 -52.40 34.63
N LEU VA 38 -42.80 -51.93 35.58
CA LEU VA 38 -42.43 -51.96 36.99
C LEU VA 38 -43.32 -52.96 37.71
N GLU VA 39 -42.83 -54.19 37.89
CA GLU VA 39 -43.65 -55.27 38.42
C GLU VA 39 -43.43 -55.41 39.92
N PRO VA 40 -44.45 -55.30 40.75
CA PRO VA 40 -44.28 -55.58 42.17
C PRO VA 40 -44.34 -57.07 42.43
N THR VA 41 -44.00 -57.43 43.67
CA THR VA 41 -44.04 -58.82 44.13
C THR VA 41 -45.29 -59.01 44.98
N LEU VA 42 -46.00 -60.11 44.73
CA LEU VA 42 -47.36 -60.25 45.23
C LEU VA 42 -47.45 -61.42 46.21
N ASN VA 43 -48.31 -61.29 47.20
CA ASN VA 43 -48.66 -62.39 48.09
C ASN VA 43 -50.17 -62.46 48.18
N LEU VA 44 -50.73 -63.61 47.84
CA LEU VA 44 -52.18 -63.75 47.84
C LEU VA 44 -52.69 -63.87 49.27
N GLU VA 45 -53.66 -63.05 49.64
CA GLU VA 45 -54.27 -63.12 50.96
C GLU VA 45 -55.59 -63.87 50.93
N TYR VA 46 -56.53 -63.46 50.09
CA TYR VA 46 -57.72 -64.27 49.89
C TYR VA 46 -58.42 -63.88 48.60
N ILE VA 47 -59.50 -64.60 48.32
CA ILE VA 47 -60.27 -64.49 47.10
C ILE VA 47 -61.72 -64.32 47.49
N THR VA 48 -62.42 -63.39 46.85
CA THR VA 48 -63.82 -63.13 47.16
C THR VA 48 -64.68 -63.37 45.93
N CYS VA 49 -65.86 -63.95 46.15
CA CYS VA 49 -66.84 -64.14 45.09
C CYS VA 49 -68.22 -64.08 45.71
N GLU VA 50 -69.23 -63.88 44.86
CA GLU VA 50 -70.59 -63.84 45.35
C GLU VA 50 -70.97 -65.17 45.97
N TYR VA 51 -71.67 -65.14 47.09
CA TYR VA 51 -72.05 -66.36 47.77
C TYR VA 51 -73.30 -66.95 47.12
N LYS VA 52 -73.71 -68.11 47.62
CA LYS VA 52 -74.99 -68.70 47.24
C LYS VA 52 -75.51 -69.51 48.42
N THR VA 53 -76.81 -69.49 48.64
CA THR VA 53 -77.37 -70.11 49.82
C THR VA 53 -78.08 -71.42 49.47
N VAL VA 54 -77.76 -72.46 50.22
CA VAL VA 54 -78.37 -73.77 50.07
C VAL VA 54 -79.47 -73.92 51.09
N VAL VA 55 -80.67 -74.23 50.62
CA VAL VA 55 -81.82 -74.46 51.49
C VAL VA 55 -82.36 -75.86 51.22
N PRO VA 56 -81.97 -76.85 52.02
CA PRO VA 56 -82.54 -78.18 51.86
C PRO VA 56 -84.02 -78.20 52.20
N SER VA 57 -84.70 -79.19 51.65
CA SER VA 57 -86.14 -79.30 51.84
C SER VA 57 -86.46 -79.49 53.32
N PRO VA 58 -87.58 -78.97 53.79
CA PRO VA 58 -87.91 -79.12 55.21
C PRO VA 58 -88.27 -80.56 55.54
N TYR VA 59 -88.07 -80.92 56.80
CA TYR VA 59 -88.48 -82.23 57.29
C TYR VA 59 -89.66 -82.00 58.23
N VAL VA 60 -90.80 -82.55 57.85
CA VAL VA 60 -92.00 -82.45 58.67
C VAL VA 60 -92.23 -83.79 59.36
N LYS VA 61 -91.93 -83.85 60.64
CA LYS VA 61 -92.12 -85.05 61.43
C LYS VA 61 -93.43 -84.90 62.20
N CYS VA 62 -94.46 -85.59 61.75
CA CYS VA 62 -95.77 -85.45 62.33
C CYS VA 62 -96.19 -86.72 63.06
N CYS VA 63 -97.06 -86.57 64.06
CA CYS VA 63 -97.36 -87.64 65.00
C CYS VA 63 -96.08 -88.10 65.68
N GLY VA 64 -95.28 -87.13 66.12
CA GLY VA 64 -94.04 -87.38 66.80
C GLY VA 64 -93.34 -86.10 67.18
N ALA VA 65 -92.00 -86.11 67.13
CA ALA VA 65 -91.21 -84.92 67.38
C ALA VA 65 -89.85 -85.12 66.76
N SER VA 66 -89.13 -84.02 66.57
CA SER VA 66 -87.76 -84.08 66.08
C SER VA 66 -86.92 -83.07 66.83
N GLU VA 67 -85.63 -83.33 66.89
CA GLU VA 67 -84.69 -82.50 67.63
C GLU VA 67 -83.58 -82.02 66.71
N CYS VA 68 -83.13 -80.79 66.95
CA CYS VA 68 -82.15 -80.17 66.07
C CYS VA 68 -80.78 -80.81 66.23
N SER VA 69 -80.13 -81.05 65.10
CA SER VA 69 -78.79 -81.63 65.08
C SER VA 69 -77.82 -80.62 64.52
N THR VA 70 -76.69 -80.44 65.18
CA THR VA 70 -75.69 -79.48 64.73
C THR VA 70 -74.65 -80.15 63.84
N LYS VA 71 -74.12 -79.38 62.90
CA LYS VA 71 -73.09 -79.84 61.98
C LYS VA 71 -72.02 -78.77 61.87
N GLU VA 72 -71.07 -79.00 60.98
CA GLU VA 72 -69.98 -78.05 60.77
C GLU VA 72 -70.00 -77.61 59.31
N LYS VA 73 -70.79 -76.57 59.05
CA LYS VA 73 -70.87 -75.90 57.77
C LYS VA 73 -70.77 -74.39 57.99
N PRO VA 74 -70.32 -73.63 57.00
CA PRO VA 74 -70.23 -72.18 57.19
C PRO VA 74 -71.60 -71.56 57.39
N ASP VA 75 -71.73 -70.79 58.47
CA ASP VA 75 -72.98 -70.11 58.83
C ASP VA 75 -74.15 -71.08 58.91
N TYR VA 76 -73.89 -72.28 59.39
CA TYR VA 76 -74.96 -73.26 59.49
C TYR VA 76 -76.02 -72.79 60.48
N GLN VA 77 -77.28 -73.04 60.13
CA GLN VA 77 -78.40 -72.66 60.98
C GLN VA 77 -79.44 -73.77 60.93
N CYS VA 78 -79.95 -74.14 62.10
CA CYS VA 78 -80.93 -75.21 62.20
C CYS VA 78 -81.87 -74.93 63.36
N LYS VA 79 -83.16 -75.08 63.11
CA LYS VA 79 -84.14 -74.82 64.16
C LYS VA 79 -85.34 -75.74 63.99
N VAL VA 80 -86.14 -75.82 65.06
CA VAL VA 80 -87.31 -76.69 65.11
C VAL VA 80 -88.50 -75.85 65.56
N TYR VA 81 -89.60 -75.93 64.80
CA TYR VA 81 -90.85 -75.29 65.18
C TYR VA 81 -91.90 -76.35 65.48
N THR VA 82 -92.84 -75.96 66.34
CA THR VA 82 -93.82 -76.88 66.89
C THR VA 82 -95.23 -76.36 66.64
N GLY VA 83 -96.16 -77.28 66.40
CA GLY VA 83 -97.55 -76.92 66.19
C GLY VA 83 -97.96 -76.69 64.76
N VAL VA 84 -97.14 -77.09 63.79
CA VAL VA 84 -97.43 -76.84 62.39
C VAL VA 84 -98.43 -77.87 61.87
N TYR VA 85 -99.33 -77.42 60.99
CA TYR VA 85 -100.31 -78.29 60.34
C TYR VA 85 -100.28 -77.97 58.85
N PRO VA 86 -99.26 -78.41 58.14
CA PRO VA 86 -99.08 -77.99 56.74
C PRO VA 86 -100.16 -78.56 55.84
N PHE VA 87 -100.30 -77.92 54.68
CA PHE VA 87 -101.30 -78.31 53.69
C PHE VA 87 -100.60 -78.59 52.36
N MET VA 88 -101.19 -79.50 51.59
CA MET VA 88 -100.73 -79.79 50.25
C MET VA 88 -101.92 -79.74 49.30
N TRP VA 89 -101.65 -79.91 48.00
CA TRP VA 89 -102.70 -79.70 47.01
C TRP VA 89 -103.81 -80.73 47.19
N GLY VA 90 -103.44 -81.98 47.49
CA GLY VA 90 -104.45 -83.01 47.67
C GLY VA 90 -105.27 -82.85 48.93
N GLY VA 91 -104.76 -82.08 49.89
CA GLY VA 91 -105.45 -81.89 51.15
C GLY VA 91 -104.45 -81.62 52.25
N ALA VA 92 -104.81 -82.04 53.46
CA ALA VA 92 -103.99 -81.86 54.64
C ALA VA 92 -103.62 -83.23 55.18
N TYR VA 93 -102.35 -83.56 55.13
CA TYR VA 93 -101.90 -84.79 55.75
C TYR VA 93 -101.34 -84.51 57.14
N CYS VA 94 -100.64 -85.48 57.71
CA CYS VA 94 -100.24 -85.44 59.11
C CYS VA 94 -101.48 -85.32 60.00
N PHE VA 95 -102.26 -86.40 59.97
CA PHE VA 95 -103.52 -86.55 60.70
C PHE VA 95 -103.48 -85.96 62.11
N CYS VA 96 -102.35 -86.05 62.79
CA CYS VA 96 -102.23 -85.43 64.10
C CYS VA 96 -102.44 -83.93 63.99
N ASP VA 97 -103.41 -83.40 64.74
CA ASP VA 97 -103.90 -82.05 64.50
C ASP VA 97 -102.92 -80.98 64.96
N SER VA 98 -102.31 -81.16 66.13
CA SER VA 98 -101.53 -80.06 66.68
C SER VA 98 -100.08 -80.45 66.96
N GLU VA 99 -99.86 -81.64 67.53
CA GLU VA 99 -98.53 -82.03 67.96
C GLU VA 99 -97.74 -82.59 66.77
N ASN VA 100 -97.15 -81.64 66.05
CA ASN VA 100 -96.30 -81.91 64.90
C ASN VA 100 -94.99 -81.17 65.08
N THR VA 101 -94.03 -81.49 64.22
CA THR VA 101 -92.73 -80.85 64.27
C THR VA 101 -92.25 -80.53 62.86
N GLN VA 102 -91.60 -79.38 62.71
CA GLN VA 102 -91.04 -78.96 61.43
C GLN VA 102 -89.60 -78.53 61.65
N LEU VA 103 -88.70 -79.03 60.81
CA LEU VA 103 -87.27 -78.78 60.99
C LEU VA 103 -86.75 -77.95 59.83
N SER VA 104 -86.18 -76.79 60.14
CA SER VA 104 -85.65 -75.89 59.14
C SER VA 104 -84.14 -75.87 59.21
N GLU VA 105 -83.50 -75.85 58.03
CA GLU VA 105 -82.06 -76.06 57.95
C GLU VA 105 -81.51 -75.23 56.79
N ALA VA 106 -80.36 -74.58 57.01
CA ALA VA 106 -79.79 -73.77 55.93
C ALA VA 106 -78.33 -73.50 56.19
N TYR VA 107 -77.60 -73.17 55.13
CA TYR VA 107 -76.21 -72.75 55.23
C TYR VA 107 -75.77 -72.10 53.94
N VAL VA 108 -74.53 -71.63 53.92
CA VAL VA 108 -74.00 -70.85 52.81
C VAL VA 108 -72.90 -71.65 52.12
N ASP VA 109 -72.58 -71.27 50.89
CA ASP VA 109 -71.51 -71.90 50.13
C ASP VA 109 -71.07 -70.96 49.00
N ARG VA 110 -69.87 -71.20 48.50
CA ARG VA 110 -69.34 -70.40 47.41
C ARG VA 110 -70.13 -70.65 46.14
N SER VA 111 -70.15 -69.66 45.25
CA SER VA 111 -70.96 -69.76 44.05
C SER VA 111 -70.36 -70.76 43.08
N ASP VA 112 -71.17 -71.13 42.09
CA ASP VA 112 -70.74 -72.09 41.08
C ASP VA 112 -69.66 -71.52 40.17
N VAL VA 113 -69.66 -70.21 39.98
CA VAL VA 113 -68.76 -69.57 39.03
C VAL VA 113 -67.65 -68.79 39.76
N CYS VA 114 -67.38 -69.14 41.03
CA CYS VA 114 -66.34 -68.45 41.79
C CYS VA 114 -64.98 -68.60 41.14
N ARG VA 115 -64.81 -69.59 40.29
CA ARG VA 115 -63.58 -69.83 39.58
C ARG VA 115 -63.37 -68.87 38.41
N HIS VA 116 -64.44 -68.34 37.83
CA HIS VA 116 -64.33 -67.42 36.72
C HIS VA 116 -64.61 -65.97 37.08
N ASP VA 117 -65.30 -65.72 38.19
CA ASP VA 117 -65.65 -64.35 38.57
C ASP VA 117 -65.29 -64.17 40.04
N HIS VA 118 -64.11 -63.63 40.29
CA HIS VA 118 -63.66 -63.43 41.66
C HIS VA 118 -62.71 -62.25 41.70
N ALA VA 119 -62.57 -61.68 42.90
CA ALA VA 119 -61.67 -60.56 43.13
C ALA VA 119 -60.56 -61.00 44.07
N SER VA 120 -59.33 -60.68 43.73
CA SER VA 120 -58.17 -61.15 44.48
C SER VA 120 -57.65 -60.05 45.39
N ALA VA 121 -57.28 -60.41 46.62
CA ALA VA 121 -56.77 -59.44 47.56
C ALA VA 121 -55.28 -59.68 47.79
N TYR VA 122 -54.45 -58.76 47.33
CA TYR VA 122 -53.01 -58.94 47.30
C TYR VA 122 -52.33 -57.97 48.26
N LYS VA 123 -51.07 -58.28 48.55
CA LYS VA 123 -50.19 -57.40 49.32
C LYS VA 123 -48.89 -57.25 48.54
N ALA VA 124 -48.52 -56.02 48.19
CA ALA VA 124 -47.46 -55.77 47.23
C ALA VA 124 -46.28 -55.05 47.86
N HIS VA 125 -45.07 -55.45 47.48
CA HIS VA 125 -43.86 -54.81 47.98
C HIS VA 125 -42.65 -55.19 47.13
N THR VA 126 -41.63 -54.33 47.18
CA THR VA 126 -40.31 -54.59 46.59
C THR VA 126 -40.39 -54.80 45.07
N ALA VA 127 -40.71 -53.70 44.40
CA ALA VA 127 -40.89 -53.73 42.95
C ALA VA 127 -39.57 -54.01 42.22
N SER VA 128 -39.69 -54.56 41.02
CA SER VA 128 -38.56 -54.84 40.14
C SER VA 128 -38.85 -54.24 38.77
N LEU VA 129 -37.85 -53.60 38.17
CA LEU VA 129 -38.07 -52.85 36.94
C LEU VA 129 -37.44 -53.59 35.77
N LYS VA 130 -38.13 -53.58 34.64
CA LYS VA 130 -37.70 -54.26 33.43
C LYS VA 130 -37.78 -53.28 32.27
N ALA VA 131 -36.83 -53.34 31.36
CA ALA VA 131 -36.78 -52.35 30.29
C ALA VA 131 -36.54 -53.04 28.96
N LYS VA 132 -36.89 -52.36 27.89
CA LYS VA 132 -36.54 -52.74 26.53
C LYS VA 132 -36.04 -51.48 25.85
N VAL VA 133 -34.82 -51.55 25.33
CA VAL VA 133 -34.08 -50.38 24.88
C VAL VA 133 -33.45 -50.65 23.52
N ARG VA 134 -33.49 -49.63 22.67
CA ARG VA 134 -32.86 -49.63 21.37
C ARG VA 134 -31.52 -48.92 21.48
N VAL VA 135 -30.47 -49.57 21.03
CA VAL VA 135 -29.12 -49.00 21.06
C VAL VA 135 -28.58 -48.98 19.65
N MET VA 136 -27.95 -47.87 19.27
CA MET VA 136 -27.48 -47.74 17.90
C MET VA 136 -26.26 -46.83 17.83
N TYR VA 137 -25.23 -47.33 17.17
CA TYR VA 137 -23.95 -46.64 17.04
C TYR VA 137 -23.21 -47.25 15.86
N GLY VA 138 -22.36 -46.46 15.24
CA GLY VA 138 -21.61 -46.96 14.11
C GLY VA 138 -22.54 -47.44 13.02
N ASN VA 139 -22.68 -48.77 12.89
CA ASN VA 139 -23.56 -49.35 11.90
C ASN VA 139 -24.41 -50.49 12.43
N VAL VA 140 -24.72 -50.52 13.73
CA VAL VA 140 -25.57 -51.56 14.29
C VAL VA 140 -26.83 -50.95 14.84
N ASN VA 141 -27.96 -51.51 14.46
CA ASN VA 141 -29.25 -51.30 15.10
C ASN VA 141 -29.34 -52.30 16.26
N GLN VA 142 -30.53 -52.50 16.84
CA GLN VA 142 -30.94 -53.58 17.75
C GLN VA 142 -31.58 -53.09 19.04
N THR VA 143 -32.57 -53.84 19.50
CA THR VA 143 -33.29 -53.60 20.73
C THR VA 143 -33.17 -54.82 21.61
N VAL VA 144 -32.78 -54.63 22.86
CA VAL VA 144 -32.64 -55.72 23.81
C VAL VA 144 -33.47 -55.42 25.04
N ASP VA 145 -33.90 -56.46 25.73
CA ASP VA 145 -34.67 -56.31 26.97
C ASP VA 145 -33.79 -56.67 28.16
N VAL VA 146 -33.68 -55.73 29.08
CA VAL VA 146 -32.70 -55.78 30.16
C VAL VA 146 -33.41 -55.56 31.49
N TYR VA 147 -33.04 -56.34 32.50
CA TYR VA 147 -33.42 -56.02 33.86
C TYR VA 147 -32.61 -54.82 34.34
N VAL VA 148 -33.29 -53.79 34.80
CA VAL VA 148 -32.60 -52.56 35.24
C VAL VA 148 -32.31 -52.75 36.72
N ASN VA 149 -31.19 -53.40 36.99
CA ASN VA 149 -30.54 -53.41 38.28
C ASN VA 149 -29.13 -53.91 38.04
N GLY VA 150 -28.25 -53.70 38.99
CA GLY VA 150 -26.84 -53.81 38.68
C GLY VA 150 -26.36 -55.20 38.29
N ASP VA 151 -27.27 -56.12 37.99
CA ASP VA 151 -26.92 -57.52 37.82
C ASP VA 151 -27.56 -58.13 36.57
N HIS VA 152 -27.42 -57.48 35.42
CA HIS VA 152 -27.71 -58.15 34.15
C HIS VA 152 -26.91 -57.46 33.07
N ALA VA 153 -25.98 -58.18 32.48
CA ALA VA 153 -25.11 -57.66 31.44
C ALA VA 153 -25.45 -58.34 30.12
N VAL VA 154 -25.77 -57.54 29.11
CA VAL VA 154 -26.13 -58.04 27.80
C VAL VA 154 -25.08 -57.58 26.80
N THR VA 155 -24.73 -58.46 25.88
CA THR VA 155 -23.72 -58.17 24.88
C THR VA 155 -24.39 -57.89 23.55
N ILE VA 156 -24.09 -56.74 22.96
CA ILE VA 156 -24.73 -56.27 21.76
C ILE VA 156 -23.65 -56.09 20.71
N GLY VA 157 -23.35 -57.16 19.99
CA GLY VA 157 -22.31 -57.07 18.96
C GLY VA 157 -20.94 -56.78 19.51
N GLY VA 158 -20.54 -57.49 20.57
CA GLY VA 158 -19.21 -57.37 21.11
C GLY VA 158 -19.03 -56.29 22.16
N THR VA 159 -20.06 -55.52 22.46
CA THR VA 159 -20.01 -54.50 23.51
C THR VA 159 -20.85 -54.98 24.68
N GLN VA 160 -20.40 -54.73 25.89
CA GLN VA 160 -21.16 -55.17 27.05
C GLN VA 160 -21.79 -53.98 27.75
N PHE VA 161 -23.08 -54.08 28.06
CA PHE VA 161 -23.85 -53.01 28.69
C PHE VA 161 -24.39 -53.50 30.02
N ILE VA 162 -24.36 -52.65 31.04
CA ILE VA 162 -24.97 -52.96 32.33
C ILE VA 162 -25.79 -51.75 32.76
N PHE VA 163 -27.07 -51.96 33.02
CA PHE VA 163 -27.95 -50.87 33.43
C PHE VA 163 -28.14 -50.93 34.94
N GLY VA 164 -27.52 -50.00 35.65
CA GLY VA 164 -27.51 -50.01 37.09
C GLY VA 164 -28.88 -49.70 37.67
N PRO VA 165 -28.98 -49.72 38.99
CA PRO VA 165 -30.30 -49.58 39.62
C PRO VA 165 -30.88 -48.19 39.41
N LEU VA 166 -32.21 -48.13 39.41
CA LEU VA 166 -32.90 -46.88 39.16
C LEU VA 166 -32.65 -45.89 40.29
N SER VA 167 -32.70 -44.60 39.95
CA SER VA 167 -32.37 -43.56 40.93
C SER VA 167 -33.43 -43.45 42.01
N SER VA 168 -34.70 -43.39 41.63
CA SER VA 168 -35.78 -43.19 42.58
C SER VA 168 -36.53 -44.49 42.84
N ALA VA 169 -37.05 -44.62 44.05
CA ALA VA 169 -37.68 -45.86 44.47
C ALA VA 169 -39.17 -45.67 44.70
N TRP VA 170 -39.82 -44.91 43.84
CA TRP VA 170 -41.24 -44.60 43.96
C TRP VA 170 -42.04 -45.65 43.22
N THR VA 171 -43.05 -46.21 43.87
CA THR VA 171 -43.93 -47.17 43.23
C THR VA 171 -45.38 -46.80 43.48
N PRO VA 172 -46.21 -46.76 42.43
CA PRO VA 172 -47.59 -46.29 42.59
C PRO VA 172 -48.49 -47.23 43.37
N PHE VA 173 -48.02 -48.42 43.74
CA PHE VA 173 -48.85 -49.38 44.46
C PHE VA 173 -48.66 -49.20 45.95
N ASP VA 174 -49.77 -49.08 46.68
CA ASP VA 174 -49.70 -48.98 48.13
C ASP VA 174 -49.42 -50.36 48.71
N ASN VA 175 -49.53 -50.48 50.03
CA ASN VA 175 -49.14 -51.74 50.65
C ASN VA 175 -50.17 -52.83 50.42
N LYS VA 176 -51.40 -52.47 50.11
CA LYS VA 176 -52.44 -53.46 49.87
C LYS VA 176 -53.15 -53.17 48.55
N ILE VA 177 -53.52 -54.23 47.84
CA ILE VA 177 -54.06 -54.13 46.50
C ILE VA 177 -55.30 -55.02 46.41
N VAL VA 178 -56.26 -54.61 45.59
CA VAL VA 178 -57.35 -55.49 45.16
C VAL VA 178 -57.36 -55.52 43.65
N VAL VA 179 -57.33 -56.71 43.08
CA VAL VA 179 -57.28 -56.88 41.63
C VAL VA 179 -58.55 -57.56 41.17
N TYR VA 180 -59.23 -56.95 40.19
CA TYR VA 180 -60.44 -57.49 39.60
C TYR VA 180 -60.33 -57.33 38.10
N LYS VA 181 -60.33 -58.46 37.39
CA LYS VA 181 -60.28 -58.45 35.94
C LYS VA 181 -59.10 -57.65 35.41
N ASP VA 182 -59.35 -56.39 35.04
CA ASP VA 182 -58.35 -55.55 34.40
C ASP VA 182 -58.18 -54.23 35.12
N GLU VA 183 -58.55 -54.14 36.39
CA GLU VA 183 -58.45 -52.91 37.15
C GLU VA 183 -57.82 -53.19 38.50
N VAL VA 184 -57.04 -52.23 38.99
CA VAL VA 184 -56.34 -52.35 40.25
C VAL VA 184 -56.78 -51.21 41.17
N PHE VA 185 -57.04 -51.52 42.43
CA PHE VA 185 -57.51 -50.52 43.37
C PHE VA 185 -56.61 -50.45 44.59
N ASN VA 186 -56.35 -49.24 45.07
CA ASN VA 186 -55.58 -49.02 46.28
C ASN VA 186 -56.56 -49.06 47.44
N GLN VA 187 -56.75 -50.24 48.01
CA GLN VA 187 -57.83 -50.46 48.95
C GLN VA 187 -57.30 -51.16 50.19
N ASP VA 188 -57.90 -50.86 51.33
CA ASP VA 188 -57.61 -51.54 52.59
C ASP VA 188 -58.71 -52.56 52.84
N PHE VA 189 -58.36 -53.82 52.82
CA PHE VA 189 -59.37 -54.86 52.99
C PHE VA 189 -59.38 -55.40 54.41
N PRO VA 190 -60.50 -55.94 54.85
CA PRO VA 190 -60.57 -56.47 56.21
C PRO VA 190 -59.61 -57.63 56.38
N PRO VA 191 -59.17 -57.91 57.59
CA PRO VA 191 -58.31 -59.06 57.83
C PRO VA 191 -59.05 -60.35 57.59
N TYR VA 192 -58.30 -61.39 57.24
CA TYR VA 192 -58.90 -62.71 57.06
C TYR VA 192 -59.61 -63.13 58.33
N GLY VA 193 -60.78 -63.74 58.17
CA GLY VA 193 -61.51 -64.26 59.30
C GLY VA 193 -62.27 -63.24 60.11
N SER VA 194 -62.35 -61.99 59.67
CA SER VA 194 -63.08 -60.96 60.40
C SER VA 194 -63.86 -60.08 59.43
N GLY VA 195 -64.46 -60.67 58.42
CA GLY VA 195 -65.24 -59.92 57.47
C GLY VA 195 -66.60 -59.54 58.03
N GLN VA 196 -67.05 -58.39 57.67
CA GLN VA 196 -68.34 -58.03 58.22
C GLN VA 196 -69.42 -58.11 57.14
N PRO VA 197 -70.63 -58.51 57.49
CA PRO VA 197 -71.65 -58.71 56.47
C PRO VA 197 -72.01 -57.42 55.75
N GLY VA 198 -72.29 -57.54 54.46
CA GLY VA 198 -72.77 -56.43 53.67
C GLY VA 198 -71.71 -55.57 53.04
N ARG VA 199 -70.44 -55.88 53.21
CA ARG VA 199 -69.36 -55.09 52.62
C ARG VA 199 -68.41 -56.02 51.88
N PHE VA 200 -67.28 -55.49 51.44
CA PHE VA 200 -66.28 -56.33 50.80
C PHE VA 200 -65.79 -57.39 51.76
N GLY VA 201 -65.73 -58.63 51.29
CA GLY VA 201 -65.25 -59.72 52.10
C GLY VA 201 -66.27 -60.35 53.00
N ASP VA 202 -67.53 -60.45 52.57
CA ASP VA 202 -68.52 -61.14 53.38
C ASP VA 202 -68.25 -62.63 53.45
N ILE VA 203 -67.71 -63.22 52.38
CA ILE VA 203 -67.19 -64.58 52.43
C ILE VA 203 -65.73 -64.55 51.98
N GLN VA 204 -64.94 -65.45 52.53
CA GLN VA 204 -63.50 -65.41 52.40
C GLN VA 204 -62.94 -66.81 52.29
N SER VA 205 -62.09 -67.02 51.30
CA SER VA 205 -61.46 -68.30 51.04
C SER VA 205 -59.99 -68.09 50.75
N ARG VA 206 -59.15 -69.02 51.21
CA ARG VA 206 -57.72 -68.81 51.10
C ARG VA 206 -57.23 -68.91 49.67
N THR VA 207 -57.85 -69.76 48.86
CA THR VA 207 -57.49 -69.87 47.45
C THR VA 207 -58.67 -70.50 46.72
N VAL VA 208 -58.73 -70.26 45.41
CA VAL VA 208 -59.94 -70.57 44.63
C VAL VA 208 -60.33 -72.03 44.78
N GLU VA 209 -59.37 -72.90 45.07
CA GLU VA 209 -59.65 -74.32 45.17
C GLU VA 209 -59.60 -74.85 46.59
N SER VA 210 -59.32 -74.01 47.58
CA SER VA 210 -59.26 -74.47 48.95
C SER VA 210 -60.65 -74.79 49.48
N ASN VA 211 -60.77 -75.89 50.24
CA ASN VA 211 -62.07 -76.37 50.66
C ASN VA 211 -62.66 -75.58 51.81
N ASP VA 212 -61.83 -75.02 52.69
CA ASP VA 212 -62.36 -74.28 53.82
C ASP VA 212 -62.96 -72.94 53.39
N LEU VA 213 -63.77 -72.35 54.26
CA LEU VA 213 -64.48 -71.13 53.94
C LEU VA 213 -64.84 -70.40 55.22
N TYR VA 214 -64.87 -69.07 55.18
CA TYR VA 214 -65.33 -68.26 56.30
C TYR VA 214 -66.38 -67.29 55.81
N ALA VA 215 -67.57 -67.32 56.43
CA ALA VA 215 -68.69 -66.55 55.92
C ALA VA 215 -69.41 -65.81 57.04
N ASN VA 216 -69.82 -64.57 56.75
CA ASN VA 216 -70.73 -63.81 57.63
C ASN VA 216 -71.81 -63.22 56.72
N THR VA 217 -73.03 -63.68 56.90
CA THR VA 217 -74.19 -63.04 56.29
C THR VA 217 -75.35 -62.95 57.26
N ALA VA 218 -75.23 -63.61 58.41
CA ALA VA 218 -76.25 -63.57 59.45
C ALA VA 218 -77.58 -64.08 58.93
N LEU VA 219 -77.63 -65.36 58.55
CA LEU VA 219 -78.90 -65.97 58.21
C LEU VA 219 -79.79 -66.02 59.44
N LYS VA 220 -81.08 -65.74 59.25
CA LYS VA 220 -82.05 -65.89 60.31
C LYS VA 220 -83.28 -66.59 59.76
N LEU VA 221 -83.59 -67.74 60.32
CA LEU VA 221 -84.78 -68.48 59.92
C LEU VA 221 -85.99 -67.96 60.68
N ALA VA 222 -87.16 -68.16 60.11
CA ALA VA 222 -88.38 -67.67 60.74
C ALA VA 222 -89.42 -68.78 60.79
N ARG VA 223 -90.35 -68.62 61.71
CA ARG VA 223 -91.42 -69.59 61.87
C ARG VA 223 -92.28 -69.61 60.61
N PRO VA 224 -92.46 -70.77 59.98
CA PRO VA 224 -93.28 -70.82 58.77
C PRO VA 224 -94.72 -70.45 59.06
N SER VA 225 -95.33 -69.78 58.10
CA SER VA 225 -96.70 -69.33 58.27
C SER VA 225 -97.65 -70.52 58.38
N PRO VA 226 -98.76 -70.37 59.08
CA PRO VA 226 -99.67 -71.50 59.27
C PRO VA 226 -100.19 -72.04 57.95
N GLY VA 227 -100.32 -73.35 57.87
CA GLY VA 227 -100.86 -73.99 56.68
C GLY VA 227 -100.04 -73.80 55.42
N MET VA 228 -98.71 -73.89 55.53
CA MET VA 228 -97.84 -73.72 54.38
C MET VA 228 -96.52 -74.42 54.64
N VAL VA 229 -95.75 -74.61 53.57
CA VAL VA 229 -94.44 -75.28 53.64
C VAL VA 229 -93.48 -74.43 52.82
N HIS VA 230 -92.70 -73.57 53.49
CA HIS VA 230 -91.81 -72.71 52.73
C HIS VA 230 -90.41 -72.48 53.28
N VAL VA 231 -90.13 -72.75 54.55
CA VAL VA 231 -88.80 -72.47 55.12
C VAL VA 231 -88.39 -71.03 54.85
N PRO VA 232 -88.95 -70.06 55.55
CA PRO VA 232 -88.59 -68.66 55.30
C PRO VA 232 -87.30 -68.28 56.00
N TYR VA 233 -86.44 -67.59 55.25
CA TYR VA 233 -85.14 -67.19 55.77
C TYR VA 233 -84.87 -65.77 55.32
N THR VA 234 -84.01 -65.08 56.08
CA THR VA 234 -83.57 -63.75 55.70
C THR VA 234 -82.06 -63.64 55.85
N GLN VA 235 -81.46 -62.81 54.99
CA GLN VA 235 -80.01 -62.77 54.84
C GLN VA 235 -79.61 -61.45 54.21
N THR VA 236 -78.50 -60.90 54.68
CA THR VA 236 -78.00 -59.64 54.14
C THR VA 236 -77.50 -59.83 52.71
N PRO VA 237 -77.74 -58.89 51.81
CA PRO VA 237 -77.32 -59.06 50.42
C PRO VA 237 -75.82 -59.24 50.27
N SER VA 238 -75.42 -59.54 49.04
CA SER VA 238 -74.08 -59.99 48.77
C SER VA 238 -73.06 -58.87 48.84
N GLY VA 239 -72.07 -59.05 49.71
CA GLY VA 239 -71.07 -58.02 49.89
C GLY VA 239 -70.26 -57.75 48.64
N PHE VA 240 -69.85 -58.80 47.93
CA PHE VA 240 -69.13 -58.59 46.69
C PHE VA 240 -69.98 -57.85 45.68
N LYS VA 241 -71.26 -58.20 45.57
CA LYS VA 241 -72.12 -57.51 44.62
C LYS VA 241 -72.22 -56.04 44.96
N TYR VA 242 -72.36 -55.70 46.25
CA TYR VA 242 -72.41 -54.28 46.61
C TYR VA 242 -71.10 -53.58 46.26
N TRP VA 243 -69.97 -54.22 46.57
CA TRP VA 243 -68.69 -53.64 46.23
C TRP VA 243 -68.59 -53.37 44.75
N LEU VA 244 -69.18 -54.24 43.93
CA LEU VA 244 -69.05 -54.09 42.49
C LEU VA 244 -69.53 -52.74 42.02
N LYS VA 245 -70.64 -52.24 42.57
CA LYS VA 245 -71.14 -50.95 42.15
C LYS VA 245 -70.66 -49.80 43.01
N GLU VA 246 -70.10 -50.06 44.19
CA GLU VA 246 -69.72 -48.93 45.03
C GLU VA 246 -68.21 -48.86 45.21
N LYS VA 247 -67.44 -49.48 44.30
CA LYS VA 247 -65.99 -49.49 44.45
C LYS VA 247 -65.39 -48.10 44.38
N GLY VA 248 -65.73 -47.33 43.35
CA GLY VA 248 -65.27 -45.97 43.25
C GLY VA 248 -63.89 -45.82 42.67
N THR VA 249 -63.77 -45.00 41.62
CA THR VA 249 -62.51 -44.74 40.93
C THR VA 249 -61.78 -46.02 40.56
N ALA VA 250 -60.48 -45.91 40.40
CA ALA VA 250 -59.63 -47.03 40.06
C ALA VA 250 -58.21 -46.60 40.31
N LEU VA 251 -57.24 -47.34 39.79
CA LEU VA 251 -55.91 -46.80 39.66
C LEU VA 251 -55.57 -46.48 38.22
N ASN VA 252 -56.24 -47.13 37.27
CA ASN VA 252 -55.93 -46.91 35.87
C ASN VA 252 -56.10 -45.45 35.49
N THR VA 253 -57.08 -44.78 36.07
CA THR VA 253 -57.36 -43.38 35.81
C THR VA 253 -56.91 -42.47 36.94
N LYS VA 254 -55.92 -42.90 37.72
CA LYS VA 254 -55.50 -42.17 38.88
C LYS VA 254 -54.00 -42.15 39.07
N ALA VA 255 -53.27 -43.09 38.49
CA ALA VA 255 -51.86 -43.23 38.75
C ALA VA 255 -51.11 -41.96 38.38
N PRO VA 256 -50.14 -41.56 39.18
CA PRO VA 256 -49.33 -40.39 38.85
C PRO VA 256 -48.32 -40.72 37.76
N PHE VA 257 -47.67 -39.67 37.27
CA PHE VA 257 -46.57 -39.78 36.30
C PHE VA 257 -47.03 -40.33 34.97
N GLY VA 258 -48.32 -40.61 34.84
CA GLY VA 258 -48.88 -41.02 33.57
C GLY VA 258 -48.40 -42.35 33.03
N CYS VA 259 -48.35 -43.38 33.86
CA CYS VA 259 -48.05 -44.72 33.41
C CYS VA 259 -49.24 -45.64 33.60
N GLN VA 260 -49.50 -46.46 32.59
CA GLN VA 260 -50.76 -47.19 32.53
C GLN VA 260 -50.63 -48.56 33.16
N ILE VA 261 -51.64 -48.95 33.91
CA ILE VA 261 -51.66 -50.20 34.65
C ILE VA 261 -52.14 -51.30 33.73
N LYS VA 262 -51.54 -52.48 33.86
CA LYS VA 262 -52.01 -53.66 33.15
C LYS VA 262 -51.95 -54.84 34.12
N THR VA 263 -52.73 -55.87 33.83
CA THR VA 263 -52.93 -56.98 34.73
C THR VA 263 -52.43 -58.24 34.07
N ASN VA 264 -52.18 -59.27 34.87
CA ASN VA 264 -51.82 -60.60 34.40
C ASN VA 264 -50.53 -60.58 33.60
N PRO VA 265 -49.37 -60.40 34.24
CA PRO VA 265 -49.18 -60.13 35.67
C PRO VA 265 -49.38 -58.66 35.94
N VAL VA 266 -49.61 -58.27 37.18
CA VAL VA 266 -49.87 -56.86 37.48
C VAL VA 266 -48.59 -56.06 37.30
N ARG VA 267 -48.68 -54.98 36.53
CA ARG VA 267 -47.50 -54.16 36.28
C ARG VA 267 -47.94 -52.78 35.83
N ALA VA 268 -47.01 -51.83 35.87
CA ALA VA 268 -47.27 -50.45 35.48
C ALA VA 268 -46.27 -50.06 34.41
N MET VA 269 -46.77 -49.69 33.23
CA MET VA 269 -45.94 -49.50 32.06
C MET VA 269 -45.76 -48.03 31.73
N ASN VA 270 -44.51 -47.69 31.39
CA ASN VA 270 -44.13 -46.44 30.73
C ASN VA 270 -44.42 -45.20 31.58
N CYS VA 271 -43.75 -45.08 32.71
CA CYS VA 271 -43.79 -43.82 33.44
C CYS VA 271 -42.41 -43.32 33.82
N ALA VA 272 -42.26 -42.00 33.67
CA ALA VA 272 -40.98 -41.32 33.73
C ALA VA 272 -40.69 -40.91 35.16
N VAL VA 273 -39.58 -41.40 35.70
CA VAL VA 273 -39.07 -40.94 36.97
C VAL VA 273 -37.60 -41.32 37.04
N GLY VA 274 -36.77 -40.36 37.41
CA GLY VA 274 -35.39 -40.65 37.71
C GLY VA 274 -34.53 -40.96 36.51
N ASN VA 275 -33.34 -41.46 36.82
CA ASN VA 275 -32.30 -41.66 35.85
C ASN VA 275 -31.83 -43.11 35.91
N ILE VA 276 -31.41 -43.63 34.76
CA ILE VA 276 -30.76 -44.94 34.71
C ILE VA 276 -29.28 -44.71 34.52
N PRO VA 277 -28.42 -45.13 35.45
CA PRO VA 277 -27.00 -45.19 35.15
C PRO VA 277 -26.72 -46.37 34.24
N VAL VA 278 -25.86 -46.16 33.27
CA VAL VA 278 -25.47 -47.21 32.33
C VAL VA 278 -23.96 -47.26 32.24
N SER VA 279 -23.41 -48.48 32.33
CA SER VA 279 -21.98 -48.70 32.22
C SER VA 279 -21.71 -49.52 30.97
N MET VA 280 -20.62 -49.21 30.29
CA MET VA 280 -20.30 -49.82 29.01
C MET VA 280 -18.94 -50.47 29.07
N ASN VA 281 -18.71 -51.36 28.12
CA ASN VA 281 -17.36 -51.88 27.88
C ASN VA 281 -17.27 -52.15 26.38
N LEU VA 282 -16.48 -51.37 25.70
CA LEU VA 282 -16.45 -51.50 24.26
C LEU VA 282 -15.16 -52.16 23.78
N PRO VA 283 -15.23 -52.92 22.70
CA PRO VA 283 -14.03 -53.47 22.09
C PRO VA 283 -13.38 -52.43 21.18
N ASP VA 284 -12.16 -52.73 20.75
CA ASP VA 284 -11.41 -51.79 19.93
C ASP VA 284 -11.91 -51.72 18.49
N SER VA 285 -12.72 -52.68 18.05
CA SER VA 285 -13.21 -52.65 16.69
C SER VA 285 -14.14 -51.48 16.40
N ALA VA 286 -14.83 -50.95 17.41
CA ALA VA 286 -15.83 -49.93 17.15
C ALA VA 286 -15.20 -48.60 16.77
N PHE VA 287 -14.09 -48.24 17.38
CA PHE VA 287 -13.49 -46.93 17.18
C PHE VA 287 -12.77 -46.87 15.84
N THR VA 288 -12.42 -45.66 15.42
CA THR VA 288 -11.65 -45.44 14.21
C THR VA 288 -10.38 -44.67 14.53
N ARG VA 289 -9.28 -45.04 13.89
CA ARG VA 289 -7.98 -44.43 14.17
C ARG VA 289 -7.95 -42.99 13.68
N ILE VA 290 -7.22 -42.15 14.42
CA ILE VA 290 -7.22 -40.73 14.12
C ILE VA 290 -6.51 -40.42 12.82
N VAL VA 291 -5.62 -41.30 12.37
CA VAL VA 291 -5.00 -41.09 11.06
C VAL VA 291 -6.04 -41.27 9.96
N GLU VA 292 -6.98 -42.20 10.13
CA GLU VA 292 -8.07 -42.31 9.15
C GLU VA 292 -9.07 -41.16 9.28
N ALA VA 293 -9.33 -40.71 10.50
CA ALA VA 293 -10.29 -39.62 10.65
C ALA VA 293 -9.75 -38.35 10.02
N PRO VA 294 -10.58 -37.64 9.25
CA PRO VA 294 -10.13 -36.36 8.69
C PRO VA 294 -9.92 -35.34 9.78
N THR VA 295 -9.00 -34.40 9.53
CA THR VA 295 -8.66 -33.36 10.49
C THR VA 295 -9.40 -32.09 10.12
N ILE VA 296 -10.08 -31.49 11.10
CA ILE VA 296 -10.93 -30.32 10.89
C ILE VA 296 -10.28 -29.11 11.56
N ILE VA 297 -10.19 -28.01 10.82
CA ILE VA 297 -9.50 -26.82 11.27
C ILE VA 297 -10.40 -25.61 11.02
N ASP VA 298 -10.34 -24.67 11.95
CA ASP VA 298 -11.01 -23.36 11.83
C ASP VA 298 -12.52 -23.52 11.73
N LEU VA 299 -13.09 -24.10 12.77
CA LEU VA 299 -14.51 -24.43 12.78
C LEU VA 299 -15.30 -23.36 13.51
N THR VA 300 -16.29 -22.78 12.84
CA THR VA 300 -17.12 -21.75 13.44
C THR VA 300 -18.60 -22.02 13.16
N CYS VA 301 -19.45 -21.43 14.00
CA CYS VA 301 -20.85 -21.79 14.10
C CYS VA 301 -21.73 -20.56 13.97
N THR VA 302 -22.84 -20.69 13.24
CA THR VA 302 -23.84 -19.65 13.15
C THR VA 302 -25.23 -20.28 13.18
N VAL VA 303 -26.23 -19.47 13.50
CA VAL VA 303 -27.62 -19.93 13.60
C VAL VA 303 -28.43 -19.19 12.55
N ALA VA 304 -29.23 -19.94 11.79
CA ALA VA 304 -30.10 -19.29 10.83
C ALA VA 304 -31.40 -18.81 11.50
N THR VA 305 -32.17 -19.75 12.03
CA THR VA 305 -33.43 -19.46 12.68
C THR VA 305 -33.50 -20.23 13.99
N CYS VA 306 -34.17 -19.65 14.98
CA CYS VA 306 -34.33 -20.32 16.26
C CYS VA 306 -35.71 -20.04 16.82
N THR VA 307 -36.47 -21.11 17.05
CA THR VA 307 -37.77 -21.02 17.70
C THR VA 307 -37.85 -22.17 18.70
N HIS VA 308 -37.90 -21.85 19.98
CA HIS VA 308 -37.81 -22.87 21.02
C HIS VA 308 -39.17 -23.55 21.15
N SER VA 309 -39.42 -24.48 20.24
CA SER VA 309 -40.61 -25.31 20.30
C SER VA 309 -40.22 -26.74 20.66
N SER VA 310 -41.23 -27.58 20.86
CA SER VA 310 -40.96 -28.96 21.27
C SER VA 310 -40.24 -29.73 20.17
N ASP VA 311 -40.61 -29.50 18.91
CA ASP VA 311 -39.96 -30.20 17.82
C ASP VA 311 -38.56 -29.62 17.59
N PHE VA 312 -37.87 -30.16 16.60
CA PHE VA 312 -36.51 -29.73 16.29
C PHE VA 312 -36.54 -28.42 15.52
N GLY VA 313 -36.53 -27.30 16.22
CA GLY VA 313 -36.79 -26.02 15.60
C GLY VA 313 -35.65 -25.02 15.60
N GLY VA 314 -34.44 -25.45 15.33
CA GLY VA 314 -33.35 -24.51 15.11
C GLY VA 314 -32.36 -25.09 14.13
N VAL VA 315 -31.97 -24.26 13.16
CA VAL VA 315 -31.08 -24.69 12.08
C VAL VA 315 -29.71 -24.05 12.28
N LEU VA 316 -28.69 -24.88 12.30
CA LEU VA 316 -27.33 -24.49 12.63
C LEU VA 316 -26.43 -24.71 11.44
N THR VA 317 -25.56 -23.74 11.15
CA THR VA 317 -24.62 -23.86 10.04
C THR VA 317 -23.20 -23.84 10.60
N LEU VA 318 -22.43 -24.87 10.29
CA LEU VA 318 -21.03 -24.96 10.68
C LEU VA 318 -20.17 -24.79 9.44
N THR VA 319 -19.16 -23.94 9.53
CA THR VA 319 -18.19 -23.79 8.45
C THR VA 319 -16.80 -24.12 8.95
N TYR VA 320 -15.98 -24.69 8.08
CA TYR VA 320 -14.75 -25.33 8.49
C TYR VA 320 -13.80 -25.39 7.29
N LYS VA 321 -12.74 -26.16 7.42
CA LYS VA 321 -11.83 -26.46 6.33
C LYS VA 321 -11.13 -27.77 6.62
N THR VA 322 -11.11 -28.68 5.65
CA THR VA 322 -10.56 -30.01 5.82
C THR VA 322 -9.60 -30.36 4.69
N ASP VA 323 -9.05 -31.57 4.77
CA ASP VA 323 -8.11 -32.07 3.78
C ASP VA 323 -8.66 -33.24 2.96
N LYS VA 324 -9.43 -34.14 3.56
CA LYS VA 324 -10.06 -35.23 2.83
C LYS VA 324 -11.54 -35.27 3.19
N ASN VA 325 -12.28 -36.12 2.48
CA ASN VA 325 -13.73 -36.22 2.62
C ASN VA 325 -14.08 -37.47 3.42
N GLY VA 326 -15.03 -37.34 4.35
CA GLY VA 326 -15.34 -38.48 5.20
C GLY VA 326 -16.56 -38.30 6.06
N ASP VA 327 -16.56 -38.88 7.27
CA ASP VA 327 -17.67 -38.75 8.20
C ASP VA 327 -17.13 -38.40 9.58
N CYS VA 328 -17.81 -37.50 10.27
CA CYS VA 328 -17.47 -37.13 11.63
C CYS VA 328 -18.64 -37.36 12.57
N SER VA 329 -18.33 -37.31 13.86
CA SER VA 329 -19.31 -37.44 14.92
C SER VA 329 -19.58 -36.06 15.48
N VAL VA 330 -20.85 -35.66 15.51
CA VAL VA 330 -21.25 -34.32 15.93
C VAL VA 330 -21.88 -34.42 17.32
N HIS VA 331 -21.46 -33.55 18.22
CA HIS VA 331 -22.06 -33.56 19.54
C HIS VA 331 -22.20 -32.13 20.06
N SER VA 332 -23.15 -31.94 20.96
CA SER VA 332 -23.33 -30.70 21.69
C SER VA 332 -23.12 -30.98 23.17
N HIS VA 333 -22.16 -30.30 23.79
CA HIS VA 333 -21.70 -30.67 25.11
C HIS VA 333 -22.53 -30.05 26.23
N SER VA 334 -23.71 -29.53 25.92
CA SER VA 334 -24.60 -28.99 26.93
C SER VA 334 -25.99 -29.55 26.73
N ASN VA 335 -26.74 -29.64 27.81
CA ASN VA 335 -28.12 -30.10 27.71
C ASN VA 335 -29.10 -28.96 27.44
N VAL VA 336 -28.60 -27.74 27.24
CA VAL VA 336 -29.50 -26.65 26.86
C VAL VA 336 -30.02 -26.83 25.44
N ALA VA 337 -29.30 -27.60 24.62
CA ALA VA 337 -29.72 -27.86 23.26
C ALA VA 337 -29.44 -29.31 22.92
N THR VA 338 -30.29 -29.90 22.10
CA THR VA 338 -30.14 -31.30 21.70
C THR VA 338 -30.10 -31.40 20.18
N LEU VA 339 -29.11 -32.13 19.67
CA LEU VA 339 -28.94 -32.29 18.23
C LEU VA 339 -29.79 -33.44 17.71
N GLN VA 340 -30.22 -33.33 16.45
CA GLN VA 340 -31.08 -34.36 15.88
C GLN VA 340 -30.28 -35.55 15.39
N GLU VA 341 -29.12 -35.33 14.79
CA GLU VA 341 -28.33 -36.41 14.19
C GLU VA 341 -26.96 -36.50 14.85
N ALA VA 342 -26.40 -37.70 14.84
CA ALA VA 342 -25.14 -37.95 15.51
C ALA VA 342 -23.94 -37.99 14.57
N THR VA 343 -24.14 -38.34 13.30
CA THR VA 343 -23.01 -38.39 12.37
C THR VA 343 -23.29 -37.46 11.20
N ALA VA 344 -22.22 -36.83 10.71
CA ALA VA 344 -22.33 -35.90 9.60
C ALA VA 344 -21.33 -36.29 8.53
N LYS VA 345 -21.70 -35.98 7.29
CA LYS VA 345 -20.94 -36.36 6.10
C LYS VA 345 -20.15 -35.15 5.64
N VAL VA 346 -18.88 -35.11 5.98
CA VAL VA 346 -18.05 -33.91 5.80
C VAL VA 346 -17.38 -33.93 4.44
N LYS VA 347 -17.51 -32.82 3.71
CA LYS VA 347 -16.94 -32.65 2.39
C LYS VA 347 -15.93 -31.51 2.40
N THR VA 348 -15.37 -31.21 1.23
CA THR VA 348 -14.38 -30.13 1.14
C THR VA 348 -15.02 -28.78 0.84
N ALA VA 349 -16.33 -28.74 0.58
CA ALA VA 349 -16.99 -27.46 0.36
C ALA VA 349 -16.93 -26.57 1.59
N GLY VA 350 -16.89 -27.18 2.77
CA GLY VA 350 -16.74 -26.41 3.99
C GLY VA 350 -18.03 -25.90 4.61
N LYS VA 351 -19.15 -26.58 4.38
CA LYS VA 351 -20.41 -26.17 4.98
C LYS VA 351 -21.19 -27.42 5.39
N VAL VA 352 -21.68 -27.44 6.62
CA VAL VA 352 -22.64 -28.44 7.05
C VAL VA 352 -23.75 -27.75 7.80
N THR VA 353 -24.91 -28.39 7.83
CA THR VA 353 -26.04 -27.91 8.62
C THR VA 353 -26.52 -29.01 9.54
N LEU VA 354 -27.03 -28.61 10.69
CA LEU VA 354 -27.54 -29.51 11.70
C LEU VA 354 -28.84 -28.94 12.24
N HIS VA 355 -29.62 -29.77 12.91
CA HIS VA 355 -30.86 -29.34 13.51
C HIS VA 355 -30.79 -29.56 15.01
N PHE VA 356 -31.27 -28.59 15.77
CA PHE VA 356 -31.25 -28.68 17.21
C PHE VA 356 -32.59 -28.23 17.77
N SER VA 357 -32.89 -28.71 18.97
CA SER VA 357 -34.08 -28.29 19.70
C SER VA 357 -33.64 -27.75 21.05
N THR VA 358 -34.27 -26.67 21.48
CA THR VA 358 -33.94 -26.02 22.73
C THR VA 358 -35.20 -25.50 23.37
N ALA VA 359 -35.06 -24.94 24.58
CA ALA VA 359 -36.20 -24.35 25.27
C ALA VA 359 -35.83 -23.08 26.02
N SER VA 360 -34.76 -22.41 25.61
CA SER VA 360 -34.31 -21.20 26.27
C SER VA 360 -34.29 -20.04 25.29
N ALA VA 361 -34.48 -18.85 25.81
CA ALA VA 361 -34.56 -17.67 24.94
C ALA VA 361 -33.22 -17.40 24.26
N SER VA 362 -32.12 -17.58 24.99
CA SER VA 362 -30.78 -17.30 24.47
C SER VA 362 -29.86 -18.48 24.77
N PRO VA 363 -29.94 -19.55 24.00
CA PRO VA 363 -29.07 -20.71 24.22
C PRO VA 363 -27.62 -20.39 23.90
N SER VA 364 -26.74 -21.06 24.63
CA SER VA 364 -25.30 -20.94 24.41
C SER VA 364 -24.67 -22.28 24.68
N PHE VA 365 -24.06 -22.88 23.67
CA PHE VA 365 -23.55 -24.23 23.84
C PHE VA 365 -22.37 -24.48 22.94
N VAL VA 366 -21.52 -25.41 23.34
CA VAL VA 366 -20.30 -25.74 22.63
C VAL VA 366 -20.54 -27.02 21.83
N VAL VA 367 -20.36 -26.92 20.52
CA VAL VA 367 -20.61 -28.02 19.59
C VAL VA 367 -19.30 -28.46 18.98
N SER VA 368 -19.13 -29.77 18.80
CA SER VA 368 -17.89 -30.34 18.34
C SER VA 368 -18.15 -31.24 17.14
N LEU VA 369 -17.27 -31.15 16.15
CA LEU VA 369 -17.26 -31.99 14.95
C LEU VA 369 -15.86 -32.63 14.87
N CYS VA 370 -15.82 -33.96 14.78
CA CYS VA 370 -14.57 -34.70 14.99
C CYS VA 370 -13.77 -34.11 16.15
N SER VA 371 -12.65 -33.47 15.85
CA SER VA 371 -11.76 -32.99 16.90
C SER VA 371 -11.90 -31.50 17.19
N ALA VA 372 -12.62 -30.76 16.36
CA ALA VA 372 -12.70 -29.32 16.56
C ALA VA 372 -13.76 -28.98 17.60
N ARG VA 373 -13.84 -27.71 17.96
CA ARG VA 373 -14.88 -27.21 18.84
C ARG VA 373 -15.28 -25.81 18.40
N ALA VA 374 -16.49 -25.42 18.77
CA ALA VA 374 -16.87 -24.02 18.61
C ALA VA 374 -18.04 -23.74 19.52
N THR VA 375 -18.36 -22.48 19.70
CA THR VA 375 -19.48 -22.08 20.54
C THR VA 375 -20.55 -21.45 19.66
N CYS VA 376 -21.81 -21.78 19.96
CA CYS VA 376 -22.95 -21.19 19.28
C CYS VA 376 -23.80 -20.45 20.30
N SER VA 377 -24.22 -19.24 19.92
CA SER VA 377 -25.16 -18.45 20.69
C SER VA 377 -26.20 -17.89 19.72
N ALA VA 378 -27.43 -17.70 20.20
CA ALA VA 378 -28.53 -17.38 19.31
C ALA VA 378 -29.60 -16.61 20.05
N SER VA 379 -30.55 -16.10 19.28
CA SER VA 379 -31.76 -15.47 19.80
C SER VA 379 -32.96 -16.25 19.29
N CYS VA 380 -33.78 -16.77 20.19
CA CYS VA 380 -34.91 -17.61 19.80
C CYS VA 380 -36.20 -16.97 20.25
N GLU VA 381 -37.14 -16.80 19.31
CA GLU VA 381 -38.50 -16.29 19.51
C GLU VA 381 -39.44 -17.43 19.87
N PRO VA 382 -40.46 -17.15 20.68
CA PRO VA 382 -41.40 -18.19 21.07
C PRO VA 382 -42.25 -18.63 19.88
N PRO VA 383 -42.83 -19.82 19.93
CA PRO VA 383 -43.63 -20.31 18.82
C PRO VA 383 -45.05 -19.73 18.88
N LYS VA 384 -45.87 -20.12 17.91
CA LYS VA 384 -47.24 -19.64 17.84
C LYS VA 384 -48.28 -20.68 18.23
N ASP VA 385 -47.98 -21.97 18.10
CA ASP VA 385 -48.96 -23.01 18.42
C ASP VA 385 -49.11 -23.15 19.92
N HIS VA 386 -50.35 -23.18 20.40
CA HIS VA 386 -50.56 -23.33 21.82
C HIS VA 386 -50.37 -24.77 22.29
N ILE VA 387 -50.85 -25.74 21.50
CA ILE VA 387 -50.90 -27.14 21.92
C ILE VA 387 -50.31 -28.02 20.84
N VAL VA 388 -49.49 -28.98 21.23
CA VAL VA 388 -48.92 -29.93 20.29
C VAL VA 388 -49.19 -31.35 20.76
N PRO VA 389 -49.45 -32.30 19.87
CA PRO VA 389 -49.79 -33.65 20.29
C PRO VA 389 -48.62 -34.60 20.44
N TYR VA 390 -47.40 -34.09 20.51
CA TYR VA 390 -46.23 -34.93 20.74
C TYR VA 390 -45.42 -34.38 21.91
N ALA VA 391 -44.74 -35.28 22.61
CA ALA VA 391 -43.99 -34.91 23.79
C ALA VA 391 -42.78 -34.06 23.41
N ALA VA 392 -42.30 -33.30 24.38
CA ALA VA 392 -41.19 -32.39 24.13
C ALA VA 392 -39.89 -33.14 23.91
N SER VA 393 -39.02 -32.57 23.07
CA SER VA 393 -37.76 -33.20 22.71
C SER VA 393 -36.55 -32.39 23.13
N HIS VA 394 -36.70 -31.47 24.08
CA HIS VA 394 -35.57 -30.77 24.69
C HIS VA 394 -35.46 -31.15 26.16
N SER VA 395 -34.36 -30.77 26.77
CA SER VA 395 -34.12 -31.10 28.17
C SER VA 395 -34.83 -30.16 29.12
N ASN VA 396 -35.57 -29.19 28.60
CA ASN VA 396 -36.38 -28.27 29.39
C ASN VA 396 -35.52 -27.46 30.35
N VAL VA 397 -34.59 -26.71 29.77
CA VAL VA 397 -33.74 -25.77 30.50
C VAL VA 397 -34.12 -24.37 30.08
N VAL VA 398 -34.46 -23.52 31.04
CA VAL VA 398 -35.04 -22.22 30.74
C VAL VA 398 -34.08 -21.07 30.98
N PHE VA 399 -33.15 -21.20 31.93
CA PHE VA 399 -32.34 -20.05 32.33
C PHE VA 399 -31.45 -19.62 31.17
N PRO VA 400 -31.55 -18.38 30.72
CA PRO VA 400 -30.78 -17.95 29.55
C PRO VA 400 -29.30 -17.87 29.84
N ASP VA 401 -28.53 -17.64 28.79
CA ASP VA 401 -27.10 -17.44 28.95
C ASP VA 401 -26.82 -16.03 29.48
N MET VA 402 -25.60 -15.85 29.98
CA MET VA 402 -25.25 -14.58 30.61
C MET VA 402 -24.93 -13.50 29.59
N SER VA 403 -24.65 -13.84 28.34
CA SER VA 403 -24.35 -12.85 27.33
C SER VA 403 -25.57 -12.44 26.52
N GLY VA 404 -26.73 -13.02 26.80
CA GLY VA 404 -27.94 -12.68 26.08
C GLY VA 404 -28.41 -11.28 26.39
N THR VA 405 -29.50 -10.88 25.74
CA THR VA 405 -29.97 -9.51 25.85
C THR VA 405 -30.36 -9.16 27.29
N ALA VA 406 -31.09 -10.06 27.95
CA ALA VA 406 -31.56 -9.75 29.29
C ALA VA 406 -30.40 -9.58 30.27
N LEU VA 407 -29.50 -10.55 30.32
CA LEU VA 407 -28.38 -10.42 31.24
C LEU VA 407 -27.39 -9.36 30.76
N SER VA 408 -27.40 -9.03 29.47
CA SER VA 408 -26.61 -7.87 29.03
C SER VA 408 -27.12 -6.60 29.69
N TRP VA 409 -28.44 -6.39 29.70
CA TRP VA 409 -29.00 -5.23 30.36
C TRP VA 409 -28.72 -5.24 31.85
N VAL VA 410 -28.87 -6.41 32.49
CA VAL VA 410 -28.58 -6.49 33.92
C VAL VA 410 -27.13 -6.15 34.19
N GLN VA 411 -26.21 -6.67 33.38
CA GLN VA 411 -24.80 -6.41 33.57
C GLN VA 411 -24.48 -4.93 33.39
N LYS VA 412 -25.09 -4.28 32.40
CA LYS VA 412 -24.84 -2.86 32.19
C LYS VA 412 -25.30 -2.04 33.40
N ILE VA 413 -26.52 -2.29 33.87
CA ILE VA 413 -27.03 -1.52 35.01
C ILE VA 413 -26.17 -1.76 36.25
N SER VA 414 -25.83 -3.02 36.53
CA SER VA 414 -25.01 -3.29 37.70
C SER VA 414 -23.64 -2.66 37.58
N GLY VA 415 -23.07 -2.65 36.38
CA GLY VA 415 -21.78 -1.99 36.21
C GLY VA 415 -21.86 -0.51 36.50
N GLY VA 416 -22.94 0.14 36.04
CA GLY VA 416 -23.10 1.56 36.36
C GLY VA 416 -23.18 1.81 37.86
N LEU VA 417 -24.02 1.04 38.54
CA LEU VA 417 -24.16 1.25 39.99
C LEU VA 417 -22.86 0.97 40.72
N GLY VA 418 -22.15 -0.07 40.32
CA GLY VA 418 -20.87 -0.38 40.96
C GLY VA 418 -19.84 0.71 40.74
N ALA VA 419 -19.81 1.28 39.53
CA ALA VA 419 -18.90 2.39 39.27
C ALA VA 419 -19.20 3.56 40.20
N PHE VA 420 -20.49 3.89 40.35
CA PHE VA 420 -20.84 5.00 41.23
C PHE VA 420 -20.40 4.73 42.66
N ALA VA 421 -20.65 3.51 43.16
CA ALA VA 421 -20.29 3.18 44.54
C ALA VA 421 -18.78 3.23 44.74
N ILE VA 422 -18.01 2.69 43.80
CA ILE VA 422 -16.56 2.69 43.96
C ILE VA 422 -16.02 4.12 43.91
N GLY VA 423 -16.58 4.97 43.05
CA GLY VA 423 -16.16 6.36 43.03
C GLY VA 423 -16.41 7.06 44.34
N ALA VA 424 -17.58 6.84 44.93
CA ALA VA 424 -17.87 7.44 46.23
C ALA VA 424 -16.89 6.94 47.29
N ILE VA 425 -16.58 5.64 47.28
CA ILE VA 425 -15.65 5.10 48.26
C ILE VA 425 -14.28 5.74 48.10
N LEU VA 426 -13.82 5.91 46.86
CA LEU VA 426 -12.52 6.53 46.65
C LEU VA 426 -12.48 7.96 47.16
N VAL VA 427 -13.54 8.73 46.89
CA VAL VA 427 -13.55 10.12 47.38
C VAL VA 427 -13.51 10.15 48.89
N LEU VA 428 -14.34 9.34 49.55
CA LEU VA 428 -14.34 9.33 51.01
C LEU VA 428 -12.99 8.91 51.55
N VAL VA 429 -12.36 7.91 50.95
CA VAL VA 429 -11.06 7.44 51.44
C VAL VA 429 -10.00 8.51 51.29
N VAL VA 430 -9.99 9.22 50.16
CA VAL VA 430 -9.00 10.28 49.98
C VAL VA 430 -9.20 11.38 51.02
N VAL VA 431 -10.46 11.76 51.26
CA VAL VA 431 -10.71 12.82 52.24
C VAL VA 431 -10.28 12.37 53.64
N THR VA 432 -10.60 11.14 54.02
CA THR VA 432 -10.19 10.67 55.35
C THR VA 432 -8.68 10.55 55.46
N CYS VA 433 -8.01 10.15 54.38
CA CYS VA 433 -6.55 10.09 54.42
C CYS VA 433 -5.93 11.47 54.59
N ILE VA 434 -6.49 12.48 53.90
CA ILE VA 434 -6.04 13.84 54.14
C ILE VA 434 -6.26 14.23 55.60
N GLY VA 435 -7.43 13.89 56.14
CA GLY VA 435 -7.72 14.24 57.52
C GLY VA 435 -6.74 13.60 58.50
N LEU VA 436 -6.39 12.33 58.27
CA LEU VA 436 -5.45 11.67 59.15
C LEU VA 436 -4.03 12.21 58.98
N ARG VA 437 -3.64 12.57 57.76
CA ARG VA 437 -2.29 13.10 57.54
C ARG VA 437 -2.17 14.55 58.00
N ARG VA 438 -3.28 15.25 58.19
CA ARG VA 438 -3.25 16.60 58.73
C ARG VA 438 -2.65 16.62 60.14
N TYR WA 1 -43.49 94.65 -53.18
CA TYR WA 1 -43.41 95.06 -51.78
C TYR WA 1 -43.69 93.88 -50.85
N GLU WA 2 -42.65 93.35 -50.23
CA GLU WA 2 -42.79 92.13 -49.44
C GLU WA 2 -43.60 92.39 -48.18
N HIS WA 3 -44.27 91.34 -47.71
CA HIS WA 3 -45.10 91.42 -46.51
C HIS WA 3 -45.37 90.02 -45.98
N SER WA 4 -45.69 89.96 -44.68
CA SER WA 4 -46.02 88.71 -44.02
C SER WA 4 -47.24 88.92 -43.14
N THR WA 5 -47.98 87.83 -42.89
CA THR WA 5 -49.20 87.90 -42.11
C THR WA 5 -49.49 86.51 -41.57
N VAL WA 6 -50.35 86.44 -40.55
CA VAL WA 6 -50.79 85.18 -39.96
C VAL WA 6 -52.31 85.16 -39.96
N MET WA 7 -52.92 84.07 -40.42
CA MET WA 7 -54.36 84.05 -40.37
C MET WA 7 -54.82 82.85 -39.56
N PRO WA 8 -56.02 82.86 -39.00
CA PRO WA 8 -56.53 81.65 -38.35
C PRO WA 8 -56.96 80.64 -39.39
N ASN WA 9 -56.88 79.36 -39.03
CA ASN WA 9 -57.29 78.28 -39.93
C ASN WA 9 -58.70 77.80 -39.60
N VAL WA 10 -59.68 78.67 -39.77
CA VAL WA 10 -61.07 78.32 -39.57
C VAL WA 10 -61.86 78.70 -40.82
N VAL WA 11 -62.72 77.79 -41.26
CA VAL WA 11 -63.38 77.95 -42.54
C VAL WA 11 -64.44 79.06 -42.46
N GLY WA 12 -64.41 79.97 -43.42
CA GLY WA 12 -65.40 81.01 -43.52
C GLY WA 12 -65.05 82.30 -42.83
N PHE WA 13 -64.05 82.32 -41.98
CA PHE WA 13 -63.70 83.51 -41.24
C PHE WA 13 -63.09 84.54 -42.19
N PRO WA 14 -63.65 85.73 -42.31
CA PRO WA 14 -63.23 86.68 -43.35
C PRO WA 14 -62.00 87.49 -42.96
N TYR WA 15 -60.82 86.90 -43.07
CA TYR WA 15 -59.64 87.57 -42.54
C TYR WA 15 -59.31 88.78 -43.39
N LYS WA 16 -58.91 89.87 -42.72
CA LYS WA 16 -58.65 91.13 -43.39
C LYS WA 16 -57.24 91.58 -43.07
N ALA WA 17 -56.43 91.81 -44.11
CA ALA WA 17 -55.04 92.16 -43.95
C ALA WA 17 -54.80 93.59 -44.44
N HIS WA 18 -53.95 94.32 -43.72
CA HIS WA 18 -53.73 95.74 -43.96
C HIS WA 18 -52.29 95.93 -44.42
N ILE WA 19 -52.11 96.63 -45.54
CA ILE WA 19 -50.80 96.91 -46.11
C ILE WA 19 -50.63 98.42 -46.17
N GLU WA 20 -49.53 98.92 -45.62
CA GLU WA 20 -49.33 100.35 -45.41
C GLU WA 20 -48.00 100.78 -46.02
N ARG WA 21 -48.01 101.06 -47.32
CA ARG WA 21 -46.82 101.50 -48.03
C ARG WA 21 -46.52 102.95 -47.69
N PRO WA 22 -45.25 103.31 -47.48
CA PRO WA 22 -44.94 104.72 -47.16
C PRO WA 22 -45.35 105.70 -48.24
N GLY WA 23 -45.22 105.34 -49.51
CA GLY WA 23 -45.53 106.29 -50.55
C GLY WA 23 -46.91 106.18 -51.17
N TYR WA 24 -47.78 105.33 -50.63
CA TYR WA 24 -49.08 105.12 -51.24
C TYR WA 24 -50.15 104.91 -50.17
N SER WA 25 -51.39 105.14 -50.57
CA SER WA 25 -52.52 104.95 -49.68
C SER WA 25 -52.65 103.49 -49.26
N PRO WA 26 -53.10 103.22 -48.04
CA PRO WA 26 -53.14 101.84 -47.55
C PRO WA 26 -54.09 100.99 -48.38
N LEU WA 27 -53.85 99.67 -48.35
CA LEU WA 27 -54.70 98.70 -49.01
C LEU WA 27 -55.15 97.64 -48.02
N THR WA 28 -56.26 96.98 -48.32
CA THR WA 28 -56.81 95.93 -47.50
C THR WA 28 -57.17 94.74 -48.37
N LEU WA 29 -56.79 93.54 -47.93
CA LEU WA 29 -57.11 92.30 -48.61
C LEU WA 29 -58.07 91.49 -47.77
N GLN WA 30 -59.03 90.85 -48.43
CA GLN WA 30 -59.90 89.89 -47.77
C GLN WA 30 -59.48 88.51 -48.24
N MET WA 31 -59.15 87.65 -47.30
CA MET WA 31 -58.75 86.28 -47.58
C MET WA 31 -59.58 85.34 -46.75
N GLN WA 32 -60.10 84.29 -47.38
CA GLN WA 32 -61.06 83.39 -46.75
C GLN WA 32 -60.73 81.96 -47.12
N VAL WA 33 -60.58 81.10 -46.11
CA VAL WA 33 -60.19 79.72 -46.34
C VAL WA 33 -61.45 78.92 -46.65
N VAL WA 34 -61.75 78.75 -47.94
CA VAL WA 34 -62.99 78.08 -48.30
C VAL WA 34 -62.95 76.60 -47.95
N GLU WA 35 -61.80 75.95 -48.12
CA GLU WA 35 -61.80 74.50 -47.91
C GLU WA 35 -60.41 74.03 -47.52
N THR WA 36 -60.34 72.95 -46.74
CA THR WA 36 -59.07 72.34 -46.38
C THR WA 36 -59.17 70.83 -46.52
N SER WA 37 -58.02 70.15 -46.51
CA SER WA 37 -58.03 68.70 -46.59
C SER WA 37 -56.67 68.17 -46.13
N LEU WA 38 -56.69 67.33 -45.11
CA LEU WA 38 -55.48 66.76 -44.51
C LEU WA 38 -55.31 65.33 -45.03
N GLU WA 39 -54.32 65.10 -45.88
CA GLU WA 39 -54.17 63.81 -46.52
C GLU WA 39 -52.98 63.08 -45.92
N PRO WA 40 -53.14 61.88 -45.39
CA PRO WA 40 -51.99 61.12 -44.90
C PRO WA 40 -51.30 60.38 -46.03
N THR WA 41 -50.14 59.80 -45.69
CA THR WA 41 -49.38 58.96 -46.60
C THR WA 41 -49.40 57.53 -46.09
N LEU WA 42 -49.81 56.60 -46.95
CA LEU WA 42 -50.23 55.28 -46.52
C LEU WA 42 -49.30 54.20 -47.07
N ASN WA 43 -49.07 53.18 -46.26
CA ASN WA 43 -48.36 51.97 -46.68
C ASN WA 43 -49.28 50.79 -46.44
N LEU WA 44 -49.82 50.23 -47.51
CA LEU WA 44 -50.80 49.17 -47.34
C LEU WA 44 -50.13 47.93 -46.77
N GLU WA 45 -50.65 47.44 -45.64
CA GLU WA 45 -50.09 46.28 -44.98
C GLU WA 45 -50.73 44.99 -45.48
N TYR WA 46 -52.06 44.90 -45.45
CA TYR WA 46 -52.72 43.78 -46.11
C TYR WA 46 -54.19 44.06 -46.25
N ILE WA 47 -54.91 43.02 -46.68
CA ILE WA 47 -56.32 43.10 -47.00
C ILE WA 47 -57.01 41.93 -46.32
N THR WA 48 -58.30 42.04 -46.08
CA THR WA 48 -59.08 40.92 -45.57
C THR WA 48 -60.43 40.86 -46.24
N CYS WA 49 -60.88 39.64 -46.51
CA CYS WA 49 -62.20 39.39 -47.04
C CYS WA 49 -62.65 38.02 -46.56
N GLU WA 50 -63.95 37.80 -46.59
CA GLU WA 50 -64.55 36.56 -46.08
C GLU WA 50 -63.98 35.35 -46.80
N TYR WA 51 -63.72 34.29 -46.06
CA TYR WA 51 -63.16 33.10 -46.68
C TYR WA 51 -64.27 32.22 -47.26
N LYS WA 52 -63.87 31.19 -47.99
CA LYS WA 52 -64.80 30.25 -48.61
C LYS WA 52 -64.21 28.86 -48.58
N THR WA 53 -64.91 27.91 -47.96
CA THR WA 53 -64.37 26.58 -47.76
C THR WA 53 -64.64 25.70 -48.97
N VAL WA 54 -63.60 25.03 -49.46
CA VAL WA 54 -63.69 24.15 -50.62
C VAL WA 54 -63.57 22.71 -50.15
N VAL WA 55 -64.57 21.90 -50.46
CA VAL WA 55 -64.61 20.50 -50.06
C VAL WA 55 -64.83 19.65 -51.31
N PRO WA 56 -63.78 19.05 -51.86
CA PRO WA 56 -63.96 18.15 -53.00
C PRO WA 56 -64.66 16.88 -52.59
N SER WA 57 -65.21 16.19 -53.58
CA SER WA 57 -65.98 14.98 -53.32
C SER WA 57 -65.11 13.90 -52.69
N PRO WA 58 -65.66 13.14 -51.76
CA PRO WA 58 -64.87 12.11 -51.09
C PRO WA 58 -64.47 11.02 -52.06
N TYR WA 59 -63.33 10.41 -51.79
CA TYR WA 59 -62.83 9.31 -52.60
C TYR WA 59 -62.90 8.05 -51.75
N VAL WA 60 -63.78 7.13 -52.14
CA VAL WA 60 -63.95 5.88 -51.40
C VAL WA 60 -63.37 4.74 -52.24
N LYS WA 61 -62.49 3.97 -51.64
CA LYS WA 61 -61.81 2.87 -52.30
C LYS WA 61 -62.41 1.57 -51.81
N CYS WA 62 -62.95 0.78 -52.75
CA CYS WA 62 -63.57 -0.50 -52.46
C CYS WA 62 -62.54 -1.61 -52.56
N CYS WA 63 -62.47 -2.45 -51.53
CA CYS WA 63 -61.64 -3.65 -51.55
C CYS WA 63 -60.18 -3.30 -51.83
N GLY WA 64 -59.58 -2.54 -50.92
CA GLY WA 64 -58.21 -2.14 -51.04
C GLY WA 64 -57.83 -1.17 -49.93
N ALA WA 65 -56.97 -0.22 -50.24
CA ALA WA 65 -56.59 0.78 -49.26
C ALA WA 65 -56.17 2.04 -50.01
N SER WA 66 -56.22 3.16 -49.32
CA SER WA 66 -55.82 4.44 -49.88
C SER WA 66 -54.81 5.09 -48.95
N GLU WA 67 -53.98 5.94 -49.52
CA GLU WA 67 -52.88 6.55 -48.78
C GLU WA 67 -53.03 8.06 -48.74
N CYS WA 68 -52.67 8.63 -47.60
CA CYS WA 68 -52.72 10.08 -47.42
C CYS WA 68 -51.55 10.75 -48.14
N SER WA 69 -51.85 11.78 -48.92
CA SER WA 69 -50.85 12.51 -49.66
C SER WA 69 -50.95 13.98 -49.31
N THR WA 70 -49.82 14.68 -49.27
CA THR WA 70 -49.80 16.08 -48.88
C THR WA 70 -49.75 17.00 -50.10
N LYS WA 71 -50.24 18.22 -49.90
CA LYS WA 71 -50.16 19.28 -50.91
C LYS WA 71 -49.84 20.59 -50.23
N GLU WA 72 -49.71 21.63 -51.04
CA GLU WA 72 -49.41 22.98 -50.55
C GLU WA 72 -50.59 23.90 -50.87
N LYS WA 73 -51.56 23.91 -49.97
CA LYS WA 73 -52.70 24.81 -50.04
C LYS WA 73 -52.90 25.46 -48.68
N PRO WA 74 -53.50 26.64 -48.63
CA PRO WA 74 -53.69 27.31 -47.34
C PRO WA 74 -54.59 26.47 -46.45
N ASP WA 75 -54.03 26.05 -45.32
CA ASP WA 75 -54.77 25.32 -44.30
C ASP WA 75 -55.34 24.01 -44.82
N TYR WA 76 -54.51 23.23 -45.49
CA TYR WA 76 -54.92 21.96 -46.05
C TYR WA 76 -55.13 20.92 -44.96
N GLN WA 77 -56.16 20.08 -45.14
CA GLN WA 77 -56.43 19.00 -44.20
C GLN WA 77 -56.89 17.77 -44.98
N CYS WA 78 -56.35 16.60 -44.63
CA CYS WA 78 -56.78 15.39 -45.30
C CYS WA 78 -56.53 14.19 -44.41
N LYS WA 79 -57.47 13.24 -44.44
CA LYS WA 79 -57.40 12.09 -43.57
C LYS WA 79 -57.93 10.86 -44.29
N VAL WA 80 -57.57 9.70 -43.77
CA VAL WA 80 -57.98 8.42 -44.31
C VAL WA 80 -58.69 7.64 -43.22
N TYR WA 81 -59.96 7.31 -43.45
CA TYR WA 81 -60.73 6.53 -42.52
C TYR WA 81 -60.91 5.11 -43.02
N THR WA 82 -60.93 4.17 -42.08
CA THR WA 82 -60.90 2.75 -42.36
C THR WA 82 -62.19 2.08 -41.91
N GLY WA 83 -62.75 1.26 -42.77
CA GLY WA 83 -63.91 0.46 -42.41
C GLY WA 83 -65.24 1.02 -42.81
N VAL WA 84 -65.29 1.85 -43.84
CA VAL WA 84 -66.54 2.49 -44.22
C VAL WA 84 -67.31 1.57 -45.15
N TYR WA 85 -68.64 1.59 -45.05
CA TYR WA 85 -69.53 0.77 -45.86
C TYR WA 85 -70.62 1.67 -46.40
N PRO WA 86 -70.32 2.45 -47.44
CA PRO WA 86 -71.26 3.48 -47.89
C PRO WA 86 -72.52 2.89 -48.49
N PHE WA 87 -73.46 3.79 -48.79
CA PHE WA 87 -74.74 3.43 -49.37
C PHE WA 87 -75.08 4.41 -50.47
N MET WA 88 -75.96 3.99 -51.38
CA MET WA 88 -76.61 4.88 -52.31
C MET WA 88 -78.06 4.47 -52.51
N TRP WA 89 -78.75 5.21 -53.37
CA TRP WA 89 -80.20 5.08 -53.50
C TRP WA 89 -80.60 3.69 -53.99
N GLY WA 90 -79.89 3.17 -54.99
CA GLY WA 90 -80.22 1.84 -55.47
C GLY WA 90 -79.73 0.72 -54.57
N GLY WA 91 -78.63 0.95 -53.86
CA GLY WA 91 -78.06 -0.09 -53.01
C GLY WA 91 -76.67 0.33 -52.58
N ALA WA 92 -76.01 -0.55 -51.85
CA ALA WA 92 -74.76 -0.22 -51.18
C ALA WA 92 -73.62 -0.92 -51.90
N TYR WA 93 -72.65 -0.16 -52.40
CA TYR WA 93 -71.58 -0.78 -53.15
C TYR WA 93 -70.37 -1.01 -52.24
N CYS WA 94 -69.20 -1.23 -52.84
CA CYS WA 94 -68.02 -1.75 -52.13
C CYS WA 94 -68.33 -3.13 -51.53
N PHE WA 95 -68.44 -4.12 -52.43
CA PHE WA 95 -68.76 -5.49 -52.05
C PHE WA 95 -68.10 -5.98 -50.77
N CYS WA 96 -66.83 -5.67 -50.57
CA CYS WA 96 -66.16 -6.11 -49.35
C CYS WA 96 -66.89 -5.57 -48.13
N ASP WA 97 -67.15 -6.45 -47.17
CA ASP WA 97 -68.06 -6.10 -46.08
C ASP WA 97 -67.46 -5.00 -45.19
N SER WA 98 -66.16 -5.07 -44.90
CA SER WA 98 -65.57 -4.12 -43.98
C SER WA 98 -64.20 -3.63 -44.43
N GLU WA 99 -63.80 -3.99 -45.65
CA GLU WA 99 -62.48 -3.63 -46.17
C GLU WA 99 -62.61 -2.56 -47.24
N ASN WA 100 -62.89 -1.33 -46.79
CA ASN WA 100 -62.95 -0.17 -47.67
C ASN WA 100 -62.34 1.01 -46.93
N THR WA 101 -61.92 2.02 -47.69
CA THR WA 101 -61.40 3.23 -47.05
C THR WA 101 -62.01 4.47 -47.68
N GLN WA 102 -61.97 5.57 -46.95
CA GLN WA 102 -62.46 6.84 -47.48
C GLN WA 102 -61.46 7.95 -47.17
N LEU WA 103 -61.15 8.76 -48.18
CA LEU WA 103 -60.18 9.83 -48.07
C LEU WA 103 -60.91 11.16 -48.10
N SER WA 104 -60.75 11.96 -47.05
CA SER WA 104 -61.37 13.27 -46.97
C SER WA 104 -60.34 14.36 -47.13
N GLU WA 105 -60.69 15.37 -47.92
CA GLU WA 105 -59.77 16.44 -48.27
C GLU WA 105 -60.51 17.77 -48.18
N ALA WA 106 -59.86 18.79 -47.61
CA ALA WA 106 -60.48 20.09 -47.47
C ALA WA 106 -59.42 21.17 -47.39
N TYR WA 107 -59.78 22.37 -47.82
CA TYR WA 107 -58.89 23.51 -47.72
C TYR WA 107 -59.72 24.78 -47.88
N VAL WA 108 -59.10 25.92 -47.56
CA VAL WA 108 -59.79 27.19 -47.51
C VAL WA 108 -59.25 28.11 -48.59
N ASP WA 109 -60.10 29.01 -49.07
CA ASP WA 109 -59.71 29.88 -50.17
C ASP WA 109 -60.45 31.21 -50.07
N ARG WA 110 -59.86 32.23 -50.69
CA ARG WA 110 -60.46 33.56 -50.75
C ARG WA 110 -61.76 33.52 -51.52
N SER WA 111 -62.72 34.34 -51.09
CA SER WA 111 -64.06 34.22 -51.64
C SER WA 111 -64.12 34.72 -53.08
N ASP WA 112 -65.32 34.64 -53.66
CA ASP WA 112 -65.52 35.09 -55.02
C ASP WA 112 -65.60 36.60 -55.14
N VAL WA 113 -66.08 37.28 -54.10
CA VAL WA 113 -66.38 38.69 -54.19
C VAL WA 113 -65.33 39.55 -53.47
N CYS WA 114 -64.15 38.97 -53.21
CA CYS WA 114 -63.13 39.72 -52.50
C CYS WA 114 -62.67 40.95 -53.27
N ARG WA 115 -62.91 41.00 -54.57
CA ARG WA 115 -62.60 42.20 -55.32
C ARG WA 115 -63.56 43.35 -54.99
N HIS WA 116 -64.80 43.04 -54.64
CA HIS WA 116 -65.79 44.07 -54.39
C HIS WA 116 -66.08 44.32 -52.92
N ASP WA 117 -65.66 43.43 -52.04
CA ASP WA 117 -66.04 43.55 -50.62
C ASP WA 117 -64.85 43.12 -49.78
N HIS WA 118 -64.01 44.09 -49.41
CA HIS WA 118 -62.84 43.79 -48.62
C HIS WA 118 -62.50 45.01 -47.77
N ALA WA 119 -61.72 44.78 -46.72
CA ALA WA 119 -61.29 45.85 -45.82
C ALA WA 119 -59.78 45.88 -45.77
N SER WA 120 -59.21 47.08 -45.84
CA SER WA 120 -57.77 47.23 -45.93
C SER WA 120 -57.18 47.65 -44.60
N ALA WA 121 -55.97 47.20 -44.31
CA ALA WA 121 -55.28 47.59 -43.08
C ALA WA 121 -54.07 48.43 -43.43
N TYR WA 122 -54.07 49.67 -42.97
CA TYR WA 122 -53.09 50.66 -43.40
C TYR WA 122 -52.23 51.08 -42.22
N LYS WA 123 -51.08 51.65 -42.55
CA LYS WA 123 -50.23 52.34 -41.60
C LYS WA 123 -50.05 53.77 -42.10
N ALA WA 124 -50.41 54.75 -41.29
CA ALA WA 124 -50.52 56.13 -41.74
C ALA WA 124 -49.59 57.02 -40.94
N HIS WA 125 -49.02 58.03 -41.60
CA HIS WA 125 -48.12 58.98 -40.95
C HIS WA 125 -47.89 60.17 -41.87
N THR WA 126 -47.39 61.27 -41.30
CA THR WA 126 -46.86 62.41 -42.03
C THR WA 126 -47.92 63.04 -42.94
N ALA WA 127 -48.90 63.65 -42.29
CA ALA WA 127 -49.97 64.32 -43.01
C ALA WA 127 -49.43 65.48 -43.85
N SER WA 128 -50.06 65.69 -45.00
CA SER WA 128 -49.78 66.82 -45.87
C SER WA 128 -51.10 67.54 -46.14
N LEU WA 129 -51.07 68.88 -46.12
CA LEU WA 129 -52.31 69.64 -46.11
C LEU WA 129 -52.50 70.38 -47.42
N LYS WA 130 -53.72 70.34 -47.96
CA LYS WA 130 -54.09 71.09 -49.13
C LYS WA 130 -55.24 72.02 -48.78
N ALA WA 131 -55.39 73.11 -49.54
CA ALA WA 131 -56.42 74.08 -49.21
C ALA WA 131 -56.93 74.75 -50.48
N LYS WA 132 -58.09 75.37 -50.36
CA LYS WA 132 -58.67 76.20 -51.41
C LYS WA 132 -59.07 77.52 -50.78
N VAL WA 133 -58.53 78.62 -51.31
CA VAL WA 133 -58.56 79.94 -50.67
C VAL WA 133 -59.09 80.98 -51.63
N ARG WA 134 -59.92 81.88 -51.10
CA ARG WA 134 -60.53 82.95 -51.88
C ARG WA 134 -59.85 84.27 -51.49
N VAL WA 135 -59.42 85.03 -52.49
CA VAL WA 135 -58.66 86.26 -52.27
C VAL WA 135 -59.29 87.39 -53.06
N MET WA 136 -59.63 88.48 -52.37
CA MET WA 136 -60.17 89.64 -53.07
C MET WA 136 -59.59 90.92 -52.51
N TYR WA 137 -59.18 91.81 -53.41
CA TYR WA 137 -58.70 93.14 -53.07
C TYR WA 137 -58.86 94.01 -54.30
N GLY WA 138 -59.02 95.31 -54.08
CA GLY WA 138 -59.21 96.20 -55.20
C GLY WA 138 -60.42 95.80 -56.00
N ASN WA 139 -60.20 95.20 -57.17
CA ASN WA 139 -61.30 94.72 -58.00
C ASN WA 139 -61.07 93.30 -58.52
N VAL WA 140 -60.20 92.51 -57.89
CA VAL WA 140 -59.95 91.14 -58.31
C VAL WA 140 -60.56 90.18 -57.30
N ASN WA 141 -61.46 89.33 -57.77
CA ASN WA 141 -62.00 88.22 -57.01
C ASN WA 141 -61.12 87.01 -57.29
N GLN WA 142 -61.57 85.80 -56.92
CA GLN WA 142 -61.09 84.50 -57.42
C GLN WA 142 -60.56 83.62 -56.29
N THR WA 143 -60.52 82.32 -56.54
CA THR WA 143 -60.07 81.30 -55.60
C THR WA 143 -58.92 80.53 -56.24
N VAL WA 144 -58.07 79.95 -55.39
CA VAL WA 144 -56.89 79.21 -55.83
C VAL WA 144 -56.73 77.96 -55.00
N ASP WA 145 -56.02 76.98 -55.57
CA ASP WA 145 -55.75 75.70 -54.94
C ASP WA 145 -54.29 75.66 -54.51
N VAL WA 146 -54.05 75.57 -53.21
CA VAL WA 146 -52.71 75.81 -52.66
C VAL WA 146 -52.31 74.69 -51.73
N TYR WA 147 -51.09 74.20 -51.88
CA TYR WA 147 -50.48 73.35 -50.86
C TYR WA 147 -50.01 74.24 -49.71
N VAL WA 148 -50.38 73.87 -48.49
CA VAL WA 148 -49.95 74.65 -47.32
C VAL WA 148 -48.67 74.01 -46.82
N ASN WA 149 -47.57 74.38 -47.45
CA ASN WA 149 -46.23 74.21 -46.91
C ASN WA 149 -45.34 75.14 -47.71
N GLY WA 150 -44.16 75.44 -47.18
CA GLY WA 150 -43.45 76.60 -47.65
C GLY WA 150 -42.99 76.58 -49.09
N ASP WA 151 -43.50 75.66 -49.89
CA ASP WA 151 -43.00 75.44 -51.25
C ASP WA 151 -44.13 75.31 -52.28
N HIS WA 152 -45.04 76.27 -52.29
CA HIS WA 152 -45.97 76.40 -53.42
C HIS WA 152 -46.36 77.86 -53.54
N ALA WA 153 -46.02 78.47 -54.67
CA ALA WA 153 -46.32 79.87 -54.92
C ALA WA 153 -47.30 79.98 -56.08
N VAL WA 154 -48.38 80.72 -55.87
CA VAL WA 154 -49.41 80.92 -56.89
C VAL WA 154 -49.58 82.40 -57.11
N THR WA 155 -49.77 82.79 -58.37
CA THR WA 155 -49.89 84.19 -58.74
C THR WA 155 -51.34 84.53 -59.02
N ILE WA 156 -51.84 85.59 -58.39
CA ILE WA 156 -53.21 86.04 -58.54
C ILE WA 156 -53.15 87.46 -59.06
N GLY WA 157 -53.25 87.63 -60.38
CA GLY WA 157 -53.28 88.97 -60.94
C GLY WA 157 -52.02 89.77 -60.70
N GLY WA 158 -50.86 89.16 -60.94
CA GLY WA 158 -49.60 89.84 -60.80
C GLY WA 158 -49.00 89.84 -59.41
N THR WA 159 -49.69 89.26 -58.43
CA THR WA 159 -49.24 89.21 -57.05
C THR WA 159 -48.82 87.79 -56.72
N GLN WA 160 -47.74 87.64 -55.97
CA GLN WA 160 -47.27 86.32 -55.57
C GLN WA 160 -47.67 86.02 -54.13
N PHE WA 161 -48.20 84.82 -53.90
CA PHE WA 161 -48.62 84.37 -52.58
C PHE WA 161 -47.92 83.05 -52.26
N ILE WA 162 -47.44 82.92 -51.02
CA ILE WA 162 -46.84 81.68 -50.55
C ILE WA 162 -47.41 81.39 -49.16
N PHE WA 163 -48.02 80.23 -49.00
CA PHE WA 163 -48.62 79.87 -47.72
C PHE WA 163 -47.66 78.98 -46.97
N GLY WA 164 -47.18 79.45 -45.82
CA GLY WA 164 -46.16 78.76 -45.07
C GLY WA 164 -46.71 77.56 -44.33
N PRO WA 165 -45.83 76.81 -43.67
CA PRO WA 165 -46.25 75.55 -43.07
C PRO WA 165 -47.22 75.79 -41.93
N LEU WA 166 -48.06 74.78 -41.69
CA LEU WA 166 -49.14 74.91 -40.72
C LEU WA 166 -48.58 75.06 -39.32
N SER WA 167 -49.33 75.77 -38.47
CA SER WA 167 -48.83 76.08 -37.14
C SER WA 167 -48.63 74.84 -36.28
N SER WA 168 -49.57 73.91 -36.33
CA SER WA 168 -49.53 72.73 -35.47
C SER WA 168 -49.14 71.49 -36.28
N ALA WA 169 -48.86 70.41 -35.55
CA ALA WA 169 -48.49 69.16 -36.20
C ALA WA 169 -49.38 68.03 -35.71
N TRP WA 170 -50.68 68.28 -35.68
CA TRP WA 170 -51.65 67.37 -35.09
C TRP WA 170 -52.45 66.69 -36.18
N THR WA 171 -52.62 65.37 -36.07
CA THR WA 171 -53.42 64.62 -37.04
C THR WA 171 -54.33 63.65 -36.32
N PRO WA 172 -55.56 63.46 -36.80
CA PRO WA 172 -56.49 62.57 -36.10
C PRO WA 172 -56.33 61.10 -36.45
N PHE WA 173 -55.53 60.76 -37.46
CA PHE WA 173 -55.34 59.38 -37.84
C PHE WA 173 -54.23 58.78 -37.01
N ASP WA 174 -54.55 57.77 -36.23
CA ASP WA 174 -53.60 57.17 -35.31
C ASP WA 174 -52.55 56.42 -36.14
N ASN WA 175 -51.65 55.71 -35.48
CA ASN WA 175 -50.56 55.07 -36.21
C ASN WA 175 -51.03 53.97 -37.13
N LYS WA 176 -52.12 53.29 -36.77
CA LYS WA 176 -52.64 52.18 -37.56
C LYS WA 176 -54.11 52.42 -37.89
N ILE WA 177 -54.51 52.04 -39.10
CA ILE WA 177 -55.83 52.35 -39.62
C ILE WA 177 -56.44 51.07 -40.19
N VAL WA 178 -57.76 51.00 -40.18
CA VAL WA 178 -58.50 50.03 -40.97
C VAL WA 178 -59.55 50.80 -41.77
N VAL WA 179 -59.57 50.59 -43.08
CA VAL WA 179 -60.45 51.33 -43.97
C VAL WA 179 -61.43 50.36 -44.61
N TYR WA 180 -62.71 50.72 -44.59
CA TYR WA 180 -63.76 49.88 -45.15
C TYR WA 180 -64.81 50.78 -45.80
N LYS WA 181 -64.92 50.69 -47.12
CA LYS WA 181 -65.90 51.46 -47.88
C LYS WA 181 -65.72 52.96 -47.64
N ASP WA 182 -66.47 53.55 -46.71
CA ASP WA 182 -66.34 54.97 -46.43
C ASP WA 182 -66.21 55.26 -44.95
N GLU WA 183 -65.66 54.35 -44.16
CA GLU WA 183 -65.52 54.54 -42.73
C GLU WA 183 -64.09 54.21 -42.33
N VAL WA 184 -63.53 55.00 -41.42
CA VAL WA 184 -62.17 54.83 -40.96
C VAL WA 184 -62.20 54.47 -39.48
N PHE WA 185 -61.35 53.53 -39.07
CA PHE WA 185 -61.31 53.10 -37.68
C PHE WA 185 -59.88 53.15 -37.15
N ASN WA 186 -59.72 53.69 -35.96
CA ASN WA 186 -58.42 53.69 -35.28
C ASN WA 186 -58.32 52.36 -34.56
N GLN WA 187 -57.59 51.42 -35.14
CA GLN WA 187 -57.60 50.05 -34.68
C GLN WA 187 -56.17 49.53 -34.60
N ASP WA 188 -56.00 48.43 -33.89
CA ASP WA 188 -54.72 47.74 -33.79
C ASP WA 188 -54.91 46.35 -34.39
N PHE WA 189 -54.45 46.14 -35.62
CA PHE WA 189 -54.68 44.86 -36.27
C PHE WA 189 -53.53 43.90 -36.02
N PRO WA 190 -53.77 42.60 -36.15
CA PRO WA 190 -52.69 41.64 -35.95
C PRO WA 190 -51.63 41.78 -37.01
N PRO WA 191 -50.41 41.36 -36.74
CA PRO WA 191 -49.37 41.38 -37.76
C PRO WA 191 -49.65 40.37 -38.85
N TYR WA 192 -49.10 40.62 -40.04
CA TYR WA 192 -49.19 39.64 -41.10
C TYR WA 192 -48.56 38.33 -40.66
N GLY WA 193 -49.22 37.23 -40.94
CA GLY WA 193 -48.67 35.93 -40.60
C GLY WA 193 -48.94 35.47 -39.19
N SER WA 194 -49.73 36.19 -38.40
CA SER WA 194 -50.05 35.76 -37.05
C SER WA 194 -51.51 36.06 -36.72
N GLY WA 195 -52.41 35.76 -37.63
CA GLY WA 195 -53.82 35.96 -37.39
C GLY WA 195 -54.36 34.96 -36.37
N GLN WA 196 -55.55 35.22 -35.90
CA GLN WA 196 -56.15 34.25 -35.01
C GLN WA 196 -57.55 33.86 -35.49
N PRO WA 197 -58.01 32.64 -35.24
CA PRO WA 197 -59.31 32.22 -35.76
C PRO WA 197 -60.45 33.00 -35.13
N GLY WA 198 -61.42 33.33 -35.95
CA GLY WA 198 -62.65 33.92 -35.48
C GLY WA 198 -62.61 35.42 -35.22
N ARG WA 199 -61.47 36.06 -35.39
CA ARG WA 199 -61.32 37.48 -35.14
C ARG WA 199 -60.96 38.18 -36.44
N PHE WA 200 -60.62 39.45 -36.36
CA PHE WA 200 -60.15 40.14 -37.55
C PHE WA 200 -58.83 39.54 -38.01
N GLY WA 201 -58.74 39.22 -39.29
CA GLY WA 201 -57.52 38.65 -39.82
C GLY WA 201 -57.39 37.16 -39.70
N ASP WA 202 -58.47 36.40 -39.86
CA ASP WA 202 -58.34 34.95 -39.94
C ASP WA 202 -57.64 34.53 -41.22
N ILE WA 203 -57.92 35.22 -42.32
CA ILE WA 203 -57.16 35.05 -43.55
C ILE WA 203 -56.64 36.41 -43.99
N GLN WA 204 -55.43 36.41 -44.52
CA GLN WA 204 -54.77 37.64 -44.91
C GLN WA 204 -54.08 37.46 -46.24
N SER WA 205 -54.25 38.45 -47.10
CA SER WA 205 -53.65 38.46 -48.42
C SER WA 205 -52.91 39.77 -48.58
N ARG WA 206 -51.75 39.72 -49.25
CA ARG WA 206 -50.92 40.91 -49.33
C ARG WA 206 -51.53 41.97 -50.23
N THR WA 207 -52.38 41.58 -51.18
CA THR WA 207 -53.01 42.54 -52.07
C THR WA 207 -54.26 41.89 -52.65
N VAL WA 208 -55.13 42.71 -53.25
CA VAL WA 208 -56.41 42.22 -53.75
C VAL WA 208 -56.21 41.06 -54.71
N GLU WA 209 -55.08 41.04 -55.41
CA GLU WA 209 -54.85 40.14 -56.53
C GLU WA 209 -53.65 39.23 -56.33
N SER WA 210 -52.93 39.37 -55.23
CA SER WA 210 -51.70 38.63 -55.04
C SER WA 210 -51.97 37.14 -54.87
N ASN WA 211 -50.99 36.33 -55.26
CA ASN WA 211 -51.18 34.89 -55.27
C ASN WA 211 -51.23 34.28 -53.88
N ASP WA 212 -50.30 34.63 -53.01
CA ASP WA 212 -50.19 33.94 -51.73
C ASP WA 212 -51.32 34.34 -50.79
N LEU WA 213 -51.49 33.53 -49.75
CA LEU WA 213 -52.59 33.68 -48.80
C LEU WA 213 -52.17 33.00 -47.50
N TYR WA 214 -52.44 33.66 -46.38
CA TYR WA 214 -52.19 33.06 -45.08
C TYR WA 214 -53.52 32.88 -44.38
N ALA WA 215 -53.90 31.64 -44.15
CA ALA WA 215 -55.22 31.35 -43.61
C ALA WA 215 -55.08 30.50 -42.37
N ASN WA 216 -55.87 30.81 -41.34
CA ASN WA 216 -55.84 30.09 -40.07
C ASN WA 216 -57.26 30.11 -39.52
N THR WA 217 -57.99 29.01 -39.72
CA THR WA 217 -59.38 28.94 -39.29
C THR WA 217 -59.67 27.70 -38.47
N ALA WA 218 -58.65 26.96 -38.06
CA ALA WA 218 -58.83 25.78 -37.22
C ALA WA 218 -59.79 24.79 -37.84
N LEU WA 219 -59.64 24.53 -39.13
CA LEU WA 219 -60.48 23.57 -39.83
C LEU WA 219 -60.14 22.16 -39.40
N LYS WA 220 -61.15 21.34 -39.16
CA LYS WA 220 -60.90 20.01 -38.63
C LYS WA 220 -61.93 19.02 -39.16
N LEU WA 221 -61.47 17.90 -39.70
CA LEU WA 221 -62.34 16.90 -40.28
C LEU WA 221 -62.75 15.87 -39.23
N ALA WA 222 -63.85 15.15 -39.51
CA ALA WA 222 -64.33 14.14 -38.59
C ALA WA 222 -64.77 12.90 -39.34
N ARG WA 223 -64.75 11.77 -38.64
CA ARG WA 223 -65.08 10.47 -39.21
C ARG WA 223 -66.55 10.40 -39.59
N PRO WA 224 -66.88 10.01 -40.82
CA PRO WA 224 -68.28 10.02 -41.25
C PRO WA 224 -69.11 8.99 -40.52
N SER WA 225 -70.41 9.27 -40.43
CA SER WA 225 -71.32 8.34 -39.80
C SER WA 225 -71.42 7.06 -40.62
N PRO WA 226 -71.72 5.94 -39.98
CA PRO WA 226 -71.83 4.68 -40.73
C PRO WA 226 -72.93 4.75 -41.77
N GLY WA 227 -72.68 4.13 -42.91
CA GLY WA 227 -73.69 4.10 -43.97
C GLY WA 227 -74.02 5.46 -44.55
N MET WA 228 -73.00 6.30 -44.76
CA MET WA 228 -73.23 7.63 -45.29
C MET WA 228 -72.00 8.07 -46.07
N VAL WA 229 -72.19 9.08 -46.92
CA VAL WA 229 -71.13 9.67 -47.73
C VAL WA 229 -71.26 11.18 -47.59
N HIS WA 230 -70.62 11.77 -46.58
CA HIS WA 230 -70.82 13.21 -46.39
C HIS WA 230 -69.62 14.06 -46.02
N VAL WA 231 -68.45 13.51 -45.70
CA VAL WA 231 -67.23 14.28 -45.40
C VAL WA 231 -67.48 15.48 -44.47
N PRO WA 232 -67.67 15.26 -43.17
CA PRO WA 232 -68.05 16.36 -42.27
C PRO WA 232 -66.84 17.04 -41.64
N TYR WA 233 -66.99 18.33 -41.41
CA TYR WA 233 -65.90 19.14 -40.86
C TYR WA 233 -66.48 20.13 -39.87
N THR WA 234 -65.59 20.75 -39.10
CA THR WA 234 -65.94 21.86 -38.24
C THR WA 234 -64.93 22.98 -38.43
N GLN WA 235 -65.42 24.21 -38.30
CA GLN WA 235 -64.64 25.40 -38.62
C GLN WA 235 -65.28 26.59 -37.94
N THR WA 236 -64.47 27.40 -37.27
CA THR WA 236 -64.99 28.59 -36.62
C THR WA 236 -65.39 29.61 -37.67
N PRO WA 237 -66.45 30.38 -37.46
CA PRO WA 237 -67.00 31.20 -38.53
C PRO WA 237 -66.08 32.32 -38.94
N SER WA 238 -66.53 33.10 -39.91
CA SER WA 238 -65.66 34.06 -40.56
C SER WA 238 -65.42 35.28 -39.69
N GLY WA 239 -64.16 35.46 -39.33
CA GLY WA 239 -63.80 36.59 -38.50
C GLY WA 239 -64.14 37.92 -39.13
N PHE WA 240 -64.13 37.99 -40.45
CA PHE WA 240 -64.51 39.25 -41.08
C PHE WA 240 -65.97 39.57 -40.82
N LYS WA 241 -66.88 38.62 -40.99
CA LYS WA 241 -68.26 38.95 -40.65
C LYS WA 241 -68.45 39.20 -39.18
N TYR WA 242 -67.65 38.58 -38.32
CA TYR WA 242 -67.81 38.89 -36.90
C TYR WA 242 -67.39 40.33 -36.61
N TRP WA 243 -66.23 40.72 -37.13
CA TRP WA 243 -65.79 42.11 -37.03
C TRP WA 243 -66.82 43.05 -37.62
N LEU WA 244 -67.53 42.61 -38.66
CA LEU WA 244 -68.45 43.52 -39.34
C LEU WA 244 -69.52 44.02 -38.38
N LYS WA 245 -70.03 43.16 -37.52
CA LYS WA 245 -71.08 43.61 -36.61
C LYS WA 245 -70.55 43.97 -35.23
N GLU WA 246 -69.29 43.69 -34.92
CA GLU WA 246 -68.80 44.18 -33.63
C GLU WA 246 -67.58 45.08 -33.79
N LYS WA 247 -67.55 45.89 -34.86
CA LYS WA 247 -66.44 46.83 -35.02
C LYS WA 247 -66.52 47.94 -33.98
N GLY WA 248 -67.69 48.53 -33.81
CA GLY WA 248 -67.88 49.52 -32.78
C GLY WA 248 -67.37 50.90 -33.14
N THR WA 249 -68.22 51.91 -32.95
CA THR WA 249 -67.88 53.30 -33.24
C THR WA 249 -67.35 53.46 -34.66
N ALA WA 250 -66.62 54.55 -34.88
CA ALA WA 250 -66.03 54.86 -36.17
C ALA WA 250 -64.98 55.93 -35.91
N LEU WA 251 -64.58 56.61 -36.97
CA LEU WA 251 -63.94 57.91 -36.79
C LEU WA 251 -64.80 59.05 -37.27
N ASN WA 252 -65.71 58.79 -38.20
CA ASN WA 252 -66.53 59.86 -38.76
C ASN WA 252 -67.40 60.51 -37.70
N THR WA 253 -67.82 59.74 -36.69
CA THR WA 253 -68.63 60.27 -35.60
C THR WA 253 -67.84 60.39 -34.32
N LYS WA 254 -66.53 60.41 -34.41
CA LYS WA 254 -65.65 60.34 -33.25
C LYS WA 254 -64.54 61.38 -33.28
N ALA WA 255 -64.19 61.90 -34.46
CA ALA WA 255 -63.01 62.74 -34.60
C ALA WA 255 -63.19 64.08 -33.91
N PRO WA 256 -62.11 64.67 -33.40
CA PRO WA 256 -62.19 65.98 -32.76
C PRO WA 256 -62.25 67.11 -33.78
N PHE WA 257 -62.35 68.32 -33.25
CA PHE WA 257 -62.27 69.57 -34.01
C PHE WA 257 -63.30 69.67 -35.11
N GLY WA 258 -64.29 68.79 -35.09
CA GLY WA 258 -65.40 68.90 -36.01
C GLY WA 258 -65.01 68.82 -37.47
N CYS WA 259 -64.15 67.86 -37.79
CA CYS WA 259 -63.69 67.70 -39.16
C CYS WA 259 -64.14 66.37 -39.74
N GLN WA 260 -64.68 66.43 -40.94
CA GLN WA 260 -65.34 65.26 -41.53
C GLN WA 260 -64.32 64.36 -42.20
N ILE WA 261 -64.37 63.10 -41.88
CA ILE WA 261 -63.54 62.12 -42.55
C ILE WA 261 -64.19 61.75 -43.86
N LYS WA 262 -63.39 61.46 -44.86
CA LYS WA 262 -63.88 60.96 -46.14
C LYS WA 262 -62.87 59.96 -46.68
N THR WA 263 -63.31 59.15 -47.63
CA THR WA 263 -62.48 58.06 -48.12
C THR WA 263 -62.31 58.19 -49.63
N ASN WA 264 -61.25 57.57 -50.14
CA ASN WA 264 -60.93 57.52 -51.56
C ASN WA 264 -60.68 58.90 -52.14
N PRO WA 265 -59.53 59.52 -51.83
CA PRO WA 265 -58.49 59.01 -50.94
C PRO WA 265 -58.85 59.29 -49.50
N VAL WA 266 -58.22 58.60 -48.55
CA VAL WA 266 -58.55 58.82 -47.14
C VAL WA 266 -58.07 60.21 -46.73
N ARG WA 267 -58.99 61.02 -46.22
CA ARG WA 267 -58.64 62.40 -45.92
C ARG WA 267 -59.57 62.94 -44.85
N ALA WA 268 -59.15 64.04 -44.23
CA ALA WA 268 -59.93 64.72 -43.20
C ALA WA 268 -60.12 66.16 -43.63
N MET WA 269 -61.37 66.59 -43.77
CA MET WA 269 -61.70 67.85 -44.38
C MET WA 269 -62.32 68.83 -43.40
N ASN WA 270 -62.02 70.11 -43.62
CA ASN WA 270 -62.54 71.23 -42.84
C ASN WA 270 -62.17 71.09 -41.36
N CYS WA 271 -60.88 70.97 -41.09
CA CYS WA 271 -60.48 70.47 -39.78
C CYS WA 271 -59.71 71.59 -39.10
N ALA WA 272 -60.43 72.34 -38.27
CA ALA WA 272 -59.99 73.65 -37.82
C ALA WA 272 -59.00 73.55 -36.67
N VAL WA 273 -57.77 74.00 -36.90
CA VAL WA 273 -56.76 74.10 -35.86
C VAL WA 273 -55.63 74.98 -36.38
N GLY WA 274 -55.10 75.82 -35.51
CA GLY WA 274 -53.84 76.49 -35.78
C GLY WA 274 -53.94 77.69 -36.70
N ASN WA 275 -52.76 78.21 -37.03
CA ASN WA 275 -52.62 79.41 -37.81
C ASN WA 275 -51.84 79.11 -39.08
N ILE WA 276 -52.21 79.79 -40.16
CA ILE WA 276 -51.54 79.65 -41.44
C ILE WA 276 -50.77 80.93 -41.71
N PRO WA 277 -49.44 80.91 -41.78
CA PRO WA 277 -48.72 82.11 -42.20
C PRO WA 277 -48.84 82.30 -43.70
N VAL WA 278 -48.90 83.54 -44.14
CA VAL WA 278 -48.97 83.86 -45.55
C VAL WA 278 -47.95 84.95 -45.85
N SER WA 279 -47.16 84.75 -46.90
CA SER WA 279 -46.19 85.73 -47.36
C SER WA 279 -46.61 86.23 -48.72
N MET WA 280 -46.55 87.54 -48.91
CA MET WA 280 -47.07 88.18 -50.10
C MET WA 280 -45.95 88.89 -50.83
N ASN WA 281 -46.19 89.19 -52.11
CA ASN WA 281 -45.26 90.01 -52.86
C ASN WA 281 -46.09 90.75 -53.92
N LEU WA 282 -46.25 92.03 -53.75
CA LEU WA 282 -47.25 92.72 -54.55
C LEU WA 282 -46.60 93.69 -55.54
N PRO WA 283 -47.25 93.91 -56.68
CA PRO WA 283 -46.75 94.90 -57.64
C PRO WA 283 -47.23 96.29 -57.27
N ASP WA 284 -46.63 97.28 -57.93
CA ASP WA 284 -46.96 98.67 -57.65
C ASP WA 284 -48.30 99.09 -58.23
N SER WA 285 -48.82 98.36 -59.21
CA SER WA 285 -50.07 98.77 -59.85
C SER WA 285 -51.27 98.67 -58.90
N ALA WA 286 -51.21 97.80 -57.89
CA ALA WA 286 -52.35 97.64 -57.00
C ALA WA 286 -52.60 98.87 -56.16
N PHE WA 287 -51.55 99.52 -55.67
CA PHE WA 287 -51.70 100.67 -54.81
C PHE WA 287 -52.13 101.88 -55.62
N THR WA 288 -52.47 102.95 -54.92
CA THR WA 288 -52.83 104.22 -55.54
C THR WA 288 -52.00 105.34 -54.95
N ARG WA 289 -51.73 106.36 -55.75
CA ARG WA 289 -50.86 107.44 -55.30
C ARG WA 289 -51.53 108.25 -54.19
N ILE WA 290 -50.72 108.62 -53.19
CA ILE WA 290 -51.23 109.32 -52.03
C ILE WA 290 -51.73 110.71 -52.41
N VAL WA 291 -51.26 111.27 -53.53
CA VAL WA 291 -51.85 112.52 -54.00
C VAL WA 291 -53.28 112.29 -54.48
N GLU WA 292 -53.55 111.15 -55.12
CA GLU WA 292 -54.89 110.86 -55.58
C GLU WA 292 -55.82 110.47 -54.43
N ALA WA 293 -55.28 109.83 -53.40
CA ALA WA 293 -56.12 109.46 -52.27
C ALA WA 293 -56.60 110.71 -51.53
N PRO WA 294 -57.89 110.80 -51.20
CA PRO WA 294 -58.37 111.96 -50.43
C PRO WA 294 -57.66 112.10 -49.11
N THR WA 295 -57.60 113.34 -48.62
CA THR WA 295 -57.00 113.65 -47.33
C THR WA 295 -58.11 113.79 -46.28
N ILE WA 296 -57.90 113.15 -45.13
CA ILE WA 296 -58.90 113.07 -44.07
C ILE WA 296 -58.34 113.67 -42.80
N ILE WA 297 -59.02 114.67 -42.26
CA ILE WA 297 -58.64 115.32 -41.01
C ILE WA 297 -59.87 115.51 -40.14
N ASP WA 298 -59.63 115.66 -38.84
CA ASP WA 298 -60.67 115.84 -37.83
C ASP WA 298 -61.63 114.64 -37.82
N LEU WA 299 -61.08 113.49 -37.45
CA LEU WA 299 -61.83 112.23 -37.44
C LEU WA 299 -62.32 111.92 -36.03
N THR WA 300 -63.64 111.78 -35.88
CA THR WA 300 -64.25 111.39 -34.62
C THR WA 300 -65.14 110.18 -34.84
N CYS WA 301 -65.17 109.30 -33.83
CA CYS WA 301 -65.87 108.03 -33.92
C CYS WA 301 -66.88 107.90 -32.79
N THR WA 302 -68.09 107.46 -33.13
CA THR WA 302 -69.12 107.21 -32.14
C THR WA 302 -69.78 105.87 -32.45
N VAL WA 303 -70.44 105.31 -31.44
CA VAL WA 303 -71.17 104.05 -31.59
C VAL WA 303 -72.64 104.32 -31.31
N ALA WA 304 -73.51 103.84 -32.19
CA ALA WA 304 -74.94 104.03 -31.96
C ALA WA 304 -75.49 102.96 -31.03
N THR WA 305 -75.40 101.70 -31.45
CA THR WA 305 -75.89 100.57 -30.68
C THR WA 305 -74.86 99.46 -30.70
N CYS WA 306 -74.92 98.59 -29.69
CA CYS WA 306 -73.99 97.48 -29.60
C CYS WA 306 -74.69 96.29 -28.98
N THR WA 307 -74.33 95.09 -29.45
CA THR WA 307 -74.89 93.86 -28.90
C THR WA 307 -73.93 92.74 -29.26
N HIS WA 308 -73.16 92.25 -28.29
CA HIS WA 308 -72.06 91.35 -28.61
C HIS WA 308 -72.61 89.96 -28.92
N SER WA 309 -73.16 89.84 -30.11
CA SER WA 309 -73.68 88.57 -30.63
C SER WA 309 -72.68 87.99 -31.61
N SER WA 310 -73.03 86.84 -32.18
CA SER WA 310 -72.15 86.21 -33.16
C SER WA 310 -72.10 87.00 -34.46
N ASP WA 311 -73.25 87.53 -34.90
CA ASP WA 311 -73.27 88.26 -36.15
C ASP WA 311 -72.72 89.66 -35.97
N PHE WA 312 -72.76 90.45 -37.04
CA PHE WA 312 -72.29 91.83 -36.98
C PHE WA 312 -73.30 92.70 -36.27
N GLY WA 313 -73.12 92.90 -34.97
CA GLY WA 313 -74.12 93.58 -34.17
C GLY WA 313 -73.67 94.86 -33.49
N GLY WA 314 -72.94 95.70 -34.20
CA GLY WA 314 -72.64 97.04 -33.70
C GLY WA 314 -72.53 98.00 -34.85
N VAL WA 315 -73.18 99.16 -34.69
CA VAL WA 315 -73.25 100.17 -35.73
C VAL WA 315 -72.40 101.36 -35.30
N LEU WA 316 -71.49 101.79 -36.17
CA LEU WA 316 -70.47 102.75 -35.87
C LEU WA 316 -70.58 103.91 -36.84
N THR WA 317 -70.43 105.14 -36.34
CA THR WA 317 -70.51 106.32 -37.19
C THR WA 317 -69.21 107.09 -37.10
N LEU WA 318 -68.68 107.48 -38.25
CA LEU WA 318 -67.47 108.28 -38.33
C LEU WA 318 -67.80 109.63 -38.94
N THR WA 319 -67.33 110.70 -38.29
CA THR WA 319 -67.41 112.05 -38.80
C THR WA 319 -66.00 112.53 -39.14
N TYR WA 320 -65.88 113.20 -40.27
CA TYR WA 320 -64.57 113.57 -40.79
C TYR WA 320 -64.71 114.88 -41.55
N LYS WA 321 -63.62 115.30 -42.19
CA LYS WA 321 -63.66 116.39 -43.15
C LYS WA 321 -62.69 116.08 -44.27
N THR WA 322 -63.16 116.20 -45.50
CA THR WA 322 -62.41 115.84 -46.68
C THR WA 322 -62.44 116.96 -47.71
N ASP WA 323 -61.55 116.87 -48.68
CA ASP WA 323 -61.45 117.83 -49.76
C ASP WA 323 -62.14 117.38 -51.04
N LYS WA 324 -61.92 116.13 -51.47
CA LYS WA 324 -62.60 115.58 -52.62
C LYS WA 324 -63.10 114.20 -52.28
N ASN WA 325 -64.19 113.79 -52.94
CA ASN WA 325 -64.88 112.55 -52.63
C ASN WA 325 -64.26 111.39 -53.39
N GLY WA 326 -64.22 110.23 -52.75
CA GLY WA 326 -63.61 109.06 -53.33
C GLY WA 326 -63.86 107.81 -52.52
N ASP WA 327 -62.87 106.94 -52.40
CA ASP WA 327 -62.99 105.71 -51.62
C ASP WA 327 -61.78 105.54 -50.73
N CYS WA 328 -62.01 105.07 -49.51
CA CYS WA 328 -60.95 104.80 -48.56
C CYS WA 328 -60.99 103.34 -48.10
N SER WA 329 -59.90 102.91 -47.51
CA SER WA 329 -59.77 101.58 -46.94
C SER WA 329 -59.89 101.66 -45.43
N VAL WA 330 -60.92 101.01 -44.88
CA VAL WA 330 -61.23 101.07 -43.46
C VAL WA 330 -60.65 99.82 -42.80
N HIS WA 331 -59.96 100.01 -41.68
CA HIS WA 331 -59.48 98.83 -40.96
C HIS WA 331 -59.34 99.11 -39.47
N SER WA 332 -59.66 98.09 -38.68
CA SER WA 332 -59.49 98.12 -37.24
C SER WA 332 -58.17 97.49 -36.87
N HIS WA 333 -57.40 98.16 -36.02
CA HIS WA 333 -56.05 97.70 -35.69
C HIS WA 333 -56.01 96.75 -34.50
N SER WA 334 -57.14 96.23 -34.08
CA SER WA 334 -57.18 95.27 -32.98
C SER WA 334 -58.11 94.13 -33.35
N ASN WA 335 -57.93 92.99 -32.69
CA ASN WA 335 -58.77 91.82 -32.94
C ASN WA 335 -60.02 91.79 -32.07
N VAL WA 336 -60.13 92.67 -31.07
CA VAL WA 336 -61.28 92.61 -30.18
C VAL WA 336 -62.57 92.91 -30.94
N ALA WA 337 -62.48 93.66 -32.03
CA ALA WA 337 -63.64 93.93 -32.86
C ALA WA 337 -63.24 93.67 -34.31
N THR WA 338 -64.21 93.26 -35.12
CA THR WA 338 -63.98 92.99 -36.53
C THR WA 338 -64.96 93.79 -37.37
N LEU WA 339 -64.45 94.48 -38.38
CA LEU WA 339 -65.29 95.25 -39.29
C LEU WA 339 -65.86 94.35 -40.37
N GLN WA 340 -67.08 94.67 -40.80
CA GLN WA 340 -67.70 93.90 -41.87
C GLN WA 340 -67.10 94.24 -43.22
N GLU WA 341 -66.87 95.52 -43.48
CA GLU WA 341 -66.53 95.99 -44.82
C GLU WA 341 -65.11 96.51 -44.87
N ALA WA 342 -64.58 96.58 -46.10
CA ALA WA 342 -63.21 97.00 -46.33
C ALA WA 342 -63.08 98.35 -47.00
N THR WA 343 -63.94 98.67 -47.96
CA THR WA 343 -63.82 99.92 -48.69
C THR WA 343 -65.07 100.76 -48.46
N ALA WA 344 -64.85 102.03 -48.15
CA ALA WA 344 -65.94 102.93 -47.83
C ALA WA 344 -65.95 104.09 -48.81
N LYS WA 345 -67.14 104.48 -49.22
CA LYS WA 345 -67.34 105.58 -50.16
C LYS WA 345 -67.35 106.88 -49.38
N VAL WA 346 -66.22 107.58 -49.40
CA VAL WA 346 -66.10 108.84 -48.68
C VAL WA 346 -66.69 109.96 -49.51
N LYS WA 347 -67.68 110.65 -48.96
CA LYS WA 347 -68.34 111.76 -49.61
C LYS WA 347 -68.08 113.04 -48.81
N THR WA 348 -68.45 114.17 -49.40
CA THR WA 348 -68.20 115.45 -48.74
C THR WA 348 -69.12 115.69 -47.56
N ALA WA 349 -70.15 114.86 -47.38
CA ALA WA 349 -71.09 115.08 -46.28
C ALA WA 349 -70.42 114.94 -44.93
N GLY WA 350 -69.29 114.22 -44.85
CA GLY WA 350 -68.64 114.02 -43.59
C GLY WA 350 -69.30 112.99 -42.70
N LYS WA 351 -69.95 111.99 -43.28
CA LYS WA 351 -70.67 110.98 -42.52
C LYS WA 351 -70.47 109.63 -43.16
N VAL WA 352 -69.89 108.69 -42.43
CA VAL WA 352 -69.88 107.30 -42.89
C VAL WA 352 -70.32 106.39 -41.76
N THR WA 353 -70.82 105.22 -42.13
CA THR WA 353 -71.33 104.24 -41.19
C THR WA 353 -70.71 102.87 -41.49
N LEU WA 354 -70.37 102.16 -40.42
CA LEU WA 354 -69.73 100.86 -40.51
C LEU WA 354 -70.45 99.89 -39.60
N HIS WA 355 -70.29 98.60 -39.87
CA HIS WA 355 -70.83 97.54 -39.05
C HIS WA 355 -69.68 96.71 -38.50
N PHE WA 356 -69.81 96.28 -37.25
CA PHE WA 356 -68.75 95.48 -36.65
C PHE WA 356 -69.36 94.45 -35.72
N SER WA 357 -68.53 93.48 -35.34
CA SER WA 357 -68.92 92.44 -34.39
C SER WA 357 -67.83 92.31 -33.35
N THR WA 358 -68.24 92.03 -32.11
CA THR WA 358 -67.31 91.95 -30.99
C THR WA 358 -67.75 90.86 -30.04
N ALA WA 359 -67.01 90.71 -28.93
CA ALA WA 359 -67.34 89.71 -27.93
C ALA WA 359 -67.03 90.19 -26.52
N SER WA 360 -67.00 91.49 -26.28
CA SER WA 360 -66.75 92.03 -24.94
C SER WA 360 -67.77 93.10 -24.61
N ALA WA 361 -68.03 93.26 -23.32
CA ALA WA 361 -69.03 94.22 -22.88
C ALA WA 361 -68.61 95.64 -23.22
N SER WA 362 -67.32 95.95 -23.07
CA SER WA 362 -66.80 97.29 -23.31
C SER WA 362 -65.59 97.20 -24.23
N PRO WA 363 -65.80 97.22 -25.54
CA PRO WA 363 -64.67 97.15 -26.47
C PRO WA 363 -64.07 98.53 -26.70
N SER WA 364 -62.77 98.53 -27.00
CA SER WA 364 -62.08 99.75 -27.40
C SER WA 364 -61.06 99.38 -28.46
N PHE WA 365 -61.14 100.05 -29.60
CA PHE WA 365 -60.30 99.71 -30.74
C PHE WA 365 -60.06 100.96 -31.56
N VAL WA 366 -58.96 100.96 -32.30
CA VAL WA 366 -58.54 102.09 -33.08
C VAL WA 366 -58.79 101.81 -34.55
N VAL WA 367 -59.57 102.68 -35.19
CA VAL WA 367 -60.01 102.51 -36.57
C VAL WA 367 -59.25 103.49 -37.44
N SER WA 368 -58.93 103.06 -38.67
CA SER WA 368 -58.21 103.89 -39.61
C SER WA 368 -58.98 103.97 -40.92
N LEU WA 369 -59.15 105.20 -41.41
CA LEU WA 369 -59.81 105.51 -42.67
C LEU WA 369 -58.81 106.24 -43.54
N CYS WA 370 -58.46 105.65 -44.69
CA CYS WA 370 -57.29 106.09 -45.44
C CYS WA 370 -56.11 106.32 -44.50
N SER WA 371 -55.76 107.58 -44.26
CA SER WA 371 -54.61 107.88 -43.41
C SER WA 371 -54.99 108.29 -42.00
N ALA WA 372 -56.22 108.76 -41.77
CA ALA WA 372 -56.59 109.28 -40.47
C ALA WA 372 -56.80 108.13 -39.48
N ARG WA 373 -56.90 108.48 -38.20
CA ARG WA 373 -57.09 107.49 -37.16
C ARG WA 373 -58.11 108.01 -36.15
N ALA WA 374 -58.74 107.10 -35.43
CA ALA WA 374 -59.61 107.48 -34.33
C ALA WA 374 -59.72 106.32 -33.36
N THR WA 375 -60.14 106.62 -32.14
CA THR WA 375 -60.30 105.61 -31.10
C THR WA 375 -61.78 105.51 -30.74
N CYS WA 376 -62.31 104.30 -30.72
CA CYS WA 376 -63.71 104.05 -30.40
C CYS WA 376 -63.80 103.16 -29.17
N SER WA 377 -64.66 103.55 -28.24
CA SER WA 377 -65.00 102.76 -27.07
C SER WA 377 -66.51 102.73 -26.94
N ALA WA 378 -67.05 101.59 -26.49
CA ALA WA 378 -68.49 101.40 -26.57
C ALA WA 378 -68.98 100.57 -25.39
N SER WA 379 -70.30 100.62 -25.18
CA SER WA 379 -70.99 99.84 -24.16
C SER WA 379 -72.00 98.94 -24.86
N CYS WA 380 -71.93 97.64 -24.59
CA CYS WA 380 -72.75 96.65 -25.28
C CYS WA 380 -73.54 95.83 -24.28
N GLU WA 381 -74.78 95.46 -24.65
CA GLU WA 381 -75.62 94.59 -23.84
C GLU WA 381 -75.55 93.16 -24.35
N PRO WA 382 -75.71 92.18 -23.48
CA PRO WA 382 -75.66 90.79 -23.90
C PRO WA 382 -76.86 90.43 -24.76
N PRO WA 383 -76.75 89.40 -25.59
CA PRO WA 383 -77.80 89.08 -26.55
C PRO WA 383 -78.95 88.34 -25.88
N LYS WA 384 -79.99 88.06 -26.66
CA LYS WA 384 -81.18 87.41 -26.14
C LYS WA 384 -81.32 85.95 -26.55
N ASP WA 385 -80.94 85.59 -27.77
CA ASP WA 385 -81.13 84.23 -28.24
C ASP WA 385 -80.10 83.29 -27.63
N HIS WA 386 -80.56 82.15 -27.15
CA HIS WA 386 -79.64 81.20 -26.53
C HIS WA 386 -78.81 80.44 -27.56
N ILE WA 387 -79.40 80.13 -28.70
CA ILE WA 387 -78.77 79.25 -29.69
C ILE WA 387 -78.90 79.86 -31.07
N VAL WA 388 -77.82 79.80 -31.85
CA VAL WA 388 -77.83 80.28 -33.23
C VAL WA 388 -77.23 79.21 -34.14
N PRO WA 389 -77.58 79.18 -35.42
CA PRO WA 389 -77.04 78.14 -36.30
C PRO WA 389 -75.82 78.56 -37.11
N TYR WA 390 -75.37 79.80 -37.01
CA TYR WA 390 -74.21 80.27 -37.77
C TYR WA 390 -73.04 80.50 -36.83
N ALA WA 391 -71.84 80.25 -37.34
CA ALA WA 391 -70.65 80.25 -36.51
C ALA WA 391 -70.27 81.67 -36.10
N ALA WA 392 -69.38 81.76 -35.12
CA ALA WA 392 -68.95 83.04 -34.59
C ALA WA 392 -68.16 83.82 -35.63
N SER WA 393 -68.46 85.11 -35.75
CA SER WA 393 -67.75 85.99 -36.65
C SER WA 393 -66.78 86.92 -35.93
N HIS WA 394 -66.69 86.82 -34.61
CA HIS WA 394 -65.73 87.59 -33.84
C HIS WA 394 -64.55 86.70 -33.48
N SER WA 395 -63.52 87.30 -32.91
CA SER WA 395 -62.31 86.57 -32.59
C SER WA 395 -62.33 85.98 -31.20
N ASN WA 396 -63.45 86.09 -30.48
CA ASN WA 396 -63.62 85.48 -29.16
C ASN WA 396 -62.63 86.05 -28.15
N VAL WA 397 -62.75 87.36 -27.93
CA VAL WA 397 -61.99 88.08 -26.92
C VAL WA 397 -62.97 88.70 -25.94
N VAL WA 398 -62.72 88.52 -24.64
CA VAL WA 398 -63.71 88.87 -23.63
C VAL WA 398 -63.20 89.88 -22.61
N PHE WA 399 -61.90 89.96 -22.37
CA PHE WA 399 -61.38 90.84 -21.33
C PHE WA 399 -61.67 92.30 -21.64
N PRO WA 400 -62.31 93.04 -20.76
CA PRO WA 400 -62.78 94.38 -21.09
C PRO WA 400 -61.66 95.41 -21.05
N ASP WA 401 -62.01 96.62 -21.51
CA ASP WA 401 -61.09 97.74 -21.53
C ASP WA 401 -60.83 98.25 -20.12
N MET WA 402 -59.67 98.87 -19.94
CA MET WA 402 -59.35 99.50 -18.66
C MET WA 402 -60.26 100.68 -18.36
N SER WA 403 -60.80 101.34 -19.38
CA SER WA 403 -61.72 102.45 -19.17
C SER WA 403 -63.16 101.98 -19.03
N GLY WA 404 -63.40 100.67 -19.08
CA GLY WA 404 -64.73 100.15 -18.93
C GLY WA 404 -65.23 100.29 -17.50
N THR WA 405 -66.54 100.08 -17.34
CA THR WA 405 -67.17 100.36 -16.05
C THR WA 405 -66.60 99.50 -14.93
N ALA WA 406 -66.42 98.21 -15.19
CA ALA WA 406 -65.89 97.33 -14.14
C ALA WA 406 -64.48 97.74 -13.76
N LEU WA 407 -63.62 97.93 -14.74
CA LEU WA 407 -62.25 98.30 -14.42
C LEU WA 407 -62.16 99.74 -13.90
N SER WA 408 -63.11 100.60 -14.27
CA SER WA 408 -63.15 101.93 -13.66
C SER WA 408 -63.43 101.84 -12.17
N TRP WA 409 -64.41 101.01 -11.79
CA TRP WA 409 -64.68 100.82 -10.37
C TRP WA 409 -63.48 100.24 -9.65
N VAL WA 410 -62.82 99.25 -10.26
CA VAL WA 410 -61.64 98.66 -9.64
C VAL WA 410 -60.55 99.71 -9.47
N GLN WA 411 -60.36 100.57 -10.48
CA GLN WA 411 -59.37 101.62 -10.38
C GLN WA 411 -59.69 102.59 -9.25
N LYS WA 412 -60.96 102.96 -9.10
CA LYS WA 412 -61.31 103.89 -8.02
C LYS WA 412 -61.03 103.28 -6.66
N ILE WA 413 -61.41 102.02 -6.46
CA ILE WA 413 -61.17 101.38 -5.17
C ILE WA 413 -59.67 101.25 -4.91
N SER WA 414 -58.91 100.82 -5.92
CA SER WA 414 -57.47 100.68 -5.73
C SER WA 414 -56.81 102.02 -5.45
N GLY WA 415 -57.25 103.08 -6.12
CA GLY WA 415 -56.70 104.40 -5.85
C GLY WA 415 -57.00 104.85 -4.44
N GLY WA 416 -58.21 104.59 -3.94
CA GLY WA 416 -58.53 104.94 -2.57
C GLY WA 416 -57.62 104.25 -1.57
N LEU WA 417 -57.47 102.93 -1.72
CA LEU WA 417 -56.61 102.20 -0.80
C LEU WA 417 -55.16 102.64 -0.92
N GLY WA 418 -54.69 102.91 -2.13
CA GLY WA 418 -53.33 103.37 -2.30
C GLY WA 418 -53.08 104.72 -1.67
N ALA WA 419 -54.06 105.63 -1.79
CA ALA WA 419 -53.93 106.93 -1.13
C ALA WA 419 -53.85 106.76 0.37
N PHE WA 420 -54.68 105.88 0.93
CA PHE WA 420 -54.60 105.63 2.37
C PHE WA 420 -53.23 105.10 2.76
N ALA WA 421 -52.70 104.15 1.99
CA ALA WA 421 -51.39 103.59 2.33
C ALA WA 421 -50.30 104.64 2.25
N ILE WA 422 -50.34 105.51 1.23
CA ILE WA 422 -49.32 106.54 1.10
C ILE WA 422 -49.41 107.52 2.27
N GLY WA 423 -50.63 107.90 2.67
CA GLY WA 423 -50.76 108.78 3.82
C GLY WA 423 -50.20 108.16 5.09
N ALA WA 424 -50.48 106.88 5.31
CA ALA WA 424 -49.95 106.18 6.47
C ALA WA 424 -48.43 106.18 6.46
N ILE WA 425 -47.84 105.83 5.32
CA ILE WA 425 -46.39 105.80 5.23
C ILE WA 425 -45.81 107.17 5.48
N LEU WA 426 -46.45 108.22 4.96
CA LEU WA 426 -45.94 109.57 5.16
C LEU WA 426 -45.96 109.96 6.63
N VAL WA 427 -47.06 109.68 7.34
CA VAL WA 427 -47.11 110.05 8.74
C VAL WA 427 -46.05 109.30 9.54
N LEU WA 428 -45.91 108.00 9.28
CA LEU WA 428 -44.89 107.25 10.00
C LEU WA 428 -43.50 107.81 9.70
N VAL WA 429 -43.24 108.15 8.44
CA VAL WA 429 -41.92 108.66 8.07
C VAL WA 429 -41.64 109.98 8.77
N VAL WA 430 -42.64 110.87 8.82
CA VAL WA 430 -42.44 112.16 9.46
C VAL WA 430 -42.13 111.98 10.94
N VAL WA 431 -42.89 111.13 11.62
CA VAL WA 431 -42.66 110.96 13.06
C VAL WA 431 -41.31 110.29 13.29
N THR WA 432 -40.92 109.35 12.42
CA THR WA 432 -39.61 108.73 12.57
C THR WA 432 -38.50 109.76 12.39
N CYS WA 433 -38.65 110.67 11.44
CA CYS WA 433 -37.63 111.69 11.23
C CYS WA 433 -37.55 112.64 12.42
N ILE WA 434 -38.70 113.00 13.00
CA ILE WA 434 -38.67 113.84 14.20
C ILE WA 434 -37.96 113.13 15.34
N GLY WA 435 -38.29 111.86 15.56
CA GLY WA 435 -37.62 111.11 16.60
C GLY WA 435 -36.14 110.96 16.36
N LEU WA 436 -35.75 110.78 15.10
CA LEU WA 436 -34.33 110.66 14.75
C LEU WA 436 -33.60 111.98 14.97
N ARG WA 437 -34.21 113.11 14.60
CA ARG WA 437 -33.59 114.41 14.80
C ARG WA 437 -33.57 114.83 16.26
N ARG WA 438 -34.43 114.26 17.09
CA ARG WA 438 -34.31 114.46 18.54
C ARG WA 438 -32.93 114.00 18.99
N HIS XA 1 -77.53 28.31 -80.41
CA HIS XA 1 -76.56 29.21 -79.80
C HIS XA 1 -75.29 28.48 -79.40
N PHE XA 2 -75.10 28.33 -78.10
CA PHE XA 2 -73.90 27.73 -77.55
C PHE XA 2 -74.21 26.52 -76.66
N ASN XA 3 -75.07 26.69 -75.66
CA ASN XA 3 -75.74 25.58 -74.98
C ASN XA 3 -74.74 24.63 -74.31
N VAL XA 4 -74.12 25.14 -73.25
CA VAL XA 4 -73.26 24.29 -72.41
C VAL XA 4 -74.03 23.10 -71.89
N TYR XA 5 -75.30 23.29 -71.53
CA TYR XA 5 -76.08 22.31 -70.80
C TYR XA 5 -76.39 21.06 -71.56
N LYS XA 6 -75.86 20.82 -72.76
CA LYS XA 6 -76.02 19.51 -73.37
C LYS XA 6 -74.96 18.52 -72.90
N ALA XA 7 -74.08 18.93 -71.99
CA ALA XA 7 -73.02 18.06 -71.49
C ALA XA 7 -73.09 17.83 -69.98
N THR XA 8 -74.16 18.29 -69.33
CA THR XA 8 -74.30 18.13 -67.89
C THR XA 8 -75.67 17.53 -67.58
N ARG XA 9 -75.77 16.83 -66.46
CA ARG XA 9 -76.99 16.16 -66.07
C ARG XA 9 -77.36 16.50 -64.64
N PRO XA 10 -78.65 16.47 -64.32
CA PRO XA 10 -79.06 16.54 -62.91
C PRO XA 10 -78.61 15.30 -62.16
N TYR XA 11 -78.40 15.46 -60.87
CA TYR XA 11 -77.94 14.34 -60.06
C TYR XA 11 -78.80 14.23 -58.81
N ILE XA 12 -78.78 13.04 -58.22
CA ILE XA 12 -79.60 12.72 -57.05
C ILE XA 12 -78.67 12.60 -55.85
N ALA XA 13 -78.95 13.39 -54.82
CA ALA XA 13 -78.09 13.50 -53.65
C ALA XA 13 -78.90 13.32 -52.38
N TYR XA 14 -78.23 13.55 -51.25
CA TYR XA 14 -78.80 13.34 -49.93
C TYR XA 14 -79.37 14.64 -49.39
N CYS XA 15 -80.58 14.59 -48.87
CA CYS XA 15 -81.22 15.74 -48.23
C CYS XA 15 -81.39 15.45 -46.76
N ALA XA 16 -81.19 16.47 -45.93
CA ALA XA 16 -81.27 16.26 -44.49
C ALA XA 16 -82.66 15.83 -44.07
N ASP XA 17 -83.69 16.53 -44.55
CA ASP XA 17 -85.06 16.14 -44.31
C ASP XA 17 -85.94 16.69 -45.42
N CYS XA 18 -86.93 15.90 -45.83
CA CYS XA 18 -87.74 16.21 -47.01
C CYS XA 18 -89.05 16.87 -46.65
N GLY XA 19 -89.08 17.69 -45.61
CA GLY XA 19 -90.29 18.40 -45.24
C GLY XA 19 -91.20 17.65 -44.30
N ALA XA 20 -90.88 16.40 -43.99
CA ALA XA 20 -91.68 15.60 -43.06
C ALA XA 20 -90.87 15.17 -41.85
N GLY XA 21 -89.64 15.63 -41.71
CA GLY XA 21 -88.78 15.19 -40.65
C GLY XA 21 -88.03 13.91 -40.94
N HIS XA 22 -88.15 13.36 -42.13
CA HIS XA 22 -87.48 12.12 -42.48
C HIS XA 22 -86.46 12.38 -43.58
N SER XA 23 -85.42 11.55 -43.60
CA SER XA 23 -84.30 11.74 -44.52
C SER XA 23 -84.39 10.75 -45.66
N CYS XA 24 -84.36 11.24 -46.88
CA CYS XA 24 -84.34 10.37 -48.04
C CYS XA 24 -83.73 11.10 -49.22
N HIS XA 25 -83.08 10.33 -50.09
CA HIS XA 25 -82.40 10.89 -51.25
C HIS XA 25 -83.43 11.59 -52.12
N SER XA 26 -83.14 12.81 -52.51
CA SER XA 26 -84.10 13.51 -53.35
C SER XA 26 -83.39 14.05 -54.58
N PRO XA 27 -84.13 14.26 -55.67
CA PRO XA 27 -83.54 14.89 -56.85
C PRO XA 27 -83.37 16.40 -56.75
N VAL XA 28 -83.68 17.00 -55.60
CA VAL XA 28 -83.71 18.45 -55.50
C VAL XA 28 -82.94 18.92 -54.25
N ALA XA 29 -81.85 18.24 -53.93
CA ALA XA 29 -81.05 18.64 -52.78
C ALA XA 29 -80.53 20.06 -52.94
N ILE XA 30 -80.49 20.80 -51.84
CA ILE XA 30 -79.96 22.15 -51.85
C ILE XA 30 -78.51 22.12 -51.41
N GLU XA 31 -77.64 22.69 -52.22
CA GLU XA 31 -76.26 22.93 -51.83
C GLU XA 31 -76.18 24.34 -51.23
N ALA XA 32 -74.98 24.85 -51.00
CA ALA XA 32 -74.84 26.07 -50.23
C ALA XA 32 -75.59 27.24 -50.87
N VAL XA 33 -75.97 28.21 -50.05
CA VAL XA 33 -76.65 29.41 -50.49
C VAL XA 33 -75.69 30.58 -50.35
N ARG XA 34 -75.79 31.54 -51.26
CA ARG XA 34 -74.95 32.73 -51.24
C ARG XA 34 -75.82 33.96 -51.01
N SER XA 35 -75.37 34.83 -50.13
CA SER XA 35 -76.17 35.99 -49.73
C SER XA 35 -75.29 37.24 -49.75
N GLU XA 36 -74.59 37.46 -50.85
CA GLU XA 36 -73.51 38.43 -50.90
C GLU XA 36 -73.93 39.78 -51.45
N ALA XA 37 -75.21 40.00 -51.70
CA ALA XA 37 -75.69 41.25 -52.26
C ALA XA 37 -76.43 42.03 -51.19
N THR XA 38 -76.20 43.35 -51.17
CA THR XA 38 -76.68 44.18 -50.07
C THR XA 38 -78.20 44.18 -49.98
N ASP XA 39 -78.90 44.31 -51.11
CA ASP XA 39 -80.34 44.46 -51.03
C ASP XA 39 -81.06 43.18 -50.62
N GLY XA 40 -80.34 42.05 -50.54
CA GLY XA 40 -80.95 40.85 -50.02
C GLY XA 40 -81.56 39.94 -51.07
N MET XA 41 -80.77 39.54 -52.04
CA MET XA 41 -81.18 38.60 -53.07
C MET XA 41 -80.36 37.33 -52.93
N LEU XA 42 -81.03 36.20 -52.75
CA LEU XA 42 -80.31 34.95 -52.55
C LEU XA 42 -80.04 34.23 -53.87
N LYS XA 43 -79.03 33.36 -53.85
CA LYS XA 43 -78.71 32.49 -54.98
C LYS XA 43 -78.74 31.05 -54.51
N ILE XA 44 -79.93 30.45 -54.55
CA ILE XA 44 -80.05 29.07 -54.11
C ILE XA 44 -79.59 28.14 -55.22
N GLN XA 45 -78.85 27.10 -54.84
CA GLN XA 45 -78.28 26.15 -55.80
C GLN XA 45 -78.95 24.79 -55.64
N PHE XA 46 -79.72 24.36 -56.63
CA PHE XA 46 -80.25 23.00 -56.62
C PHE XA 46 -79.17 21.96 -56.86
N SER XA 47 -79.64 20.72 -56.94
CA SER XA 47 -78.99 19.64 -57.64
C SER XA 47 -79.76 19.21 -58.88
N ALA XA 48 -80.83 19.93 -59.24
CA ALA XA 48 -81.63 19.61 -60.42
C ALA XA 48 -81.71 20.85 -61.29
N GLN XA 49 -81.03 20.82 -62.43
CA GLN XA 49 -80.89 22.01 -63.26
C GLN XA 49 -82.17 22.31 -64.03
N ILE XA 50 -82.48 23.60 -64.13
CA ILE XA 50 -83.79 24.07 -64.57
C ILE XA 50 -83.60 25.01 -65.74
N GLY XA 51 -84.63 25.12 -66.57
CA GLY XA 51 -84.57 25.89 -67.80
C GLY XA 51 -84.28 25.06 -69.03
N ILE XA 52 -83.96 23.78 -68.88
CA ILE XA 52 -83.57 22.92 -69.99
C ILE XA 52 -84.47 21.70 -70.01
N ASP XA 53 -85.04 21.40 -71.17
CA ASP XA 53 -85.91 20.22 -71.28
C ASP XA 53 -85.07 18.95 -71.31
N LYS XA 54 -85.75 17.80 -71.40
CA LYS XA 54 -85.06 16.53 -71.42
C LYS XA 54 -84.20 16.37 -72.67
N SER XA 55 -84.65 16.93 -73.80
CA SER XA 55 -83.95 16.82 -75.06
C SER XA 55 -82.97 17.95 -75.31
N ASP XA 56 -82.39 18.53 -74.27
CA ASP XA 56 -81.26 19.44 -74.35
C ASP XA 56 -81.57 20.75 -75.06
N ASN XA 57 -82.82 21.21 -75.02
CA ASN XA 57 -83.19 22.44 -75.71
C ASN XA 57 -83.74 23.46 -74.72
N HIS XA 58 -83.43 24.73 -74.97
CA HIS XA 58 -83.91 25.78 -74.10
C HIS XA 58 -85.42 25.84 -74.10
N ASP XA 59 -86.00 26.02 -72.92
CA ASP XA 59 -87.45 26.11 -72.80
C ASP XA 59 -87.81 26.85 -71.53
N TYR XA 60 -88.85 27.66 -71.61
CA TYR XA 60 -89.31 28.46 -70.49
C TYR XA 60 -90.25 27.70 -69.56
N THR XA 61 -90.49 26.43 -69.81
CA THR XA 61 -91.54 25.71 -69.11
C THR XA 61 -91.08 24.40 -68.48
N LYS XA 62 -89.94 23.86 -68.88
CA LYS XA 62 -89.56 22.55 -68.42
C LYS XA 62 -88.31 22.56 -67.54
N ILE XA 63 -88.35 21.72 -66.50
CA ILE XA 63 -87.21 21.51 -65.61
C ILE XA 63 -86.73 20.07 -65.73
N ARG XA 64 -85.45 19.91 -66.04
CA ARG XA 64 -84.81 18.61 -66.03
C ARG XA 64 -84.52 18.18 -64.61
N TYR XA 65 -84.65 16.88 -64.35
CA TYR XA 65 -84.24 16.36 -63.06
C TYR XA 65 -84.02 14.86 -63.15
N ALA XA 66 -83.11 14.36 -62.33
CA ALA XA 66 -82.76 12.95 -62.36
C ALA XA 66 -83.80 12.12 -61.63
N ASP XA 67 -83.94 10.87 -62.06
CA ASP XA 67 -84.82 9.89 -61.43
C ASP XA 67 -84.39 8.52 -61.94
N GLY XA 68 -83.81 7.72 -61.04
CA GLY XA 68 -83.41 6.37 -61.38
C GLY XA 68 -82.56 6.27 -62.63
N HIS XA 69 -81.45 7.00 -62.67
CA HIS XA 69 -80.61 7.15 -63.87
C HIS XA 69 -81.46 7.27 -65.12
N ALA XA 70 -82.43 8.18 -65.07
CA ALA XA 70 -83.20 8.61 -66.23
C ALA XA 70 -83.68 10.03 -65.96
N ILE XA 71 -83.50 10.92 -66.91
CA ILE XA 71 -83.83 12.32 -66.72
C ILE XA 71 -85.25 12.55 -67.19
N GLU XA 72 -86.02 13.34 -66.45
CA GLU XA 72 -87.36 13.74 -66.87
C GLU XA 72 -87.53 15.25 -66.74
N ASN XA 73 -88.67 15.74 -67.17
CA ASN XA 73 -88.94 17.17 -67.11
C ASN XA 73 -90.29 17.41 -66.44
N ALA XA 74 -90.34 18.48 -65.65
CA ALA XA 74 -91.51 18.85 -64.89
C ALA XA 74 -91.87 20.31 -65.16
N VAL XA 75 -93.09 20.69 -64.76
CA VAL XA 75 -93.64 21.99 -65.13
C VAL XA 75 -92.93 23.10 -64.35
N ARG XA 76 -92.80 24.26 -64.98
CA ARG XA 76 -92.13 25.39 -64.32
C ARG XA 76 -92.96 25.96 -63.20
N SER XA 77 -94.27 25.96 -63.31
CA SER XA 77 -95.08 26.23 -62.15
C SER XA 77 -94.79 25.17 -61.09
N SER XA 78 -95.20 25.45 -59.87
CA SER XA 78 -94.98 24.61 -58.70
C SER XA 78 -93.53 24.59 -58.25
N LEU XA 79 -92.66 25.38 -58.86
CA LEU XA 79 -91.34 25.63 -58.27
C LEU XA 79 -91.52 26.68 -57.18
N LYS XA 80 -91.53 26.24 -55.93
CA LYS XA 80 -91.77 27.14 -54.81
C LYS XA 80 -90.59 27.12 -53.85
N VAL XA 81 -90.07 28.30 -53.56
CA VAL XA 81 -89.06 28.50 -52.53
C VAL XA 81 -89.72 29.23 -51.38
N ALA XA 82 -89.52 28.75 -50.16
CA ALA XA 82 -90.26 29.29 -49.03
C ALA XA 82 -89.38 29.40 -47.81
N THR XA 83 -89.72 30.38 -46.98
CA THR XA 83 -89.14 30.57 -45.66
C THR XA 83 -90.35 30.85 -44.78
N SER XA 84 -90.12 31.39 -43.58
CA SER XA 84 -91.20 31.65 -42.64
C SER XA 84 -92.45 32.21 -43.31
N GLY XA 85 -92.26 32.97 -44.38
CA GLY XA 85 -93.37 33.45 -45.18
C GLY XA 85 -93.51 32.71 -46.49
N ASP XA 86 -93.27 33.40 -47.60
CA ASP XA 86 -93.39 32.81 -48.93
C ASP XA 86 -92.61 33.68 -49.89
N CYS XA 87 -91.57 33.12 -50.50
CA CYS XA 87 -90.60 33.90 -51.25
C CYS XA 87 -91.14 34.28 -52.62
N PHE XA 88 -90.42 35.20 -53.27
CA PHE XA 88 -90.71 35.61 -54.64
C PHE XA 88 -89.49 35.32 -55.48
N VAL XA 89 -89.70 34.77 -56.68
CA VAL XA 89 -88.61 34.32 -57.53
C VAL XA 89 -88.38 35.35 -58.63
N HIS XA 90 -87.14 35.82 -58.75
CA HIS XA 90 -86.79 36.80 -59.79
C HIS XA 90 -86.08 36.14 -60.97
N GLY XA 91 -84.92 35.53 -60.72
CA GLY XA 91 -84.11 34.96 -61.76
C GLY XA 91 -84.25 33.46 -61.82
N THR XA 92 -83.94 32.92 -63.00
CA THR XA 92 -84.10 31.48 -63.21
C THR XA 92 -83.26 31.00 -64.39
N MET XA 93 -82.18 30.26 -64.13
CA MET XA 93 -81.47 29.58 -65.20
C MET XA 93 -80.45 28.63 -64.60
N GLY XA 94 -80.32 27.44 -65.18
CA GLY XA 94 -79.27 26.53 -64.74
C GLY XA 94 -79.59 25.87 -63.42
N HIS XA 95 -78.57 25.73 -62.58
CA HIS XA 95 -78.76 25.20 -61.23
C HIS XA 95 -79.31 26.24 -60.25
N PHE XA 96 -79.35 27.50 -60.64
CA PHE XA 96 -79.41 28.59 -59.67
C PHE XA 96 -80.72 29.36 -59.71
N ILE XA 97 -81.15 29.81 -58.53
CA ILE XA 97 -82.37 30.58 -58.40
C ILE XA 97 -82.10 31.88 -57.66
N LEU XA 98 -82.59 32.98 -58.22
CA LEU XA 98 -82.57 34.26 -57.54
C LEU XA 98 -83.90 34.47 -56.86
N ALA XA 99 -83.87 34.74 -55.56
CA ALA XA 99 -85.10 34.83 -54.80
C ALA XA 99 -84.99 35.93 -53.75
N LYS XA 100 -86.16 36.42 -53.33
CA LYS XA 100 -86.30 37.35 -52.22
C LYS XA 100 -87.23 36.73 -51.20
N CYS XA 101 -86.81 36.73 -49.93
CA CYS XA 101 -87.61 36.04 -48.93
C CYS XA 101 -87.77 36.91 -47.68
N PRO XA 102 -88.90 36.81 -47.01
CA PRO XA 102 -89.07 37.46 -45.71
C PRO XA 102 -88.24 36.76 -44.66
N PRO XA 103 -87.91 37.45 -43.56
CA PRO XA 103 -87.00 36.86 -42.56
C PRO XA 103 -87.56 35.60 -41.95
N GLY XA 104 -86.65 34.65 -41.68
CA GLY XA 104 -87.04 33.35 -41.19
C GLY XA 104 -85.82 32.60 -40.70
N GLU XA 105 -86.01 31.30 -40.45
CA GLU XA 105 -84.95 30.46 -39.91
C GLU XA 105 -84.57 29.29 -40.81
N PHE XA 106 -85.29 29.11 -41.92
CA PHE XA 106 -85.06 27.95 -42.78
C PHE XA 106 -85.57 28.29 -44.17
N LEU XA 107 -85.17 27.50 -45.15
CA LEU XA 107 -85.76 27.66 -46.48
C LEU XA 107 -85.89 26.30 -47.12
N GLN XA 108 -87.01 26.10 -47.82
CA GLN XA 108 -87.23 24.86 -48.54
C GLN XA 108 -87.54 25.17 -50.00
N VAL XA 109 -87.20 24.23 -50.86
CA VAL XA 109 -87.51 24.32 -52.29
C VAL XA 109 -88.30 23.08 -52.66
N SER XA 110 -89.30 23.27 -53.53
CA SER XA 110 -90.23 22.20 -53.84
C SER XA 110 -90.66 22.28 -55.30
N ILE XA 111 -90.76 21.12 -55.93
CA ILE XA 111 -91.20 21.00 -57.32
C ILE XA 111 -92.15 19.81 -57.42
N GLN XA 112 -93.06 19.88 -58.39
CA GLN XA 112 -93.89 18.71 -58.64
C GLN XA 112 -93.14 17.70 -59.51
N ASP XA 113 -93.41 16.42 -59.24
CA ASP XA 113 -92.80 15.32 -59.98
C ASP XA 113 -93.61 15.09 -61.25
N THR XA 114 -93.31 14.00 -61.96
CA THR XA 114 -94.13 13.66 -63.11
C THR XA 114 -95.56 13.32 -62.70
N ARG XA 115 -95.71 12.58 -61.59
CA ARG XA 115 -97.01 12.13 -61.13
C ARG XA 115 -97.66 13.10 -60.14
N ASN XA 116 -97.32 14.37 -60.22
CA ASN XA 116 -97.92 15.41 -59.36
C ASN XA 116 -97.66 15.13 -57.88
N ALA XA 117 -96.50 14.58 -57.57
CA ALA XA 117 -96.07 14.34 -56.21
C ALA XA 117 -95.04 15.40 -55.81
N VAL XA 118 -95.25 16.04 -54.67
CA VAL XA 118 -94.36 17.12 -54.26
C VAL XA 118 -93.02 16.55 -53.82
N ARG XA 119 -91.93 17.11 -54.33
CA ARG XA 119 -90.60 16.78 -53.88
C ARG XA 119 -89.98 18.06 -53.33
N ALA XA 120 -89.52 18.01 -52.08
CA ALA XA 120 -89.05 19.19 -51.40
C ALA XA 120 -87.80 18.86 -50.58
N CYS XA 121 -87.04 19.90 -50.28
CA CYS XA 121 -85.91 19.76 -49.36
C CYS XA 121 -85.72 21.09 -48.66
N ARG XA 122 -85.44 21.05 -47.36
CA ARG XA 122 -85.40 22.24 -46.52
C ARG XA 122 -84.10 22.24 -45.72
N ILE XA 123 -83.53 23.43 -45.57
CA ILE XA 123 -82.23 23.59 -44.94
C ILE XA 123 -82.31 24.71 -43.92
N GLN XA 124 -81.48 24.59 -42.88
CA GLN XA 124 -81.40 25.61 -41.85
C GLN XA 124 -80.55 26.77 -42.31
N TYR XA 125 -81.15 27.96 -42.36
CA TYR XA 125 -80.44 29.14 -42.81
C TYR XA 125 -81.05 30.37 -42.16
N HIS XA 126 -80.23 31.15 -41.46
CA HIS XA 126 -80.70 32.26 -40.64
C HIS XA 126 -80.70 33.53 -41.49
N HIS XA 127 -81.83 33.83 -42.11
CA HIS XA 127 -81.93 34.93 -43.05
C HIS XA 127 -82.55 36.14 -42.36
N ASP XA 128 -81.78 37.23 -42.28
CA ASP XA 128 -82.25 38.47 -41.68
C ASP XA 128 -81.55 39.66 -42.31
N PRO XA 129 -82.11 40.24 -43.36
CA PRO XA 129 -81.42 41.33 -44.06
C PRO XA 129 -81.61 42.65 -43.33
N GLN XA 130 -80.65 43.54 -43.55
CA GLN XA 130 -80.82 44.95 -43.17
C GLN XA 130 -80.59 45.79 -44.42
N PRO XA 131 -81.50 46.70 -44.73
CA PRO XA 131 -81.25 47.61 -45.84
C PRO XA 131 -80.07 48.53 -45.55
N VAL XA 132 -79.38 48.90 -46.62
CA VAL XA 132 -78.25 49.81 -46.48
C VAL XA 132 -78.76 51.18 -46.07
N GLY XA 133 -77.98 51.88 -45.25
CA GLY XA 133 -78.33 53.20 -44.79
C GLY XA 133 -78.28 53.28 -43.29
N ARG XA 134 -79.19 54.07 -42.72
CA ARG XA 134 -79.29 54.21 -41.28
C ARG XA 134 -80.70 53.98 -40.75
N GLU XA 135 -81.68 53.75 -41.62
CA GLU XA 135 -83.00 53.28 -41.19
C GLU XA 135 -83.15 51.83 -41.58
N LYS XA 136 -83.81 51.06 -40.71
CA LYS XA 136 -84.15 49.68 -41.02
C LYS XA 136 -85.59 49.58 -41.51
N PHE XA 137 -85.88 50.32 -42.58
CA PHE XA 137 -87.21 50.29 -43.17
C PHE XA 137 -87.46 48.95 -43.84
N THR XA 138 -88.71 48.74 -44.28
CA THR XA 138 -89.09 47.48 -44.89
C THR XA 138 -89.19 47.56 -46.41
N ILE XA 139 -89.94 48.54 -46.94
CA ILE XA 139 -90.11 48.69 -48.37
C ILE XA 139 -89.85 50.14 -48.77
N ARG XA 140 -89.51 50.34 -50.03
CA ARG XA 140 -89.05 51.64 -50.49
C ARG XA 140 -90.19 52.65 -50.47
N PRO XA 141 -89.89 53.90 -50.13
CA PRO XA 141 -90.93 54.93 -50.12
C PRO XA 141 -91.02 55.61 -51.47
N HIS XA 142 -91.91 56.59 -51.60
CA HIS XA 142 -92.08 57.31 -52.85
C HIS XA 142 -91.42 58.67 -52.84
N TYR XA 143 -90.57 58.96 -51.86
CA TYR XA 143 -89.82 60.22 -51.83
C TYR XA 143 -88.63 60.05 -50.91
N GLY XA 144 -87.42 60.04 -51.46
CA GLY XA 144 -86.25 59.90 -50.62
C GLY XA 144 -84.99 59.86 -51.46
N LYS XA 145 -83.88 59.58 -50.79
CA LYS XA 145 -82.58 59.60 -51.44
C LYS XA 145 -82.33 58.33 -52.24
N GLU XA 146 -81.29 58.38 -53.06
CA GLU XA 146 -80.79 57.22 -53.80
C GLU XA 146 -79.39 56.91 -53.30
N ILE XA 147 -79.20 55.70 -52.83
CA ILE XA 147 -77.94 55.26 -52.20
C ILE XA 147 -77.40 54.10 -53.03
N PRO XA 148 -76.11 54.06 -53.33
CA PRO XA 148 -75.55 52.93 -54.08
C PRO XA 148 -75.59 51.65 -53.26
N CYS XA 149 -75.76 50.53 -53.96
CA CYS XA 149 -75.78 49.20 -53.36
C CYS XA 149 -75.49 48.18 -54.46
N THR XA 150 -75.45 46.90 -54.09
CA THR XA 150 -75.08 45.86 -55.02
C THR XA 150 -76.19 44.82 -55.10
N THR XA 151 -76.34 44.23 -56.28
CA THR XA 151 -77.39 43.24 -56.52
C THR XA 151 -76.94 42.33 -57.64
N TYR XA 152 -77.62 41.19 -57.76
CA TYR XA 152 -77.35 40.25 -58.85
C TYR XA 152 -78.14 40.65 -60.08
N GLN XA 153 -77.51 40.59 -61.25
CA GLN XA 153 -78.18 40.99 -62.48
C GLN XA 153 -78.77 39.78 -63.19
N GLN XA 154 -79.82 40.04 -63.97
CA GLN XA 154 -80.51 38.99 -64.69
C GLN XA 154 -79.75 38.50 -65.90
N THR XA 155 -78.74 39.23 -66.36
CA THR XA 155 -78.00 38.81 -67.55
C THR XA 155 -77.24 37.52 -67.27
N THR XA 156 -77.15 36.68 -68.29
CA THR XA 156 -76.52 35.37 -68.19
C THR XA 156 -75.22 35.33 -68.99
N ALA XA 157 -74.55 36.47 -69.11
CA ALA XA 157 -73.36 36.58 -69.95
C ALA XA 157 -72.14 36.00 -69.25
N LYS XA 158 -70.97 36.23 -69.84
CA LYS XA 158 -69.73 35.75 -69.25
C LYS XA 158 -69.52 36.39 -67.88
N THR XA 159 -69.05 35.60 -66.93
CA THR XA 159 -69.04 36.01 -65.53
C THR XA 159 -67.70 35.82 -64.83
N VAL XA 160 -66.82 34.95 -65.33
CA VAL XA 160 -65.57 34.63 -64.67
C VAL XA 160 -65.87 34.05 -63.28
N GLU XA 161 -66.53 32.90 -63.26
CA GLU XA 161 -66.73 32.12 -62.05
C GLU XA 161 -66.58 30.65 -62.41
N GLU XA 162 -66.35 29.83 -61.41
CA GLU XA 162 -66.03 28.44 -61.64
C GLU XA 162 -67.03 27.54 -60.93
N ILE XA 163 -67.50 26.53 -61.64
CA ILE XA 163 -68.11 25.36 -61.01
C ILE XA 163 -67.41 24.15 -61.57
N ASP XA 164 -66.97 23.26 -60.70
CA ASP XA 164 -66.17 22.11 -61.10
C ASP XA 164 -67.07 20.91 -61.38
N MET XA 165 -66.88 20.31 -62.54
CA MET XA 165 -67.67 19.19 -63.02
C MET XA 165 -66.76 17.97 -63.13
N HIS XA 166 -67.34 16.78 -63.08
CA HIS XA 166 -66.58 15.58 -63.41
C HIS XA 166 -67.56 14.45 -63.67
N MET XA 167 -67.01 13.31 -64.09
CA MET XA 167 -67.84 12.19 -64.53
C MET XA 167 -68.43 11.48 -63.32
N PRO XA 168 -69.67 10.99 -63.42
CA PRO XA 168 -70.28 10.37 -62.26
C PRO XA 168 -69.65 9.03 -61.96
N PRO XA 169 -69.83 8.49 -60.76
CA PRO XA 169 -69.28 7.19 -60.43
C PRO XA 169 -70.12 6.06 -61.02
N ASP XA 170 -69.65 4.84 -60.82
CA ASP XA 170 -70.39 3.65 -61.23
C ASP XA 170 -71.58 3.46 -60.31
N THR XA 171 -72.75 3.82 -60.77
CA THR XA 171 -73.93 3.81 -59.91
C THR XA 171 -74.39 2.39 -59.63
N PRO XA 172 -74.49 1.98 -58.38
CA PRO XA 172 -74.94 0.61 -58.10
C PRO XA 172 -76.44 0.50 -58.11
N ASP XA 173 -76.91 -0.63 -58.61
CA ASP XA 173 -78.34 -0.89 -58.76
C ASP XA 173 -78.59 -2.38 -58.57
N ARG XA 174 -79.72 -2.70 -57.93
CA ARG XA 174 -80.08 -4.08 -57.66
C ARG XA 174 -81.40 -4.48 -58.28
N THR XA 175 -82.08 -3.57 -58.97
CA THR XA 175 -83.32 -3.93 -59.65
C THR XA 175 -83.08 -4.66 -60.95
N LEU XA 176 -81.83 -4.75 -61.41
CA LEU XA 176 -81.55 -5.42 -62.67
C LEU XA 176 -81.26 -6.91 -62.50
N LEU XA 177 -81.11 -7.38 -61.27
CA LEU XA 177 -80.92 -8.81 -61.03
C LEU XA 177 -82.28 -9.49 -60.96
N SER XA 178 -82.53 -10.44 -61.85
CA SER XA 178 -83.75 -11.25 -61.81
C SER XA 178 -83.34 -12.71 -61.64
N GLN XA 179 -83.59 -13.25 -60.46
CA GLN XA 179 -83.30 -14.65 -60.19
C GLN XA 179 -84.52 -15.48 -60.56
N GLN XA 180 -84.39 -16.36 -61.54
CA GLN XA 180 -85.53 -17.19 -61.93
C GLN XA 180 -85.52 -18.55 -61.23
N SER XA 181 -84.54 -19.39 -61.57
CA SER XA 181 -84.40 -20.68 -60.88
C SER XA 181 -82.96 -21.13 -61.10
N GLY XA 182 -82.11 -20.92 -60.10
CA GLY XA 182 -80.71 -21.22 -60.29
C GLY XA 182 -80.05 -20.46 -61.42
N ASN XA 183 -80.68 -19.37 -61.86
CA ASN XA 183 -80.16 -18.58 -62.97
C ASN XA 183 -80.55 -17.12 -62.75
N VAL XA 184 -79.76 -16.22 -63.33
CA VAL XA 184 -79.94 -14.79 -63.15
C VAL XA 184 -80.03 -14.13 -64.51
N LYS XA 185 -80.79 -13.04 -64.57
CA LYS XA 185 -80.89 -12.19 -65.74
C LYS XA 185 -80.50 -10.77 -65.36
N ILE XA 186 -79.74 -10.13 -66.24
CA ILE XA 186 -79.33 -8.75 -66.09
C ILE XA 186 -79.99 -7.93 -67.18
N THR XA 187 -80.87 -7.02 -66.80
CA THR XA 187 -81.58 -6.20 -67.76
C THR XA 187 -80.67 -5.08 -68.29
N VAL XA 188 -80.99 -4.60 -69.47
CA VAL XA 188 -80.26 -3.55 -70.17
C VAL XA 188 -81.25 -2.49 -70.63
N GLY XA 189 -80.82 -1.63 -71.55
CA GLY XA 189 -81.60 -0.47 -71.93
C GLY XA 189 -80.72 0.68 -72.33
N GLY XA 190 -79.43 0.41 -72.44
CA GLY XA 190 -78.46 1.38 -72.91
C GLY XA 190 -77.34 1.47 -71.90
N LYS XA 191 -77.53 0.80 -70.78
CA LYS XA 191 -76.66 0.94 -69.62
C LYS XA 191 -75.69 -0.23 -69.59
N LYS XA 192 -74.45 0.03 -69.96
CA LYS XA 192 -73.43 -1.02 -69.97
C LYS XA 192 -73.04 -1.34 -68.54
N VAL XA 193 -73.37 -2.53 -68.11
CA VAL XA 193 -73.27 -2.90 -66.72
C VAL XA 193 -71.96 -3.60 -66.44
N LYS XA 194 -71.29 -3.16 -65.39
CA LYS XA 194 -70.16 -3.85 -64.81
C LYS XA 194 -70.66 -4.87 -63.79
N TYR XA 195 -70.03 -6.04 -63.78
CA TYR XA 195 -70.50 -7.08 -62.87
C TYR XA 195 -69.31 -7.75 -62.22
N ASN XA 196 -69.54 -8.28 -61.01
CA ASN XA 196 -68.50 -8.98 -60.27
C ASN XA 196 -69.20 -9.91 -59.27
N CYS XA 197 -69.28 -11.19 -59.62
CA CYS XA 197 -69.95 -12.20 -58.79
C CYS XA 197 -68.93 -13.28 -58.48
N THR XA 198 -68.81 -13.65 -57.21
CA THR XA 198 -67.85 -14.66 -56.80
C THR XA 198 -68.51 -16.04 -56.68
N CYS XA 199 -68.92 -16.57 -57.82
CA CYS XA 199 -69.38 -17.95 -57.92
C CYS XA 199 -68.62 -18.61 -59.07
N GLY XA 200 -67.79 -19.58 -58.74
CA GLY XA 200 -66.99 -20.27 -59.74
C GLY XA 200 -65.74 -19.51 -60.13
N THR XA 201 -65.39 -19.54 -61.41
CA THR XA 201 -64.19 -18.88 -61.90
C THR XA 201 -64.46 -17.40 -62.10
N GLY XA 202 -63.54 -16.72 -62.77
CA GLY XA 202 -63.64 -15.28 -62.98
C GLY XA 202 -64.88 -14.84 -63.71
N ASN XA 203 -65.65 -13.95 -63.09
CA ASN XA 203 -66.90 -13.41 -63.64
C ASN XA 203 -66.92 -11.90 -63.48
N VAL XA 204 -65.85 -11.26 -63.92
CA VAL XA 204 -65.76 -9.80 -63.89
C VAL XA 204 -65.78 -9.28 -65.31
N GLY XA 205 -66.19 -8.03 -65.45
CA GLY XA 205 -66.20 -7.36 -66.74
C GLY XA 205 -67.52 -6.67 -67.01
N THR XA 206 -67.65 -6.18 -68.23
CA THR XA 206 -68.83 -5.44 -68.66
C THR XA 206 -69.72 -6.31 -69.53
N THR XA 207 -70.87 -5.75 -69.90
CA THR XA 207 -71.80 -6.43 -70.80
C THR XA 207 -72.69 -5.39 -71.45
N ASN XA 208 -73.47 -5.84 -72.42
CA ASN XA 208 -74.45 -4.98 -73.07
C ASN XA 208 -75.72 -5.74 -73.44
N SER XA 209 -75.81 -7.01 -73.06
CA SER XA 209 -76.97 -7.82 -73.39
C SER XA 209 -77.29 -8.71 -72.20
N ASP XA 210 -78.53 -9.21 -72.19
CA ASP XA 210 -79.00 -10.03 -71.08
C ASP XA 210 -78.09 -11.24 -70.90
N MET XA 211 -77.59 -11.42 -69.69
CA MET XA 211 -76.57 -12.42 -69.43
C MET XA 211 -77.04 -13.32 -68.28
N THR XA 212 -76.54 -14.56 -68.27
CA THR XA 212 -76.97 -15.54 -67.29
C THR XA 212 -75.76 -16.24 -66.69
N ILE XA 213 -75.81 -16.49 -65.37
CA ILE XA 213 -74.68 -17.10 -64.70
C ILE XA 213 -74.97 -18.57 -64.42
N ASN XA 214 -76.25 -18.91 -64.23
CA ASN XA 214 -76.78 -20.26 -64.15
C ASN XA 214 -76.29 -21.07 -62.96
N THR XA 215 -75.45 -20.51 -62.09
CA THR XA 215 -74.86 -21.31 -61.02
C THR XA 215 -75.18 -20.76 -59.62
N CYS XA 216 -75.04 -19.45 -59.42
CA CYS XA 216 -75.15 -18.82 -58.12
C CYS XA 216 -76.38 -17.92 -58.09
N LEU XA 217 -76.79 -17.55 -56.89
CA LEU XA 217 -77.99 -16.73 -56.70
C LEU XA 217 -77.63 -15.25 -56.87
N ILE XA 218 -78.60 -14.38 -56.60
CA ILE XA 218 -78.37 -12.94 -56.61
C ILE XA 218 -77.65 -12.46 -55.36
N GLU XA 219 -77.24 -13.36 -54.48
CA GLU XA 219 -76.52 -12.95 -53.27
C GLU XA 219 -75.12 -12.48 -53.59
N GLN XA 220 -74.66 -12.63 -54.82
CA GLN XA 220 -73.31 -12.18 -55.17
C GLN XA 220 -73.24 -11.23 -56.36
N CYS XA 221 -74.14 -11.34 -57.33
CA CYS XA 221 -74.06 -10.49 -58.50
C CYS XA 221 -74.45 -9.04 -58.19
N HIS XA 222 -73.79 -8.11 -58.86
CA HIS XA 222 -74.03 -6.68 -58.71
C HIS XA 222 -74.09 -5.99 -60.05
N VAL XA 223 -75.02 -5.07 -60.17
CA VAL XA 223 -75.13 -4.21 -61.33
C VAL XA 223 -74.58 -2.84 -60.96
N SER XA 224 -73.67 -2.33 -61.79
CA SER XA 224 -73.06 -1.03 -61.57
C SER XA 224 -73.07 -0.29 -62.91
N VAL XA 225 -74.13 0.49 -63.14
CA VAL XA 225 -74.25 1.21 -64.40
C VAL XA 225 -73.09 2.20 -64.52
N THR XA 226 -72.43 2.20 -65.66
CA THR XA 226 -71.25 3.02 -65.89
C THR XA 226 -71.43 4.02 -67.02
N ASP XA 227 -72.55 4.73 -67.03
CA ASP XA 227 -72.76 5.80 -67.99
C ASP XA 227 -71.73 6.90 -67.80
N HIS XA 228 -70.95 7.16 -68.85
CA HIS XA 228 -69.88 8.14 -68.82
C HIS XA 228 -69.96 9.08 -70.01
N LYS XA 229 -71.14 9.62 -70.28
CA LYS XA 229 -71.33 10.46 -71.45
C LYS XA 229 -71.53 11.94 -71.10
N LYS XA 230 -71.55 12.29 -69.82
CA LYS XA 230 -71.70 13.69 -69.43
C LYS XA 230 -71.34 13.97 -67.97
N TRP XA 231 -70.77 15.15 -67.74
CA TRP XA 231 -70.37 15.59 -66.41
C TRP XA 231 -71.59 15.78 -65.51
N GLN XA 232 -71.36 15.69 -64.19
CA GLN XA 232 -72.46 15.81 -63.24
C GLN XA 232 -72.31 17.01 -62.29
N PHE XA 233 -71.33 17.00 -61.39
CA PHE XA 233 -70.99 18.11 -60.48
C PHE XA 233 -69.90 17.62 -59.53
N ASN XA 234 -69.21 18.52 -58.85
CA ASN XA 234 -68.30 18.11 -57.80
C ASN XA 234 -69.00 18.34 -56.46
N SER XA 235 -69.78 17.35 -56.03
CA SER XA 235 -70.50 17.50 -54.79
C SER XA 235 -69.94 16.59 -53.72
N PRO XA 236 -69.97 17.01 -52.45
CA PRO XA 236 -69.43 16.15 -51.40
C PRO XA 236 -70.34 14.99 -51.05
N PHE XA 237 -71.57 14.96 -51.54
CA PHE XA 237 -72.49 13.90 -51.17
C PHE XA 237 -72.50 12.72 -52.13
N VAL XA 238 -71.74 12.76 -53.22
CA VAL XA 238 -71.70 11.63 -54.15
C VAL XA 238 -70.25 11.34 -54.53
N PRO XA 239 -69.77 10.12 -54.32
CA PRO XA 239 -68.33 9.86 -54.40
C PRO XA 239 -67.70 10.09 -55.75
N ARG XA 240 -66.37 10.01 -55.81
CA ARG XA 240 -65.59 10.34 -56.99
C ARG XA 240 -64.99 9.09 -57.60
N ALA XA 241 -64.62 9.20 -58.88
CA ALA XA 241 -64.21 8.04 -59.68
C ALA XA 241 -62.71 7.75 -59.63
N ASP XA 242 -61.85 8.71 -59.89
CA ASP XA 242 -60.43 8.44 -59.95
C ASP XA 242 -59.62 9.37 -59.03
N GLU XA 243 -58.59 8.82 -58.40
CA GLU XA 243 -57.97 9.56 -57.31
C GLU XA 243 -57.21 10.81 -57.75
N PRO XA 244 -56.71 10.93 -58.98
CA PRO XA 244 -56.16 12.24 -59.40
C PRO XA 244 -57.23 13.29 -59.66
N ALA XA 245 -58.49 12.88 -59.78
CA ALA XA 245 -59.59 13.72 -60.24
C ALA XA 245 -59.32 14.18 -61.67
N ARG XA 246 -60.36 14.59 -62.38
CA ARG XA 246 -60.18 15.08 -63.73
C ARG XA 246 -60.63 16.53 -63.87
N LYS XA 247 -61.80 16.87 -63.33
CA LYS XA 247 -62.22 18.25 -63.16
C LYS XA 247 -62.58 18.90 -64.48
N GLY XA 248 -63.55 19.80 -64.43
CA GLY XA 248 -63.89 20.65 -65.54
C GLY XA 248 -64.35 21.99 -65.01
N LYS XA 249 -64.80 22.87 -65.90
CA LYS XA 249 -65.30 24.14 -65.45
C LYS XA 249 -66.56 24.51 -66.21
N VAL XA 250 -67.46 25.17 -65.51
CA VAL XA 250 -68.61 25.81 -66.15
C VAL XA 250 -68.87 27.14 -65.46
N HIS XA 251 -69.29 28.13 -66.24
CA HIS XA 251 -69.53 29.46 -65.70
C HIS XA 251 -70.82 29.51 -64.88
N ILE XA 252 -70.79 30.30 -63.82
CA ILE XA 252 -71.95 30.53 -62.97
C ILE XA 252 -72.69 31.75 -63.48
N PRO XA 253 -74.00 31.71 -63.63
CA PRO XA 253 -74.72 32.85 -64.17
C PRO XA 253 -74.96 33.91 -63.10
N PHE XA 254 -75.56 35.03 -63.52
CA PHE XA 254 -75.92 36.10 -62.62
C PHE XA 254 -74.73 36.68 -61.88
N PRO XA 255 -73.97 37.58 -62.52
CA PRO XA 255 -72.84 38.21 -61.84
C PRO XA 255 -73.31 39.15 -60.74
N LEU XA 256 -72.33 39.80 -60.12
CA LEU XA 256 -72.62 40.85 -59.14
C LEU XA 256 -72.38 42.21 -59.77
N ASP XA 257 -73.25 43.16 -59.47
CA ASP XA 257 -73.23 44.44 -60.17
C ASP XA 257 -73.68 45.55 -59.23
N ASN XA 258 -73.65 46.78 -59.75
CA ASN XA 258 -74.00 47.97 -58.99
C ASN XA 258 -75.38 48.48 -59.37
N ILE XA 259 -76.12 49.00 -58.40
CA ILE XA 259 -77.38 49.67 -58.67
C ILE XA 259 -77.59 50.69 -57.56
N THR XA 260 -78.67 51.47 -57.63
CA THR XA 260 -78.99 52.43 -56.59
C THR XA 260 -80.39 52.17 -56.05
N CYS XA 261 -80.50 52.05 -54.73
CA CYS XA 261 -81.77 51.83 -54.07
C CYS XA 261 -82.27 53.15 -53.49
N ARG XA 262 -83.53 53.16 -53.08
CA ARG XA 262 -84.18 54.37 -52.59
C ARG XA 262 -84.44 54.24 -51.10
N VAL XA 263 -83.98 55.21 -50.33
CA VAL XA 263 -84.10 55.17 -48.87
C VAL XA 263 -84.85 56.40 -48.37
N PRO XA 264 -85.67 56.27 -47.33
CA PRO XA 264 -86.54 57.36 -46.92
C PRO XA 264 -85.79 58.42 -46.12
N MET XA 265 -86.46 59.54 -45.94
CA MET XA 265 -85.93 60.66 -45.16
C MET XA 265 -86.72 60.77 -43.87
N ALA XA 266 -86.02 60.59 -42.75
CA ALA XA 266 -86.69 60.64 -41.47
C ALA XA 266 -87.07 62.08 -41.13
N ARG XA 267 -88.09 62.23 -40.30
CA ARG XA 267 -88.62 63.56 -40.00
C ARG XA 267 -87.62 64.39 -39.21
N GLU XA 268 -87.72 65.69 -39.36
CA GLU XA 268 -86.88 66.60 -38.62
C GLU XA 268 -87.31 66.66 -37.16
N PRO XA 269 -86.42 66.42 -36.21
CA PRO XA 269 -86.80 66.49 -34.80
C PRO XA 269 -87.06 67.92 -34.38
N THR XA 270 -87.88 68.06 -33.34
CA THR XA 270 -88.17 69.37 -32.78
C THR XA 270 -87.10 69.76 -31.77
N VAL XA 271 -86.68 71.01 -31.81
CA VAL XA 271 -85.64 71.52 -30.92
C VAL XA 271 -86.27 72.53 -29.97
N ILE XA 272 -85.84 72.49 -28.71
CA ILE XA 272 -86.20 73.49 -27.72
C ILE XA 272 -84.92 74.07 -27.14
N HIS XA 273 -84.74 75.38 -27.25
CA HIS XA 273 -83.51 76.03 -26.84
C HIS XA 273 -83.42 76.19 -25.34
N GLY XA 274 -82.21 76.04 -24.82
CA GLY XA 274 -81.95 76.22 -23.41
C GLY XA 274 -80.64 76.96 -23.16
N LYS XA 275 -80.14 76.96 -21.94
CA LYS XA 275 -78.88 77.62 -21.62
C LYS XA 275 -77.75 76.63 -21.82
N ARG XA 276 -77.05 76.75 -22.95
CA ARG XA 276 -75.96 75.84 -23.31
C ARG XA 276 -76.43 74.39 -23.33
N GLU XA 277 -77.62 74.16 -23.88
CA GLU XA 277 -78.25 72.86 -23.85
C GLU XA 277 -79.47 72.89 -24.75
N VAL XA 278 -79.72 71.78 -25.46
CA VAL XA 278 -80.93 71.67 -26.27
C VAL XA 278 -81.63 70.37 -25.96
N THR XA 279 -82.94 70.44 -25.76
CA THR XA 279 -83.80 69.28 -25.63
C THR XA 279 -84.33 68.94 -27.02
N LEU XA 280 -84.46 67.66 -27.30
CA LEU XA 280 -84.58 67.17 -28.66
C LEU XA 280 -85.65 66.09 -28.67
N HIS XA 281 -86.75 66.34 -29.36
CA HIS XA 281 -87.85 65.39 -29.44
C HIS XA 281 -87.67 64.51 -30.67
N LEU XA 282 -87.75 63.19 -30.48
CA LEU XA 282 -87.51 62.24 -31.54
C LEU XA 282 -88.76 61.38 -31.76
N HIS XA 283 -89.23 61.34 -33.01
CA HIS XA 283 -90.39 60.55 -33.40
C HIS XA 283 -90.04 59.66 -34.58
N PRO XA 284 -89.57 58.45 -34.34
CA PRO XA 284 -89.26 57.54 -35.44
C PRO XA 284 -90.46 56.75 -35.89
N ASP XA 285 -90.43 56.37 -37.17
CA ASP XA 285 -91.38 55.40 -37.71
C ASP XA 285 -90.81 54.00 -37.79
N HIS XA 286 -89.50 53.87 -37.63
CA HIS XA 286 -88.78 52.61 -37.71
C HIS XA 286 -87.42 52.81 -37.11
N PRO XA 287 -86.75 51.75 -36.68
CA PRO XA 287 -85.47 51.94 -35.98
C PRO XA 287 -84.49 52.76 -36.76
N THR XA 288 -84.21 53.98 -36.33
CA THR XA 288 -83.24 54.85 -37.00
C THR XA 288 -81.98 54.92 -36.16
N LEU XA 289 -80.99 55.64 -36.65
CA LEU XA 289 -79.75 55.89 -35.93
C LEU XA 289 -79.66 57.38 -35.59
N PHE XA 290 -79.25 57.68 -34.37
CA PHE XA 290 -79.11 59.04 -33.90
C PHE XA 290 -77.76 59.19 -33.22
N SER XA 291 -76.97 60.17 -33.67
CA SER XA 291 -75.62 60.30 -33.10
C SER XA 291 -75.18 61.74 -33.11
N TYR XA 292 -74.67 62.20 -31.97
CA TYR XA 292 -74.25 63.59 -31.85
C TYR XA 292 -72.84 63.63 -31.31
N ARG XA 293 -72.12 64.69 -31.68
CA ARG XA 293 -70.78 64.89 -31.14
C ARG XA 293 -70.52 66.37 -30.98
N THR XA 294 -69.78 66.70 -29.93
CA THR XA 294 -69.39 68.06 -29.62
C THR XA 294 -68.09 68.37 -30.35
N LEU XA 295 -68.11 69.40 -31.20
CA LEU XA 295 -66.98 69.65 -32.07
C LEU XA 295 -65.94 70.58 -31.42
N GLY XA 296 -65.55 70.21 -30.20
CA GLY XA 296 -64.49 70.86 -29.50
C GLY XA 296 -63.15 70.19 -29.75
N GLU XA 297 -62.25 70.34 -28.79
CA GLU XA 297 -60.95 69.68 -28.91
C GLU XA 297 -60.98 68.28 -28.31
N ASP XA 298 -61.82 68.06 -27.30
CA ASP XA 298 -62.10 66.72 -26.77
C ASP XA 298 -63.59 66.46 -26.83
N PRO XA 299 -64.06 65.58 -27.69
CA PRO XA 299 -65.50 65.52 -27.99
C PRO XA 299 -66.25 64.60 -27.06
N GLN XA 300 -67.57 64.55 -27.27
CA GLN XA 300 -68.47 63.65 -26.57
C GLN XA 300 -69.14 62.75 -27.61
N TYR XA 301 -69.32 61.48 -27.27
CA TYR XA 301 -69.77 60.50 -28.22
C TYR XA 301 -71.21 60.13 -27.90
N HIS XA 302 -71.91 59.62 -28.91
CA HIS XA 302 -73.15 58.90 -28.64
C HIS XA 302 -73.65 58.24 -29.91
N GLU XA 303 -73.99 56.96 -29.83
CA GLU XA 303 -74.52 56.26 -30.99
C GLU XA 303 -75.60 55.32 -30.51
N GLU XA 304 -76.83 55.56 -30.93
CA GLU XA 304 -77.95 54.87 -30.34
C GLU XA 304 -78.95 54.53 -31.43
N TRP XA 305 -79.57 53.38 -31.29
CA TRP XA 305 -80.59 52.91 -32.24
C TRP XA 305 -81.95 53.28 -31.67
N VAL XA 306 -82.38 54.51 -31.91
CA VAL XA 306 -83.67 54.95 -31.38
C VAL XA 306 -84.79 54.14 -32.00
N THR XA 307 -85.71 53.68 -31.17
CA THR XA 307 -86.80 52.82 -31.62
C THR XA 307 -88.17 53.42 -31.40
N ALA XA 308 -88.45 53.96 -30.23
CA ALA XA 308 -89.74 54.57 -29.93
C ALA XA 308 -89.57 56.04 -29.66
N ALA XA 309 -90.69 56.75 -29.57
CA ALA XA 309 -90.66 58.19 -29.39
C ALA XA 309 -89.94 58.54 -28.08
N VAL XA 310 -88.94 59.42 -28.17
CA VAL XA 310 -88.14 59.74 -27.00
C VAL XA 310 -87.85 61.23 -26.91
N GLU XA 311 -87.03 61.63 -25.94
CA GLU XA 311 -86.54 63.00 -25.86
C GLU XA 311 -85.16 62.97 -25.22
N ARG XA 312 -84.20 63.66 -25.83
CA ARG XA 312 -82.83 63.65 -25.37
C ARG XA 312 -82.35 65.07 -25.11
N THR XA 313 -81.56 65.23 -24.06
CA THR XA 313 -80.92 66.51 -23.74
C THR XA 313 -79.46 66.42 -24.11
N ILE XA 314 -78.99 67.34 -24.94
CA ILE XA 314 -77.61 67.29 -25.39
C ILE XA 314 -76.93 68.65 -25.22
N PRO XA 315 -75.65 68.68 -24.86
CA PRO XA 315 -74.99 69.93 -24.50
C PRO XA 315 -74.40 70.63 -25.71
N VAL XA 316 -74.40 71.96 -25.66
CA VAL XA 316 -73.92 72.79 -26.75
C VAL XA 316 -72.97 73.85 -26.19
N PRO XA 317 -71.69 73.56 -26.04
CA PRO XA 317 -70.77 74.60 -25.56
C PRO XA 317 -70.58 75.71 -26.56
N VAL XA 318 -69.71 76.68 -26.26
CA VAL XA 318 -69.47 77.79 -27.17
C VAL XA 318 -68.82 77.33 -28.47
N ASP XA 319 -68.19 76.16 -28.47
CA ASP XA 319 -67.57 75.67 -29.70
C ASP XA 319 -68.60 75.18 -30.70
N GLY XA 320 -69.63 74.48 -30.25
CA GLY XA 320 -70.67 73.97 -31.11
C GLY XA 320 -70.67 72.46 -31.20
N MET XA 321 -71.74 71.92 -31.76
CA MET XA 321 -71.86 70.48 -31.87
C MET XA 321 -72.74 70.12 -33.04
N GLU XA 322 -72.53 68.93 -33.59
CA GLU XA 322 -73.31 68.46 -34.72
C GLU XA 322 -74.07 67.22 -34.31
N TYR XA 323 -75.25 67.04 -34.91
CA TYR XA 323 -76.01 65.83 -34.71
C TYR XA 323 -76.51 65.31 -36.05
N HIS XA 324 -76.61 63.99 -36.12
CA HIS XA 324 -76.92 63.23 -37.32
C HIS XA 324 -78.11 62.37 -36.97
N TRP XA 325 -79.26 62.68 -37.55
CA TRP XA 325 -80.52 62.03 -37.19
C TRP XA 325 -80.99 61.19 -38.37
N GLY XA 326 -81.04 59.89 -38.17
CA GLY XA 326 -81.53 59.04 -39.23
C GLY XA 326 -80.66 59.13 -40.45
N ASN XA 327 -81.28 59.43 -41.57
CA ASN XA 327 -80.57 59.44 -42.84
C ASN XA 327 -80.40 60.85 -43.41
N ASN XA 328 -80.80 61.88 -42.66
CA ASN XA 328 -80.65 63.25 -43.12
C ASN XA 328 -79.18 63.65 -43.14
N ASP XA 329 -78.95 64.91 -43.49
CA ASP XA 329 -77.62 65.48 -43.39
C ASP XA 329 -77.35 65.99 -41.98
N PRO XA 330 -76.11 65.89 -41.52
CA PRO XA 330 -75.80 66.37 -40.17
C PRO XA 330 -76.00 67.88 -40.07
N VAL XA 331 -76.36 68.34 -38.88
CA VAL XA 331 -76.61 69.77 -38.65
C VAL XA 331 -75.79 70.21 -37.44
N ARG XA 332 -75.22 71.41 -37.54
CA ARG XA 332 -74.37 71.98 -36.50
C ARG XA 332 -75.07 73.12 -35.80
N LEU XA 333 -74.93 73.19 -34.48
CA LEU XA 333 -75.53 74.24 -33.67
C LEU XA 333 -74.49 74.83 -32.72
N TRP XA 334 -74.56 76.14 -32.54
CA TRP XA 334 -73.56 76.93 -31.84
C TRP XA 334 -74.18 77.73 -30.71
N SER XA 335 -73.55 77.69 -29.55
CA SER XA 335 -74.02 78.46 -28.42
C SER XA 335 -73.70 79.94 -28.60
N GLN XA 336 -74.27 80.78 -27.74
CA GLN XA 336 -74.07 82.21 -27.84
C GLN XA 336 -73.82 82.74 -26.43
N LEU XA 337 -72.99 83.77 -26.34
CA LEU XA 337 -72.61 84.26 -25.02
C LEU XA 337 -73.77 85.00 -24.37
N THR XA 338 -74.71 84.27 -23.78
CA THR XA 338 -75.86 84.86 -23.13
C THR XA 338 -75.77 84.61 -21.63
N THR XA 339 -76.34 85.53 -20.86
CA THR XA 339 -76.29 85.48 -19.41
C THR XA 339 -77.43 86.28 -18.85
N GLU XA 340 -77.46 86.41 -17.52
CA GLU XA 340 -78.61 86.95 -16.81
C GLU XA 340 -78.30 88.15 -15.93
N GLY XA 341 -77.04 88.45 -15.67
CA GLY XA 341 -76.69 89.61 -14.89
C GLY XA 341 -76.95 90.89 -15.65
N LYS XA 342 -76.59 92.01 -15.02
CA LYS XA 342 -76.71 93.32 -15.64
C LYS XA 342 -75.33 93.94 -15.78
N PRO XA 343 -74.74 93.95 -16.97
CA PRO XA 343 -73.45 94.62 -17.14
C PRO XA 343 -73.63 96.12 -17.09
N HIS XA 344 -72.55 96.81 -16.75
CA HIS XA 344 -72.53 98.27 -16.70
C HIS XA 344 -73.54 98.81 -15.70
N GLY XA 345 -73.67 98.14 -14.57
CA GLY XA 345 -74.51 98.60 -13.48
C GLY XA 345 -73.75 98.61 -12.17
N TRP XA 346 -74.44 98.27 -11.08
CA TRP XA 346 -73.81 98.25 -9.78
C TRP XA 346 -72.86 97.05 -9.65
N PRO XA 347 -71.88 97.15 -8.76
CA PRO XA 347 -70.94 96.04 -8.57
C PRO XA 347 -71.58 94.72 -8.16
N HIS XA 348 -72.69 94.75 -7.43
CA HIS XA 348 -73.39 93.51 -7.09
C HIS XA 348 -74.15 92.94 -8.29
N GLN XA 349 -74.19 93.66 -9.40
CA GLN XA 349 -74.76 93.17 -10.65
C GLN XA 349 -73.70 92.77 -11.68
N ILE XA 350 -72.59 93.50 -11.73
CA ILE XA 350 -71.53 93.15 -12.67
C ILE XA 350 -70.95 91.79 -12.33
N VAL XA 351 -70.85 91.47 -11.04
CA VAL XA 351 -70.32 90.16 -10.67
C VAL XA 351 -71.25 89.05 -11.12
N GLN XA 352 -72.57 89.27 -11.05
CA GLN XA 352 -73.48 88.28 -11.60
C GLN XA 352 -73.33 88.17 -13.12
N TYR XA 353 -73.16 89.30 -13.80
CA TYR XA 353 -72.99 89.25 -15.24
C TYR XA 353 -71.77 88.42 -15.61
N TYR XA 354 -70.67 88.60 -14.89
CA TYR XA 354 -69.46 87.84 -15.18
C TYR XA 354 -69.45 86.49 -14.48
N TYR XA 355 -70.46 86.16 -13.69
CA TYR XA 355 -70.61 84.82 -13.16
C TYR XA 355 -71.48 83.97 -14.05
N GLY XA 356 -72.36 84.59 -14.83
CA GLY XA 356 -73.07 83.87 -15.87
C GLY XA 356 -72.13 83.35 -16.94
N LEU XA 357 -70.96 83.96 -17.07
CA LEU XA 357 -69.94 83.54 -18.01
C LEU XA 357 -68.73 83.05 -17.24
N TYR XA 358 -68.28 81.84 -17.53
CA TYR XA 358 -67.12 81.27 -16.85
C TYR XA 358 -67.32 81.27 -15.34
N PRO XA 359 -68.29 80.52 -14.82
CA PRO XA 359 -68.58 80.62 -13.39
C PRO XA 359 -67.63 79.82 -12.51
N ALA XA 360 -66.33 79.92 -12.80
CA ALA XA 360 -65.32 79.31 -11.97
C ALA XA 360 -64.14 80.22 -11.70
N ALA XA 361 -63.90 81.22 -12.52
CA ALA XA 361 -62.83 82.18 -12.28
C ALA XA 361 -63.34 83.47 -11.67
N THR XA 362 -64.62 83.81 -11.88
CA THR XA 362 -65.15 85.03 -11.28
C THR XA 362 -65.06 84.97 -9.77
N VAL XA 363 -65.45 83.84 -9.19
CA VAL XA 363 -65.41 83.69 -7.73
C VAL XA 363 -63.99 83.86 -7.23
N SER XA 364 -63.04 83.17 -7.87
CA SER XA 364 -61.65 83.26 -7.43
C SER XA 364 -61.12 84.68 -7.53
N ALA XA 365 -61.41 85.36 -8.65
CA ALA XA 365 -60.91 86.72 -8.82
C ALA XA 365 -61.46 87.66 -7.77
N VAL XA 366 -62.78 87.61 -7.53
CA VAL XA 366 -63.38 88.51 -6.56
C VAL XA 366 -62.82 88.23 -5.17
N VAL XA 367 -62.70 86.96 -4.81
CA VAL XA 367 -62.19 86.62 -3.47
C VAL XA 367 -60.77 87.12 -3.31
N GLY XA 368 -59.93 86.91 -4.32
CA GLY XA 368 -58.55 87.37 -4.22
C GLY XA 368 -58.45 88.88 -4.09
N MET XA 369 -59.23 89.61 -4.88
CA MET XA 369 -59.19 91.06 -4.79
C MET XA 369 -59.60 91.54 -3.40
N SER XA 370 -60.68 90.98 -2.86
CA SER XA 370 -61.12 91.41 -1.54
C SER XA 370 -60.09 91.07 -0.46
N LEU XA 371 -59.48 89.89 -0.55
CA LEU XA 371 -58.47 89.51 0.42
C LEU XA 371 -57.28 90.45 0.39
N LEU XA 372 -56.81 90.80 -0.81
CA LEU XA 372 -55.69 91.73 -0.91
C LEU XA 372 -56.06 93.09 -0.35
N ALA XA 373 -57.28 93.56 -0.60
CA ALA XA 373 -57.71 94.82 -0.03
C ALA XA 373 -57.70 94.77 1.49
N LEU XA 374 -58.15 93.66 2.07
CA LEU XA 374 -58.13 93.55 3.53
C LEU XA 374 -56.72 93.60 4.07
N ILE XA 375 -55.78 92.89 3.43
CA ILE XA 375 -54.40 92.94 3.89
C ILE XA 375 -53.86 94.36 3.83
N SER XA 376 -54.15 95.07 2.74
CA SER XA 376 -53.68 96.44 2.62
C SER XA 376 -54.22 97.31 3.74
N ILE XA 377 -55.52 97.23 4.02
CA ILE XA 377 -56.11 98.14 4.99
C ILE XA 377 -55.63 97.80 6.40
N PHE XA 378 -55.46 96.52 6.72
CA PHE XA 378 -54.90 96.17 8.01
C PHE XA 378 -53.47 96.68 8.15
N ALA XA 379 -52.67 96.60 7.08
CA ALA XA 379 -51.31 97.11 7.17
C ALA XA 379 -51.32 98.61 7.43
N SER XA 380 -52.21 99.36 6.77
CA SER XA 380 -52.28 100.80 7.01
C SER XA 380 -52.67 101.11 8.45
N CYS XA 381 -53.70 100.44 8.96
CA CYS XA 381 -54.12 100.69 10.34
C CYS XA 381 -53.00 100.36 11.31
N TYR XA 382 -52.31 99.24 11.09
CA TYR XA 382 -51.24 98.84 11.98
C TYR XA 382 -50.10 99.87 11.94
N MET XA 383 -49.82 100.43 10.77
CA MET XA 383 -48.79 101.45 10.70
C MET XA 383 -49.18 102.71 11.47
N LEU XA 384 -50.44 103.15 11.36
CA LEU XA 384 -50.85 104.30 12.17
C LEU XA 384 -50.73 104.02 13.66
N VAL XA 385 -51.14 102.83 14.10
CA VAL XA 385 -51.02 102.48 15.51
C VAL XA 385 -49.56 102.51 15.94
N ALA XA 386 -48.68 101.94 15.12
CA ALA XA 386 -47.26 101.94 15.47
C ALA XA 386 -46.70 103.35 15.54
N ALA XA 387 -47.10 104.22 14.61
CA ALA XA 387 -46.62 105.59 14.63
C ALA XA 387 -47.07 106.32 15.88
N ARG XA 388 -48.34 106.15 16.28
CA ARG XA 388 -48.81 106.80 17.50
C ARG XA 388 -48.04 106.28 18.71
N SER XA 389 -47.82 104.96 18.77
CA SER XA 389 -47.09 104.40 19.90
C SER XA 389 -45.67 104.95 19.96
N LYS XA 390 -45.01 105.07 18.81
CA LYS XA 390 -43.64 105.54 18.77
C LYS XA 390 -43.56 107.01 19.13
N CYS XA 391 -44.56 107.81 18.74
CA CYS XA 391 -44.57 109.22 19.12
C CYS XA 391 -44.85 109.40 20.60
N LEU XA 392 -45.69 108.54 21.18
CA LEU XA 392 -46.16 108.78 22.53
C LEU XA 392 -45.32 108.08 23.59
N THR XA 393 -44.49 107.10 23.23
CA THR XA 393 -43.69 106.43 24.23
C THR XA 393 -42.71 107.33 24.99
N PRO XA 394 -41.99 108.29 24.38
CA PRO XA 394 -41.04 109.07 25.19
C PRO XA 394 -41.69 109.88 26.28
N TYR XA 395 -42.91 110.37 26.06
CA TYR XA 395 -43.61 111.13 27.08
C TYR XA 395 -43.89 110.31 28.32
N ALA XA 396 -44.03 108.99 28.18
CA ALA XA 396 -44.34 108.12 29.29
C ALA XA 396 -43.14 107.82 30.18
N LEU XA 397 -41.94 108.20 29.76
CA LEU XA 397 -40.73 107.93 30.52
C LEU XA 397 -40.29 109.11 31.38
N THR XA 398 -41.05 110.20 31.40
CA THR XA 398 -40.77 111.32 32.28
C THR XA 398 -42.05 111.79 32.96
N PRO XA 399 -41.94 112.39 34.14
CA PRO XA 399 -43.10 113.05 34.73
C PRO XA 399 -43.45 114.33 33.99
N GLY XA 400 -43.88 114.19 32.73
CA GLY XA 400 -44.19 115.31 31.89
C GLY XA 400 -45.69 115.60 31.79
N ALA XA 401 -46.02 116.51 30.89
CA ALA XA 401 -47.38 116.95 30.68
C ALA XA 401 -48.03 116.20 29.52
N ALA XA 402 -49.23 116.60 29.15
CA ALA XA 402 -49.97 115.96 28.07
C ALA XA 402 -49.95 116.76 26.77
N VAL XA 403 -49.76 118.07 26.85
CA VAL XA 403 -49.73 118.93 25.66
C VAL XA 403 -51.07 118.81 24.95
N PRO XA 404 -52.14 119.43 25.45
CA PRO XA 404 -53.47 119.27 24.82
C PRO XA 404 -53.48 119.52 23.32
N TRP XA 405 -52.57 120.34 22.81
CA TRP XA 405 -52.45 120.50 21.37
C TRP XA 405 -52.18 119.17 20.68
N THR XA 406 -51.27 118.38 21.25
CA THR XA 406 -51.04 117.03 20.74
C THR XA 406 -52.13 116.06 21.15
N LEU XA 407 -52.71 116.26 22.33
CA LEU XA 407 -53.73 115.34 22.84
C LEU XA 407 -54.96 115.32 21.95
N GLY XA 408 -55.42 116.49 21.50
CA GLY XA 408 -56.62 116.54 20.68
C GLY XA 408 -56.44 115.81 19.36
N ILE XA 409 -55.33 116.07 18.68
CA ILE XA 409 -55.08 115.44 17.38
C ILE XA 409 -54.81 113.95 17.56
N LEU XA 410 -53.96 113.58 18.50
CA LEU XA 410 -53.62 112.19 18.75
C LEU XA 410 -54.27 111.76 20.06
N CYS XA 411 -55.34 110.98 19.95
CA CYS XA 411 -56.01 110.47 21.14
C CYS XA 411 -55.12 109.48 21.87
N CYS XA 412 -55.21 109.48 23.19
CA CYS XA 412 -54.42 108.59 24.04
C CYS XA 412 -55.32 108.00 25.11
N ALA XA 413 -54.80 106.97 25.79
CA ALA XA 413 -55.55 106.35 26.87
C ALA XA 413 -55.89 107.33 28.00
N PRO XA 414 -54.97 108.18 28.49
CA PRO XA 414 -55.37 109.16 29.50
C PRO XA 414 -56.23 110.26 28.91
N ARG XA 415 -57.54 110.23 29.19
CA ARG XA 415 -58.44 111.22 28.62
C ARG XA 415 -58.42 112.51 29.42
N ALA XA 416 -58.51 112.42 30.75
CA ALA XA 416 -58.54 113.61 31.60
C ALA XA 416 -57.56 113.57 32.77
N HIS XA 417 -57.10 112.39 33.20
CA HIS XA 417 -56.10 112.29 34.26
C HIS XA 417 -54.73 112.13 33.62
N ALA XA 418 -53.88 113.14 33.81
CA ALA XA 418 -52.51 113.11 33.31
C ALA XA 418 -52.43 112.97 31.80
N MET YA 1 -51.99 26.76 -77.99
CA MET YA 1 -51.34 26.63 -76.70
C MET YA 1 -51.78 25.36 -75.99
N CYS YA 2 -52.94 24.85 -76.39
CA CYS YA 2 -53.55 23.70 -75.75
C CYS YA 2 -53.12 22.41 -76.44
N VAL YA 3 -53.23 21.30 -75.71
CA VAL YA 3 -52.66 20.03 -76.16
C VAL YA 3 -53.76 18.97 -76.20
N LEU YA 4 -53.52 17.92 -76.98
CA LEU YA 4 -54.35 16.72 -77.04
C LEU YA 4 -53.38 15.55 -77.13
N ALA YA 5 -53.07 14.94 -75.99
CA ALA YA 5 -52.11 13.84 -75.92
C ALA YA 5 -50.76 14.27 -76.51
N ASN YA 6 -50.65 14.25 -77.84
CA ASN YA 6 -49.45 14.69 -78.55
C ASN YA 6 -49.83 15.53 -79.75
N ALA YA 7 -50.78 16.45 -79.58
CA ALA YA 7 -51.26 17.26 -80.70
C ALA YA 7 -50.64 18.66 -80.71
N THR YA 8 -50.79 19.40 -79.62
CA THR YA 8 -50.31 20.78 -79.50
C THR YA 8 -50.84 21.63 -80.65
N PHE YA 9 -52.16 21.74 -80.68
CA PHE YA 9 -52.87 22.55 -81.66
C PHE YA 9 -53.25 23.89 -81.05
N PRO YA 10 -53.40 24.94 -81.85
CA PRO YA 10 -53.82 26.23 -81.29
C PRO YA 10 -55.24 26.15 -80.73
N CYS YA 11 -55.44 26.84 -79.61
CA CYS YA 11 -56.66 26.64 -78.82
C CYS YA 11 -57.88 27.22 -79.50
N PHE YA 12 -57.70 28.02 -80.53
CA PHE YA 12 -58.85 28.64 -81.20
C PHE YA 12 -59.55 27.64 -82.12
N GLN YA 13 -58.81 26.70 -82.70
CA GLN YA 13 -59.37 25.70 -83.63
C GLN YA 13 -58.94 24.31 -83.20
N PRO YA 14 -59.84 23.56 -82.57
CA PRO YA 14 -59.53 22.17 -82.24
C PRO YA 14 -59.63 21.29 -83.48
N PRO YA 15 -58.99 20.12 -83.47
CA PRO YA 15 -59.02 19.24 -84.65
C PRO YA 15 -60.32 18.49 -84.85
N CYS YA 16 -61.24 18.53 -83.89
CA CYS YA 16 -62.47 17.76 -83.97
C CYS YA 16 -63.62 18.52 -84.63
N VAL YA 17 -63.38 19.75 -85.09
CA VAL YA 17 -64.45 20.59 -85.61
C VAL YA 17 -65.09 19.92 -86.82
N PRO YA 18 -66.42 19.94 -86.98
CA PRO YA 18 -67.43 20.48 -86.06
C PRO YA 18 -68.19 19.38 -85.33
N CYS YA 19 -69.08 19.76 -84.42
CA CYS YA 19 -69.89 18.82 -83.64
C CYS YA 19 -69.00 17.78 -82.96
N CYS YA 20 -68.02 18.29 -82.21
CA CYS YA 20 -67.14 17.39 -81.47
C CYS YA 20 -67.91 16.54 -80.49
N TYR YA 21 -68.81 17.16 -79.71
CA TYR YA 21 -69.59 16.40 -78.75
C TYR YA 21 -70.52 15.41 -79.46
N GLU YA 22 -71.14 15.84 -80.56
CA GLU YA 22 -72.05 14.96 -81.26
C GLU YA 22 -71.34 13.74 -81.82
N ASN YA 23 -70.13 13.92 -82.35
CA ASN YA 23 -69.39 12.79 -82.90
C ASN YA 23 -68.84 11.90 -81.79
N ASN YA 24 -68.28 12.50 -80.75
CA ASN YA 24 -67.67 11.74 -79.65
C ASN YA 24 -67.84 12.52 -78.37
N ALA YA 25 -68.79 12.10 -77.53
CA ALA YA 25 -68.95 12.75 -76.23
C ALA YA 25 -67.77 12.45 -75.32
N GLU YA 26 -67.42 11.17 -75.17
CA GLU YA 26 -66.41 10.80 -74.19
C GLU YA 26 -65.06 11.37 -74.55
N ALA YA 27 -64.68 11.30 -75.82
CA ALA YA 27 -63.39 11.86 -76.23
C ALA YA 27 -63.34 13.35 -75.99
N THR YA 28 -64.43 14.07 -76.29
CA THR YA 28 -64.45 15.50 -76.05
C THR YA 28 -64.29 15.82 -74.58
N LEU YA 29 -65.01 15.11 -73.71
CA LEU YA 29 -64.90 15.38 -72.29
C LEU YA 29 -63.51 15.06 -71.76
N ARG YA 30 -62.92 13.95 -72.20
CA ARG YA 30 -61.57 13.60 -71.74
C ARG YA 30 -60.54 14.58 -72.27
N MET YA 31 -60.79 15.20 -73.43
CA MET YA 31 -59.90 16.25 -73.91
C MET YA 31 -60.04 17.51 -73.06
N LEU YA 32 -61.28 17.92 -72.76
CA LEU YA 32 -61.49 19.13 -71.97
C LEU YA 32 -60.93 18.99 -70.57
N GLU YA 33 -61.13 17.84 -69.93
CA GLU YA 33 -60.70 17.67 -68.55
C GLU YA 33 -59.18 17.70 -68.40
N ASP YA 34 -58.45 17.55 -69.50
CA ASP YA 34 -56.99 17.51 -69.40
C ASP YA 34 -56.37 18.90 -69.58
N ASN YA 35 -57.17 19.93 -69.84
CA ASN YA 35 -56.64 21.28 -70.02
C ASN YA 35 -57.32 22.31 -69.12
N VAL YA 36 -57.64 21.92 -67.88
CA VAL YA 36 -58.26 22.88 -66.99
C VAL YA 36 -57.27 23.98 -66.60
N ASP YA 37 -56.01 23.62 -66.38
CA ASP YA 37 -55.01 24.61 -65.97
C ASP YA 37 -54.53 25.49 -67.11
N ARG YA 38 -54.68 25.04 -68.36
CA ARG YA 38 -54.26 25.87 -69.48
C ARG YA 38 -55.18 27.08 -69.60
N PRO YA 39 -54.64 28.25 -69.91
CA PRO YA 39 -55.49 29.46 -69.97
C PRO YA 39 -56.54 29.42 -71.06
N GLY YA 40 -56.39 28.57 -72.07
CA GLY YA 40 -57.29 28.59 -73.19
C GLY YA 40 -58.48 27.66 -73.03
N TYR YA 41 -58.76 27.28 -71.78
CA TYR YA 41 -59.81 26.29 -71.54
C TYR YA 41 -61.17 26.79 -72.00
N TYR YA 42 -61.48 28.05 -71.72
CA TYR YA 42 -62.78 28.55 -72.13
C TYR YA 42 -62.87 28.67 -73.64
N ASP YA 43 -61.75 28.95 -74.31
CA ASP YA 43 -61.75 28.93 -75.77
C ASP YA 43 -62.01 27.52 -76.30
N LEU YA 44 -61.42 26.50 -75.66
CA LEU YA 44 -61.73 25.13 -76.05
C LEU YA 44 -63.21 24.82 -75.86
N LEU YA 45 -63.78 25.23 -74.73
CA LEU YA 45 -65.21 25.00 -74.53
C LEU YA 45 -66.02 25.68 -75.62
N GLN YA 46 -65.66 26.93 -75.94
CA GLN YA 46 -66.41 27.68 -76.94
C GLN YA 46 -66.31 27.05 -78.32
N ALA YA 47 -65.14 26.55 -78.68
CA ALA YA 47 -64.97 25.96 -80.00
C ALA YA 47 -65.40 24.51 -80.06
N ALA YA 48 -65.65 23.88 -78.91
CA ALA YA 48 -66.00 22.47 -78.92
C ALA YA 48 -67.50 22.24 -78.80
N LEU YA 49 -68.19 23.01 -77.98
CA LEU YA 49 -69.61 22.75 -77.76
C LEU YA 49 -70.48 23.64 -78.64
N THR YA 50 -70.03 23.89 -79.87
CA THR YA 50 -70.73 24.79 -80.79
C THR YA 50 -70.81 24.15 -82.16
N CYS YA 51 -72.00 23.77 -82.59
CA CYS YA 51 -72.21 23.37 -83.98
C CYS YA 51 -73.71 23.39 -84.27
N ARG YA 52 -74.05 23.73 -85.51
CA ARG YA 52 -75.44 23.89 -85.92
C ARG YA 52 -75.88 22.82 -86.91
N TYR ZA 1 6.22 34.07 -47.23
CA TYR ZA 1 6.72 34.32 -45.88
C TYR ZA 1 8.20 34.67 -45.89
N GLU ZA 2 8.51 35.93 -45.67
CA GLU ZA 2 9.90 36.39 -45.76
C GLU ZA 2 10.75 35.79 -44.65
N HIS ZA 3 12.05 35.68 -44.92
CA HIS ZA 3 13.01 35.15 -43.97
C HIS ZA 3 14.39 35.61 -44.37
N SER ZA 4 15.33 35.50 -43.44
CA SER ZA 4 16.71 35.90 -43.71
C SER ZA 4 17.63 35.17 -42.78
N THR ZA 5 18.81 34.82 -43.28
CA THR ZA 5 19.82 34.18 -42.43
C THR ZA 5 21.18 34.36 -43.07
N VAL ZA 6 22.19 33.74 -42.45
CA VAL ZA 6 23.58 33.87 -42.90
C VAL ZA 6 24.16 32.48 -43.04
N MET ZA 7 25.14 32.33 -43.93
CA MET ZA 7 25.79 31.04 -44.07
C MET ZA 7 27.28 31.19 -44.33
N PRO ZA 8 28.11 30.29 -43.83
CA PRO ZA 8 29.55 30.40 -44.06
C PRO ZA 8 29.88 30.23 -45.53
N ASN ZA 9 30.96 30.86 -45.97
CA ASN ZA 9 31.42 30.70 -47.35
C ASN ZA 9 32.53 29.65 -47.43
N VAL ZA 10 32.20 28.42 -47.07
CA VAL ZA 10 33.13 27.30 -47.21
C VAL ZA 10 32.46 26.22 -48.02
N VAL ZA 11 33.19 25.69 -49.01
CA VAL ZA 11 32.59 24.78 -49.98
C VAL ZA 11 32.40 23.40 -49.36
N GLY ZA 12 31.17 22.89 -49.46
CA GLY ZA 12 30.86 21.58 -48.95
C GLY ZA 12 30.25 21.54 -47.56
N PHE ZA 13 30.13 22.68 -46.91
CA PHE ZA 13 29.55 22.73 -45.58
C PHE ZA 13 28.03 22.64 -45.69
N PRO ZA 14 27.39 21.67 -45.08
CA PRO ZA 14 25.94 21.49 -45.26
C PRO ZA 14 25.11 22.39 -44.38
N TYR ZA 15 24.91 23.64 -44.79
CA TYR ZA 15 24.20 24.57 -43.93
C TYR ZA 15 22.72 24.22 -43.89
N LYS ZA 16 22.14 24.23 -42.70
CA LYS ZA 16 20.76 23.82 -42.52
C LYS ZA 16 19.98 24.94 -41.82
N ALA ZA 17 19.13 25.60 -42.58
CA ALA ZA 17 18.36 26.74 -42.08
C ALA ZA 17 16.99 26.26 -41.67
N HIS ZA 18 16.42 26.89 -40.65
CA HIS ZA 18 15.21 26.39 -40.01
C HIS ZA 18 14.17 27.50 -40.04
N ILE ZA 19 12.98 27.21 -40.57
CA ILE ZA 19 11.94 28.21 -40.77
C ILE ZA 19 10.71 27.79 -39.98
N GLU ZA 20 10.21 28.71 -39.15
CA GLU ZA 20 9.14 28.42 -38.18
C GLU ZA 20 8.03 29.44 -38.31
N ARG ZA 21 7.01 29.11 -39.09
CA ARG ZA 21 5.83 29.95 -39.24
C ARG ZA 21 4.90 29.73 -38.04
N PRO ZA 22 4.14 30.75 -37.61
CA PRO ZA 22 3.23 30.54 -36.48
C PRO ZA 22 2.15 29.49 -36.72
N GLY ZA 23 1.62 29.40 -37.93
CA GLY ZA 23 0.51 28.51 -38.19
C GLY ZA 23 0.85 27.24 -38.94
N TYR ZA 24 2.11 26.84 -39.02
CA TYR ZA 24 2.50 25.68 -39.81
C TYR ZA 24 3.64 24.93 -39.13
N SER ZA 25 3.84 23.70 -39.56
CA SER ZA 25 4.94 22.89 -39.07
C SER ZA 25 6.26 23.41 -39.65
N PRO ZA 26 7.36 23.30 -38.91
CA PRO ZA 26 8.63 23.90 -39.37
C PRO ZA 26 9.19 23.24 -40.61
N LEU ZA 27 9.97 24.02 -41.36
CA LEU ZA 27 10.74 23.51 -42.49
C LEU ZA 27 12.23 23.58 -42.18
N THR ZA 28 12.99 22.72 -42.83
CA THR ZA 28 14.44 22.74 -42.79
C THR ZA 28 14.96 22.75 -44.21
N LEU ZA 29 15.74 23.76 -44.57
CA LEU ZA 29 16.39 23.87 -45.85
C LEU ZA 29 17.84 23.48 -45.73
N GLN ZA 30 18.40 22.87 -46.77
CA GLN ZA 30 19.82 22.61 -46.84
C GLN ZA 30 20.39 23.41 -48.00
N MET ZA 31 21.52 24.06 -47.76
CA MET ZA 31 22.28 24.72 -48.81
C MET ZA 31 23.72 24.23 -48.79
N GLN ZA 32 24.28 24.07 -49.98
CA GLN ZA 32 25.68 23.77 -50.16
C GLN ZA 32 26.25 24.69 -51.22
N VAL ZA 33 27.35 25.36 -50.92
CA VAL ZA 33 27.98 26.25 -51.88
C VAL ZA 33 28.92 25.39 -52.72
N VAL ZA 34 28.44 24.91 -53.86
CA VAL ZA 34 29.22 23.94 -54.62
C VAL ZA 34 30.46 24.59 -55.24
N GLU ZA 35 30.33 25.81 -55.75
CA GLU ZA 35 31.50 26.41 -56.38
C GLU ZA 35 31.44 27.93 -56.28
N THR ZA 36 32.60 28.57 -56.20
CA THR ZA 36 32.69 30.01 -56.14
C THR ZA 36 33.65 30.51 -57.21
N SER ZA 37 33.65 31.82 -57.44
CA SER ZA 37 34.53 32.38 -58.47
C SER ZA 37 34.67 33.87 -58.19
N LEU ZA 38 35.88 34.31 -57.90
CA LEU ZA 38 36.17 35.72 -57.63
C LEU ZA 38 36.88 36.30 -58.85
N GLU ZA 39 36.20 37.18 -59.58
CA GLU ZA 39 36.76 37.71 -60.81
C GLU ZA 39 37.13 39.17 -60.62
N PRO ZA 40 38.38 39.57 -60.75
CA PRO ZA 40 38.71 40.99 -60.69
C PRO ZA 40 38.48 41.64 -62.05
N THR ZA 41 38.38 42.96 -62.03
CA THR ZA 41 38.16 43.76 -63.23
C THR ZA 41 39.49 44.33 -63.69
N LEU ZA 42 39.77 44.21 -64.98
CA LEU ZA 42 41.12 44.39 -65.50
C LEU ZA 42 41.18 45.55 -66.49
N ASN ZA 43 42.36 46.18 -66.56
CA ASN ZA 43 42.65 47.20 -67.55
C ASN ZA 43 43.99 46.87 -68.19
N LEU ZA 44 43.99 46.55 -69.47
CA LEU ZA 44 45.21 46.18 -70.15
C LEU ZA 44 46.16 47.37 -70.18
N GLU ZA 45 47.43 47.13 -69.83
CA GLU ZA 45 48.41 48.20 -69.79
C GLU ZA 45 49.43 48.07 -70.92
N TYR ZA 46 50.05 46.91 -71.07
CA TYR ZA 46 50.79 46.63 -72.29
C TYR ZA 46 51.08 45.13 -72.39
N ILE ZA 47 51.68 44.76 -73.53
CA ILE ZA 47 52.04 43.39 -73.87
C ILE ZA 47 53.53 43.34 -74.15
N THR ZA 48 54.20 42.31 -73.67
CA THR ZA 48 55.63 42.15 -73.91
C THR ZA 48 55.91 40.80 -74.53
N CYS ZA 49 56.82 40.77 -75.50
CA CYS ZA 49 57.24 39.53 -76.13
C CYS ZA 49 58.68 39.69 -76.59
N GLU ZA 50 59.29 38.56 -76.96
CA GLU ZA 50 60.67 38.58 -77.38
C GLU ZA 50 60.84 39.43 -78.63
N TYR ZA 51 61.99 40.09 -78.76
CA TYR ZA 51 62.23 40.93 -79.91
C TYR ZA 51 63.10 40.21 -80.93
N LYS ZA 52 63.31 40.87 -82.07
CA LYS ZA 52 64.24 40.38 -83.09
C LYS ZA 52 64.83 41.58 -83.80
N THR ZA 53 66.11 41.51 -84.13
CA THR ZA 53 66.78 42.64 -84.76
C THR ZA 53 66.89 42.41 -86.26
N VAL ZA 54 66.54 43.42 -87.04
CA VAL ZA 54 66.62 43.37 -88.49
C VAL ZA 54 67.94 44.00 -88.91
N VAL ZA 55 68.71 43.28 -89.71
CA VAL ZA 55 70.00 43.75 -90.20
C VAL ZA 55 69.97 43.69 -91.71
N PRO ZA 56 69.62 44.79 -92.38
CA PRO ZA 56 69.66 44.81 -93.83
C PRO ZA 56 71.10 44.75 -94.34
N SER ZA 57 71.23 44.28 -95.57
CA SER ZA 57 72.55 44.08 -96.14
C SER ZA 57 73.30 45.41 -96.23
N PRO ZA 58 74.62 45.38 -96.10
CA PRO ZA 58 75.38 46.64 -96.14
C PRO ZA 58 75.27 47.30 -97.49
N TYR ZA 59 75.42 48.61 -97.50
CA TYR ZA 59 75.55 49.38 -98.73
C TYR ZA 59 77.01 49.85 -98.81
N VAL ZA 60 77.73 49.34 -99.79
CA VAL ZA 60 79.12 49.72 -99.99
C VAL ZA 60 79.21 50.60 -101.23
N LYS ZA 61 79.33 51.89 -101.03
CA LYS ZA 61 79.49 52.84 -102.13
C LYS ZA 61 80.96 53.14 -102.27
N CYS ZA 62 81.54 52.70 -103.37
CA CYS ZA 62 82.96 52.82 -103.59
C CYS ZA 62 83.25 53.70 -104.80
N CYS ZA 63 84.45 54.28 -104.81
CA CYS ZA 63 84.79 55.39 -105.72
C CYS ZA 63 83.80 56.53 -105.57
N GLY ZA 64 83.52 56.88 -104.32
CA GLY ZA 64 82.63 57.97 -104.00
C GLY ZA 64 82.47 58.12 -102.50
N ALA ZA 65 81.36 58.70 -102.07
CA ALA ZA 65 81.05 58.81 -100.65
C ALA ZA 65 79.53 58.78 -100.49
N SER ZA 66 79.10 58.42 -99.28
CA SER ZA 66 77.69 58.30 -98.94
C SER ZA 66 77.38 59.15 -97.72
N GLU ZA 67 76.10 59.38 -97.50
CA GLU ZA 67 75.66 60.19 -96.37
C GLU ZA 67 74.57 59.48 -95.58
N CYS ZA 68 74.61 59.66 -94.26
CA CYS ZA 68 73.61 59.09 -93.37
C CYS ZA 68 72.25 59.76 -93.58
N SER ZA 69 71.19 58.97 -93.43
CA SER ZA 69 69.82 59.48 -93.51
C SER ZA 69 69.00 58.89 -92.38
N THR ZA 70 68.16 59.71 -91.78
CA THR ZA 70 67.36 59.27 -90.64
C THR ZA 70 66.04 58.67 -91.07
N LYS ZA 71 65.42 57.91 -90.17
CA LYS ZA 71 64.14 57.27 -90.42
C LYS ZA 71 63.40 57.12 -89.09
N GLU ZA 72 62.10 56.86 -89.18
CA GLU ZA 72 61.25 56.68 -88.00
C GLU ZA 72 60.97 55.21 -87.77
N LYS ZA 73 61.99 54.50 -87.29
CA LYS ZA 73 61.83 53.10 -86.91
C LYS ZA 73 62.24 52.96 -85.46
N PRO ZA 74 61.67 52.00 -84.73
CA PRO ZA 74 62.02 51.86 -83.31
C PRO ZA 74 63.49 51.51 -83.14
N ASP ZA 75 64.16 52.26 -82.27
CA ASP ZA 75 65.55 51.99 -81.88
C ASP ZA 75 66.50 52.04 -83.06
N TYR ZA 76 66.18 52.87 -84.04
CA TYR ZA 76 66.94 52.91 -85.28
C TYR ZA 76 68.38 53.32 -85.04
N GLN ZA 77 69.29 52.76 -85.83
CA GLN ZA 77 70.70 53.11 -85.78
C GLN ZA 77 71.27 53.06 -87.18
N CYS ZA 78 72.04 54.08 -87.55
CA CYS ZA 78 72.66 54.11 -88.87
C CYS ZA 78 73.95 54.90 -88.79
N LYS ZA 79 74.96 54.44 -89.52
CA LYS ZA 79 76.28 55.06 -89.47
C LYS ZA 79 77.01 54.81 -90.77
N VAL ZA 80 78.09 55.56 -90.98
CA VAL ZA 80 78.93 55.43 -92.17
C VAL ZA 80 80.38 55.26 -91.75
N TYR ZA 81 81.11 54.43 -92.46
CA TYR ZA 81 82.53 54.23 -92.23
C TYR ZA 81 83.29 54.45 -93.53
N THR ZA 82 84.54 54.90 -93.38
CA THR ZA 82 85.37 55.30 -94.51
C THR ZA 82 86.68 54.52 -94.50
N GLY ZA 83 87.22 54.28 -95.69
CA GLY ZA 83 88.48 53.59 -95.83
C GLY ZA 83 88.39 52.09 -95.92
N VAL ZA 84 87.24 51.53 -96.25
CA VAL ZA 84 87.06 50.09 -96.25
C VAL ZA 84 87.47 49.51 -97.60
N TYR ZA 85 87.98 48.28 -97.57
CA TYR ZA 85 88.39 47.54 -98.75
C TYR ZA 85 87.83 46.14 -98.66
N PRO ZA 86 86.57 45.95 -99.03
CA PRO ZA 86 85.93 44.64 -98.87
C PRO ZA 86 86.53 43.61 -99.81
N PHE ZA 87 86.38 42.34 -99.42
CA PHE ZA 87 86.76 41.21 -100.24
C PHE ZA 87 85.55 40.35 -100.52
N MET ZA 88 85.57 39.65 -101.64
CA MET ZA 88 84.59 38.63 -101.96
C MET ZA 88 85.32 37.40 -102.48
N TRP ZA 89 84.61 36.30 -102.62
CA TRP ZA 89 85.26 35.05 -103.01
C TRP ZA 89 85.95 35.19 -104.36
N GLY ZA 90 85.39 36.00 -105.26
CA GLY ZA 90 86.02 36.23 -106.53
C GLY ZA 90 87.23 37.12 -106.46
N GLY ZA 91 87.36 37.92 -105.41
CA GLY ZA 91 88.48 38.84 -105.30
C GLY ZA 91 88.04 40.11 -104.60
N ALA ZA 92 88.66 41.22 -105.00
CA ALA ZA 92 88.40 42.53 -104.43
C ALA ZA 92 87.81 43.43 -105.49
N TYR ZA 93 86.58 43.89 -105.27
CA TYR ZA 93 86.01 44.85 -106.19
C TYR ZA 93 86.23 46.26 -105.63
N CYS ZA 94 85.73 47.27 -106.33
CA CYS ZA 94 86.08 48.66 -106.03
C CYS ZA 94 87.59 48.88 -106.15
N PHE ZA 95 88.03 48.89 -107.40
CA PHE ZA 95 89.37 49.31 -107.79
C PHE ZA 95 89.88 50.51 -106.99
N CYS ZA 96 89.01 51.41 -106.56
CA CYS ZA 96 89.45 52.48 -105.68
C CYS ZA 96 90.03 51.92 -104.39
N ASP ZA 97 91.28 52.31 -104.08
CA ASP ZA 97 92.05 51.61 -103.05
C ASP ZA 97 91.63 51.97 -101.64
N SER ZA 98 91.40 53.26 -101.37
CA SER ZA 98 91.22 53.67 -99.99
C SER ZA 98 89.97 54.50 -99.75
N GLU ZA 99 89.52 55.25 -100.75
CA GLU ZA 99 88.41 56.17 -100.56
C GLU ZA 99 87.10 55.46 -100.94
N ASN ZA 100 86.60 54.71 -99.97
CA ASN ZA 100 85.38 53.93 -100.12
C ASN ZA 100 84.53 54.20 -98.89
N THR ZA 101 83.23 53.94 -98.99
CA THR ZA 101 82.35 54.11 -97.84
C THR ZA 101 81.43 52.91 -97.70
N GLN ZA 102 81.12 52.59 -96.45
CA GLN ZA 102 80.26 51.47 -96.12
C GLN ZA 102 79.24 51.93 -95.08
N LEU ZA 103 77.97 51.65 -95.33
CA LEU ZA 103 76.88 52.19 -94.54
C LEU ZA 103 76.22 51.05 -93.77
N SER ZA 104 76.04 51.24 -92.46
CA SER ZA 104 75.41 50.23 -91.62
C SER ZA 104 74.10 50.75 -91.09
N GLU ZA 105 73.10 49.86 -91.02
CA GLU ZA 105 71.76 50.23 -90.63
C GLU ZA 105 71.12 49.08 -89.88
N ALA ZA 106 70.41 49.38 -88.79
CA ALA ZA 106 69.74 48.33 -88.03
C ALA ZA 106 68.62 48.93 -87.21
N TYR ZA 107 67.69 48.08 -86.80
CA TYR ZA 107 66.59 48.52 -85.94
C TYR ZA 107 65.93 47.31 -85.33
N VAL ZA 108 65.04 47.56 -84.37
CA VAL ZA 108 64.40 46.52 -83.58
C VAL ZA 108 62.98 46.36 -84.07
N ASP ZA 109 62.44 45.15 -83.92
CA ASP ZA 109 61.05 44.91 -84.26
C ASP ZA 109 60.53 43.72 -83.49
N ARG ZA 110 59.20 43.64 -83.41
CA ARG ZA 110 58.54 42.58 -82.66
C ARG ZA 110 58.76 41.23 -83.35
N SER ZA 111 58.67 40.15 -82.57
CA SER ZA 111 58.96 38.83 -83.10
C SER ZA 111 57.80 38.35 -83.96
N ASP ZA 112 58.04 37.22 -84.64
CA ASP ZA 112 57.03 36.63 -85.51
C ASP ZA 112 55.94 35.90 -84.74
N VAL ZA 113 56.27 35.30 -83.61
CA VAL ZA 113 55.33 34.49 -82.85
C VAL ZA 113 54.78 35.27 -81.64
N CYS ZA 114 54.90 36.60 -81.66
CA CYS ZA 114 54.43 37.39 -80.52
C CYS ZA 114 52.95 37.22 -80.27
N ARG ZA 115 52.17 36.92 -81.29
CA ARG ZA 115 50.74 36.72 -81.09
C ARG ZA 115 50.44 35.45 -80.31
N HIS ZA 116 51.32 34.47 -80.33
CA HIS ZA 116 51.10 33.21 -79.62
C HIS ZA 116 51.90 33.08 -78.34
N ASP ZA 117 52.95 33.88 -78.16
CA ASP ZA 117 53.74 33.79 -76.93
C ASP ZA 117 54.04 35.21 -76.45
N HIS ZA 118 53.26 35.68 -75.49
CA HIS ZA 118 53.43 37.02 -74.97
C HIS ZA 118 52.90 37.07 -73.55
N ALA ZA 119 53.41 38.04 -72.79
CA ALA ZA 119 53.00 38.24 -71.40
C ALA ZA 119 52.28 39.57 -71.28
N SER ZA 120 51.16 39.57 -70.58
CA SER ZA 120 50.32 40.76 -70.51
C SER ZA 120 50.43 41.40 -69.13
N ALA ZA 121 50.44 42.72 -69.09
CA ALA ZA 121 50.55 43.44 -67.83
C ALA ZA 121 49.24 44.15 -67.54
N TYR ZA 122 48.64 43.85 -66.40
CA TYR ZA 122 47.29 44.26 -66.09
C TYR ZA 122 47.27 45.11 -64.82
N LYS ZA 123 46.19 45.87 -64.66
CA LYS ZA 123 45.87 46.55 -63.41
C LYS ZA 123 44.49 46.12 -62.97
N ALA ZA 124 44.38 45.54 -61.78
CA ALA ZA 124 43.18 44.85 -61.35
C ALA ZA 124 42.58 45.51 -60.12
N HIS ZA 125 41.25 45.59 -60.07
CA HIS ZA 125 40.57 46.20 -58.94
C HIS ZA 125 39.10 45.81 -58.94
N THR ZA 126 38.47 45.95 -57.77
CA THR ZA 126 37.02 45.83 -57.60
C THR ZA 126 36.51 44.45 -58.05
N ALA ZA 127 36.92 43.44 -57.28
CA ALA ZA 127 36.52 42.08 -57.59
C ALA ZA 127 35.01 41.90 -57.46
N SER ZA 128 34.47 41.05 -58.32
CA SER ZA 128 33.05 40.69 -58.32
C SER ZA 128 32.95 39.18 -58.16
N LEU ZA 129 31.99 38.74 -57.35
CA LEU ZA 129 31.93 37.32 -56.98
C LEU ZA 129 30.74 36.67 -57.64
N LYS ZA 130 30.90 35.42 -58.05
CA LYS ZA 130 29.84 34.63 -58.66
C LYS ZA 130 29.86 33.26 -58.00
N ALA ZA 131 28.70 32.61 -57.89
CA ALA ZA 131 28.64 31.38 -57.13
C ALA ZA 131 27.67 30.40 -57.78
N LYS ZA 132 27.83 29.12 -57.45
CA LYS ZA 132 26.92 28.06 -57.85
C LYS ZA 132 26.57 27.28 -56.60
N VAL ZA 133 25.27 27.25 -56.28
CA VAL ZA 133 24.80 26.77 -54.99
C VAL ZA 133 23.66 25.78 -55.18
N ARG ZA 134 23.65 24.74 -54.35
CA ARG ZA 134 22.64 23.69 -54.38
C ARG ZA 134 21.70 23.87 -53.20
N VAL ZA 135 20.39 23.87 -53.47
CA VAL ZA 135 19.39 24.09 -52.44
C VAL ZA 135 18.39 22.95 -52.46
N MET ZA 136 18.08 22.42 -51.28
CA MET ZA 136 17.17 21.29 -51.21
C MET ZA 136 16.28 21.37 -49.97
N TYR ZA 137 15.00 21.10 -50.16
CA TYR ZA 137 14.01 21.13 -49.09
C TYR ZA 137 12.75 20.48 -49.60
N GLY ZA 138 11.93 19.97 -48.68
CA GLY ZA 138 10.71 19.32 -49.10
C GLY ZA 138 11.01 18.16 -50.03
N ASN ZA 139 10.74 18.36 -51.32
CA ASN ZA 139 11.07 17.36 -52.32
C ASN ZA 139 11.79 17.92 -53.54
N VAL ZA 140 12.37 19.12 -53.43
CA VAL ZA 140 13.06 19.73 -54.56
C VAL ZA 140 14.56 19.62 -54.34
N ASN ZA 141 15.25 19.08 -55.33
CA ASN ZA 141 16.69 19.16 -55.46
C ASN ZA 141 16.95 20.45 -56.24
N GLN ZA 142 18.16 20.64 -56.81
CA GLN ZA 142 18.51 21.63 -57.83
C GLN ZA 142 19.57 22.63 -57.40
N THR ZA 143 20.34 23.10 -58.38
CA THR ZA 143 21.46 24.01 -58.20
C THR ZA 143 21.27 25.21 -59.12
N VAL ZA 144 21.74 26.37 -58.69
CA VAL ZA 144 21.57 27.59 -59.46
C VAL ZA 144 22.88 28.37 -59.50
N ASP ZA 145 22.98 29.25 -60.49
CA ASP ZA 145 24.13 30.14 -60.68
C ASP ZA 145 23.72 31.55 -60.29
N VAL ZA 146 24.24 32.03 -59.16
CA VAL ZA 146 23.80 33.28 -58.57
C VAL ZA 146 24.98 34.22 -58.41
N TYR ZA 147 24.81 35.47 -58.82
CA TYR ZA 147 25.75 36.51 -58.47
C TYR ZA 147 25.58 36.87 -57.00
N VAL ZA 148 26.66 36.85 -56.23
CA VAL ZA 148 26.57 37.15 -54.80
C VAL ZA 148 26.82 38.64 -54.68
N ASN ZA 149 25.76 39.41 -54.93
CA ASN ZA 149 25.66 40.80 -54.53
C ASN ZA 149 24.18 41.14 -54.55
N GLY ZA 150 23.79 42.12 -53.77
CA GLY ZA 150 22.40 42.20 -53.35
C GLY ZA 150 21.39 42.44 -54.46
N ASP ZA 151 21.79 42.21 -55.72
CA ASP ZA 151 20.94 42.52 -56.86
C ASP ZA 151 20.90 41.38 -57.88
N HIS ZA 152 20.63 40.16 -57.42
CA HIS ZA 152 20.28 39.08 -58.33
C HIS ZA 152 19.35 38.14 -57.58
N ALA ZA 153 18.14 37.97 -58.10
CA ALA ZA 153 17.14 37.11 -57.51
C ALA ZA 153 16.83 35.98 -58.47
N VAL ZA 154 16.87 34.74 -57.97
CA VAL ZA 154 16.63 33.57 -58.79
C VAL ZA 154 15.56 32.73 -58.09
N THR ZA 155 14.67 32.15 -58.88
CA THR ZA 155 13.52 31.42 -58.35
C THR ZA 155 13.73 29.93 -58.49
N ILE ZA 156 13.54 29.21 -57.39
CA ILE ZA 156 13.77 27.77 -57.32
C ILE ZA 156 12.49 27.14 -56.83
N GLY ZA 157 11.65 26.69 -57.75
CA GLY ZA 157 10.40 26.06 -57.35
C GLY ZA 157 9.43 27.00 -56.67
N GLY ZA 158 9.24 28.19 -57.21
CA GLY ZA 158 8.27 29.14 -56.69
C GLY ZA 158 8.79 30.05 -55.60
N THR ZA 159 10.00 29.84 -55.11
CA THR ZA 159 10.58 30.58 -54.02
C THR ZA 159 11.63 31.55 -54.54
N GLN ZA 160 11.67 32.76 -54.01
CA GLN ZA 160 12.69 33.73 -54.39
C GLN ZA 160 13.85 33.69 -53.42
N PHE ZA 161 15.07 33.77 -53.94
CA PHE ZA 161 16.29 33.81 -53.15
C PHE ZA 161 17.14 34.99 -53.60
N ILE ZA 162 17.77 35.69 -52.65
CA ILE ZA 162 18.71 36.75 -52.97
C ILE ZA 162 19.92 36.59 -52.06
N PHE ZA 163 21.09 36.44 -52.66
CA PHE ZA 163 22.32 36.23 -51.91
C PHE ZA 163 23.05 37.55 -51.76
N GLY ZA 164 22.96 38.15 -50.58
CA GLY ZA 164 23.44 39.49 -50.35
C GLY ZA 164 24.94 39.58 -50.39
N PRO ZA 165 25.47 40.80 -50.34
CA PRO ZA 165 26.90 41.00 -50.59
C PRO ZA 165 27.76 40.29 -49.55
N LEU ZA 166 28.91 39.83 -50.00
CA LEU ZA 166 29.81 39.07 -49.14
C LEU ZA 166 30.32 39.96 -48.00
N SER ZA 167 30.57 39.33 -46.85
CA SER ZA 167 30.91 40.09 -45.65
C SER ZA 167 32.17 40.91 -45.82
N SER ZA 168 33.27 40.28 -46.26
CA SER ZA 168 34.54 40.97 -46.34
C SER ZA 168 34.82 41.40 -47.77
N ALA ZA 169 35.83 42.26 -47.91
CA ALA ZA 169 36.19 42.80 -49.21
C ALA ZA 169 37.63 42.44 -49.57
N TRP ZA 170 38.04 41.23 -49.23
CA TRP ZA 170 39.42 40.80 -49.36
C TRP ZA 170 39.62 40.19 -50.76
N THR ZA 171 40.73 40.54 -51.40
CA THR ZA 171 41.08 39.96 -52.70
C THR ZA 171 42.55 39.56 -52.71
N PRO ZA 172 42.88 38.40 -53.27
CA PRO ZA 172 44.29 37.98 -53.31
C PRO ZA 172 45.10 38.63 -54.41
N PHE ZA 173 44.53 39.48 -55.25
CA PHE ZA 173 45.28 40.15 -56.30
C PHE ZA 173 45.71 41.53 -55.83
N ASP ZA 174 46.97 41.87 -56.07
CA ASP ZA 174 47.44 43.21 -55.75
C ASP ZA 174 46.90 44.19 -56.78
N ASN ZA 175 47.45 45.40 -56.77
CA ASN ZA 175 46.97 46.43 -57.70
C ASN ZA 175 47.49 46.18 -59.10
N LYS ZA 176 48.65 45.54 -59.23
CA LYS ZA 176 49.25 45.29 -60.54
C LYS ZA 176 49.52 43.80 -60.72
N ILE ZA 177 49.19 43.30 -61.90
CA ILE ZA 177 49.26 41.88 -62.21
C ILE ZA 177 50.10 41.71 -63.46
N VAL ZA 178 50.77 40.57 -63.58
CA VAL ZA 178 51.34 40.14 -64.85
C VAL ZA 178 50.89 38.72 -65.11
N VAL ZA 179 50.25 38.50 -66.26
CA VAL ZA 179 49.61 37.24 -66.58
C VAL ZA 179 50.34 36.61 -67.76
N TYR ZA 180 50.64 35.31 -67.63
CA TYR ZA 180 51.36 34.56 -68.65
C TYR ZA 180 50.81 33.15 -68.68
N LYS ZA 181 50.25 32.75 -69.82
CA LYS ZA 181 49.70 31.41 -70.03
C LYS ZA 181 48.68 31.05 -68.96
N ASP ZA 182 49.10 30.30 -67.94
CA ASP ZA 182 48.21 29.87 -66.87
C ASP ZA 182 48.80 30.19 -65.51
N GLU ZA 183 49.52 31.30 -65.38
CA GLU ZA 183 50.07 31.74 -64.11
C GLU ZA 183 49.79 33.22 -63.92
N VAL ZA 184 49.54 33.61 -62.68
CA VAL ZA 184 49.28 35.00 -62.31
C VAL ZA 184 50.36 35.44 -61.34
N PHE ZA 185 50.96 36.60 -61.59
CA PHE ZA 185 52.06 37.08 -60.77
C PHE ZA 185 51.73 38.42 -60.14
N ASN ZA 186 52.13 38.58 -58.88
CA ASN ZA 186 52.02 39.84 -58.17
C ASN ZA 186 53.33 40.60 -58.34
N GLN ZA 187 53.35 41.55 -59.27
CA GLN ZA 187 54.58 42.16 -59.72
C GLN ZA 187 54.35 43.66 -59.88
N ASP ZA 188 55.43 44.41 -59.89
CA ASP ZA 188 55.40 45.85 -60.15
C ASP ZA 188 56.20 46.11 -61.41
N PHE ZA 189 55.54 46.48 -62.48
CA PHE ZA 189 56.22 46.61 -63.77
C PHE ZA 189 56.51 48.06 -64.09
N PRO ZA 190 57.50 48.32 -64.94
CA PRO ZA 190 57.79 49.68 -65.33
C PRO ZA 190 56.60 50.28 -66.07
N PRO ZA 191 56.40 51.60 -65.98
CA PRO ZA 191 55.33 52.23 -66.73
C PRO ZA 191 55.60 52.25 -68.22
N TYR ZA 192 54.53 52.38 -68.99
CA TYR ZA 192 54.66 52.43 -70.44
C TYR ZA 192 55.66 53.50 -70.85
N GLY ZA 193 56.45 53.20 -71.87
CA GLY ZA 193 57.36 54.18 -72.41
C GLY ZA 193 58.59 54.45 -71.58
N SER ZA 194 58.81 53.70 -70.51
CA SER ZA 194 60.00 53.89 -69.67
C SER ZA 194 60.60 52.55 -69.30
N GLY ZA 195 60.80 51.69 -70.29
CA GLY ZA 195 61.39 50.39 -70.05
C GLY ZA 195 62.90 50.46 -69.91
N GLN ZA 196 63.43 49.59 -69.14
CA GLN ZA 196 64.87 49.57 -69.07
C GLN ZA 196 65.43 48.30 -69.71
N PRO ZA 197 66.52 48.42 -70.46
CA PRO ZA 197 67.04 47.26 -71.19
C PRO ZA 197 67.45 46.13 -70.26
N GLY ZA 198 67.27 44.91 -70.72
CA GLY ZA 198 67.74 43.76 -69.99
C GLY ZA 198 66.82 43.25 -68.92
N ARG ZA 199 65.68 43.85 -68.70
CA ARG ZA 199 64.72 43.39 -67.71
C ARG ZA 199 63.34 43.32 -68.33
N PHE ZA 200 62.33 43.11 -67.48
CA PHE ZA 200 60.97 43.02 -67.99
C PHE ZA 200 60.54 44.34 -68.60
N GLY ZA 201 60.18 44.30 -69.87
CA GLY ZA 201 59.72 45.49 -70.53
C GLY ZA 201 60.74 46.24 -71.34
N ASP ZA 202 61.68 45.54 -71.97
CA ASP ZA 202 62.60 46.25 -72.87
C ASP ZA 202 61.87 46.71 -74.12
N ILE ZA 203 60.88 45.96 -74.58
CA ILE ZA 203 60.00 46.41 -75.66
C ILE ZA 203 58.56 46.30 -75.20
N GLN ZA 204 57.77 47.31 -75.53
CA GLN ZA 204 56.39 47.40 -75.10
C GLN ZA 204 55.50 47.84 -76.25
N SER ZA 205 54.33 47.25 -76.33
CA SER ZA 205 53.32 47.59 -77.31
C SER ZA 205 51.99 47.72 -76.60
N ARG ZA 206 51.15 48.65 -77.07
CA ARG ZA 206 49.90 48.89 -76.37
C ARG ZA 206 48.95 47.72 -76.49
N THR ZA 207 48.97 47.01 -77.60
CA THR ZA 207 48.20 45.78 -77.75
C THR ZA 207 48.85 44.96 -78.84
N VAL ZA 208 48.50 43.66 -78.89
CA VAL ZA 208 49.21 42.73 -79.75
C VAL ZA 208 49.17 43.19 -81.20
N GLU ZA 209 48.12 43.91 -81.59
CA GLU ZA 209 47.94 44.31 -82.98
C GLU ZA 209 48.25 45.77 -83.24
N SER ZA 210 48.56 46.55 -82.20
CA SER ZA 210 48.84 47.97 -82.41
C SER ZA 210 50.18 48.15 -83.11
N ASN ZA 211 50.24 49.17 -83.97
CA ASN ZA 211 51.43 49.39 -84.79
C ASN ZA 211 52.56 50.07 -84.03
N ASP ZA 212 52.25 50.87 -83.01
CA ASP ZA 212 53.29 51.57 -82.28
C ASP ZA 212 54.11 50.59 -81.46
N LEU ZA 213 55.39 50.88 -81.29
CA LEU ZA 213 56.29 50.03 -80.53
C LEU ZA 213 57.31 50.90 -79.82
N TYR ZA 214 57.57 50.61 -78.55
CA TYR ZA 214 58.58 51.33 -77.79
C TYR ZA 214 59.66 50.34 -77.40
N ALA ZA 215 60.87 50.53 -77.93
CA ALA ZA 215 61.95 49.58 -77.72
C ALA ZA 215 63.16 50.30 -77.18
N ASN ZA 216 63.79 49.72 -76.16
CA ASN ZA 216 65.02 50.26 -75.58
C ASN ZA 216 65.94 49.08 -75.28
N THR ZA 217 66.93 48.86 -76.14
CA THR ZA 217 67.83 47.73 -75.99
C THR ZA 217 69.29 48.10 -76.20
N ALA ZA 218 69.57 49.38 -76.43
CA ALA ZA 218 70.95 49.86 -76.53
C ALA ZA 218 71.71 49.19 -77.66
N LEU ZA 219 71.13 49.21 -78.85
CA LEU ZA 219 71.80 48.62 -80.00
C LEU ZA 219 72.97 49.51 -80.42
N LYS ZA 220 74.14 48.90 -80.63
CA LYS ZA 220 75.33 49.67 -80.99
C LYS ZA 220 76.00 49.02 -82.18
N LEU ZA 221 76.38 49.82 -83.16
CA LEU ZA 221 77.17 49.28 -84.26
C LEU ZA 221 78.65 49.54 -84.03
N ALA ZA 222 79.49 48.79 -84.74
CA ALA ZA 222 80.92 48.96 -84.64
C ALA ZA 222 81.56 48.84 -86.02
N ARG ZA 223 82.76 49.38 -86.12
CA ARG ZA 223 83.48 49.42 -87.40
C ARG ZA 223 83.78 48.03 -87.88
N PRO ZA 224 83.47 47.70 -89.14
CA PRO ZA 224 83.79 46.37 -89.66
C PRO ZA 224 85.29 46.15 -89.78
N SER ZA 225 85.69 44.90 -89.60
CA SER ZA 225 87.09 44.55 -89.68
C SER ZA 225 87.58 44.68 -91.13
N PRO ZA 226 88.86 44.93 -91.34
CA PRO ZA 226 89.37 45.11 -92.70
C PRO ZA 226 89.15 43.85 -93.56
N GLY ZA 227 88.83 44.09 -94.82
CA GLY ZA 227 88.70 43.01 -95.79
C GLY ZA 227 87.57 42.04 -95.49
N MET ZA 228 86.44 42.53 -95.03
CA MET ZA 228 85.30 41.67 -94.74
C MET ZA 228 84.05 42.52 -94.60
N VAL ZA 229 82.89 41.92 -94.90
CA VAL ZA 229 81.62 42.63 -94.89
C VAL ZA 229 80.66 41.88 -93.98
N HIS ZA 230 80.44 42.41 -92.78
CA HIS ZA 230 79.63 41.68 -91.82
C HIS ZA 230 78.67 42.49 -90.95
N VAL ZA 231 78.79 43.81 -90.85
CA VAL ZA 231 77.90 44.62 -90.01
C VAL ZA 231 77.95 44.12 -88.56
N PRO ZA 232 79.01 44.43 -87.82
CA PRO ZA 232 79.07 43.99 -86.42
C PRO ZA 232 78.27 44.90 -85.52
N TYR ZA 233 77.44 44.27 -84.69
CA TYR ZA 233 76.59 45.01 -83.78
C TYR ZA 233 76.55 44.28 -82.44
N THR ZA 234 76.25 45.04 -81.39
CA THR ZA 234 76.15 44.51 -80.05
C THR ZA 234 74.86 45.00 -79.40
N GLN ZA 235 74.30 44.15 -78.54
CA GLN ZA 235 72.97 44.40 -78.02
C GLN ZA 235 72.79 43.65 -76.72
N THR ZA 236 71.96 44.18 -75.84
CA THR ZA 236 71.64 43.51 -74.59
C THR ZA 236 70.62 42.42 -74.84
N PRO ZA 237 70.77 41.23 -74.24
CA PRO ZA 237 69.85 40.13 -74.52
C PRO ZA 237 68.42 40.46 -74.11
N SER ZA 238 67.54 39.50 -74.40
CA SER ZA 238 66.11 39.75 -74.28
C SER ZA 238 65.65 39.82 -72.84
N GLY ZA 239 65.05 40.95 -72.48
CA GLY ZA 239 64.47 41.08 -71.17
C GLY ZA 239 63.39 40.07 -70.91
N PHE ZA 240 62.60 39.74 -71.92
CA PHE ZA 240 61.57 38.73 -71.72
C PHE ZA 240 62.19 37.37 -71.43
N LYS ZA 241 63.21 36.97 -72.19
CA LYS ZA 241 63.81 35.67 -71.96
C LYS ZA 241 64.48 35.61 -70.59
N TYR ZA 242 65.05 36.73 -70.13
CA TYR ZA 242 65.52 36.78 -68.75
C TYR ZA 242 64.38 36.60 -67.75
N TRP ZA 243 63.25 37.25 -68.01
CA TRP ZA 243 62.14 37.15 -67.10
C TRP ZA 243 61.63 35.73 -66.99
N LEU ZA 244 61.63 34.98 -68.09
CA LEU ZA 244 61.17 33.60 -68.03
C LEU ZA 244 61.91 32.80 -66.97
N LYS ZA 245 63.23 32.92 -66.92
CA LYS ZA 245 63.98 32.06 -66.03
C LYS ZA 245 64.19 32.67 -64.65
N GLU ZA 246 63.94 33.96 -64.46
CA GLU ZA 246 63.98 34.44 -63.07
C GLU ZA 246 62.75 35.24 -62.67
N LYS ZA 247 61.56 34.77 -63.07
CA LYS ZA 247 60.34 35.41 -62.59
C LYS ZA 247 60.13 35.16 -61.10
N GLY ZA 248 60.31 33.93 -60.66
CA GLY ZA 248 60.30 33.63 -59.24
C GLY ZA 248 58.92 33.39 -58.67
N THR ZA 249 58.72 32.22 -58.06
CA THR ZA 249 57.44 31.83 -57.47
C THR ZA 249 56.28 32.06 -58.43
N ALA ZA 250 55.09 32.20 -57.88
CA ALA ZA 250 53.89 32.47 -58.66
C ALA ZA 250 52.87 33.08 -57.72
N LEU ZA 251 51.60 33.06 -58.12
CA LEU ZA 251 50.53 33.19 -57.15
C LEU ZA 251 49.78 31.89 -56.96
N ASN ZA 252 49.91 30.96 -57.90
CA ASN ZA 252 49.20 29.70 -57.78
C ASN ZA 252 49.62 28.95 -56.52
N THR ZA 253 50.90 29.01 -56.18
CA THR ZA 253 51.42 28.37 -54.97
C THR ZA 253 51.66 29.37 -53.85
N LYS ZA 254 51.05 30.54 -53.93
CA LYS ZA 254 51.26 31.58 -52.94
C LYS ZA 254 49.98 32.12 -52.33
N ALA ZA 255 48.85 32.01 -53.02
CA ALA ZA 255 47.63 32.65 -52.55
C ALA ZA 255 47.19 32.07 -51.22
N PRO ZA 256 46.70 32.92 -50.32
CA PRO ZA 256 46.21 32.42 -49.04
C PRO ZA 256 44.82 31.82 -49.19
N PHE ZA 257 44.34 31.26 -48.08
CA PHE ZA 257 42.98 30.74 -47.96
C PHE ZA 257 42.72 29.55 -48.88
N GLY ZA 258 43.75 29.02 -49.51
CA GLY ZA 258 43.62 27.81 -50.28
C GLY ZA 258 42.69 27.88 -51.46
N CYS ZA 259 42.83 28.89 -52.30
CA CYS ZA 259 41.98 29.04 -53.47
C CYS ZA 259 42.77 28.97 -54.75
N GLN ZA 260 42.23 28.25 -55.73
CA GLN ZA 260 42.97 27.96 -56.95
C GLN ZA 260 42.87 29.13 -57.91
N ILE ZA 261 44.00 29.56 -58.41
CA ILE ZA 261 44.06 30.60 -59.43
C ILE ZA 261 43.92 29.95 -60.79
N LYS ZA 262 43.17 30.58 -61.69
CA LYS ZA 262 43.04 30.13 -63.06
C LYS ZA 262 42.93 31.34 -63.98
N THR ZA 263 43.13 31.11 -65.27
CA THR ZA 263 43.23 32.18 -66.24
C THR ZA 263 42.20 31.98 -67.34
N ASN ZA 264 41.92 33.06 -68.07
CA ASN ZA 264 41.03 33.07 -69.22
C ASN ZA 264 39.60 32.69 -68.85
N PRO ZA 265 38.86 33.54 -68.15
CA PRO ZA 265 39.29 34.85 -67.64
C PRO ZA 265 40.01 34.66 -66.33
N VAL ZA 266 40.77 35.65 -65.87
CA VAL ZA 266 41.52 35.48 -64.63
C VAL ZA 266 40.54 35.42 -63.47
N ARG ZA 267 40.67 34.39 -62.64
CA ARG ZA 267 39.74 34.21 -61.54
C ARG ZA 267 40.37 33.34 -60.48
N ALA ZA 268 39.79 33.35 -59.29
CA ALA ZA 268 40.30 32.58 -58.16
C ALA ZA 268 39.14 31.87 -57.48
N MET ZA 269 39.13 30.55 -57.51
CA MET ZA 269 37.96 29.79 -57.12
C MET ZA 269 38.15 29.04 -55.80
N ASN ZA 270 37.00 28.71 -55.20
CA ASN ZA 270 36.91 27.93 -53.96
C ASN ZA 270 37.66 28.59 -52.82
N CYS ZA 271 37.43 29.88 -52.65
CA CYS ZA 271 38.35 30.69 -51.88
C CYS ZA 271 37.60 31.09 -50.62
N ALA ZA 272 37.81 30.31 -49.56
CA ALA ZA 272 36.90 30.27 -48.42
C ALA ZA 272 37.21 31.39 -47.44
N VAL ZA 273 36.32 32.38 -47.35
CA VAL ZA 273 36.42 33.44 -46.37
C VAL ZA 273 35.06 34.13 -46.26
N GLY ZA 274 34.66 34.44 -45.03
CA GLY ZA 274 33.53 35.30 -44.80
C GLY ZA 274 32.18 34.61 -44.78
N ASN ZA 275 31.15 35.45 -44.71
CA ASN ZA 275 29.78 35.00 -44.58
C ASN ZA 275 28.95 35.56 -45.73
N ILE ZA 276 27.95 34.79 -46.15
CA ILE ZA 276 27.01 35.23 -47.17
C ILE ZA 276 25.61 35.32 -46.55
N PRO ZA 277 24.99 36.49 -46.51
CA PRO ZA 277 23.59 36.56 -46.11
C PRO ZA 277 22.69 36.09 -47.24
N VAL ZA 278 21.57 35.48 -46.87
CA VAL ZA 278 20.57 35.06 -47.84
C VAL ZA 278 19.22 35.60 -47.38
N SER ZA 279 18.45 36.12 -48.32
CA SER ZA 279 17.09 36.55 -48.10
C SER ZA 279 16.17 35.65 -48.90
N MET ZA 280 15.05 35.28 -48.30
CA MET ZA 280 14.17 34.26 -48.83
C MET ZA 280 12.81 34.86 -49.08
N ASN ZA 281 12.00 34.17 -49.87
CA ASN ZA 281 10.58 34.48 -49.95
C ASN ZA 281 9.88 33.21 -50.44
N LEU ZA 282 9.21 32.52 -49.52
CA LEU ZA 282 8.68 31.19 -49.72
C LEU ZA 282 7.18 31.24 -49.94
N PRO ZA 283 6.69 30.49 -50.92
CA PRO ZA 283 5.24 30.30 -51.06
C PRO ZA 283 4.66 29.57 -49.86
N ASP ZA 284 3.33 29.47 -49.85
CA ASP ZA 284 2.65 28.73 -48.79
C ASP ZA 284 2.56 27.24 -49.08
N SER ZA 285 2.65 26.85 -50.34
CA SER ZA 285 2.56 25.43 -50.67
C SER ZA 285 3.72 24.62 -50.12
N ALA ZA 286 4.86 25.25 -49.84
CA ALA ZA 286 6.01 24.51 -49.34
C ALA ZA 286 5.78 24.02 -47.92
N PHE ZA 287 5.01 24.75 -47.13
CA PHE ZA 287 4.75 24.40 -45.75
C PHE ZA 287 3.70 23.30 -45.67
N THR ZA 288 3.55 22.73 -44.48
CA THR ZA 288 2.52 21.75 -44.21
C THR ZA 288 1.74 22.15 -42.97
N ARG ZA 289 0.43 21.95 -43.01
CA ARG ZA 289 -0.43 22.44 -41.94
C ARG ZA 289 -0.14 21.71 -40.63
N ILE ZA 290 -0.33 22.43 -39.52
CA ILE ZA 290 0.00 21.87 -38.22
C ILE ZA 290 -0.96 20.77 -37.81
N VAL ZA 291 -2.23 20.87 -38.20
CA VAL ZA 291 -3.15 19.78 -37.90
C VAL ZA 291 -2.74 18.52 -38.64
N GLU ZA 292 -2.21 18.65 -39.85
CA GLU ZA 292 -1.70 17.47 -40.56
C GLU ZA 292 -0.42 16.94 -39.93
N ALA ZA 293 0.47 17.82 -39.50
CA ALA ZA 293 1.69 17.36 -38.86
C ALA ZA 293 1.37 16.73 -37.51
N PRO ZA 294 2.09 15.69 -37.12
CA PRO ZA 294 1.76 14.99 -35.87
C PRO ZA 294 2.06 15.86 -34.65
N THR ZA 295 1.47 15.48 -33.53
CA THR ZA 295 1.72 16.12 -32.25
C THR ZA 295 2.65 15.23 -31.43
N ILE ZA 296 3.80 15.76 -31.05
CA ILE ZA 296 4.82 14.99 -30.33
C ILE ZA 296 5.06 15.64 -28.97
N ILE ZA 297 4.93 14.85 -27.90
CA ILE ZA 297 5.12 15.32 -26.55
C ILE ZA 297 6.01 14.36 -25.79
N ASP ZA 298 6.58 14.87 -24.70
CA ASP ZA 298 7.42 14.09 -23.78
C ASP ZA 298 8.65 13.53 -24.49
N LEU ZA 299 9.51 14.43 -24.95
CA LEU ZA 299 10.80 14.06 -25.52
C LEU ZA 299 11.85 13.91 -24.45
N THR ZA 300 12.62 12.83 -24.55
CA THR ZA 300 13.86 12.68 -23.83
C THR ZA 300 14.97 12.38 -24.82
N CYS ZA 301 16.14 12.96 -24.57
CA CYS ZA 301 17.29 12.86 -25.44
C CYS ZA 301 18.41 12.13 -24.70
N THR ZA 302 19.02 11.15 -25.35
CA THR ZA 302 20.13 10.42 -24.79
C THR ZA 302 21.22 10.29 -25.85
N VAL ZA 303 22.44 10.03 -25.41
CA VAL ZA 303 23.59 9.90 -26.29
C VAL ZA 303 24.21 8.53 -26.07
N ALA ZA 304 24.50 7.82 -27.16
CA ALA ZA 304 25.16 6.53 -27.03
C ALA ZA 304 26.67 6.69 -26.88
N THR ZA 305 27.32 7.25 -27.89
CA THR ZA 305 28.75 7.51 -27.88
C THR ZA 305 29.02 8.87 -28.47
N CYS ZA 306 30.15 9.46 -28.09
CA CYS ZA 306 30.54 10.74 -28.63
C CYS ZA 306 32.04 10.76 -28.84
N THR ZA 307 32.46 11.34 -29.96
CA THR ZA 307 33.88 11.44 -30.28
C THR ZA 307 34.06 12.63 -31.20
N HIS ZA 308 34.71 13.68 -30.71
CA HIS ZA 308 34.80 14.91 -31.50
C HIS ZA 308 35.81 14.70 -32.62
N SER ZA 309 35.33 14.05 -33.68
CA SER ZA 309 36.10 13.87 -34.89
C SER ZA 309 35.46 14.68 -36.01
N SER ZA 310 36.20 14.83 -37.11
CA SER ZA 310 35.73 15.66 -38.20
C SER ZA 310 34.47 15.08 -38.83
N ASP ZA 311 34.41 13.77 -39.02
CA ASP ZA 311 33.22 13.17 -39.58
C ASP ZA 311 32.11 13.16 -38.53
N PHE ZA 312 30.92 12.72 -38.93
CA PHE ZA 312 29.80 12.69 -38.00
C PHE ZA 312 30.00 11.61 -36.96
N GLY ZA 313 30.42 12.00 -35.76
CA GLY ZA 313 30.83 11.03 -34.77
C GLY ZA 313 30.08 11.04 -33.46
N GLY ZA 314 28.78 11.16 -33.49
CA GLY ZA 314 27.99 10.98 -32.27
C GLY ZA 314 26.61 10.46 -32.60
N VAL ZA 315 26.20 9.44 -31.87
CA VAL ZA 315 24.90 8.78 -32.07
C VAL ZA 315 23.94 9.24 -30.99
N LEU ZA 316 22.79 9.75 -31.42
CA LEU ZA 316 21.83 10.39 -30.54
C LEU ZA 316 20.50 9.65 -30.65
N THR ZA 317 19.84 9.45 -29.50
CA THR ZA 317 18.59 8.71 -29.46
C THR ZA 317 17.50 9.58 -28.84
N LEU ZA 318 16.36 9.67 -29.53
CA LEU ZA 318 15.23 10.46 -29.07
C LEU ZA 318 14.06 9.54 -28.79
N THR ZA 319 13.46 9.68 -27.60
CA THR ZA 319 12.27 8.94 -27.22
C THR ZA 319 11.12 9.90 -27.02
N TYR ZA 320 9.95 9.51 -27.48
CA TYR ZA 320 8.79 10.40 -27.55
C TYR ZA 320 7.52 9.57 -27.43
N LYS ZA 321 6.37 10.25 -27.49
CA LYS ZA 321 5.06 9.62 -27.54
C LYS ZA 321 4.18 10.38 -28.51
N THR ZA 322 3.67 9.70 -29.52
CA THR ZA 322 2.96 10.33 -30.62
C THR ZA 322 1.58 9.72 -30.80
N ASP ZA 323 0.79 10.34 -31.68
CA ASP ZA 323 -0.56 9.89 -31.97
C ASP ZA 323 -0.74 9.36 -33.39
N LYS ZA 324 -0.09 9.95 -34.39
CA LYS ZA 324 -0.13 9.41 -35.74
C LYS ZA 324 1.30 9.33 -36.27
N ASN ZA 325 1.47 8.57 -37.35
CA ASN ZA 325 2.77 8.38 -37.98
C ASN ZA 325 2.97 9.40 -39.08
N GLY ZA 326 4.20 9.89 -39.23
CA GLY ZA 326 4.43 10.89 -40.26
C GLY ZA 326 5.88 11.27 -40.46
N ASP ZA 327 6.13 12.50 -40.91
CA ASP ZA 327 7.48 12.99 -41.17
C ASP ZA 327 7.70 14.30 -40.43
N CYS ZA 328 8.77 14.37 -39.66
CA CYS ZA 328 9.14 15.57 -38.92
C CYS ZA 328 10.43 16.17 -39.45
N SER ZA 329 10.66 17.41 -39.06
CA SER ZA 329 11.91 18.10 -39.32
C SER ZA 329 12.68 18.24 -38.01
N VAL ZA 330 13.96 17.90 -38.04
CA VAL ZA 330 14.81 17.85 -36.87
C VAL ZA 330 15.86 18.93 -36.98
N HIS ZA 331 16.05 19.70 -35.91
CA HIS ZA 331 17.07 20.73 -35.94
C HIS ZA 331 17.81 20.78 -34.61
N SER ZA 332 19.05 21.25 -34.66
CA SER ZA 332 19.84 21.58 -33.48
C SER ZA 332 20.09 23.08 -33.45
N HIS ZA 333 19.71 23.72 -32.36
CA HIS ZA 333 19.66 25.18 -32.36
C HIS ZA 333 20.99 25.83 -32.01
N SER ZA 334 22.02 25.06 -31.71
CA SER ZA 334 23.31 25.62 -31.38
C SER ZA 334 24.34 25.12 -32.38
N ASN ZA 335 25.27 25.99 -32.76
CA ASN ZA 335 26.25 25.62 -33.76
C ASN ZA 335 27.35 24.72 -33.21
N VAL ZA 336 27.33 24.44 -31.91
CA VAL ZA 336 28.33 23.53 -31.35
C VAL ZA 336 28.14 22.13 -31.90
N ALA ZA 337 26.95 21.79 -32.35
CA ALA ZA 337 26.64 20.49 -32.90
C ALA ZA 337 25.95 20.63 -34.24
N THR ZA 338 26.28 19.77 -35.19
CA THR ZA 338 25.64 19.79 -36.50
C THR ZA 338 25.04 18.43 -36.79
N LEU ZA 339 23.77 18.41 -37.19
CA LEU ZA 339 23.08 17.16 -37.47
C LEU ZA 339 23.37 16.69 -38.89
N GLN ZA 340 23.28 15.38 -39.09
CA GLN ZA 340 23.55 14.84 -40.42
C GLN ZA 340 22.31 14.86 -41.29
N GLU ZA 341 21.13 14.60 -40.73
CA GLU ZA 341 19.90 14.57 -41.51
C GLU ZA 341 18.92 15.60 -40.99
N ALA ZA 342 18.05 16.06 -41.88
CA ALA ZA 342 17.12 17.12 -41.56
C ALA ZA 342 15.68 16.66 -41.42
N THR ZA 343 15.29 15.57 -42.06
CA THR ZA 343 13.94 15.06 -41.91
C THR ZA 343 13.98 13.64 -41.38
N ALA ZA 344 13.02 13.31 -40.53
CA ALA ZA 344 12.99 12.02 -39.88
C ALA ZA 344 11.61 11.41 -39.99
N LYS ZA 345 11.57 10.08 -40.03
CA LYS ZA 345 10.35 9.32 -40.18
C LYS ZA 345 9.86 8.93 -38.79
N VAL ZA 346 8.82 9.62 -38.30
CA VAL ZA 346 8.33 9.40 -36.95
C VAL ZA 346 7.25 8.32 -36.96
N LYS ZA 347 7.42 7.32 -36.11
CA LYS ZA 347 6.56 6.15 -36.04
C LYS ZA 347 5.87 6.13 -34.69
N THR ZA 348 5.06 5.09 -34.47
CA THR ZA 348 4.38 4.95 -33.18
C THR ZA 348 5.24 4.28 -32.13
N ALA ZA 349 6.28 3.56 -32.54
CA ALA ZA 349 7.10 2.84 -31.57
C ALA ZA 349 7.77 3.78 -30.59
N GLY ZA 350 8.17 4.97 -31.03
CA GLY ZA 350 8.70 5.96 -30.12
C GLY ZA 350 10.21 5.97 -29.97
N LYS ZA 351 10.95 5.68 -31.04
CA LYS ZA 351 12.40 5.76 -31.00
C LYS ZA 351 12.90 6.29 -32.33
N VAL ZA 352 13.72 7.33 -32.30
CA VAL ZA 352 14.43 7.77 -33.51
C VAL ZA 352 15.89 7.94 -33.16
N THR ZA 353 16.73 7.84 -34.19
CA THR ZA 353 18.17 7.97 -34.02
C THR ZA 353 18.71 8.99 -35.00
N LEU ZA 354 19.60 9.83 -34.52
CA LEU ZA 354 20.22 10.88 -35.31
C LEU ZA 354 21.73 10.77 -35.19
N HIS ZA 355 22.43 11.37 -36.14
CA HIS ZA 355 23.88 11.46 -36.09
C HIS ZA 355 24.28 12.92 -36.04
N PHE ZA 356 25.28 13.23 -35.23
CA PHE ZA 356 25.73 14.61 -35.14
C PHE ZA 356 27.25 14.65 -35.08
N SER ZA 357 27.79 15.80 -35.45
CA SER ZA 357 29.21 16.08 -35.39
C SER ZA 357 29.44 17.26 -34.46
N THR ZA 358 30.45 17.15 -33.61
CA THR ZA 358 30.75 18.18 -32.64
C THR ZA 358 32.25 18.21 -32.41
N ALA ZA 359 32.72 19.28 -31.75
CA ALA ZA 359 34.15 19.46 -31.56
C ALA ZA 359 34.50 19.94 -30.16
N SER ZA 360 33.66 19.65 -29.17
CA SER ZA 360 33.90 20.06 -27.81
C SER ZA 360 33.88 18.85 -26.89
N ALA ZA 361 34.61 18.94 -25.79
CA ALA ZA 361 34.69 17.81 -24.88
C ALA ZA 361 33.32 17.51 -24.26
N SER ZA 362 32.56 18.54 -23.92
CA SER ZA 362 31.26 18.38 -23.29
C SER ZA 362 30.24 19.29 -23.97
N PRO ZA 363 29.55 18.80 -25.00
CA PRO ZA 363 28.59 19.62 -25.72
C PRO ZA 363 27.24 19.65 -25.01
N SER ZA 364 26.54 20.75 -25.20
CA SER ZA 364 25.19 20.92 -24.66
C SER ZA 364 24.37 21.72 -25.65
N PHE ZA 365 23.31 21.12 -26.18
CA PHE ZA 365 22.56 21.79 -27.22
C PHE ZA 365 21.12 21.31 -27.21
N VAL ZA 366 20.25 22.14 -27.78
CA VAL ZA 366 18.81 21.92 -27.74
C VAL ZA 366 18.33 21.48 -29.11
N VAL ZA 367 17.61 20.35 -29.15
CA VAL ZA 367 17.18 19.73 -30.39
C VAL ZA 367 15.66 19.78 -30.44
N SER ZA 368 15.13 20.09 -31.62
CA SER ZA 368 13.70 20.22 -31.82
C SER ZA 368 13.24 19.25 -32.89
N LEU ZA 369 12.17 18.52 -32.60
CA LEU ZA 369 11.54 17.57 -33.51
C LEU ZA 369 10.10 18.04 -33.72
N CYS ZA 370 9.71 18.23 -34.98
CA CYS ZA 370 8.43 18.88 -35.28
C CYS ZA 370 8.22 20.08 -34.37
N SER ZA 371 7.38 19.93 -33.36
CA SER ZA 371 6.98 21.06 -32.54
C SER ZA 371 7.67 21.13 -31.19
N ALA ZA 372 8.25 20.03 -30.69
CA ALA ZA 372 8.71 20.05 -29.32
C ALA ZA 372 10.24 20.11 -29.25
N ARG ZA 373 10.76 20.30 -28.03
CA ARG ZA 373 12.17 20.59 -27.81
C ARG ZA 373 12.70 19.76 -26.67
N ALA ZA 374 14.01 19.54 -26.66
CA ALA ZA 374 14.66 18.85 -25.56
C ALA ZA 374 16.12 19.26 -25.51
N THR ZA 375 16.79 18.96 -24.39
CA THR ZA 375 18.17 19.34 -24.19
C THR ZA 375 19.04 18.09 -24.13
N CYS ZA 376 20.15 18.10 -24.87
CA CYS ZA 376 21.07 16.98 -24.92
C CYS ZA 376 22.44 17.43 -24.44
N SER ZA 377 23.05 16.64 -23.56
CA SER ZA 377 24.40 16.86 -23.08
C SER ZA 377 25.12 15.54 -23.04
N ALA ZA 378 26.44 15.56 -23.27
CA ALA ZA 378 27.19 14.33 -23.44
C ALA ZA 378 28.64 14.55 -23.08
N SER ZA 379 29.38 13.45 -22.98
CA SER ZA 379 30.82 13.47 -22.78
C SER ZA 379 31.47 12.81 -23.98
N CYS ZA 380 32.38 13.52 -24.63
CA CYS ZA 380 33.01 13.03 -25.86
C CYS ZA 380 34.50 12.86 -25.64
N GLU ZA 381 34.99 11.69 -25.95
CA GLU ZA 381 36.41 11.41 -25.88
C GLU ZA 381 37.10 11.82 -27.18
N PRO ZA 382 38.38 12.18 -27.11
CA PRO ZA 382 39.11 12.56 -28.32
C PRO ZA 382 39.31 11.37 -29.24
N PRO ZA 383 39.53 11.62 -30.52
CA PRO ZA 383 39.72 10.54 -31.49
C PRO ZA 383 41.16 10.04 -31.47
N LYS ZA 384 41.42 8.99 -32.24
CA LYS ZA 384 42.73 8.37 -32.27
C LYS ZA 384 43.52 8.65 -33.54
N ASP ZA 385 42.87 8.95 -34.65
CA ASP ZA 385 43.57 9.19 -35.90
C ASP ZA 385 44.14 10.60 -35.93
N HIS ZA 386 45.43 10.72 -36.24
CA HIS ZA 386 46.07 12.03 -36.19
C HIS ZA 386 45.70 12.89 -37.39
N ILE ZA 387 45.58 12.30 -38.57
CA ILE ZA 387 45.40 13.03 -39.81
C ILE ZA 387 44.28 12.40 -40.61
N VAL ZA 388 43.43 13.23 -41.21
CA VAL ZA 388 42.33 12.75 -42.04
C VAL ZA 388 42.38 13.42 -43.40
N PRO ZA 389 41.90 12.78 -44.46
CA PRO ZA 389 42.02 13.37 -45.79
C PRO ZA 389 40.81 14.14 -46.27
N TYR ZA 390 39.86 14.44 -45.40
CA TYR ZA 390 38.70 15.24 -45.78
C TYR ZA 390 38.53 16.40 -44.82
N ALA ZA 391 37.90 17.46 -45.29
CA ALA ZA 391 37.76 18.66 -44.49
C ALA ZA 391 36.79 18.44 -43.33
N ALA ZA 392 36.95 19.26 -42.30
CA ALA ZA 392 36.14 19.12 -41.09
C ALA ZA 392 34.69 19.50 -41.37
N SER ZA 393 33.78 18.93 -40.58
CA SER ZA 393 32.36 19.09 -40.82
C SER ZA 393 31.60 19.70 -39.65
N HIS ZA 394 32.29 20.29 -38.69
CA HIS ZA 394 31.63 20.97 -37.57
C HIS ZA 394 31.91 22.46 -37.65
N SER ZA 395 31.44 23.19 -36.64
CA SER ZA 395 31.62 24.64 -36.63
C SER ZA 395 32.86 25.09 -35.86
N ASN ZA 396 33.61 24.16 -35.29
CA ASN ZA 396 34.85 24.45 -34.59
C ASN ZA 396 34.61 25.37 -33.40
N VAL ZA 397 33.81 24.87 -32.46
CA VAL ZA 397 33.58 25.52 -31.17
C VAL ZA 397 34.08 24.60 -30.08
N VAL ZA 398 34.97 25.10 -29.23
CA VAL ZA 398 35.67 24.26 -28.28
C VAL ZA 398 35.23 24.50 -26.84
N PHE ZA 399 34.81 25.71 -26.49
CA PHE ZA 399 34.55 26.02 -25.09
C PHE ZA 399 33.42 25.14 -24.56
N PRO ZA 400 33.67 24.34 -23.54
CA PRO ZA 400 32.66 23.39 -23.08
C PRO ZA 400 31.55 24.09 -22.29
N ASP ZA 401 30.47 23.36 -22.10
CA ASP ZA 401 29.34 23.88 -21.34
C ASP ZA 401 29.67 23.96 -19.86
N MET ZA 402 28.93 24.81 -19.15
CA MET ZA 402 29.21 25.07 -17.75
C MET ZA 402 28.92 23.87 -16.85
N SER ZA 403 28.04 22.97 -17.27
CA SER ZA 403 27.70 21.81 -16.46
C SER ZA 403 28.61 20.62 -16.74
N GLY ZA 404 29.60 20.78 -17.61
CA GLY ZA 404 30.56 19.74 -17.86
C GLY ZA 404 31.47 19.53 -16.66
N THR ZA 405 32.23 18.44 -16.70
CA THR ZA 405 33.01 18.03 -15.54
C THR ZA 405 34.04 19.09 -15.16
N ALA ZA 406 34.75 19.63 -16.15
CA ALA ZA 406 35.80 20.61 -15.83
C ALA ZA 406 35.22 21.86 -15.17
N LEU ZA 407 34.22 22.47 -15.81
CA LEU ZA 407 33.62 23.63 -15.20
C LEU ZA 407 32.85 23.25 -13.93
N SER ZA 408 32.46 21.98 -13.79
CA SER ZA 408 31.88 21.55 -12.52
C SER ZA 408 32.90 21.66 -11.40
N TRP ZA 409 34.13 21.20 -11.63
CA TRP ZA 409 35.17 21.34 -10.62
C TRP ZA 409 35.45 22.81 -10.32
N VAL ZA 410 35.54 23.63 -11.37
CA VAL ZA 410 35.76 25.06 -11.14
C VAL ZA 410 34.64 25.64 -10.30
N GLN ZA 411 33.40 25.27 -10.60
CA GLN ZA 411 32.26 25.80 -9.89
C GLN ZA 411 32.28 25.41 -8.42
N LYS ZA 412 32.58 24.15 -8.13
CA LYS ZA 412 32.63 23.71 -6.74
C LYS ZA 412 33.70 24.44 -5.95
N ILE ZA 413 34.90 24.57 -6.53
CA ILE ZA 413 35.99 25.23 -5.81
C ILE ZA 413 35.64 26.69 -5.56
N SER ZA 414 35.09 27.37 -6.57
CA SER ZA 414 34.69 28.76 -6.38
C SER ZA 414 33.63 28.88 -5.30
N GLY ZA 415 32.67 27.95 -5.27
CA GLY ZA 415 31.64 28.01 -4.25
C GLY ZA 415 32.21 27.84 -2.85
N GLY ZA 416 33.15 26.92 -2.68
CA GLY ZA 416 33.77 26.75 -1.38
C GLY ZA 416 34.50 28.00 -0.92
N LEU ZA 417 35.32 28.57 -1.80
CA LEU ZA 417 36.07 29.77 -1.43
C LEU ZA 417 35.12 30.93 -1.12
N GLY ZA 418 34.05 31.07 -1.92
CA GLY ZA 418 33.10 32.13 -1.67
C GLY ZA 418 32.38 31.98 -0.34
N ALA ZA 419 32.02 30.75 0.01
CA ALA ZA 419 31.41 30.53 1.32
C ALA ZA 419 32.35 30.90 2.44
N PHE ZA 420 33.63 30.54 2.32
CA PHE ZA 420 34.59 30.89 3.37
C PHE ZA 420 34.72 32.41 3.49
N ALA ZA 421 34.79 33.11 2.36
CA ALA ZA 421 34.89 34.57 2.41
C ALA ZA 421 33.64 35.20 3.03
N ILE ZA 422 32.46 34.67 2.71
CA ILE ZA 422 31.24 35.24 3.28
C ILE ZA 422 31.17 34.99 4.78
N GLY ZA 423 31.66 33.84 5.23
CA GLY ZA 423 31.77 33.62 6.66
C GLY ZA 423 32.68 34.63 7.33
N ALA ZA 424 33.81 34.95 6.68
CA ALA ZA 424 34.67 36.01 7.19
C ALA ZA 424 33.91 37.32 7.30
N ILE ZA 425 33.15 37.67 6.25
CA ILE ZA 425 32.38 38.90 6.26
C ILE ZA 425 31.42 38.94 7.43
N LEU ZA 426 30.71 37.83 7.67
CA LEU ZA 426 29.76 37.82 8.78
C LEU ZA 426 30.44 37.99 10.11
N VAL ZA 427 31.57 37.31 10.34
CA VAL ZA 427 32.23 37.45 11.63
C VAL ZA 427 32.67 38.88 11.85
N LEU ZA 428 33.31 39.49 10.83
CA LEU ZA 428 33.76 40.87 10.98
C LEU ZA 428 32.59 41.81 11.21
N VAL ZA 429 31.49 41.63 10.48
CA VAL ZA 429 30.35 42.53 10.62
C VAL ZA 429 29.71 42.40 11.99
N VAL ZA 430 29.53 41.17 12.47
CA VAL ZA 430 28.94 40.98 13.80
C VAL ZA 430 29.78 41.67 14.85
N VAL ZA 431 31.10 41.41 14.85
CA VAL ZA 431 31.92 41.99 15.91
C VAL ZA 431 31.97 43.51 15.80
N THR ZA 432 32.07 44.05 14.59
CA THR ZA 432 32.12 45.50 14.45
C THR ZA 432 30.81 46.15 14.89
N CYS ZA 433 29.68 45.55 14.55
CA CYS ZA 433 28.40 46.11 15.00
C CYS ZA 433 28.27 46.05 16.51
N ILE ZA 434 28.73 44.96 17.13
CA ILE ZA 434 28.73 44.90 18.59
C ILE ZA 434 29.60 46.02 19.17
N GLY ZA 435 30.77 46.22 18.59
CA GLY ZA 435 31.66 47.27 19.08
C GLY ZA 435 31.04 48.65 18.96
N LEU ZA 436 30.41 48.93 17.82
CA LEU ZA 436 29.76 50.23 17.66
C LEU ZA 436 28.59 50.40 18.62
N ARG ZA 437 27.78 49.36 18.82
CA ARG ZA 437 26.64 49.44 19.71
C ARG ZA 437 27.04 49.45 21.18
N ARG ZA 438 28.28 49.10 21.49
CA ARG ZA 438 28.76 49.20 22.87
C ARG ZA 438 28.71 50.63 23.38
N LYS AB 1 -23.09 111.83 56.61
CA LYS AB 1 -24.17 112.78 56.35
C LYS AB 1 -24.79 112.54 54.98
N ARG AB 2 -24.13 113.07 53.95
CA ARG AB 2 -24.61 112.87 52.58
C ARG AB 2 -24.64 111.38 52.23
N GLU AB 3 -23.59 110.65 52.57
CA GLU AB 3 -23.57 109.22 52.28
C GLU AB 3 -24.70 108.51 53.00
N ARG AB 4 -24.97 108.90 54.25
CA ARG AB 4 -26.03 108.26 55.03
C ARG AB 4 -27.40 108.51 54.42
N MET AB 5 -27.69 109.76 54.06
CA MET AB 5 -29.00 110.05 53.49
C MET AB 5 -29.15 109.42 52.12
N CYS AB 6 -28.07 109.39 51.34
CA CYS AB 6 -28.11 108.71 50.05
C CYS AB 6 -28.37 107.21 50.22
N MET AB 7 -27.72 106.59 51.21
CA MET AB 7 -27.94 105.17 51.44
C MET AB 7 -29.37 104.90 51.88
N LYS AB 8 -29.93 105.75 52.74
CA LYS AB 8 -31.32 105.56 53.14
C LYS AB 8 -32.26 105.74 51.95
N ILE AB 9 -32.02 106.74 51.12
CA ILE AB 9 -32.86 106.97 49.95
C ILE AB 9 -32.78 105.78 49.00
N GLU AB 10 -31.58 105.26 48.76
CA GLU AB 10 -31.42 104.09 47.90
C GLU AB 10 -32.11 102.87 48.51
N ASN AB 11 -32.02 102.71 49.83
CA ASN AB 11 -32.66 101.58 50.48
C ASN AB 11 -34.18 101.64 50.32
N ASP AB 12 -34.76 102.83 50.45
CA ASP AB 12 -36.20 102.99 50.26
C ASP AB 12 -36.62 102.94 48.81
N CYS AB 13 -35.72 103.25 47.87
CA CYS AB 13 -36.11 103.34 46.46
C CYS AB 13 -35.25 102.46 45.55
N ILE AB 14 -34.85 101.27 46.00
CA ILE AB 14 -34.21 100.29 45.15
C ILE AB 14 -34.91 98.97 45.38
N PHE AB 15 -34.94 98.13 44.34
CA PHE AB 15 -35.51 96.80 44.43
C PHE AB 15 -34.74 95.87 43.50
N GLU AB 16 -34.20 94.80 44.06
CA GLU AB 16 -33.32 93.93 43.32
C GLU AB 16 -34.11 93.09 42.32
N VAL AB 17 -33.46 92.77 41.20
CA VAL AB 17 -34.03 91.94 40.16
C VAL AB 17 -33.11 90.74 39.98
N LYS AB 18 -33.69 89.55 40.10
CA LYS AB 18 -32.92 88.31 40.09
C LYS AB 18 -33.50 87.38 39.04
N HIS AB 19 -32.64 86.55 38.44
CA HIS AB 19 -33.09 85.57 37.47
C HIS AB 19 -32.24 84.32 37.67
N GLU AB 20 -32.92 83.17 37.80
CA GLU AB 20 -32.34 81.94 38.34
C GLU AB 20 -31.75 82.14 39.72
N GLY AB 21 -32.37 82.99 40.53
CA GLY AB 21 -31.94 83.20 41.90
C GLY AB 21 -30.73 84.10 42.06
N LYS AB 22 -30.13 84.55 40.97
CA LYS AB 22 -29.00 85.46 41.02
C LYS AB 22 -29.45 86.86 40.61
N VAL AB 23 -29.19 87.84 41.49
CA VAL AB 23 -29.59 89.20 41.22
C VAL AB 23 -28.71 89.79 40.12
N THR AB 24 -29.34 90.48 39.18
CA THR AB 24 -28.61 91.03 38.03
C THR AB 24 -28.87 92.51 37.78
N GLY AB 25 -29.83 93.11 38.46
CA GLY AB 25 -30.09 94.53 38.26
C GLY AB 25 -30.90 95.11 39.40
N TYR AB 26 -31.22 96.39 39.26
CA TYR AB 26 -31.98 97.09 40.28
C TYR AB 26 -33.00 97.99 39.63
N ALA AB 27 -34.14 98.17 40.31
CA ALA AB 27 -35.17 99.09 39.88
C ALA AB 27 -35.30 100.21 40.89
N CYS AB 28 -35.52 101.42 40.41
CA CYS AB 28 -35.55 102.61 41.26
C CYS AB 28 -36.87 103.36 41.09
N LEU AB 29 -37.28 104.03 42.16
CA LEU AB 29 -38.46 104.88 42.17
C LEU AB 29 -38.03 106.33 42.07
N VAL AB 30 -38.26 106.94 40.91
CA VAL AB 30 -37.97 108.35 40.68
C VAL AB 30 -39.26 109.03 40.29
N GLY AB 31 -39.56 110.16 40.92
CA GLY AB 31 -40.79 110.85 40.63
C GLY AB 31 -41.99 110.03 41.04
N ASP AB 32 -42.71 109.47 40.07
CA ASP AB 32 -43.87 108.63 40.34
C ASP AB 32 -43.95 107.46 39.37
N LYS AB 33 -42.82 107.02 38.83
CA LYS AB 33 -42.81 105.93 37.87
C LYS AB 33 -41.65 104.99 38.12
N VAL AB 34 -41.96 103.70 38.19
CA VAL AB 34 -40.94 102.66 38.30
C VAL AB 34 -40.18 102.61 36.98
N MET AB 35 -38.86 102.59 37.06
CA MET AB 35 -38.00 102.49 35.88
C MET AB 35 -36.98 101.38 36.09
N LYS AB 36 -36.67 100.65 35.02
CA LYS AB 36 -35.47 99.81 35.08
C LYS AB 36 -35.01 99.56 33.65
N PRO AB 37 -33.73 99.29 33.42
CA PRO AB 37 -33.24 99.20 32.03
C PRO AB 37 -33.76 97.97 31.33
N ALA AB 38 -34.01 98.10 30.03
CA ALA AB 38 -34.63 97.04 29.27
C ALA AB 38 -33.71 95.84 29.09
N HIS AB 39 -32.40 96.05 28.97
CA HIS AB 39 -31.51 94.96 28.62
C HIS AB 39 -31.45 93.90 29.72
N VAL AB 40 -31.56 94.30 30.98
CA VAL AB 40 -31.62 93.32 32.07
C VAL AB 40 -33.03 92.74 32.13
N LYS AB 41 -33.11 91.43 32.31
CA LYS AB 41 -34.39 90.73 32.42
C LYS AB 41 -34.44 89.99 33.75
N GLY AB 42 -35.64 89.69 34.19
CA GLY AB 42 -35.85 89.00 35.44
C GLY AB 42 -37.19 89.39 36.03
N VAL AB 43 -37.25 89.37 37.36
CA VAL AB 43 -38.45 89.77 38.09
C VAL AB 43 -38.04 90.70 39.22
N ILE AB 44 -38.83 91.73 39.44
CA ILE AB 44 -38.66 92.59 40.60
C ILE AB 44 -39.21 91.87 41.82
N ASP AB 45 -38.47 91.90 42.92
CA ASP AB 45 -38.83 91.11 44.11
C ASP AB 45 -39.92 91.81 44.93
N ASN AB 46 -41.04 92.07 44.25
CA ASN AB 46 -42.24 92.61 44.87
C ASN AB 46 -43.42 92.40 43.93
N ALA AB 47 -44.49 91.80 44.44
CA ALA AB 47 -45.63 91.47 43.58
C ALA AB 47 -46.30 92.73 43.05
N ASP AB 48 -46.38 93.77 43.87
CA ASP AB 48 -47.01 95.02 43.44
C ASP AB 48 -46.34 95.57 42.20
N LEU AB 49 -45.00 95.57 42.19
CA LEU AB 49 -44.28 96.08 41.03
C LEU AB 49 -44.26 95.07 39.90
N ALA AB 50 -44.21 93.78 40.21
CA ALA AB 50 -44.11 92.75 39.19
C ALA AB 50 -45.39 92.63 38.37
N LYS AB 51 -46.55 92.88 38.98
CA LYS AB 51 -47.80 92.72 38.24
C LYS AB 51 -48.12 93.90 37.32
N LEU AB 52 -47.33 94.96 37.36
CA LEU AB 52 -47.64 96.14 36.56
C LEU AB 52 -47.44 95.86 35.08
N ALA AB 53 -48.10 96.68 34.25
CA ALA AB 53 -47.94 96.63 32.81
C ALA AB 53 -46.81 97.59 32.41
N PHE AB 54 -45.69 97.03 31.98
CA PHE AB 54 -44.49 97.81 31.71
C PHE AB 54 -44.46 98.28 30.26
N LYS AB 55 -44.27 99.59 30.09
CA LYS AB 55 -44.06 100.14 28.76
C LYS AB 55 -42.57 100.12 28.42
N LYS AB 56 -42.25 99.60 27.24
CA LYS AB 56 -40.88 99.36 26.81
C LYS AB 56 -40.39 100.46 25.88
N SER AB 57 -39.08 100.56 25.75
CA SER AB 57 -38.44 101.29 24.65
C SER AB 57 -37.02 100.78 24.53
N SER AB 58 -36.75 100.03 23.45
CA SER AB 58 -35.41 99.52 23.19
C SER AB 58 -34.49 100.58 22.61
N LYS AB 59 -35.03 101.65 22.02
CA LYS AB 59 -34.19 102.74 21.55
C LYS AB 59 -33.45 103.38 22.72
N TYR AB 60 -34.13 103.58 23.83
CA TYR AB 60 -33.54 104.14 25.02
C TYR AB 60 -33.08 103.07 26.00
N ASP AB 61 -33.38 101.81 25.72
CA ASP AB 61 -33.06 100.68 26.59
C ASP AB 61 -33.64 100.93 27.99
N LEU AB 62 -34.97 100.90 28.07
CA LEU AB 62 -35.61 101.14 29.36
C LEU AB 62 -37.03 100.60 29.35
N GLU AB 63 -37.58 100.38 30.54
CA GLU AB 63 -39.01 100.21 30.69
C GLU AB 63 -39.47 100.98 31.93
N CYS AB 64 -40.71 101.44 31.88
CA CYS AB 64 -41.30 102.19 32.98
C CYS AB 64 -42.71 101.67 33.26
N ALA AB 65 -43.21 102.04 34.42
CA ALA AB 65 -44.59 101.73 34.81
C ALA AB 65 -45.05 102.78 35.81
N GLN AB 66 -46.36 102.99 35.86
CA GLN AB 66 -46.94 103.94 36.80
C GLN AB 66 -47.10 103.25 38.15
N ILE AB 67 -46.56 103.87 39.20
CA ILE AB 67 -46.52 103.24 40.52
C ILE AB 67 -47.91 103.21 41.12
N PRO AB 68 -48.22 102.22 41.97
CA PRO AB 68 -49.50 102.22 42.68
C PRO AB 68 -49.58 103.36 43.69
N VAL AB 69 -50.73 103.43 44.36
CA VAL AB 69 -51.02 104.56 45.23
C VAL AB 69 -50.16 104.55 46.49
N HIS AB 70 -49.91 103.38 47.06
CA HIS AB 70 -49.30 103.33 48.39
C HIS AB 70 -47.79 103.15 48.39
N MET AB 71 -47.11 103.50 47.30
CA MET AB 71 -45.67 103.78 47.34
C MET AB 71 -45.35 105.21 46.93
N ARG AB 72 -46.38 106.03 46.68
CA ARG AB 72 -46.16 107.39 46.18
C ARG AB 72 -45.40 108.24 47.18
N SER AB 73 -45.35 107.84 48.44
CA SER AB 73 -44.55 108.50 49.46
C SER AB 73 -43.16 107.89 49.61
N ASP AB 74 -42.84 106.88 48.81
CA ASP AB 74 -41.56 106.17 48.91
C ASP AB 74 -40.74 106.32 47.64
N ALA AB 75 -40.74 107.52 47.06
CA ALA AB 75 -40.06 107.77 45.80
C ALA AB 75 -39.08 108.91 45.95
N SER AB 76 -37.89 108.74 45.37
CA SER AB 76 -36.88 109.78 45.39
C SER AB 76 -37.34 110.97 44.55
N LYS AB 77 -36.56 112.04 44.59
CA LYS AB 77 -36.87 113.26 43.85
C LYS AB 77 -35.91 113.45 42.68
N TYR AB 78 -36.42 114.02 41.61
CA TYR AB 78 -35.72 114.14 40.34
C TYR AB 78 -35.32 115.58 40.07
N THR AB 79 -34.63 115.79 38.95
CA THR AB 79 -34.19 117.11 38.52
C THR AB 79 -33.77 117.01 37.06
N HIS AB 80 -33.47 118.18 36.46
CA HIS AB 80 -33.04 118.23 35.07
C HIS AB 80 -31.74 119.00 34.85
N GLU AB 81 -31.32 119.85 35.77
CA GLU AB 81 -30.13 120.66 35.60
C GLU AB 81 -28.89 119.96 36.17
N LYS AB 82 -27.77 120.05 35.44
CA LYS AB 82 -26.56 119.30 35.73
C LYS AB 82 -25.38 120.23 35.85
N PRO AB 83 -25.08 120.70 37.05
CA PRO AB 83 -23.90 121.54 37.25
C PRO AB 83 -22.56 120.80 37.38
N GLU AB 84 -21.55 121.37 36.72
CA GLU AB 84 -20.22 120.76 36.68
C GLU AB 84 -19.65 120.62 38.09
N GLY AB 85 -19.20 119.43 38.43
CA GLY AB 85 -18.75 119.16 39.80
C GLY AB 85 -18.76 117.67 40.12
N HIS AB 86 -19.09 117.36 41.39
CA HIS AB 86 -19.04 116.00 41.91
C HIS AB 86 -20.42 115.52 42.32
N TYR AB 87 -20.64 114.20 42.20
CA TYR AB 87 -21.94 113.61 42.43
C TYR AB 87 -21.77 112.33 43.23
N ASN AB 88 -22.82 111.96 43.97
CA ASN AB 88 -22.75 110.76 44.79
C ASN AB 88 -23.30 109.54 44.05
N TRP AB 89 -22.70 108.39 44.35
CA TRP AB 89 -23.11 107.12 43.77
C TRP AB 89 -22.93 106.06 44.84
N HIS AB 90 -23.65 104.94 44.66
CA HIS AB 90 -23.61 103.88 45.66
C HIS AB 90 -22.21 103.37 45.93
N HIS AB 91 -21.29 103.52 44.97
CA HIS AB 91 -19.92 103.06 45.13
C HIS AB 91 -18.92 104.22 45.17
N GLY AB 92 -19.38 105.41 45.54
CA GLY AB 92 -18.44 106.49 45.76
C GLY AB 92 -18.83 107.82 45.18
N ALA AB 93 -17.87 108.50 44.54
CA ALA AB 93 -18.07 109.82 43.98
C ALA AB 93 -17.75 109.78 42.49
N VAL AB 94 -18.65 110.32 41.69
CA VAL AB 94 -18.47 110.42 40.25
C VAL AB 94 -18.25 111.88 39.90
N GLN AB 95 -17.61 112.12 38.77
CA GLN AB 95 -17.32 113.47 38.29
C GLN AB 95 -17.87 113.63 36.89
N TYR AB 96 -18.59 114.73 36.66
CA TYR AB 96 -19.22 115.01 35.37
C TYR AB 96 -18.26 115.91 34.59
N SER AB 97 -17.83 115.43 33.43
CA SER AB 97 -16.79 116.14 32.66
C SER AB 97 -17.26 116.31 31.23
N GLY AB 98 -17.86 117.46 30.95
CA GLY AB 98 -18.21 117.82 29.58
C GLY AB 98 -19.12 116.84 28.88
N GLY AB 99 -20.19 116.42 29.54
CA GLY AB 99 -21.09 115.46 28.93
C GLY AB 99 -20.69 114.02 29.08
N ARG AB 100 -19.64 113.72 29.84
CA ARG AB 100 -19.21 112.37 30.10
C ARG AB 100 -19.33 112.10 31.59
N PHE AB 101 -20.05 111.05 31.96
CA PHE AB 101 -20.09 110.60 33.33
C PHE AB 101 -19.08 109.47 33.48
N THR AB 102 -18.22 109.55 34.49
CA THR AB 102 -17.22 108.52 34.71
C THR AB 102 -16.92 108.38 36.20
N ILE AB 103 -16.50 107.19 36.60
CA ILE AB 103 -15.97 106.94 37.92
C ILE AB 103 -14.46 106.88 37.81
N PRO AB 104 -13.71 107.52 38.71
CA PRO AB 104 -12.24 107.58 38.53
C PRO AB 104 -11.56 106.23 38.62
N THR AB 105 -12.13 105.26 39.32
CA THR AB 105 -11.38 104.05 39.67
C THR AB 105 -11.60 102.89 38.74
N GLY AB 106 -12.64 102.92 37.92
CA GLY AB 106 -12.95 101.74 37.12
C GLY AB 106 -13.34 100.55 37.96
N ALA AB 107 -14.18 100.75 38.98
CA ALA AB 107 -14.65 99.70 39.85
C ALA AB 107 -16.03 99.17 39.46
N GLY AB 108 -16.62 99.68 38.39
CA GLY AB 108 -17.92 99.19 37.96
C GLY AB 108 -17.85 97.73 37.51
N LYS AB 109 -18.78 96.93 38.00
CA LYS AB 109 -18.84 95.50 37.74
C LYS AB 109 -20.15 95.14 37.06
N PRO AB 110 -20.23 93.98 36.43
CA PRO AB 110 -21.50 93.54 35.84
C PRO AB 110 -22.59 93.39 36.90
N GLY AB 111 -23.82 93.65 36.49
CA GLY AB 111 -24.97 93.45 37.35
C GLY AB 111 -25.38 94.64 38.19
N ASP AB 112 -24.69 95.77 38.07
CA ASP AB 112 -25.00 96.95 38.86
C ASP AB 112 -25.83 97.96 38.09
N SER AB 113 -26.37 97.59 36.93
CA SER AB 113 -27.18 98.51 36.15
C SER AB 113 -28.47 98.85 36.89
N GLY AB 114 -28.93 100.08 36.72
CA GLY AB 114 -30.12 100.55 37.39
C GLY AB 114 -29.88 101.26 38.70
N ARG AB 115 -28.64 101.31 39.20
CA ARG AB 115 -28.35 102.04 40.42
C ARG AB 115 -28.32 103.52 40.10
N PRO AB 116 -29.21 104.33 40.68
CA PRO AB 116 -29.35 105.71 40.25
C PRO AB 116 -28.14 106.56 40.63
N ILE AB 117 -28.13 107.78 40.09
CA ILE AB 117 -27.10 108.77 40.36
C ILE AB 117 -27.75 109.94 41.09
N PHE AB 118 -27.27 110.24 42.28
CA PHE AB 118 -27.84 111.32 43.08
C PHE AB 118 -27.00 112.58 42.97
N ASP AB 119 -27.65 113.70 43.26
CA ASP AB 119 -27.03 115.01 43.21
C ASP AB 119 -26.50 115.38 44.60
N ASN AB 120 -26.09 116.63 44.77
CA ASN AB 120 -25.62 117.08 46.07
C ASN AB 120 -26.73 117.06 47.11
N LYS AB 121 -27.95 117.44 46.71
CA LYS AB 121 -29.08 117.48 47.61
C LYS AB 121 -29.77 116.13 47.74
N GLY AB 122 -29.32 115.12 46.99
CA GLY AB 122 -29.94 113.82 46.97
C GLY AB 122 -30.95 113.61 45.86
N ARG AB 123 -31.22 114.62 45.05
CA ARG AB 123 -32.12 114.47 43.93
C ARG AB 123 -31.52 113.53 42.90
N VAL AB 124 -32.39 112.92 42.10
CA VAL AB 124 -31.98 111.93 41.12
C VAL AB 124 -31.49 112.64 39.86
N VAL AB 125 -30.34 112.18 39.35
CA VAL AB 125 -29.72 112.77 38.17
C VAL AB 125 -29.77 111.82 36.98
N ALA AB 126 -29.32 110.59 37.14
CA ALA AB 126 -29.20 109.68 36.00
C ALA AB 126 -29.25 108.24 36.51
N ILE AB 127 -29.47 107.32 35.57
CA ILE AB 127 -29.54 105.89 35.85
C ILE AB 127 -28.45 105.20 35.05
N VAL AB 128 -27.63 104.40 35.71
CA VAL AB 128 -26.51 103.74 35.05
C VAL AB 128 -27.03 102.60 34.20
N LEU AB 129 -26.41 102.40 33.03
CA LEU AB 129 -26.67 101.25 32.17
C LEU AB 129 -25.42 100.40 31.98
N GLY AB 130 -24.30 101.01 31.60
CA GLY AB 130 -23.09 100.25 31.36
C GLY AB 130 -21.87 101.12 31.52
N GLY AB 131 -20.71 100.52 31.26
CA GLY AB 131 -19.46 101.22 31.39
C GLY AB 131 -18.56 100.98 30.19
N ALA AB 132 -17.74 101.98 29.90
CA ALA AB 132 -16.78 101.91 28.82
C ALA AB 132 -15.38 102.14 29.40
N ASN AB 133 -14.55 101.12 29.32
CA ASN AB 133 -13.24 101.14 29.96
C ASN AB 133 -12.26 101.93 29.09
N GLU AB 134 -11.99 103.17 29.49
CA GLU AB 134 -11.03 104.04 28.80
C GLU AB 134 -9.87 104.30 29.75
N GLY AB 135 -8.83 103.48 29.63
CA GLY AB 135 -7.65 103.67 30.46
C GLY AB 135 -7.94 103.38 31.92
N SER AB 136 -7.52 104.29 32.78
CA SER AB 136 -7.67 104.13 34.23
C SER AB 136 -9.08 104.38 34.71
N ARG AB 137 -9.90 105.06 33.92
CA ARG AB 137 -11.26 105.38 34.30
C ARG AB 137 -12.24 104.67 33.36
N THR AB 138 -13.51 104.65 33.75
CA THR AB 138 -14.56 104.04 32.96
C THR AB 138 -15.68 105.05 32.81
N ALA AB 139 -15.98 105.42 31.57
CA ALA AB 139 -17.07 106.33 31.29
C ALA AB 139 -18.41 105.63 31.48
N LEU AB 140 -19.38 106.35 32.03
CA LEU AB 140 -20.69 105.78 32.33
C LEU AB 140 -21.63 105.96 31.14
N SER AB 141 -22.14 104.85 30.62
CA SER AB 141 -23.21 104.85 29.64
C SER AB 141 -24.53 104.86 30.39
N VAL AB 142 -25.22 106.00 30.37
CA VAL AB 142 -26.35 106.25 31.25
C VAL AB 142 -27.47 106.89 30.44
N VAL AB 143 -28.56 107.21 31.15
CA VAL AB 143 -29.70 107.94 30.60
C VAL AB 143 -29.95 109.12 31.53
N THR AB 144 -30.25 110.28 30.96
CA THR AB 144 -30.53 111.48 31.73
C THR AB 144 -31.96 111.93 31.51
N TRP AB 145 -32.25 113.12 32.02
CA TRP AB 145 -33.52 113.79 31.83
C TRP AB 145 -33.28 115.20 31.33
N ASN AB 146 -33.98 115.56 30.27
CA ASN AB 146 -34.07 116.95 29.87
C ASN AB 146 -35.27 117.57 30.57
N LYS AB 147 -35.70 118.74 30.10
CA LYS AB 147 -36.91 119.36 30.65
C LYS AB 147 -38.09 118.40 30.57
N ASP AB 148 -38.27 117.76 29.41
CA ASP AB 148 -39.43 116.89 29.23
C ASP AB 148 -39.14 115.52 28.62
N MET AB 149 -37.99 115.30 28.00
CA MET AB 149 -37.72 114.08 27.26
C MET AB 149 -36.79 113.17 28.04
N VAL AB 150 -36.38 112.09 27.38
CA VAL AB 150 -35.30 111.22 27.86
C VAL AB 150 -34.30 111.07 26.73
N THR AB 151 -33.02 111.22 27.06
CA THR AB 151 -31.95 110.99 26.10
C THR AB 151 -30.96 110.00 26.68
N ARG AB 152 -30.37 109.20 25.80
CA ARG AB 152 -29.36 108.22 26.18
C ARG AB 152 -28.01 108.67 25.66
N VAL AB 153 -27.01 108.63 26.53
CA VAL AB 153 -25.62 108.93 26.18
C VAL AB 153 -24.82 107.66 26.36
N THR AB 154 -24.17 107.21 25.29
CA THR AB 154 -23.45 105.94 25.28
C THR AB 154 -22.08 106.12 24.66
N PRO AB 155 -21.02 106.10 25.46
CA PRO AB 155 -19.68 106.17 24.88
C PRO AB 155 -19.34 104.93 24.06
N GLU AB 156 -18.51 105.14 23.05
CA GLU AB 156 -18.11 104.05 22.16
C GLU AB 156 -17.30 103.01 22.93
N GLY AB 157 -17.44 101.75 22.52
CA GLY AB 157 -16.76 100.66 23.17
C GLY AB 157 -17.39 100.19 24.45
N SER AB 158 -18.54 100.75 24.83
CA SER AB 158 -19.17 100.42 26.09
C SER AB 158 -19.79 99.03 26.05
N GLU AB 159 -19.98 98.46 27.24
CA GLU AB 159 -20.61 97.17 27.42
C GLU AB 159 -21.75 97.27 28.43
N GLU AB 160 -22.81 96.51 28.19
CA GLU AB 160 -24.00 96.59 29.03
C GLU AB 160 -23.78 95.80 30.31
N TRP AB 161 -23.95 96.45 31.45
CA TRP AB 161 -23.87 95.75 32.73
C TRP AB 161 -25.18 95.05 33.05
N TYR BB 1 -138.15 68.51 19.16
CA TYR BB 1 -137.03 68.49 20.09
C TYR BB 1 -135.70 68.57 19.34
N GLU BB 2 -135.05 69.74 19.46
CA GLU BB 2 -133.79 69.97 18.77
C GLU BB 2 -132.69 69.07 19.32
N HIS BB 3 -131.88 68.51 18.42
CA HIS BB 3 -130.74 67.71 18.83
C HIS BB 3 -129.67 67.80 17.77
N SER BB 4 -128.42 67.58 18.18
CA SER BB 4 -127.29 67.66 17.27
C SER BB 4 -126.30 66.55 17.61
N THR BB 5 -125.57 66.11 16.59
CA THR BB 5 -124.56 65.08 16.79
C THR BB 5 -123.58 65.11 15.63
N VAL BB 6 -122.53 64.31 15.75
CA VAL BB 6 -121.54 64.19 14.68
C VAL BB 6 -121.31 62.72 14.40
N MET BB 7 -121.27 62.35 13.12
CA MET BB 7 -121.05 60.96 12.81
C MET BB 7 -119.98 60.81 11.73
N PRO BB 8 -119.12 59.80 11.83
CA PRO BB 8 -118.00 59.70 10.90
C PRO BB 8 -118.50 59.48 9.48
N ASN BB 9 -117.73 59.98 8.52
CA ASN BB 9 -118.07 59.79 7.10
C ASN BB 9 -117.36 58.57 6.54
N VAL BB 10 -117.74 57.41 7.05
CA VAL BB 10 -117.22 56.13 6.58
C VAL BB 10 -118.40 55.29 6.12
N VAL BB 11 -118.31 54.75 4.90
CA VAL BB 11 -119.41 53.96 4.36
C VAL BB 11 -119.47 52.61 5.06
N GLY BB 12 -120.67 52.22 5.46
CA GLY BB 12 -120.87 50.95 6.14
C GLY BB 12 -120.79 51.00 7.64
N PHE BB 13 -120.45 52.14 8.22
CA PHE BB 13 -120.31 52.24 9.66
C PHE BB 13 -121.69 52.37 10.30
N PRO BB 14 -122.02 51.52 11.28
CA PRO BB 14 -123.34 51.61 11.94
C PRO BB 14 -123.36 52.64 13.08
N TYR BB 15 -123.56 53.91 12.76
CA TYR BB 15 -123.57 54.91 13.80
C TYR BB 15 -124.88 54.83 14.58
N LYS BB 16 -124.79 54.99 15.89
CA LYS BB 16 -125.96 54.95 16.77
C LYS BB 16 -126.00 56.22 17.60
N ALA BB 17 -127.11 56.93 17.52
CA ALA BB 17 -127.30 58.20 18.21
C ALA BB 17 -128.34 58.03 19.30
N HIS BB 18 -128.03 58.48 20.51
CA HIS BB 18 -128.89 58.24 21.66
C HIS BB 18 -129.53 59.55 22.09
N ILE BB 19 -130.86 59.61 22.04
CA ILE BB 19 -131.60 60.83 22.35
C ILE BB 19 -132.27 60.64 23.71
N GLU BB 20 -132.01 61.57 24.62
CA GLU BB 20 -132.49 61.49 26.00
C GLU BB 20 -133.38 62.69 26.28
N ARG BB 21 -134.70 62.49 26.18
CA ARG BB 21 -135.63 63.50 26.65
C ARG BB 21 -135.95 63.22 28.11
N PRO BB 22 -135.65 64.13 29.04
CA PRO BB 22 -135.81 63.81 30.46
C PRO BB 22 -137.23 63.40 30.84
N GLY BB 23 -138.24 63.94 30.17
CA GLY BB 23 -139.61 63.60 30.50
C GLY BB 23 -140.14 62.33 29.87
N TYR BB 24 -139.35 61.65 29.04
CA TYR BB 24 -139.81 60.46 28.33
C TYR BB 24 -138.72 59.41 28.35
N SER BB 25 -138.99 58.28 27.70
CA SER BB 25 -138.01 57.21 27.60
C SER BB 25 -136.95 57.54 26.56
N PRO BB 26 -135.72 57.09 26.78
CA PRO BB 26 -134.66 57.33 25.81
C PRO BB 26 -134.94 56.61 24.49
N LEU BB 27 -134.36 57.14 23.41
CA LEU BB 27 -134.53 56.60 22.08
C LEU BB 27 -133.15 56.36 21.46
N THR BB 28 -133.07 55.38 20.56
CA THR BB 28 -131.84 55.10 19.84
C THR BB 28 -132.09 55.10 18.35
N LEU BB 29 -131.23 55.80 17.62
CA LEU BB 29 -131.29 55.98 16.18
C LEU BB 29 -130.11 55.26 15.55
N GLN BB 30 -130.35 54.60 14.42
CA GLN BB 30 -129.28 53.95 13.67
C GLN BB 30 -129.17 54.63 12.32
N MET BB 31 -127.97 55.09 11.98
CA MET BB 31 -127.70 55.68 10.68
C MET BB 31 -126.53 54.97 10.02
N GLN BB 32 -126.58 54.89 8.69
CA GLN BB 32 -125.52 54.24 7.93
C GLN BB 32 -125.45 54.86 6.55
N VAL BB 33 -124.31 55.45 6.20
CA VAL BB 33 -124.15 56.10 4.90
C VAL BB 33 -123.92 55.02 3.85
N VAL BB 34 -124.93 54.79 3.02
CA VAL BB 34 -124.84 53.79 1.97
C VAL BB 34 -123.94 54.26 0.84
N GLU BB 35 -124.12 55.48 0.35
CA GLU BB 35 -123.34 55.93 -0.81
C GLU BB 35 -122.92 57.38 -0.62
N THR BB 36 -121.78 57.72 -1.23
CA THR BB 36 -121.28 59.09 -1.25
C THR BB 36 -120.95 59.46 -2.69
N SER BB 37 -120.96 60.76 -2.96
CA SER BB 37 -120.69 61.24 -4.31
C SER BB 37 -120.17 62.68 -4.28
N LEU BB 38 -118.91 62.87 -4.65
CA LEU BB 38 -118.28 64.17 -4.59
C LEU BB 38 -118.21 64.74 -6.00
N GLU BB 39 -119.17 65.60 -6.32
CA GLU BB 39 -119.31 66.16 -7.66
C GLU BB 39 -118.53 67.45 -7.77
N PRO BB 40 -117.45 67.51 -8.55
CA PRO BB 40 -116.79 68.79 -8.78
C PRO BB 40 -117.53 69.57 -9.86
N THR BB 41 -117.30 70.88 -9.88
CA THR BB 41 -117.91 71.77 -10.87
C THR BB 41 -116.92 72.04 -11.98
N LEU BB 42 -117.35 71.92 -13.22
CA LEU BB 42 -116.47 71.92 -14.36
C LEU BB 42 -116.85 73.00 -15.37
N ASN BB 43 -115.86 73.45 -16.12
CA ASN BB 43 -116.06 74.35 -17.25
C ASN BB 43 -115.12 73.91 -18.36
N LEU BB 44 -115.65 73.74 -19.56
CA LEU BB 44 -114.85 73.21 -20.67
C LEU BB 44 -113.91 74.28 -21.23
N GLU BB 45 -112.65 73.89 -21.41
CA GLU BB 45 -111.67 74.73 -22.07
C GLU BB 45 -111.51 74.38 -23.56
N TYR BB 46 -111.17 73.14 -23.87
CA TYR BB 46 -111.10 72.70 -25.25
C TYR BB 46 -111.07 71.18 -25.29
N ILE BB 47 -111.06 70.64 -26.51
CA ILE BB 47 -111.03 69.22 -26.74
C ILE BB 47 -110.00 68.92 -27.81
N THR BB 48 -109.42 67.74 -27.75
CA THR BB 48 -108.38 67.33 -28.66
C THR BB 48 -108.75 65.99 -29.30
N CYS BB 49 -108.44 65.85 -30.58
CA CYS BB 49 -108.59 64.61 -31.31
C CYS BB 49 -107.53 64.60 -32.40
N GLU BB 50 -107.37 63.47 -33.08
CA GLU BB 50 -106.39 63.40 -34.15
C GLU BB 50 -106.76 64.34 -35.29
N TYR BB 51 -105.80 64.59 -36.15
CA TYR BB 51 -105.98 65.45 -37.31
C TYR BB 51 -105.98 64.63 -38.58
N LYS BB 52 -106.41 65.26 -39.66
CA LYS BB 52 -106.45 64.62 -40.97
C LYS BB 52 -105.82 65.56 -41.98
N THR BB 53 -104.68 65.14 -42.53
CA THR BB 53 -103.93 65.99 -43.46
C THR BB 53 -104.59 65.92 -44.82
N VAL BB 54 -105.07 67.06 -45.31
CA VAL BB 54 -105.75 67.13 -46.60
C VAL BB 54 -104.75 67.63 -47.63
N VAL BB 55 -104.49 66.82 -48.64
CA VAL BB 55 -103.53 67.14 -49.69
C VAL BB 55 -104.27 67.14 -51.02
N PRO BB 56 -104.74 68.29 -51.48
CA PRO BB 56 -105.39 68.34 -52.78
C PRO BB 56 -104.41 68.05 -53.91
N SER BB 57 -104.97 67.63 -55.03
CA SER BB 57 -104.15 67.25 -56.17
C SER BB 57 -103.35 68.45 -56.68
N PRO BB 58 -102.07 68.27 -56.99
CA PRO BB 58 -101.26 69.39 -57.46
C PRO BB 58 -101.74 69.89 -58.80
N TYR BB 59 -101.56 71.18 -59.02
CA TYR BB 59 -101.95 71.82 -60.27
C TYR BB 59 -100.67 72.15 -61.04
N VAL BB 60 -100.55 71.58 -62.23
CA VAL BB 60 -99.35 71.74 -63.05
C VAL BB 60 -99.71 72.58 -64.25
N LYS BB 61 -99.30 73.84 -64.24
CA LYS BB 61 -99.50 74.74 -65.37
C LYS BB 61 -98.20 74.77 -66.15
N CYS BB 62 -98.27 74.46 -67.43
CA CYS BB 62 -97.08 74.34 -68.26
C CYS BB 62 -97.15 75.31 -69.43
N CYS BB 63 -95.97 75.67 -69.95
CA CYS BB 63 -95.82 76.79 -70.88
C CYS BB 63 -96.39 78.06 -70.25
N GLY BB 64 -96.00 78.26 -69.00
CA GLY BB 64 -96.50 79.37 -68.21
C GLY BB 64 -96.07 79.23 -66.77
N ALA BB 65 -96.70 80.03 -65.92
CA ALA BB 65 -96.38 80.00 -64.49
C ALA BB 65 -97.65 80.22 -63.69
N SER BB 66 -97.64 79.77 -62.44
CA SER BB 66 -98.74 79.97 -61.51
C SER BB 66 -98.23 80.68 -60.27
N GLU BB 67 -99.08 81.50 -59.68
CA GLU BB 67 -98.73 82.32 -58.53
C GLU BB 67 -99.45 81.79 -57.29
N CYS BB 68 -98.70 81.54 -56.23
CA CYS BB 68 -99.30 81.05 -55.00
C CYS BB 68 -100.13 82.15 -54.34
N SER BB 69 -101.21 81.72 -53.68
CA SER BB 69 -102.11 82.63 -52.98
C SER BB 69 -102.39 82.09 -51.59
N THR BB 70 -102.71 82.98 -50.66
CA THR BB 70 -103.00 82.58 -49.29
C THR BB 70 -104.50 82.36 -49.09
N LYS BB 71 -104.83 81.42 -48.21
CA LYS BB 71 -106.20 81.17 -47.81
C LYS BB 71 -106.26 81.04 -46.30
N GLU BB 72 -107.46 81.26 -45.74
CA GLU BB 72 -107.68 81.22 -44.31
C GLU BB 72 -108.05 79.80 -43.91
N LYS BB 73 -107.04 78.95 -43.78
CA LYS BB 73 -107.22 77.59 -43.32
C LYS BB 73 -106.18 77.25 -42.27
N PRO BB 74 -106.50 76.35 -41.34
CA PRO BB 74 -105.59 76.05 -40.23
C PRO BB 74 -104.29 75.44 -40.73
N ASP BB 75 -103.18 76.09 -40.40
CA ASP BB 75 -101.83 75.66 -40.80
C ASP BB 75 -101.73 75.50 -42.30
N TYR BB 76 -102.33 76.44 -43.03
CA TYR BB 76 -102.35 76.36 -44.48
C TYR BB 76 -100.95 76.55 -45.05
N GLN BB 77 -100.61 75.76 -46.06
CA GLN BB 77 -99.29 75.82 -46.68
C GLN BB 77 -99.44 75.74 -48.18
N CYS BB 78 -98.64 76.51 -48.91
CA CYS BB 78 -98.71 76.53 -50.36
C CYS BB 78 -97.35 76.95 -50.91
N LYS BB 79 -96.98 76.37 -52.05
CA LYS BB 79 -95.70 76.70 -52.67
C LYS BB 79 -95.79 76.46 -54.17
N VAL BB 80 -94.84 77.04 -54.90
CA VAL BB 80 -94.70 76.83 -56.35
C VAL BB 80 -93.30 76.35 -56.63
N TYR BB 81 -93.20 75.35 -57.49
CA TYR BB 81 -91.93 74.78 -57.91
C TYR BB 81 -91.79 74.94 -59.42
N THR BB 82 -90.62 75.35 -59.87
CA THR BB 82 -90.36 75.62 -61.27
C THR BB 82 -89.33 74.65 -61.82
N GLY BB 83 -89.40 74.41 -63.13
CA GLY BB 83 -88.50 73.48 -63.77
C GLY BB 83 -88.91 72.02 -63.71
N VAL BB 84 -90.19 71.73 -63.53
CA VAL BB 84 -90.65 70.37 -63.40
C VAL BB 84 -90.92 69.76 -64.77
N TYR BB 85 -90.76 68.45 -64.87
CA TYR BB 85 -91.06 67.69 -66.09
C TYR BB 85 -91.87 66.47 -65.70
N PRO BB 86 -93.19 66.60 -65.63
CA PRO BB 86 -94.02 65.48 -65.16
C PRO BB 86 -94.04 64.33 -66.15
N PHE BB 87 -94.39 63.15 -65.64
CA PHE BB 87 -94.59 61.97 -66.45
C PHE BB 87 -95.90 61.31 -66.07
N MET BB 88 -96.51 60.61 -67.02
CA MET BB 88 -97.72 59.85 -66.77
C MET BB 88 -97.58 58.48 -67.41
N TRP BB 89 -98.66 57.71 -67.39
CA TRP BB 89 -98.58 56.32 -67.82
C TRP BB 89 -98.30 56.21 -69.31
N GLY BB 90 -98.83 57.13 -70.11
CA GLY BB 90 -98.66 57.07 -71.55
C GLY BB 90 -97.41 57.79 -72.03
N GLY BB 91 -97.17 58.98 -71.52
CA GLY BB 91 -95.97 59.72 -71.88
C GLY BB 91 -96.02 61.08 -71.25
N ALA BB 92 -94.85 61.71 -71.15
CA ALA BB 92 -94.69 62.94 -70.38
C ALA BB 92 -95.44 64.05 -71.09
N TYR BB 93 -96.44 64.61 -70.43
CA TYR BB 93 -97.22 65.66 -71.05
C TYR BB 93 -96.59 67.01 -70.74
N CYS BB 94 -97.21 68.08 -71.23
CA CYS BB 94 -96.64 69.43 -71.18
C CYS BB 94 -95.31 69.48 -71.94
N PHE BB 95 -95.45 69.35 -73.25
CA PHE BB 95 -94.37 69.30 -74.23
C PHE BB 95 -93.29 70.36 -74.01
N CYS BB 96 -93.66 71.53 -73.50
CA CYS BB 96 -92.68 72.55 -73.17
C CYS BB 96 -91.61 71.94 -72.27
N ASP BB 97 -90.34 72.07 -72.67
CA ASP BB 97 -89.29 71.33 -71.98
C ASP BB 97 -89.09 71.82 -70.55
N SER BB 98 -88.97 73.14 -70.36
CA SER BB 98 -88.61 73.65 -69.06
C SER BB 98 -89.50 74.77 -68.53
N GLU BB 99 -90.59 75.12 -69.21
CA GLU BB 99 -91.47 76.17 -68.72
C GLU BB 99 -92.72 75.55 -68.10
N ASN BB 100 -92.53 74.95 -66.93
CA ASN BB 100 -93.60 74.30 -66.20
C ASN BB 100 -93.58 74.77 -64.77
N THR BB 101 -94.75 74.74 -64.13
CA THR BB 101 -94.88 75.22 -62.76
C THR BB 101 -95.89 74.36 -62.02
N GLN BB 102 -95.46 73.78 -60.90
CA GLN BB 102 -96.32 72.97 -60.05
C GLN BB 102 -96.68 73.74 -58.79
N LEU BB 103 -97.97 73.78 -58.47
CA LEU BB 103 -98.45 74.40 -57.25
C LEU BB 103 -98.81 73.30 -56.25
N SER BB 104 -98.16 73.29 -55.10
CA SER BB 104 -98.41 72.31 -54.06
C SER BB 104 -99.14 72.97 -52.90
N GLU BB 105 -100.15 72.29 -52.37
CA GLU BB 105 -101.04 72.85 -51.37
C GLU BB 105 -101.25 71.83 -50.25
N ALA BB 106 -101.47 72.31 -49.04
CA ALA BB 106 -101.77 71.39 -47.94
C ALA BB 106 -102.40 72.16 -46.78
N TYR BB 107 -103.23 71.47 -46.02
CA TYR BB 107 -103.81 72.04 -44.81
C TYR BB 107 -104.30 70.92 -43.92
N VAL BB 108 -104.50 71.24 -42.65
CA VAL BB 108 -104.86 70.26 -41.63
C VAL BB 108 -106.30 70.48 -41.21
N ASP BB 109 -107.04 69.39 -41.06
CA ASP BB 109 -108.42 69.47 -40.61
C ASP BB 109 -108.68 68.43 -39.52
N ARG BB 110 -109.66 68.73 -38.68
CA ARG BB 110 -110.07 67.84 -37.61
C ARG BB 110 -110.48 66.49 -38.17
N SER BB 111 -110.04 65.41 -37.52
CA SER BB 111 -110.24 64.08 -38.06
C SER BB 111 -111.72 63.75 -38.13
N ASP BB 112 -112.02 62.60 -38.73
CA ASP BB 112 -113.37 62.30 -39.13
C ASP BB 112 -114.25 61.93 -37.94
N VAL BB 113 -113.68 61.20 -36.98
CA VAL BB 113 -114.46 60.64 -35.87
C VAL BB 113 -114.16 61.37 -34.57
N CYS BB 114 -113.84 62.65 -34.67
CA CYS BB 114 -113.55 63.44 -33.50
C CYS BB 114 -114.74 63.53 -32.56
N ARG BB 115 -115.95 63.52 -33.09
CA ARG BB 115 -117.16 63.56 -32.30
C ARG BB 115 -117.37 62.29 -31.48
N HIS BB 116 -116.79 61.17 -31.90
CA HIS BB 116 -116.90 59.92 -31.17
C HIS BB 116 -115.68 59.60 -30.33
N ASP BB 117 -114.53 60.20 -30.64
CA ASP BB 117 -113.28 59.92 -29.94
C ASP BB 117 -112.55 61.24 -29.74
N HIS BB 118 -112.54 61.73 -28.50
CA HIS BB 118 -111.86 62.97 -28.19
C HIS BB 118 -111.57 63.02 -26.70
N ALA BB 119 -110.61 63.86 -26.32
CA ALA BB 119 -110.27 64.10 -24.93
C ALA BB 119 -110.62 65.53 -24.57
N SER BB 120 -111.04 65.76 -23.34
CA SER BB 120 -111.51 67.07 -22.91
C SER BB 120 -110.60 67.63 -21.83
N ALA BB 121 -110.48 68.96 -21.80
CA ALA BB 121 -109.75 69.64 -20.74
C ALA BB 121 -110.73 70.48 -19.93
N TYR BB 122 -110.70 70.34 -18.61
CA TYR BB 122 -111.59 71.03 -17.70
C TYR BB 122 -110.80 71.74 -16.61
N LYS BB 123 -111.44 72.73 -15.99
CA LYS BB 123 -110.98 73.35 -14.76
C LYS BB 123 -111.98 73.01 -13.68
N ALA BB 124 -111.51 72.49 -12.55
CA ALA BB 124 -112.38 71.98 -11.51
C ALA BB 124 -112.25 72.83 -10.25
N HIS BB 125 -113.37 73.21 -9.66
CA HIS BB 125 -113.35 73.99 -8.43
C HIS BB 125 -114.65 73.78 -7.67
N THR BB 126 -114.64 74.19 -6.41
CA THR BB 126 -115.79 74.19 -5.49
C THR BB 126 -116.65 72.93 -5.57
N ALA BB 127 -116.06 71.79 -5.23
CA ALA BB 127 -116.78 70.53 -5.25
C ALA BB 127 -117.93 70.53 -4.24
N SER BB 128 -119.01 69.84 -4.61
CA SER BB 128 -120.20 69.72 -3.78
C SER BB 128 -120.42 68.25 -3.45
N LEU BB 129 -120.93 67.99 -2.25
CA LEU BB 129 -121.06 66.61 -1.77
C LEU BB 129 -122.51 66.17 -1.71
N LYS BB 130 -122.75 64.93 -2.14
CA LYS BB 130 -124.06 64.31 -2.12
C LYS BB 130 -123.92 62.95 -1.45
N ALA BB 131 -125.01 62.47 -0.85
CA ALA BB 131 -124.93 61.19 -0.14
C ALA BB 131 -126.30 60.52 -0.15
N LYS BB 132 -126.30 59.22 0.13
CA LYS BB 132 -127.52 58.45 0.35
C LYS BB 132 -127.31 57.66 1.63
N VAL BB 133 -128.23 57.80 2.58
CA VAL BB 133 -128.08 57.27 3.92
C VAL BB 133 -129.34 56.52 4.34
N ARG BB 134 -129.14 55.40 5.05
CA ARG BB 134 -130.22 54.59 5.60
C ARG BB 134 -130.39 54.91 7.07
N VAL BB 135 -131.64 55.08 7.51
CA VAL BB 135 -131.94 55.44 8.89
C VAL BB 135 -132.99 54.49 9.43
N MET BB 136 -132.85 54.13 10.71
CA MET BB 136 -133.80 53.26 11.38
C MET BB 136 -134.00 53.71 12.82
N TYR BB 137 -135.26 53.69 13.26
CA TYR BB 137 -135.56 53.94 14.67
C TYR BB 137 -136.95 53.39 14.93
N GLY BB 138 -137.16 52.93 16.16
CA GLY BB 138 -138.47 52.42 16.52
C GLY BB 138 -138.92 51.29 15.63
N ASN BB 139 -139.87 51.57 14.74
CA ASN BB 139 -140.36 50.57 13.80
C ASN BB 139 -140.33 51.07 12.35
N VAL BB 140 -139.55 52.10 12.06
CA VAL BB 140 -139.51 52.70 10.73
C VAL BB 140 -138.14 52.47 10.13
N ASN BB 141 -138.13 51.91 8.92
CA ASN BB 141 -136.94 51.72 8.12
C ASN BB 141 -136.79 52.93 7.19
N GLN BB 142 -135.97 52.79 6.13
CA GLN BB 142 -135.91 53.59 4.90
C GLN BB 142 -134.54 54.18 4.65
N THR BB 143 -134.19 54.27 3.36
CA THR BB 143 -133.01 54.95 2.89
C THR BB 143 -133.43 56.19 2.12
N VAL BB 144 -132.73 57.30 2.33
CA VAL BB 144 -133.06 58.57 1.70
C VAL BB 144 -131.81 59.12 1.03
N ASP BB 145 -132.04 60.04 0.09
CA ASP BB 145 -130.98 60.65 -0.70
C ASP BB 145 -130.92 62.13 -0.37
N VAL BB 146 -129.77 62.58 0.14
CA VAL BB 146 -129.64 63.93 0.69
C VAL BB 146 -128.39 64.59 0.16
N TYR BB 147 -128.37 65.93 0.24
CA TYR BB 147 -127.19 66.73 -0.02
C TYR BB 147 -126.51 67.07 1.29
N VAL BB 148 -125.18 67.02 1.30
CA VAL BB 148 -124.41 67.33 2.52
C VAL BB 148 -124.05 68.80 2.44
N ASN BB 149 -124.97 69.64 2.90
CA ASN BB 149 -124.68 71.01 3.25
C ASN BB 149 -125.86 71.50 4.08
N GLY BB 150 -125.65 72.56 4.86
CA GLY BB 150 -126.69 72.94 5.78
C GLY BB 150 -127.86 73.62 5.10
N ASP BB 151 -128.28 73.10 3.94
CA ASP BB 151 -129.37 73.68 3.17
C ASP BB 151 -130.22 72.59 2.52
N HIS BB 152 -130.34 71.42 3.17
CA HIS BB 152 -131.23 70.40 2.66
C HIS BB 152 -131.79 69.62 3.84
N ALA BB 153 -133.12 69.59 3.95
CA ALA BB 153 -133.81 68.90 5.03
C ALA BB 153 -134.74 67.86 4.43
N VAL BB 154 -134.72 66.65 4.98
CA VAL BB 154 -135.55 65.55 4.52
C VAL BB 154 -136.39 65.05 5.69
N THR BB 155 -137.67 64.86 5.47
CA THR BB 155 -138.61 64.45 6.50
C THR BB 155 -138.81 62.94 6.44
N ILE BB 156 -138.53 62.26 7.55
CA ILE BB 156 -138.61 60.81 7.64
C ILE BB 156 -139.46 60.49 8.86
N GLY BB 157 -140.68 60.02 8.61
CA GLY BB 157 -141.57 59.64 9.71
C GLY BB 157 -141.86 60.78 10.67
N GLY BB 158 -142.08 61.98 10.13
CA GLY BB 158 -142.33 63.13 10.97
C GLY BB 158 -141.11 63.77 11.56
N THR BB 159 -139.92 63.31 11.21
CA THR BB 159 -138.67 63.81 11.77
C THR BB 159 -137.88 64.52 10.67
N GLN BB 160 -137.36 65.70 11.01
CA GLN BB 160 -136.56 66.50 10.09
C GLN BB 160 -135.08 66.27 10.35
N PHE BB 161 -134.33 65.98 9.29
CA PHE BB 161 -132.89 65.76 9.37
C PHE BB 161 -132.17 66.75 8.47
N ILE BB 162 -131.12 67.38 9.00
CA ILE BB 162 -130.27 68.26 8.21
C ILE BB 162 -128.83 67.80 8.38
N PHE BB 163 -128.16 67.54 7.28
CA PHE BB 163 -126.77 67.09 7.30
C PHE BB 163 -125.89 68.29 6.99
N GLY BB 164 -125.14 68.74 7.98
CA GLY BB 164 -124.35 69.94 7.84
C GLY BB 164 -123.17 69.75 6.93
N PRO BB 165 -122.42 70.83 6.68
CA PRO BB 165 -121.30 70.74 5.76
C PRO BB 165 -120.22 69.81 6.29
N LEU BB 166 -119.49 69.18 5.39
CA LEU BB 166 -118.43 68.27 5.79
C LEU BB 166 -117.37 69.01 6.60
N SER BB 167 -116.68 68.27 7.46
CA SER BB 167 -115.67 68.87 8.31
C SER BB 167 -114.52 69.43 7.50
N SER BB 168 -114.02 68.68 6.53
CA SER BB 168 -112.88 69.10 5.73
C SER BB 168 -113.33 69.43 4.30
N ALA BB 169 -112.44 70.07 3.56
CA ALA BB 169 -112.70 70.51 2.19
C ALA BB 169 -111.65 69.95 1.25
N TRP BB 170 -111.41 68.64 1.36
CA TRP BB 170 -110.38 67.96 0.61
C TRP BB 170 -111.01 67.27 -0.59
N THR BB 171 -110.45 67.52 -1.78
CA THR BB 171 -110.93 66.91 -3.01
C THR BB 171 -109.75 66.31 -3.77
N PRO BB 172 -109.91 65.14 -4.38
CA PRO BB 172 -108.77 64.52 -5.07
C PRO BB 172 -108.46 65.16 -6.41
N PHE BB 173 -109.30 66.05 -6.93
CA PHE BB 173 -109.05 66.70 -8.21
C PHE BB 173 -108.22 67.96 -8.00
N ASP BB 174 -107.24 68.16 -8.87
CA ASP BB 174 -106.47 69.40 -8.86
C ASP BB 174 -107.26 70.50 -9.57
N ASN BB 175 -106.59 71.59 -9.91
CA ASN BB 175 -107.26 72.69 -10.58
C ASN BB 175 -107.60 72.34 -12.02
N LYS BB 176 -106.74 71.56 -12.68
CA LYS BB 176 -106.90 71.26 -14.10
C LYS BB 176 -107.01 69.76 -14.30
N ILE BB 177 -107.96 69.34 -15.14
CA ILE BB 177 -108.33 67.94 -15.30
C ILE BB 177 -108.39 67.60 -16.77
N VAL BB 178 -107.98 66.39 -17.11
CA VAL BB 178 -108.11 65.85 -18.46
C VAL BB 178 -109.00 64.61 -18.41
N VAL BB 179 -110.10 64.64 -19.16
CA VAL BB 179 -111.12 63.61 -19.09
C VAL BB 179 -111.17 62.87 -20.42
N TYR BB 180 -111.11 61.55 -20.37
CA TYR BB 180 -111.08 60.72 -21.57
C TYR BB 180 -111.80 59.41 -21.30
N LYS BB 181 -112.94 59.21 -21.98
CA LYS BB 181 -113.73 57.99 -21.86
C LYS BB 181 -114.17 57.74 -20.42
N ASP BB 182 -113.41 56.94 -19.68
CA ASP BB 182 -113.77 56.64 -18.29
C ASP BB 182 -112.55 56.76 -17.39
N GLU BB 183 -111.69 57.75 -17.66
CA GLU BB 183 -110.50 57.95 -16.85
C GLU BB 183 -110.26 59.43 -16.64
N VAL BB 184 -109.72 59.77 -15.49
CA VAL BB 184 -109.50 61.16 -15.08
C VAL BB 184 -108.03 61.33 -14.74
N PHE BB 185 -107.44 62.46 -15.10
CA PHE BB 185 -106.03 62.69 -14.91
C PHE BB 185 -105.78 64.05 -14.26
N ASN BB 186 -104.78 64.10 -13.37
CA ASN BB 186 -104.27 65.35 -12.84
C ASN BB 186 -103.13 65.80 -13.74
N GLN BB 187 -103.45 66.68 -14.67
CA GLN BB 187 -102.51 67.13 -15.69
C GLN BB 187 -102.49 68.64 -15.74
N ASP BB 188 -101.47 69.20 -16.37
CA ASP BB 188 -101.35 70.63 -16.61
C ASP BB 188 -101.28 70.86 -18.11
N PHE BB 189 -102.42 70.99 -18.74
CA PHE BB 189 -102.46 71.17 -20.17
C PHE BB 189 -102.08 72.59 -20.55
N PRO BB 190 -101.52 72.80 -21.75
CA PRO BB 190 -101.23 74.15 -22.19
C PRO BB 190 -102.53 74.89 -22.50
N PRO BB 191 -102.56 76.21 -22.30
CA PRO BB 191 -103.79 76.96 -22.52
C PRO BB 191 -104.14 77.02 -24.00
N TYR BB 192 -105.32 77.53 -24.27
CA TYR BB 192 -105.80 77.59 -25.65
C TYR BB 192 -104.92 78.48 -26.49
N GLY BB 193 -104.69 78.08 -27.74
CA GLY BB 193 -103.96 78.89 -28.67
C GLY BB 193 -102.46 78.86 -28.55
N SER BB 194 -101.89 78.00 -27.71
CA SER BB 194 -100.45 77.93 -27.56
C SER BB 194 -100.00 76.47 -27.41
N GLY BB 195 -100.54 75.60 -28.24
CA GLY BB 195 -100.08 74.22 -28.26
C GLY BB 195 -98.73 74.09 -28.91
N GLN BB 196 -98.14 72.91 -28.76
CA GLN BB 196 -96.86 72.65 -29.40
C GLN BB 196 -96.91 71.30 -30.10
N PRO BB 197 -96.37 71.21 -31.32
CA PRO BB 197 -96.49 69.98 -32.10
C PRO BB 197 -95.77 68.81 -31.46
N GLY BB 198 -96.32 67.63 -31.63
CA GLY BB 198 -95.73 66.41 -31.10
C GLY BB 198 -96.18 66.03 -29.71
N ARG BB 199 -96.97 66.87 -29.04
CA ARG BB 199 -97.42 66.56 -27.69
C ARG BB 199 -98.92 66.82 -27.57
N PHE BB 200 -99.45 66.78 -26.35
CA PHE BB 200 -100.87 66.96 -26.13
C PHE BB 200 -101.30 68.35 -26.61
N GLY BB 201 -102.50 68.41 -27.17
CA GLY BB 201 -103.03 69.66 -27.67
C GLY BB 201 -102.34 70.24 -28.88
N ASP BB 202 -101.96 69.39 -29.85
CA ASP BB 202 -101.44 69.90 -31.10
C ASP BB 202 -102.52 70.64 -31.87
N ILE BB 203 -103.75 70.14 -31.83
CA ILE BB 203 -104.90 70.83 -32.38
C ILE BB 203 -105.88 71.06 -31.23
N GLN BB 204 -106.61 72.16 -31.30
CA GLN BB 204 -107.54 72.54 -30.25
C GLN BB 204 -108.79 73.13 -30.87
N SER BB 205 -109.94 72.75 -30.32
CA SER BB 205 -111.23 73.30 -30.71
C SER BB 205 -111.97 73.69 -29.43
N ARG BB 206 -112.65 74.84 -29.47
CA ARG BB 206 -113.36 75.29 -28.29
C ARG BB 206 -114.48 74.34 -27.90
N THR BB 207 -115.11 73.70 -28.88
CA THR BB 207 -116.22 72.81 -28.63
C THR BB 207 -116.24 71.74 -29.72
N VAL BB 208 -116.91 70.63 -29.42
CA VAL BB 208 -117.02 69.56 -30.42
C VAL BB 208 -117.75 70.05 -31.67
N GLU BB 209 -118.74 70.92 -31.50
CA GLU BB 209 -119.51 71.43 -32.63
C GLU BB 209 -118.95 72.72 -33.21
N SER BB 210 -117.92 73.30 -32.60
CA SER BB 210 -117.41 74.59 -33.06
C SER BB 210 -116.71 74.48 -34.40
N ASN BB 211 -116.81 75.53 -35.21
CA ASN BB 211 -116.25 75.54 -36.55
C ASN BB 211 -114.78 75.92 -36.56
N ASP BB 212 -114.34 76.74 -35.61
CA ASP BB 212 -112.95 77.17 -35.58
C ASP BB 212 -112.02 76.00 -35.23
N LEU BB 213 -110.74 76.23 -35.41
CA LEU BB 213 -109.74 75.23 -35.07
C LEU BB 213 -108.37 75.90 -35.01
N TYR BB 214 -107.55 75.51 -34.05
CA TYR BB 214 -106.17 75.99 -33.98
C TYR BB 214 -105.25 74.79 -33.97
N ALA BB 215 -104.47 74.63 -35.03
CA ALA BB 215 -103.56 73.49 -35.16
C ALA BB 215 -102.15 74.00 -35.35
N ASN BB 216 -101.20 73.35 -34.72
CA ASN BB 216 -99.80 73.76 -34.84
C ASN BB 216 -98.97 72.48 -34.93
N THR BB 217 -98.75 72.01 -36.16
CA THR BB 217 -98.19 70.68 -36.38
C THR BB 217 -96.96 70.70 -37.28
N ALA BB 218 -96.48 71.87 -37.67
CA ALA BB 218 -95.24 71.99 -38.43
C ALA BB 218 -95.29 71.24 -39.77
N LEU BB 219 -96.38 71.42 -40.50
CA LEU BB 219 -96.52 70.79 -41.81
C LEU BB 219 -95.63 71.50 -42.82
N LYS BB 220 -94.71 70.76 -43.43
CA LYS BB 220 -93.74 71.37 -44.33
C LYS BB 220 -93.74 70.62 -45.65
N LEU BB 221 -93.46 71.37 -46.73
CA LEU BB 221 -93.52 70.85 -48.09
C LEU BB 221 -92.11 70.66 -48.64
N ALA BB 222 -91.98 69.83 -49.67
CA ALA BB 222 -90.68 69.60 -50.29
C ALA BB 222 -90.81 69.64 -51.80
N ARG BB 223 -89.70 69.87 -52.48
CA ARG BB 223 -89.70 69.90 -53.93
C ARG BB 223 -89.90 68.50 -54.50
N PRO BB 224 -90.82 68.32 -55.44
CA PRO BB 224 -91.05 66.99 -56.00
C PRO BB 224 -89.84 66.49 -56.77
N SER BB 225 -89.66 65.17 -56.75
CA SER BB 225 -88.56 64.56 -57.47
C SER BB 225 -88.78 64.69 -58.97
N PRO BB 226 -87.72 64.59 -59.76
CA PRO BB 226 -87.88 64.65 -61.22
C PRO BB 226 -88.72 63.49 -61.73
N GLY BB 227 -89.58 63.80 -62.70
CA GLY BB 227 -90.39 62.77 -63.34
C GLY BB 227 -91.44 62.12 -62.47
N MET BB 228 -92.04 62.85 -61.54
CA MET BB 228 -93.16 62.35 -60.75
C MET BB 228 -94.07 63.51 -60.39
N VAL BB 229 -95.26 63.17 -59.93
CA VAL BB 229 -96.24 64.15 -59.46
C VAL BB 229 -96.81 63.65 -58.13
N HIS BB 230 -96.18 64.01 -57.01
CA HIS BB 230 -96.60 63.40 -55.76
C HIS BB 230 -96.72 64.31 -54.54
N VAL BB 231 -96.28 65.56 -54.57
CA VAL BB 231 -96.46 66.47 -53.44
C VAL BB 231 -95.87 65.90 -52.15
N PRO BB 232 -94.55 65.84 -52.01
CA PRO BB 232 -93.98 65.33 -50.76
C PRO BB 232 -94.11 66.33 -49.63
N TYR BB 233 -94.47 65.83 -48.45
CA TYR BB 233 -94.52 66.68 -47.28
C TYR BB 233 -93.93 65.91 -46.12
N THR BB 234 -93.60 66.63 -45.06
CA THR BB 234 -93.20 66.05 -43.80
C THR BB 234 -93.97 66.74 -42.67
N GLN BB 235 -94.25 65.99 -41.62
CA GLN BB 235 -95.13 66.47 -40.57
C GLN BB 235 -94.88 65.69 -39.29
N THR BB 236 -94.85 66.39 -38.17
CA THR BB 236 -94.64 65.73 -36.89
C THR BB 236 -95.87 64.89 -36.54
N PRO BB 237 -95.69 63.65 -36.08
CA PRO BB 237 -96.84 62.77 -35.81
C PRO BB 237 -97.81 63.41 -34.83
N SER BB 238 -99.02 62.86 -34.82
CA SER BB 238 -100.09 63.43 -34.01
C SER BB 238 -99.76 63.34 -32.53
N GLY BB 239 -100.14 64.37 -31.79
CA GLY BB 239 -99.94 64.35 -30.36
C GLY BB 239 -100.92 63.47 -29.63
N PHE BB 240 -102.11 63.29 -30.19
CA PHE BB 240 -103.13 62.51 -29.49
C PHE BB 240 -102.70 61.04 -29.36
N LYS BB 241 -102.12 60.47 -30.41
CA LYS BB 241 -101.63 59.09 -30.31
C LYS BB 241 -100.54 58.95 -29.28
N TYR BB 242 -99.60 59.89 -29.22
CA TYR BB 242 -98.50 59.72 -28.29
C TYR BB 242 -98.92 60.01 -26.86
N TRP BB 243 -99.89 60.87 -26.66
CA TRP BB 243 -100.45 61.02 -25.33
C TRP BB 243 -101.19 59.76 -24.91
N LEU BB 244 -101.91 59.13 -25.84
CA LEU BB 244 -102.53 57.85 -25.52
C LEU BB 244 -101.49 56.80 -25.15
N LYS BB 245 -100.37 56.80 -25.86
CA LYS BB 245 -99.39 55.75 -25.63
C LYS BB 245 -98.60 55.96 -24.34
N GLU BB 246 -98.33 57.20 -23.97
CA GLU BB 246 -97.51 57.46 -22.78
C GLU BB 246 -98.12 58.54 -21.91
N LYS BB 247 -99.41 58.45 -21.62
CA LYS BB 247 -100.00 59.37 -20.66
C LYS BB 247 -99.42 59.14 -19.27
N GLY BB 248 -99.28 57.89 -18.88
CA GLY BB 248 -98.68 57.58 -17.60
C GLY BB 248 -99.67 57.64 -16.47
N THR BB 249 -99.82 56.53 -15.75
CA THR BB 249 -100.69 56.45 -14.59
C THR BB 249 -102.10 56.93 -14.88
N ALA BB 250 -102.82 57.26 -13.82
CA ALA BB 250 -104.15 57.84 -13.91
C ALA BB 250 -104.55 58.29 -12.52
N LEU BB 251 -105.77 58.78 -12.37
CA LEU BB 251 -106.30 59.00 -11.04
C LEU BB 251 -107.06 57.80 -10.50
N ASN BB 252 -107.64 56.98 -11.38
CA ASN BB 252 -108.44 55.85 -10.92
C ASN BB 252 -107.63 54.87 -10.11
N THR BB 253 -106.35 54.69 -10.45
CA THR BB 253 -105.49 53.77 -9.73
C THR BB 253 -104.55 54.47 -8.77
N LYS BB 254 -104.78 55.75 -8.47
CA LYS BB 254 -103.91 56.48 -7.57
C LYS BB 254 -104.61 57.38 -6.57
N ALA BB 255 -105.93 57.48 -6.60
CA ALA BB 255 -106.62 58.41 -5.72
C ALA BB 255 -106.35 58.07 -4.27
N PRO BB 256 -106.24 59.05 -3.38
CA PRO BB 256 -106.05 58.76 -1.96
C PRO BB 256 -107.37 58.35 -1.32
N PHE BB 257 -107.24 57.77 -0.13
CA PHE BB 257 -108.37 57.39 0.72
C PHE BB 257 -109.26 56.33 0.08
N GLY BB 258 -108.86 55.81 -1.08
CA GLY BB 258 -109.52 54.66 -1.66
C GLY BB 258 -110.97 54.89 -2.06
N CYS BB 259 -111.19 55.77 -3.04
CA CYS BB 259 -112.53 55.96 -3.57
C CYS BB 259 -112.55 55.94 -5.09
N GLN BB 260 -113.56 55.26 -5.63
CA GLN BB 260 -113.66 55.05 -7.05
C GLN BB 260 -113.96 56.37 -7.74
N ILE BB 261 -113.45 56.53 -8.96
CA ILE BB 261 -113.74 57.69 -9.77
C ILE BB 261 -114.57 57.26 -10.98
N LYS BB 262 -115.68 57.96 -11.21
CA LYS BB 262 -116.57 57.66 -12.31
C LYS BB 262 -116.78 58.91 -13.13
N THR BB 263 -117.06 58.75 -14.41
CA THR BB 263 -117.20 59.87 -15.32
C THR BB 263 -118.62 59.90 -15.86
N ASN BB 264 -118.95 61.00 -16.50
CA ASN BB 264 -120.27 61.21 -17.11
C ASN BB 264 -121.38 61.10 -16.08
N PRO BB 265 -121.50 62.04 -15.14
CA PRO BB 265 -120.61 63.17 -14.91
C PRO BB 265 -119.41 62.76 -14.07
N VAL BB 266 -118.39 63.61 -13.97
CA VAL BB 266 -117.22 63.28 -13.17
C VAL BB 266 -117.57 63.33 -11.69
N ARG BB 267 -117.20 62.29 -10.96
CA ARG BB 267 -117.46 62.22 -9.53
C ARG BB 267 -116.52 61.22 -8.89
N ALA BB 268 -116.40 61.31 -7.57
CA ALA BB 268 -115.58 60.41 -6.77
C ALA BB 268 -116.47 59.86 -5.65
N MET BB 269 -116.60 58.54 -5.59
CA MET BB 269 -117.53 57.88 -4.69
C MET BB 269 -116.82 56.97 -3.70
N ASN BB 270 -117.34 56.99 -2.47
CA ASN BB 270 -116.99 56.03 -1.43
C ASN BB 270 -115.54 56.14 -0.97
N CYS BB 271 -115.19 57.31 -0.42
CA CYS BB 271 -113.93 57.48 0.31
C CYS BB 271 -114.14 58.33 1.55
N ALA BB 272 -113.59 57.84 2.66
CA ALA BB 272 -113.90 58.31 3.99
C ALA BB 272 -112.97 59.46 4.39
N VAL BB 273 -113.56 60.57 4.81
CA VAL BB 273 -112.81 61.66 5.42
C VAL BB 273 -113.78 62.49 6.24
N GLY BB 274 -113.34 62.86 7.43
CA GLY BB 274 -114.06 63.84 8.21
C GLY BB 274 -115.35 63.33 8.82
N ASN BB 275 -116.07 64.29 9.39
CA ASN BB 275 -117.27 64.00 10.15
C ASN BB 275 -118.43 64.81 9.60
N ILE BB 276 -119.60 64.17 9.54
CA ILE BB 276 -120.82 64.79 9.06
C ILE BB 276 -121.64 65.19 10.27
N PRO BB 277 -121.87 66.49 10.47
CA PRO BB 277 -122.79 66.90 11.53
C PRO BB 277 -124.22 66.61 11.13
N VAL BB 278 -125.02 66.19 12.10
CA VAL BB 278 -126.43 65.88 11.89
C VAL BB 278 -127.25 66.70 12.87
N SER BB 279 -128.30 67.34 12.37
CA SER BB 279 -129.24 68.09 13.18
C SER BB 279 -130.61 67.45 13.05
N MET BB 280 -131.27 67.24 14.18
CA MET BB 280 -132.49 66.47 14.24
C MET BB 280 -133.62 67.37 14.75
N ASN BB 281 -134.83 67.07 14.30
CA ASN BB 281 -136.02 67.75 14.80
C ASN BB 281 -137.14 66.72 14.86
N LEU BB 282 -137.46 66.28 16.07
CA LEU BB 282 -138.39 65.18 16.26
C LEU BB 282 -139.71 65.69 16.84
N PRO BB 283 -140.83 65.07 16.47
CA PRO BB 283 -142.11 65.42 17.07
C PRO BB 283 -142.29 64.76 18.43
N ASP BB 284 -143.40 65.09 19.08
CA ASP BB 284 -143.69 64.52 20.39
C ASP BB 284 -144.17 63.08 20.31
N SER BB 285 -144.58 62.62 19.13
CA SER BB 285 -145.13 61.27 19.00
C SER BB 285 -144.06 60.19 18.90
N ALA BB 286 -142.81 60.57 18.64
CA ALA BB 286 -141.75 59.56 18.51
C ALA BB 286 -141.34 58.99 19.87
N PHE BB 287 -141.35 59.80 20.91
CA PHE BB 287 -140.99 59.33 22.24
C PHE BB 287 -142.15 58.58 22.89
N THR BB 288 -141.83 57.89 23.99
CA THR BB 288 -142.81 57.15 24.78
C THR BB 288 -142.80 57.67 26.20
N ARG BB 289 -143.99 57.80 26.78
CA ARG BB 289 -144.11 58.29 28.15
C ARG BB 289 -143.42 57.33 29.12
N ILE BB 290 -142.85 57.89 30.19
CA ILE BB 290 -142.10 57.08 31.15
C ILE BB 290 -142.99 56.06 31.85
N VAL BB 291 -144.30 56.31 31.93
CA VAL BB 291 -145.19 55.35 32.55
C VAL BB 291 -145.29 54.07 31.73
N GLU BB 292 -145.22 54.19 30.41
CA GLU BB 292 -145.36 53.01 29.55
C GLU BB 292 -144.12 52.13 29.59
N ALA BB 293 -142.94 52.74 29.54
CA ALA BB 293 -141.71 51.97 29.50
C ALA BB 293 -141.46 51.28 30.85
N PRO BB 294 -140.89 50.08 30.83
CA PRO BB 294 -140.58 49.40 32.10
C PRO BB 294 -139.49 50.12 32.85
N THR BB 295 -139.49 49.93 34.17
CA THR BB 295 -138.47 50.51 35.03
C THR BB 295 -137.40 49.46 35.31
N ILE BB 296 -136.14 49.92 35.36
CA ILE BB 296 -135.00 49.05 35.61
C ILE BB 296 -134.22 49.64 36.77
N ILE BB 297 -134.01 48.82 37.80
CA ILE BB 297 -133.24 49.23 38.98
C ILE BB 297 -132.24 48.14 39.31
N ASP BB 298 -131.18 48.53 40.01
CA ASP BB 298 -130.11 47.62 40.43
C ASP BB 298 -129.51 46.91 39.22
N LEU BB 299 -128.84 47.71 38.38
CA LEU BB 299 -128.26 47.22 37.14
C LEU BB 299 -126.77 46.99 37.33
N THR BB 300 -126.31 45.78 37.04
CA THR BB 300 -124.90 45.43 37.12
C THR BB 300 -124.44 44.84 35.81
N CYS BB 301 -123.18 45.08 35.47
CA CYS BB 301 -122.59 44.68 34.22
C CYS BB 301 -121.43 43.72 34.46
N THR BB 302 -121.36 42.65 33.70
CA THR BB 302 -120.22 41.75 33.72
C THR BB 302 -119.79 41.48 32.29
N VAL BB 303 -118.50 41.19 32.11
CA VAL BB 303 -117.95 40.94 30.80
C VAL BB 303 -117.49 39.49 30.75
N ALA BB 304 -117.96 38.74 29.75
CA ALA BB 304 -117.62 37.33 29.71
C ALA BB 304 -116.29 37.11 28.99
N THR BB 305 -116.20 37.53 27.74
CA THR BB 305 -115.00 37.38 26.94
C THR BB 305 -114.73 38.68 26.20
N CYS BB 306 -113.46 38.93 25.91
CA CYS BB 306 -113.10 40.08 25.09
C CYS BB 306 -111.99 39.70 24.12
N THR BB 307 -112.02 40.32 22.95
CA THR BB 307 -110.95 40.18 21.97
C THR BB 307 -111.06 41.33 20.99
N HIS BB 308 -110.05 42.21 20.96
CA HIS BB 308 -110.12 43.41 20.12
C HIS BB 308 -109.88 43.00 18.67
N SER BB 309 -110.94 42.52 18.04
CA SER BB 309 -110.94 42.16 16.64
C SER BB 309 -111.90 43.06 15.87
N SER BB 310 -111.78 43.00 14.54
CA SER BB 310 -112.56 43.90 13.70
C SER BB 310 -114.05 43.67 13.83
N ASP BB 311 -114.47 42.42 13.93
CA ASP BB 311 -115.89 42.10 14.08
C ASP BB 311 -116.31 42.39 15.51
N PHE BB 312 -117.49 41.93 15.89
CA PHE BB 312 -117.98 42.08 17.26
C PHE BB 312 -117.38 40.96 18.10
N GLY BB 313 -116.44 41.32 18.97
CA GLY BB 313 -115.69 40.32 19.71
C GLY BB 313 -115.71 40.41 21.22
N GLY BB 314 -116.79 40.89 21.81
CA GLY BB 314 -116.94 40.86 23.25
C GLY BB 314 -118.38 40.67 23.65
N VAL BB 315 -118.58 39.92 24.73
CA VAL BB 315 -119.91 39.59 25.22
C VAL BB 315 -120.12 40.22 26.59
N LEU BB 316 -121.24 40.92 26.73
CA LEU BB 316 -121.57 41.67 27.93
C LEU BB 316 -122.87 41.13 28.49
N THR BB 317 -122.95 41.00 29.80
CA THR BB 317 -124.15 40.51 30.45
C THR BB 317 -124.64 41.51 31.47
N LEU BB 318 -125.93 41.82 31.40
CA LEU BB 318 -126.58 42.75 32.30
C LEU BB 318 -127.50 41.99 33.22
N THR BB 319 -127.34 42.21 34.52
CA THR BB 319 -128.24 41.68 35.54
C THR BB 319 -129.01 42.84 36.15
N TYR BB 320 -130.32 42.66 36.31
CA TYR BB 320 -131.15 43.79 36.69
C TYR BB 320 -132.34 43.28 37.48
N LYS BB 321 -133.29 44.18 37.74
CA LYS BB 321 -134.55 43.85 38.38
C LYS BB 321 -135.63 44.73 37.77
N THR BB 322 -136.71 44.10 37.30
CA THR BB 322 -137.76 44.82 36.59
C THR BB 322 -139.11 44.43 37.16
N ASP BB 323 -140.10 45.30 36.94
CA ASP BB 323 -141.46 45.01 37.36
C ASP BB 323 -142.29 44.36 36.26
N LYS BB 324 -142.02 44.67 34.99
CA LYS BB 324 -142.75 44.07 33.89
C LYS BB 324 -141.84 43.97 32.68
N ASN BB 325 -142.23 43.12 31.74
CA ASN BB 325 -141.42 42.82 30.58
C ASN BB 325 -141.77 43.72 29.41
N GLY BB 326 -140.76 44.09 28.63
CA GLY BB 326 -140.93 44.98 27.51
C GLY BB 326 -139.66 45.18 26.71
N ASP BB 327 -139.40 46.41 26.27
CA ASP BB 327 -138.21 46.73 25.50
C ASP BB 327 -137.49 47.93 26.12
N CYS BB 328 -136.16 47.87 26.06
CA CYS BB 328 -135.32 49.02 26.38
C CYS BB 328 -134.40 49.33 25.22
N SER BB 329 -133.84 50.53 25.27
CA SER BB 329 -132.91 51.02 24.28
C SER BB 329 -131.52 51.00 24.91
N VAL BB 330 -130.71 50.01 24.53
CA VAL BB 330 -129.35 49.93 25.04
C VAL BB 330 -128.50 51.01 24.39
N HIS BB 331 -127.51 51.49 25.13
CA HIS BB 331 -126.57 52.44 24.53
C HIS BB 331 -125.25 52.39 25.28
N SER BB 332 -124.18 52.79 24.60
CA SER BB 332 -122.86 52.95 25.19
C SER BB 332 -122.50 54.43 25.11
N HIS BB 333 -121.97 54.99 26.20
CA HIS BB 333 -121.74 56.42 26.25
C HIS BB 333 -120.33 56.83 25.87
N SER BB 334 -119.47 55.91 25.48
CA SER BB 334 -118.15 56.27 25.00
C SER BB 334 -117.84 55.51 23.73
N ASN BB 335 -117.06 56.10 22.84
CA ASN BB 335 -116.74 55.47 21.58
C ASN BB 335 -115.65 54.41 21.69
N VAL BB 336 -115.21 54.09 22.90
CA VAL BB 336 -114.21 53.04 23.05
C VAL BB 336 -114.77 51.70 22.61
N ALA BB 337 -116.05 51.48 22.87
CA ALA BB 337 -116.73 50.25 22.49
C ALA BB 337 -118.02 50.60 21.77
N THR BB 338 -118.34 49.83 20.73
CA THR BB 338 -119.56 50.01 19.96
C THR BB 338 -120.45 48.79 20.15
N LEU BB 339 -121.70 49.03 20.50
CA LEU BB 339 -122.67 47.96 20.64
C LEU BB 339 -123.07 47.42 19.27
N GLN BB 340 -123.71 46.26 19.26
CA GLN BB 340 -124.21 45.73 18.00
C GLN BB 340 -125.65 46.14 17.71
N GLU BB 341 -126.54 46.07 18.70
CA GLU BB 341 -127.95 46.36 18.49
C GLU BB 341 -128.35 47.56 19.31
N ALA BB 342 -129.57 48.03 19.06
CA ALA BB 342 -130.07 49.24 19.70
C ALA BB 342 -131.20 48.98 20.68
N THR BB 343 -131.94 47.89 20.52
CA THR BB 343 -133.04 47.59 21.43
C THR BB 343 -132.87 46.19 21.97
N ALA BB 344 -133.31 45.99 23.21
CA ALA BB 344 -133.22 44.70 23.86
C ALA BB 344 -134.56 44.39 24.51
N LYS BB 345 -134.91 43.11 24.54
CA LYS BB 345 -136.15 42.66 25.16
C LYS BB 345 -135.86 42.24 26.59
N VAL BB 346 -136.43 42.96 27.54
CA VAL BB 346 -136.24 42.65 28.95
C VAL BB 346 -137.46 41.89 29.46
N LYS BB 347 -137.20 40.93 30.35
CA LYS BB 347 -138.24 40.07 30.92
C LYS BB 347 -138.02 40.00 32.43
N THR BB 348 -138.87 39.20 33.09
CA THR BB 348 -138.75 39.03 34.53
C THR BB 348 -137.57 38.17 34.94
N ALA BB 349 -136.90 37.50 33.99
CA ALA BB 349 -135.75 36.67 34.34
C ALA BB 349 -134.64 37.50 34.95
N GLY BB 350 -134.40 38.69 34.40
CA GLY BB 350 -133.43 39.61 34.96
C GLY BB 350 -132.05 39.57 34.37
N LYS BB 351 -131.82 38.80 33.30
CA LYS BB 351 -130.51 38.71 32.68
C LYS BB 351 -130.63 38.91 31.17
N VAL BB 352 -129.76 39.74 30.62
CA VAL BB 352 -129.73 40.01 29.18
C VAL BB 352 -128.29 39.97 28.72
N THR BB 353 -128.08 39.62 27.45
CA THR BB 353 -126.74 39.65 26.87
C THR BB 353 -126.70 40.61 25.69
N LEU BB 354 -125.53 41.21 25.49
CA LEU BB 354 -125.28 42.13 24.39
C LEU BB 354 -123.92 41.84 23.81
N HIS BB 355 -123.69 42.29 22.57
CA HIS BB 355 -122.41 42.12 21.91
C HIS BB 355 -121.79 43.49 21.67
N PHE BB 356 -120.49 43.61 21.95
CA PHE BB 356 -119.79 44.86 21.71
C PHE BB 356 -118.50 44.56 20.98
N SER BB 357 -117.94 45.61 20.38
CA SER BB 357 -116.65 45.51 19.70
C SER BB 357 -115.80 46.72 20.06
N THR BB 358 -114.51 46.48 20.29
CA THR BB 358 -113.58 47.54 20.64
C THR BB 358 -112.20 47.20 20.10
N ALA BB 359 -111.23 48.07 20.39
CA ALA BB 359 -109.89 47.91 19.84
C ALA BB 359 -108.79 48.26 20.83
N SER BB 360 -109.11 48.35 22.12
CA SER BB 360 -108.11 48.66 23.14
C SER BB 360 -107.96 47.49 24.09
N ALA BB 361 -106.73 47.29 24.56
CA ALA BB 361 -106.46 46.12 25.39
C ALA BB 361 -107.27 46.16 26.68
N SER BB 362 -107.59 47.35 27.17
CA SER BB 362 -108.36 47.50 28.41
C SER BB 362 -109.44 48.55 28.23
N PRO BB 363 -110.60 48.18 27.69
CA PRO BB 363 -111.69 49.13 27.53
C PRO BB 363 -112.38 49.41 28.86
N SER BB 364 -113.08 50.52 28.91
CA SER BB 364 -113.82 50.92 30.11
C SER BB 364 -114.92 51.88 29.69
N PHE BB 365 -116.17 51.47 29.84
CA PHE BB 365 -117.25 52.28 29.30
C PHE BB 365 -118.51 52.12 30.15
N VAL BB 366 -119.39 53.11 30.05
CA VAL BB 366 -120.66 53.11 30.75
C VAL BB 366 -121.77 52.77 29.75
N VAL BB 367 -122.65 51.86 30.16
CA VAL BB 367 -123.74 51.37 29.32
C VAL BB 367 -125.05 51.69 30.01
N SER BB 368 -126.04 52.10 29.22
CA SER BB 368 -127.34 52.49 29.73
C SER BB 368 -128.40 51.57 29.15
N LEU BB 369 -129.28 51.11 30.03
CA LEU BB 369 -130.44 50.28 29.70
C LEU BB 369 -131.68 51.00 30.19
N CYS BB 370 -132.59 51.35 29.27
CA CYS BB 370 -133.70 52.24 29.62
C CYS BB 370 -133.18 53.45 30.37
N SER BB 371 -133.58 53.62 31.63
CA SER BB 371 -133.18 54.77 32.42
C SER BB 371 -132.08 54.47 33.43
N ALA BB 372 -131.60 53.23 33.47
CA ALA BB 372 -130.55 52.86 34.41
C ALA BB 372 -129.18 53.11 33.80
N ARG BB 373 -128.14 52.86 34.59
CA ARG BB 373 -126.77 53.10 34.16
C ARG BB 373 -125.86 52.08 34.83
N ALA BB 374 -124.77 51.72 34.16
CA ALA BB 374 -123.80 50.86 34.81
C ALA BB 374 -122.46 51.03 34.16
N THR BB 375 -121.40 50.71 34.90
CA THR BB 375 -120.04 50.79 34.39
C THR BB 375 -119.55 49.40 34.06
N CYS BB 376 -118.70 49.28 33.04
CA CYS BB 376 -118.14 48.02 32.61
C CYS BB 376 -116.65 48.19 32.34
N SER BB 377 -115.86 47.25 32.83
CA SER BB 377 -114.44 47.20 32.53
C SER BB 377 -114.08 45.76 32.18
N ALA BB 378 -113.03 45.61 31.38
CA ALA BB 378 -112.67 44.30 30.88
C ALA BB 378 -111.19 44.27 30.53
N SER BB 379 -110.68 43.06 30.30
CA SER BB 379 -109.35 42.84 29.76
C SER BB 379 -109.48 42.03 28.48
N CYS BB 380 -108.74 42.42 27.44
CA CYS BB 380 -108.92 41.83 26.12
C CYS BB 380 -107.60 41.26 25.62
N GLU BB 381 -107.68 40.20 24.83
CA GLU BB 381 -106.56 39.46 24.27
C GLU BB 381 -106.50 39.64 22.75
N PRO BB 382 -105.30 39.67 22.18
CA PRO BB 382 -105.16 39.92 20.75
C PRO BB 382 -105.74 38.78 19.94
N PRO BB 383 -106.23 39.05 18.73
CA PRO BB 383 -106.65 37.97 17.85
C PRO BB 383 -105.47 37.44 17.04
N LYS BB 384 -105.61 36.19 16.61
CA LYS BB 384 -104.52 35.52 15.90
C LYS BB 384 -104.70 35.54 14.40
N ASP BB 385 -105.88 35.87 13.89
CA ASP BB 385 -106.08 35.93 12.45
C ASP BB 385 -105.50 37.21 11.89
N HIS BB 386 -104.61 37.07 10.90
CA HIS BB 386 -103.81 38.20 10.46
C HIS BB 386 -104.54 39.13 9.51
N ILE BB 387 -105.38 38.60 8.63
CA ILE BB 387 -106.01 39.40 7.59
C ILE BB 387 -107.48 39.01 7.46
N VAL BB 388 -108.34 40.00 7.35
CA VAL BB 388 -109.78 39.75 7.21
C VAL BB 388 -110.29 40.58 6.04
N PRO BB 389 -111.35 40.11 5.38
CA PRO BB 389 -111.90 40.85 4.23
C PRO BB 389 -113.04 41.81 4.54
N TYR BB 390 -113.29 42.16 5.80
CA TYR BB 390 -114.33 43.13 6.12
C TYR BB 390 -113.74 44.29 6.92
N ALA BB 391 -114.31 45.47 6.73
CA ALA BB 391 -113.78 46.66 7.35
C ALA BB 391 -114.03 46.64 8.86
N ALA BB 392 -113.16 47.34 9.58
CA ALA BB 392 -113.26 47.39 11.04
C ALA BB 392 -114.54 48.09 11.47
N SER BB 393 -115.12 47.61 12.57
CA SER BB 393 -116.36 48.18 13.10
C SER BB 393 -116.17 48.85 14.45
N HIS BB 394 -114.94 49.11 14.87
CA HIS BB 394 -114.70 49.87 16.08
C HIS BB 394 -114.22 51.27 15.72
N SER BB 395 -114.19 52.14 16.71
CA SER BB 395 -113.80 53.52 16.49
C SER BB 395 -112.29 53.72 16.45
N ASN BB 396 -111.53 52.67 16.68
CA ASN BB 396 -110.07 52.70 16.60
C ASN BB 396 -109.47 53.68 17.61
N VAL BB 397 -109.74 53.42 18.89
CA VAL BB 397 -109.05 54.08 20.00
C VAL BB 397 -108.22 53.02 20.69
N VAL BB 398 -107.00 53.38 21.05
CA VAL BB 398 -106.03 52.41 21.56
C VAL BB 398 -105.57 52.70 22.98
N PHE BB 399 -105.74 53.91 23.47
CA PHE BB 399 -105.23 54.25 24.79
C PHE BB 399 -105.98 53.47 25.86
N PRO BB 400 -105.30 52.70 26.70
CA PRO BB 400 -105.99 51.90 27.71
C PRO BB 400 -106.55 52.78 28.82
N ASP BB 401 -107.44 52.18 29.61
CA ASP BB 401 -108.03 52.87 30.74
C ASP BB 401 -107.01 53.06 31.85
N MET BB 402 -107.27 54.06 32.70
CA MET BB 402 -106.38 54.33 33.83
C MET BB 402 -106.35 53.22 34.85
N SER BB 403 -107.35 52.34 34.86
CA SER BB 403 -107.40 51.20 35.78
C SER BB 403 -106.86 49.92 35.14
N GLY BB 404 -106.35 50.00 33.92
CA GLY BB 404 -105.83 48.82 33.26
C GLY BB 404 -104.54 48.36 33.91
N THR BB 405 -104.11 47.16 33.51
CA THR BB 405 -102.96 46.54 34.15
C THR BB 405 -101.70 47.38 33.95
N ALA BB 406 -101.45 47.81 32.72
CA ALA BB 406 -100.23 48.57 32.45
C ALA BB 406 -100.22 49.88 33.23
N LEU BB 407 -101.34 50.60 33.22
CA LEU BB 407 -101.39 51.85 33.96
C LEU BB 407 -101.38 51.60 35.46
N SER BB 408 -101.91 50.47 35.92
CA SER BB 408 -101.76 50.14 37.34
C SER BB 408 -100.31 49.99 37.72
N TRP BB 409 -99.53 49.28 36.90
CA TRP BB 409 -98.11 49.12 37.21
C TRP BB 409 -97.38 50.46 37.18
N VAL BB 410 -97.67 51.28 36.18
CA VAL BB 410 -97.03 52.58 36.10
C VAL BB 410 -97.39 53.43 37.32
N GLN BB 411 -98.65 53.40 37.74
CA GLN BB 411 -99.07 54.16 38.90
C GLN BB 411 -98.34 53.68 40.16
N LYS BB 412 -98.21 52.37 40.32
CA LYS BB 412 -97.53 51.85 41.50
C LYS BB 412 -96.08 52.29 41.54
N ILE BB 413 -95.38 52.17 40.42
CA ILE BB 413 -93.95 52.53 40.42
C ILE BB 413 -93.79 54.02 40.65
N SER BB 414 -94.64 54.83 40.00
CA SER BB 414 -94.56 56.27 40.21
C SER BB 414 -94.83 56.63 41.66
N GLY BB 415 -95.80 55.95 42.28
CA GLY BB 415 -96.08 56.22 43.69
C GLY BB 415 -94.90 55.88 44.58
N GLY BB 416 -94.23 54.77 44.31
CA GLY BB 416 -93.05 54.43 45.10
C GLY BB 416 -91.96 55.49 44.97
N LEU BB 417 -91.66 55.88 43.74
CA LEU BB 417 -90.61 56.88 43.54
C LEU BB 417 -91.00 58.21 44.18
N GLY BB 418 -92.28 58.59 44.07
CA GLY BB 418 -92.72 59.83 44.69
C GLY BB 418 -92.63 59.79 46.20
N ALA BB 419 -92.93 58.63 46.80
CA ALA BB 419 -92.77 58.50 48.24
C ALA BB 419 -91.31 58.68 48.63
N PHE BB 420 -90.39 58.11 47.86
CA PHE BB 420 -88.97 58.32 48.15
C PHE BB 420 -88.60 59.79 48.05
N ALA BB 421 -89.11 60.48 47.02
CA ALA BB 421 -88.80 61.89 46.87
C ALA BB 421 -89.33 62.71 48.05
N ILE BB 422 -90.54 62.40 48.50
CA ILE BB 422 -91.10 63.10 49.67
C ILE BB 422 -90.26 62.83 50.91
N GLY BB 423 -89.77 61.60 51.05
CA GLY BB 423 -88.90 61.30 52.18
C GLY BB 423 -87.64 62.14 52.17
N ALA BB 424 -87.00 62.26 51.01
CA ALA BB 424 -85.80 63.08 50.91
C ALA BB 424 -86.11 64.55 51.22
N ILE BB 425 -87.23 65.05 50.69
CA ILE BB 425 -87.61 66.43 50.96
C ILE BB 425 -87.80 66.65 52.45
N LEU BB 426 -88.50 65.73 53.12
CA LEU BB 426 -88.73 65.88 54.55
C LEU BB 426 -87.42 65.90 55.32
N VAL BB 427 -86.50 65.00 54.97
CA VAL BB 427 -85.23 64.94 55.70
C VAL BB 427 -84.49 66.26 55.57
N LEU BB 428 -84.35 66.77 54.34
CA LEU BB 428 -83.63 68.02 54.17
C LEU BB 428 -84.31 69.19 54.88
N VAL BB 429 -85.63 69.27 54.78
CA VAL BB 429 -86.34 70.39 55.41
C VAL BB 429 -86.16 70.35 56.92
N VAL BB 430 -86.29 69.17 57.53
CA VAL BB 430 -86.14 69.08 58.97
C VAL BB 430 -84.73 69.44 59.40
N VAL BB 431 -83.72 68.95 58.67
CA VAL BB 431 -82.35 69.25 59.05
C VAL BB 431 -82.09 70.76 58.95
N THR BB 432 -82.55 71.39 57.87
CA THR BB 432 -82.30 72.82 57.71
C THR BB 432 -83.02 73.62 58.79
N CYS BB 433 -84.26 73.26 59.12
CA CYS BB 433 -84.96 73.97 60.18
C CYS BB 433 -84.29 73.77 61.53
N ILE BB 434 -83.74 72.58 61.80
CA ILE BB 434 -82.98 72.40 63.03
C ILE BB 434 -81.74 73.29 63.03
N GLY BB 435 -81.09 73.43 61.87
CA GLY BB 435 -79.95 74.32 61.79
C GLY BB 435 -80.31 75.78 62.06
N LEU BB 436 -81.47 76.22 61.55
CA LEU BB 436 -81.86 77.62 61.72
C LEU BB 436 -82.43 77.90 63.11
N ARG BB 437 -83.09 76.91 63.73
CA ARG BB 437 -83.63 77.11 65.07
C ARG BB 437 -82.54 77.49 66.06
N ARG BB 438 -81.34 76.93 65.91
CA ARG BB 438 -80.20 77.30 66.73
C ARG BB 438 -79.50 78.51 66.14
N TYR CB 1 -48.82 -14.54 4.83
CA TYR CB 1 -48.30 -13.32 5.41
C TYR CB 1 -49.27 -12.15 5.35
N GLU CB 2 -49.41 -11.44 6.46
CA GLU CB 2 -50.35 -10.33 6.54
C GLU CB 2 -49.64 -9.00 6.33
N HIS CB 3 -50.35 -8.07 5.69
CA HIS CB 3 -49.83 -6.72 5.51
C HIS CB 3 -50.99 -5.74 5.39
N SER CB 4 -50.71 -4.48 5.69
CA SER CB 4 -51.73 -3.44 5.63
C SER CB 4 -51.12 -2.18 5.03
N THR CB 5 -51.95 -1.42 4.30
CA THR CB 5 -51.49 -0.24 3.58
C THR CB 5 -52.69 0.67 3.38
N VAL CB 6 -52.43 1.92 3.00
CA VAL CB 6 -53.48 2.88 2.67
C VAL CB 6 -53.22 3.42 1.29
N MET CB 7 -54.28 3.57 0.48
CA MET CB 7 -54.08 4.19 -0.80
C MET CB 7 -55.04 5.36 -0.97
N PRO CB 8 -54.68 6.38 -1.74
CA PRO CB 8 -55.62 7.47 -1.99
C PRO CB 8 -56.76 6.98 -2.87
N ASN CB 9 -57.95 7.51 -2.62
CA ASN CB 9 -59.12 7.11 -3.41
C ASN CB 9 -59.30 8.04 -4.60
N VAL CB 10 -58.23 8.18 -5.37
CA VAL CB 10 -58.25 9.03 -6.56
C VAL CB 10 -57.99 8.15 -7.77
N VAL CB 11 -58.86 8.25 -8.76
CA VAL CB 11 -58.81 7.38 -9.93
C VAL CB 11 -57.61 7.75 -10.79
N GLY CB 12 -56.88 6.75 -11.25
CA GLY CB 12 -55.75 6.98 -12.11
C GLY CB 12 -54.42 7.15 -11.42
N PHE CB 13 -54.41 7.20 -10.09
CA PHE CB 13 -53.15 7.30 -9.38
C PHE CB 13 -52.49 5.93 -9.31
N PRO CB 14 -51.27 5.78 -9.78
CA PRO CB 14 -50.61 4.46 -9.80
C PRO CB 14 -49.91 4.13 -8.49
N TYR CB 15 -50.68 3.71 -7.50
CA TYR CB 15 -50.11 3.48 -6.18
C TYR CB 15 -49.25 2.24 -6.20
N LYS CB 16 -48.17 2.25 -5.44
CA LYS CB 16 -47.30 1.08 -5.35
C LYS CB 16 -46.86 0.86 -3.91
N ALA CB 17 -47.04 -0.36 -3.44
CA ALA CB 17 -46.76 -0.74 -2.06
C ALA CB 17 -45.58 -1.69 -2.02
N HIS CB 18 -44.86 -1.66 -0.91
CA HIS CB 18 -43.58 -2.35 -0.76
C HIS CB 18 -43.67 -3.35 0.37
N ILE CB 19 -43.09 -4.53 0.15
CA ILE CB 19 -43.15 -5.62 1.11
C ILE CB 19 -41.73 -6.09 1.38
N GLU CB 20 -41.33 -6.03 2.65
CA GLU CB 20 -39.99 -6.43 3.08
C GLU CB 20 -40.12 -7.43 4.21
N ARG CB 21 -40.21 -8.70 3.86
CA ARG CB 21 -40.20 -9.73 4.88
C ARG CB 21 -38.77 -10.28 5.01
N PRO CB 22 -38.25 -10.42 6.23
CA PRO CB 22 -36.79 -10.57 6.39
C PRO CB 22 -36.18 -11.77 5.69
N GLY CB 23 -36.92 -12.87 5.58
CA GLY CB 23 -36.25 -14.03 5.03
C GLY CB 23 -36.02 -14.03 3.54
N TYR CB 24 -36.57 -13.07 2.79
CA TYR CB 24 -36.54 -13.09 1.34
C TYR CB 24 -36.31 -11.68 0.80
N SER CB 25 -36.39 -11.56 -0.52
CA SER CB 25 -36.21 -10.30 -1.25
C SER CB 25 -37.48 -9.44 -1.19
N PRO CB 26 -37.33 -8.13 -1.31
CA PRO CB 26 -38.51 -7.25 -1.29
C PRO CB 26 -39.36 -7.46 -2.53
N LEU CB 27 -40.62 -7.04 -2.41
CA LEU CB 27 -41.58 -7.09 -3.51
C LEU CB 27 -42.33 -5.77 -3.59
N THR CB 28 -42.82 -5.42 -4.77
CA THR CB 28 -43.65 -4.23 -4.95
C THR CB 28 -44.90 -4.58 -5.75
N LEU CB 29 -46.04 -4.08 -5.28
CA LEU CB 29 -47.31 -4.22 -5.96
C LEU CB 29 -47.75 -2.88 -6.50
N GLN CB 30 -48.45 -2.90 -7.63
CA GLN CB 30 -49.04 -1.69 -8.19
C GLN CB 30 -50.55 -1.86 -8.22
N MET CB 31 -51.26 -0.81 -7.83
CA MET CB 31 -52.70 -0.81 -7.74
C MET CB 31 -53.24 0.48 -8.33
N GLN CB 32 -54.34 0.39 -9.07
CA GLN CB 32 -55.05 1.57 -9.55
C GLN CB 32 -56.55 1.37 -9.40
N VAL CB 33 -57.21 2.34 -8.79
CA VAL CB 33 -58.66 2.33 -8.63
C VAL CB 33 -59.25 2.81 -9.95
N VAL CB 34 -59.63 1.87 -10.82
CA VAL CB 34 -60.13 2.24 -12.13
C VAL CB 34 -61.52 2.88 -12.01
N GLU CB 35 -62.34 2.38 -11.10
CA GLU CB 35 -63.69 2.92 -11.01
C GLU CB 35 -64.24 2.86 -9.59
N THR CB 36 -65.18 3.74 -9.26
CA THR CB 36 -65.86 3.75 -7.98
C THR CB 36 -67.33 4.04 -8.18
N SER CB 37 -68.13 3.79 -7.16
CA SER CB 37 -69.56 4.06 -7.22
C SER CB 37 -70.11 4.14 -5.80
N LEU CB 38 -70.77 5.26 -5.48
CA LEU CB 38 -71.34 5.47 -4.15
C LEU CB 38 -72.86 5.39 -4.25
N GLU CB 39 -73.42 4.21 -4.09
CA GLU CB 39 -74.85 4.05 -4.31
C GLU CB 39 -75.60 4.27 -3.02
N PRO CB 40 -76.55 5.18 -2.95
CA PRO CB 40 -77.38 5.33 -1.75
C PRO CB 40 -78.45 4.25 -1.74
N THR CB 41 -79.14 4.15 -0.60
CA THR CB 41 -80.26 3.25 -0.43
C THR CB 41 -81.55 4.06 -0.39
N LEU CB 42 -82.53 3.66 -1.20
CA LEU CB 42 -83.66 4.51 -1.51
C LEU CB 42 -84.96 3.92 -0.97
N ASN CB 43 -85.82 4.79 -0.47
CA ASN CB 43 -87.21 4.47 -0.15
C ASN CB 43 -88.11 5.43 -0.90
N LEU CB 44 -89.01 4.90 -1.71
CA LEU CB 44 -89.88 5.75 -2.51
C LEU CB 44 -90.96 6.37 -1.64
N GLU CB 45 -91.23 7.65 -1.84
CA GLU CB 45 -92.37 8.29 -1.19
C GLU CB 45 -93.54 8.48 -2.14
N TYR CB 46 -93.34 9.15 -3.26
CA TYR CB 46 -94.43 9.24 -4.22
C TYR CB 46 -93.92 9.65 -5.60
N ILE CB 47 -94.87 9.80 -6.51
CA ILE CB 47 -94.66 9.98 -7.94
C ILE CB 47 -95.58 11.09 -8.40
N THR CB 48 -95.09 11.99 -9.24
CA THR CB 48 -95.91 13.10 -9.69
C THR CB 48 -95.85 13.23 -11.20
N CYS CB 49 -96.98 13.65 -11.79
CA CYS CB 49 -97.10 13.85 -13.23
C CYS CB 49 -98.22 14.85 -13.46
N GLU CB 50 -98.40 15.27 -14.72
CA GLU CB 50 -99.44 16.25 -15.02
C GLU CB 50 -100.81 15.68 -14.73
N TYR CB 51 -101.76 16.56 -14.46
CA TYR CB 51 -103.13 16.11 -14.23
C TYR CB 51 -103.93 16.25 -15.51
N LYS CB 52 -105.15 15.71 -15.48
CA LYS CB 52 -106.06 15.80 -16.62
C LYS CB 52 -107.47 15.85 -16.08
N THR CB 53 -108.12 17.00 -16.19
CA THR CB 53 -109.47 17.15 -15.66
C THR CB 53 -110.46 16.41 -16.55
N VAL CB 54 -111.50 15.87 -15.94
CA VAL CB 54 -112.55 15.17 -16.66
C VAL CB 54 -113.85 15.90 -16.42
N VAL CB 55 -114.52 16.30 -17.48
CA VAL CB 55 -115.80 16.99 -17.40
C VAL CB 55 -116.83 16.21 -18.19
N PRO CB 56 -117.63 15.38 -17.53
CA PRO CB 56 -118.73 14.71 -18.22
C PRO CB 56 -119.75 15.72 -18.69
N SER CB 57 -120.61 15.27 -19.59
CA SER CB 57 -121.57 16.16 -20.21
C SER CB 57 -122.54 16.70 -19.17
N PRO CB 58 -122.95 17.96 -19.27
CA PRO CB 58 -123.91 18.50 -18.30
C PRO CB 58 -125.24 17.79 -18.43
N TYR CB 59 -125.97 17.73 -17.33
CA TYR CB 59 -127.32 17.15 -17.34
C TYR CB 59 -128.30 18.28 -17.13
N VAL CB 60 -129.08 18.56 -18.15
CA VAL CB 60 -130.11 19.61 -18.07
C VAL CB 60 -131.46 18.93 -17.97
N LYS CB 61 -132.21 19.26 -16.93
CA LYS CB 61 -133.53 18.69 -16.73
C LYS CB 61 -134.56 19.79 -16.90
N CYS CB 62 -135.55 19.54 -17.76
CA CYS CB 62 -136.63 20.47 -18.01
C CYS CB 62 -137.74 20.25 -16.99
N CYS CB 63 -138.41 21.32 -16.61
CA CYS CB 63 -139.65 21.25 -15.82
C CYS CB 63 -139.43 20.47 -14.52
N GLY CB 64 -138.52 21.00 -13.71
CA GLY CB 64 -138.25 20.37 -12.43
C GLY CB 64 -136.96 20.91 -11.83
N ALA CB 65 -136.46 20.18 -10.84
CA ALA CB 65 -135.19 20.52 -10.22
C ALA CB 65 -134.43 19.22 -9.93
N SER CB 66 -133.12 19.30 -10.00
CA SER CB 66 -132.26 18.15 -9.76
C SER CB 66 -131.44 18.38 -8.51
N GLU CB 67 -131.11 17.29 -7.83
CA GLU CB 67 -130.46 17.33 -6.53
C GLU CB 67 -129.00 16.93 -6.65
N CYS CB 68 -128.16 17.59 -5.86
CA CYS CB 68 -126.74 17.30 -5.86
C CYS CB 68 -126.45 16.02 -5.09
N SER CB 69 -125.43 15.30 -5.54
CA SER CB 69 -124.95 14.11 -4.86
C SER CB 69 -123.44 14.12 -4.81
N THR CB 70 -122.88 13.45 -3.81
CA THR CB 70 -121.44 13.40 -3.61
C THR CB 70 -120.86 12.10 -4.12
N LYS CB 71 -119.54 12.09 -4.30
CA LYS CB 71 -118.80 10.91 -4.71
C LYS CB 71 -117.43 10.93 -4.06
N GLU CB 72 -116.74 9.80 -4.12
CA GLU CB 72 -115.38 9.69 -3.60
C GLU CB 72 -114.37 9.73 -4.75
N LYS CB 73 -114.23 10.91 -5.32
CA LYS CB 73 -113.27 11.15 -6.38
C LYS CB 73 -112.44 12.37 -6.05
N PRO CB 74 -111.20 12.42 -6.52
CA PRO CB 74 -110.33 13.54 -6.13
C PRO CB 74 -110.89 14.87 -6.61
N ASP CB 75 -111.07 15.79 -5.66
CA ASP CB 75 -111.54 17.14 -5.93
C ASP CB 75 -112.88 17.15 -6.65
N TYR CB 76 -113.71 16.15 -6.38
CA TYR CB 76 -115.00 16.11 -7.04
C TYR CB 76 -115.80 17.37 -6.71
N GLN CB 77 -116.28 18.04 -7.75
CA GLN CB 77 -117.04 19.26 -7.58
C GLN CB 77 -118.36 19.14 -8.34
N CYS CB 78 -119.45 19.43 -7.65
CA CYS CB 78 -120.78 19.26 -8.23
C CYS CB 78 -121.64 20.43 -7.79
N LYS CB 79 -122.38 21.01 -8.73
CA LYS CB 79 -123.26 22.11 -8.41
C LYS CB 79 -124.53 22.05 -9.24
N VAL CB 80 -125.55 22.73 -8.74
CA VAL CB 80 -126.88 22.76 -9.36
C VAL CB 80 -127.27 24.21 -9.55
N TYR CB 81 -127.65 24.57 -10.79
CA TYR CB 81 -128.08 25.92 -11.11
C TYR CB 81 -129.51 25.92 -11.61
N THR CB 82 -130.27 26.91 -11.17
CA THR CB 82 -131.67 27.06 -11.53
C THR CB 82 -131.90 28.32 -12.35
N GLY CB 83 -132.86 28.27 -13.26
CA GLY CB 83 -133.20 29.40 -14.09
C GLY CB 83 -132.57 29.44 -15.46
N VAL CB 84 -132.26 28.31 -16.04
CA VAL CB 84 -131.55 28.26 -17.32
C VAL CB 84 -132.54 28.04 -18.45
N TYR CB 85 -132.21 28.57 -19.63
CA TYR CB 85 -132.99 28.37 -20.85
C TYR CB 85 -132.04 28.03 -22.00
N PRO CB 86 -131.54 26.80 -22.02
CA PRO CB 86 -130.53 26.44 -23.02
C PRO CB 86 -131.06 26.45 -24.43
N PHE CB 87 -130.15 26.75 -25.37
CA PHE CB 87 -130.46 26.75 -26.79
C PHE CB 87 -129.59 25.75 -27.52
N MET CB 88 -130.11 25.24 -28.63
CA MET CB 88 -129.38 24.37 -29.54
C MET CB 88 -129.59 24.90 -30.95
N TRP CB 89 -128.92 24.26 -31.93
CA TRP CB 89 -128.99 24.77 -33.29
C TRP CB 89 -130.41 24.68 -33.86
N GLY CB 90 -131.12 23.60 -33.55
CA GLY CB 90 -132.45 23.46 -34.08
C GLY CB 90 -133.50 24.27 -33.35
N GLY CB 91 -133.14 24.94 -32.28
CA GLY CB 91 -134.09 25.67 -31.46
C GLY CB 91 -133.74 25.60 -30.00
N ALA CB 92 -134.71 25.77 -29.12
CA ALA CB 92 -134.47 25.74 -27.68
C ALA CB 92 -135.53 24.88 -27.02
N TYR CB 93 -135.10 23.84 -26.32
CA TYR CB 93 -136.04 22.98 -25.63
C TYR CB 93 -136.21 23.46 -24.20
N CYS CB 94 -136.72 22.58 -23.32
CA CYS CB 94 -137.14 22.95 -21.98
C CYS CB 94 -138.25 24.00 -22.04
N PHE CB 95 -139.41 23.55 -22.54
CA PHE CB 95 -140.56 24.43 -22.67
C PHE CB 95 -140.88 25.22 -21.42
N CYS CB 96 -140.56 24.68 -20.25
CA CYS CB 96 -140.75 25.45 -19.03
C CYS CB 96 -139.88 26.70 -19.07
N ASP CB 97 -140.53 27.87 -18.91
CA ASP CB 97 -139.87 29.14 -19.15
C ASP CB 97 -138.68 29.34 -18.22
N SER CB 98 -138.87 29.13 -16.91
CA SER CB 98 -137.83 29.37 -15.94
C SER CB 98 -137.59 28.22 -14.97
N GLU CB 99 -138.49 27.23 -14.93
CA GLU CB 99 -138.36 26.12 -13.98
C GLU CB 99 -137.52 25.01 -14.63
N ASN CB 100 -136.29 25.36 -14.94
CA ASN CB 100 -135.36 24.43 -15.58
C ASN CB 100 -134.08 24.38 -14.76
N THR CB 101 -133.41 23.24 -14.78
CA THR CB 101 -132.27 23.08 -13.90
C THR CB 101 -131.12 22.42 -14.64
N GLN CB 102 -129.89 22.77 -14.23
CA GLN CB 102 -128.69 22.17 -14.79
C GLN CB 102 -127.79 21.67 -13.67
N LEU CB 103 -127.20 20.51 -13.87
CA LEU CB 103 -126.22 19.96 -12.93
C LEU CB 103 -124.87 19.91 -13.61
N SER CB 104 -123.86 20.50 -12.97
CA SER CB 104 -122.51 20.45 -13.49
C SER CB 104 -121.62 19.65 -12.55
N GLU CB 105 -120.80 18.78 -13.13
CA GLU CB 105 -119.96 17.89 -12.35
C GLU CB 105 -118.58 17.84 -12.99
N ALA CB 106 -117.54 17.78 -12.15
CA ALA CB 106 -116.18 17.68 -12.67
C ALA CB 106 -115.29 17.08 -11.59
N TYR CB 107 -114.16 16.56 -12.02
CA TYR CB 107 -113.14 16.05 -11.10
C TYR CB 107 -111.83 15.94 -11.86
N VAL CB 108 -110.79 15.51 -11.17
CA VAL CB 108 -109.43 15.50 -11.69
C VAL CB 108 -108.92 14.06 -11.67
N ASP CB 109 -107.95 13.77 -12.53
CA ASP CB 109 -107.46 12.41 -12.64
C ASP CB 109 -106.03 12.41 -13.16
N ARG CB 110 -105.32 11.32 -12.87
CA ARG CB 110 -103.97 11.13 -13.36
C ARG CB 110 -103.95 11.09 -14.88
N SER CB 111 -102.88 11.61 -15.47
CA SER CB 111 -102.81 11.74 -16.92
C SER CB 111 -102.69 10.36 -17.59
N ASP CB 112 -102.89 10.34 -18.91
CA ASP CB 112 -102.83 9.09 -19.67
C ASP CB 112 -101.42 8.62 -19.95
N VAL CB 113 -100.43 9.51 -19.90
CA VAL CB 113 -99.05 9.15 -20.14
C VAL CB 113 -98.22 9.21 -18.85
N CYS CB 114 -98.89 9.29 -17.71
CA CYS CB 114 -98.19 9.40 -16.43
C CYS CB 114 -97.29 8.22 -16.17
N ARG CB 115 -97.65 7.06 -16.70
CA ARG CB 115 -96.83 5.88 -16.56
C ARG CB 115 -95.51 5.99 -17.31
N HIS CB 116 -95.43 6.88 -18.30
CA HIS CB 116 -94.21 7.09 -19.07
C HIS CB 116 -93.44 8.34 -18.64
N ASP CB 117 -94.13 9.36 -18.14
CA ASP CB 117 -93.50 10.64 -17.82
C ASP CB 117 -93.89 11.04 -16.40
N HIS CB 118 -92.96 10.86 -15.46
CA HIS CB 118 -93.23 11.15 -14.06
C HIS CB 118 -91.93 11.47 -13.35
N ALA CB 119 -92.07 12.14 -12.21
CA ALA CB 119 -90.94 12.49 -11.36
C ALA CB 119 -91.06 11.73 -10.05
N SER CB 120 -89.95 11.14 -9.58
CA SER CB 120 -89.96 10.32 -8.39
C SER CB 120 -89.38 11.09 -7.21
N ALA CB 121 -89.93 10.86 -6.02
CA ALA CB 121 -89.41 11.46 -4.81
C ALA CB 121 -88.88 10.36 -3.90
N TYR CB 122 -87.65 10.52 -3.43
CA TYR CB 122 -86.97 9.48 -2.67
C TYR CB 122 -86.40 10.05 -1.38
N LYS CB 123 -86.12 9.15 -0.45
CA LYS CB 123 -85.32 9.44 0.73
C LYS CB 123 -84.05 8.61 0.66
N ALA CB 124 -82.89 9.26 0.69
CA ALA CB 124 -81.62 8.60 0.49
C ALA CB 124 -80.82 8.59 1.79
N HIS CB 125 -80.28 7.42 2.15
CA HIS CB 125 -79.48 7.30 3.36
C HIS CB 125 -78.58 6.07 3.26
N THR CB 126 -77.50 6.09 4.05
CA THR CB 126 -76.59 4.95 4.22
C THR CB 126 -76.01 4.50 2.89
N ALA CB 127 -75.19 5.39 2.31
CA ALA CB 127 -74.54 5.08 1.05
C ALA CB 127 -73.60 3.91 1.20
N SER CB 128 -73.57 3.05 0.18
CA SER CB 128 -72.68 1.90 0.13
C SER CB 128 -71.73 2.05 -1.05
N LEU CB 129 -70.46 1.74 -0.82
CA LEU CB 129 -69.41 1.98 -1.79
C LEU CB 129 -69.05 0.70 -2.52
N LYS CB 130 -68.80 0.83 -3.82
CA LYS CB 130 -68.37 -0.29 -4.66
C LYS CB 130 -67.22 0.21 -5.53
N ALA CB 131 -66.27 -0.66 -5.84
CA ALA CB 131 -65.10 -0.19 -6.58
C ALA CB 131 -64.60 -1.28 -7.51
N LYS CB 132 -63.83 -0.85 -8.51
CA LYS CB 132 -63.18 -1.77 -9.44
C LYS CB 132 -61.72 -1.36 -9.53
N VAL CB 133 -60.83 -2.28 -9.19
CA VAL CB 133 -59.42 -1.99 -9.02
C VAL CB 133 -58.59 -2.97 -9.86
N ARG CB 134 -57.51 -2.45 -10.44
CA ARG CB 134 -56.58 -3.24 -11.22
C ARG CB 134 -55.29 -3.40 -10.43
N VAL CB 135 -54.85 -4.64 -10.27
CA VAL CB 135 -53.70 -4.99 -9.45
C VAL CB 135 -52.68 -5.67 -10.34
N MET CB 136 -51.39 -5.43 -10.06
CA MET CB 136 -50.31 -6.02 -10.81
C MET CB 136 -49.08 -6.27 -9.97
N TYR CB 137 -48.53 -7.47 -10.09
CA TYR CB 137 -47.27 -7.92 -9.50
C TYR CB 137 -46.91 -9.22 -10.18
N GLY CB 138 -45.63 -9.57 -10.12
CA GLY CB 138 -45.19 -10.81 -10.71
C GLY CB 138 -45.30 -10.82 -12.21
N ASN CB 139 -46.23 -11.60 -12.75
CA ASN CB 139 -46.40 -11.74 -14.18
C ASN CB 139 -47.86 -11.75 -14.59
N VAL CB 140 -48.74 -11.09 -13.82
CA VAL CB 140 -50.17 -11.11 -14.07
C VAL CB 140 -50.69 -9.68 -13.99
N ASN CB 141 -51.69 -9.33 -14.79
CA ASN CB 141 -52.48 -8.17 -14.35
C ASN CB 141 -53.91 -8.65 -14.16
N GLN CB 142 -54.60 -8.03 -13.22
CA GLN CB 142 -55.98 -8.49 -13.09
C GLN CB 142 -56.85 -7.35 -12.54
N THR CB 143 -58.05 -7.25 -13.08
CA THR CB 143 -59.04 -6.28 -12.63
C THR CB 143 -60.15 -7.01 -11.89
N VAL CB 144 -60.45 -6.56 -10.68
CA VAL CB 144 -61.51 -7.16 -9.90
C VAL CB 144 -62.38 -6.07 -9.30
N ASP CB 145 -63.66 -6.37 -9.15
CA ASP CB 145 -64.58 -5.48 -8.47
C ASP CB 145 -64.83 -5.97 -7.05
N VAL CB 146 -64.72 -5.04 -6.10
CA VAL CB 146 -64.84 -5.35 -4.69
C VAL CB 146 -65.80 -4.37 -4.04
N TYR CB 147 -66.42 -4.80 -2.95
CA TYR CB 147 -67.17 -3.93 -2.09
C TYR CB 147 -66.23 -3.38 -1.03
N VAL CB 148 -66.08 -2.07 -0.98
CA VAL CB 148 -65.10 -1.50 -0.07
C VAL CB 148 -65.72 -1.43 1.31
N ASN CB 149 -65.60 -2.53 2.05
CA ASN CB 149 -66.02 -2.62 3.44
C ASN CB 149 -65.38 -3.84 4.06
N GLY CB 150 -64.94 -3.72 5.30
CA GLY CB 150 -64.00 -4.68 5.84
C GLY CB 150 -64.57 -6.04 6.16
N ASP CB 151 -65.39 -6.58 5.25
CA ASP CB 151 -65.86 -7.95 5.42
C ASP CB 151 -65.91 -8.73 4.11
N HIS CB 152 -65.47 -8.16 2.99
CA HIS CB 152 -65.53 -8.84 1.70
C HIS CB 152 -64.12 -9.26 1.31
N ALA CB 153 -63.98 -10.50 0.88
CA ALA CB 153 -62.70 -11.06 0.49
C ALA CB 153 -62.73 -11.39 -0.99
N VAL CB 154 -61.66 -11.06 -1.70
CA VAL CB 154 -61.47 -11.46 -3.08
C VAL CB 154 -60.07 -12.04 -3.22
N THR CB 155 -59.90 -12.95 -4.17
CA THR CB 155 -58.61 -13.60 -4.37
C THR CB 155 -58.04 -13.23 -5.73
N ILE CB 156 -56.73 -13.00 -5.77
CA ILE CB 156 -56.03 -12.63 -6.99
C ILE CB 156 -54.74 -13.43 -7.06
N GLY CB 157 -54.75 -14.53 -7.81
CA GLY CB 157 -53.56 -15.35 -7.92
C GLY CB 157 -53.08 -15.92 -6.61
N GLY CB 158 -53.99 -16.48 -5.82
CA GLY CB 158 -53.60 -17.07 -4.55
C GLY CB 158 -53.39 -16.10 -3.42
N THR CB 159 -53.71 -14.83 -3.62
CA THR CB 159 -53.56 -13.80 -2.60
C THR CB 159 -54.94 -13.32 -2.19
N GLN CB 160 -55.13 -13.07 -0.90
CA GLN CB 160 -56.41 -12.58 -0.40
C GLN CB 160 -56.32 -11.08 -0.13
N PHE CB 161 -57.35 -10.34 -0.53
CA PHE CB 161 -57.39 -8.90 -0.37
C PHE CB 161 -58.67 -8.48 0.34
N ILE CB 162 -58.55 -7.63 1.35
CA ILE CB 162 -59.66 -7.06 2.08
C ILE CB 162 -59.54 -5.56 1.94
N PHE CB 163 -60.60 -4.90 1.48
CA PHE CB 163 -60.60 -3.44 1.37
C PHE CB 163 -61.46 -2.86 2.47
N GLY CB 164 -60.82 -2.33 3.51
CA GLY CB 164 -61.53 -1.87 4.68
C GLY CB 164 -62.35 -0.64 4.39
N PRO CB 165 -63.09 -0.19 5.40
CA PRO CB 165 -64.03 0.91 5.18
C PRO CB 165 -63.31 2.20 4.82
N LEU CB 166 -63.99 3.02 4.00
CA LEU CB 166 -63.41 4.28 3.58
C LEU CB 166 -63.12 5.18 4.77
N SER CB 167 -62.26 6.16 4.55
CA SER CB 167 -61.85 7.05 5.62
C SER CB 167 -63.02 7.92 6.10
N SER CB 168 -63.79 8.47 5.17
CA SER CB 168 -64.84 9.41 5.53
C SER CB 168 -66.18 8.93 5.00
N ALA CB 169 -67.25 9.40 5.65
CA ALA CB 169 -68.62 9.02 5.31
C ALA CB 169 -69.34 10.14 4.57
N TRP CB 170 -68.62 10.87 3.73
CA TRP CB 170 -69.18 11.98 2.98
C TRP CB 170 -70.08 11.46 1.87
N THR CB 171 -71.22 12.11 1.66
CA THR CB 171 -72.17 11.71 0.64
C THR CB 171 -72.85 12.94 0.04
N PRO CB 172 -72.85 13.08 -1.29
CA PRO CB 172 -73.42 14.28 -1.89
C PRO CB 172 -74.94 14.29 -2.00
N PHE CB 173 -75.62 13.23 -1.58
CA PHE CB 173 -77.08 13.20 -1.63
C PHE CB 173 -77.67 13.57 -0.28
N ASP CB 174 -78.56 14.55 -0.27
CA ASP CB 174 -79.21 14.95 0.97
C ASP CB 174 -80.20 13.88 1.40
N ASN CB 175 -80.98 14.15 2.44
CA ASN CB 175 -82.01 13.19 2.83
C ASN CB 175 -83.05 13.02 1.75
N LYS CB 176 -83.51 14.11 1.14
CA LYS CB 176 -84.64 14.07 0.23
C LYS CB 176 -84.13 14.33 -1.18
N ILE CB 177 -84.61 13.54 -2.13
CA ILE CB 177 -84.10 13.55 -3.49
C ILE CB 177 -85.31 13.58 -4.42
N VAL CB 178 -85.17 14.24 -5.57
CA VAL CB 178 -86.14 14.15 -6.65
C VAL CB 178 -85.40 13.71 -7.89
N VAL CB 179 -85.90 12.65 -8.52
CA VAL CB 179 -85.25 12.10 -9.71
C VAL CB 179 -86.21 12.25 -10.89
N TYR CB 180 -85.69 12.79 -11.99
CA TYR CB 180 -86.47 13.00 -13.21
C TYR CB 180 -85.61 12.56 -14.39
N LYS CB 181 -86.01 11.48 -15.05
CA LYS CB 181 -85.30 10.99 -16.21
C LYS CB 181 -83.83 10.72 -15.89
N ASP CB 182 -82.98 11.70 -16.20
CA ASP CB 182 -81.54 11.52 -16.01
C ASP CB 182 -80.96 12.65 -15.19
N GLU CB 183 -81.71 13.15 -14.21
CA GLU CB 183 -81.24 14.26 -13.39
C GLU CB 183 -81.64 14.02 -11.94
N VAL CB 184 -80.80 14.49 -11.03
CA VAL CB 184 -81.02 14.33 -9.60
C VAL CB 184 -81.02 15.72 -8.97
N PHE CB 185 -81.96 15.98 -8.08
CA PHE CB 185 -82.10 17.30 -7.48
C PHE CB 185 -82.15 17.18 -5.97
N ASN CB 186 -81.83 18.28 -5.28
CA ASN CB 186 -81.79 18.30 -3.83
C ASN CB 186 -82.91 19.21 -3.33
N GLN CB 187 -84.06 18.61 -3.04
CA GLN CB 187 -85.27 19.37 -2.74
C GLN CB 187 -85.78 19.01 -1.36
N ASP CB 188 -86.73 19.81 -0.88
CA ASP CB 188 -87.62 19.42 0.22
C ASP CB 188 -89.03 19.36 -0.34
N PHE CB 189 -89.38 18.23 -0.90
CA PHE CB 189 -90.73 18.09 -1.41
C PHE CB 189 -91.74 18.04 -0.27
N PRO CB 190 -92.95 18.52 -0.48
CA PRO CB 190 -93.94 18.51 0.58
C PRO CB 190 -94.32 17.10 0.95
N PRO CB 191 -94.76 16.86 2.18
CA PRO CB 191 -95.09 15.49 2.60
C PRO CB 191 -96.30 14.99 1.86
N TYR CB 192 -96.41 13.67 1.77
CA TYR CB 192 -97.53 13.07 1.05
C TYR CB 192 -98.84 13.56 1.63
N GLY CB 193 -99.77 13.92 0.75
CA GLY CB 193 -101.09 14.33 1.18
C GLY CB 193 -101.20 15.77 1.61
N SER CB 194 -100.18 16.60 1.39
CA SER CB 194 -100.25 18.00 1.79
C SER CB 194 -99.64 18.89 0.74
N GLY CB 195 -99.89 18.61 -0.52
CA GLY CB 195 -99.38 19.47 -1.57
C GLY CB 195 -100.16 20.76 -1.66
N GLN CB 196 -99.56 21.74 -2.31
CA GLN CB 196 -100.30 22.97 -2.51
C GLN CB 196 -100.50 23.25 -3.99
N PRO CB 197 -101.59 23.89 -4.38
CA PRO CB 197 -101.90 24.04 -5.80
C PRO CB 197 -100.82 24.85 -6.52
N GLY CB 198 -100.54 24.45 -7.75
CA GLY CB 198 -99.66 25.20 -8.60
C GLY CB 198 -98.19 24.96 -8.44
N ARG CB 199 -97.77 24.11 -7.50
CA ARG CB 199 -96.34 23.88 -7.34
C ARG CB 199 -96.04 22.40 -7.47
N PHE CB 200 -94.85 21.97 -7.10
CA PHE CB 200 -94.51 20.56 -7.21
C PHE CB 200 -95.40 19.72 -6.32
N GLY CB 201 -95.89 18.62 -6.85
CA GLY CB 201 -96.78 17.75 -6.09
C GLY CB 201 -98.17 18.30 -5.82
N ASP CB 202 -98.82 18.88 -6.83
CA ASP CB 202 -100.23 19.21 -6.67
C ASP CB 202 -101.09 17.96 -6.75
N ILE CB 203 -100.63 16.93 -7.44
CA ILE CB 203 -101.21 15.60 -7.36
C ILE CB 203 -100.11 14.62 -7.03
N GLN CB 204 -100.43 13.64 -6.19
CA GLN CB 204 -99.46 12.69 -5.68
C GLN CB 204 -100.06 11.30 -5.66
N SER CB 205 -99.22 10.30 -5.91
CA SER CB 205 -99.60 8.90 -5.89
C SER CB 205 -98.51 8.10 -5.21
N ARG CB 206 -98.91 7.09 -4.42
CA ARG CB 206 -97.93 6.34 -3.66
C ARG CB 206 -96.96 5.62 -4.58
N THR CB 207 -97.45 5.09 -5.68
CA THR CB 207 -96.60 4.47 -6.68
C THR CB 207 -97.28 4.54 -8.03
N VAL CB 208 -96.66 3.91 -9.03
CA VAL CB 208 -97.07 4.13 -10.41
C VAL CB 208 -98.50 3.63 -10.66
N GLU CB 209 -98.82 2.43 -10.18
CA GLU CB 209 -100.12 1.84 -10.47
C GLU CB 209 -101.11 1.96 -9.32
N SER CB 210 -100.76 2.70 -8.27
CA SER CB 210 -101.63 2.74 -7.10
C SER CB 210 -102.97 3.37 -7.43
N ASN CB 211 -104.02 2.87 -6.81
CA ASN CB 211 -105.37 3.33 -7.10
C ASN CB 211 -105.66 4.68 -6.46
N ASP CB 212 -105.09 4.95 -5.30
CA ASP CB 212 -105.35 6.21 -4.63
C ASP CB 212 -104.68 7.36 -5.35
N LEU CB 213 -105.17 8.56 -5.08
CA LEU CB 213 -104.61 9.76 -5.68
C LEU CB 213 -104.97 10.95 -4.80
N TYR CB 214 -103.98 11.72 -4.39
CA TYR CB 214 -104.22 12.94 -3.63
C TYR CB 214 -104.02 14.12 -4.56
N ALA CB 215 -105.11 14.83 -4.84
CA ALA CB 215 -105.07 15.95 -5.78
C ALA CB 215 -105.64 17.17 -5.09
N ASN CB 216 -105.00 18.32 -5.33
CA ASN CB 216 -105.45 19.57 -4.74
C ASN CB 216 -105.08 20.69 -5.71
N THR CB 217 -106.05 21.14 -6.51
CA THR CB 217 -105.80 22.16 -7.52
C THR CB 217 -106.81 23.29 -7.50
N ALA CB 218 -107.71 23.32 -6.53
CA ALA CB 218 -108.69 24.39 -6.41
C ALA CB 218 -109.55 24.50 -7.66
N LEU CB 219 -110.23 23.41 -7.97
CA LEU CB 219 -111.09 23.33 -9.14
C LEU CB 219 -112.45 23.88 -8.79
N LYS CB 220 -112.84 25.00 -9.38
CA LYS CB 220 -114.05 25.70 -8.99
C LYS CB 220 -114.98 25.82 -10.18
N LEU CB 221 -116.27 25.58 -9.95
CA LEU CB 221 -117.28 25.70 -10.98
C LEU CB 221 -117.92 27.08 -10.96
N ALA CB 222 -118.54 27.46 -12.08
CA ALA CB 222 -119.18 28.76 -12.21
C ALA CB 222 -120.47 28.64 -13.01
N ARG CB 223 -121.32 29.64 -12.86
CA ARG CB 223 -122.64 29.60 -13.48
C ARG CB 223 -122.53 29.72 -14.99
N PRO CB 224 -123.26 28.92 -15.76
CA PRO CB 224 -123.21 29.05 -17.22
C PRO CB 224 -123.87 30.33 -17.67
N SER CB 225 -123.38 30.85 -18.79
CA SER CB 225 -123.96 32.05 -19.36
C SER CB 225 -125.34 31.75 -19.93
N PRO CB 226 -126.21 32.76 -20.03
CA PRO CB 226 -127.57 32.50 -20.51
C PRO CB 226 -127.58 31.99 -21.94
N GLY CB 227 -128.54 31.12 -22.22
CA GLY CB 227 -128.77 30.66 -23.59
C GLY CB 227 -127.66 29.85 -24.21
N MET CB 228 -126.91 29.08 -23.40
CA MET CB 228 -125.90 28.20 -23.95
C MET CB 228 -125.53 27.16 -22.89
N VAL CB 229 -124.87 26.10 -23.34
CA VAL CB 229 -124.57 24.94 -22.50
C VAL CB 229 -123.07 24.66 -22.61
N HIS CB 230 -122.31 24.98 -21.56
CA HIS CB 230 -120.88 24.81 -21.70
C HIS CB 230 -120.11 24.44 -20.44
N VAL CB 231 -120.74 24.23 -19.29
CA VAL CB 231 -120.10 23.82 -18.04
C VAL CB 231 -118.75 24.53 -17.84
N PRO CB 232 -118.74 25.82 -17.57
CA PRO CB 232 -117.47 26.53 -17.38
C PRO CB 232 -116.85 26.20 -16.03
N TYR CB 233 -115.53 26.34 -15.97
CA TYR CB 233 -114.81 26.05 -14.74
C TYR CB 233 -113.49 26.80 -14.74
N THR CB 234 -112.88 26.89 -13.57
CA THR CB 234 -111.57 27.51 -13.45
C THR CB 234 -110.70 26.69 -12.50
N GLN CB 235 -109.40 26.80 -12.68
CA GLN CB 235 -108.48 25.89 -12.03
C GLN CB 235 -107.06 26.43 -12.14
N THR CB 236 -106.31 26.33 -11.06
CA THR CB 236 -104.90 26.70 -11.11
C THR CB 236 -104.16 25.75 -12.04
N PRO CB 237 -103.35 26.27 -12.95
CA PRO CB 237 -102.68 25.42 -13.93
C PRO CB 237 -101.78 24.39 -13.28
N SER CB 238 -101.25 23.51 -14.12
CA SER CB 238 -100.52 22.35 -13.65
C SER CB 238 -99.31 22.75 -12.83
N GLY CB 239 -99.04 21.99 -11.78
CA GLY CB 239 -97.87 22.24 -10.97
C GLY CB 239 -96.63 21.55 -11.49
N PHE CB 240 -96.78 20.37 -12.06
CA PHE CB 240 -95.62 19.67 -12.60
C PHE CB 240 -95.00 20.45 -13.74
N LYS CB 241 -95.82 21.07 -14.59
CA LYS CB 241 -95.28 21.85 -15.70
C LYS CB 241 -94.47 23.03 -15.20
N TYR CB 242 -94.96 23.74 -14.19
CA TYR CB 242 -94.19 24.87 -13.68
C TYR CB 242 -92.94 24.40 -12.97
N TRP CB 243 -92.97 23.24 -12.32
CA TRP CB 243 -91.71 22.71 -11.79
C TRP CB 243 -90.73 22.41 -12.90
N LEU CB 244 -91.22 21.88 -14.03
CA LEU CB 244 -90.35 21.68 -15.18
C LEU CB 244 -89.72 22.98 -15.64
N LYS CB 245 -90.51 24.04 -15.71
CA LYS CB 245 -89.99 25.30 -16.22
C LYS CB 245 -88.97 25.92 -15.28
N GLU CB 246 -89.20 25.84 -13.97
CA GLU CB 246 -88.41 26.62 -13.02
C GLU CB 246 -87.74 25.75 -11.95
N LYS CB 247 -87.37 24.51 -12.29
CA LYS CB 247 -86.70 23.67 -11.30
C LYS CB 247 -85.37 24.26 -10.88
N GLY CB 248 -84.58 24.71 -11.85
CA GLY CB 248 -83.35 25.39 -11.54
C GLY CB 248 -82.23 24.47 -11.12
N THR CB 249 -81.00 24.77 -11.55
CA THR CB 249 -79.83 23.99 -11.19
C THR CB 249 -80.02 22.51 -11.52
N ALA CB 250 -79.21 21.68 -10.89
CA ALA CB 250 -79.30 20.23 -10.93
C ALA CB 250 -78.32 19.72 -9.88
N LEU CB 251 -78.06 18.43 -9.87
CA LEU CB 251 -76.88 17.96 -9.17
C LEU CB 251 -75.77 17.56 -10.10
N ASN CB 252 -76.11 17.18 -11.34
CA ASN CB 252 -75.09 16.77 -12.30
C ASN CB 252 -74.09 17.88 -12.55
N THR CB 253 -74.56 19.13 -12.56
CA THR CB 253 -73.74 20.29 -12.84
C THR CB 253 -73.32 21.04 -11.60
N LYS CB 254 -73.47 20.42 -10.42
CA LYS CB 254 -73.16 21.11 -9.17
C LYS CB 254 -72.43 20.25 -8.16
N ALA CB 255 -72.34 18.94 -8.35
CA ALA CB 255 -71.79 18.08 -7.30
C ALA CB 255 -70.34 18.44 -7.00
N PRO CB 256 -69.96 18.45 -5.74
CA PRO CB 256 -68.57 18.73 -5.38
C PRO CB 256 -67.67 17.55 -5.66
N PHE CB 257 -66.37 17.80 -5.54
CA PHE CB 257 -65.33 16.76 -5.64
C PHE CB 257 -65.27 16.15 -7.02
N GLY CB 258 -65.94 16.75 -7.99
CA GLY CB 258 -65.80 16.36 -9.37
C GLY CB 258 -66.24 14.95 -9.72
N CYS CB 259 -67.43 14.57 -9.30
CA CYS CB 259 -67.91 13.22 -9.54
C CYS CB 259 -69.23 13.21 -10.28
N GLN CB 260 -69.37 12.28 -11.23
CA GLN CB 260 -70.51 12.30 -12.13
C GLN CB 260 -71.72 11.68 -11.46
N ILE CB 261 -72.88 12.27 -11.67
CA ILE CB 261 -74.13 11.66 -11.22
C ILE CB 261 -74.73 10.86 -12.36
N LYS CB 262 -75.17 9.65 -12.05
CA LYS CB 262 -75.84 8.83 -13.05
C LYS CB 262 -77.06 8.18 -12.42
N THR CB 263 -78.00 7.78 -13.26
CA THR CB 263 -79.31 7.37 -12.80
C THR CB 263 -79.62 5.95 -13.25
N ASN CB 264 -80.50 5.29 -12.50
CA ASN CB 264 -81.03 3.97 -12.83
C ASN CB 264 -79.93 2.92 -12.86
N PRO CB 265 -79.37 2.52 -11.71
CA PRO CB 265 -79.72 3.02 -10.38
C PRO CB 265 -79.02 4.33 -10.08
N VAL CB 266 -79.56 5.14 -9.17
CA VAL CB 266 -78.95 6.42 -8.86
C VAL CB 266 -77.62 6.18 -8.15
N ARG CB 267 -76.58 6.85 -8.62
CA ARG CB 267 -75.25 6.65 -8.06
C ARG CB 267 -74.37 7.83 -8.43
N ALA CB 268 -73.28 7.98 -7.69
CA ALA CB 268 -72.25 8.97 -7.97
C ALA CB 268 -70.95 8.24 -8.25
N MET CB 269 -70.36 8.51 -9.40
CA MET CB 269 -69.25 7.72 -9.90
C MET CB 269 -67.96 8.55 -9.97
N ASN CB 270 -66.86 7.88 -9.67
CA ASN CB 270 -65.50 8.42 -9.73
C ASN CB 270 -65.35 9.63 -8.83
N CYS CB 271 -65.64 9.45 -7.55
CA CYS CB 271 -65.89 10.60 -6.71
C CYS CB 271 -64.80 10.60 -5.65
N ALA CB 272 -63.74 11.36 -5.92
CA ALA CB 272 -62.46 11.22 -5.24
C ALA CB 272 -62.51 11.85 -3.85
N VAL CB 273 -62.39 11.01 -2.82
CA VAL CB 273 -62.34 11.49 -1.44
C VAL CB 273 -61.71 10.41 -0.57
N GLY CB 274 -60.78 10.83 0.29
CA GLY CB 274 -60.33 9.97 1.37
C GLY CB 274 -59.35 8.90 0.97
N ASN CB 275 -59.12 8.00 1.92
CA ASN CB 275 -58.13 6.95 1.80
C ASN CB 275 -58.80 5.60 2.01
N ILE CB 276 -58.44 4.63 1.16
CA ILE CB 276 -58.92 3.27 1.29
C ILE CB 276 -57.85 2.42 1.97
N PRO CB 277 -58.11 1.89 3.16
CA PRO CB 277 -57.18 0.92 3.75
C PRO CB 277 -57.34 -0.43 3.09
N VAL CB 278 -56.21 -1.10 2.86
CA VAL CB 278 -56.19 -2.41 2.23
C VAL CB 278 -55.36 -3.35 3.11
N SER CB 279 -55.95 -4.47 3.47
CA SER CB 279 -55.25 -5.56 4.13
C SER CB 279 -55.07 -6.68 3.11
N MET CB 280 -53.93 -7.35 3.17
CA MET CB 280 -53.58 -8.31 2.13
C MET CB 280 -52.80 -9.47 2.72
N ASN CB 281 -53.20 -10.68 2.35
CA ASN CB 281 -52.55 -11.91 2.79
C ASN CB 281 -51.90 -12.55 1.57
N LEU CB 282 -50.57 -12.63 1.59
CA LEU CB 282 -49.73 -13.10 0.51
C LEU CB 282 -49.23 -14.52 0.79
N PRO CB 283 -49.15 -15.36 -0.24
CA PRO CB 283 -48.56 -16.69 -0.07
C PRO CB 283 -47.05 -16.62 -0.23
N ASP CB 284 -46.39 -17.72 0.17
CA ASP CB 284 -44.94 -17.74 0.11
C ASP CB 284 -44.41 -18.08 -1.27
N SER CB 285 -45.25 -18.52 -2.18
CA SER CB 285 -44.80 -18.74 -3.55
C SER CB 285 -44.40 -17.46 -4.25
N ALA CB 286 -45.02 -16.33 -3.89
CA ALA CB 286 -44.78 -15.09 -4.60
C ALA CB 286 -43.38 -14.54 -4.32
N PHE CB 287 -42.89 -14.68 -3.10
CA PHE CB 287 -41.57 -14.17 -2.76
C PHE CB 287 -40.48 -15.03 -3.40
N THR CB 288 -39.27 -14.48 -3.43
CA THR CB 288 -38.11 -15.16 -3.95
C THR CB 288 -37.06 -15.25 -2.86
N ARG CB 289 -36.42 -16.41 -2.75
CA ARG CB 289 -35.42 -16.60 -1.72
C ARG CB 289 -34.24 -15.66 -1.95
N ILE CB 290 -33.61 -15.25 -0.86
CA ILE CB 290 -32.61 -14.19 -0.92
C ILE CB 290 -31.42 -14.60 -1.77
N VAL CB 291 -31.12 -15.90 -1.86
CA VAL CB 291 -29.93 -16.35 -2.57
C VAL CB 291 -30.04 -16.05 -4.06
N GLU CB 292 -31.22 -16.27 -4.64
CA GLU CB 292 -31.39 -16.02 -6.06
C GLU CB 292 -31.32 -14.54 -6.42
N ALA CB 293 -31.73 -13.67 -5.51
CA ALA CB 293 -31.70 -12.24 -5.81
C ALA CB 293 -30.26 -11.75 -5.81
N PRO CB 294 -29.86 -11.03 -6.86
CA PRO CB 294 -28.51 -10.47 -6.89
C PRO CB 294 -28.27 -9.55 -5.69
N THR CB 295 -27.05 -9.60 -5.18
CA THR CB 295 -26.64 -8.71 -4.10
C THR CB 295 -25.99 -7.48 -4.71
N ILE CB 296 -26.45 -6.31 -4.29
CA ILE CB 296 -26.05 -5.04 -4.89
C ILE CB 296 -25.23 -4.26 -3.87
N ILE CB 297 -24.06 -3.79 -4.28
CA ILE CB 297 -23.12 -3.12 -3.40
C ILE CB 297 -22.66 -1.83 -4.06
N ASP CB 298 -22.43 -0.79 -3.24
CA ASP CB 298 -21.89 0.48 -3.68
C ASP CB 298 -22.80 1.14 -4.72
N LEU CB 299 -24.00 1.48 -4.25
CA LEU CB 299 -25.05 2.00 -5.10
C LEU CB 299 -25.17 3.50 -4.92
N THR CB 300 -25.05 4.25 -6.01
CA THR CB 300 -25.18 5.70 -5.99
C THR CB 300 -26.15 6.14 -7.09
N CYS CB 301 -26.72 7.32 -6.91
CA CYS CB 301 -27.73 7.84 -7.82
C CYS CB 301 -27.43 9.28 -8.17
N THR CB 302 -27.77 9.67 -9.39
CA THR CB 302 -27.65 11.04 -9.85
C THR CB 302 -28.91 11.40 -10.64
N VAL CB 303 -29.17 12.69 -10.77
CA VAL CB 303 -30.31 13.19 -11.52
C VAL CB 303 -29.78 13.90 -12.76
N ALA CB 304 -30.32 13.57 -13.92
CA ALA CB 304 -29.88 14.26 -15.13
C ALA CB 304 -30.63 15.57 -15.31
N THR CB 305 -31.96 15.52 -15.32
CA THR CB 305 -32.77 16.72 -15.36
C THR CB 305 -33.96 16.57 -14.43
N CYS CB 306 -34.47 17.69 -13.94
CA CYS CB 306 -35.67 17.70 -13.12
C CYS CB 306 -36.57 18.86 -13.53
N THR CB 307 -37.87 18.61 -13.50
CA THR CB 307 -38.85 19.64 -13.79
C THR CB 307 -40.15 19.22 -13.13
N HIS CB 308 -40.58 19.97 -12.10
CA HIS CB 308 -41.72 19.55 -11.31
C HIS CB 308 -42.99 19.84 -12.11
N SER CB 309 -43.32 18.90 -12.98
CA SER CB 309 -44.52 18.98 -13.80
C SER CB 309 -45.46 17.83 -13.47
N SER CB 310 -46.67 17.92 -14.00
CA SER CB 310 -47.69 16.92 -13.69
C SER CB 310 -47.28 15.54 -14.20
N ASP CB 311 -46.72 15.48 -15.40
CA ASP CB 311 -46.30 14.20 -15.95
C ASP CB 311 -45.01 13.74 -15.30
N PHE CB 312 -44.47 12.62 -15.80
CA PHE CB 312 -43.22 12.08 -15.30
C PHE CB 312 -42.04 12.87 -15.84
N GLY CB 313 -41.57 13.85 -15.09
CA GLY CB 313 -40.56 14.77 -15.58
C GLY CB 313 -39.26 14.83 -14.80
N GLY CB 314 -38.73 13.68 -14.39
CA GLY CB 314 -37.40 13.64 -13.84
C GLY CB 314 -36.70 12.33 -14.15
N VAL CB 315 -35.46 12.40 -14.63
CA VAL CB 315 -34.73 11.24 -15.09
C VAL CB 315 -33.54 10.98 -14.17
N LEU CB 316 -33.40 9.72 -13.74
CA LEU CB 316 -32.51 9.34 -12.65
C LEU CB 316 -31.61 8.22 -13.11
N THR CB 317 -30.30 8.39 -12.94
CA THR CB 317 -29.31 7.40 -13.35
C THR CB 317 -28.71 6.76 -12.12
N LEU CB 318 -28.61 5.44 -12.11
CA LEU CB 318 -28.29 4.69 -10.91
C LEU CB 318 -27.16 3.72 -11.22
N THR CB 319 -26.04 3.84 -10.49
CA THR CB 319 -24.84 3.05 -10.71
C THR CB 319 -24.57 2.13 -9.52
N TYR CB 320 -24.08 0.93 -9.83
CA TYR CB 320 -23.98 -0.12 -8.82
C TYR CB 320 -22.95 -1.15 -9.25
N LYS CB 321 -22.71 -2.13 -8.38
CA LYS CB 321 -21.83 -3.26 -8.65
C LYS CB 321 -22.51 -4.54 -8.19
N THR CB 322 -22.48 -5.58 -9.03
CA THR CB 322 -23.24 -6.79 -8.78
C THR CB 322 -22.47 -8.02 -9.21
N ASP CB 323 -23.11 -9.18 -9.03
CA ASP CB 323 -22.54 -10.47 -9.39
C ASP CB 323 -23.29 -11.18 -10.52
N LYS CB 324 -24.61 -11.03 -10.59
CA LYS CB 324 -25.40 -11.74 -11.59
C LYS CB 324 -26.48 -10.82 -12.14
N ASN CB 325 -27.04 -11.20 -13.29
CA ASN CB 325 -28.15 -10.48 -13.91
C ASN CB 325 -29.45 -11.00 -13.33
N GLY CB 326 -30.39 -10.08 -13.09
CA GLY CB 326 -31.64 -10.45 -12.47
C GLY CB 326 -32.64 -9.33 -12.46
N ASP CB 327 -33.60 -9.43 -11.55
CA ASP CB 327 -34.65 -8.44 -11.41
C ASP CB 327 -34.67 -7.91 -9.99
N CYS CB 328 -34.79 -6.60 -9.84
CA CYS CB 328 -34.92 -5.96 -8.55
C CYS CB 328 -36.22 -5.17 -8.47
N SER CB 329 -36.88 -5.24 -7.32
CA SER CB 329 -38.06 -4.44 -7.05
C SER CB 329 -37.62 -3.08 -6.53
N VAL CB 330 -37.85 -2.04 -7.31
CA VAL CB 330 -37.33 -0.70 -7.03
C VAL CB 330 -38.43 0.11 -6.35
N HIS CB 331 -38.08 0.83 -5.29
CA HIS CB 331 -39.05 1.64 -4.57
C HIS CB 331 -38.43 2.96 -4.14
N SER CB 332 -39.29 3.95 -3.91
CA SER CB 332 -38.91 5.22 -3.29
C SER CB 332 -39.61 5.33 -1.94
N HIS CB 333 -38.84 5.67 -0.91
CA HIS CB 333 -39.34 5.64 0.47
C HIS CB 333 -39.87 6.99 0.93
N SER CB 334 -40.48 7.75 0.04
CA SER CB 334 -41.13 8.99 0.41
C SER CB 334 -42.27 9.24 -0.56
N ASN CB 335 -43.20 10.11 -0.17
CA ASN CB 335 -44.26 10.51 -1.07
C ASN CB 335 -43.91 11.78 -1.84
N VAL CB 336 -42.72 12.34 -1.61
CA VAL CB 336 -42.34 13.55 -2.31
C VAL CB 336 -42.01 13.24 -3.76
N ALA CB 337 -41.57 12.03 -4.05
CA ALA CB 337 -41.20 11.62 -5.39
C ALA CB 337 -41.81 10.27 -5.71
N THR CB 338 -42.44 10.16 -6.89
CA THR CB 338 -43.11 8.94 -7.29
C THR CB 338 -42.38 8.35 -8.49
N LEU CB 339 -41.99 7.08 -8.39
CA LEU CB 339 -41.37 6.40 -9.50
C LEU CB 339 -42.43 5.89 -10.48
N GLN CB 340 -42.01 5.67 -11.72
CA GLN CB 340 -42.89 5.12 -12.73
C GLN CB 340 -42.89 3.60 -12.76
N GLU CB 341 -41.72 2.97 -12.78
CA GLU CB 341 -41.61 1.53 -12.89
C GLU CB 341 -41.31 0.89 -11.55
N ALA CB 342 -42.02 -0.19 -11.27
CA ALA CB 342 -41.90 -0.88 -9.99
C ALA CB 342 -40.78 -1.89 -9.97
N THR CB 343 -40.38 -2.43 -11.11
CA THR CB 343 -39.26 -3.36 -11.18
C THR CB 343 -38.25 -2.87 -12.20
N ALA CB 344 -37.01 -3.31 -12.03
CA ALA CB 344 -35.93 -3.00 -12.96
C ALA CB 344 -35.11 -4.26 -13.22
N LYS CB 345 -34.50 -4.28 -14.39
CA LYS CB 345 -33.70 -5.43 -14.84
C LYS CB 345 -32.23 -5.12 -14.65
N VAL CB 346 -31.63 -5.68 -13.60
CA VAL CB 346 -30.25 -5.40 -13.25
C VAL CB 346 -29.34 -6.26 -14.11
N LYS CB 347 -28.33 -5.64 -14.71
CA LYS CB 347 -27.37 -6.30 -15.56
C LYS CB 347 -25.97 -5.99 -15.02
N THR CB 348 -24.99 -6.77 -15.47
CA THR CB 348 -23.64 -6.64 -14.94
C THR CB 348 -22.96 -5.35 -15.39
N ALA CB 349 -23.54 -4.61 -16.34
CA ALA CB 349 -22.94 -3.35 -16.77
C ALA CB 349 -22.87 -2.35 -15.62
N GLY CB 350 -23.96 -2.22 -14.87
CA GLY CB 350 -23.96 -1.38 -13.68
C GLY CB 350 -24.58 0.00 -13.86
N LYS CB 351 -25.56 0.14 -14.75
CA LYS CB 351 -26.26 1.40 -14.91
C LYS CB 351 -27.72 1.11 -15.23
N VAL CB 352 -28.62 1.70 -14.45
CA VAL CB 352 -30.05 1.62 -14.73
C VAL CB 352 -30.63 3.02 -14.69
N THR CB 353 -31.79 3.18 -15.30
CA THR CB 353 -32.43 4.47 -15.41
C THR CB 353 -33.88 4.39 -14.95
N LEU CB 354 -34.30 5.39 -14.18
CA LEU CB 354 -35.66 5.45 -13.69
C LEU CB 354 -36.27 6.81 -14.00
N HIS CB 355 -37.59 6.84 -14.06
CA HIS CB 355 -38.37 8.05 -14.26
C HIS CB 355 -39.17 8.33 -12.99
N PHE CB 356 -39.15 9.58 -12.56
CA PHE CB 356 -39.91 9.96 -11.37
C PHE CB 356 -40.60 11.29 -11.61
N SER CB 357 -41.58 11.56 -10.77
CA SER CB 357 -42.32 12.82 -10.81
C SER CB 357 -42.36 13.41 -9.41
N THR CB 358 -42.20 14.72 -9.33
CA THR CB 358 -42.18 15.42 -8.07
C THR CB 358 -42.75 16.82 -8.27
N ALA CB 359 -43.14 17.44 -7.16
CA ALA CB 359 -43.72 18.77 -7.21
C ALA CB 359 -42.98 19.79 -6.36
N SER CB 360 -41.86 19.42 -5.75
CA SER CB 360 -41.08 20.31 -4.91
C SER CB 360 -39.89 20.86 -5.69
N ALA CB 361 -39.47 22.07 -5.31
CA ALA CB 361 -38.39 22.71 -6.04
C ALA CB 361 -37.08 21.97 -5.84
N SER CB 362 -36.94 21.27 -4.71
CA SER CB 362 -35.72 20.55 -4.39
C SER CB 362 -36.06 19.31 -3.58
N PRO CB 363 -36.35 18.19 -4.23
CA PRO CB 363 -36.68 16.97 -3.50
C PRO CB 363 -35.42 16.28 -3.00
N SER CB 364 -35.62 15.41 -2.01
CA SER CB 364 -34.53 14.59 -1.48
C SER CB 364 -35.15 13.34 -0.89
N PHE CB 365 -34.85 12.18 -1.49
CA PHE CB 365 -35.56 10.96 -1.15
C PHE CB 365 -34.60 9.79 -1.13
N VAL CB 366 -35.09 8.66 -0.65
CA VAL CB 366 -34.29 7.45 -0.46
C VAL CB 366 -34.83 6.39 -1.40
N VAL CB 367 -33.97 5.91 -2.30
CA VAL CB 367 -34.35 4.89 -3.28
C VAL CB 367 -33.73 3.56 -2.88
N SER CB 368 -34.54 2.51 -2.95
CA SER CB 368 -34.10 1.15 -2.62
C SER CB 368 -34.23 0.26 -3.84
N LEU CB 369 -33.14 -0.44 -4.14
CA LEU CB 369 -33.07 -1.41 -5.23
C LEU CB 369 -32.67 -2.74 -4.62
N CYS CB 370 -33.52 -3.76 -4.80
CA CYS CB 370 -33.36 -5.00 -4.05
C CYS CB 370 -33.08 -4.71 -2.58
N SER CB 371 -31.83 -4.81 -2.16
CA SER CB 371 -31.51 -4.61 -0.76
C SER CB 371 -30.75 -3.32 -0.47
N ALA CB 372 -30.14 -2.70 -1.48
CA ALA CB 372 -29.30 -1.55 -1.22
C ALA CB 372 -30.12 -0.27 -1.22
N ARG CB 373 -29.59 0.77 -0.57
CA ARG CB 373 -30.30 2.03 -0.45
C ARG CB 373 -29.35 3.17 -0.81
N ALA CB 374 -29.93 4.24 -1.33
CA ALA CB 374 -29.13 5.44 -1.61
C ALA CB 374 -30.03 6.65 -1.51
N THR CB 375 -29.41 7.81 -1.44
CA THR CB 375 -30.12 9.07 -1.28
C THR CB 375 -29.96 9.90 -2.55
N CYS CB 376 -31.07 10.40 -3.08
CA CYS CB 376 -31.07 11.23 -4.27
C CYS CB 376 -31.56 12.62 -3.91
N SER CB 377 -30.79 13.63 -4.33
CA SER CB 377 -31.16 15.02 -4.16
C SER CB 377 -30.99 15.73 -5.49
N ALA CB 378 -31.88 16.67 -5.77
CA ALA CB 378 -31.93 17.28 -7.09
C ALA CB 378 -32.42 18.71 -6.97
N SER CB 379 -32.21 19.48 -8.03
CA SER CB 379 -32.78 20.80 -8.18
C SER CB 379 -33.70 20.78 -9.39
N CYS CB 380 -34.89 21.37 -9.28
CA CYS CB 380 -35.90 21.26 -10.32
C CYS CB 380 -36.33 22.65 -10.74
N GLU CB 381 -36.63 22.82 -12.03
CA GLU CB 381 -37.10 24.11 -12.49
C GLU CB 381 -38.57 24.06 -12.84
N PRO CB 382 -39.29 25.18 -12.71
CA PRO CB 382 -40.71 25.17 -13.00
C PRO CB 382 -40.96 24.95 -14.48
N PRO CB 383 -42.10 24.37 -14.85
CA PRO CB 383 -42.44 24.20 -16.26
C PRO CB 383 -43.15 25.43 -16.80
N LYS CB 384 -43.25 25.48 -18.13
CA LYS CB 384 -43.81 26.64 -18.82
C LYS CB 384 -45.26 26.48 -19.20
N ASP CB 385 -45.75 25.26 -19.36
CA ASP CB 385 -47.12 25.05 -19.79
C ASP CB 385 -48.09 25.40 -18.67
N HIS CB 386 -48.89 26.44 -18.88
CA HIS CB 386 -49.79 26.88 -17.82
C HIS CB 386 -50.86 25.84 -17.53
N ILE CB 387 -51.40 25.20 -18.56
CA ILE CB 387 -52.58 24.33 -18.41
C ILE CB 387 -52.40 23.08 -19.25
N VAL CB 388 -52.72 21.92 -18.67
CA VAL CB 388 -52.57 20.65 -19.35
C VAL CB 388 -53.84 19.82 -19.18
N PRO CB 389 -54.15 18.90 -20.09
CA PRO CB 389 -55.41 18.15 -19.98
C PRO CB 389 -55.33 16.83 -19.23
N TYR CB 390 -54.27 16.57 -18.48
CA TYR CB 390 -54.18 15.33 -17.71
C TYR CB 390 -53.89 15.61 -16.25
N ALA CB 391 -54.45 14.79 -15.37
CA ALA CB 391 -54.38 15.01 -13.94
C ALA CB 391 -52.96 14.84 -13.42
N ALA CB 392 -52.72 15.34 -12.22
CA ALA CB 392 -51.40 15.27 -11.63
C ALA CB 392 -51.04 13.84 -11.24
N SER CB 393 -49.76 13.52 -11.34
CA SER CB 393 -49.26 12.20 -11.00
C SER CB 393 -48.25 12.22 -9.85
N HIS CB 394 -48.07 13.35 -9.19
CA HIS CB 394 -47.31 13.41 -7.95
C HIS CB 394 -48.29 13.57 -6.79
N SER CB 395 -47.75 13.71 -5.58
CA SER CB 395 -48.60 13.78 -4.41
C SER CB 395 -48.76 15.19 -3.86
N ASN CB 396 -48.35 16.21 -4.59
CA ASN CB 396 -48.55 17.61 -4.20
C ASN CB 396 -47.86 17.93 -2.87
N VAL CB 397 -46.57 17.66 -2.80
CA VAL CB 397 -45.74 18.01 -1.66
C VAL CB 397 -44.77 19.10 -2.10
N VAL CB 398 -44.87 20.27 -1.48
CA VAL CB 398 -44.18 21.44 -1.97
C VAL CB 398 -43.04 21.88 -1.07
N PHE CB 399 -43.03 21.49 0.19
CA PHE CB 399 -41.97 21.92 1.10
C PHE CB 399 -40.63 21.35 0.67
N PRO CB 400 -39.62 22.17 0.45
CA PRO CB 400 -38.35 21.68 -0.08
C PRO CB 400 -37.54 20.96 1.00
N ASP CB 401 -36.41 20.42 0.57
CA ASP CB 401 -35.49 19.76 1.46
C ASP CB 401 -34.73 20.77 2.31
N MET CB 402 -34.30 20.31 3.49
CA MET CB 402 -33.48 21.16 4.35
C MET CB 402 -32.12 21.46 3.75
N SER CB 403 -31.70 20.70 2.74
CA SER CB 403 -30.45 20.96 2.04
C SER CB 403 -30.65 21.75 0.75
N GLY CB 404 -31.87 22.20 0.46
CA GLY CB 404 -32.10 22.99 -0.72
C GLY CB 404 -31.46 24.36 -0.61
N THR CB 405 -31.42 25.06 -1.74
CA THR CB 405 -30.72 26.34 -1.79
C THR CB 405 -31.34 27.35 -0.84
N ALA CB 406 -32.68 27.45 -0.83
CA ALA CB 406 -33.34 28.40 0.04
C ALA CB 406 -33.06 28.09 1.51
N LEU CB 407 -33.22 26.83 1.89
CA LEU CB 407 -32.96 26.49 3.29
C LEU CB 407 -31.47 26.54 3.59
N SER CB 408 -30.60 26.37 2.61
CA SER CB 408 -29.18 26.58 2.84
C SER CB 408 -28.90 28.03 3.21
N TRP CB 409 -29.50 28.98 2.49
CA TRP CB 409 -29.29 30.39 2.83
C TRP CB 409 -29.87 30.72 4.19
N VAL CB 410 -31.07 30.19 4.50
CA VAL CB 410 -31.65 30.42 5.81
C VAL CB 410 -30.77 29.86 6.91
N GLN CB 411 -30.25 28.64 6.71
CA GLN CB 411 -29.39 28.02 7.71
C GLN CB 411 -28.10 28.82 7.89
N LYS CB 412 -27.58 29.37 6.80
CA LYS CB 412 -26.38 30.21 6.90
C LYS CB 412 -26.63 31.45 7.73
N ILE CB 413 -27.73 32.15 7.47
CA ILE CB 413 -28.03 33.36 8.25
C ILE CB 413 -28.25 33.01 9.71
N SER CB 414 -28.98 31.93 9.97
CA SER CB 414 -29.24 31.53 11.35
C SER CB 414 -27.93 31.20 12.06
N GLY CB 415 -27.02 30.52 11.38
CA GLY CB 415 -25.73 30.23 11.98
C GLY CB 415 -24.97 31.49 12.32
N GLY CB 416 -24.98 32.48 11.42
CA GLY CB 416 -24.28 33.72 11.71
C GLY CB 416 -24.82 34.42 12.94
N LEU CB 417 -26.14 34.59 13.00
CA LEU CB 417 -26.72 35.28 14.15
C LEU CB 417 -26.53 34.50 15.44
N GLY CB 418 -26.65 33.16 15.37
CA GLY CB 418 -26.43 32.36 16.56
C GLY CB 418 -25.00 32.45 17.07
N ALA CB 419 -24.02 32.46 16.17
CA ALA CB 419 -22.64 32.61 16.60
C ALA CB 419 -22.44 33.95 17.28
N PHE CB 420 -22.99 35.02 16.70
CA PHE CB 420 -22.87 36.33 17.34
C PHE CB 420 -23.47 36.32 18.74
N ALA CB 421 -24.69 35.79 18.88
CA ALA CB 421 -25.36 35.83 20.16
C ALA CB 421 -24.62 35.00 21.20
N ILE CB 422 -24.09 33.84 20.80
CA ILE CB 422 -23.38 33.00 21.77
C ILE CB 422 -22.08 33.66 22.20
N GLY CB 423 -21.38 34.30 21.27
CA GLY CB 423 -20.20 35.05 21.67
C GLY CB 423 -20.54 36.14 22.69
N ALA CB 424 -21.62 36.87 22.44
CA ALA CB 424 -22.01 37.93 23.38
C ALA CB 424 -22.39 37.35 24.74
N ILE CB 425 -23.11 36.24 24.76
CA ILE CB 425 -23.47 35.61 26.03
C ILE CB 425 -22.22 35.19 26.80
N LEU CB 426 -21.24 34.61 26.11
CA LEU CB 426 -20.02 34.22 26.77
C LEU CB 426 -19.30 35.42 27.36
N VAL CB 427 -19.25 36.53 26.63
CA VAL CB 427 -18.59 37.72 27.15
C VAL CB 427 -19.27 38.22 28.41
N LEU CB 428 -20.60 38.31 28.38
CA LEU CB 428 -21.32 38.79 29.56
C LEU CB 428 -21.11 37.85 30.74
N VAL CB 429 -21.09 36.54 30.50
CA VAL CB 429 -20.90 35.59 31.59
C VAL CB 429 -19.53 35.76 32.22
N VAL CB 430 -18.49 35.95 31.39
CA VAL CB 430 -17.15 36.14 31.94
C VAL CB 430 -17.09 37.41 32.78
N VAL CB 431 -17.67 38.50 32.29
CA VAL CB 431 -17.64 39.74 33.05
C VAL CB 431 -18.38 39.58 34.37
N THR CB 432 -19.53 38.91 34.35
CA THR CB 432 -20.27 38.69 35.60
C THR CB 432 -19.47 37.84 36.56
N CYS CB 433 -18.77 36.83 36.05
CA CYS CB 433 -17.95 35.98 36.92
C CYS CB 433 -16.86 36.78 37.60
N ILE CB 434 -16.18 37.65 36.85
CA ILE CB 434 -15.16 38.51 37.46
C ILE CB 434 -15.77 39.46 38.48
N GLY CB 435 -16.93 40.03 38.14
CA GLY CB 435 -17.58 40.94 39.07
C GLY CB 435 -17.99 40.26 40.37
N LEU CB 436 -18.46 39.03 40.29
CA LEU CB 436 -18.77 38.28 41.50
C LEU CB 436 -17.51 37.97 42.28
N ARG CB 437 -16.40 37.63 41.59
CA ARG CB 437 -15.19 37.30 42.31
C ARG CB 437 -14.57 38.50 43.01
N ARG CB 438 -14.71 39.70 42.45
CA ARG CB 438 -14.13 40.90 43.07
C ARG CB 438 -14.70 41.18 44.45
N TYR DB 1 -41.81 26.96 -27.28
CA TYR DB 1 -40.79 27.63 -26.47
C TYR DB 1 -40.46 28.99 -27.04
N GLU DB 2 -40.43 30.00 -26.17
CA GLU DB 2 -40.19 31.37 -26.60
C GLU DB 2 -38.74 31.74 -26.38
N HIS DB 3 -38.21 32.63 -27.21
CA HIS DB 3 -36.82 33.06 -27.05
C HIS DB 3 -36.61 34.38 -27.75
N SER DB 4 -35.55 35.08 -27.34
CA SER DB 4 -35.17 36.35 -27.96
C SER DB 4 -33.66 36.42 -28.09
N THR DB 5 -33.19 37.19 -29.07
CA THR DB 5 -31.76 37.30 -29.35
C THR DB 5 -31.53 38.61 -30.11
N VAL DB 6 -30.27 39.01 -30.21
CA VAL DB 6 -29.87 40.20 -30.96
C VAL DB 6 -28.88 39.79 -32.04
N MET DB 7 -29.00 40.41 -33.22
CA MET DB 7 -28.21 40.09 -34.39
C MET DB 7 -27.51 41.35 -34.90
N PRO DB 8 -26.26 41.25 -35.35
CA PRO DB 8 -25.63 42.42 -35.96
C PRO DB 8 -26.06 42.57 -37.40
N ASN DB 9 -26.28 43.80 -37.83
CA ASN DB 9 -26.75 44.04 -39.20
C ASN DB 9 -25.57 44.19 -40.16
N VAL DB 10 -24.76 43.16 -40.23
CA VAL DB 10 -23.62 43.10 -41.14
C VAL DB 10 -23.82 41.93 -42.08
N VAL DB 11 -23.78 42.22 -43.38
CA VAL DB 11 -24.06 41.19 -44.38
C VAL DB 11 -22.93 40.18 -44.41
N GLY DB 12 -23.29 38.90 -44.31
CA GLY DB 12 -22.31 37.84 -44.33
C GLY DB 12 -21.78 37.40 -42.98
N PHE DB 13 -22.21 38.04 -41.91
CA PHE DB 13 -21.73 37.66 -40.58
C PHE DB 13 -22.47 36.41 -40.10
N PRO DB 14 -21.76 35.35 -39.75
CA PRO DB 14 -22.41 34.07 -39.39
C PRO DB 14 -22.91 33.98 -37.96
N TYR DB 15 -24.09 34.54 -37.68
CA TYR DB 15 -24.52 34.61 -36.29
C TYR DB 15 -24.99 33.24 -35.83
N LYS DB 16 -24.65 32.89 -34.58
CA LYS DB 16 -25.03 31.61 -34.00
C LYS DB 16 -25.73 31.85 -32.67
N ALA DB 17 -26.92 31.30 -32.52
CA ALA DB 17 -27.73 31.46 -31.32
C ALA DB 17 -27.82 30.14 -30.59
N HIS DB 18 -27.84 30.20 -29.26
CA HIS DB 18 -27.78 29.02 -28.41
C HIS DB 18 -29.06 28.92 -27.58
N ILE DB 19 -29.80 27.84 -27.75
CA ILE DB 19 -31.06 27.61 -27.05
C ILE DB 19 -30.85 26.47 -26.07
N GLU DB 20 -31.14 26.72 -24.79
CA GLU DB 20 -30.88 25.75 -23.74
C GLU DB 20 -32.18 25.49 -22.99
N ARG DB 21 -33.00 24.58 -23.49
CA ARG DB 21 -34.20 24.19 -22.78
C ARG DB 21 -33.82 23.33 -21.57
N PRO DB 22 -34.43 23.59 -20.40
CA PRO DB 22 -33.98 22.89 -19.19
C PRO DB 22 -34.03 21.37 -19.27
N GLY DB 23 -35.03 20.81 -19.94
CA GLY DB 23 -35.14 19.36 -19.96
C GLY DB 23 -34.56 18.68 -21.20
N TYR DB 24 -34.08 19.45 -22.16
CA TYR DB 24 -33.62 18.91 -23.42
C TYR DB 24 -32.17 19.29 -23.67
N SER DB 25 -31.57 18.66 -24.67
CA SER DB 25 -30.20 18.95 -25.05
C SER DB 25 -30.12 20.32 -25.71
N PRO DB 26 -28.98 21.00 -25.59
CA PRO DB 26 -28.85 22.32 -26.20
C PRO DB 26 -28.96 22.28 -27.71
N LEU DB 27 -29.36 23.40 -28.30
CA LEU DB 27 -29.51 23.55 -29.73
C LEU DB 27 -28.78 24.80 -30.18
N THR DB 28 -28.34 24.80 -31.44
CA THR DB 28 -27.63 25.93 -32.02
C THR DB 28 -28.21 26.27 -33.38
N LEU DB 29 -28.66 27.51 -33.53
CA LEU DB 29 -29.15 28.07 -34.79
C LEU DB 29 -28.04 28.84 -35.48
N GLN DB 30 -28.00 28.78 -36.81
CA GLN DB 30 -27.13 29.65 -37.57
C GLN DB 30 -27.99 30.53 -38.45
N MET DB 31 -27.89 31.83 -38.27
CA MET DB 31 -28.58 32.79 -39.11
C MET DB 31 -27.57 33.65 -39.83
N GLN DB 32 -27.99 34.20 -40.96
CA GLN DB 32 -27.13 35.03 -41.79
C GLN DB 32 -28.02 35.96 -42.59
N VAL DB 33 -27.60 37.20 -42.78
CA VAL DB 33 -28.40 38.17 -43.50
C VAL DB 33 -27.74 38.37 -44.87
N VAL DB 34 -28.40 37.90 -45.92
CA VAL DB 34 -27.76 37.88 -47.23
C VAL DB 34 -27.91 39.21 -47.95
N GLU DB 35 -29.08 39.83 -47.86
CA GLU DB 35 -29.31 41.07 -48.60
C GLU DB 35 -30.27 41.94 -47.81
N THR DB 36 -30.12 43.25 -47.98
CA THR DB 36 -30.91 44.22 -47.25
C THR DB 36 -31.33 45.33 -48.21
N SER DB 37 -32.49 45.91 -47.95
CA SER DB 37 -33.00 47.00 -48.78
C SER DB 37 -33.69 47.99 -47.87
N LEU DB 38 -33.55 49.28 -48.17
CA LEU DB 38 -34.01 50.35 -47.30
C LEU DB 38 -34.77 51.34 -48.17
N GLU DB 39 -36.08 51.17 -48.28
CA GLU DB 39 -36.87 51.94 -49.22
C GLU DB 39 -37.51 53.12 -48.52
N PRO DB 40 -37.26 54.35 -48.95
CA PRO DB 40 -38.01 55.49 -48.41
C PRO DB 40 -39.33 55.65 -49.15
N THR DB 41 -40.26 56.34 -48.50
CA THR DB 41 -41.58 56.59 -49.05
C THR DB 41 -41.60 57.96 -49.69
N LEU DB 42 -41.79 58.01 -51.00
CA LEU DB 42 -41.54 59.20 -51.79
C LEU DB 42 -42.85 59.88 -52.14
N ASN DB 43 -42.81 61.20 -52.23
CA ASN DB 43 -43.93 62.01 -52.66
C ASN DB 43 -43.44 62.91 -53.78
N LEU DB 44 -43.88 62.66 -55.00
CA LEU DB 44 -43.41 63.42 -56.15
C LEU DB 44 -43.76 64.89 -55.99
N GLU DB 45 -42.80 65.76 -56.30
CA GLU DB 45 -43.04 67.20 -56.31
C GLU DB 45 -43.22 67.74 -57.72
N TYR DB 46 -42.24 67.55 -58.61
CA TYR DB 46 -42.44 67.88 -60.01
C TYR DB 46 -41.38 67.22 -60.87
N ILE DB 47 -41.42 67.52 -62.16
CA ILE DB 47 -40.62 66.90 -63.19
C ILE DB 47 -40.05 67.99 -64.07
N THR DB 48 -38.85 67.78 -64.61
CA THR DB 48 -38.21 68.78 -65.44
C THR DB 48 -37.59 68.14 -66.67
N CYS DB 49 -37.59 68.87 -67.77
CA CYS DB 49 -36.96 68.42 -69.00
C CYS DB 49 -36.55 69.63 -69.82
N GLU DB 50 -35.71 69.39 -70.82
CA GLU DB 50 -35.28 70.45 -71.72
C GLU DB 50 -36.48 71.11 -72.37
N TYR DB 51 -36.46 72.43 -72.50
CA TYR DB 51 -37.60 73.09 -73.11
C TYR DB 51 -37.39 73.19 -74.61
N LYS DB 52 -38.48 73.54 -75.30
CA LYS DB 52 -38.44 73.75 -76.74
C LYS DB 52 -39.18 75.03 -77.08
N THR DB 53 -38.51 75.91 -77.81
CA THR DB 53 -39.11 77.18 -78.21
C THR DB 53 -39.71 77.05 -79.60
N VAL DB 54 -40.97 77.47 -79.74
CA VAL DB 54 -41.64 77.45 -81.03
C VAL DB 54 -41.85 78.89 -81.48
N VAL DB 55 -41.59 79.16 -82.76
CA VAL DB 55 -41.78 80.47 -83.35
C VAL DB 55 -42.67 80.31 -84.57
N PRO DB 56 -43.94 80.70 -84.48
CA PRO DB 56 -44.78 80.72 -85.67
C PRO DB 56 -44.32 81.79 -86.64
N SER DB 57 -44.65 81.57 -87.90
CA SER DB 57 -44.20 82.45 -88.97
C SER DB 57 -44.70 83.87 -88.73
N PRO DB 58 -43.92 84.87 -89.13
CA PRO DB 58 -44.35 86.26 -88.94
C PRO DB 58 -45.56 86.56 -89.81
N TYR DB 59 -46.40 87.45 -89.32
CA TYR DB 59 -47.51 87.99 -90.09
C TYR DB 59 -47.16 89.41 -90.51
N VAL DB 60 -46.90 89.58 -91.80
CA VAL DB 60 -46.59 90.88 -92.36
C VAL DB 60 -47.82 91.35 -93.12
N LYS DB 61 -48.47 92.39 -92.61
CA LYS DB 61 -49.66 92.93 -93.26
C LYS DB 61 -49.28 94.25 -93.91
N CYS DB 62 -49.64 94.39 -95.18
CA CYS DB 62 -49.27 95.56 -95.95
C CYS DB 62 -50.38 96.61 -95.83
N CYS DB 63 -49.98 97.89 -95.84
CA CYS DB 63 -50.90 99.01 -95.95
C CYS DB 63 -51.88 99.03 -94.78
N GLY DB 64 -51.34 99.12 -93.57
CA GLY DB 64 -52.16 99.22 -92.39
C GLY DB 64 -51.42 98.76 -91.16
N ALA DB 65 -52.19 98.53 -90.09
CA ALA DB 65 -51.63 98.11 -88.82
C ALA DB 65 -52.53 97.04 -88.20
N SER DB 66 -51.95 96.28 -87.28
CA SER DB 66 -52.66 95.23 -86.56
C SER DB 66 -52.41 95.38 -85.07
N GLU DB 67 -53.25 94.73 -84.28
CA GLU DB 67 -53.18 94.81 -82.82
C GLU DB 67 -52.78 93.47 -82.23
N CYS DB 68 -52.03 93.53 -81.14
CA CYS DB 68 -51.60 92.32 -80.46
C CYS DB 68 -52.75 91.73 -79.64
N SER DB 69 -52.76 90.41 -79.51
CA SER DB 69 -53.80 89.69 -78.79
C SER DB 69 -53.17 88.73 -77.80
N THR DB 70 -53.66 88.74 -76.56
CA THR DB 70 -53.10 87.88 -75.52
C THR DB 70 -53.69 86.49 -75.61
N LYS DB 71 -52.85 85.49 -75.28
CA LYS DB 71 -53.27 84.11 -75.23
C LYS DB 71 -52.80 83.49 -73.92
N GLU DB 72 -53.46 82.40 -73.53
CA GLU DB 72 -53.13 81.69 -72.29
C GLU DB 72 -52.11 80.61 -72.60
N LYS DB 73 -50.88 81.04 -72.85
CA LYS DB 73 -49.80 80.14 -73.19
C LYS DB 73 -48.63 80.40 -72.26
N PRO DB 74 -47.77 79.40 -72.03
CA PRO DB 74 -46.65 79.59 -71.09
C PRO DB 74 -45.63 80.57 -71.66
N ASP DB 75 -45.40 81.66 -70.92
CA ASP DB 75 -44.34 82.62 -71.21
C ASP DB 75 -44.49 83.21 -72.61
N TYR DB 76 -45.73 83.54 -72.94
CA TYR DB 76 -46.08 84.05 -74.27
C TYR DB 76 -45.55 85.47 -74.43
N GLN DB 77 -45.02 85.78 -75.61
CA GLN DB 77 -44.52 87.11 -75.91
C GLN DB 77 -44.95 87.50 -77.32
N CYS DB 78 -45.72 88.57 -77.42
CA CYS DB 78 -46.22 89.06 -78.70
C CYS DB 78 -46.01 90.55 -78.79
N LYS DB 79 -45.51 91.01 -79.94
CA LYS DB 79 -45.32 92.43 -80.15
C LYS DB 79 -45.58 92.78 -81.60
N VAL DB 80 -45.75 94.08 -81.83
CA VAL DB 80 -46.08 94.62 -83.15
C VAL DB 80 -45.01 95.63 -83.54
N TYR DB 81 -44.52 95.53 -84.77
CA TYR DB 81 -43.49 96.43 -85.27
C TYR DB 81 -43.98 97.14 -86.53
N THR DB 82 -43.60 98.41 -86.66
CA THR DB 82 -44.09 99.26 -87.71
C THR DB 82 -42.94 99.76 -88.58
N GLY DB 83 -43.27 100.12 -89.83
CA GLY DB 83 -42.28 100.65 -90.73
C GLY DB 83 -41.43 99.63 -91.46
N VAL DB 84 -41.77 98.36 -91.38
CA VAL DB 84 -40.96 97.31 -91.96
C VAL DB 84 -41.24 97.22 -93.45
N TYR DB 85 -40.20 96.95 -94.25
CA TYR DB 85 -40.32 96.81 -95.69
C TYR DB 85 -39.63 95.53 -96.12
N PRO DB 86 -40.31 94.39 -95.99
CA PRO DB 86 -39.65 93.09 -96.23
C PRO DB 86 -39.15 92.96 -97.66
N PHE DB 87 -38.40 91.90 -97.89
CA PHE DB 87 -37.94 91.53 -99.21
C PHE DB 87 -38.08 90.02 -99.38
N MET DB 88 -38.23 89.59 -100.63
CA MET DB 88 -38.28 88.17 -100.94
C MET DB 88 -37.37 87.90 -102.14
N TRP DB 89 -37.25 86.64 -102.55
CA TRP DB 89 -36.32 86.32 -103.62
C TRP DB 89 -36.74 86.98 -104.92
N GLY DB 90 -38.04 87.02 -105.20
CA GLY DB 90 -38.50 87.62 -106.43
C GLY DB 90 -38.56 89.14 -106.37
N GLY DB 91 -38.72 89.68 -105.17
CA GLY DB 91 -38.85 91.12 -105.02
C GLY DB 91 -39.34 91.44 -103.64
N ALA DB 92 -39.66 92.71 -103.43
CA ALA DB 92 -40.12 93.21 -102.15
C ALA DB 92 -41.60 93.58 -102.26
N TYR DB 93 -42.45 92.88 -101.52
CA TYR DB 93 -43.88 93.15 -101.58
C TYR DB 93 -44.26 94.10 -100.46
N CYS DB 94 -45.56 94.23 -100.21
CA CYS DB 94 -46.11 95.36 -99.45
C CYS DB 94 -45.78 96.69 -100.11
N PHE DB 95 -46.39 96.87 -101.30
CA PHE DB 95 -46.27 98.07 -102.11
C PHE DB 95 -46.23 99.36 -101.31
N CYS DB 96 -47.05 99.47 -100.27
CA CYS DB 96 -47.03 100.68 -99.44
C CYS DB 96 -45.65 100.89 -98.82
N ASP DB 97 -45.17 102.13 -98.90
CA ASP DB 97 -43.76 102.41 -98.61
C ASP DB 97 -43.44 102.21 -97.13
N SER DB 98 -44.24 102.76 -96.23
CA SER DB 98 -43.92 102.72 -94.82
C SER DB 98 -45.06 102.24 -93.93
N GLU DB 99 -46.28 102.14 -94.45
CA GLU DB 99 -47.43 101.77 -93.63
C GLU DB 99 -47.59 100.25 -93.58
N ASN DB 100 -46.52 99.55 -93.23
CA ASN DB 100 -46.54 98.11 -93.16
C ASN DB 100 -46.31 97.67 -91.72
N THR DB 101 -46.75 96.45 -91.41
CA THR DB 101 -46.71 96.02 -90.02
C THR DB 101 -46.30 94.57 -89.96
N GLN DB 102 -45.48 94.22 -88.97
CA GLN DB 102 -45.12 92.83 -88.72
C GLN DB 102 -45.45 92.47 -87.29
N LEU DB 103 -46.17 91.37 -87.12
CA LEU DB 103 -46.61 90.92 -85.80
C LEU DB 103 -45.79 89.69 -85.41
N SER DB 104 -44.92 89.85 -84.43
CA SER DB 104 -44.06 88.76 -84.00
C SER DB 104 -44.61 88.09 -82.76
N GLU DB 105 -44.59 86.77 -82.76
CA GLU DB 105 -45.22 85.95 -81.72
C GLU DB 105 -44.28 84.81 -81.34
N ALA DB 106 -44.19 84.51 -80.04
CA ALA DB 106 -43.35 83.39 -79.62
C ALA DB 106 -43.83 82.89 -78.27
N TYR DB 107 -43.57 81.61 -78.02
CA TYR DB 107 -43.90 81.02 -76.72
C TYR DB 107 -43.12 79.72 -76.54
N VAL DB 108 -43.08 79.25 -75.31
CA VAL DB 108 -42.27 78.11 -74.91
C VAL DB 108 -43.18 76.91 -74.68
N ASP DB 109 -42.60 75.71 -74.75
CA ASP DB 109 -43.35 74.49 -74.55
C ASP DB 109 -42.41 73.34 -74.23
N ARG DB 110 -42.96 72.32 -73.59
CA ARG DB 110 -42.19 71.16 -73.19
C ARG DB 110 -41.68 70.40 -74.43
N SER DB 111 -40.50 69.79 -74.30
CA SER DB 111 -39.85 69.16 -75.43
C SER DB 111 -40.63 67.95 -75.93
N ASP DB 112 -40.17 67.39 -77.04
CA ASP DB 112 -40.83 66.22 -77.62
C ASP DB 112 -40.44 64.94 -76.89
N VAL DB 113 -39.21 64.87 -76.40
CA VAL DB 113 -38.69 63.65 -75.79
C VAL DB 113 -38.73 63.75 -74.26
N CYS DB 114 -39.49 64.70 -73.72
CA CYS DB 114 -39.58 64.86 -72.27
C CYS DB 114 -40.10 63.61 -71.59
N ARG DB 115 -40.91 62.82 -72.27
CA ARG DB 115 -41.41 61.58 -71.68
C ARG DB 115 -40.32 60.53 -71.54
N HIS DB 116 -39.24 60.62 -72.30
CA HIS DB 116 -38.12 59.69 -72.17
C HIS DB 116 -36.97 60.22 -71.36
N ASP DB 117 -36.76 61.54 -71.35
CA ASP DB 117 -35.60 62.14 -70.70
C ASP DB 117 -36.07 63.27 -69.80
N HIS DB 118 -36.09 63.02 -68.48
CA HIS DB 118 -36.56 64.00 -67.53
C HIS DB 118 -35.96 63.68 -66.17
N ALA DB 119 -35.94 64.68 -65.30
CA ALA DB 119 -35.42 64.53 -63.94
C ALA DB 119 -36.53 64.86 -62.95
N SER DB 120 -36.67 64.04 -61.92
CA SER DB 120 -37.79 64.17 -61.01
C SER DB 120 -37.32 64.65 -59.66
N ALA DB 121 -38.17 65.40 -58.95
CA ALA DB 121 -37.83 65.93 -57.64
C ALA DB 121 -38.77 65.37 -56.59
N TYR DB 122 -38.22 64.72 -55.57
CA TYR DB 122 -38.99 64.04 -54.54
C TYR DB 122 -38.69 64.63 -53.17
N LYS DB 123 -39.55 64.30 -52.22
CA LYS DB 123 -39.29 64.49 -50.80
C LYS DB 123 -39.38 63.14 -50.12
N ALA DB 124 -38.30 62.71 -49.48
CA ALA DB 124 -38.18 61.34 -48.99
C ALA DB 124 -38.19 61.34 -47.46
N HIS DB 125 -38.99 60.44 -46.88
CA HIS DB 125 -39.09 60.37 -45.44
C HIS DB 125 -39.60 59.01 -45.02
N THR DB 126 -39.32 58.65 -43.77
CA THR DB 126 -39.86 57.47 -43.09
C THR DB 126 -39.47 56.19 -43.84
N ALA DB 127 -38.18 55.93 -43.84
CA ALA DB 127 -37.64 54.76 -44.52
C ALA DB 127 -38.11 53.47 -43.87
N SER DB 128 -38.31 52.44 -44.69
CA SER DB 128 -38.72 51.13 -44.24
C SER DB 128 -37.71 50.09 -44.70
N LEU DB 129 -37.38 49.16 -43.82
CA LEU DB 129 -36.35 48.17 -44.11
C LEU DB 129 -37.00 46.86 -44.56
N LYS DB 130 -36.24 46.07 -45.32
CA LYS DB 130 -36.61 44.69 -45.55
C LYS DB 130 -35.34 43.90 -45.85
N ALA DB 131 -35.37 42.60 -45.58
CA ALA DB 131 -34.15 41.81 -45.57
C ALA DB 131 -34.44 40.42 -46.09
N LYS DB 132 -33.36 39.69 -46.39
CA LYS DB 132 -33.46 38.32 -46.88
C LYS DB 132 -32.51 37.48 -46.04
N VAL DB 133 -33.06 36.65 -45.18
CA VAL DB 133 -32.31 35.98 -44.13
C VAL DB 133 -32.28 34.49 -44.38
N ARG DB 134 -31.11 33.89 -44.22
CA ARG DB 134 -30.93 32.45 -44.34
C ARG DB 134 -30.78 31.86 -42.95
N VAL DB 135 -31.58 30.86 -42.64
CA VAL DB 135 -31.60 30.23 -41.32
C VAL DB 135 -31.41 28.74 -41.49
N MET DB 136 -30.58 28.16 -40.64
CA MET DB 136 -30.28 26.73 -40.72
C MET DB 136 -30.02 26.14 -39.35
N TYR DB 137 -30.57 24.94 -39.14
CA TYR DB 137 -30.47 24.17 -37.91
C TYR DB 137 -31.06 22.81 -38.16
N GLY DB 138 -30.44 21.78 -37.59
CA GLY DB 138 -30.91 20.43 -37.80
C GLY DB 138 -30.96 20.08 -39.27
N ASN DB 139 -32.11 19.64 -39.75
CA ASN DB 139 -32.28 19.29 -41.16
C ASN DB 139 -33.02 20.36 -41.93
N VAL DB 140 -33.18 21.55 -41.36
CA VAL DB 140 -33.88 22.65 -42.00
C VAL DB 140 -32.85 23.69 -42.42
N ASN DB 141 -32.97 24.16 -43.66
CA ASN DB 141 -32.03 25.14 -44.19
C ASN DB 141 -32.75 25.92 -45.28
N GLN DB 142 -33.11 27.16 -45.00
CA GLN DB 142 -33.93 27.91 -45.95
C GLN DB 142 -33.54 29.37 -45.97
N THR DB 143 -34.03 30.07 -46.99
CA THR DB 143 -33.80 31.49 -47.19
C THR DB 143 -35.14 32.16 -47.38
N VAL DB 144 -35.44 33.16 -46.56
CA VAL DB 144 -36.76 33.77 -46.53
C VAL DB 144 -36.65 35.28 -46.65
N ASP DB 145 -37.69 35.89 -47.18
CA ASP DB 145 -37.76 37.33 -47.37
C ASP DB 145 -38.69 37.94 -46.33
N VAL DB 146 -38.16 38.80 -45.46
CA VAL DB 146 -38.92 39.30 -44.32
C VAL DB 146 -38.81 40.81 -44.26
N TYR DB 147 -39.89 41.46 -43.82
CA TYR DB 147 -39.87 42.87 -43.48
C TYR DB 147 -39.27 43.02 -42.10
N VAL DB 148 -38.36 43.96 -41.94
CA VAL DB 148 -37.70 44.17 -40.63
C VAL DB 148 -38.49 45.27 -39.94
N ASN DB 149 -39.60 44.86 -39.33
CA ASN DB 149 -40.26 45.63 -38.30
C ASN DB 149 -41.15 44.65 -37.54
N GLY DB 150 -41.52 45.01 -36.32
CA GLY DB 150 -41.98 43.99 -35.40
C GLY DB 150 -43.34 43.41 -35.72
N ASP DB 151 -43.76 43.47 -36.98
CA ASP DB 151 -45.04 42.91 -37.37
C ASP DB 151 -44.95 42.18 -38.71
N HIS DB 152 -43.96 41.30 -38.87
CA HIS DB 152 -44.00 40.32 -39.96
C HIS DB 152 -43.48 39.00 -39.39
N ALA DB 153 -44.35 38.02 -39.27
CA ALA DB 153 -43.98 36.72 -38.77
C ALA DB 153 -43.92 35.73 -39.92
N VAL DB 154 -42.80 35.04 -40.04
CA VAL DB 154 -42.58 34.08 -41.12
C VAL DB 154 -42.30 32.73 -40.49
N THR DB 155 -42.94 31.70 -41.03
CA THR DB 155 -42.86 30.35 -40.46
C THR DB 155 -41.83 29.55 -41.24
N ILE DB 156 -40.95 28.85 -40.52
CA ILE DB 156 -39.87 28.09 -41.12
C ILE DB 156 -39.80 26.76 -40.41
N GLY DB 157 -40.28 25.70 -41.05
CA GLY DB 157 -40.22 24.38 -40.45
C GLY DB 157 -40.94 24.28 -39.12
N GLY DB 158 -42.10 24.90 -38.99
CA GLY DB 158 -42.86 24.87 -37.77
C GLY DB 158 -42.44 25.88 -36.73
N THR DB 159 -41.41 26.66 -36.98
CA THR DB 159 -40.90 27.66 -36.05
C THR DB 159 -41.24 29.05 -36.53
N GLN DB 160 -41.73 29.89 -35.63
CA GLN DB 160 -42.18 31.23 -35.99
C GLN DB 160 -41.11 32.25 -35.63
N PHE DB 161 -40.73 33.08 -36.58
CA PHE DB 161 -39.67 34.06 -36.42
C PHE DB 161 -40.26 35.46 -36.61
N ILE DB 162 -39.85 36.41 -35.78
CA ILE DB 162 -40.25 37.80 -35.93
C ILE DB 162 -39.02 38.68 -35.80
N PHE DB 163 -38.76 39.49 -36.81
CA PHE DB 163 -37.57 40.34 -36.82
C PHE DB 163 -37.95 41.75 -36.41
N GLY DB 164 -37.60 42.13 -35.18
CA GLY DB 164 -38.08 43.34 -34.60
C GLY DB 164 -37.52 44.59 -35.25
N PRO DB 165 -37.99 45.75 -34.82
CA PRO DB 165 -37.58 47.00 -35.48
C PRO DB 165 -36.09 47.22 -35.38
N LEU DB 166 -35.54 47.86 -36.42
CA LEU DB 166 -34.12 48.14 -36.44
C LEU DB 166 -33.75 49.06 -35.28
N SER DB 167 -32.55 48.84 -34.74
CA SER DB 167 -32.13 49.58 -33.55
C SER DB 167 -32.05 51.07 -33.83
N SER DB 168 -31.34 51.47 -34.87
CA SER DB 168 -31.13 52.87 -35.17
C SER DB 168 -32.03 53.32 -36.31
N ALA DB 169 -32.31 54.61 -36.34
CA ALA DB 169 -33.19 55.21 -37.33
C ALA DB 169 -32.41 56.12 -38.25
N TRP DB 170 -31.23 55.67 -38.67
CA TRP DB 170 -30.36 56.44 -39.54
C TRP DB 170 -30.76 56.20 -40.98
N THR DB 171 -30.87 57.27 -41.76
CA THR DB 171 -31.17 57.14 -43.18
C THR DB 171 -30.22 58.02 -43.98
N PRO DB 172 -29.83 57.60 -45.18
CA PRO DB 172 -28.87 58.40 -45.96
C PRO DB 172 -29.51 59.40 -46.90
N PHE DB 173 -30.83 59.39 -47.06
CA PHE DB 173 -31.51 60.32 -47.94
C PHE DB 173 -31.94 61.55 -47.15
N ASP DB 174 -31.64 62.73 -47.69
CA ASP DB 174 -32.05 63.96 -47.04
C ASP DB 174 -33.55 64.17 -47.16
N ASN DB 175 -33.99 65.34 -46.72
CA ASN DB 175 -35.41 65.66 -46.83
C ASN DB 175 -35.83 65.77 -48.29
N LYS DB 176 -35.00 66.37 -49.12
CA LYS DB 176 -35.31 66.59 -50.53
C LYS DB 176 -34.35 65.79 -51.39
N ILE DB 177 -34.82 65.37 -52.56
CA ILE DB 177 -34.09 64.44 -53.42
C ILE DB 177 -34.32 64.83 -54.87
N VAL DB 178 -33.31 64.65 -55.71
CA VAL DB 178 -33.46 64.76 -57.15
C VAL DB 178 -32.97 63.46 -57.76
N VAL DB 179 -33.78 62.85 -58.61
CA VAL DB 179 -33.48 61.56 -59.21
C VAL DB 179 -33.43 61.71 -60.72
N TYR DB 180 -32.37 61.18 -61.33
CA TYR DB 180 -32.20 61.20 -62.78
C TYR DB 180 -31.61 59.88 -63.21
N LYS DB 181 -32.32 59.15 -64.07
CA LYS DB 181 -31.90 57.84 -64.54
C LYS DB 181 -31.64 56.91 -63.36
N ASP DB 182 -30.37 56.70 -63.02
CA ASP DB 182 -30.02 55.81 -61.92
C ASP DB 182 -29.04 56.46 -60.97
N GLU DB 183 -29.14 57.77 -60.79
CA GLU DB 183 -28.30 58.49 -59.84
C GLU DB 183 -29.18 59.34 -58.95
N VAL DB 184 -28.92 59.30 -57.64
CA VAL DB 184 -29.70 60.03 -56.66
C VAL DB 184 -28.86 61.18 -56.15
N PHE DB 185 -29.38 62.39 -56.23
CA PHE DB 185 -28.69 63.56 -55.72
C PHE DB 185 -29.55 64.18 -54.63
N ASN DB 186 -28.95 64.45 -53.48
CA ASN DB 186 -29.70 65.17 -52.45
C ASN DB 186 -29.38 66.65 -52.58
N GLN DB 187 -30.41 67.43 -52.87
CA GLN DB 187 -30.32 68.79 -53.37
C GLN DB 187 -31.49 69.58 -52.81
N ASP DB 188 -31.44 70.89 -52.95
CA ASP DB 188 -32.59 71.74 -52.64
C ASP DB 188 -33.08 72.38 -53.94
N PHE DB 189 -34.22 71.93 -54.40
CA PHE DB 189 -34.78 72.47 -55.62
C PHE DB 189 -35.70 73.64 -55.32
N PRO DB 190 -35.87 74.56 -56.26
CA PRO DB 190 -36.75 75.70 -56.00
C PRO DB 190 -38.19 75.23 -55.88
N PRO DB 191 -39.01 75.95 -55.12
CA PRO DB 191 -40.42 75.56 -54.98
C PRO DB 191 -41.17 75.71 -56.28
N TYR DB 192 -42.21 74.90 -56.43
CA TYR DB 192 -42.99 74.90 -57.66
C TYR DB 192 -43.52 76.29 -57.96
N GLY DB 193 -43.49 76.67 -59.22
CA GLY DB 193 -44.01 77.95 -59.61
C GLY DB 193 -43.08 79.12 -59.38
N SER DB 194 -41.87 78.89 -58.87
CA SER DB 194 -40.94 79.96 -58.58
C SER DB 194 -39.55 79.59 -59.06
N GLY DB 195 -39.44 78.98 -60.23
CA GLY DB 195 -38.15 78.68 -60.79
C GLY DB 195 -37.46 79.92 -61.31
N GLN DB 196 -36.15 79.85 -61.42
CA GLN DB 196 -35.45 81.00 -61.94
C GLN DB 196 -34.70 80.63 -63.20
N PRO DB 197 -34.60 81.53 -64.18
CA PRO DB 197 -34.03 81.15 -65.47
C PRO DB 197 -32.57 80.75 -65.36
N GLY DB 198 -32.19 79.75 -66.14
CA GLY DB 198 -30.81 79.38 -66.26
C GLY DB 198 -30.32 78.30 -65.32
N ARG DB 199 -31.12 77.90 -64.33
CA ARG DB 199 -30.71 76.86 -63.41
C ARG DB 199 -31.75 75.75 -63.40
N PHE DB 200 -31.55 74.75 -62.53
CA PHE DB 200 -32.49 73.65 -62.46
C PHE DB 200 -33.88 74.13 -62.13
N GLY DB 201 -34.85 73.72 -62.92
CA GLY DB 201 -36.22 74.13 -62.69
C GLY DB 201 -36.64 75.39 -63.39
N ASP DB 202 -36.20 75.60 -64.63
CA ASP DB 202 -36.66 76.76 -65.39
C ASP DB 202 -38.01 76.49 -66.04
N ILE DB 203 -38.32 75.23 -66.35
CA ILE DB 203 -39.68 74.82 -66.72
C ILE DB 203 -40.07 73.66 -65.82
N GLN DB 204 -41.33 73.64 -65.40
CA GLN DB 204 -41.81 72.69 -64.41
C GLN DB 204 -43.20 72.21 -64.77
N SER DB 205 -43.48 70.94 -64.47
CA SER DB 205 -44.79 70.34 -64.64
C SER DB 205 -45.07 69.44 -63.47
N ARG DB 206 -46.35 69.31 -63.09
CA ARG DB 206 -46.68 68.50 -61.93
C ARG DB 206 -46.37 67.04 -62.15
N THR DB 207 -46.68 66.51 -63.33
CA THR DB 207 -46.33 65.15 -63.70
C THR DB 207 -46.01 65.14 -65.18
N VAL DB 208 -45.54 63.99 -65.66
CA VAL DB 208 -45.09 63.90 -67.04
C VAL DB 208 -46.24 64.06 -68.03
N GLU DB 209 -47.44 63.59 -67.69
CA GLU DB 209 -48.56 63.76 -68.61
C GLU DB 209 -49.34 65.04 -68.41
N SER DB 210 -49.08 65.80 -67.34
CA SER DB 210 -49.97 66.88 -66.95
C SER DB 210 -50.00 67.99 -68.00
N ASN DB 211 -51.18 68.58 -68.16
CA ASN DB 211 -51.40 69.57 -69.21
C ASN DB 211 -50.70 70.89 -68.90
N ASP DB 212 -50.81 71.37 -67.66
CA ASP DB 212 -50.28 72.68 -67.31
C ASP DB 212 -48.76 72.66 -67.27
N LEU DB 213 -48.17 73.86 -67.32
CA LEU DB 213 -46.72 74.01 -67.41
C LEU DB 213 -46.35 75.40 -66.94
N TYR DB 214 -45.32 75.50 -66.11
CA TYR DB 214 -44.84 76.80 -65.64
C TYR DB 214 -43.42 77.00 -66.13
N ALA DB 215 -43.22 78.01 -66.96
CA ALA DB 215 -41.92 78.21 -67.61
C ALA DB 215 -41.49 79.65 -67.49
N ASN DB 216 -40.22 79.84 -67.15
CA ASN DB 216 -39.67 81.19 -66.99
C ASN DB 216 -38.24 81.16 -67.55
N THR DB 217 -38.05 81.75 -68.72
CA THR DB 217 -36.75 81.77 -69.36
C THR DB 217 -36.41 83.11 -70.00
N ALA DB 218 -37.16 84.17 -69.70
CA ALA DB 218 -36.85 85.52 -70.15
C ALA DB 218 -36.75 85.60 -71.67
N LEU DB 219 -37.76 85.05 -72.33
CA LEU DB 219 -37.84 85.06 -73.79
C LEU DB 219 -38.20 86.46 -74.24
N LYS DB 220 -37.35 87.07 -75.07
CA LYS DB 220 -37.56 88.46 -75.45
C LYS DB 220 -37.40 88.64 -76.95
N LEU DB 221 -38.38 89.29 -77.56
CA LEU DB 221 -38.35 89.61 -78.98
C LEU DB 221 -37.48 90.83 -79.23
N ALA DB 222 -37.11 91.04 -80.49
CA ALA DB 222 -36.44 92.27 -80.88
C ALA DB 222 -36.88 92.69 -82.27
N ARG DB 223 -36.73 93.97 -82.57
CA ARG DB 223 -37.18 94.52 -83.85
C ARG DB 223 -36.37 93.91 -84.99
N PRO DB 224 -37.00 93.35 -86.01
CA PRO DB 224 -36.24 92.71 -87.09
C PRO DB 224 -35.52 93.73 -87.94
N SER DB 225 -34.44 93.28 -88.57
CA SER DB 225 -33.59 94.13 -89.38
C SER DB 225 -34.35 94.60 -90.62
N PRO DB 226 -33.95 95.73 -91.19
CA PRO DB 226 -34.62 96.22 -92.41
C PRO DB 226 -34.45 95.24 -93.56
N GLY DB 227 -35.52 95.12 -94.35
CA GLY DB 227 -35.48 94.27 -95.53
C GLY DB 227 -35.31 92.79 -95.26
N MET DB 228 -35.82 92.29 -94.15
CA MET DB 228 -35.71 90.87 -93.85
C MET DB 228 -36.96 90.42 -93.10
N VAL DB 229 -37.14 89.10 -93.04
CA VAL DB 229 -38.25 88.48 -92.34
C VAL DB 229 -37.69 87.34 -91.51
N HIS DB 230 -37.33 87.61 -90.25
CA HIS DB 230 -36.67 86.58 -89.47
C HIS DB 230 -37.11 86.45 -88.00
N VAL DB 231 -37.81 87.42 -87.43
CA VAL DB 231 -38.29 87.33 -86.04
C VAL DB 231 -37.14 87.04 -85.07
N PRO DB 232 -36.30 88.00 -84.75
CA PRO DB 232 -35.21 87.76 -83.81
C PRO DB 232 -35.68 87.70 -82.38
N TYR DB 233 -35.15 86.72 -81.66
CA TYR DB 233 -35.48 86.56 -80.25
C TYR DB 233 -34.24 86.13 -79.49
N THR DB 234 -34.24 86.42 -78.19
CA THR DB 234 -33.15 86.05 -77.29
C THR DB 234 -33.72 85.35 -76.07
N GLN DB 235 -32.96 84.40 -75.56
CA GLN DB 235 -33.45 83.54 -74.49
C GLN DB 235 -32.28 82.92 -73.75
N THR DB 236 -32.40 82.84 -72.44
CA THR DB 236 -31.37 82.21 -71.64
C THR DB 236 -31.36 80.71 -71.87
N PRO DB 237 -30.20 80.08 -72.02
CA PRO DB 237 -30.15 78.65 -72.32
C PRO DB 237 -30.86 77.81 -71.27
N SER DB 238 -30.98 76.53 -71.58
CA SER DB 238 -31.86 75.67 -70.81
C SER DB 238 -31.24 75.29 -69.47
N GLY DB 239 -31.99 75.60 -68.41
CA GLY DB 239 -31.52 75.32 -67.07
C GLY DB 239 -31.29 73.85 -66.83
N PHE DB 240 -32.11 72.99 -67.43
CA PHE DB 240 -31.84 71.57 -67.28
C PHE DB 240 -30.50 71.19 -67.89
N LYS DB 241 -30.12 71.79 -69.01
CA LYS DB 241 -28.82 71.45 -69.57
C LYS DB 241 -27.66 72.00 -68.75
N TYR DB 242 -27.78 73.21 -68.16
CA TYR DB 242 -26.73 73.58 -67.22
C TYR DB 242 -26.68 72.63 -66.04
N TRP DB 243 -27.83 72.21 -65.50
CA TRP DB 243 -27.77 71.32 -64.36
C TRP DB 243 -27.13 69.99 -64.72
N LEU DB 244 -27.44 69.48 -65.91
CA LEU DB 244 -26.91 68.18 -66.31
C LEU DB 244 -25.40 68.20 -66.35
N LYS DB 245 -24.81 69.35 -66.66
CA LYS DB 245 -23.38 69.47 -66.81
C LYS DB 245 -22.67 69.86 -65.53
N GLU DB 246 -23.29 70.68 -64.68
CA GLU DB 246 -22.63 71.12 -63.46
C GLU DB 246 -23.37 70.64 -62.22
N LYS DB 247 -23.98 69.46 -62.28
CA LYS DB 247 -24.64 68.92 -61.09
C LYS DB 247 -23.64 68.70 -59.97
N GLY DB 248 -22.53 68.06 -60.28
CA GLY DB 248 -21.52 67.81 -59.28
C GLY DB 248 -21.86 66.61 -58.43
N THR DB 249 -20.88 65.74 -58.19
CA THR DB 249 -21.02 64.62 -57.27
C THR DB 249 -22.19 63.72 -57.59
N ALA DB 250 -22.60 62.95 -56.60
CA ALA DB 250 -23.75 62.06 -56.65
C ALA DB 250 -24.05 61.67 -55.22
N LEU DB 251 -24.90 60.68 -55.04
CA LEU DB 251 -24.92 59.98 -53.77
C LEU DB 251 -24.37 58.57 -53.90
N ASN DB 252 -24.38 58.02 -55.12
CA ASN DB 252 -23.83 56.69 -55.36
C ASN DB 252 -22.39 56.60 -54.93
N THR DB 253 -21.61 57.66 -55.14
CA THR DB 253 -20.19 57.68 -54.84
C THR DB 253 -19.86 58.48 -53.59
N LYS DB 254 -20.86 58.72 -52.74
CA LYS DB 254 -20.68 59.54 -51.55
C LYS DB 254 -21.34 58.97 -50.31
N ALA DB 255 -22.25 58.02 -50.43
CA ALA DB 255 -23.06 57.60 -49.29
C ALA DB 255 -22.19 56.97 -48.21
N PRO DB 256 -22.56 57.13 -46.94
CA PRO DB 256 -21.79 56.51 -45.86
C PRO DB 256 -22.09 55.03 -45.71
N PHE DB 257 -21.30 54.38 -44.86
CA PHE DB 257 -21.44 52.97 -44.52
C PHE DB 257 -21.33 52.04 -45.72
N GLY DB 258 -20.96 52.55 -46.87
CA GLY DB 258 -20.69 51.70 -48.01
C GLY DB 258 -21.88 50.91 -48.49
N CYS DB 259 -22.98 51.59 -48.77
CA CYS DB 259 -24.19 50.94 -49.27
C CYS DB 259 -24.59 51.46 -50.64
N GLN DB 260 -24.96 50.55 -51.53
CA GLN DB 260 -25.16 50.92 -52.92
C GLN DB 260 -26.53 51.56 -53.11
N ILE DB 261 -26.58 52.61 -53.91
CA ILE DB 261 -27.83 53.30 -54.21
C ILE DB 261 -28.33 52.80 -55.55
N LYS DB 262 -29.62 52.52 -55.65
CA LYS DB 262 -30.19 52.12 -56.92
C LYS DB 262 -31.59 52.71 -57.07
N THR DB 263 -32.09 52.70 -58.30
CA THR DB 263 -33.33 53.37 -58.65
C THR DB 263 -34.32 52.35 -59.18
N ASN DB 264 -35.60 52.73 -59.23
CA ASN DB 264 -36.69 51.88 -59.68
C ASN DB 264 -36.84 50.62 -58.86
N PRO DB 265 -37.32 50.71 -57.62
CA PRO DB 265 -37.66 51.95 -56.93
C PRO DB 265 -36.43 52.51 -56.25
N VAL DB 266 -36.47 53.75 -55.75
CA VAL DB 266 -35.32 54.31 -55.07
C VAL DB 266 -35.04 53.51 -53.82
N ARG DB 267 -33.81 53.02 -53.68
CA ARG DB 267 -33.50 52.18 -52.54
C ARG DB 267 -32.01 52.18 -52.29
N ALA DB 268 -31.61 51.83 -51.07
CA ALA DB 268 -30.22 51.72 -50.69
C ALA DB 268 -29.98 50.34 -50.10
N MET DB 269 -29.03 49.60 -50.68
CA MET DB 269 -28.91 48.18 -50.38
C MET DB 269 -27.57 47.88 -49.72
N ASN DB 270 -27.63 46.93 -48.78
CA ASN DB 270 -26.46 46.38 -48.09
C ASN DB 270 -25.74 47.44 -47.26
N CYS DB 271 -26.43 47.97 -46.26
CA CYS DB 271 -25.96 49.22 -45.67
C CYS DB 271 -25.82 48.97 -44.17
N ALA DB 272 -24.62 48.60 -43.75
CA ALA DB 272 -24.40 47.92 -42.47
C ALA DB 272 -24.40 48.93 -41.33
N VAL DB 273 -25.42 48.85 -40.48
CA VAL DB 273 -25.52 49.70 -39.30
C VAL DB 273 -26.54 49.08 -38.34
N GLY DB 274 -26.19 49.05 -37.07
CA GLY DB 274 -27.17 48.72 -36.05
C GLY DB 274 -27.39 47.25 -35.81
N ASN DB 275 -28.38 47.00 -34.96
CA ASN DB 275 -28.70 45.67 -34.47
C ASN DB 275 -30.14 45.34 -34.80
N ILE DB 276 -30.43 44.04 -34.89
CA ILE DB 276 -31.75 43.54 -35.25
C ILE DB 276 -32.19 42.56 -34.16
N PRO DB 277 -33.22 42.89 -33.41
CA PRO DB 277 -33.76 41.91 -32.45
C PRO DB 277 -34.51 40.81 -33.19
N VAL DB 278 -34.46 39.61 -32.64
CA VAL DB 278 -35.15 38.45 -33.18
C VAL DB 278 -35.93 37.77 -32.08
N SER DB 279 -37.22 37.52 -32.32
CA SER DB 279 -38.04 36.75 -31.40
C SER DB 279 -38.44 35.45 -32.07
N MET DB 280 -38.47 34.38 -31.29
CA MET DB 280 -38.59 33.04 -31.81
C MET DB 280 -39.71 32.31 -31.09
N ASN DB 281 -40.28 31.33 -31.77
CA ASN DB 281 -41.21 30.42 -31.10
C ASN DB 281 -40.98 29.05 -31.75
N LEU DB 282 -40.37 28.16 -30.99
CA LEU DB 282 -39.96 26.87 -31.51
C LEU DB 282 -40.91 25.77 -31.04
N PRO DB 283 -41.11 24.74 -31.83
CA PRO DB 283 -41.91 23.60 -31.40
C PRO DB 283 -41.09 22.71 -30.48
N ASP DB 284 -41.71 21.61 -30.06
CA ASP DB 284 -41.05 20.68 -29.17
C ASP DB 284 -40.34 19.54 -29.89
N SER DB 285 -40.52 19.41 -31.20
CA SER DB 285 -39.89 18.34 -31.95
C SER DB 285 -38.52 18.70 -32.49
N ALA DB 286 -38.10 19.96 -32.38
CA ALA DB 286 -36.79 20.34 -32.86
C ALA DB 286 -35.69 19.87 -31.93
N PHE DB 287 -35.98 19.79 -30.64
CA PHE DB 287 -35.00 19.40 -29.64
C PHE DB 287 -34.85 17.88 -29.61
N THR DB 288 -33.94 17.40 -28.76
CA THR DB 288 -33.79 15.98 -28.48
C THR DB 288 -33.68 15.77 -26.98
N ARG DB 289 -34.23 14.66 -26.51
CA ARG DB 289 -34.24 14.39 -25.08
C ARG DB 289 -32.82 14.13 -24.57
N ILE DB 290 -32.54 14.62 -23.36
CA ILE DB 290 -31.21 14.51 -22.80
C ILE DB 290 -30.84 13.06 -22.54
N VAL DB 291 -31.82 12.18 -22.40
CA VAL DB 291 -31.52 10.76 -22.27
C VAL DB 291 -30.91 10.23 -23.56
N GLU DB 292 -31.47 10.60 -24.70
CA GLU DB 292 -30.95 10.11 -25.98
C GLU DB 292 -29.66 10.82 -26.35
N ALA DB 293 -29.50 12.07 -25.96
CA ALA DB 293 -28.26 12.77 -26.25
C ALA DB 293 -27.11 12.18 -25.46
N PRO DB 294 -25.90 12.20 -26.01
CA PRO DB 294 -24.74 11.65 -25.30
C PRO DB 294 -24.41 12.48 -24.07
N THR DB 295 -23.74 11.85 -23.12
CA THR DB 295 -23.29 12.50 -21.90
C THR DB 295 -21.79 12.71 -21.95
N ILE DB 296 -21.35 13.95 -21.75
CA ILE DB 296 -19.96 14.32 -21.86
C ILE DB 296 -19.48 14.80 -20.49
N ILE DB 297 -18.40 14.20 -20.01
CA ILE DB 297 -17.84 14.54 -18.71
C ILE DB 297 -16.35 14.75 -18.85
N ASP DB 298 -15.79 15.56 -17.96
CA ASP DB 298 -14.34 15.78 -17.87
C ASP DB 298 -13.80 16.31 -19.19
N LEU DB 299 -14.26 17.51 -19.52
CA LEU DB 299 -13.97 18.13 -20.80
C LEU DB 299 -12.82 19.11 -20.65
N THR DB 300 -11.81 18.97 -21.51
CA THR DB 300 -10.63 19.82 -21.46
C THR DB 300 -10.39 20.46 -22.81
N CYS DB 301 -10.01 21.73 -22.79
CA CYS DB 301 -9.71 22.52 -23.97
C CYS DB 301 -8.21 22.75 -24.07
N THR DB 302 -7.66 22.56 -25.26
CA THR DB 302 -6.28 22.91 -25.54
C THR DB 302 -6.22 23.62 -26.88
N VAL DB 303 -5.64 24.81 -26.89
CA VAL DB 303 -5.50 25.60 -28.11
C VAL DB 303 -4.16 25.26 -28.74
N ALA DB 304 -4.18 24.97 -30.04
CA ALA DB 304 -2.93 24.57 -30.69
C ALA DB 304 -2.19 25.76 -31.26
N THR DB 305 -2.82 26.48 -32.18
CA THR DB 305 -2.22 27.63 -32.83
C THR DB 305 -3.24 28.75 -32.92
N CYS DB 306 -2.76 29.98 -33.03
CA CYS DB 306 -3.65 31.13 -33.13
C CYS DB 306 -3.01 32.22 -33.97
N THR DB 307 -3.84 33.02 -34.61
CA THR DB 307 -3.37 34.23 -35.29
C THR DB 307 -4.59 35.13 -35.50
N HIS DB 308 -4.59 36.30 -34.86
CA HIS DB 308 -5.77 37.15 -34.91
C HIS DB 308 -5.85 37.83 -36.27
N SER DB 309 -6.26 37.06 -37.25
CA SER DB 309 -6.47 37.55 -38.61
C SER DB 309 -7.94 37.51 -38.95
N SER DB 310 -8.29 38.11 -40.09
CA SER DB 310 -9.69 38.21 -40.47
C SER DB 310 -10.30 36.85 -40.74
N ASP DB 311 -9.56 35.95 -41.35
CA ASP DB 311 -10.07 34.61 -41.62
C ASP DB 311 -10.07 33.80 -40.34
N PHE DB 312 -10.35 32.51 -40.43
CA PHE DB 312 -10.47 31.67 -39.24
C PHE DB 312 -9.10 31.10 -38.92
N GLY DB 313 -8.45 31.67 -37.91
CA GLY DB 313 -7.07 31.35 -37.65
C GLY DB 313 -6.73 30.85 -36.26
N GLY DB 314 -7.54 29.98 -35.70
CA GLY DB 314 -7.18 29.29 -34.48
C GLY DB 314 -7.80 27.91 -34.43
N VAL DB 315 -7.05 26.96 -33.88
CA VAL DB 315 -7.47 25.57 -33.84
C VAL DB 315 -7.61 25.14 -32.39
N LEU DB 316 -8.78 24.62 -32.04
CA LEU DB 316 -9.05 24.12 -30.70
C LEU DB 316 -9.17 22.61 -30.74
N THR DB 317 -8.63 21.96 -29.71
CA THR DB 317 -8.77 20.54 -29.52
C THR DB 317 -9.43 20.29 -28.19
N LEU DB 318 -10.58 19.62 -28.21
CA LEU DB 318 -11.29 19.27 -27.00
C LEU DB 318 -11.14 17.77 -26.78
N THR DB 319 -10.76 17.41 -25.56
CA THR DB 319 -10.66 16.02 -25.14
C THR DB 319 -11.70 15.74 -24.07
N TYR DB 320 -12.35 14.58 -24.16
CA TYR DB 320 -13.51 14.31 -23.34
C TYR DB 320 -13.65 12.81 -23.16
N LYS DB 321 -14.70 12.41 -22.44
CA LYS DB 321 -15.10 11.02 -22.32
C LYS DB 321 -16.60 10.93 -22.50
N THR DB 322 -17.06 9.88 -23.18
CA THR DB 322 -18.47 9.68 -23.45
C THR DB 322 -18.83 8.22 -23.25
N ASP DB 323 -20.14 7.96 -23.09
CA ASP DB 323 -20.62 6.58 -23.03
C ASP DB 323 -21.07 6.10 -24.40
N LYS DB 324 -21.72 6.97 -25.16
CA LYS DB 324 -22.20 6.64 -26.48
C LYS DB 324 -21.79 7.73 -27.45
N ASN DB 325 -21.74 7.39 -28.72
CA ASN DB 325 -21.30 8.29 -29.77
C ASN DB 325 -22.50 8.90 -30.49
N GLY DB 326 -22.43 10.20 -30.77
CA GLY DB 326 -23.53 10.89 -31.41
C GLY DB 326 -23.19 12.30 -31.84
N ASP DB 327 -24.17 13.19 -31.74
CA ASP DB 327 -24.03 14.56 -32.21
C ASP DB 327 -24.16 15.53 -31.04
N CYS DB 328 -23.21 16.46 -30.95
CA CYS DB 328 -23.31 17.59 -30.02
C CYS DB 328 -23.39 18.90 -30.78
N SER DB 329 -23.87 19.91 -30.09
CA SER DB 329 -23.95 21.27 -30.61
C SER DB 329 -23.00 22.15 -29.80
N VAL DB 330 -21.81 22.41 -30.35
CA VAL DB 330 -20.82 23.22 -29.68
C VAL DB 330 -21.22 24.67 -29.70
N HIS DB 331 -20.64 25.47 -28.82
CA HIS DB 331 -20.85 26.91 -28.85
C HIS DB 331 -19.80 27.61 -28.01
N SER DB 332 -19.62 28.91 -28.29
CA SER DB 332 -18.74 29.78 -27.53
C SER DB 332 -19.56 30.83 -26.82
N HIS DB 333 -19.36 30.97 -25.51
CA HIS DB 333 -20.16 31.89 -24.71
C HIS DB 333 -19.55 33.26 -24.60
N SER DB 334 -18.81 33.70 -25.62
CA SER DB 334 -18.28 35.05 -25.66
C SER DB 334 -18.28 35.53 -27.10
N ASN DB 335 -18.19 36.85 -27.28
CA ASN DB 335 -18.02 37.39 -28.61
C ASN DB 335 -16.56 37.61 -28.98
N VAL DB 336 -15.63 37.31 -28.06
CA VAL DB 336 -14.22 37.45 -28.39
C VAL DB 336 -13.83 36.48 -29.49
N ALA DB 337 -14.32 35.25 -29.40
CA ALA DB 337 -14.00 34.20 -30.35
C ALA DB 337 -15.26 33.71 -31.03
N THR DB 338 -15.19 33.55 -32.35
CA THR DB 338 -16.31 33.05 -33.12
C THR DB 338 -15.95 31.68 -33.69
N LEU DB 339 -16.78 30.68 -33.42
CA LEU DB 339 -16.53 29.35 -33.95
C LEU DB 339 -16.90 29.28 -35.42
N GLN DB 340 -16.43 28.22 -36.08
CA GLN DB 340 -16.79 28.01 -37.47
C GLN DB 340 -18.01 27.14 -37.63
N GLU DB 341 -18.06 26.02 -36.93
CA GLU DB 341 -19.14 25.06 -37.08
C GLU DB 341 -19.96 25.01 -35.81
N ALA DB 342 -21.24 24.67 -35.95
CA ALA DB 342 -22.16 24.64 -34.84
C ALA DB 342 -22.60 23.23 -34.48
N THR DB 343 -21.88 22.22 -34.95
CA THR DB 343 -22.24 20.85 -34.61
C THR DB 343 -21.02 19.96 -34.81
N ALA DB 344 -20.80 19.06 -33.87
CA ALA DB 344 -19.67 18.15 -33.96
C ALA DB 344 -20.14 16.73 -33.73
N LYS DB 345 -19.45 15.79 -34.36
CA LYS DB 345 -19.72 14.37 -34.20
C LYS DB 345 -18.77 13.82 -33.14
N VAL DB 346 -19.30 13.49 -31.98
CA VAL DB 346 -18.48 12.97 -30.90
C VAL DB 346 -18.33 11.47 -31.10
N LYS DB 347 -17.19 10.94 -30.67
CA LYS DB 347 -16.94 9.52 -30.76
C LYS DB 347 -16.10 9.07 -29.59
N THR DB 348 -16.05 7.76 -29.37
CA THR DB 348 -15.36 7.20 -28.22
C THR DB 348 -13.86 7.50 -28.25
N ALA DB 349 -13.31 7.82 -29.42
CA ALA DB 349 -11.88 8.12 -29.53
C ALA DB 349 -11.48 9.31 -28.67
N GLY DB 350 -12.43 10.16 -28.30
CA GLY DB 350 -12.18 11.25 -27.38
C GLY DB 350 -11.22 12.33 -27.85
N LYS DB 351 -11.42 12.81 -29.08
CA LYS DB 351 -10.66 13.97 -29.55
C LYS DB 351 -11.43 14.64 -30.68
N VAL DB 352 -11.80 15.90 -30.46
CA VAL DB 352 -12.50 16.67 -31.50
C VAL DB 352 -11.76 17.98 -31.69
N THR DB 353 -11.88 18.55 -32.88
CA THR DB 353 -11.20 19.80 -33.20
C THR DB 353 -12.17 20.78 -33.84
N LEU DB 354 -11.95 22.07 -33.55
CA LEU DB 354 -12.79 23.14 -34.06
C LEU DB 354 -11.90 24.26 -34.57
N HIS DB 355 -12.46 25.10 -35.43
CA HIS DB 355 -11.79 26.29 -35.91
C HIS DB 355 -12.49 27.51 -35.37
N PHE DB 356 -11.71 28.53 -35.03
CA PHE DB 356 -12.29 29.76 -34.51
C PHE DB 356 -11.50 30.96 -35.03
N SER DB 357 -12.14 32.12 -34.99
CA SER DB 357 -11.53 33.38 -35.37
C SER DB 357 -11.65 34.36 -34.23
N THR DB 358 -10.57 35.09 -33.96
CA THR DB 358 -10.52 36.01 -32.83
C THR DB 358 -9.76 37.25 -33.25
N ALA DB 359 -9.81 38.29 -32.42
CA ALA DB 359 -9.15 39.54 -32.76
C ALA DB 359 -8.43 40.17 -31.57
N SER DB 360 -8.02 39.39 -30.59
CA SER DB 360 -7.31 39.91 -29.43
C SER DB 360 -6.04 39.11 -29.21
N ALA DB 361 -5.04 39.77 -28.62
CA ALA DB 361 -3.75 39.12 -28.44
C ALA DB 361 -3.86 37.93 -27.49
N SER DB 362 -4.67 38.05 -26.44
CA SER DB 362 -4.81 37.00 -25.44
C SER DB 362 -6.29 36.75 -25.16
N PRO DB 363 -6.96 35.97 -26.01
CA PRO DB 363 -8.39 35.70 -25.80
C PRO DB 363 -8.62 34.61 -24.77
N SER DB 364 -9.79 34.66 -24.15
CA SER DB 364 -10.19 33.68 -23.16
C SER DB 364 -11.71 33.52 -23.21
N PHE DB 365 -12.18 32.30 -23.45
CA PHE DB 365 -13.61 32.12 -23.65
C PHE DB 365 -14.03 30.74 -23.17
N VAL DB 366 -15.33 30.58 -22.93
CA VAL DB 366 -15.89 29.34 -22.42
C VAL DB 366 -16.57 28.63 -23.58
N VAL DB 367 -16.08 27.44 -23.91
CA VAL DB 367 -16.63 26.64 -25.00
C VAL DB 367 -17.37 25.45 -24.42
N SER DB 368 -18.50 25.13 -25.03
CA SER DB 368 -19.40 24.11 -24.52
C SER DB 368 -19.70 23.08 -25.58
N LEU DB 369 -19.70 21.82 -25.18
CA LEU DB 369 -19.99 20.68 -26.04
C LEU DB 369 -21.14 19.90 -25.42
N CYS DB 370 -22.21 19.70 -26.19
CA CYS DB 370 -23.47 19.23 -25.60
C CYS DB 370 -23.77 19.97 -24.30
N SER DB 371 -23.67 19.27 -23.19
CA SER DB 371 -24.02 19.85 -21.90
C SER DB 371 -22.81 20.21 -21.05
N ALA DB 372 -21.61 19.77 -21.40
CA ALA DB 372 -20.43 20.05 -20.60
C ALA DB 372 -19.99 21.49 -20.79
N ARG DB 373 -18.89 21.86 -20.16
CA ARG DB 373 -18.38 23.22 -20.26
C ARG DB 373 -16.89 23.21 -19.99
N ALA DB 374 -16.15 24.08 -20.67
CA ALA DB 374 -14.72 24.17 -20.41
C ALA DB 374 -14.23 25.53 -20.84
N THR DB 375 -13.01 25.87 -20.41
CA THR DB 375 -12.43 27.19 -20.65
C THR DB 375 -11.21 27.07 -21.55
N CYS DB 376 -11.05 28.03 -22.46
CA CYS DB 376 -9.94 28.04 -23.41
C CYS DB 376 -9.22 29.37 -23.27
N SER DB 377 -7.89 29.30 -23.16
CA SER DB 377 -7.03 30.48 -23.12
C SER DB 377 -5.85 30.27 -24.04
N ALA DB 378 -5.41 31.33 -24.69
CA ALA DB 378 -4.46 31.20 -25.78
C ALA DB 378 -3.60 32.45 -25.87
N SER DB 379 -2.50 32.34 -26.63
CA SER DB 379 -1.66 33.46 -26.99
C SER DB 379 -1.56 33.51 -28.51
N CYS DB 380 -1.94 34.64 -29.10
CA CYS DB 380 -1.98 34.76 -30.55
C CYS DB 380 -0.98 35.81 -31.03
N GLU DB 381 -0.36 35.54 -32.18
CA GLU DB 381 0.66 36.38 -32.78
C GLU DB 381 0.12 37.05 -34.04
N PRO DB 382 0.60 38.25 -34.34
CA PRO DB 382 0.00 39.06 -35.40
C PRO DB 382 0.22 38.45 -36.77
N PRO DB 383 -0.60 38.80 -37.75
CA PRO DB 383 -0.38 38.36 -39.12
C PRO DB 383 0.50 39.33 -39.89
N LYS DB 384 0.91 38.88 -41.09
CA LYS DB 384 1.85 39.66 -41.89
C LYS DB 384 1.20 40.36 -43.07
N ASP DB 385 0.05 39.88 -43.54
CA ASP DB 385 -0.59 40.47 -44.70
C ASP DB 385 -1.22 41.81 -44.34
N HIS DB 386 -0.78 42.87 -45.02
CA HIS DB 386 -1.31 44.19 -44.70
C HIS DB 386 -2.75 44.34 -45.15
N ILE DB 387 -3.07 43.89 -46.36
CA ILE DB 387 -4.39 44.07 -46.95
C ILE DB 387 -4.94 42.73 -47.40
N VAL DB 388 -6.23 42.52 -47.17
CA VAL DB 388 -6.91 41.33 -47.63
C VAL DB 388 -8.21 41.75 -48.31
N PRO DB 389 -8.75 40.98 -49.25
CA PRO DB 389 -9.96 41.40 -49.98
C PRO DB 389 -11.27 40.95 -49.40
N TYR DB 390 -11.33 40.43 -48.17
CA TYR DB 390 -12.59 40.00 -47.58
C TYR DB 390 -12.77 40.64 -46.21
N ALA DB 391 -14.03 40.94 -45.89
CA ALA DB 391 -14.34 41.54 -44.60
C ALA DB 391 -14.06 40.55 -43.47
N ALA DB 392 -13.67 41.09 -42.32
CA ALA DB 392 -13.28 40.26 -41.20
C ALA DB 392 -14.47 39.51 -40.63
N SER DB 393 -14.21 38.37 -40.01
CA SER DB 393 -15.25 37.53 -39.43
C SER DB 393 -15.21 37.47 -37.91
N HIS DB 394 -14.47 38.36 -37.27
CA HIS DB 394 -14.48 38.42 -35.82
C HIS DB 394 -15.39 39.56 -35.37
N SER DB 395 -15.59 39.67 -34.06
CA SER DB 395 -16.45 40.72 -33.54
C SER DB 395 -15.71 42.02 -33.33
N ASN DB 396 -14.41 42.06 -33.60
CA ASN DB 396 -13.57 43.25 -33.47
C ASN DB 396 -13.52 43.74 -32.02
N VAL DB 397 -13.04 42.86 -31.14
CA VAL DB 397 -12.75 43.19 -29.75
C VAL DB 397 -11.26 43.02 -29.54
N VAL DB 398 -10.63 43.95 -28.84
CA VAL DB 398 -9.17 43.98 -28.78
C VAL DB 398 -8.67 43.73 -27.38
N PHE DB 399 -9.45 44.11 -26.38
CA PHE DB 399 -8.98 44.08 -25.00
C PHE DB 399 -8.59 42.67 -24.59
N PRO DB 400 -7.37 42.46 -24.11
CA PRO DB 400 -6.94 41.12 -23.71
C PRO DB 400 -7.59 40.69 -22.41
N ASP DB 401 -7.46 39.40 -22.12
CA ASP DB 401 -7.98 38.87 -20.87
C ASP DB 401 -7.13 39.34 -19.69
N MET DB 402 -7.76 39.39 -18.53
CA MET DB 402 -7.08 39.86 -17.32
C MET DB 402 -5.90 38.97 -16.93
N SER DB 403 -5.89 37.72 -17.38
CA SER DB 403 -4.80 36.80 -17.09
C SER DB 403 -3.72 36.81 -18.18
N GLY DB 404 -3.85 37.67 -19.18
CA GLY DB 404 -2.87 37.72 -20.25
C GLY DB 404 -1.55 38.25 -19.78
N THR DB 405 -0.55 38.17 -20.67
CA THR DB 405 0.82 38.49 -20.28
C THR DB 405 0.96 39.94 -19.85
N ALA DB 406 0.44 40.87 -20.66
CA ALA DB 406 0.58 42.28 -20.33
C ALA DB 406 -0.12 42.61 -19.02
N LEU DB 407 -1.36 42.15 -18.86
CA LEU DB 407 -2.04 42.42 -17.61
C LEU DB 407 -1.46 41.59 -16.47
N SER DB 408 -0.76 40.49 -16.77
CA SER DB 408 -0.02 39.81 -15.71
C SER DB 408 1.10 40.68 -15.17
N TRP DB 409 1.84 41.34 -16.06
CA TRP DB 409 2.87 42.27 -15.60
C TRP DB 409 2.24 43.39 -14.79
N VAL DB 410 1.13 43.95 -15.26
CA VAL DB 410 0.49 45.03 -14.53
C VAL DB 410 0.01 44.57 -13.17
N GLN DB 411 -0.55 43.36 -13.09
CA GLN DB 411 -0.99 42.81 -11.81
C GLN DB 411 0.17 42.67 -10.84
N LYS DB 412 1.30 42.15 -11.32
CA LYS DB 412 2.42 41.97 -10.40
C LYS DB 412 2.95 43.31 -9.91
N ILE DB 413 3.09 44.29 -10.79
CA ILE DB 413 3.58 45.60 -10.35
C ILE DB 413 2.63 46.22 -9.34
N SER DB 414 1.33 46.18 -9.63
CA SER DB 414 0.36 46.78 -8.72
C SER DB 414 0.35 46.06 -7.38
N GLY DB 415 0.46 44.73 -7.40
CA GLY DB 415 0.51 43.99 -6.16
C GLY DB 415 1.71 44.38 -5.32
N GLY DB 416 2.88 44.52 -5.95
CA GLY DB 416 4.05 44.93 -5.20
C GLY DB 416 3.89 46.30 -4.57
N LEU DB 417 3.43 47.27 -5.36
CA LEU DB 417 3.31 48.63 -4.83
C LEU DB 417 2.24 48.70 -3.74
N GLY DB 418 1.13 47.97 -3.92
CA GLY DB 418 0.10 47.95 -2.90
C GLY DB 418 0.58 47.31 -1.60
N ALA DB 419 1.36 46.24 -1.71
CA ALA DB 419 1.91 45.64 -0.49
C ALA DB 419 2.83 46.62 0.22
N PHE DB 420 3.64 47.35 -0.53
CA PHE DB 420 4.54 48.33 0.09
C PHE DB 420 3.74 49.40 0.82
N ALA DB 421 2.68 49.91 0.18
CA ALA DB 421 1.86 50.93 0.81
C ALA DB 421 1.14 50.40 2.04
N ILE DB 422 0.68 49.15 1.98
CA ILE DB 422 0.00 48.57 3.13
C ILE DB 422 0.96 48.42 4.31
N GLY DB 423 2.20 48.02 4.03
CA GLY DB 423 3.20 47.97 5.10
C GLY DB 423 3.42 49.34 5.73
N ALA DB 424 3.52 50.37 4.89
CA ALA DB 424 3.69 51.72 5.46
C ALA DB 424 2.51 52.11 6.32
N ILE DB 425 1.28 51.78 5.88
CA ILE DB 425 0.10 52.09 6.68
C ILE DB 425 0.16 51.37 8.02
N LEU DB 426 0.57 50.11 8.02
CA LEU DB 426 0.68 49.37 9.28
C LEU DB 426 1.69 50.01 10.22
N VAL DB 427 2.84 50.44 9.69
CA VAL DB 427 3.84 51.06 10.55
C VAL DB 427 3.29 52.34 11.16
N LEU DB 428 2.65 53.17 10.34
CA LEU DB 428 2.09 54.41 10.88
C LEU DB 428 1.03 54.13 11.93
N VAL DB 429 0.17 53.14 11.70
CA VAL DB 429 -0.89 52.85 12.66
C VAL DB 429 -0.30 52.37 13.98
N VAL DB 430 0.71 51.49 13.93
CA VAL DB 430 1.30 50.99 15.16
C VAL DB 430 1.97 52.12 15.94
N VAL DB 431 2.69 53.00 15.23
CA VAL DB 431 3.34 54.12 15.92
C VAL DB 431 2.30 55.01 16.58
N THR DB 432 1.21 55.31 15.87
CA THR DB 432 0.19 56.17 16.48
C THR DB 432 -0.49 55.51 17.66
N CYS DB 433 -0.72 54.19 17.60
CA CYS DB 433 -1.30 53.52 18.77
C CYS DB 433 -0.36 53.57 19.97
N ILE DB 434 0.94 53.37 19.75
CA ILE DB 434 1.89 53.49 20.85
C ILE DB 434 1.87 54.91 21.40
N GLY DB 435 1.81 55.91 20.52
CA GLY DB 435 1.76 57.28 20.97
C GLY DB 435 0.54 57.56 21.83
N LEU DB 436 -0.62 57.04 21.42
CA LEU DB 436 -1.82 57.22 22.24
C LEU DB 436 -1.71 56.51 23.58
N ARG DB 437 -1.17 55.30 23.60
CA ARG DB 437 -1.05 54.59 24.87
C ARG DB 437 -0.05 55.25 25.80
N ARG DB 438 0.97 55.91 25.27
CA ARG DB 438 1.86 56.73 26.07
C ARG DB 438 1.15 58.02 26.46
N HIS EB 1 -133.74 53.51 -56.65
CA HIS EB 1 -133.13 54.61 -55.90
C HIS EB 1 -131.92 55.19 -56.64
N PHE EB 2 -131.16 56.03 -55.93
CA PHE EB 2 -130.01 56.67 -56.53
C PHE EB 2 -128.90 55.66 -56.79
N ASN EB 3 -128.11 55.93 -57.84
CA ASN EB 3 -127.00 55.06 -58.22
C ASN EB 3 -125.72 55.87 -58.36
N VAL EB 4 -125.38 56.63 -57.32
CA VAL EB 4 -124.29 57.62 -57.34
C VAL EB 4 -123.03 57.07 -58.01
N TYR EB 5 -122.80 55.78 -57.91
CA TYR EB 5 -121.66 55.18 -58.60
C TYR EB 5 -121.93 54.98 -60.08
N LYS EB 6 -122.33 56.03 -60.77
CA LYS EB 6 -122.32 56.06 -62.22
C LYS EB 6 -121.41 57.14 -62.78
N ALA EB 7 -121.18 58.22 -62.03
CA ALA EB 7 -120.30 59.30 -62.46
C ALA EB 7 -118.88 59.12 -61.95
N THR EB 8 -118.55 57.94 -61.44
CA THR EB 8 -117.20 57.65 -60.99
C THR EB 8 -116.63 56.53 -61.83
N ARG EB 9 -115.33 56.62 -62.10
CA ARG EB 9 -114.62 55.64 -62.88
C ARG EB 9 -113.33 55.26 -62.19
N PRO EB 10 -112.85 54.03 -62.39
CA PRO EB 10 -111.53 53.67 -61.88
C PRO EB 10 -110.45 54.45 -62.60
N TYR EB 11 -109.34 54.67 -61.90
CA TYR EB 11 -108.21 55.36 -62.49
C TYR EB 11 -106.96 54.53 -62.22
N ILE EB 12 -105.85 54.96 -62.81
CA ILE EB 12 -104.56 54.32 -62.60
C ILE EB 12 -103.65 55.32 -61.93
N ALA EB 13 -103.01 54.91 -60.85
CA ALA EB 13 -102.12 55.79 -60.10
C ALA EB 13 -100.76 55.11 -59.95
N TYR EB 14 -99.92 55.73 -59.14
CA TYR EB 14 -98.53 55.30 -58.98
C TYR EB 14 -98.38 54.57 -57.65
N CYS EB 15 -97.84 53.37 -57.69
CA CYS EB 15 -97.63 52.56 -56.50
C CYS EB 15 -96.15 52.51 -56.17
N ALA EB 16 -95.83 52.43 -54.89
CA ALA EB 16 -94.44 52.49 -54.46
C ALA EB 16 -93.64 51.33 -55.03
N ASP EB 17 -94.20 50.13 -54.95
CA ASP EB 17 -93.63 48.97 -55.64
C ASP EB 17 -94.74 47.98 -55.92
N CYS EB 18 -94.52 47.11 -56.90
CA CYS EB 18 -95.54 46.19 -57.36
C CYS EB 18 -95.28 44.78 -56.86
N GLY EB 19 -94.87 44.65 -55.62
CA GLY EB 19 -94.65 43.34 -55.04
C GLY EB 19 -93.35 42.70 -55.44
N ALA EB 20 -92.49 43.40 -56.16
CA ALA EB 20 -91.22 42.83 -56.59
C ALA EB 20 -90.05 43.78 -56.45
N GLY EB 21 -90.26 45.00 -55.96
CA GLY EB 21 -89.19 45.95 -55.81
C GLY EB 21 -89.04 46.96 -56.94
N HIS EB 22 -90.01 47.06 -57.83
CA HIS EB 22 -89.99 48.06 -58.88
C HIS EB 22 -91.33 48.78 -58.93
N SER EB 23 -91.29 50.04 -59.34
CA SER EB 23 -92.46 50.90 -59.30
C SER EB 23 -93.03 51.07 -60.70
N CYS EB 24 -94.32 50.83 -60.85
CA CYS EB 24 -94.99 51.13 -62.11
C CYS EB 24 -96.43 51.50 -61.82
N HIS EB 25 -97.03 52.23 -62.75
CA HIS EB 25 -98.39 52.73 -62.59
C HIS EB 25 -99.35 51.55 -62.59
N SER EB 26 -99.92 51.25 -61.44
CA SER EB 26 -100.80 50.10 -61.33
C SER EB 26 -102.25 50.54 -61.18
N PRO EB 27 -103.20 49.69 -61.57
CA PRO EB 27 -104.61 50.02 -61.37
C PRO EB 27 -105.14 49.71 -59.97
N VAL EB 28 -104.27 49.29 -59.06
CA VAL EB 28 -104.71 48.87 -57.73
C VAL EB 28 -103.99 49.70 -56.66
N ALA EB 29 -103.73 50.97 -56.97
CA ALA EB 29 -102.98 51.82 -56.07
C ALA EB 29 -103.68 51.95 -54.71
N ILE EB 30 -102.89 52.02 -53.66
CA ILE EB 30 -103.39 52.02 -52.28
C ILE EB 30 -103.39 53.45 -51.76
N GLU EB 31 -104.56 53.94 -51.39
CA GLU EB 31 -104.69 55.24 -50.76
C GLU EB 31 -104.64 55.04 -49.25
N ALA EB 32 -105.03 56.06 -48.48
CA ALA EB 32 -104.86 56.03 -47.04
C ALA EB 32 -105.58 54.86 -46.40
N VAL EB 33 -105.00 54.34 -45.32
CA VAL EB 33 -105.54 53.22 -44.57
C VAL EB 33 -106.05 53.75 -43.24
N ARG EB 34 -107.34 53.64 -43.00
CA ARG EB 34 -107.96 54.12 -41.77
C ARG EB 34 -108.22 52.94 -40.84
N SER EB 35 -107.79 53.07 -39.58
CA SER EB 35 -107.90 51.97 -38.63
C SER EB 35 -108.35 52.46 -37.27
N GLU EB 36 -109.38 53.30 -37.23
CA GLU EB 36 -109.89 53.82 -35.96
C GLU EB 36 -110.93 52.92 -35.33
N ALA EB 37 -110.91 51.63 -35.65
CA ALA EB 37 -111.86 50.66 -35.08
C ALA EB 37 -111.23 49.99 -33.88
N THR EB 38 -111.99 49.89 -32.80
CA THR EB 38 -111.41 49.44 -31.53
C THR EB 38 -111.04 47.97 -31.57
N ASP EB 39 -111.88 47.12 -32.15
CA ASP EB 39 -111.53 45.71 -32.21
C ASP EB 39 -110.46 45.41 -33.25
N GLY EB 40 -110.12 46.38 -34.10
CA GLY EB 40 -109.00 46.20 -35.01
C GLY EB 40 -109.34 45.71 -36.39
N MET EB 41 -110.16 46.46 -37.12
CA MET EB 41 -110.60 46.09 -38.46
C MET EB 41 -110.35 47.26 -39.40
N LEU EB 42 -109.55 47.02 -40.44
CA LEU EB 42 -109.02 48.08 -41.28
C LEU EB 42 -109.96 48.39 -42.44
N LYS EB 43 -109.94 49.64 -42.88
CA LYS EB 43 -110.69 50.10 -44.05
C LYS EB 43 -109.67 50.52 -45.10
N ILE EB 44 -109.26 49.56 -45.93
CA ILE EB 44 -108.30 49.87 -46.97
C ILE EB 44 -109.03 50.51 -48.14
N GLN EB 45 -108.32 51.32 -48.92
CA GLN EB 45 -108.89 52.02 -50.06
C GLN EB 45 -108.09 51.72 -51.31
N PHE EB 46 -108.73 51.15 -52.33
CA PHE EB 46 -108.10 50.99 -53.63
C PHE EB 46 -108.08 52.30 -54.40
N SER EB 47 -107.56 52.19 -55.62
CA SER EB 47 -107.79 53.13 -56.70
C SER EB 47 -108.85 52.66 -57.67
N ALA EB 48 -109.02 51.35 -57.82
CA ALA EB 48 -110.01 50.79 -58.73
C ALA EB 48 -111.20 50.31 -57.92
N GLN EB 49 -112.37 50.87 -58.21
CA GLN EB 49 -113.56 50.58 -57.43
C GLN EB 49 -114.10 49.19 -57.73
N ILE EB 50 -114.88 48.67 -56.79
CA ILE EB 50 -115.19 47.25 -56.72
C ILE EB 50 -116.69 47.06 -56.58
N GLY EB 51 -117.16 45.88 -56.94
CA GLY EB 51 -118.57 45.54 -56.79
C GLY EB 51 -119.47 46.05 -57.88
N ILE EB 52 -118.93 46.64 -58.94
CA ILE EB 52 -119.72 47.19 -60.04
C ILE EB 52 -119.10 46.75 -61.35
N ASP EB 53 -119.95 46.35 -62.30
CA ASP EB 53 -119.46 45.89 -63.58
C ASP EB 53 -119.09 47.07 -64.47
N LYS EB 54 -118.65 46.75 -65.69
CA LYS EB 54 -118.29 47.79 -66.65
C LYS EB 54 -119.51 48.62 -67.05
N SER EB 55 -120.70 48.01 -66.99
CA SER EB 55 -121.93 48.64 -67.43
C SER EB 55 -122.68 49.39 -66.32
N ASP EB 56 -122.01 49.75 -65.23
CA ASP EB 56 -122.63 50.50 -64.13
C ASP EB 56 -123.86 49.77 -63.57
N ASN EB 57 -123.70 48.48 -63.25
CA ASN EB 57 -124.75 47.71 -62.63
C ASN EB 57 -124.20 46.99 -61.39
N HIS EB 58 -124.97 47.03 -60.32
CA HIS EB 58 -124.52 46.48 -59.05
C HIS EB 58 -124.40 44.97 -59.17
N ASP EB 59 -123.17 44.47 -59.24
CA ASP EB 59 -122.92 43.05 -59.42
C ASP EB 59 -121.93 42.58 -58.37
N TYR EB 60 -122.27 41.48 -57.70
CA TYR EB 60 -121.38 40.95 -56.68
C TYR EB 60 -120.23 40.13 -57.26
N THR EB 61 -120.02 40.18 -58.57
CA THR EB 61 -119.00 39.36 -59.21
C THR EB 61 -118.03 40.15 -60.07
N LYS EB 62 -118.45 41.22 -60.74
CA LYS EB 62 -117.57 41.99 -61.58
C LYS EB 62 -117.00 43.17 -60.79
N ILE EB 63 -115.69 43.36 -60.91
CA ILE EB 63 -115.02 44.50 -60.28
C ILE EB 63 -114.39 45.35 -61.38
N ARG EB 64 -114.65 46.65 -61.34
CA ARG EB 64 -114.14 47.54 -62.36
C ARG EB 64 -112.67 47.83 -62.11
N TYR EB 65 -111.96 48.13 -63.20
CA TYR EB 65 -110.59 48.61 -63.09
C TYR EB 65 -110.19 49.23 -64.42
N ALA EB 66 -109.28 50.19 -64.35
CA ALA EB 66 -108.92 50.99 -65.52
C ALA EB 66 -107.68 50.42 -66.20
N ASP EB 67 -107.61 50.62 -67.52
CA ASP EB 67 -106.49 50.16 -68.33
C ASP EB 67 -106.54 50.96 -69.65
N GLY EB 68 -105.53 51.80 -69.85
CA GLY EB 68 -105.42 52.61 -71.05
C GLY EB 68 -106.69 53.33 -71.43
N HIS EB 69 -107.16 54.21 -70.53
CA HIS EB 69 -108.46 54.88 -70.66
C HIS EB 69 -109.54 53.94 -71.21
N ALA EB 70 -109.61 52.76 -70.61
CA ALA EB 70 -110.64 51.80 -70.93
C ALA EB 70 -110.99 51.02 -69.67
N ILE EB 71 -112.26 50.88 -69.36
CA ILE EB 71 -112.70 50.22 -68.16
C ILE EB 71 -112.97 48.75 -68.45
N GLU EB 72 -112.33 47.86 -67.72
CA GLU EB 72 -112.60 46.44 -67.81
C GLU EB 72 -113.06 45.93 -66.46
N ASN EB 73 -113.45 44.66 -66.41
CA ASN EB 73 -113.91 44.05 -65.18
C ASN EB 73 -113.21 42.72 -64.98
N ALA EB 74 -112.99 42.39 -63.71
CA ALA EB 74 -112.36 41.14 -63.31
C ALA EB 74 -113.24 40.44 -62.28
N VAL EB 75 -112.97 39.15 -62.08
CA VAL EB 75 -113.78 38.36 -61.16
C VAL EB 75 -113.47 38.73 -59.73
N ARG EB 76 -114.52 38.81 -58.90
CA ARG EB 76 -114.35 39.24 -57.51
C ARG EB 76 -113.44 38.30 -56.76
N SER EB 77 -113.50 37.01 -57.05
CA SER EB 77 -112.54 36.10 -56.47
C SER EB 77 -111.13 36.52 -56.84
N SER EB 78 -110.16 35.92 -56.16
CA SER EB 78 -108.74 36.22 -56.30
C SER EB 78 -108.36 37.59 -55.73
N LEU EB 79 -109.33 38.35 -55.22
CA LEU EB 79 -109.02 39.59 -54.52
C LEU EB 79 -108.35 39.22 -53.20
N LYS EB 80 -107.04 39.44 -53.12
CA LYS EB 80 -106.28 38.98 -51.97
C LYS EB 80 -105.71 40.18 -51.23
N VAL EB 81 -106.03 40.28 -49.93
CA VAL EB 81 -105.42 41.24 -49.03
C VAL EB 81 -104.49 40.48 -48.09
N ALA EB 82 -103.23 40.88 -48.07
CA ALA EB 82 -102.24 40.07 -47.37
C ALA EB 82 -101.38 40.96 -46.49
N THR EB 83 -100.94 40.36 -45.39
CA THR EB 83 -100.06 41.00 -44.42
C THR EB 83 -99.04 39.90 -44.13
N SER EB 84 -98.37 39.97 -42.99
CA SER EB 84 -97.47 38.91 -42.57
C SER EB 84 -98.05 37.53 -42.83
N GLY EB 85 -99.37 37.39 -42.71
CA GLY EB 85 -100.04 36.14 -42.99
C GLY EB 85 -101.01 36.19 -44.15
N ASP EB 86 -102.30 36.10 -43.86
CA ASP EB 86 -103.33 36.13 -44.89
C ASP EB 86 -104.62 36.59 -44.24
N CYS EB 87 -105.13 37.74 -44.67
CA CYS EB 87 -106.22 38.38 -43.96
C CYS EB 87 -107.56 37.77 -44.33
N PHE EB 88 -108.61 38.28 -43.70
CA PHE EB 88 -109.98 37.90 -44.00
C PHE EB 88 -110.74 39.16 -44.42
N VAL EB 89 -111.56 39.02 -45.45
CA VAL EB 89 -112.28 40.15 -46.04
C VAL EB 89 -113.72 40.11 -45.57
N HIS EB 90 -114.22 41.23 -45.07
CA HIS EB 90 -115.59 41.29 -44.56
C HIS EB 90 -116.52 42.01 -45.52
N GLY EB 91 -116.21 43.25 -45.86
CA GLY EB 91 -117.10 44.06 -46.67
C GLY EB 91 -116.49 44.41 -48.01
N THR EB 92 -117.32 44.89 -48.94
CA THR EB 92 -116.84 45.19 -50.28
C THR EB 92 -117.83 46.12 -50.95
N MET EB 93 -117.41 47.36 -51.23
CA MET EB 93 -118.22 48.32 -51.96
C MET EB 93 -117.39 49.53 -52.37
N GLY EB 94 -117.66 50.08 -53.55
CA GLY EB 94 -116.99 51.29 -53.96
C GLY EB 94 -115.48 51.11 -54.04
N HIS EB 95 -114.75 52.10 -53.55
CA HIS EB 95 -113.31 52.01 -53.47
C HIS EB 95 -112.81 51.30 -52.23
N PHE EB 96 -113.68 51.02 -51.27
CA PHE EB 96 -113.26 50.64 -49.93
C PHE EB 96 -113.38 49.13 -49.72
N ILE EB 97 -112.50 48.58 -48.90
CA ILE EB 97 -112.47 47.16 -48.60
C ILE EB 97 -112.20 46.98 -47.12
N LEU EB 98 -112.98 46.14 -46.45
CA LEU EB 98 -112.88 45.92 -45.02
C LEU EB 98 -112.10 44.65 -44.74
N ALA EB 99 -111.03 44.76 -43.97
CA ALA EB 99 -110.14 43.62 -43.79
C ALA EB 99 -109.84 43.43 -42.32
N LYS EB 100 -109.40 42.22 -41.99
CA LYS EB 100 -108.93 41.88 -40.64
C LYS EB 100 -107.64 41.09 -40.81
N CYS EB 101 -106.54 41.59 -40.26
CA CYS EB 101 -105.26 41.01 -40.58
C CYS EB 101 -104.49 40.62 -39.32
N PRO EB 102 -103.61 39.63 -39.42
CA PRO EB 102 -102.72 39.30 -38.31
C PRO EB 102 -101.64 40.35 -38.18
N PRO EB 103 -100.91 40.37 -37.07
CA PRO EB 103 -99.87 41.39 -36.88
C PRO EB 103 -98.79 41.28 -37.94
N GLY EB 104 -98.31 42.44 -38.39
CA GLY EB 104 -97.33 42.48 -39.47
C GLY EB 104 -96.87 43.91 -39.70
N GLU EB 105 -96.03 44.07 -40.72
CA GLU EB 105 -95.37 45.35 -40.97
C GLU EB 105 -95.74 45.97 -42.31
N PHE EB 106 -96.40 45.23 -43.20
CA PHE EB 106 -96.72 45.77 -44.51
C PHE EB 106 -97.95 45.04 -45.03
N LEU EB 107 -98.67 45.69 -45.94
CA LEU EB 107 -99.83 45.01 -46.50
C LEU EB 107 -99.86 45.22 -48.00
N GLN EB 108 -100.36 44.21 -48.70
CA GLN EB 108 -100.46 44.24 -50.15
C GLN EB 108 -101.85 43.81 -50.57
N VAL EB 109 -102.32 44.35 -51.68
CA VAL EB 109 -103.59 43.99 -52.26
C VAL EB 109 -103.36 43.60 -53.70
N SER EB 110 -103.94 42.49 -54.12
CA SER EB 110 -103.66 41.96 -55.45
C SER EB 110 -104.93 41.41 -56.08
N ILE EB 111 -105.01 41.55 -57.41
CA ILE EB 111 -106.14 41.05 -58.17
C ILE EB 111 -105.61 40.41 -59.44
N GLN EB 112 -106.49 39.67 -60.13
CA GLN EB 112 -106.15 39.14 -61.45
C GLN EB 112 -106.65 40.09 -62.54
N ASP EB 113 -105.83 40.26 -63.56
CA ASP EB 113 -106.16 41.14 -64.67
C ASP EB 113 -107.09 40.43 -65.62
N THR EB 114 -107.49 41.10 -66.70
CA THR EB 114 -108.40 40.49 -67.67
C THR EB 114 -107.74 39.28 -68.31
N ARG EB 115 -106.45 39.35 -68.59
CA ARG EB 115 -105.71 38.25 -69.17
C ARG EB 115 -104.99 37.40 -68.12
N ASN EB 116 -105.45 37.43 -66.88
CA ASN EB 116 -104.95 36.56 -65.82
C ASN EB 116 -103.45 36.79 -65.55
N ALA EB 117 -103.15 38.00 -65.07
CA ALA EB 117 -101.85 38.34 -64.51
C ALA EB 117 -102.08 38.99 -63.16
N VAL EB 118 -101.18 38.76 -62.22
CA VAL EB 118 -101.34 39.34 -60.89
C VAL EB 118 -100.94 40.81 -60.92
N ARG EB 119 -101.84 41.68 -60.49
CA ARG EB 119 -101.54 43.09 -60.30
C ARG EB 119 -101.63 43.36 -58.80
N ALA EB 120 -100.51 43.78 -58.22
CA ALA EB 120 -100.39 43.90 -56.77
C ALA EB 120 -99.77 45.24 -56.41
N CYS EB 121 -100.25 45.82 -55.31
CA CYS EB 121 -99.66 47.04 -54.77
C CYS EB 121 -99.41 46.83 -53.29
N ARG EB 122 -98.25 47.30 -52.82
CA ARG EB 122 -97.75 47.01 -51.48
C ARG EB 122 -97.39 48.30 -50.79
N ILE EB 123 -97.72 48.42 -49.50
CA ILE EB 123 -97.42 49.62 -48.74
C ILE EB 123 -97.01 49.25 -47.33
N GLN EB 124 -96.08 50.04 -46.77
CA GLN EB 124 -95.59 49.85 -45.43
C GLN EB 124 -96.63 50.31 -44.43
N TYR EB 125 -96.90 49.49 -43.42
CA TYR EB 125 -97.94 49.82 -42.45
C TYR EB 125 -97.72 48.97 -41.21
N HIS EB 126 -97.43 49.62 -40.09
CA HIS EB 126 -97.13 48.94 -38.84
C HIS EB 126 -98.44 48.62 -38.15
N HIS EB 127 -99.01 47.45 -38.46
CA HIS EB 127 -100.28 47.02 -37.92
C HIS EB 127 -100.04 46.10 -36.74
N ASP EB 128 -100.56 46.46 -35.58
CA ASP EB 128 -100.39 45.64 -34.39
C ASP EB 128 -101.49 45.96 -33.39
N PRO EB 129 -102.58 45.20 -33.37
CA PRO EB 129 -103.75 45.60 -32.59
C PRO EB 129 -103.60 45.27 -31.12
N GLN EB 130 -104.40 45.97 -30.31
CA GLN EB 130 -104.54 45.65 -28.90
C GLN EB 130 -106.02 45.49 -28.61
N PRO EB 131 -106.48 44.30 -28.23
CA PRO EB 131 -107.90 44.13 -27.92
C PRO EB 131 -108.30 44.98 -26.72
N VAL EB 132 -109.55 45.42 -26.74
CA VAL EB 132 -110.06 46.28 -25.68
C VAL EB 132 -110.11 45.51 -24.38
N GLY EB 133 -109.72 46.16 -23.29
CA GLY EB 133 -109.78 45.56 -21.98
C GLY EB 133 -108.42 45.60 -21.32
N ARG EB 134 -108.22 44.71 -20.35
CA ARG EB 134 -106.98 44.65 -19.61
C ARG EB 134 -106.17 43.39 -19.86
N GLU EB 135 -106.59 42.52 -20.78
CA GLU EB 135 -105.84 41.34 -21.13
C GLU EB 135 -105.57 41.30 -22.62
N LYS EB 136 -104.36 40.93 -23.00
CA LYS EB 136 -103.93 40.94 -24.39
C LYS EB 136 -104.08 39.56 -25.04
N PHE EB 137 -105.33 39.10 -25.11
CA PHE EB 137 -105.60 37.79 -25.67
C PHE EB 137 -105.58 37.86 -27.19
N THR EB 138 -105.94 36.75 -27.84
CA THR EB 138 -105.97 36.67 -29.29
C THR EB 138 -107.38 36.47 -29.84
N ILE EB 139 -108.07 35.41 -29.41
CA ILE EB 139 -109.39 35.09 -29.94
C ILE EB 139 -110.36 34.96 -28.78
N ARG EB 140 -111.64 35.21 -29.08
CA ARG EB 140 -112.62 35.31 -28.03
C ARG EB 140 -112.81 33.97 -27.33
N PRO EB 141 -113.04 33.99 -26.04
CA PRO EB 141 -113.27 32.74 -25.32
C PRO EB 141 -114.75 32.41 -25.25
N HIS EB 142 -115.10 31.27 -24.69
CA HIS EB 142 -116.48 30.83 -24.59
C HIS EB 142 -117.09 31.13 -23.22
N TYR EB 143 -116.42 31.95 -22.40
CA TYR EB 143 -116.97 32.35 -21.10
C TYR EB 143 -116.24 33.59 -20.64
N GLY EB 144 -116.94 34.72 -20.56
CA GLY EB 144 -116.29 35.95 -20.19
C GLY EB 144 -117.29 37.07 -20.03
N LYS EB 145 -116.78 38.30 -19.99
CA LYS EB 145 -117.61 39.47 -19.75
C LYS EB 145 -118.12 40.04 -21.07
N GLU EB 146 -118.67 41.25 -21.01
CA GLU EB 146 -119.08 42.01 -22.18
C GLU EB 146 -118.65 43.45 -21.99
N ILE EB 147 -117.91 43.99 -22.94
CA ILE EB 147 -117.40 45.36 -22.87
C ILE EB 147 -117.85 46.09 -24.13
N PRO EB 148 -118.29 47.35 -24.04
CA PRO EB 148 -118.57 48.10 -25.25
C PRO EB 148 -117.31 48.38 -26.04
N CYS EB 149 -117.46 48.43 -27.36
CA CYS EB 149 -116.37 48.73 -28.28
C CYS EB 149 -116.98 49.24 -29.58
N THR EB 150 -116.12 49.58 -30.53
CA THR EB 150 -116.55 50.18 -31.79
C THR EB 150 -116.02 49.39 -32.98
N THR EB 151 -116.79 49.41 -34.07
CA THR EB 151 -116.42 48.69 -35.29
C THR EB 151 -117.22 49.28 -36.44
N TYR EB 152 -116.89 48.84 -37.66
CA TYR EB 152 -117.49 49.37 -38.88
C TYR EB 152 -118.66 48.48 -39.28
N GLN EB 153 -119.83 49.07 -39.52
CA GLN EB 153 -121.02 48.31 -39.86
C GLN EB 153 -121.10 48.10 -41.36
N GLN EB 154 -121.96 47.16 -41.76
CA GLN EB 154 -122.18 46.86 -43.18
C GLN EB 154 -123.30 47.68 -43.79
N THR EB 155 -124.00 48.50 -43.00
CA THR EB 155 -125.07 49.31 -43.55
C THR EB 155 -124.52 50.39 -44.48
N THR EB 156 -125.34 50.78 -45.45
CA THR EB 156 -124.96 51.78 -46.45
C THR EB 156 -126.00 52.88 -46.52
N ALA EB 157 -126.61 53.22 -45.39
CA ALA EB 157 -127.60 54.29 -45.32
C ALA EB 157 -126.88 55.62 -45.27
N LYS EB 158 -127.60 56.68 -44.89
CA LYS EB 158 -126.96 57.98 -44.71
C LYS EB 158 -125.87 57.88 -43.66
N THR EB 159 -124.68 58.39 -44.00
CA THR EB 159 -123.52 58.29 -43.14
C THR EB 159 -122.88 59.62 -42.77
N VAL EB 160 -123.22 60.71 -43.46
CA VAL EB 160 -122.63 62.02 -43.20
C VAL EB 160 -121.12 61.89 -43.36
N GLU EB 161 -120.66 61.73 -44.59
CA GLU EB 161 -119.26 61.48 -44.87
C GLU EB 161 -118.92 62.13 -46.20
N GLU EB 162 -117.63 62.33 -46.43
CA GLU EB 162 -117.21 63.08 -47.61
C GLU EB 162 -116.04 62.40 -48.29
N ILE EB 163 -116.11 62.34 -49.61
CA ILE EB 163 -114.93 62.10 -50.45
C ILE EB 163 -115.10 62.96 -51.70
N ASP EB 164 -113.99 63.51 -52.19
CA ASP EB 164 -114.06 64.54 -53.22
C ASP EB 164 -113.69 64.01 -54.60
N MET EB 165 -114.50 64.34 -55.58
CA MET EB 165 -114.30 63.95 -56.97
C MET EB 165 -114.03 65.20 -57.81
N HIS EB 166 -113.32 65.02 -58.91
CA HIS EB 166 -113.15 66.11 -59.86
C HIS EB 166 -112.90 65.53 -61.23
N MET EB 167 -113.01 66.39 -62.24
CA MET EB 167 -112.91 65.95 -63.62
C MET EB 167 -111.47 65.55 -63.94
N PRO EB 168 -111.26 64.45 -64.66
CA PRO EB 168 -109.90 63.95 -64.87
C PRO EB 168 -109.08 64.89 -65.74
N PRO EB 169 -107.76 64.81 -65.66
CA PRO EB 169 -106.92 65.71 -66.46
C PRO EB 169 -106.86 65.29 -67.93
N ASP EB 170 -106.05 65.99 -68.71
CA ASP EB 170 -105.86 65.66 -70.12
C ASP EB 170 -104.85 64.53 -70.21
N THR EB 171 -105.33 63.33 -70.45
CA THR EB 171 -104.47 62.16 -70.41
C THR EB 171 -103.53 62.15 -71.61
N PRO EB 172 -102.22 62.08 -71.41
CA PRO EB 172 -101.29 62.07 -72.54
C PRO EB 172 -101.04 60.66 -73.05
N ASP EB 173 -100.79 60.59 -74.36
CA ASP EB 173 -100.53 59.30 -75.00
C ASP EB 173 -99.71 59.52 -76.25
N ARG EB 174 -99.08 58.45 -76.71
CA ARG EB 174 -98.28 58.51 -77.93
C ARG EB 174 -98.62 57.43 -78.94
N THR EB 175 -99.38 56.41 -78.56
CA THR EB 175 -99.75 55.36 -79.50
C THR EB 175 -100.64 55.86 -80.61
N LEU EB 176 -101.53 56.81 -80.35
CA LEU EB 176 -102.51 57.24 -81.33
C LEU EB 176 -101.92 57.96 -82.52
N LEU EB 177 -100.65 58.37 -82.46
CA LEU EB 177 -99.98 58.94 -83.61
C LEU EB 177 -99.33 57.83 -84.44
N SER EB 178 -99.67 57.77 -85.72
CA SER EB 178 -99.09 56.77 -86.62
C SER EB 178 -98.48 57.49 -87.81
N GLN EB 179 -97.16 57.38 -87.95
CA GLN EB 179 -96.43 58.02 -89.04
C GLN EB 179 -96.28 57.04 -90.19
N GLN EB 180 -96.87 57.37 -91.34
CA GLN EB 180 -96.73 56.50 -92.50
C GLN EB 180 -95.67 57.01 -93.48
N SER EB 181 -95.88 58.17 -94.08
CA SER EB 181 -94.94 58.71 -95.06
C SER EB 181 -95.13 60.22 -95.11
N GLY EB 182 -94.26 60.96 -94.41
CA GLY EB 182 -94.38 62.39 -94.36
C GLY EB 182 -95.68 62.87 -93.76
N ASN EB 183 -96.42 61.98 -93.11
CA ASN EB 183 -97.71 62.32 -92.54
C ASN EB 183 -98.02 61.34 -91.42
N VAL EB 184 -98.92 61.77 -90.54
CA VAL EB 184 -99.36 60.94 -89.43
C VAL EB 184 -100.88 60.98 -89.36
N LYS EB 185 -101.43 59.93 -88.74
CA LYS EB 185 -102.85 59.87 -88.45
C LYS EB 185 -103.06 59.71 -86.95
N ILE EB 186 -104.22 60.16 -86.49
CA ILE EB 186 -104.61 60.12 -85.10
C ILE EB 186 -105.71 59.08 -84.93
N THR EB 187 -105.48 58.12 -84.05
CA THR EB 187 -106.45 57.07 -83.79
C THR EB 187 -107.70 57.65 -83.12
N VAL EB 188 -108.84 56.99 -83.37
CA VAL EB 188 -110.14 57.45 -82.89
C VAL EB 188 -110.85 56.32 -82.18
N GLY EB 189 -112.10 56.55 -81.80
CA GLY EB 189 -112.87 55.60 -81.01
C GLY EB 189 -113.77 56.29 -80.03
N GLY EB 190 -113.86 57.61 -80.12
CA GLY EB 190 -114.71 58.41 -79.27
C GLY EB 190 -113.96 59.41 -78.42
N LYS EB 191 -112.64 59.36 -78.39
CA LYS EB 191 -111.84 60.21 -77.54
C LYS EB 191 -111.54 61.51 -78.29
N LYS EB 192 -112.19 62.59 -77.88
CA LYS EB 192 -112.00 63.89 -78.51
C LYS EB 192 -110.62 64.40 -78.15
N VAL EB 193 -109.62 63.95 -78.92
CA VAL EB 193 -108.23 64.21 -78.61
C VAL EB 193 -107.89 65.68 -78.86
N LYS EB 194 -107.15 66.26 -77.93
CA LYS EB 194 -106.57 67.59 -78.11
C LYS EB 194 -105.16 67.44 -78.66
N TYR EB 195 -104.84 68.27 -79.65
CA TYR EB 195 -103.59 68.14 -80.40
C TYR EB 195 -102.90 69.49 -80.48
N ASN EB 196 -101.58 69.45 -80.50
CA ASN EB 196 -100.76 70.65 -80.64
C ASN EB 196 -99.51 70.29 -81.43
N CYS EB 197 -99.29 70.98 -82.55
CA CYS EB 197 -98.15 70.72 -83.40
C CYS EB 197 -97.37 72.01 -83.63
N THR EB 198 -96.16 71.86 -84.16
CA THR EB 198 -95.26 72.99 -84.36
C THR EB 198 -95.03 73.32 -85.83
N CYS EB 199 -95.20 72.34 -86.72
CA CYS EB 199 -94.89 72.52 -88.14
C CYS EB 199 -95.86 73.51 -88.76
N GLY EB 200 -95.33 74.54 -89.42
CA GLY EB 200 -96.12 75.50 -90.16
C GLY EB 200 -97.24 76.13 -89.36
N THR EB 201 -96.86 76.92 -88.35
CA THR EB 201 -97.79 77.63 -87.47
C THR EB 201 -98.53 76.61 -86.59
N GLY EB 202 -98.32 75.33 -86.86
CA GLY EB 202 -98.92 74.25 -86.10
C GLY EB 202 -100.42 74.20 -86.27
N ASN EB 203 -101.03 73.30 -85.50
CA ASN EB 203 -102.49 73.19 -85.47
C ASN EB 203 -102.90 73.00 -84.03
N VAL EB 204 -103.69 73.94 -83.51
CA VAL EB 204 -104.09 73.96 -82.11
C VAL EB 204 -105.59 73.75 -82.03
N GLY EB 205 -106.01 72.92 -81.08
CA GLY EB 205 -107.42 72.63 -80.88
C GLY EB 205 -107.64 71.19 -80.47
N THR EB 206 -108.91 70.80 -80.51
CA THR EB 206 -109.34 69.43 -80.27
C THR EB 206 -110.22 68.97 -81.42
N THR EB 207 -110.05 67.72 -81.83
CA THR EB 207 -110.83 67.13 -82.90
C THR EB 207 -111.70 66.00 -82.35
N ASN EB 208 -112.44 65.36 -83.25
CA ASN EB 208 -113.25 64.19 -82.89
C ASN EB 208 -113.10 63.02 -83.84
N SER EB 209 -112.52 63.21 -85.04
CA SER EB 209 -112.36 62.13 -85.99
C SER EB 209 -110.91 62.03 -86.45
N ASP EB 210 -110.64 61.20 -87.45
CA ASP EB 210 -109.28 61.02 -87.95
C ASP EB 210 -108.79 62.33 -88.58
N MET EB 211 -107.49 62.59 -88.41
CA MET EB 211 -106.88 63.80 -88.94
C MET EB 211 -105.49 63.44 -89.47
N THR EB 212 -105.02 64.24 -90.42
CA THR EB 212 -103.71 64.05 -91.01
C THR EB 212 -103.00 65.40 -91.13
N ILE EB 213 -101.69 65.39 -90.88
CA ILE EB 213 -100.88 66.60 -90.87
C ILE EB 213 -100.20 66.84 -92.21
N ASN EB 214 -99.65 65.79 -92.83
CA ASN EB 214 -99.03 65.86 -94.15
C ASN EB 214 -97.78 66.74 -94.19
N THR EB 215 -97.39 67.33 -93.05
CA THR EB 215 -96.35 68.35 -93.07
C THR EB 215 -95.11 67.94 -92.28
N CYS EB 216 -95.24 67.60 -91.00
CA CYS EB 216 -94.09 67.41 -90.13
C CYS EB 216 -94.02 65.97 -89.64
N LEU EB 217 -93.07 65.72 -88.75
CA LEU EB 217 -92.82 64.40 -88.19
C LEU EB 217 -93.67 64.20 -86.95
N ILE EB 218 -93.48 63.07 -86.28
CA ILE EB 218 -94.25 62.80 -85.06
C ILE EB 218 -93.81 63.72 -83.93
N GLU EB 219 -92.51 64.05 -83.86
CA GLU EB 219 -92.05 64.78 -82.68
C GLU EB 219 -92.36 66.26 -82.79
N GLN EB 220 -93.58 66.58 -83.19
CA GLN EB 220 -94.14 67.91 -83.01
C GLN EB 220 -95.60 67.91 -82.58
N CYS EB 221 -96.34 66.84 -82.83
CA CYS EB 221 -97.74 66.74 -82.43
C CYS EB 221 -97.88 65.90 -81.17
N HIS EB 222 -98.94 66.17 -80.42
CA HIS EB 222 -99.16 65.54 -79.13
C HIS EB 222 -100.58 65.05 -79.05
N VAL EB 223 -100.77 63.94 -78.35
CA VAL EB 223 -102.08 63.35 -78.16
C VAL EB 223 -102.47 63.46 -76.70
N SER EB 224 -103.55 64.19 -76.43
CA SER EB 224 -104.04 64.41 -75.07
C SER EB 224 -105.54 64.16 -75.11
N VAL EB 225 -105.95 62.96 -74.72
CA VAL EB 225 -107.36 62.64 -74.63
C VAL EB 225 -108.00 63.44 -73.50
N THR EB 226 -109.07 64.15 -73.82
CA THR EB 226 -109.77 64.93 -72.80
C THR EB 226 -110.79 64.11 -72.03
N ASP EB 227 -111.45 63.17 -72.69
CA ASP EB 227 -112.46 62.32 -72.05
C ASP EB 227 -113.57 63.14 -71.44
N HIS EB 228 -113.33 63.69 -70.25
CA HIS EB 228 -114.36 64.37 -69.48
C HIS EB 228 -115.47 63.39 -69.16
N LYS EB 229 -116.68 63.90 -68.96
CA LYS EB 229 -117.93 63.15 -68.87
C LYS EB 229 -118.10 62.40 -67.57
N LYS EB 230 -117.11 62.41 -66.66
CA LYS EB 230 -117.16 61.52 -65.51
C LYS EB 230 -116.15 61.96 -64.45
N TRP EB 231 -116.61 62.04 -63.20
CA TRP EB 231 -115.74 62.41 -62.09
C TRP EB 231 -114.79 61.28 -61.77
N GLN EB 232 -113.51 61.60 -61.56
CA GLN EB 232 -112.55 60.54 -61.26
C GLN EB 232 -112.23 60.38 -59.79
N PHE EB 233 -111.53 61.37 -59.21
CA PHE EB 233 -111.16 61.40 -57.79
C PHE EB 233 -110.28 62.60 -57.47
N ASN EB 234 -110.13 62.94 -56.20
CA ASN EB 234 -109.15 63.92 -55.78
C ASN EB 234 -107.88 63.22 -55.28
N SER EB 235 -107.11 62.71 -56.22
CA SER EB 235 -105.97 61.99 -55.68
C SER EB 235 -104.71 62.83 -55.74
N PRO EB 236 -103.78 62.67 -54.79
CA PRO EB 236 -102.52 63.40 -54.86
C PRO EB 236 -101.64 63.01 -56.01
N PHE EB 237 -101.87 61.87 -56.65
CA PHE EB 237 -100.98 61.39 -57.69
C PHE EB 237 -101.40 61.72 -59.10
N VAL EB 238 -102.49 62.45 -59.30
CA VAL EB 238 -102.88 62.88 -60.65
C VAL EB 238 -103.18 64.37 -60.66
N PRO EB 239 -102.74 65.10 -61.68
CA PRO EB 239 -102.87 66.56 -61.67
C PRO EB 239 -104.30 67.01 -61.88
N ARG EB 240 -104.54 68.30 -61.63
CA ARG EB 240 -105.84 68.90 -61.83
C ARG EB 240 -105.94 69.51 -63.22
N ALA EB 241 -107.13 69.98 -63.55
CA ALA EB 241 -107.41 70.61 -64.84
C ALA EB 241 -107.59 72.12 -64.75
N ASP EB 242 -107.77 72.68 -63.55
CA ASP EB 242 -107.94 74.11 -63.39
C ASP EB 242 -107.54 74.49 -61.97
N GLU EB 243 -106.95 75.69 -61.83
CA GLU EB 243 -106.45 76.10 -60.51
C GLU EB 243 -107.55 76.24 -59.46
N PRO EB 244 -108.67 76.95 -59.69
CA PRO EB 244 -109.66 77.09 -58.63
C PRO EB 244 -110.41 75.81 -58.32
N ALA EB 245 -110.31 74.79 -59.16
CA ALA EB 245 -110.92 73.48 -58.94
C ALA EB 245 -112.45 73.55 -58.94
N ARG EB 246 -113.09 72.39 -59.05
CA ARG EB 246 -114.55 72.33 -59.05
C ARG EB 246 -115.09 71.54 -57.87
N LYS EB 247 -114.58 70.32 -57.65
CA LYS EB 247 -114.86 69.51 -56.47
C LYS EB 247 -116.28 68.96 -56.45
N GLY EB 248 -116.42 67.73 -55.98
CA GLY EB 248 -117.71 67.10 -55.80
C GLY EB 248 -117.79 66.43 -54.45
N LYS EB 249 -118.88 65.70 -54.19
CA LYS EB 249 -119.08 65.11 -52.87
C LYS EB 249 -119.71 63.74 -53.03
N VAL EB 250 -119.11 62.73 -52.43
CA VAL EB 250 -119.66 61.37 -52.45
C VAL EB 250 -119.59 60.82 -51.04
N HIS EB 251 -120.65 60.12 -50.64
CA HIS EB 251 -120.71 59.47 -49.33
C HIS EB 251 -119.96 58.15 -49.37
N ILE EB 252 -119.10 57.93 -48.39
CA ILE EB 252 -118.37 56.67 -48.29
C ILE EB 252 -119.21 55.70 -47.46
N PRO EB 253 -119.07 54.40 -47.66
CA PRO EB 253 -119.84 53.44 -46.88
C PRO EB 253 -119.15 53.12 -45.56
N PHE EB 254 -119.75 52.18 -44.82
CA PHE EB 254 -119.19 51.64 -43.59
C PHE EB 254 -118.96 52.70 -42.52
N PRO EB 255 -120.00 53.22 -41.89
CA PRO EB 255 -119.81 54.12 -40.75
C PRO EB 255 -119.41 53.36 -39.48
N LEU EB 256 -119.35 54.06 -38.35
CA LEU EB 256 -118.89 53.51 -37.09
C LEU EB 256 -120.06 53.39 -36.12
N ASP EB 257 -120.14 52.24 -35.44
CA ASP EB 257 -121.22 52.01 -34.48
C ASP EB 257 -120.70 51.26 -33.27
N ASN EB 258 -121.46 51.35 -32.18
CA ASN EB 258 -121.14 50.64 -30.95
C ASN EB 258 -121.61 49.20 -31.02
N ILE EB 259 -120.78 48.28 -30.52
CA ILE EB 259 -121.15 46.89 -30.31
C ILE EB 259 -120.53 46.43 -29.00
N THR EB 260 -120.71 45.14 -28.70
CA THR EB 260 -120.19 44.54 -27.48
C THR EB 260 -119.20 43.44 -27.84
N CYS EB 261 -118.10 43.38 -27.12
CA CYS EB 261 -117.06 42.39 -27.33
C CYS EB 261 -116.90 41.54 -26.08
N ARG EB 262 -116.42 40.31 -26.26
CA ARG EB 262 -116.26 39.39 -25.15
C ARG EB 262 -114.79 39.28 -24.76
N VAL EB 263 -114.51 39.31 -23.47
CA VAL EB 263 -113.15 39.23 -22.97
C VAL EB 263 -113.08 38.18 -21.86
N PRO EB 264 -111.95 37.52 -21.68
CA PRO EB 264 -111.84 36.45 -20.69
C PRO EB 264 -111.48 36.97 -19.29
N MET EB 265 -111.70 36.11 -18.31
CA MET EB 265 -111.37 36.38 -16.92
C MET EB 265 -110.17 35.53 -16.54
N ALA EB 266 -109.10 36.18 -16.07
CA ALA EB 266 -107.96 35.42 -15.62
C ALA EB 266 -108.28 34.73 -14.30
N ARG EB 267 -107.53 33.67 -14.00
CA ARG EB 267 -107.77 32.88 -12.82
C ARG EB 267 -107.51 33.69 -11.56
N GLU EB 268 -108.25 33.37 -10.50
CA GLU EB 268 -107.97 33.99 -9.23
C GLU EB 268 -106.59 33.56 -8.75
N PRO EB 269 -105.84 34.44 -8.11
CA PRO EB 269 -104.50 34.09 -7.67
C PRO EB 269 -104.56 33.35 -6.35
N THR EB 270 -103.39 32.89 -5.91
CA THR EB 270 -103.26 32.20 -4.63
C THR EB 270 -102.77 33.19 -3.58
N VAL EB 271 -103.48 33.28 -2.47
CA VAL EB 271 -103.14 34.19 -1.38
C VAL EB 271 -102.50 33.41 -0.26
N ILE EB 272 -101.44 33.98 0.32
CA ILE EB 272 -100.82 33.44 1.53
C ILE EB 272 -100.69 34.60 2.52
N HIS EB 273 -101.35 34.48 3.66
CA HIS EB 273 -101.36 35.57 4.62
C HIS EB 273 -100.09 35.59 5.45
N GLY EB 274 -99.60 36.78 5.74
CA GLY EB 274 -98.45 36.95 6.60
C GLY EB 274 -98.71 38.00 7.65
N LYS EB 275 -97.65 38.63 8.18
CA LYS EB 275 -97.82 39.73 9.12
C LYS EB 275 -97.81 41.04 8.34
N ARG EB 276 -98.99 41.62 8.14
CA ARG EB 276 -99.14 42.90 7.44
C ARG EB 276 -98.63 42.86 6.01
N GLU EB 277 -98.46 41.66 5.47
CA GLU EB 277 -98.10 41.53 4.07
C GLU EB 277 -98.80 40.32 3.48
N VAL EB 278 -99.04 40.35 2.18
CA VAL EB 278 -99.71 39.28 1.47
C VAL EB 278 -98.77 38.81 0.38
N THR EB 279 -98.53 37.51 0.32
CA THR EB 279 -97.77 36.93 -0.78
C THR EB 279 -98.74 36.32 -1.77
N LEU EB 280 -98.57 36.66 -3.04
CA LEU EB 280 -99.58 36.43 -4.05
C LEU EB 280 -98.93 35.71 -5.22
N HIS EB 281 -99.39 34.50 -5.53
CA HIS EB 281 -98.88 33.74 -6.66
C HIS EB 281 -99.74 34.06 -7.87
N LEU EB 282 -99.09 34.33 -9.01
CA LEU EB 282 -99.80 34.75 -10.21
C LEU EB 282 -99.52 33.77 -11.35
N HIS EB 283 -100.59 33.28 -11.96
CA HIS EB 283 -100.52 32.33 -13.07
C HIS EB 283 -101.25 32.89 -14.28
N PRO EB 284 -100.54 33.51 -15.22
CA PRO EB 284 -101.18 34.00 -16.44
C PRO EB 284 -101.05 33.04 -17.60
N ASP EB 285 -102.00 33.15 -18.53
CA ASP EB 285 -101.94 32.48 -19.82
C ASP EB 285 -101.35 33.36 -20.91
N HIS EB 286 -101.45 34.67 -20.72
CA HIS EB 286 -101.14 35.69 -21.71
C HIS EB 286 -101.06 37.02 -20.98
N PRO EB 287 -100.35 37.99 -21.53
CA PRO EB 287 -100.06 39.23 -20.78
C PRO EB 287 -101.27 39.85 -20.10
N THR EB 288 -101.27 39.89 -18.78
CA THR EB 288 -102.32 40.48 -17.97
C THR EB 288 -101.77 41.66 -17.17
N LEU EB 289 -102.65 42.55 -16.76
CA LEU EB 289 -102.23 43.76 -16.07
C LEU EB 289 -102.67 43.70 -14.60
N PHE EB 290 -101.72 43.87 -13.70
CA PHE EB 290 -101.91 43.67 -12.27
C PHE EB 290 -101.52 44.93 -11.51
N SER EB 291 -102.44 45.46 -10.71
CA SER EB 291 -102.18 46.70 -10.00
C SER EB 291 -102.74 46.63 -8.60
N TYR EB 292 -102.29 47.54 -7.74
CA TYR EB 292 -102.79 47.58 -6.37
C TYR EB 292 -102.54 48.95 -5.78
N ARG EB 293 -103.33 49.30 -4.77
CA ARG EB 293 -103.09 50.55 -4.07
C ARG EB 293 -103.50 50.42 -2.61
N THR EB 294 -102.74 51.07 -1.75
CA THR EB 294 -103.01 51.12 -0.32
C THR EB 294 -103.91 52.30 -0.02
N LEU EB 295 -105.10 52.04 0.49
CA LEU EB 295 -106.10 53.09 0.60
C LEU EB 295 -106.02 53.82 1.94
N GLY EB 296 -104.80 54.24 2.29
CA GLY EB 296 -104.56 55.10 3.42
C GLY EB 296 -104.61 56.57 3.05
N GLU EB 297 -103.83 57.37 3.77
CA GLU EB 297 -103.75 58.79 3.45
C GLU EB 297 -102.80 59.05 2.30
N ASP EB 298 -101.65 58.40 2.28
CA ASP EB 298 -100.63 58.63 1.26
C ASP EB 298 -100.39 57.31 0.53
N PRO EB 299 -101.18 57.02 -0.49
CA PRO EB 299 -101.23 55.65 -1.02
C PRO EB 299 -99.94 55.24 -1.70
N GLN EB 300 -99.76 53.92 -1.79
CA GLN EB 300 -98.65 53.32 -2.50
C GLN EB 300 -99.13 52.87 -3.88
N TYR EB 301 -98.61 53.54 -4.89
CA TYR EB 301 -98.93 53.29 -6.29
C TYR EB 301 -98.07 52.18 -6.88
N HIS EB 302 -98.67 51.36 -7.75
CA HIS EB 302 -97.92 50.39 -8.54
C HIS EB 302 -98.82 49.73 -9.57
N GLU EB 303 -98.25 49.41 -10.73
CA GLU EB 303 -98.94 48.57 -11.70
C GLU EB 303 -97.92 48.01 -12.69
N GLU EB 304 -98.26 46.87 -13.29
CA GLU EB 304 -97.28 46.06 -13.98
C GLU EB 304 -97.97 45.22 -15.04
N TRP EB 305 -97.19 44.77 -16.02
CA TRP EB 305 -97.67 43.91 -17.11
C TRP EB 305 -97.02 42.54 -16.92
N VAL EB 306 -97.67 41.67 -16.15
CA VAL EB 306 -97.07 40.38 -15.85
C VAL EB 306 -97.21 39.48 -17.07
N THR EB 307 -96.18 38.67 -17.31
CA THR EB 307 -96.11 37.79 -18.48
C THR EB 307 -96.02 36.32 -18.13
N ALA EB 308 -95.11 35.94 -17.25
CA ALA EB 308 -94.94 34.55 -16.87
C ALA EB 308 -95.48 34.30 -15.47
N ALA EB 309 -95.30 33.08 -14.99
CA ALA EB 309 -95.75 32.71 -13.65
C ALA EB 309 -94.88 33.39 -12.62
N VAL EB 310 -95.47 34.20 -11.74
CA VAL EB 310 -94.65 34.99 -10.83
C VAL EB 310 -95.16 34.90 -9.41
N GLU EB 311 -94.48 35.60 -8.51
CA GLU EB 311 -94.76 35.56 -7.07
C GLU EB 311 -94.47 36.93 -6.49
N ARG EB 312 -95.51 37.65 -6.10
CA ARG EB 312 -95.37 39.05 -5.68
C ARG EB 312 -95.68 39.18 -4.20
N THR EB 313 -95.20 40.27 -3.60
CA THR EB 313 -95.43 40.55 -2.19
C THR EB 313 -95.98 41.96 -2.08
N ILE EB 314 -97.08 42.11 -1.36
CA ILE EB 314 -97.75 43.41 -1.29
C ILE EB 314 -98.04 43.76 0.16
N PRO EB 315 -97.73 44.98 0.61
CA PRO EB 315 -97.96 45.33 2.00
C PRO EB 315 -99.39 45.77 2.24
N VAL EB 316 -99.94 45.39 3.39
CA VAL EB 316 -101.32 45.69 3.74
C VAL EB 316 -101.35 46.34 5.12
N PRO EB 317 -101.24 47.65 5.22
CA PRO EB 317 -101.32 48.29 6.53
C PRO EB 317 -102.73 48.27 7.08
N VAL EB 318 -102.89 48.75 8.32
CA VAL EB 318 -104.16 48.63 9.02
C VAL EB 318 -105.30 49.28 8.27
N ASP EB 319 -105.02 50.31 7.46
CA ASP EB 319 -106.10 51.01 6.76
C ASP EB 319 -106.72 50.15 5.66
N GLY EB 320 -105.94 49.33 4.99
CA GLY EB 320 -106.48 48.42 3.98
C GLY EB 320 -106.02 48.77 2.58
N MET EB 321 -106.31 47.86 1.65
CA MET EB 321 -105.83 48.05 0.29
C MET EB 321 -106.69 47.28 -0.68
N GLU EB 322 -106.50 47.57 -1.97
CA GLU EB 322 -107.17 46.79 -3.01
C GLU EB 322 -106.18 46.41 -4.09
N TYR EB 323 -106.52 45.35 -4.81
CA TYR EB 323 -105.75 44.91 -5.97
C TYR EB 323 -106.70 44.49 -7.09
N HIS EB 324 -106.22 44.65 -8.31
CA HIS EB 324 -106.99 44.52 -9.54
C HIS EB 324 -106.17 43.65 -10.47
N TRP EB 325 -106.71 42.51 -10.85
CA TRP EB 325 -105.96 41.50 -11.60
C TRP EB 325 -106.82 41.03 -12.77
N GLY EB 326 -106.33 41.27 -13.98
CA GLY EB 326 -107.11 40.90 -15.14
C GLY EB 326 -108.36 41.73 -15.21
N ASN EB 327 -109.45 41.16 -15.71
CA ASN EB 327 -110.72 41.84 -15.79
C ASN EB 327 -111.60 41.61 -14.57
N ASN EB 328 -111.11 40.87 -13.58
CA ASN EB 328 -111.91 40.60 -12.40
C ASN EB 328 -112.17 41.87 -11.62
N ASP EB 329 -113.17 41.81 -10.74
CA ASP EB 329 -113.48 42.96 -9.91
C ASP EB 329 -112.37 43.20 -8.89
N PRO EB 330 -112.16 44.44 -8.48
CA PRO EB 330 -111.13 44.72 -7.48
C PRO EB 330 -111.43 44.04 -6.16
N VAL EB 331 -110.38 43.56 -5.50
CA VAL EB 331 -110.51 42.82 -4.26
C VAL EB 331 -109.81 43.60 -3.16
N ARG EB 332 -110.50 43.79 -2.03
CA ARG EB 332 -110.01 44.59 -0.93
C ARG EB 332 -109.67 43.72 0.27
N LEU EB 333 -108.62 44.08 0.99
CA LEU EB 333 -108.20 43.36 2.17
C LEU EB 333 -107.84 44.35 3.28
N TRP EB 334 -107.94 43.89 4.53
CA TRP EB 334 -107.60 44.69 5.69
C TRP EB 334 -106.76 43.87 6.65
N SER EB 335 -105.73 44.49 7.22
CA SER EB 335 -105.00 43.85 8.29
C SER EB 335 -105.76 43.98 9.60
N GLN EB 336 -105.24 43.33 10.63
CA GLN EB 336 -105.92 43.27 11.92
C GLN EB 336 -104.91 43.39 13.05
N LEU EB 337 -105.35 43.94 14.18
CA LEU EB 337 -104.45 44.29 15.28
C LEU EB 337 -103.95 43.02 15.96
N THR EB 338 -102.98 42.36 15.34
CA THR EB 338 -102.35 41.19 15.92
C THR EB 338 -100.92 41.55 16.31
N THR EB 339 -100.37 40.78 17.24
CA THR EB 339 -99.05 41.11 17.78
C THR EB 339 -98.41 39.85 18.34
N GLU EB 340 -97.27 40.03 19.01
CA GLU EB 340 -96.45 38.93 19.47
C GLU EB 340 -96.19 38.90 20.96
N GLY EB 341 -96.56 39.94 21.69
CA GLY EB 341 -96.34 39.97 23.12
C GLY EB 341 -97.45 39.26 23.88
N LYS EB 342 -97.58 39.62 25.15
CA LYS EB 342 -98.67 39.13 25.99
C LYS EB 342 -99.20 40.25 26.87
N PRO EB 343 -100.38 40.79 26.60
CA PRO EB 343 -100.94 41.81 27.46
C PRO EB 343 -101.39 41.21 28.78
N HIS EB 344 -101.47 42.08 29.79
CA HIS EB 344 -101.82 41.67 31.15
C HIS EB 344 -100.87 40.59 31.67
N GLY EB 345 -99.59 40.79 31.42
CA GLY EB 345 -98.57 39.90 31.94
C GLY EB 345 -97.54 40.66 32.73
N TRP EB 346 -96.28 40.25 32.64
CA TRP EB 346 -95.23 40.94 33.35
C TRP EB 346 -94.85 42.22 32.61
N PRO EB 347 -94.16 43.14 33.29
CA PRO EB 347 -93.70 44.36 32.61
C PRO EB 347 -92.83 44.09 31.41
N HIS EB 348 -92.02 43.04 31.42
CA HIS EB 348 -91.24 42.71 30.23
C HIS EB 348 -92.06 41.98 29.19
N GLN EB 349 -93.37 41.88 29.36
CA GLN EB 349 -94.24 41.39 28.29
C GLN EB 349 -95.25 42.42 27.83
N ILE EB 350 -95.68 43.35 28.68
CA ILE EB 350 -96.48 44.46 28.17
C ILE EB 350 -95.70 45.25 27.14
N VAL EB 351 -94.40 45.42 27.37
CA VAL EB 351 -93.56 46.12 26.41
C VAL EB 351 -93.57 45.41 25.07
N GLN EB 352 -93.45 44.09 25.08
CA GLN EB 352 -93.51 43.35 23.82
C GLN EB 352 -94.86 43.51 23.15
N TYR EB 353 -95.94 43.45 23.93
CA TYR EB 353 -97.27 43.55 23.32
C TYR EB 353 -97.44 44.88 22.63
N TYR EB 354 -97.02 45.96 23.29
CA TYR EB 354 -97.18 47.29 22.71
C TYR EB 354 -96.03 47.68 21.79
N TYR EB 355 -95.05 46.80 21.61
CA TYR EB 355 -94.01 47.02 20.61
C TYR EB 355 -94.30 46.29 19.33
N GLY EB 356 -95.06 45.20 19.40
CA GLY EB 356 -95.56 44.59 18.18
C GLY EB 356 -96.44 45.55 17.39
N LEU EB 357 -97.26 46.33 18.09
CA LEU EB 357 -98.03 47.40 17.49
C LEU EB 357 -97.29 48.71 17.68
N TYR EB 358 -97.25 49.53 16.64
CA TYR EB 358 -96.59 50.83 16.73
C TYR EB 358 -95.16 50.71 17.20
N PRO EB 359 -94.26 50.09 16.44
CA PRO EB 359 -92.89 49.92 16.93
C PRO EB 359 -92.06 51.17 16.76
N ALA EB 360 -92.64 52.32 17.07
CA ALA EB 360 -91.94 53.59 16.99
C ALA EB 360 -92.17 54.49 18.18
N ALA EB 361 -93.34 54.47 18.78
CA ALA EB 361 -93.61 55.28 19.96
C ALA EB 361 -93.35 54.53 21.25
N THR EB 362 -93.41 53.19 21.24
CA THR EB 362 -93.17 52.45 22.47
C THR EB 362 -91.77 52.66 22.98
N VAL EB 363 -90.77 52.60 22.11
CA VAL EB 363 -89.40 52.80 22.55
C VAL EB 363 -89.22 54.20 23.12
N SER EB 364 -89.78 55.20 22.44
CA SER EB 364 -89.68 56.56 22.93
C SER EB 364 -90.29 56.70 24.31
N ALA EB 365 -91.49 56.16 24.51
CA ALA EB 365 -92.15 56.30 25.81
C ALA EB 365 -91.37 55.58 26.89
N VAL EB 366 -90.87 54.38 26.60
CA VAL EB 366 -90.14 53.64 27.62
C VAL EB 366 -88.86 54.37 28.00
N VAL EB 367 -88.13 54.90 27.01
CA VAL EB 367 -86.89 55.60 27.32
C VAL EB 367 -87.17 56.87 28.12
N GLY EB 368 -88.21 57.61 27.75
CA GLY EB 368 -88.55 58.81 28.52
C GLY EB 368 -88.87 58.48 29.97
N MET EB 369 -89.66 57.43 30.18
CA MET EB 369 -90.00 57.03 31.54
C MET EB 369 -88.76 56.61 32.31
N SER EB 370 -87.86 55.88 31.66
CA SER EB 370 -86.64 55.46 32.35
C SER EB 370 -85.78 56.65 32.76
N LEU EB 371 -85.65 57.63 31.87
CA LEU EB 371 -84.89 58.83 32.25
C LEU EB 371 -85.52 59.56 33.42
N LEU EB 372 -86.85 59.67 33.45
CA LEU EB 372 -87.47 60.32 34.59
C LEU EB 372 -87.22 59.53 35.87
N ALA EB 373 -87.29 58.20 35.81
CA ALA EB 373 -87.03 57.41 37.01
C ALA EB 373 -85.61 57.62 37.51
N LEU EB 374 -84.63 57.58 36.62
CA LEU EB 374 -83.24 57.79 37.03
C LEU EB 374 -83.03 59.20 37.59
N ILE EB 375 -83.64 60.20 36.97
CA ILE EB 375 -83.49 61.57 37.46
C ILE EB 375 -84.06 61.70 38.87
N SER EB 376 -85.25 61.14 39.10
CA SER EB 376 -85.84 61.21 40.43
C SER EB 376 -84.97 60.50 41.45
N ILE EB 377 -84.47 59.31 41.12
CA ILE EB 377 -83.71 58.55 42.11
C ILE EB 377 -82.40 59.24 42.43
N PHE EB 378 -81.72 59.81 41.43
CA PHE EB 378 -80.48 60.54 41.73
C PHE EB 378 -80.75 61.83 42.49
N ALA EB 379 -81.85 62.51 42.20
CA ALA EB 379 -82.17 63.70 42.98
C ALA EB 379 -82.35 63.34 44.45
N SER EB 380 -83.09 62.28 44.73
CA SER EB 380 -83.27 61.89 46.13
C SER EB 380 -81.96 61.42 46.76
N CYS EB 381 -81.14 60.68 46.02
CA CYS EB 381 -79.89 60.19 46.58
C CYS EB 381 -78.96 61.36 46.93
N TYR EB 382 -78.84 62.32 46.02
CA TYR EB 382 -78.03 63.50 46.30
C TYR EB 382 -78.58 64.27 47.48
N MET EB 383 -79.91 64.37 47.58
CA MET EB 383 -80.49 65.11 48.69
C MET EB 383 -80.15 64.47 50.03
N LEU EB 384 -80.24 63.14 50.11
CA LEU EB 384 -79.85 62.45 51.34
C LEU EB 384 -78.38 62.67 51.65
N VAL EB 385 -77.52 62.58 50.64
CA VAL EB 385 -76.09 62.77 50.90
C VAL EB 385 -75.81 64.15 51.44
N ALA EB 386 -76.43 65.17 50.84
CA ALA EB 386 -76.23 66.53 51.31
C ALA EB 386 -76.76 66.70 52.74
N ALA EB 387 -77.91 66.10 53.04
CA ALA EB 387 -78.43 66.19 54.39
C ALA EB 387 -77.47 65.58 55.40
N ARG EB 388 -76.90 64.42 55.07
CA ARG EB 388 -75.97 63.79 55.99
C ARG EB 388 -74.74 64.66 56.20
N SER EB 389 -74.18 65.21 55.14
CA SER EB 389 -73.00 66.05 55.30
C SER EB 389 -73.30 67.27 56.15
N LYS EB 390 -74.42 67.96 55.87
CA LYS EB 390 -74.75 69.16 56.62
C LYS EB 390 -74.99 68.87 58.09
N CYS EB 391 -75.70 67.78 58.40
CA CYS EB 391 -75.97 67.46 59.79
C CYS EB 391 -74.79 66.84 60.50
N LEU EB 392 -73.77 66.41 59.77
CA LEU EB 392 -72.63 65.80 60.41
C LEU EB 392 -71.47 66.74 60.65
N THR EB 393 -71.15 67.63 59.72
CA THR EB 393 -69.84 68.26 59.83
C THR EB 393 -69.73 69.30 60.94
N PRO EB 394 -70.84 69.84 61.47
CA PRO EB 394 -70.74 70.56 62.74
C PRO EB 394 -69.97 69.82 63.81
N TYR EB 395 -70.16 68.51 63.92
CA TYR EB 395 -69.48 67.70 64.92
C TYR EB 395 -68.06 67.36 64.53
N ALA EB 396 -67.62 67.71 63.33
CA ALA EB 396 -66.30 67.34 62.86
C ALA EB 396 -65.28 68.45 63.08
N LEU EB 397 -65.64 69.48 63.83
CA LEU EB 397 -64.73 70.57 64.17
C LEU EB 397 -64.35 70.56 65.64
N THR EB 398 -64.87 69.62 66.43
CA THR EB 398 -64.50 69.43 67.82
C THR EB 398 -64.16 67.97 68.05
N PRO EB 399 -63.17 67.69 68.89
CA PRO EB 399 -62.89 66.30 69.25
C PRO EB 399 -63.92 65.76 70.21
N GLY EB 400 -65.19 65.76 69.80
CA GLY EB 400 -66.30 65.50 70.69
C GLY EB 400 -66.90 64.12 70.52
N ALA EB 401 -67.86 63.82 71.40
CA ALA EB 401 -68.59 62.57 71.32
C ALA EB 401 -69.49 62.56 70.11
N ALA EB 402 -69.65 61.39 69.50
CA ALA EB 402 -70.50 61.26 68.33
C ALA EB 402 -71.97 61.10 68.68
N VAL EB 403 -72.30 61.05 69.97
CA VAL EB 403 -73.68 60.92 70.42
C VAL EB 403 -74.27 59.64 69.84
N PRO EB 404 -73.95 58.46 70.39
CA PRO EB 404 -74.44 57.20 69.81
C PRO EB 404 -75.93 57.20 69.52
N TRP EB 405 -76.72 57.93 70.31
CA TRP EB 405 -78.16 57.99 70.08
C TRP EB 405 -78.47 58.47 68.66
N THR EB 406 -77.75 59.50 68.19
CA THR EB 406 -77.95 59.98 66.83
C THR EB 406 -77.05 59.25 65.83
N LEU EB 407 -75.89 58.78 66.27
CA LEU EB 407 -75.00 58.06 65.35
C LEU EB 407 -75.62 56.76 64.91
N GLY EB 408 -76.46 56.15 65.74
CA GLY EB 408 -77.14 54.93 65.33
C GLY EB 408 -78.11 55.18 64.20
N ILE EB 409 -78.87 56.28 64.28
CA ILE EB 409 -79.79 56.63 63.21
C ILE EB 409 -79.03 56.96 61.94
N LEU EB 410 -77.98 57.76 62.05
CA LEU EB 410 -77.24 58.23 60.89
C LEU EB 410 -75.83 57.68 60.90
N CYS EB 411 -75.45 56.96 59.85
CA CYS EB 411 -74.15 56.30 59.79
C CYS EB 411 -73.11 57.30 59.29
N CYS EB 412 -72.01 57.42 60.03
CA CYS EB 412 -70.94 58.31 59.63
C CYS EB 412 -69.73 57.50 59.18
N ALA EB 413 -68.64 58.21 58.84
CA ALA EB 413 -67.42 57.53 58.42
C ALA EB 413 -66.64 56.94 59.59
N PRO EB 414 -66.35 57.67 60.69
CA PRO EB 414 -65.70 57.03 61.83
C PRO EB 414 -66.69 56.18 62.62
N ARG EB 415 -66.60 54.87 62.43
CA ARG EB 415 -67.59 53.98 63.04
C ARG EB 415 -67.47 53.97 64.55
N ALA EB 416 -66.25 53.77 65.06
CA ALA EB 416 -66.01 53.77 66.50
C ALA EB 416 -64.93 54.76 66.94
N HIS EB 417 -64.17 55.33 66.02
CA HIS EB 417 -63.15 56.32 66.38
C HIS EB 417 -63.85 57.65 66.62
N ALA EB 418 -64.42 57.81 67.82
CA ALA EB 418 -65.10 59.03 68.24
C ALA EB 418 -66.19 59.46 67.25
N HIS FB 1 -114.53 -8.18 -39.12
CA HIS FB 1 -114.02 -6.93 -39.68
C HIS FB 1 -113.87 -5.89 -38.58
N PHE FB 2 -114.87 -5.84 -37.71
CA PHE FB 2 -114.84 -5.04 -36.49
C PHE FB 2 -114.62 -3.56 -36.79
N ASN FB 3 -115.61 -3.00 -37.49
CA ASN FB 3 -115.73 -1.55 -37.64
C ASN FB 3 -116.35 -1.03 -36.36
N VAL FB 4 -115.51 -0.65 -35.39
CA VAL FB 4 -116.00 -0.15 -34.13
C VAL FB 4 -116.73 1.18 -34.31
N TYR FB 5 -116.72 1.71 -35.52
CA TYR FB 5 -117.37 2.97 -35.84
C TYR FB 5 -118.80 2.82 -36.33
N LYS FB 6 -119.36 1.62 -36.30
CA LYS FB 6 -120.74 1.47 -36.73
C LYS FB 6 -121.73 2.13 -35.79
N ALA FB 7 -121.39 2.28 -34.51
CA ALA FB 7 -122.31 2.84 -33.52
C ALA FB 7 -121.97 4.28 -33.17
N THR FB 8 -121.07 4.91 -33.91
CA THR FB 8 -120.63 6.26 -33.61
C THR FB 8 -120.96 7.18 -34.78
N ARG FB 9 -121.32 8.41 -34.48
CA ARG FB 9 -121.63 9.39 -35.51
C ARG FB 9 -120.95 10.71 -35.23
N PRO FB 10 -120.66 11.48 -36.27
CA PRO FB 10 -120.15 12.84 -36.05
C PRO FB 10 -121.22 13.73 -35.45
N TYR FB 11 -120.83 14.83 -34.81
CA TYR FB 11 -121.80 15.60 -34.05
C TYR FB 11 -121.50 17.08 -34.20
N ILE FB 12 -122.44 17.90 -33.73
CA ILE FB 12 -122.36 19.36 -33.82
C ILE FB 12 -122.11 19.92 -32.43
N ALA FB 13 -121.13 20.80 -32.32
CA ALA FB 13 -120.79 21.44 -31.05
C ALA FB 13 -120.64 22.94 -31.24
N TYR FB 14 -120.37 23.62 -30.14
CA TYR FB 14 -120.26 25.07 -30.12
C TYR FB 14 -118.80 25.49 -30.20
N CYS FB 15 -118.42 26.14 -31.29
CA CYS FB 15 -117.06 26.60 -31.50
C CYS FB 15 -116.96 28.08 -31.17
N ALA FB 16 -115.81 28.49 -30.61
CA ALA FB 16 -115.69 29.84 -30.10
C ALA FB 16 -115.87 30.88 -31.20
N ASP FB 17 -115.12 30.75 -32.28
CA ASP FB 17 -115.31 31.58 -33.45
C ASP FB 17 -115.00 30.76 -34.69
N CYS FB 18 -115.75 31.01 -35.76
CA CYS FB 18 -115.68 30.17 -36.95
C CYS FB 18 -114.75 30.76 -37.99
N GLY FB 19 -113.64 31.35 -37.55
CA GLY FB 19 -112.69 31.98 -38.44
C GLY FB 19 -113.05 33.38 -38.84
N ALA FB 20 -114.19 33.90 -38.39
CA ALA FB 20 -114.66 35.22 -38.77
C ALA FB 20 -114.98 36.12 -37.60
N GLY FB 21 -114.70 35.71 -36.36
CA GLY FB 21 -114.96 36.55 -35.22
C GLY FB 21 -116.36 36.49 -34.67
N HIS FB 22 -117.21 35.60 -35.17
CA HIS FB 22 -118.54 35.39 -34.62
C HIS FB 22 -118.73 33.90 -34.38
N SER FB 23 -119.61 33.57 -33.44
CA SER FB 23 -119.78 32.21 -32.97
C SER FB 23 -121.01 31.57 -33.59
N CYS FB 24 -120.85 30.34 -34.09
CA CYS FB 24 -122.00 29.57 -34.55
C CYS FB 24 -121.67 28.09 -34.40
N HIS FB 25 -122.74 27.29 -34.38
CA HIS FB 25 -122.61 25.85 -34.16
C HIS FB 25 -121.99 25.21 -35.39
N SER FB 26 -120.77 24.76 -35.28
CA SER FB 26 -120.10 24.24 -36.45
C SER FB 26 -119.94 22.72 -36.35
N PRO FB 27 -119.89 22.02 -37.48
CA PRO FB 27 -119.68 20.58 -37.46
C PRO FB 27 -118.23 20.15 -37.30
N VAL FB 28 -117.29 21.09 -37.17
CA VAL FB 28 -115.88 20.71 -37.04
C VAL FB 28 -115.32 21.30 -35.75
N ALA FB 29 -116.14 21.39 -34.71
CA ALA FB 29 -115.69 21.95 -33.44
C ALA FB 29 -114.52 21.17 -32.87
N ILE FB 30 -113.58 21.88 -32.27
CA ILE FB 30 -112.34 21.29 -31.79
C ILE FB 30 -112.44 21.03 -30.30
N GLU FB 31 -112.18 19.79 -29.90
CA GLU FB 31 -112.04 19.47 -28.48
C GLU FB 31 -110.56 19.51 -28.09
N ALA FB 32 -110.24 18.99 -26.92
CA ALA FB 32 -108.93 19.18 -26.33
C ALA FB 32 -107.80 18.74 -27.26
N VAL FB 33 -106.62 19.32 -27.04
CA VAL FB 33 -105.42 19.02 -27.82
C VAL FB 33 -104.41 18.35 -26.89
N ARG FB 34 -103.83 17.24 -27.34
CA ARG FB 34 -102.83 16.52 -26.58
C ARG FB 34 -101.46 16.71 -27.23
N SER FB 35 -100.45 17.05 -26.43
CA SER FB 35 -99.14 17.38 -26.98
C SER FB 35 -98.02 16.83 -26.12
N GLU FB 36 -98.16 15.60 -25.63
CA GLU FB 36 -97.20 15.10 -24.66
C GLU FB 36 -96.07 14.28 -25.27
N ALA FB 37 -95.79 14.46 -26.55
CA ALA FB 37 -94.67 13.79 -27.21
C ALA FB 37 -93.54 14.78 -27.42
N THR FB 38 -92.31 14.33 -27.18
CA THR FB 38 -91.17 15.25 -27.14
C THR FB 38 -90.87 15.86 -28.50
N ASP FB 39 -91.04 15.10 -29.58
CA ASP FB 39 -90.84 15.68 -30.90
C ASP FB 39 -91.80 16.81 -31.19
N GLY FB 40 -93.00 16.76 -30.64
CA GLY FB 40 -93.94 17.85 -30.84
C GLY FB 40 -94.91 17.62 -31.98
N MET FB 41 -95.59 16.47 -31.97
CA MET FB 41 -96.70 16.22 -32.88
C MET FB 41 -97.98 16.34 -32.09
N LEU FB 42 -98.90 17.18 -32.56
CA LEU FB 42 -100.14 17.38 -31.83
C LEU FB 42 -101.14 16.27 -32.15
N LYS FB 43 -102.20 16.19 -31.35
CA LYS FB 43 -103.30 15.27 -31.63
C LYS FB 43 -104.60 16.03 -31.50
N ILE FB 44 -104.97 16.75 -32.55
CA ILE FB 44 -106.22 17.49 -32.52
C ILE FB 44 -107.38 16.50 -32.58
N GLN FB 45 -108.49 16.87 -31.95
CA GLN FB 45 -109.68 16.03 -31.86
C GLN FB 45 -110.86 16.77 -32.47
N PHE FB 46 -111.39 16.26 -33.58
CA PHE FB 46 -112.55 16.86 -34.23
C PHE FB 46 -113.82 16.70 -33.41
N SER FB 47 -114.88 17.26 -33.98
CA SER FB 47 -116.25 16.86 -33.74
C SER FB 47 -116.87 16.14 -34.92
N ALA FB 48 -116.09 15.82 -35.95
CA ALA FB 48 -116.56 15.10 -37.12
C ALA FB 48 -115.54 14.03 -37.49
N GLN FB 49 -115.90 12.78 -37.26
CA GLN FB 49 -114.96 11.67 -37.47
C GLN FB 49 -114.64 11.48 -38.94
N ILE FB 50 -113.38 11.16 -39.23
CA ILE FB 50 -112.87 11.18 -40.59
C ILE FB 50 -112.11 9.90 -40.88
N GLY FB 51 -112.09 9.54 -42.17
CA GLY FB 51 -111.59 8.26 -42.61
C GLY FB 51 -112.66 7.22 -42.92
N ILE FB 52 -113.93 7.60 -42.90
CA ILE FB 52 -115.05 6.68 -43.10
C ILE FB 52 -116.09 7.35 -43.99
N ASP FB 53 -116.67 6.57 -44.90
CA ASP FB 53 -117.69 7.12 -45.79
C ASP FB 53 -119.00 7.31 -45.03
N LYS FB 54 -120.00 7.86 -45.72
CA LYS FB 54 -121.33 7.94 -45.15
C LYS FB 54 -121.92 6.56 -44.91
N SER FB 55 -121.66 5.62 -45.83
CA SER FB 55 -122.18 4.27 -45.76
C SER FB 55 -121.40 3.38 -44.80
N ASP FB 56 -120.54 3.98 -43.98
CA ASP FB 56 -119.88 3.28 -42.88
C ASP FB 56 -118.92 2.21 -43.40
N ASN FB 57 -118.05 2.59 -44.32
CA ASN FB 57 -117.03 1.71 -44.86
C ASN FB 57 -115.71 2.45 -44.92
N HIS FB 58 -114.60 1.74 -44.73
CA HIS FB 58 -113.30 2.39 -44.72
C HIS FB 58 -112.96 2.99 -46.08
N ASP FB 59 -112.48 4.22 -46.07
CA ASP FB 59 -112.16 4.95 -47.29
C ASP FB 59 -110.99 5.89 -47.03
N TYR FB 60 -110.29 6.23 -48.10
CA TYR FB 60 -109.27 7.27 -48.05
C TYR FB 60 -109.71 8.55 -48.73
N THR FB 61 -110.97 8.65 -49.10
CA THR FB 61 -111.42 9.79 -49.88
C THR FB 61 -112.60 10.52 -49.25
N LYS FB 62 -113.40 9.88 -48.44
CA LYS FB 62 -114.53 10.55 -47.81
C LYS FB 62 -114.31 10.65 -46.31
N ILE FB 63 -114.81 11.74 -45.73
CA ILE FB 63 -114.80 11.95 -44.29
C ILE FB 63 -116.18 12.43 -43.87
N ARG FB 64 -116.69 11.87 -42.78
CA ARG FB 64 -118.07 12.13 -42.39
C ARG FB 64 -118.19 13.47 -41.68
N TYR FB 65 -119.40 14.01 -41.68
CA TYR FB 65 -119.76 15.09 -40.79
C TYR FB 65 -121.28 15.12 -40.72
N ALA FB 66 -121.80 16.00 -39.88
CA ALA FB 66 -123.22 16.03 -39.59
C ALA FB 66 -123.84 17.37 -40.00
N ASP FB 67 -125.12 17.34 -40.34
CA ASP FB 67 -125.89 18.56 -40.57
C ASP FB 67 -127.37 18.23 -40.51
N GLY FB 68 -128.12 19.03 -39.76
CA GLY FB 68 -129.56 18.90 -39.73
C GLY FB 68 -130.02 17.51 -39.33
N HIS FB 69 -129.46 16.97 -38.25
CA HIS FB 69 -129.66 15.58 -37.85
C HIS FB 69 -129.66 14.64 -39.04
N ALA FB 70 -128.64 14.74 -39.89
CA ALA FB 70 -128.42 13.83 -41.00
C ALA FB 70 -126.93 13.81 -41.32
N ILE FB 71 -126.39 12.63 -41.60
CA ILE FB 71 -124.96 12.48 -41.85
C ILE FB 71 -124.68 12.74 -43.32
N GLU FB 72 -123.63 13.49 -43.60
CA GLU FB 72 -123.17 13.77 -44.94
C GLU FB 72 -121.68 13.46 -45.00
N ASN FB 73 -121.10 13.45 -46.20
CA ASN FB 73 -119.67 13.19 -46.33
C ASN FB 73 -119.03 14.27 -47.20
N ALA FB 74 -117.71 14.44 -47.01
CA ALA FB 74 -116.94 15.47 -47.71
C ALA FB 74 -115.59 14.92 -48.11
N VAL FB 75 -114.97 15.57 -49.09
CA VAL FB 75 -113.74 15.05 -49.67
C VAL FB 75 -112.57 15.18 -48.69
N ARG FB 76 -111.66 14.21 -48.73
CA ARG FB 76 -110.55 14.16 -47.78
C ARG FB 76 -109.53 15.25 -48.05
N SER FB 77 -109.34 15.65 -49.30
CA SER FB 77 -108.59 16.85 -49.53
C SER FB 77 -109.34 18.04 -48.94
N SER FB 78 -108.69 19.19 -48.94
CA SER FB 78 -109.19 20.39 -48.29
C SER FB 78 -109.27 20.23 -46.78
N LEU FB 79 -108.54 19.29 -46.19
CA LEU FB 79 -108.30 19.28 -44.76
C LEU FB 79 -107.11 20.19 -44.48
N LYS FB 80 -107.36 21.37 -43.91
CA LYS FB 80 -106.28 22.30 -43.61
C LYS FB 80 -106.26 22.57 -42.11
N VAL FB 81 -105.14 22.26 -41.47
CA VAL FB 81 -104.87 22.67 -40.10
C VAL FB 81 -103.77 23.73 -40.14
N ALA FB 82 -104.00 24.84 -39.47
CA ALA FB 82 -103.13 25.98 -39.66
C ALA FB 82 -102.83 26.66 -38.33
N THR FB 83 -101.66 27.30 -38.30
CA THR FB 83 -101.24 28.16 -37.19
C THR FB 83 -100.64 29.37 -37.90
N SER FB 84 -99.83 30.14 -37.17
CA SER FB 84 -99.19 31.33 -37.73
C SER FB 84 -98.61 31.08 -39.12
N GLY FB 85 -98.22 29.85 -39.41
CA GLY FB 85 -97.80 29.48 -40.75
C GLY FB 85 -98.76 28.51 -41.40
N ASP FB 86 -98.28 27.31 -41.72
CA ASP FB 86 -99.14 26.25 -42.23
C ASP FB 86 -98.60 24.92 -41.78
N CYS FB 87 -99.47 24.04 -41.31
CA CYS FB 87 -99.06 22.80 -40.69
C CYS FB 87 -98.91 21.69 -41.72
N PHE FB 88 -98.43 20.53 -41.26
CA PHE FB 88 -98.27 19.35 -42.09
C PHE FB 88 -98.88 18.16 -41.36
N VAL FB 89 -99.75 17.43 -42.04
CA VAL FB 89 -100.54 16.36 -41.43
C VAL FB 89 -99.87 15.01 -41.73
N HIS FB 90 -99.75 14.17 -40.71
CA HIS FB 90 -99.06 12.89 -40.85
C HIS FB 90 -100.05 11.73 -40.85
N GLY FB 91 -100.86 11.62 -39.80
CA GLY FB 91 -101.79 10.52 -39.65
C GLY FB 91 -103.23 11.01 -39.59
N THR FB 92 -104.15 10.06 -39.66
CA THR FB 92 -105.57 10.39 -39.65
C THR FB 92 -106.44 9.15 -39.45
N MET FB 93 -107.31 9.17 -38.46
CA MET FB 93 -108.45 8.25 -38.43
C MET FB 93 -109.40 8.68 -37.34
N GLY FB 94 -110.65 8.23 -37.44
CA GLY FB 94 -111.59 8.52 -36.38
C GLY FB 94 -111.73 10.00 -36.16
N HIS FB 95 -111.53 10.42 -34.93
CA HIS FB 95 -111.63 11.82 -34.56
C HIS FB 95 -110.27 12.52 -34.51
N PHE FB 96 -109.17 11.81 -34.65
CA PHE FB 96 -107.87 12.32 -34.23
C PHE FB 96 -106.98 12.64 -35.42
N ILE FB 97 -106.17 13.69 -35.27
CA ILE FB 97 -105.19 14.10 -36.27
C ILE FB 97 -103.81 14.05 -35.66
N LEU FB 98 -102.81 13.80 -36.50
CA LEU FB 98 -101.42 14.02 -36.13
C LEU FB 98 -100.88 15.13 -37.01
N ALA FB 99 -100.29 16.16 -36.41
CA ALA FB 99 -99.84 17.29 -37.20
C ALA FB 99 -98.59 17.88 -36.58
N LYS FB 100 -97.81 18.55 -37.43
CA LYS FB 100 -96.67 19.36 -37.01
C LYS FB 100 -96.92 20.79 -37.45
N CYS FB 101 -96.65 21.74 -36.57
CA CYS FB 101 -96.92 23.12 -36.92
C CYS FB 101 -95.75 24.01 -36.55
N PRO FB 102 -95.49 25.06 -37.33
CA PRO FB 102 -94.53 26.07 -36.92
C PRO FB 102 -95.10 26.89 -35.78
N PRO FB 103 -94.24 27.42 -34.91
CA PRO FB 103 -94.73 28.02 -33.66
C PRO FB 103 -95.63 29.21 -33.91
N GLY FB 104 -96.60 29.39 -33.02
CA GLY FB 104 -97.61 30.41 -33.20
C GLY FB 104 -98.43 30.51 -31.93
N GLU FB 105 -99.58 31.17 -32.06
CA GLU FB 105 -100.43 31.42 -30.90
C GLU FB 105 -101.84 30.88 -31.04
N PHE FB 106 -102.19 30.26 -32.16
CA PHE FB 106 -103.54 29.74 -32.33
C PHE FB 106 -103.49 28.63 -33.38
N LEU FB 107 -104.56 27.85 -33.46
CA LEU FB 107 -104.66 26.92 -34.56
C LEU FB 107 -106.12 26.74 -34.96
N GLN FB 108 -106.34 26.52 -36.26
CA GLN FB 108 -107.68 26.31 -36.77
C GLN FB 108 -107.68 25.10 -37.68
N VAL FB 109 -108.87 24.50 -37.81
CA VAL FB 109 -109.09 23.34 -38.68
C VAL FB 109 -110.25 23.65 -39.62
N SER FB 110 -110.08 23.32 -40.89
CA SER FB 110 -111.08 23.65 -41.89
C SER FB 110 -111.21 22.54 -42.92
N ILE FB 111 -112.47 22.29 -43.31
CA ILE FB 111 -112.79 21.36 -44.40
C ILE FB 111 -113.92 21.96 -45.23
N GLN FB 112 -114.04 21.49 -46.47
CA GLN FB 112 -115.16 21.91 -47.31
C GLN FB 112 -116.40 21.08 -46.99
N ASP FB 113 -117.57 21.70 -47.10
CA ASP FB 113 -118.81 20.98 -46.85
C ASP FB 113 -119.30 20.38 -48.17
N THR FB 114 -120.56 19.95 -48.20
CA THR FB 114 -121.13 19.44 -49.43
C THR FB 114 -121.37 20.56 -50.44
N ARG FB 115 -121.43 21.79 -49.97
CA ARG FB 115 -121.68 22.95 -50.82
C ARG FB 115 -120.41 23.66 -51.23
N ASN FB 116 -119.25 23.04 -50.99
CA ASN FB 116 -117.96 23.62 -51.32
C ASN FB 116 -117.75 24.95 -50.62
N ALA FB 117 -118.22 25.04 -49.37
CA ALA FB 117 -117.98 26.17 -48.51
C ALA FB 117 -117.08 25.73 -47.37
N VAL FB 118 -116.19 26.62 -46.94
CA VAL FB 118 -115.23 26.27 -45.90
C VAL FB 118 -115.92 26.33 -44.54
N ARG FB 119 -115.72 25.29 -43.73
CA ARG FB 119 -116.13 25.28 -42.33
C ARG FB 119 -114.86 25.13 -41.51
N ALA FB 120 -114.67 26.03 -40.55
CA ALA FB 120 -113.44 26.05 -39.76
C ALA FB 120 -113.75 26.36 -38.31
N CYS FB 121 -112.92 25.83 -37.43
CA CYS FB 121 -112.98 26.13 -36.00
C CYS FB 121 -111.60 26.52 -35.53
N ARG FB 122 -111.54 27.50 -34.63
CA ARG FB 122 -110.32 28.25 -34.34
C ARG FB 122 -110.14 28.37 -32.83
N ILE FB 123 -108.99 27.95 -32.33
CA ILE FB 123 -108.78 27.81 -30.90
C ILE FB 123 -107.46 28.45 -30.51
N GLN FB 124 -107.44 29.10 -29.34
CA GLN FB 124 -106.22 29.67 -28.80
C GLN FB 124 -105.35 28.57 -28.21
N TYR FB 125 -104.08 28.55 -28.61
CA TYR FB 125 -103.17 27.51 -28.13
C TYR FB 125 -101.76 28.02 -28.30
N HIS FB 126 -101.01 28.07 -27.20
CA HIS FB 126 -99.67 28.63 -27.20
C HIS FB 126 -98.70 27.51 -27.53
N HIS FB 127 -98.47 27.29 -28.82
CA HIS FB 127 -97.61 26.22 -29.29
C HIS FB 127 -96.21 26.75 -29.53
N ASP FB 128 -95.23 26.09 -28.92
CA ASP FB 128 -93.84 26.49 -29.10
C ASP FB 128 -92.96 25.31 -28.74
N PRO FB 129 -92.57 24.49 -29.71
CA PRO FB 129 -91.77 23.31 -29.39
C PRO FB 129 -90.36 23.69 -29.00
N GLN FB 130 -89.72 22.78 -28.28
CA GLN FB 130 -88.31 22.93 -27.98
C GLN FB 130 -87.67 21.56 -28.11
N PRO FB 131 -86.74 21.38 -29.04
CA PRO FB 131 -86.21 20.05 -29.30
C PRO FB 131 -85.39 19.52 -28.14
N VAL FB 132 -85.36 18.20 -28.04
CA VAL FB 132 -84.64 17.52 -26.97
C VAL FB 132 -83.16 17.80 -27.11
N GLY FB 133 -82.45 17.82 -25.97
CA GLY FB 133 -81.02 18.03 -25.97
C GLY FB 133 -80.67 19.30 -25.21
N ARG FB 134 -79.54 19.90 -25.60
CA ARG FB 134 -79.09 21.14 -25.01
C ARG FB 134 -78.99 22.28 -26.01
N GLU FB 135 -79.45 22.08 -27.24
CA GLU FB 135 -79.46 23.12 -28.26
C GLU FB 135 -80.86 23.28 -28.81
N LYS FB 136 -81.25 24.52 -29.07
CA LYS FB 136 -82.58 24.78 -29.61
C LYS FB 136 -82.51 24.94 -31.12
N PHE FB 137 -82.06 23.88 -31.79
CA PHE FB 137 -81.97 23.92 -33.24
C PHE FB 137 -83.36 23.84 -33.86
N THR FB 138 -83.41 23.92 -35.18
CA THR FB 138 -84.68 23.93 -35.89
C THR FB 138 -84.83 22.76 -36.86
N ILE FB 139 -83.75 22.33 -37.51
CA ILE FB 139 -83.82 21.25 -38.49
C ILE FB 139 -82.68 20.29 -38.25
N ARG FB 140 -82.98 19.00 -38.30
CA ARG FB 140 -81.98 18.00 -38.02
C ARG FB 140 -80.81 18.15 -39.00
N PRO FB 141 -79.60 17.88 -38.56
CA PRO FB 141 -78.46 18.04 -39.44
C PRO FB 141 -78.14 16.77 -40.18
N HIS FB 142 -77.07 16.78 -40.97
CA HIS FB 142 -76.58 15.57 -41.61
C HIS FB 142 -75.38 14.98 -40.89
N TYR FB 143 -75.10 15.41 -39.66
CA TYR FB 143 -74.04 14.84 -38.85
C TYR FB 143 -74.31 15.21 -37.40
N GLY FB 144 -74.45 14.22 -36.53
CA GLY FB 144 -74.74 14.52 -35.14
C GLY FB 144 -74.86 13.27 -34.31
N LYS FB 145 -75.37 13.44 -33.11
CA LYS FB 145 -75.58 12.35 -32.17
C LYS FB 145 -77.02 11.88 -32.21
N GLU FB 146 -77.27 10.74 -31.58
CA GLU FB 146 -78.60 10.17 -31.45
C GLU FB 146 -79.03 10.20 -29.99
N ILE FB 147 -80.14 10.85 -29.72
CA ILE FB 147 -80.65 11.03 -28.36
C ILE FB 147 -82.07 10.45 -28.31
N PRO FB 148 -82.44 9.69 -27.30
CA PRO FB 148 -83.80 9.17 -27.23
C PRO FB 148 -84.82 10.28 -27.10
N CYS FB 149 -85.99 10.04 -27.67
CA CYS FB 149 -87.08 11.04 -27.71
C CYS FB 149 -88.39 10.28 -27.63
N THR FB 150 -89.49 10.92 -28.04
CA THR FB 150 -90.79 10.29 -27.93
C THR FB 150 -91.78 10.92 -28.89
N THR FB 151 -92.46 10.08 -29.67
CA THR FB 151 -93.34 10.54 -30.72
C THR FB 151 -94.59 9.67 -30.75
N TYR FB 152 -95.51 10.01 -31.65
CA TYR FB 152 -96.68 9.20 -31.89
C TYR FB 152 -96.47 8.32 -33.11
N GLN FB 153 -97.05 7.13 -33.09
CA GLN FB 153 -96.89 6.16 -34.16
C GLN FB 153 -98.19 6.03 -34.95
N GLN FB 154 -98.07 5.47 -36.15
CA GLN FB 154 -99.23 5.28 -37.01
C GLN FB 154 -99.84 3.89 -36.87
N THR FB 155 -99.39 3.09 -35.91
CA THR FB 155 -100.01 1.80 -35.69
C THR FB 155 -101.44 1.98 -35.18
N THR FB 156 -102.25 0.94 -35.36
CA THR FB 156 -103.67 1.02 -35.07
C THR FB 156 -104.10 -0.04 -34.05
N ALA FB 157 -103.15 -0.64 -33.35
CA ALA FB 157 -103.45 -1.78 -32.49
C ALA FB 157 -104.11 -1.36 -31.19
N LYS FB 158 -104.19 -2.28 -30.22
CA LYS FB 158 -104.72 -1.94 -28.91
C LYS FB 158 -103.83 -0.92 -28.22
N THR FB 159 -104.46 0.02 -27.53
CA THR FB 159 -103.75 1.12 -26.92
C THR FB 159 -104.02 1.30 -25.43
N VAL FB 160 -105.11 0.73 -24.92
CA VAL FB 160 -105.52 0.90 -23.53
C VAL FB 160 -105.69 2.39 -23.27
N GLU FB 161 -106.67 2.99 -23.94
CA GLU FB 161 -107.08 4.36 -23.70
C GLU FB 161 -108.59 4.42 -23.75
N GLU FB 162 -109.14 5.61 -23.59
CA GLU FB 162 -110.58 5.71 -23.37
C GLU FB 162 -111.18 6.90 -24.11
N ILE FB 163 -112.33 6.65 -24.72
CA ILE FB 163 -113.29 7.67 -25.13
C ILE FB 163 -114.66 7.24 -24.62
N ASP FB 164 -115.34 8.15 -23.95
CA ASP FB 164 -116.62 7.83 -23.35
C ASP FB 164 -117.74 8.16 -24.33
N MET FB 165 -118.64 7.20 -24.55
CA MET FB 165 -119.67 7.30 -25.55
C MET FB 165 -121.02 7.18 -24.85
N HIS FB 166 -122.03 7.90 -25.31
CA HIS FB 166 -123.36 7.75 -24.76
C HIS FB 166 -124.40 8.18 -25.79
N MET FB 167 -125.65 8.01 -25.41
CA MET FB 167 -126.75 8.27 -26.33
C MET FB 167 -126.86 9.75 -26.63
N PRO FB 168 -127.28 10.13 -27.83
CA PRO FB 168 -127.59 11.52 -28.12
C PRO FB 168 -128.81 11.97 -27.35
N PRO FB 169 -128.91 13.24 -27.04
CA PRO FB 169 -130.11 13.74 -26.36
C PRO FB 169 -131.27 13.91 -27.32
N ASP FB 170 -132.36 14.48 -26.82
CA ASP FB 170 -133.53 14.79 -27.65
C ASP FB 170 -133.21 16.07 -28.42
N THR FB 171 -132.97 15.95 -29.72
CA THR FB 171 -132.62 17.15 -30.47
C THR FB 171 -133.86 17.94 -30.83
N PRO FB 172 -134.01 19.16 -30.33
CA PRO FB 172 -135.21 19.93 -30.66
C PRO FB 172 -135.14 20.51 -32.06
N ASP FB 173 -136.32 20.75 -32.63
CA ASP FB 173 -136.39 21.37 -33.94
C ASP FB 173 -137.70 22.13 -34.09
N ARG FB 174 -137.76 23.01 -35.10
CA ARG FB 174 -138.95 23.80 -35.37
C ARG FB 174 -139.37 23.82 -36.83
N THR FB 175 -138.45 23.54 -37.76
CA THR FB 175 -138.77 23.67 -39.18
C THR FB 175 -139.81 22.65 -39.62
N LEU FB 176 -139.87 21.50 -38.95
CA LEU FB 176 -140.77 20.43 -39.35
C LEU FB 176 -142.20 20.65 -38.89
N LEU FB 177 -142.50 21.79 -38.26
CA LEU FB 177 -143.86 22.14 -37.92
C LEU FB 177 -144.42 23.08 -38.99
N SER FB 178 -145.54 22.70 -39.59
CA SER FB 178 -146.18 23.48 -40.62
C SER FB 178 -147.60 23.83 -40.17
N GLN FB 179 -147.94 25.12 -40.24
CA GLN FB 179 -149.26 25.60 -39.86
C GLN FB 179 -149.94 26.18 -41.10
N GLN FB 180 -150.99 25.53 -41.57
CA GLN FB 180 -151.71 25.98 -42.76
C GLN FB 180 -152.99 26.74 -42.40
N SER FB 181 -153.94 26.08 -41.73
CA SER FB 181 -155.19 26.74 -41.36
C SER FB 181 -155.77 25.98 -40.16
N GLY FB 182 -155.57 26.53 -38.96
CA GLY FB 182 -156.19 25.97 -37.77
C GLY FB 182 -155.78 24.57 -37.42
N ASN FB 183 -154.70 24.07 -38.01
CA ASN FB 183 -154.21 22.72 -37.72
C ASN FB 183 -152.72 22.67 -38.01
N VAL FB 184 -152.05 21.67 -37.45
CA VAL FB 184 -150.60 21.59 -37.52
C VAL FB 184 -150.21 20.30 -38.23
N LYS FB 185 -149.02 20.32 -38.82
CA LYS FB 185 -148.44 19.16 -39.49
C LYS FB 185 -147.02 18.98 -39.00
N ILE FB 186 -146.71 17.77 -38.54
CA ILE FB 186 -145.39 17.43 -38.03
C ILE FB 186 -144.73 16.51 -39.05
N THR FB 187 -143.65 16.98 -39.67
CA THR FB 187 -142.97 16.19 -40.68
C THR FB 187 -142.28 14.99 -40.05
N VAL FB 188 -142.28 13.87 -40.78
CA VAL FB 188 -141.66 12.62 -40.37
C VAL FB 188 -140.78 12.14 -41.51
N GLY FB 189 -140.27 10.92 -41.42
CA GLY FB 189 -139.38 10.42 -42.46
C GLY FB 189 -138.30 9.50 -41.94
N GLY FB 190 -138.42 9.12 -40.67
CA GLY FB 190 -137.47 8.22 -40.05
C GLY FB 190 -137.16 8.72 -38.65
N LYS FB 191 -137.77 9.85 -38.32
CA LYS FB 191 -137.47 10.56 -37.08
C LYS FB 191 -138.69 10.45 -36.16
N LYS FB 192 -138.63 9.54 -35.21
CA LYS FB 192 -139.73 9.36 -34.28
C LYS FB 192 -139.75 10.51 -33.29
N VAL FB 193 -140.44 11.60 -33.65
CA VAL FB 193 -140.38 12.79 -32.85
C VAL FB 193 -141.07 12.58 -31.50
N LYS FB 194 -140.77 13.47 -30.56
CA LYS FB 194 -141.47 13.55 -29.29
C LYS FB 194 -142.15 14.91 -29.21
N TYR FB 195 -143.44 14.92 -28.87
CA TYR FB 195 -144.21 16.15 -28.86
C TYR FB 195 -144.83 16.37 -27.50
N ASN FB 196 -144.80 17.62 -27.04
CA ASN FB 196 -145.51 18.10 -25.86
C ASN FB 196 -146.47 19.19 -26.30
N CYS FB 197 -147.76 18.99 -26.04
CA CYS FB 197 -148.79 19.98 -26.36
C CYS FB 197 -149.83 19.95 -25.25
N THR FB 198 -150.06 21.11 -24.63
CA THR FB 198 -151.02 21.21 -23.53
C THR FB 198 -152.09 22.25 -23.80
N CYS FB 199 -152.69 22.21 -24.99
CA CYS FB 199 -153.81 23.08 -25.33
C CYS FB 199 -155.16 22.45 -25.02
N GLY FB 200 -155.21 21.51 -24.08
CA GLY FB 200 -156.42 20.76 -23.81
C GLY FB 200 -156.64 19.59 -24.73
N THR FB 201 -155.80 19.42 -25.74
CA THR FB 201 -155.90 18.34 -26.70
C THR FB 201 -155.05 17.17 -26.21
N GLY FB 202 -154.79 16.19 -27.10
CA GLY FB 202 -153.95 15.06 -26.78
C GLY FB 202 -152.65 15.43 -26.09
N ASN FB 203 -152.26 14.64 -25.11
CA ASN FB 203 -151.12 14.97 -24.26
C ASN FB 203 -149.82 14.67 -24.99
N VAL FB 204 -148.71 14.63 -24.23
CA VAL FB 204 -147.41 14.35 -24.81
C VAL FB 204 -147.40 12.97 -25.46
N GLY FB 205 -146.42 12.74 -26.30
CA GLY FB 205 -146.28 11.42 -26.89
C GLY FB 205 -145.11 11.34 -27.84
N THR FB 206 -144.96 10.16 -28.43
CA THR FB 206 -143.97 9.89 -29.45
C THR FB 206 -144.66 9.19 -30.62
N THR FB 207 -144.49 9.71 -31.83
CA THR FB 207 -145.18 9.22 -32.99
C THR FB 207 -144.24 9.14 -34.19
N ASN FB 208 -144.61 8.33 -35.17
CA ASN FB 208 -143.81 8.12 -36.36
C ASN FB 208 -144.54 8.61 -37.62
N SER FB 209 -145.77 9.13 -37.47
CA SER FB 209 -146.56 9.53 -38.62
C SER FB 209 -147.09 10.94 -38.40
N ASP FB 210 -147.66 11.51 -39.46
CA ASP FB 210 -148.14 12.88 -39.42
C ASP FB 210 -149.41 12.98 -38.59
N MET FB 211 -149.54 14.10 -37.86
CA MET FB 211 -150.72 14.33 -37.04
C MET FB 211 -151.12 15.80 -37.12
N THR FB 212 -152.26 16.10 -36.52
CA THR FB 212 -152.77 17.46 -36.38
C THR FB 212 -153.23 17.67 -34.94
N ILE FB 213 -153.15 18.92 -34.47
CA ILE FB 213 -153.61 19.25 -33.13
C ILE FB 213 -154.91 20.03 -33.21
N ASN FB 214 -155.12 20.73 -34.33
CA ASN FB 214 -156.37 21.36 -34.72
C ASN FB 214 -156.85 22.49 -33.80
N THR FB 215 -156.11 22.81 -32.74
CA THR FB 215 -156.59 23.81 -31.78
C THR FB 215 -155.70 25.04 -31.71
N CYS FB 216 -154.39 24.87 -31.48
CA CYS FB 216 -153.47 25.98 -31.30
C CYS FB 216 -152.27 25.82 -32.22
N LEU FB 217 -151.69 26.95 -32.63
CA LEU FB 217 -150.92 26.98 -33.88
C LEU FB 217 -149.49 26.48 -33.70
N ILE FB 218 -148.66 27.25 -33.02
CA ILE FB 218 -147.24 26.90 -32.87
C ILE FB 218 -146.76 27.16 -31.45
N GLU FB 219 -147.55 27.92 -30.69
CA GLU FB 219 -147.12 28.36 -29.37
C GLU FB 219 -147.07 27.24 -28.35
N GLN FB 220 -147.59 26.05 -28.68
CA GLN FB 220 -147.71 24.96 -27.71
C GLN FB 220 -146.93 23.72 -28.10
N CYS FB 221 -147.03 23.28 -29.36
CA CYS FB 221 -146.40 22.03 -29.74
C CYS FB 221 -144.92 22.24 -30.06
N HIS FB 222 -144.12 21.24 -29.73
CA HIS FB 222 -142.68 21.28 -29.95
C HIS FB 222 -142.21 19.89 -30.33
N VAL FB 223 -141.07 19.83 -31.00
CA VAL FB 223 -140.59 18.58 -31.58
C VAL FB 223 -139.20 18.28 -31.07
N SER FB 224 -139.04 17.08 -30.53
CA SER FB 224 -137.75 16.59 -30.05
C SER FB 224 -137.47 15.28 -30.77
N VAL FB 225 -136.62 15.33 -31.80
CA VAL FB 225 -136.22 14.13 -32.50
C VAL FB 225 -135.42 13.24 -31.56
N THR FB 226 -135.77 11.95 -31.54
CA THR FB 226 -135.07 10.95 -30.74
C THR FB 226 -134.48 9.90 -31.67
N ASP FB 227 -133.19 9.62 -31.52
CA ASP FB 227 -132.47 8.71 -32.38
C ASP FB 227 -131.59 7.78 -31.55
N HIS FB 228 -132.18 7.13 -30.55
CA HIS FB 228 -131.42 6.28 -29.64
C HIS FB 228 -130.89 5.06 -30.39
N LYS FB 229 -129.93 5.33 -31.28
CA LYS FB 229 -129.41 4.28 -32.14
C LYS FB 229 -127.90 4.29 -32.31
N LYS FB 230 -127.21 5.37 -31.95
CA LYS FB 230 -125.77 5.45 -32.14
C LYS FB 230 -125.13 6.28 -31.02
N TRP FB 231 -123.97 5.84 -30.55
CA TRP FB 231 -123.24 6.59 -29.54
C TRP FB 231 -122.61 7.85 -30.13
N GLN FB 232 -122.72 8.97 -29.42
CA GLN FB 232 -122.20 10.22 -29.95
C GLN FB 232 -120.80 10.57 -29.46
N PHE FB 233 -120.70 11.00 -28.22
CA PHE FB 233 -119.48 11.31 -27.45
C PHE FB 233 -119.92 11.93 -26.14
N ASN FB 234 -119.02 11.92 -25.16
CA ASN FB 234 -119.25 12.62 -23.92
C ASN FB 234 -118.59 13.99 -24.02
N SER FB 235 -119.27 14.92 -24.69
CA SER FB 235 -118.71 16.24 -24.89
C SER FB 235 -119.34 17.25 -23.97
N PRO FB 236 -118.53 18.12 -23.36
CA PRO FB 236 -119.09 19.11 -22.44
C PRO FB 236 -120.02 20.12 -23.09
N PHE FB 237 -120.11 20.16 -24.41
CA PHE FB 237 -120.98 21.12 -25.07
C PHE FB 237 -122.35 20.57 -25.44
N VAL FB 238 -122.64 19.31 -25.11
CA VAL FB 238 -123.86 18.65 -25.52
C VAL FB 238 -124.53 18.04 -24.30
N PRO FB 239 -125.84 18.22 -24.12
CA PRO FB 239 -126.50 17.71 -22.92
C PRO FB 239 -126.45 16.19 -22.84
N ARG FB 240 -126.93 15.67 -21.73
CA ARG FB 240 -126.99 14.24 -21.48
C ARG FB 240 -128.44 13.80 -21.34
N ALA FB 241 -128.71 12.57 -21.73
CA ALA FB 241 -130.08 12.11 -21.87
C ALA FB 241 -130.74 11.72 -20.55
N ASP FB 242 -130.02 11.06 -19.66
CA ASP FB 242 -130.62 10.50 -18.46
C ASP FB 242 -129.69 10.63 -17.27
N GLU FB 243 -130.27 10.59 -16.08
CA GLU FB 243 -129.53 10.58 -14.84
C GLU FB 243 -129.88 9.32 -14.06
N PRO FB 244 -128.89 8.59 -13.53
CA PRO FB 244 -127.45 8.84 -13.58
C PRO FB 244 -126.82 8.55 -14.94
N ALA FB 245 -125.50 8.69 -15.01
CA ALA FB 245 -124.77 8.47 -16.25
C ALA FB 245 -124.87 7.02 -16.68
N ARG FB 246 -125.02 6.81 -17.98
CA ARG FB 246 -125.00 5.48 -18.58
C ARG FB 246 -124.22 5.59 -19.89
N LYS FB 247 -123.08 4.90 -19.95
CA LYS FB 247 -122.14 5.16 -21.04
C LYS FB 247 -121.25 3.97 -21.29
N GLY FB 248 -120.72 3.90 -22.51
CA GLY FB 248 -119.75 2.90 -22.90
C GLY FB 248 -118.41 3.55 -23.22
N LYS FB 249 -117.47 2.72 -23.67
CA LYS FB 249 -116.09 3.14 -23.82
C LYS FB 249 -115.47 2.51 -25.06
N VAL FB 250 -114.66 3.32 -25.78
CA VAL FB 250 -114.04 2.89 -27.02
C VAL FB 250 -112.57 3.33 -27.03
N HIS FB 251 -111.77 2.69 -27.87
CA HIS FB 251 -110.34 2.93 -27.91
C HIS FB 251 -109.99 4.12 -28.81
N ILE FB 252 -108.76 4.60 -28.68
CA ILE FB 252 -108.25 5.67 -29.52
C ILE FB 252 -107.07 5.11 -30.31
N PRO FB 253 -106.78 5.69 -31.46
CA PRO FB 253 -105.62 5.25 -32.24
C PRO FB 253 -104.35 5.95 -31.75
N PHE FB 254 -103.27 5.69 -32.46
CA PHE FB 254 -102.04 6.45 -32.34
C PHE FB 254 -101.47 6.44 -30.93
N PRO FB 255 -100.90 5.32 -30.49
CA PRO FB 255 -100.25 5.31 -29.18
C PRO FB 255 -98.91 6.03 -29.20
N LEU FB 256 -98.16 5.95 -28.11
CA LEU FB 256 -96.93 6.69 -27.91
C LEU FB 256 -95.74 5.74 -27.87
N ASP FB 257 -94.60 6.16 -28.43
CA ASP FB 257 -93.46 5.28 -28.64
C ASP FB 257 -92.16 6.06 -28.52
N ASN FB 258 -91.05 5.33 -28.40
CA ASN FB 258 -89.78 5.99 -28.09
C ASN FB 258 -89.09 6.59 -29.31
N ILE FB 259 -88.67 5.75 -30.26
CA ILE FB 259 -87.74 6.07 -31.33
C ILE FB 259 -86.54 6.88 -30.83
N THR FB 260 -85.72 7.39 -31.74
CA THR FB 260 -84.61 8.27 -31.42
C THR FB 260 -84.61 9.47 -32.35
N CYS FB 261 -83.90 10.51 -31.94
CA CYS FB 261 -83.84 11.76 -32.69
C CYS FB 261 -82.38 12.15 -32.87
N ARG FB 262 -82.11 12.97 -33.87
CA ARG FB 262 -80.75 13.37 -34.20
C ARG FB 262 -80.53 14.80 -33.76
N VAL FB 263 -79.38 15.06 -33.13
CA VAL FB 263 -79.07 16.41 -32.65
C VAL FB 263 -77.69 16.82 -33.12
N PRO FB 264 -77.48 18.09 -33.47
CA PRO FB 264 -76.16 18.53 -33.92
C PRO FB 264 -75.21 18.71 -32.74
N MET FB 265 -73.94 18.89 -33.08
CA MET FB 265 -72.88 19.10 -32.11
C MET FB 265 -72.18 20.41 -32.43
N ALA FB 266 -72.25 21.37 -31.52
CA ALA FB 266 -71.72 22.70 -31.82
C ALA FB 266 -70.20 22.69 -31.82
N ARG FB 267 -69.64 23.76 -32.37
CA ARG FB 267 -68.21 23.83 -32.63
C ARG FB 267 -67.40 23.83 -31.35
N GLU FB 268 -66.19 23.34 -31.45
CA GLU FB 268 -65.27 23.41 -30.33
C GLU FB 268 -64.82 24.85 -30.15
N PRO FB 269 -64.95 25.41 -28.95
CA PRO FB 269 -64.58 26.81 -28.74
C PRO FB 269 -63.08 27.01 -28.74
N THR FB 270 -62.67 28.22 -29.13
CA THR FB 270 -61.27 28.60 -29.12
C THR FB 270 -60.82 28.83 -27.69
N VAL FB 271 -59.76 28.18 -27.28
CA VAL FB 271 -59.28 28.25 -25.90
C VAL FB 271 -57.92 28.93 -25.87
N ILE FB 272 -57.76 29.89 -24.98
CA ILE FB 272 -56.53 30.66 -24.84
C ILE FB 272 -56.04 30.50 -23.41
N HIS FB 273 -54.84 29.94 -23.24
CA HIS FB 273 -54.33 29.68 -21.90
C HIS FB 273 -53.89 30.98 -21.23
N GLY FB 274 -53.89 30.96 -19.90
CA GLY FB 274 -53.44 32.08 -19.10
C GLY FB 274 -52.87 31.61 -17.78
N LYS FB 275 -52.60 32.51 -16.85
CA LYS FB 275 -52.09 32.12 -15.54
C LYS FB 275 -53.27 31.72 -14.66
N ARG FB 276 -53.55 30.42 -14.63
CA ARG FB 276 -54.63 29.86 -13.83
C ARG FB 276 -56.01 30.36 -14.28
N GLU FB 277 -56.08 30.89 -15.49
CA GLU FB 277 -57.37 31.18 -16.10
C GLU FB 277 -57.44 30.52 -17.47
N VAL FB 278 -58.65 30.39 -17.98
CA VAL FB 278 -58.90 29.99 -19.35
C VAL FB 278 -59.88 30.98 -19.95
N THR FB 279 -59.53 31.55 -21.08
CA THR FB 279 -60.46 32.43 -21.79
C THR FB 279 -61.01 31.67 -22.99
N LEU FB 280 -62.33 31.63 -23.09
CA LEU FB 280 -63.00 30.86 -24.13
C LEU FB 280 -63.77 31.82 -25.04
N HIS FB 281 -63.57 31.67 -26.34
CA HIS FB 281 -64.40 32.36 -27.33
C HIS FB 281 -65.51 31.42 -27.73
N LEU FB 282 -66.76 31.88 -27.61
CA LEU FB 282 -67.92 31.06 -27.89
C LEU FB 282 -68.61 31.56 -29.15
N HIS FB 283 -68.76 30.66 -30.13
CA HIS FB 283 -69.33 30.95 -31.43
C HIS FB 283 -70.51 30.01 -31.67
N PRO FB 284 -71.70 30.34 -31.19
CA PRO FB 284 -72.86 29.47 -31.40
C PRO FB 284 -73.67 29.85 -32.62
N ASP FB 285 -74.25 28.83 -33.27
CA ASP FB 285 -75.16 29.03 -34.38
C ASP FB 285 -76.59 29.28 -33.94
N HIS FB 286 -76.94 28.81 -32.76
CA HIS FB 286 -78.31 28.86 -32.24
C HIS FB 286 -78.23 28.72 -30.73
N PRO FB 287 -79.25 29.15 -30.01
CA PRO FB 287 -79.17 29.15 -28.55
C PRO FB 287 -78.69 27.85 -27.94
N THR FB 288 -77.50 27.84 -27.37
CA THR FB 288 -76.91 26.65 -26.77
C THR FB 288 -76.73 26.85 -25.28
N LEU FB 289 -76.42 25.77 -24.57
CA LEU FB 289 -76.21 25.82 -23.14
C LEU FB 289 -74.73 25.60 -22.86
N PHE FB 290 -74.18 26.42 -21.97
CA PHE FB 290 -72.75 26.35 -21.62
C PHE FB 290 -72.62 26.43 -20.12
N SER FB 291 -71.98 25.44 -19.51
CA SER FB 291 -71.90 25.41 -18.06
C SER FB 291 -70.62 24.75 -17.60
N TYR FB 292 -70.05 25.26 -16.51
CA TYR FB 292 -68.78 24.75 -16.01
C TYR FB 292 -68.85 24.61 -14.50
N ARG FB 293 -67.91 23.84 -13.96
CA ARG FB 293 -67.81 23.72 -12.52
C ARG FB 293 -66.37 23.40 -12.14
N THR FB 294 -65.96 23.93 -10.99
CA THR FB 294 -64.62 23.71 -10.47
C THR FB 294 -64.64 22.51 -9.54
N LEU FB 295 -63.82 21.52 -9.84
CA LEU FB 295 -63.93 20.22 -9.17
C LEU FB 295 -63.03 20.13 -7.93
N GLY FB 296 -63.11 21.15 -7.08
CA GLY FB 296 -62.37 21.14 -5.83
C GLY FB 296 -63.19 20.65 -4.66
N GLU FB 297 -63.23 21.42 -3.58
CA GLU FB 297 -64.06 21.12 -2.42
C GLU FB 297 -65.36 21.92 -2.41
N ASP FB 298 -65.31 23.19 -2.77
CA ASP FB 298 -66.49 24.03 -2.90
C ASP FB 298 -66.56 24.53 -4.33
N PRO FB 299 -67.35 23.90 -5.19
CA PRO FB 299 -67.33 24.21 -6.61
C PRO FB 299 -67.89 25.60 -6.87
N GLN FB 300 -67.68 26.07 -8.09
CA GLN FB 300 -68.24 27.33 -8.57
C GLN FB 300 -69.25 27.02 -9.67
N TYR FB 301 -70.44 26.62 -9.24
CA TYR FB 301 -71.61 26.46 -10.10
C TYR FB 301 -71.75 27.62 -11.07
N HIS FB 302 -72.21 27.30 -12.29
CA HIS FB 302 -72.64 28.31 -13.27
C HIS FB 302 -73.33 27.62 -14.44
N GLU FB 303 -74.27 28.34 -15.05
CA GLU FB 303 -75.08 27.78 -16.12
C GLU FB 303 -75.77 28.91 -16.87
N GLU FB 304 -75.64 28.92 -18.20
CA GLU FB 304 -76.07 30.07 -18.98
C GLU FB 304 -76.52 29.62 -20.36
N TRP FB 305 -77.36 30.44 -20.97
CA TRP FB 305 -77.89 30.21 -22.32
C TRP FB 305 -77.21 31.17 -23.28
N VAL FB 306 -76.10 30.75 -23.86
CA VAL FB 306 -75.37 31.58 -24.81
C VAL FB 306 -76.22 31.74 -26.06
N THR FB 307 -76.31 32.96 -26.57
CA THR FB 307 -77.07 33.19 -27.79
C THR FB 307 -76.23 33.78 -28.93
N ALA FB 308 -75.54 34.87 -28.71
CA ALA FB 308 -74.72 35.47 -29.75
C ALA FB 308 -73.25 35.30 -29.40
N ALA FB 309 -72.38 35.55 -30.38
CA ALA FB 309 -70.97 35.29 -30.21
C ALA FB 309 -70.43 36.08 -29.04
N VAL FB 310 -69.69 35.43 -28.15
CA VAL FB 310 -69.31 36.03 -26.87
C VAL FB 310 -67.95 35.50 -26.49
N GLU FB 311 -67.42 35.99 -25.37
CA GLU FB 311 -66.23 35.38 -24.76
C GLU FB 311 -66.37 35.39 -23.25
N ARG FB 312 -65.77 34.40 -22.60
CA ARG FB 312 -65.90 34.20 -21.17
C ARG FB 312 -64.54 33.89 -20.57
N THR FB 313 -64.39 34.20 -19.28
CA THR FB 313 -63.16 33.89 -18.54
C THR FB 313 -63.53 32.94 -17.42
N ILE FB 314 -62.74 31.89 -17.24
CA ILE FB 314 -63.09 30.84 -16.30
C ILE FB 314 -61.87 30.57 -15.42
N PRO FB 315 -62.04 30.44 -14.11
CA PRO FB 315 -60.89 30.20 -13.25
C PRO FB 315 -60.56 28.72 -13.17
N VAL FB 316 -59.29 28.38 -13.30
CA VAL FB 316 -58.88 26.99 -13.27
C VAL FB 316 -57.83 26.75 -12.18
N PRO FB 317 -58.26 26.37 -10.99
CA PRO FB 317 -57.31 26.18 -9.89
C PRO FB 317 -56.48 24.92 -10.08
N VAL FB 318 -55.65 24.59 -9.09
CA VAL FB 318 -54.82 23.39 -9.18
C VAL FB 318 -55.67 22.13 -9.20
N ASP FB 319 -56.81 22.13 -8.52
CA ASP FB 319 -57.67 20.95 -8.52
C ASP FB 319 -58.21 20.65 -9.91
N GLY FB 320 -58.66 21.65 -10.64
CA GLY FB 320 -59.13 21.48 -12.00
C GLY FB 320 -60.58 21.89 -12.18
N MET FB 321 -60.96 22.02 -13.44
CA MET FB 321 -62.34 22.40 -13.76
C MET FB 321 -62.82 21.59 -14.94
N GLU FB 322 -64.14 21.55 -15.12
CA GLU FB 322 -64.70 20.95 -16.32
C GLU FB 322 -65.75 21.88 -16.90
N TYR FB 323 -65.86 21.86 -18.22
CA TYR FB 323 -66.85 22.67 -18.91
C TYR FB 323 -67.59 21.82 -19.92
N HIS FB 324 -68.81 22.26 -20.23
CA HIS FB 324 -69.79 21.49 -20.97
C HIS FB 324 -70.45 22.45 -21.94
N TRP FB 325 -70.21 22.24 -23.23
CA TRP FB 325 -70.58 23.20 -24.26
C TRP FB 325 -71.40 22.51 -25.33
N GLY FB 326 -72.67 22.86 -25.43
CA GLY FB 326 -73.51 22.24 -26.42
C GLY FB 326 -73.79 20.80 -26.09
N ASN FB 327 -73.79 19.95 -27.10
CA ASN FB 327 -73.99 18.52 -26.90
C ASN FB 327 -72.69 17.76 -26.79
N ASN FB 328 -71.56 18.42 -26.84
CA ASN FB 328 -70.29 17.73 -26.74
C ASN FB 328 -70.13 17.09 -25.36
N ASP FB 329 -69.09 16.32 -25.21
CA ASP FB 329 -68.82 15.76 -23.90
C ASP FB 329 -68.17 16.81 -23.00
N PRO FB 330 -68.32 16.68 -21.69
CA PRO FB 330 -67.59 17.55 -20.78
C PRO FB 330 -66.09 17.36 -20.94
N VAL FB 331 -65.35 18.44 -20.75
CA VAL FB 331 -63.90 18.45 -20.89
C VAL FB 331 -63.29 18.96 -19.61
N ARG FB 332 -62.15 18.39 -19.21
CA ARG FB 332 -61.49 18.72 -17.95
C ARG FB 332 -60.14 19.37 -18.21
N LEU FB 333 -59.77 20.31 -17.34
CA LEU FB 333 -58.49 21.00 -17.42
C LEU FB 333 -57.88 21.16 -16.04
N TRP FB 334 -56.58 20.88 -15.93
CA TRP FB 334 -55.84 20.98 -14.68
C TRP FB 334 -54.73 22.00 -14.85
N SER FB 335 -54.56 22.88 -13.88
CA SER FB 335 -53.46 23.83 -13.93
C SER FB 335 -52.16 23.17 -13.45
N GLN FB 336 -51.06 23.88 -13.64
CA GLN FB 336 -49.76 23.43 -13.15
C GLN FB 336 -49.10 24.51 -12.31
N LEU FB 337 -48.08 24.10 -11.56
CA LEU FB 337 -47.38 25.01 -10.69
C LEU FB 337 -46.34 25.79 -11.49
N THR FB 338 -46.72 26.96 -12.02
CA THR FB 338 -45.83 27.79 -12.78
C THR FB 338 -45.71 29.15 -12.11
N THR FB 339 -44.61 29.84 -12.38
CA THR FB 339 -44.34 31.13 -11.77
C THR FB 339 -43.49 31.97 -12.71
N GLU FB 340 -43.04 33.13 -12.21
CA GLU FB 340 -42.28 34.06 -13.02
C GLU FB 340 -40.93 34.43 -12.43
N GLY FB 341 -40.64 34.05 -11.19
CA GLY FB 341 -39.37 34.36 -10.58
C GLY FB 341 -38.29 33.38 -11.03
N LYS FB 342 -37.29 33.23 -10.17
CA LYS FB 342 -36.20 32.28 -10.41
C LYS FB 342 -35.89 31.51 -9.14
N PRO FB 343 -36.11 30.20 -9.12
CA PRO FB 343 -35.64 29.40 -8.00
C PRO FB 343 -34.18 29.06 -8.19
N HIS FB 344 -33.54 28.65 -7.10
CA HIS FB 344 -32.15 28.21 -7.14
C HIS FB 344 -31.24 29.29 -7.70
N GLY FB 345 -31.49 30.53 -7.30
CA GLY FB 345 -30.68 31.65 -7.72
C GLY FB 345 -30.40 32.61 -6.60
N TRP FB 346 -30.53 33.90 -6.85
CA TRP FB 346 -30.31 34.89 -5.81
C TRP FB 346 -31.47 34.92 -4.82
N PRO FB 347 -31.20 35.29 -3.56
CA PRO FB 347 -32.27 35.35 -2.57
C PRO FB 347 -33.37 36.33 -2.89
N HIS FB 348 -33.11 37.43 -3.62
CA HIS FB 348 -34.26 38.26 -3.98
C HIS FB 348 -35.02 37.69 -5.15
N GLN FB 349 -34.57 36.56 -5.71
CA GLN FB 349 -35.31 35.82 -6.72
C GLN FB 349 -36.03 34.61 -6.16
N ILE FB 350 -35.49 33.97 -5.12
CA ILE FB 350 -36.22 32.86 -4.49
C ILE FB 350 -37.53 33.34 -3.91
N VAL FB 351 -37.55 34.54 -3.32
CA VAL FB 351 -38.80 35.08 -2.79
C VAL FB 351 -39.80 35.28 -3.91
N GLN FB 352 -39.35 35.70 -5.09
CA GLN FB 352 -40.27 35.82 -6.22
C GLN FB 352 -40.78 34.45 -6.65
N TYR FB 353 -39.91 33.44 -6.62
CA TYR FB 353 -40.33 32.12 -7.07
C TYR FB 353 -41.41 31.55 -6.15
N TYR FB 354 -41.26 31.74 -4.84
CA TYR FB 354 -42.31 31.36 -3.90
C TYR FB 354 -43.36 32.43 -3.69
N TYR FB 355 -43.29 33.55 -4.39
CA TYR FB 355 -44.38 34.52 -4.35
C TYR FB 355 -45.34 34.39 -5.52
N GLY FB 356 -44.86 33.95 -6.68
CA GLY FB 356 -45.77 33.59 -7.74
C GLY FB 356 -46.75 32.53 -7.30
N LEU FB 357 -46.25 31.52 -6.60
CA LEU FB 357 -47.08 30.55 -5.91
C LEU FB 357 -47.38 31.12 -4.52
N TYR FB 358 -48.58 30.86 -4.01
CA TYR FB 358 -48.90 31.18 -2.63
C TYR FB 358 -48.58 32.62 -2.27
N PRO FB 359 -49.26 33.61 -2.83
CA PRO FB 359 -48.87 34.99 -2.55
C PRO FB 359 -49.45 35.49 -1.24
N ALA FB 360 -49.43 34.63 -0.22
CA ALA FB 360 -49.93 35.01 1.09
C ALA FB 360 -49.12 34.43 2.23
N ALA FB 361 -48.53 33.25 2.08
CA ALA FB 361 -47.71 32.69 3.13
C ALA FB 361 -46.25 33.09 3.02
N THR FB 362 -45.75 33.33 1.81
CA THR FB 362 -44.37 33.79 1.67
C THR FB 362 -44.17 35.16 2.29
N VAL FB 363 -45.14 36.06 2.12
CA VAL FB 363 -45.04 37.37 2.74
C VAL FB 363 -45.00 37.25 4.24
N SER FB 364 -45.87 36.43 4.82
CA SER FB 364 -45.87 36.24 6.26
C SER FB 364 -44.54 35.66 6.73
N ALA FB 365 -44.03 34.66 6.02
CA ALA FB 365 -42.77 34.05 6.43
C ALA FB 365 -41.62 35.04 6.37
N VAL FB 366 -41.54 35.83 5.30
CA VAL FB 366 -40.45 36.80 5.18
C VAL FB 366 -40.54 37.85 6.28
N VAL FB 367 -41.74 38.38 6.52
CA VAL FB 367 -41.89 39.39 7.57
C VAL FB 367 -41.51 38.82 8.92
N GLY FB 368 -41.97 37.61 9.22
CA GLY FB 368 -41.64 37.00 10.50
C GLY FB 368 -40.15 36.79 10.66
N MET FB 369 -39.48 36.26 9.63
CA MET FB 369 -38.05 36.01 9.74
C MET FB 369 -37.28 37.31 9.91
N SER FB 370 -37.64 38.35 9.15
CA SER FB 370 -36.92 39.62 9.28
C SER FB 370 -37.12 40.23 10.65
N LEU FB 371 -38.35 40.20 11.16
CA LEU FB 371 -38.62 40.73 12.49
C LEU FB 371 -37.83 39.97 13.55
N LEU FB 372 -37.77 38.65 13.45
CA LEU FB 372 -37.02 37.87 14.42
C LEU FB 372 -35.53 38.20 14.34
N ALA FB 373 -35.01 38.39 13.13
CA ALA FB 373 -33.60 38.75 13.00
C ALA FB 373 -33.30 40.09 13.67
N LEU FB 374 -34.17 41.08 13.46
CA LEU FB 374 -33.96 42.36 14.14
C LEU FB 374 -34.00 42.20 15.64
N ILE FB 375 -34.94 41.41 16.16
CA ILE FB 375 -35.02 41.22 17.60
C ILE FB 375 -33.73 40.62 18.13
N SER FB 376 -33.24 39.58 17.47
CA SER FB 376 -32.03 38.91 17.96
C SER FB 376 -30.84 39.85 17.92
N ILE FB 377 -30.67 40.60 16.83
CA ILE FB 377 -29.46 41.43 16.73
C ILE FB 377 -29.52 42.59 17.72
N PHE FB 378 -30.70 43.19 17.92
CA PHE FB 378 -30.80 44.24 18.93
C PHE FB 378 -30.48 43.68 20.32
N ALA FB 379 -31.02 42.50 20.64
CA ALA FB 379 -30.75 41.94 21.96
C ALA FB 379 -29.25 41.68 22.14
N SER FB 380 -28.60 41.14 21.12
CA SER FB 380 -27.17 40.85 21.26
C SER FB 380 -26.36 42.13 21.46
N CYS FB 381 -26.59 43.15 20.64
CA CYS FB 381 -25.79 44.36 20.77
C CYS FB 381 -26.06 45.04 22.11
N TYR FB 382 -27.33 45.07 22.54
CA TYR FB 382 -27.65 45.63 23.84
C TYR FB 382 -26.93 44.88 24.95
N MET FB 383 -26.87 43.56 24.86
CA MET FB 383 -26.24 42.81 25.94
C MET FB 383 -24.73 43.05 25.97
N LEU FB 384 -24.11 43.19 24.80
CA LEU FB 384 -22.69 43.56 24.81
C LEU FB 384 -22.47 44.93 25.43
N VAL FB 385 -23.29 45.92 25.08
CA VAL FB 385 -23.05 47.26 25.63
C VAL FB 385 -23.29 47.26 27.13
N ALA FB 386 -24.27 46.49 27.59
CA ALA FB 386 -24.48 46.35 29.03
C ALA FB 386 -23.26 45.72 29.69
N ALA FB 387 -22.66 44.71 29.04
CA ALA FB 387 -21.48 44.09 29.62
C ALA FB 387 -20.33 45.10 29.70
N ARG FB 388 -20.16 45.92 28.67
CA ARG FB 388 -19.10 46.92 28.72
C ARG FB 388 -19.31 47.90 29.85
N SER FB 389 -20.54 48.38 30.02
CA SER FB 389 -20.83 49.29 31.12
C SER FB 389 -20.57 48.63 32.47
N LYS FB 390 -20.96 47.37 32.60
CA LYS FB 390 -20.82 46.67 33.87
C LYS FB 390 -19.38 46.37 34.19
N CYS FB 391 -18.53 46.21 33.18
CA CYS FB 391 -17.11 45.98 33.42
C CYS FB 391 -16.37 47.29 33.69
N LEU FB 392 -16.83 48.39 33.11
CA LEU FB 392 -16.12 49.65 33.20
C LEU FB 392 -16.62 50.56 34.32
N THR FB 393 -17.76 50.25 34.93
CA THR FB 393 -18.32 51.20 35.88
C THR FB 393 -17.48 51.43 37.13
N PRO FB 394 -16.88 50.42 37.78
CA PRO FB 394 -16.20 50.70 39.05
C PRO FB 394 -15.04 51.67 38.89
N TYR FB 395 -14.47 51.78 37.70
CA TYR FB 395 -13.37 52.70 37.47
C TYR FB 395 -13.80 54.15 37.55
N ALA FB 396 -15.07 54.45 37.30
CA ALA FB 396 -15.59 55.80 37.41
C ALA FB 396 -16.03 56.13 38.83
N LEU FB 397 -15.85 55.21 39.77
CA LEU FB 397 -16.19 55.44 41.17
C LEU FB 397 -14.96 55.63 42.05
N THR FB 398 -13.76 55.56 41.47
CA THR FB 398 -12.53 55.85 42.18
C THR FB 398 -11.78 56.95 41.42
N PRO FB 399 -10.95 57.71 42.10
CA PRO FB 399 -10.11 58.72 41.42
C PRO FB 399 -8.87 58.13 40.75
N GLY FB 400 -9.09 57.12 39.90
CA GLY FB 400 -8.02 56.36 39.31
C GLY FB 400 -8.00 56.36 37.79
N ALA FB 401 -7.07 55.56 37.26
CA ALA FB 401 -6.80 55.46 35.83
C ALA FB 401 -7.66 54.39 35.18
N ALA FB 402 -7.56 54.31 33.85
CA ALA FB 402 -8.45 53.48 33.05
C ALA FB 402 -7.78 52.25 32.44
N VAL FB 403 -6.49 52.03 32.70
CA VAL FB 403 -5.78 50.85 32.20
C VAL FB 403 -5.83 50.81 30.68
N PRO FB 404 -4.99 51.58 29.97
CA PRO FB 404 -5.03 51.62 28.50
C PRO FB 404 -5.20 50.28 27.81
N TRP FB 405 -4.71 49.20 28.41
CA TRP FB 405 -4.92 47.87 27.85
C TRP FB 405 -6.39 47.59 27.66
N THR FB 406 -7.19 47.83 28.69
CA THR FB 406 -8.64 47.70 28.59
C THR FB 406 -9.27 48.87 27.86
N LEU FB 407 -8.65 50.05 27.91
CA LEU FB 407 -9.21 51.17 27.17
C LEU FB 407 -9.26 50.89 25.67
N GLY FB 408 -8.20 50.30 25.14
CA GLY FB 408 -8.16 50.02 23.71
C GLY FB 408 -9.26 49.08 23.27
N ILE FB 409 -9.45 47.99 24.01
CA ILE FB 409 -10.47 47.01 23.65
C ILE FB 409 -11.86 47.58 23.86
N LEU FB 410 -12.10 48.21 25.00
CA LEU FB 410 -13.42 48.74 25.34
C LEU FB 410 -13.39 50.25 25.20
N CYS FB 411 -13.97 50.76 24.12
CA CYS FB 411 -14.07 52.19 23.92
C CYS FB 411 -14.97 52.80 24.99
N CYS FB 412 -14.64 54.02 25.40
CA CYS FB 412 -15.40 54.72 26.42
C CYS FB 412 -15.60 56.17 26.01
N ALA FB 413 -16.60 56.80 26.64
CA ALA FB 413 -16.89 58.22 26.37
C ALA FB 413 -15.70 59.12 26.63
N PRO FB 414 -14.90 58.93 27.70
CA PRO FB 414 -13.67 59.73 27.82
C PRO FB 414 -12.63 59.27 26.80
N ARG FB 415 -12.43 60.07 25.75
CA ARG FB 415 -11.42 59.71 24.76
C ARG FB 415 -10.02 59.94 25.28
N ALA FB 416 -9.83 61.01 26.05
CA ALA FB 416 -8.53 61.31 26.64
C ALA FB 416 -8.56 61.56 28.14
N HIS FB 417 -9.60 62.23 28.65
CA HIS FB 417 -9.61 62.61 30.05
C HIS FB 417 -9.83 61.39 30.93
N ALA FB 418 -9.02 61.29 31.99
CA ALA FB 418 -9.03 60.14 32.89
C ALA FB 418 -8.85 58.83 32.13
N HIS GB 1 -51.65 53.20 -101.98
CA HIS GB 1 -51.58 53.30 -100.53
C HIS GB 1 -51.57 54.77 -100.09
N PHE GB 2 -50.82 55.07 -99.03
CA PHE GB 2 -50.80 56.40 -98.43
C PHE GB 2 -49.50 57.11 -98.80
N ASN GB 3 -49.62 58.29 -99.40
CA ASN GB 3 -48.49 59.00 -100.00
C ASN GB 3 -48.57 60.47 -99.58
N VAL GB 4 -48.54 60.70 -98.26
CA VAL GB 4 -48.76 62.02 -97.65
C VAL GB 4 -48.01 63.15 -98.37
N TYR GB 5 -46.88 62.84 -99.00
CA TYR GB 5 -46.07 63.93 -99.55
C TYR GB 5 -46.64 64.53 -100.82
N LYS GB 6 -47.84 64.12 -101.27
CA LYS GB 6 -48.43 64.74 -102.44
C LYS GB 6 -48.88 66.17 -102.19
N ALA GB 7 -49.14 66.53 -100.94
CA ALA GB 7 -49.72 67.84 -100.64
C ALA GB 7 -48.69 68.87 -100.20
N THR GB 8 -47.41 68.51 -100.13
CA THR GB 8 -46.38 69.42 -99.65
C THR GB 8 -45.37 69.70 -100.76
N ARG GB 9 -44.67 70.81 -100.66
CA ARG GB 9 -43.72 71.23 -101.67
C ARG GB 9 -42.47 71.78 -100.99
N PRO GB 10 -41.33 71.69 -101.65
CA PRO GB 10 -40.14 72.38 -101.15
C PRO GB 10 -40.31 73.88 -101.30
N TYR GB 11 -39.58 74.61 -100.46
CA TYR GB 11 -39.72 76.06 -100.42
C TYR GB 11 -38.35 76.70 -100.33
N ILE GB 12 -38.30 77.97 -100.71
CA ILE GB 12 -37.06 78.74 -100.77
C ILE GB 12 -36.99 79.65 -99.56
N ALA GB 13 -35.94 79.51 -98.78
CA ALA GB 13 -35.76 80.24 -97.53
C ALA GB 13 -34.50 81.09 -97.59
N TYR GB 14 -34.12 81.64 -96.44
CA TYR GB 14 -32.98 82.53 -96.31
C TYR GB 14 -31.88 81.81 -95.53
N CYS GB 15 -30.70 81.72 -96.13
CA CYS GB 15 -29.56 81.07 -95.49
C CYS GB 15 -28.53 82.12 -95.09
N ALA GB 16 -27.89 81.90 -93.94
CA ALA GB 16 -26.98 82.90 -93.40
C ALA GB 16 -25.81 83.14 -94.34
N ASP GB 17 -25.11 82.08 -94.74
CA ASP GB 17 -24.04 82.17 -95.71
C ASP GB 17 -24.00 80.88 -96.51
N CYS GB 18 -23.74 81.01 -97.81
CA CYS GB 18 -23.89 79.89 -98.74
C CYS GB 18 -22.57 79.19 -98.98
N GLY GB 19 -21.74 79.10 -97.96
CA GLY GB 19 -20.43 78.49 -98.09
C GLY GB 19 -19.34 79.41 -98.58
N ALA GB 20 -19.63 80.68 -98.80
CA ALA GB 20 -18.65 81.62 -99.31
C ALA GB 20 -18.64 82.95 -98.56
N GLY GB 21 -19.27 83.02 -97.39
CA GLY GB 21 -19.34 84.27 -96.66
C GLY GB 21 -20.35 85.27 -97.17
N HIS GB 22 -21.34 84.83 -97.95
CA HIS GB 22 -22.37 85.71 -98.46
C HIS GB 22 -23.75 85.14 -98.20
N SER GB 23 -24.71 86.02 -97.98
CA SER GB 23 -26.08 85.64 -97.69
C SER GB 23 -26.90 85.63 -98.96
N CYS GB 24 -27.61 84.53 -99.20
CA CYS GB 24 -28.45 84.43 -100.39
C CYS GB 24 -29.61 83.50 -100.09
N HIS GB 25 -30.70 83.68 -100.82
CA HIS GB 25 -31.86 82.83 -100.67
C HIS GB 25 -31.60 81.49 -101.35
N SER GB 26 -31.29 80.48 -100.55
CA SER GB 26 -30.95 79.19 -101.10
C SER GB 26 -32.07 78.19 -100.86
N PRO GB 27 -32.24 77.22 -101.76
CA PRO GB 27 -33.29 76.23 -101.58
C PRO GB 27 -32.96 75.13 -100.58
N VAL GB 28 -31.78 75.18 -99.97
CA VAL GB 28 -31.35 74.11 -99.09
C VAL GB 28 -31.12 74.68 -97.69
N ALA GB 29 -31.92 75.68 -97.32
CA ALA GB 29 -31.78 76.30 -96.02
C ALA GB 29 -31.94 75.28 -94.90
N ILE GB 30 -31.16 75.45 -93.84
CA ILE GB 30 -31.16 74.52 -92.72
C ILE GB 30 -31.99 75.10 -91.59
N GLU GB 31 -32.96 74.32 -91.12
CA GLU GB 31 -33.68 74.65 -89.91
C GLU GB 31 -33.01 73.95 -88.73
N ALA GB 32 -33.68 73.91 -87.57
CA ALA GB 32 -33.05 73.48 -86.33
C ALA GB 32 -32.49 72.07 -86.44
N VAL GB 33 -31.46 71.80 -85.65
CA VAL GB 33 -30.79 70.51 -85.58
C VAL GB 33 -31.15 69.84 -84.27
N ARG GB 34 -31.70 68.64 -84.33
CA ARG GB 34 -32.09 67.90 -83.15
C ARG GB 34 -31.05 66.83 -82.85
N SER GB 35 -30.64 66.74 -81.59
CA SER GB 35 -29.61 65.79 -81.21
C SER GB 35 -29.94 65.12 -79.89
N GLU GB 36 -31.17 64.64 -79.72
CA GLU GB 36 -31.55 63.99 -78.48
C GLU GB 36 -31.05 62.55 -78.38
N ALA GB 37 -30.19 62.12 -79.30
CA ALA GB 37 -29.74 60.74 -79.32
C ALA GB 37 -28.49 60.60 -78.48
N THR GB 38 -28.38 59.47 -77.79
CA THR GB 38 -27.25 59.28 -76.88
C THR GB 38 -25.96 58.98 -77.64
N ASP GB 39 -26.03 58.16 -78.68
CA ASP GB 39 -24.79 57.71 -79.30
C ASP GB 39 -24.19 58.75 -80.24
N GLY GB 40 -24.88 59.86 -80.49
CA GLY GB 40 -24.33 60.90 -81.33
C GLY GB 40 -24.81 60.85 -82.76
N MET GB 41 -26.12 60.86 -82.95
CA MET GB 41 -26.74 60.91 -84.27
C MET GB 41 -27.50 62.22 -84.38
N LEU GB 42 -27.40 62.88 -85.54
CA LEU GB 42 -28.12 64.13 -85.72
C LEU GB 42 -29.36 63.93 -86.59
N LYS GB 43 -30.19 64.97 -86.66
CA LYS GB 43 -31.30 65.06 -87.60
C LYS GB 43 -31.31 66.46 -88.19
N ILE GB 44 -30.62 66.65 -89.29
CA ILE GB 44 -30.68 67.94 -89.95
C ILE GB 44 -32.00 68.04 -90.71
N GLN GB 45 -32.56 69.24 -90.75
CA GLN GB 45 -33.85 69.47 -91.41
C GLN GB 45 -33.66 70.46 -92.55
N PHE GB 46 -33.81 69.98 -93.78
CA PHE GB 46 -33.75 70.82 -94.98
C PHE GB 46 -34.83 71.87 -95.10
N SER GB 47 -34.79 72.58 -96.22
CA SER GB 47 -35.94 73.21 -96.83
C SER GB 47 -36.29 72.62 -98.17
N ALA GB 48 -35.52 71.66 -98.67
CA ALA GB 48 -35.81 70.98 -99.93
C ALA GB 48 -36.01 69.51 -99.63
N GLN GB 49 -37.27 69.08 -99.62
CA GLN GB 49 -37.59 67.71 -99.23
C GLN GB 49 -37.08 66.71 -100.26
N ILE GB 50 -36.54 65.61 -99.75
CA ILE GB 50 -35.75 64.68 -100.56
C ILE GB 50 -36.27 63.27 -100.34
N GLY GB 51 -35.98 62.41 -101.31
CA GLY GB 51 -36.55 61.08 -101.37
C GLY GB 51 -37.80 60.96 -102.21
N ILE GB 52 -38.36 62.07 -102.67
CA ILE GB 52 -39.58 62.09 -103.47
C ILE GB 52 -39.27 62.78 -104.79
N ASP GB 53 -39.70 62.18 -105.89
CA ASP GB 53 -39.49 62.81 -107.18
C ASP GB 53 -40.44 63.99 -107.35
N LYS GB 54 -40.26 64.72 -108.45
CA LYS GB 54 -41.10 65.88 -108.73
C LYS GB 54 -42.56 65.49 -108.89
N SER GB 55 -42.81 64.29 -109.42
CA SER GB 55 -44.17 63.83 -109.73
C SER GB 55 -44.87 63.18 -108.55
N ASP GB 56 -44.44 63.48 -107.33
CA ASP GB 56 -45.15 63.08 -106.12
C ASP GB 56 -45.23 61.56 -105.98
N ASN GB 57 -44.15 60.87 -106.30
CA ASN GB 57 -44.12 59.42 -106.24
C ASN GB 57 -42.88 58.95 -105.50
N HIS GB 58 -43.03 57.84 -104.76
CA HIS GB 58 -41.99 57.40 -103.83
C HIS GB 58 -40.82 56.75 -104.55
N ASP GB 59 -39.82 57.55 -104.89
CA ASP GB 59 -38.58 57.09 -105.49
C ASP GB 59 -37.53 56.92 -104.38
N TYR GB 60 -36.30 56.61 -104.77
CA TYR GB 60 -35.20 56.70 -103.83
C TYR GB 60 -33.93 57.23 -104.48
N THR GB 61 -34.02 57.86 -105.64
CA THR GB 61 -32.83 58.30 -106.34
C THR GB 61 -32.95 59.75 -106.77
N LYS GB 62 -34.15 60.31 -106.65
CA LYS GB 62 -34.36 61.71 -106.99
C LYS GB 62 -34.77 62.48 -105.74
N ILE GB 63 -34.34 63.74 -105.68
CA ILE GB 63 -34.66 64.61 -104.56
C ILE GB 63 -35.23 65.91 -105.10
N ARG GB 64 -36.33 66.34 -104.51
CA ARG GB 64 -37.00 67.55 -104.97
C ARG GB 64 -36.30 68.78 -104.42
N TYR GB 65 -36.49 69.90 -105.12
CA TYR GB 65 -36.12 71.20 -104.57
C TYR GB 65 -36.89 72.27 -105.33
N ALA GB 66 -36.90 73.46 -104.77
CA ALA GB 66 -37.67 74.56 -105.34
C ALA GB 66 -36.75 75.53 -106.06
N ASP GB 67 -37.20 76.02 -107.22
CA ASP GB 67 -36.41 76.93 -108.03
C ASP GB 67 -37.40 77.82 -108.77
N GLY GB 68 -37.41 79.10 -108.41
CA GLY GB 68 -38.27 80.08 -109.04
C GLY GB 68 -39.70 79.62 -109.19
N HIS GB 69 -40.35 79.34 -108.06
CA HIS GB 69 -41.72 78.84 -108.01
C HIS GB 69 -41.96 77.75 -109.05
N ALA GB 70 -40.97 76.84 -109.15
CA ALA GB 70 -41.12 75.66 -109.99
C ALA GB 70 -40.32 74.53 -109.32
N ILE GB 71 -40.97 73.40 -109.11
CA ILE GB 71 -40.30 72.27 -108.49
C ILE GB 71 -39.42 71.59 -109.51
N GLU GB 72 -38.18 71.32 -109.14
CA GLU GB 72 -37.27 70.54 -109.98
C GLU GB 72 -36.66 69.43 -109.13
N ASN GB 73 -35.89 68.57 -109.76
CA ASN GB 73 -35.34 67.43 -109.06
C ASN GB 73 -33.87 67.22 -109.42
N ALA GB 74 -33.13 66.63 -108.49
CA ALA GB 74 -31.72 66.39 -108.65
C ALA GB 74 -31.35 65.03 -108.10
N VAL GB 75 -30.16 64.56 -108.45
CA VAL GB 75 -29.75 63.20 -108.08
C VAL GB 75 -29.54 63.11 -106.58
N ARG GB 76 -29.88 61.94 -106.01
CA ARG GB 76 -29.68 61.73 -104.58
C ARG GB 76 -28.21 61.70 -104.22
N SER GB 77 -27.37 61.15 -105.09
CA SER GB 77 -25.94 61.36 -104.91
C SER GB 77 -25.65 62.85 -105.01
N SER GB 78 -24.44 63.23 -104.61
CA SER GB 78 -24.03 64.61 -104.42
C SER GB 78 -24.73 65.28 -103.26
N LEU GB 79 -25.33 64.50 -102.36
CA LEU GB 79 -25.76 65.01 -101.06
C LEU GB 79 -24.59 64.93 -100.10
N LYS GB 80 -23.93 66.05 -99.85
CA LYS GB 80 -22.76 66.07 -98.98
C LYS GB 80 -23.10 66.84 -97.71
N VAL GB 81 -23.07 66.14 -96.58
CA VAL GB 81 -23.21 66.76 -95.27
C VAL GB 81 -21.83 66.78 -94.63
N ALA GB 82 -21.37 67.98 -94.27
CA ALA GB 82 -19.99 68.15 -93.87
C ALA GB 82 -19.92 68.94 -92.58
N THR GB 83 -18.89 68.64 -91.81
CA THR GB 83 -18.54 69.34 -90.59
C THR GB 83 -17.03 69.48 -90.62
N SER GB 84 -16.39 69.64 -89.46
CA SER GB 84 -14.93 69.70 -89.40
C SER GB 84 -14.27 68.68 -90.32
N GLY GB 85 -14.89 67.51 -90.51
CA GLY GB 85 -14.39 66.54 -91.47
C GLY GB 85 -15.42 66.21 -92.54
N ASP GB 86 -15.84 64.95 -92.60
CA ASP GB 86 -16.93 64.54 -93.47
C ASP GB 86 -17.81 63.59 -92.70
N CYS GB 87 -19.13 63.74 -92.84
CA CYS GB 87 -20.05 62.90 -92.10
C CYS GB 87 -20.46 61.69 -92.93
N PHE GB 88 -21.08 60.73 -92.26
CA PHE GB 88 -21.66 59.56 -92.90
C PHE GB 88 -23.16 59.60 -92.65
N VAL GB 89 -23.94 59.54 -93.73
CA VAL GB 89 -25.40 59.59 -93.64
C VAL GB 89 -25.91 58.18 -93.44
N HIS GB 90 -26.98 58.04 -92.66
CA HIS GB 90 -27.55 56.73 -92.36
C HIS GB 90 -28.94 56.55 -92.97
N GLY GB 91 -29.82 57.53 -92.79
CA GLY GB 91 -31.17 57.48 -93.30
C GLY GB 91 -31.56 58.77 -93.99
N THR GB 92 -32.74 58.74 -94.60
CA THR GB 92 -33.25 59.91 -95.31
C THR GB 92 -34.73 59.75 -95.67
N MET GB 93 -35.54 60.75 -95.35
CA MET GB 93 -36.91 60.79 -95.81
C MET GB 93 -37.49 62.19 -95.71
N GLY GB 94 -38.02 62.70 -96.81
CA GLY GB 94 -38.68 63.99 -96.76
C GLY GB 94 -37.70 65.09 -96.47
N HIS GB 95 -37.87 65.75 -95.33
CA HIS GB 95 -37.04 66.88 -94.95
C HIS GB 95 -35.81 66.50 -94.14
N PHE GB 96 -35.67 65.25 -93.72
CA PHE GB 96 -34.82 64.95 -92.58
C PHE GB 96 -33.64 64.09 -92.98
N ILE GB 97 -32.47 64.39 -92.41
CA ILE GB 97 -31.26 63.60 -92.62
C ILE GB 97 -30.72 63.12 -91.30
N LEU GB 98 -30.39 61.83 -91.24
CA LEU GB 98 -29.66 61.25 -90.12
C LEU GB 98 -28.20 61.16 -90.50
N ALA GB 99 -27.33 61.72 -89.66
CA ALA GB 99 -25.90 61.72 -89.95
C ALA GB 99 -25.11 61.47 -88.68
N LYS GB 100 -23.87 61.02 -88.88
CA LYS GB 100 -22.89 60.86 -87.80
C LYS GB 100 -21.69 61.72 -88.17
N CYS GB 101 -21.27 62.58 -87.26
CA CYS GB 101 -20.22 63.49 -87.68
C CYS GB 101 -19.06 63.52 -86.67
N PRO GB 102 -17.86 63.86 -87.13
CA PRO GB 102 -16.74 64.07 -86.21
C PRO GB 102 -16.87 65.42 -85.52
N PRO GB 103 -16.19 65.61 -84.38
CA PRO GB 103 -16.36 66.86 -83.63
C PRO GB 103 -15.93 68.08 -84.44
N GLY GB 104 -16.65 69.17 -84.23
CA GLY GB 104 -16.40 70.39 -84.98
C GLY GB 104 -17.24 71.51 -84.46
N GLU GB 105 -17.25 72.62 -85.19
CA GLU GB 105 -17.95 73.82 -84.74
C GLU GB 105 -19.06 74.27 -85.67
N PHE GB 106 -19.21 73.69 -86.86
CA PHE GB 106 -20.28 74.08 -87.75
C PHE GB 106 -20.72 72.87 -88.54
N LEU GB 107 -21.74 73.05 -89.37
CA LEU GB 107 -22.01 72.03 -90.38
C LEU GB 107 -22.71 72.66 -91.57
N GLN GB 108 -22.49 72.06 -92.73
CA GLN GB 108 -23.06 72.52 -93.98
C GLN GB 108 -23.65 71.33 -94.71
N VAL GB 109 -24.63 71.60 -95.56
CA VAL GB 109 -25.21 70.59 -96.44
C VAL GB 109 -25.20 71.14 -97.86
N SER GB 110 -24.91 70.28 -98.82
CA SER GB 110 -24.75 70.70 -100.20
C SER GB 110 -25.39 69.67 -101.13
N ILE GB 111 -26.07 70.19 -102.16
CA ILE GB 111 -26.61 69.38 -103.25
C ILE GB 111 -26.19 70.02 -104.57
N GLN GB 112 -26.49 69.31 -105.65
CA GLN GB 112 -26.21 69.82 -106.99
C GLN GB 112 -27.51 70.22 -107.69
N ASP GB 113 -27.48 71.40 -108.31
CA ASP GB 113 -28.60 71.91 -109.07
C ASP GB 113 -28.76 71.08 -110.35
N THR GB 114 -29.88 71.30 -111.04
CA THR GB 114 -30.10 70.61 -112.31
C THR GB 114 -29.10 71.06 -113.36
N ARG GB 115 -28.50 72.24 -113.17
CA ARG GB 115 -27.48 72.74 -114.09
C ARG GB 115 -26.08 72.31 -113.70
N ASN GB 116 -25.99 71.40 -112.73
CA ASN GB 116 -24.71 70.88 -112.24
C ASN GB 116 -23.85 72.00 -111.65
N ALA GB 117 -24.39 72.65 -110.61
CA ALA GB 117 -23.67 73.63 -109.81
C ALA GB 117 -24.00 73.38 -108.35
N VAL GB 118 -23.06 73.69 -107.45
CA VAL GB 118 -23.26 73.35 -106.05
C VAL GB 118 -24.12 74.41 -105.35
N ARG GB 119 -25.04 73.95 -104.52
CA ARG GB 119 -25.81 74.82 -103.63
C ARG GB 119 -25.67 74.26 -102.22
N ALA GB 120 -25.13 75.06 -101.31
CA ALA GB 120 -24.84 74.62 -99.96
C ALA GB 120 -25.20 75.71 -98.96
N CYS GB 121 -25.47 75.28 -97.74
CA CYS GB 121 -25.77 76.20 -96.65
C CYS GB 121 -25.16 75.67 -95.37
N ARG GB 122 -24.55 76.55 -94.58
CA ARG GB 122 -23.84 76.18 -93.37
C ARG GB 122 -24.31 77.00 -92.18
N ILE GB 123 -24.31 76.37 -91.01
CA ILE GB 123 -24.79 76.96 -89.78
C ILE GB 123 -23.87 76.56 -88.66
N GLN GB 124 -23.70 77.47 -87.70
CA GLN GB 124 -22.84 77.22 -86.54
C GLN GB 124 -23.56 76.27 -85.59
N TYR GB 125 -22.86 75.22 -85.17
CA TYR GB 125 -23.44 74.23 -84.27
C TYR GB 125 -22.30 73.54 -83.54
N HIS GB 126 -22.15 73.83 -82.26
CA HIS GB 126 -21.03 73.29 -81.49
C HIS GB 126 -21.34 71.83 -81.17
N HIS GB 127 -20.84 70.94 -82.02
CA HIS GB 127 -21.09 69.51 -81.88
C HIS GB 127 -19.90 68.85 -81.23
N ASP GB 128 -20.15 68.05 -80.20
CA ASP GB 128 -19.10 67.34 -79.51
C ASP GB 128 -19.66 66.11 -78.81
N PRO GB 129 -19.61 64.95 -79.44
CA PRO GB 129 -20.28 63.78 -78.89
C PRO GB 129 -19.59 63.29 -77.63
N GLN GB 130 -20.37 62.62 -76.78
CA GLN GB 130 -19.85 61.99 -75.57
C GLN GB 130 -20.45 60.59 -75.49
N PRO GB 131 -19.65 59.55 -75.67
CA PRO GB 131 -20.20 58.19 -75.59
C PRO GB 131 -20.68 57.88 -74.19
N VAL GB 132 -21.72 57.04 -74.12
CA VAL GB 132 -22.29 56.65 -72.84
C VAL GB 132 -21.25 55.86 -72.05
N GLY GB 133 -21.32 55.95 -70.73
CA GLY GB 133 -20.47 55.13 -69.90
C GLY GB 133 -19.58 55.94 -68.99
N ARG GB 134 -18.36 55.46 -68.77
CA ARG GB 134 -17.41 56.15 -67.93
C ARG GB 134 -16.07 56.38 -68.61
N GLU GB 135 -15.94 55.98 -69.88
CA GLU GB 135 -14.72 56.21 -70.64
C GLU GB 135 -15.06 56.92 -71.93
N LYS GB 136 -14.19 57.83 -72.35
CA LYS GB 136 -14.41 58.59 -73.57
C LYS GB 136 -13.71 57.93 -74.75
N PHE GB 137 -14.13 56.71 -75.06
CA PHE GB 137 -13.53 56.02 -76.20
C PHE GB 137 -13.99 56.64 -77.50
N THR GB 138 -13.40 56.17 -78.60
CA THR GB 138 -13.65 56.74 -79.92
C THR GB 138 -14.39 55.79 -80.84
N ILE GB 139 -13.93 54.56 -80.98
CA ILE GB 139 -14.66 53.58 -81.77
C ILE GB 139 -14.77 52.27 -81.00
N ARG GB 140 -15.86 51.56 -81.23
CA ARG GB 140 -16.22 50.43 -80.40
C ARG GB 140 -15.15 49.35 -80.47
N PRO GB 141 -14.94 48.63 -79.39
CA PRO GB 141 -13.91 47.59 -79.37
C PRO GB 141 -14.46 46.26 -79.81
N HIS GB 142 -13.64 45.21 -79.78
CA HIS GB 142 -14.12 43.86 -80.06
C HIS GB 142 -14.34 43.05 -78.79
N TYR GB 143 -14.28 43.70 -77.62
CA TYR GB 143 -14.46 43.00 -76.35
C TYR GB 143 -14.84 44.01 -75.29
N GLY GB 144 -16.03 43.87 -74.72
CA GLY GB 144 -16.47 44.82 -73.73
C GLY GB 144 -17.82 44.46 -73.15
N LYS GB 145 -18.43 45.45 -72.52
CA LYS GB 145 -19.74 45.30 -71.90
C LYS GB 145 -20.82 45.86 -72.82
N GLU GB 146 -22.07 45.60 -72.43
CA GLU GB 146 -23.24 46.12 -73.13
C GLU GB 146 -23.96 47.09 -72.20
N ILE GB 147 -24.19 48.30 -72.68
CA ILE GB 147 -24.84 49.37 -71.92
C ILE GB 147 -26.01 49.90 -72.73
N PRO GB 148 -27.16 50.15 -72.14
CA PRO GB 148 -28.27 50.72 -72.89
C PRO GB 148 -27.99 52.15 -73.32
N CYS GB 149 -28.61 52.56 -74.41
CA CYS GB 149 -28.46 53.90 -74.95
C CYS GB 149 -29.78 54.26 -75.64
N THR GB 150 -29.74 55.27 -76.52
CA THR GB 150 -30.90 55.65 -77.33
C THR GB 150 -30.41 56.14 -78.68
N THR GB 151 -31.19 55.84 -79.73
CA THR GB 151 -30.83 56.29 -81.07
C THR GB 151 -32.10 56.38 -81.91
N TYR GB 152 -32.00 57.08 -83.03
CA TYR GB 152 -33.10 57.21 -83.96
C TYR GB 152 -33.10 56.01 -84.89
N GLN GB 153 -34.24 55.34 -85.00
CA GLN GB 153 -34.35 54.17 -85.87
C GLN GB 153 -34.79 54.57 -87.26
N GLN GB 154 -34.57 53.67 -88.22
CA GLN GB 154 -34.92 53.94 -89.60
C GLN GB 154 -36.39 53.72 -89.89
N THR GB 155 -37.12 53.04 -89.00
CA THR GB 155 -38.52 52.73 -89.25
C THR GB 155 -39.33 54.02 -89.34
N THR GB 156 -40.34 54.00 -90.21
CA THR GB 156 -41.14 55.18 -90.46
C THR GB 156 -42.59 54.85 -90.11
N ALA GB 157 -42.79 54.22 -88.95
CA ALA GB 157 -44.12 53.82 -88.52
C ALA GB 157 -44.88 55.00 -87.92
N LYS GB 158 -46.01 54.72 -87.26
CA LYS GB 158 -46.68 55.76 -86.49
C LYS GB 158 -45.76 56.25 -85.39
N THR GB 159 -45.65 57.56 -85.25
CA THR GB 159 -44.66 58.15 -84.36
C THR GB 159 -45.24 59.06 -83.29
N VAL GB 160 -46.36 59.72 -83.56
CA VAL GB 160 -46.91 60.74 -82.68
C VAL GB 160 -45.85 61.84 -82.56
N GLU GB 161 -45.60 62.53 -83.66
CA GLU GB 161 -44.78 63.73 -83.67
C GLU GB 161 -45.39 64.68 -84.69
N GLU GB 162 -45.17 65.98 -84.49
CA GLU GB 162 -45.93 66.99 -85.22
C GLU GB 162 -45.01 67.93 -85.97
N ILE GB 163 -45.40 68.28 -87.19
CA ILE GB 163 -44.85 69.40 -87.93
C ILE GB 163 -46.01 70.23 -88.44
N ASP GB 164 -45.90 71.54 -88.28
CA ASP GB 164 -46.99 72.46 -88.60
C ASP GB 164 -46.88 72.94 -90.04
N MET GB 165 -47.97 72.77 -90.77
CA MET GB 165 -48.00 72.95 -92.21
C MET GB 165 -48.97 74.08 -92.50
N HIS GB 166 -48.71 74.89 -93.52
CA HIS GB 166 -49.75 75.85 -93.88
C HIS GB 166 -49.60 76.31 -95.32
N MET GB 167 -50.65 76.96 -95.81
CA MET GB 167 -50.69 77.41 -97.19
C MET GB 167 -49.67 78.53 -97.41
N PRO GB 168 -48.91 78.47 -98.50
CA PRO GB 168 -47.83 79.45 -98.68
C PRO GB 168 -48.39 80.82 -98.94
N PRO GB 169 -47.62 81.87 -98.68
CA PRO GB 169 -48.09 83.23 -98.96
C PRO GB 169 -48.08 83.50 -100.46
N ASP GB 170 -48.73 84.59 -100.83
CA ASP GB 170 -48.73 85.03 -102.22
C ASP GB 170 -47.31 85.41 -102.62
N THR GB 171 -46.68 84.57 -103.40
CA THR GB 171 -45.27 84.77 -103.74
C THR GB 171 -45.11 85.96 -104.66
N PRO GB 172 -44.31 86.96 -104.31
CA PRO GB 172 -44.12 88.10 -105.19
C PRO GB 172 -43.05 87.83 -106.24
N ASP GB 173 -43.22 88.49 -107.38
CA ASP GB 173 -42.29 88.37 -108.48
C ASP GB 173 -42.47 89.57 -109.41
N ARG GB 174 -41.40 89.90 -110.13
CA ARG GB 174 -41.34 91.08 -110.99
C ARG GB 174 -40.99 90.77 -112.43
N THR GB 175 -40.39 89.61 -112.71
CA THR GB 175 -39.96 89.31 -114.07
C THR GB 175 -41.10 88.98 -115.01
N LEU GB 176 -42.29 88.67 -114.48
CA LEU GB 176 -43.40 88.29 -115.35
C LEU GB 176 -44.01 89.50 -116.04
N LEU GB 177 -43.73 90.70 -115.55
CA LEU GB 177 -44.22 91.92 -116.18
C LEU GB 177 -43.32 92.26 -117.37
N SER GB 178 -43.92 92.36 -118.55
CA SER GB 178 -43.22 92.79 -119.76
C SER GB 178 -43.80 94.12 -120.22
N GLN GB 179 -42.92 95.04 -120.62
CA GLN GB 179 -43.33 96.35 -121.11
C GLN GB 179 -42.94 96.45 -122.58
N GLN GB 180 -43.93 96.41 -123.47
CA GLN GB 180 -43.69 96.49 -124.91
C GLN GB 180 -43.80 97.91 -125.42
N SER GB 181 -44.99 98.53 -125.29
CA SER GB 181 -45.16 99.93 -125.68
C SER GB 181 -46.37 100.46 -124.90
N GLY GB 182 -46.10 101.17 -123.81
CA GLY GB 182 -47.17 101.79 -123.04
C GLY GB 182 -48.20 100.83 -122.51
N ASN GB 183 -47.83 99.58 -122.23
CA ASN GB 183 -48.78 98.59 -121.76
C ASN GB 183 -48.02 97.51 -120.99
N VAL GB 184 -48.78 96.69 -120.28
CA VAL GB 184 -48.20 95.61 -119.48
C VAL GB 184 -48.57 94.27 -120.12
N LYS GB 185 -47.70 93.29 -119.89
CA LYS GB 185 -47.90 91.94 -120.37
C LYS GB 185 -47.60 90.99 -119.21
N ILE GB 186 -48.61 90.27 -118.76
CA ILE GB 186 -48.47 89.36 -117.62
C ILE GB 186 -48.37 87.93 -118.14
N THR GB 187 -47.35 87.22 -117.69
CA THR GB 187 -47.14 85.84 -118.11
C THR GB 187 -47.94 84.87 -117.24
N VAL GB 188 -48.48 83.84 -117.88
CA VAL GB 188 -49.29 82.83 -117.23
C VAL GB 188 -48.76 81.47 -117.63
N GLY GB 189 -49.49 80.41 -117.28
CA GLY GB 189 -49.02 79.07 -117.53
C GLY GB 189 -49.35 78.09 -116.42
N GLY GB 190 -50.14 78.55 -115.45
CA GLY GB 190 -50.55 77.71 -114.36
C GLY GB 190 -50.64 78.51 -113.08
N LYS GB 191 -50.19 79.75 -113.14
CA LYS GB 191 -50.16 80.64 -111.99
C LYS GB 191 -51.21 81.72 -112.18
N LYS GB 192 -52.19 81.76 -111.28
CA LYS GB 192 -53.20 82.81 -111.31
C LYS GB 192 -52.65 83.98 -110.51
N VAL GB 193 -52.31 85.05 -111.21
CA VAL GB 193 -51.61 86.18 -110.60
C VAL GB 193 -52.63 87.18 -110.08
N LYS GB 194 -52.47 87.57 -108.82
CA LYS GB 194 -53.25 88.66 -108.23
C LYS GB 194 -52.42 89.93 -108.31
N TYR GB 195 -53.05 91.02 -108.75
CA TYR GB 195 -52.34 92.23 -109.13
C TYR GB 195 -52.95 93.43 -108.44
N ASN GB 196 -52.18 94.51 -108.37
CA ASN GB 196 -52.68 95.77 -107.81
C ASN GB 196 -52.09 96.89 -108.66
N CYS GB 197 -52.86 97.38 -109.63
CA CYS GB 197 -52.43 98.43 -110.54
C CYS GB 197 -53.39 99.60 -110.37
N THR GB 198 -53.03 100.56 -109.52
CA THR GB 198 -53.84 101.75 -109.27
C THR GB 198 -53.34 102.91 -110.15
N CYS GB 199 -53.66 102.80 -111.44
CA CYS GB 199 -53.43 103.87 -112.39
C CYS GB 199 -54.74 104.36 -113.01
N GLY GB 200 -55.81 104.37 -112.23
CA GLY GB 200 -57.12 104.73 -112.69
C GLY GB 200 -57.88 103.64 -113.42
N THR GB 201 -57.17 102.70 -114.03
CA THR GB 201 -57.78 101.57 -114.73
C THR GB 201 -58.12 100.46 -113.76
N GLY GB 202 -58.44 99.28 -114.28
CA GLY GB 202 -58.85 98.12 -113.51
C GLY GB 202 -58.16 97.93 -112.18
N ASN GB 203 -58.95 97.75 -111.12
CA ASN GB 203 -58.46 97.67 -109.76
C ASN GB 203 -57.90 96.29 -109.45
N VAL GB 204 -57.70 96.01 -108.16
CA VAL GB 204 -57.15 94.73 -107.72
C VAL GB 204 -57.99 93.59 -108.29
N GLY GB 205 -57.31 92.49 -108.62
CA GLY GB 205 -58.00 91.33 -109.14
C GLY GB 205 -57.04 90.20 -109.43
N THR GB 206 -57.61 89.03 -109.66
CA THR GB 206 -56.86 87.85 -110.08
C THR GB 206 -57.20 87.54 -111.53
N THR GB 207 -56.22 86.99 -112.25
CA THR GB 207 -56.41 86.65 -113.65
C THR GB 207 -55.81 85.28 -113.94
N ASN GB 208 -56.30 84.67 -115.01
CA ASN GB 208 -55.77 83.40 -115.48
C ASN GB 208 -54.99 83.49 -116.79
N SER GB 209 -55.19 84.54 -117.58
CA SER GB 209 -54.50 84.73 -118.84
C SER GB 209 -53.91 86.14 -118.89
N ASP GB 210 -53.34 86.48 -120.05
CA ASP GB 210 -52.67 87.76 -120.20
C ASP GB 210 -53.67 88.91 -120.28
N MET GB 211 -53.20 90.11 -119.96
CA MET GB 211 -53.98 91.33 -120.17
C MET GB 211 -53.04 92.46 -120.55
N THR GB 212 -53.64 93.61 -120.84
CA THR GB 212 -52.92 94.87 -121.02
C THR GB 212 -53.61 95.93 -120.17
N ILE GB 213 -52.81 96.88 -119.66
CA ILE GB 213 -53.36 97.93 -118.82
C ILE GB 213 -53.33 99.24 -119.61
N ASN GB 214 -52.41 99.33 -120.58
CA ASN GB 214 -52.34 100.40 -121.57
C ASN GB 214 -52.10 101.78 -120.96
N THR GB 215 -51.82 101.88 -119.66
CA THR GB 215 -51.67 103.18 -119.02
C THR GB 215 -50.30 103.40 -118.40
N CYS GB 216 -49.90 102.55 -117.46
CA CYS GB 216 -48.66 102.75 -116.72
C CYS GB 216 -47.84 101.46 -116.76
N LEU GB 217 -46.52 101.62 -116.85
CA LEU GB 217 -45.66 100.54 -117.35
C LEU GB 217 -45.27 99.53 -116.27
N ILE GB 218 -44.46 99.95 -115.31
CA ILE GB 218 -43.80 98.99 -114.44
C ILE GB 218 -43.95 99.35 -112.97
N GLU GB 219 -44.16 100.64 -112.69
CA GLU GB 219 -44.05 101.16 -111.34
C GLU GB 219 -45.35 101.07 -110.55
N GLN GB 220 -46.37 100.38 -111.07
CA GLN GB 220 -47.62 100.26 -110.35
C GLN GB 220 -48.04 98.80 -110.17
N CYS GB 221 -47.87 97.99 -111.20
CA CYS GB 221 -48.32 96.61 -111.17
C CYS GB 221 -47.32 95.73 -110.41
N HIS GB 222 -47.78 94.52 -110.08
CA HIS GB 222 -46.97 93.56 -109.36
C HIS GB 222 -47.21 92.18 -109.95
N VAL GB 223 -46.39 91.22 -109.53
CA VAL GB 223 -46.69 89.81 -109.74
C VAL GB 223 -46.83 89.17 -108.36
N SER GB 224 -47.95 88.50 -108.12
CA SER GB 224 -48.18 87.83 -106.85
C SER GB 224 -48.88 86.50 -107.16
N VAL GB 225 -48.09 85.45 -107.30
CA VAL GB 225 -48.62 84.13 -107.58
C VAL GB 225 -49.32 83.61 -106.33
N THR GB 226 -50.59 83.26 -106.46
CA THR GB 226 -51.45 82.98 -105.31
C THR GB 226 -52.30 81.74 -105.56
N ASP GB 227 -53.14 81.44 -104.58
CA ASP GB 227 -54.11 80.35 -104.62
C ASP GB 227 -53.45 79.03 -105.05
N HIS GB 228 -52.53 78.59 -104.21
CA HIS GB 228 -51.82 77.34 -104.44
C HIS GB 228 -52.58 76.18 -103.83
N LYS GB 229 -52.19 74.98 -104.21
CA LYS GB 229 -52.90 73.77 -103.82
C LYS GB 229 -52.10 72.90 -102.88
N LYS GB 230 -51.02 73.43 -102.29
CA LYS GB 230 -50.11 72.61 -101.51
C LYS GB 230 -49.72 73.33 -100.23
N TRP GB 231 -49.28 72.54 -99.26
CA TRP GB 231 -48.84 73.04 -97.97
C TRP GB 231 -47.33 73.21 -97.96
N GLN GB 232 -46.85 74.38 -97.51
CA GLN GB 232 -45.43 74.69 -97.66
C GLN GB 232 -44.57 74.37 -96.43
N PHE GB 233 -44.75 75.11 -95.33
CA PHE GB 233 -44.18 74.83 -94.01
C PHE GB 233 -44.55 75.98 -93.09
N ASN GB 234 -44.43 75.74 -91.78
CA ASN GB 234 -44.53 76.83 -90.81
C ASN GB 234 -43.11 77.24 -90.44
N SER GB 235 -42.52 78.08 -91.27
CA SER GB 235 -41.13 78.47 -91.08
C SER GB 235 -41.03 79.90 -90.61
N PRO GB 236 -40.09 80.20 -89.71
CA PRO GB 236 -39.92 81.59 -89.26
C PRO GB 236 -39.35 82.51 -90.32
N PHE GB 237 -38.92 81.99 -91.46
CA PHE GB 237 -38.32 82.84 -92.49
C PHE GB 237 -39.26 83.15 -93.66
N VAL GB 238 -40.53 82.77 -93.58
CA VAL GB 238 -41.49 83.11 -94.63
C VAL GB 238 -42.76 83.69 -94.01
N PRO GB 239 -43.47 84.56 -94.69
CA PRO GB 239 -44.66 85.19 -94.10
C PRO GB 239 -45.87 84.27 -94.02
N ARG GB 240 -46.99 84.79 -93.52
CA ARG GB 240 -48.26 84.07 -93.45
C ARG GB 240 -49.28 84.72 -94.37
N ALA GB 241 -50.49 84.18 -94.35
CA ALA GB 241 -51.58 84.64 -95.22
C ALA GB 241 -52.56 85.53 -94.48
N ASP GB 242 -53.20 85.01 -93.43
CA ASP GB 242 -54.28 85.70 -92.75
C ASP GB 242 -54.05 85.61 -91.23
N GLU GB 243 -54.95 86.24 -90.46
CA GLU GB 243 -54.75 86.24 -89.02
C GLU GB 243 -55.93 85.64 -88.23
N PRO GB 244 -56.50 84.51 -88.65
CA PRO GB 244 -57.01 83.55 -87.67
C PRO GB 244 -56.07 82.39 -87.40
N ALA GB 245 -54.94 82.35 -88.11
CA ALA GB 245 -54.01 81.22 -88.14
C ALA GB 245 -54.66 79.99 -88.78
N ARG GB 246 -53.96 79.36 -89.72
CA ARG GB 246 -54.49 78.20 -90.42
C ARG GB 246 -53.35 77.20 -90.56
N LYS GB 247 -53.41 76.10 -89.81
CA LYS GB 247 -52.33 75.14 -89.83
C LYS GB 247 -52.90 73.74 -89.90
N GLY GB 248 -52.11 72.84 -90.48
CA GLY GB 248 -52.43 71.42 -90.54
C GLY GB 248 -51.49 70.62 -89.66
N LYS GB 249 -51.23 69.36 -90.03
CA LYS GB 249 -50.29 68.53 -89.27
C LYS GB 249 -49.60 67.58 -90.24
N VAL GB 250 -48.37 67.21 -89.91
CA VAL GB 250 -47.68 66.13 -90.62
C VAL GB 250 -46.79 65.37 -89.64
N HIS GB 251 -46.71 64.05 -89.79
CA HIS GB 251 -45.84 63.23 -88.96
C HIS GB 251 -44.39 63.33 -89.41
N ILE GB 252 -43.47 63.21 -88.45
CA ILE GB 252 -42.04 63.22 -88.76
C ILE GB 252 -41.59 61.77 -88.88
N PRO GB 253 -40.49 61.51 -89.56
CA PRO GB 253 -39.94 60.16 -89.59
C PRO GB 253 -38.93 59.97 -88.47
N PHE GB 254 -38.44 58.74 -88.35
CA PHE GB 254 -37.32 58.42 -87.46
C PHE GB 254 -37.61 58.75 -86.00
N PRO GB 255 -38.45 57.98 -85.33
CA PRO GB 255 -38.64 58.17 -83.89
C PRO GB 255 -37.40 57.73 -83.13
N LEU GB 256 -37.52 57.74 -81.80
CA LEU GB 256 -36.40 57.42 -80.92
C LEU GB 256 -36.63 56.10 -80.22
N ASP GB 257 -35.63 55.22 -80.24
CA ASP GB 257 -35.76 53.87 -79.71
C ASP GB 257 -34.57 53.54 -78.84
N ASN GB 258 -34.70 52.48 -78.04
CA ASN GB 258 -33.71 52.23 -76.99
C ASN GB 258 -32.40 51.67 -77.53
N ILE GB 259 -32.43 50.47 -78.14
CA ILE GB 259 -31.27 49.74 -78.66
C ILE GB 259 -30.22 49.58 -77.56
N THR GB 260 -29.12 48.89 -77.84
CA THR GB 260 -28.04 48.69 -76.90
C THR GB 260 -26.71 48.98 -77.56
N CYS GB 261 -25.70 49.33 -76.76
CA CYS GB 261 -24.40 49.75 -77.26
C CYS GB 261 -23.30 48.98 -76.56
N ARG GB 262 -22.11 49.01 -77.16
CA ARG GB 262 -20.96 48.26 -76.64
C ARG GB 262 -19.91 49.23 -76.15
N VAL GB 263 -19.30 48.92 -75.01
CA VAL GB 263 -18.37 49.83 -74.35
C VAL GB 263 -17.14 49.06 -73.90
N PRO GB 264 -15.94 49.61 -73.95
CA PRO GB 264 -14.75 48.86 -73.52
C PRO GB 264 -14.57 48.88 -72.01
N MET GB 265 -13.71 47.98 -71.55
CA MET GB 265 -13.35 47.87 -70.14
C MET GB 265 -11.87 48.14 -70.00
N ALA GB 266 -11.50 49.10 -69.14
CA ALA GB 266 -10.11 49.46 -69.00
C ALA GB 266 -9.39 48.47 -68.09
N ARG GB 267 -8.06 48.45 -68.21
CA ARG GB 267 -7.24 47.43 -67.57
C ARG GB 267 -7.29 47.55 -66.05
N GLU GB 268 -7.05 46.43 -65.39
CA GLU GB 268 -6.91 46.45 -63.95
C GLU GB 268 -5.63 47.21 -63.56
N PRO GB 269 -5.64 47.96 -62.48
CA PRO GB 269 -4.46 48.71 -62.10
C PRO GB 269 -3.56 47.89 -61.20
N THR GB 270 -2.28 48.27 -61.18
CA THR GB 270 -1.31 47.64 -60.31
C THR GB 270 -1.52 48.11 -58.88
N VAL GB 271 -1.42 47.20 -57.93
CA VAL GB 271 -1.69 47.48 -56.53
C VAL GB 271 -0.44 47.20 -55.73
N ILE GB 272 -0.10 48.09 -54.81
CA ILE GB 272 1.00 47.87 -53.88
C ILE GB 272 0.46 48.01 -52.46
N HIS GB 273 0.57 46.96 -51.67
CA HIS GB 273 0.05 46.96 -50.32
C HIS GB 273 1.01 47.64 -49.36
N GLY GB 274 0.48 48.47 -48.48
CA GLY GB 274 1.27 49.13 -47.46
C GLY GB 274 0.59 49.09 -46.11
N LYS GB 275 1.05 49.88 -45.15
CA LYS GB 275 0.44 49.89 -43.83
C LYS GB 275 -0.75 50.83 -43.85
N ARG GB 276 -1.94 50.25 -44.06
CA ARG GB 276 -3.19 51.00 -44.12
C ARG GB 276 -3.19 51.97 -45.31
N GLU GB 277 -2.30 51.75 -46.26
CA GLU GB 277 -2.29 52.51 -47.49
C GLU GB 277 -2.17 51.56 -48.67
N VAL GB 278 -2.77 51.96 -49.78
CA VAL GB 278 -2.68 51.24 -51.05
C VAL GB 278 -2.29 52.23 -52.11
N THR GB 279 -1.24 51.94 -52.86
CA THR GB 279 -0.77 52.82 -53.92
C THR GB 279 -1.12 52.18 -55.25
N LEU GB 280 -1.86 52.90 -56.08
CA LEU GB 280 -2.34 52.39 -57.36
C LEU GB 280 -1.58 53.05 -58.49
N HIS GB 281 -1.09 52.24 -59.42
CA HIS GB 281 -0.59 52.72 -60.70
C HIS GB 281 -1.76 52.69 -61.69
N LEU GB 282 -2.06 53.83 -62.30
CA LEU GB 282 -3.17 53.92 -63.24
C LEU GB 282 -2.61 54.12 -64.65
N HIS GB 283 -3.03 53.23 -65.56
CA HIS GB 283 -2.60 53.25 -66.96
C HIS GB 283 -3.82 53.34 -67.87
N PRO GB 284 -4.19 54.54 -68.30
CA PRO GB 284 -5.33 54.69 -69.20
C PRO GB 284 -4.93 54.74 -70.66
N ASP GB 285 -5.85 54.28 -71.51
CA ASP GB 285 -5.74 54.46 -72.95
C ASP GB 285 -6.48 55.68 -73.46
N HIS GB 286 -7.36 56.25 -72.64
CA HIS GB 286 -8.20 57.39 -72.99
C HIS GB 286 -8.82 57.90 -71.70
N PRO GB 287 -9.35 59.11 -71.70
CA PRO GB 287 -9.91 59.65 -70.46
C PRO GB 287 -10.90 58.70 -69.79
N THR GB 288 -10.59 58.25 -68.58
CA THR GB 288 -11.47 57.39 -67.80
C THR GB 288 -11.78 58.04 -66.46
N LEU GB 289 -12.81 57.56 -65.80
CA LEU GB 289 -13.22 58.09 -64.50
C LEU GB 289 -12.73 57.16 -63.40
N PHE GB 290 -12.06 57.73 -62.40
CA PHE GB 290 -11.57 56.98 -61.25
C PHE GB 290 -12.09 57.63 -60.00
N SER GB 291 -12.75 56.85 -59.15
CA SER GB 291 -13.28 57.40 -57.91
C SER GB 291 -13.19 56.36 -56.81
N TYR GB 292 -13.25 56.81 -55.57
CA TYR GB 292 -13.10 55.90 -54.46
C TYR GB 292 -13.75 56.48 -53.22
N ARG GB 293 -14.04 55.63 -52.26
CA ARG GB 293 -14.59 56.12 -51.01
C ARG GB 293 -14.29 55.13 -49.91
N THR GB 294 -14.09 55.67 -48.72
CA THR GB 294 -13.87 54.87 -47.53
C THR GB 294 -15.22 54.51 -46.92
N LEU GB 295 -15.46 53.22 -46.75
CA LEU GB 295 -16.78 52.75 -46.36
C LEU GB 295 -16.89 52.62 -44.84
N GLY GB 296 -16.49 53.70 -44.17
CA GLY GB 296 -16.69 53.86 -42.76
C GLY GB 296 -17.91 54.66 -42.43
N GLU GB 297 -17.92 55.26 -41.24
CA GLU GB 297 -19.06 56.09 -40.86
C GLU GB 297 -19.00 57.44 -41.57
N ASP GB 298 -17.84 58.08 -41.59
CA ASP GB 298 -17.66 59.36 -42.24
C ASP GB 298 -16.72 59.17 -43.43
N PRO GB 299 -17.23 59.21 -44.64
CA PRO GB 299 -16.46 58.76 -45.80
C PRO GB 299 -15.43 59.79 -46.22
N GLN GB 300 -14.66 59.43 -47.24
CA GLN GB 300 -13.73 60.33 -47.90
C GLN GB 300 -14.10 60.36 -49.38
N TYR GB 301 -15.06 61.22 -49.70
CA TYR GB 301 -15.51 61.42 -51.07
C TYR GB 301 -14.34 61.83 -51.97
N HIS GB 302 -14.32 61.30 -53.19
CA HIS GB 302 -13.35 61.75 -54.19
C HIS GB 302 -13.70 61.20 -55.56
N GLU GB 303 -13.33 61.94 -56.60
CA GLU GB 303 -13.62 61.56 -57.98
C GLU GB 303 -12.81 62.43 -58.92
N GLU GB 304 -12.32 61.84 -60.02
CA GLU GB 304 -11.36 62.51 -60.87
C GLU GB 304 -11.44 61.95 -62.28
N TRP GB 305 -10.97 62.74 -63.24
CA TRP GB 305 -10.92 62.35 -64.65
C TRP GB 305 -9.46 62.09 -65.02
N VAL GB 306 -9.01 60.85 -64.90
CA VAL GB 306 -7.64 60.51 -65.21
C VAL GB 306 -7.44 60.56 -66.71
N THR GB 307 -6.33 61.14 -67.15
CA THR GB 307 -6.07 61.31 -68.58
C THR GB 307 -4.74 60.76 -69.05
N ALA GB 308 -3.75 60.65 -68.16
CA ALA GB 308 -2.44 60.10 -68.51
C ALA GB 308 -2.00 59.18 -67.39
N ALA GB 309 -0.90 58.47 -67.61
CA ALA GB 309 -0.47 57.45 -66.66
C ALA GB 309 -0.07 58.11 -65.35
N VAL GB 310 -0.77 57.74 -64.27
CA VAL GB 310 -0.54 58.42 -63.00
C VAL GB 310 -0.37 57.42 -61.86
N GLU GB 311 -0.21 57.96 -60.65
CA GLU GB 311 0.02 57.15 -59.47
C GLU GB 311 -0.68 57.80 -58.30
N ARG GB 312 -1.52 57.05 -57.59
CA ARG GB 312 -2.31 57.63 -56.51
C ARG GB 312 -2.15 56.80 -55.26
N THR GB 313 -2.43 57.41 -54.12
CA THR GB 313 -2.39 56.73 -52.83
C THR GB 313 -3.74 56.86 -52.16
N ILE GB 314 -4.22 55.76 -51.57
CA ILE GB 314 -5.51 55.72 -50.92
C ILE GB 314 -5.38 55.12 -49.52
N PRO GB 315 -6.03 55.70 -48.51
CA PRO GB 315 -6.03 55.08 -47.20
C PRO GB 315 -7.07 53.97 -47.12
N VAL GB 316 -6.76 52.93 -46.36
CA VAL GB 316 -7.67 51.80 -46.18
C VAL GB 316 -7.86 51.53 -44.69
N PRO GB 317 -8.62 52.33 -43.99
CA PRO GB 317 -8.80 52.10 -42.56
C PRO GB 317 -9.46 50.76 -42.30
N VAL GB 318 -9.44 50.30 -41.04
CA VAL GB 318 -9.86 48.95 -40.73
C VAL GB 318 -11.26 48.66 -41.23
N ASP GB 319 -12.07 49.70 -41.43
CA ASP GB 319 -13.41 49.49 -41.99
C ASP GB 319 -13.35 49.09 -43.46
N GLY GB 320 -12.41 49.64 -44.22
CA GLY GB 320 -12.24 49.28 -45.62
C GLY GB 320 -12.68 50.37 -46.57
N MET GB 321 -12.39 50.15 -47.85
CA MET GB 321 -12.71 51.13 -48.87
C MET GB 321 -13.16 50.41 -50.13
N GLU GB 322 -13.67 51.19 -51.08
CA GLU GB 322 -14.00 50.67 -52.39
C GLU GB 322 -13.54 51.67 -53.44
N TYR GB 323 -13.23 51.17 -54.62
CA TYR GB 323 -12.84 52.04 -55.72
C TYR GB 323 -13.42 51.55 -57.03
N HIS GB 324 -13.71 52.51 -57.91
CA HIS GB 324 -14.36 52.33 -59.19
C HIS GB 324 -13.43 52.88 -60.25
N TRP GB 325 -13.11 52.05 -61.25
CA TRP GB 325 -12.11 52.38 -62.25
C TRP GB 325 -12.65 51.99 -63.62
N GLY GB 326 -12.87 52.97 -64.48
CA GLY GB 326 -13.38 52.66 -65.81
C GLY GB 326 -14.82 52.18 -65.72
N ASN GB 327 -15.15 51.16 -66.50
CA ASN GB 327 -16.45 50.51 -66.42
C ASN GB 327 -16.45 49.29 -65.54
N ASN GB 328 -15.33 48.95 -64.91
CA ASN GB 328 -15.29 47.75 -64.11
C ASN GB 328 -16.22 47.86 -62.91
N ASP GB 329 -16.54 46.71 -62.34
CA ASP GB 329 -17.28 46.72 -61.09
C ASP GB 329 -16.40 47.27 -59.97
N PRO GB 330 -16.99 47.94 -59.00
CA PRO GB 330 -16.20 48.44 -57.86
C PRO GB 330 -15.54 47.30 -57.10
N VAL GB 331 -14.35 47.57 -56.59
CA VAL GB 331 -13.59 46.58 -55.83
C VAL GB 331 -13.42 47.07 -54.41
N ARG GB 332 -13.54 46.16 -53.45
CA ARG GB 332 -13.47 46.48 -52.03
C ARG GB 332 -12.20 45.93 -51.42
N LEU GB 333 -11.68 46.62 -50.41
CA LEU GB 333 -10.45 46.21 -49.74
C LEU GB 333 -10.55 46.52 -48.25
N TRP GB 334 -10.19 45.56 -47.41
CA TRP GB 334 -10.17 45.73 -45.97
C TRP GB 334 -8.76 45.57 -45.46
N SER GB 335 -8.43 46.26 -44.38
CA SER GB 335 -7.13 46.14 -43.75
C SER GB 335 -7.14 45.14 -42.61
N GLN GB 336 -5.95 44.73 -42.18
CA GLN GB 336 -5.79 43.76 -41.11
C GLN GB 336 -5.07 44.41 -39.94
N LEU GB 337 -5.15 43.74 -38.79
CA LEU GB 337 -4.55 44.24 -37.56
C LEU GB 337 -3.09 43.79 -37.49
N THR GB 338 -2.27 44.36 -38.36
CA THR GB 338 -0.85 44.08 -38.37
C THR GB 338 -0.10 45.23 -37.70
N THR GB 339 1.09 44.93 -37.18
CA THR GB 339 1.88 45.90 -36.45
C THR GB 339 3.33 45.45 -36.41
N GLU GB 340 4.13 46.06 -35.53
CA GLU GB 340 5.57 45.88 -35.55
C GLU GB 340 6.20 45.58 -34.19
N GLY GB 341 5.42 45.42 -33.14
CA GLY GB 341 5.96 45.05 -31.85
C GLY GB 341 6.17 43.56 -31.73
N LYS GB 342 6.26 43.10 -30.50
CA LYS GB 342 6.27 41.67 -30.19
C LYS GB 342 5.45 41.42 -28.93
N PRO GB 343 4.19 41.04 -29.04
CA PRO GB 343 3.40 40.73 -27.85
C PRO GB 343 3.86 39.42 -27.23
N HIS GB 344 3.46 39.22 -25.97
CA HIS GB 344 3.92 38.09 -25.16
C HIS GB 344 5.43 38.10 -25.02
N GLY GB 345 6.01 39.29 -24.86
CA GLY GB 345 7.45 39.40 -24.74
C GLY GB 345 7.89 40.31 -23.63
N TRP GB 346 8.97 41.05 -23.85
CA TRP GB 346 9.45 41.97 -22.85
C TRP GB 346 8.53 43.19 -22.75
N PRO GB 347 8.44 43.80 -21.57
CA PRO GB 347 7.55 44.96 -21.41
C PRO GB 347 7.90 46.14 -22.30
N HIS GB 348 9.13 46.28 -22.73
CA HIS GB 348 9.43 47.35 -23.67
C HIS GB 348 9.14 46.96 -25.11
N GLN GB 349 8.68 45.73 -25.34
CA GLN GB 349 8.18 45.31 -26.64
C GLN GB 349 6.66 45.27 -26.70
N ILE GB 350 6.00 44.95 -25.59
CA ILE GB 350 4.55 44.94 -25.59
C ILE GB 350 4.01 46.34 -25.84
N VAL GB 351 4.69 47.36 -25.31
CA VAL GB 351 4.26 48.73 -25.59
C VAL GB 351 4.41 49.04 -27.06
N GLN GB 352 5.47 48.54 -27.70
CA GLN GB 352 5.61 48.73 -29.14
C GLN GB 352 4.48 48.05 -29.89
N TYR GB 353 4.12 46.84 -29.47
CA TYR GB 353 3.03 46.12 -30.14
C TYR GB 353 1.73 46.88 -30.03
N TYR GB 354 1.40 47.34 -28.83
CA TYR GB 354 0.15 48.06 -28.67
C TYR GB 354 0.25 49.49 -29.05
N TYR GB 355 1.41 49.95 -29.49
CA TYR GB 355 1.54 51.27 -30.08
C TYR GB 355 1.43 51.25 -31.59
N GLY GB 356 1.82 50.14 -32.21
CA GLY GB 356 1.56 50.00 -33.64
C GLY GB 356 0.08 50.10 -33.94
N LEU GB 357 -0.73 49.41 -33.17
CA LEU GB 357 -2.17 49.63 -33.20
C LEU GB 357 -2.49 50.80 -32.29
N TYR GB 358 -3.34 51.69 -32.76
CA TYR GB 358 -3.91 52.74 -31.93
C TYR GB 358 -2.81 53.63 -31.35
N PRO GB 359 -2.05 54.36 -32.17
CA PRO GB 359 -0.89 55.08 -31.64
C PRO GB 359 -1.25 56.41 -31.03
N ALA GB 360 -2.34 56.45 -30.27
CA ALA GB 360 -2.77 57.70 -29.64
C ALA GB 360 -3.31 57.52 -28.24
N ALA GB 361 -3.76 56.33 -27.87
CA ALA GB 361 -4.20 56.06 -26.52
C ALA GB 361 -3.19 55.26 -25.72
N THR GB 362 -2.29 54.53 -26.37
CA THR GB 362 -1.28 53.79 -25.63
C THR GB 362 -0.36 54.73 -24.88
N VAL GB 363 0.04 55.83 -25.51
CA VAL GB 363 0.88 56.81 -24.83
C VAL GB 363 0.15 57.36 -23.60
N SER GB 364 -1.13 57.70 -23.78
CA SER GB 364 -1.88 58.26 -22.66
C SER GB 364 -2.00 57.25 -21.53
N ALA GB 365 -2.28 55.98 -21.85
CA ALA GB 365 -2.41 54.98 -20.81
C ALA GB 365 -1.10 54.78 -20.06
N VAL GB 366 0.01 54.73 -20.78
CA VAL GB 366 1.30 54.54 -20.11
C VAL GB 366 1.61 55.73 -19.22
N VAL GB 367 1.38 56.95 -19.70
CA VAL GB 367 1.67 58.13 -18.90
C VAL GB 367 0.82 58.15 -17.64
N GLY GB 368 -0.48 57.91 -17.78
CA GLY GB 368 -1.35 57.94 -16.62
C GLY GB 368 -1.01 56.88 -15.60
N MET GB 369 -0.77 55.65 -16.05
CA MET GB 369 -0.39 54.60 -15.13
C MET GB 369 0.93 54.92 -14.44
N SER GB 370 1.87 55.50 -15.18
CA SER GB 370 3.14 55.87 -14.58
C SER GB 370 2.96 56.91 -13.48
N LEU GB 371 2.13 57.92 -13.72
CA LEU GB 371 1.90 58.91 -12.68
C LEU GB 371 1.21 58.31 -11.46
N LEU GB 372 0.25 57.41 -11.68
CA LEU GB 372 -0.37 56.76 -10.52
C LEU GB 372 0.65 55.99 -9.70
N ALA GB 373 1.52 55.21 -10.36
CA ALA GB 373 2.52 54.45 -9.61
C ALA GB 373 3.47 55.38 -8.87
N LEU GB 374 3.92 56.44 -9.54
CA LEU GB 374 4.87 57.36 -8.93
C LEU GB 374 4.25 58.08 -7.73
N ILE GB 375 3.01 58.55 -7.88
CA ILE GB 375 2.34 59.23 -6.78
C ILE GB 375 2.15 58.28 -5.61
N SER GB 376 1.77 57.04 -5.88
CA SER GB 376 1.58 56.09 -4.78
C SER GB 376 2.88 55.85 -4.04
N ILE GB 377 3.98 55.65 -4.77
CA ILE GB 377 5.23 55.36 -4.07
C ILE GB 377 5.71 56.58 -3.27
N PHE GB 378 5.57 57.78 -3.84
CA PHE GB 378 5.97 58.97 -3.10
C PHE GB 378 5.12 59.18 -1.85
N ALA GB 379 3.81 58.96 -1.96
CA ALA GB 379 2.94 59.13 -0.80
C ALA GB 379 3.29 58.13 0.28
N SER GB 380 3.55 56.88 -0.10
CA SER GB 380 3.87 55.88 0.91
C SER GB 380 5.21 56.21 1.58
N CYS GB 381 6.19 56.64 0.80
CA CYS GB 381 7.47 57.03 1.39
C CYS GB 381 7.31 58.20 2.35
N TYR GB 382 6.51 59.20 1.96
CA TYR GB 382 6.33 60.37 2.80
C TYR GB 382 5.63 60.01 4.10
N MET GB 383 4.60 59.15 4.05
CA MET GB 383 3.97 58.79 5.32
C MET GB 383 4.88 57.92 6.18
N LEU GB 384 5.71 57.09 5.58
CA LEU GB 384 6.67 56.34 6.38
C LEU GB 384 7.66 57.28 7.08
N VAL GB 385 8.16 58.28 6.36
CA VAL GB 385 9.08 59.23 6.98
C VAL GB 385 8.37 60.03 8.08
N ALA GB 386 7.12 60.39 7.85
CA ALA GB 386 6.36 61.10 8.88
C ALA GB 386 6.22 60.23 10.13
N ALA GB 387 5.98 58.93 9.95
CA ALA GB 387 5.93 58.04 11.09
C ALA GB 387 7.27 57.98 11.81
N ARG GB 388 8.36 57.94 11.05
CA ARG GB 388 9.68 57.96 11.67
C ARG GB 388 9.86 59.19 12.54
N SER GB 389 9.60 60.37 11.98
CA SER GB 389 9.81 61.60 12.72
C SER GB 389 8.88 61.67 13.92
N LYS GB 390 7.64 61.22 13.76
CA LYS GB 390 6.68 61.24 14.85
C LYS GB 390 7.11 60.34 16.00
N CYS GB 391 7.64 59.16 15.68
CA CYS GB 391 8.10 58.26 16.74
C CYS GB 391 9.41 58.70 17.37
N LEU GB 392 10.25 59.45 16.66
CA LEU GB 392 11.56 59.76 17.22
C LEU GB 392 11.64 61.14 17.86
N THR GB 393 10.78 62.09 17.48
CA THR GB 393 10.92 63.45 17.98
C THR GB 393 10.68 63.61 19.48
N PRO GB 394 9.89 62.78 20.17
CA PRO GB 394 9.82 62.94 21.63
C PRO GB 394 11.15 62.73 22.32
N TYR GB 395 12.07 62.00 21.69
CA TYR GB 395 13.39 61.80 22.28
C TYR GB 395 14.31 63.00 22.08
N ALA GB 396 13.92 63.96 21.23
CA ALA GB 396 14.74 65.14 20.99
C ALA GB 396 14.36 66.30 21.90
N LEU GB 397 13.36 66.13 22.75
CA LEU GB 397 12.98 67.15 23.73
C LEU GB 397 13.39 66.75 25.14
N THR GB 398 14.08 65.63 25.30
CA THR GB 398 14.59 65.15 26.57
C THR GB 398 16.10 65.01 26.45
N PRO GB 399 16.86 65.52 27.42
CA PRO GB 399 18.32 65.37 27.41
C PRO GB 399 18.78 63.93 27.70
N GLY GB 400 18.18 62.97 26.99
CA GLY GB 400 18.36 61.57 27.26
C GLY GB 400 18.93 60.81 26.08
N ALA GB 401 18.95 59.48 26.24
CA ALA GB 401 19.59 58.59 25.28
C ALA GB 401 18.66 58.31 24.11
N ALA GB 402 19.03 57.37 23.25
CA ALA GB 402 18.25 57.06 22.06
C ALA GB 402 17.87 55.59 21.92
N VAL GB 403 18.20 54.75 22.89
CA VAL GB 403 17.81 53.34 22.89
C VAL GB 403 18.40 52.63 21.67
N PRO GB 404 19.69 52.26 21.70
CA PRO GB 404 20.33 51.66 20.52
C PRO GB 404 19.52 50.62 19.76
N TRP GB 405 18.63 49.87 20.42
CA TRP GB 405 17.79 48.94 19.67
C TRP GB 405 16.97 49.67 18.62
N THR GB 406 16.33 50.77 19.00
CA THR GB 406 15.61 51.60 18.04
C THR GB 406 16.55 52.46 17.21
N LEU GB 407 17.73 52.80 17.75
CA LEU GB 407 18.69 53.56 16.95
C LEU GB 407 19.12 52.79 15.71
N GLY GB 408 19.35 51.48 15.85
CA GLY GB 408 19.71 50.67 14.70
C GLY GB 408 18.57 50.53 13.70
N ILE GB 409 17.35 50.29 14.18
CA ILE GB 409 16.23 50.08 13.27
C ILE GB 409 15.91 51.36 12.52
N LEU GB 410 15.63 52.43 13.25
CA LEU GB 410 15.33 53.72 12.63
C LEU GB 410 16.61 54.53 12.57
N CYS GB 411 17.16 54.70 11.37
CA CYS GB 411 18.33 55.53 11.19
C CYS GB 411 17.91 56.98 11.37
N CYS GB 412 18.53 57.65 12.33
CA CYS GB 412 18.19 59.02 12.67
C CYS GB 412 19.25 59.98 12.19
N ALA GB 413 18.91 61.27 12.24
CA ALA GB 413 19.88 62.31 11.88
C ALA GB 413 21.10 62.29 12.80
N PRO GB 414 20.98 62.17 14.13
CA PRO GB 414 22.19 62.02 14.96
C PRO GB 414 22.77 60.63 14.80
N ARG GB 415 23.84 60.52 14.00
CA ARG GB 415 24.48 59.23 13.78
C ARG GB 415 25.11 58.73 15.07
N ALA GB 416 25.81 59.60 15.79
CA ALA GB 416 26.48 59.21 17.03
C ALA GB 416 26.25 60.16 18.19
N HIS GB 417 25.99 61.45 17.96
CA HIS GB 417 25.91 62.40 19.07
C HIS GB 417 24.53 62.34 19.69
N ALA GB 418 24.46 61.82 20.91
CA ALA GB 418 23.23 61.74 21.69
C ALA GB 418 22.14 60.96 20.95
N MET HB 1 -133.25 76.14 -53.20
CA MET HB 1 -132.23 77.04 -52.72
C MET HB 1 -131.03 77.05 -53.68
N CYS HB 2 -130.96 76.03 -54.53
CA CYS HB 2 -129.88 75.93 -55.49
C CYS HB 2 -130.08 76.93 -56.62
N VAL HB 3 -128.99 77.24 -57.31
CA VAL HB 3 -128.98 78.23 -58.38
C VAL HB 3 -128.35 77.64 -59.63
N LEU HB 4 -128.86 78.03 -60.79
CA LEU HB 4 -128.29 77.69 -62.08
C LEU HB 4 -128.23 78.97 -62.90
N ALA HB 5 -127.02 79.54 -63.03
CA ALA HB 5 -126.84 80.82 -63.71
C ALA HB 5 -127.72 81.89 -63.07
N ASN HB 6 -128.91 82.10 -63.63
CA ASN HB 6 -129.88 83.04 -63.09
C ASN HB 6 -131.25 82.38 -62.96
N ALA HB 7 -131.28 81.17 -62.38
CA ALA HB 7 -132.51 80.42 -62.21
C ALA HB 7 -133.10 80.53 -60.81
N THR HB 8 -132.31 80.20 -59.78
CA THR HB 8 -132.74 80.23 -58.39
C THR HB 8 -133.98 79.36 -58.19
N PHE HB 9 -133.80 78.05 -58.39
CA PHE HB 9 -134.84 77.04 -58.29
C PHE HB 9 -134.68 76.22 -57.02
N PRO HB 10 -135.78 75.69 -56.47
CA PRO HB 10 -135.67 74.82 -55.30
C PRO HB 10 -134.84 73.58 -55.61
N CYS HB 11 -134.01 73.18 -54.64
CA CYS HB 11 -133.13 72.03 -54.85
C CYS HB 11 -133.91 70.72 -54.92
N PHE HB 12 -135.14 70.69 -54.40
CA PHE HB 12 -135.92 69.47 -54.43
C PHE HB 12 -136.46 69.18 -55.83
N GLN HB 13 -136.69 70.22 -56.63
CA GLN HB 13 -137.27 70.08 -57.96
C GLN HB 13 -136.38 70.78 -58.98
N PRO HB 14 -135.32 70.11 -59.43
CA PRO HB 14 -134.46 70.70 -60.46
C PRO HB 14 -135.19 70.79 -61.78
N PRO HB 15 -134.81 71.75 -62.65
CA PRO HB 15 -135.53 71.90 -63.93
C PRO HB 15 -135.23 70.83 -64.96
N CYS HB 16 -134.26 69.95 -64.69
CA CYS HB 16 -133.89 68.91 -65.65
C CYS HB 16 -134.64 67.61 -65.43
N VAL HB 17 -135.59 67.57 -64.50
CA VAL HB 17 -136.35 66.34 -64.23
C VAL HB 17 -137.14 65.96 -65.48
N PRO HB 18 -137.10 64.69 -65.91
CA PRO HB 18 -136.34 63.61 -65.30
C PRO HB 18 -135.08 63.22 -66.08
N CYS HB 19 -134.28 62.33 -65.49
CA CYS HB 19 -133.08 61.77 -66.13
C CYS HB 19 -132.12 62.88 -66.56
N CYS HB 20 -131.68 63.67 -65.58
CA CYS HB 20 -130.74 64.74 -65.86
C CYS HB 20 -129.42 64.18 -66.39
N TYR HB 21 -128.90 63.14 -65.75
CA TYR HB 21 -127.63 62.56 -66.19
C TYR HB 21 -127.75 61.95 -67.58
N GLU HB 22 -128.85 61.27 -67.86
CA GLU HB 22 -129.02 60.65 -69.17
C GLU HB 22 -129.17 61.69 -70.26
N ASN HB 23 -129.97 62.73 -70.01
CA ASN HB 23 -130.21 63.75 -71.02
C ASN HB 23 -128.95 64.57 -71.29
N ASN HB 24 -128.29 65.02 -70.22
CA ASN HB 24 -127.05 65.79 -70.36
C ASN HB 24 -126.22 65.56 -69.11
N ALA HB 25 -125.26 64.62 -69.22
CA ALA HB 25 -124.45 64.27 -68.05
C ALA HB 25 -123.47 65.36 -67.70
N GLU HB 26 -122.79 65.91 -68.71
CA GLU HB 26 -121.80 66.95 -68.45
C GLU HB 26 -122.43 68.15 -67.78
N ALA HB 27 -123.60 68.57 -68.25
CA ALA HB 27 -124.31 69.68 -67.62
C ALA HB 27 -124.65 69.34 -66.17
N THR HB 28 -125.04 68.09 -65.91
CA THR HB 28 -125.35 67.68 -64.54
C THR HB 28 -124.13 67.81 -63.63
N LEU HB 29 -122.98 67.30 -64.07
CA LEU HB 29 -121.78 67.41 -63.25
C LEU HB 29 -121.37 68.86 -63.04
N ARG HB 30 -121.41 69.68 -64.08
CA ARG HB 30 -121.05 71.08 -63.91
C ARG HB 30 -122.01 71.78 -62.96
N MET HB 31 -123.31 71.50 -63.07
CA MET HB 31 -124.28 72.15 -62.19
C MET HB 31 -124.10 71.71 -60.75
N LEU HB 32 -123.78 70.43 -60.53
CA LEU HB 32 -123.49 69.98 -59.18
C LEU HB 32 -122.18 70.54 -58.65
N GLU HB 33 -121.25 70.89 -59.53
CA GLU HB 33 -119.96 71.42 -59.13
C GLU HB 33 -120.02 72.88 -58.70
N ASP HB 34 -121.16 73.55 -58.87
CA ASP HB 34 -121.33 74.91 -58.38
C ASP HB 34 -122.15 74.97 -57.10
N ASN HB 35 -122.62 73.83 -56.60
CA ASN HB 35 -123.45 73.79 -55.40
C ASN HB 35 -122.79 73.08 -54.23
N VAL HB 36 -121.45 72.93 -54.26
CA VAL HB 36 -120.77 72.22 -53.18
C VAL HB 36 -120.87 73.00 -51.88
N ASP HB 37 -120.86 74.33 -51.94
CA ASP HB 37 -120.97 75.14 -50.74
C ASP HB 37 -122.41 75.34 -50.28
N ARG HB 38 -123.39 75.03 -51.13
CA ARG HB 38 -124.78 75.21 -50.76
C ARG HB 38 -125.20 74.10 -49.79
N PRO HB 39 -125.92 74.43 -48.71
CA PRO HB 39 -126.39 73.38 -47.80
C PRO HB 39 -127.27 72.35 -48.47
N GLY HB 40 -128.11 72.75 -49.43
CA GLY HB 40 -128.99 71.83 -50.10
C GLY HB 40 -128.33 71.12 -51.27
N TYR HB 41 -127.26 70.38 -50.99
CA TYR HB 41 -126.53 69.71 -52.05
C TYR HB 41 -126.96 68.25 -52.20
N TYR HB 42 -127.27 67.59 -51.09
CA TYR HB 42 -127.54 66.16 -51.14
C TYR HB 42 -128.90 65.86 -51.77
N ASP HB 43 -129.91 66.69 -51.51
CA ASP HB 43 -131.18 66.52 -52.19
C ASP HB 43 -131.03 66.77 -53.69
N LEU HB 44 -130.24 67.77 -54.07
CA LEU HB 44 -129.99 68.02 -55.48
C LEU HB 44 -129.29 66.83 -56.14
N LEU HB 45 -128.30 66.26 -55.45
CA LEU HB 45 -127.61 65.10 -56.00
C LEU HB 45 -128.54 63.89 -56.10
N GLN HB 46 -129.41 63.70 -55.12
CA GLN HB 46 -130.40 62.64 -55.18
C GLN HB 46 -131.32 62.81 -56.38
N ALA HB 47 -131.79 64.04 -56.61
CA ALA HB 47 -132.68 64.28 -57.74
C ALA HB 47 -131.97 64.15 -59.08
N ALA HB 48 -130.67 64.48 -59.13
CA ALA HB 48 -129.96 64.48 -60.40
C ALA HB 48 -129.78 63.07 -60.94
N LEU HB 49 -129.47 62.11 -60.07
CA LEU HB 49 -129.10 60.75 -60.48
C LEU HB 49 -130.14 59.72 -60.04
N THR HB 50 -131.42 60.05 -60.19
CA THR HB 50 -132.50 59.13 -59.86
C THR HB 50 -133.63 59.31 -60.86
N CYS HB 51 -133.79 58.34 -61.76
CA CYS HB 51 -134.88 58.35 -62.72
C CYS HB 51 -135.09 56.95 -63.26
N ARG HB 52 -136.35 56.59 -63.46
CA ARG HB 52 -136.70 55.25 -63.93
C ARG HB 52 -137.16 55.28 -65.38
N MET IB 1 -118.50 -14.02 -17.85
CA MET IB 1 -118.39 -13.14 -16.68
C MET IB 1 -119.36 -11.97 -16.79
N CYS IB 2 -120.01 -11.87 -17.94
CA CYS IB 2 -120.95 -10.79 -18.22
C CYS IB 2 -122.38 -11.24 -17.91
N VAL IB 3 -123.33 -10.30 -17.97
CA VAL IB 3 -124.71 -10.58 -17.61
C VAL IB 3 -125.63 -9.52 -18.21
N LEU IB 4 -126.85 -9.92 -18.56
CA LEU IB 4 -127.95 -8.99 -18.79
C LEU IB 4 -129.19 -9.62 -18.15
N ALA IB 5 -129.94 -8.83 -17.38
CA ALA IB 5 -131.13 -9.29 -16.69
C ALA IB 5 -130.81 -10.48 -15.77
N ASN IB 6 -131.01 -11.70 -16.25
CA ASN IB 6 -130.72 -12.90 -15.48
C ASN IB 6 -130.10 -13.97 -16.37
N ALA IB 7 -129.19 -13.58 -17.24
CA ALA IB 7 -128.54 -14.53 -18.16
C ALA IB 7 -127.18 -15.00 -17.65
N THR IB 8 -126.45 -14.12 -16.97
CA THR IB 8 -125.11 -14.38 -16.41
C THR IB 8 -124.28 -15.27 -17.34
N PHE IB 9 -124.08 -14.75 -18.55
CA PHE IB 9 -123.44 -15.47 -19.64
C PHE IB 9 -121.95 -15.17 -19.66
N PRO IB 10 -121.13 -16.12 -20.13
CA PRO IB 10 -119.70 -15.81 -20.27
C PRO IB 10 -119.48 -14.72 -21.30
N CYS IB 11 -118.54 -13.82 -21.01
CA CYS IB 11 -118.34 -12.65 -21.86
C CYS IB 11 -117.85 -13.02 -23.26
N PHE IB 12 -117.39 -14.25 -23.46
CA PHE IB 12 -116.92 -14.64 -24.76
C PHE IB 12 -118.07 -14.91 -25.73
N GLN IB 13 -119.20 -15.41 -25.24
CA GLN IB 13 -120.31 -15.85 -26.09
C GLN IB 13 -121.61 -15.16 -25.69
N PRO IB 14 -121.87 -13.97 -26.22
CA PRO IB 14 -123.18 -13.35 -26.02
C PRO IB 14 -124.26 -14.18 -26.72
N PRO IB 15 -125.50 -14.12 -26.23
CA PRO IB 15 -126.57 -14.91 -26.88
C PRO IB 15 -127.05 -14.34 -28.20
N CYS IB 16 -126.56 -13.17 -28.61
CA CYS IB 16 -127.07 -12.51 -29.80
C CYS IB 16 -126.28 -12.82 -31.07
N VAL IB 17 -125.25 -13.67 -30.98
CA VAL IB 17 -124.40 -13.93 -32.14
C VAL IB 17 -125.23 -14.57 -33.24
N PRO IB 18 -125.09 -14.17 -34.51
CA PRO IB 18 -124.23 -13.10 -35.02
C PRO IB 18 -124.99 -11.83 -35.42
N CYS IB 19 -124.24 -10.76 -35.73
CA CYS IB 19 -124.81 -9.46 -36.10
C CYS IB 19 -125.78 -8.96 -35.04
N CYS IB 20 -125.25 -8.81 -33.83
CA CYS IB 20 -126.05 -8.26 -32.73
C CYS IB 20 -126.52 -6.85 -33.05
N TYR IB 21 -125.61 -6.00 -33.53
CA TYR IB 21 -125.98 -4.63 -33.85
C TYR IB 21 -126.98 -4.58 -34.99
N GLU IB 22 -126.78 -5.42 -36.02
CA GLU IB 22 -127.70 -5.45 -37.14
C GLU IB 22 -129.09 -5.89 -36.69
N ASN IB 23 -129.15 -6.86 -35.79
CA ASN IB 23 -130.44 -7.38 -35.35
C ASN IB 23 -131.17 -6.39 -34.46
N ASN IB 24 -130.47 -5.78 -33.51
CA ASN IB 24 -131.12 -4.83 -32.60
C ASN IB 24 -130.06 -3.84 -32.14
N ALA IB 25 -130.10 -2.64 -32.72
CA ALA IB 25 -129.11 -1.63 -32.37
C ALA IB 25 -129.31 -1.15 -30.93
N GLU IB 26 -130.52 -0.69 -30.60
CA GLU IB 26 -130.74 -0.09 -29.30
C GLU IB 26 -130.55 -1.10 -28.16
N ALA IB 27 -131.06 -2.32 -28.35
CA ALA IB 27 -130.93 -3.33 -27.31
C ALA IB 27 -129.46 -3.67 -27.05
N THR IB 28 -128.69 -3.85 -28.12
CA THR IB 28 -127.27 -4.18 -27.94
C THR IB 28 -126.53 -3.03 -27.28
N LEU IB 29 -126.80 -1.79 -27.71
CA LEU IB 29 -126.12 -0.66 -27.08
C LEU IB 29 -126.47 -0.56 -25.60
N ARG IB 30 -127.74 -0.78 -25.24
CA ARG IB 30 -128.10 -0.71 -23.83
C ARG IB 30 -127.44 -1.85 -23.05
N MET IB 31 -127.31 -3.02 -23.68
CA MET IB 31 -126.61 -4.13 -23.03
C MET IB 31 -125.14 -3.79 -22.81
N LEU IB 32 -124.48 -3.18 -23.80
CA LEU IB 32 -123.12 -2.68 -23.59
C LEU IB 32 -123.06 -1.68 -22.45
N GLU IB 33 -124.01 -0.75 -22.41
CA GLU IB 33 -123.99 0.27 -21.38
C GLU IB 33 -124.16 -0.33 -19.99
N ASP IB 34 -124.95 -1.40 -19.87
CA ASP IB 34 -125.12 -2.03 -18.57
C ASP IB 34 -123.89 -2.80 -18.12
N ASN IB 35 -122.89 -2.97 -19.00
CA ASN IB 35 -121.73 -3.78 -18.70
C ASN IB 35 -120.42 -2.99 -18.82
N VAL IB 36 -120.42 -1.74 -18.36
CA VAL IB 36 -119.20 -0.93 -18.50
C VAL IB 36 -118.19 -1.29 -17.42
N ASP IB 37 -118.64 -1.74 -16.25
CA ASP IB 37 -117.76 -1.90 -15.11
C ASP IB 37 -116.88 -3.15 -15.18
N ARG IB 38 -117.39 -4.25 -15.74
CA ARG IB 38 -116.67 -5.51 -15.69
C ARG IB 38 -115.38 -5.43 -16.51
N PRO IB 39 -114.39 -6.29 -16.20
CA PRO IB 39 -113.14 -6.28 -16.97
C PRO IB 39 -113.28 -6.90 -18.35
N GLY IB 40 -114.38 -7.57 -18.65
CA GLY IB 40 -114.53 -8.21 -19.95
C GLY IB 40 -115.23 -7.36 -20.99
N TYR IB 41 -115.33 -6.06 -20.74
CA TYR IB 41 -116.05 -5.20 -21.66
C TYR IB 41 -115.42 -5.21 -23.04
N TYR IB 42 -114.10 -5.18 -23.10
CA TYR IB 42 -113.45 -5.09 -24.39
C TYR IB 42 -113.66 -6.36 -25.21
N ASP IB 43 -113.62 -7.52 -24.56
CA ASP IB 43 -113.91 -8.76 -25.26
C ASP IB 43 -115.35 -8.79 -25.73
N LEU IB 44 -116.28 -8.35 -24.89
CA LEU IB 44 -117.69 -8.36 -25.27
C LEU IB 44 -117.92 -7.45 -26.46
N LEU IB 45 -117.29 -6.28 -26.47
CA LEU IB 45 -117.39 -5.39 -27.62
C LEU IB 45 -116.75 -6.01 -28.85
N GLN IB 46 -115.65 -6.74 -28.67
CA GLN IB 46 -115.04 -7.46 -29.78
C GLN IB 46 -116.05 -8.43 -30.42
N ALA IB 47 -116.81 -9.14 -29.57
CA ALA IB 47 -117.79 -10.08 -30.10
C ALA IB 47 -119.00 -9.38 -30.70
N ALA IB 48 -119.45 -8.29 -30.08
CA ALA IB 48 -120.76 -7.73 -30.43
C ALA IB 48 -120.74 -6.97 -31.75
N LEU IB 49 -119.59 -6.46 -32.18
CA LEU IB 49 -119.49 -5.64 -33.37
C LEU IB 49 -118.67 -6.33 -34.46
N THR IB 50 -118.86 -7.64 -34.62
CA THR IB 50 -118.11 -8.41 -35.60
C THR IB 50 -119.03 -9.48 -36.18
N CYS IB 51 -119.44 -9.30 -37.43
CA CYS IB 51 -120.18 -10.35 -38.12
C CYS IB 51 -120.06 -10.12 -39.61
N ARG IB 52 -120.24 -11.20 -40.38
CA ARG IB 52 -120.08 -11.15 -41.83
C ARG IB 52 -121.30 -11.76 -42.53
N MET JB 1 -66.59 61.95 -86.52
CA MET JB 1 -67.09 63.03 -85.69
C MET JB 1 -66.48 64.39 -86.08
N CYS JB 2 -65.95 64.46 -87.30
CA CYS JB 2 -65.44 65.70 -87.85
C CYS JB 2 -66.60 66.64 -88.21
N VAL JB 3 -66.23 67.85 -88.63
CA VAL JB 3 -67.20 68.89 -88.95
C VAL JB 3 -66.84 69.50 -90.30
N LEU JB 4 -67.87 69.83 -91.08
CA LEU JB 4 -67.70 70.52 -92.36
C LEU JB 4 -68.98 71.28 -92.65
N ALA JB 5 -68.93 72.61 -92.54
CA ALA JB 5 -70.09 73.46 -92.76
C ALA JB 5 -71.24 73.06 -91.85
N ASN JB 6 -72.14 72.22 -92.35
CA ASN JB 6 -73.25 71.72 -91.55
C ASN JB 6 -73.48 70.24 -91.84
N ALA JB 7 -72.40 69.47 -91.97
CA ALA JB 7 -72.50 68.05 -92.27
C ALA JB 7 -72.39 67.19 -91.02
N THR JB 8 -71.30 67.35 -90.27
CA THR JB 8 -71.07 66.62 -89.02
C THR JB 8 -71.17 65.11 -89.24
N PHE JB 9 -70.25 64.61 -90.04
CA PHE JB 9 -70.13 63.23 -90.51
C PHE JB 9 -69.12 62.46 -89.68
N PRO JB 10 -69.10 61.14 -89.77
CA PRO JB 10 -67.98 60.39 -89.18
C PRO JB 10 -66.69 60.73 -89.90
N CYS JB 11 -65.60 60.78 -89.13
CA CYS JB 11 -64.30 61.06 -89.74
C CYS JB 11 -63.80 59.87 -90.55
N PHE JB 12 -64.34 58.68 -90.30
CA PHE JB 12 -63.93 57.50 -91.05
C PHE JB 12 -64.41 57.54 -92.49
N GLN JB 13 -65.60 58.09 -92.76
CA GLN JB 13 -66.19 58.13 -94.10
C GLN JB 13 -66.53 59.57 -94.45
N PRO JB 14 -65.56 60.34 -94.92
CA PRO JB 14 -65.88 61.69 -95.42
C PRO JB 14 -66.77 61.61 -96.63
N PRO JB 15 -67.59 62.63 -96.89
CA PRO JB 15 -68.55 62.58 -98.00
C PRO JB 15 -67.92 62.61 -99.38
N CYS JB 16 -66.63 62.92 -99.48
CA CYS JB 16 -65.97 63.09 -100.77
C CYS JB 16 -65.32 61.81 -101.28
N VAL JB 17 -65.49 60.69 -100.60
CA VAL JB 17 -64.85 59.45 -101.03
C VAL JB 17 -65.37 59.06 -102.41
N PRO JB 18 -64.52 58.68 -103.37
CA PRO JB 18 -63.07 58.62 -103.20
C PRO JB 18 -62.33 59.76 -103.87
N CYS JB 19 -61.00 59.78 -103.71
CA CYS JB 19 -60.12 60.72 -104.40
C CYS JB 19 -60.53 62.17 -104.13
N CYS JB 20 -60.69 62.48 -102.84
CA CYS JB 20 -61.05 63.83 -102.44
C CYS JB 20 -60.01 64.84 -102.93
N TYR JB 21 -58.73 64.53 -102.70
CA TYR JB 21 -57.67 65.46 -103.06
C TYR JB 21 -57.63 65.72 -104.55
N GLU JB 22 -57.70 64.64 -105.36
CA GLU JB 22 -57.63 64.82 -106.80
C GLU JB 22 -58.87 65.55 -107.33
N ASN JB 23 -60.04 65.24 -106.77
CA ASN JB 23 -61.24 65.92 -107.22
C ASN JB 23 -61.20 67.41 -106.91
N ASN JB 24 -60.76 67.77 -105.71
CA ASN JB 24 -60.76 69.17 -105.29
C ASN JB 24 -59.70 69.35 -104.22
N ALA JB 25 -58.53 69.87 -104.62
CA ALA JB 25 -57.45 70.09 -103.67
C ALA JB 25 -57.84 71.16 -102.66
N GLU JB 26 -58.46 72.25 -103.12
CA GLU JB 26 -58.79 73.35 -102.23
C GLU JB 26 -59.77 72.92 -101.14
N ALA JB 27 -60.86 72.27 -101.55
CA ALA JB 27 -61.87 71.84 -100.59
C ALA JB 27 -61.31 70.81 -99.62
N THR JB 28 -60.49 69.87 -100.12
CA THR JB 28 -59.87 68.91 -99.22
C THR JB 28 -58.96 69.59 -98.22
N LEU JB 29 -58.16 70.56 -98.69
CA LEU JB 29 -57.23 71.23 -97.80
C LEU JB 29 -57.99 71.99 -96.71
N ARG JB 30 -59.04 72.69 -97.10
CA ARG JB 30 -59.86 73.37 -96.11
C ARG JB 30 -60.52 72.39 -95.15
N MET JB 31 -60.93 71.22 -95.63
CA MET JB 31 -61.50 70.23 -94.74
C MET JB 31 -60.50 69.76 -93.70
N LEU JB 32 -59.25 69.55 -94.10
CA LEU JB 32 -58.22 69.21 -93.11
C LEU JB 32 -57.97 70.37 -92.14
N GLU JB 33 -57.89 71.61 -92.63
CA GLU JB 33 -57.54 72.71 -91.73
C GLU JB 33 -58.59 72.97 -90.67
N ASP JB 34 -59.86 72.66 -90.92
CA ASP JB 34 -60.92 72.98 -89.97
C ASP JB 34 -61.10 71.93 -88.89
N ASN JB 35 -60.40 70.80 -88.96
CA ASN JB 35 -60.57 69.72 -88.00
C ASN JB 35 -59.26 69.33 -87.33
N VAL JB 36 -58.33 70.27 -87.16
CA VAL JB 36 -57.03 69.91 -86.60
C VAL JB 36 -57.15 69.54 -85.14
N ASP JB 37 -58.01 70.22 -84.39
CA ASP JB 37 -58.14 69.95 -82.96
C ASP JB 37 -58.96 68.71 -82.65
N ARG JB 38 -59.78 68.23 -83.59
CA ARG JB 38 -60.56 67.03 -83.33
C ARG JB 38 -59.64 65.83 -83.23
N PRO JB 39 -59.87 64.93 -82.27
CA PRO JB 39 -58.91 63.84 -82.03
C PRO JB 39 -58.85 62.83 -83.17
N GLY JB 40 -59.79 62.85 -84.10
CA GLY JB 40 -59.75 61.95 -85.23
C GLY JB 40 -59.11 62.58 -86.44
N TYR JB 41 -58.26 63.57 -86.24
CA TYR JB 41 -57.70 64.30 -87.36
C TYR JB 41 -56.85 63.38 -88.24
N TYR JB 42 -56.06 62.50 -87.63
CA TYR JB 42 -55.28 61.56 -88.41
C TYR JB 42 -56.16 60.55 -89.13
N ASP JB 43 -57.30 60.20 -88.54
CA ASP JB 43 -58.26 59.37 -89.27
C ASP JB 43 -58.76 60.10 -90.51
N LEU JB 44 -59.07 61.39 -90.38
CA LEU JB 44 -59.52 62.16 -91.53
C LEU JB 44 -58.40 62.28 -92.57
N LEU JB 45 -57.17 62.46 -92.12
CA LEU JB 45 -56.04 62.52 -93.04
C LEU JB 45 -55.90 61.21 -93.80
N GLN JB 46 -56.02 60.09 -93.10
CA GLN JB 46 -55.97 58.79 -93.75
C GLN JB 46 -57.08 58.64 -94.78
N ALA JB 47 -58.28 59.11 -94.45
CA ALA JB 47 -59.42 58.91 -95.32
C ALA JB 47 -59.39 59.84 -96.53
N ALA JB 48 -58.80 61.03 -96.39
CA ALA JB 48 -58.89 62.03 -97.44
C ALA JB 48 -57.72 62.01 -98.40
N LEU JB 49 -56.75 61.10 -98.23
CA LEU JB 49 -55.57 61.14 -99.09
C LEU JB 49 -55.19 59.74 -99.58
N THR JB 50 -56.16 58.85 -99.74
CA THR JB 50 -55.89 57.48 -100.16
C THR JB 50 -56.98 57.04 -101.13
N CYS JB 51 -56.62 56.83 -102.39
CA CYS JB 51 -57.54 56.31 -103.38
C CYS JB 51 -56.76 55.75 -104.55
N ARG JB 52 -57.26 54.67 -105.13
CA ARG JB 52 -56.59 54.00 -106.24
C ARG JB 52 -57.29 54.25 -107.57
N LYS KB 1 -43.57 87.05 81.69
CA LYS KB 1 -44.01 85.73 82.13
C LYS KB 1 -45.16 85.23 81.26
N ARG KB 2 -46.37 85.72 81.54
CA ARG KB 2 -47.52 85.39 80.71
C ARG KB 2 -47.29 85.86 79.28
N GLU KB 3 -46.74 87.07 79.12
CA GLU KB 3 -46.46 87.58 77.79
C GLU KB 3 -45.44 86.71 77.07
N ARG KB 4 -44.39 86.26 77.76
CA ARG KB 4 -43.39 85.42 77.13
C ARG KB 4 -43.95 84.06 76.74
N MET KB 5 -44.77 83.45 77.61
CA MET KB 5 -45.41 82.18 77.28
C MET KB 5 -46.35 82.34 76.09
N CYS KB 6 -47.13 83.42 76.06
CA CYS KB 6 -48.01 83.69 74.93
C CYS KB 6 -47.20 83.84 73.64
N MET KB 7 -46.06 84.55 73.72
CA MET KB 7 -45.22 84.72 72.55
C MET KB 7 -44.70 83.37 72.05
N LYS KB 8 -44.26 82.50 72.96
CA LYS KB 8 -43.78 81.19 72.54
C LYS KB 8 -44.89 80.37 71.87
N ILE KB 9 -46.07 80.35 72.48
CA ILE KB 9 -47.15 79.56 71.92
C ILE KB 9 -47.55 80.11 70.56
N GLU KB 10 -47.57 81.44 70.43
CA GLU KB 10 -47.88 82.05 69.14
C GLU KB 10 -46.83 81.66 68.10
N ASN KB 11 -45.56 81.67 68.48
CA ASN KB 11 -44.50 81.33 67.55
C ASN KB 11 -44.62 79.89 67.06
N ASP KB 12 -44.97 78.96 67.95
CA ASP KB 12 -45.10 77.57 67.54
C ASP KB 12 -46.44 77.22 66.92
N CYS KB 13 -47.47 78.07 67.06
CA CYS KB 13 -48.80 77.69 66.60
C CYS KB 13 -49.48 78.77 65.77
N ILE KB 14 -48.71 79.65 65.13
CA ILE KB 14 -49.26 80.57 64.15
C ILE KB 14 -48.39 80.50 62.90
N PHE KB 15 -49.01 80.22 61.76
CA PHE KB 15 -48.27 80.11 60.51
C PHE KB 15 -48.92 81.00 59.47
N GLU KB 16 -48.11 81.80 58.79
CA GLU KB 16 -48.64 82.81 57.88
C GLU KB 16 -49.18 82.18 56.60
N VAL KB 17 -50.26 82.75 56.09
CA VAL KB 17 -50.80 82.42 54.78
C VAL KB 17 -50.87 83.70 53.97
N LYS KB 18 -50.37 83.63 52.74
CA LYS KB 18 -50.14 84.78 51.88
C LYS KB 18 -50.72 84.51 50.50
N HIS KB 19 -51.15 85.58 49.82
CA HIS KB 19 -51.69 85.48 48.48
C HIS KB 19 -51.08 86.58 47.61
N GLU KB 20 -50.54 86.18 46.46
CA GLU KB 20 -49.91 87.10 45.52
C GLU KB 20 -48.80 87.91 46.18
N GLY KB 21 -47.93 87.23 46.92
CA GLY KB 21 -46.74 87.88 47.44
C GLY KB 21 -46.94 88.71 48.68
N LYS KB 22 -48.15 88.80 49.22
CA LYS KB 22 -48.41 89.58 50.42
C LYS KB 22 -49.12 88.73 51.46
N VAL KB 23 -48.68 88.86 52.71
CA VAL KB 23 -49.23 88.09 53.82
C VAL KB 23 -50.63 88.62 54.15
N THR KB 24 -51.55 87.71 54.43
CA THR KB 24 -52.94 88.11 54.68
C THR KB 24 -53.61 87.40 55.85
N GLY KB 25 -53.14 86.24 56.29
CA GLY KB 25 -53.86 85.59 57.36
C GLY KB 25 -52.98 84.63 58.14
N TYR KB 26 -53.55 84.06 59.19
CA TYR KB 26 -52.80 83.20 60.09
C TYR KB 26 -53.57 81.92 60.37
N ALA KB 27 -52.87 80.79 60.25
CA ALA KB 27 -53.42 79.47 60.50
C ALA KB 27 -52.86 78.96 61.82
N CYS KB 28 -53.74 78.43 62.66
CA CYS KB 28 -53.36 77.97 63.99
C CYS KB 28 -53.40 76.44 64.05
N LEU KB 29 -52.71 75.89 65.04
CA LEU KB 29 -52.74 74.46 65.31
C LEU KB 29 -53.42 74.24 66.66
N VAL KB 30 -54.67 73.82 66.64
CA VAL KB 30 -55.46 73.62 67.85
C VAL KB 30 -55.86 72.16 67.92
N GLY KB 31 -55.61 71.53 69.07
CA GLY KB 31 -55.88 70.12 69.22
C GLY KB 31 -55.10 69.31 68.22
N ASP KB 32 -55.78 68.74 67.24
CA ASP KB 32 -55.12 68.05 66.14
C ASP KB 32 -55.65 68.54 64.80
N LYS KB 33 -56.09 69.80 64.76
CA LYS KB 33 -56.72 70.34 63.57
C LYS KB 33 -56.05 71.64 63.16
N VAL KB 34 -55.63 71.68 61.90
CA VAL KB 34 -55.20 72.92 61.25
C VAL KB 34 -56.45 73.69 60.89
N MET KB 35 -56.49 74.96 61.27
CA MET KB 35 -57.67 75.80 61.09
C MET KB 35 -57.33 77.06 60.32
N LYS KB 36 -58.24 77.46 59.43
CA LYS KB 36 -58.12 78.75 58.76
C LYS KB 36 -59.51 79.35 58.62
N PRO KB 37 -59.67 80.66 58.74
CA PRO KB 37 -60.93 81.27 58.34
C PRO KB 37 -61.17 81.06 56.85
N ALA KB 38 -62.43 80.88 56.49
CA ALA KB 38 -62.75 80.55 55.10
C ALA KB 38 -62.88 81.77 54.22
N HIS KB 39 -63.04 82.97 54.79
CA HIS KB 39 -63.15 84.14 53.94
C HIS KB 39 -61.81 84.51 53.32
N VAL KB 40 -60.71 84.18 53.98
CA VAL KB 40 -59.38 84.50 53.47
C VAL KB 40 -58.99 83.44 52.44
N LYS KB 41 -58.22 83.86 51.45
CA LYS KB 41 -57.79 82.99 50.36
C LYS KB 41 -56.27 83.01 50.25
N GLY KB 42 -55.71 81.91 49.77
CA GLY KB 42 -54.29 81.79 49.58
C GLY KB 42 -53.84 80.37 49.81
N VAL KB 43 -52.52 80.21 49.98
CA VAL KB 43 -51.91 78.93 50.31
C VAL KB 43 -50.96 79.14 51.48
N ILE KB 44 -51.04 78.26 52.48
CA ILE KB 44 -50.22 78.38 53.66
C ILE KB 44 -48.74 78.31 53.28
N ASP KB 45 -47.90 78.97 54.06
CA ASP KB 45 -46.46 79.00 53.79
C ASP KB 45 -45.76 77.77 54.38
N ASN KB 46 -46.27 76.60 53.99
CA ASN KB 46 -45.65 75.34 54.36
C ASN KB 46 -45.96 74.31 53.29
N ALA KB 47 -44.93 73.54 52.92
CA ALA KB 47 -45.14 72.46 51.96
C ALA KB 47 -46.06 71.38 52.53
N ASP KB 48 -45.91 71.07 53.82
CA ASP KB 48 -46.71 70.02 54.42
C ASP KB 48 -48.16 70.47 54.61
N LEU KB 49 -48.38 71.69 55.08
CA LEU KB 49 -49.74 72.18 55.24
C LEU KB 49 -50.34 72.65 53.92
N ALA KB 50 -49.55 72.71 52.85
CA ALA KB 50 -50.12 73.03 51.55
C ALA KB 50 -50.80 71.82 50.93
N LYS KB 51 -50.29 70.61 51.20
CA LYS KB 51 -50.78 69.42 50.53
C LYS KB 51 -51.90 68.71 51.28
N LEU KB 52 -52.19 69.09 52.52
CA LEU KB 52 -53.21 68.40 53.28
C LEU KB 52 -54.61 68.73 52.73
N ALA KB 53 -55.48 67.73 52.76
CA ALA KB 53 -56.86 67.92 52.31
C ALA KB 53 -57.64 68.71 53.36
N PHE KB 54 -58.46 69.64 52.91
CA PHE KB 54 -59.16 70.56 53.78
C PHE KB 54 -60.67 70.40 53.64
N LYS KB 55 -61.38 70.46 54.76
CA LYS KB 55 -62.83 70.50 54.77
C LYS KB 55 -63.29 71.94 54.98
N LYS KB 56 -64.12 72.42 54.07
CA LYS KB 56 -64.56 73.81 54.05
C LYS KB 56 -66.02 73.89 54.46
N SER KB 57 -66.37 74.94 55.19
CA SER KB 57 -67.77 75.17 55.53
C SER KB 57 -67.99 76.68 55.62
N SER KB 58 -68.71 77.23 54.66
CA SER KB 58 -68.97 78.67 54.66
C SER KB 58 -70.03 79.06 55.67
N LYS KB 59 -70.78 78.10 56.21
CA LYS KB 59 -71.76 78.42 57.24
C LYS KB 59 -71.08 78.96 58.50
N TYR KB 60 -70.06 78.27 58.98
CA TYR KB 60 -69.24 78.78 60.07
C TYR KB 60 -67.98 79.48 59.59
N ASP KB 61 -67.77 79.59 58.28
CA ASP KB 61 -66.66 80.34 57.72
C ASP KB 61 -65.33 79.76 58.17
N LEU KB 62 -65.11 78.48 57.87
CA LEU KB 62 -63.93 77.82 58.41
C LEU KB 62 -63.47 76.68 57.54
N GLU KB 63 -62.15 76.52 57.44
CA GLU KB 63 -61.49 75.36 56.86
C GLU KB 63 -60.76 74.61 57.97
N CYS KB 64 -60.87 73.29 57.96
CA CYS KB 64 -60.20 72.44 58.93
C CYS KB 64 -59.45 71.33 58.21
N ALA KB 65 -58.43 70.80 58.88
CA ALA KB 65 -57.71 69.64 58.36
C ALA KB 65 -57.10 68.90 59.53
N GLN KB 66 -56.79 67.62 59.33
CA GLN KB 66 -56.14 66.85 60.38
C GLN KB 66 -54.63 66.95 60.24
N ILE KB 67 -53.97 67.28 61.35
CA ILE KB 67 -52.53 67.60 61.35
C ILE KB 67 -51.73 66.33 61.12
N PRO KB 68 -50.50 66.41 60.62
CA PRO KB 68 -49.68 65.20 60.49
C PRO KB 68 -49.19 64.74 61.85
N VAL KB 69 -48.65 63.51 61.86
CA VAL KB 69 -48.25 62.90 63.13
C VAL KB 69 -47.06 63.63 63.74
N HIS KB 70 -46.03 63.90 62.93
CA HIS KB 70 -44.80 64.45 63.50
C HIS KB 70 -44.97 65.88 64.00
N MET KB 71 -46.00 66.59 63.57
CA MET KB 71 -46.26 67.94 64.05
C MET KB 71 -47.24 67.96 65.21
N ARG KB 72 -47.67 66.79 65.69
CA ARG KB 72 -48.74 66.73 66.68
C ARG KB 72 -48.34 67.35 68.01
N SER KB 73 -47.05 67.37 68.34
CA SER KB 73 -46.60 67.91 69.61
C SER KB 73 -46.48 69.42 69.62
N ASP KB 74 -46.67 70.07 68.48
CA ASP KB 74 -46.53 71.52 68.37
C ASP KB 74 -47.89 72.21 68.33
N ALA KB 75 -48.83 71.73 69.14
CA ALA KB 75 -50.19 72.25 69.10
C ALA KB 75 -50.52 72.99 70.39
N SER KB 76 -51.57 73.81 70.33
CA SER KB 76 -52.05 74.53 71.49
C SER KB 76 -52.84 73.61 72.39
N LYS KB 77 -53.53 74.20 73.36
CA LYS KB 77 -54.46 73.48 74.21
C LYS KB 77 -55.82 74.17 74.18
N TYR KB 78 -56.86 73.39 73.95
CA TYR KB 78 -58.21 73.89 73.75
C TYR KB 78 -58.99 73.83 75.05
N THR KB 79 -60.01 74.66 75.15
CA THR KB 79 -60.89 74.65 76.31
C THR KB 79 -62.22 75.28 75.93
N HIS KB 80 -63.29 74.69 76.44
CA HIS KB 80 -64.63 75.20 76.21
C HIS KB 80 -65.17 76.03 77.36
N GLU KB 81 -64.48 76.09 78.49
CA GLU KB 81 -64.91 76.96 79.58
C GLU KB 81 -64.48 78.39 79.27
N LYS KB 82 -65.42 79.33 79.38
CA LYS KB 82 -65.14 80.75 79.17
C LYS KB 82 -65.69 81.57 80.34
N PRO KB 83 -65.03 81.53 81.49
CA PRO KB 83 -65.43 82.42 82.59
C PRO KB 83 -65.26 83.89 82.22
N GLU KB 84 -66.03 84.72 82.90
CA GLU KB 84 -65.91 86.17 82.74
C GLU KB 84 -64.56 86.64 83.25
N GLY KB 85 -63.95 87.58 82.53
CA GLY KB 85 -62.69 88.13 82.98
C GLY KB 85 -61.94 88.76 81.81
N HIS KB 86 -60.62 88.58 81.83
CA HIS KB 86 -59.71 89.14 80.82
C HIS KB 86 -59.01 87.99 80.10
N TYR KB 87 -58.65 88.23 78.84
CA TYR KB 87 -57.95 87.23 78.05
C TYR KB 87 -56.85 87.87 77.24
N ASN KB 88 -55.84 87.08 76.89
CA ASN KB 88 -54.68 87.60 76.18
C ASN KB 88 -54.94 87.63 74.68
N TRP KB 89 -54.10 88.38 73.96
CA TRP KB 89 -54.15 88.42 72.52
C TRP KB 89 -52.85 89.03 72.00
N HIS KB 90 -52.50 88.67 70.77
CA HIS KB 90 -51.23 89.11 70.20
C HIS KB 90 -51.14 90.63 70.14
N HIS KB 91 -52.27 91.32 70.11
CA HIS KB 91 -52.31 92.77 70.08
C HIS KB 91 -52.89 93.35 71.36
N GLY KB 92 -52.68 92.67 72.49
CA GLY KB 92 -53.05 93.23 73.77
C GLY KB 92 -53.95 92.36 74.63
N ALA KB 93 -54.96 92.98 75.22
CA ALA KB 93 -55.87 92.30 76.12
C ALA KB 93 -57.30 92.45 75.62
N VAL KB 94 -58.11 91.42 75.83
CA VAL KB 94 -59.49 91.39 75.37
C VAL KB 94 -60.40 91.13 76.55
N GLN KB 95 -61.61 91.68 76.47
CA GLN KB 95 -62.57 91.66 77.56
C GLN KB 95 -63.80 90.86 77.15
N TYR KB 96 -64.26 89.99 78.03
CA TYR KB 96 -65.43 89.13 77.80
C TYR KB 96 -66.52 89.52 78.78
N SER KB 97 -67.67 89.95 78.27
CA SER KB 97 -68.81 90.30 79.11
C SER KB 97 -70.10 90.02 78.36
N GLY KB 98 -70.95 89.17 78.94
CA GLY KB 98 -72.27 88.93 78.40
C GLY KB 98 -72.31 88.31 77.02
N GLY KB 99 -71.47 87.32 76.77
CA GLY KB 99 -71.51 86.63 75.49
C GLY KB 99 -70.95 87.40 74.32
N ARG KB 100 -70.08 88.37 74.56
CA ARG KB 100 -69.40 89.09 73.49
C ARG KB 100 -67.95 89.37 73.86
N PHE KB 101 -67.08 89.34 72.85
CA PHE KB 101 -65.70 89.79 72.99
C PHE KB 101 -65.61 91.23 72.50
N THR KB 102 -65.01 92.10 73.29
CA THR KB 102 -64.84 93.50 72.92
C THR KB 102 -63.36 93.86 72.94
N ILE KB 103 -62.98 94.72 72.00
CA ILE KB 103 -61.63 95.26 71.93
C ILE KB 103 -61.67 96.67 72.48
N PRO KB 104 -61.14 96.92 73.68
CA PRO KB 104 -61.12 98.30 74.18
C PRO KB 104 -60.32 99.24 73.29
N THR KB 105 -59.28 98.73 72.64
CA THR KB 105 -58.39 99.59 71.85
C THR KB 105 -58.96 99.98 70.51
N GLY KB 106 -59.72 99.08 69.86
CA GLY KB 106 -60.05 99.30 68.47
C GLY KB 106 -58.83 99.31 67.57
N ALA KB 107 -57.80 98.54 67.93
CA ALA KB 107 -56.54 98.52 67.21
C ALA KB 107 -56.43 97.37 66.22
N GLY KB 108 -57.50 96.59 66.04
CA GLY KB 108 -57.48 95.53 65.06
C GLY KB 108 -57.34 96.07 63.65
N LYS KB 109 -56.61 95.36 62.80
CA LYS KB 109 -56.53 95.74 61.40
C LYS KB 109 -56.79 94.53 60.52
N PRO KB 110 -57.23 94.75 59.28
CA PRO KB 110 -57.38 93.63 58.35
C PRO KB 110 -56.05 92.90 58.18
N GLY KB 111 -56.15 91.59 58.00
CA GLY KB 111 -54.99 90.73 58.07
C GLY KB 111 -54.77 90.12 59.43
N ASP KB 112 -55.56 90.50 60.43
CA ASP KB 112 -55.51 89.92 61.76
C ASP KB 112 -56.42 88.70 61.89
N SER KB 113 -57.15 88.35 60.84
CA SER KB 113 -58.01 87.19 60.90
C SER KB 113 -57.18 85.91 61.01
N GLY KB 114 -57.58 85.04 61.94
CA GLY KB 114 -56.84 83.83 62.19
C GLY KB 114 -55.90 83.87 63.38
N ARG KB 115 -55.93 84.94 64.17
CA ARG KB 115 -55.11 85.01 65.38
C ARG KB 115 -55.89 84.45 66.57
N PRO KB 116 -55.45 83.35 67.17
CA PRO KB 116 -56.20 82.78 68.28
C PRO KB 116 -56.20 83.67 69.50
N ILE KB 117 -57.30 83.62 70.24
CA ILE KB 117 -57.47 84.36 71.49
C ILE KB 117 -57.15 83.41 72.64
N PHE KB 118 -56.18 83.79 73.46
CA PHE KB 118 -55.61 82.89 74.46
C PHE KB 118 -56.30 83.07 75.81
N ASP KB 119 -56.13 82.06 76.66
CA ASP KB 119 -56.58 82.12 78.03
C ASP KB 119 -55.43 82.54 78.94
N ASN KB 120 -55.76 82.83 80.20
CA ASN KB 120 -54.73 83.19 81.17
C ASN KB 120 -53.79 82.04 81.51
N LYS KB 121 -54.12 80.82 81.13
CA LYS KB 121 -53.22 79.68 81.25
C LYS KB 121 -52.52 79.34 79.94
N GLY KB 122 -52.64 80.20 78.93
CA GLY KB 122 -52.04 79.94 77.63
C GLY KB 122 -52.85 79.06 76.71
N ARG KB 123 -54.04 78.63 77.12
CA ARG KB 123 -54.88 77.80 76.29
C ARG KB 123 -55.65 78.64 75.28
N VAL KB 124 -56.07 78.01 74.18
CA VAL KB 124 -56.84 78.68 73.14
C VAL KB 124 -58.32 78.55 73.47
N VAL KB 125 -59.07 79.62 73.20
CA VAL KB 125 -60.47 79.69 73.54
C VAL KB 125 -61.34 79.95 72.32
N ALA KB 126 -60.89 80.80 71.40
CA ALA KB 126 -61.68 81.14 70.23
C ALA KB 126 -60.75 81.45 69.06
N ILE KB 127 -61.35 81.76 67.92
CA ILE KB 127 -60.61 82.21 66.74
C ILE KB 127 -61.29 83.47 66.21
N VAL KB 128 -60.50 84.51 65.96
CA VAL KB 128 -61.04 85.79 65.54
C VAL KB 128 -61.37 85.76 64.05
N LEU KB 129 -62.50 86.35 63.69
CA LEU KB 129 -62.90 86.47 62.29
C LEU KB 129 -63.01 87.92 61.83
N GLY KB 130 -63.77 88.74 62.55
CA GLY KB 130 -63.94 90.12 62.14
C GLY KB 130 -64.25 91.01 63.32
N GLY KB 131 -64.40 92.30 63.04
CA GLY KB 131 -64.67 93.27 64.07
C GLY KB 131 -65.67 94.31 63.61
N ALA KB 132 -66.35 94.89 64.59
CA ALA KB 132 -67.30 95.97 64.36
C ALA KB 132 -66.96 97.15 65.27
N ASN KB 133 -66.77 98.31 64.67
CA ASN KB 133 -66.39 99.53 65.40
C ASN KB 133 -67.63 100.16 66.00
N GLU KB 134 -67.69 100.23 67.32
CA GLU KB 134 -68.78 100.86 68.05
C GLU KB 134 -68.20 101.83 69.07
N GLY KB 135 -68.04 103.09 68.66
CA GLY KB 135 -67.49 104.08 69.57
C GLY KB 135 -66.05 103.76 69.90
N SER KB 136 -65.74 103.71 71.20
CA SER KB 136 -64.39 103.39 71.65
C SER KB 136 -64.05 101.92 71.51
N ARG KB 137 -65.05 101.05 71.50
CA ARG KB 137 -64.84 99.61 71.58
C ARG KB 137 -65.18 98.95 70.25
N THR KB 138 -64.44 97.89 69.93
CA THR KB 138 -64.66 97.11 68.73
C THR KB 138 -65.10 95.71 69.14
N ALA KB 139 -66.37 95.40 68.87
CA ALA KB 139 -66.91 94.08 69.18
C ALA KB 139 -66.36 93.05 68.21
N LEU KB 140 -66.13 91.84 68.70
CA LEU KB 140 -65.47 90.81 67.93
C LEU KB 140 -66.46 89.77 67.42
N SER KB 141 -66.44 89.51 66.12
CA SER KB 141 -67.12 88.37 65.53
C SER KB 141 -66.11 87.23 65.45
N VAL KB 142 -66.32 86.18 66.25
CA VAL KB 142 -65.34 85.12 66.42
C VAL KB 142 -66.03 83.77 66.33
N VAL KB 143 -65.21 82.73 66.17
CA VAL KB 143 -65.65 81.35 66.20
C VAL KB 143 -65.20 80.75 67.53
N THR KB 144 -66.13 80.17 68.27
CA THR KB 144 -65.88 79.61 69.58
C THR KB 144 -66.05 78.10 69.57
N TRP KB 145 -65.94 77.51 70.75
CA TRP KB 145 -66.28 76.11 70.98
C TRP KB 145 -67.35 76.02 72.05
N ASN KB 146 -68.41 75.28 71.77
CA ASN KB 146 -69.29 74.83 72.81
C ASN KB 146 -68.69 73.52 73.33
N LYS KB 147 -69.42 72.79 74.17
CA LYS KB 147 -68.89 71.55 74.70
C LYS KB 147 -68.54 70.56 73.58
N ASP KB 148 -69.40 70.51 72.56
CA ASP KB 148 -69.20 69.60 71.44
C ASP KB 148 -69.44 70.28 70.09
N MET KB 149 -70.20 71.36 70.10
CA MET KB 149 -70.56 72.06 68.88
C MET KB 149 -69.65 73.26 68.65
N VAL KB 150 -69.55 73.69 67.40
CA VAL KB 150 -68.84 74.90 67.01
C VAL KB 150 -69.88 75.93 66.58
N THR KB 151 -69.88 77.09 67.22
CA THR KB 151 -70.81 78.15 66.87
C THR KB 151 -70.06 79.42 66.51
N ARG KB 152 -70.72 80.28 65.76
CA ARG KB 152 -70.19 81.59 65.39
C ARG KB 152 -71.05 82.66 66.03
N VAL KB 153 -70.41 83.73 66.51
CA VAL KB 153 -71.11 84.89 67.03
C VAL KB 153 -70.65 86.09 66.20
N THR KB 154 -71.61 86.86 65.70
CA THR KB 154 -71.33 87.99 64.83
C THR KB 154 -72.16 89.20 65.22
N PRO KB 155 -71.55 90.27 65.71
CA PRO KB 155 -72.29 91.50 65.96
C PRO KB 155 -72.73 92.15 64.66
N GLU KB 156 -73.76 92.97 64.76
CA GLU KB 156 -74.28 93.66 63.59
C GLU KB 156 -73.26 94.65 63.05
N GLY KB 157 -73.08 94.63 61.73
CA GLY KB 157 -72.17 95.55 61.08
C GLY KB 157 -70.71 95.15 61.10
N SER KB 158 -70.40 93.91 61.45
CA SER KB 158 -69.01 93.48 61.50
C SER KB 158 -68.44 93.34 60.10
N GLU KB 159 -67.11 93.40 60.02
CA GLU KB 159 -66.40 93.34 58.76
C GLU KB 159 -65.29 92.30 58.84
N GLU KB 160 -65.05 91.62 57.72
CA GLU KB 160 -64.02 90.59 57.67
C GLU KB 160 -62.65 91.23 57.63
N TRP KB 161 -61.68 90.61 58.29
CA TRP KB 161 -60.33 91.14 58.33
C TRP KB 161 -59.36 90.25 57.56
N LYS LB 1 -7.82 71.92 67.20
CA LYS LB 1 -7.07 72.06 65.95
C LYS LB 1 -7.55 71.05 64.90
N ARG LB 2 -7.39 69.76 65.21
CA ARG LB 2 -7.85 68.72 64.29
C ARG LB 2 -9.35 68.82 64.06
N GLU LB 3 -10.12 68.96 65.14
CA GLU LB 3 -11.57 69.08 65.02
C GLU LB 3 -11.96 70.31 64.22
N ARG LB 4 -11.30 71.45 64.49
CA ARG LB 4 -11.63 72.68 63.78
C ARG LB 4 -11.33 72.55 62.29
N MET LB 5 -10.18 71.97 61.95
CA MET LB 5 -9.76 71.93 60.55
C MET LB 5 -10.61 70.93 59.77
N CYS LB 6 -10.95 69.80 60.39
CA CYS LB 6 -11.86 68.84 59.78
C CYS LB 6 -13.27 69.42 59.68
N MET LB 7 -13.66 70.26 60.63
CA MET LB 7 -14.95 70.95 60.51
C MET LB 7 -14.93 71.92 59.34
N LYS LB 8 -13.80 72.59 59.11
CA LYS LB 8 -13.68 73.42 57.92
C LYS LB 8 -13.83 72.59 56.65
N ILE LB 9 -13.18 71.43 56.60
CA ILE LB 9 -13.33 70.56 55.43
C ILE LB 9 -14.78 70.14 55.25
N GLU LB 10 -15.45 69.75 56.33
CA GLU LB 10 -16.84 69.33 56.19
C GLU LB 10 -17.73 70.48 55.72
N ASN LB 11 -17.54 71.68 56.26
CA ASN LB 11 -18.37 72.80 55.87
C ASN LB 11 -18.17 73.15 54.39
N ASP LB 12 -16.93 73.08 53.91
CA ASP LB 12 -16.66 73.40 52.51
C ASP LB 12 -16.78 72.23 51.57
N CYS LB 13 -17.02 71.02 52.07
CA CYS LB 13 -16.96 69.83 51.23
C CYS LB 13 -18.10 68.85 51.48
N ILE LB 14 -19.15 69.24 52.21
CA ILE LB 14 -20.31 68.40 52.42
C ILE LB 14 -21.56 69.20 52.09
N PHE LB 15 -22.43 68.62 51.26
CA PHE LB 15 -23.63 69.28 50.81
C PHE LB 15 -24.85 68.42 51.11
N GLU LB 16 -25.92 69.07 51.54
CA GLU LB 16 -27.13 68.35 51.92
C GLU LB 16 -27.85 67.82 50.70
N VAL LB 17 -28.74 66.86 50.91
CA VAL LB 17 -29.68 66.44 49.88
C VAL LB 17 -31.08 66.74 50.41
N LYS LB 18 -31.96 67.21 49.53
CA LYS LB 18 -33.23 67.79 49.93
C LYS LB 18 -34.33 66.95 49.29
N HIS LB 19 -35.34 66.58 50.08
CA HIS LB 19 -36.41 65.73 49.55
C HIS LB 19 -37.65 65.96 50.38
N GLU LB 20 -38.71 66.47 49.75
CA GLU LB 20 -39.95 66.84 50.43
C GLU LB 20 -39.70 67.76 51.62
N GLY LB 21 -38.73 68.66 51.52
CA GLY LB 21 -38.51 69.60 52.60
C GLY LB 21 -37.76 69.05 53.79
N LYS LB 22 -37.36 67.79 53.77
CA LYS LB 22 -36.67 67.18 54.90
C LYS LB 22 -35.33 66.63 54.46
N VAL LB 23 -34.32 66.80 55.31
CA VAL LB 23 -32.97 66.31 55.00
C VAL LB 23 -32.97 64.79 55.00
N THR LB 24 -32.25 64.21 54.04
CA THR LB 24 -32.20 62.77 53.90
C THR LB 24 -30.79 62.20 53.90
N GLY LB 25 -29.82 62.94 53.38
CA GLY LB 25 -28.45 62.43 53.29
C GLY LB 25 -27.51 63.52 52.83
N TYR LB 26 -26.25 63.12 52.63
CA TYR LB 26 -25.19 64.06 52.34
C TYR LB 26 -24.38 63.56 51.15
N ALA LB 27 -23.89 64.51 50.35
CA ALA LB 27 -22.99 64.23 49.24
C ALA LB 27 -21.72 65.05 49.43
N CYS LB 28 -20.57 64.41 49.26
CA CYS LB 28 -19.29 65.03 49.58
C CYS LB 28 -18.39 65.10 48.36
N LEU LB 29 -17.45 66.04 48.39
CA LEU LB 29 -16.48 66.25 47.33
C LEU LB 29 -15.19 65.55 47.71
N VAL LB 30 -14.89 64.43 47.05
CA VAL LB 30 -13.67 63.67 47.31
C VAL LB 30 -12.84 63.65 46.04
N GLY LB 31 -11.56 63.93 46.18
CA GLY LB 31 -10.69 63.85 45.02
C GLY LB 31 -11.12 64.84 43.97
N ASP LB 32 -11.79 64.32 42.93
CA ASP LB 32 -12.35 65.15 41.88
C ASP LB 32 -13.75 64.68 41.45
N LYS LB 33 -14.49 64.01 42.33
CA LYS LB 33 -15.79 63.49 41.99
C LYS LB 33 -16.81 63.79 43.07
N VAL LB 34 -18.00 64.21 42.67
CA VAL LB 34 -19.13 64.24 43.58
C VAL LB 34 -19.61 62.81 43.80
N MET LB 35 -19.75 62.43 45.06
CA MET LB 35 -20.13 61.08 45.43
C MET LB 35 -21.39 61.11 46.26
N LYS LB 36 -22.29 60.17 46.02
CA LYS LB 36 -23.55 60.17 46.76
C LYS LB 36 -24.11 58.77 46.90
N PRO LB 37 -24.51 58.35 48.09
CA PRO LB 37 -25.11 57.02 48.22
C PRO LB 37 -26.36 56.90 47.37
N ALA LB 38 -26.48 55.76 46.67
CA ALA LB 38 -27.55 55.61 45.70
C ALA LB 38 -28.91 55.49 46.38
N HIS LB 39 -29.00 54.72 47.45
CA HIS LB 39 -30.30 54.45 48.05
C HIS LB 39 -30.91 55.68 48.71
N VAL LB 40 -30.12 56.73 48.97
CA VAL LB 40 -30.69 57.99 49.43
C VAL LB 40 -31.30 58.71 48.26
N LYS LB 41 -32.57 59.11 48.40
CA LYS LB 41 -33.31 59.76 47.33
C LYS LB 41 -33.52 61.23 47.66
N GLY LB 42 -33.44 62.06 46.63
CA GLY LB 42 -33.59 63.50 46.80
C GLY LB 42 -32.87 64.23 45.69
N VAL LB 43 -32.62 65.52 45.93
CA VAL LB 43 -31.84 66.35 45.02
C VAL LB 43 -30.91 67.21 45.85
N ILE LB 44 -29.66 67.36 45.38
CA ILE LB 44 -28.68 68.14 46.13
C ILE LB 44 -29.04 69.62 46.06
N ASP LB 45 -29.04 70.27 47.22
CA ASP LB 45 -29.48 71.66 47.33
C ASP LB 45 -28.39 72.63 46.85
N ASN LB 46 -28.07 72.51 45.55
CA ASN LB 46 -27.15 73.44 44.92
C ASN LB 46 -27.46 73.51 43.43
N ALA LB 47 -27.60 74.74 42.91
CA ALA LB 47 -27.98 74.92 41.52
C ALA LB 47 -26.94 74.30 40.59
N ASP LB 48 -25.67 74.55 40.83
CA ASP LB 48 -24.63 74.06 39.93
C ASP LB 48 -24.52 72.55 39.99
N LEU LB 49 -24.66 71.97 41.18
CA LEU LB 49 -24.50 70.52 41.35
C LEU LB 49 -25.72 69.73 40.90
N ALA LB 50 -26.91 70.33 40.92
CA ALA LB 50 -28.11 69.56 40.63
C ALA LB 50 -28.15 69.08 39.18
N LYS LB 51 -27.69 69.90 38.25
CA LYS LB 51 -27.79 69.59 36.83
C LYS LB 51 -26.82 68.51 36.36
N LEU LB 52 -25.88 68.11 37.22
CA LEU LB 52 -24.87 67.16 36.78
C LEU LB 52 -25.47 65.78 36.53
N ALA LB 53 -24.87 65.06 35.60
CA ALA LB 53 -25.28 63.70 35.29
C ALA LB 53 -24.51 62.72 36.15
N PHE LB 54 -25.24 61.90 36.89
CA PHE LB 54 -24.64 60.90 37.76
C PHE LB 54 -24.54 59.56 37.07
N LYS LB 55 -23.44 58.87 37.28
CA LYS LB 55 -23.30 57.46 36.94
C LYS LB 55 -23.70 56.68 38.18
N LYS LB 56 -24.70 55.83 38.03
CA LYS LB 56 -25.36 55.14 39.14
C LYS LB 56 -25.02 53.67 39.10
N SER LB 57 -24.74 53.08 40.26
CA SER LB 57 -24.40 51.66 40.30
C SER LB 57 -25.04 51.04 41.54
N SER LB 58 -26.03 50.18 41.31
CA SER LB 58 -26.71 49.52 42.41
C SER LB 58 -25.83 48.49 43.11
N LYS LB 59 -24.83 47.94 42.45
CA LYS LB 59 -24.03 46.88 43.06
C LYS LB 59 -23.27 47.40 44.27
N TYR LB 60 -22.66 48.57 44.15
CA TYR LB 60 -21.93 49.19 45.25
C TYR LB 60 -22.75 50.24 45.97
N ASP LB 61 -23.99 50.47 45.56
CA ASP LB 61 -24.86 51.47 46.17
C ASP LB 61 -24.18 52.83 46.16
N LEU LB 62 -23.92 53.35 44.97
CA LEU LB 62 -23.13 54.57 44.87
C LEU LB 62 -23.40 55.28 43.55
N GLU LB 63 -23.31 56.61 43.58
CA GLU LB 63 -23.45 57.47 42.41
C GLU LB 63 -22.24 58.39 42.37
N CYS LB 64 -21.70 58.61 41.18
CA CYS LB 64 -20.55 59.50 41.02
C CYS LB 64 -20.78 60.48 39.88
N ALA LB 65 -20.06 61.59 39.95
CA ALA LB 65 -20.06 62.55 38.85
C ALA LB 65 -18.76 63.32 38.83
N GLN LB 66 -18.41 63.82 37.66
CA GLN LB 66 -17.26 64.70 37.52
C GLN LB 66 -17.62 66.09 38.05
N ILE LB 67 -16.83 66.59 38.98
CA ILE LB 67 -17.08 67.87 39.63
C ILE LB 67 -16.86 69.00 38.64
N PRO LB 68 -17.56 70.12 38.77
CA PRO LB 68 -17.32 71.26 37.87
C PRO LB 68 -15.94 71.85 38.12
N VAL LB 69 -15.38 72.43 37.06
CA VAL LB 69 -14.00 72.91 37.12
C VAL LB 69 -13.88 74.08 38.08
N HIS LB 70 -14.88 74.97 38.12
CA HIS LB 70 -14.82 76.13 39.00
C HIS LB 70 -14.82 75.73 40.48
N MET LB 71 -15.18 74.50 40.80
CA MET LB 71 -15.36 74.07 42.18
C MET LB 71 -14.32 73.03 42.59
N ARG LB 72 -13.34 72.75 41.74
CA ARG LB 72 -12.37 71.71 42.06
C ARG LB 72 -11.59 72.02 43.33
N SER LB 73 -11.35 73.29 43.61
CA SER LB 73 -10.49 73.67 44.72
C SER LB 73 -11.14 73.53 46.08
N ASP LB 74 -12.46 73.44 46.16
CA ASP LB 74 -13.17 73.35 47.43
C ASP LB 74 -13.45 71.91 47.81
N ALA LB 75 -12.58 70.99 47.40
CA ALA LB 75 -12.80 69.57 47.59
C ALA LB 75 -11.72 69.00 48.50
N SER LB 76 -12.08 67.92 49.20
CA SER LB 76 -11.14 67.28 50.09
C SER LB 76 -10.05 66.58 49.29
N LYS LB 77 -9.19 65.88 50.02
CA LYS LB 77 -8.23 64.97 49.43
C LYS LB 77 -8.39 63.60 50.06
N TYR LB 78 -7.96 62.58 49.33
CA TYR LB 78 -8.30 61.20 49.60
C TYR LB 78 -7.05 60.39 49.90
N THR LB 79 -7.27 59.13 50.25
CA THR LB 79 -6.19 58.16 50.35
C THR LB 79 -6.79 56.77 50.28
N HIS LB 80 -5.92 55.77 50.14
CA HIS LB 80 -6.32 54.38 50.08
C HIS LB 80 -5.69 53.54 51.17
N GLU LB 81 -5.11 54.18 52.18
CA GLU LB 81 -4.37 53.48 53.22
C GLU LB 81 -5.21 53.42 54.48
N LYS LB 82 -5.32 52.23 55.06
CA LYS LB 82 -6.15 51.99 56.24
C LYS LB 82 -5.34 51.25 57.30
N PRO LB 83 -4.41 51.93 57.96
CA PRO LB 83 -3.68 51.29 59.06
C PRO LB 83 -4.55 51.14 60.28
N GLU LB 84 -4.19 50.18 61.11
CA GLU LB 84 -4.88 49.96 62.38
C GLU LB 84 -4.76 51.20 63.26
N GLY LB 85 -5.85 51.55 63.92
CA GLY LB 85 -5.83 52.68 64.83
C GLY LB 85 -7.23 53.28 64.98
N HIS LB 86 -7.26 54.59 65.18
CA HIS LB 86 -8.50 55.33 65.38
C HIS LB 86 -8.61 56.46 64.37
N TYR LB 87 -9.85 56.77 63.99
CA TYR LB 87 -10.11 57.79 62.98
C TYR LB 87 -11.19 58.73 63.46
N ASN LB 88 -11.26 59.89 62.82
CA ASN LB 88 -12.21 60.93 63.19
C ASN LB 88 -13.58 60.65 62.57
N TRP LB 89 -14.56 61.43 63.01
CA TRP LB 89 -15.88 61.44 62.40
C TRP LB 89 -16.61 62.65 62.94
N HIS LB 90 -17.58 63.14 62.16
CA HIS LB 90 -18.34 64.30 62.59
C HIS LB 90 -19.15 64.01 63.85
N HIS LB 91 -19.30 62.75 64.23
CA HIS LB 91 -19.96 62.35 65.46
C HIS LB 91 -19.00 61.80 66.50
N GLY LB 92 -17.70 62.09 66.38
CA GLY LB 92 -16.74 61.72 67.41
C GLY LB 92 -15.58 60.91 66.83
N ALA LB 93 -15.35 59.73 67.40
CA ALA LB 93 -14.23 58.88 67.03
C ALA LB 93 -14.72 57.51 66.62
N VAL LB 94 -13.98 56.87 65.71
CA VAL LB 94 -14.32 55.56 65.19
C VAL LB 94 -13.10 54.66 65.30
N GLN LB 95 -13.34 53.38 65.55
CA GLN LB 95 -12.30 52.39 65.81
C GLN LB 95 -12.27 51.39 64.66
N TYR LB 96 -11.09 51.10 64.14
CA TYR LB 96 -10.93 50.20 63.00
C TYR LB 96 -10.14 48.98 63.44
N SER LB 97 -10.84 47.88 63.71
CA SER LB 97 -10.21 46.64 64.16
C SER LB 97 -10.65 45.49 63.29
N GLY LB 98 -9.68 44.74 62.77
CA GLY LB 98 -10.00 43.60 61.92
C GLY LB 98 -10.78 43.97 60.67
N GLY LB 99 -10.40 45.06 60.02
CA GLY LB 99 -11.10 45.51 58.84
C GLY LB 99 -12.51 46.00 59.09
N ARG LB 100 -12.87 46.26 60.33
CA ARG LB 100 -14.21 46.68 60.69
C ARG LB 100 -14.20 48.05 61.36
N PHE LB 101 -15.13 48.90 60.95
CA PHE LB 101 -15.32 50.21 61.56
C PHE LB 101 -16.40 50.05 62.64
N THR LB 102 -16.19 50.68 63.79
CA THR LB 102 -17.13 50.56 64.90
C THR LB 102 -17.44 51.93 65.50
N ILE LB 103 -18.72 52.13 65.83
CA ILE LB 103 -19.17 53.30 66.58
C ILE LB 103 -19.28 52.88 68.05
N PRO LB 104 -18.61 53.57 68.98
CA PRO LB 104 -18.65 53.12 70.38
C PRO LB 104 -20.04 53.12 70.96
N THR LB 105 -20.88 54.07 70.57
CA THR LB 105 -22.11 54.35 71.30
C THR LB 105 -23.38 54.03 70.53
N GLY LB 106 -23.29 53.72 69.25
CA GLY LB 106 -24.51 53.69 68.47
C GLY LB 106 -25.15 55.05 68.32
N ALA LB 107 -24.35 56.06 68.00
CA ALA LB 107 -24.84 57.42 67.82
C ALA LB 107 -25.32 57.67 66.40
N GLY LB 108 -25.20 56.70 65.50
CA GLY LB 108 -25.70 56.88 64.15
C GLY LB 108 -27.22 56.94 64.13
N LYS LB 109 -27.73 57.72 63.18
CA LYS LB 109 -29.16 57.92 63.05
C LYS LB 109 -29.59 57.79 61.60
N PRO LB 110 -30.85 57.46 61.33
CA PRO LB 110 -31.34 57.46 59.95
C PRO LB 110 -31.21 58.85 59.34
N GLY LB 111 -30.88 58.88 58.05
CA GLY LB 111 -30.64 60.11 57.34
C GLY LB 111 -29.21 60.60 57.41
N ASP LB 112 -28.33 59.91 58.13
CA ASP LB 112 -26.95 60.35 58.28
C ASP LB 112 -26.01 59.61 57.32
N SER LB 113 -26.54 58.83 56.39
CA SER LB 113 -25.71 58.15 55.42
C SER LB 113 -25.00 59.16 54.52
N GLY LB 114 -23.73 58.91 54.25
CA GLY LB 114 -22.97 59.74 53.34
C GLY LB 114 -21.93 60.65 53.95
N ARG LB 115 -21.79 60.65 55.28
CA ARG LB 115 -20.70 61.40 55.90
C ARG LB 115 -19.41 60.61 55.82
N PRO LB 116 -18.31 61.20 55.36
CA PRO LB 116 -17.08 60.43 55.20
C PRO LB 116 -16.33 60.29 56.51
N ILE LB 117 -15.63 59.17 56.63
CA ILE LB 117 -14.76 58.90 57.77
C ILE LB 117 -13.38 59.48 57.48
N PHE LB 118 -12.91 60.34 58.36
CA PHE LB 118 -11.66 61.04 58.12
C PHE LB 118 -10.47 60.28 58.69
N ASP LB 119 -9.29 60.63 58.21
CA ASP LB 119 -8.05 60.06 58.70
C ASP LB 119 -7.44 60.97 59.77
N ASN LB 120 -6.24 60.61 60.24
CA ASN LB 120 -5.54 61.46 61.21
C ASN LB 120 -5.13 62.79 60.60
N LYS LB 121 -4.66 62.80 59.36
CA LYS LB 121 -4.19 64.01 58.72
C LYS LB 121 -5.31 64.80 58.07
N GLY LB 122 -6.54 64.29 58.14
CA GLY LB 122 -7.65 64.94 57.49
C GLY LB 122 -8.02 64.40 56.13
N ARG LB 123 -7.36 63.34 55.67
CA ARG LB 123 -7.73 62.75 54.39
C ARG LB 123 -8.94 61.85 54.56
N VAL LB 124 -9.62 61.59 53.45
CA VAL LB 124 -10.80 60.75 53.44
C VAL LB 124 -10.39 59.31 53.21
N VAL LB 125 -11.12 58.39 53.83
CA VAL LB 125 -10.90 56.97 53.67
C VAL LB 125 -12.13 56.27 53.10
N ALA LB 126 -13.31 56.61 53.57
CA ALA LB 126 -14.49 55.84 53.23
C ALA LB 126 -15.73 56.72 53.34
N ILE LB 127 -16.84 56.20 52.80
CA ILE LB 127 -18.14 56.87 52.88
C ILE LB 127 -19.08 55.98 53.68
N VAL LB 128 -19.62 56.51 54.76
CA VAL LB 128 -20.52 55.74 55.61
C VAL LB 128 -21.84 55.51 54.87
N LEU LB 129 -22.31 54.27 54.90
CA LEU LB 129 -23.59 53.91 54.28
C LEU LB 129 -24.64 53.53 55.31
N GLY LB 130 -24.37 52.54 56.14
CA GLY LB 130 -25.41 52.08 57.05
C GLY LB 130 -24.80 51.52 58.32
N GLY LB 131 -25.66 51.05 59.21
CA GLY LB 131 -25.24 50.52 60.48
C GLY LB 131 -25.97 49.27 60.87
N ALA LB 132 -25.30 48.46 61.69
CA ALA LB 132 -25.88 47.27 62.29
C ALA LB 132 -25.70 47.35 63.81
N ASN LB 133 -26.80 47.20 64.53
CA ASN LB 133 -26.79 47.25 65.99
C ASN LB 133 -26.21 45.94 66.52
N GLU LB 134 -24.99 46.01 67.06
CA GLU LB 134 -24.26 44.84 67.52
C GLU LB 134 -23.90 45.05 68.98
N GLY LB 135 -24.76 44.53 69.87
CA GLY LB 135 -24.54 44.76 71.29
C GLY LB 135 -24.57 46.23 71.60
N SER LB 136 -23.61 46.67 72.40
CA SER LB 136 -23.48 48.11 72.66
C SER LB 136 -22.88 48.85 71.48
N ARG LB 137 -22.13 48.16 70.63
CA ARG LB 137 -21.44 48.78 69.51
C ARG LB 137 -22.33 48.72 68.27
N THR LB 138 -21.85 49.38 67.21
CA THR LB 138 -22.60 49.48 65.96
C THR LB 138 -21.61 49.31 64.81
N ALA LB 139 -21.74 48.21 64.08
CA ALA LB 139 -20.87 47.97 62.96
C ALA LB 139 -21.29 48.83 61.77
N LEU LB 140 -20.30 49.29 61.00
CA LEU LB 140 -20.53 50.19 59.89
C LEU LB 140 -20.51 49.45 58.57
N SER LB 141 -21.60 49.56 57.81
CA SER LB 141 -21.60 49.19 56.40
C SER LB 141 -21.06 50.39 55.64
N VAL LB 142 -19.85 50.27 55.12
CA VAL LB 142 -19.13 51.40 54.56
C VAL LB 142 -18.58 51.01 53.20
N VAL LB 143 -18.30 52.02 52.39
CA VAL LB 143 -17.72 51.84 51.06
C VAL LB 143 -16.25 52.22 51.16
N THR LB 144 -15.41 51.24 51.44
CA THR LB 144 -13.98 51.49 51.57
C THR LB 144 -13.37 51.50 50.19
N TRP LB 145 -12.08 51.82 50.11
CA TRP LB 145 -11.40 51.90 48.83
C TRP LB 145 -10.18 51.00 48.84
N ASN LB 146 -9.95 50.33 47.74
CA ASN LB 146 -8.65 49.70 47.51
C ASN LB 146 -7.81 50.70 46.72
N LYS LB 147 -6.66 50.27 46.20
CA LYS LB 147 -5.83 51.14 45.38
C LYS LB 147 -6.63 51.75 44.24
N ASP LB 148 -7.39 50.93 43.52
CA ASP LB 148 -8.11 51.43 42.36
C ASP LB 148 -9.49 50.84 42.14
N MET LB 149 -9.99 50.00 43.05
CA MET LB 149 -11.33 49.45 42.95
C MET LB 149 -12.13 49.80 44.20
N VAL LB 150 -13.32 50.30 44.01
CA VAL LB 150 -14.27 50.49 45.09
C VAL LB 150 -14.63 49.13 45.66
N THR LB 151 -14.68 49.03 46.98
CA THR LB 151 -15.11 47.80 47.65
C THR LB 151 -16.15 48.14 48.71
N ARG LB 152 -17.23 47.39 48.73
CA ARG LB 152 -18.34 47.63 49.65
C ARG LB 152 -18.33 46.55 50.73
N VAL LB 153 -18.01 46.94 51.96
CA VAL LB 153 -18.01 46.04 53.10
C VAL LB 153 -19.29 46.25 53.87
N THR LB 154 -20.01 45.17 54.15
CA THR LB 154 -21.29 45.23 54.83
C THR LB 154 -21.36 44.15 55.90
N PRO LB 155 -21.37 44.53 57.17
CA PRO LB 155 -21.57 43.54 58.23
C PRO LB 155 -22.99 42.99 58.20
N GLU LB 156 -23.14 41.79 58.72
CA GLU LB 156 -24.44 41.14 58.76
C GLU LB 156 -25.43 41.98 59.55
N GLY LB 157 -26.67 42.04 59.07
CA GLY LB 157 -27.73 42.73 59.80
C GLY LB 157 -27.70 44.24 59.72
N SER LB 158 -27.02 44.81 58.73
CA SER LB 158 -26.98 46.27 58.62
C SER LB 158 -28.31 46.82 58.12
N GLU LB 159 -28.58 48.07 58.47
CA GLU LB 159 -29.73 48.80 57.94
C GLU LB 159 -29.24 50.10 57.32
N GLU LB 160 -29.91 50.52 56.25
CA GLU LB 160 -29.51 51.72 55.52
C GLU LB 160 -30.12 52.94 56.19
N TRP LB 161 -29.28 53.91 56.56
CA TRP LB 161 -29.80 55.14 57.13
C TRP LB 161 -30.22 56.09 56.02
N HIS MB 1 51.21 24.27 -110.92
CA HIS MB 1 51.85 24.62 -109.66
C HIS MB 1 52.36 26.06 -109.64
N PHE MB 2 53.13 26.37 -108.60
CA PHE MB 2 53.67 27.71 -108.38
C PHE MB 2 55.15 27.78 -108.74
N ASN MB 3 55.96 26.86 -108.22
CA ASN MB 3 57.40 26.83 -108.43
C ASN MB 3 58.02 28.22 -108.21
N VAL MB 4 57.68 28.79 -107.05
CA VAL MB 4 58.14 30.13 -106.73
C VAL MB 4 59.66 30.18 -106.68
N TYR MB 5 60.29 29.04 -106.45
CA TYR MB 5 61.73 28.96 -106.37
C TYR MB 5 62.39 29.05 -107.73
N LYS MB 6 61.72 29.46 -108.79
CA LYS MB 6 62.39 29.68 -110.06
C LYS MB 6 62.95 31.09 -110.20
N ALA MB 7 62.81 31.92 -109.18
CA ALA MB 7 63.37 33.27 -109.19
C ALA MB 7 64.45 33.46 -108.12
N THR MB 8 64.82 32.41 -107.41
CA THR MB 8 65.77 32.50 -106.31
C THR MB 8 66.92 31.54 -106.54
N ARG MB 9 68.10 31.90 -106.05
CA ARG MB 9 69.28 31.07 -106.25
C ARG MB 9 70.07 30.91 -104.97
N PRO MB 10 70.67 29.75 -104.77
CA PRO MB 10 71.66 29.60 -103.71
C PRO MB 10 72.83 30.56 -103.91
N TYR MB 11 73.41 30.98 -102.79
CA TYR MB 11 74.37 32.07 -102.80
C TYR MB 11 75.56 31.73 -101.91
N ILE MB 12 76.67 32.41 -102.18
CA ILE MB 12 77.92 32.24 -101.45
C ILE MB 12 77.98 33.28 -100.34
N ALA MB 13 78.14 32.83 -99.11
CA ALA MB 13 78.27 33.71 -97.95
C ALA MB 13 79.54 33.37 -97.19
N TYR MB 14 79.69 34.00 -96.03
CA TYR MB 14 80.87 33.86 -95.19
C TYR MB 14 80.54 32.98 -93.99
N CYS MB 15 81.38 32.00 -93.72
CA CYS MB 15 81.18 31.08 -92.60
C CYS MB 15 82.30 31.29 -91.59
N ALA MB 16 81.95 31.23 -90.31
CA ALA MB 16 82.93 31.49 -89.26
C ALA MB 16 84.07 30.48 -89.31
N ASP MB 17 83.73 29.20 -89.38
CA ASP MB 17 84.71 28.15 -89.63
C ASP MB 17 84.04 26.94 -90.26
N CYS MB 18 84.79 26.22 -91.10
CA CYS MB 18 84.23 25.15 -91.92
C CYS MB 18 84.41 23.79 -91.28
N GLY MB 19 84.36 23.72 -89.96
CA GLY MB 19 84.57 22.48 -89.25
C GLY MB 19 86.01 22.17 -88.95
N ALA MB 20 86.96 22.96 -89.45
CA ALA MB 20 88.37 22.71 -89.24
C ALA MB 20 89.10 23.89 -88.62
N GLY MB 21 88.38 24.88 -88.12
CA GLY MB 21 89.00 26.05 -87.54
C GLY MB 21 89.40 27.13 -88.51
N HIS MB 22 89.16 26.94 -89.80
CA HIS MB 22 89.46 27.94 -90.81
C HIS MB 22 88.17 28.49 -91.39
N SER MB 23 88.19 29.76 -91.76
CA SER MB 23 87.03 30.43 -92.33
C SER MB 23 87.12 30.41 -93.85
N CYS MB 24 86.08 29.92 -94.50
CA CYS MB 24 86.05 29.88 -95.95
C CYS MB 24 84.63 30.17 -96.40
N HIS MB 25 84.52 30.85 -97.54
CA HIS MB 25 83.21 31.23 -98.08
C HIS MB 25 82.48 29.99 -98.53
N SER MB 26 81.60 29.49 -97.70
CA SER MB 26 81.00 28.20 -98.00
C SER MB 26 79.63 28.38 -98.62
N PRO MB 27 79.29 27.55 -99.60
CA PRO MB 27 77.94 27.58 -100.18
C PRO MB 27 76.86 27.06 -99.25
N VAL MB 28 77.22 26.63 -98.05
CA VAL MB 28 76.25 26.06 -97.12
C VAL MB 28 76.24 26.91 -95.87
N ALA MB 29 76.47 28.21 -96.02
CA ALA MB 29 76.51 29.11 -94.89
C ALA MB 29 75.21 29.04 -94.10
N ILE MB 30 75.33 29.05 -92.78
CA ILE MB 30 74.19 28.87 -91.90
C ILE MB 30 73.82 30.21 -91.28
N GLU MB 31 72.58 30.62 -91.49
CA GLU MB 31 72.05 31.86 -90.94
C GLU MB 31 71.34 31.57 -89.63
N ALA MB 32 70.56 32.52 -89.12
CA ALA MB 32 70.01 32.40 -87.78
C ALA MB 32 69.11 31.17 -87.64
N VAL MB 33 69.04 30.64 -86.43
CA VAL MB 33 68.21 29.49 -86.11
C VAL MB 33 67.11 29.96 -85.17
N ARG MB 34 65.88 29.54 -85.43
CA ARG MB 34 64.74 29.93 -84.61
C ARG MB 34 64.28 28.73 -83.79
N SER MB 35 64.04 28.95 -82.50
CA SER MB 35 63.74 27.84 -81.61
C SER MB 35 62.59 28.17 -80.67
N GLU MB 36 61.50 28.71 -81.21
CA GLU MB 36 60.36 29.09 -80.38
C GLU MB 36 59.29 28.01 -80.34
N ALA MB 37 59.68 26.74 -80.45
CA ALA MB 37 58.74 25.63 -80.36
C ALA MB 37 58.89 24.98 -79.00
N THR MB 38 57.77 24.61 -78.38
CA THR MB 38 57.83 24.07 -77.04
C THR MB 38 58.55 22.73 -76.99
N ASP MB 39 58.30 21.85 -77.96
CA ASP MB 39 59.03 20.58 -77.97
C ASP MB 39 60.50 20.74 -78.29
N GLY MB 40 60.89 21.84 -78.90
CA GLY MB 40 62.30 22.06 -79.15
C GLY MB 40 62.75 21.57 -80.49
N MET MB 41 61.95 21.84 -81.53
CA MET MB 41 62.33 21.52 -82.90
C MET MB 41 62.91 22.77 -83.52
N LEU MB 42 64.18 22.71 -83.89
CA LEU MB 42 64.86 23.89 -84.41
C LEU MB 42 64.40 24.17 -85.83
N LYS MB 43 64.81 25.32 -86.36
CA LYS MB 43 64.57 25.68 -87.75
C LYS MB 43 65.83 26.31 -88.32
N ILE MB 44 66.73 25.46 -88.79
CA ILE MB 44 67.96 26.00 -89.35
C ILE MB 44 67.69 26.59 -90.72
N GLN MB 45 68.47 27.60 -91.08
CA GLN MB 45 68.28 28.30 -92.35
C GLN MB 45 69.59 28.28 -93.13
N PHE MB 46 69.60 27.62 -94.29
CA PHE MB 46 70.79 27.51 -95.11
C PHE MB 46 71.15 28.82 -95.78
N SER MB 47 72.16 28.73 -96.64
CA SER MB 47 72.34 29.61 -97.78
C SER MB 47 72.19 28.86 -99.10
N ALA MB 48 71.91 27.55 -99.06
CA ALA MB 48 71.75 26.73 -100.25
C ALA MB 48 70.41 26.03 -100.16
N GLN MB 49 69.50 26.38 -101.07
CA GLN MB 49 68.11 25.98 -100.95
C GLN MB 49 67.87 24.58 -101.49
N ILE MB 50 67.11 23.80 -100.73
CA ILE MB 50 67.06 22.35 -100.87
C ILE MB 50 65.62 21.92 -101.07
N GLY MB 51 65.43 20.87 -101.86
CA GLY MB 51 64.13 20.45 -102.32
C GLY MB 51 63.85 20.76 -103.77
N ILE MB 52 64.75 21.47 -104.43
CA ILE MB 52 64.60 21.85 -105.84
C ILE MB 52 65.86 21.41 -106.57
N ASP MB 53 65.70 20.93 -107.80
CA ASP MB 53 66.85 20.52 -108.59
C ASP MB 53 67.39 21.71 -109.37
N LYS MB 54 68.46 21.48 -110.13
CA LYS MB 54 69.11 22.57 -110.85
C LYS MB 54 68.16 23.21 -111.86
N SER MB 55 67.35 22.41 -112.53
CA SER MB 55 66.50 22.88 -113.63
C SER MB 55 65.14 23.38 -113.17
N ASP MB 56 65.02 23.81 -111.91
CA ASP MB 56 63.84 24.45 -111.36
C ASP MB 56 62.63 23.54 -111.27
N ASN MB 57 62.81 22.24 -111.04
CA ASN MB 57 61.69 21.33 -110.85
C ASN MB 57 61.73 20.73 -109.44
N HIS MB 58 60.55 20.36 -108.95
CA HIS MB 58 60.49 19.68 -107.66
C HIS MB 58 61.12 18.30 -107.76
N ASP MB 59 61.88 17.95 -106.73
CA ASP MB 59 62.57 16.67 -106.71
C ASP MB 59 63.02 16.38 -105.29
N TYR MB 60 62.76 15.16 -104.84
CA TYR MB 60 63.13 14.76 -103.49
C TYR MB 60 64.59 14.38 -103.37
N THR MB 61 65.33 14.37 -104.46
CA THR MB 61 66.70 13.85 -104.45
C THR MB 61 67.75 14.90 -104.75
N LYS MB 62 67.41 16.00 -105.38
CA LYS MB 62 68.41 16.98 -105.71
C LYS MB 62 68.35 18.20 -104.79
N ILE MB 63 69.51 18.82 -104.60
CA ILE MB 63 69.68 20.04 -103.80
C ILE MB 63 70.52 21.02 -104.59
N ARG MB 64 69.99 22.22 -104.80
CA ARG MB 64 70.74 23.24 -105.50
C ARG MB 64 71.76 23.86 -104.57
N TYR MB 65 72.90 24.25 -105.13
CA TYR MB 65 73.85 25.07 -104.39
C TYR MB 65 74.72 25.82 -105.38
N ALA MB 66 75.29 26.92 -104.91
CA ALA MB 66 76.11 27.77 -105.75
C ALA MB 66 77.57 27.35 -105.70
N ASP MB 67 78.27 27.58 -106.80
CA ASP MB 67 79.70 27.29 -106.92
C ASP MB 67 80.21 28.19 -108.04
N GLY MB 68 81.05 29.14 -107.66
CA GLY MB 68 81.64 30.07 -108.60
C GLY MB 68 80.67 30.63 -109.62
N HIS MB 69 79.64 31.34 -109.13
CA HIS MB 69 78.59 31.90 -109.98
C HIS MB 69 78.11 30.89 -111.02
N ALA MB 70 77.83 29.68 -110.55
CA ALA MB 70 77.16 28.66 -111.34
C ALA MB 70 76.43 27.73 -110.40
N ILE MB 71 75.19 27.39 -110.72
CA ILE MB 71 74.34 26.60 -109.86
C ILE MB 71 74.45 25.14 -110.26
N GLU MB 72 74.66 24.26 -109.29
CA GLU MB 72 74.58 22.83 -109.57
C GLU MB 72 73.80 22.13 -108.47
N ASN MB 73 73.79 20.80 -108.52
CA ASN MB 73 72.95 20.01 -107.64
C ASN MB 73 73.76 18.91 -106.98
N ALA MB 74 73.32 18.51 -105.79
CA ALA MB 74 73.93 17.43 -105.04
C ALA MB 74 72.84 16.56 -104.44
N VAL MB 75 73.20 15.33 -104.07
CA VAL MB 75 72.21 14.35 -103.64
C VAL MB 75 71.71 14.72 -102.25
N ARG MB 76 70.43 14.47 -102.00
CA ARG MB 76 69.79 14.88 -100.75
C ARG MB 76 70.32 14.10 -99.56
N SER MB 77 70.61 12.83 -99.72
CA SER MB 77 71.31 12.15 -98.65
C SER MB 77 72.67 12.79 -98.47
N SER MB 78 73.32 12.47 -97.35
CA SER MB 78 74.50 13.15 -96.85
C SER MB 78 74.19 14.53 -96.31
N LEU MB 79 72.92 14.87 -96.11
CA LEU MB 79 72.56 16.10 -95.40
C LEU MB 79 72.65 15.81 -93.91
N LYS MB 80 73.74 16.22 -93.28
CA LYS MB 80 73.98 15.89 -91.88
C LYS MB 80 73.97 17.14 -91.02
N VAL MB 81 73.09 17.15 -90.02
CA VAL MB 81 73.03 18.22 -89.04
C VAL MB 81 73.40 17.63 -87.69
N ALA MB 82 74.33 18.27 -86.99
CA ALA MB 82 74.90 17.64 -85.82
C ALA MB 82 75.14 18.64 -84.70
N THR MB 83 75.12 18.11 -83.49
CA THR MB 83 75.49 18.83 -82.27
C THR MB 83 76.36 17.82 -81.51
N SER MB 84 76.51 18.03 -80.21
CA SER MB 84 77.24 17.09 -79.36
C SER MB 84 76.87 15.64 -79.68
N GLY MB 85 75.62 15.40 -80.02
CA GLY MB 85 75.20 14.07 -80.44
C GLY MB 85 75.05 13.96 -81.95
N ASP MB 86 73.87 13.58 -82.41
CA ASP MB 86 73.63 13.47 -83.84
C ASP MB 86 72.14 13.63 -84.09
N CYS MB 87 71.76 14.62 -84.88
CA CYS MB 87 70.39 15.08 -84.96
C CYS MB 87 69.55 14.21 -85.89
N PHE MB 88 68.24 14.45 -85.85
CA PHE MB 88 67.29 13.78 -86.73
C PHE MB 88 66.49 14.83 -87.48
N VAL MB 89 66.38 14.67 -88.80
CA VAL MB 89 65.74 15.65 -89.66
C VAL MB 89 64.29 15.26 -89.86
N HIS MB 90 63.38 16.21 -89.65
CA HIS MB 90 61.96 15.93 -89.76
C HIS MB 90 61.35 16.51 -91.03
N GLY MB 91 61.57 17.81 -91.27
CA GLY MB 91 61.05 18.48 -92.43
C GLY MB 91 62.17 18.96 -93.34
N THR MB 92 61.78 19.39 -94.54
CA THR MB 92 62.73 19.86 -95.52
C THR MB 92 62.05 20.60 -96.66
N MET MB 93 62.37 21.88 -96.86
CA MET MB 93 61.88 22.60 -98.03
C MET MB 93 62.59 23.93 -98.17
N GLY MB 94 62.94 24.31 -99.40
CA GLY MB 94 63.50 25.64 -99.62
C GLY MB 94 64.81 25.81 -98.89
N HIS MB 95 64.91 26.90 -98.13
CA HIS MB 95 66.11 27.17 -97.33
C HIS MB 95 66.10 26.50 -95.96
N PHE MB 96 64.99 25.94 -95.54
CA PHE MB 96 64.77 25.69 -94.11
C PHE MB 96 64.81 24.21 -93.78
N ILE MB 97 65.37 23.89 -92.62
CA ILE MB 97 65.43 22.53 -92.11
C ILE MB 97 64.79 22.46 -90.75
N LEU MB 98 63.89 21.50 -90.57
CA LEU MB 98 63.37 21.15 -89.26
C LEU MB 98 64.17 19.99 -88.69
N ALA MB 99 64.68 20.14 -87.47
CA ALA MB 99 65.54 19.13 -86.90
C ALA MB 99 65.31 19.03 -85.40
N LYS MB 100 65.66 17.88 -84.86
CA LYS MB 100 65.69 17.64 -83.41
C LYS MB 100 67.10 17.23 -83.04
N CYS MB 101 67.63 17.78 -81.96
CA CYS MB 101 69.00 17.46 -81.60
C CYS MB 101 69.11 17.18 -80.11
N PRO MB 102 70.10 16.39 -79.70
CA PRO MB 102 70.38 16.23 -78.29
C PRO MB 102 71.08 17.46 -77.74
N PRO MB 103 71.06 17.67 -76.42
CA PRO MB 103 71.66 18.88 -75.87
C PRO MB 103 73.15 18.99 -76.15
N GLY MB 104 73.60 20.22 -76.40
CA GLY MB 104 74.97 20.44 -76.81
C GLY MB 104 75.27 21.93 -76.80
N GLU MB 105 76.39 22.29 -77.41
CA GLU MB 105 76.89 23.67 -77.37
C GLU MB 105 77.15 24.26 -78.74
N PHE MB 106 76.87 23.54 -79.82
CA PHE MB 106 77.09 24.06 -81.17
C PHE MB 106 76.31 23.19 -82.14
N LEU MB 107 76.22 23.64 -83.39
CA LEU MB 107 75.64 22.76 -84.39
C LEU MB 107 76.23 23.07 -85.75
N GLN MB 108 76.43 22.02 -86.54
CA GLN MB 108 76.95 22.18 -87.90
C GLN MB 108 76.03 21.50 -88.89
N VAL MB 109 76.08 21.98 -90.13
CA VAL MB 109 75.37 21.39 -91.25
C VAL MB 109 76.38 21.07 -92.34
N SER MB 110 76.23 19.89 -92.95
CA SER MB 110 77.20 19.42 -93.94
C SER MB 110 76.49 18.67 -95.05
N ILE MB 111 77.08 18.75 -96.25
CA ILE MB 111 76.57 18.05 -97.43
C ILE MB 111 77.77 17.62 -98.25
N GLN MB 112 77.55 16.67 -99.17
CA GLN MB 112 78.58 16.32 -100.13
C GLN MB 112 78.56 17.27 -101.32
N ASP MB 113 79.71 17.40 -101.97
CA ASP MB 113 79.85 18.25 -103.14
C ASP MB 113 79.50 17.43 -104.38
N THR MB 114 79.80 17.96 -105.57
CA THR MB 114 79.74 17.13 -106.76
C THR MB 114 80.94 16.18 -106.82
N ARG MB 115 82.11 16.66 -106.42
CA ARG MB 115 83.30 15.83 -106.35
C ARG MB 115 83.40 15.07 -105.03
N ASN MB 116 82.28 14.88 -104.34
CA ASN MB 116 82.21 14.03 -103.15
C ASN MB 116 83.16 14.50 -102.05
N ALA MB 117 83.21 15.81 -101.84
CA ALA MB 117 83.93 16.41 -100.74
C ALA MB 117 82.93 17.05 -99.79
N VAL MB 118 83.12 16.89 -98.49
CA VAL MB 118 82.17 17.45 -97.54
C VAL MB 118 82.34 18.96 -97.46
N ARG MB 119 81.24 19.69 -97.57
CA ARG MB 119 81.20 21.11 -97.29
C ARG MB 119 80.31 21.28 -96.06
N ALA MB 120 80.81 21.98 -95.06
CA ALA MB 120 80.12 22.11 -93.79
C ALA MB 120 80.33 23.51 -93.23
N CYS MB 121 79.43 23.87 -92.31
CA CYS MB 121 79.58 25.11 -91.54
C CYS MB 121 78.96 24.89 -90.19
N ARG MB 122 79.67 25.29 -89.13
CA ARG MB 122 79.21 25.11 -87.75
C ARG MB 122 79.07 26.47 -87.09
N ILE MB 123 78.13 26.58 -86.17
CA ILE MB 123 77.91 27.83 -85.47
C ILE MB 123 77.68 27.54 -84.00
N GLN MB 124 78.14 28.47 -83.17
CA GLN MB 124 77.95 28.37 -81.72
C GLN MB 124 76.49 28.62 -81.38
N TYR MB 125 75.93 27.76 -80.54
CA TYR MB 125 74.52 27.86 -80.19
C TYR MB 125 74.29 27.03 -78.94
N HIS MB 126 73.70 27.65 -77.92
CA HIS MB 126 73.48 26.98 -76.64
C HIS MB 126 72.12 26.32 -76.66
N HIS MB 127 72.06 25.07 -77.09
CA HIS MB 127 70.82 24.32 -77.19
C HIS MB 127 70.64 23.46 -75.96
N ASP MB 128 69.49 23.58 -75.31
CA ASP MB 128 69.24 22.82 -74.09
C ASP MB 128 67.74 22.75 -73.82
N PRO MB 129 67.04 21.81 -74.44
CA PRO MB 129 65.57 21.78 -74.34
C PRO MB 129 65.09 21.41 -72.96
N GLN MB 130 63.87 21.79 -72.67
CA GLN MB 130 63.18 21.33 -71.47
C GLN MB 130 61.72 21.01 -71.83
N PRO MB 131 61.25 19.81 -71.55
CA PRO MB 131 59.89 19.45 -71.92
C PRO MB 131 58.87 20.25 -71.12
N VAL MB 132 57.69 20.43 -71.71
CA VAL MB 132 56.63 21.14 -71.02
C VAL MB 132 56.10 20.30 -69.87
N GLY MB 133 55.79 20.94 -68.76
CA GLY MB 133 55.27 20.25 -67.61
C GLY MB 133 56.10 20.56 -66.40
N ARG MB 134 56.13 19.62 -65.46
CA ARG MB 134 56.88 19.78 -64.22
C ARG MB 134 57.95 18.71 -64.05
N GLU MB 135 58.16 17.84 -65.03
CA GLU MB 135 59.17 16.80 -64.93
C GLU MB 135 60.10 16.89 -66.13
N LYS MB 136 61.39 16.68 -65.88
CA LYS MB 136 62.38 16.74 -66.95
C LYS MB 136 62.66 15.34 -67.51
N PHE MB 137 61.61 14.69 -68.00
CA PHE MB 137 61.78 13.37 -68.56
C PHE MB 137 62.55 13.44 -69.87
N THR MB 138 63.14 12.31 -70.25
CA THR MB 138 63.94 12.27 -71.46
C THR MB 138 63.13 11.90 -72.69
N ILE MB 139 62.44 10.75 -72.65
CA ILE MB 139 61.62 10.31 -73.77
C ILE MB 139 60.24 9.95 -73.26
N ARG MB 140 59.25 10.09 -74.14
CA ARG MB 140 57.87 9.98 -73.74
C ARG MB 140 57.55 8.58 -73.23
N PRO MB 141 56.66 8.46 -72.26
CA PRO MB 141 56.35 7.15 -71.70
C PRO MB 141 55.18 6.51 -72.40
N HIS MB 142 54.78 5.33 -71.94
CA HIS MB 142 53.63 4.63 -72.49
C HIS MB 142 52.39 4.74 -71.60
N TYR MB 143 52.39 5.64 -70.62
CA TYR MB 143 51.21 5.89 -69.80
C TYR MB 143 51.39 7.22 -69.09
N GLY MB 144 50.48 8.16 -69.32
CA GLY MB 144 50.62 9.46 -68.71
C GLY MB 144 49.52 10.40 -69.13
N LYS MB 145 49.72 11.67 -68.83
CA LYS MB 145 48.75 12.71 -69.14
C LYS MB 145 49.09 13.34 -70.48
N GLU MB 146 48.11 14.07 -71.03
CA GLU MB 146 48.29 14.81 -72.27
C GLU MB 146 48.26 16.30 -71.94
N ILE MB 147 49.30 17.02 -72.34
CA ILE MB 147 49.49 18.42 -72.02
C ILE MB 147 49.68 19.18 -73.33
N PRO MB 148 49.04 20.32 -73.53
CA PRO MB 148 49.22 21.06 -74.79
C PRO MB 148 50.61 21.65 -74.92
N CYS MB 149 51.06 21.77 -76.15
CA CYS MB 149 52.36 22.37 -76.49
C CYS MB 149 52.31 22.81 -77.94
N THR MB 150 53.40 23.37 -78.44
CA THR MB 150 53.42 23.89 -79.81
C THR MB 150 54.65 23.42 -80.55
N THR MB 151 54.45 23.01 -81.81
CA THR MB 151 55.54 22.60 -82.68
C THR MB 151 55.32 23.18 -84.06
N TYR MB 152 56.29 22.97 -84.93
CA TYR MB 152 56.14 23.33 -86.33
C TYR MB 152 55.48 22.19 -87.08
N GLN MB 153 54.68 22.52 -88.09
CA GLN MB 153 54.04 21.51 -88.90
C GLN MB 153 54.74 21.36 -90.23
N GLN MB 154 54.60 20.17 -90.82
CA GLN MB 154 55.24 19.89 -92.10
C GLN MB 154 54.47 20.44 -93.30
N THR MB 155 53.26 20.95 -93.08
CA THR MB 155 52.52 21.55 -94.18
C THR MB 155 53.24 22.80 -94.68
N THR MB 156 53.16 23.03 -95.97
CA THR MB 156 53.87 24.12 -96.63
C THR MB 156 52.91 25.10 -97.28
N ALA MB 157 51.75 25.30 -96.67
CA ALA MB 157 50.72 26.18 -97.19
C ALA MB 157 51.00 27.65 -96.89
N LYS MB 158 50.00 28.49 -97.09
CA LYS MB 158 50.14 29.91 -96.77
C LYS MB 158 50.39 30.09 -95.28
N THR MB 159 51.32 30.98 -94.94
CA THR MB 159 51.85 31.03 -93.59
C THR MB 159 51.86 32.40 -92.95
N VAL MB 160 51.82 33.48 -93.72
CA VAL MB 160 51.97 34.84 -93.19
C VAL MB 160 53.31 34.95 -92.47
N GLU MB 161 54.41 34.75 -93.21
CA GLU MB 161 55.75 35.02 -92.72
C GLU MB 161 56.56 35.64 -93.86
N GLU MB 162 57.70 36.24 -93.54
CA GLU MB 162 58.36 37.10 -94.51
C GLU MB 162 59.82 36.74 -94.66
N ILE MB 163 60.26 36.64 -95.91
CA ILE MB 163 61.68 36.66 -96.27
C ILE MB 163 61.89 37.80 -97.25
N ASP MB 164 62.95 38.58 -97.02
CA ASP MB 164 63.28 39.71 -97.88
C ASP MB 164 64.25 39.31 -98.99
N MET MB 165 63.89 39.67 -100.21
CA MET MB 165 64.59 39.26 -101.41
C MET MB 165 65.15 40.50 -102.09
N HIS MB 166 66.25 40.37 -102.84
CA HIS MB 166 66.67 41.47 -103.70
C HIS MB 166 67.69 40.99 -104.72
N MET MB 167 68.06 41.91 -105.60
CA MET MB 167 68.92 41.56 -106.74
C MET MB 167 70.36 41.39 -106.28
N PRO MB 168 71.12 40.49 -106.90
CA PRO MB 168 72.51 40.28 -106.48
C PRO MB 168 73.37 41.47 -106.88
N PRO MB 169 74.46 41.71 -106.17
CA PRO MB 169 75.40 42.76 -106.58
C PRO MB 169 76.27 42.28 -107.74
N ASP MB 170 77.24 43.11 -108.08
CA ASP MB 170 78.14 42.81 -109.19
C ASP MB 170 79.28 41.94 -108.68
N THR MB 171 79.26 40.66 -109.03
CA THR MB 171 80.25 39.74 -108.48
C THR MB 171 81.55 39.86 -109.25
N PRO MB 172 82.68 40.12 -108.59
CA PRO MB 172 83.93 40.27 -109.32
C PRO MB 172 84.64 38.94 -109.52
N ASP MB 173 85.29 38.84 -110.68
CA ASP MB 173 86.15 37.71 -111.00
C ASP MB 173 87.45 38.24 -111.59
N ARG MB 174 88.55 37.58 -111.27
CA ARG MB 174 89.82 37.90 -111.88
C ARG MB 174 90.39 36.75 -112.69
N THR MB 175 89.76 35.57 -112.64
CA THR MB 175 90.19 34.46 -113.47
C THR MB 175 89.81 34.64 -114.92
N LEU MB 176 88.93 35.59 -115.23
CA LEU MB 176 88.51 35.82 -116.61
C LEU MB 176 89.50 36.66 -117.40
N LEU MB 177 90.51 37.21 -116.74
CA LEU MB 177 91.57 37.95 -117.43
C LEU MB 177 92.58 36.96 -117.97
N SER MB 178 92.84 36.99 -119.27
CA SER MB 178 93.87 36.16 -119.88
C SER MB 178 94.87 37.07 -120.58
N GLN MB 179 96.03 37.28 -119.97
CA GLN MB 179 97.08 38.11 -120.54
C GLN MB 179 97.96 37.26 -121.43
N GLN MB 180 97.93 37.51 -122.74
CA GLN MB 180 98.70 36.70 -123.67
C GLN MB 180 100.06 37.32 -123.99
N SER MB 181 100.07 38.46 -124.68
CA SER MB 181 101.30 39.21 -124.93
C SER MB 181 100.92 40.67 -125.17
N GLY MB 182 101.06 41.49 -124.13
CA GLY MB 182 100.66 42.88 -124.25
C GLY MB 182 99.18 43.08 -124.52
N ASN MB 183 98.38 42.05 -124.33
CA ASN MB 183 96.95 42.13 -124.59
C ASN MB 183 96.23 41.15 -123.66
N VAL MB 184 94.94 41.41 -123.44
CA VAL MB 184 94.14 40.62 -122.52
C VAL MB 184 92.90 40.12 -123.24
N LYS MB 185 92.36 39.02 -122.73
CA LYS MB 185 91.10 38.44 -123.20
C LYS MB 185 90.16 38.27 -122.02
N ILE MB 186 88.88 38.52 -122.26
CA ILE MB 186 87.85 38.42 -121.24
C ILE MB 186 86.95 37.24 -121.59
N THR MB 187 86.85 36.30 -120.66
CA THR MB 187 86.09 35.08 -120.93
C THR MB 187 84.59 35.37 -120.93
N VAL MB 188 83.87 34.60 -121.74
CA VAL MB 188 82.42 34.75 -121.92
C VAL MB 188 81.78 33.37 -121.72
N GLY MB 189 80.49 33.26 -122.01
CA GLY MB 189 79.78 32.02 -121.81
C GLY MB 189 78.35 32.20 -121.39
N GLY MB 190 77.88 33.45 -121.42
CA GLY MB 190 76.50 33.74 -121.12
C GLY MB 190 76.38 34.81 -120.05
N LYS MB 191 77.53 35.22 -119.53
CA LYS MB 191 77.58 36.21 -118.46
C LYS MB 191 78.04 37.52 -119.05
N LYS MB 192 77.21 38.55 -118.95
CA LYS MB 192 77.59 39.89 -119.38
C LYS MB 192 78.36 40.55 -118.25
N VAL MB 193 79.53 41.05 -118.55
CA VAL MB 193 80.44 41.51 -117.52
C VAL MB 193 80.75 43.00 -117.72
N LYS MB 194 81.06 43.67 -116.62
CA LYS MB 194 81.47 45.07 -116.62
C LYS MB 194 82.99 45.16 -116.59
N TYR MB 195 83.53 46.22 -117.18
CA TYR MB 195 84.97 46.40 -117.15
C TYR MB 195 85.33 47.83 -116.81
N ASN MB 196 86.42 47.98 -116.07
CA ASN MB 196 87.02 49.28 -115.78
C ASN MB 196 88.54 49.12 -115.91
N CYS MB 197 89.10 49.66 -117.00
CA CYS MB 197 90.54 49.64 -117.25
C CYS MB 197 90.99 51.08 -117.47
N THR MB 198 91.82 51.60 -116.56
CA THR MB 198 92.36 52.95 -116.69
C THR MB 198 93.67 52.93 -117.49
N CYS MB 199 93.54 52.59 -118.77
CA CYS MB 199 94.67 52.54 -119.69
C CYS MB 199 94.30 53.36 -120.93
N GLY MB 200 94.72 54.62 -120.95
CA GLY MB 200 94.45 55.49 -122.08
C GLY MB 200 93.12 56.22 -121.95
N THR MB 201 92.30 56.14 -122.99
CA THR MB 201 91.00 56.80 -122.99
C THR MB 201 89.99 55.94 -122.22
N GLY MB 202 88.71 56.30 -122.31
CA GLY MB 202 87.66 55.55 -121.63
C GLY MB 202 87.55 54.11 -122.07
N ASN MB 203 87.57 53.19 -121.12
CA ASN MB 203 87.44 51.75 -121.37
C ASN MB 203 86.46 51.13 -120.38
N VAL MB 204 85.29 51.76 -120.24
CA VAL MB 204 84.28 51.32 -119.31
C VAL MB 204 83.04 50.86 -120.07
N GLY MB 205 82.26 50.00 -119.42
CA GLY MB 205 81.03 49.49 -119.98
C GLY MB 205 80.92 47.99 -119.83
N THR MB 206 79.84 47.45 -120.39
CA THR MB 206 79.57 46.02 -120.36
C THR MB 206 79.77 45.41 -121.73
N THR MB 207 79.74 44.08 -121.77
CA THR MB 207 79.92 43.35 -123.01
C THR MB 207 79.37 41.94 -122.87
N ASN MB 208 79.18 41.27 -124.01
CA ASN MB 208 78.83 39.86 -124.06
C ASN MB 208 79.80 39.07 -124.95
N SER MB 209 80.96 39.63 -125.25
CA SER MB 209 81.87 39.02 -126.22
C SER MB 209 83.31 39.32 -125.85
N ASP MB 210 84.22 38.58 -126.48
CA ASP MB 210 85.65 38.73 -126.23
C ASP MB 210 86.16 40.06 -126.78
N MET MB 211 87.25 40.55 -126.20
CA MET MB 211 88.00 41.66 -126.77
C MET MB 211 89.44 41.61 -126.32
N THR MB 212 90.25 42.50 -126.90
CA THR MB 212 91.61 42.75 -126.47
C THR MB 212 91.80 44.25 -126.26
N ILE MB 213 92.53 44.62 -125.20
CA ILE MB 213 92.78 46.03 -124.92
C ILE MB 213 94.06 46.45 -125.61
N ASN MB 214 95.00 45.52 -125.75
CA ASN MB 214 96.27 45.68 -126.46
C ASN MB 214 97.16 46.76 -125.88
N THR MB 215 96.77 47.39 -124.76
CA THR MB 215 97.50 48.53 -124.23
C THR MB 215 98.25 48.19 -122.94
N CYS MB 216 97.56 47.65 -121.94
CA CYS MB 216 98.13 47.42 -120.62
C CYS MB 216 97.94 45.97 -120.22
N LEU MB 217 98.43 45.64 -119.03
CA LEU MB 217 98.34 44.29 -118.49
C LEU MB 217 97.04 44.14 -117.70
N ILE MB 218 96.91 43.03 -116.95
CA ILE MB 218 95.71 42.76 -116.16
C ILE MB 218 95.74 43.47 -114.81
N GLU MB 219 96.72 44.34 -114.57
CA GLU MB 219 96.83 45.02 -113.29
C GLU MB 219 95.72 46.04 -113.07
N GLN MB 220 95.04 46.46 -114.12
CA GLN MB 220 93.98 47.47 -113.99
C GLN MB 220 92.61 47.00 -114.44
N CYS MB 221 92.53 46.12 -115.44
CA CYS MB 221 91.24 45.64 -115.91
C CYS MB 221 90.55 44.81 -114.85
N HIS MB 222 89.23 44.96 -114.75
CA HIS MB 222 88.45 44.23 -113.77
C HIS MB 222 87.15 43.73 -114.41
N VAL MB 223 86.75 42.54 -114.00
CA VAL MB 223 85.56 41.90 -114.53
C VAL MB 223 84.55 41.73 -113.40
N SER MB 224 83.33 42.21 -113.63
CA SER MB 224 82.27 42.15 -112.64
C SER MB 224 81.04 41.59 -113.32
N VAL MB 225 80.83 40.27 -113.17
CA VAL MB 225 79.64 39.65 -113.74
C VAL MB 225 78.40 40.21 -113.05
N THR MB 226 77.41 40.58 -113.84
CA THR MB 226 76.21 41.26 -113.36
C THR MB 226 74.95 40.46 -113.64
N ASP MB 227 74.99 39.16 -113.35
CA ASP MB 227 73.81 38.31 -113.46
C ASP MB 227 72.64 38.96 -112.75
N HIS MB 228 71.58 39.25 -113.50
CA HIS MB 228 70.57 40.19 -113.07
C HIS MB 228 69.17 39.61 -113.22
N LYS MB 229 69.04 38.29 -113.12
CA LYS MB 229 67.82 37.61 -113.52
C LYS MB 229 67.13 36.89 -112.37
N LYS MB 230 67.68 36.93 -111.16
CA LYS MB 230 67.08 36.17 -110.08
C LYS MB 230 67.38 36.77 -108.71
N TRP MB 231 66.39 36.81 -107.83
CA TRP MB 231 66.58 37.32 -106.49
C TRP MB 231 67.47 36.38 -105.68
N GLN MB 232 68.27 36.95 -104.75
CA GLN MB 232 69.27 36.16 -104.06
C GLN MB 232 68.98 36.00 -102.57
N PHE MB 233 69.01 37.08 -101.79
CA PHE MB 233 68.55 37.14 -100.40
C PHE MB 233 68.87 38.52 -99.84
N ASN MB 234 68.26 38.88 -98.71
CA ASN MB 234 68.72 40.01 -97.93
C ASN MB 234 69.54 39.43 -96.78
N SER MB 235 70.83 39.22 -97.03
CA SER MB 235 71.71 38.68 -96.02
C SER MB 235 72.71 39.73 -95.57
N PRO MB 236 73.05 39.76 -94.28
CA PRO MB 236 74.02 40.75 -93.81
C PRO MB 236 75.41 40.52 -94.35
N PHE MB 237 75.70 39.35 -94.92
CA PHE MB 237 77.06 39.04 -95.33
C PHE MB 237 77.34 39.34 -96.80
N VAL MB 238 76.38 39.85 -97.55
CA VAL MB 238 76.65 40.19 -98.95
C VAL MB 238 76.29 41.66 -99.18
N PRO MB 239 77.02 42.37 -100.02
CA PRO MB 239 76.73 43.79 -100.23
C PRO MB 239 75.41 44.01 -100.94
N ARG MB 240 75.04 45.27 -101.13
CA ARG MB 240 73.82 45.64 -101.81
C ARG MB 240 74.15 46.52 -103.00
N ALA MB 241 73.23 46.56 -103.96
CA ALA MB 241 73.47 47.20 -105.25
C ALA MB 241 73.14 48.69 -105.28
N ASP MB 242 71.97 49.10 -104.80
CA ASP MB 242 71.56 50.49 -104.85
C ASP MB 242 71.21 50.99 -103.46
N GLU MB 243 71.33 52.30 -103.27
CA GLU MB 243 71.17 52.89 -101.95
C GLU MB 243 69.76 52.72 -101.36
N PRO MB 244 68.65 52.91 -102.08
CA PRO MB 244 67.34 52.86 -101.41
C PRO MB 244 66.73 51.48 -101.32
N ALA MB 245 67.40 50.46 -101.87
CA ALA MB 245 66.91 49.08 -101.89
C ALA MB 245 65.64 48.92 -102.71
N ARG MB 246 65.33 47.68 -103.10
CA ARG MB 246 64.14 47.39 -103.88
C ARG MB 246 63.22 46.44 -103.12
N LYS MB 247 63.78 45.38 -102.53
CA LYS MB 247 63.07 44.49 -101.61
C LYS MB 247 62.04 43.61 -102.30
N GLY MB 248 61.84 42.43 -101.74
CA GLY MB 248 60.86 41.48 -102.24
C GLY MB 248 60.46 40.54 -101.12
N LYS MB 249 59.36 39.84 -101.33
CA LYS MB 249 58.71 39.17 -100.22
C LYS MB 249 58.39 37.74 -100.60
N VAL MB 250 58.83 36.81 -99.75
CA VAL MB 250 58.57 35.39 -99.98
C VAL MB 250 58.12 34.71 -98.70
N HIS MB 251 57.11 33.84 -98.79
CA HIS MB 251 56.64 33.13 -97.61
C HIS MB 251 57.63 32.05 -97.21
N ILE MB 252 57.59 31.65 -95.94
CA ILE MB 252 58.47 30.61 -95.43
C ILE MB 252 57.65 29.34 -95.33
N PRO MB 253 58.27 28.18 -95.31
CA PRO MB 253 57.52 26.94 -95.06
C PRO MB 253 57.39 26.68 -93.56
N PHE MB 254 56.58 25.67 -93.23
CA PHE MB 254 56.44 25.16 -91.88
C PHE MB 254 55.99 26.21 -90.87
N PRO MB 255 54.73 26.61 -90.88
CA PRO MB 255 54.25 27.52 -89.84
C PRO MB 255 54.21 26.83 -88.48
N LEU MB 256 53.82 27.59 -87.47
CA LEU MB 256 53.74 27.08 -86.12
C LEU MB 256 52.31 26.66 -85.79
N ASP MB 257 52.17 25.59 -85.03
CA ASP MB 257 50.86 25.05 -84.71
C ASP MB 257 50.90 24.41 -83.34
N ASN MB 258 49.73 24.07 -82.84
CA ASN MB 258 49.56 23.63 -81.45
C ASN MB 258 49.02 22.20 -81.41
N ILE MB 259 49.65 21.37 -80.58
CA ILE MB 259 49.34 19.94 -80.48
C ILE MB 259 49.34 19.55 -79.02
N THR MB 260 49.25 18.25 -78.74
CA THR MB 260 49.35 17.73 -77.39
C THR MB 260 50.49 16.73 -77.31
N CYS MB 261 51.27 16.80 -76.24
CA CYS MB 261 52.31 15.82 -75.97
C CYS MB 261 51.96 15.06 -74.69
N ARG MB 262 52.76 14.04 -74.38
CA ARG MB 262 52.47 13.17 -73.25
C ARG MB 262 53.54 13.32 -72.19
N VAL MB 263 53.11 13.38 -70.94
CA VAL MB 263 54.04 13.54 -69.82
C VAL MB 263 53.77 12.46 -68.80
N PRO MB 264 54.80 11.91 -68.17
CA PRO MB 264 54.59 10.82 -67.22
C PRO MB 264 54.05 11.35 -65.90
N MET MB 265 53.53 10.42 -65.10
CA MET MB 265 52.99 10.73 -63.79
C MET MB 265 53.86 10.06 -62.75
N ALA MB 266 54.51 10.85 -61.90
CA ALA MB 266 55.46 10.30 -60.95
C ALA MB 266 54.73 9.54 -59.85
N ARG MB 267 55.48 8.72 -59.12
CA ARG MB 267 54.89 7.81 -58.15
C ARG MB 267 54.24 8.57 -57.01
N GLU MB 268 53.22 7.97 -56.43
CA GLU MB 268 52.59 8.55 -55.26
C GLU MB 268 53.51 8.41 -54.07
N PRO MB 269 53.83 9.49 -53.35
CA PRO MB 269 54.78 9.40 -52.26
C PRO MB 269 54.21 8.69 -51.05
N THR MB 270 55.10 8.10 -50.27
CA THR MB 270 54.73 7.44 -49.02
C THR MB 270 54.51 8.48 -47.93
N VAL MB 271 53.44 8.32 -47.16
CA VAL MB 271 53.09 9.26 -46.11
C VAL MB 271 53.21 8.59 -44.76
N ILE MB 272 53.69 9.34 -43.77
CA ILE MB 272 53.75 8.89 -42.39
C ILE MB 272 53.05 9.92 -41.52
N HIS MB 273 51.94 9.54 -40.90
CA HIS MB 273 51.17 10.48 -40.10
C HIS MB 273 51.88 10.79 -38.79
N GLY MB 274 51.62 12.00 -38.28
CA GLY MB 274 52.21 12.42 -37.02
C GLY MB 274 51.30 13.38 -36.27
N LYS MB 275 51.77 13.92 -35.14
CA LYS MB 275 50.98 14.85 -34.35
C LYS MB 275 51.13 16.24 -34.97
N ARG MB 276 50.19 16.60 -35.84
CA ARG MB 276 50.19 17.89 -36.53
C ARG MB 276 51.45 18.07 -37.38
N GLU MB 277 51.86 17.00 -38.05
CA GLU MB 277 52.91 17.08 -39.05
C GLU MB 277 52.86 15.82 -39.89
N VAL MB 278 53.47 15.88 -41.07
CA VAL MB 278 53.52 14.74 -41.96
C VAL MB 278 54.97 14.54 -42.39
N THR MB 279 55.49 13.34 -42.21
CA THR MB 279 56.79 12.96 -42.74
C THR MB 279 56.56 12.23 -44.04
N LEU MB 280 57.17 12.71 -45.11
CA LEU MB 280 56.76 12.39 -46.46
C LEU MB 280 57.99 11.97 -47.24
N HIS MB 281 57.95 10.78 -47.83
CA HIS MB 281 59.07 10.20 -48.55
C HIS MB 281 58.95 10.50 -50.04
N LEU MB 282 60.07 10.82 -50.67
CA LEU MB 282 60.09 11.16 -52.08
C LEU MB 282 61.07 10.27 -52.83
N HIS MB 283 60.54 9.55 -53.83
CA HIS MB 283 61.31 8.63 -54.69
C HIS MB 283 61.13 9.02 -56.16
N PRO MB 284 61.96 9.91 -56.67
CA PRO MB 284 61.83 10.34 -58.06
C PRO MB 284 62.76 9.57 -58.99
N ASP MB 285 62.34 9.47 -60.25
CA ASP MB 285 63.19 8.90 -61.30
C ASP MB 285 63.98 9.94 -62.06
N HIS MB 286 63.53 11.19 -62.06
CA HIS MB 286 64.16 12.28 -62.79
C HIS MB 286 63.72 13.58 -62.16
N PRO MB 287 64.46 14.66 -62.34
CA PRO MB 287 64.14 15.89 -61.62
C PRO MB 287 62.69 16.32 -61.74
N THR MB 288 61.96 16.25 -60.63
CA THR MB 288 60.58 16.69 -60.57
C THR MB 288 60.45 17.88 -59.64
N LEU MB 289 59.25 18.43 -59.56
CA LEU MB 289 58.98 19.63 -58.77
C LEU MB 289 58.02 19.28 -57.65
N PHE MB 290 58.35 19.68 -56.42
CA PHE MB 290 57.53 19.39 -55.26
C PHE MB 290 57.27 20.69 -54.52
N SER MB 291 55.99 20.99 -54.27
CA SER MB 291 55.69 22.27 -53.64
C SER MB 291 54.44 22.15 -52.78
N TYR MB 292 54.51 22.67 -51.56
CA TYR MB 292 53.38 22.57 -50.65
C TYR MB 292 53.03 23.95 -50.14
N ARG MB 293 51.81 24.09 -49.63
CA ARG MB 293 51.43 25.32 -48.98
C ARG MB 293 50.32 25.04 -47.98
N THR MB 294 50.38 25.75 -46.86
CA THR MB 294 49.39 25.62 -45.79
C THR MB 294 48.26 26.59 -46.07
N LEU MB 295 47.05 26.07 -46.19
CA LEU MB 295 45.93 26.86 -46.70
C LEU MB 295 45.14 27.55 -45.60
N GLY MB 296 45.85 28.25 -44.72
CA GLY MB 296 45.25 29.02 -43.66
C GLY MB 296 45.16 30.51 -43.99
N GLU MB 297 45.58 31.33 -43.03
CA GLU MB 297 45.62 32.77 -43.26
C GLU MB 297 46.92 33.21 -43.92
N ASP MB 298 48.04 33.05 -43.20
CA ASP MB 298 49.37 33.32 -43.76
C ASP MB 298 49.98 32.01 -44.16
N PRO MB 299 50.13 31.75 -45.45
CA PRO MB 299 50.63 30.45 -45.88
C PRO MB 299 52.11 30.31 -45.64
N GLN MB 300 52.61 29.12 -45.92
CA GLN MB 300 54.03 28.83 -45.95
C GLN MB 300 54.36 28.24 -47.31
N TYR MB 301 55.46 28.65 -47.89
CA TYR MB 301 55.69 28.25 -49.26
C TYR MB 301 56.76 27.19 -49.29
N HIS MB 302 56.93 26.57 -50.46
CA HIS MB 302 58.14 25.82 -50.73
C HIS MB 302 58.11 25.39 -52.17
N GLU MB 303 59.28 25.35 -52.82
CA GLU MB 303 59.31 25.00 -54.23
C GLU MB 303 60.74 24.64 -54.58
N GLU MB 304 60.96 23.38 -54.95
CA GLU MB 304 62.32 22.93 -55.18
C GLU MB 304 62.31 21.78 -56.17
N TRP MB 305 63.46 21.57 -56.82
CA TRP MB 305 63.61 20.55 -57.83
C TRP MB 305 64.23 19.33 -57.17
N VAL MB 306 63.40 18.39 -56.73
CA VAL MB 306 63.92 17.19 -56.11
C VAL MB 306 64.56 16.30 -57.16
N THR MB 307 65.81 15.91 -56.95
CA THR MB 307 66.52 15.08 -57.90
C THR MB 307 66.84 13.69 -57.38
N ALA MB 308 67.18 13.56 -56.11
CA ALA MB 308 67.51 12.27 -55.51
C ALA MB 308 66.51 11.97 -54.41
N ALA MB 309 66.45 10.70 -54.02
CA ALA MB 309 65.48 10.28 -53.02
C ALA MB 309 65.67 11.06 -51.73
N VAL MB 310 64.58 11.62 -51.21
CA VAL MB 310 64.71 12.47 -50.03
C VAL MB 310 63.60 12.17 -49.03
N GLU MB 311 63.52 12.97 -47.98
CA GLU MB 311 62.56 12.76 -46.90
C GLU MB 311 62.25 14.11 -46.28
N ARG MB 312 61.04 14.63 -46.49
CA ARG MB 312 60.70 15.97 -46.04
C ARG MB 312 59.57 15.94 -45.04
N THR MB 313 59.67 16.79 -44.02
CA THR MB 313 58.64 16.93 -43.00
C THR MB 313 57.92 18.24 -43.19
N ILE MB 314 56.59 18.21 -43.17
CA ILE MB 314 55.79 19.39 -43.49
C ILE MB 314 54.70 19.56 -42.45
N PRO MB 315 54.43 20.80 -42.02
CA PRO MB 315 53.42 21.01 -40.98
C PRO MB 315 52.02 20.91 -41.54
N VAL MB 316 51.06 20.61 -40.68
CA VAL MB 316 49.68 20.48 -41.08
C VAL MB 316 48.74 20.91 -39.95
N PRO MB 317 48.41 22.20 -39.86
CA PRO MB 317 47.54 22.66 -38.78
C PRO MB 317 46.10 22.25 -38.98
N VAL MB 318 45.21 22.70 -38.09
CA VAL MB 318 43.80 22.33 -38.18
C VAL MB 318 43.13 22.93 -39.41
N ASP MB 319 43.78 23.86 -40.09
CA ASP MB 319 43.22 24.42 -41.30
C ASP MB 319 43.45 23.54 -42.53
N GLY MB 320 44.61 22.90 -42.62
CA GLY MB 320 44.91 21.98 -43.69
C GLY MB 320 45.98 22.50 -44.63
N MET MB 321 46.55 21.59 -45.40
CA MET MB 321 47.59 21.98 -46.34
C MET MB 321 47.49 21.13 -47.59
N GLU MB 322 47.97 21.67 -48.70
CA GLU MB 322 47.96 20.93 -49.95
C GLU MB 322 49.37 20.85 -50.50
N TYR MB 323 49.67 19.74 -51.15
CA TYR MB 323 50.97 19.56 -51.77
C TYR MB 323 50.81 19.06 -53.19
N HIS MB 324 51.81 19.36 -54.00
CA HIS MB 324 51.79 19.18 -55.45
C HIS MB 324 53.09 18.48 -55.82
N TRP MB 325 52.98 17.26 -56.31
CA TRP MB 325 54.14 16.39 -56.55
C TRP MB 325 54.12 15.92 -58.00
N GLY MB 326 55.09 16.36 -58.78
CA GLY MB 326 55.14 15.93 -60.17
C GLY MB 326 53.97 16.49 -60.93
N ASN MB 327 53.47 15.70 -61.88
CA ASN MB 327 52.29 16.06 -62.66
C ASN MB 327 51.00 15.58 -62.03
N ASN MB 328 51.06 14.98 -60.85
CA ASN MB 328 49.84 14.52 -60.21
C ASN MB 328 48.93 15.68 -59.85
N ASP MB 329 47.71 15.34 -59.48
CA ASP MB 329 46.77 16.30 -58.96
C ASP MB 329 47.17 16.71 -57.54
N PRO MB 330 47.11 18.00 -57.21
CA PRO MB 330 47.42 18.42 -55.84
C PRO MB 330 46.48 17.78 -54.84
N VAL MB 331 47.03 17.45 -53.66
CA VAL MB 331 46.31 16.67 -52.66
C VAL MB 331 46.25 17.46 -51.36
N ARG MB 332 45.12 17.41 -50.68
CA ARG MB 332 44.88 18.18 -49.47
C ARG MB 332 44.76 17.26 -48.26
N LEU MB 333 45.24 17.73 -47.11
CA LEU MB 333 45.21 16.99 -45.86
C LEU MB 333 44.81 17.90 -44.72
N TRP MB 334 44.03 17.38 -43.79
CA TRP MB 334 43.56 18.15 -42.64
C TRP MB 334 43.94 17.41 -41.36
N SER MB 335 44.44 18.16 -40.37
CA SER MB 335 44.75 17.53 -39.09
C SER MB 335 43.48 17.40 -38.27
N GLN MB 336 43.58 16.69 -37.15
CA GLN MB 336 42.40 16.37 -36.37
C GLN MB 336 42.71 16.66 -34.92
N LEU MB 337 41.66 16.94 -34.15
CA LEU MB 337 41.85 17.36 -32.77
C LEU MB 337 42.19 16.19 -31.86
N THR MB 338 43.46 15.83 -31.79
CA THR MB 338 43.91 14.75 -30.93
C THR MB 338 44.87 15.28 -29.89
N THR MB 339 45.08 14.50 -28.84
CA THR MB 339 45.92 14.92 -27.72
C THR MB 339 46.44 13.68 -27.00
N GLU MB 340 47.03 13.89 -25.82
CA GLU MB 340 47.49 12.79 -24.99
C GLU MB 340 46.91 12.82 -23.58
N GLY MB 341 46.23 13.88 -23.18
CA GLY MB 341 45.61 13.92 -21.87
C GLY MB 341 44.40 13.02 -21.81
N LYS MB 342 43.71 13.08 -20.68
CA LYS MB 342 42.48 12.32 -20.48
C LYS MB 342 41.39 13.24 -19.95
N PRO MB 343 40.41 13.62 -20.75
CA PRO MB 343 39.32 14.45 -20.24
C PRO MB 343 38.41 13.65 -19.34
N HIS MB 344 37.59 14.36 -18.58
CA HIS MB 344 36.57 13.75 -17.73
C HIS MB 344 37.17 12.84 -16.66
N GLY MB 345 38.32 13.24 -16.12
CA GLY MB 345 38.97 12.50 -15.06
C GLY MB 345 39.42 13.40 -13.93
N TRP MB 346 40.59 13.14 -13.39
CA TRP MB 346 41.10 13.98 -12.32
C TRP MB 346 41.51 15.34 -12.85
N PRO MB 347 41.53 16.36 -11.98
CA PRO MB 347 42.01 17.68 -12.41
C PRO MB 347 43.44 17.69 -12.93
N HIS MB 348 44.29 16.79 -12.46
CA HIS MB 348 45.63 16.70 -13.01
C HIS MB 348 45.68 15.90 -14.30
N GLN MB 349 44.53 15.45 -14.81
CA GLN MB 349 44.41 14.90 -16.14
C GLN MB 349 43.69 15.82 -17.11
N ILE MB 350 42.68 16.55 -16.63
CA ILE MB 350 41.97 17.49 -17.50
C ILE MB 350 42.94 18.54 -18.01
N VAL MB 351 43.86 18.99 -17.16
CA VAL MB 351 44.81 20.01 -17.59
C VAL MB 351 45.75 19.45 -18.65
N GLN MB 352 46.14 18.18 -18.53
CA GLN MB 352 46.92 17.57 -19.60
C GLN MB 352 46.13 17.56 -20.90
N TYR MB 353 44.84 17.20 -20.82
CA TYR MB 353 44.04 17.13 -22.03
C TYR MB 353 43.96 18.50 -22.70
N TYR MB 354 43.68 19.53 -21.93
CA TYR MB 354 43.55 20.87 -22.49
C TYR MB 354 44.88 21.57 -22.68
N TYR MB 355 45.98 20.93 -22.31
CA TYR MB 355 47.31 21.42 -22.67
C TYR MB 355 47.81 20.80 -23.95
N GLY MB 356 47.38 19.58 -24.26
CA GLY MB 356 47.69 19.02 -25.57
C GLY MB 356 47.15 19.88 -26.69
N LEU MB 357 46.00 20.47 -26.47
CA LEU MB 357 45.42 21.47 -27.37
C LEU MB 357 45.76 22.85 -26.84
N TYR MB 358 46.12 23.76 -27.71
CA TYR MB 358 46.15 25.18 -27.40
C TYR MB 358 47.14 25.46 -26.27
N PRO MB 359 48.41 25.10 -26.40
CA PRO MB 359 49.29 25.07 -25.22
C PRO MB 359 49.87 26.42 -24.86
N ALA MB 360 49.05 27.46 -24.90
CA ALA MB 360 49.48 28.78 -24.46
C ALA MB 360 48.41 29.52 -23.69
N ALA MB 361 47.14 29.20 -23.89
CA ALA MB 361 46.08 29.77 -23.07
C ALA MB 361 45.77 28.90 -21.86
N THR MB 362 46.01 27.58 -21.95
CA THR MB 362 45.76 26.72 -20.81
C THR MB 362 46.60 27.12 -19.62
N VAL MB 363 47.91 27.29 -19.83
CA VAL MB 363 48.80 27.64 -18.73
C VAL MB 363 48.43 29.01 -18.16
N SER MB 364 48.16 29.97 -19.03
CA SER MB 364 47.82 31.30 -18.56
C SER MB 364 46.53 31.29 -17.74
N ALA MB 365 45.52 30.56 -18.20
CA ALA MB 365 44.27 30.50 -17.45
C ALA MB 365 44.46 29.83 -16.11
N VAL MB 366 45.22 28.74 -16.06
CA VAL MB 366 45.44 28.05 -14.80
C VAL MB 366 46.19 28.95 -13.82
N VAL MB 367 47.21 29.67 -14.30
CA VAL MB 367 47.95 30.57 -13.43
C VAL MB 367 47.04 31.67 -12.89
N GLY MB 368 46.21 32.25 -13.76
CA GLY MB 368 45.28 33.27 -13.30
C GLY MB 368 44.34 32.75 -12.23
N MET MB 369 43.78 31.56 -12.44
CA MET MB 369 42.84 31.02 -11.46
C MET MB 369 43.52 30.76 -10.12
N SER MB 370 44.70 30.14 -10.14
CA SER MB 370 45.38 29.84 -8.88
C SER MB 370 45.75 31.12 -8.13
N LEU MB 371 46.24 32.12 -8.87
CA LEU MB 371 46.58 33.40 -8.25
C LEU MB 371 45.37 34.04 -7.60
N LEU MB 372 44.23 34.01 -8.29
CA LEU MB 372 43.02 34.59 -7.72
C LEU MB 372 42.59 33.85 -6.47
N ALA MB 373 42.72 32.52 -6.47
CA ALA MB 373 42.37 31.76 -5.28
C ALA MB 373 43.24 32.14 -4.09
N LEU MB 374 44.56 32.27 -4.32
CA LEU MB 374 45.44 32.68 -3.22
C LEU MB 374 45.08 34.08 -2.71
N ILE MB 375 44.79 35.01 -3.62
CA ILE MB 375 44.44 36.35 -3.17
C ILE MB 375 43.19 36.31 -2.30
N SER MB 376 42.16 35.58 -2.73
CA SER MB 376 40.94 35.52 -1.93
C SER MB 376 41.17 34.90 -0.57
N ILE MB 377 41.95 33.80 -0.52
CA ILE MB 377 42.11 33.12 0.75
C ILE MB 377 42.96 33.93 1.72
N PHE MB 378 44.01 34.59 1.22
CA PHE MB 378 44.77 35.50 2.08
C PHE MB 378 43.90 36.64 2.60
N ALA MB 379 43.08 37.23 1.73
CA ALA MB 379 42.24 38.33 2.20
C ALA MB 379 41.28 37.88 3.28
N SER MB 380 40.68 36.70 3.11
CA SER MB 380 39.72 36.24 4.11
C SER MB 380 40.41 35.93 5.44
N CYS MB 381 41.57 35.29 5.40
CA CYS MB 381 42.27 34.99 6.65
C CYS MB 381 42.70 36.28 7.35
N TYR MB 382 43.16 37.26 6.58
CA TYR MB 382 43.45 38.58 7.15
C TYR MB 382 42.22 39.17 7.82
N MET MB 383 41.05 39.00 7.20
CA MET MB 383 39.85 39.56 7.78
C MET MB 383 39.51 38.89 9.11
N LEU MB 384 39.70 37.56 9.20
CA LEU MB 384 39.54 36.90 10.49
C LEU MB 384 40.50 37.45 11.53
N VAL MB 385 41.77 37.64 11.16
CA VAL MB 385 42.73 38.15 12.13
C VAL MB 385 42.32 39.54 12.61
N ALA MB 386 41.89 40.39 11.68
CA ALA MB 386 41.48 41.74 12.04
C ALA MB 386 40.26 41.71 12.97
N ALA MB 387 39.31 40.82 12.70
CA ALA MB 387 38.16 40.71 13.59
C ALA MB 387 38.57 40.28 14.98
N ARG MB 388 39.48 39.31 15.08
CA ARG MB 388 39.90 38.85 16.41
C ARG MB 388 40.62 39.96 17.15
N SER MB 389 41.48 40.71 16.48
CA SER MB 389 42.16 41.82 17.13
C SER MB 389 41.17 42.87 17.60
N LYS MB 390 40.18 43.17 16.76
CA LYS MB 390 39.23 44.23 17.12
C LYS MB 390 38.31 43.79 18.24
N CYS MB 391 38.06 42.48 18.37
CA CYS MB 391 37.24 42.00 19.48
C CYS MB 391 38.04 41.93 20.77
N LEU MB 392 39.33 41.62 20.69
CA LEU MB 392 40.10 41.39 21.90
C LEU MB 392 40.91 42.59 22.37
N THR MB 393 40.98 43.67 21.60
CA THR MB 393 41.73 44.83 22.06
C THR MB 393 41.15 45.48 23.32
N PRO MB 394 39.83 45.67 23.49
CA PRO MB 394 39.37 46.42 24.66
C PRO MB 394 39.74 45.78 25.97
N TYR MB 395 39.79 44.46 26.03
CA TYR MB 395 40.01 43.76 27.28
C TYR MB 395 41.41 43.96 27.82
N ALA MB 396 42.35 44.40 26.99
CA ALA MB 396 43.71 44.67 27.42
C ALA MB 396 43.94 46.11 27.86
N LEU MB 397 42.92 46.97 27.78
CA LEU MB 397 43.03 48.34 28.25
C LEU MB 397 42.47 48.53 29.65
N THR MB 398 42.00 47.48 30.29
CA THR MB 398 41.62 47.50 31.70
C THR MB 398 42.29 46.34 32.41
N PRO MB 399 42.51 46.44 33.71
CA PRO MB 399 42.94 45.26 34.45
C PRO MB 399 41.82 44.23 34.57
N GLY MB 400 41.33 43.75 33.41
CA GLY MB 400 40.22 42.83 33.37
C GLY MB 400 40.66 41.40 33.06
N ALA MB 401 39.70 40.49 33.18
CA ALA MB 401 39.95 39.07 33.02
C ALA MB 401 39.67 38.63 31.58
N ALA MB 402 40.15 37.45 31.22
CA ALA MB 402 40.13 37.00 29.85
C ALA MB 402 38.81 36.38 29.42
N VAL MB 403 37.93 36.04 30.36
CA VAL MB 403 36.65 35.38 30.04
C VAL MB 403 36.94 34.06 29.34
N PRO MB 404 37.33 33.01 30.08
CA PRO MB 404 37.70 31.73 29.45
C PRO MB 404 36.76 31.24 28.37
N TRP MB 405 35.48 31.60 28.41
CA TRP MB 405 34.57 31.25 27.33
C TRP MB 405 35.04 31.84 26.01
N THR MB 406 35.39 33.13 25.99
CA THR MB 406 35.91 33.73 24.78
C THR MB 406 37.37 33.37 24.57
N LEU MB 407 38.08 32.98 25.62
CA LEU MB 407 39.42 32.41 25.42
C LEU MB 407 39.38 31.17 24.56
N GLY MB 408 38.46 30.25 24.87
CA GLY MB 408 38.39 29.01 24.12
C GLY MB 408 38.06 29.23 22.66
N ILE MB 409 37.11 30.11 22.38
CA ILE MB 409 36.70 30.36 21.00
C ILE MB 409 37.79 31.14 20.27
N LEU MB 410 38.23 32.26 20.83
CA LEU MB 410 39.28 33.08 20.22
C LEU MB 410 40.57 32.82 20.98
N CYS MB 411 41.46 32.05 20.37
CA CYS MB 411 42.78 31.84 20.96
C CYS MB 411 43.55 33.14 20.98
N CYS MB 412 44.34 33.34 22.04
CA CYS MB 412 45.16 34.53 22.19
C CYS MB 412 46.56 34.11 22.59
N ALA MB 413 47.51 35.04 22.42
CA ALA MB 413 48.90 34.77 22.77
C ALA MB 413 49.05 34.28 24.21
N PRO MB 414 48.36 34.86 25.22
CA PRO MB 414 48.36 34.21 26.53
C PRO MB 414 47.53 32.93 26.50
N ARG MB 415 48.20 31.78 26.49
CA ARG MB 415 47.48 30.51 26.45
C ARG MB 415 46.77 30.23 27.77
N ALA MB 416 47.48 30.39 28.88
CA ALA MB 416 46.90 30.24 30.21
C ALA MB 416 47.35 31.30 31.20
N HIS MB 417 48.38 32.10 30.89
CA HIS MB 417 48.82 33.17 31.77
C HIS MB 417 47.99 34.41 31.49
N ALA MB 418 47.01 34.68 32.35
CA ALA MB 418 46.16 35.85 32.23
C ALA MB 418 45.57 35.97 30.82
C1 NAG NB . 111.53 -18.37 -33.71
C2 NAG NB . 112.81 -17.61 -33.99
C3 NAG NB . 112.51 -16.31 -34.72
C4 NAG NB . 111.71 -16.60 -36.00
C5 NAG NB . 110.47 -17.41 -35.66
C6 NAG NB . 109.72 -17.89 -36.88
C7 NAG NB . 114.87 -17.20 -32.71
C8 NAG NB . 115.46 -16.91 -31.37
N2 NAG NB . 113.54 -17.32 -32.75
O3 NAG NB . 113.72 -15.65 -35.05
O4 NAG NB . 111.34 -15.38 -36.62
O5 NAG NB . 110.84 -18.60 -34.93
O6 NAG NB . 110.17 -19.17 -37.29
O7 NAG NB . 115.56 -17.32 -33.71
C1 NAG NB . 111.98 -15.31 -37.91
C2 NAG NB . 111.04 -14.59 -38.88
C3 NAG NB . 111.69 -14.51 -40.26
C4 NAG NB . 113.07 -13.89 -40.17
C5 NAG NB . 113.92 -14.57 -39.09
C6 NAG NB . 115.23 -13.86 -38.84
C7 NAG NB . 108.66 -14.75 -38.37
C8 NAG NB . 107.40 -15.55 -38.54
N2 NAG NB . 109.76 -15.25 -38.95
O3 NAG NB . 110.85 -13.74 -41.11
O4 NAG NB . 113.72 -14.05 -41.43
O5 NAG NB . 113.23 -14.60 -37.84
O6 NAG NB . 115.09 -12.46 -38.98
O7 NAG NB . 108.68 -13.70 -37.73
C1 BMA NB . 113.98 -12.77 -42.06
C2 BMA NB . 114.73 -13.05 -43.36
C3 BMA NB . 115.02 -11.74 -44.07
C4 BMA NB . 113.72 -10.95 -44.28
C5 BMA NB . 112.98 -10.77 -42.92
C6 BMA NB . 111.63 -10.10 -43.06
O2 BMA NB . 113.92 -13.80 -44.25
O3 BMA NB . 115.68 -11.93 -45.30
O4 BMA NB . 114.01 -9.68 -44.84
O5 BMA NB . 112.78 -12.07 -42.34
O6 BMA NB . 111.85 -8.73 -43.37
C1 NAG OB . 101.07 71.11 -78.27
C2 NAG OB . 99.76 71.67 -78.79
C3 NAG OB . 98.61 70.73 -78.41
C4 NAG OB . 98.89 69.31 -78.90
C5 NAG OB . 100.28 68.85 -78.46
C6 NAG OB . 100.70 67.55 -79.12
C7 NAG OB . 100.15 74.09 -78.74
C8 NAG OB . 99.77 75.40 -78.12
N2 NAG OB . 99.51 73.01 -78.27
O3 NAG OB . 97.40 71.22 -78.98
O4 NAG OB . 97.90 68.45 -78.34
O5 NAG OB . 101.28 69.82 -78.82
O6 NAG OB . 101.09 67.77 -80.47
O7 NAG OB . 100.99 74.02 -79.63
C1 NAG OB . 97.20 67.54 -79.22
C2 NAG OB . 97.08 68.08 -80.68
C3 NAG OB . 96.46 67.04 -81.62
C4 NAG OB . 97.15 65.67 -81.46
C5 NAG OB . 97.23 65.27 -79.99
C6 NAG OB . 97.99 64.00 -79.78
C7 NAG OB . 95.11 69.67 -80.43
C8 NAG OB . 94.25 68.57 -79.88
N2 NAG OB . 96.39 69.36 -80.77
O3 NAG OB . 96.58 67.49 -82.96
O4 NAG OB . 96.48 64.64 -82.18
O5 NAG OB . 97.90 66.29 -79.25
O6 NAG OB . 99.09 63.90 -80.67
O7 NAG OB . 94.68 70.80 -80.57
C1 BMA OB . 95.04 64.78 -82.38
C2 BMA OB . 94.56 63.53 -83.19
C3 BMA OB . 93.02 63.47 -83.28
C4 BMA OB . 92.34 63.82 -81.95
C5 BMA OB . 92.91 65.13 -81.40
C6 BMA OB . 92.23 65.57 -80.11
O2 BMA OB . 94.97 62.33 -82.56
O3 BMA OB . 92.58 62.19 -83.71
O4 BMA OB . 90.93 63.95 -82.14
O5 BMA OB . 94.31 64.91 -81.16
O6 BMA OB . 90.88 65.90 -80.43
C1 NAG PB . 52.75 75.39 -82.77
C2 NAG PB . 52.44 76.84 -83.08
C3 NAG PB . 50.96 76.99 -83.39
C4 NAG PB . 50.53 76.02 -84.50
C5 NAG PB . 51.03 74.61 -84.20
C6 NAG PB . 50.85 73.66 -85.37
C7 NAG PB . 53.22 78.98 -82.20
C8 NAG PB . 53.58 79.77 -81.00
N2 NAG PB . 52.82 77.72 -81.99
O3 NAG PB . 50.72 78.33 -83.78
O4 NAG PB . 49.11 75.97 -84.56
O5 NAG PB . 52.42 74.59 -83.87
O6 NAG PB . 50.91 72.31 -84.98
O7 NAG PB . 53.29 79.45 -83.34
C1 NAG PB . 48.63 76.96 -85.49
C2 NAG PB . 47.94 76.27 -86.66
C3 NAG PB . 47.40 77.30 -87.64
C4 NAG PB . 46.49 78.29 -86.91
C5 NAG PB . 47.20 78.88 -85.69
C6 NAG PB . 46.28 79.73 -84.83
C7 NAG PB . 48.54 74.09 -87.63
C8 NAG PB . 47.17 73.64 -87.22
N2 NAG PB . 48.86 75.35 -87.34
O3 NAG PB . 46.68 76.65 -88.67
O4 NAG PB . 46.11 79.34 -87.79
O5 NAG PB . 47.70 77.83 -84.84
O6 NAG PB . 45.43 78.91 -84.05
O7 NAG PB . 49.32 73.34 -88.20
C1 BMA PB . 44.70 79.21 -88.06
C2 BMA PB . 44.03 80.55 -87.71
C3 BMA PB . 42.54 80.45 -87.99
C4 BMA PB . 42.27 79.94 -89.43
C5 BMA PB . 43.08 78.65 -89.71
C6 BMA PB . 42.96 78.19 -91.15
O2 BMA PB . 44.54 81.60 -88.52
O3 BMA PB . 41.89 81.70 -87.79
O4 BMA PB . 40.89 79.68 -89.58
O5 BMA PB . 44.46 78.89 -89.42
O6 BMA PB . 41.62 78.36 -91.58
C1 NAG QB . 81.28 -16.21 -56.60
C2 NAG QB . 80.18 -17.22 -56.96
C3 NAG QB . 79.20 -17.42 -55.80
C4 NAG QB . 79.94 -17.71 -54.50
C5 NAG QB . 81.02 -16.66 -54.26
C6 NAG QB . 81.88 -16.99 -53.06
C7 NAG QB . 78.68 -15.85 -58.49
C8 NAG QB . 78.48 -14.81 -57.41
N2 NAG QB . 79.49 -16.90 -58.21
O3 NAG QB . 78.33 -18.50 -56.11
O4 NAG QB . 79.03 -17.65 -53.42
O5 NAG QB . 81.91 -16.61 -55.39
O6 NAG QB . 82.50 -18.26 -53.21
O7 NAG QB . 78.16 -15.74 -59.58
C1 NAG QB . 78.86 -18.97 -52.86
C2 NAG QB . 78.62 -18.81 -51.35
C3 NAG QB . 78.38 -20.18 -50.72
C4 NAG QB . 77.27 -20.93 -51.43
C5 NAG QB . 77.54 -20.97 -52.93
C6 NAG QB . 76.39 -21.57 -53.72
C7 NAG QB . 79.57 -17.22 -49.76
C8 NAG QB . 80.83 -16.61 -49.22
N2 NAG QB . 79.73 -18.14 -50.72
O3 NAG QB . 78.04 -19.99 -49.35
O4 NAG QB . 77.22 -22.26 -50.95
O5 NAG QB . 77.74 -19.64 -53.44
O6 NAG QB . 76.83 -22.04 -54.99
O7 NAG QB . 78.46 -16.88 -49.36
C1 BMA QB . 76.13 -22.44 -50.03
C2 BMA QB . 75.33 -23.68 -50.49
C3 BMA QB . 74.30 -24.06 -49.44
C4 BMA QB . 74.95 -24.18 -48.07
C5 BMA QB . 75.63 -22.87 -47.73
C6 BMA QB . 76.31 -22.91 -46.37
O2 BMA QB . 76.17 -24.80 -50.61
O3 BMA QB . 73.66 -25.27 -49.78
O4 BMA QB . 73.97 -24.47 -47.10
O5 BMA QB . 76.63 -22.61 -48.71
O6 BMA QB . 76.79 -21.60 -46.08
C1 NAG RB . 30.04 -12.65 -83.28
C2 NAG RB . 30.10 -13.23 -81.89
C3 NAG RB . 28.81 -12.95 -81.14
C4 NAG RB . 28.48 -11.46 -81.17
C5 NAG RB . 28.54 -10.93 -82.60
C6 NAG RB . 28.40 -9.43 -82.68
C7 NAG RB . 30.85 -15.36 -80.90
C8 NAG RB . 31.06 -16.82 -81.13
N2 NAG RB . 30.37 -14.66 -81.94
O3 NAG RB . 28.94 -13.40 -79.79
O4 NAG RB . 27.16 -11.26 -80.68
O5 NAG RB . 29.81 -11.26 -83.20
O6 NAG RB . 29.30 -8.88 -83.63
O7 NAG RB . 31.10 -14.83 -79.82
C1 NAG RB . 27.19 -10.81 -79.31
C2 NAG RB . 26.15 -9.73 -79.16
C3 NAG RB . 26.13 -9.23 -77.72
C4 NAG RB . 25.96 -10.39 -76.74
C5 NAG RB . 26.94 -11.51 -77.04
C6 NAG RB . 26.66 -12.77 -76.24
C7 NAG RB . 25.58 -8.30 -81.07
C8 NAG RB . 24.35 -9.15 -81.21
N2 NAG RB . 26.40 -8.64 -80.07
O3 NAG RB . 25.04 -8.31 -77.57
O4 NAG RB . 26.25 -9.91 -75.44
O5 NAG RB . 26.89 -11.88 -78.43
O6 NAG RB . 26.07 -13.77 -77.06
O7 NAG RB . 25.82 -7.37 -81.84
C1 BMA RB . 25.10 -10.01 -74.57
C2 BMA RB . 24.58 -8.59 -74.30
C3 BMA RB . 23.41 -8.67 -73.36
C4 BMA RB . 22.33 -9.66 -73.86
C5 BMA RB . 22.98 -11.02 -74.26
C6 BMA RB . 21.99 -11.95 -74.95
O2 BMA RB . 24.08 -8.02 -75.50
O3 BMA RB . 22.83 -7.38 -73.15
O4 BMA RB . 21.37 -9.87 -72.84
O5 BMA RB . 24.07 -10.78 -75.16
O6 BMA RB . 20.97 -12.29 -74.04
C1 NAG SB . 107.20 32.93 -80.98
C2 NAG SB . 108.52 32.83 -81.71
C3 NAG SB . 109.63 32.45 -80.73
C4 NAG SB . 109.63 33.38 -79.52
C5 NAG SB . 108.23 33.66 -78.98
C6 NAG SB . 108.20 34.85 -78.04
C7 NAG SB . 108.17 30.58 -82.67
C8 NAG SB . 108.18 29.77 -83.93
N2 NAG SB . 108.47 31.88 -82.81
O3 NAG SB . 110.88 32.51 -81.40
O4 NAG SB . 110.33 32.69 -78.49
O5 NAG SB . 107.28 33.95 -80.02
O6 NAG SB . 108.90 34.60 -76.84
O7 NAG SB . 107.92 30.08 -81.58
C1 NAG SB . 111.54 33.29 -77.93
C2 NAG SB . 112.72 33.02 -78.86
C3 NAG SB . 114.01 33.57 -78.25
C4 NAG SB . 113.84 35.00 -77.75
C5 NAG SB . 112.51 35.24 -77.03
C6 NAG SB . 112.20 36.70 -76.80
C7 NAG SB . 113.44 31.12 -80.24
C8 NAG SB . 113.48 29.62 -80.35
N2 NAG SB . 112.85 31.60 -79.13
O3 NAG SB . 115.03 33.51 -79.23
O4 NAG SB . 114.84 35.26 -76.76
O5 NAG SB . 111.40 34.70 -77.77
O6 NAG SB . 111.02 36.87 -76.04
O7 NAG SB . 113.93 31.85 -81.09
C1 BMA SB . 116.18 35.53 -77.22
C2 BMA SB . 116.86 36.34 -76.12
C3 BMA SB . 118.33 36.54 -76.43
C4 BMA SB . 119.01 35.21 -76.72
C5 BMA SB . 118.27 34.53 -77.87
C6 BMA SB . 118.87 33.19 -78.23
O2 BMA SB . 116.83 35.62 -74.90
O3 BMA SB . 119.01 37.21 -75.37
O4 BMA SB . 120.35 35.42 -77.09
O5 BMA SB . 116.90 34.34 -77.48
O6 BMA SB . 120.27 33.35 -78.38
C1 NAG TB . 121.04 -22.33 -73.99
C2 NAG TB . 121.71 -21.16 -73.29
C3 NAG TB . 122.46 -21.64 -72.06
C4 NAG TB . 121.54 -22.45 -71.15
C5 NAG TB . 120.82 -23.54 -71.95
C6 NAG TB . 119.76 -24.24 -71.14
C7 NAG TB . 123.67 -20.90 -74.75
C8 NAG TB . 124.44 -19.95 -75.63
N2 NAG TB . 122.58 -20.40 -74.18
O3 NAG TB . 122.99 -20.52 -71.36
O4 NAG TB . 122.29 -23.10 -70.13
O5 NAG TB . 120.17 -22.99 -73.10
O6 NAG TB . 119.56 -25.57 -71.61
O7 NAG TB . 124.04 -22.06 -74.57
C1 NAG TB . 122.29 -22.33 -68.92
C2 NAG TB . 122.00 -23.25 -67.74
C3 NAG TB . 122.07 -22.47 -66.43
C4 NAG TB . 123.40 -21.74 -66.31
C5 NAG TB . 123.69 -20.91 -67.56
C6 NAG TB . 125.09 -20.34 -67.58
C7 NAG TB . 120.57 -25.23 -67.99
C8 NAG TB . 119.17 -25.74 -68.09
N2 NAG TB . 120.71 -23.90 -67.87
O3 NAG TB . 121.89 -23.36 -65.34
O4 NAG TB . 123.34 -20.87 -65.19
O5 NAG TB . 123.57 -21.73 -68.74
O6 NAG TB . 125.17 -19.12 -66.85
O7 NAG TB . 121.54 -25.98 -68.01
C1 BMA TB . 124.30 -21.24 -64.16
C2 BMA TB . 123.51 -21.74 -62.92
C3 BMA TB . 124.50 -22.21 -61.84
C4 BMA TB . 125.56 -23.16 -62.41
C5 BMA TB . 126.22 -22.55 -63.67
C6 BMA TB . 127.23 -23.48 -64.33
O2 BMA TB . 122.69 -22.85 -63.24
O3 BMA TB . 123.81 -22.84 -60.76
O4 BMA TB . 126.56 -23.40 -61.43
O5 BMA TB . 125.18 -22.26 -64.63
O6 BMA TB . 126.51 -24.55 -64.94
C1 NAG UB . 22.22 52.80 -87.71
C2 NAG UB . 21.72 51.35 -87.62
C3 NAG UB . 22.15 50.71 -86.31
C4 NAG UB . 23.65 50.84 -86.12
C5 NAG UB . 24.05 52.30 -86.23
C6 NAG UB . 25.55 52.52 -86.14
C7 NAG UB . 19.65 50.50 -88.61
C8 NAG UB . 20.52 49.63 -89.46
N2 NAG UB . 20.27 51.31 -87.75
O3 NAG UB . 21.77 49.34 -86.32
O4 NAG UB . 24.03 50.31 -84.85
O5 NAG UB . 23.63 52.82 -87.49
O6 NAG UB . 26.03 52.24 -84.83
O7 NAG UB . 18.42 50.48 -88.71
C1 NAG UB . 24.97 49.22 -85.03
C2 NAG UB . 25.73 49.05 -83.72
C3 NAG UB . 26.74 47.92 -83.85
C4 NAG UB . 26.06 46.64 -84.33
C5 NAG UB . 25.24 46.91 -85.59
C6 NAG UB . 24.40 45.72 -86.01
C7 NAG UB . 26.50 50.66 -82.05
C8 NAG UB . 27.20 51.96 -81.81
N2 NAG UB . 26.38 50.28 -83.32
O3 NAG UB . 27.37 47.71 -82.59
O4 NAG UB . 27.05 45.66 -84.62
O5 NAG UB . 24.32 48.00 -85.37
O6 NAG UB . 25.22 44.60 -86.32
O7 NAG UB . 26.06 49.97 -81.12
C1 BMA UB . 27.13 44.67 -83.58
C2 BMA UB . 27.76 43.39 -84.18
C3 BMA UB . 28.08 42.37 -83.10
C4 BMA UB . 28.85 43.01 -81.95
C5 BMA UB . 28.04 44.19 -81.41
C6 BMA UB . 28.74 44.87 -80.27
O2 BMA UB . 29.00 43.70 -84.80
O3 BMA UB . 28.82 41.26 -83.61
O4 BMA UB . 29.06 42.06 -80.93
O5 BMA UB . 27.89 45.15 -82.47
O6 BMA UB . 30.06 45.20 -80.70
C1 NAG VB . -20.70 14.21 -86.27
C2 NAG VB . -19.40 13.88 -85.57
C3 NAG VB . -19.67 12.99 -84.36
C4 NAG VB . -20.74 13.61 -83.46
C5 NAG VB . -21.97 13.98 -84.28
C6 NAG VB . -23.01 14.72 -83.49
C7 NAG VB . -17.18 13.57 -86.56
C8 NAG VB . -16.71 14.65 -85.64
N2 NAG VB . -18.48 13.24 -86.47
O3 NAG VB . -18.46 12.83 -83.64
O4 NAG VB . -21.14 12.67 -82.47
O5 NAG VB . -21.59 14.84 -85.37
O6 NAG VB . -23.61 13.86 -82.51
O7 NAG VB . -16.42 13.01 -87.34
C1 NAG VB . -20.40 12.89 -81.24
C2 NAG VB . -21.28 12.59 -80.04
C3 NAG VB . -20.50 12.81 -78.75
C4 NAG VB . -19.23 11.97 -78.75
C5 NAG VB . -18.41 12.24 -80.02
C6 NAG VB . -17.23 11.33 -80.17
C7 NAG VB . -23.70 12.92 -79.74
C8 NAG VB . -23.76 11.46 -79.37
N2 NAG VB . -22.49 13.39 -80.06
O3 NAG VB . -21.31 12.48 -77.64
O4 NAG VB . -18.44 12.29 -77.62
O5 NAG VB . -19.22 12.06 -81.20
O6 NAG VB . -16.36 11.42 -79.04
O7 NAG VB . -24.71 13.62 -79.76
C1 BMA VB . -18.57 11.26 -76.61
C2 BMA VB . -17.21 11.16 -75.84
C3 BMA VB . -17.35 10.19 -74.67
C4 BMA VB . -18.57 10.53 -73.81
C5 BMA VB . -19.82 10.55 -74.69
C6 BMA VB . -21.07 10.91 -73.91
O2 BMA VB . -16.85 12.41 -75.30
O3 BMA VB . -16.17 10.20 -73.87
O4 BMA VB . -18.72 9.56 -72.79
O5 BMA VB . -19.64 11.54 -75.71
O6 BMA VB . -21.13 12.32 -73.78
C1 NAG WB . -62.47 -67.20 29.14
C2 NAG WB . -62.76 -68.20 30.27
C3 NAG WB . -62.04 -67.79 31.55
C4 NAG WB . -60.56 -67.66 31.29
C5 NAG WB . -60.36 -66.60 30.22
C6 NAG WB . -58.92 -66.40 29.84
C7 NAG WB . -64.78 -69.52 30.68
C8 NAG WB . -63.89 -70.73 30.58
N2 NAG WB . -64.18 -68.34 30.52
O3 NAG WB . -62.27 -68.78 32.56
O4 NAG WB . -59.86 -67.31 32.49
O5 NAG WB . -61.04 -66.99 29.02
O6 NAG WB . -58.28 -67.65 29.60
O7 NAG WB . -65.98 -69.62 30.89
C1 NAG WB . -58.90 -68.37 32.78
C2 NAG WB . -58.13 -68.03 34.07
C3 NAG WB . -57.12 -69.11 34.40
C4 NAG WB . -57.81 -70.48 34.43
C5 NAG WB . -58.62 -70.71 33.15
C6 NAG WB . -59.45 -71.98 33.21
C7 NAG WB . -56.58 -66.19 33.27
C8 NAG WB . -56.04 -67.07 32.18
N2 NAG WB . -57.53 -66.70 34.08
O3 NAG WB . -56.55 -68.84 35.66
O4 NAG WB . -56.82 -71.50 34.49
O5 NAG WB . -59.54 -69.63 32.93
O6 NAG WB . -58.64 -73.10 33.51
O7 NAG WB . -56.18 -65.04 33.42
C1 BMA WB . -56.58 -71.94 35.85
C2 BMA WB . -56.50 -73.51 35.84
C3 BMA WB . -55.87 -74.05 37.14
C4 BMA WB . -54.62 -73.27 37.50
C5 BMA WB . -55.01 -71.81 37.67
C6 BMA WB . -53.87 -70.97 38.16
O2 BMA WB . -55.68 -73.96 34.78
O3 BMA WB . -55.54 -75.42 37.05
O4 BMA WB . -54.08 -73.74 38.71
O5 BMA WB . -55.40 -71.33 36.38
O6 BMA WB . -53.33 -71.62 39.31
C1 NAG XB . -102.48 -92.74 63.03
C2 NAG XB . -101.05 -92.51 63.49
C3 NAG XB . -100.98 -92.50 65.01
C4 NAG XB . -101.97 -91.50 65.59
C5 NAG XB . -103.36 -91.71 65.00
C6 NAG XB . -104.34 -90.63 65.39
C7 NAG XB . -99.37 -93.29 61.87
C8 NAG XB . -98.52 -94.44 61.45
N2 NAG XB . -100.16 -93.52 62.94
O3 NAG XB . -99.65 -92.18 65.42
O4 NAG XB . -102.05 -91.66 67.00
O5 NAG XB . -103.31 -91.73 63.56
O6 NAG XB . -104.32 -90.39 66.79
O7 NAG XB . -99.35 -92.22 61.30
C1 NAG XB . -101.26 -90.66 67.67
C2 NAG XB . -101.88 -90.39 69.03
C3 NAG XB . -101.03 -89.38 69.81
C4 NAG XB . -99.59 -89.85 69.88
C5 NAG XB . -99.06 -90.14 68.47
C6 NAG XB . -97.66 -90.72 68.48
C7 NAG XB . -104.14 -90.00 69.89
C8 NAG XB . -105.51 -89.45 69.59
N2 NAG XB . -103.24 -89.91 68.90
O3 NAG XB . -101.56 -89.23 71.12
O4 NAG XB . -98.78 -88.84 70.48
O5 NAG XB . -99.90 -91.10 67.83
O6 NAG XB . -97.60 -91.91 69.24
O7 NAG XB . -103.87 -90.48 70.98
C1 BMA XB . -98.53 -89.20 71.85
C2 BMA XB . -97.01 -89.06 72.13
C3 BMA XB . -96.73 -89.34 73.61
C4 BMA XB . -97.64 -88.51 74.52
C5 BMA XB . -99.12 -88.71 74.12
C6 BMA XB . -100.08 -87.84 74.93
O2 BMA XB . -96.59 -87.73 71.87
O3 BMA XB . -95.37 -89.09 73.94
O4 BMA XB . -97.45 -88.91 75.87
O5 BMA XB . -99.27 -88.37 72.74
O6 BMA XB . -101.40 -88.26 74.69
C1 NAG YB . 64.10 -93.17 47.61
C2 NAG YB . 65.49 -93.28 48.20
C3 NAG YB . 66.50 -92.59 47.30
C4 NAG YB . 66.40 -93.13 45.87
C5 NAG YB . 64.97 -93.01 45.38
C6 NAG YB . 64.74 -93.63 44.02
C7 NAG YB . 66.34 -93.15 50.49
C8 NAG YB . 66.25 -92.45 51.81
N2 NAG YB . 65.53 -92.71 49.53
O3 NAG YB . 67.81 -92.81 47.80
O4 NAG YB . 67.27 -92.40 45.02
O5 NAG YB . 64.09 -93.69 46.29
O6 NAG YB . 64.50 -95.03 44.12
O7 NAG YB . 67.10 -94.09 50.31
C1 NAG YB . 68.19 -93.31 44.37
C2 NAG YB . 68.82 -92.61 43.18
C3 NAG YB . 69.81 -93.54 42.49
C4 NAG YB . 70.84 -94.04 43.49
C5 NAG YB . 70.14 -94.67 44.70
C6 NAG YB . 71.08 -95.07 45.80
C7 NAG YB . 67.22 -90.96 42.32
C8 NAG YB . 66.19 -90.66 41.26
N2 NAG YB . 67.80 -92.16 42.24
O3 NAG YB . 70.46 -92.83 41.44
O4 NAG YB . 71.65 -95.04 42.88
O5 NAG YB . 69.21 -93.73 45.27
O6 NAG YB . 70.55 -94.75 47.08
O7 NAG YB . 67.49 -90.16 43.20
C1 BMA YB . 72.96 -94.53 42.52
C2 BMA YB . 73.55 -95.52 41.48
C3 BMA YB . 74.82 -94.97 40.86
C4 BMA YB . 74.62 -93.55 40.36
C5 BMA YB . 74.12 -92.67 41.51
C6 BMA YB . 73.87 -91.23 41.10
O2 BMA YB . 72.63 -95.72 40.41
O3 BMA YB . 75.29 -95.79 39.80
O4 BMA YB . 75.83 -93.02 39.84
O5 BMA YB . 72.88 -93.22 41.99
O6 BMA YB . 74.83 -90.87 40.12
C1 NAG ZB . -116.46 5.71 17.50
C2 NAG ZB . -117.50 5.64 18.60
C3 NAG ZB . -117.16 4.53 19.57
C4 NAG ZB . -117.03 3.20 18.83
C5 NAG ZB . -116.00 3.35 17.71
C6 NAG ZB . -115.92 2.13 16.82
C7 NAG ZB . -118.72 7.32 19.92
C8 NAG ZB . -118.65 8.65 20.60
N2 NAG ZB . -117.61 6.91 19.31
O3 NAG ZB . -118.17 4.42 20.56
O4 NAG ZB . -116.64 2.17 19.72
O5 NAG ZB . -116.36 4.44 16.85
O6 NAG ZB . -116.71 2.28 15.65
O7 NAG ZB . -119.74 6.64 19.92
C1 NAG ZB . -117.73 1.22 19.76
C2 NAG ZB . -117.14 -0.14 20.12
C3 NAG ZB . -118.26 -1.19 20.15
C4 NAG ZB . -119.35 -0.75 21.11
C5 NAG ZB . -119.83 0.67 20.80
C6 NAG ZB . -120.77 1.21 21.84
C7 NAG ZB . -114.83 -0.68 19.56
C8 NAG ZB . -113.88 -1.09 18.49
N2 NAG ZB . -116.10 -0.54 19.19
O3 NAG ZB . -117.73 -2.44 20.54
O4 NAG ZB . -120.46 -1.64 21.02
O5 NAG ZB . -118.72 1.57 20.73
O6 NAG ZB . -120.07 1.63 23.00
O7 NAG ZB . -114.46 -0.49 20.72
C1 BMA ZB . -120.63 -2.36 22.26
C2 BMA ZB . -121.71 -3.45 22.04
C3 BMA ZB . -121.83 -4.33 23.28
C4 BMA ZB . -120.46 -4.83 23.74
C5 BMA ZB . -119.53 -3.63 23.95
C6 BMA ZB . -118.14 -4.03 24.40
O2 BMA ZB . -121.34 -4.32 20.98
O3 BMA ZB . -122.69 -5.43 23.06
O4 BMA ZB . -120.57 -5.54 24.95
O5 BMA ZB . -119.40 -2.94 22.70
O6 BMA ZB . -118.27 -4.74 25.62
C1 NAG AC . -97.70 -61.96 89.72
C2 NAG AC . -96.51 -62.90 89.69
C3 NAG AC . -95.62 -62.56 88.50
C4 NAG AC . -96.41 -62.57 87.21
C5 NAG AC . -97.68 -61.72 87.34
C6 NAG AC . -98.63 -61.88 86.17
C7 NAG AC . -95.93 -63.71 91.93
C8 NAG AC . -95.07 -63.50 93.15
N2 NAG AC . -95.76 -62.84 90.93
O3 NAG AC . -94.55 -63.51 88.43
O4 NAG AC . -95.58 -62.06 86.17
O5 NAG AC . -98.41 -62.08 88.51
O6 NAG AC . -99.16 -63.20 86.13
O7 NAG AC . -96.75 -64.61 91.87
C1 NAG AC . -95.50 -62.84 84.95
C2 NAG AC . -95.84 -64.35 85.17
C3 NAG AC . -95.95 -65.11 83.85
C4 NAG AC . -96.81 -64.34 82.84
C5 NAG AC . -96.34 -62.90 82.73
C6 NAG AC . -97.20 -62.06 81.81
C7 NAG AC . -93.60 -65.22 85.98
C8 NAG AC . -92.90 -64.68 84.75
N2 NAG AC . -94.93 -65.02 86.09
O3 NAG AC . -96.54 -66.38 84.08
O4 NAG AC . -96.75 -64.94 81.55
O5 NAG AC . -96.41 -62.28 84.02
O6 NAG AC . -98.42 -61.69 82.43
O7 NAG AC . -92.98 -65.82 86.84
C1 BMA AC . -95.50 -65.60 81.19
C2 BMA AC . -95.69 -66.16 79.75
C3 BMA AC . -94.36 -66.61 79.13
C4 BMA AC . -93.22 -65.60 79.41
C5 BMA AC . -93.14 -65.33 80.90
C6 BMA AC . -92.01 -64.39 81.27
O2 BMA AC . -96.21 -65.17 78.88
O3 BMA AC . -94.47 -66.80 77.73
O4 BMA AC . -91.97 -66.13 78.94
O5 BMA AC . -94.37 -64.73 81.28
O6 BMA AC . -90.91 -64.69 80.41
C1 NAG BC . -54.73 -80.57 75.55
C2 NAG BC . -54.15 -81.38 76.70
C3 NAG BC . -52.84 -82.02 76.27
C4 NAG BC . -53.06 -82.87 75.03
C5 NAG BC . -53.70 -82.01 73.93
C6 NAG BC . -54.07 -82.80 72.69
C7 NAG BC . -54.06 -81.05 79.12
C8 NAG BC . -53.81 -80.09 80.24
N2 NAG BC . -53.94 -80.57 77.88
O3 NAG BC . -52.34 -82.81 77.35
O4 NAG BC . -51.84 -83.38 74.53
O5 NAG BC . -54.92 -81.42 74.42
O6 NAG BC . -55.34 -82.41 72.20
O7 NAG BC . -54.35 -82.22 79.33
C1 NAG BC . -51.55 -84.66 75.15
C2 NAG BC . -51.77 -85.81 74.15
C3 NAG BC . -51.35 -87.14 74.79
C4 NAG BC . -49.95 -87.06 75.39
C5 NAG BC . -49.85 -85.86 76.32
C6 NAG BC . -48.47 -85.64 76.87
C7 NAG BC . -53.54 -86.04 72.45
C8 NAG BC . -52.43 -86.19 71.45
N2 NAG BC . -53.16 -85.87 73.73
O3 NAG BC . -51.39 -88.17 73.81
O4 NAG BC . -49.70 -88.24 76.14
O5 NAG BC . -50.19 -84.67 75.60
O6 NAG BC . -48.00 -84.32 76.60
O7 NAG BC . -54.72 -86.09 72.13
C1 BMA BC . -48.52 -88.91 75.65
C2 BMA BC . -47.58 -89.12 76.85
C3 BMA BC . -46.35 -89.92 76.43
C4 BMA BC . -46.76 -91.20 75.70
C5 BMA BC . -47.69 -90.86 74.53
C6 BMA BC . -48.16 -92.09 73.79
O2 BMA BC . -48.21 -89.88 77.87
O3 BMA BC . -45.55 -90.24 77.56
O4 BMA BC . -45.61 -91.86 75.20
O5 BMA BC . -48.84 -90.16 75.03
O6 BMA BC . -47.05 -92.96 73.61
C1 NAG CC . -60.10 -64.83 -13.98
C2 NAG CC . -59.88 -63.36 -14.21
C3 NAG CC . -58.39 -63.06 -14.35
C4 NAG CC . -57.62 -63.63 -13.16
C5 NAG CC . -58.00 -65.08 -12.90
C6 NAG CC . -57.43 -65.62 -11.61
C7 NAG CC . -60.88 -61.62 -15.63
C8 NAG CC . -61.62 -61.32 -16.89
N2 NAG CC . -60.60 -62.90 -15.40
O3 NAG CC . -58.19 -61.66 -14.44
O4 NAG CC . -56.23 -63.59 -13.44
O5 NAG CC . -59.42 -65.23 -12.81
O6 NAG CC . -58.38 -66.39 -10.90
O7 NAG CC . -60.54 -60.73 -14.85
C1 NAG CC . -55.66 -62.38 -12.89
C2 NAG CC . -54.25 -62.67 -12.38
C3 NAG CC . -53.63 -61.40 -11.83
C4 NAG CC . -53.71 -60.25 -12.83
C5 NAG CC . -55.12 -60.12 -13.40
C6 NAG CC . -55.20 -59.14 -14.54
C7 NAG CC . -53.41 -64.72 -11.33
C8 NAG CC . -52.40 -64.75 -12.42
N2 NAG CC . -54.29 -63.71 -11.37
O3 NAG CC . -52.27 -61.66 -11.50
O4 NAG CC . -53.41 -59.03 -12.15
O5 NAG CC . -55.60 -61.37 -13.90
O6 NAG CC . -56.39 -59.33 -15.30
O7 NAG CC . -53.46 -65.57 -10.46
C1 BMA CC . -52.07 -58.55 -12.41
C2 BMA CC . -51.30 -58.55 -11.08
C3 BMA CC . -49.89 -58.02 -11.31
C4 BMA CC . -49.20 -58.72 -12.49
C5 BMA CC . -50.12 -58.76 -13.73
C6 BMA CC . -49.52 -59.57 -14.87
O2 BMA CC . -51.15 -59.87 -10.60
O3 BMA CC . -49.09 -58.16 -10.14
O4 BMA CC . -48.00 -58.02 -12.81
O5 BMA CC . -51.38 -59.34 -13.36
O6 BMA CC . -48.20 -59.12 -15.10
C1 NAG DC . -97.36 -24.68 4.94
C2 NAG DC . -96.65 -25.00 3.61
C3 NAG DC . -95.38 -24.16 3.47
C4 NAG DC . -95.72 -22.68 3.63
C5 NAG DC . -96.47 -22.45 4.95
C6 NAG DC . -96.94 -21.03 5.11
C7 NAG DC . -95.64 -27.27 4.15
C8 NAG DC . -94.96 -26.71 5.38
N2 NAG DC . -96.38 -26.43 3.41
O3 NAG DC . -94.78 -24.38 2.20
O4 NAG DC . -94.53 -21.91 3.63
O5 NAG DC . -97.64 -23.29 5.00
O6 NAG DC . -98.24 -20.85 4.55
O7 NAG DC . -95.51 -28.44 3.84
C1 NAG DC . -94.52 -21.01 2.50
C2 NAG DC . -93.72 -19.78 2.90
C3 NAG DC . -93.63 -18.80 1.73
C4 NAG DC . -93.12 -19.50 0.48
C5 NAG DC . -93.94 -20.76 0.20
C6 NAG DC . -93.38 -21.58 -0.95
C7 NAG DC . -93.57 -18.50 4.98
C8 NAG DC . -94.34 -17.89 6.12
N2 NAG DC . -94.29 -19.12 4.06
O3 NAG DC . -92.76 -17.73 2.08
O4 NAG DC . -93.23 -18.63 -0.64
O5 NAG DC . -93.93 -21.61 1.35
O6 NAG DC . -94.15 -21.39 -2.13
O7 NAG DC . -92.35 -18.43 4.92
C1 BMA DC . -91.93 -18.17 -1.07
C2 BMA DC . -91.76 -18.53 -2.55
C3 BMA DC . -90.42 -18.03 -3.04
C4 BMA DC . -90.24 -16.54 -2.74
C5 BMA DC . -90.51 -16.23 -1.27
C6 BMA DC . -90.52 -14.74 -0.98
O2 BMA DC . -92.74 -17.85 -3.32
O3 BMA DC . -90.25 -18.26 -4.43
O4 BMA DC . -88.92 -16.15 -3.06
O5 BMA DC . -91.80 -16.77 -0.90
O6 BMA DC . -90.50 -14.54 0.42
C1 NAG EC . -140.36 -27.21 11.23
C2 NAG EC . -140.22 -26.73 12.66
C3 NAG EC . -140.80 -25.34 12.80
C4 NAG EC . -140.14 -24.39 11.82
C5 NAG EC . -140.17 -24.97 10.39
C6 NAG EC . -139.34 -24.17 9.42
C7 NAG EC . -142.14 -27.94 13.68
C8 NAG EC . -142.53 -28.91 14.74
N2 NAG EC . -140.83 -27.66 13.61
O3 NAG EC . -140.63 -24.88 14.14
O4 NAG EC . -140.80 -23.13 11.80
O5 NAG EC . -139.67 -26.31 10.36
O6 NAG EC . -138.01 -24.66 9.37
O7 NAG EC . -142.94 -27.42 12.92
C1 NAG EC . -140.15 -22.20 12.68
C2 NAG EC . -139.82 -20.92 11.92
C3 NAG EC . -139.16 -19.90 12.85
C4 NAG EC . -140.01 -19.68 14.09
C5 NAG EC . -140.37 -21.00 14.75
C6 NAG EC . -141.36 -20.85 15.88
C7 NAG EC . -139.04 -20.53 9.62
C8 NAG EC . -138.06 -20.94 8.56
N2 NAG EC . -138.95 -21.20 10.78
O3 NAG EC . -138.99 -18.67 12.15
O4 NAG EC . -139.25 -18.91 15.02
O5 NAG EC . -140.98 -21.89 13.79
O6 NAG EC . -140.84 -20.06 16.93
O7 NAG EC . -139.87 -19.65 9.44
C1 BMA EC . -139.80 -17.59 15.23
C2 BMA EC . -138.75 -16.54 14.80
C3 BMA EC . -139.34 -15.15 14.91
C4 BMA EC . -140.69 -15.06 14.18
C5 BMA EC . -141.64 -16.15 14.71
C6 BMA EC . -142.97 -16.17 14.02
O2 BMA EC . -138.35 -16.72 13.46
O3 BMA EC . -138.45 -14.15 14.41
O4 BMA EC . -141.28 -13.79 14.37
O5 BMA EC . -141.00 -17.42 14.49
O6 BMA EC . -142.79 -16.73 12.73
C1 NAG FC . -114.95 -52.41 56.02
C2 NAG FC . -116.32 -52.75 56.58
C3 NAG FC . -117.13 -51.48 56.81
C4 NAG FC . -116.33 -50.43 57.56
C5 NAG FC . -114.90 -50.30 57.03
C6 NAG FC . -114.01 -49.47 57.93
C7 NAG FC . -117.41 -53.38 54.45
C8 NAG FC . -118.15 -54.46 53.73
N2 NAG FC . -117.05 -53.67 55.70
O3 NAG FC . -118.31 -51.81 57.54
O4 NAG FC . -116.96 -49.18 57.31
O5 NAG FC . -114.27 -51.59 56.91
O6 NAG FC . -114.31 -48.09 57.82
O7 NAG FC . -117.14 -52.31 53.91
C1 NAG FC . -117.52 -48.43 58.44
C2 NAG FC . -118.96 -48.89 58.64
C3 NAG FC . -119.62 -48.05 59.73
C4 NAG FC . -118.76 -47.95 60.98
C5 NAG FC . -117.28 -47.70 60.66
C6 NAG FC . -116.38 -47.87 61.86
C7 NAG FC . -120.83 -49.51 57.18
C8 NAG FC . -121.48 -49.30 55.84
N2 NAG FC . -119.71 -48.82 57.40
O3 NAG FC . -120.88 -48.63 60.04
O4 NAG FC . -119.17 -46.82 61.75
O5 NAG FC . -116.80 -48.61 59.65
O6 NAG FC . -115.20 -47.08 61.73
O7 NAG FC . -121.31 -50.26 58.03
C1 BMA FC . -120.35 -47.05 62.55
C2 BMA FC . -120.21 -46.16 63.81
C3 BMA FC . -121.50 -46.22 64.63
C4 BMA FC . -122.72 -45.92 63.76
C5 BMA FC . -122.75 -46.91 62.58
C6 BMA FC . -123.92 -46.67 61.65
O2 BMA FC . -120.03 -44.81 63.45
O3 BMA FC . -121.47 -45.30 65.74
O4 BMA FC . -123.91 -46.06 64.52
O5 BMA FC . -121.53 -46.72 61.83
O6 BMA FC . -125.11 -46.60 62.43
C1 NAG GC . -36.23 -88.05 43.17
C2 NAG GC . -36.29 -87.70 41.68
C3 NAG GC . -36.34 -86.19 41.50
C4 NAG GC . -37.49 -85.59 42.30
C5 NAG GC . -37.36 -86.01 43.76
C6 NAG GC . -38.53 -85.56 44.61
C7 NAG GC . -35.27 -89.19 40.02
C8 NAG GC . -36.66 -89.64 39.71
N2 NAG GC . -35.15 -88.26 40.98
O3 NAG GC . -36.52 -85.89 40.12
O4 NAG GC . -37.47 -84.17 42.19
O5 NAG GC . -37.33 -87.45 43.84
O6 NAG GC . -38.58 -84.15 44.71
O7 NAG GC . -34.28 -89.64 39.44
C1 NAG GC . -38.70 -83.76 41.52
C2 NAG GC . -38.88 -82.26 41.71
C3 NAG GC . -40.17 -81.80 41.03
C4 NAG GC . -40.18 -82.24 39.57
C5 NAG GC . -39.90 -83.74 39.45
C6 NAG GC . -39.76 -84.22 38.03
C7 NAG GC . -37.86 -81.30 43.72
C8 NAG GC . -38.04 -80.99 45.18
N2 NAG GC . -38.89 -81.89 43.11
O3 NAG GC . -40.27 -80.38 41.10
O4 NAG GC . -41.46 -81.99 38.99
O5 NAG GC . -38.67 -84.07 40.13
O6 NAG GC . -40.94 -83.96 37.29
O7 NAG GC . -36.83 -81.02 43.12
C1 BMA GC . -41.43 -80.78 38.20
C2 BMA GC . -42.38 -80.99 36.97
C3 BMA GC . -42.79 -79.66 36.32
C4 BMA GC . -43.14 -78.62 37.36
C5 BMA GC . -41.96 -78.44 38.29
C6 BMA GC . -42.19 -77.36 39.29
O2 BMA GC . -43.58 -81.64 37.35
O3 BMA GC . -43.89 -79.84 35.43
O4 BMA GC . -43.44 -77.39 36.73
O5 BMA GC . -41.80 -79.66 39.01
O6 BMA GC . -43.35 -77.71 40.03
C1 NAG HC . -8.39 -88.90 -7.56
C2 NAG HC . -9.40 -87.83 -7.20
C3 NAG HC . -9.08 -86.53 -7.94
C4 NAG HC . -7.64 -86.12 -7.67
C5 NAG HC . -6.69 -87.28 -7.97
C6 NAG HC . -5.26 -86.98 -7.57
C7 NAG HC . -11.73 -88.31 -6.59
C8 NAG HC . -11.35 -87.90 -5.21
N2 NAG HC . -10.76 -88.27 -7.51
O3 NAG HC . -9.97 -85.52 -7.50
O4 NAG HC . -7.28 -85.03 -8.51
O5 NAG HC . -7.09 -88.45 -7.24
O6 NAG HC . -4.53 -86.44 -8.67
O7 NAG HC . -12.86 -88.67 -6.87
C1 NAG HC . -7.43 -83.77 -7.81
C2 NAG HC . -6.19 -82.92 -8.03
C3 NAG HC . -6.34 -81.60 -7.29
C4 NAG HC . -7.64 -80.90 -7.69
C5 NAG HC . -8.83 -81.83 -7.56
C6 NAG HC . -10.11 -81.25 -8.12
C7 NAG HC . -3.85 -83.59 -8.31
C8 NAG HC . -3.87 -82.81 -9.59
N2 NAG HC . -4.98 -83.61 -7.61
O3 NAG HC . -5.22 -80.76 -7.57
O4 NAG HC . -7.84 -79.78 -6.83
O5 NAG HC . -8.59 -83.07 -8.25
O6 NAG HC . -10.59 -80.18 -7.34
O7 NAG HC . -2.85 -84.19 -7.94
C1 BMA HC . -7.56 -78.54 -7.50
C2 BMA HC . -8.19 -77.40 -6.65
C3 BMA HC . -7.77 -76.03 -7.21
C4 BMA HC . -6.27 -75.95 -7.40
C5 BMA HC . -5.80 -77.10 -8.30
C6 BMA HC . -4.31 -77.09 -8.51
O2 BMA HC . -7.72 -77.46 -5.31
O3 BMA HC . -8.20 -74.98 -6.35
O4 BMA HC . -5.94 -74.72 -8.03
O5 BMA HC . -6.15 -78.34 -7.66
O6 BMA HC . -3.69 -76.86 -7.25
C1 NAG IC . 54.99 -85.91 11.68
C2 NAG IC . 53.79 -85.92 10.76
C3 NAG IC . 52.71 -84.98 11.27
C4 NAG IC . 52.37 -85.27 12.72
C5 NAG IC . 53.64 -85.30 13.56
C6 NAG IC . 53.40 -85.75 14.99
C7 NAG IC . 53.78 -86.24 8.33
C8 NAG IC . 52.92 -87.44 8.58
N2 NAG IC . 54.17 -85.56 9.40
O3 NAG IC . 51.54 -85.13 10.46
O4 NAG IC . 51.51 -84.24 13.21
O5 NAG IC . 54.57 -86.24 12.99
O6 NAG IC . 53.56 -87.15 15.11
O7 NAG IC . 54.13 -85.91 7.19
C1 NAG IC . 50.29 -84.79 13.73
C2 NAG IC . 49.40 -83.62 14.16
C3 NAG IC . 48.06 -84.12 14.69
C4 NAG IC . 47.41 -85.07 13.71
C5 NAG IC . 48.39 -86.16 13.26
C6 NAG IC . 47.84 -87.04 12.16
C7 NAG IC . 50.52 -82.91 16.32
C8 NAG IC . 50.37 -84.30 16.89
N2 NAG IC . 50.05 -82.69 15.07
O3 NAG IC . 47.22 -82.99 14.92
O4 NAG IC . 46.31 -85.73 14.33
O5 NAG IC . 49.60 -85.57 12.76
O6 NAG IC . 47.54 -88.34 12.63
O7 NAG IC . 51.05 -82.02 16.96
C1 BMA IC . 45.07 -85.03 14.08
C2 BMA IC . 44.00 -86.09 13.74
C3 BMA IC . 42.61 -85.45 13.72
C4 BMA IC . 42.37 -84.59 14.96
C5 BMA IC . 43.49 -83.55 15.09
C6 BMA IC . 43.33 -82.67 16.30
O2 BMA IC . 43.96 -87.08 14.75
O3 BMA IC . 41.58 -86.42 13.60
O4 BMA IC . 41.12 -83.93 14.86
O5 BMA IC . 44.72 -84.26 15.21
O6 BMA IC . 41.95 -82.36 16.42
C1 NAG JC . 34.89 -68.35 -39.78
C2 NAG JC . 33.99 -68.07 -38.60
C3 NAG JC . 33.12 -66.85 -38.90
C4 NAG JC . 33.99 -65.66 -39.28
C5 NAG JC . 34.96 -66.04 -40.40
C6 NAG JC . 35.97 -64.97 -40.71
C7 NAG JC . 33.48 -70.09 -37.34
C8 NAG JC . 32.53 -71.23 -37.12
N2 NAG JC . 33.15 -69.21 -38.28
O3 NAG JC . 32.33 -66.55 -37.76
O4 NAG JC . 33.18 -64.59 -39.76
O5 NAG JC . 35.71 -67.21 -40.04
O6 NAG JC . 35.34 -63.69 -40.79
O7 NAG JC . 34.52 -70.00 -36.69
C1 NAG JC . 32.97 -63.64 -38.69
C2 NAG JC . 32.80 -62.26 -39.29
C3 NAG JC . 32.54 -61.24 -38.19
C4 NAG JC . 31.37 -61.69 -37.32
C5 NAG JC . 31.58 -63.11 -36.83
C6 NAG JC . 30.38 -63.67 -36.10
C7 NAG JC . 33.93 -60.87 -40.97
C8 NAG JC . 35.22 -60.61 -41.69
N2 NAG JC . 33.95 -61.88 -40.08
O3 NAG JC . 32.27 -59.97 -38.74
O4 NAG JC . 31.25 -60.83 -36.20
O5 NAG JC . 31.82 -63.99 -37.93
O6 NAG JC . 29.96 -64.89 -36.69
O7 NAG JC . 32.93 -60.21 -41.17
C1 BMA JC . 30.13 -59.93 -36.39
C2 BMA JC . 29.27 -59.99 -35.12
C3 BMA JC . 28.16 -58.95 -35.20
C4 BMA JC . 28.70 -57.57 -35.59
C5 BMA JC . 29.53 -57.66 -36.87
C6 BMA JC . 30.16 -56.33 -37.24
O2 BMA JC . 30.04 -59.66 -33.98
O3 BMA JC . 27.44 -58.86 -33.97
O4 BMA JC . 27.63 -56.67 -35.80
O5 BMA JC . 30.59 -58.61 -36.66
O6 BMA JC . 30.88 -56.50 -38.45
C1 NAG KC . 135.20 -44.98 -2.94
C2 NAG KC . 134.92 -43.94 -4.02
C3 NAG KC . 133.43 -43.87 -4.31
C4 NAG KC . 132.91 -45.25 -4.69
C5 NAG KC . 133.23 -46.24 -3.57
C6 NAG KC . 132.85 -47.67 -3.92
C7 NAG KC . 136.00 -41.82 -4.53
C8 NAG KC . 136.48 -40.51 -3.99
N2 NAG KC . 135.44 -42.64 -3.65
O3 NAG KC . 133.19 -42.95 -5.35
O4 NAG KC . 131.51 -45.20 -4.93
O5 NAG KC . 134.64 -46.24 -3.32
O6 NAG KC . 133.42 -48.06 -5.15
O7 NAG KC . 136.11 -42.10 -5.72
C1 NAG KC . 131.33 -45.68 -6.28
C2 NAG KC . 129.93 -46.30 -6.37
C3 NAG KC . 129.67 -46.79 -7.79
C4 NAG KC . 129.92 -45.68 -8.80
C5 NAG KC . 131.31 -45.06 -8.59
C6 NAG KC . 131.56 -43.87 -9.46
C7 NAG KC . 129.31 -47.22 -4.19
C8 NAG KC . 129.22 -48.45 -3.34
N2 NAG KC . 129.78 -47.39 -5.42
O3 NAG KC . 128.33 -47.25 -7.90
O4 NAG KC . 129.84 -46.19 -10.12
O5 NAG KC . 131.45 -44.62 -7.23
O6 NAG KC . 130.61 -42.84 -9.24
O7 NAG KC . 128.95 -46.11 -3.78
C1 BMA KC . 128.66 -45.66 -10.77
C2 BMA KC . 128.48 -46.45 -12.09
C3 BMA KC . 127.13 -46.11 -12.74
C4 BMA KC . 125.98 -46.12 -11.72
C5 BMA KC . 126.33 -45.25 -10.52
C6 BMA KC . 125.25 -45.27 -9.47
O2 BMA KC . 128.47 -47.85 -11.84
O3 BMA KC . 126.84 -47.02 -13.79
O4 BMA KC . 124.80 -45.62 -12.32
O5 BMA KC . 127.52 -45.77 -9.93
O6 BMA KC . 124.00 -45.29 -10.15
C1 NAG LC . 38.48 -29.85 -26.12
C2 NAG LC . 37.30 -30.53 -25.48
C3 NAG LC . 37.76 -31.48 -24.40
C4 NAG LC . 38.79 -32.46 -24.92
C5 NAG LC . 39.89 -31.74 -25.71
C6 NAG LC . 40.77 -32.69 -26.50
C7 NAG LC . 35.31 -29.10 -25.67
C8 NAG LC . 34.43 -28.11 -24.98
N2 NAG LC . 36.35 -29.56 -24.96
O3 NAG LC . 36.63 -32.18 -23.88
O4 NAG LC . 39.36 -33.10 -23.79
O5 NAG LC . 39.34 -30.82 -26.66
O6 NAG LC . 40.12 -33.13 -27.69
O7 NAG LC . 35.11 -29.47 -26.82
C1 NAG LC . 39.70 -34.52 -23.81
C2 NAG LC . 38.87 -35.35 -24.83
C3 NAG LC . 39.40 -36.79 -24.95
C4 NAG LC . 40.92 -36.82 -25.09
C5 NAG LC . 41.58 -35.98 -24.00
C6 NAG LC . 43.07 -35.92 -24.13
C7 NAG LC . 36.74 -35.78 -23.54
C8 NAG LC . 37.51 -36.40 -22.40
N2 NAG LC . 37.44 -35.32 -24.59
O3 NAG LC . 38.79 -37.41 -26.08
O4 NAG LC . 41.43 -38.15 -25.02
O5 NAG LC . 41.09 -34.64 -24.08
O6 NAG LC . 43.46 -35.01 -25.16
O7 NAG LC . 35.51 -35.68 -23.49
C1 BMA LC . 40.65 -39.10 -24.25
C2 BMA LC . 41.30 -40.50 -24.44
C3 BMA LC . 40.60 -41.57 -23.56
C4 BMA LC . 40.35 -41.08 -22.12
C5 BMA LC . 39.71 -39.69 -22.13
C6 BMA LC . 39.49 -39.14 -20.73
O2 BMA LC . 42.68 -40.50 -24.09
O3 BMA LC . 41.32 -42.79 -23.53
O4 BMA LC . 39.51 -41.99 -21.45
O5 BMA LC . 40.58 -38.79 -22.85
O6 BMA LC . 38.59 -40.00 -20.07
C1 NAG MC . 15.70 -58.39 5.91
C2 NAG MC . 14.25 -57.99 6.04
C3 NAG MC . 13.54 -58.89 7.04
C4 NAG MC . 13.75 -60.36 6.66
C5 NAG MC . 15.23 -60.65 6.44
C6 NAG MC . 15.49 -62.04 5.90
C7 NAG MC . 13.02 -55.88 6.23
C8 NAG MC . 13.07 -54.46 6.68
N2 NAG MC . 14.13 -56.60 6.42
O3 NAG MC . 12.16 -58.56 7.07
O4 NAG MC . 13.29 -61.22 7.68
O5 NAG MC . 15.79 -59.73 5.49
O6 NAG MC . 16.77 -62.13 5.27
O7 NAG MC . 12.03 -56.36 5.69
C1 NAG MC . 11.89 -61.53 7.43
C2 NAG MC . 11.72 -62.96 6.93
C3 NAG MC . 10.24 -63.25 6.71
C4 NAG MC . 9.45 -62.94 7.98
C5 NAG MC . 9.76 -61.53 8.49
C6 NAG MC . 9.14 -61.25 9.84
C7 NAG MC . 13.19 -64.28 5.45
C8 NAG MC . 13.23 -65.30 6.54
N2 NAG MC . 12.47 -63.18 5.69
O3 NAG MC . 10.07 -64.63 6.37
O4 NAG MC . 8.06 -63.03 7.68
O5 NAG MC . 11.17 -61.36 8.65
O6 NAG MC . 9.85 -61.93 10.86
O7 NAG MC . 13.81 -64.42 4.40
C1 BMA MC . 7.48 -64.07 8.47
C2 BMA MC . 6.13 -63.54 9.04
C3 BMA MC . 5.37 -64.66 9.75
C4 BMA MC . 5.33 -65.95 8.91
C5 BMA MC . 6.75 -66.34 8.49
C6 BMA MC . 6.79 -67.60 7.65
O2 BMA MC . 5.29 -63.06 8.00
O3 BMA MC . 4.05 -64.25 10.09
O4 BMA MC . 4.77 -66.99 9.67
O5 BMA MC . 7.29 -65.26 7.72
O6 BMA MC . 6.29 -68.66 8.44
C1 NAG NC . 113.35 -75.59 2.86
C2 NAG NC . 113.68 -76.98 3.43
C3 NAG NC . 113.88 -76.92 4.94
C4 NAG NC . 114.91 -75.85 5.29
C5 NAG NC . 114.48 -74.51 4.69
C6 NAG NC . 115.48 -73.41 4.92
C7 NAG NC . 111.42 -78.11 3.29
C8 NAG NC . 110.78 -76.99 4.07
N2 NAG NC . 112.74 -78.03 3.04
O3 NAG NC . 114.33 -78.19 5.41
O4 NAG NC . 115.02 -75.72 6.70
O5 NAG NC . 114.34 -74.65 3.27
O6 NAG NC . 116.55 -73.48 3.98
O7 NAG NC . 110.77 -79.07 2.89
C1 NAG NC . 116.33 -76.15 7.14
C2 NAG NC . 116.73 -75.28 8.32
C3 NAG NC . 118.10 -75.69 8.83
C4 NAG NC . 118.10 -77.18 9.18
C5 NAG NC . 117.63 -78.00 7.98
C6 NAG NC . 117.46 -79.47 8.31
C7 NAG NC . 116.19 -72.94 8.80
C8 NAG NC . 116.24 -71.54 8.31
N2 NAG NC . 116.71 -73.87 7.99
O3 NAG NC . 118.44 -74.92 9.97
O4 NAG NC . 119.40 -77.60 9.58
O5 NAG NC . 116.36 -77.54 7.52
O6 NAG NC . 118.49 -80.26 7.73
O7 NAG NC . 115.71 -73.23 9.89
C1 BMA NC . 119.36 -77.83 11.01
C2 BMA NC . 119.81 -79.26 11.30
C3 BMA NC . 119.78 -79.50 12.81
C4 BMA NC . 120.50 -78.37 13.58
C5 BMA NC . 120.04 -76.99 13.11
C6 BMA NC . 120.84 -75.87 13.73
O2 BMA NC . 121.15 -79.46 10.89
O3 BMA NC . 120.35 -80.76 13.15
O4 BMA NC . 120.20 -78.50 14.96
O5 BMA NC . 120.20 -76.91 11.69
O6 BMA NC . 120.13 -74.65 13.55
C1 NAG OC . 80.56 -119.28 21.09
C2 NAG OC . 81.69 -118.81 21.99
C3 NAG OC . 81.30 -118.97 23.46
C4 NAG OC . 79.95 -118.34 23.75
C5 NAG OC . 78.92 -118.83 22.73
C6 NAG OC . 77.58 -118.14 22.87
C7 NAG OC . 84.13 -119.17 22.14
C8 NAG OC . 85.27 -120.04 21.74
N2 NAG OC . 82.92 -119.54 21.70
O3 NAG OC . 82.30 -118.38 24.29
O4 NAG OC . 79.50 -118.72 25.04
O5 NAG OC . 79.38 -118.57 21.40
O6 NAG OC . 76.79 -118.32 21.70
O7 NAG OC . 84.29 -118.17 22.83
C1 NAG OC . 79.74 -117.65 25.98
C2 NAG OC . 78.60 -117.64 26.99
C3 NAG OC . 78.83 -116.55 28.02
C4 NAG OC . 80.20 -116.69 28.66
C5 NAG OC . 81.29 -116.79 27.59
C6 NAG OC . 82.65 -117.10 28.15
C7 NAG OC . 76.25 -118.24 26.59
C8 NAG OC . 76.47 -119.34 27.58
N2 NAG OC . 77.31 -117.47 26.34
O3 NAG OC . 77.81 -116.63 29.02
O4 NAG OC . 80.47 -115.54 29.45
O5 NAG OC . 80.97 -117.84 26.66
O6 NAG OC . 83.23 -118.22 27.50
O7 NAG OC . 75.18 -118.08 26.02
C1 BMA OC . 80.36 -115.84 30.86
C2 BMA OC . 79.48 -114.73 31.48
C3 BMA OC . 79.23 -115.04 32.95
C4 BMA OC . 78.70 -116.48 33.13
C5 BMA OC . 79.68 -117.46 32.46
C6 BMA OC . 79.23 -118.90 32.58
O2 BMA OC . 78.21 -114.70 30.84
O3 BMA OC . 78.31 -114.12 33.53
O4 BMA OC . 78.58 -116.78 34.50
O5 BMA OC . 79.78 -117.13 31.07
O6 BMA OC . 79.16 -119.25 33.95
C1 NAG PC . 71.99 -48.27 -32.43
C2 NAG PC . 72.34 -47.98 -33.87
C3 NAG PC . 73.45 -46.94 -33.94
C4 NAG PC . 73.15 -45.73 -33.08
C5 NAG PC . 72.59 -46.11 -31.70
C6 NAG PC . 71.99 -44.93 -30.97
C7 NAG PC . 73.78 -49.96 -34.22
C8 NAG PC . 74.02 -51.17 -35.08
N2 NAG PC . 72.73 -49.20 -34.57
O3 NAG PC . 73.62 -46.55 -35.30
O4 NAG PC . 74.40 -45.07 -32.84
O5 NAG PC . 71.55 -47.09 -31.82
O6 NAG PC . 72.98 -44.01 -30.57
O7 NAG PC . 74.50 -49.70 -33.25
C1 NAG PC . 74.54 -43.69 -33.30
C2 NAG PC . 74.87 -43.69 -34.79
C3 NAG PC . 75.06 -42.25 -35.29
C4 NAG PC . 73.90 -41.36 -34.86
C5 NAG PC . 73.55 -41.56 -33.39
C6 NAG PC . 72.30 -40.82 -32.96
C7 NAG PC . 76.21 -45.26 -36.12
C8 NAG PC . 77.53 -45.98 -36.23
N2 NAG PC . 76.07 -44.47 -35.05
O3 NAG PC . 75.17 -42.29 -36.71
O4 NAG PC . 74.27 -39.99 -35.00
O5 NAG PC . 73.34 -42.94 -33.09
O6 NAG PC . 72.08 -40.97 -31.56
O7 NAG PC . 75.34 -45.38 -36.97
C1 BMA PC . 74.28 -39.46 -36.34
C2 BMA PC . 73.89 -37.97 -36.22
C3 BMA PC . 74.20 -37.22 -37.51
C4 BMA PC . 75.62 -37.48 -37.95
C5 BMA PC . 75.76 -38.97 -38.19
C6 BMA PC . 77.16 -39.33 -38.70
O2 BMA PC . 74.65 -37.35 -35.20
O3 BMA PC . 74.00 -35.83 -37.35
O4 BMA PC . 75.89 -36.78 -39.15
O5 BMA PC . 75.55 -39.64 -36.94
O6 BMA PC . 77.45 -38.51 -39.82
C1 NAG QC . 126.69 -65.82 -37.51
C2 NAG QC . 126.14 -64.41 -37.36
C3 NAG QC . 127.29 -63.43 -37.11
C4 NAG QC . 128.12 -63.89 -35.92
C5 NAG QC . 128.55 -65.34 -36.09
C6 NAG QC . 129.25 -65.89 -34.86
C7 NAG QC . 125.85 -63.89 -39.76
C8 NAG QC . 124.87 -63.47 -40.82
N2 NAG QC . 125.36 -64.01 -38.52
O3 NAG QC . 126.76 -62.13 -36.88
O4 NAG QC . 129.30 -63.09 -35.82
O5 NAG QC . 127.41 -66.18 -36.33
O6 NAG QC . 128.75 -67.17 -34.53
O7 NAG QC . 127.03 -64.12 -40.03
C1 NAG QC . 129.12 -62.06 -34.83
C2 NAG QC . 130.38 -61.95 -34.00
C3 NAG QC . 130.27 -60.79 -33.01
C4 NAG QC . 129.90 -59.51 -33.73
C5 NAG QC . 128.64 -59.72 -34.57
C6 NAG QC . 128.28 -58.53 -35.41
C7 NAG QC . 131.84 -63.81 -33.32
C8 NAG QC . 131.93 -65.09 -32.54
N2 NAG QC . 130.65 -63.20 -33.30
O3 NAG QC . 131.51 -60.63 -32.33
O4 NAG QC . 129.68 -58.47 -32.79
O5 NAG QC . 128.85 -60.81 -35.48
O6 NAG QC . 127.92 -57.41 -34.60
O7 NAG QC . 132.79 -63.35 -33.94
C1 BMA QC . 130.69 -57.45 -32.92
C2 BMA QC . 131.35 -57.25 -31.54
C3 BMA QC . 132.49 -56.25 -31.66
C4 BMA QC . 133.46 -56.64 -32.79
C5 BMA QC . 132.68 -56.82 -34.10
C6 BMA QC . 133.56 -57.28 -35.25
O2 BMA QC . 131.90 -58.45 -31.07
O3 BMA QC . 133.20 -56.13 -30.43
O4 BMA QC . 134.44 -55.63 -32.95
O5 BMA QC . 131.67 -57.82 -33.89
O6 BMA QC . 133.74 -58.69 -35.13
C1 NAG RC . 21.24 -91.32 24.34
C2 NAG RC . 22.39 -92.31 24.54
C3 NAG RC . 23.60 -91.62 25.15
C4 NAG RC . 24.00 -90.43 24.29
C5 NAG RC . 22.81 -89.49 24.16
C6 NAG RC . 23.09 -88.30 23.27
C7 NAG RC . 22.02 -94.70 24.97
C8 NAG RC . 22.55 -94.93 23.58
N2 NAG RC . 21.96 -93.42 25.38
O3 NAG RC . 24.67 -92.55 25.23
O4 NAG RC . 25.11 -89.75 24.87
O5 NAG RC . 21.71 -90.20 23.58
O6 NAG RC . 24.15 -87.51 23.78
O7 NAG RC . 21.65 -95.62 25.69
C1 NAG RC . 26.24 -89.91 23.99
C2 NAG RC . 27.29 -88.91 24.45
C3 NAG RC . 28.54 -89.03 23.57
C4 NAG RC . 29.05 -90.47 23.58
C5 NAG RC . 27.93 -91.43 23.19
C6 NAG RC . 28.32 -92.88 23.33
C7 NAG RC . 26.86 -86.73 25.48
C8 NAG RC . 26.27 -85.37 25.29
N2 NAG RC . 26.78 -87.55 24.43
O3 NAG RC . 29.54 -88.14 24.06
O4 NAG RC . 30.13 -90.60 22.67
O5 NAG RC . 26.78 -91.23 24.04
O6 NAG RC . 29.51 -93.17 22.61
O7 NAG RC . 27.39 -87.07 26.53
C1 BMA RC . 31.39 -90.60 23.38
C2 BMA RC . 32.45 -91.36 22.53
C3 BMA RC . 33.83 -91.23 23.16
C4 BMA RC . 34.16 -89.76 23.45
C5 BMA RC . 33.07 -89.17 24.35
C6 BMA RC . 33.31 -87.71 24.69
O2 BMA RC . 32.54 -90.82 21.23
O3 BMA RC . 34.85 -91.78 22.33
O4 BMA RC . 35.41 -89.68 24.11
O5 BMA RC . 31.82 -89.27 23.66
O6 BMA RC . 33.24 -86.98 23.47
C1 NAG SC . 38.35 -136.41 55.68
C2 NAG SC . 39.30 -135.30 55.22
C3 NAG SC . 40.45 -135.15 56.21
C4 NAG SC . 39.91 -134.95 57.63
C5 NAG SC . 38.91 -136.05 57.98
C6 NAG SC . 38.22 -135.82 59.30
C7 NAG SC . 39.52 -134.82 52.82
C8 NAG SC . 38.63 -133.64 53.07
N2 NAG SC . 39.82 -135.57 53.89
O3 NAG SC . 41.25 -134.03 55.83
O4 NAG SC . 40.98 -135.00 58.57
O5 NAG SC . 37.88 -136.11 56.99
O6 NAG SC . 38.87 -136.53 60.34
O7 NAG SC . 39.97 -135.07 51.71
C1 NAG SC . 41.36 -133.66 58.96
C2 NAG SC . 41.67 -133.64 60.45
C3 NAG SC . 42.11 -132.25 60.89
C4 NAG SC . 43.28 -131.77 60.03
C5 NAG SC . 42.93 -131.88 58.55
C6 NAG SC . 44.10 -131.57 57.63
C7 NAG SC . 40.58 -134.93 62.24
C8 NAG SC . 41.93 -135.46 62.56
N2 NAG SC . 40.50 -134.07 61.22
O3 NAG SC . 42.49 -132.28 62.26
O4 NAG SC . 43.57 -130.42 60.33
O5 NAG SC . 42.52 -133.23 58.23
O6 NAG SC . 44.16 -130.18 57.33
O7 NAG SC . 39.58 -135.27 62.87
C1 BMA SC . 44.81 -130.32 61.06
C2 BMA SC . 45.36 -128.89 60.85
C3 BMA SC . 46.62 -128.70 61.71
C4 BMA SC . 46.36 -129.08 63.17
C5 BMA SC . 45.81 -130.52 63.23
C6 BMA SC . 45.48 -130.96 64.65
O2 BMA SC . 44.42 -127.93 61.27
O3 BMA SC . 47.09 -127.35 61.64
O4 BMA SC . 47.56 -129.00 63.90
O5 BMA SC . 44.61 -130.59 62.45
O6 BMA SC . 44.35 -130.22 65.11
C1 NAG TC . -33.61 -49.61 13.34
C2 NAG TC . -33.68 -48.55 12.25
C3 NAG TC . -34.99 -47.79 12.36
C4 NAG TC . -36.16 -48.75 12.29
C5 NAG TC . -36.02 -49.82 13.36
C6 NAG TC . -37.08 -50.91 13.23
C7 NAG TC . -32.26 -46.75 11.39
C8 NAG TC . -31.07 -45.89 11.63
N2 NAG TC . -32.55 -47.64 12.34
O3 NAG TC . -35.09 -46.84 11.30
O4 NAG TC . -37.39 -48.04 12.46
O5 NAG TC . -34.76 -50.48 13.22
O6 NAG TC . -36.66 -51.92 12.32
O7 NAG TC . -32.95 -46.63 10.38
C1 NAG TC . -38.17 -48.19 11.25
C2 NAG TC . -39.65 -48.22 11.64
C3 NAG TC . -40.51 -48.37 10.39
C4 NAG TC . -40.19 -47.27 9.39
C5 NAG TC . -38.70 -47.25 9.09
C6 NAG TC . -38.29 -46.11 8.19
C7 NAG TC . -40.19 -49.02 13.88
C8 NAG TC . -40.46 -50.22 14.74
N2 NAG TC . -39.93 -49.27 12.59
O3 NAG TC . -41.89 -48.34 10.75
O4 NAG TC . -40.93 -47.47 8.19
O5 NAG TC . -37.94 -47.12 10.30
O6 NAG TC . -37.21 -45.37 8.76
O7 NAG TC . -40.21 -47.89 14.34
C1 BMA TC . -41.91 -46.42 8.02
C2 BMA TC . -43.01 -46.94 7.06
C3 BMA TC . -44.21 -46.00 7.02
C4 BMA TC . -44.67 -45.64 8.43
C5 BMA TC . -43.50 -45.00 9.17
C6 BMA TC . -43.86 -44.54 10.59
O2 BMA TC . -43.50 -48.20 7.49
O3 BMA TC . -45.30 -46.54 6.29
O4 BMA TC . -45.75 -44.73 8.37
O5 BMA TC . -42.46 -46.00 9.28
O6 BMA TC . -44.90 -43.57 10.49
C1 NAG UC . -66.57 86.72 -55.67
C2 NAG UC . -67.61 87.74 -55.25
C3 NAG UC . -68.69 87.08 -54.40
C4 NAG UC . -69.30 85.91 -55.14
C5 NAG UC . -68.20 84.94 -55.59
C6 NAG UC . -68.73 83.84 -56.49
C7 NAG UC . -67.32 90.12 -54.75
C8 NAG UC . -66.60 91.14 -53.93
N2 NAG UC . -67.00 88.84 -54.53
O3 NAG UC . -69.69 88.04 -54.09
O4 NAG UC . -70.22 85.21 -54.30
O5 NAG UC . -67.21 85.64 -56.35
O6 NAG UC . -68.94 84.30 -57.81
O7 NAG UC . -68.16 90.44 -55.59
C1 NAG UC . -71.54 85.29 -54.90
C2 NAG UC . -72.28 84.00 -54.60
C3 NAG UC . -73.68 84.05 -55.22
C4 NAG UC . -74.43 85.28 -54.73
C5 NAG UC . -73.59 86.55 -54.98
C6 NAG UC . -74.20 87.79 -54.38
C7 NAG UC . -71.14 81.86 -54.27
C8 NAG UC . -70.40 80.74 -54.92
N2 NAG UC . -71.57 82.84 -55.08
O3 NAG UC . -74.39 82.87 -54.87
O4 NAG UC . -75.66 85.41 -55.43
O5 NAG UC . -72.29 86.41 -54.40
O6 NAG UC . -73.25 88.53 -53.63
O7 NAG UC . -71.33 81.91 -53.06
C1 BMA UC . -76.77 85.16 -54.53
C2 BMA UC . -77.93 84.56 -55.38
C3 BMA UC . -79.07 84.15 -54.45
C4 BMA UC . -78.57 83.26 -53.30
C5 BMA UC . -77.43 83.98 -52.55
C6 BMA UC . -76.85 83.13 -51.43
O2 BMA UC . -77.50 83.37 -56.04
O3 BMA UC . -80.12 83.50 -55.16
O4 BMA UC . -79.63 82.99 -52.41
O5 BMA UC . -76.39 84.28 -53.48
O6 BMA UC . -77.91 82.58 -50.68
C1 NAG VC . -69.35 49.41 -58.17
C2 NAG VC . -68.59 48.13 -58.49
C3 NAG VC . -67.27 48.11 -57.73
C4 NAG VC . -66.47 49.36 -58.03
C5 NAG VC . -67.32 50.60 -57.77
C6 NAG VC . -66.67 51.89 -58.21
C7 NAG VC . -69.64 45.99 -59.05
C8 NAG VC . -69.07 46.19 -60.43
N2 NAG VC . -69.38 46.95 -58.16
O3 NAG VC . -66.53 46.95 -58.11
O4 NAG VC . -65.31 49.38 -57.20
O5 NAG VC . -68.55 50.52 -58.50
O6 NAG VC . -66.91 52.13 -59.59
O7 NAG VC . -70.31 45.00 -58.77
C1 NAG VC . -64.13 49.67 -57.98
C2 NAG VC . -62.87 49.47 -57.13
C3 NAG VC . -61.61 49.74 -57.93
C4 NAG VC . -61.62 48.96 -59.24
C5 NAG VC . -62.94 49.16 -59.98
C6 NAG VC . -63.06 48.30 -61.22
C7 NAG VC . -62.93 51.54 -55.65
C8 NAG VC . -62.98 52.44 -56.87
N2 NAG VC . -62.89 50.20 -55.86
O3 NAG VC . -60.49 49.38 -57.13
O4 NAG VC . -60.59 49.43 -60.10
O5 NAG VC . -64.06 48.84 -59.14
O6 NAG VC . -62.90 49.07 -62.40
O7 NAG VC . -62.94 52.00 -54.52
C1 BMA VC . -59.36 48.71 -59.90
C2 BMA VC . -59.04 47.95 -61.21
C3 BMA VC . -57.59 47.50 -61.22
C4 BMA VC . -56.65 48.60 -60.77
C5 BMA VC . -57.07 49.05 -59.38
C6 BMA VC . -56.15 50.08 -58.81
O2 BMA VC . -59.22 48.79 -62.33
O3 BMA VC . -57.20 47.06 -62.52
O4 BMA VC . -55.32 48.12 -60.70
O5 BMA VC . -58.35 49.63 -59.53
O6 BMA VC . -54.83 49.57 -58.86
C1 NAG WC . -64.74 -8.53 -57.17
C2 NAG WC . -63.48 -7.69 -57.02
C3 NAG WC . -62.43 -8.45 -56.22
C4 NAG WC . -63.02 -8.95 -54.91
C5 NAG WC . -64.32 -9.70 -55.18
C6 NAG WC . -65.03 -10.12 -53.91
C7 NAG WC . -63.08 -6.10 -58.85
C8 NAG WC . -62.46 -5.90 -60.19
N2 NAG WC . -62.94 -7.33 -58.32
O3 NAG WC . -61.32 -7.58 -55.97
O4 NAG WC . -62.13 -9.88 -54.29
O5 NAG WC . -65.23 -8.87 -55.89
O6 NAG WC . -64.12 -10.72 -53.00
O7 NAG WC . -63.66 -5.20 -58.26
C1 NAG WC . -61.32 -9.19 -53.32
C2 NAG WC . -61.04 -10.14 -52.16
C3 NAG WC . -60.14 -9.44 -51.14
C4 NAG WC . -58.87 -8.96 -51.82
C5 NAG WC . -59.21 -8.08 -53.02
C6 NAG WC . -58.00 -7.70 -53.82
C7 NAG WC . -62.37 -11.72 -50.84
C8 NAG WC . -63.71 -12.03 -50.26
N2 NAG WC . -62.28 -10.58 -51.53
O3 NAG WC . -59.83 -10.35 -50.09
O4 NAG WC . -58.10 -8.18 -50.90
O5 NAG WC . -60.09 -8.79 -53.91
O6 NAG WC . -57.01 -8.71 -53.76
O7 NAG WC . -61.40 -12.47 -50.69
C1 BMA WC . -57.04 -9.01 -50.37
C2 BMA WC . -55.68 -8.28 -50.59
C3 BMA WC . -54.56 -9.04 -49.86
C4 BMA WC . -54.95 -9.38 -48.41
C5 BMA WC . -56.30 -10.11 -48.39
C6 BMA WC . -56.78 -10.46 -46.99
O2 BMA WC . -55.71 -6.96 -50.07
O3 BMA WC . -53.34 -8.30 -49.87
O4 BMA WC . -53.96 -10.21 -47.83
O5 BMA WC . -57.27 -9.26 -48.99
O6 BMA WC . -58.15 -10.78 -47.07
C1 NAG XC . 20.41 15.91 -55.86
C2 NAG XC . 20.38 14.66 -55.00
C3 NAG XC . 21.81 14.18 -54.73
C4 NAG XC . 22.53 13.95 -56.04
C5 NAG XC . 22.47 15.20 -56.91
C6 NAG XC . 23.02 14.99 -58.30
C7 NAG XC . 19.26 13.90 -52.96
C8 NAG XC . 18.52 14.30 -51.73
N2 NAG XC . 19.67 14.89 -53.75
O3 NAG XC . 21.77 12.98 -53.98
O4 NAG XC . 23.88 13.57 -55.80
O5 NAG XC . 21.11 15.62 -57.07
O6 NAG XC . 22.03 14.46 -59.17
O7 NAG XC . 19.48 12.72 -53.23
C1 NAG XC . 24.15 12.28 -56.41
C2 NAG XC . 25.62 12.24 -56.83
C3 NAG XC . 25.94 10.90 -57.47
C4 NAG XC . 25.55 9.75 -56.54
C5 NAG XC . 24.09 9.90 -56.10
C6 NAG XC . 23.69 8.90 -55.05
C7 NAG XC . 26.57 14.43 -57.35
C8 NAG XC . 26.83 15.46 -58.42
N2 NAG XC . 25.94 13.33 -57.74
O3 NAG XC . 27.34 10.84 -57.74
O4 NAG XC . 25.70 8.52 -57.23
O5 NAG XC . 23.87 11.20 -55.51
O6 NAG XC . 22.82 9.48 -54.09
O7 NAG XC . 26.92 14.61 -56.19
C1 BMA XC . 26.71 7.70 -56.62
C2 BMA XC . 27.18 6.67 -57.67
C3 BMA XC . 28.25 5.79 -57.07
C4 BMA XC . 29.40 6.64 -56.49
C5 BMA XC . 28.84 7.69 -55.50
C6 BMA XC . 29.91 8.65 -55.00
O2 BMA XC . 27.78 7.33 -58.77
O3 BMA XC . 28.76 4.86 -58.01
O4 BMA XC . 30.31 5.79 -55.82
O5 BMA XC . 27.83 8.47 -56.17
O6 BMA XC . 31.13 7.93 -54.83
C1 NAG YC . -134.46 47.93 6.23
C2 NAG YC . -134.22 46.64 7.00
C3 NAG YC . -132.92 46.00 6.52
C4 NAG YC . -132.99 45.76 5.02
C5 NAG YC . -133.30 47.07 4.30
C6 NAG YC . -133.54 46.88 2.82
C7 NAG YC . -134.64 45.98 9.31
C8 NAG YC . -134.55 46.37 10.76
N2 NAG YC . -134.18 46.87 8.43
O3 NAG YC . -132.72 44.77 7.21
O4 NAG YC . -131.75 45.22 4.56
O5 NAG YC . -134.50 47.65 4.83
O6 NAG YC . -134.70 46.08 2.58
O7 NAG YC . -135.13 44.91 8.96
C1 NAG YC . -132.07 43.96 3.93
C2 NAG YC . -131.06 43.71 2.81
C3 NAG YC . -131.38 42.40 2.11
C4 NAG YC . -131.44 41.26 3.11
C5 NAG YC . -132.37 41.62 4.29
C6 NAG YC . -132.31 40.60 5.41
C7 NAG YC . -129.93 45.21 1.23
C8 NAG YC . -130.10 46.36 0.29
N2 NAG YC . -131.04 44.81 1.86
O3 NAG YC . -130.37 42.13 1.14
O4 NAG YC . -131.98 40.11 2.48
O5 NAG YC . -132.01 42.88 4.86
O6 NAG YC . -131.05 40.66 6.08
O7 NAG YC . -128.86 44.65 1.40
C1 BMA YC . -130.97 39.09 2.30
C2 BMA YC . -131.51 38.13 1.22
C3 BMA YC . -130.44 37.13 0.77
C4 BMA YC . -129.11 37.86 0.48
C5 BMA YC . -128.70 38.67 1.70
C6 BMA YC . -127.38 39.39 1.47
O2 BMA YC . -131.89 38.84 0.05
O3 BMA YC . -130.84 36.39 -0.37
O4 BMA YC . -128.10 36.91 0.19
O5 BMA YC . -129.72 39.64 1.94
O6 BMA YC . -126.62 38.64 0.55
C1 NAG ZC . -51.56 -5.39 -17.73
C2 NAG ZC . -50.72 -4.67 -18.75
C3 NAG ZC . -51.57 -3.63 -19.45
C4 NAG ZC . -52.89 -4.23 -19.94
C5 NAG ZC . -53.49 -5.33 -19.03
C6 NAG ZC . -54.42 -6.26 -19.78
C7 NAG ZC . -48.33 -4.54 -18.27
C8 NAG ZC . -47.24 -3.77 -17.61
N2 NAG ZC . -49.57 -4.05 -18.14
O3 NAG ZC . -50.83 -3.11 -20.55
O4 NAG ZC . -53.86 -3.19 -19.93
O5 NAG ZC . -52.50 -6.16 -18.38
O6 NAG ZC . -55.02 -5.63 -20.89
O7 NAG ZC . -48.11 -5.56 -18.91
C1 NAG ZC . -54.02 -2.29 -21.03
C2 NAG ZC . -54.08 -2.95 -22.45
C3 NAG ZC . -54.86 -2.12 -23.49
C4 NAG ZC . -56.13 -1.54 -22.91
C5 NAG ZC . -55.75 -0.73 -21.70
C6 NAG ZC . -56.93 -0.02 -21.05
C7 NAG ZC . -51.73 -2.56 -23.28
C8 NAG ZC . -51.88 -1.07 -23.11
N2 NAG ZC . -52.76 -3.35 -22.95
O3 NAG ZC . -55.19 -2.98 -24.59
O4 NAG ZC . -56.87 -0.75 -23.83
O5 NAG ZC . -55.22 -1.63 -20.73
O6 NAG ZC . -57.71 -0.91 -20.26
O7 NAG ZC . -50.67 -3.04 -23.70
C1 BMA ZC . -56.10 -0.04 -24.81
C2 BMA ZC . -57.10 0.29 -25.96
C3 BMA ZC . -56.49 1.27 -26.97
C4 BMA ZC . -55.82 2.46 -26.26
C5 BMA ZC . -54.81 1.94 -25.23
C6 BMA ZC . -54.11 3.06 -24.49
O2 BMA ZC . -58.27 0.89 -25.46
O3 BMA ZC . -57.49 1.76 -27.87
O4 BMA ZC . -55.15 3.27 -27.21
O5 BMA ZC . -55.53 1.14 -24.28
O6 BMA ZC . -54.03 4.18 -25.34
C1 NAG AD . -28.35 25.48 -47.34
C2 NAG AD . -26.96 24.97 -47.62
C3 NAG AD . -26.23 25.96 -48.51
C4 NAG AD . -27.02 26.13 -49.80
C5 NAG AD . -28.46 26.54 -49.50
C6 NAG AD . -29.34 26.55 -50.72
C7 NAG AD . -25.78 23.51 -46.06
C8 NAG AD . -24.99 23.42 -44.79
N2 NAG AD . -26.21 24.73 -46.40
O3 NAG AD . -24.91 25.48 -48.73
O4 NAG AD . -26.44 27.13 -50.64
O5 NAG AD . -29.07 25.63 -48.57
O6 NAG AD . -30.64 27.06 -50.43
O7 NAG AD . -26.02 22.52 -46.75
C1 NAG AD . -25.44 26.49 -51.46
C2 NAG AD . -25.87 26.44 -52.92
C3 NAG AD . -24.77 25.80 -53.76
C4 NAG AD . -23.44 26.51 -53.53
C5 NAG AD . -23.12 26.59 -52.04
C6 NAG AD . -21.90 27.43 -51.74
C7 NAG AD . -28.17 26.19 -53.74
C8 NAG AD . -28.02 27.55 -54.35
N2 NAG AD . -27.11 25.71 -53.08
O3 NAG AD . -25.13 25.86 -55.14
O4 NAG AD . -22.40 25.82 -54.20
O5 NAG AD . -24.22 27.22 -51.34
O6 NAG AD . -22.23 28.52 -50.90
O7 NAG AD . -29.22 25.54 -53.86
C1 BMA AD . -21.96 26.64 -55.31
C2 BMA AD . -20.45 26.93 -55.15
C3 BMA AD . -19.97 27.76 -56.34
C4 BMA AD . -20.41 27.14 -57.68
C5 BMA AD . -21.93 26.85 -57.67
C6 BMA AD . -22.40 26.13 -58.92
O2 BMA AD . -19.71 25.71 -55.16
O3 BMA AD . -18.55 27.92 -56.32
O4 BMA AD . -20.12 28.05 -58.75
O5 BMA AD . -22.22 26.01 -56.55
O6 BMA AD . -21.83 26.77 -60.05
C1 NAG BD . -121.73 55.00 -28.85
C2 NAG BD . -122.12 56.00 -29.94
C3 NAG BD . -121.79 57.44 -29.52
C4 NAG BD . -122.35 57.75 -28.15
C5 NAG BD . -121.94 56.68 -27.14
C6 NAG BD . -122.58 56.85 -25.79
C7 NAG BD . -120.30 55.58 -31.66
C8 NAG BD . -119.23 55.83 -30.63
N2 NAG BD . -121.59 55.69 -31.27
O3 NAG BD . -122.33 58.35 -30.47
O4 NAG BD . -121.84 59.01 -27.71
O5 NAG BD . -122.33 55.38 -27.61
O6 NAG BD . -123.93 57.27 -25.92
O7 NAG BD . -120.01 55.31 -32.82
C1 NAG BD . -122.91 59.95 -27.48
C2 NAG BD . -122.41 60.94 -26.42
C3 NAG BD . -123.47 62.02 -26.17
C4 NAG BD . -123.86 62.68 -27.49
C5 NAG BD . -124.34 61.60 -28.46
C6 NAG BD . -124.72 62.15 -29.82
C7 NAG BD . -120.89 60.34 -24.60
C8 NAG BD . -120.73 59.57 -23.33
N2 NAG BD . -122.09 60.25 -25.19
O3 NAG BD . -122.93 62.98 -25.28
O4 NAG BD . -124.89 63.63 -27.27
O5 NAG BD . -123.29 60.65 -28.67
O6 NAG BD . -126.02 61.72 -30.19
O7 NAG BD . -119.99 61.02 -25.07
C1 BMA BD . -124.30 64.94 -27.35
C2 BMA BD . -124.82 65.66 -28.61
C3 BMA BD . -124.26 67.07 -28.67
C4 BMA BD . -124.52 67.82 -27.36
C5 BMA BD . -123.98 67.01 -26.18
C6 BMA BD . -124.28 67.66 -24.83
O2 BMA BD . -126.23 65.80 -28.56
O3 BMA BD . -124.81 67.80 -29.75
O4 BMA BD . -123.88 69.07 -27.40
O5 BMA BD . -124.60 65.71 -26.18
O6 BMA BD . -123.43 67.09 -23.86
C1 NAG CD . -98.42 74.28 -78.17
C2 NAG CD . -98.97 75.22 -77.11
C3 NAG CD . -98.21 76.55 -77.13
C4 NAG CD . -96.71 76.31 -77.02
C5 NAG CD . -96.26 75.28 -78.05
C6 NAG CD . -94.81 74.89 -77.88
C7 NAG CD . -101.24 75.66 -76.29
C8 NAG CD . -102.68 75.88 -76.66
N2 NAG CD . -100.39 75.45 -77.30
O3 NAG CD . -98.65 77.36 -76.05
O4 NAG CD . -96.01 77.52 -77.26
O5 NAG CD . -97.03 74.09 -77.95
O6 NAG CD . -94.56 73.62 -78.49
O7 NAG CD . -100.87 75.67 -75.12
C1 NAG CD . -95.51 78.09 -76.02
C2 NAG CD . -94.06 78.53 -76.24
C3 NAG CD . -93.51 79.12 -74.95
C4 NAG CD . -94.40 80.25 -74.47
C5 NAG CD . -95.86 79.81 -74.38
C6 NAG CD . -96.81 80.95 -74.10
C7 NAG CD . -92.53 77.44 -77.82
C8 NAG CD . -92.66 78.70 -78.64
N2 NAG CD . -93.24 77.41 -76.68
O3 NAG CD . -92.19 79.60 -75.17
O4 NAG CD . -93.98 80.68 -73.18
O5 NAG CD . -96.28 79.22 -75.62
O6 NAG CD . -97.80 81.06 -75.11
O7 NAG CD . -91.84 76.49 -78.18
C1 BMA CD . -93.50 82.04 -73.17
C2 BMA CD . -91.96 82.02 -72.90
C3 BMA CD . -91.36 83.41 -73.09
C4 BMA CD . -91.82 84.02 -74.41
C5 BMA CD . -93.34 84.07 -74.44
C6 BMA CD . -93.89 84.73 -75.69
O2 BMA CD . -91.30 81.17 -73.82
O3 BMA CD . -89.94 83.38 -73.04
O4 BMA CD . -91.31 85.33 -74.54
O5 BMA CD . -93.82 82.72 -74.40
O6 BMA CD . -93.11 85.89 -75.94
C1 NAG DD . -89.17 3.44 -23.98
C2 NAG DD . -89.85 2.10 -23.87
C3 NAG DD . -90.55 1.98 -22.52
C4 NAG DD . -89.66 2.42 -21.36
C5 NAG DD . -88.78 3.63 -21.69
C6 NAG DD . -87.62 3.78 -20.74
C7 NAG DD . -91.87 2.66 -25.19
C8 NAG DD . -92.72 2.26 -26.35
N2 NAG DD . -90.80 1.89 -24.96
O3 NAG DD . -90.94 0.62 -22.33
O4 NAG DD . -90.54 2.86 -20.33
O5 NAG DD . -88.21 3.54 -23.00
O6 NAG DD . -88.05 4.02 -19.40
O7 NAG DD . -92.14 3.64 -24.50
C1 NAG DD . -90.53 2.20 -19.02
C2 NAG DD . -91.19 0.83 -19.11
C3 NAG DD . -91.25 0.18 -17.73
C4 NAG DD . -89.89 0.22 -17.04
C5 NAG DD . -89.21 1.59 -17.17
C6 NAG DD . -87.78 1.60 -16.70
C7 NAG DD . -93.05 -0.03 -20.47
C8 NAG DD . -94.42 0.23 -20.98
N2 NAG DD . -92.52 0.91 -19.69
O3 NAG DD . -91.69 -1.16 -17.88
O4 NAG DD . -90.06 0.03 -15.63
O5 NAG DD . -89.20 2.05 -18.53
O6 NAG DD . -87.17 2.85 -16.96
O7 NAG DD . -92.44 -1.06 -20.74
C1 BMA DD . -90.45 -1.27 -15.18
C2 BMA DD . -89.44 -1.71 -14.09
C3 BMA DD . -90.00 -2.81 -13.19
C4 BMA DD . -91.41 -2.48 -12.76
C5 BMA DD . -92.26 -2.37 -14.01
C6 BMA DD . -93.72 -2.19 -13.67
O2 BMA DD . -89.12 -0.63 -13.22
O3 BMA DD . -89.18 -3.00 -12.05
O4 BMA DD . -91.93 -3.51 -11.95
O5 BMA DD . -91.80 -1.22 -14.73
O6 BMA DD . -94.11 -3.27 -12.83
C1 NAG ED . -145.01 19.33 -21.11
C2 NAG ED . -144.10 18.87 -19.99
C3 NAG ED . -144.80 19.05 -18.64
C4 NAG ED . -145.28 20.50 -18.49
C5 NAG ED . -146.10 20.92 -19.70
C6 NAG ED . -146.47 22.39 -19.68
C7 NAG ED . -144.51 16.44 -20.20
C8 NAG ED . -143.86 15.11 -20.41
N2 NAG ED . -143.68 17.49 -20.17
O3 NAG ED . -143.90 18.71 -17.60
O4 NAG ED . -146.09 20.62 -17.32
O5 NAG ED . -145.36 20.69 -20.91
O6 NAG ED . -146.94 22.82 -20.95
O7 NAG ED . -145.72 16.56 -20.06
C1 NAG ED . -145.31 21.16 -16.23
C2 NAG ED . -146.04 22.36 -15.62
C3 NAG ED . -145.23 22.93 -14.46
C4 NAG ED . -144.91 21.84 -13.44
C5 NAG ED . -144.28 20.62 -14.13
C6 NAG ED . -144.11 19.45 -13.18
C7 NAG ED . -147.32 24.20 -16.59
C8 NAG ED . -147.40 25.21 -17.70
N2 NAG ED . -146.26 23.38 -16.63
O3 NAG ED . -145.98 23.97 -13.84
O4 NAG ED . -143.99 22.36 -12.49
O5 NAG ED . -145.11 20.17 -15.20
O6 NAG ED . -142.87 18.80 -13.39
O7 NAG ED . -148.17 24.14 -15.71
C1 BMA ED . -144.57 22.45 -11.16
C2 BMA ED . -144.62 23.96 -10.78
C3 BMA ED . -145.42 24.16 -9.48
C4 BMA ED . -146.75 23.38 -9.50
C5 BMA ED . -146.47 21.91 -9.80
C6 BMA ED . -147.72 21.05 -9.81
O2 BMA ED . -145.27 24.74 -11.78
O3 BMA ED . -145.67 25.54 -9.21
O4 BMA ED . -147.40 23.50 -8.24
O5 BMA ED . -145.87 21.85 -11.11
O6 BMA ED . -148.70 21.68 -10.63
C1 NAG FD . -36.59 52.50 -73.10
C2 NAG FD . -37.63 53.50 -73.56
C3 NAG FD . -38.25 54.22 -72.37
C4 NAG FD . -38.81 53.21 -71.37
C5 NAG FD . -37.70 52.23 -70.97
C6 NAG FD . -38.19 51.12 -70.07
C7 NAG FD . -37.22 54.39 -75.80
C8 NAG FD . -38.07 53.26 -76.30
N2 NAG FD . -37.06 54.46 -74.48
O3 NAG FD . -39.29 55.07 -72.84
O4 NAG FD . -39.32 53.89 -70.23
O5 NAG FD . -37.18 51.59 -72.15
O6 NAG FD . -38.46 51.61 -68.76
O7 NAG FD . -36.74 55.22 -76.57
C1 NAG FD . -40.72 53.52 -70.02
C2 NAG FD . -41.12 53.94 -68.61
C3 NAG FD . -42.57 53.52 -68.35
C4 NAG FD . -43.48 54.12 -69.41
C5 NAG FD . -42.98 53.76 -70.82
C6 NAG FD . -43.74 54.46 -71.92
C7 NAG FD . -39.34 54.07 -66.94
C8 NAG FD . -38.52 53.32 -65.94
N2 NAG FD . -40.25 53.35 -67.60
O3 NAG FD . -42.97 53.95 -67.05
O4 NAG FD . -44.80 53.62 -69.26
O5 NAG FD . -41.60 54.14 -70.97
O6 NAG FD . -45.13 54.45 -71.68
O7 NAG FD . -39.20 55.27 -67.13
C1 BMA FD . -45.64 54.56 -68.54
C2 BMA FD . -47.11 54.39 -69.02
C3 BMA FD . -48.00 55.33 -68.24
C4 BMA FD . -47.81 55.11 -66.74
C5 BMA FD . -46.34 55.27 -66.36
C6 BMA FD . -46.08 54.99 -64.91
O2 BMA FD . -47.58 53.09 -68.75
O3 BMA FD . -49.37 55.16 -68.59
O4 BMA FD . -48.59 56.05 -66.02
O5 BMA FD . -45.57 54.34 -67.14
O6 BMA FD . -45.94 53.58 -64.76
C1 NAG GD . -53.22 98.52 -103.77
C2 NAG GD . -53.91 98.08 -102.48
C3 NAG GD . -54.56 99.26 -101.80
C4 NAG GD . -53.52 100.37 -101.56
C5 NAG GD . -52.82 100.71 -102.88
C6 NAG GD . -51.69 101.69 -102.70
C7 NAG GD . -54.92 95.87 -102.10
C8 NAG GD . -53.86 95.66 -101.07
N2 NAG GD . -54.89 97.04 -102.75
O3 NAG GD . -55.11 98.84 -100.56
O4 NAG GD . -54.17 101.54 -101.08
O5 NAG GD . -52.25 99.53 -103.47
O6 NAG GD . -52.06 103.00 -103.12
O7 NAG GD . -55.77 95.02 -102.34
C1 NAG GD . -54.06 101.59 -99.63
C2 NAG GD . -53.79 103.02 -99.20
C3 NAG GD . -53.72 103.10 -97.68
C4 NAG GD . -54.99 102.52 -97.06
C5 NAG GD . -55.24 101.11 -97.60
C6 NAG GD . -56.57 100.55 -97.14
C7 NAG GD . -52.53 104.66 -100.52
C8 NAG GD . -53.83 105.39 -100.68
N2 NAG GD . -52.57 103.54 -99.81
O3 NAG GD . -53.57 104.47 -97.30
O4 NAG GD . -54.83 102.45 -95.64
O5 NAG GD . -55.27 101.12 -99.03
O6 NAG GD . -56.63 100.43 -95.73
O7 NAG GD . -51.49 105.07 -101.02
C1 BMA GD . -55.61 103.48 -95.00
C2 BMA GD . -56.11 102.92 -93.65
C3 BMA GD . -56.69 104.03 -92.77
C4 BMA GD . -55.77 105.25 -92.73
C5 BMA GD . -55.53 105.73 -94.16
C6 BMA GD . -54.67 106.98 -94.22
O2 BMA GD . -55.03 102.34 -92.92
O3 BMA GD . -56.97 103.58 -91.45
O4 BMA GD . -56.37 106.29 -91.97
O5 BMA GD . -54.84 104.67 -94.85
O6 BMA GD . -53.38 106.66 -93.71
C1 NAG HD . 46.78 26.84 -79.94
C2 NAG HD . 47.11 28.04 -80.82
C3 NAG HD . 47.08 29.32 -80.01
C4 NAG HD . 45.71 29.49 -79.38
C5 NAG HD . 45.45 28.30 -78.48
C6 NAG HD . 44.07 28.32 -77.87
C7 NAG HD . 48.55 28.01 -82.81
C8 NAG HD . 47.31 28.34 -83.58
N2 NAG HD . 48.39 27.88 -81.49
O3 NAG HD . 47.36 30.43 -80.87
O4 NAG HD . 45.63 30.72 -78.67
O5 NAG HD . 45.54 27.08 -79.23
O6 NAG HD . 43.08 27.98 -78.82
O7 NAG HD . 49.64 27.87 -83.34
C1 NAG HD . 44.57 31.51 -79.26
C2 NAG HD . 44.34 32.81 -78.45
C3 NAG HD . 43.24 33.66 -79.10
C4 NAG HD . 43.53 33.88 -80.57
C5 NAG HD . 43.80 32.54 -81.27
C6 NAG HD . 44.19 32.71 -82.72
C7 NAG HD . 43.07 31.94 -76.42
C8 NAG HD . 42.02 31.32 -77.30
N2 NAG HD . 44.10 32.60 -77.02
O3 NAG HD . 43.16 34.90 -78.41
O4 NAG HD . 42.41 34.48 -81.21
O5 NAG HD . 44.87 31.83 -80.63
O6 NAG HD . 43.09 33.12 -83.51
O7 NAG HD . 43.01 31.86 -75.20
C1 BMA HD . 42.52 35.91 -81.24
C2 BMA HD . 42.09 36.38 -82.66
C3 BMA HD . 41.78 37.89 -82.69
C4 BMA HD . 40.95 38.31 -81.48
C5 BMA HD . 41.67 37.88 -80.21
C6 BMA HD . 40.92 38.31 -78.97
O2 BMA HD . 40.91 35.72 -83.07
O3 BMA HD . 41.11 38.26 -83.89
O4 BMA HD . 40.80 39.72 -81.48
O5 BMA HD . 41.72 36.46 -80.22
O6 BMA HD . 40.07 39.39 -79.33
C1 NAG ID . 87.03 53.19 -112.80
C2 NAG ID . 85.95 53.93 -112.04
C3 NAG ID . 86.35 55.39 -111.84
C4 NAG ID . 87.72 55.49 -111.17
C5 NAG ID . 88.73 54.66 -111.95
C6 NAG ID . 90.08 54.59 -111.27
C7 NAG ID . 83.62 53.19 -112.24
C8 NAG ID . 82.39 53.21 -113.09
N2 NAG ID . 84.67 53.85 -112.73
O3 NAG ID . 85.37 56.05 -111.04
O4 NAG ID . 88.17 56.83 -111.15
O5 NAG ID . 88.27 53.30 -112.10
O6 NAG ID . 90.84 55.75 -111.54
O7 NAG ID . 83.66 52.59 -111.18
C1 NAG ID . 87.98 57.40 -109.84
C2 NAG ID . 89.16 58.35 -109.53
C3 NAG ID . 88.94 59.03 -108.18
C4 NAG ID . 87.57 59.71 -108.15
C5 NAG ID . 86.47 58.73 -108.52
C6 NAG ID . 85.12 59.38 -108.65
C7 NAG ID . 91.59 58.24 -109.78
C8 NAG ID . 92.80 57.36 -109.74
N2 NAG ID . 90.42 57.63 -109.53
O3 NAG ID . 89.97 59.98 -107.95
O4 NAG ID . 87.32 60.22 -106.84
O5 NAG ID . 86.76 58.14 -109.80
O6 NAG ID . 84.95 59.97 -109.93
O7 NAG ID . 91.66 59.44 -110.02
C1 BMA ID . 87.54 61.64 -106.82
C2 BMA ID . 86.27 62.34 -106.26
C3 BMA ID . 86.53 63.84 -106.10
C4 BMA ID . 87.85 64.10 -105.33
C5 BMA ID . 89.01 63.35 -105.99
C6 BMA ID . 90.32 63.51 -105.27
O2 BMA ID . 85.95 61.83 -104.98
O3 BMA ID . 85.45 64.49 -105.45
O4 BMA ID . 88.12 65.50 -105.32
O5 BMA ID . 88.68 61.95 -106.02
O6 BMA ID . 91.37 63.04 -106.10
#